data_6U5B
#
_entry.id   6U5B
#
loop_
_entity.id
_entity.type
_entity.pdbx_description
1 polymer 'Tri1a PA0618'
2 polymer 'Sheath PA0622'
3 polymer 'Tube PA0623'
4 polymer 'Tri2 PA0619'
5 polymer 'Sheath Initiator PA0617'
6 polymer 'Glue PA0627'
7 polymer 'Ripcord PA0626'
#
loop_
_entity_poly.entity_id
_entity_poly.type
_entity_poly.pdbx_seq_one_letter_code
_entity_poly.pdbx_strand_id
1 'polypeptide(L)'
;MIIDLSQLPEPEVIENLDFETIYQELLGDFREAMAGEWTAEVESDPVLKLLQLAAYRELLLRARINDAARAVMLAYASGA
DLDQIGAGFNVQRLLIRPAQPEAVPPVEAQYESDKSLRNRIQLAFEQLSVAGPRNAYIAHALGADGRVADASATSPAPCE
VLISVLGVEGNGQAPEAVLQAVRLALNAEDVRPVADRVTVRSAGIVPYQVKAQLYLFPGPEAELIRAAAEASLRDYISAQ
RRLGRDIRRSALFATLHVEGVQRVELQEPAADVVLDETQAAYCTGYAITLGGVDE
;
m,n,q,r,o,p,s,t,w,x,u,v
2 'polypeptide(L)'
;MSFFHGVTVTNVDIGARTIALPASSVIGLCDVFTPGAQASAKPNVPVLLTSKKDAAAAFGIGSSIYLACEAIYNRAQAVI
VAVGVETAETPEAQASAVIGGISAAGERTGLQALLDGKSRFNAQPRLLVAPGHSAQQAVATAMDGLAEKLRAIAILDGPN
STDEAAVAYAKNFGSKRLFMVDPGVQVWDSATNAARNAPASAYAAGLFAWTDAEYGFWSSPSNKEIKGVTGTSRPVEFLD
GDETCRANLLNNANIATIIRDDGYRLWGNRTLSSDSKWAFVTRVRTMDLVMDAILAGHKWAVDRGITKTYVKDVTEGLRA
FMRDLKNQGAVINFEVYADPDLNSASQLAQGKVYWNIRFTDVPPAENPNFRVEVTDQWLTEVLDVA
;
M,N,Q,R,O,P,A,B,E,F,C,D
3 'polypeptide(L)'
;MIPQTLTNTNLFIDGVSFAGDVPSLTLPKLAVKTEQYRAGGMDAPVSIDMGLEAMEAKFSTNGARREALNFFGLADQSAF
NGVFRGSFKGQKGASVPVVATLRGLLKEVDPGDWKAGEKAEFKYAVAVSYYKLEVDGREVYEIDPVNGVRAINGVDQLAG
MRNDLGL
;
S,T,W,X,U,V,G,H,K,L,I,J
4 'polypeptide(L)'
;MSSRLLPPNRSSLERSLGDVLPAELPVPLRELHDPARCEAALLPYLAWTRSVDRWDPDWSDEAKRNAVATSFVLHQRKGT
LTALRQVVEPIGALSEVTEWWQRSPTGVPGTFEITVDVSDRGIDEGTVLELERLLDDVRPVSRHLTRLDLRITPVIRSRH
GLAVTDGDTLEIFPWKQ
;
0,1,4,5,2,3
5 'polypeptide(L)'
;MIGMDRRSGLPLSGLAHLKQSVEDILTTPLGSRRMRPEYGSKLRRMVDMPVSEGWKSAVQAEVARSLGRWEPRIGLSAVR
VVAVVDGRVDLLLSGVFEGENINMEVSA
;
a,b,e,f,c,d
6 'polypeptide(L)' MATTCRTADGDMLDSLCYHVYGHLLGCVEATLDANPGLADEQQPFRAGLLISFPDMPVVNVEQVRLWD 6,7,Y,Z,8,9
7 'polypeptide(L)'
;MAYLEQLQAGLRYLGRAGESGRKSLDKVVAPVNGAISEIRGAAAELENLPGVSPEMAARLQRAMRGIGQAQGKVNRVVST
YDRASRALLGIDERLDALKVQVNSAAQAVGKVAGDISPTLAGVLPSWLLAPSATPPSEAAASLPHLLVLQPLTANAQPFY
FNLNTAAFDALQRNSAYNWSGQVRLGRRPALQSVGMGEESILLKGAVFPLRRQVGNQEKVVGLEQLEALRRLAERREPLI
LSSGYGEVQMGLWCLVRISENQSALLGNGAPRKQTFDLEFKRYGDDLPNR
;
h,g,l,k,j,i
#
# COMPACT_ATOMS: atom_id res chain seq x y z
N ILE A 2 53.21 46.00 67.57
CA ILE A 2 52.36 45.05 66.86
C ILE A 2 51.17 44.69 67.75
N ILE A 3 50.07 45.43 67.58
CA ILE A 3 48.87 45.26 68.40
C ILE A 3 47.70 45.02 67.46
N ASP A 4 46.90 44.00 67.76
CA ASP A 4 45.75 43.65 66.93
C ASP A 4 44.68 44.72 67.03
N LEU A 5 44.25 45.24 65.87
CA LEU A 5 43.16 46.19 65.80
C LEU A 5 41.82 45.50 65.57
N SER A 6 41.84 44.22 65.19
CA SER A 6 40.65 43.51 64.73
C SER A 6 39.87 42.86 65.87
N GLN A 7 39.95 43.41 67.08
CA GLN A 7 39.20 42.90 68.22
C GLN A 7 38.44 44.01 68.95
N LEU A 8 38.22 45.13 68.28
CA LEU A 8 37.55 46.30 68.83
C LEU A 8 36.07 46.26 68.47
N PRO A 9 35.25 47.17 69.00
CA PRO A 9 33.90 47.34 68.44
C PRO A 9 33.93 47.75 66.96
N GLU A 10 32.86 47.39 66.26
CA GLU A 10 32.85 47.46 64.82
C GLU A 10 32.73 48.91 64.34
N PRO A 11 33.53 49.30 63.35
CA PRO A 11 33.29 50.60 62.70
C PRO A 11 32.21 50.50 61.64
N GLU A 12 31.33 51.50 61.62
CA GLU A 12 30.24 51.58 60.66
C GLU A 12 30.59 52.66 59.65
N VAL A 13 30.87 52.25 58.41
CA VAL A 13 31.18 53.23 57.38
C VAL A 13 29.90 53.90 56.88
N ILE A 14 28.86 53.10 56.66
CA ILE A 14 27.51 53.61 56.52
C ILE A 14 26.78 53.36 57.84
N GLU A 15 25.87 54.24 58.19
CA GLU A 15 25.10 54.06 59.42
C GLU A 15 24.13 52.89 59.26
N ASN A 16 23.90 52.19 60.36
CA ASN A 16 23.07 50.98 60.37
C ASN A 16 21.85 51.29 61.22
N LEU A 17 20.83 51.88 60.60
CA LEU A 17 19.61 52.23 61.30
C LEU A 17 18.77 50.99 61.54
N ASP A 18 17.89 51.08 62.54
CA ASP A 18 17.01 49.96 62.83
C ASP A 18 15.81 49.96 61.87
N PHE A 19 14.93 48.98 62.05
CA PHE A 19 13.88 48.71 61.08
C PHE A 19 12.80 49.79 61.07
N GLU A 20 12.62 50.50 62.18
CA GLU A 20 11.49 51.42 62.27
C GLU A 20 11.80 52.76 61.61
N THR A 21 12.96 53.35 61.88
CA THR A 21 13.26 54.65 61.28
C THR A 21 13.65 54.54 59.81
N ILE A 22 13.99 53.34 59.32
CA ILE A 22 14.09 53.13 57.89
C ILE A 22 12.68 53.12 57.27
N TYR A 23 11.73 52.52 57.97
CA TYR A 23 10.36 52.41 57.46
C TYR A 23 9.67 53.76 57.42
N GLN A 24 9.82 54.56 58.47
CA GLN A 24 9.23 55.89 58.49
C GLN A 24 9.90 56.85 57.52
N GLU A 25 11.16 56.59 57.17
CA GLU A 25 11.81 57.38 56.12
C GLU A 25 11.24 57.05 54.76
N LEU A 26 10.80 55.81 54.55
CA LEU A 26 10.21 55.44 53.27
C LEU A 26 8.80 56.00 53.11
N LEU A 27 8.05 56.11 54.22
CA LEU A 27 6.73 56.72 54.15
C LEU A 27 6.81 58.21 53.89
N GLY A 28 7.85 58.86 54.41
CA GLY A 28 8.08 60.25 54.07
C GLY A 28 8.45 60.44 52.61
N ASP A 29 9.06 59.41 52.02
CA ASP A 29 9.30 59.43 50.58
C ASP A 29 8.03 59.08 49.81
N PHE A 30 7.10 58.38 50.46
CA PHE A 30 5.88 57.95 49.78
C PHE A 30 4.82 59.05 49.78
N ARG A 31 4.80 59.89 50.82
CA ARG A 31 3.84 60.98 50.85
C ARG A 31 4.21 62.08 49.88
N GLU A 32 5.51 62.30 49.70
CA GLU A 32 5.96 63.36 48.78
C GLU A 32 5.82 62.94 47.34
N ALA A 33 5.86 61.63 47.06
CA ALA A 33 5.70 61.16 45.69
C ALA A 33 4.24 61.11 45.29
N MET A 34 3.35 60.87 46.24
CA MET A 34 1.91 60.91 46.01
C MET A 34 1.31 62.30 46.24
N ALA A 35 2.12 63.36 46.14
CA ALA A 35 1.67 64.70 46.49
C ALA A 35 0.64 65.21 45.49
N GLY A 36 -0.47 65.72 46.02
CA GLY A 36 -1.58 66.16 45.20
C GLY A 36 -2.63 65.10 44.96
N GLU A 37 -2.27 63.82 45.02
CA GLU A 37 -3.22 62.74 44.81
C GLU A 37 -3.22 61.69 45.91
N TRP A 38 -2.60 61.96 47.06
CA TRP A 38 -2.60 61.00 48.15
C TRP A 38 -3.94 61.00 48.86
N THR A 39 -4.41 59.81 49.21
CA THR A 39 -5.61 59.64 50.03
C THR A 39 -5.26 58.64 51.11
N ALA A 40 -5.99 58.68 52.23
CA ALA A 40 -5.76 57.72 53.31
C ALA A 40 -6.19 56.32 52.91
N GLU A 41 -7.04 56.19 51.88
CA GLU A 41 -7.44 54.89 51.39
C GLU A 41 -6.38 54.27 50.49
N VAL A 42 -5.37 55.05 50.09
CA VAL A 42 -4.33 54.54 49.19
C VAL A 42 -3.40 53.60 49.95
N GLU A 43 -3.04 53.95 51.18
CA GLU A 43 -2.11 53.15 51.99
C GLU A 43 -2.82 51.93 52.58
N SER A 44 -3.23 51.04 51.67
CA SER A 44 -3.96 49.86 52.07
C SER A 44 -3.01 48.77 52.56
N ASP A 45 -3.59 47.60 52.80
CA ASP A 45 -2.79 46.47 53.27
C ASP A 45 -1.78 45.92 52.25
N PRO A 46 -2.09 45.72 50.95
CA PRO A 46 -0.99 45.30 50.06
C PRO A 46 -0.01 46.40 49.72
N VAL A 47 -0.34 47.66 50.02
CA VAL A 47 0.60 48.75 49.77
C VAL A 47 1.61 48.85 50.91
N LEU A 48 1.16 48.69 52.15
CA LEU A 48 2.04 48.85 53.30
C LEU A 48 3.01 47.68 53.43
N LYS A 49 2.57 46.48 53.04
CA LYS A 49 3.46 45.33 53.14
C LYS A 49 4.58 45.37 52.11
N LEU A 50 4.42 46.12 51.01
CA LEU A 50 5.53 46.39 50.13
C LEU A 50 6.57 47.29 50.81
N LEU A 51 6.10 48.30 51.54
CA LEU A 51 7.01 49.19 52.25
C LEU A 51 7.67 48.51 53.44
N GLN A 52 7.04 47.48 54.00
CA GLN A 52 7.70 46.71 55.04
C GLN A 52 8.73 45.76 54.46
N LEU A 53 8.59 45.37 53.19
CA LEU A 53 9.67 44.65 52.52
C LEU A 53 10.85 45.56 52.27
N ALA A 54 10.59 46.77 51.75
CA ALA A 54 11.67 47.69 51.39
C ALA A 54 12.46 48.13 52.60
N ALA A 55 11.77 48.38 53.73
CA ALA A 55 12.47 48.67 54.98
C ALA A 55 13.27 47.48 55.50
N TYR A 56 12.94 46.26 55.06
CA TYR A 56 13.71 45.07 55.40
C TYR A 56 14.87 44.83 54.43
N ARG A 57 14.79 45.32 53.19
CA ARG A 57 15.85 44.99 52.23
C ARG A 57 17.05 45.91 52.36
N GLU A 58 16.86 47.22 52.60
CA GLU A 58 18.05 48.01 52.89
C GLU A 58 18.49 47.92 54.33
N LEU A 59 17.72 47.26 55.21
CA LEU A 59 18.30 46.76 56.44
C LEU A 59 19.31 45.66 56.13
N LEU A 60 19.09 44.91 55.06
CA LEU A 60 20.04 43.94 54.55
C LEU A 60 21.01 44.54 53.53
N LEU A 61 20.83 45.79 53.13
CA LEU A 61 21.85 46.43 52.31
C LEU A 61 22.77 47.32 53.12
N ARG A 62 22.27 47.97 54.17
CA ARG A 62 23.16 48.65 55.10
C ARG A 62 24.01 47.66 55.89
N ALA A 63 23.51 46.44 56.08
CA ALA A 63 24.32 45.37 56.64
C ALA A 63 25.28 44.78 55.62
N ARG A 64 24.99 44.93 54.33
CA ARG A 64 25.88 44.42 53.30
C ARG A 64 27.02 45.37 53.02
N ILE A 65 26.75 46.69 53.03
CA ILE A 65 27.80 47.68 52.86
C ILE A 65 28.76 47.66 54.04
N ASN A 66 28.23 47.44 55.25
CA ASN A 66 29.08 47.35 56.43
C ASN A 66 29.92 46.09 56.41
N ASP A 67 29.32 44.94 56.04
CA ASP A 67 30.08 43.70 55.98
C ASP A 67 31.06 43.67 54.82
N ALA A 68 30.83 44.46 53.77
CA ALA A 68 31.82 44.60 52.73
C ALA A 68 32.97 45.50 53.19
N ALA A 69 32.65 46.56 53.92
CA ALA A 69 33.67 47.49 54.38
C ALA A 69 34.49 46.93 55.53
N ARG A 70 33.98 45.93 56.24
CA ARG A 70 34.81 45.23 57.21
C ARG A 70 35.91 44.45 56.53
N ALA A 71 35.55 43.64 55.53
CA ALA A 71 36.49 42.71 54.91
C ALA A 71 37.45 43.38 53.93
N VAL A 72 37.33 44.69 53.71
CA VAL A 72 38.31 45.44 52.93
C VAL A 72 39.42 45.99 53.82
N MET A 73 39.07 46.62 54.93
CA MET A 73 40.07 47.04 55.90
C MET A 73 40.65 45.83 56.61
N LEU A 74 41.94 45.93 56.98
CA LEU A 74 42.57 44.85 57.75
C LEU A 74 41.95 44.66 59.12
N ALA A 75 41.38 45.72 59.68
CA ALA A 75 40.51 45.57 60.85
C ALA A 75 39.27 44.78 60.44
N TYR A 76 39.12 43.58 61.00
CA TYR A 76 38.03 42.65 60.75
C TYR A 76 37.97 42.22 59.28
N ALA A 77 39.09 41.71 58.79
CA ALA A 77 39.14 41.00 57.52
C ALA A 77 39.32 39.52 57.80
N SER A 78 38.52 38.69 57.14
CA SER A 78 38.47 37.26 57.42
C SER A 78 39.30 36.50 56.40
N GLY A 79 39.30 35.17 56.55
CA GLY A 79 40.15 34.31 55.75
C GLY A 79 39.76 34.29 54.29
N ALA A 80 40.73 33.89 53.46
CA ALA A 80 40.69 33.89 51.99
C ALA A 80 40.41 35.27 51.41
N ASP A 81 40.70 36.32 52.17
CA ASP A 81 40.56 37.69 51.72
C ASP A 81 41.77 38.55 52.06
N LEU A 82 42.58 38.17 53.05
CA LEU A 82 43.86 38.82 53.26
C LEU A 82 44.86 38.46 52.17
N ASP A 83 44.62 37.37 51.44
CA ASP A 83 45.45 37.06 50.28
C ASP A 83 45.23 38.08 49.16
N GLN A 84 44.03 38.66 49.08
CA GLN A 84 43.80 39.76 48.15
C GLN A 84 44.39 41.07 48.66
N ILE A 85 44.49 41.23 49.98
CA ILE A 85 45.10 42.43 50.54
C ILE A 85 46.61 42.28 50.63
N GLY A 86 47.09 41.10 51.05
CA GLY A 86 48.52 40.83 51.13
C GLY A 86 49.22 40.80 49.79
N ALA A 87 48.48 40.54 48.71
CA ALA A 87 49.06 40.70 47.38
C ALA A 87 49.34 42.16 47.07
N GLY A 88 48.57 43.08 47.66
CA GLY A 88 48.87 44.49 47.60
C GLY A 88 49.94 44.94 48.55
N PHE A 89 50.41 44.05 49.43
CA PHE A 89 51.47 44.37 50.37
C PHE A 89 52.58 43.33 50.34
N ASN A 90 52.65 42.52 49.26
CA ASN A 90 53.67 41.49 49.03
C ASN A 90 53.69 40.47 50.17
N VAL A 91 52.52 40.08 50.64
CA VAL A 91 52.37 39.12 51.73
C VAL A 91 51.64 37.90 51.18
N GLN A 92 52.36 36.79 51.07
CA GLN A 92 51.77 35.53 50.66
C GLN A 92 51.89 34.54 51.82
N ARG A 93 50.84 33.78 52.07
CA ARG A 93 50.90 32.76 53.11
C ARG A 93 51.78 31.62 52.68
N LEU A 94 52.51 31.06 53.63
CA LEU A 94 53.46 29.97 53.38
C LEU A 94 52.85 28.66 53.83
N LEU A 95 53.60 27.58 53.63
CA LEU A 95 53.13 26.23 53.86
C LEU A 95 53.73 25.68 55.15
N ILE A 96 52.88 25.38 56.13
CA ILE A 96 53.30 24.74 57.37
C ILE A 96 52.82 23.31 57.27
N ARG A 97 53.72 22.41 56.84
CA ARG A 97 53.56 21.00 56.48
C ARG A 97 52.30 20.76 55.65
N PRO A 98 52.33 21.13 54.35
CA PRO A 98 51.12 21.03 53.52
C PRO A 98 50.74 19.60 53.14
N ALA A 99 49.79 19.46 52.22
CA ALA A 99 49.21 18.17 51.88
C ALA A 99 50.21 17.32 51.10
N GLN A 100 51.13 16.69 51.84
CA GLN A 100 51.91 15.59 51.30
C GLN A 100 51.22 14.29 51.69
N PRO A 101 50.67 13.54 50.74
CA PRO A 101 50.04 12.25 51.09
C PRO A 101 51.05 11.14 51.36
N GLU A 102 51.51 11.05 52.61
CA GLU A 102 52.21 9.85 53.07
C GLU A 102 51.33 8.62 52.89
N ALA A 103 50.08 8.72 53.33
CA ALA A 103 49.00 7.86 52.88
C ALA A 103 47.93 8.75 52.25
N VAL A 104 47.31 8.26 51.19
CA VAL A 104 46.52 9.12 50.31
C VAL A 104 45.18 9.56 50.92
N PRO A 105 44.37 8.72 51.59
CA PRO A 105 43.13 9.29 52.24
C PRO A 105 43.39 10.19 53.44
N PRO A 106 44.44 9.96 54.32
CA PRO A 106 44.58 11.04 55.33
C PRO A 106 45.35 12.27 54.83
N VAL A 107 44.61 13.17 54.16
CA VAL A 107 45.20 14.41 53.68
C VAL A 107 45.41 15.35 54.84
N GLU A 108 46.63 15.92 54.95
CA GLU A 108 46.98 16.86 56.00
C GLU A 108 47.45 18.16 55.35
N ALA A 109 46.49 19.03 55.04
CA ALA A 109 46.78 20.32 54.43
C ALA A 109 46.69 21.42 55.47
N GLN A 110 47.61 22.38 55.41
CA GLN A 110 47.67 23.45 56.39
C GLN A 110 48.38 24.65 55.79
N TYR A 111 47.81 25.83 56.00
CA TYR A 111 48.36 27.11 55.54
C TYR A 111 48.71 27.97 56.75
N GLU A 112 49.11 29.20 56.47
CA GLU A 112 49.24 30.20 57.52
C GLU A 112 47.86 30.70 57.93
N SER A 113 47.62 30.76 59.23
CA SER A 113 46.34 31.19 59.75
C SER A 113 46.23 32.71 59.72
N ASP A 114 45.09 33.23 60.18
CA ASP A 114 44.92 34.66 60.32
C ASP A 114 45.63 35.16 61.58
N LYS A 115 45.53 36.48 61.82
CA LYS A 115 45.98 37.27 62.98
C LYS A 115 47.49 37.18 63.26
N SER A 116 48.23 36.49 62.39
CA SER A 116 49.67 36.59 62.25
C SER A 116 50.07 36.86 60.82
N LEU A 117 49.28 36.40 59.85
CA LEU A 117 49.36 36.89 58.49
C LEU A 117 48.99 38.37 58.44
N ARG A 118 48.03 38.77 59.27
CA ARG A 118 47.64 40.17 59.36
C ARG A 118 48.76 41.03 59.95
N ASN A 119 49.57 40.43 60.84
CA ASN A 119 50.73 41.13 61.36
C ASN A 119 51.79 41.32 60.28
N ARG A 120 51.91 40.34 59.38
CA ARG A 120 52.90 40.45 58.30
C ARG A 120 52.47 41.46 57.25
N ILE A 121 51.15 41.68 57.12
CA ILE A 121 50.68 42.79 56.29
C ILE A 121 50.89 44.11 57.03
N GLN A 122 50.77 44.08 58.36
CA GLN A 122 51.05 45.28 59.14
C GLN A 122 52.54 45.60 59.14
N LEU A 123 53.40 44.57 59.06
CA LEU A 123 54.84 44.75 58.95
C LEU A 123 55.31 44.83 57.50
N ALA A 124 54.44 45.23 56.57
CA ALA A 124 54.85 45.28 55.16
C ALA A 124 55.71 46.51 54.89
N PHE A 125 55.24 47.69 55.28
CA PHE A 125 55.99 48.92 55.04
C PHE A 125 57.25 49.04 55.88
N GLU A 126 57.38 48.25 56.94
CA GLU A 126 58.61 48.23 57.72
C GLU A 126 59.67 47.31 57.14
N GLN A 127 59.41 46.71 55.97
CA GLN A 127 60.39 45.90 55.27
C GLN A 127 60.88 46.54 53.99
N LEU A 128 60.35 47.71 53.62
CA LEU A 128 60.83 48.42 52.44
C LEU A 128 62.20 49.04 52.68
N SER A 129 62.35 49.74 53.80
CA SER A 129 63.61 50.42 54.09
C SER A 129 64.67 49.41 54.51
N VAL A 130 65.73 49.32 53.70
CA VAL A 130 66.81 48.37 53.95
C VAL A 130 67.95 49.01 54.73
N ALA A 131 67.84 50.29 55.07
CA ALA A 131 68.81 50.99 55.91
C ALA A 131 68.54 50.80 57.39
N GLY A 132 67.67 49.87 57.77
CA GLY A 132 67.50 49.46 59.13
C GLY A 132 66.94 50.48 60.11
N PRO A 133 65.64 50.83 60.03
CA PRO A 133 64.99 51.49 61.16
C PRO A 133 64.71 50.54 62.31
N ARG A 134 63.95 51.01 63.31
CA ARG A 134 63.76 50.23 64.54
C ARG A 134 62.94 48.97 64.30
N ASN A 135 62.14 48.92 63.25
CA ASN A 135 61.28 47.77 63.01
C ASN A 135 61.76 46.87 61.88
N ALA A 136 62.68 47.33 61.02
CA ALA A 136 63.18 46.47 59.96
C ALA A 136 64.11 45.40 60.50
N TYR A 137 64.84 45.68 61.58
CA TYR A 137 65.54 44.62 62.28
C TYR A 137 64.58 43.65 62.93
N ILE A 138 63.40 44.13 63.34
CA ILE A 138 62.38 43.24 63.90
C ILE A 138 61.74 42.43 62.78
N ALA A 139 61.15 43.11 61.79
CA ALA A 139 60.31 42.49 60.78
C ALA A 139 61.07 41.55 59.85
N HIS A 140 62.39 41.67 59.75
CA HIS A 140 63.18 40.68 59.04
C HIS A 140 63.60 39.51 59.92
N ALA A 141 63.55 39.69 61.25
CA ALA A 141 63.88 38.60 62.17
C ALA A 141 62.70 37.68 62.44
N LEU A 142 61.50 38.02 61.97
CA LEU A 142 60.35 37.14 62.06
C LEU A 142 60.26 36.15 60.90
N GLY A 143 61.34 35.95 60.15
CA GLY A 143 61.33 34.95 59.11
C GLY A 143 61.40 33.52 59.59
N ALA A 144 61.92 33.31 60.81
CA ALA A 144 62.04 31.98 61.38
C ALA A 144 60.72 31.57 62.04
N ASP A 145 60.65 30.29 62.39
CA ASP A 145 59.44 29.70 62.96
C ASP A 145 59.55 29.38 64.44
N GLY A 146 60.69 28.85 64.87
CA GLY A 146 60.85 28.46 66.26
C GLY A 146 61.29 29.57 67.18
N ARG A 147 60.69 30.75 67.04
CA ARG A 147 61.04 31.93 67.84
C ARG A 147 59.77 32.71 68.13
N VAL A 148 59.95 33.91 68.65
CA VAL A 148 58.93 34.94 68.72
C VAL A 148 59.60 36.26 68.34
N ALA A 149 58.85 37.35 68.33
CA ALA A 149 59.31 38.62 67.75
C ALA A 149 60.43 39.25 68.58
N ASP A 150 61.00 40.32 68.05
CA ASP A 150 62.27 40.89 68.47
C ASP A 150 62.07 42.31 68.97
N ALA A 151 62.98 42.75 69.83
CA ALA A 151 63.06 44.14 70.26
C ALA A 151 64.49 44.63 70.05
N SER A 152 64.61 45.92 69.69
CA SER A 152 65.89 46.51 69.34
C SER A 152 66.24 47.62 70.32
N ALA A 153 67.52 47.72 70.66
CA ALA A 153 68.02 48.78 71.55
C ALA A 153 69.51 48.95 71.30
N THR A 154 70.05 50.04 71.86
CA THR A 154 71.49 50.30 71.78
C THR A 154 71.90 51.17 72.96
N SER A 155 72.54 50.56 73.95
CA SER A 155 73.30 51.28 74.97
C SER A 155 74.72 51.65 74.54
N PRO A 156 75.59 50.72 73.97
CA PRO A 156 76.98 51.13 73.71
C PRO A 156 77.19 52.06 72.53
N ALA A 157 78.47 52.25 72.17
CA ALA A 157 79.05 52.97 71.04
C ALA A 157 78.31 52.67 69.73
N PRO A 158 78.26 53.60 68.78
CA PRO A 158 77.39 53.41 67.60
C PRO A 158 77.87 52.30 66.67
N CYS A 159 76.94 51.90 65.80
CA CYS A 159 77.01 50.66 65.00
C CYS A 159 77.32 49.45 65.86
N GLU A 160 76.63 49.35 66.99
CA GLU A 160 76.62 48.16 67.84
C GLU A 160 75.17 47.93 68.26
N VAL A 161 74.50 47.01 67.57
CA VAL A 161 73.07 46.81 67.74
C VAL A 161 72.84 45.74 68.79
N LEU A 162 72.00 46.06 69.77
CA LEU A 162 71.57 45.11 70.81
C LEU A 162 70.13 44.71 70.52
N ILE A 163 69.95 43.57 69.85
CA ILE A 163 68.63 43.01 69.61
C ILE A 163 68.42 41.81 70.52
N SER A 164 67.20 41.70 71.06
CA SER A 164 66.85 40.67 72.03
C SER A 164 65.97 39.63 71.33
N VAL A 165 66.59 38.53 70.89
CA VAL A 165 65.88 37.46 70.22
C VAL A 165 65.21 36.61 71.29
N LEU A 166 63.91 36.80 71.47
CA LEU A 166 63.13 35.99 72.39
C LEU A 166 62.45 34.86 71.63
N GLY A 167 62.09 33.80 72.35
CA GLY A 167 61.52 32.64 71.69
C GLY A 167 60.46 31.90 72.49
N VAL A 168 59.34 31.61 71.86
CA VAL A 168 58.28 30.82 72.47
C VAL A 168 58.35 29.42 71.90
N GLU A 169 58.95 28.50 72.66
CA GLU A 169 58.85 27.08 72.38
C GLU A 169 58.63 26.25 73.63
N GLY A 170 58.83 26.80 74.82
CA GLY A 170 58.71 26.05 76.06
C GLY A 170 59.26 26.80 77.24
N ASN A 171 60.09 26.13 78.04
CA ASN A 171 60.66 26.71 79.26
C ASN A 171 61.78 27.66 78.88
N GLY A 172 61.42 28.92 78.60
CA GLY A 172 62.40 29.99 78.57
C GLY A 172 63.38 30.00 77.42
N GLN A 173 64.61 29.58 77.72
CA GLN A 173 65.80 29.76 76.89
C GLN A 173 65.67 29.17 75.49
N ALA A 174 66.01 29.99 74.49
CA ALA A 174 66.04 29.56 73.09
C ALA A 174 67.39 28.92 72.76
N PRO A 175 67.40 27.95 71.83
CA PRO A 175 68.67 27.31 71.48
C PRO A 175 69.61 28.23 70.72
N GLU A 176 70.91 27.99 70.91
CA GLU A 176 71.93 28.79 70.24
C GLU A 176 72.05 28.47 68.76
N ALA A 177 71.63 27.27 68.34
CA ALA A 177 71.60 26.96 66.91
C ALA A 177 70.49 27.72 66.21
N VAL A 178 69.40 28.00 66.91
CA VAL A 178 68.35 28.85 66.36
C VAL A 178 68.81 30.30 66.34
N LEU A 179 69.72 30.66 67.26
CA LEU A 179 70.23 32.02 67.35
C LEU A 179 71.09 32.39 66.15
N GLN A 180 71.74 31.43 65.52
CA GLN A 180 72.60 31.72 64.38
C GLN A 180 71.83 31.98 63.10
N ALA A 181 70.53 31.71 63.08
CA ALA A 181 69.75 31.89 61.86
C ALA A 181 69.46 33.34 61.55
N VAL A 182 69.54 34.24 62.54
CA VAL A 182 69.21 35.64 62.29
C VAL A 182 70.35 36.34 61.55
N ARG A 183 71.59 35.87 61.73
CA ARG A 183 72.69 36.45 60.95
C ARG A 183 72.67 35.94 59.51
N LEU A 184 72.08 34.76 59.29
CA LEU A 184 71.74 34.34 57.94
C LEU A 184 70.49 35.02 57.42
N ALA A 185 69.64 35.53 58.31
CA ALA A 185 68.47 36.30 57.92
C ALA A 185 68.75 37.79 57.83
N LEU A 186 69.93 38.24 58.28
CA LEU A 186 70.32 39.65 58.19
C LEU A 186 71.71 39.73 57.57
N ASN A 187 71.76 39.64 56.24
CA ASN A 187 73.00 39.82 55.49
C ASN A 187 72.87 40.93 54.46
N ALA A 188 71.83 40.89 53.63
CA ALA A 188 71.51 41.95 52.68
C ALA A 188 70.30 42.76 53.11
N GLU A 189 70.03 42.79 54.41
CA GLU A 189 68.93 43.55 54.97
C GLU A 189 69.39 44.65 55.91
N ASP A 190 70.59 44.55 56.46
CA ASP A 190 71.11 45.54 57.39
C ASP A 190 71.81 46.65 56.59
N VAL A 191 72.50 47.49 57.30
CA VAL A 191 73.46 48.39 56.69
C VAL A 191 74.82 47.67 56.74
N ARG A 192 75.69 47.95 55.79
CA ARG A 192 76.97 47.25 55.79
C ARG A 192 77.95 47.74 56.86
N PRO A 193 78.10 49.04 57.17
CA PRO A 193 78.95 49.39 58.32
C PRO A 193 78.39 49.00 59.67
N VAL A 194 77.06 48.90 59.84
CA VAL A 194 76.51 48.58 61.15
C VAL A 194 76.75 47.10 61.44
N ALA A 195 76.92 46.78 62.73
CA ALA A 195 77.24 45.42 63.15
C ALA A 195 76.48 45.12 64.42
N ASP A 196 75.74 44.02 64.41
CA ASP A 196 74.88 43.65 65.53
C ASP A 196 75.54 42.58 66.39
N ARG A 197 75.18 42.59 67.67
CA ARG A 197 75.36 41.43 68.53
C ARG A 197 74.00 40.84 68.82
N VAL A 198 73.94 39.51 68.88
CA VAL A 198 72.67 38.79 68.99
C VAL A 198 72.64 38.18 70.38
N THR A 199 71.89 38.81 71.28
CA THR A 199 71.71 38.34 72.64
C THR A 199 70.31 37.77 72.77
N VAL A 200 70.22 36.54 73.29
CA VAL A 200 68.94 35.87 73.40
C VAL A 200 68.17 36.30 74.64
N ARG A 201 68.85 36.48 75.78
CA ARG A 201 68.24 36.95 77.02
C ARG A 201 69.12 38.09 77.50
N SER A 202 68.82 39.31 77.03
CA SER A 202 69.69 40.45 77.21
C SER A 202 69.60 41.10 78.58
N ALA A 203 68.66 40.67 79.43
CA ALA A 203 68.56 41.24 80.77
C ALA A 203 68.48 40.16 81.85
N GLY A 204 67.90 39.01 81.52
CA GLY A 204 67.77 37.95 82.49
C GLY A 204 66.33 37.49 82.67
N ILE A 205 66.14 36.29 83.22
CA ILE A 205 64.83 35.68 83.38
C ILE A 205 64.64 35.35 84.86
N VAL A 206 63.55 35.85 85.44
CA VAL A 206 63.18 35.52 86.81
C VAL A 206 61.90 34.69 86.78
N PRO A 207 61.76 33.69 87.65
CA PRO A 207 60.58 32.81 87.59
C PRO A 207 59.35 33.46 88.19
N TYR A 208 58.24 33.39 87.46
CA TYR A 208 56.96 33.94 87.90
C TYR A 208 55.91 32.84 88.00
N GLN A 209 54.90 33.10 88.84
CA GLN A 209 53.73 32.24 88.99
C GLN A 209 52.52 33.14 89.16
N VAL A 210 51.35 32.52 89.36
CA VAL A 210 50.17 33.22 89.85
C VAL A 210 49.35 32.23 90.66
N LYS A 211 48.75 32.72 91.74
CA LYS A 211 47.88 31.93 92.60
C LYS A 211 46.64 32.77 92.91
N ALA A 212 45.51 32.38 92.34
CA ALA A 212 44.28 33.15 92.44
C ALA A 212 43.21 32.33 93.12
N GLN A 213 42.53 32.94 94.10
CA GLN A 213 41.38 32.33 94.77
C GLN A 213 40.14 33.07 94.31
N LEU A 214 39.60 32.65 93.17
CA LEU A 214 38.47 33.31 92.56
C LEU A 214 37.18 32.90 93.26
N TYR A 215 36.14 33.70 93.09
CA TYR A 215 34.78 33.27 93.44
C TYR A 215 33.93 33.23 92.19
N LEU A 216 33.07 32.23 92.09
CA LEU A 216 32.04 32.16 91.06
C LEU A 216 30.67 32.33 91.68
N PHE A 217 29.68 32.62 90.85
CA PHE A 217 28.33 32.83 91.32
C PHE A 217 27.70 31.51 91.77
N PRO A 218 26.74 31.57 92.70
CA PRO A 218 25.89 30.39 92.95
C PRO A 218 24.97 30.17 91.75
N GLY A 219 25.25 29.13 90.96
CA GLY A 219 24.71 29.05 89.63
C GLY A 219 25.37 27.96 88.80
N PRO A 220 25.89 28.34 87.63
CA PRO A 220 26.43 27.35 86.69
C PRO A 220 27.69 26.66 87.21
N GLU A 221 28.12 25.66 86.45
CA GLU A 221 29.12 24.71 86.90
C GLU A 221 30.52 25.32 86.91
N ALA A 222 31.30 24.98 87.93
CA ALA A 222 32.60 25.56 88.18
C ALA A 222 33.74 24.83 87.47
N GLU A 223 33.42 23.91 86.56
CA GLU A 223 34.46 23.15 85.87
C GLU A 223 34.94 23.85 84.61
N LEU A 224 34.02 24.33 83.78
CA LEU A 224 34.39 24.97 82.52
C LEU A 224 34.58 26.47 82.66
N ILE A 225 34.10 27.08 83.74
CA ILE A 225 34.23 28.52 83.93
C ILE A 225 35.57 28.86 84.58
N ARG A 226 36.03 28.01 85.52
CA ARG A 226 37.38 28.16 86.06
C ARG A 226 38.43 27.96 84.97
N ALA A 227 38.24 26.96 84.12
CA ALA A 227 39.16 26.70 83.01
C ALA A 227 39.06 27.75 81.92
N ALA A 228 37.94 28.48 81.84
CA ALA A 228 37.83 29.56 80.86
C ALA A 228 38.64 30.79 81.26
N ALA A 229 39.08 30.88 82.52
CA ALA A 229 39.91 32.00 82.94
C ALA A 229 41.29 31.91 82.31
N GLU A 230 41.81 30.69 82.13
CA GLU A 230 43.08 30.51 81.45
C GLU A 230 42.97 30.59 79.93
N ALA A 231 41.75 30.63 79.39
CA ALA A 231 41.60 30.82 77.95
C ALA A 231 41.99 32.23 77.53
N SER A 232 41.85 33.20 78.43
CA SER A 232 42.32 34.56 78.20
C SER A 232 43.66 34.82 78.88
N LEU A 233 44.26 33.81 79.52
CA LEU A 233 45.53 33.95 80.21
C LEU A 233 46.67 33.19 79.54
N ARG A 234 46.44 31.95 79.10
CA ARG A 234 47.50 31.17 78.48
C ARG A 234 47.88 31.69 77.10
N ASP A 235 46.99 32.41 76.42
CA ASP A 235 47.35 33.12 75.21
C ASP A 235 47.87 34.53 75.50
N TYR A 236 47.66 35.03 76.71
CA TYR A 236 48.16 36.35 77.09
C TYR A 236 49.64 36.30 77.45
N ILE A 237 50.07 35.24 78.13
CA ILE A 237 51.47 35.09 78.49
C ILE A 237 52.32 34.83 77.24
N SER A 238 51.76 34.12 76.26
CA SER A 238 52.44 33.93 74.98
C SER A 238 52.49 35.21 74.14
N ALA A 239 51.73 36.23 74.49
CA ALA A 239 51.73 37.50 73.78
C ALA A 239 52.52 38.58 74.51
N GLN A 240 53.17 38.26 75.63
CA GLN A 240 53.94 39.27 76.35
C GLN A 240 55.31 39.47 75.71
N ARG A 241 56.05 38.39 75.48
CA ARG A 241 57.31 38.51 74.76
C ARG A 241 57.12 38.56 73.25
N ARG A 242 55.89 38.46 72.76
CA ARG A 242 55.60 38.79 71.37
C ARG A 242 55.81 40.27 71.11
N LEU A 243 55.57 41.12 72.12
CA LEU A 243 55.98 42.51 72.09
C LEU A 243 57.13 42.80 73.03
N GLY A 244 57.52 41.84 73.87
CA GLY A 244 58.61 42.03 74.80
C GLY A 244 58.32 43.00 75.93
N ARG A 245 57.04 43.28 76.20
CA ARG A 245 56.65 44.33 77.12
C ARG A 245 56.10 43.74 78.42
N ASP A 246 55.58 44.63 79.27
CA ASP A 246 55.47 44.37 80.70
C ASP A 246 54.20 43.59 81.05
N ILE A 247 54.27 42.89 82.18
CA ILE A 247 53.10 42.37 82.86
C ILE A 247 52.84 43.26 84.08
N ARG A 248 51.60 43.29 84.52
CA ARG A 248 51.22 44.09 85.67
C ARG A 248 50.52 43.21 86.70
N ARG A 249 50.26 43.82 87.86
CA ARG A 249 49.31 43.21 88.80
C ARG A 249 47.92 43.12 88.17
N SER A 250 47.50 44.18 87.48
CA SER A 250 46.22 44.20 86.80
C SER A 250 46.18 43.28 85.58
N ALA A 251 47.33 42.90 85.04
CA ALA A 251 47.35 41.85 84.04
C ALA A 251 47.02 40.49 84.65
N LEU A 252 47.34 40.30 85.94
CA LEU A 252 46.94 39.11 86.65
C LEU A 252 45.52 39.19 87.20
N PHE A 253 44.89 40.36 87.14
CA PHE A 253 43.46 40.47 87.46
C PHE A 253 42.60 40.35 86.20
N ALA A 254 42.86 41.20 85.21
CA ALA A 254 41.93 41.38 84.09
C ALA A 254 41.91 40.19 83.14
N THR A 255 42.98 39.39 83.13
CA THR A 255 43.00 38.18 82.30
C THR A 255 42.32 37.00 82.97
N LEU A 256 41.74 37.19 84.16
CA LEU A 256 40.99 36.13 84.84
C LEU A 256 39.51 36.46 84.97
N HIS A 257 39.06 37.62 84.50
CA HIS A 257 37.65 37.95 84.52
C HIS A 257 36.96 37.36 83.29
N VAL A 258 36.07 36.42 83.52
CA VAL A 258 35.24 35.84 82.46
C VAL A 258 33.79 36.07 82.83
N GLU A 259 32.87 35.57 82.01
CA GLU A 259 31.45 35.69 82.29
C GLU A 259 31.09 34.81 83.48
N GLY A 260 30.80 35.44 84.61
CA GLY A 260 30.45 34.72 85.82
C GLY A 260 31.41 34.93 86.98
N VAL A 261 32.02 36.11 87.05
CA VAL A 261 33.01 36.44 88.07
C VAL A 261 32.47 37.61 88.89
N GLN A 262 32.47 37.45 90.22
CA GLN A 262 32.08 38.55 91.09
C GLN A 262 33.22 39.10 91.93
N ARG A 263 34.23 38.29 92.27
CA ARG A 263 35.45 38.84 92.86
C ARG A 263 36.61 37.88 92.60
N VAL A 264 37.82 38.46 92.59
CA VAL A 264 39.07 37.77 92.34
C VAL A 264 40.02 38.10 93.49
N GLU A 265 41.22 37.52 93.44
CA GLU A 265 42.20 37.69 94.50
C GLU A 265 43.58 37.36 93.95
N LEU A 266 44.59 38.06 94.45
CA LEU A 266 45.96 37.93 93.99
C LEU A 266 46.93 38.01 95.18
N GLN A 267 47.93 37.12 95.18
CA GLN A 267 48.96 37.13 96.22
C GLN A 267 50.40 37.15 95.71
N GLU A 268 50.67 36.68 94.48
CA GLU A 268 52.04 36.37 94.08
C GLU A 268 52.92 37.62 93.87
N PRO A 269 52.46 38.73 93.29
CA PRO A 269 53.28 39.94 93.43
C PRO A 269 52.86 40.80 94.63
N ALA A 270 53.87 41.33 95.33
CA ALA A 270 53.61 42.38 96.30
C ALA A 270 53.37 43.71 95.60
N ALA A 271 54.22 44.04 94.64
CA ALA A 271 53.99 45.14 93.71
C ALA A 271 54.27 44.61 92.31
N ASP A 272 53.83 45.37 91.31
CA ASP A 272 54.03 44.95 89.92
C ASP A 272 55.48 45.05 89.51
N VAL A 273 55.87 44.19 88.59
CA VAL A 273 57.22 44.15 88.08
C VAL A 273 57.29 44.94 86.78
N VAL A 274 58.51 45.28 86.37
CA VAL A 274 58.74 46.05 85.15
C VAL A 274 59.49 45.17 84.15
N LEU A 275 59.04 45.22 82.90
CA LEU A 275 59.71 44.54 81.79
C LEU A 275 59.84 45.56 80.67
N ASP A 276 61.05 46.07 80.47
CA ASP A 276 61.29 47.13 79.51
C ASP A 276 61.39 46.53 78.10
N GLU A 277 61.84 47.34 77.15
CA GLU A 277 62.12 46.83 75.80
C GLU A 277 63.27 45.85 75.79
N THR A 278 64.18 45.94 76.78
CA THR A 278 65.23 44.96 77.00
C THR A 278 64.79 43.84 77.92
N GLN A 279 64.15 44.18 79.04
CA GLN A 279 63.83 43.21 80.08
C GLN A 279 62.63 42.34 79.70
N ALA A 280 62.76 41.04 79.90
CA ALA A 280 61.68 40.09 79.68
C ALA A 280 61.73 39.02 80.77
N ALA A 281 60.68 38.21 80.86
CA ALA A 281 60.58 37.21 81.92
C ALA A 281 59.78 36.01 81.43
N TYR A 282 59.60 35.05 82.33
CA TYR A 282 58.90 33.80 82.03
C TYR A 282 58.12 33.34 83.25
N CYS A 283 56.99 32.70 83.00
CA CYS A 283 56.11 32.18 84.06
C CYS A 283 56.17 30.66 84.05
N THR A 284 56.49 30.08 85.22
CA THR A 284 56.77 28.65 85.28
C THR A 284 55.50 27.81 85.35
N GLY A 285 54.73 27.96 86.43
CA GLY A 285 53.56 27.11 86.63
C GLY A 285 52.48 27.76 87.47
N TYR A 286 51.22 27.59 87.04
CA TYR A 286 50.11 28.30 87.65
C TYR A 286 49.24 27.38 88.49
N ALA A 287 48.45 27.99 89.37
CA ALA A 287 47.47 27.27 90.18
C ALA A 287 46.34 28.25 90.50
N ILE A 288 45.25 28.16 89.73
CA ILE A 288 44.09 29.00 89.91
C ILE A 288 42.93 28.09 90.31
N THR A 289 42.48 28.24 91.55
CA THR A 289 41.34 27.49 92.10
C THR A 289 40.29 28.49 92.56
N LEU A 290 39.24 27.96 93.22
CA LEU A 290 38.21 28.80 93.80
C LEU A 290 38.36 28.85 95.31
N GLY A 291 37.88 29.95 95.91
CA GLY A 291 37.88 30.08 97.36
C GLY A 291 36.68 29.46 98.03
N GLY A 292 35.57 29.34 97.32
CA GLY A 292 34.37 28.74 97.88
C GLY A 292 34.46 27.23 98.01
N SER B 2 43.86 53.25 -22.43
CA SER B 2 44.50 52.10 -21.80
C SER B 2 43.48 51.22 -21.11
N PHE B 3 43.12 50.11 -21.75
CA PHE B 3 42.18 49.15 -21.21
C PHE B 3 42.90 48.14 -20.32
N PHE B 4 42.15 47.13 -19.88
CA PHE B 4 42.68 46.07 -19.05
C PHE B 4 42.04 44.75 -19.49
N HIS B 5 42.74 43.64 -19.28
CA HIS B 5 42.31 42.39 -19.90
C HIS B 5 42.01 41.33 -18.85
N GLY B 6 42.00 41.68 -17.57
CA GLY B 6 41.72 40.71 -16.55
C GLY B 6 40.44 40.98 -15.78
N VAL B 7 40.25 40.21 -14.71
CA VAL B 7 39.14 40.44 -13.80
C VAL B 7 39.50 41.60 -12.87
N THR B 8 38.54 42.47 -12.60
CA THR B 8 38.80 43.74 -11.93
C THR B 8 37.68 44.02 -10.94
N VAL B 9 38.01 44.72 -9.86
CA VAL B 9 37.05 45.30 -8.94
C VAL B 9 36.90 46.78 -9.27
N THR B 10 35.67 47.28 -9.22
CA THR B 10 35.39 48.70 -9.35
C THR B 10 34.54 49.17 -8.17
N ASN B 11 35.00 50.25 -7.54
CA ASN B 11 34.32 50.79 -6.38
C ASN B 11 33.61 52.12 -6.65
N VAL B 12 33.47 52.51 -7.90
CA VAL B 12 32.80 53.74 -8.26
C VAL B 12 31.43 53.38 -8.83
N ASP B 13 30.53 54.37 -8.85
CA ASP B 13 29.18 54.14 -9.36
C ASP B 13 29.21 53.91 -10.86
N ILE B 14 28.26 53.10 -11.34
CA ILE B 14 28.22 52.69 -12.74
C ILE B 14 26.90 53.09 -13.39
N GLY B 15 25.80 52.53 -12.90
CA GLY B 15 24.54 52.61 -13.58
C GLY B 15 23.71 53.82 -13.18
N ALA B 16 22.66 54.05 -13.96
CA ALA B 16 21.72 55.12 -13.72
C ALA B 16 20.50 54.59 -12.98
N ARG B 17 20.09 55.31 -11.92
CA ARG B 17 18.89 54.96 -11.17
C ARG B 17 17.87 56.09 -11.18
N THR B 18 17.95 56.97 -12.17
CA THR B 18 16.99 58.06 -12.36
C THR B 18 15.82 57.64 -13.25
N ILE B 19 15.52 56.35 -13.32
CA ILE B 19 14.45 55.84 -14.17
C ILE B 19 13.17 55.64 -13.37
N ALA B 20 13.29 55.05 -12.16
CA ALA B 20 12.16 54.77 -11.30
C ALA B 20 11.46 56.05 -10.85
N LEU B 21 12.16 56.88 -10.05
CA LEU B 21 11.73 58.18 -9.54
C LEU B 21 10.36 58.13 -8.86
N PRO B 22 10.27 57.60 -7.64
CA PRO B 22 8.97 57.57 -6.94
C PRO B 22 8.48 58.98 -6.63
N ALA B 23 7.36 59.35 -7.25
CA ALA B 23 6.91 60.73 -7.28
C ALA B 23 6.38 61.23 -5.95
N SER B 24 6.13 60.36 -4.99
CA SER B 24 5.60 60.76 -3.71
C SER B 24 6.68 61.06 -2.67
N SER B 25 7.93 60.66 -2.93
CA SER B 25 8.98 60.71 -1.92
C SER B 25 10.14 61.63 -2.30
N VAL B 26 9.98 62.47 -3.31
CA VAL B 26 11.04 63.39 -3.69
C VAL B 26 11.06 64.56 -2.69
N ILE B 27 12.27 64.99 -2.35
CA ILE B 27 12.50 65.87 -1.20
C ILE B 27 13.22 67.13 -1.70
N GLY B 28 12.71 68.29 -1.29
CA GLY B 28 13.42 69.54 -1.51
C GLY B 28 14.27 69.87 -0.30
N LEU B 29 15.51 70.27 -0.55
CA LEU B 29 16.49 70.47 0.52
C LEU B 29 17.27 71.75 0.27
N CYS B 30 17.37 72.59 1.30
CA CYS B 30 18.07 73.87 1.19
C CYS B 30 18.83 74.15 2.47
N ASP B 31 20.15 74.22 2.37
CA ASP B 31 21.00 74.60 3.50
C ASP B 31 22.31 75.13 2.93
N VAL B 32 23.23 75.51 3.82
CA VAL B 32 24.48 76.12 3.41
C VAL B 32 25.49 75.05 3.02
N PHE B 33 26.49 75.46 2.23
CA PHE B 33 27.65 74.63 1.91
C PHE B 33 28.77 75.54 1.46
N THR B 34 29.92 74.94 1.19
CA THR B 34 31.09 75.69 0.73
C THR B 34 31.41 75.30 -0.70
N PRO B 35 31.16 76.17 -1.69
CA PRO B 35 31.40 75.83 -3.10
C PRO B 35 32.87 75.92 -3.49
N GLY B 36 33.66 74.97 -3.02
CA GLY B 36 35.06 74.87 -3.37
C GLY B 36 35.26 74.05 -4.62
N ALA B 37 36.47 73.48 -4.74
CA ALA B 37 36.78 72.58 -5.83
C ALA B 37 36.34 71.14 -5.55
N GLN B 38 36.12 70.80 -4.28
CA GLN B 38 35.62 69.48 -3.93
C GLN B 38 34.10 69.39 -4.03
N ALA B 39 33.41 70.52 -4.09
CA ALA B 39 31.95 70.58 -4.22
C ALA B 39 31.65 71.03 -5.65
N SER B 40 31.26 70.07 -6.49
CA SER B 40 31.06 70.34 -7.92
C SER B 40 29.61 70.69 -8.21
N ALA B 41 29.16 71.80 -7.60
CA ALA B 41 27.81 72.31 -7.82
C ALA B 41 27.80 73.81 -7.59
N LYS B 42 27.18 74.53 -8.51
CA LYS B 42 26.94 75.95 -8.33
C LYS B 42 25.93 76.15 -7.19
N PRO B 43 26.02 77.27 -6.44
CA PRO B 43 25.17 77.43 -5.24
C PRO B 43 23.67 77.44 -5.47
N ASN B 44 23.15 78.38 -6.26
CA ASN B 44 21.71 78.59 -6.34
C ASN B 44 21.05 77.83 -7.47
N VAL B 45 21.59 76.68 -7.87
CA VAL B 45 20.93 75.84 -8.87
C VAL B 45 20.54 74.52 -8.21
N PRO B 46 19.47 73.88 -8.65
CA PRO B 46 19.15 72.55 -8.12
C PRO B 46 20.00 71.47 -8.77
N VAL B 47 20.12 70.36 -8.04
CA VAL B 47 20.87 69.21 -8.52
C VAL B 47 20.21 67.95 -7.97
N LEU B 48 20.13 66.92 -8.80
CA LEU B 48 19.43 65.68 -8.46
C LEU B 48 20.37 64.76 -7.69
N LEU B 49 19.86 64.18 -6.61
CA LEU B 49 20.65 63.30 -5.76
C LEU B 49 19.89 61.99 -5.54
N THR B 50 20.64 60.91 -5.49
CA THR B 50 20.05 59.61 -5.21
C THR B 50 20.74 58.88 -4.07
N SER B 51 22.07 58.95 -3.99
CA SER B 51 22.83 58.24 -2.98
C SER B 51 23.80 59.20 -2.29
N LYS B 52 24.50 58.68 -1.29
CA LYS B 52 25.48 59.48 -0.57
C LYS B 52 26.70 59.80 -1.43
N LYS B 53 26.97 59.01 -2.47
CA LYS B 53 28.03 59.33 -3.39
C LYS B 53 27.69 60.56 -4.23
N ASP B 54 26.41 60.76 -4.52
CA ASP B 54 25.98 61.96 -5.24
C ASP B 54 26.09 63.19 -4.35
N ALA B 55 25.83 63.03 -3.05
CA ALA B 55 25.99 64.13 -2.12
C ALA B 55 27.47 64.42 -1.85
N ALA B 56 28.31 63.39 -1.94
CA ALA B 56 29.74 63.60 -1.75
C ALA B 56 30.36 64.30 -2.95
N ALA B 57 29.86 64.02 -4.15
CA ALA B 57 30.43 64.61 -5.36
C ALA B 57 29.96 66.03 -5.56
N ALA B 58 28.71 66.34 -5.20
CA ALA B 58 28.14 67.65 -5.45
C ALA B 58 28.37 68.64 -4.31
N PHE B 59 28.60 68.15 -3.10
CA PHE B 59 28.74 69.02 -1.94
C PHE B 59 29.88 68.51 -1.08
N GLY B 60 30.31 69.35 -0.14
CA GLY B 60 31.38 68.96 0.76
C GLY B 60 30.90 67.99 1.81
N ILE B 61 31.84 67.19 2.34
CA ILE B 61 31.51 66.22 3.38
C ILE B 61 31.18 66.93 4.68
N GLY B 62 32.00 67.90 5.08
CA GLY B 62 31.73 68.67 6.27
C GLY B 62 30.63 69.70 6.13
N SER B 63 30.17 69.94 4.90
CA SER B 63 29.07 70.87 4.69
C SER B 63 27.76 70.29 5.17
N SER B 64 26.88 71.15 5.64
CA SER B 64 25.63 70.70 6.27
C SER B 64 24.56 70.32 5.26
N ILE B 65 24.83 70.44 3.96
CA ILE B 65 23.99 69.75 2.97
C ILE B 65 24.15 68.24 3.12
N TYR B 66 25.39 67.77 3.14
CA TYR B 66 25.68 66.35 3.28
C TYR B 66 25.25 65.80 4.63
N LEU B 67 25.26 66.64 5.66
CA LEU B 67 24.78 66.22 6.97
C LEU B 67 23.27 66.02 6.96
N ALA B 68 22.57 66.73 6.09
CA ALA B 68 21.14 66.51 5.88
C ALA B 68 20.88 65.43 4.84
N CYS B 69 21.78 65.26 3.87
CA CYS B 69 21.62 64.17 2.91
C CYS B 69 21.91 62.82 3.54
N GLU B 70 22.87 62.76 4.47
CA GLU B 70 23.12 61.53 5.20
C GLU B 70 21.97 61.21 6.14
N ALA B 71 21.31 62.24 6.68
CA ALA B 71 20.17 62.04 7.58
C ALA B 71 18.99 61.41 6.86
N ILE B 72 18.86 61.66 5.55
CA ILE B 72 17.79 61.05 4.78
C ILE B 72 18.22 59.68 4.25
N TYR B 73 19.44 59.59 3.73
CA TYR B 73 19.91 58.37 3.07
C TYR B 73 20.29 57.26 4.05
N ASN B 74 20.35 57.54 5.35
CA ASN B 74 20.51 56.46 6.32
C ASN B 74 19.25 55.63 6.47
N ARG B 75 18.08 56.19 6.17
CA ARG B 75 16.81 55.51 6.39
C ARG B 75 16.17 55.01 5.10
N ALA B 76 16.04 55.87 4.09
CA ALA B 76 15.28 55.54 2.90
C ALA B 76 16.15 55.65 1.65
N GLN B 77 15.74 54.94 0.61
CA GLN B 77 16.32 55.11 -0.72
C GLN B 77 15.53 56.21 -1.41
N ALA B 78 15.86 57.45 -1.05
CA ALA B 78 15.07 58.61 -1.43
C ALA B 78 15.71 59.35 -2.60
N VAL B 79 14.95 60.31 -3.12
CA VAL B 79 15.39 61.20 -4.18
C VAL B 79 15.31 62.63 -3.64
N ILE B 80 16.41 63.37 -3.75
CA ILE B 80 16.51 64.70 -3.17
C ILE B 80 16.83 65.70 -4.27
N VAL B 81 16.01 66.75 -4.36
CA VAL B 81 16.36 67.95 -5.11
C VAL B 81 17.00 68.91 -4.12
N ALA B 82 18.32 69.04 -4.19
CA ALA B 82 19.09 69.79 -3.21
C ALA B 82 19.55 71.11 -3.83
N VAL B 83 19.09 72.22 -3.26
CA VAL B 83 19.58 73.54 -3.62
C VAL B 83 20.47 74.02 -2.49
N GLY B 84 21.50 74.77 -2.84
CA GLY B 84 22.41 75.30 -1.87
C GLY B 84 22.26 76.80 -1.73
N VAL B 85 22.77 77.32 -0.62
CA VAL B 85 22.88 78.75 -0.40
C VAL B 85 24.27 79.06 0.09
N GLU B 86 24.81 80.21 -0.33
CA GLU B 86 26.07 80.67 0.19
C GLU B 86 25.87 81.18 1.62
N THR B 87 26.77 80.79 2.51
CA THR B 87 26.64 81.20 3.90
C THR B 87 26.98 82.68 4.06
N ALA B 88 26.15 83.39 4.83
CA ALA B 88 26.30 84.82 5.04
C ALA B 88 26.87 85.08 6.43
N GLU B 89 26.92 86.34 6.82
CA GLU B 89 27.40 86.74 8.13
C GLU B 89 26.26 87.02 9.10
N THR B 90 25.33 87.89 8.71
CA THR B 90 24.18 88.20 9.55
C THR B 90 23.16 87.06 9.46
N PRO B 91 22.69 86.53 10.60
CA PRO B 91 21.68 85.46 10.53
C PRO B 91 20.33 85.92 10.04
N GLU B 92 19.99 87.20 10.18
CA GLU B 92 18.80 87.73 9.53
C GLU B 92 18.99 87.90 8.03
N ALA B 93 20.23 88.07 7.58
CA ALA B 93 20.55 88.03 6.16
C ALA B 93 20.84 86.63 5.66
N GLN B 94 21.15 85.70 6.57
CA GLN B 94 21.27 84.29 6.19
C GLN B 94 19.90 83.72 5.83
N ALA B 95 18.87 84.10 6.58
CA ALA B 95 17.50 83.72 6.24
C ALA B 95 17.04 84.38 4.95
N SER B 96 17.61 85.53 4.61
CA SER B 96 17.33 86.17 3.33
C SER B 96 17.94 85.42 2.16
N ALA B 97 18.99 84.66 2.39
CA ALA B 97 19.58 83.86 1.32
C ALA B 97 18.80 82.59 1.06
N VAL B 98 18.15 82.03 2.10
CA VAL B 98 17.43 80.78 1.96
C VAL B 98 16.09 81.01 1.26
N ILE B 99 15.42 82.13 1.57
CA ILE B 99 14.15 82.43 0.93
C ILE B 99 14.33 82.76 -0.55
N GLY B 100 15.48 83.33 -0.91
CA GLY B 100 15.80 83.56 -2.32
C GLY B 100 14.92 84.63 -2.94
N GLY B 101 14.45 84.34 -4.14
CA GLY B 101 13.59 85.24 -4.88
C GLY B 101 14.02 85.30 -6.33
N ILE B 102 13.67 86.40 -6.97
CA ILE B 102 13.95 86.61 -8.40
C ILE B 102 15.00 87.70 -8.45
N SER B 103 15.90 87.71 -7.45
CA SER B 103 16.95 88.72 -7.36
C SER B 103 17.94 88.67 -8.53
N ALA B 104 18.03 87.53 -9.21
CA ALA B 104 18.84 87.42 -10.42
C ALA B 104 18.05 87.95 -11.62
N ALA B 105 18.58 87.74 -12.82
CA ALA B 105 17.89 88.18 -14.02
C ALA B 105 16.71 87.29 -14.35
N GLY B 106 16.97 86.01 -14.60
CA GLY B 106 15.91 85.06 -14.88
C GLY B 106 16.12 83.73 -14.17
N GLU B 107 16.73 83.78 -12.98
CA GLU B 107 17.06 82.59 -12.22
C GLU B 107 16.42 82.66 -10.84
N ARG B 108 15.85 81.54 -10.41
CA ARG B 108 15.31 81.41 -9.06
C ARG B 108 16.37 80.91 -8.11
N THR B 109 16.46 81.53 -6.94
CA THR B 109 17.47 81.23 -5.95
C THR B 109 16.81 80.76 -4.66
N GLY B 110 17.59 80.04 -3.84
CA GLY B 110 17.13 79.66 -2.53
C GLY B 110 16.07 78.57 -2.58
N LEU B 111 15.03 78.74 -1.75
CA LEU B 111 13.91 77.80 -1.74
C LEU B 111 13.11 77.85 -3.03
N GLN B 112 13.12 78.99 -3.72
CA GLN B 112 12.31 79.15 -4.92
C GLN B 112 12.83 78.32 -6.10
N ALA B 113 14.09 77.86 -6.05
CA ALA B 113 14.61 76.97 -7.06
C ALA B 113 14.09 75.54 -6.91
N LEU B 114 13.44 75.21 -5.79
CA LEU B 114 12.80 73.92 -5.65
C LEU B 114 11.53 73.83 -6.47
N LEU B 115 10.96 74.98 -6.85
CA LEU B 115 9.88 74.99 -7.83
C LEU B 115 10.34 74.55 -9.21
N ASP B 116 11.64 74.66 -9.49
CA ASP B 116 12.22 74.18 -10.72
C ASP B 116 12.73 72.74 -10.61
N GLY B 117 12.13 71.93 -9.74
CA GLY B 117 12.47 70.53 -9.64
C GLY B 117 12.03 69.77 -10.87
N LYS B 118 10.74 69.88 -11.19
CA LYS B 118 10.27 69.47 -12.50
C LYS B 118 10.82 70.44 -13.54
N SER B 119 10.91 69.98 -14.79
CA SER B 119 11.60 70.54 -15.96
C SER B 119 13.12 70.52 -15.83
N ARG B 120 13.66 69.98 -14.74
CA ARG B 120 15.07 69.66 -14.63
C ARG B 120 15.32 68.18 -14.44
N PHE B 121 14.62 67.54 -13.49
CA PHE B 121 14.94 66.16 -13.15
C PHE B 121 13.73 65.28 -12.84
N ASN B 122 12.53 65.67 -13.30
CA ASN B 122 11.26 64.94 -13.12
C ASN B 122 10.93 64.72 -11.64
N ALA B 123 11.21 65.70 -10.80
CA ALA B 123 10.96 65.57 -9.38
C ALA B 123 10.21 66.81 -8.90
N GLN B 124 8.89 66.67 -8.75
CA GLN B 124 8.04 67.69 -8.17
C GLN B 124 8.04 67.46 -6.67
N PRO B 125 8.78 68.26 -5.88
CA PRO B 125 9.14 67.85 -4.50
C PRO B 125 7.95 67.78 -3.57
N ARG B 126 7.91 66.73 -2.77
CA ARG B 126 6.82 66.46 -1.86
C ARG B 126 7.17 66.71 -0.41
N LEU B 127 8.45 66.85 -0.09
CA LEU B 127 8.91 67.05 1.28
C LEU B 127 9.86 68.23 1.29
N LEU B 128 9.47 69.29 2.00
CA LEU B 128 10.29 70.48 2.12
C LEU B 128 10.97 70.47 3.48
N VAL B 129 12.30 70.54 3.48
CA VAL B 129 13.07 70.62 4.72
C VAL B 129 14.13 71.70 4.58
N ALA B 130 14.23 72.53 5.61
CA ALA B 130 15.36 73.45 5.79
C ALA B 130 15.97 73.12 7.13
N PRO B 131 16.99 72.25 7.18
CA PRO B 131 17.49 71.75 8.46
C PRO B 131 18.26 72.79 9.26
N GLY B 132 17.65 73.30 10.32
CA GLY B 132 18.25 74.35 11.10
C GLY B 132 17.68 75.71 10.77
N HIS B 133 17.44 75.95 9.48
CA HIS B 133 16.86 77.22 9.04
C HIS B 133 15.34 77.13 8.96
N SER B 134 14.73 76.66 10.04
CA SER B 134 13.28 76.69 10.14
C SER B 134 12.82 77.10 11.53
N ALA B 135 13.74 77.30 12.48
CA ALA B 135 13.38 77.95 13.73
C ALA B 135 13.11 79.43 13.52
N GLN B 136 13.65 80.01 12.47
CA GLN B 136 13.29 81.36 12.10
C GLN B 136 11.93 81.37 11.42
N GLN B 137 11.11 82.38 11.75
CA GLN B 137 9.75 82.42 11.26
C GLN B 137 9.68 82.83 9.79
N ALA B 138 10.64 83.61 9.33
CA ALA B 138 10.61 84.12 7.96
C ALA B 138 10.83 83.02 6.93
N VAL B 139 11.57 81.98 7.28
CA VAL B 139 11.75 80.86 6.36
C VAL B 139 10.63 79.83 6.54
N ALA B 140 10.11 79.69 7.77
CA ALA B 140 8.97 78.82 7.98
C ALA B 140 7.70 79.36 7.34
N THR B 141 7.61 80.68 7.18
CA THR B 141 6.55 81.27 6.37
C THR B 141 6.86 81.15 4.89
N ALA B 142 8.14 81.15 4.52
CA ALA B 142 8.54 80.92 3.13
C ALA B 142 8.26 79.49 2.72
N MET B 143 8.58 78.52 3.59
CA MET B 143 8.23 77.13 3.34
C MET B 143 6.74 76.89 3.41
N ASP B 144 6.02 77.74 4.16
CA ASP B 144 4.56 77.68 4.19
C ASP B 144 3.98 78.02 2.83
N GLY B 145 4.28 79.22 2.33
CA GLY B 145 3.65 79.69 1.11
C GLY B 145 4.14 78.99 -0.14
N LEU B 146 5.33 78.39 -0.08
CA LEU B 146 5.82 77.61 -1.21
C LEU B 146 5.17 76.23 -1.27
N ALA B 147 4.58 75.78 -0.15
CA ALA B 147 4.04 74.42 -0.10
C ALA B 147 2.78 74.28 -0.94
N GLU B 148 1.84 75.23 -0.82
CA GLU B 148 0.62 75.13 -1.61
C GLU B 148 0.86 75.45 -3.09
N LYS B 149 1.96 76.14 -3.42
CA LYS B 149 2.36 76.22 -4.81
C LYS B 149 2.90 74.88 -5.30
N LEU B 150 3.50 74.11 -4.41
CA LEU B 150 4.19 72.88 -4.75
C LEU B 150 3.33 71.64 -4.51
N ARG B 151 2.22 71.79 -3.78
CA ARG B 151 1.37 70.71 -3.28
C ARG B 151 2.20 69.66 -2.53
N ALA B 152 2.92 70.15 -1.53
CA ALA B 152 3.78 69.34 -0.67
C ALA B 152 3.41 69.62 0.78
N ILE B 153 4.20 69.08 1.70
CA ILE B 153 4.15 69.47 3.11
C ILE B 153 5.56 69.83 3.54
N ALA B 154 5.68 70.89 4.32
CA ALA B 154 6.97 71.41 4.75
C ALA B 154 7.27 70.92 6.16
N ILE B 155 8.36 70.18 6.30
CA ILE B 155 8.76 69.62 7.59
C ILE B 155 9.72 70.64 8.22
N LEU B 156 9.16 71.56 8.99
CA LEU B 156 9.97 72.52 9.70
C LEU B 156 10.24 71.98 11.10
N ASP B 157 11.03 72.72 11.89
CA ASP B 157 11.33 72.30 13.24
C ASP B 157 11.38 73.51 14.17
N GLY B 158 11.01 73.28 15.42
CA GLY B 158 11.06 74.33 16.41
C GLY B 158 12.46 74.57 16.91
N PRO B 159 12.59 75.53 17.82
CA PRO B 159 13.88 75.74 18.49
C PRO B 159 14.16 74.61 19.46
N ASN B 160 15.44 74.45 19.80
CA ASN B 160 15.86 73.39 20.70
C ASN B 160 15.81 73.81 22.17
N SER B 161 15.02 74.84 22.49
CA SER B 161 14.75 75.23 23.87
C SER B 161 13.64 74.37 24.45
N THR B 162 13.06 74.80 25.57
CA THR B 162 12.06 74.04 26.29
C THR B 162 10.74 73.96 25.50
N ASP B 163 9.75 73.30 26.12
CA ASP B 163 8.54 72.90 25.42
C ASP B 163 7.66 74.10 25.07
N GLU B 164 7.44 75.01 26.02
CA GLU B 164 6.60 76.16 25.74
C GLU B 164 7.26 77.16 24.79
N ALA B 165 8.57 77.07 24.61
CA ALA B 165 9.22 77.84 23.54
C ALA B 165 8.88 77.26 22.17
N ALA B 166 8.55 75.98 22.11
CA ALA B 166 8.13 75.35 20.87
C ALA B 166 6.62 75.27 20.69
N VAL B 167 5.86 75.27 21.79
CA VAL B 167 4.40 75.34 21.69
C VAL B 167 3.98 76.71 21.20
N ALA B 168 4.57 77.77 21.77
CA ALA B 168 4.27 79.12 21.32
C ALA B 168 4.83 79.42 19.93
N TYR B 169 5.85 78.68 19.50
CA TYR B 169 6.35 78.80 18.14
C TYR B 169 5.41 78.13 17.14
N ALA B 170 4.64 77.14 17.59
CA ALA B 170 3.66 76.50 16.72
C ALA B 170 2.36 77.29 16.62
N LYS B 171 2.16 78.29 17.49
CA LYS B 171 0.93 79.08 17.46
C LYS B 171 0.95 80.16 16.39
N ASN B 172 2.07 80.34 15.69
CA ASN B 172 2.15 81.29 14.59
C ASN B 172 1.64 80.71 13.29
N PHE B 173 1.11 79.50 13.29
CA PHE B 173 0.75 78.78 12.08
C PHE B 173 -0.58 78.08 12.31
N GLY B 174 -0.87 77.07 11.49
CA GLY B 174 -2.22 76.56 11.38
C GLY B 174 -2.64 76.51 9.93
N SER B 175 -1.64 76.34 9.06
CA SER B 175 -1.81 76.49 7.61
C SER B 175 -1.71 75.17 6.85
N LYS B 176 -2.01 74.04 7.51
CA LYS B 176 -2.37 72.76 6.89
C LYS B 176 -1.21 72.04 6.19
N ARG B 177 -0.06 72.71 6.04
CA ARG B 177 1.02 72.18 5.22
C ARG B 177 2.31 72.00 6.02
N LEU B 178 2.26 72.13 7.35
CA LEU B 178 3.46 72.20 8.16
C LEU B 178 3.47 71.07 9.17
N PHE B 179 4.61 70.40 9.28
CA PHE B 179 4.78 69.26 10.17
C PHE B 179 6.03 69.53 11.01
N MET B 180 5.84 69.91 12.27
CA MET B 180 6.95 70.37 13.09
C MET B 180 7.38 69.28 14.07
N VAL B 181 8.69 69.04 14.11
CA VAL B 181 9.31 68.08 15.04
C VAL B 181 10.34 68.87 15.84
N ASP B 182 10.00 69.23 17.08
CA ASP B 182 10.87 70.12 17.84
C ASP B 182 12.15 69.57 18.48
N PRO B 183 12.24 68.33 19.05
CA PRO B 183 13.52 67.96 19.69
C PRO B 183 14.60 67.65 18.66
N GLY B 184 15.58 68.53 18.55
CA GLY B 184 16.70 68.29 17.66
C GLY B 184 17.52 67.13 18.17
N VAL B 185 17.39 65.99 17.51
CA VAL B 185 17.98 64.75 18.01
C VAL B 185 19.47 64.74 17.71
N GLN B 186 20.24 64.05 18.55
CA GLN B 186 21.68 64.03 18.40
C GLN B 186 22.14 62.68 17.90
N VAL B 187 23.27 62.68 17.19
CA VAL B 187 23.76 61.49 16.51
C VAL B 187 25.24 61.30 16.86
N TRP B 188 25.67 60.05 16.91
CA TRP B 188 27.06 59.72 17.20
C TRP B 188 27.96 60.10 16.04
N ASP B 189 29.15 60.58 16.35
CA ASP B 189 30.11 61.04 15.36
C ASP B 189 31.40 60.25 15.47
N SER B 190 32.04 60.01 14.31
CA SER B 190 33.30 59.29 14.29
C SER B 190 34.47 60.21 14.62
N ALA B 191 34.48 61.42 14.07
CA ALA B 191 35.62 62.31 14.27
C ALA B 191 35.57 62.99 15.63
N THR B 192 34.37 63.43 16.05
CA THR B 192 34.26 64.16 17.31
C THR B 192 34.41 63.22 18.51
N ASN B 193 33.99 61.95 18.35
CA ASN B 193 33.92 60.96 19.42
C ASN B 193 33.09 61.47 20.60
N ALA B 194 31.96 62.09 20.27
CA ALA B 194 31.05 62.67 21.25
C ALA B 194 29.67 62.76 20.60
N ALA B 195 28.76 63.45 21.27
CA ALA B 195 27.38 63.58 20.80
C ALA B 195 27.22 64.89 20.03
N ARG B 196 26.67 64.79 18.82
CA ARG B 196 26.46 65.94 17.95
C ARG B 196 25.19 66.73 18.30
N ASN B 197 24.75 67.59 17.38
CA ASN B 197 23.47 68.28 17.49
C ASN B 197 22.90 68.42 16.09
N ALA B 198 21.98 67.53 15.73
CA ALA B 198 21.29 67.58 14.45
C ALA B 198 19.90 68.19 14.60
N PRO B 199 19.41 68.95 13.63
CA PRO B 199 18.13 69.66 13.83
C PRO B 199 16.88 68.78 13.76
N ALA B 200 17.00 67.53 13.32
CA ALA B 200 15.94 66.52 13.32
C ALA B 200 14.73 66.90 12.48
N SER B 201 14.91 67.74 11.47
CA SER B 201 13.86 67.94 10.48
C SER B 201 14.11 67.10 9.23
N ALA B 202 15.37 66.82 8.92
CA ALA B 202 15.70 65.95 7.81
C ALA B 202 15.47 64.48 8.14
N TYR B 203 15.47 64.11 9.42
CA TYR B 203 15.23 62.72 9.79
C TYR B 203 13.76 62.34 9.59
N ALA B 204 12.85 63.30 9.77
CA ALA B 204 11.46 63.05 9.46
C ALA B 204 11.20 63.00 7.97
N ALA B 205 12.06 63.63 7.16
CA ALA B 205 11.92 63.55 5.71
C ALA B 205 12.33 62.18 5.20
N GLY B 206 13.42 61.63 5.74
CA GLY B 206 13.81 60.28 5.38
C GLY B 206 12.85 59.23 5.89
N LEU B 207 12.15 59.52 6.99
CA LEU B 207 11.13 58.60 7.47
C LEU B 207 9.88 58.66 6.61
N PHE B 208 9.59 59.80 6.00
CA PHE B 208 8.41 59.85 5.14
C PHE B 208 8.69 59.18 3.80
N ALA B 209 9.92 59.29 3.31
CA ALA B 209 10.31 58.59 2.10
C ALA B 209 10.41 57.10 2.33
N TRP B 210 10.73 56.67 3.55
CA TRP B 210 10.69 55.25 3.86
C TRP B 210 9.26 54.76 4.02
N THR B 211 8.35 55.64 4.40
CA THR B 211 6.98 55.20 4.64
C THR B 211 6.22 55.03 3.34
N ASP B 212 6.26 56.04 2.47
CA ASP B 212 5.40 56.03 1.29
C ASP B 212 5.87 55.05 0.22
N ALA B 213 7.10 54.54 0.29
CA ALA B 213 7.57 53.56 -0.67
C ALA B 213 7.51 52.13 -0.17
N GLU B 214 7.63 51.92 1.15
CA GLU B 214 7.55 50.59 1.73
C GLU B 214 6.22 50.28 2.39
N TYR B 215 5.50 51.28 2.88
CA TYR B 215 4.19 51.06 3.47
C TYR B 215 3.05 51.76 2.73
N GLY B 216 3.35 52.59 1.74
CA GLY B 216 2.33 53.36 1.07
C GLY B 216 2.14 54.73 1.68
N PHE B 217 1.79 55.70 0.83
CA PHE B 217 1.64 57.08 1.27
C PHE B 217 0.41 57.28 2.14
N TRP B 218 -0.56 56.38 2.03
CA TRP B 218 -1.76 56.42 2.85
C TRP B 218 -1.51 55.98 4.28
N SER B 219 -0.38 55.34 4.54
CA SER B 219 -0.04 54.91 5.88
C SER B 219 0.57 56.06 6.67
N SER B 220 0.26 56.10 7.95
CA SER B 220 0.66 57.22 8.81
C SER B 220 2.14 57.10 9.16
N PRO B 221 2.95 58.09 8.83
CA PRO B 221 4.40 58.00 9.09
C PRO B 221 4.80 58.62 10.43
N SER B 222 4.30 58.03 11.51
CA SER B 222 4.69 58.48 12.84
C SER B 222 5.41 57.39 13.62
N ASN B 223 4.81 56.22 13.78
CA ASN B 223 5.24 55.23 14.75
C ASN B 223 6.43 54.39 14.25
N LYS B 224 7.20 54.90 13.28
CA LYS B 224 8.20 54.13 12.58
C LYS B 224 9.60 54.55 13.02
N GLU B 225 10.57 53.71 12.66
CA GLU B 225 11.92 53.81 13.21
C GLU B 225 12.72 54.91 12.53
N ILE B 226 13.54 55.60 13.31
CA ILE B 226 14.54 56.52 12.80
C ILE B 226 15.91 55.84 12.89
N LYS B 227 16.66 55.85 11.79
CA LYS B 227 18.03 55.36 11.81
C LYS B 227 19.01 56.53 11.73
N GLY B 228 20.24 56.25 12.17
CA GLY B 228 21.25 57.29 12.31
C GLY B 228 20.91 58.23 13.45
N VAL B 229 20.87 57.70 14.68
CA VAL B 229 20.20 58.41 15.76
C VAL B 229 20.80 57.97 17.09
N THR B 230 20.75 58.86 18.08
CA THR B 230 21.00 58.54 19.49
C THR B 230 19.91 59.30 20.24
N GLY B 231 20.16 59.58 21.52
CA GLY B 231 19.22 60.31 22.35
C GLY B 231 18.84 61.69 21.80
N THR B 232 17.84 62.28 22.42
CA THR B 232 17.36 63.59 22.01
C THR B 232 18.04 64.68 22.83
N SER B 233 17.91 65.92 22.37
CA SER B 233 18.43 67.05 23.11
C SER B 233 17.63 67.37 24.36
N ARG B 234 16.40 66.86 24.46
CA ARG B 234 15.58 67.00 25.64
C ARG B 234 15.03 65.62 25.97
N PRO B 235 15.16 65.17 27.22
CA PRO B 235 14.45 63.95 27.65
C PRO B 235 12.97 64.21 27.72
N VAL B 236 12.21 63.63 26.81
CA VAL B 236 10.78 63.89 26.67
C VAL B 236 10.04 62.66 27.17
N GLU B 237 9.42 62.77 28.35
CA GLU B 237 8.75 61.65 28.98
C GLU B 237 7.41 61.37 28.31
N PHE B 238 6.85 60.20 28.62
CA PHE B 238 5.64 59.71 27.97
C PHE B 238 5.03 58.60 28.81
N LEU B 239 3.71 58.63 28.95
CA LEU B 239 2.97 57.63 29.71
C LEU B 239 1.69 57.29 28.94
N ASP B 240 0.78 56.60 29.61
CA ASP B 240 -0.52 56.23 29.07
C ASP B 240 -1.60 56.60 30.06
N GLY B 241 -2.55 57.43 29.66
CA GLY B 241 -3.64 57.81 30.53
C GLY B 241 -3.86 59.30 30.70
N ASP B 242 -3.41 60.09 29.73
CA ASP B 242 -3.66 61.54 29.60
C ASP B 242 -3.12 62.31 30.81
N GLU B 243 -1.81 62.21 31.00
CA GLU B 243 -1.13 62.85 32.11
C GLU B 243 -0.64 64.23 31.70
N THR B 244 0.26 64.80 32.50
CA THR B 244 0.91 66.07 32.21
C THR B 244 2.23 65.85 31.46
N CYS B 245 2.28 64.79 30.67
CA CYS B 245 3.50 64.37 29.98
C CYS B 245 3.94 65.38 28.95
N ARG B 246 5.23 65.37 28.65
CA ARG B 246 5.78 66.22 27.61
C ARG B 246 5.58 65.65 26.23
N ALA B 247 4.97 64.47 26.12
CA ALA B 247 4.52 63.88 24.86
C ALA B 247 3.12 64.35 24.51
N ASN B 248 2.20 64.27 25.47
CA ASN B 248 0.83 64.71 25.25
C ASN B 248 0.72 66.23 25.19
N LEU B 249 1.67 66.94 25.79
CA LEU B 249 1.69 68.39 25.69
C LEU B 249 2.04 68.85 24.28
N LEU B 250 2.99 68.16 23.65
CA LEU B 250 3.40 68.56 22.30
C LEU B 250 2.40 68.09 21.26
N ASN B 251 1.82 66.90 21.44
CA ASN B 251 0.90 66.37 20.45
C ASN B 251 -0.41 67.15 20.41
N ASN B 252 -0.89 67.58 21.57
CA ASN B 252 -2.09 68.42 21.62
C ASN B 252 -1.83 69.82 21.10
N ALA B 253 -0.57 70.25 21.00
CA ALA B 253 -0.21 71.50 20.37
C ALA B 253 0.13 71.32 18.89
N ASN B 254 -0.29 70.19 18.30
CA ASN B 254 -0.05 69.84 16.89
C ASN B 254 1.43 69.80 16.55
N ILE B 255 2.23 69.24 17.46
CA ILE B 255 3.68 69.14 17.27
C ILE B 255 4.06 67.67 17.41
N ALA B 256 4.81 67.16 16.44
CA ALA B 256 5.34 65.81 16.57
C ALA B 256 6.68 65.83 17.28
N THR B 257 7.10 64.68 17.78
CA THR B 257 8.27 64.59 18.64
C THR B 257 8.81 63.16 18.67
N ILE B 258 10.14 63.06 18.74
CA ILE B 258 10.77 61.77 18.99
C ILE B 258 10.57 61.41 20.45
N ILE B 259 10.07 60.21 20.71
CA ILE B 259 9.56 59.91 22.05
C ILE B 259 10.27 58.75 22.75
N ARG B 260 10.18 57.54 22.23
CA ARG B 260 10.52 56.40 23.07
C ARG B 260 11.99 56.04 22.92
N ASP B 261 12.57 55.53 24.01
CA ASP B 261 13.94 55.00 24.11
C ASP B 261 15.02 56.00 23.69
N ASP B 262 14.68 57.29 23.64
CA ASP B 262 15.58 58.38 23.28
C ASP B 262 16.21 58.16 21.90
N GLY B 263 15.36 58.29 20.89
CA GLY B 263 15.81 58.25 19.50
C GLY B 263 15.17 57.17 18.68
N TYR B 264 14.36 56.32 19.28
CA TYR B 264 13.92 55.09 18.63
C TYR B 264 12.83 55.36 17.60
N ARG B 265 11.78 56.11 17.97
CA ARG B 265 10.66 56.30 17.07
C ARG B 265 10.16 57.74 17.12
N LEU B 266 9.65 58.21 15.99
CA LEU B 266 8.84 59.42 15.92
C LEU B 266 7.46 59.13 16.52
N TRP B 267 6.70 60.19 16.80
CA TRP B 267 5.43 60.03 17.52
C TRP B 267 4.58 61.26 17.27
N GLY B 268 3.46 61.08 16.57
CA GLY B 268 2.60 62.23 16.30
C GLY B 268 2.42 62.38 14.80
N ASN B 269 1.17 62.61 14.40
CA ASN B 269 0.84 62.72 13.00
C ASN B 269 0.04 63.97 12.62
N ARG B 270 -0.44 64.76 13.57
CA ARG B 270 -1.25 65.90 13.21
C ARG B 270 -0.36 67.05 12.73
N THR B 271 -0.86 67.78 11.74
CA THR B 271 -0.14 68.88 11.14
C THR B 271 -0.56 70.19 11.78
N LEU B 272 0.22 71.24 11.50
CA LEU B 272 -0.15 72.58 11.96
C LEU B 272 -1.29 73.10 11.11
N SER B 273 -2.52 72.79 11.51
CA SER B 273 -3.71 73.16 10.76
C SER B 273 -4.74 73.75 11.69
N SER B 274 -5.43 74.79 11.23
CA SER B 274 -6.51 75.38 12.00
C SER B 274 -7.80 74.62 11.84
N ASP B 275 -7.94 73.84 10.76
CA ASP B 275 -9.15 73.09 10.49
C ASP B 275 -9.00 71.68 11.04
N SER B 276 -10.05 71.22 11.74
CA SER B 276 -10.07 69.85 12.23
C SER B 276 -10.33 68.85 11.11
N LYS B 277 -10.82 69.30 9.96
CA LYS B 277 -10.97 68.43 8.79
C LYS B 277 -9.61 68.02 8.25
N TRP B 278 -8.66 68.95 8.23
CA TRP B 278 -7.32 68.72 7.69
C TRP B 278 -6.30 68.54 8.79
N ALA B 279 -6.67 67.87 9.88
CA ALA B 279 -5.79 67.80 11.05
C ALA B 279 -4.63 66.84 10.82
N PHE B 280 -4.90 65.69 10.22
CA PHE B 280 -3.87 64.68 10.00
C PHE B 280 -3.02 65.03 8.79
N VAL B 281 -1.81 64.49 8.76
CA VAL B 281 -1.02 64.62 7.54
C VAL B 281 -1.52 63.65 6.48
N THR B 282 -2.09 62.51 6.89
CA THR B 282 -2.61 61.55 5.95
C THR B 282 -3.89 62.03 5.28
N ARG B 283 -4.59 62.98 5.88
CA ARG B 283 -5.64 63.67 5.14
C ARG B 283 -5.03 64.56 4.06
N VAL B 284 -3.86 65.14 4.35
CA VAL B 284 -3.25 66.09 3.43
C VAL B 284 -2.42 65.36 2.38
N ARG B 285 -1.70 64.30 2.78
CA ARG B 285 -0.86 63.57 1.84
C ARG B 285 -1.70 62.80 0.83
N THR B 286 -2.74 62.11 1.29
CA THR B 286 -3.62 61.40 0.35
C THR B 286 -4.51 62.34 -0.45
N MET B 287 -4.60 63.61 -0.06
CA MET B 287 -5.29 64.58 -0.91
C MET B 287 -4.48 64.89 -2.16
N ASP B 288 -3.17 65.03 -2.01
CA ASP B 288 -2.31 65.49 -3.09
C ASP B 288 -1.62 64.36 -3.83
N LEU B 289 -1.42 63.21 -3.19
CA LEU B 289 -0.71 62.10 -3.82
C LEU B 289 -1.64 61.09 -4.46
N VAL B 290 -2.96 61.27 -4.39
CA VAL B 290 -3.81 60.57 -5.33
C VAL B 290 -4.10 61.47 -6.53
N MET B 291 -4.21 62.79 -6.33
CA MET B 291 -4.62 63.71 -7.37
C MET B 291 -3.46 64.16 -8.23
N ASP B 292 -2.25 63.68 -7.94
CA ASP B 292 -1.16 63.73 -8.89
C ASP B 292 -0.77 62.35 -9.38
N ALA B 293 -1.30 61.30 -8.74
CA ALA B 293 -1.27 59.95 -9.30
C ALA B 293 -2.44 59.70 -10.23
N ILE B 294 -3.58 60.37 -10.00
CA ILE B 294 -4.64 60.47 -11.00
C ILE B 294 -4.09 61.04 -12.31
N LEU B 295 -3.26 62.08 -12.22
CA LEU B 295 -2.75 62.73 -13.42
C LEU B 295 -1.67 61.90 -14.09
N ALA B 296 -0.83 61.22 -13.32
CA ALA B 296 0.19 60.35 -13.87
C ALA B 296 -0.47 59.10 -14.44
N GLY B 297 -0.47 58.98 -15.76
CA GLY B 297 -1.21 57.92 -16.42
C GLY B 297 -2.34 58.49 -17.23
N HIS B 298 -3.00 59.51 -16.69
CA HIS B 298 -4.04 60.25 -17.39
C HIS B 298 -3.54 61.60 -17.87
N LYS B 299 -2.29 61.64 -18.33
CA LYS B 299 -1.72 62.84 -18.95
C LYS B 299 -2.31 63.15 -20.31
N TRP B 300 -3.10 62.23 -20.88
CA TRP B 300 -3.77 62.45 -22.15
C TRP B 300 -5.02 63.31 -22.03
N ALA B 301 -5.38 63.77 -20.83
CA ALA B 301 -6.62 64.51 -20.63
C ALA B 301 -6.49 65.99 -20.97
N VAL B 302 -5.31 66.46 -21.39
CA VAL B 302 -5.14 67.86 -21.79
C VAL B 302 -5.21 68.00 -23.31
N ASP B 303 -5.12 66.90 -24.05
CA ASP B 303 -5.38 66.85 -25.48
C ASP B 303 -6.48 65.82 -25.71
N ARG B 304 -6.66 65.40 -26.96
CA ARG B 304 -7.77 64.56 -27.40
C ARG B 304 -9.10 65.27 -27.09
N GLY B 305 -9.32 66.33 -27.86
CA GLY B 305 -10.42 67.27 -27.68
C GLY B 305 -11.81 66.70 -27.52
N ILE B 306 -12.72 67.53 -27.02
CA ILE B 306 -13.95 67.05 -26.40
C ILE B 306 -14.91 66.55 -27.47
N THR B 307 -14.92 65.24 -27.67
CA THR B 307 -15.91 64.57 -28.49
C THR B 307 -16.94 63.95 -27.55
N LYS B 308 -17.85 63.15 -28.12
CA LYS B 308 -18.92 62.55 -27.32
C LYS B 308 -18.37 61.51 -26.36
N THR B 309 -17.39 60.73 -26.79
CA THR B 309 -16.85 59.71 -25.90
C THR B 309 -15.79 60.23 -24.94
N TYR B 310 -15.29 61.45 -25.14
CA TYR B 310 -14.15 61.93 -24.34
C TYR B 310 -14.53 62.20 -22.89
N VAL B 311 -15.69 62.81 -22.65
CA VAL B 311 -16.19 63.01 -21.29
C VAL B 311 -16.46 61.65 -20.66
N LYS B 312 -16.92 60.70 -21.46
CA LYS B 312 -17.14 59.34 -21.01
C LYS B 312 -15.86 58.52 -20.95
N ASP B 313 -14.79 58.95 -21.63
CA ASP B 313 -13.56 58.15 -21.66
C ASP B 313 -12.83 58.21 -20.32
N VAL B 314 -12.77 59.38 -19.70
CA VAL B 314 -12.00 59.54 -18.49
C VAL B 314 -12.86 59.41 -17.23
N THR B 315 -14.19 59.47 -17.36
CA THR B 315 -15.02 59.33 -16.17
C THR B 315 -15.09 57.89 -15.67
N GLU B 316 -14.71 56.91 -16.49
CA GLU B 316 -14.32 55.60 -15.95
C GLU B 316 -12.85 55.31 -16.22
N GLY B 317 -12.10 56.31 -16.69
CA GLY B 317 -10.66 56.21 -16.68
C GLY B 317 -10.16 56.51 -15.28
N LEU B 318 -10.86 57.42 -14.59
CA LEU B 318 -10.55 57.70 -13.20
C LEU B 318 -11.17 56.66 -12.27
N ARG B 319 -12.35 56.17 -12.63
CA ARG B 319 -13.03 55.17 -11.80
C ARG B 319 -12.28 53.85 -11.81
N ALA B 320 -11.64 53.52 -12.93
CA ALA B 320 -10.83 52.32 -12.99
C ALA B 320 -9.46 52.51 -12.34
N PHE B 321 -8.99 53.75 -12.21
CA PHE B 321 -7.73 53.97 -11.53
C PHE B 321 -7.91 54.14 -10.03
N MET B 322 -9.02 54.76 -9.62
CA MET B 322 -9.25 54.94 -8.20
C MET B 322 -9.75 53.68 -7.51
N ARG B 323 -10.34 52.74 -8.26
CA ARG B 323 -10.59 51.43 -7.68
C ARG B 323 -9.31 50.63 -7.51
N ASP B 324 -8.25 50.97 -8.25
CA ASP B 324 -6.94 50.40 -7.94
C ASP B 324 -6.37 51.02 -6.68
N LEU B 325 -6.69 52.29 -6.40
CA LEU B 325 -6.33 52.88 -5.12
C LEU B 325 -7.16 52.31 -3.99
N LYS B 326 -8.41 51.97 -4.26
CA LYS B 326 -9.29 51.44 -3.23
C LYS B 326 -8.91 50.02 -2.85
N ASN B 327 -8.46 49.22 -3.80
CA ASN B 327 -8.14 47.83 -3.52
C ASN B 327 -6.81 47.66 -2.80
N GLN B 328 -5.87 48.58 -3.02
CA GLN B 328 -4.60 48.55 -2.30
C GLN B 328 -4.67 49.30 -0.98
N GLY B 329 -5.85 49.77 -0.59
CA GLY B 329 -6.05 50.38 0.70
C GLY B 329 -5.81 51.86 0.77
N ALA B 330 -5.45 52.51 -0.34
CA ALA B 330 -5.09 53.92 -0.32
C ALA B 330 -6.27 54.81 0.01
N VAL B 331 -7.47 54.40 -0.43
CA VAL B 331 -8.71 55.02 0.01
C VAL B 331 -9.67 53.92 0.44
N ILE B 332 -10.79 54.35 1.00
CA ILE B 332 -11.97 53.51 1.13
C ILE B 332 -12.98 54.14 0.19
N ASN B 333 -14.21 53.58 0.13
CA ASN B 333 -15.10 53.65 -1.03
C ASN B 333 -15.34 55.08 -1.50
N PHE B 334 -15.48 55.22 -2.82
CA PHE B 334 -15.43 56.51 -3.50
C PHE B 334 -16.59 56.62 -4.48
N GLU B 335 -16.63 57.74 -5.20
CA GLU B 335 -17.49 57.87 -6.37
C GLU B 335 -16.90 58.91 -7.32
N VAL B 336 -16.93 58.58 -8.61
CA VAL B 336 -16.40 59.44 -9.67
C VAL B 336 -17.50 59.61 -10.70
N TYR B 337 -17.87 60.85 -10.98
CA TYR B 337 -18.95 61.12 -11.90
C TYR B 337 -18.76 62.49 -12.53
N ALA B 338 -19.18 62.62 -13.78
CA ALA B 338 -19.13 63.90 -14.46
C ALA B 338 -20.15 64.85 -13.88
N ASP B 339 -19.82 66.14 -13.92
CA ASP B 339 -20.62 67.18 -13.30
C ASP B 339 -21.83 67.48 -14.18
N PRO B 340 -23.06 67.26 -13.69
CA PRO B 340 -24.23 67.44 -14.55
C PRO B 340 -24.59 68.89 -14.85
N ASP B 341 -24.51 69.77 -13.85
CA ASP B 341 -25.09 71.10 -14.01
C ASP B 341 -24.07 72.11 -14.52
N LEU B 342 -22.82 72.03 -14.07
CA LEU B 342 -21.85 73.04 -14.45
C LEU B 342 -21.25 72.78 -15.81
N ASN B 343 -21.37 71.55 -16.31
CA ASN B 343 -20.95 71.27 -17.68
C ASN B 343 -21.98 71.80 -18.67
N SER B 344 -21.54 72.69 -19.55
CA SER B 344 -22.44 73.31 -20.51
C SER B 344 -21.66 73.57 -21.78
N ALA B 345 -22.40 73.79 -22.88
CA ALA B 345 -21.76 73.98 -24.17
C ALA B 345 -21.18 75.37 -24.32
N SER B 346 -21.54 76.29 -23.41
CA SER B 346 -21.00 77.64 -23.47
C SER B 346 -19.53 77.66 -23.07
N GLN B 347 -19.15 76.82 -22.13
CA GLN B 347 -17.76 76.73 -21.69
C GLN B 347 -17.08 75.43 -22.10
N LEU B 348 -17.79 74.54 -22.80
CA LEU B 348 -17.13 73.40 -23.40
C LEU B 348 -16.33 73.82 -24.63
N ALA B 349 -16.80 74.84 -25.34
CA ALA B 349 -16.01 75.43 -26.41
C ALA B 349 -14.82 76.22 -25.87
N GLN B 350 -14.90 76.68 -24.63
CA GLN B 350 -13.79 77.35 -23.97
C GLN B 350 -12.70 76.37 -23.55
N GLY B 351 -13.04 75.08 -23.39
CA GLY B 351 -12.10 74.06 -22.98
C GLY B 351 -12.38 73.52 -21.59
N LYS B 352 -13.21 74.21 -20.82
CA LYS B 352 -13.49 73.77 -19.46
C LYS B 352 -14.57 72.69 -19.45
N VAL B 353 -14.29 71.62 -18.71
CA VAL B 353 -15.23 70.51 -18.53
C VAL B 353 -14.93 69.86 -17.18
N TYR B 354 -15.95 69.66 -16.37
CA TYR B 354 -15.76 69.39 -14.95
C TYR B 354 -16.05 67.92 -14.64
N TRP B 355 -15.32 67.38 -13.66
CA TRP B 355 -15.62 66.09 -13.08
C TRP B 355 -15.62 66.21 -11.57
N ASN B 356 -16.53 65.50 -10.91
CA ASN B 356 -16.67 65.52 -9.47
C ASN B 356 -16.06 64.27 -8.89
N ILE B 357 -15.09 64.42 -8.01
CA ILE B 357 -14.44 63.33 -7.32
C ILE B 357 -14.85 63.40 -5.86
N ARG B 358 -15.32 62.29 -5.30
CA ARG B 358 -15.63 62.22 -3.88
C ARG B 358 -15.09 60.92 -3.33
N PHE B 359 -14.05 61.02 -2.51
CA PHE B 359 -13.52 59.84 -1.85
C PHE B 359 -13.31 60.16 -0.39
N THR B 360 -13.48 59.14 0.45
CA THR B 360 -13.03 59.19 1.83
C THR B 360 -11.80 58.30 1.97
N ASP B 361 -10.89 58.70 2.84
CA ASP B 361 -9.63 58.01 3.01
C ASP B 361 -9.59 57.26 4.33
N VAL B 362 -8.54 56.46 4.49
CA VAL B 362 -8.41 55.62 5.69
C VAL B 362 -7.98 56.48 6.87
N PRO B 363 -8.59 56.33 8.03
CA PRO B 363 -8.15 57.07 9.21
C PRO B 363 -6.99 56.35 9.89
N PRO B 364 -6.00 57.08 10.40
CA PRO B 364 -4.93 56.45 11.17
C PRO B 364 -5.32 56.25 12.62
N ALA B 365 -5.08 55.04 13.11
CA ALA B 365 -5.55 54.62 14.43
C ALA B 365 -4.60 55.14 15.52
N GLU B 366 -4.66 56.45 15.75
CA GLU B 366 -3.73 57.05 16.70
C GLU B 366 -4.15 56.74 18.14
N ASN B 367 -5.41 56.39 18.37
CA ASN B 367 -5.91 56.12 19.72
C ASN B 367 -6.87 54.93 19.68
N PRO B 368 -6.35 53.70 19.70
CA PRO B 368 -7.25 52.55 19.81
C PRO B 368 -7.72 52.35 21.25
N ASN B 369 -9.04 52.35 21.43
CA ASN B 369 -9.65 52.04 22.71
C ASN B 369 -9.98 50.54 22.75
N PHE B 370 -10.02 49.99 23.96
CA PHE B 370 -10.29 48.57 24.16
C PHE B 370 -11.31 48.40 25.28
N ARG B 371 -12.59 48.36 24.91
CA ARG B 371 -13.59 48.05 25.92
C ARG B 371 -13.62 46.54 26.14
N VAL B 372 -12.89 46.08 27.16
CA VAL B 372 -12.86 44.65 27.46
C VAL B 372 -14.15 44.26 28.17
N GLU B 373 -14.73 43.15 27.75
CA GLU B 373 -15.91 42.59 28.40
C GLU B 373 -15.81 41.07 28.38
N VAL B 374 -16.29 40.43 29.45
CA VAL B 374 -16.22 38.99 29.59
C VAL B 374 -17.62 38.46 29.86
N THR B 375 -17.78 37.17 29.57
CA THR B 375 -19.06 36.47 29.69
C THR B 375 -18.78 34.98 29.69
N ASP B 376 -19.84 34.18 29.74
CA ASP B 376 -19.75 32.74 29.50
C ASP B 376 -20.51 32.35 28.24
N GLN B 377 -21.79 32.67 28.15
CA GLN B 377 -22.56 32.53 26.91
C GLN B 377 -23.10 33.86 26.41
N TRP B 378 -23.81 34.61 27.25
CA TRP B 378 -24.36 35.90 26.85
C TRP B 378 -24.18 37.01 27.86
N LEU B 379 -24.01 36.72 29.16
CA LEU B 379 -23.97 37.74 30.18
C LEU B 379 -22.86 37.42 31.18
N THR B 380 -22.57 38.38 32.05
CA THR B 380 -21.64 38.16 33.14
C THR B 380 -22.30 37.27 34.19
N GLU B 381 -21.86 36.01 34.27
CA GLU B 381 -22.50 35.06 35.17
C GLU B 381 -22.12 35.33 36.63
N VAL B 382 -20.91 35.84 36.87
CA VAL B 382 -20.48 36.14 38.24
C VAL B 382 -21.26 37.33 38.79
N LEU B 383 -21.35 38.41 38.01
CA LEU B 383 -22.13 39.57 38.41
C LEU B 383 -22.94 40.12 37.25
N MET C 1 -45.07 44.51 -18.14
CA MET C 1 -43.79 44.95 -18.68
C MET C 1 -43.82 44.91 -20.19
N ILE C 2 -43.32 45.99 -20.82
CA ILE C 2 -43.27 46.08 -22.27
C ILE C 2 -42.21 45.13 -22.80
N PRO C 3 -42.40 44.54 -23.97
CA PRO C 3 -41.40 43.62 -24.52
C PRO C 3 -40.17 44.37 -25.01
N GLN C 4 -39.01 44.00 -24.47
CA GLN C 4 -37.74 44.55 -24.94
C GLN C 4 -36.81 43.41 -25.31
N THR C 5 -35.80 43.75 -26.09
CA THR C 5 -34.88 42.79 -26.70
C THR C 5 -33.71 43.55 -27.28
N LEU C 6 -32.65 42.81 -27.61
CA LEU C 6 -31.45 43.43 -28.16
C LEU C 6 -31.67 43.79 -29.61
N THR C 7 -31.24 44.99 -29.99
CA THR C 7 -31.28 45.43 -31.37
C THR C 7 -29.91 45.70 -31.95
N ASN C 8 -29.03 46.35 -31.20
CA ASN C 8 -27.69 46.67 -31.65
C ASN C 8 -26.73 46.55 -30.47
N THR C 9 -25.43 46.52 -30.78
CA THR C 9 -24.43 46.33 -29.75
C THR C 9 -23.20 47.14 -30.11
N ASN C 10 -22.24 47.17 -29.19
CA ASN C 10 -20.99 47.89 -29.41
C ASN C 10 -19.94 47.29 -28.50
N LEU C 11 -18.69 47.72 -28.69
CA LEU C 11 -17.57 47.17 -27.96
C LEU C 11 -16.44 48.19 -27.94
N PHE C 12 -15.86 48.41 -26.76
CA PHE C 12 -14.70 49.27 -26.59
C PHE C 12 -13.54 48.44 -26.07
N ILE C 13 -12.33 48.70 -26.58
CA ILE C 13 -11.10 48.13 -26.05
C ILE C 13 -10.15 49.27 -25.78
N ASP C 14 -9.94 49.60 -24.50
CA ASP C 14 -8.99 50.62 -24.05
C ASP C 14 -9.29 51.98 -24.68
N GLY C 15 -10.58 52.30 -24.77
CA GLY C 15 -10.97 53.61 -25.25
C GLY C 15 -11.45 53.64 -26.69
N VAL C 16 -10.79 52.92 -27.60
CA VAL C 16 -11.16 52.98 -29.00
C VAL C 16 -12.41 52.13 -29.23
N SER C 17 -13.17 52.48 -30.25
CA SER C 17 -14.47 51.88 -30.51
C SER C 17 -14.37 50.91 -31.68
N PHE C 18 -14.94 49.72 -31.50
CA PHE C 18 -15.08 48.79 -32.61
C PHE C 18 -16.47 48.95 -33.21
N ALA C 19 -16.67 50.11 -33.83
CA ALA C 19 -17.99 50.55 -34.26
C ALA C 19 -18.43 49.95 -35.58
N GLY C 20 -17.64 49.09 -36.19
CA GLY C 20 -18.05 48.43 -37.42
C GLY C 20 -17.52 47.03 -37.56
N ASP C 21 -17.13 46.41 -36.44
CA ASP C 21 -16.28 45.24 -36.49
C ASP C 21 -16.90 44.00 -35.87
N VAL C 22 -17.48 44.11 -34.69
CA VAL C 22 -17.81 42.92 -33.90
C VAL C 22 -19.17 42.35 -34.30
N PRO C 23 -19.25 41.08 -34.69
CA PRO C 23 -20.56 40.48 -34.99
C PRO C 23 -21.20 39.76 -33.81
N SER C 24 -20.44 39.56 -32.72
CA SER C 24 -20.87 38.65 -31.67
C SER C 24 -20.27 39.08 -30.34
N LEU C 25 -21.01 38.81 -29.28
CA LEU C 25 -20.53 38.97 -27.91
C LEU C 25 -20.88 37.74 -27.10
N THR C 26 -20.29 37.68 -25.91
CA THR C 26 -20.74 36.77 -24.87
C THR C 26 -20.28 37.38 -23.55
N LEU C 27 -21.24 37.87 -22.76
CA LEU C 27 -20.92 38.26 -21.41
C LEU C 27 -20.61 37.01 -20.59
N PRO C 28 -19.80 37.11 -19.53
CA PRO C 28 -19.40 35.91 -18.80
C PRO C 28 -20.56 35.26 -18.06
N LYS C 29 -20.62 33.94 -18.15
CA LYS C 29 -21.65 33.14 -17.51
C LYS C 29 -21.48 33.21 -16.00
N LEU C 30 -22.35 33.99 -15.36
CA LEU C 30 -22.36 34.04 -13.90
C LEU C 30 -23.03 32.79 -13.37
N ALA C 31 -22.28 31.94 -12.68
CA ALA C 31 -22.80 30.67 -12.19
C ALA C 31 -22.23 30.43 -10.80
N VAL C 32 -23.10 30.12 -9.84
CA VAL C 32 -22.66 29.84 -8.49
C VAL C 32 -22.18 28.39 -8.40
N LYS C 33 -21.12 28.17 -7.64
CA LYS C 33 -20.56 26.84 -7.45
C LYS C 33 -21.37 26.12 -6.39
N THR C 34 -22.14 25.12 -6.81
CA THR C 34 -23.08 24.43 -5.94
C THR C 34 -22.53 23.08 -5.50
N GLU C 35 -22.66 22.81 -4.21
CA GLU C 35 -22.32 21.52 -3.63
C GLU C 35 -23.61 20.85 -3.15
N GLN C 36 -23.82 19.61 -3.59
CA GLN C 36 -25.05 18.90 -3.29
C GLN C 36 -25.08 18.48 -1.83
N TYR C 37 -25.96 19.10 -1.06
CA TYR C 37 -26.11 18.80 0.36
C TYR C 37 -27.37 17.98 0.55
N ARG C 38 -27.22 16.67 0.58
CA ARG C 38 -28.21 15.80 1.19
C ARG C 38 -27.57 15.10 2.36
N ALA C 39 -28.37 14.90 3.40
CA ALA C 39 -27.85 14.51 4.70
C ALA C 39 -28.83 13.54 5.33
N GLY C 40 -28.65 13.28 6.61
CA GLY C 40 -29.55 12.39 7.31
C GLY C 40 -30.88 13.07 7.57
N GLY C 41 -31.96 12.45 7.11
CA GLY C 41 -33.28 12.97 7.37
C GLY C 41 -33.89 13.69 6.20
N MET C 42 -33.07 14.42 5.45
CA MET C 42 -33.57 15.22 4.36
C MET C 42 -33.59 14.40 3.07
N ASP C 43 -34.56 14.71 2.21
CA ASP C 43 -34.89 13.84 1.09
C ASP C 43 -34.11 14.22 -0.17
N ALA C 44 -34.31 15.40 -0.65
CA ALA C 44 -33.65 15.83 -1.87
C ALA C 44 -32.43 16.67 -1.53
N PRO C 45 -31.36 16.58 -2.33
CA PRO C 45 -30.18 17.41 -2.05
C PRO C 45 -30.42 18.86 -2.44
N VAL C 46 -30.10 19.76 -1.52
CA VAL C 46 -30.15 21.19 -1.79
C VAL C 46 -28.81 21.62 -2.35
N SER C 47 -28.80 22.74 -3.06
CA SER C 47 -27.58 23.33 -3.58
C SER C 47 -27.29 24.61 -2.81
N ILE C 48 -26.02 24.81 -2.48
CA ILE C 48 -25.59 25.83 -1.53
C ILE C 48 -24.74 26.86 -2.25
N ASP C 49 -25.01 28.14 -1.96
CA ASP C 49 -24.21 29.26 -2.43
C ASP C 49 -22.81 29.14 -1.85
N MET C 50 -21.84 28.73 -2.66
CA MET C 50 -20.48 28.50 -2.19
C MET C 50 -19.46 29.02 -3.19
N GLY C 51 -19.68 30.23 -3.69
CA GLY C 51 -18.73 30.87 -4.57
C GLY C 51 -19.16 30.80 -6.03
N LEU C 52 -18.53 31.62 -6.85
CA LEU C 52 -18.85 31.71 -8.26
C LEU C 52 -17.89 30.87 -9.08
N GLU C 53 -18.30 30.58 -10.31
CA GLU C 53 -17.46 29.84 -11.24
C GLU C 53 -16.51 30.77 -11.96
N ALA C 54 -15.80 30.22 -12.94
CA ALA C 54 -14.83 30.99 -13.72
C ALA C 54 -15.56 31.84 -14.75
N MET C 55 -15.44 33.16 -14.63
CA MET C 55 -16.02 34.06 -15.61
C MET C 55 -15.14 34.12 -16.85
N GLU C 56 -15.78 34.11 -18.01
CA GLU C 56 -15.04 34.16 -19.27
C GLU C 56 -15.91 34.81 -20.32
N ALA C 57 -15.38 35.85 -20.97
CA ALA C 57 -16.14 36.68 -21.89
C ALA C 57 -15.61 36.54 -23.31
N LYS C 58 -16.33 35.79 -24.13
CA LYS C 58 -16.01 35.69 -25.54
C LYS C 58 -16.45 36.96 -26.27
N PHE C 59 -15.65 37.36 -27.27
CA PHE C 59 -16.13 38.29 -28.28
C PHE C 59 -15.44 37.94 -29.59
N SER C 60 -15.95 38.48 -30.68
CA SER C 60 -15.57 38.03 -32.01
C SER C 60 -15.34 39.22 -32.92
N THR C 61 -14.47 39.06 -33.91
CA THR C 61 -14.08 40.15 -34.80
C THR C 61 -13.79 39.59 -36.19
N ASN C 62 -14.32 40.24 -37.22
CA ASN C 62 -14.16 39.78 -38.59
C ASN C 62 -12.89 40.27 -39.27
N GLY C 63 -12.25 41.32 -38.77
CA GLY C 63 -11.07 41.85 -39.41
C GLY C 63 -9.87 41.82 -38.47
N ALA C 64 -8.69 42.03 -39.05
CA ALA C 64 -7.46 42.11 -38.28
C ALA C 64 -7.42 43.44 -37.56
N ARG C 65 -7.90 43.47 -36.33
CA ARG C 65 -7.85 44.67 -35.53
C ARG C 65 -6.63 44.61 -34.64
N ARG C 66 -5.71 45.54 -34.88
CA ARG C 66 -4.48 45.63 -34.11
C ARG C 66 -4.75 45.98 -32.66
N GLU C 67 -5.86 46.69 -32.41
CA GLU C 67 -6.21 47.07 -31.05
C GLU C 67 -6.68 45.87 -30.23
N ALA C 68 -7.26 44.87 -30.91
CA ALA C 68 -7.71 43.68 -30.19
C ALA C 68 -6.58 42.67 -30.04
N LEU C 69 -5.73 42.54 -31.07
CA LEU C 69 -4.64 41.57 -31.03
C LEU C 69 -3.46 42.06 -30.20
N ASN C 70 -3.47 43.33 -29.77
CA ASN C 70 -2.39 43.88 -28.96
C ASN C 70 -2.36 43.30 -27.57
N PHE C 71 -3.52 42.89 -27.04
CA PHE C 71 -3.64 42.60 -25.62
C PHE C 71 -3.60 41.11 -25.32
N PHE C 72 -3.13 40.28 -26.24
CA PHE C 72 -3.03 38.86 -25.97
C PHE C 72 -1.75 38.55 -25.20
N GLY C 73 -1.91 37.87 -24.06
CA GLY C 73 -0.79 37.29 -23.35
C GLY C 73 0.21 38.27 -22.79
N LEU C 74 -0.27 39.42 -22.31
CA LEU C 74 0.61 40.41 -21.73
C LEU C 74 1.06 39.96 -20.34
N ALA C 75 2.25 40.42 -19.93
CA ALA C 75 2.84 39.99 -18.68
C ALA C 75 2.09 40.51 -17.46
N ASP C 76 1.32 41.58 -17.61
CA ASP C 76 0.48 42.10 -16.55
C ASP C 76 -0.98 41.73 -16.79
N GLN C 77 -1.63 41.21 -15.75
CA GLN C 77 -3.06 41.00 -15.84
C GLN C 77 -3.77 42.33 -15.66
N SER C 78 -5.02 42.39 -16.15
CA SER C 78 -5.86 43.58 -16.19
C SER C 78 -5.19 44.74 -16.93
N ALA C 79 -4.41 44.41 -17.96
CA ALA C 79 -3.99 45.41 -18.93
C ALA C 79 -5.02 45.57 -20.03
N PHE C 80 -5.55 44.45 -20.51
CA PHE C 80 -6.84 44.43 -21.18
C PHE C 80 -7.89 44.95 -20.23
N ASN C 81 -8.77 45.84 -20.72
CA ASN C 81 -9.98 46.13 -19.98
C ASN C 81 -11.24 45.75 -20.76
N GLY C 82 -11.56 46.40 -21.87
CA GLY C 82 -12.78 46.05 -22.57
C GLY C 82 -14.06 46.58 -21.94
N VAL C 83 -14.99 47.08 -22.76
CA VAL C 83 -16.33 47.49 -22.30
C VAL C 83 -17.34 46.98 -23.31
N PHE C 84 -18.28 46.16 -22.85
CA PHE C 84 -19.31 45.60 -23.73
C PHE C 84 -20.61 46.37 -23.50
N ARG C 85 -21.25 46.79 -24.59
CA ARG C 85 -22.44 47.61 -24.52
C ARG C 85 -23.56 47.02 -25.36
N GLY C 86 -24.79 47.12 -24.84
CA GLY C 86 -25.96 46.74 -25.59
C GLY C 86 -27.03 47.80 -25.47
N SER C 87 -28.07 47.67 -26.29
CA SER C 87 -29.16 48.64 -26.32
C SER C 87 -30.46 47.87 -26.51
N PHE C 88 -31.33 47.91 -25.51
CA PHE C 88 -32.57 47.15 -25.52
C PHE C 88 -33.73 48.11 -25.69
N LYS C 89 -34.49 47.97 -26.77
CA LYS C 89 -35.31 49.09 -27.25
C LYS C 89 -36.67 49.22 -26.57
N GLY C 90 -37.28 48.15 -26.08
CA GLY C 90 -38.65 48.20 -25.61
C GLY C 90 -39.66 48.25 -26.74
N GLN C 91 -40.95 48.29 -26.35
CA GLN C 91 -42.04 48.38 -27.30
C GLN C 91 -42.42 49.81 -27.63
N LYS C 92 -42.13 50.76 -26.73
CA LYS C 92 -42.46 52.16 -26.94
C LYS C 92 -41.22 53.00 -27.24
N GLY C 93 -40.13 52.38 -27.69
CA GLY C 93 -38.95 53.11 -28.09
C GLY C 93 -38.01 53.49 -26.97
N ALA C 94 -38.33 53.17 -25.72
CA ALA C 94 -37.49 53.54 -24.58
C ALA C 94 -36.30 52.61 -24.55
N SER C 95 -35.22 53.02 -25.21
CA SER C 95 -34.02 52.19 -25.29
C SER C 95 -33.25 52.21 -23.98
N VAL C 96 -32.76 51.04 -23.57
CA VAL C 96 -32.17 50.85 -22.25
C VAL C 96 -30.71 50.47 -22.39
N PRO C 97 -29.77 51.31 -21.97
CA PRO C 97 -28.34 51.02 -22.19
C PRO C 97 -27.74 49.98 -21.25
N VAL C 98 -27.55 48.76 -21.73
CA VAL C 98 -26.93 47.71 -20.92
C VAL C 98 -25.43 47.76 -21.19
N VAL C 99 -24.67 48.23 -20.21
CA VAL C 99 -23.21 48.36 -20.33
C VAL C 99 -22.56 47.44 -19.29
N ALA C 100 -21.56 46.68 -19.74
CA ALA C 100 -20.87 45.70 -18.90
C ALA C 100 -19.39 45.97 -18.96
N THR C 101 -18.87 46.65 -17.94
CA THR C 101 -17.45 46.98 -17.86
C THR C 101 -16.72 45.82 -17.21
N LEU C 102 -15.97 45.07 -18.00
CA LEU C 102 -15.10 44.02 -17.49
C LEU C 102 -13.65 44.49 -17.57
N ARG C 103 -12.77 43.81 -16.82
CA ARG C 103 -11.35 44.18 -16.78
C ARG C 103 -10.46 42.93 -16.72
N GLY C 104 -10.75 41.95 -17.56
CA GLY C 104 -10.06 40.67 -17.49
C GLY C 104 -8.75 40.64 -18.26
N LEU C 105 -8.20 39.43 -18.36
CA LEU C 105 -7.02 39.13 -19.16
C LEU C 105 -7.45 38.43 -20.44
N LEU C 106 -6.92 38.86 -21.58
CA LEU C 106 -7.28 38.25 -22.84
C LEU C 106 -6.62 36.89 -22.94
N LYS C 107 -7.41 35.86 -23.21
CA LYS C 107 -7.06 34.47 -22.96
C LYS C 107 -6.78 33.67 -24.21
N GLU C 108 -7.48 33.90 -25.31
CA GLU C 108 -7.45 32.98 -26.43
C GLU C 108 -7.73 33.76 -27.71
N VAL C 109 -6.91 33.52 -28.72
CA VAL C 109 -7.12 34.06 -30.07
C VAL C 109 -7.03 32.90 -31.04
N ASP C 110 -8.12 32.63 -31.76
CA ASP C 110 -8.11 31.64 -32.82
C ASP C 110 -8.75 32.19 -34.09
N PRO C 111 -7.95 32.72 -35.01
CA PRO C 111 -8.41 32.85 -36.40
C PRO C 111 -8.73 31.48 -36.97
N GLY C 112 -9.99 31.26 -37.28
CA GLY C 112 -10.45 29.93 -37.63
C GLY C 112 -10.15 29.54 -39.07
N ASP C 113 -11.15 28.97 -39.73
CA ASP C 113 -10.97 28.46 -41.08
C ASP C 113 -10.94 29.64 -42.05
N TRP C 114 -9.76 29.96 -42.57
CA TRP C 114 -9.64 30.97 -43.62
C TRP C 114 -9.94 30.35 -44.99
N LYS C 115 -11.22 30.11 -45.23
CA LYS C 115 -11.63 29.77 -46.58
C LYS C 115 -11.60 31.03 -47.45
N ALA C 116 -11.56 30.82 -48.77
CA ALA C 116 -11.35 31.94 -49.69
C ALA C 116 -12.58 32.84 -49.77
N GLY C 117 -13.70 32.30 -50.23
CA GLY C 117 -14.91 33.08 -50.38
C GLY C 117 -15.58 33.43 -49.07
N GLU C 118 -15.52 32.52 -48.11
CA GLU C 118 -16.16 32.73 -46.82
C GLU C 118 -15.39 33.77 -46.02
N LYS C 119 -16.13 34.62 -45.30
CA LYS C 119 -15.51 35.61 -44.42
C LYS C 119 -14.81 34.92 -43.26
N ALA C 120 -13.75 35.56 -42.77
CA ALA C 120 -12.97 35.01 -41.67
C ALA C 120 -13.47 35.60 -40.35
N GLU C 121 -13.17 34.89 -39.26
CA GLU C 121 -13.59 35.32 -37.94
C GLU C 121 -12.43 35.13 -36.97
N PHE C 122 -12.22 36.13 -36.11
CA PHE C 122 -11.21 36.04 -35.06
C PHE C 122 -11.96 35.93 -33.74
N LYS C 123 -12.16 34.70 -33.27
CA LYS C 123 -12.78 34.52 -31.97
C LYS C 123 -11.80 34.91 -30.87
N TYR C 124 -12.28 35.64 -29.88
CA TYR C 124 -11.48 36.02 -28.73
C TYR C 124 -12.09 35.43 -27.46
N ALA C 125 -11.28 35.38 -26.41
CA ALA C 125 -11.76 34.93 -25.11
C ALA C 125 -11.01 35.70 -24.05
N VAL C 126 -11.72 36.09 -22.99
CA VAL C 126 -11.20 36.97 -21.97
C VAL C 126 -11.35 36.28 -20.62
N ALA C 127 -10.22 36.00 -19.98
CA ALA C 127 -10.24 35.48 -18.62
C ALA C 127 -10.59 36.63 -17.69
N VAL C 128 -11.86 36.71 -17.30
CA VAL C 128 -12.40 37.88 -16.63
C VAL C 128 -11.92 37.92 -15.18
N SER C 129 -11.27 39.02 -14.81
CA SER C 129 -10.78 39.25 -13.46
C SER C 129 -11.53 40.36 -12.75
N TYR C 130 -12.54 40.93 -13.39
CA TYR C 130 -13.42 41.96 -12.84
C TYR C 130 -14.65 42.08 -13.73
N TYR C 131 -15.85 42.17 -13.15
CA TYR C 131 -17.07 42.23 -13.95
C TYR C 131 -18.05 43.16 -13.29
N LYS C 132 -18.77 43.94 -14.11
CA LYS C 132 -19.63 45.01 -13.59
C LYS C 132 -20.73 45.25 -14.62
N LEU C 133 -21.93 44.76 -14.34
CA LEU C 133 -23.06 44.91 -15.24
C LEU C 133 -23.98 46.02 -14.76
N GLU C 134 -24.41 46.86 -15.70
CA GLU C 134 -25.33 47.96 -15.42
C GLU C 134 -26.48 47.87 -16.40
N VAL C 135 -27.71 47.79 -15.89
CA VAL C 135 -28.86 47.58 -16.77
C VAL C 135 -29.30 48.89 -17.42
N ASP C 136 -29.62 49.91 -16.62
CA ASP C 136 -30.02 51.19 -17.21
C ASP C 136 -29.02 52.29 -16.88
N GLY C 137 -28.87 52.62 -15.60
CA GLY C 137 -27.78 53.46 -15.16
C GLY C 137 -27.30 52.95 -13.82
N ARG C 138 -28.03 51.96 -13.31
CA ARG C 138 -27.83 51.46 -11.96
C ARG C 138 -26.99 50.19 -12.00
N GLU C 139 -26.17 49.99 -10.99
CA GLU C 139 -25.15 48.95 -11.00
C GLU C 139 -25.75 47.67 -10.42
N VAL C 140 -25.94 46.67 -11.27
CA VAL C 140 -26.56 45.42 -10.82
C VAL C 140 -25.51 44.47 -10.25
N TYR C 141 -24.53 44.11 -11.06
CA TYR C 141 -23.47 43.22 -10.63
C TYR C 141 -22.17 44.00 -10.48
N GLU C 142 -21.35 43.57 -9.55
CA GLU C 142 -19.99 44.09 -9.41
C GLU C 142 -19.18 42.95 -8.78
N ILE C 143 -18.51 42.17 -9.61
CA ILE C 143 -17.88 40.93 -9.17
C ILE C 143 -16.39 41.20 -9.05
N ASP C 144 -15.90 41.24 -7.82
CA ASP C 144 -14.47 41.22 -7.55
C ASP C 144 -14.09 39.80 -7.20
N PRO C 145 -13.36 39.09 -8.05
CA PRO C 145 -12.79 37.82 -7.61
C PRO C 145 -11.69 38.03 -6.60
N VAL C 146 -10.71 38.87 -6.92
CA VAL C 146 -9.52 39.02 -6.09
C VAL C 146 -9.80 39.82 -4.82
N ASN C 147 -10.87 40.60 -4.79
CA ASN C 147 -11.30 41.29 -3.58
C ASN C 147 -12.54 40.61 -3.02
N GLY C 148 -12.88 40.94 -1.78
CA GLY C 148 -14.00 40.30 -1.14
C GLY C 148 -15.32 41.02 -1.31
N VAL C 149 -15.55 41.60 -2.49
CA VAL C 149 -16.74 42.42 -2.74
C VAL C 149 -17.48 41.80 -3.92
N ARG C 150 -18.53 41.05 -3.62
CA ARG C 150 -19.50 40.60 -4.62
C ARG C 150 -20.77 41.40 -4.42
N ALA C 151 -20.91 42.49 -5.17
CA ALA C 151 -22.00 43.42 -5.00
C ALA C 151 -23.13 43.05 -5.94
N ILE C 152 -24.24 42.59 -5.37
CA ILE C 152 -25.47 42.36 -6.11
C ILE C 152 -26.42 43.47 -5.73
N ASN C 153 -26.87 44.24 -6.74
CA ASN C 153 -27.75 45.41 -6.58
C ASN C 153 -27.10 46.46 -5.67
N GLY C 154 -25.79 46.61 -5.74
CA GLY C 154 -25.10 47.66 -5.02
C GLY C 154 -24.73 47.35 -3.59
N VAL C 155 -25.23 46.24 -3.03
CA VAL C 155 -24.90 45.85 -1.66
C VAL C 155 -24.03 44.59 -1.72
N ASP C 156 -22.99 44.56 -0.90
CA ASP C 156 -22.01 43.48 -0.94
C ASP C 156 -22.61 42.26 -0.25
N GLN C 157 -22.61 41.12 -0.94
CA GLN C 157 -23.19 39.91 -0.37
C GLN C 157 -22.14 39.13 0.41
N LEU C 158 -20.86 39.32 0.09
CA LEU C 158 -19.80 38.65 0.84
C LEU C 158 -19.57 39.32 2.19
N ALA C 159 -19.89 40.61 2.28
CA ALA C 159 -19.79 41.29 3.57
C ALA C 159 -20.88 40.84 4.51
N GLY C 160 -22.05 40.48 3.97
CA GLY C 160 -23.12 39.98 4.80
C GLY C 160 -22.87 38.58 5.31
N MET C 161 -22.00 37.84 4.64
CA MET C 161 -21.64 36.50 5.11
C MET C 161 -20.69 36.56 6.30
N ARG C 162 -19.93 37.66 6.42
CA ARG C 162 -19.01 37.79 7.54
C ARG C 162 -19.73 38.29 8.80
N ASN C 163 -20.82 39.04 8.62
CA ASN C 163 -21.57 39.51 9.78
C ASN C 163 -22.41 38.39 10.38
N ASP C 164 -22.72 37.36 9.57
CA ASP C 164 -23.53 36.26 10.09
C ASP C 164 -22.68 35.30 10.92
N LEU C 165 -21.36 35.42 10.83
CA LEU C 165 -20.47 34.56 11.60
C LEU C 165 -19.61 35.39 12.55
N SER D 2 13.25 52.58 39.49
CA SER D 2 12.80 53.96 39.51
C SER D 2 11.45 54.11 38.82
N SER D 3 10.97 55.35 38.71
CA SER D 3 9.76 55.61 37.95
C SER D 3 10.03 55.54 36.46
N ARG D 4 11.30 55.68 36.06
CA ARG D 4 11.65 55.60 34.65
C ARG D 4 11.74 54.15 34.19
N LEU D 5 11.98 53.22 35.12
CA LEU D 5 12.12 51.82 34.74
C LEU D 5 10.76 51.18 34.54
N LEU D 6 9.71 51.83 35.01
CA LEU D 6 8.36 51.32 34.84
C LEU D 6 7.91 51.42 33.38
N PRO D 7 6.92 50.63 32.98
CA PRO D 7 6.33 50.79 31.64
C PRO D 7 5.60 52.12 31.51
N PRO D 8 5.27 52.55 30.28
CA PRO D 8 4.55 53.82 30.12
C PRO D 8 3.18 53.85 30.78
N ASN D 9 2.44 52.74 30.76
CA ASN D 9 1.22 52.66 31.54
C ASN D 9 1.59 52.47 33.02
N ARG D 10 1.36 53.49 33.82
CA ARG D 10 1.56 53.36 35.24
C ARG D 10 0.65 54.34 35.96
N SER D 11 0.16 53.92 37.12
CA SER D 11 -0.63 54.81 37.96
C SER D 11 0.31 55.75 38.70
N SER D 12 -0.28 56.69 39.43
CA SER D 12 0.52 57.49 40.33
C SER D 12 0.97 56.69 41.54
N LEU D 13 0.27 55.59 41.86
CA LEU D 13 0.70 54.69 42.92
C LEU D 13 1.94 53.92 42.53
N GLU D 14 1.98 53.39 41.29
CA GLU D 14 3.15 52.66 40.83
C GLU D 14 4.35 53.58 40.67
N ARG D 15 4.12 54.79 40.15
CA ARG D 15 5.18 55.79 40.01
C ARG D 15 5.70 56.24 41.37
N SER D 16 4.83 56.29 42.38
CA SER D 16 5.29 56.61 43.73
C SER D 16 6.05 55.44 44.35
N LEU D 17 5.49 54.22 44.24
CA LEU D 17 6.18 53.06 44.78
C LEU D 17 7.41 52.69 43.96
N GLY D 18 7.48 53.15 42.71
CA GLY D 18 8.71 53.03 41.96
C GLY D 18 9.82 53.93 42.46
N ASP D 19 9.46 55.02 43.15
CA ASP D 19 10.43 55.96 43.67
C ASP D 19 10.81 55.68 45.12
N VAL D 20 10.19 54.68 45.76
CA VAL D 20 10.41 54.39 47.17
C VAL D 20 10.97 52.99 47.38
N LEU D 21 10.38 52.00 46.72
CA LEU D 21 10.77 50.60 46.94
C LEU D 21 12.19 50.22 46.51
N PRO D 22 12.83 50.81 45.48
CA PRO D 22 14.28 50.59 45.34
C PRO D 22 15.10 51.09 46.51
N ALA D 23 14.93 52.37 46.89
CA ALA D 23 15.55 53.01 48.05
C ALA D 23 17.08 52.91 47.99
N GLU D 24 17.62 53.64 47.01
CA GLU D 24 19.05 53.62 46.72
C GLU D 24 19.87 54.12 47.90
N LEU D 25 21.11 53.65 47.96
CA LEU D 25 22.03 53.93 49.05
C LEU D 25 23.40 54.30 48.48
N PRO D 26 24.16 55.14 49.19
CA PRO D 26 25.55 55.33 48.80
C PRO D 26 26.37 54.10 49.14
N VAL D 27 27.43 53.89 48.36
CA VAL D 27 28.37 52.80 48.61
C VAL D 27 29.70 53.44 48.94
N PRO D 28 30.00 53.71 50.21
CA PRO D 28 31.26 54.36 50.60
C PRO D 28 32.40 53.36 50.78
N LEU D 29 32.66 52.54 49.76
CA LEU D 29 33.65 51.48 49.84
C LEU D 29 34.97 51.83 49.15
N ARG D 30 34.91 52.54 48.02
CA ARG D 30 36.14 53.00 47.38
C ARG D 30 36.81 54.12 48.16
N GLU D 31 36.07 54.83 49.02
CA GLU D 31 36.60 55.92 49.82
C GLU D 31 37.44 55.45 51.00
N LEU D 32 37.50 54.14 51.27
CA LEU D 32 38.23 53.65 52.44
C LEU D 32 39.74 53.65 52.25
N HIS D 33 40.22 53.64 51.01
CA HIS D 33 41.65 53.57 50.75
C HIS D 33 42.23 54.87 50.23
N ASP D 34 41.40 55.85 49.87
CA ASP D 34 41.90 57.18 49.56
C ASP D 34 41.95 57.96 50.88
N PRO D 35 43.13 58.36 51.35
CA PRO D 35 43.19 59.12 52.60
C PRO D 35 42.59 60.51 52.49
N ALA D 36 42.60 61.10 51.28
CA ALA D 36 41.96 62.38 51.05
C ALA D 36 40.45 62.28 50.94
N ARG D 37 39.88 61.07 50.91
CA ARG D 37 38.44 60.90 50.87
C ARG D 37 37.89 60.04 51.99
N CYS D 38 38.71 59.57 52.92
CA CYS D 38 38.19 58.93 54.11
C CYS D 38 37.49 59.94 55.01
N GLU D 39 36.48 59.47 55.73
CA GLU D 39 35.86 60.27 56.77
C GLU D 39 36.81 60.40 57.96
N ALA D 40 36.61 61.47 58.74
CA ALA D 40 37.52 61.75 59.84
C ALA D 40 37.36 60.78 61.01
N ALA D 41 36.22 60.10 61.09
CA ALA D 41 36.00 59.15 62.17
C ALA D 41 36.70 57.82 61.94
N LEU D 42 37.04 57.49 60.69
CA LEU D 42 37.69 56.22 60.37
C LEU D 42 39.02 56.40 59.66
N LEU D 43 39.58 57.61 59.69
CA LEU D 43 40.93 57.81 59.16
C LEU D 43 42.04 57.04 59.88
N PRO D 44 42.10 56.90 61.22
CA PRO D 44 43.17 56.08 61.80
C PRO D 44 43.05 54.58 61.57
N TYR D 45 41.95 54.09 61.01
CA TYR D 45 41.96 52.72 60.51
C TYR D 45 42.90 52.59 59.32
N LEU D 46 42.87 53.56 58.42
CA LEU D 46 43.78 53.54 57.28
C LEU D 46 45.20 53.88 57.71
N ALA D 47 45.37 54.68 58.77
CA ALA D 47 46.71 54.96 59.28
C ALA D 47 47.34 53.74 59.93
N TRP D 48 46.53 52.77 60.36
CA TRP D 48 47.08 51.53 60.89
C TRP D 48 47.63 50.65 59.77
N THR D 49 46.86 50.48 58.69
CA THR D 49 47.30 49.60 57.60
C THR D 49 48.39 50.24 56.75
N ARG D 50 48.55 51.56 56.80
CA ARG D 50 49.71 52.20 56.20
C ARG D 50 50.89 52.27 57.16
N SER D 51 50.74 51.71 58.36
CA SER D 51 51.79 51.57 59.38
C SER D 51 52.41 52.90 59.75
N VAL D 52 51.57 53.93 59.89
CA VAL D 52 52.01 55.24 60.36
C VAL D 52 52.43 55.06 61.82
N ASP D 53 53.74 55.17 62.09
CA ASP D 53 54.29 54.73 63.37
C ASP D 53 53.91 55.68 64.49
N ARG D 54 53.91 56.98 64.23
CA ARG D 54 53.58 57.97 65.24
C ARG D 54 52.42 58.83 64.77
N TRP D 55 51.54 59.18 65.72
CA TRP D 55 50.28 59.82 65.42
C TRP D 55 49.91 60.74 66.58
N ASP D 56 49.30 61.87 66.26
CA ASP D 56 48.87 62.83 67.26
C ASP D 56 47.41 63.18 67.05
N PRO D 57 46.57 63.11 68.08
CA PRO D 57 45.18 63.60 67.95
C PRO D 57 45.05 65.10 68.20
N ASP D 58 45.96 65.88 67.64
CA ASP D 58 45.96 67.33 67.77
C ASP D 58 46.17 68.05 66.45
N TRP D 59 46.53 67.34 65.39
CA TRP D 59 46.86 67.94 64.12
C TRP D 59 45.60 68.31 63.35
N SER D 60 45.76 69.18 62.35
CA SER D 60 44.69 69.40 61.39
C SER D 60 44.59 68.20 60.46
N ASP D 61 43.45 68.07 59.78
CA ASP D 61 43.26 66.94 58.88
C ASP D 61 44.15 67.04 57.64
N GLU D 62 44.56 68.25 57.27
CA GLU D 62 45.57 68.38 56.22
C GLU D 62 46.92 67.85 56.68
N ALA D 63 47.21 67.90 57.99
CA ALA D 63 48.40 67.31 58.55
C ALA D 63 48.22 65.86 58.96
N LYS D 64 46.98 65.35 58.94
CA LYS D 64 46.73 63.94 59.22
C LYS D 64 46.67 63.10 57.96
N ARG D 65 46.18 63.66 56.86
CA ARG D 65 45.97 62.88 55.64
C ARG D 65 47.24 62.76 54.81
N ASN D 66 48.14 63.75 54.88
CA ASN D 66 49.41 63.63 54.18
C ASN D 66 50.36 62.69 54.87
N ALA D 67 50.18 62.46 56.18
CA ALA D 67 50.95 61.43 56.88
C ALA D 67 50.52 60.04 56.48
N VAL D 68 49.31 59.89 55.94
CA VAL D 68 48.83 58.60 55.46
C VAL D 68 49.10 58.46 53.97
N ALA D 69 48.94 59.55 53.20
CA ALA D 69 49.18 59.50 51.77
C ALA D 69 50.65 59.33 51.45
N THR D 70 51.53 60.01 52.17
CA THR D 70 52.97 59.86 52.00
C THR D 70 53.57 58.89 52.99
N SER D 71 52.77 57.97 53.54
CA SER D 71 53.29 56.94 54.41
C SER D 71 54.11 55.90 53.63
N PHE D 72 53.86 55.77 52.34
CA PHE D 72 54.68 54.90 51.50
C PHE D 72 56.08 55.48 51.33
N VAL D 73 56.16 56.74 50.93
CA VAL D 73 57.44 57.38 50.61
C VAL D 73 58.29 57.54 51.85
N LEU D 74 57.65 57.73 53.01
CA LEU D 74 58.38 57.75 54.27
C LEU D 74 58.95 56.38 54.59
N HIS D 75 58.11 55.35 54.61
CA HIS D 75 58.54 54.00 54.98
C HIS D 75 59.38 53.32 53.92
N GLN D 76 59.43 53.85 52.69
CA GLN D 76 60.33 53.29 51.69
C GLN D 76 61.77 53.66 52.01
N ARG D 77 62.00 54.88 52.51
CA ARG D 77 63.32 55.42 52.74
C ARG D 77 63.41 55.89 54.20
N LYS D 78 63.70 54.97 55.12
CA LYS D 78 63.76 55.38 56.52
C LYS D 78 65.16 55.88 56.90
N GLY D 79 66.20 55.26 56.34
CA GLY D 79 67.54 55.64 56.73
C GLY D 79 68.01 56.93 56.08
N THR D 80 67.28 57.40 55.07
CA THR D 80 67.71 58.59 54.35
C THR D 80 67.41 59.86 55.14
N LEU D 81 68.01 60.97 54.69
CA LEU D 81 67.63 62.27 55.20
C LEU D 81 66.40 62.80 54.47
N THR D 82 66.18 62.36 53.23
CA THR D 82 65.18 62.96 52.37
C THR D 82 63.76 62.61 52.81
N ALA D 83 63.61 61.63 53.71
CA ALA D 83 62.33 61.42 54.35
C ALA D 83 62.36 61.85 55.81
N LEU D 84 63.55 62.12 56.34
CA LEU D 84 63.65 62.80 57.63
C LEU D 84 63.23 64.26 57.48
N ARG D 85 63.37 64.81 56.28
CA ARG D 85 62.86 66.15 56.00
C ARG D 85 61.33 66.18 56.03
N GLN D 86 60.69 65.11 55.53
CA GLN D 86 59.24 65.10 55.40
C GLN D 86 58.52 64.40 56.55
N VAL D 87 59.24 63.72 57.44
CA VAL D 87 58.57 63.16 58.61
C VAL D 87 58.19 64.29 59.57
N VAL D 88 58.95 65.38 59.58
CA VAL D 88 58.54 66.54 60.35
C VAL D 88 57.74 67.43 59.39
N GLU D 89 56.52 67.00 59.06
CA GLU D 89 55.60 67.79 58.26
C GLU D 89 54.66 68.71 59.07
N PRO D 90 53.95 68.26 60.13
CA PRO D 90 53.04 69.20 60.81
C PRO D 90 53.78 70.27 61.59
N ILE D 91 54.88 69.90 62.23
CA ILE D 91 55.82 70.90 62.72
C ILE D 91 56.56 71.42 61.49
N GLY D 92 56.13 72.58 60.98
CA GLY D 92 56.71 73.11 59.77
C GLY D 92 58.12 73.59 59.99
N ALA D 93 59.10 72.83 59.51
CA ALA D 93 60.49 73.07 59.84
C ALA D 93 61.38 72.38 58.82
N LEU D 94 62.11 73.16 58.04
CA LEU D 94 63.16 72.63 57.17
C LEU D 94 64.22 73.72 57.04
N SER D 95 65.22 73.68 57.92
CA SER D 95 66.19 74.77 58.03
C SER D 95 67.61 74.35 57.68
N GLU D 96 68.17 73.35 58.38
CA GLU D 96 69.60 73.09 58.30
C GLU D 96 69.87 71.70 58.84
N VAL D 97 70.93 71.08 58.33
CA VAL D 97 71.33 69.74 58.72
C VAL D 97 72.86 69.67 58.69
N THR D 98 73.44 68.85 59.55
CA THR D 98 74.89 68.71 59.65
C THR D 98 75.41 67.56 58.79
N GLU D 99 76.70 67.63 58.48
CA GLU D 99 77.39 66.62 57.69
C GLU D 99 78.83 66.59 58.20
N TRP D 100 79.63 65.63 57.70
CA TRP D 100 80.95 65.32 58.23
C TRP D 100 81.92 66.48 58.11
N TRP D 101 82.10 67.01 56.89
CA TRP D 101 83.23 67.89 56.62
C TRP D 101 83.05 69.32 57.14
N GLN D 102 81.87 69.67 57.66
CA GLN D 102 81.72 70.98 58.30
C GLN D 102 82.50 71.05 59.61
N ARG D 103 82.64 69.92 60.31
CA ARG D 103 83.54 69.83 61.44
C ARG D 103 84.90 69.37 60.93
N SER D 104 85.93 70.16 61.23
CA SER D 104 87.27 69.87 60.72
C SER D 104 87.96 68.70 61.44
N PRO D 105 87.96 68.59 62.81
CA PRO D 105 88.72 67.43 63.36
C PRO D 105 88.02 66.08 63.27
N THR D 106 87.97 65.56 62.02
CA THR D 106 87.57 64.18 61.61
C THR D 106 86.30 63.65 62.29
N GLY D 107 85.37 64.56 62.64
CA GLY D 107 84.12 64.17 63.26
C GLY D 107 84.21 64.09 64.77
N VAL D 108 83.05 64.00 65.40
CA VAL D 108 82.95 63.96 66.86
C VAL D 108 83.35 62.57 67.34
N PRO D 109 83.78 62.41 68.61
CA PRO D 109 83.93 61.05 69.15
C PRO D 109 82.57 60.39 69.32
N GLY D 110 82.29 59.43 68.45
CA GLY D 110 80.96 58.86 68.32
C GLY D 110 80.60 58.73 66.85
N THR D 111 81.54 59.11 65.99
CA THR D 111 81.50 58.98 64.53
C THR D 111 80.25 59.65 63.94
N PHE D 112 80.05 60.90 64.33
CA PHE D 112 79.04 61.83 63.80
C PHE D 112 77.61 61.29 63.97
N GLU D 113 77.17 61.28 65.22
CA GLU D 113 75.74 61.37 65.45
C GLU D 113 75.25 62.76 65.05
N ILE D 114 74.03 62.83 64.53
CA ILE D 114 73.55 64.06 63.91
C ILE D 114 72.96 64.99 64.96
N THR D 115 73.17 66.29 64.73
CA THR D 115 72.53 67.36 65.51
C THR D 115 71.83 68.26 64.48
N VAL D 116 70.60 67.88 64.13
CA VAL D 116 69.86 68.57 63.08
C VAL D 116 69.29 69.87 63.61
N ASP D 117 68.81 70.73 62.71
CA ASP D 117 68.22 72.01 63.07
C ASP D 117 66.75 71.99 62.72
N VAL D 118 65.91 72.27 63.71
CA VAL D 118 64.46 72.30 63.57
C VAL D 118 64.00 73.71 63.88
N SER D 119 63.18 74.30 63.01
CA SER D 119 62.73 75.67 63.15
C SER D 119 61.21 75.73 63.07
N ASP D 120 60.56 75.76 64.23
CA ASP D 120 59.11 75.84 64.32
C ASP D 120 58.71 77.26 64.71
N ARG D 121 57.58 77.72 64.15
CA ARG D 121 57.06 79.04 64.48
C ARG D 121 55.60 79.03 64.91
N GLY D 122 54.87 77.94 64.67
CA GLY D 122 53.45 77.92 65.00
C GLY D 122 53.20 77.71 66.48
N ILE D 123 53.87 76.73 67.08
CA ILE D 123 53.70 76.40 68.49
C ILE D 123 55.00 76.68 69.21
N ASP D 124 54.94 77.50 70.26
CA ASP D 124 56.11 77.84 71.06
C ASP D 124 56.14 77.17 72.42
N GLU D 125 55.00 77.04 73.08
CA GLU D 125 54.93 76.33 74.36
C GLU D 125 55.04 74.83 74.13
N GLY D 126 55.94 74.19 74.87
CA GLY D 126 56.16 72.77 74.70
C GLY D 126 56.96 72.45 73.46
N THR D 127 56.41 71.60 72.59
CA THR D 127 56.86 71.19 71.25
C THR D 127 58.31 70.71 71.18
N VAL D 128 58.94 70.37 72.31
CA VAL D 128 60.31 69.88 72.32
C VAL D 128 60.35 68.38 72.57
N LEU D 129 59.55 67.90 73.53
CA LEU D 129 59.59 66.51 74.00
C LEU D 129 59.10 65.50 72.96
N GLU D 130 58.52 65.93 71.85
CA GLU D 130 58.08 64.99 70.83
C GLU D 130 59.18 64.66 69.84
N LEU D 131 60.05 65.61 69.53
CA LEU D 131 60.97 65.46 68.40
C LEU D 131 62.10 64.47 68.66
N GLU D 132 62.39 64.15 69.91
CA GLU D 132 63.38 63.10 70.15
C GLU D 132 62.80 61.70 70.00
N ARG D 133 61.48 61.58 70.00
CA ARG D 133 60.83 60.29 69.80
C ARG D 133 59.99 60.23 68.54
N LEU D 134 59.59 61.38 67.97
CA LEU D 134 58.98 61.37 66.64
C LEU D 134 60.00 60.98 65.58
N LEU D 135 61.24 61.40 65.76
CA LEU D 135 62.33 61.08 64.84
C LEU D 135 63.00 59.75 65.16
N ASP D 136 62.43 58.98 66.07
CA ASP D 136 63.06 57.73 66.50
C ASP D 136 62.89 56.62 65.47
N ASP D 137 61.74 56.56 64.80
CA ASP D 137 61.53 55.52 63.79
C ASP D 137 62.38 55.77 62.54
N VAL D 138 62.55 57.04 62.15
CA VAL D 138 63.41 57.38 61.02
C VAL D 138 64.87 57.12 61.38
N ARG D 139 65.23 57.32 62.63
CA ARG D 139 66.58 57.03 63.08
C ARG D 139 66.82 55.52 63.15
N PRO D 140 67.94 55.02 62.66
CA PRO D 140 68.28 53.61 62.88
C PRO D 140 68.61 53.33 64.34
N VAL D 141 68.75 52.04 64.66
CA VAL D 141 68.88 51.66 66.06
C VAL D 141 70.27 51.99 66.61
N SER D 142 71.30 51.92 65.77
CA SER D 142 72.65 52.12 66.26
C SER D 142 73.49 52.96 65.31
N ARG D 143 72.91 53.54 64.27
CA ARG D 143 73.67 54.43 63.41
C ARG D 143 73.79 55.83 64.00
N HIS D 144 72.86 56.22 64.86
CA HIS D 144 72.91 57.50 65.53
C HIS D 144 72.93 57.30 67.04
N LEU D 145 73.28 58.37 67.74
CA LEU D 145 73.14 58.47 69.18
C LEU D 145 72.03 59.47 69.48
N THR D 146 71.59 59.52 70.75
CA THR D 146 70.47 60.35 71.16
C THR D 146 70.82 61.84 71.31
N ARG D 147 71.95 62.30 70.80
CA ARG D 147 72.28 63.72 70.79
C ARG D 147 71.42 64.45 69.77
N LEU D 148 70.91 65.62 70.17
CA LEU D 148 69.96 66.35 69.34
C LEU D 148 70.16 67.85 69.55
N ASP D 149 69.85 68.63 68.51
CA ASP D 149 69.91 70.08 68.56
C ASP D 149 68.55 70.63 68.14
N LEU D 150 68.22 71.82 68.64
CA LEU D 150 66.90 72.40 68.40
C LEU D 150 67.00 73.91 68.22
N ARG D 151 65.86 74.51 67.87
CA ARG D 151 65.71 75.95 67.74
C ARG D 151 64.22 76.27 67.82
N ILE D 152 63.89 77.37 68.46
CA ILE D 152 62.49 77.78 68.56
C ILE D 152 62.22 79.00 67.67
N MET E 1 -8.19 34.13 42.35
CA MET E 1 -6.95 34.83 42.67
C MET E 1 -7.21 36.27 43.08
N ILE E 2 -6.55 36.70 44.16
CA ILE E 2 -6.78 38.01 44.76
C ILE E 2 -5.53 38.86 44.51
N GLY E 3 -5.70 39.95 43.77
CA GLY E 3 -4.63 40.90 43.56
C GLY E 3 -5.06 42.27 44.04
N MET E 4 -4.16 43.24 43.88
CA MET E 4 -4.48 44.61 44.22
C MET E 4 -4.68 45.45 42.97
N ASP E 5 -5.47 46.51 43.12
CA ASP E 5 -5.73 47.42 42.03
C ASP E 5 -4.48 48.25 41.73
N ARG E 6 -4.38 48.70 40.48
CA ARG E 6 -3.23 49.51 40.07
C ARG E 6 -3.28 50.88 40.72
N ARG E 7 -4.37 51.60 40.52
CA ARG E 7 -4.61 52.81 41.28
C ARG E 7 -5.35 52.48 42.56
N SER E 8 -5.18 53.35 43.56
CA SER E 8 -5.87 53.38 44.86
C SER E 8 -5.55 52.20 45.78
N GLY E 9 -4.75 51.24 45.32
CA GLY E 9 -4.19 50.20 46.17
C GLY E 9 -5.16 49.21 46.77
N LEU E 10 -6.40 49.18 46.33
CA LEU E 10 -7.38 48.33 47.00
C LEU E 10 -7.29 46.90 46.47
N PRO E 11 -7.33 45.89 47.34
CA PRO E 11 -7.31 44.50 46.89
C PRO E 11 -8.65 44.07 46.32
N LEU E 12 -8.71 43.90 45.00
CA LEU E 12 -9.89 43.41 44.30
C LEU E 12 -9.57 42.14 43.55
N SER E 13 -10.50 41.18 43.60
CA SER E 13 -10.17 39.78 43.37
C SER E 13 -10.86 39.18 42.14
N GLY E 14 -12.18 39.22 42.07
CA GLY E 14 -12.92 38.34 41.18
C GLY E 14 -12.82 38.64 39.70
N LEU E 15 -13.41 39.75 39.27
CA LEU E 15 -13.49 40.07 37.85
C LEU E 15 -13.00 41.47 37.53
N ALA E 16 -12.93 42.37 38.51
CA ALA E 16 -12.22 43.62 38.28
C ALA E 16 -10.73 43.39 38.17
N HIS E 17 -10.21 42.36 38.85
CA HIS E 17 -8.82 41.96 38.65
C HIS E 17 -8.64 41.31 37.29
N LEU E 18 -9.70 40.68 36.76
CA LEU E 18 -9.63 40.08 35.44
C LEU E 18 -9.48 41.14 34.35
N LYS E 19 -10.17 42.27 34.51
CA LYS E 19 -10.12 43.31 33.48
C LYS E 19 -8.79 44.07 33.53
N GLN E 20 -8.25 44.33 34.72
CA GLN E 20 -6.96 44.99 34.78
C GLN E 20 -5.81 44.04 34.47
N SER E 21 -6.05 42.72 34.53
CA SER E 21 -5.06 41.78 34.04
C SER E 21 -4.93 41.86 32.53
N VAL E 22 -6.04 42.11 31.83
CA VAL E 22 -6.00 42.23 30.38
C VAL E 22 -5.36 43.55 29.98
N GLU E 23 -5.65 44.62 30.71
CA GLU E 23 -5.14 45.92 30.31
C GLU E 23 -3.71 46.16 30.74
N ASP E 24 -3.13 45.26 31.52
CA ASP E 24 -1.68 45.26 31.68
C ASP E 24 -1.00 44.54 30.53
N ILE E 25 -1.71 43.64 29.86
CA ILE E 25 -1.18 42.98 28.67
C ILE E 25 -1.20 43.93 27.49
N LEU E 26 -2.32 44.61 27.29
CA LEU E 26 -2.54 45.32 26.03
C LEU E 26 -1.76 46.61 25.94
N THR E 27 -1.48 47.25 27.06
CA THR E 27 -0.87 48.57 27.03
C THR E 27 0.63 48.56 27.35
N THR E 28 1.17 47.47 27.89
CA THR E 28 2.62 47.36 28.00
C THR E 28 3.22 46.99 26.66
N PRO E 29 4.20 47.74 26.16
CA PRO E 29 4.96 47.27 25.00
C PRO E 29 5.90 46.15 25.39
N LEU E 30 6.45 45.49 24.37
CA LEU E 30 7.38 44.39 24.61
C LEU E 30 8.73 44.92 25.06
N GLY E 31 9.30 44.27 26.06
CA GLY E 31 10.60 44.65 26.57
C GLY E 31 10.59 45.80 27.56
N SER E 32 9.42 46.36 27.87
CA SER E 32 9.36 47.44 28.84
C SER E 32 9.48 46.94 30.26
N ARG E 33 9.08 45.70 30.52
CA ARG E 33 9.20 45.14 31.86
C ARG E 33 10.65 44.78 32.16
N ARG E 34 10.96 44.70 33.45
CA ARG E 34 12.30 44.40 33.90
C ARG E 34 12.44 42.90 34.07
N MET E 35 13.44 42.33 33.37
CA MET E 35 13.78 40.91 33.35
C MET E 35 12.65 40.03 32.79
N ARG E 36 11.69 40.63 32.10
CA ARG E 36 10.60 39.89 31.45
C ARG E 36 10.40 40.49 30.07
N PRO E 37 11.26 40.15 29.12
CA PRO E 37 11.21 40.83 27.81
C PRO E 37 10.10 40.34 26.91
N GLU E 38 9.65 39.10 27.07
CA GLU E 38 8.54 38.57 26.28
C GLU E 38 7.20 38.77 26.98
N TYR E 39 6.96 39.99 27.43
CA TYR E 39 5.71 40.36 28.09
C TYR E 39 5.14 41.59 27.40
N GLY E 40 3.84 41.59 27.22
CA GLY E 40 3.14 42.74 26.68
C GLY E 40 2.60 42.47 25.30
N SER E 41 2.21 43.56 24.63
CA SER E 41 1.59 43.49 23.33
C SER E 41 2.36 44.34 22.32
N LYS E 42 2.18 43.99 21.05
CA LYS E 42 2.61 44.82 19.94
C LYS E 42 1.56 45.84 19.53
N LEU E 43 0.59 46.13 20.39
CA LEU E 43 -0.45 47.09 20.06
C LEU E 43 0.08 48.52 20.02
N ARG E 44 1.16 48.81 20.75
CA ARG E 44 1.77 50.12 20.65
C ARG E 44 2.45 50.29 19.29
N ARG E 45 2.89 49.20 18.67
CA ARG E 45 3.34 49.26 17.29
C ARG E 45 2.19 49.44 16.32
N MET E 46 0.98 49.02 16.68
CA MET E 46 -0.20 49.24 15.86
C MET E 46 -0.81 50.61 16.09
N VAL E 47 -0.29 51.38 17.04
CA VAL E 47 -0.77 52.74 17.26
C VAL E 47 -0.37 53.61 16.08
N ASP E 48 -1.34 54.37 15.56
CA ASP E 48 -1.17 55.36 14.50
C ASP E 48 -0.72 54.68 13.20
N MET E 49 -1.45 53.64 12.84
CA MET E 49 -1.45 52.96 11.56
C MET E 49 -2.85 53.10 10.97
N PRO E 50 -2.98 53.10 9.65
CA PRO E 50 -4.31 53.30 9.04
C PRO E 50 -5.22 52.10 9.26
N VAL E 51 -6.48 52.37 9.58
CA VAL E 51 -7.43 51.31 9.89
C VAL E 51 -7.91 50.71 8.59
N SER E 52 -7.21 49.68 8.13
CA SER E 52 -7.64 48.91 6.98
C SER E 52 -8.36 47.66 7.50
N GLU E 53 -8.75 46.78 6.58
CA GLU E 53 -9.32 45.50 6.96
C GLU E 53 -8.25 44.45 7.21
N GLY E 54 -6.98 44.79 7.02
CA GLY E 54 -5.89 43.92 7.41
C GLY E 54 -5.28 44.39 8.72
N TRP E 55 -5.52 45.65 9.06
CA TRP E 55 -5.15 46.13 10.39
C TRP E 55 -6.03 45.50 11.46
N LYS E 56 -7.30 45.27 11.13
CA LYS E 56 -8.22 44.64 12.08
C LYS E 56 -7.82 43.20 12.36
N SER E 57 -7.49 42.45 11.32
CA SER E 57 -7.13 41.05 11.50
C SER E 57 -5.72 40.88 12.05
N ALA E 58 -4.89 41.91 11.99
CA ALA E 58 -3.59 41.88 12.64
C ALA E 58 -3.67 42.26 14.12
N VAL E 59 -4.72 42.97 14.52
CA VAL E 59 -4.93 43.24 15.94
C VAL E 59 -5.58 42.03 16.62
N GLN E 60 -6.53 41.37 15.94
CA GLN E 60 -7.11 40.14 16.46
C GLN E 60 -6.06 39.05 16.61
N ALA E 61 -5.12 38.98 15.70
CA ALA E 61 -4.06 37.98 15.74
C ALA E 61 -2.96 38.32 16.72
N GLU E 62 -2.93 39.54 17.23
CA GLU E 62 -1.89 39.93 18.16
C GLU E 62 -2.41 40.05 19.59
N VAL E 63 -3.66 40.44 19.77
CA VAL E 63 -4.29 40.34 21.08
C VAL E 63 -4.41 38.88 21.49
N ALA E 64 -4.70 37.99 20.53
CA ALA E 64 -4.80 36.57 20.83
C ALA E 64 -3.46 35.95 21.20
N ARG E 65 -2.37 36.45 20.62
CA ARG E 65 -1.05 35.99 21.05
C ARG E 65 -0.73 36.47 22.45
N SER E 66 -0.88 37.76 22.70
CA SER E 66 -0.43 38.35 23.95
C SER E 66 -1.31 37.95 25.12
N LEU E 67 -2.61 37.73 24.88
CA LEU E 67 -3.43 37.17 25.94
C LEU E 67 -3.25 35.67 26.07
N GLY E 68 -2.83 34.99 25.00
CA GLY E 68 -2.54 33.57 25.09
C GLY E 68 -1.31 33.26 25.92
N ARG E 69 -0.40 34.22 26.06
CA ARG E 69 0.80 34.00 26.86
C ARG E 69 0.51 34.13 28.34
N TRP E 70 0.03 35.30 28.75
CA TRP E 70 -0.02 35.65 30.17
C TRP E 70 -1.46 35.87 30.67
N GLU E 71 -2.45 35.27 30.01
CA GLU E 71 -3.83 35.32 30.48
C GLU E 71 -4.54 34.05 30.05
N PRO E 72 -4.29 32.93 30.75
CA PRO E 72 -4.90 31.67 30.32
C PRO E 72 -6.36 31.53 30.68
N ARG E 73 -6.87 32.36 31.61
CA ARG E 73 -8.25 32.27 32.07
C ARG E 73 -9.21 33.10 31.23
N ILE E 74 -8.80 33.49 30.02
CA ILE E 74 -9.64 34.23 29.09
C ILE E 74 -9.54 33.60 27.72
N GLY E 75 -10.67 33.16 27.18
CA GLY E 75 -10.72 32.71 25.80
C GLY E 75 -11.23 33.82 24.91
N LEU E 76 -10.37 34.32 24.02
CA LEU E 76 -10.71 35.45 23.18
C LEU E 76 -11.72 35.06 22.12
N SER E 77 -12.76 35.88 21.94
CA SER E 77 -13.79 35.62 20.96
C SER E 77 -13.60 36.44 19.70
N ALA E 78 -13.60 37.76 19.81
CA ALA E 78 -13.49 38.64 18.64
C ALA E 78 -13.05 40.02 19.09
N VAL E 79 -12.47 40.76 18.15
CA VAL E 79 -12.14 42.18 18.30
C VAL E 79 -12.77 42.92 17.12
N ARG E 80 -13.62 43.89 17.42
CA ARG E 80 -14.42 44.56 16.39
C ARG E 80 -14.29 46.07 16.49
N VAL E 81 -14.08 46.72 15.34
CA VAL E 81 -14.21 48.17 15.25
C VAL E 81 -15.68 48.53 15.36
N VAL E 82 -16.03 49.38 16.32
CA VAL E 82 -17.41 49.78 16.51
C VAL E 82 -17.67 51.25 16.21
N ALA E 83 -16.64 52.10 16.23
CA ALA E 83 -16.81 53.50 15.85
C ALA E 83 -15.47 54.04 15.39
N VAL E 84 -15.54 55.15 14.65
CA VAL E 84 -14.36 55.90 14.21
C VAL E 84 -14.67 57.38 14.35
N VAL E 85 -13.87 58.09 15.16
CA VAL E 85 -13.89 59.54 15.25
C VAL E 85 -12.46 59.85 14.81
N ASP E 86 -12.04 61.12 14.82
CA ASP E 86 -10.74 61.50 14.26
C ASP E 86 -9.58 60.89 15.03
N GLY E 87 -9.02 59.83 14.45
CA GLY E 87 -7.95 59.10 15.09
C GLY E 87 -8.41 58.04 16.07
N ARG E 88 -9.43 58.34 16.85
CA ARG E 88 -9.85 57.45 17.94
C ARG E 88 -10.71 56.31 17.43
N VAL E 89 -10.08 55.19 17.08
CA VAL E 89 -10.83 53.97 16.84
C VAL E 89 -11.08 53.29 18.18
N ASP E 90 -12.16 52.52 18.28
CA ASP E 90 -12.46 51.87 19.55
C ASP E 90 -12.95 50.46 19.32
N LEU E 91 -12.42 49.54 20.12
CA LEU E 91 -12.47 48.12 19.84
C LEU E 91 -13.19 47.40 20.98
N LEU E 92 -14.24 46.66 20.63
CA LEU E 92 -15.01 45.90 21.60
C LEU E 92 -14.30 44.57 21.81
N LEU E 93 -13.46 44.52 22.84
CA LEU E 93 -12.71 43.31 23.17
C LEU E 93 -13.66 42.34 23.87
N SER E 94 -14.19 41.38 23.12
CA SER E 94 -15.14 40.42 23.64
C SER E 94 -14.47 39.05 23.74
N GLY E 95 -14.70 38.37 24.86
CA GLY E 95 -14.12 37.06 25.07
C GLY E 95 -14.82 36.33 26.19
N VAL E 96 -14.93 35.02 26.04
CA VAL E 96 -15.56 34.19 27.06
C VAL E 96 -14.57 33.99 28.20
N PHE E 97 -15.07 33.52 29.34
CA PHE E 97 -14.26 33.33 30.54
C PHE E 97 -14.04 31.85 30.80
N GLU E 98 -12.80 31.49 31.09
CA GLU E 98 -12.43 30.11 31.40
C GLU E 98 -11.71 30.09 32.75
N GLY E 99 -11.22 28.91 33.12
CA GLY E 99 -10.47 28.76 34.36
C GLY E 99 -11.31 28.73 35.62
N THR F 3 32.75 41.85 22.08
CA THR F 3 31.46 42.28 21.53
C THR F 3 30.99 43.56 22.22
N THR F 4 31.76 44.63 22.03
CA THR F 4 31.47 45.89 22.71
C THR F 4 30.38 46.65 21.97
N CYS F 5 29.35 47.07 22.70
CA CYS F 5 28.25 47.84 22.15
C CYS F 5 28.16 49.20 22.81
N ARG F 6 27.65 50.18 22.07
CA ARG F 6 27.46 51.54 22.55
C ARG F 6 25.96 51.83 22.64
N THR F 7 25.56 52.49 23.73
CA THR F 7 24.14 52.72 23.98
C THR F 7 23.65 53.99 23.29
N ALA F 8 22.37 54.26 23.49
CA ALA F 8 21.76 55.56 23.30
C ALA F 8 21.34 56.07 24.68
N ASP F 9 20.63 57.19 24.71
CA ASP F 9 20.26 57.78 25.98
C ASP F 9 19.06 57.08 26.62
N GLY F 10 18.53 56.03 26.01
CA GLY F 10 17.42 55.30 26.57
C GLY F 10 17.59 53.80 26.54
N ASP F 11 18.72 53.32 26.01
CA ASP F 11 19.00 51.90 25.99
C ASP F 11 19.24 51.39 27.41
N MET F 12 18.73 50.20 27.71
CA MET F 12 18.76 49.67 29.06
C MET F 12 19.36 48.27 29.08
N LEU F 13 19.85 47.90 30.27
CA LEU F 13 20.79 46.79 30.40
C LEU F 13 20.14 45.44 30.14
N ASP F 14 19.00 45.17 30.78
CA ASP F 14 18.32 43.89 30.57
C ASP F 14 17.72 43.77 29.19
N SER F 15 17.44 44.88 28.53
CA SER F 15 17.02 44.82 27.14
C SER F 15 18.20 44.51 26.24
N LEU F 16 19.35 45.16 26.48
CA LEU F 16 20.52 45.02 25.61
C LEU F 16 21.06 43.59 25.63
N CYS F 17 21.28 43.03 26.81
CA CYS F 17 21.77 41.66 26.87
C CYS F 17 20.69 40.63 26.62
N TYR F 18 19.44 41.04 26.41
CA TYR F 18 18.48 40.14 25.79
C TYR F 18 18.57 40.21 24.27
N HIS F 19 18.88 41.38 23.71
CA HIS F 19 19.09 41.47 22.28
C HIS F 19 20.38 40.78 21.86
N VAL F 20 21.38 40.76 22.73
CA VAL F 20 22.67 40.16 22.38
C VAL F 20 22.64 38.66 22.58
N TYR F 21 22.20 38.21 23.74
CA TYR F 21 22.30 36.80 24.09
C TYR F 21 21.08 35.99 23.63
N GLY F 22 19.88 36.51 23.83
CA GLY F 22 18.66 35.81 23.49
C GLY F 22 17.86 35.35 24.68
N HIS F 23 18.42 35.43 25.89
CA HIS F 23 17.69 35.10 27.11
C HIS F 23 18.31 35.91 28.26
N LEU F 24 17.67 35.85 29.41
CA LEU F 24 18.09 36.66 30.55
C LEU F 24 18.39 35.83 31.81
N LEU F 25 18.44 34.51 31.70
CA LEU F 25 18.78 33.68 32.84
C LEU F 25 20.30 33.65 32.98
N GLY F 26 20.82 34.35 33.99
CA GLY F 26 22.25 34.43 34.18
C GLY F 26 22.96 35.29 33.17
N CYS F 27 22.30 36.31 32.64
CA CYS F 27 22.84 37.10 31.55
C CYS F 27 23.01 38.57 31.87
N VAL F 28 22.47 39.06 32.99
CA VAL F 28 22.61 40.46 33.36
C VAL F 28 23.77 40.65 34.33
N GLU F 29 23.85 39.81 35.35
CA GLU F 29 24.94 39.92 36.32
C GLU F 29 26.27 39.47 35.75
N ALA F 30 26.28 38.62 34.72
CA ALA F 30 27.51 38.32 34.01
C ALA F 30 27.97 39.51 33.18
N THR F 31 27.02 40.32 32.72
CA THR F 31 27.36 41.57 32.05
C THR F 31 27.86 42.60 33.06
N LEU F 32 27.23 42.66 34.24
CA LEU F 32 27.68 43.56 35.30
C LEU F 32 28.97 43.10 35.95
N ASP F 33 29.35 41.84 35.79
CA ASP F 33 30.60 41.36 36.37
C ASP F 33 31.79 41.91 35.60
N ALA F 34 31.82 41.71 34.29
CA ALA F 34 32.94 42.14 33.47
C ALA F 34 32.72 43.54 32.88
N ASN F 35 32.34 44.48 33.74
CA ASN F 35 32.15 45.88 33.37
C ASN F 35 32.47 46.76 34.58
N PRO F 36 33.58 47.48 34.58
CA PRO F 36 33.93 48.33 35.73
C PRO F 36 33.06 49.58 35.79
N GLY F 37 32.37 49.75 36.91
CA GLY F 37 31.59 50.94 37.14
C GLY F 37 30.33 51.07 36.32
N LEU F 38 29.81 49.95 35.80
CA LEU F 38 28.59 50.00 35.01
C LEU F 38 27.35 50.16 35.89
N ALA F 39 27.30 49.41 37.00
CA ALA F 39 26.13 49.47 37.87
C ALA F 39 26.09 50.77 38.67
N ASP F 40 27.23 51.44 38.81
CA ASP F 40 27.25 52.73 39.50
C ASP F 40 26.56 53.80 38.65
N GLU F 41 26.64 53.67 37.34
CA GLU F 41 25.92 54.57 36.45
C GLU F 41 24.43 54.29 36.49
N GLN F 42 23.62 55.33 36.25
CA GLN F 42 22.17 55.21 36.37
C GLN F 42 21.62 54.32 35.27
N GLN F 43 20.58 53.56 35.63
CA GLN F 43 20.11 52.48 34.77
C GLN F 43 19.43 52.95 33.48
N PRO F 44 18.67 54.07 33.43
CA PRO F 44 18.47 54.70 32.12
C PRO F 44 19.78 55.31 31.68
N PHE F 45 20.44 54.66 30.72
CA PHE F 45 21.83 54.94 30.40
C PHE F 45 21.97 56.28 29.69
N ARG F 46 23.18 56.83 29.73
CA ARG F 46 23.50 57.98 28.90
C ARG F 46 23.92 57.49 27.51
N ALA F 47 24.18 58.45 26.62
CA ALA F 47 24.24 58.13 25.20
C ALA F 47 25.58 57.54 24.81
N GLY F 48 26.59 57.64 25.66
CA GLY F 48 27.92 57.28 25.22
C GLY F 48 28.74 56.36 26.11
N LEU F 49 28.10 55.40 26.78
CA LEU F 49 28.80 54.46 27.64
C LEU F 49 28.89 53.12 26.94
N LEU F 50 29.99 52.40 27.15
CA LEU F 50 30.32 51.20 26.38
C LEU F 50 30.22 49.96 27.27
N ILE F 51 29.50 48.94 26.79
CA ILE F 51 29.41 47.66 27.47
C ILE F 51 30.12 46.62 26.63
N SER F 52 31.09 45.94 27.21
CA SER F 52 31.71 44.77 26.59
C SER F 52 30.97 43.54 27.10
N PHE F 53 30.08 43.00 26.27
CA PHE F 53 29.32 41.81 26.66
C PHE F 53 30.21 40.57 26.59
N PRO F 54 30.40 39.86 27.69
CA PRO F 54 31.24 38.66 27.66
C PRO F 54 30.52 37.49 26.99
N ASP F 55 31.31 36.47 26.66
CA ASP F 55 30.75 35.23 26.14
C ASP F 55 30.50 34.26 27.27
N MET F 56 29.59 33.29 27.01
CA MET F 56 29.07 32.31 27.95
C MET F 56 28.51 32.99 29.19
N PRO F 57 27.31 33.59 29.11
CA PRO F 57 26.72 34.27 30.28
C PRO F 57 26.33 33.31 31.41
N ALA G 2 89.24 -19.03 -12.28
CA ALA G 2 88.55 -20.25 -12.69
C ALA G 2 87.04 -20.12 -12.52
N TYR G 3 86.55 -18.88 -12.61
CA TYR G 3 85.12 -18.61 -12.49
C TYR G 3 84.33 -19.09 -13.70
N LEU G 4 84.99 -19.28 -14.84
CA LEU G 4 84.31 -19.84 -16.02
C LEU G 4 83.95 -21.30 -15.80
N GLU G 5 84.65 -21.99 -14.91
CA GLU G 5 84.32 -23.34 -14.52
C GLU G 5 83.46 -23.40 -13.26
N GLN G 6 83.51 -22.37 -12.43
CA GLN G 6 83.07 -22.46 -11.04
C GLN G 6 81.58 -22.17 -10.87
N LEU G 7 81.12 -20.99 -11.30
CA LEU G 7 79.74 -20.57 -11.03
C LEU G 7 78.74 -21.36 -11.86
N GLN G 8 79.10 -21.69 -13.10
CA GLN G 8 78.20 -22.49 -13.94
C GLN G 8 78.05 -23.90 -13.39
N ALA G 9 79.11 -24.44 -12.77
CA ALA G 9 78.97 -25.67 -12.02
C ALA G 9 78.29 -25.42 -10.68
N GLY G 10 78.37 -24.20 -10.17
CA GLY G 10 77.78 -23.90 -8.87
C GLY G 10 76.26 -23.86 -8.91
N LEU G 11 75.70 -23.40 -10.02
CA LEU G 11 74.25 -23.41 -10.17
C LEU G 11 73.73 -24.83 -10.39
N ARG G 12 74.59 -25.73 -10.86
CA ARG G 12 74.20 -27.12 -11.10
C ARG G 12 73.94 -27.87 -9.80
N TYR G 13 74.65 -27.52 -8.72
CA TYR G 13 74.37 -28.14 -7.43
C TYR G 13 73.04 -27.68 -6.88
N LEU G 14 72.75 -26.38 -6.97
CA LEU G 14 71.51 -25.83 -6.43
C LEU G 14 70.29 -26.23 -7.25
N GLY G 15 70.49 -26.69 -8.49
CA GLY G 15 69.40 -27.31 -9.22
C GLY G 15 69.01 -28.65 -8.62
N ARG G 16 69.96 -29.34 -8.00
CA ARG G 16 69.65 -30.57 -7.27
C ARG G 16 69.16 -30.27 -5.86
N ALA G 17 69.51 -29.10 -5.31
CA ALA G 17 69.17 -28.80 -3.92
C ALA G 17 67.69 -28.51 -3.76
N GLY G 18 67.16 -27.57 -4.54
CA GLY G 18 65.79 -27.17 -4.41
C GLY G 18 64.77 -28.06 -5.09
N GLU G 19 65.18 -29.21 -5.62
CA GLU G 19 64.23 -30.04 -6.33
C GLU G 19 64.22 -31.47 -5.81
N SER G 20 65.36 -31.96 -5.34
CA SER G 20 65.39 -33.24 -4.64
C SER G 20 65.16 -33.04 -3.14
N GLY G 21 64.13 -32.27 -2.82
CA GLY G 21 63.76 -31.96 -1.45
C GLY G 21 62.25 -31.87 -1.33
N ARG G 22 61.55 -32.51 -2.27
CA ARG G 22 60.09 -32.44 -2.34
C ARG G 22 59.43 -33.07 -1.12
N LYS G 23 59.63 -34.38 -0.94
CA LYS G 23 59.07 -35.10 0.19
C LYS G 23 60.14 -35.68 1.10
N SER G 24 61.33 -35.09 1.11
CA SER G 24 62.42 -35.58 1.95
C SER G 24 63.28 -34.40 2.39
N LEU G 25 64.22 -34.69 3.29
CA LEU G 25 65.11 -33.68 3.84
C LEU G 25 66.58 -33.97 3.60
N ASP G 26 66.97 -35.25 3.61
CA ASP G 26 68.38 -35.61 3.66
C ASP G 26 69.09 -35.37 2.33
N LYS G 27 68.35 -35.34 1.23
CA LYS G 27 68.95 -35.11 -0.08
C LYS G 27 69.20 -33.63 -0.37
N VAL G 28 68.88 -32.74 0.56
CA VAL G 28 69.10 -31.32 0.34
C VAL G 28 70.51 -30.92 0.78
N VAL G 29 71.06 -31.59 1.79
CA VAL G 29 72.23 -31.09 2.52
C VAL G 29 73.50 -31.25 1.69
N ALA G 30 73.63 -32.36 0.97
CA ALA G 30 74.85 -32.61 0.21
C ALA G 30 75.05 -31.69 -1.01
N PRO G 31 74.02 -31.28 -1.82
CA PRO G 31 74.31 -30.26 -2.82
C PRO G 31 74.46 -28.85 -2.24
N VAL G 32 73.84 -28.60 -1.09
CA VAL G 32 74.02 -27.31 -0.43
C VAL G 32 75.42 -27.19 0.16
N ASN G 33 75.93 -28.27 0.75
CA ASN G 33 77.33 -28.32 1.13
C ASN G 33 78.24 -28.31 -0.09
N GLY G 34 77.78 -28.86 -1.21
CA GLY G 34 78.52 -28.82 -2.45
C GLY G 34 78.44 -27.53 -3.20
N ALA G 35 77.80 -26.51 -2.64
CA ALA G 35 77.69 -25.20 -3.26
C ALA G 35 78.34 -24.09 -2.43
N ILE G 36 78.16 -24.11 -1.11
CA ILE G 36 78.62 -23.00 -0.26
C ILE G 36 80.14 -22.95 -0.21
N SER G 37 80.79 -24.11 -0.10
CA SER G 37 82.23 -24.20 -0.21
C SER G 37 82.72 -24.25 -1.66
N GLU G 38 81.84 -23.94 -2.62
CA GLU G 38 82.15 -24.05 -4.04
C GLU G 38 81.74 -22.78 -4.78
N ILE G 39 80.78 -22.04 -4.25
CA ILE G 39 80.57 -20.68 -4.73
C ILE G 39 81.63 -19.76 -4.12
N ARG G 40 82.16 -20.13 -2.94
CA ARG G 40 83.30 -19.45 -2.35
C ARG G 40 84.54 -19.54 -3.23
N GLY G 41 84.65 -20.61 -4.02
CA GLY G 41 85.75 -20.74 -4.98
C GLY G 41 85.69 -19.74 -6.12
N ALA G 42 84.55 -19.07 -6.32
CA ALA G 42 84.46 -17.95 -7.24
C ALA G 42 84.34 -16.60 -6.55
N ALA G 43 83.80 -16.56 -5.32
CA ALA G 43 83.74 -15.30 -4.58
C ALA G 43 85.11 -14.87 -4.11
N ALA G 44 86.04 -15.82 -3.93
CA ALA G 44 87.43 -15.49 -3.69
C ALA G 44 88.21 -15.32 -4.98
N GLU G 45 87.74 -15.91 -6.09
CA GLU G 45 88.41 -15.75 -7.36
C GLU G 45 88.13 -14.39 -7.97
N LEU G 46 86.90 -13.88 -7.79
CA LEU G 46 86.49 -12.61 -8.37
C LEU G 46 86.83 -11.42 -7.47
N GLU G 47 87.74 -11.59 -6.51
CA GLU G 47 88.14 -10.47 -5.66
C GLU G 47 88.98 -9.46 -6.43
N ASN G 48 89.70 -9.91 -7.47
CA ASN G 48 90.66 -9.06 -8.19
C ASN G 48 90.57 -9.32 -9.69
N LEU G 49 89.69 -8.58 -10.37
CA LEU G 49 89.59 -8.57 -11.82
C LEU G 49 89.47 -7.13 -12.28
N PRO G 50 90.15 -6.76 -13.36
CA PRO G 50 90.09 -5.37 -13.84
C PRO G 50 88.94 -5.09 -14.79
N GLY G 51 87.92 -5.94 -14.83
CA GLY G 51 86.87 -5.76 -15.84
C GLY G 51 87.31 -6.31 -17.19
N VAL G 52 87.42 -7.64 -17.26
CA VAL G 52 88.25 -8.30 -18.27
C VAL G 52 87.67 -8.15 -19.68
N SER G 53 86.35 -8.07 -19.83
CA SER G 53 85.75 -8.07 -21.15
C SER G 53 84.37 -7.44 -21.07
N PRO G 54 83.83 -6.93 -22.20
CA PRO G 54 82.41 -6.57 -22.24
C PRO G 54 81.53 -7.82 -22.30
N GLU G 55 82.08 -8.90 -22.83
CA GLU G 55 81.56 -10.24 -22.62
C GLU G 55 82.18 -10.77 -21.34
N MET G 56 82.03 -12.08 -21.08
CA MET G 56 82.69 -12.84 -20.01
C MET G 56 82.26 -12.41 -18.60
N ALA G 57 81.44 -11.35 -18.51
CA ALA G 57 80.90 -10.83 -17.27
C ALA G 57 79.41 -10.54 -17.38
N ALA G 58 78.88 -10.39 -18.60
CA ALA G 58 77.46 -10.63 -18.82
C ALA G 58 77.13 -12.08 -18.57
N ARG G 59 78.08 -12.99 -18.84
CA ARG G 59 77.95 -14.39 -18.43
C ARG G 59 77.85 -14.51 -16.92
N LEU G 60 78.59 -13.67 -16.20
CA LEU G 60 78.45 -13.61 -14.75
C LEU G 60 77.08 -13.07 -14.35
N GLN G 61 76.56 -12.12 -15.13
CA GLN G 61 75.21 -11.63 -14.88
C GLN G 61 74.15 -12.66 -15.27
N ARG G 62 74.42 -13.45 -16.31
CA ARG G 62 73.53 -14.56 -16.63
C ARG G 62 73.56 -15.63 -15.55
N ALA G 63 74.71 -15.80 -14.89
CA ALA G 63 74.82 -16.83 -13.87
C ALA G 63 74.25 -16.36 -12.53
N MET G 64 74.58 -15.14 -12.11
CA MET G 64 74.15 -14.67 -10.80
C MET G 64 72.67 -14.32 -10.76
N ARG G 65 72.05 -14.04 -11.91
CA ARG G 65 70.59 -14.05 -11.95
C ARG G 65 70.04 -15.45 -11.73
N GLY G 66 70.71 -16.46 -12.30
CA GLY G 66 70.25 -17.82 -12.14
C GLY G 66 70.47 -18.36 -10.74
N ILE G 67 71.60 -18.01 -10.11
CA ILE G 67 71.84 -18.42 -8.73
C ILE G 67 70.91 -17.64 -7.79
N GLY G 68 70.57 -16.41 -8.17
CA GLY G 68 69.52 -15.69 -7.46
C GLY G 68 68.16 -16.34 -7.58
N GLN G 69 67.90 -17.03 -8.70
CA GLN G 69 66.67 -17.81 -8.77
C GLN G 69 66.80 -19.10 -7.98
N ALA G 70 68.03 -19.57 -7.77
CA ALA G 70 68.24 -20.84 -7.07
C ALA G 70 68.05 -20.69 -5.56
N GLN G 71 68.27 -19.50 -5.02
CA GLN G 71 67.93 -19.26 -3.62
C GLN G 71 66.43 -19.31 -3.40
N GLY G 72 65.66 -18.76 -4.36
CA GLY G 72 64.22 -18.75 -4.22
C GLY G 72 63.60 -20.13 -4.35
N LYS G 73 64.23 -21.03 -5.09
CA LYS G 73 63.68 -22.36 -5.21
C LYS G 73 63.98 -23.20 -3.97
N VAL G 74 65.18 -23.06 -3.40
CA VAL G 74 65.53 -23.82 -2.20
C VAL G 74 64.74 -23.32 -1.01
N ASN G 75 64.73 -22.01 -0.78
CA ASN G 75 64.13 -21.45 0.42
C ASN G 75 62.61 -21.51 0.44
N ARG G 76 61.96 -21.83 -0.68
CA ARG G 76 60.52 -22.10 -0.68
C ARG G 76 60.21 -23.57 -0.51
N VAL G 77 61.03 -24.45 -1.08
CA VAL G 77 60.84 -25.89 -0.88
C VAL G 77 61.19 -26.29 0.55
N VAL G 78 62.21 -25.66 1.13
CA VAL G 78 62.57 -25.90 2.52
C VAL G 78 61.47 -25.39 3.46
N SER G 79 60.87 -24.23 3.13
CA SER G 79 59.88 -23.61 4.01
C SER G 79 58.56 -24.37 4.06
N THR G 80 58.35 -25.38 3.22
CA THR G 80 57.16 -26.21 3.31
C THR G 80 57.24 -27.24 4.44
N TYR G 81 58.39 -27.38 5.09
CA TYR G 81 58.56 -28.40 6.11
C TYR G 81 58.31 -27.87 7.50
N ASP G 82 58.20 -28.80 8.45
CA ASP G 82 58.15 -28.46 9.86
C ASP G 82 59.49 -27.90 10.30
N ARG G 83 59.44 -27.02 11.30
CA ARG G 83 60.68 -26.49 11.86
C ARG G 83 61.42 -27.53 12.68
N ALA G 84 60.67 -28.40 13.37
CA ALA G 84 61.31 -29.44 14.18
C ALA G 84 61.97 -30.50 13.32
N SER G 85 61.38 -30.81 12.16
CA SER G 85 62.04 -31.70 11.21
C SER G 85 63.22 -31.01 10.53
N ARG G 86 63.19 -29.68 10.46
CA ARG G 86 64.30 -28.93 9.90
C ARG G 86 65.40 -28.70 10.93
N ALA G 87 65.04 -28.64 12.22
CA ALA G 87 66.04 -28.42 13.26
C ALA G 87 66.86 -29.68 13.51
N LEU G 88 66.24 -30.86 13.38
CA LEU G 88 66.98 -32.11 13.52
C LEU G 88 67.94 -32.33 12.37
N LEU G 89 67.60 -31.79 11.19
CA LEU G 89 68.52 -31.85 10.06
C LEU G 89 69.63 -30.81 10.20
N GLY G 90 69.26 -29.61 10.64
CA GLY G 90 70.24 -28.56 10.86
C GLY G 90 70.68 -27.86 9.60
N ILE G 91 69.72 -27.29 8.85
CA ILE G 91 70.07 -26.48 7.69
C ILE G 91 69.43 -25.10 7.81
N ASP G 92 68.90 -24.79 8.99
CA ASP G 92 68.57 -23.40 9.29
C ASP G 92 69.85 -22.57 9.42
N GLU G 93 70.87 -23.13 10.05
CA GLU G 93 72.18 -22.50 10.17
C GLU G 93 73.08 -22.80 8.98
N ARG G 94 72.54 -23.35 7.90
CA ARG G 94 73.30 -23.63 6.70
C ARG G 94 72.83 -22.84 5.49
N LEU G 95 71.51 -22.64 5.35
CA LEU G 95 71.01 -21.84 4.22
C LEU G 95 71.31 -20.36 4.37
N ASP G 96 71.63 -19.89 5.57
CA ASP G 96 72.08 -18.51 5.73
C ASP G 96 73.47 -18.29 5.16
N ALA G 97 74.27 -19.34 5.04
CA ALA G 97 75.58 -19.21 4.40
C ALA G 97 75.44 -19.00 2.90
N LEU G 98 74.33 -19.44 2.31
CA LEU G 98 74.01 -19.02 0.94
C LEU G 98 73.70 -17.54 0.87
N LYS G 99 73.13 -16.95 1.93
CA LYS G 99 72.95 -15.51 1.96
C LYS G 99 74.26 -14.78 2.23
N VAL G 100 75.31 -15.49 2.64
CA VAL G 100 76.62 -14.89 2.82
C VAL G 100 77.47 -15.05 1.56
N GLN G 101 77.54 -16.26 1.01
CA GLN G 101 78.49 -16.52 -0.07
C GLN G 101 78.00 -16.01 -1.42
N VAL G 102 76.70 -16.16 -1.70
CA VAL G 102 76.18 -15.68 -2.98
C VAL G 102 76.10 -14.16 -3.00
N ASN G 103 75.78 -13.55 -1.86
CA ASN G 103 75.83 -12.09 -1.78
C ASN G 103 77.26 -11.57 -1.89
N SER G 104 78.22 -12.31 -1.35
CA SER G 104 79.61 -11.94 -1.58
C SER G 104 80.03 -12.20 -3.03
N ALA G 105 79.39 -13.15 -3.68
CA ALA G 105 79.64 -13.38 -5.10
C ALA G 105 78.93 -12.36 -5.97
N ALA G 106 77.73 -11.91 -5.57
CA ALA G 106 77.03 -10.88 -6.31
C ALA G 106 77.68 -9.50 -6.14
N GLN G 107 78.25 -9.24 -4.97
CA GLN G 107 79.04 -8.03 -4.79
C GLN G 107 80.34 -8.09 -5.58
N ALA G 108 80.89 -9.29 -5.78
CA ALA G 108 82.11 -9.44 -6.55
C ALA G 108 81.85 -9.23 -8.05
N VAL G 109 80.70 -9.70 -8.54
CA VAL G 109 80.34 -9.48 -9.94
C VAL G 109 80.03 -8.00 -10.18
N GLY G 110 79.34 -7.36 -9.23
CA GLY G 110 78.99 -5.96 -9.39
C GLY G 110 80.17 -5.02 -9.34
N LYS G 111 81.26 -5.43 -8.69
CA LYS G 111 82.47 -4.62 -8.73
C LYS G 111 83.18 -4.74 -10.06
N VAL G 112 83.22 -5.95 -10.62
CA VAL G 112 83.87 -6.17 -11.91
C VAL G 112 83.03 -5.59 -13.04
N ALA G 113 81.75 -5.95 -13.09
CA ALA G 113 80.83 -5.43 -14.09
C ALA G 113 79.60 -4.89 -13.37
N GLY G 114 79.45 -3.56 -13.38
CA GLY G 114 78.31 -2.94 -12.75
C GLY G 114 77.03 -3.17 -13.54
N ASP G 115 75.92 -2.87 -12.88
CA ASP G 115 74.62 -3.07 -13.51
C ASP G 115 74.30 -1.95 -14.49
N ILE G 116 73.36 -2.24 -15.39
CA ILE G 116 72.85 -1.21 -16.28
C ILE G 116 71.97 -0.26 -15.49
N SER G 117 71.91 1.00 -15.91
CA SER G 117 71.06 1.97 -15.25
C SER G 117 69.59 1.64 -15.51
N PRO G 118 68.71 1.84 -14.52
CA PRO G 118 67.29 1.59 -14.74
C PRO G 118 66.67 2.66 -15.63
N THR G 119 66.74 2.46 -16.95
CA THR G 119 66.28 3.45 -17.91
C THR G 119 64.78 3.69 -17.80
N LEU G 120 64.37 4.88 -18.21
CA LEU G 120 63.00 5.36 -18.00
C LEU G 120 62.33 5.57 -19.35
N ALA G 121 61.26 4.83 -19.60
CA ALA G 121 60.43 5.01 -20.77
C ALA G 121 59.03 5.50 -20.46
N GLY G 122 58.62 5.48 -19.20
CA GLY G 122 57.29 5.93 -18.82
C GLY G 122 57.27 7.33 -18.27
N VAL G 123 58.07 8.22 -18.86
CA VAL G 123 58.13 9.62 -18.44
C VAL G 123 57.10 10.39 -19.25
N LEU G 124 56.07 10.87 -18.58
CA LEU G 124 54.98 11.60 -19.19
C LEU G 124 55.16 13.09 -18.99
N PRO G 125 54.48 13.93 -19.76
CA PRO G 125 54.40 15.36 -19.43
C PRO G 125 53.42 15.61 -18.30
N SER G 126 53.20 16.89 -18.01
CA SER G 126 52.37 17.30 -16.88
C SER G 126 50.92 17.57 -17.31
N TRP G 127 50.43 16.80 -18.26
CA TRP G 127 49.11 17.00 -18.86
C TRP G 127 48.15 15.87 -18.60
N LEU G 128 48.62 14.63 -18.71
CA LEU G 128 47.75 13.46 -18.69
C LEU G 128 47.08 13.26 -17.34
N LEU G 129 47.67 13.80 -16.27
CA LEU G 129 46.96 14.03 -15.02
C LEU G 129 46.99 15.54 -14.81
N ALA G 130 46.04 16.23 -15.46
CA ALA G 130 45.77 17.66 -15.33
C ALA G 130 44.40 17.95 -15.95
N PRO G 131 43.48 18.56 -15.21
CA PRO G 131 42.14 18.80 -15.78
C PRO G 131 42.12 20.02 -16.68
N SER G 132 41.32 19.94 -17.74
CA SER G 132 41.10 21.09 -18.61
C SER G 132 40.20 22.08 -17.87
N ALA G 133 40.81 23.15 -17.34
CA ALA G 133 40.10 24.10 -16.49
C ALA G 133 39.25 25.08 -17.27
N THR G 134 39.26 25.03 -18.59
CA THR G 134 38.41 25.90 -19.38
C THR G 134 36.95 25.43 -19.29
N PRO G 135 35.99 26.36 -19.25
CA PRO G 135 34.60 25.94 -19.17
C PRO G 135 34.14 25.34 -20.48
N PRO G 136 33.16 24.45 -20.46
CA PRO G 136 32.71 23.78 -21.67
C PRO G 136 31.85 24.70 -22.53
N SER G 137 31.42 24.17 -23.67
CA SER G 137 30.56 24.93 -24.58
C SER G 137 29.15 25.10 -24.04
N GLU G 138 28.78 24.34 -23.01
CA GLU G 138 27.46 24.49 -22.40
C GLU G 138 27.37 25.80 -21.62
N ALA G 139 28.45 26.18 -20.93
CA ALA G 139 28.43 27.40 -20.13
C ALA G 139 28.46 28.66 -20.97
N ALA G 140 28.87 28.57 -22.22
CA ALA G 140 28.88 29.71 -23.13
C ALA G 140 27.71 29.73 -24.08
N ALA G 141 26.72 28.86 -23.87
CA ALA G 141 25.60 28.76 -24.78
C ALA G 141 24.67 29.95 -24.63
N SER G 142 23.75 30.09 -25.59
CA SER G 142 22.76 31.16 -25.56
C SER G 142 21.47 30.72 -24.90
N LEU G 143 21.58 30.16 -23.69
CA LEU G 143 20.43 29.74 -22.91
C LEU G 143 20.77 29.99 -21.45
N PRO G 144 19.90 30.67 -20.70
CA PRO G 144 20.14 30.83 -19.27
C PRO G 144 19.99 29.51 -18.55
N HIS G 145 20.95 29.23 -17.66
CA HIS G 145 21.01 27.93 -17.02
C HIS G 145 19.94 27.81 -15.95
N LEU G 146 19.27 26.66 -15.95
CA LEU G 146 18.12 26.43 -15.11
C LEU G 146 18.52 26.04 -13.70
N LEU G 147 19.62 25.29 -13.56
CA LEU G 147 20.16 24.78 -12.31
C LEU G 147 21.56 24.28 -12.63
N VAL G 148 22.45 24.32 -11.64
CA VAL G 148 23.85 23.97 -11.87
C VAL G 148 24.31 23.03 -10.77
N LEU G 149 24.81 21.85 -11.16
CA LEU G 149 25.47 20.92 -10.27
C LEU G 149 26.96 21.17 -10.31
N GLN G 150 27.61 21.21 -9.15
CA GLN G 150 29.04 21.43 -9.09
C GLN G 150 29.65 20.84 -7.81
N PRO G 151 30.72 20.05 -7.94
CA PRO G 151 31.20 19.24 -6.80
C PRO G 151 32.21 19.95 -5.89
N LEU G 152 32.75 19.21 -4.93
CA LEU G 152 33.63 19.78 -3.93
C LEU G 152 35.08 19.86 -4.36
N THR G 153 35.47 19.10 -5.39
CA THR G 153 36.87 19.14 -5.84
C THR G 153 37.21 20.46 -6.49
N ALA G 154 36.20 21.18 -6.97
CA ALA G 154 36.19 22.57 -7.47
C ALA G 154 36.90 22.72 -8.81
N ASN G 155 37.58 21.69 -9.32
CA ASN G 155 38.16 21.72 -10.65
C ASN G 155 37.45 20.81 -11.63
N ALA G 156 36.56 19.96 -11.15
CA ALA G 156 35.80 19.08 -12.04
C ALA G 156 34.77 19.87 -12.83
N GLN G 157 34.34 19.30 -13.94
CA GLN G 157 33.42 20.00 -14.83
C GLN G 157 32.02 20.01 -14.24
N PRO G 158 31.39 21.16 -14.09
CA PRO G 158 30.03 21.21 -13.58
C PRO G 158 29.02 20.76 -14.62
N PHE G 159 27.82 20.42 -14.15
CA PHE G 159 26.71 20.07 -15.01
C PHE G 159 25.75 21.24 -15.07
N TYR G 160 25.37 21.64 -16.27
CA TYR G 160 24.49 22.78 -16.48
C TYR G 160 23.14 22.28 -16.97
N PHE G 161 22.08 22.60 -16.22
CA PHE G 161 20.72 22.31 -16.65
C PHE G 161 20.24 23.46 -17.52
N ASN G 162 19.94 23.17 -18.78
CA ASN G 162 19.27 24.09 -19.69
C ASN G 162 18.56 23.25 -20.75
N LEU G 163 18.04 23.91 -21.78
CA LEU G 163 17.32 23.19 -22.82
C LEU G 163 18.23 22.33 -23.69
N ASN G 164 19.54 22.59 -23.67
CA ASN G 164 20.45 21.73 -24.41
C ASN G 164 20.76 20.45 -23.66
N THR G 165 20.77 20.46 -22.32
CA THR G 165 21.18 19.24 -21.63
C THR G 165 20.03 18.41 -21.05
N ALA G 166 19.34 18.92 -20.02
CA ALA G 166 18.30 18.10 -19.41
C ALA G 166 16.93 18.79 -19.34
N ALA G 167 16.90 20.01 -18.81
CA ALA G 167 15.72 20.91 -18.81
C ALA G 167 14.51 20.28 -18.09
N PHE G 168 14.64 20.16 -16.77
CA PHE G 168 13.52 19.71 -15.95
C PHE G 168 12.40 20.75 -15.95
N ASP G 169 11.14 20.28 -15.94
CA ASP G 169 10.01 21.14 -15.57
C ASP G 169 9.16 20.37 -14.57
N ALA G 170 9.64 20.33 -13.33
CA ALA G 170 8.95 20.06 -12.08
C ALA G 170 10.02 20.18 -11.00
N LEU G 171 9.64 20.55 -9.79
CA LEU G 171 10.64 20.63 -8.72
C LEU G 171 9.95 20.37 -7.38
N GLN G 172 9.96 19.10 -6.98
CA GLN G 172 9.56 18.73 -5.64
C GLN G 172 10.64 19.14 -4.66
N ARG G 173 10.24 19.74 -3.54
CA ARG G 173 11.20 20.05 -2.47
C ARG G 173 10.55 19.69 -1.14
N ASN G 174 10.72 18.44 -0.73
CA ASN G 174 10.31 18.03 0.61
C ASN G 174 11.29 18.56 1.64
N SER G 175 10.76 18.94 2.81
CA SER G 175 11.61 19.41 3.89
C SER G 175 10.90 19.12 5.20
N ALA G 176 11.28 18.02 5.85
CA ALA G 176 10.71 17.70 7.15
C ALA G 176 11.40 18.50 8.24
N TYR G 177 10.85 18.40 9.46
CA TYR G 177 11.44 19.00 10.65
C TYR G 177 11.21 18.04 11.79
N ASN G 178 12.28 17.63 12.46
CA ASN G 178 12.25 16.47 13.34
C ASN G 178 11.71 16.89 14.70
N TRP G 179 10.39 16.76 14.85
CA TRP G 179 9.70 16.95 16.13
C TRP G 179 9.26 15.59 16.64
N SER G 180 9.80 15.16 17.76
CA SER G 180 9.55 13.84 18.31
C SER G 180 8.46 13.92 19.37
N GLY G 181 7.50 13.00 19.28
CA GLY G 181 6.41 12.96 20.24
C GLY G 181 6.70 12.00 21.39
N GLN G 182 6.41 12.47 22.59
CA GLN G 182 6.54 11.67 23.81
C GLN G 182 5.19 11.64 24.50
N VAL G 183 4.57 10.46 24.52
CA VAL G 183 3.21 10.35 25.03
C VAL G 183 3.20 10.46 26.55
N ARG G 184 2.49 11.45 27.06
CA ARG G 184 2.22 11.59 28.48
C ARG G 184 0.84 11.06 28.76
N LEU G 185 0.63 10.55 29.98
CA LEU G 185 -0.50 9.66 30.23
C LEU G 185 -1.82 10.41 30.31
N GLY G 186 -1.85 11.52 31.04
CA GLY G 186 -3.10 12.22 31.22
C GLY G 186 -3.30 13.46 30.39
N ARG G 187 -2.47 13.70 29.39
CA ARG G 187 -2.48 14.98 28.69
C ARG G 187 -1.99 14.78 27.26
N ARG G 188 -1.74 15.90 26.58
CA ARG G 188 -1.30 15.87 25.20
C ARG G 188 0.17 15.43 25.14
N PRO G 189 0.57 14.75 24.06
CA PRO G 189 1.97 14.30 23.96
C PRO G 189 2.92 15.47 23.73
N ALA G 190 4.00 15.48 24.51
CA ALA G 190 4.97 16.55 24.40
C ALA G 190 5.81 16.38 23.13
N LEU G 191 6.06 17.50 22.46
CA LEU G 191 6.83 17.52 21.22
C LEU G 191 8.15 18.24 21.47
N GLN G 192 9.25 17.63 21.05
CA GLN G 192 10.57 18.17 21.24
C GLN G 192 11.28 18.25 19.90
N SER G 193 11.97 19.37 19.67
CA SER G 193 12.73 19.55 18.45
C SER G 193 14.07 18.84 18.60
N VAL G 194 14.16 17.65 18.01
CA VAL G 194 15.33 16.80 18.17
C VAL G 194 16.19 16.78 16.91
N GLY G 195 16.09 17.82 16.08
CA GLY G 195 16.90 17.88 14.89
C GLY G 195 16.26 18.66 13.75
N MET G 196 16.62 18.30 12.53
CA MET G 196 16.17 19.03 11.35
C MET G 196 15.51 18.09 10.35
N GLY G 197 15.96 16.85 10.29
CA GLY G 197 15.36 15.88 9.40
C GLY G 197 15.80 16.06 7.96
N GLU G 198 15.36 15.12 7.12
CA GLU G 198 15.81 15.06 5.74
C GLU G 198 15.09 16.09 4.89
N GLU G 199 15.85 16.95 4.23
CA GLU G 199 15.34 17.84 3.20
C GLU G 199 15.78 17.32 1.84
N SER G 200 14.82 17.12 0.94
CA SER G 200 15.10 16.49 -0.34
C SER G 200 14.58 17.36 -1.48
N ILE G 201 15.25 17.24 -2.63
CA ILE G 201 14.86 17.91 -3.87
C ILE G 201 14.78 16.85 -4.96
N LEU G 202 13.66 16.82 -5.67
CA LEU G 202 13.41 15.82 -6.70
C LEU G 202 13.15 16.53 -8.01
N LEU G 203 13.94 16.21 -9.03
CA LEU G 203 13.89 16.87 -10.33
C LEU G 203 13.32 15.90 -11.35
N LYS G 204 12.09 16.16 -11.83
CA LYS G 204 11.50 15.37 -12.90
C LYS G 204 12.06 15.79 -14.26
N GLY G 205 11.38 15.42 -15.34
CA GLY G 205 11.74 15.99 -16.62
C GLY G 205 11.93 14.94 -17.67
N ALA G 206 12.41 15.37 -18.83
CA ALA G 206 12.58 14.48 -19.98
C ALA G 206 13.68 15.03 -20.88
N VAL G 207 14.52 14.12 -21.38
CA VAL G 207 15.55 14.45 -22.35
C VAL G 207 15.15 13.79 -23.66
N PHE G 208 15.07 14.58 -24.73
CA PHE G 208 14.76 14.06 -26.05
C PHE G 208 16.03 14.10 -26.88
N PRO G 209 16.77 13.01 -27.01
CA PRO G 209 18.10 13.11 -27.63
C PRO G 209 18.10 13.04 -29.15
N LEU G 210 17.15 13.69 -29.80
CA LEU G 210 17.20 13.96 -31.23
C LEU G 210 16.84 15.39 -31.56
N ARG G 211 16.29 16.14 -30.62
CA ARG G 211 16.05 17.55 -30.83
C ARG G 211 17.39 18.27 -30.91
N ARG G 212 17.58 19.03 -31.99
CA ARG G 212 18.86 19.68 -32.24
C ARG G 212 19.06 20.82 -31.26
N GLN G 213 20.32 21.14 -30.99
CA GLN G 213 20.64 22.21 -30.06
C GLN G 213 20.20 23.56 -30.64
N VAL G 214 20.06 24.53 -29.73
CA VAL G 214 19.32 25.75 -30.01
C VAL G 214 20.04 26.58 -31.07
N GLY G 215 19.29 27.10 -32.02
CA GLY G 215 19.86 27.84 -33.13
C GLY G 215 20.43 26.97 -34.23
N ASN G 216 20.20 25.65 -34.18
CA ASN G 216 20.66 24.66 -35.16
C ASN G 216 22.18 24.70 -35.30
N GLN G 217 22.84 24.29 -34.21
CA GLN G 217 24.30 24.36 -34.10
C GLN G 217 25.00 23.18 -34.76
N GLU G 218 24.35 22.48 -35.69
CA GLU G 218 24.87 21.26 -36.34
C GLU G 218 25.22 20.18 -35.32
N LYS G 219 24.45 20.11 -34.23
CA LYS G 219 24.75 19.24 -33.11
C LYS G 219 23.46 19.00 -32.35
N VAL G 220 23.19 17.74 -32.03
CA VAL G 220 21.93 17.37 -31.38
C VAL G 220 22.17 17.20 -29.89
N VAL G 221 21.07 17.13 -29.14
CA VAL G 221 21.12 16.68 -27.77
C VAL G 221 21.52 15.21 -27.75
N GLY G 222 22.53 14.88 -26.96
CA GLY G 222 23.15 13.59 -27.07
C GLY G 222 22.51 12.51 -26.21
N LEU G 223 22.89 11.27 -26.50
CA LEU G 223 22.60 10.15 -25.63
C LEU G 223 23.51 10.11 -24.41
N GLU G 224 24.68 10.73 -24.51
CA GLU G 224 25.67 10.84 -23.45
C GLU G 224 25.22 11.75 -22.32
N GLN G 225 24.20 12.56 -22.57
CA GLN G 225 23.94 13.78 -21.80
C GLN G 225 23.05 13.52 -20.59
N LEU G 226 22.69 12.27 -20.34
CA LEU G 226 22.17 11.83 -19.06
C LEU G 226 23.13 10.91 -18.34
N GLU G 227 24.01 10.24 -19.07
CA GLU G 227 25.08 9.47 -18.46
C GLU G 227 26.12 10.37 -17.80
N ALA G 228 26.21 11.63 -18.24
CA ALA G 228 27.02 12.62 -17.54
C ALA G 228 26.49 12.90 -16.14
N LEU G 229 25.17 12.80 -15.94
CA LEU G 229 24.62 12.86 -14.60
C LEU G 229 25.01 11.66 -13.77
N ARG G 230 25.21 10.51 -14.42
CA ARG G 230 25.59 9.32 -13.68
C ARG G 230 27.05 9.39 -13.25
N ARG G 231 27.96 9.76 -14.17
CA ARG G 231 29.38 9.90 -13.85
C ARG G 231 29.62 10.92 -12.76
N LEU G 232 28.86 12.01 -12.76
CA LEU G 232 28.97 13.03 -11.73
C LEU G 232 28.35 12.57 -10.42
N ALA G 233 27.61 11.47 -10.41
CA ALA G 233 27.01 10.95 -9.20
C ALA G 233 27.81 9.82 -8.56
N GLU G 234 28.68 9.12 -9.31
CA GLU G 234 29.55 8.12 -8.69
C GLU G 234 30.84 8.70 -8.13
N ARG G 235 30.90 10.00 -7.87
CA ARG G 235 32.06 10.60 -7.25
C ARG G 235 32.02 10.51 -5.73
N ARG G 236 30.90 10.04 -5.16
CA ARG G 236 30.65 9.96 -3.72
C ARG G 236 30.87 11.32 -3.05
N GLU G 237 30.22 12.33 -3.61
CA GLU G 237 30.64 13.68 -3.32
C GLU G 237 29.43 14.59 -3.34
N PRO G 238 29.33 15.53 -2.40
CA PRO G 238 28.20 16.46 -2.41
C PRO G 238 28.31 17.45 -3.56
N LEU G 239 27.20 18.13 -3.83
CA LEU G 239 27.08 19.02 -4.96
C LEU G 239 26.43 20.32 -4.51
N ILE G 240 26.92 21.43 -5.03
CA ILE G 240 26.30 22.73 -4.80
C ILE G 240 25.23 22.95 -5.86
N LEU G 241 24.01 23.21 -5.44
CA LEU G 241 22.97 23.64 -6.35
C LEU G 241 23.07 25.15 -6.51
N SER G 242 22.98 25.62 -7.75
CA SER G 242 23.08 27.05 -8.06
C SER G 242 21.96 27.41 -9.01
N SER G 243 20.85 27.85 -8.45
CA SER G 243 19.72 28.35 -9.22
C SER G 243 19.98 29.82 -9.57
N GLY G 244 18.95 30.51 -10.04
CA GLY G 244 19.15 31.91 -10.38
C GLY G 244 17.99 32.83 -10.06
N TYR G 245 17.11 32.42 -9.15
CA TYR G 245 15.87 33.17 -8.94
C TYR G 245 15.72 33.74 -7.53
N GLY G 246 15.85 32.92 -6.49
CA GLY G 246 15.65 33.42 -5.14
C GLY G 246 16.98 33.52 -4.44
N GLU G 247 17.21 32.65 -3.46
CA GLU G 247 18.57 32.42 -3.02
C GLU G 247 19.34 31.70 -4.13
N VAL G 248 20.57 32.12 -4.35
CA VAL G 248 21.38 31.46 -5.35
C VAL G 248 22.31 30.43 -4.70
N GLN G 249 22.79 30.72 -3.50
CA GLN G 249 23.68 29.81 -2.77
C GLN G 249 22.83 28.78 -2.02
N MET G 250 22.38 27.78 -2.76
CA MET G 250 21.85 26.59 -2.09
C MET G 250 23.00 25.78 -1.51
N GLY G 251 22.67 24.91 -0.56
CA GLY G 251 23.67 24.20 0.20
C GLY G 251 24.33 23.07 -0.55
N LEU G 252 24.95 22.17 0.22
CA LEU G 252 25.54 20.97 -0.33
C LEU G 252 24.46 19.90 -0.45
N TRP G 253 24.29 19.37 -1.66
CA TRP G 253 23.21 18.44 -1.97
C TRP G 253 23.80 17.20 -2.62
N CYS G 254 23.83 16.09 -1.89
CA CYS G 254 24.34 14.86 -2.46
C CYS G 254 23.26 14.22 -3.32
N LEU G 255 23.68 13.58 -4.40
CA LEU G 255 22.76 12.96 -5.35
C LEU G 255 22.55 11.50 -4.94
N VAL G 256 21.29 11.07 -4.93
CA VAL G 256 20.91 9.79 -4.36
C VAL G 256 20.38 8.82 -5.41
N ARG G 257 19.51 9.30 -6.31
CA ARG G 257 18.83 8.38 -7.20
C ARG G 257 18.69 8.98 -8.60
N ILE G 258 19.02 8.18 -9.61
CA ILE G 258 18.75 8.50 -11.02
C ILE G 258 17.92 7.34 -11.57
N SER G 259 16.81 7.66 -12.24
CA SER G 259 15.99 6.60 -12.83
C SER G 259 15.37 7.11 -14.12
N GLU G 260 15.97 6.75 -15.24
CA GLU G 260 15.43 7.13 -16.54
C GLU G 260 14.48 6.07 -17.07
N ASN G 261 13.57 6.50 -17.94
CA ASN G 261 12.64 5.61 -18.64
C ASN G 261 12.83 5.92 -20.13
N GLN G 262 13.79 5.26 -20.75
CA GLN G 262 14.11 5.55 -22.14
C GLN G 262 13.34 4.60 -23.06
N SER G 263 12.54 5.17 -23.95
CA SER G 263 11.64 4.42 -24.81
C SER G 263 11.59 5.11 -26.17
N ALA G 264 10.71 4.60 -27.04
CA ALA G 264 10.63 4.92 -28.47
C ALA G 264 11.99 4.75 -29.13
N LEU G 265 12.46 3.51 -29.12
CA LEU G 265 13.84 3.19 -29.44
C LEU G 265 14.09 3.25 -30.94
N LEU G 266 15.37 3.45 -31.29
CA LEU G 266 15.84 3.30 -32.65
C LEU G 266 16.29 1.87 -32.88
N GLY G 267 16.96 1.62 -34.02
CA GLY G 267 17.34 0.26 -34.36
C GLY G 267 18.46 -0.28 -33.49
N ASN G 268 19.44 0.55 -33.17
CA ASN G 268 20.56 0.15 -32.34
C ASN G 268 20.31 0.39 -30.85
N GLY G 269 19.06 0.48 -30.43
CA GLY G 269 18.74 0.68 -29.05
C GLY G 269 18.70 2.13 -28.60
N ALA G 270 18.95 3.07 -29.49
CA ALA G 270 18.97 4.47 -29.13
C ALA G 270 17.56 4.96 -28.87
N PRO G 271 17.28 5.50 -27.68
CA PRO G 271 15.97 6.10 -27.45
C PRO G 271 15.85 7.44 -28.12
N ARG G 272 14.64 7.98 -28.09
CA ARG G 272 14.43 9.37 -28.45
C ARG G 272 13.56 10.08 -27.42
N LYS G 273 13.34 9.45 -26.27
CA LYS G 273 12.89 10.14 -25.07
C LYS G 273 13.58 9.49 -23.88
N GLN G 274 13.91 10.30 -22.87
CA GLN G 274 14.53 9.80 -21.64
C GLN G 274 13.90 10.56 -20.48
N THR G 275 12.80 10.03 -19.95
CA THR G 275 12.14 10.68 -18.82
C THR G 275 12.81 10.21 -17.53
N PHE G 276 13.47 11.12 -16.85
CA PHE G 276 14.25 10.84 -15.66
C PHE G 276 13.58 11.45 -14.43
N ASP G 277 14.07 11.07 -13.26
CA ASP G 277 13.77 11.79 -12.03
C ASP G 277 14.97 11.68 -11.10
N LEU G 278 15.68 12.80 -10.93
CA LEU G 278 16.77 12.89 -9.99
C LEU G 278 16.21 13.08 -8.58
N GLU G 279 17.04 12.83 -7.57
CA GLU G 279 16.57 12.93 -6.20
C GLU G 279 17.75 13.23 -5.29
N PHE G 280 17.75 14.41 -4.69
CA PHE G 280 18.85 14.87 -3.86
C PHE G 280 18.46 14.80 -2.38
N LYS G 281 19.48 14.87 -1.52
CA LYS G 281 19.30 15.10 -0.10
C LYS G 281 20.35 16.09 0.35
N ARG G 282 19.97 17.01 1.23
CA ARG G 282 20.87 18.07 1.65
C ARG G 282 21.96 17.51 2.55
N TYR G 283 23.21 17.53 2.07
CA TYR G 283 24.38 17.22 2.86
C TYR G 283 24.54 18.24 3.98
N GLY G 284 24.49 17.77 5.23
CA GLY G 284 24.53 18.68 6.36
C GLY G 284 25.91 19.11 6.78
N ASP G 285 26.51 20.06 6.05
CA ASP G 285 27.82 20.56 6.42
C ASP G 285 27.74 21.49 7.65
N ASP G 286 28.91 21.86 8.15
CA ASP G 286 28.99 22.78 9.29
C ASP G 286 28.61 24.19 8.85
N MET H 1 35.41 40.19 12.90
CA MET H 1 36.77 39.76 12.60
C MET H 1 37.61 40.91 12.06
N ILE H 2 38.83 41.03 12.55
CA ILE H 2 39.72 42.14 12.23
C ILE H 2 40.87 41.60 11.40
N GLY H 3 40.98 42.07 10.17
CA GLY H 3 42.09 41.73 9.31
C GLY H 3 42.83 42.99 8.87
N MET H 4 43.87 42.80 8.08
CA MET H 4 44.59 43.93 7.54
C MET H 4 44.26 44.12 6.05
N ASP H 5 44.42 45.35 5.59
CA ASP H 5 44.19 45.67 4.20
C ASP H 5 45.30 45.09 3.34
N ARG H 6 44.97 44.82 2.07
CA ARG H 6 45.96 44.28 1.14
C ARG H 6 47.02 45.32 0.80
N ARG H 7 46.60 46.47 0.30
CA ARG H 7 47.51 47.60 0.17
C ARG H 7 47.51 48.41 1.45
N SER H 8 48.62 49.12 1.68
CA SER H 8 48.85 50.11 2.74
C SER H 8 48.88 49.53 4.16
N GLY H 9 48.63 48.23 4.32
CA GLY H 9 48.86 47.54 5.57
C GLY H 9 47.99 47.91 6.74
N LEU H 10 46.94 48.67 6.54
CA LEU H 10 46.19 49.15 7.68
C LEU H 10 45.17 48.10 8.13
N PRO H 11 45.04 47.89 9.44
CA PRO H 11 44.06 46.92 9.94
C PRO H 11 42.64 47.49 9.90
N LEU H 12 41.83 46.97 8.98
CA LEU H 12 40.43 47.35 8.85
C LEU H 12 39.54 46.12 9.02
N SER H 13 38.43 46.31 9.74
CA SER H 13 37.75 45.19 10.38
C SER H 13 36.34 44.94 9.87
N GLY H 14 35.46 45.94 9.92
CA GLY H 14 34.03 45.68 9.83
C GLY H 14 33.50 45.25 8.49
N LEU H 15 33.50 46.17 7.52
CA LEU H 15 32.89 45.91 6.23
C LEU H 15 33.81 46.21 5.06
N ALA H 16 34.87 47.01 5.25
CA ALA H 16 35.90 47.10 4.24
C ALA H 16 36.70 45.81 4.15
N HIS H 17 36.82 45.08 5.27
CA HIS H 17 37.40 43.74 5.23
C HIS H 17 36.46 42.77 4.55
N LEU H 18 35.15 43.02 4.62
CA LEU H 18 34.18 42.17 3.95
C LEU H 18 34.29 42.28 2.44
N LYS H 19 34.55 43.48 1.93
CA LYS H 19 34.63 43.66 0.49
C LYS H 19 35.94 43.11 -0.08
N GLN H 20 37.05 43.26 0.65
CA GLN H 20 38.29 42.68 0.16
C GLN H 20 38.36 41.18 0.39
N SER H 21 37.51 40.64 1.27
CA SER H 21 37.39 39.20 1.38
C SER H 21 36.72 38.62 0.14
N VAL H 22 35.78 39.34 -0.45
CA VAL H 22 35.13 38.87 -1.66
C VAL H 22 36.06 38.99 -2.85
N GLU H 23 36.84 40.07 -2.92
CA GLU H 23 37.68 40.28 -4.08
C GLU H 23 38.98 39.49 -4.03
N ASP H 24 39.27 38.81 -2.92
CA ASP H 24 40.30 37.79 -2.93
C ASP H 24 39.74 36.47 -3.45
N ILE H 25 38.44 36.27 -3.34
CA ILE H 25 37.81 35.08 -3.92
C ILE H 25 37.71 35.21 -5.44
N LEU H 26 37.24 36.36 -5.91
CA LEU H 26 36.83 36.49 -7.30
C LEU H 26 38.02 36.59 -8.25
N THR H 27 39.14 37.14 -7.79
CA THR H 27 40.25 37.40 -8.69
C THR H 27 41.39 36.39 -8.57
N THR H 28 41.42 35.57 -7.53
CA THR H 28 42.37 34.45 -7.51
C THR H 28 41.86 33.31 -8.39
N PRO H 29 42.66 32.82 -9.33
CA PRO H 29 42.30 31.59 -10.02
C PRO H 29 42.50 30.38 -9.12
N LEU H 30 41.96 29.25 -9.56
CA LEU H 30 42.09 28.02 -8.78
C LEU H 30 43.49 27.45 -8.89
N GLY H 31 44.03 27.02 -7.76
CA GLY H 31 45.35 26.44 -7.73
C GLY H 31 46.49 27.44 -7.66
N SER H 32 46.19 28.73 -7.65
CA SER H 32 47.25 29.73 -7.56
C SER H 32 47.80 29.86 -6.15
N ARG H 33 46.98 29.56 -5.14
CA ARG H 33 47.44 29.62 -3.76
C ARG H 33 48.34 28.44 -3.44
N ARG H 34 49.16 28.62 -2.42
CA ARG H 34 50.11 27.60 -2.01
C ARG H 34 49.47 26.70 -0.96
N MET H 35 49.44 25.40 -1.25
CA MET H 35 48.86 24.33 -0.42
C MET H 35 47.36 24.49 -0.21
N ARG H 36 46.70 25.31 -1.02
CA ARG H 36 45.26 25.49 -0.97
C ARG H 36 44.74 25.49 -2.40
N PRO H 37 44.61 24.32 -3.02
CA PRO H 37 44.29 24.28 -4.45
C PRO H 37 42.82 24.53 -4.75
N GLU H 38 41.93 24.22 -3.81
CA GLU H 38 40.50 24.47 -3.99
C GLU H 38 40.09 25.84 -3.44
N TYR H 39 40.84 26.86 -3.83
CA TYR H 39 40.57 28.23 -3.42
C TYR H 39 40.52 29.11 -4.66
N GLY H 40 39.57 30.03 -4.67
CA GLY H 40 39.48 31.00 -5.74
C GLY H 40 38.26 30.77 -6.61
N SER H 41 38.26 31.44 -7.76
CA SER H 41 37.14 31.42 -8.67
C SER H 41 37.59 30.95 -10.04
N LYS H 42 36.63 30.44 -10.82
CA LYS H 42 36.79 30.20 -12.24
C LYS H 42 36.45 31.42 -13.08
N LEU H 43 36.42 32.62 -12.49
CA LEU H 43 36.11 33.81 -13.25
C LEU H 43 37.23 34.20 -14.21
N ARG H 44 38.46 33.81 -13.93
CA ARG H 44 39.53 34.05 -14.89
C ARG H 44 39.37 33.15 -16.11
N ARG H 45 38.74 32.00 -15.96
CA ARG H 45 38.35 31.21 -17.11
C ARG H 45 37.19 31.83 -17.88
N MET H 46 36.36 32.63 -17.22
CA MET H 46 35.28 33.35 -17.88
C MET H 46 35.75 34.66 -18.50
N VAL H 47 37.01 35.03 -18.28
CA VAL H 47 37.57 36.23 -18.90
C VAL H 47 37.70 36.00 -20.39
N ASP H 48 37.22 36.98 -21.17
CA ASP H 48 37.32 37.03 -22.63
C ASP H 48 36.58 35.86 -23.26
N MET H 49 35.33 35.70 -22.83
CA MET H 49 34.31 34.86 -23.42
C MET H 49 33.16 35.79 -23.83
N PRO H 50 32.38 35.42 -24.85
CA PRO H 50 31.31 36.31 -25.32
C PRO H 50 30.17 36.39 -24.32
N VAL H 51 29.66 37.61 -24.13
CA VAL H 51 28.61 37.84 -23.13
C VAL H 51 27.30 37.40 -23.72
N SER H 52 26.95 36.14 -23.52
CA SER H 52 25.64 35.63 -23.89
C SER H 52 24.75 35.64 -22.66
N GLU H 53 23.54 35.14 -22.80
CA GLU H 53 22.65 34.96 -21.65
C GLU H 53 22.90 33.67 -20.91
N GLY H 54 23.83 32.84 -21.38
CA GLY H 54 24.25 31.68 -20.65
C GLY H 54 25.59 31.93 -19.97
N TRP H 55 26.31 32.94 -20.47
CA TRP H 55 27.51 33.40 -19.76
C TRP H 55 27.14 34.08 -18.45
N LYS H 56 26.00 34.79 -18.44
CA LYS H 56 25.54 35.47 -17.23
C LYS H 56 25.16 34.46 -16.16
N SER H 57 24.42 33.42 -16.53
CA SER H 57 23.98 32.43 -15.57
C SER H 57 25.08 31.47 -15.16
N ALA H 58 26.17 31.41 -15.93
CA ALA H 58 27.35 30.65 -15.52
C ALA H 58 28.26 31.43 -14.60
N VAL H 59 28.19 32.76 -14.62
CA VAL H 59 28.92 33.57 -13.66
C VAL H 59 28.18 33.62 -12.33
N GLN H 60 26.84 33.71 -12.36
CA GLN H 60 26.05 33.65 -11.13
C GLN H 60 26.21 32.31 -10.44
N ALA H 61 26.32 31.23 -11.21
CA ALA H 61 26.47 29.90 -10.65
C ALA H 61 27.89 29.61 -10.20
N GLU H 62 28.86 30.44 -10.56
CA GLU H 62 30.23 30.21 -10.17
C GLU H 62 30.70 31.16 -9.08
N VAL H 63 30.18 32.39 -9.06
CA VAL H 63 30.39 33.27 -7.92
C VAL H 63 29.72 32.69 -6.68
N ALA H 64 28.55 32.06 -6.85
CA ALA H 64 27.85 31.45 -5.73
C ALA H 64 28.57 30.23 -5.19
N ARG H 65 29.27 29.49 -6.05
CA ARG H 65 30.09 28.39 -5.57
C ARG H 65 31.29 28.90 -4.80
N SER H 66 32.04 29.83 -5.39
CA SER H 66 33.31 30.26 -4.82
C SER H 66 33.11 31.11 -3.57
N LEU H 67 32.03 31.88 -3.50
CA LEU H 67 31.72 32.56 -2.26
C LEU H 67 31.08 31.62 -1.24
N GLY H 68 30.42 30.56 -1.70
CA GLY H 68 29.88 29.58 -0.78
C GLY H 68 30.93 28.76 -0.06
N ARG H 69 32.14 28.67 -0.63
CA ARG H 69 33.21 27.92 0.02
C ARG H 69 33.86 28.74 1.13
N TRP H 70 34.41 29.90 0.77
CA TRP H 70 35.29 30.64 1.66
C TRP H 70 34.73 32.00 2.05
N GLU H 71 33.42 32.18 2.01
CA GLU H 71 32.78 33.41 2.47
C GLU H 71 31.39 33.08 3.00
N PRO H 72 31.30 32.51 4.20
CA PRO H 72 29.99 32.11 4.71
C PRO H 72 29.14 33.27 5.23
N ARG H 73 29.74 34.43 5.48
CA ARG H 73 29.03 35.57 6.03
C ARG H 73 28.42 36.46 4.94
N ILE H 74 28.28 35.95 3.71
CA ILE H 74 27.66 36.68 2.61
C ILE H 74 26.67 35.75 1.92
N GLY H 75 25.41 36.17 1.88
CA GLY H 75 24.41 35.48 1.09
C GLY H 75 24.24 36.17 -0.25
N LEU H 76 24.61 35.49 -1.32
CA LEU H 76 24.58 36.09 -2.64
C LEU H 76 23.15 36.25 -3.14
N SER H 77 22.84 37.42 -3.67
CA SER H 77 21.50 37.71 -4.19
C SER H 77 21.42 37.59 -5.71
N ALA H 78 22.24 38.36 -6.43
CA ALA H 78 22.18 38.37 -7.89
C ALA H 78 23.46 38.97 -8.44
N VAL H 79 23.76 38.61 -9.69
CA VAL H 79 24.83 39.21 -10.48
C VAL H 79 24.22 39.69 -11.78
N ARG H 80 24.36 40.98 -12.08
CA ARG H 80 23.67 41.58 -13.22
C ARG H 80 24.64 42.37 -14.09
N VAL H 81 24.55 42.17 -15.40
CA VAL H 81 25.21 43.05 -16.35
C VAL H 81 24.50 44.40 -16.36
N VAL H 82 25.24 45.47 -16.10
CA VAL H 82 24.65 46.80 -16.06
C VAL H 82 25.14 47.70 -17.18
N ALA H 83 26.30 47.42 -17.78
CA ALA H 83 26.77 48.20 -18.93
C ALA H 83 27.70 47.34 -19.76
N VAL H 84 27.89 47.75 -21.02
CA VAL H 84 28.84 47.12 -21.93
C VAL H 84 29.53 48.24 -22.70
N VAL H 85 30.86 48.32 -22.57
CA VAL H 85 31.69 49.17 -23.41
C VAL H 85 32.57 48.12 -24.08
N ASP H 86 33.56 48.53 -24.90
CA ASP H 86 34.32 47.57 -25.69
C ASP H 86 35.15 46.62 -24.83
N GLY H 87 34.63 45.41 -24.68
CA GLY H 87 35.25 44.41 -23.83
C GLY H 87 34.88 44.51 -22.36
N ARG H 88 34.78 45.72 -21.84
CA ARG H 88 34.58 45.93 -20.41
C ARG H 88 33.11 45.75 -20.03
N VAL H 89 32.74 44.53 -19.65
CA VAL H 89 31.44 44.32 -19.02
C VAL H 89 31.60 44.59 -17.52
N ASP H 90 30.52 45.01 -16.88
CA ASP H 90 30.62 45.32 -15.46
C ASP H 90 29.40 44.82 -14.71
N LEU H 91 29.66 44.19 -13.57
CA LEU H 91 28.70 43.33 -12.90
C LEU H 91 28.41 43.87 -11.51
N LEU H 92 27.15 44.12 -11.23
CA LEU H 92 26.71 44.61 -9.92
C LEU H 92 26.56 43.40 -9.00
N LEU H 93 27.61 43.11 -8.25
CA LEU H 93 27.60 41.99 -7.31
C LEU H 93 26.81 42.40 -6.08
N SER H 94 25.55 42.00 -6.03
CA SER H 94 24.66 42.35 -4.93
C SER H 94 24.40 41.12 -4.08
N GLY H 95 24.45 41.30 -2.76
CA GLY H 95 24.21 40.20 -1.84
C GLY H 95 23.93 40.72 -0.46
N VAL H 96 23.06 40.01 0.26
CA VAL H 96 22.71 40.37 1.63
C VAL H 96 23.85 39.92 2.55
N PHE H 97 23.85 40.43 3.77
CA PHE H 97 24.89 40.14 4.74
C PHE H 97 24.35 39.24 5.83
N GLU H 98 25.11 38.20 6.18
CA GLU H 98 24.76 37.26 7.23
C GLU H 98 25.92 37.19 8.23
N GLY H 99 25.78 36.30 9.20
CA GLY H 99 26.82 36.08 10.19
C GLY H 99 26.90 37.14 11.27
N MET I 1 -18.56 -50.88 9.78
CA MET I 1 -19.16 -50.93 11.11
C MET I 1 -20.39 -51.83 11.12
N ILE I 2 -20.49 -52.68 12.15
CA ILE I 2 -21.53 -53.69 12.27
C ILE I 2 -22.45 -53.29 13.40
N GLY I 3 -23.71 -53.03 13.09
CA GLY I 3 -24.72 -52.76 14.10
C GLY I 3 -25.86 -53.76 13.97
N MET I 4 -26.84 -53.60 14.84
CA MET I 4 -28.03 -54.44 14.78
C MET I 4 -29.21 -53.66 14.22
N ASP I 5 -30.14 -54.40 13.63
CA ASP I 5 -31.35 -53.81 13.09
C ASP I 5 -32.26 -53.36 14.21
N ARG I 6 -33.09 -52.35 13.91
CA ARG I 6 -34.03 -51.84 14.90
C ARG I 6 -35.13 -52.84 15.21
N ARG I 7 -35.84 -53.28 14.17
CA ARG I 7 -36.74 -54.41 14.31
C ARG I 7 -35.99 -55.71 14.05
N SER I 8 -36.50 -56.80 14.63
CA SER I 8 -36.08 -58.20 14.43
C SER I 8 -34.68 -58.52 14.96
N GLY I 9 -33.95 -57.54 15.46
CA GLY I 9 -32.71 -57.77 16.19
C GLY I 9 -31.55 -58.34 15.40
N LEU I 10 -31.62 -58.38 14.09
CA LEU I 10 -30.57 -59.06 13.35
C LEU I 10 -29.38 -58.12 13.12
N PRO I 11 -28.16 -58.60 13.30
CA PRO I 11 -26.98 -57.75 13.05
C PRO I 11 -26.71 -57.60 11.56
N LEU I 12 -26.96 -56.40 11.04
CA LEU I 12 -26.69 -56.07 9.65
C LEU I 12 -25.73 -54.88 9.58
N SER I 13 -24.77 -54.98 8.65
CA SER I 13 -23.53 -54.22 8.75
C SER I 13 -23.33 -53.21 7.64
N GLY I 14 -23.34 -53.63 6.38
CA GLY I 14 -22.77 -52.82 5.31
C GLY I 14 -23.52 -51.58 4.91
N LEU I 15 -24.68 -51.75 4.30
CA LEU I 15 -25.44 -50.62 3.76
C LEU I 15 -26.89 -50.59 4.22
N ALA I 16 -27.44 -51.71 4.71
CA ALA I 16 -28.72 -51.64 5.40
C ALA I 16 -28.59 -50.94 6.73
N HIS I 17 -27.42 -51.04 7.37
CA HIS I 17 -27.14 -50.24 8.56
C HIS I 17 -26.96 -48.78 8.21
N LEU I 18 -26.51 -48.50 6.99
CA LEU I 18 -26.35 -47.12 6.54
C LEU I 18 -27.70 -46.44 6.38
N LYS I 19 -28.71 -47.16 5.88
CA LYS I 19 -30.01 -46.56 5.67
C LYS I 19 -30.77 -46.37 6.98
N GLN I 20 -30.65 -47.31 7.93
CA GLN I 20 -31.30 -47.10 9.21
C GLN I 20 -30.53 -46.13 10.09
N SER I 21 -29.27 -45.86 9.79
CA SER I 21 -28.56 -44.79 10.46
C SER I 21 -29.11 -43.43 10.06
N VAL I 22 -29.53 -43.29 8.80
CA VAL I 22 -30.11 -42.03 8.35
C VAL I 22 -31.52 -41.86 8.91
N GLU I 23 -32.29 -42.94 8.98
CA GLU I 23 -33.67 -42.80 9.43
C GLU I 23 -33.81 -42.75 10.94
N ASP I 24 -32.72 -42.95 11.68
CA ASP I 24 -32.72 -42.57 13.08
C ASP I 24 -32.43 -41.09 13.26
N ILE I 25 -31.76 -40.47 12.28
CA ILE I 25 -31.53 -39.04 12.32
C ILE I 25 -32.81 -38.29 11.96
N LEU I 26 -33.48 -38.73 10.90
CA LEU I 26 -34.54 -37.91 10.31
C LEU I 26 -35.83 -37.95 11.13
N THR I 27 -36.08 -39.05 11.83
CA THR I 27 -37.36 -39.20 12.50
C THR I 27 -37.30 -38.95 14.00
N THR I 28 -36.11 -38.91 14.61
CA THR I 28 -36.02 -38.44 16.00
C THR I 28 -36.11 -36.92 16.05
N PRO I 29 -37.01 -36.37 16.86
CA PRO I 29 -36.97 -34.94 17.13
C PRO I 29 -35.81 -34.60 18.06
N LEU I 30 -35.53 -33.31 18.16
CA LEU I 30 -34.45 -32.84 19.01
C LEU I 30 -34.84 -32.91 20.47
N GLY I 31 -33.92 -33.40 21.31
CA GLY I 31 -34.18 -33.50 22.72
C GLY I 31 -34.94 -34.74 23.15
N SER I 32 -35.34 -35.59 22.21
CA SER I 32 -36.06 -36.81 22.58
C SER I 32 -35.14 -37.87 23.15
N ARG I 33 -33.87 -37.86 22.76
CA ARG I 33 -32.92 -38.82 23.29
C ARG I 33 -32.53 -38.46 24.72
N ARG I 34 -32.04 -39.46 25.44
CA ARG I 34 -31.67 -39.29 26.83
C ARG I 34 -30.19 -38.93 26.91
N MET I 35 -29.92 -37.78 27.54
CA MET I 35 -28.58 -37.19 27.74
C MET I 35 -27.89 -36.84 26.42
N ARG I 36 -28.65 -36.75 25.33
CA ARG I 36 -28.11 -36.34 24.02
C ARG I 36 -29.12 -35.39 23.41
N PRO I 37 -29.12 -34.13 23.85
CA PRO I 37 -30.18 -33.21 23.41
C PRO I 37 -29.97 -32.66 22.01
N GLU I 38 -28.73 -32.58 21.55
CA GLU I 38 -28.43 -32.11 20.19
C GLU I 38 -28.35 -33.26 19.20
N TYR I 39 -29.36 -34.12 19.23
CA TYR I 39 -29.46 -35.26 18.32
C TYR I 39 -30.82 -35.24 17.66
N GLY I 40 -30.84 -35.55 16.37
CA GLY I 40 -32.07 -35.68 15.64
C GLY I 40 -32.25 -34.55 14.62
N SER I 41 -33.47 -34.46 14.12
CA SER I 41 -33.80 -33.49 13.08
C SER I 41 -34.95 -32.60 13.53
N LYS I 42 -35.02 -31.43 12.89
CA LYS I 42 -36.18 -30.55 12.98
C LYS I 42 -37.24 -30.88 11.93
N LEU I 43 -37.20 -32.08 11.35
CA LEU I 43 -38.19 -32.45 10.35
C LEU I 43 -39.56 -32.67 10.94
N ARG I 44 -39.65 -33.01 12.23
CA ARG I 44 -40.95 -33.10 12.88
C ARG I 44 -41.56 -31.72 13.06
N ARG I 45 -40.74 -30.69 13.16
CA ARG I 45 -41.24 -29.33 13.10
C ARG I 45 -41.69 -28.94 11.70
N MET I 46 -41.14 -29.56 10.66
CA MET I 46 -41.56 -29.31 9.30
C MET I 46 -42.77 -30.15 8.91
N VAL I 47 -43.22 -31.05 9.79
CA VAL I 47 -44.42 -31.84 9.55
C VAL I 47 -45.63 -30.92 9.59
N ASP I 48 -46.48 -31.04 8.56
CA ASP I 48 -47.76 -30.35 8.43
C ASP I 48 -47.54 -28.85 8.34
N MET I 49 -46.65 -28.47 7.45
CA MET I 49 -46.42 -27.12 6.94
C MET I 49 -46.68 -27.14 5.45
N PRO I 50 -47.11 -26.01 4.86
CA PRO I 50 -47.44 -26.01 3.43
C PRO I 50 -46.20 -26.16 2.55
N VAL I 51 -46.32 -26.97 1.51
CA VAL I 51 -45.18 -27.27 0.64
C VAL I 51 -45.00 -26.10 -0.30
N SER I 52 -44.21 -25.13 0.10
CA SER I 52 -43.82 -24.04 -0.76
C SER I 52 -42.45 -24.35 -1.36
N GLU I 53 -41.90 -23.42 -2.12
CA GLU I 53 -40.54 -23.55 -2.62
C GLU I 53 -39.50 -23.08 -1.62
N GLY I 54 -39.93 -22.57 -0.48
CA GLY I 54 -39.02 -22.26 0.60
C GLY I 54 -39.07 -23.32 1.66
N TRP I 55 -40.14 -24.11 1.67
CA TRP I 55 -40.18 -25.29 2.52
C TRP I 55 -39.23 -26.36 2.01
N LYS I 56 -39.07 -26.45 0.69
CA LYS I 56 -38.14 -27.42 0.11
C LYS I 56 -36.70 -27.08 0.46
N SER I 57 -36.33 -25.82 0.35
CA SER I 57 -34.96 -25.42 0.63
C SER I 57 -34.66 -25.35 2.12
N ALA I 58 -35.69 -25.32 2.96
CA ALA I 58 -35.50 -25.42 4.40
C ALA I 58 -35.39 -26.86 4.87
N VAL I 59 -35.90 -27.81 4.09
CA VAL I 59 -35.70 -29.23 4.40
C VAL I 59 -34.31 -29.68 3.94
N GLN I 60 -33.87 -29.22 2.75
CA GLN I 60 -32.52 -29.50 2.29
C GLN I 60 -31.47 -28.94 3.24
N ALA I 61 -31.74 -27.76 3.79
CA ALA I 61 -30.80 -27.11 4.70
C ALA I 61 -30.85 -27.69 6.11
N GLU I 62 -31.84 -28.51 6.42
CA GLU I 62 -31.95 -29.09 7.74
C GLU I 62 -31.60 -30.56 7.77
N VAL I 63 -31.87 -31.29 6.69
CA VAL I 63 -31.34 -32.63 6.54
C VAL I 63 -29.81 -32.60 6.46
N ALA I 64 -29.27 -31.58 5.79
CA ALA I 64 -27.82 -31.44 5.67
C ALA I 64 -27.16 -31.09 6.99
N ARG I 65 -27.85 -30.36 7.86
CA ARG I 65 -27.33 -30.12 9.20
C ARG I 65 -27.34 -31.38 10.02
N SER I 66 -28.50 -32.05 10.08
CA SER I 66 -28.67 -33.17 10.99
C SER I 66 -27.88 -34.40 10.53
N LEU I 67 -27.71 -34.59 9.23
CA LEU I 67 -26.82 -35.65 8.77
C LEU I 67 -25.36 -35.23 8.86
N GLY I 68 -25.07 -33.93 8.83
CA GLY I 68 -23.71 -33.46 9.01
C GLY I 68 -23.19 -33.66 10.42
N ARG I 69 -24.08 -33.76 11.41
CA ARG I 69 -23.66 -33.96 12.78
C ARG I 69 -23.30 -35.42 13.04
N TRP I 70 -24.26 -36.32 12.83
CA TRP I 70 -24.15 -37.69 13.30
C TRP I 70 -24.15 -38.70 12.16
N GLU I 71 -23.76 -38.29 10.95
CA GLU I 71 -23.61 -39.22 9.83
C GLU I 71 -22.51 -38.70 8.91
N PRO I 72 -21.25 -38.89 9.29
CA PRO I 72 -20.16 -38.34 8.47
C PRO I 72 -19.86 -39.14 7.22
N ARG I 73 -20.34 -40.38 7.13
CA ARG I 73 -20.07 -41.25 6.00
C ARG I 73 -21.08 -41.10 4.88
N ILE I 74 -21.85 -40.01 4.87
CA ILE I 74 -22.83 -39.73 3.83
C ILE I 74 -22.65 -38.28 3.40
N GLY I 75 -22.38 -38.07 2.11
CA GLY I 75 -22.38 -36.74 1.54
C GLY I 75 -23.72 -36.48 0.86
N LEU I 76 -24.49 -35.53 1.39
CA LEU I 76 -25.83 -35.27 0.87
C LEU I 76 -25.75 -34.56 -0.47
N SER I 77 -26.54 -35.04 -1.43
CA SER I 77 -26.57 -34.46 -2.77
C SER I 77 -27.77 -33.52 -2.96
N ALA I 78 -28.99 -34.04 -2.79
CA ALA I 78 -30.19 -33.25 -3.03
C ALA I 78 -31.38 -33.90 -2.35
N VAL I 79 -32.39 -33.09 -2.08
CA VAL I 79 -33.70 -33.55 -1.59
C VAL I 79 -34.75 -32.96 -2.54
N ARG I 80 -35.56 -33.82 -3.14
CA ARG I 80 -36.48 -33.40 -4.19
C ARG I 80 -37.90 -33.91 -3.90
N VAL I 81 -38.88 -33.03 -4.05
CA VAL I 81 -40.28 -33.44 -4.09
C VAL I 81 -40.53 -34.17 -5.40
N VAL I 82 -41.02 -35.40 -5.32
CA VAL I 82 -41.30 -36.19 -6.51
C VAL I 82 -42.78 -36.46 -6.73
N ALA I 83 -43.61 -36.38 -5.69
CA ALA I 83 -45.05 -36.54 -5.86
C ALA I 83 -45.76 -35.82 -4.73
N VAL I 84 -47.04 -35.52 -4.95
CA VAL I 84 -47.92 -34.95 -3.94
C VAL I 84 -49.28 -35.65 -4.05
N VAL I 85 -49.70 -36.30 -2.98
CA VAL I 85 -51.06 -36.82 -2.84
C VAL I 85 -51.54 -36.01 -1.63
N ASP I 86 -52.76 -36.27 -1.13
CA ASP I 86 -53.34 -35.44 -0.08
C ASP I 86 -52.55 -35.51 1.23
N GLY I 87 -51.75 -34.48 1.46
CA GLY I 87 -50.89 -34.43 2.61
C GLY I 87 -49.56 -35.13 2.45
N ARG I 88 -49.56 -36.29 1.77
CA ARG I 88 -48.37 -37.12 1.70
C ARG I 88 -47.42 -36.62 0.61
N VAL I 89 -46.48 -35.75 0.99
CA VAL I 89 -45.38 -35.43 0.11
C VAL I 89 -44.29 -36.49 0.29
N ASP I 90 -43.50 -36.73 -0.76
CA ASP I 90 -42.49 -37.75 -0.65
C ASP I 90 -41.19 -37.29 -1.31
N LEU I 91 -40.09 -37.52 -0.61
CA LEU I 91 -38.82 -36.86 -0.87
C LEU I 91 -37.76 -37.88 -1.21
N LEU I 92 -37.14 -37.73 -2.37
CA LEU I 92 -36.08 -38.63 -2.82
C LEU I 92 -34.78 -38.15 -2.19
N LEU I 93 -34.43 -38.74 -1.06
CA LEU I 93 -33.20 -38.40 -0.34
C LEU I 93 -32.04 -39.05 -1.06
N SER I 94 -31.35 -38.28 -1.90
CA SER I 94 -30.24 -38.78 -2.69
C SER I 94 -28.93 -38.22 -2.14
N GLY I 95 -27.93 -39.07 -2.02
CA GLY I 95 -26.64 -38.64 -1.52
C GLY I 95 -25.57 -39.66 -1.85
N VAL I 96 -24.35 -39.16 -2.11
CA VAL I 96 -23.23 -40.02 -2.40
C VAL I 96 -22.71 -40.63 -1.10
N PHE I 97 -21.89 -41.65 -1.21
CA PHE I 97 -21.36 -42.36 -0.06
C PHE I 97 -19.88 -42.06 0.11
N GLU I 98 -19.48 -41.77 1.33
CA GLU I 98 -18.10 -41.48 1.69
C GLU I 98 -17.68 -42.41 2.82
N GLY I 99 -16.45 -42.21 3.31
CA GLY I 99 -15.93 -42.98 4.43
C GLY I 99 -15.49 -44.38 4.08
N MET J 1 -35.16 -11.35 40.77
CA MET J 1 -34.91 -10.47 41.89
C MET J 1 -36.20 -10.06 42.59
N ILE J 2 -36.21 -10.10 43.91
CA ILE J 2 -37.39 -9.86 44.72
C ILE J 2 -37.19 -8.55 45.46
N GLY J 3 -38.03 -7.57 45.18
CA GLY J 3 -38.04 -6.31 45.90
C GLY J 3 -39.40 -6.07 46.53
N MET J 4 -39.50 -4.93 47.21
CA MET J 4 -40.78 -4.55 47.79
C MET J 4 -41.42 -3.42 46.99
N ASP J 5 -42.74 -3.34 47.07
CA ASP J 5 -43.49 -2.30 46.40
C ASP J 5 -43.26 -0.96 47.10
N ARG J 6 -43.40 0.12 46.33
CA ARG J 6 -43.22 1.46 46.87
C ARG J 6 -44.34 1.81 47.84
N ARG J 7 -45.58 1.74 47.37
CA ARG J 7 -46.72 1.83 48.25
C ARG J 7 -47.09 0.43 48.77
N SER J 8 -47.73 0.40 49.94
CA SER J 8 -48.33 -0.76 50.60
C SER J 8 -47.32 -1.82 51.08
N GLY J 9 -46.03 -1.64 50.80
CA GLY J 9 -44.98 -2.44 51.39
C GLY J 9 -44.93 -3.90 51.02
N LEU J 10 -45.68 -4.33 50.02
CA LEU J 10 -45.74 -5.76 49.75
C LEU J 10 -44.56 -6.19 48.87
N PRO J 11 -43.92 -7.32 49.19
CA PRO J 11 -42.82 -7.81 48.35
C PRO J 11 -43.32 -8.44 47.07
N LEU J 12 -43.08 -7.75 45.95
CA LEU J 12 -43.44 -8.25 44.63
C LEU J 12 -42.19 -8.34 43.75
N SER J 13 -42.09 -9.42 42.99
CA SER J 13 -40.80 -9.88 42.48
C SER J 13 -40.67 -9.85 40.97
N GLY J 14 -41.57 -10.51 40.24
CA GLY J 14 -41.30 -10.86 38.85
C GLY J 14 -41.31 -9.73 37.85
N LEU J 15 -42.48 -9.16 37.59
CA LEU J 15 -42.63 -8.16 36.55
C LEU J 15 -43.33 -6.90 37.04
N ALA J 16 -44.05 -6.95 38.16
CA ALA J 16 -44.51 -5.72 38.78
C ALA J 16 -43.34 -4.96 39.39
N HIS J 17 -42.31 -5.67 39.83
CA HIS J 17 -41.07 -5.01 40.26
C HIS J 17 -40.33 -4.43 39.06
N LEU J 18 -40.49 -5.05 37.88
CA LEU J 18 -39.87 -4.53 36.68
C LEU J 18 -40.45 -3.19 36.27
N LYS J 19 -41.77 -3.03 36.42
CA LYS J 19 -42.41 -1.77 36.01
C LYS J 19 -42.12 -0.65 37.00
N GLN J 20 -42.08 -0.94 38.30
CA GLN J 20 -41.73 0.11 39.25
C GLN J 20 -40.24 0.40 39.26
N SER J 21 -39.41 -0.51 38.73
CA SER J 21 -38.01 -0.19 38.54
C SER J 21 -37.83 0.85 37.45
N VAL J 22 -38.67 0.80 36.41
CA VAL J 22 -38.60 1.79 35.35
C VAL J 22 -39.12 3.14 35.82
N GLU J 23 -40.19 3.12 36.61
CA GLU J 23 -40.80 4.39 37.02
C GLU J 23 -40.08 5.04 38.18
N ASP J 24 -39.10 4.38 38.78
CA ASP J 24 -38.17 5.08 39.65
C ASP J 24 -37.07 5.76 38.85
N ILE J 25 -36.79 5.26 37.65
CA ILE J 25 -35.83 5.93 36.77
C ILE J 25 -36.43 7.17 36.16
N LEU J 26 -37.66 7.07 35.65
CA LEU J 26 -38.21 8.11 34.79
C LEU J 26 -38.65 9.34 35.59
N THR J 27 -39.07 9.15 36.84
CA THR J 27 -39.65 10.26 37.59
C THR J 27 -38.70 10.88 38.60
N THR J 28 -37.58 10.22 38.93
CA THR J 28 -36.56 10.90 39.73
C THR J 28 -35.75 11.84 38.86
N PRO J 29 -35.62 13.11 39.25
CA PRO J 29 -34.67 13.98 38.57
C PRO J 29 -33.24 13.63 38.98
N LEU J 30 -32.28 14.19 38.23
CA LEU J 30 -30.88 13.93 38.51
C LEU J 30 -30.43 14.70 39.74
N GLY J 31 -29.67 14.03 40.60
CA GLY J 31 -29.17 14.64 41.81
C GLY J 31 -30.14 14.67 42.97
N SER J 32 -31.35 14.16 42.80
CA SER J 32 -32.31 14.15 43.90
C SER J 32 -31.99 13.05 44.90
N ARG J 33 -31.34 11.97 44.47
CA ARG J 33 -30.98 10.90 45.39
C ARG J 33 -29.79 11.31 46.25
N ARG J 34 -29.67 10.64 47.38
CA ARG J 34 -28.61 10.93 48.33
C ARG J 34 -27.41 10.06 48.02
N MET J 35 -26.26 10.73 47.79
CA MET J 35 -24.96 10.12 47.45
C MET J 35 -24.99 9.35 46.13
N ARG J 36 -26.00 9.58 45.29
CA ARG J 36 -26.09 8.96 43.97
C ARG J 36 -26.54 10.04 43.00
N PRO J 37 -25.62 10.91 42.57
CA PRO J 37 -26.02 12.07 41.77
C PRO J 37 -26.30 11.73 40.31
N GLU J 38 -25.69 10.68 39.79
CA GLU J 38 -25.93 10.26 38.41
C GLU J 38 -27.02 9.20 38.33
N TYR J 39 -28.14 9.48 38.97
CA TYR J 39 -29.30 8.60 38.97
C TYR J 39 -30.53 9.40 38.57
N GLY J 40 -31.36 8.79 37.75
CA GLY J 40 -32.63 9.38 37.37
C GLY J 40 -32.64 9.79 35.91
N SER J 41 -33.64 10.60 35.57
CA SER J 41 -33.87 11.01 34.20
C SER J 41 -33.89 12.53 34.11
N LYS J 42 -33.61 13.03 32.91
CA LYS J 42 -33.85 14.42 32.55
C LYS J 42 -35.26 14.66 32.03
N LEU J 43 -36.20 13.76 32.30
CA LEU J 43 -37.56 13.94 31.84
C LEU J 43 -38.28 15.06 32.58
N ARG J 44 -37.87 15.37 33.81
CA ARG J 44 -38.45 16.52 34.50
C ARG J 44 -38.00 17.82 33.85
N ARG J 45 -36.82 17.82 33.22
CA ARG J 45 -36.44 18.95 32.39
C ARG J 45 -37.23 19.01 31.09
N MET J 46 -37.73 17.89 30.61
CA MET J 46 -38.59 17.87 29.43
C MET J 46 -40.03 18.17 29.76
N VAL J 47 -40.38 18.30 31.05
CA VAL J 47 -41.73 18.67 31.44
C VAL J 47 -41.99 20.11 31.03
N ASP J 48 -43.15 20.31 30.39
CA ASP J 48 -43.67 21.62 29.99
C ASP J 48 -42.75 22.28 28.97
N MET J 49 -42.40 21.51 27.94
CA MET J 49 -41.77 21.93 26.71
C MET J 49 -42.72 21.59 25.58
N PRO J 50 -42.67 22.34 24.47
CA PRO J 50 -43.63 22.09 23.38
C PRO J 50 -43.34 20.78 22.66
N VAL J 51 -44.41 20.05 22.35
CA VAL J 51 -44.28 18.73 21.74
C VAL J 51 -43.99 18.92 20.26
N SER J 52 -42.72 19.02 19.91
CA SER J 52 -42.31 19.04 18.52
C SER J 52 -41.90 17.63 18.11
N GLU J 53 -41.41 17.48 16.89
CA GLU J 53 -40.85 16.22 16.45
C GLU J 53 -39.39 16.05 16.84
N GLY J 54 -38.80 17.06 17.47
CA GLY J 54 -37.48 16.93 18.03
C GLY J 54 -37.55 16.73 19.52
N TRP J 55 -38.69 17.10 20.12
CA TRP J 55 -38.93 16.76 21.51
C TRP J 55 -39.15 15.27 21.67
N LYS J 56 -39.77 14.62 20.68
CA LYS J 56 -40.00 13.19 20.73
C LYS J 56 -38.69 12.42 20.66
N SER J 57 -37.81 12.82 19.76
CA SER J 57 -36.54 12.12 19.59
C SER J 57 -35.55 12.45 20.69
N ALA J 58 -35.77 13.54 21.44
CA ALA J 58 -34.97 13.82 22.60
C ALA J 58 -35.45 13.09 23.85
N VAL J 59 -36.71 12.68 23.87
CA VAL J 59 -37.19 11.83 24.96
C VAL J 59 -36.79 10.38 24.74
N GLN J 60 -36.84 9.90 23.48
CA GLN J 60 -36.34 8.56 23.16
C GLN J 60 -34.86 8.43 23.45
N ALA J 61 -34.10 9.49 23.19
CA ALA J 61 -32.66 9.47 23.43
C ALA J 61 -32.30 9.66 24.88
N GLU J 62 -33.24 10.06 25.73
CA GLU J 62 -32.95 10.27 27.13
C GLU J 62 -33.51 9.19 28.02
N VAL J 63 -34.65 8.60 27.64
CA VAL J 63 -35.12 7.39 28.30
C VAL J 63 -34.15 6.24 28.06
N ALA J 64 -33.56 6.18 26.86
CA ALA J 64 -32.60 5.13 26.54
C ALA J 64 -31.29 5.29 27.30
N ARG J 65 -30.90 6.53 27.60
CA ARG J 65 -29.73 6.74 28.45
C ARG J 65 -30.02 6.33 29.87
N SER J 66 -31.13 6.82 30.45
CA SER J 66 -31.40 6.63 31.86
C SER J 66 -31.79 5.20 32.18
N LEU J 67 -32.45 4.51 31.25
CA LEU J 67 -32.68 3.09 31.45
C LEU J 67 -31.44 2.25 31.13
N GLY J 68 -30.55 2.76 30.27
CA GLY J 68 -29.31 2.07 30.01
C GLY J 68 -28.35 2.07 31.17
N ARG J 69 -28.48 3.02 32.09
CA ARG J 69 -27.61 3.07 33.26
C ARG J 69 -28.06 2.06 34.31
N TRP J 70 -29.29 2.20 34.80
CA TRP J 70 -29.74 1.51 35.99
C TRP J 70 -30.88 0.53 35.72
N GLU J 71 -31.02 0.06 34.48
CA GLU J 71 -32.01 -0.96 34.15
C GLU J 71 -31.47 -1.81 33.01
N PRO J 72 -30.55 -2.74 33.29
CA PRO J 72 -29.95 -3.53 32.21
C PRO J 72 -30.84 -4.63 31.69
N ARG J 73 -31.88 -5.01 32.43
CA ARG J 73 -32.76 -6.10 32.05
C ARG J 73 -33.93 -5.64 31.17
N ILE J 74 -33.84 -4.46 30.58
CA ILE J 74 -34.85 -3.92 29.68
C ILE J 74 -34.17 -3.39 28.44
N GLY J 75 -34.53 -3.93 27.28
CA GLY J 75 -34.09 -3.37 26.02
C GLY J 75 -35.16 -2.47 25.44
N LEU J 76 -34.88 -1.17 25.37
CA LEU J 76 -35.87 -0.20 24.93
C LEU J 76 -36.12 -0.32 23.43
N SER J 77 -37.40 -0.34 23.05
CA SER J 77 -37.78 -0.44 21.65
C SER J 77 -38.15 0.91 21.04
N ALA J 78 -39.15 1.59 21.60
CA ALA J 78 -39.62 2.86 21.05
C ALA J 78 -40.42 3.61 22.11
N VAL J 79 -40.49 4.93 21.92
CA VAL J 79 -41.35 5.81 22.71
C VAL J 79 -42.20 6.59 21.71
N ARG J 80 -43.52 6.50 21.84
CA ARG J 80 -44.43 7.08 20.86
C ARG J 80 -45.49 7.93 21.53
N VAL J 81 -45.72 9.12 20.96
CA VAL J 81 -46.89 9.92 21.32
C VAL J 81 -48.14 9.25 20.77
N VAL J 82 -49.09 8.94 21.64
CA VAL J 82 -50.32 8.28 21.20
C VAL J 82 -51.56 9.17 21.35
N ALA J 83 -51.53 10.19 22.19
CA ALA J 83 -52.65 11.12 22.30
C ALA J 83 -52.14 12.46 22.81
N VAL J 84 -52.93 13.50 22.58
CA VAL J 84 -52.68 14.84 23.11
C VAL J 84 -54.00 15.41 23.58
N VAL J 85 -54.09 15.75 24.87
CA VAL J 85 -55.20 16.52 25.42
C VAL J 85 -54.45 17.75 25.93
N ASP J 86 -55.13 18.68 26.59
CA ASP J 86 -54.52 19.96 26.97
C ASP J 86 -53.37 19.78 27.96
N GLY J 87 -52.15 19.84 27.43
CA GLY J 87 -50.97 19.63 28.22
C GLY J 87 -50.57 18.18 28.40
N ARG J 88 -51.55 17.30 28.57
CA ARG J 88 -51.26 15.91 28.91
C ARG J 88 -50.93 15.10 27.66
N VAL J 89 -49.63 15.02 27.33
CA VAL J 89 -49.18 14.08 26.33
C VAL J 89 -48.97 12.73 27.01
N ASP J 90 -49.12 11.64 26.27
CA ASP J 90 -48.96 10.34 26.88
C ASP J 90 -48.19 9.41 25.95
N LEU J 91 -47.24 8.69 26.53
CA LEU J 91 -46.18 8.02 25.80
C LEU J 91 -46.22 6.53 26.06
N LEU J 92 -46.33 5.74 25.00
CA LEU J 92 -46.36 4.29 25.08
C LEU J 92 -44.91 3.80 25.16
N LEU J 93 -44.43 3.60 26.37
CA LEU J 93 -43.07 3.13 26.61
C LEU J 93 -43.03 1.64 26.33
N SER J 94 -42.59 1.27 25.13
CA SER J 94 -42.54 -0.12 24.72
C SER J 94 -41.09 -0.58 24.66
N GLY J 95 -40.84 -1.78 25.19
CA GLY J 95 -39.50 -2.33 25.19
C GLY J 95 -39.52 -3.82 25.45
N VAL J 96 -38.59 -4.53 24.83
CA VAL J 96 -38.48 -5.96 25.01
C VAL J 96 -37.80 -6.24 26.34
N PHE J 97 -37.89 -7.48 26.81
CA PHE J 97 -37.34 -7.88 28.11
C PHE J 97 -36.12 -8.75 27.90
N GLU J 98 -35.06 -8.45 28.65
CA GLU J 98 -33.82 -9.20 28.61
C GLU J 98 -33.47 -9.65 30.03
N GLY J 99 -32.31 -10.28 30.17
CA GLY J 99 -31.82 -10.72 31.46
C GLY J 99 -32.48 -11.96 32.01
N MET K 1 52.07 0.61 -18.09
CA MET K 1 52.57 -0.75 -18.20
C MET K 1 53.47 -0.91 -19.43
N ILE K 2 54.59 -1.59 -19.22
CA ILE K 2 55.62 -1.75 -20.24
C ILE K 2 55.65 -3.20 -20.68
N GLY K 3 55.34 -3.45 -21.95
CA GLY K 3 55.44 -4.77 -22.52
C GLY K 3 56.37 -4.76 -23.71
N MET K 4 56.53 -5.93 -24.32
CA MET K 4 57.36 -6.02 -25.53
C MET K 4 56.48 -6.18 -26.75
N ASP K 5 57.03 -5.77 -27.90
CA ASP K 5 56.33 -5.89 -29.17
C ASP K 5 56.30 -7.35 -29.59
N ARG K 6 55.27 -7.68 -30.39
CA ARG K 6 55.13 -9.05 -30.88
C ARG K 6 56.23 -9.39 -31.89
N ARG K 7 56.33 -8.60 -32.94
CA ARG K 7 57.48 -8.69 -33.82
C ARG K 7 58.59 -7.78 -33.33
N SER K 8 59.83 -8.14 -33.70
CA SER K 8 61.07 -7.39 -33.48
C SER K 8 61.51 -7.26 -32.03
N GLY K 9 60.71 -7.75 -31.08
CA GLY K 9 61.12 -7.88 -29.70
C GLY K 9 61.37 -6.61 -28.92
N LEU K 10 61.00 -5.46 -29.45
CA LEU K 10 61.37 -4.23 -28.76
C LEU K 10 60.36 -3.90 -27.67
N PRO K 11 60.83 -3.47 -26.49
CA PRO K 11 59.92 -3.09 -25.41
C PRO K 11 59.28 -1.74 -25.66
N LEU K 12 57.99 -1.74 -25.97
CA LEU K 12 57.21 -0.52 -26.17
C LEU K 12 56.05 -0.48 -25.20
N SER K 13 55.80 0.70 -24.63
CA SER K 13 55.08 0.82 -23.36
C SER K 13 53.75 1.56 -23.48
N GLY K 14 53.75 2.79 -23.96
CA GLY K 14 52.63 3.68 -23.74
C GLY K 14 51.35 3.39 -24.47
N LEU K 15 51.35 3.58 -25.78
CA LEU K 15 50.15 3.43 -26.58
C LEU K 15 50.32 2.51 -27.77
N ALA K 16 51.54 2.23 -28.21
CA ALA K 16 51.75 1.15 -29.16
C ALA K 16 51.49 -0.19 -28.52
N HIS K 17 51.76 -0.32 -27.22
CA HIS K 17 51.37 -1.51 -26.49
C HIS K 17 49.86 -1.59 -26.32
N LEU K 18 49.20 -0.44 -26.29
CA LEU K 18 47.74 -0.42 -26.18
C LEU K 18 47.09 -0.97 -27.44
N LYS K 19 47.65 -0.66 -28.62
CA LYS K 19 47.07 -1.12 -29.87
C LYS K 19 47.32 -2.60 -30.10
N GLN K 20 48.50 -3.10 -29.75
CA GLN K 20 48.74 -4.53 -29.89
C GLN K 20 48.07 -5.34 -28.80
N SER K 21 47.68 -4.70 -27.70
CA SER K 21 46.86 -5.39 -26.71
C SER K 21 45.46 -5.65 -27.25
N VAL K 22 44.93 -4.73 -28.07
CA VAL K 22 43.62 -4.92 -28.67
C VAL K 22 43.69 -5.97 -29.77
N GLU K 23 44.75 -5.97 -30.55
CA GLU K 23 44.82 -6.88 -31.68
C GLU K 23 45.25 -8.28 -31.29
N ASP K 24 45.65 -8.49 -30.03
CA ASP K 24 45.74 -9.85 -29.53
C ASP K 24 44.38 -10.36 -29.06
N ILE K 25 43.46 -9.45 -28.72
CA ILE K 25 42.10 -9.85 -28.38
C ILE K 25 41.32 -10.22 -29.63
N LEU K 26 41.42 -9.39 -30.66
CA LEU K 26 40.49 -9.48 -31.79
C LEU K 26 40.84 -10.65 -32.71
N THR K 27 42.11 -11.02 -32.80
CA THR K 27 42.52 -12.01 -33.78
C THR K 27 42.75 -13.40 -33.19
N THR K 28 42.86 -13.53 -31.87
CA THR K 28 42.87 -14.87 -31.27
C THR K 28 41.45 -15.43 -31.20
N PRO K 29 41.21 -16.63 -31.73
CA PRO K 29 39.94 -17.29 -31.47
C PRO K 29 39.87 -17.81 -30.04
N LEU K 30 38.66 -18.19 -29.64
CA LEU K 30 38.47 -18.71 -28.29
C LEU K 30 39.01 -20.13 -28.17
N GLY K 31 39.71 -20.38 -27.07
CA GLY K 31 40.27 -21.68 -26.82
C GLY K 31 41.60 -21.95 -27.49
N SER K 32 42.12 -21.00 -28.25
CA SER K 32 43.41 -21.20 -28.90
C SER K 32 44.57 -21.05 -27.93
N ARG K 33 44.40 -20.27 -26.87
CA ARG K 33 45.44 -20.10 -25.87
C ARG K 33 45.54 -21.34 -24.99
N ARG K 34 46.71 -21.50 -24.39
CA ARG K 34 46.97 -22.65 -23.53
C ARG K 34 46.60 -22.31 -22.10
N MET K 35 45.70 -23.12 -21.52
CA MET K 35 45.17 -23.00 -20.17
C MET K 35 44.40 -21.71 -19.94
N ARG K 36 43.99 -21.04 -21.02
CA ARG K 36 43.17 -19.82 -20.94
C ARG K 36 42.10 -19.93 -22.01
N PRO K 37 41.05 -20.71 -21.76
CA PRO K 37 40.07 -20.98 -22.83
C PRO K 37 39.10 -19.84 -23.06
N GLU K 38 38.83 -19.01 -22.04
CA GLU K 38 37.95 -17.87 -22.21
C GLU K 38 38.72 -16.60 -22.56
N TYR K 39 39.57 -16.72 -23.57
CA TYR K 39 40.36 -15.61 -24.07
C TYR K 39 40.18 -15.50 -25.56
N GLY K 40 40.06 -14.27 -26.05
CA GLY K 40 39.99 -14.02 -27.47
C GLY K 40 38.62 -13.53 -27.89
N SER K 41 38.40 -13.55 -29.20
CA SER K 41 37.17 -13.05 -29.79
C SER K 41 36.50 -14.12 -30.62
N LYS K 42 35.20 -13.94 -30.82
CA LYS K 42 34.43 -14.70 -31.80
C LYS K 42 34.45 -14.04 -33.18
N LEU K 43 35.39 -13.15 -33.44
CA LEU K 43 35.46 -12.50 -34.74
C LEU K 43 35.90 -13.45 -35.84
N ARG K 44 36.64 -14.50 -35.50
CA ARG K 44 36.98 -15.51 -36.51
C ARG K 44 35.75 -16.30 -36.91
N ARG K 45 34.77 -16.43 -36.01
CA ARG K 45 33.48 -16.98 -36.39
C ARG K 45 32.68 -16.01 -37.26
N MET K 46 32.92 -14.72 -37.15
CA MET K 46 32.27 -13.73 -38.00
C MET K 46 32.98 -13.56 -39.33
N VAL K 47 34.13 -14.22 -39.52
CA VAL K 47 34.83 -14.17 -40.79
C VAL K 47 34.02 -14.92 -41.83
N ASP K 48 33.84 -14.27 -42.99
CA ASP K 48 33.19 -14.83 -44.18
C ASP K 48 31.72 -15.14 -43.88
N MET K 49 31.04 -14.15 -43.32
CA MET K 49 29.61 -14.05 -43.18
C MET K 49 29.16 -12.81 -43.93
N PRO K 50 27.91 -12.79 -44.44
CA PRO K 50 27.47 -11.64 -45.24
C PRO K 50 27.29 -10.39 -44.40
N VAL K 51 27.73 -9.25 -44.93
CA VAL K 51 27.69 -8.00 -44.19
C VAL K 51 26.28 -7.46 -44.25
N SER K 52 25.46 -7.84 -43.29
CA SER K 52 24.13 -7.28 -43.13
C SER K 52 24.21 -6.17 -42.09
N GLU K 53 23.06 -5.59 -41.75
CA GLU K 53 22.98 -4.63 -40.67
C GLU K 53 22.81 -5.29 -39.31
N GLY K 54 22.70 -6.62 -39.28
CA GLY K 54 22.72 -7.34 -38.03
C GLY K 54 24.08 -7.96 -37.79
N TRP K 55 24.86 -8.11 -38.86
CA TRP K 55 26.25 -8.51 -38.71
C TRP K 55 27.06 -7.40 -38.08
N LYS K 56 26.73 -6.14 -38.38
CA LYS K 56 27.43 -5.00 -37.80
C LYS K 56 27.18 -4.91 -36.31
N SER K 57 25.92 -5.07 -35.90
CA SER K 57 25.58 -4.96 -34.49
C SER K 57 25.99 -6.19 -33.69
N ALA K 58 26.27 -7.31 -34.36
CA ALA K 58 26.81 -8.47 -33.69
C ALA K 58 28.32 -8.41 -33.54
N VAL K 59 29.00 -7.60 -34.37
CA VAL K 59 30.43 -7.38 -34.19
C VAL K 59 30.66 -6.34 -33.10
N GLN K 60 29.83 -5.28 -33.04
CA GLN K 60 29.91 -4.30 -31.96
C GLN K 60 29.63 -4.94 -30.61
N ALA K 61 28.71 -5.89 -30.57
CA ALA K 61 28.35 -6.56 -29.33
C ALA K 61 29.35 -7.64 -28.95
N GLU K 62 30.26 -8.02 -29.84
CA GLU K 62 31.23 -9.05 -29.53
C GLU K 62 32.62 -8.49 -29.31
N VAL K 63 32.98 -7.40 -29.99
CA VAL K 63 34.19 -6.66 -29.66
C VAL K 63 34.07 -6.06 -28.26
N ALA K 64 32.88 -5.61 -27.89
CA ALA K 64 32.66 -5.03 -26.57
C ALA K 64 32.73 -6.08 -25.46
N ARG K 65 32.33 -7.32 -25.76
CA ARG K 65 32.51 -8.38 -24.78
C ARG K 65 33.98 -8.73 -24.62
N SER K 66 34.67 -8.97 -25.74
CA SER K 66 36.03 -9.48 -25.67
C SER K 66 37.02 -8.43 -25.20
N LEU K 67 36.77 -7.15 -25.51
CA LEU K 67 37.60 -6.12 -24.91
C LEU K 67 37.18 -5.81 -23.48
N GLY K 68 35.92 -6.08 -23.12
CA GLY K 68 35.51 -5.91 -21.74
C GLY K 68 36.11 -6.91 -20.78
N ARG K 69 36.56 -8.06 -21.29
CA ARG K 69 37.18 -9.07 -20.43
C ARG K 69 38.63 -8.71 -20.14
N TRP K 70 39.44 -8.59 -21.19
CA TRP K 70 40.89 -8.53 -21.03
C TRP K 70 41.48 -7.22 -21.50
N GLU K 71 40.70 -6.14 -21.52
CA GLU K 71 41.21 -4.81 -21.85
C GLU K 71 40.39 -3.78 -21.09
N PRO K 72 40.65 -3.60 -19.79
CA PRO K 72 39.83 -2.67 -19.01
C PRO K 72 40.18 -1.22 -19.23
N ARG K 73 41.34 -0.92 -19.80
CA ARG K 73 41.79 0.44 -20.01
C ARG K 73 41.33 1.03 -21.33
N ILE K 74 40.33 0.43 -21.97
CA ILE K 74 39.75 0.92 -23.22
C ILE K 74 38.23 0.91 -23.09
N GLY K 75 37.63 2.08 -23.25
CA GLY K 75 36.18 2.17 -23.35
C GLY K 75 35.76 2.23 -24.80
N LEU K 76 35.07 1.20 -25.26
CA LEU K 76 34.70 1.10 -26.67
C LEU K 76 33.59 2.08 -27.01
N SER K 77 33.77 2.81 -28.11
CA SER K 77 32.79 3.80 -28.56
C SER K 77 31.88 3.26 -29.66
N ALA K 78 32.46 2.84 -30.79
CA ALA K 78 31.67 2.38 -31.93
C ALA K 78 32.56 1.56 -32.86
N VAL K 79 31.90 0.71 -33.65
CA VAL K 79 32.54 -0.02 -34.74
C VAL K 79 31.72 0.24 -36.00
N ARG K 80 32.37 0.77 -37.04
CA ARG K 80 31.67 1.23 -38.22
C ARG K 80 32.29 0.65 -39.49
N VAL K 81 31.44 0.16 -40.39
CA VAL K 81 31.87 -0.18 -41.73
C VAL K 81 32.14 1.11 -42.50
N VAL K 82 33.35 1.25 -43.02
CA VAL K 82 33.73 2.46 -43.75
C VAL K 82 33.97 2.21 -45.23
N ALA K 83 34.25 0.97 -45.65
CA ALA K 83 34.40 0.67 -47.07
C ALA K 83 34.10 -0.81 -47.29
N VAL K 84 33.79 -1.15 -48.54
CA VAL K 84 33.61 -2.53 -48.97
C VAL K 84 34.28 -2.69 -50.33
N VAL K 85 35.25 -3.60 -50.42
CA VAL K 85 35.83 -4.04 -51.67
C VAL K 85 35.47 -5.52 -51.64
N ASP K 86 35.92 -6.30 -52.63
CA ASP K 86 35.48 -7.70 -52.75
C ASP K 86 35.95 -8.55 -51.57
N GLY K 87 35.00 -8.79 -50.65
CA GLY K 87 35.30 -9.53 -49.44
C GLY K 87 35.87 -8.69 -48.32
N ARG K 88 36.75 -7.75 -48.64
CA ARG K 88 37.46 -6.99 -47.62
C ARG K 88 36.61 -5.86 -47.06
N VAL K 89 35.88 -6.13 -45.99
CA VAL K 89 35.25 -5.06 -45.23
C VAL K 89 36.29 -4.51 -44.24
N ASP K 90 36.15 -3.25 -43.89
CA ASP K 90 37.12 -2.66 -42.98
C ASP K 90 36.43 -1.76 -41.95
N LEU K 91 36.83 -1.92 -40.70
CA LEU K 91 36.08 -1.45 -39.55
C LEU K 91 36.91 -0.45 -38.76
N LEU K 92 36.37 0.74 -38.57
CA LEU K 92 37.04 1.79 -37.81
C LEU K 92 36.75 1.55 -36.33
N LEU K 93 37.65 0.85 -35.67
CA LEU K 93 37.51 0.54 -34.24
C LEU K 93 37.87 1.79 -33.45
N SER K 94 36.85 2.53 -33.03
CA SER K 94 37.03 3.78 -32.30
C SER K 94 36.63 3.57 -30.85
N GLY K 95 37.44 4.09 -29.94
CA GLY K 95 37.15 3.97 -28.53
C GLY K 95 37.96 4.95 -27.73
N VAL K 96 37.37 5.45 -26.64
CA VAL K 96 38.06 6.38 -25.76
C VAL K 96 39.03 5.60 -24.88
N PHE K 97 39.95 6.31 -24.23
CA PHE K 97 40.96 5.69 -23.40
C PHE K 97 40.68 5.97 -21.94
N GLU K 98 40.78 4.94 -21.11
CA GLU K 98 40.58 5.03 -19.67
C GLU K 98 41.80 4.45 -18.96
N GLY K 99 41.72 4.40 -17.64
CA GLY K 99 42.79 3.83 -16.83
C GLY K 99 43.99 4.73 -16.64
N MET L 1 25.04 -44.99 -19.59
CA MET L 1 24.55 -46.17 -18.88
C MET L 1 24.42 -47.36 -19.82
N ILE L 2 24.89 -48.52 -19.36
CA ILE L 2 24.95 -49.73 -20.16
C ILE L 2 23.94 -50.71 -19.60
N GLY L 3 22.94 -51.07 -20.42
CA GLY L 3 21.98 -52.09 -20.07
C GLY L 3 21.99 -53.20 -21.09
N MET L 4 21.14 -54.19 -20.86
CA MET L 4 21.01 -55.28 -21.82
C MET L 4 19.71 -55.15 -22.60
N ASP L 5 19.72 -55.72 -23.81
CA ASP L 5 18.54 -55.71 -24.65
C ASP L 5 17.48 -56.65 -24.08
N ARG L 6 16.22 -56.36 -24.40
CA ARG L 6 15.12 -57.19 -23.94
C ARG L 6 15.13 -58.55 -24.61
N ARG L 7 15.10 -58.55 -25.95
CA ARG L 7 15.34 -59.78 -26.69
C ARG L 7 16.83 -59.93 -26.97
N SER L 8 17.25 -61.19 -27.14
CA SER L 8 18.59 -61.62 -27.56
C SER L 8 19.71 -61.36 -26.55
N GLY L 9 19.39 -60.71 -25.42
CA GLY L 9 20.30 -60.61 -24.30
C GLY L 9 21.57 -59.81 -24.50
N LEU L 10 21.69 -59.07 -25.58
CA LEU L 10 22.96 -58.41 -25.85
C LEU L 10 23.05 -57.09 -25.09
N PRO L 11 24.19 -56.79 -24.48
CA PRO L 11 24.35 -55.52 -23.77
C PRO L 11 24.57 -54.36 -24.74
N LEU L 12 23.56 -53.50 -24.87
CA LEU L 12 23.62 -52.31 -25.70
C LEU L 12 23.38 -51.06 -24.85
N SER L 13 24.17 -50.02 -25.11
CA SER L 13 24.40 -48.97 -24.12
C SER L 13 23.88 -47.60 -24.54
N GLY L 14 24.32 -47.07 -25.68
CA GLY L 14 24.20 -45.66 -25.94
C GLY L 14 22.81 -45.11 -26.21
N LEU L 15 22.24 -45.49 -27.35
CA LEU L 15 20.97 -44.93 -27.79
C LEU L 15 19.95 -46.00 -28.16
N ALA L 16 20.37 -47.23 -28.44
CA ALA L 16 19.42 -48.32 -28.55
C ALA L 16 18.84 -48.67 -27.20
N HIS L 17 19.63 -48.47 -26.12
CA HIS L 17 19.08 -48.60 -24.78
C HIS L 17 18.14 -47.46 -24.46
N LEU L 18 18.35 -46.30 -25.07
CA LEU L 18 17.46 -45.16 -24.87
C LEU L 18 16.08 -45.42 -25.45
N LYS L 19 16.02 -46.08 -26.62
CA LYS L 19 14.73 -46.33 -27.26
C LYS L 19 13.96 -47.44 -26.56
N GLN L 20 14.64 -48.48 -26.08
CA GLN L 20 13.94 -49.52 -25.34
C GLN L 20 13.61 -49.08 -23.92
N SER L 21 14.28 -48.05 -23.41
CA SER L 21 13.87 -47.47 -22.14
C SER L 21 12.52 -46.77 -22.27
N VAL L 22 12.27 -46.14 -23.43
CA VAL L 22 11.00 -45.47 -23.65
C VAL L 22 9.89 -46.50 -23.88
N GLU L 23 10.19 -47.57 -24.59
CA GLU L 23 9.15 -48.53 -24.91
C GLU L 23 8.87 -49.50 -23.78
N ASP L 24 9.64 -49.47 -22.70
CA ASP L 24 9.21 -50.13 -21.48
C ASP L 24 8.29 -49.23 -20.68
N ILE L 25 8.36 -47.92 -20.89
CA ILE L 25 7.42 -47.01 -20.24
C ILE L 25 6.07 -47.07 -20.92
N LEU L 26 6.06 -47.03 -22.25
CA LEU L 26 4.81 -46.79 -22.99
C LEU L 26 3.93 -48.02 -23.02
N THR L 27 4.50 -49.22 -22.99
CA THR L 27 3.71 -50.42 -23.17
C THR L 27 3.41 -51.17 -21.88
N THR L 28 4.08 -50.86 -20.78
CA THR L 28 3.67 -51.40 -19.49
C THR L 28 2.45 -50.64 -18.96
N PRO L 29 1.38 -51.31 -18.61
CA PRO L 29 0.30 -50.65 -17.88
C PRO L 29 0.71 -50.39 -16.44
N LEU L 30 -0.09 -49.56 -15.76
CA LEU L 30 0.19 -49.23 -14.38
C LEU L 30 -0.17 -50.39 -13.47
N GLY L 31 0.70 -50.67 -12.51
CA GLY L 31 0.48 -51.73 -11.57
C GLY L 31 0.86 -53.11 -12.05
N SER L 32 1.34 -53.24 -13.29
CA SER L 32 1.74 -54.55 -13.79
C SER L 32 3.08 -54.99 -13.24
N ARG L 33 3.94 -54.04 -12.88
CA ARG L 33 5.23 -54.39 -12.29
C ARG L 33 5.07 -54.84 -10.86
N ARG L 34 6.05 -55.59 -10.38
CA ARG L 34 6.04 -56.14 -9.04
C ARG L 34 6.72 -55.17 -8.09
N MET L 35 5.98 -54.75 -7.06
CA MET L 35 6.39 -53.80 -6.02
C MET L 35 6.71 -52.42 -6.56
N ARG L 36 6.27 -52.12 -7.78
CA ARG L 36 6.44 -50.80 -8.39
C ARG L 36 5.13 -50.43 -9.06
N PRO L 37 4.13 -49.99 -8.29
CA PRO L 37 2.80 -49.79 -8.85
C PRO L 37 2.67 -48.49 -9.65
N GLU L 38 3.47 -47.48 -9.34
CA GLU L 38 3.45 -46.22 -10.08
C GLU L 38 4.47 -46.22 -11.22
N TYR L 39 4.45 -47.29 -12.01
CA TYR L 39 5.32 -47.42 -13.16
C TYR L 39 4.50 -47.76 -14.39
N GLY L 40 4.84 -47.15 -15.51
CA GLY L 40 4.21 -47.44 -16.77
C GLY L 40 3.36 -46.29 -17.26
N SER L 41 2.53 -46.59 -18.25
CA SER L 41 1.71 -45.60 -18.92
C SER L 41 0.24 -46.00 -18.84
N LYS L 42 -0.63 -44.98 -18.97
CA LYS L 42 -2.05 -45.18 -19.20
C LYS L 42 -2.38 -45.30 -20.69
N LEU L 43 -1.40 -45.61 -21.53
CA LEU L 43 -1.67 -45.75 -22.96
C LEU L 43 -2.47 -47.00 -23.27
N ARG L 44 -2.39 -48.03 -22.43
CA ARG L 44 -3.24 -49.19 -22.64
C ARG L 44 -4.70 -48.86 -22.35
N ARG L 45 -4.94 -47.88 -21.48
CA ARG L 45 -6.29 -47.35 -21.31
C ARG L 45 -6.73 -46.52 -22.51
N MET L 46 -5.80 -45.94 -23.24
CA MET L 46 -6.12 -45.19 -24.45
C MET L 46 -6.24 -46.10 -25.67
N VAL L 47 -5.96 -47.39 -25.51
CA VAL L 47 -6.12 -48.34 -26.60
C VAL L 47 -7.60 -48.51 -26.89
N ASP L 48 -7.97 -48.42 -28.17
CA ASP L 48 -9.30 -48.66 -28.69
C ASP L 48 -10.29 -47.63 -28.13
N MET L 49 -9.90 -46.37 -28.24
CA MET L 49 -10.70 -45.19 -28.04
C MET L 49 -10.71 -44.42 -29.36
N PRO L 50 -11.75 -43.65 -29.65
CA PRO L 50 -11.83 -42.96 -30.94
C PRO L 50 -10.83 -41.82 -31.04
N VAL L 51 -10.19 -41.70 -32.20
CA VAL L 51 -9.13 -40.71 -32.38
C VAL L 51 -9.80 -39.37 -32.63
N SER L 52 -10.05 -38.64 -31.56
CA SER L 52 -10.52 -37.27 -31.67
C SER L 52 -9.33 -36.33 -31.53
N GLU L 53 -9.59 -35.03 -31.52
CA GLU L 53 -8.56 -34.05 -31.25
C GLU L 53 -8.33 -33.82 -29.77
N GLY L 54 -9.11 -34.47 -28.91
CA GLY L 54 -8.86 -34.45 -27.49
C GLY L 54 -8.19 -35.74 -27.06
N TRP L 55 -8.32 -36.78 -27.88
CA TRP L 55 -7.55 -37.99 -27.65
C TRP L 55 -6.07 -37.75 -27.91
N LYS L 56 -5.75 -36.91 -28.90
CA LYS L 56 -4.36 -36.59 -29.21
C LYS L 56 -3.71 -35.82 -28.06
N SER L 57 -4.41 -34.82 -27.53
CA SER L 57 -3.84 -34.02 -26.46
C SER L 57 -3.85 -34.74 -25.12
N ALA L 58 -4.63 -35.81 -24.98
CA ALA L 58 -4.57 -36.64 -23.79
C ALA L 58 -3.47 -37.68 -23.87
N VAL L 59 -3.01 -38.03 -25.07
CA VAL L 59 -1.85 -38.90 -25.20
C VAL L 59 -0.56 -38.11 -25.01
N GLN L 60 -0.50 -36.88 -25.54
CA GLN L 60 0.65 -36.00 -25.31
C GLN L 60 0.81 -35.68 -23.83
N ALA L 61 -0.30 -35.50 -23.12
CA ALA L 61 -0.27 -35.19 -21.70
C ALA L 61 -0.01 -36.40 -20.83
N GLU L 62 -0.09 -37.61 -21.38
CA GLU L 62 0.15 -38.81 -20.60
C GLU L 62 1.49 -39.46 -20.91
N VAL L 63 1.97 -39.35 -22.14
CA VAL L 63 3.34 -39.73 -22.45
C VAL L 63 4.31 -38.82 -21.71
N ALA L 64 3.97 -37.54 -21.59
CA ALA L 64 4.84 -36.59 -20.89
C ALA L 64 4.86 -36.84 -19.40
N ARG L 65 3.77 -37.34 -18.82
CA ARG L 65 3.79 -37.74 -17.42
C ARG L 65 4.65 -38.97 -17.22
N SER L 66 4.39 -40.01 -18.01
CA SER L 66 5.04 -41.30 -17.77
C SER L 66 6.51 -41.28 -18.15
N LEU L 67 6.90 -40.50 -19.15
CA LEU L 67 8.32 -40.32 -19.40
C LEU L 67 8.96 -39.34 -18.43
N GLY L 68 8.17 -38.41 -17.86
CA GLY L 68 8.70 -37.52 -16.84
C GLY L 68 9.04 -38.20 -15.54
N ARG L 69 8.42 -39.35 -15.27
CA ARG L 69 8.72 -40.09 -14.04
C ARG L 69 10.02 -40.87 -14.16
N TRP L 70 10.08 -41.78 -15.13
CA TRP L 70 11.14 -42.78 -15.19
C TRP L 70 12.01 -42.65 -16.42
N GLU L 71 12.09 -41.46 -17.03
CA GLU L 71 12.98 -41.20 -18.15
C GLU L 71 13.41 -39.74 -18.12
N PRO L 72 14.34 -39.39 -17.23
CA PRO L 72 14.72 -37.98 -17.11
C PRO L 72 15.64 -37.50 -18.22
N ARG L 73 16.28 -38.40 -18.96
CA ARG L 73 17.22 -38.05 -20.00
C ARG L 73 16.56 -37.84 -21.36
N ILE L 74 15.24 -37.65 -21.39
CA ILE L 74 14.49 -37.38 -22.61
C ILE L 74 13.56 -36.21 -22.36
N GLY L 75 13.73 -35.14 -23.15
CA GLY L 75 12.78 -34.04 -23.14
C GLY L 75 11.79 -34.21 -24.27
N LEU L 76 10.52 -34.43 -23.93
CA LEU L 76 9.50 -34.70 -24.94
C LEU L 76 9.15 -33.44 -25.71
N SER L 77 9.09 -33.55 -27.04
CA SER L 77 8.77 -32.42 -27.90
C SER L 77 7.30 -32.44 -28.34
N ALA L 78 6.88 -33.49 -29.01
CA ALA L 78 5.52 -33.56 -29.55
C ALA L 78 5.17 -35.01 -29.87
N VAL L 79 3.87 -35.28 -29.90
CA VAL L 79 3.31 -36.55 -30.35
C VAL L 79 2.28 -36.22 -31.43
N ARG L 80 2.46 -36.78 -32.63
CA ARG L 80 1.64 -36.41 -33.77
C ARG L 80 1.08 -37.65 -34.46
N VAL L 81 -0.21 -37.60 -34.78
CA VAL L 81 -0.82 -38.59 -35.67
C VAL L 81 -0.31 -38.33 -37.09
N VAL L 82 0.30 -39.35 -37.70
CA VAL L 82 0.83 -39.20 -39.04
C VAL L 82 0.08 -40.04 -40.08
N ALA L 83 -0.63 -41.10 -39.66
CA ALA L 83 -1.43 -41.88 -40.60
C ALA L 83 -2.56 -42.55 -39.84
N VAL L 84 -3.58 -42.96 -40.58
CA VAL L 84 -4.69 -43.75 -40.05
C VAL L 84 -5.05 -44.81 -41.08
N VAL L 85 -4.95 -46.08 -40.68
CA VAL L 85 -5.46 -47.20 -41.45
C VAL L 85 -6.50 -47.76 -40.48
N ASP L 86 -7.16 -48.88 -40.82
CA ASP L 86 -8.27 -49.38 -40.01
C ASP L 86 -7.83 -49.79 -38.61
N GLY L 87 -8.11 -48.90 -37.65
CA GLY L 87 -7.70 -49.11 -36.27
C GLY L 87 -6.28 -48.68 -35.97
N ARG L 88 -5.36 -48.91 -36.88
CA ARG L 88 -3.94 -48.67 -36.62
C ARG L 88 -3.59 -47.20 -36.80
N VAL L 89 -3.66 -46.44 -35.72
CA VAL L 89 -3.09 -45.09 -35.72
C VAL L 89 -1.60 -45.21 -35.39
N ASP L 90 -0.81 -44.27 -35.88
CA ASP L 90 0.62 -44.35 -35.62
C ASP L 90 1.19 -42.97 -35.30
N LEU L 91 2.01 -42.92 -34.27
CA LEU L 91 2.36 -41.68 -33.58
C LEU L 91 3.87 -41.48 -33.65
N LEU L 92 4.28 -40.34 -34.19
CA LEU L 92 5.69 -39.97 -34.30
C LEU L 92 6.12 -39.38 -32.97
N LEU L 93 6.67 -40.21 -32.11
CA LEU L 93 7.14 -39.78 -30.79
C LEU L 93 8.46 -39.07 -30.98
N SER L 94 8.43 -37.74 -31.01
CA SER L 94 9.61 -36.92 -31.22
C SER L 94 9.98 -36.22 -29.93
N GLY L 95 11.27 -36.23 -29.60
CA GLY L 95 11.74 -35.58 -28.39
C GLY L 95 13.23 -35.36 -28.45
N VAL L 96 13.67 -34.26 -27.86
CA VAL L 96 15.10 -33.94 -27.80
C VAL L 96 15.75 -34.79 -26.72
N PHE L 97 17.07 -34.85 -26.74
CA PHE L 97 17.84 -35.67 -25.80
C PHE L 97 18.55 -34.79 -24.80
N GLU L 98 18.47 -35.16 -23.53
CA GLU L 98 19.13 -34.45 -22.44
C GLU L 98 19.98 -35.44 -21.65
N GLY L 99 20.58 -34.95 -20.57
CA GLY L 99 21.38 -35.78 -19.69
C GLY L 99 22.76 -36.11 -20.22
N THR M 3 55.91 6.69 -11.72
CA THR M 3 55.03 7.71 -12.27
C THR M 3 55.79 9.01 -12.48
N THR M 4 56.78 8.98 -13.35
CA THR M 4 57.63 10.14 -13.56
C THR M 4 56.96 11.14 -14.50
N CYS M 5 56.91 12.40 -14.07
CA CYS M 5 56.32 13.47 -14.87
C CYS M 5 57.38 14.53 -15.17
N ARG M 6 57.19 15.21 -16.29
CA ARG M 6 58.07 16.29 -16.74
C ARG M 6 57.31 17.61 -16.70
N THR M 7 57.96 18.66 -16.20
CA THR M 7 57.30 19.94 -16.01
C THR M 7 57.32 20.79 -17.27
N ALA M 8 56.74 21.97 -17.14
CA ALA M 8 56.97 23.10 -18.03
C ALA M 8 57.70 24.17 -17.22
N ASP M 9 57.86 25.35 -17.81
CA ASP M 9 58.60 26.40 -17.14
C ASP M 9 57.76 27.12 -16.09
N GLY M 10 56.52 26.71 -15.87
CA GLY M 10 55.69 27.34 -14.86
C GLY M 10 54.94 26.35 -13.98
N ASP M 11 55.15 25.05 -14.23
CA ASP M 11 54.53 24.03 -13.39
C ASP M 11 55.16 24.04 -12.00
N MET M 12 54.30 23.86 -10.99
CA MET M 12 54.73 24.00 -9.60
C MET M 12 54.36 22.78 -8.79
N LEU M 13 55.10 22.60 -7.68
CA LEU M 13 55.17 21.31 -6.99
C LEU M 13 53.85 20.96 -6.30
N ASP M 14 53.30 21.88 -5.52
CA ASP M 14 52.04 21.60 -4.82
C ASP M 14 50.86 21.50 -5.77
N SER M 15 50.96 22.11 -6.95
CA SER M 15 49.93 21.92 -7.95
C SER M 15 50.06 20.55 -8.60
N LEU M 16 51.29 20.13 -8.92
CA LEU M 16 51.52 18.88 -9.63
C LEU M 16 51.09 17.67 -8.80
N CYS M 17 51.54 17.59 -7.56
CA CYS M 17 51.14 16.47 -6.72
C CYS M 17 49.73 16.61 -6.16
N TYR M 18 49.03 17.71 -6.45
CA TYR M 18 47.59 17.72 -6.29
C TYR M 18 46.90 17.17 -7.53
N HIS M 19 47.46 17.40 -8.71
CA HIS M 19 46.90 16.81 -9.92
C HIS M 19 47.15 15.30 -9.96
N VAL M 20 48.23 14.83 -9.36
CA VAL M 20 48.56 13.42 -9.40
C VAL M 20 47.81 12.66 -8.32
N TYR M 21 47.87 13.14 -7.09
CA TYR M 21 47.34 12.38 -5.96
C TYR M 21 45.87 12.68 -5.70
N GLY M 22 45.48 13.95 -5.74
CA GLY M 22 44.12 14.35 -5.46
C GLY M 22 43.96 15.10 -4.15
N HIS M 23 44.99 15.15 -3.31
CA HIS M 23 44.98 15.92 -2.09
C HIS M 23 46.41 16.30 -1.74
N LEU M 24 46.57 17.16 -0.74
CA LEU M 24 47.89 17.68 -0.37
C LEU M 24 48.27 17.42 1.07
N LEU M 25 47.52 16.60 1.80
CA LEU M 25 47.88 16.27 3.17
C LEU M 25 48.91 15.16 3.15
N GLY M 26 50.16 15.51 3.45
CA GLY M 26 51.24 14.54 3.40
C GLY M 26 51.66 14.14 2.00
N CYS M 27 51.51 15.04 1.03
CA CYS M 27 51.74 14.71 -0.37
C CYS M 27 52.83 15.52 -1.03
N VAL M 28 53.33 16.57 -0.39
CA VAL M 28 54.39 17.39 -0.98
C VAL M 28 55.76 16.96 -0.46
N GLU M 29 55.88 16.77 0.85
CA GLU M 29 57.15 16.35 1.43
C GLU M 29 57.47 14.90 1.12
N ALA M 30 56.46 14.07 0.83
CA ALA M 30 56.74 12.73 0.34
C ALA M 30 57.26 12.77 -1.09
N THR M 31 56.85 13.79 -1.85
CA THR M 31 57.43 14.01 -3.18
C THR M 31 58.84 14.55 -3.07
N LEU M 32 59.08 15.47 -2.12
CA LEU M 32 60.41 16.00 -1.88
C LEU M 32 61.34 15.00 -1.22
N ASP M 33 60.80 13.94 -0.62
CA ASP M 33 61.65 12.94 0.01
C ASP M 33 62.34 12.08 -1.06
N ALA M 34 61.57 11.50 -1.96
CA ALA M 34 62.11 10.62 -3.00
C ALA M 34 62.42 11.37 -4.28
N ASN M 35 63.15 12.48 -4.15
CA ASN M 35 63.62 13.29 -5.28
C ASN M 35 64.92 13.97 -4.90
N PRO M 36 66.05 13.53 -5.47
CA PRO M 36 67.35 14.14 -5.11
C PRO M 36 67.50 15.52 -5.75
N GLY M 37 67.73 16.52 -4.91
CA GLY M 37 68.00 17.86 -5.38
C GLY M 37 66.82 18.59 -5.97
N LEU M 38 65.59 18.17 -5.63
CA LEU M 38 64.41 18.85 -6.16
C LEU M 38 64.15 20.16 -5.43
N ALA M 39 64.28 20.17 -4.10
CA ALA M 39 64.01 21.38 -3.33
C ALA M 39 65.10 22.41 -3.51
N ASP M 40 66.31 21.99 -3.93
CA ASP M 40 67.38 22.93 -4.19
C ASP M 40 67.08 23.76 -5.42
N GLU M 41 66.38 23.19 -6.38
CA GLU M 41 65.95 23.92 -7.56
C GLU M 41 64.84 24.90 -7.19
N GLN M 42 64.77 26.00 -7.95
CA GLN M 42 63.82 27.07 -7.63
C GLN M 42 62.39 26.62 -7.88
N GLN M 43 61.48 27.09 -7.03
CA GLN M 43 60.13 26.53 -7.00
C GLN M 43 59.29 26.87 -8.22
N PRO M 44 59.37 28.05 -8.87
CA PRO M 44 58.91 28.11 -10.26
C PRO M 44 59.88 27.32 -11.12
N PHE M 45 59.45 26.12 -11.53
CA PHE M 45 60.35 25.13 -12.10
C PHE M 45 60.82 25.54 -13.49
N ARG M 46 61.94 24.95 -13.92
CA ARG M 46 62.34 25.07 -15.32
C ARG M 46 61.62 24.01 -16.15
N ALA M 47 61.86 24.06 -17.45
CA ALA M 47 60.98 23.34 -18.38
C ALA M 47 61.33 21.86 -18.46
N GLY M 48 62.49 21.45 -17.96
CA GLY M 48 62.92 20.09 -18.21
C GLY M 48 63.41 19.27 -17.05
N LEU M 49 62.81 19.44 -15.86
CA LEU M 49 63.20 18.67 -14.68
C LEU M 49 62.14 17.61 -14.41
N LEU M 50 62.58 16.46 -13.93
CA LEU M 50 61.73 15.27 -13.82
C LEU M 50 61.44 14.95 -12.37
N ILE M 51 60.16 14.75 -12.04
CA ILE M 51 59.74 14.33 -10.71
C ILE M 51 59.19 12.91 -10.81
N SER M 52 59.76 11.99 -10.03
CA SER M 52 59.19 10.67 -9.86
C SER M 52 58.29 10.70 -8.64
N PHE M 53 56.99 10.77 -8.85
CA PHE M 53 56.04 10.81 -7.76
C PHE M 53 55.89 9.43 -7.14
N PRO M 54 56.19 9.26 -5.85
CA PRO M 54 56.06 7.94 -5.23
C PRO M 54 54.60 7.59 -4.96
N ASP M 55 54.37 6.31 -4.69
CA ASP M 55 53.06 5.85 -4.27
C ASP M 55 52.94 5.89 -2.76
N MET M 56 51.69 5.92 -2.27
CA MET M 56 51.28 6.08 -0.89
C MET M 56 51.95 7.32 -0.27
N PRO M 57 51.46 8.53 -0.58
CA PRO M 57 52.05 9.75 -0.02
C PRO M 57 51.85 9.90 1.49
N THR N 3 -33.66 -20.85 41.67
CA THR N 3 -34.20 -20.94 40.32
C THR N 3 -35.18 -22.10 40.21
N THR N 4 -36.27 -22.01 40.95
CA THR N 4 -37.24 -23.09 41.02
C THR N 4 -38.17 -23.06 39.81
N CYS N 5 -38.29 -24.20 39.13
CA CYS N 5 -39.17 -24.33 37.97
C CYS N 5 -40.24 -25.38 38.23
N ARG N 6 -41.38 -25.20 37.57
CA ARG N 6 -42.52 -26.11 37.68
C ARG N 6 -42.72 -26.81 36.33
N THR N 7 -42.99 -28.11 36.38
CA THR N 7 -43.08 -28.90 35.16
C THR N 7 -44.47 -28.85 34.57
N ALA N 8 -44.63 -29.57 33.47
CA ALA N 8 -45.90 -30.02 32.93
C ALA N 8 -45.94 -31.53 33.07
N ASP N 9 -46.97 -32.16 32.50
CA ASP N 9 -47.11 -33.61 32.63
C ASP N 9 -46.20 -34.37 31.67
N GLY N 10 -45.39 -33.68 30.88
CA GLY N 10 -44.48 -34.36 29.99
C GLY N 10 -43.07 -33.80 30.00
N ASP N 11 -42.82 -32.80 30.84
CA ASP N 11 -41.48 -32.24 30.98
C ASP N 11 -40.57 -33.25 31.65
N MET N 12 -39.32 -33.32 31.18
CA MET N 12 -38.40 -34.34 31.63
C MET N 12 -37.08 -33.73 32.07
N LEU N 13 -36.37 -34.49 32.92
CA LEU N 13 -35.30 -33.93 33.76
C LEU N 13 -34.09 -33.51 32.94
N ASP N 14 -33.59 -34.41 32.08
CA ASP N 14 -32.42 -34.06 31.27
C ASP N 14 -32.72 -33.02 30.22
N SER N 15 -33.99 -32.88 29.82
CA SER N 15 -34.35 -31.77 28.94
C SER N 15 -34.39 -30.46 29.70
N LEU N 16 -34.96 -30.47 30.92
CA LEU N 16 -35.14 -29.25 31.71
C LEU N 16 -33.79 -28.64 32.10
N CYS N 17 -32.90 -29.43 32.66
CA CYS N 17 -31.61 -28.89 33.03
C CYS N 17 -30.66 -28.72 31.85
N TYR N 18 -31.08 -29.11 30.65
CA TYR N 18 -30.39 -28.62 29.45
C TYR N 18 -30.93 -27.27 29.02
N HIS N 19 -32.23 -27.03 29.22
CA HIS N 19 -32.78 -25.71 28.94
C HIS N 19 -32.30 -24.68 29.94
N VAL N 20 -32.04 -25.09 31.17
CA VAL N 20 -31.63 -24.14 32.20
C VAL N 20 -30.14 -23.86 32.12
N TYR N 21 -29.32 -24.91 32.07
CA TYR N 21 -27.88 -24.75 32.17
C TYR N 21 -27.22 -24.52 30.81
N GLY N 22 -27.62 -25.28 29.79
CA GLY N 22 -27.01 -25.20 28.48
C GLY N 22 -26.17 -26.39 28.11
N HIS N 23 -25.89 -27.29 29.04
CA HIS N 23 -25.17 -28.52 28.76
C HIS N 23 -25.59 -29.55 29.80
N LEU N 24 -25.15 -30.80 29.59
CA LEU N 24 -25.56 -31.90 30.46
C LEU N 24 -24.40 -32.65 31.09
N LEU N 25 -23.18 -32.13 30.99
CA LEU N 25 -22.04 -32.77 31.64
C LEU N 25 -22.01 -32.35 33.11
N GLY N 26 -22.37 -33.27 33.99
CA GLY N 26 -22.44 -32.95 35.41
C GLY N 26 -23.60 -32.08 35.80
N CYS N 27 -24.72 -32.16 35.07
CA CYS N 27 -25.83 -31.24 35.27
C CYS N 27 -27.13 -31.92 35.66
N VAL N 28 -27.21 -33.24 35.59
CA VAL N 28 -28.43 -33.96 35.96
C VAL N 28 -28.34 -34.47 37.39
N GLU N 29 -27.22 -35.08 37.76
CA GLU N 29 -27.07 -35.59 39.11
C GLU N 29 -26.86 -34.47 40.12
N ALA N 30 -26.38 -33.30 39.70
CA ALA N 30 -26.36 -32.15 40.60
C ALA N 30 -27.77 -31.62 40.82
N THR N 31 -28.65 -31.79 39.84
CA THR N 31 -30.06 -31.48 40.04
C THR N 31 -30.72 -32.50 40.94
N LEU N 32 -30.40 -33.78 40.75
CA LEU N 32 -30.92 -34.84 41.61
C LEU N 32 -30.33 -34.82 43.01
N ASP N 33 -29.19 -34.15 43.21
CA ASP N 33 -28.60 -34.09 44.54
C ASP N 33 -29.40 -33.15 45.44
N ALA N 34 -29.63 -31.92 44.99
CA ALA N 34 -30.34 -30.94 45.79
C ALA N 34 -31.83 -30.92 45.49
N ASN N 35 -32.45 -32.10 45.52
CA ASN N 35 -33.88 -32.27 45.33
C ASN N 35 -34.35 -33.50 46.10
N PRO N 36 -35.07 -33.33 47.21
CA PRO N 36 -35.52 -34.48 48.00
C PRO N 36 -36.65 -35.22 47.31
N GLY N 37 -36.45 -36.52 47.07
CA GLY N 37 -37.48 -37.37 46.51
C GLY N 37 -37.80 -37.12 45.06
N LEU N 38 -36.89 -36.50 44.31
CA LEU N 38 -37.16 -36.25 42.89
C LEU N 38 -36.98 -37.51 42.06
N ALA N 39 -35.92 -38.28 42.32
CA ALA N 39 -35.66 -39.48 41.55
C ALA N 39 -36.64 -40.60 41.87
N ASP N 40 -37.27 -40.53 43.05
CA ASP N 40 -38.28 -41.52 43.41
C ASP N 40 -39.53 -41.35 42.56
N GLU N 41 -39.83 -40.12 42.18
CA GLU N 41 -40.95 -39.87 41.27
C GLU N 41 -40.61 -40.34 39.86
N GLN N 42 -41.65 -40.73 39.11
CA GLN N 42 -41.45 -41.31 37.80
C GLN N 42 -40.93 -40.27 36.82
N GLN N 43 -40.07 -40.72 35.90
CA GLN N 43 -39.30 -39.78 35.08
C GLN N 43 -40.14 -39.03 34.05
N PRO N 44 -41.17 -39.59 33.41
CA PRO N 44 -42.18 -38.71 32.82
C PRO N 44 -42.96 -38.04 33.95
N PHE N 45 -42.65 -36.76 34.18
CA PHE N 45 -43.08 -36.07 35.39
C PHE N 45 -44.57 -35.81 35.38
N ARG N 46 -45.12 -35.59 36.58
CA ARG N 46 -46.48 -35.09 36.68
C ARG N 46 -46.47 -33.57 36.56
N ALA N 47 -47.67 -32.98 36.56
CA ALA N 47 -47.83 -31.61 36.12
C ALA N 47 -47.43 -30.61 37.19
N GLY N 48 -47.29 -31.04 38.43
CA GLY N 48 -47.13 -30.07 39.50
C GLY N 48 -46.00 -30.28 40.49
N LEU N 49 -44.87 -30.81 40.04
CA LEU N 49 -43.72 -31.03 40.92
C LEU N 49 -42.66 -29.97 40.65
N LEU N 50 -41.96 -29.55 41.69
CA LEU N 50 -41.08 -28.38 41.63
C LEU N 50 -39.62 -28.82 41.75
N ILE N 51 -38.79 -28.34 40.83
CA ILE N 51 -37.35 -28.57 40.87
C ILE N 51 -36.66 -27.26 41.16
N SER N 52 -35.86 -27.22 42.22
CA SER N 52 -34.97 -26.10 42.48
C SER N 52 -33.61 -26.43 41.87
N PHE N 53 -33.33 -25.84 40.71
CA PHE N 53 -32.06 -26.08 40.03
C PHE N 53 -30.94 -25.34 40.74
N PRO N 54 -29.91 -26.02 41.24
CA PRO N 54 -28.81 -25.32 41.91
C PRO N 54 -27.89 -24.63 40.92
N ASP N 55 -27.07 -23.74 41.45
CA ASP N 55 -26.04 -23.09 40.65
C ASP N 55 -24.75 -23.90 40.73
N MET N 56 -23.88 -23.67 39.72
CA MET N 56 -22.63 -24.39 39.46
C MET N 56 -22.87 -25.90 39.43
N PRO N 57 -23.42 -26.44 38.33
CA PRO N 57 -23.67 -27.88 38.23
C PRO N 57 -22.39 -28.72 38.18
N THR O 3 -12.13 28.07 48.67
CA THR O 3 -13.25 27.93 47.74
C THR O 3 -14.57 27.97 48.47
N THR O 4 -14.86 29.11 49.09
CA THR O 4 -16.06 29.24 49.91
C THR O 4 -17.28 29.51 49.03
N CYS O 5 -18.33 28.72 49.23
CA CYS O 5 -19.58 28.88 48.49
C CYS O 5 -20.73 29.19 49.45
N ARG O 6 -21.73 29.90 48.94
CA ARG O 6 -22.92 30.26 49.68
C ARG O 6 -24.12 29.54 49.09
N THR O 7 -24.98 29.01 49.96
CA THR O 7 -26.10 28.21 49.51
C THR O 7 -27.32 29.07 49.15
N ALA O 8 -28.37 28.39 48.75
CA ALA O 8 -29.73 28.88 48.74
C ALA O 8 -30.52 28.11 49.79
N ASP O 9 -31.82 28.32 49.83
CA ASP O 9 -32.63 27.66 50.85
C ASP O 9 -32.95 26.20 50.49
N GLY O 10 -32.45 25.70 49.37
CA GLY O 10 -32.67 24.32 49.01
C GLY O 10 -31.43 23.59 48.54
N ASP O 11 -30.29 24.28 48.54
CA ASP O 11 -29.03 23.64 48.18
C ASP O 11 -28.63 22.64 49.25
N MET O 12 -28.09 21.50 48.80
CA MET O 12 -27.80 20.39 49.69
C MET O 12 -26.37 19.91 49.54
N LEU O 13 -25.88 19.26 50.60
CA LEU O 13 -24.44 19.09 50.80
C LEU O 13 -23.83 18.13 49.80
N ASP O 14 -24.43 16.94 49.63
CA ASP O 14 -23.89 15.97 48.68
C ASP O 14 -24.06 16.41 47.24
N SER O 15 -25.02 17.28 46.96
CA SER O 15 -25.11 17.86 45.63
C SER O 15 -24.03 18.90 45.41
N LEU O 16 -23.80 19.76 46.42
CA LEU O 16 -22.83 20.85 46.29
C LEU O 16 -21.42 20.35 46.08
N CYS O 17 -20.96 19.44 46.93
CA CYS O 17 -19.61 18.91 46.76
C CYS O 17 -19.51 17.88 45.65
N TYR O 18 -20.62 17.53 44.99
CA TYR O 18 -20.52 16.88 43.70
C TYR O 18 -20.37 17.88 42.57
N HIS O 19 -20.99 19.06 42.71
CA HIS O 19 -20.78 20.10 41.72
C HIS O 19 -19.38 20.69 41.80
N VAL O 20 -18.79 20.70 42.99
CA VAL O 20 -17.48 21.30 43.17
C VAL O 20 -16.37 20.32 42.79
N TYR O 21 -16.44 19.10 43.32
CA TYR O 21 -15.35 18.16 43.17
C TYR O 21 -15.49 17.31 41.91
N GLY O 22 -16.68 16.81 41.63
CA GLY O 22 -16.92 15.93 40.49
C GLY O 22 -17.21 14.50 40.86
N HIS O 23 -17.02 14.12 42.13
CA HIS O 23 -17.37 12.79 42.60
C HIS O 23 -17.68 12.89 44.09
N LEU O 24 -18.16 11.80 44.66
CA LEU O 24 -18.60 11.79 46.06
C LEU O 24 -17.90 10.73 46.90
N LEU O 25 -16.87 10.08 46.39
CA LEU O 25 -16.13 9.10 47.18
C LEU O 25 -15.13 9.85 48.06
N GLY O 26 -15.40 9.91 49.36
CA GLY O 26 -14.56 10.65 50.26
C GLY O 26 -14.64 12.15 50.13
N CYS O 27 -15.80 12.67 49.73
CA CYS O 27 -15.93 14.09 49.42
C CYS O 27 -16.96 14.81 50.27
N VAL O 28 -17.77 14.10 51.04
CA VAL O 28 -18.77 14.74 51.88
C VAL O 28 -18.26 14.90 53.31
N GLU O 29 -17.66 13.86 53.86
CA GLU O 29 -17.13 13.93 55.22
C GLU O 29 -15.86 14.78 55.29
N ALA O 30 -15.13 14.93 54.19
CA ALA O 30 -14.03 15.88 54.17
C ALA O 30 -14.55 17.31 54.16
N THR O 31 -15.73 17.52 53.58
CA THR O 31 -16.40 18.81 53.67
C THR O 31 -16.93 19.06 55.07
N LEU O 32 -17.51 18.03 55.69
CA LEU O 32 -17.99 18.13 57.07
C LEU O 32 -16.85 18.20 58.09
N ASP O 33 -15.64 17.80 57.72
CA ASP O 33 -14.52 17.87 58.66
C ASP O 33 -14.09 19.32 58.86
N ALA O 34 -13.81 20.02 57.76
CA ALA O 34 -13.31 21.40 57.84
C ALA O 34 -14.45 22.41 57.74
N ASN O 35 -15.49 22.21 58.55
CA ASN O 35 -16.63 23.11 58.65
C ASN O 35 -17.21 23.04 60.05
N PRO O 36 -17.02 24.08 60.88
CA PRO O 36 -17.54 24.04 62.26
C PRO O 36 -19.05 24.23 62.28
N GLY O 37 -19.73 23.25 62.88
CA GLY O 37 -21.16 23.35 63.07
C GLY O 37 -22.00 23.22 61.81
N LEU O 38 -21.44 22.61 60.76
CA LEU O 38 -22.21 22.44 59.53
C LEU O 38 -23.21 21.30 59.65
N ALA O 39 -22.79 20.17 60.23
CA ALA O 39 -23.68 19.02 60.34
C ALA O 39 -24.76 19.25 61.39
N ASP O 40 -24.54 20.18 62.32
CA ASP O 40 -25.55 20.50 63.32
C ASP O 40 -26.73 21.22 62.67
N GLU O 41 -26.46 22.00 61.62
CA GLU O 41 -27.53 22.64 60.87
C GLU O 41 -28.29 21.62 60.04
N GLN O 42 -29.57 21.90 59.79
CA GLN O 42 -30.44 20.96 59.11
C GLN O 42 -30.03 20.80 57.66
N GLN O 43 -30.17 19.58 57.14
CA GLN O 43 -29.59 19.24 55.85
C GLN O 43 -30.26 19.92 54.66
N PRO O 44 -31.59 20.14 54.61
CA PRO O 44 -32.07 21.19 53.69
C PRO O 44 -31.63 22.54 54.23
N PHE O 45 -30.62 23.11 53.58
CA PHE O 45 -29.90 24.25 54.15
C PHE O 45 -30.75 25.51 54.12
N ARG O 46 -30.37 26.47 54.96
CA ARG O 46 -30.94 27.80 54.86
C ARG O 46 -30.18 28.61 53.82
N ALA O 47 -30.65 29.84 53.58
CA ALA O 47 -30.23 30.56 52.39
C ALA O 47 -28.87 31.22 52.56
N GLY O 48 -28.37 31.32 53.79
CA GLY O 48 -27.17 32.12 53.99
C GLY O 48 -26.05 31.52 54.79
N LEU O 49 -25.81 30.22 54.67
CA LEU O 49 -24.71 29.56 55.38
C LEU O 49 -23.59 29.27 54.40
N LEU O 50 -22.35 29.36 54.89
CA LEU O 50 -21.17 29.34 54.04
C LEU O 50 -20.39 28.05 54.26
N ILE O 51 -20.04 27.37 53.16
CA ILE O 51 -19.19 26.17 53.21
C ILE O 51 -17.87 26.51 52.55
N SER O 52 -16.77 26.32 53.28
CA SER O 52 -15.44 26.38 52.70
C SER O 52 -15.04 24.96 52.29
N PHE O 53 -15.13 24.67 51.00
CA PHE O 53 -14.78 23.34 50.51
C PHE O 53 -13.26 23.19 50.49
N PRO O 54 -12.70 22.21 51.20
CA PRO O 54 -11.25 22.03 51.19
C PRO O 54 -10.78 21.38 49.91
N ASP O 55 -9.48 21.44 49.68
CA ASP O 55 -8.85 20.77 48.56
C ASP O 55 -8.39 19.37 48.99
N MET O 56 -8.22 18.50 47.98
CA MET O 56 -7.91 17.07 48.12
C MET O 56 -8.91 16.38 49.05
N PRO O 57 -10.15 16.10 48.58
CA PRO O 57 -11.14 15.44 49.43
C PRO O 57 -10.79 13.99 49.79
N THR P 3 34.17 -42.30 -18.70
CA THR P 3 33.86 -41.25 -19.68
C THR P 3 34.96 -41.16 -20.72
N THR P 4 35.14 -42.23 -21.49
CA THR P 4 36.23 -42.30 -22.45
C THR P 4 35.85 -41.56 -23.73
N CYS P 5 36.72 -40.66 -24.18
CA CYS P 5 36.52 -39.91 -25.40
C CYS P 5 37.63 -40.20 -26.40
N ARG P 6 37.31 -40.08 -27.67
CA ARG P 6 38.24 -40.28 -28.78
C ARG P 6 38.49 -38.96 -29.48
N THR P 7 39.74 -38.68 -29.81
CA THR P 7 40.12 -37.41 -30.38
C THR P 7 39.94 -37.38 -31.90
N ALA P 8 40.27 -36.25 -32.47
CA ALA P 8 40.58 -36.08 -33.89
C ALA P 8 42.06 -35.75 -33.99
N ASP P 9 42.51 -35.42 -35.20
CA ASP P 9 43.93 -35.15 -35.40
C ASP P 9 44.32 -33.74 -34.95
N GLY P 10 43.39 -32.97 -34.40
CA GLY P 10 43.72 -31.64 -33.91
C GLY P 10 43.15 -31.34 -32.55
N ASP P 11 42.44 -32.29 -31.96
CA ASP P 11 41.91 -32.12 -30.61
C ASP P 11 43.05 -32.08 -29.59
N MET P 12 42.92 -31.19 -28.61
CA MET P 12 44.00 -30.96 -27.66
C MET P 12 43.51 -31.07 -26.23
N LEU P 13 44.46 -31.33 -25.33
CA LEU P 13 44.16 -31.87 -24.01
C LEU P 13 43.47 -30.84 -23.12
N ASP P 14 44.01 -29.63 -23.02
CA ASP P 14 43.41 -28.61 -22.18
C ASP P 14 42.08 -28.10 -22.74
N SER P 15 41.87 -28.25 -24.04
CA SER P 15 40.56 -27.94 -24.61
C SER P 15 39.56 -29.04 -24.28
N LEU P 16 39.98 -30.30 -24.40
CA LEU P 16 39.08 -31.43 -24.19
C LEU P 16 38.56 -31.50 -22.76
N CYS P 17 39.45 -31.43 -21.78
CA CYS P 17 39.01 -31.47 -20.39
C CYS P 17 38.45 -30.15 -19.91
N TYR P 18 38.45 -29.10 -20.75
CA TYR P 18 37.59 -27.96 -20.49
C TYR P 18 36.19 -28.18 -21.04
N HIS P 19 36.07 -28.90 -22.17
CA HIS P 19 34.76 -29.23 -22.67
C HIS P 19 34.07 -30.26 -21.80
N VAL P 20 34.84 -31.14 -21.15
CA VAL P 20 34.25 -32.20 -20.34
C VAL P 20 33.90 -31.68 -18.95
N TYR P 21 34.85 -31.02 -18.29
CA TYR P 21 34.68 -30.65 -16.89
C TYR P 21 34.01 -29.30 -16.73
N GLY P 22 34.42 -28.31 -17.51
CA GLY P 22 33.91 -26.95 -17.40
C GLY P 22 34.90 -25.96 -16.84
N HIS P 23 36.03 -26.42 -16.31
CA HIS P 23 37.08 -25.53 -15.84
C HIS P 23 38.40 -26.28 -15.94
N LEU P 24 39.50 -25.56 -15.70
CA LEU P 24 40.83 -26.13 -15.87
C LEU P 24 41.70 -26.06 -14.63
N LEU P 25 41.14 -25.70 -13.49
CA LEU P 25 41.91 -25.67 -12.25
C LEU P 25 41.96 -27.08 -11.68
N GLY P 26 43.13 -27.71 -11.77
CA GLY P 26 43.27 -29.08 -11.33
C GLY P 26 42.60 -30.11 -12.21
N CYS P 27 42.49 -29.84 -13.51
CA CYS P 27 41.73 -30.68 -14.41
C CYS P 27 42.55 -31.28 -15.54
N VAL P 28 43.79 -30.83 -15.75
CA VAL P 28 44.62 -31.37 -16.80
C VAL P 28 45.55 -32.45 -16.29
N GLU P 29 46.21 -32.20 -15.15
CA GLU P 29 47.10 -33.18 -14.57
C GLU P 29 46.37 -34.35 -13.94
N ALA P 30 45.10 -34.16 -13.55
CA ALA P 30 44.29 -35.29 -13.13
C ALA P 30 43.91 -36.16 -14.32
N THR P 31 43.80 -35.55 -15.50
CA THR P 31 43.60 -36.32 -16.73
C THR P 31 44.89 -37.05 -17.12
N LEU P 32 46.03 -36.37 -16.98
CA LEU P 32 47.33 -36.99 -17.26
C LEU P 32 47.73 -38.02 -16.21
N ASP P 33 47.11 -37.99 -15.03
CA ASP P 33 47.45 -38.99 -14.01
C ASP P 33 46.87 -40.35 -14.37
N ALA P 34 45.57 -40.40 -14.65
CA ALA P 34 44.92 -41.67 -14.96
C ALA P 34 44.86 -41.94 -16.46
N ASN P 35 46.01 -41.81 -17.12
CA ASN P 35 46.17 -42.11 -18.53
C ASN P 35 47.60 -42.57 -18.79
N PRO P 36 47.81 -43.86 -19.07
CA PRO P 36 49.17 -44.36 -19.31
C PRO P 36 49.70 -43.93 -20.67
N GLY P 37 50.83 -43.24 -20.65
CA GLY P 37 51.51 -42.85 -21.88
C GLY P 37 50.83 -41.77 -22.67
N LEU P 38 49.97 -40.97 -22.03
CA LEU P 38 49.30 -39.89 -22.74
C LEU P 38 50.22 -38.70 -22.96
N ALA P 39 51.00 -38.33 -21.95
CA ALA P 39 51.89 -37.17 -22.07
C ALA P 39 53.09 -37.47 -22.96
N ASP P 40 53.41 -38.76 -23.13
CA ASP P 40 54.51 -39.13 -24.03
C ASP P 40 54.13 -38.87 -25.48
N GLU P 41 52.84 -39.01 -25.80
CA GLU P 41 52.36 -38.68 -27.13
C GLU P 41 52.36 -37.18 -27.35
N GLN P 42 52.52 -36.77 -28.60
CA GLN P 42 52.66 -35.35 -28.93
C GLN P 42 51.34 -34.62 -28.70
N GLN P 43 51.45 -33.37 -28.24
CA GLN P 43 50.28 -32.65 -27.73
C GLN P 43 49.27 -32.27 -28.81
N PRO P 44 49.64 -31.90 -30.05
CA PRO P 44 48.65 -32.01 -31.13
C PRO P 44 48.40 -33.48 -31.40
N PHE P 45 47.25 -33.98 -30.94
CA PHE P 45 47.00 -35.41 -30.86
C PHE P 45 46.80 -36.01 -32.25
N ARG P 46 46.99 -37.33 -32.32
CA ARG P 46 46.59 -38.05 -33.52
C ARG P 46 45.11 -38.40 -33.44
N ALA P 47 44.61 -39.01 -34.51
CA ALA P 47 43.17 -39.09 -34.71
C ALA P 47 42.53 -40.21 -33.89
N GLY P 48 43.33 -41.13 -33.35
CA GLY P 48 42.74 -42.30 -32.76
C GLY P 48 43.21 -42.72 -31.39
N LEU P 49 43.53 -41.76 -30.51
CA LEU P 49 43.97 -42.07 -29.16
C LEU P 49 42.83 -41.78 -28.19
N LEU P 50 42.74 -42.58 -27.13
CA LEU P 50 41.59 -42.58 -26.24
C LEU P 50 41.98 -42.02 -24.87
N ILE P 51 41.21 -41.06 -24.37
CA ILE P 51 41.39 -40.52 -23.03
C ILE P 51 40.20 -40.94 -22.17
N SER P 52 40.48 -41.60 -21.06
CA SER P 52 39.46 -41.87 -20.05
C SER P 52 39.52 -40.74 -19.02
N PHE P 53 38.59 -39.80 -19.10
CA PHE P 53 38.56 -38.68 -18.18
C PHE P 53 38.04 -39.13 -16.83
N PRO P 54 38.81 -39.00 -15.75
CA PRO P 54 38.31 -39.43 -14.43
C PRO P 54 37.31 -38.44 -13.87
N ASP P 55 36.60 -38.88 -12.84
CA ASP P 55 35.70 -38.02 -12.10
C ASP P 55 36.44 -37.37 -10.93
N MET P 56 35.88 -36.24 -10.46
CA MET P 56 36.43 -35.37 -9.43
C MET P 56 37.86 -34.95 -9.78
N PRO P 57 38.05 -34.01 -10.73
CA PRO P 57 39.40 -33.58 -11.10
C PRO P 57 40.12 -32.81 -9.99
N THR Q 3 -10.56 -55.92 7.91
CA THR Q 3 -10.69 -55.44 6.54
C THR Q 3 -10.45 -56.57 5.56
N THR Q 4 -11.32 -57.58 5.59
CA THR Q 4 -11.14 -58.77 4.77
C THR Q 4 -11.64 -58.50 3.36
N CYS Q 5 -10.80 -58.81 2.37
CA CYS Q 5 -11.14 -58.66 0.96
C CYS Q 5 -11.09 -60.00 0.25
N ARG Q 6 -11.90 -60.12 -0.79
CA ARG Q 6 -11.96 -61.32 -1.62
C ARG Q 6 -11.44 -61.01 -3.02
N THR Q 7 -10.63 -61.92 -3.55
CA THR Q 7 -9.96 -61.68 -4.83
C THR Q 7 -10.85 -62.05 -6.01
N ALA Q 8 -10.30 -61.87 -7.19
CA ALA Q 8 -10.73 -62.49 -8.42
C ALA Q 8 -9.64 -63.46 -8.86
N ASP Q 9 -9.78 -64.03 -10.05
CA ASP Q 9 -8.81 -65.01 -10.51
C ASP Q 9 -7.54 -64.36 -11.05
N GLY Q 10 -7.43 -63.04 -11.01
CA GLY Q 10 -6.23 -62.37 -11.46
C GLY Q 10 -5.72 -61.29 -10.53
N ASP Q 11 -6.42 -61.09 -9.41
CA ASP Q 11 -5.97 -60.13 -8.42
C ASP Q 11 -4.69 -60.62 -7.75
N MET Q 12 -3.77 -59.68 -7.50
CA MET Q 12 -2.45 -60.03 -7.01
C MET Q 12 -2.09 -59.24 -5.77
N LEU Q 13 -1.16 -59.79 -4.99
CA LEU Q 13 -0.97 -59.41 -3.60
C LEU Q 13 -0.40 -58.00 -3.46
N ASP Q 14 0.69 -57.70 -4.18
CA ASP Q 14 1.29 -56.37 -4.09
C ASP Q 14 0.42 -55.30 -4.71
N SER Q 15 -0.47 -55.67 -5.63
CA SER Q 15 -1.43 -54.70 -6.13
C SER Q 15 -2.52 -54.45 -5.10
N LEU Q 16 -3.03 -55.51 -4.46
CA LEU Q 16 -4.13 -55.39 -3.52
C LEU Q 16 -3.77 -54.55 -2.31
N CYS Q 17 -2.65 -54.85 -1.66
CA CYS Q 17 -2.25 -54.06 -0.51
C CYS Q 17 -1.63 -52.73 -0.89
N TYR Q 18 -1.47 -52.43 -2.18
CA TYR Q 18 -1.26 -51.05 -2.59
C TYR Q 18 -2.58 -50.32 -2.75
N HIS Q 19 -3.63 -51.02 -3.19
CA HIS Q 19 -4.94 -50.39 -3.26
C HIS Q 19 -5.51 -50.15 -1.87
N VAL Q 20 -5.16 -51.01 -0.90
CA VAL Q 20 -5.72 -50.87 0.44
C VAL Q 20 -4.94 -49.84 1.25
N TYR Q 21 -3.63 -49.96 1.27
CA TYR Q 21 -2.82 -49.14 2.16
C TYR Q 21 -2.41 -47.82 1.52
N GLY Q 22 -1.98 -47.84 0.26
CA GLY Q 22 -1.52 -46.66 -0.43
C GLY Q 22 -0.03 -46.65 -0.70
N HIS Q 23 0.72 -47.58 -0.11
CA HIS Q 23 2.15 -47.71 -0.37
C HIS Q 23 2.54 -49.16 -0.14
N LEU Q 24 3.78 -49.50 -0.48
CA LEU Q 24 4.23 -50.88 -0.41
C LEU Q 24 5.49 -51.05 0.44
N LEU Q 25 5.91 -50.04 1.17
CA LEU Q 25 7.07 -50.17 2.06
C LEU Q 25 6.61 -50.81 3.36
N GLY Q 26 6.96 -52.08 3.55
CA GLY Q 26 6.53 -52.80 4.73
C GLY Q 26 5.07 -53.18 4.73
N CYS Q 27 4.48 -53.39 3.56
CA CYS Q 27 3.04 -53.60 3.44
C CYS Q 27 2.66 -54.95 2.84
N VAL Q 28 3.61 -55.70 2.28
CA VAL Q 28 3.31 -57.00 1.70
C VAL Q 28 3.58 -58.11 2.69
N GLU Q 29 4.75 -58.07 3.36
CA GLU Q 29 5.08 -59.10 4.32
C GLU Q 29 4.26 -58.98 5.61
N ALA Q 30 3.75 -57.79 5.92
CA ALA Q 30 2.80 -57.67 7.02
C ALA Q 30 1.46 -58.29 6.65
N THR Q 31 1.12 -58.27 5.36
CA THR Q 31 -0.07 -58.98 4.89
C THR Q 31 0.17 -60.49 4.90
N LEU Q 32 1.37 -60.92 4.49
CA LEU Q 32 1.72 -62.33 4.52
C LEU Q 32 1.94 -62.85 5.94
N ASP Q 33 2.16 -61.97 6.91
CA ASP Q 33 2.35 -62.42 8.28
C ASP Q 33 1.03 -62.88 8.88
N ALA Q 34 0.01 -62.04 8.84
CA ALA Q 34 -1.28 -62.36 9.43
C ALA Q 34 -2.23 -62.98 8.42
N ASN Q 35 -1.76 -64.01 7.72
CA ASN Q 35 -2.54 -64.78 6.77
C ASN Q 35 -2.01 -66.21 6.71
N PRO Q 36 -2.73 -67.18 7.26
CA PRO Q 36 -2.25 -68.57 7.25
C PRO Q 36 -2.36 -69.19 5.87
N GLY Q 37 -1.23 -69.66 5.35
CA GLY Q 37 -1.21 -70.36 4.09
C GLY Q 37 -1.46 -69.52 2.86
N LEU Q 38 -1.24 -68.20 2.96
CA LEU Q 38 -1.44 -67.33 1.80
C LEU Q 38 -0.29 -67.44 0.81
N ALA Q 39 0.95 -67.46 1.31
CA ALA Q 39 2.10 -67.52 0.43
C ALA Q 39 2.27 -68.90 -0.20
N ASP Q 40 1.67 -69.93 0.41
CA ASP Q 40 1.72 -71.28 -0.17
C ASP Q 40 0.86 -71.35 -1.44
N GLU Q 41 -0.21 -70.56 -1.48
CA GLU Q 41 -1.03 -70.48 -2.67
C GLU Q 41 -0.30 -69.71 -3.76
N GLN Q 42 -0.60 -70.03 -5.02
CA GLN Q 42 0.10 -69.45 -6.16
C GLN Q 42 -0.23 -67.97 -6.29
N GLN Q 43 0.77 -67.19 -6.71
CA GLN Q 43 0.66 -65.73 -6.63
C GLN Q 43 -0.33 -65.13 -7.62
N PRO Q 44 -0.52 -65.63 -8.86
CA PRO Q 44 -1.79 -65.32 -9.55
C PRO Q 44 -2.92 -66.05 -8.83
N PHE Q 45 -3.70 -65.30 -8.06
CA PHE Q 45 -4.62 -65.88 -7.09
C PHE Q 45 -5.80 -66.56 -7.78
N ARG Q 46 -6.45 -67.47 -7.06
CA ARG Q 46 -7.72 -67.99 -7.52
C ARG Q 46 -8.84 -67.05 -7.10
N ALA Q 47 -10.06 -67.38 -7.51
CA ALA Q 47 -11.14 -66.40 -7.48
C ALA Q 47 -11.76 -66.27 -6.09
N GLY Q 48 -11.47 -67.21 -5.19
CA GLY Q 48 -12.22 -67.22 -3.94
C GLY Q 48 -11.42 -67.33 -2.65
N LEU Q 49 -10.24 -66.73 -2.59
CA LEU Q 49 -9.42 -66.77 -1.38
C LEU Q 49 -9.51 -65.42 -0.69
N LEU Q 50 -9.46 -65.43 0.64
CA LEU Q 50 -9.76 -64.25 1.46
C LEU Q 50 -8.50 -63.76 2.15
N ILE Q 51 -8.21 -62.47 2.03
CA ILE Q 51 -7.09 -61.85 2.74
C ILE Q 51 -7.66 -60.89 3.77
N SER Q 52 -7.28 -61.09 5.03
CA SER Q 52 -7.56 -60.12 6.09
C SER Q 52 -6.37 -59.19 6.19
N PHE Q 53 -6.49 -57.99 5.64
CA PHE Q 53 -5.41 -57.01 5.69
C PHE Q 53 -5.32 -56.41 7.07
N PRO Q 54 -4.18 -56.53 7.76
CA PRO Q 54 -4.07 -55.96 9.10
C PRO Q 54 -3.87 -54.45 9.03
N ASP Q 55 -4.05 -53.81 10.19
CA ASP Q 55 -3.78 -52.39 10.32
C ASP Q 55 -2.34 -52.17 10.78
N MET Q 56 -1.83 -50.96 10.52
CA MET Q 56 -0.45 -50.53 10.73
C MET Q 56 0.53 -51.49 10.07
N PRO Q 57 0.68 -51.43 8.73
CA PRO Q 57 1.61 -52.33 8.04
C PRO Q 57 3.08 -52.07 8.37
N ILE R 2 95.10 9.53 19.35
CA ILE R 2 93.65 9.38 19.45
C ILE R 2 93.15 10.38 20.49
N ILE R 3 92.74 11.56 20.02
CA ILE R 3 92.28 12.65 20.88
C ILE R 3 90.90 13.07 20.41
N ASP R 4 89.97 13.19 21.34
CA ASP R 4 88.60 13.56 21.03
C ASP R 4 88.54 15.01 20.55
N LEU R 5 87.95 15.22 19.38
CA LEU R 5 87.71 16.55 18.83
C LEU R 5 86.34 17.08 19.21
N SER R 6 85.45 16.22 19.70
CA SER R 6 84.04 16.54 19.90
C SER R 6 83.77 17.16 21.26
N GLN R 7 84.75 17.83 21.87
CA GLN R 7 84.56 18.51 23.14
C GLN R 7 85.05 19.95 23.11
N LEU R 8 85.19 20.51 21.92
CA LEU R 8 85.67 21.86 21.70
C LEU R 8 84.49 22.82 21.59
N PRO R 9 84.73 24.15 21.52
CA PRO R 9 83.66 25.06 21.11
C PRO R 9 83.15 24.75 19.71
N GLU R 10 81.88 25.11 19.48
CA GLU R 10 81.17 24.65 18.30
C GLU R 10 81.65 25.40 17.06
N PRO R 11 81.87 24.68 15.95
CA PRO R 11 82.11 25.36 14.68
C PRO R 11 80.80 25.75 14.02
N GLU R 12 80.77 26.95 13.47
CA GLU R 12 79.60 27.48 12.77
C GLU R 12 79.90 27.49 11.29
N VAL R 13 79.22 26.61 10.54
CA VAL R 13 79.43 26.57 9.10
C VAL R 13 78.70 27.73 8.43
N ILE R 14 77.48 27.99 8.85
CA ILE R 14 76.80 29.25 8.55
C ILE R 14 76.87 30.10 9.82
N GLU R 15 76.93 31.42 9.65
CA GLU R 15 76.96 32.31 10.80
C GLU R 15 75.60 32.32 11.48
N ASN R 16 75.63 32.48 12.80
CA ASN R 16 74.42 32.43 13.62
C ASN R 16 74.24 33.82 14.23
N LEU R 17 73.58 34.69 13.48
CA LEU R 17 73.33 36.04 13.93
C LEU R 17 72.22 36.06 14.97
N ASP R 18 72.21 37.11 15.78
CA ASP R 18 71.16 37.25 16.78
C ASP R 18 69.89 37.81 16.15
N PHE R 19 68.86 37.98 16.98
CA PHE R 19 67.52 38.28 16.47
C PHE R 19 67.41 39.70 15.92
N GLU R 20 68.26 40.62 16.37
CA GLU R 20 68.08 42.01 15.99
C GLU R 20 68.68 42.31 14.62
N THR R 21 69.91 41.86 14.35
CA THR R 21 70.51 42.16 13.06
C THR R 21 69.94 41.30 11.94
N ILE R 22 69.24 40.21 12.25
CA ILE R 22 68.45 39.52 11.25
C ILE R 22 67.22 40.34 10.92
N TYR R 23 66.62 40.97 11.93
CA TYR R 23 65.40 41.75 11.74
C TYR R 23 65.67 43.01 10.94
N GLN R 24 66.76 43.71 11.25
CA GLN R 24 67.10 44.92 10.51
C GLN R 24 67.58 44.61 9.10
N GLU R 25 68.08 43.40 8.85
CA GLU R 25 68.40 43.00 7.49
C GLU R 25 67.15 42.77 6.67
N LEU R 26 66.06 42.32 7.32
CA LEU R 26 64.80 42.12 6.59
C LEU R 26 64.12 43.44 6.27
N LEU R 27 64.26 44.45 7.15
CA LEU R 27 63.70 45.75 6.86
C LEU R 27 64.44 46.44 5.72
N GLY R 28 65.75 46.21 5.62
CA GLY R 28 66.50 46.71 4.48
C GLY R 28 66.08 46.03 3.19
N ASP R 29 65.61 44.79 3.29
CA ASP R 29 65.04 44.11 2.13
C ASP R 29 63.62 44.60 1.87
N PHE R 30 62.96 45.13 2.90
CA PHE R 30 61.57 45.56 2.75
C PHE R 30 61.48 46.98 2.18
N ARG R 31 62.47 47.83 2.49
CA ARG R 31 62.46 49.18 1.94
C ARG R 31 62.81 49.18 0.46
N GLU R 32 63.70 48.26 0.04
CA GLU R 32 64.10 48.21 -1.36
C GLU R 32 63.03 47.58 -2.22
N ALA R 33 62.19 46.72 -1.63
CA ALA R 33 61.13 46.09 -2.41
C ALA R 33 59.93 47.02 -2.54
N MET R 34 59.71 47.88 -1.56
CA MET R 34 58.67 48.91 -1.62
C MET R 34 59.16 50.21 -2.24
N ALA R 35 60.22 50.17 -3.04
CA ALA R 35 60.85 51.38 -3.55
C ALA R 35 59.94 52.09 -4.55
N GLY R 36 59.77 53.40 -4.34
CA GLY R 36 58.87 54.19 -5.13
C GLY R 36 57.47 54.31 -4.57
N GLU R 37 57.04 53.34 -3.77
CA GLU R 37 55.71 53.36 -3.19
C GLU R 37 55.70 53.16 -1.68
N TRP R 38 56.84 53.24 -1.01
CA TRP R 38 56.87 53.08 0.44
C TRP R 38 56.36 54.33 1.13
N THR R 39 55.58 54.13 2.19
CA THR R 39 55.11 55.22 3.04
C THR R 39 55.36 54.77 4.47
N ALA R 40 55.47 55.73 5.39
CA ALA R 40 55.65 55.39 6.80
C ALA R 40 54.38 54.78 7.40
N GLU R 41 53.23 54.99 6.75
CA GLU R 41 51.99 54.39 7.21
C GLU R 41 51.87 52.93 6.78
N VAL R 42 52.76 52.47 5.88
CA VAL R 42 52.71 51.10 5.39
C VAL R 42 53.18 50.14 6.46
N GLU R 43 54.24 50.49 7.19
CA GLU R 43 54.83 49.62 8.21
C GLU R 43 53.99 49.66 9.49
N SER R 44 52.77 49.16 9.38
CA SER R 44 51.83 49.18 10.48
C SER R 44 52.11 48.03 11.43
N ASP R 45 51.20 47.87 12.40
CA ASP R 45 51.35 46.81 13.39
C ASP R 45 51.17 45.39 12.83
N PRO R 46 50.19 45.06 11.96
CA PRO R 46 50.22 43.69 11.42
C PRO R 46 51.30 43.45 10.37
N VAL R 47 51.93 44.51 9.87
CA VAL R 47 53.02 44.34 8.92
C VAL R 47 54.33 44.03 9.64
N LEU R 48 54.58 44.71 10.75
CA LEU R 48 55.84 44.54 11.46
C LEU R 48 55.89 43.20 12.19
N LYS R 49 54.75 42.71 12.67
CA LYS R 49 54.73 41.43 13.37
C LYS R 49 54.95 40.25 12.42
N LEU R 50 54.70 40.43 11.12
CA LEU R 50 55.13 39.42 10.15
C LEU R 50 56.64 39.40 10.04
N LEU R 51 57.28 40.57 10.04
CA LEU R 51 58.73 40.64 9.95
C LEU R 51 59.41 40.18 11.24
N GLN R 52 58.71 40.25 12.37
CA GLN R 52 59.25 39.70 13.60
C GLN R 52 59.11 38.17 13.62
N LEU R 53 58.15 37.63 12.88
CA LEU R 53 58.11 36.18 12.68
C LEU R 53 59.26 35.72 11.81
N ALA R 54 59.48 36.41 10.69
CA ALA R 54 60.51 36.00 9.74
C ALA R 54 61.90 36.08 10.33
N ALA R 55 62.17 37.12 11.14
CA ALA R 55 63.43 37.21 11.87
C ALA R 55 63.56 36.11 12.93
N TYR R 56 62.45 35.52 13.36
CA TYR R 56 62.48 34.39 14.28
C TYR R 56 62.60 33.05 13.57
N ARG R 57 62.18 32.96 12.29
CA ARG R 57 62.19 31.65 11.64
C ARG R 57 63.56 31.30 11.06
N GLU R 58 64.28 32.27 10.47
CA GLU R 58 65.64 31.92 10.08
C GLU R 58 66.62 32.05 11.24
N LEU R 59 66.19 32.54 12.39
CA LEU R 59 66.94 32.26 13.61
C LEU R 59 66.84 30.78 13.95
N LEU R 60 65.73 30.14 13.58
CA LEU R 60 65.55 28.70 13.68
C LEU R 60 65.99 27.96 12.43
N LEU R 61 66.35 28.67 11.37
CA LEU R 61 66.96 27.99 10.23
C LEU R 61 68.47 28.06 10.23
N ARG R 62 69.04 29.18 10.70
CA ARG R 62 70.48 29.22 10.92
C ARG R 62 70.89 28.30 12.07
N ALA R 63 69.99 28.05 13.02
CA ALA R 63 70.22 27.04 14.03
C ALA R 63 70.00 25.63 13.49
N ARG R 64 69.21 25.48 12.42
CA ARG R 64 68.98 24.16 11.83
C ARG R 64 70.13 23.75 10.92
N ILE R 65 70.68 24.70 10.15
CA ILE R 65 71.82 24.41 9.30
C ILE R 65 73.05 24.10 10.15
N ASN R 66 73.21 24.80 11.28
CA ASN R 66 74.33 24.51 12.17
C ASN R 66 74.15 23.16 12.86
N ASP R 67 72.94 22.84 13.32
CA ASP R 67 72.72 21.55 13.96
C ASP R 67 72.75 20.39 12.97
N ALA R 68 72.49 20.64 11.70
CA ALA R 68 72.69 19.61 10.69
C ALA R 68 74.17 19.42 10.39
N ALA R 69 74.93 20.51 10.34
CA ALA R 69 76.34 20.44 10.03
C ALA R 69 77.17 19.91 11.19
N ARG R 70 76.64 19.97 12.42
CA ARG R 70 77.30 19.29 13.53
C ARG R 70 77.23 17.78 13.36
N ALA R 71 76.04 17.25 13.11
CA ALA R 71 75.81 15.81 13.09
C ALA R 71 76.31 15.13 11.83
N VAL R 72 76.85 15.88 10.86
CA VAL R 72 77.50 15.30 9.70
C VAL R 72 78.99 15.07 9.94
N MET R 73 79.68 16.08 10.46
CA MET R 73 81.07 15.92 10.86
C MET R 73 81.14 15.03 12.11
N LEU R 74 82.23 14.26 12.21
CA LEU R 74 82.44 13.44 13.41
C LEU R 74 82.64 14.28 14.66
N ALA R 75 83.14 15.50 14.51
CA ALA R 75 83.09 16.47 15.60
C ALA R 75 81.64 16.81 15.88
N TYR R 76 81.17 16.44 17.08
CA TYR R 76 79.80 16.64 17.56
C TYR R 76 78.76 15.94 16.68
N ALA R 77 78.97 14.64 16.50
CA ALA R 77 77.96 13.76 15.93
C ALA R 77 77.40 12.89 17.04
N SER R 78 76.08 12.80 17.11
CA SER R 78 75.39 12.12 18.21
C SER R 78 74.98 10.71 17.81
N GLY R 79 74.33 10.02 18.74
CA GLY R 79 74.00 8.63 18.55
C GLY R 79 72.98 8.39 17.45
N ALA R 80 72.97 7.15 16.96
CA ALA R 80 72.19 6.68 15.82
C ALA R 80 72.47 7.46 14.54
N ASP R 81 73.63 8.10 14.46
CA ASP R 81 74.07 8.83 13.27
C ASP R 81 75.51 8.52 12.90
N LEU R 82 76.33 8.03 13.83
CA LEU R 82 77.64 7.52 13.47
C LEU R 82 77.53 6.19 12.73
N ASP R 83 76.39 5.50 12.86
CA ASP R 83 76.16 4.31 12.05
C ASP R 83 76.02 4.65 10.57
N GLN R 84 75.51 5.85 10.26
CA GLN R 84 75.48 6.32 8.90
C GLN R 84 76.86 6.79 8.43
N ILE R 85 77.69 7.27 9.35
CA ILE R 85 79.05 7.68 9.01
C ILE R 85 80.00 6.49 9.02
N GLY R 86 79.87 5.61 10.02
CA GLY R 86 80.70 4.42 10.10
C GLY R 86 80.45 3.41 9.01
N ALA R 87 79.27 3.45 8.38
CA ALA R 87 79.05 2.64 7.19
C ALA R 87 79.88 3.15 6.02
N GLY R 88 80.18 4.45 6.00
CA GLY R 88 81.13 4.99 5.05
C GLY R 88 82.58 4.78 5.42
N PHE R 89 82.84 4.24 6.61
CA PHE R 89 84.20 3.94 7.05
C PHE R 89 84.33 2.51 7.56
N ASN R 90 83.37 1.63 7.19
CA ASN R 90 83.35 0.21 7.55
C ASN R 90 83.39 0.01 9.07
N VAL R 91 82.65 0.84 9.79
CA VAL R 91 82.59 0.77 11.24
C VAL R 91 81.15 0.44 11.63
N GLN R 92 80.94 -0.74 12.15
CA GLN R 92 79.65 -1.17 12.67
C GLN R 92 79.79 -1.41 14.16
N ARG R 93 78.80 -0.96 14.94
CA ARG R 93 78.82 -1.22 16.37
C ARG R 93 78.54 -2.69 16.65
N LEU R 94 79.20 -3.22 17.67
CA LEU R 94 79.09 -4.62 18.04
C LEU R 94 78.18 -4.75 19.26
N LEU R 95 77.99 -5.99 19.69
CA LEU R 95 77.05 -6.31 20.75
C LEU R 95 77.81 -6.63 22.03
N ILE R 96 77.59 -5.82 23.06
CA ILE R 96 78.15 -6.06 24.38
C ILE R 96 76.98 -6.55 25.24
N ARG R 97 76.87 -7.89 25.37
CA ARG R 97 75.78 -8.68 25.97
C ARG R 97 74.41 -8.15 25.59
N PRO R 98 73.95 -8.42 24.35
CA PRO R 98 72.67 -7.86 23.87
C PRO R 98 71.45 -8.51 24.49
N ALA R 99 70.28 -8.19 23.94
CA ALA R 99 69.01 -8.61 24.53
C ALA R 99 68.79 -10.11 24.34
N GLN R 100 69.42 -10.89 25.21
CA GLN R 100 69.04 -12.29 25.39
C GLN R 100 68.08 -12.37 26.56
N PRO R 101 66.80 -12.71 26.33
CA PRO R 101 65.87 -12.84 27.45
C PRO R 101 66.05 -14.12 28.25
N GLU R 102 66.95 -14.09 29.25
CA GLU R 102 66.98 -15.13 30.27
C GLU R 102 65.63 -15.22 30.97
N ALA R 103 65.09 -14.09 31.38
CA ALA R 103 63.68 -13.91 31.66
C ALA R 103 63.16 -12.83 30.72
N VAL R 104 61.93 -13.00 30.26
CA VAL R 104 61.43 -12.23 29.12
C VAL R 104 61.11 -10.77 29.46
N PRO R 105 60.46 -10.39 30.58
CA PRO R 105 60.29 -8.94 30.86
C PRO R 105 61.59 -8.21 31.22
N PRO R 106 62.60 -8.81 31.95
CA PRO R 106 63.81 -7.95 32.06
C PRO R 106 64.73 -8.02 30.84
N VAL R 107 64.41 -7.19 29.84
CA VAL R 107 65.23 -7.10 28.64
C VAL R 107 66.50 -6.32 28.95
N GLU R 108 67.65 -6.88 28.57
CA GLU R 108 68.96 -6.25 28.78
C GLU R 108 69.64 -6.09 27.43
N ALA R 109 69.34 -4.99 26.74
CA ALA R 109 69.92 -4.69 25.45
C ALA R 109 71.01 -3.64 25.59
N GLN R 110 72.11 -3.82 24.87
CA GLN R 110 73.24 -2.91 24.98
C GLN R 110 74.07 -2.97 23.70
N TYR R 111 74.45 -1.81 23.19
CA TYR R 111 75.27 -1.67 22.00
C TYR R 111 76.61 -1.02 22.38
N GLU R 112 77.41 -0.72 21.36
CA GLU R 112 78.59 0.10 21.57
C GLU R 112 78.17 1.56 21.70
N SER R 113 78.72 2.23 22.72
CA SER R 113 78.38 3.61 22.98
C SER R 113 79.15 4.54 22.04
N ASP R 114 78.92 5.84 22.20
CA ASP R 114 79.67 6.84 21.45
C ASP R 114 81.07 7.02 22.05
N LYS R 115 81.85 7.92 21.45
CA LYS R 115 83.18 8.42 21.83
C LYS R 115 84.25 7.34 21.95
N SER R 116 83.91 6.10 21.61
CA SER R 116 84.84 5.03 21.30
C SER R 116 84.52 4.38 19.97
N LEU R 117 83.24 4.38 19.58
CA LEU R 117 82.87 4.12 18.21
C LEU R 117 83.42 5.21 17.30
N ARG R 118 83.44 6.45 17.79
CA ARG R 118 84.00 7.56 17.04
C ARG R 118 85.51 7.41 16.87
N ASN R 119 86.16 6.77 17.85
CA ASN R 119 87.59 6.48 17.71
C ASN R 119 87.83 5.42 16.65
N ARG R 120 86.90 4.45 16.53
CA ARG R 120 87.05 3.41 15.53
C ARG R 120 86.79 3.94 14.13
N ILE R 121 85.98 5.01 14.02
CA ILE R 121 85.86 5.69 12.73
C ILE R 121 87.10 6.54 12.48
N GLN R 122 87.70 7.06 13.55
CA GLN R 122 88.95 7.81 13.40
C GLN R 122 90.10 6.86 13.06
N LEU R 123 90.05 5.63 13.54
CA LEU R 123 91.03 4.61 13.20
C LEU R 123 90.64 3.79 11.97
N ALA R 124 89.81 4.35 11.08
CA ALA R 124 89.38 3.58 9.91
C ALA R 124 90.49 3.53 8.86
N PHE R 125 91.04 4.69 8.49
CA PHE R 125 92.08 4.73 7.47
C PHE R 125 93.40 4.15 7.92
N GLU R 126 93.60 3.96 9.22
CA GLU R 126 94.79 3.31 9.72
C GLU R 126 94.67 1.80 9.74
N GLN R 127 93.59 1.25 9.22
CA GLN R 127 93.41 -0.18 9.07
C GLN R 127 93.43 -0.64 7.62
N LEU R 128 93.54 0.30 6.67
CA LEU R 128 93.62 -0.07 5.26
C LEU R 128 94.99 -0.67 4.93
N SER R 129 96.06 0.00 5.37
CA SER R 129 97.40 -0.46 5.05
C SER R 129 97.75 -1.68 5.89
N VAL R 130 97.98 -2.81 5.22
CA VAL R 130 98.29 -4.06 5.87
C VAL R 130 99.80 -4.29 5.99
N ALA R 131 100.60 -3.37 5.47
CA ALA R 131 102.06 -3.41 5.61
C ALA R 131 102.55 -2.80 6.91
N GLY R 132 101.65 -2.55 7.86
CA GLY R 132 102.02 -2.16 9.20
C GLY R 132 102.73 -0.83 9.40
N PRO R 133 102.02 0.30 9.24
CA PRO R 133 102.55 1.56 9.80
C PRO R 133 102.43 1.63 11.31
N ARG R 134 102.72 2.81 11.87
CA ARG R 134 102.78 2.95 13.33
C ARG R 134 101.43 2.77 14.01
N ASN R 135 100.34 2.97 13.29
CA ASN R 135 99.02 2.88 13.89
C ASN R 135 98.25 1.62 13.51
N ALA R 136 98.67 0.90 12.46
CA ALA R 136 97.97 -0.33 12.11
C ALA R 136 98.26 -1.45 13.10
N TYR R 137 99.45 -1.45 13.70
CA TYR R 137 99.69 -2.34 14.83
C TYR R 137 98.85 -1.93 16.04
N ILE R 138 98.57 -0.64 16.17
CA ILE R 138 97.69 -0.19 17.25
C ILE R 138 96.24 -0.54 16.94
N ALA R 139 95.73 -0.06 15.81
CA ALA R 139 94.30 -0.14 15.48
C ALA R 139 93.80 -1.56 15.24
N HIS R 140 94.69 -2.51 14.98
CA HIS R 140 94.28 -3.91 14.95
C HIS R 140 94.38 -4.58 16.31
N ALA R 141 95.12 -3.98 17.24
CA ALA R 141 95.21 -4.52 18.60
C ALA R 141 94.07 -4.07 19.49
N LEU R 142 93.23 -3.13 19.03
CA LEU R 142 92.03 -2.73 19.76
C LEU R 142 90.83 -3.62 19.47
N GLY R 143 91.03 -4.81 18.90
CA GLY R 143 89.94 -5.73 18.69
C GLY R 143 89.46 -6.42 19.95
N ALA R 144 90.30 -6.50 20.97
CA ALA R 144 89.94 -7.15 22.23
C ALA R 144 89.19 -6.17 23.13
N ASP R 145 88.62 -6.71 24.20
CA ASP R 145 87.78 -5.93 25.12
C ASP R 145 88.45 -5.69 26.46
N GLY R 146 89.13 -6.69 27.02
CA GLY R 146 89.73 -6.54 28.34
C GLY R 146 91.11 -5.92 28.33
N ARG R 147 91.30 -4.86 27.55
CA ARG R 147 92.58 -4.19 27.43
C ARG R 147 92.34 -2.69 27.29
N VAL R 148 93.39 -1.97 26.94
CA VAL R 148 93.33 -0.60 26.46
C VAL R 148 94.30 -0.50 25.30
N ALA R 149 94.41 0.70 24.68
CA ALA R 149 95.10 0.85 23.42
C ALA R 149 96.62 0.65 23.57
N ASP R 150 97.31 0.65 22.44
CA ASP R 150 98.67 0.16 22.30
C ASP R 150 99.58 1.28 21.82
N ALA R 151 100.87 1.15 22.15
CA ALA R 151 101.91 2.02 21.63
C ALA R 151 103.01 1.16 21.01
N SER R 152 103.61 1.66 19.94
CA SER R 152 104.60 0.92 19.17
C SER R 152 105.94 1.63 19.22
N ALA R 153 107.02 0.84 19.31
CA ALA R 153 108.38 1.36 19.31
C ALA R 153 109.32 0.26 18.84
N THR R 154 110.58 0.66 18.56
CA THR R 154 111.61 -0.30 18.19
C THR R 154 112.97 0.30 18.55
N SER R 155 113.57 -0.19 19.64
CA SER R 155 114.99 0.01 19.92
C SER R 155 115.91 -1.01 19.22
N PRO R 156 115.66 -2.38 19.25
CA PRO R 156 116.67 -3.28 18.67
C PRO R 156 116.71 -3.31 17.14
N ALA R 157 117.45 -4.30 16.63
CA ALA R 157 117.65 -4.72 15.23
C ALA R 157 116.33 -4.79 14.47
N PRO R 158 116.32 -4.55 13.16
CA PRO R 158 115.05 -4.42 12.44
C PRO R 158 114.27 -5.73 12.34
N CYS R 159 112.98 -5.55 12.00
CA CYS R 159 111.94 -6.59 12.12
C CYS R 159 111.91 -7.20 13.51
N GLU R 160 111.98 -6.35 14.53
CA GLU R 160 111.76 -6.72 15.92
C GLU R 160 110.90 -5.62 16.54
N VAL R 161 109.60 -5.87 16.62
CA VAL R 161 108.64 -4.85 17.02
C VAL R 161 108.43 -4.91 18.53
N LEU R 162 108.57 -3.76 19.18
CA LEU R 162 108.30 -3.63 20.62
C LEU R 162 106.98 -2.88 20.78
N ILE R 163 105.90 -3.61 20.98
CA ILE R 163 104.59 -3.03 21.25
C ILE R 163 104.26 -3.21 22.74
N SER R 164 103.68 -2.18 23.33
CA SER R 164 103.38 -2.16 24.77
C SER R 164 101.88 -2.33 24.95
N VAL R 165 101.45 -3.57 25.22
CA VAL R 165 100.04 -3.88 25.41
C VAL R 165 99.69 -3.47 26.85
N LEU R 166 99.03 -2.33 26.99
CA LEU R 166 98.55 -1.87 28.28
C LEU R 166 97.09 -2.28 28.45
N GLY R 167 96.63 -2.35 29.70
CA GLY R 167 95.28 -2.81 29.95
C GLY R 167 94.60 -2.16 31.14
N VAL R 168 93.37 -1.69 30.93
CA VAL R 168 92.55 -1.13 32.00
C VAL R 168 91.53 -2.18 32.41
N GLU R 169 91.82 -2.87 33.51
CA GLU R 169 90.82 -3.70 34.17
C GLU R 169 90.84 -3.57 35.68
N GLY R 170 91.90 -3.00 36.26
CA GLY R 170 92.04 -2.90 37.70
C GLY R 170 93.44 -2.48 38.11
N ASN R 171 94.02 -3.20 39.06
CA ASN R 171 95.33 -2.88 39.61
C ASN R 171 96.41 -3.32 38.61
N GLY R 172 96.73 -2.43 37.67
CA GLY R 172 97.94 -2.58 36.89
C GLY R 172 97.99 -3.71 35.88
N GLN R 173 98.72 -4.77 36.25
CA GLN R 173 99.18 -5.84 35.38
C GLN R 173 98.03 -6.55 34.65
N ALA R 174 98.20 -6.70 33.33
CA ALA R 174 97.27 -7.44 32.49
C ALA R 174 97.61 -8.94 32.50
N PRO R 175 96.62 -9.81 32.36
CA PRO R 175 96.90 -11.25 32.36
C PRO R 175 97.64 -11.70 31.10
N GLU R 176 98.45 -12.74 31.26
CA GLU R 176 99.22 -13.28 30.15
C GLU R 176 98.35 -14.08 29.18
N ALA R 177 97.20 -14.58 29.62
CA ALA R 177 96.28 -15.23 28.70
C ALA R 177 95.61 -14.21 27.79
N VAL R 178 95.39 -12.98 28.28
CA VAL R 178 94.90 -11.92 27.43
C VAL R 178 96.00 -11.46 26.48
N LEU R 179 97.27 -11.61 26.89
CA LEU R 179 98.40 -11.19 26.07
C LEU R 179 98.55 -12.04 24.82
N GLN R 180 98.11 -13.30 24.86
CA GLN R 180 98.26 -14.17 23.70
C GLN R 180 97.24 -13.89 22.61
N ALA R 181 96.22 -13.07 22.89
CA ALA R 181 95.18 -12.82 21.90
C ALA R 181 95.63 -11.88 20.80
N VAL R 182 96.69 -11.10 21.02
CA VAL R 182 97.13 -10.15 19.99
C VAL R 182 97.87 -10.87 18.86
N ARG R 183 98.52 -12.00 19.17
CA ARG R 183 99.15 -12.77 18.11
C ARG R 183 98.12 -13.53 17.29
N LEU R 184 96.96 -13.83 17.89
CA LEU R 184 95.82 -14.30 17.14
C LEU R 184 95.11 -13.15 16.42
N ALA R 185 95.29 -11.92 16.90
CA ALA R 185 94.76 -10.74 16.24
C ALA R 185 95.72 -10.14 15.22
N LEU R 186 96.97 -10.61 15.18
CA LEU R 186 97.95 -10.14 14.21
C LEU R 186 98.58 -11.36 13.53
N ASN R 187 97.89 -11.91 12.54
CA ASN R 187 98.41 -12.99 11.71
C ASN R 187 98.40 -12.63 10.24
N ALA R 188 97.28 -12.14 9.73
CA ALA R 188 97.16 -11.65 8.36
C ALA R 188 97.05 -10.14 8.32
N GLU R 189 97.55 -9.46 9.35
CA GLU R 189 97.54 -8.01 9.43
C GLU R 189 98.93 -7.41 9.44
N ASP R 190 99.94 -8.18 9.82
CA ASP R 190 101.30 -7.69 9.88
C ASP R 190 101.98 -7.86 8.52
N VAL R 191 103.26 -7.67 8.49
CA VAL R 191 104.07 -8.10 7.35
C VAL R 191 104.59 -9.49 7.71
N ARG R 192 104.82 -10.33 6.70
CA ARG R 192 105.27 -11.68 7.01
C ARG R 192 106.74 -11.76 7.45
N PRO R 193 107.72 -11.03 6.87
CA PRO R 193 109.06 -11.08 7.48
C PRO R 193 109.16 -10.41 8.84
N VAL R 194 108.33 -9.42 9.15
CA VAL R 194 108.47 -8.73 10.43
C VAL R 194 107.97 -9.63 11.54
N ALA R 195 108.56 -9.50 12.73
CA ALA R 195 108.24 -10.36 13.86
C ALA R 195 108.22 -9.51 15.12
N ASP R 196 107.12 -9.58 15.86
CA ASP R 196 106.94 -8.76 17.05
C ASP R 196 107.22 -9.55 18.32
N ARG R 197 107.65 -8.84 19.35
CA ARG R 197 107.58 -9.32 20.72
C ARG R 197 106.49 -8.54 21.44
N VAL R 198 105.76 -9.22 22.30
CA VAL R 198 104.59 -8.64 22.96
C VAL R 198 104.94 -8.48 24.43
N THR R 199 105.27 -7.25 24.81
CA THR R 199 105.59 -6.91 26.19
C THR R 199 104.43 -6.13 26.79
N VAL R 200 103.96 -6.58 27.95
CA VAL R 200 102.80 -5.96 28.58
C VAL R 200 103.18 -4.70 29.36
N ARG R 201 104.31 -4.72 30.08
CA ARG R 201 104.82 -3.57 30.82
C ARG R 201 106.27 -3.41 30.41
N SER R 202 106.50 -2.67 29.33
CA SER R 202 107.79 -2.62 28.67
C SER R 202 108.80 -1.70 29.37
N ALA R 203 108.38 -0.95 30.39
CA ALA R 203 109.33 -0.09 31.10
C ALA R 203 109.23 -0.27 32.61
N GLY R 204 108.05 -0.59 33.11
CA GLY R 204 107.87 -0.76 34.55
C GLY R 204 106.77 0.13 35.11
N ILE R 205 106.26 -0.22 36.29
CA ILE R 205 105.16 0.49 36.92
C ILE R 205 105.61 0.95 38.30
N VAL R 206 105.48 2.25 38.55
CA VAL R 206 105.76 2.82 39.86
C VAL R 206 104.44 3.30 40.48
N PRO R 207 104.25 3.14 41.80
CA PRO R 207 102.96 3.50 42.40
C PRO R 207 102.82 5.01 42.59
N TYR R 208 101.67 5.54 42.18
CA TYR R 208 101.38 6.97 42.31
C TYR R 208 100.13 7.17 43.16
N GLN R 209 100.05 8.36 43.76
CA GLN R 209 98.89 8.80 44.51
C GLN R 209 98.68 10.28 44.22
N VAL R 210 97.67 10.88 44.88
CA VAL R 210 97.53 12.32 44.94
C VAL R 210 96.87 12.66 46.27
N LYS R 211 97.32 13.76 46.87
CA LYS R 211 96.75 14.27 48.12
C LYS R 211 96.57 15.77 47.97
N ALA R 212 95.31 16.21 47.87
CA ALA R 212 94.99 17.60 47.59
C ALA R 212 94.18 18.18 48.74
N GLN R 213 94.57 19.37 49.20
CA GLN R 213 93.83 20.12 50.21
C GLN R 213 93.20 21.31 49.51
N LEU R 214 92.02 21.08 48.94
CA LEU R 214 91.33 22.09 48.16
C LEU R 214 90.62 23.07 49.09
N TYR R 215 90.28 24.25 48.58
CA TYR R 215 89.35 25.14 49.25
C TYR R 215 88.13 25.32 48.37
N LEU R 216 86.96 25.37 48.99
CA LEU R 216 85.72 25.74 48.33
C LEU R 216 85.24 27.08 48.85
N PHE R 217 84.31 27.69 48.12
CA PHE R 217 83.80 28.99 48.49
C PHE R 217 82.88 28.88 49.71
N PRO R 218 82.77 29.95 50.51
CA PRO R 218 81.68 30.01 51.50
C PRO R 218 80.35 30.15 50.79
N GLY R 219 79.55 29.09 50.79
CA GLY R 219 78.46 28.99 49.84
C GLY R 219 77.86 27.60 49.80
N PRO R 220 77.81 27.01 48.60
CA PRO R 220 77.12 25.72 48.42
C PRO R 220 77.85 24.57 49.12
N GLU R 221 77.17 23.42 49.09
CA GLU R 221 77.54 22.28 49.93
C GLU R 221 78.80 21.59 49.42
N ALA R 222 79.63 21.16 50.37
CA ALA R 222 80.95 20.60 50.07
C ALA R 222 80.92 19.09 49.85
N GLU R 223 79.74 18.49 49.73
CA GLU R 223 79.64 17.04 49.56
C GLU R 223 79.69 16.64 48.08
N LEU R 224 78.92 17.31 47.24
CA LEU R 224 78.87 16.97 45.83
C LEU R 224 79.89 17.72 44.98
N ILE R 225 80.47 18.80 45.51
CA ILE R 225 81.46 19.57 44.77
C ILE R 225 82.86 18.99 44.93
N ARG R 226 83.17 18.48 46.14
CA ARG R 226 84.42 17.75 46.34
C ARG R 226 84.43 16.47 45.51
N ALA R 227 83.31 15.75 45.48
CA ALA R 227 83.21 14.54 44.68
C ALA R 227 83.15 14.82 43.19
N ALA R 228 82.79 16.05 42.79
CA ALA R 228 82.81 16.40 41.37
C ALA R 228 84.21 16.62 40.84
N ALA R 229 85.20 16.78 41.74
CA ALA R 229 86.58 16.93 41.29
C ALA R 229 87.12 15.63 40.72
N GLU R 230 86.68 14.48 41.27
CA GLU R 230 87.07 13.19 40.73
C GLU R 230 86.26 12.80 39.50
N ALA R 231 85.20 13.55 39.17
CA ALA R 231 84.46 13.26 37.94
C ALA R 231 85.28 13.63 36.71
N SER R 232 86.19 14.59 36.83
CA SER R 232 87.13 14.92 35.78
C SER R 232 88.51 14.30 36.01
N LEU R 233 88.67 13.51 37.07
CA LEU R 233 89.93 12.86 37.41
C LEU R 233 89.92 11.35 37.22
N ARG R 234 88.85 10.68 37.67
CA ARG R 234 88.79 9.22 37.55
C ARG R 234 88.62 8.75 36.12
N ASP R 235 88.09 9.60 35.24
CA ASP R 235 88.10 9.31 33.81
C ASP R 235 89.35 9.82 33.12
N TYR R 236 90.12 10.67 33.79
CA TYR R 236 91.37 11.17 33.23
C TYR R 236 92.49 10.16 33.38
N ILE R 237 92.54 9.47 34.52
CA ILE R 237 93.57 8.46 34.76
C ILE R 237 93.34 7.25 33.87
N SER R 238 92.07 6.93 33.59
CA SER R 238 91.75 5.87 32.64
C SER R 238 92.06 6.25 31.19
N ALA R 239 92.30 7.53 30.91
CA ALA R 239 92.64 7.99 29.57
C ALA R 239 94.13 8.27 29.40
N GLN R 240 94.96 7.98 30.41
CA GLN R 240 96.39 8.22 30.28
C GLN R 240 97.07 7.10 29.52
N ARG R 241 96.84 5.85 29.93
CA ARG R 241 97.35 4.72 29.17
C ARG R 241 96.48 4.37 27.97
N ARG R 242 95.36 5.06 27.77
CA ARG R 242 94.64 4.98 26.51
C ARG R 242 95.47 5.57 25.38
N LEU R 243 96.30 6.57 25.68
CA LEU R 243 97.32 7.04 24.75
C LEU R 243 98.72 6.68 25.20
N GLY R 244 98.87 6.13 26.41
CA GLY R 244 100.18 5.75 26.92
C GLY R 244 101.10 6.89 27.23
N ARG R 245 100.56 8.11 27.40
CA ARG R 245 101.36 9.32 27.52
C ARG R 245 101.35 9.84 28.95
N ASP R 246 101.92 11.03 29.12
CA ASP R 246 102.45 11.47 30.40
C ASP R 246 101.37 12.09 31.29
N ILE R 247 101.61 12.04 32.60
CA ILE R 247 100.91 12.87 33.56
C ILE R 247 101.87 13.98 34.00
N ARG R 248 101.29 15.08 34.45
CA ARG R 248 102.08 16.22 34.90
C ARG R 248 101.67 16.60 36.31
N ARG R 249 102.43 17.55 36.88
CA ARG R 249 101.95 18.24 38.07
C ARG R 249 100.68 19.00 37.78
N SER R 250 100.63 19.68 36.63
CA SER R 250 99.45 20.42 36.20
C SER R 250 98.29 19.51 35.82
N ALA R 251 98.56 18.24 35.51
CA ALA R 251 97.46 17.28 35.38
C ALA R 251 96.82 16.99 36.72
N LEU R 252 97.59 17.08 37.81
CA LEU R 252 97.03 16.95 39.15
C LEU R 252 96.43 18.25 39.66
N PHE R 253 96.63 19.37 38.97
CA PHE R 253 95.93 20.61 39.28
C PHE R 253 94.64 20.75 38.46
N ALA R 254 94.78 20.70 37.13
CA ALA R 254 93.69 21.11 36.24
C ALA R 254 92.52 20.11 36.23
N THR R 255 92.77 18.86 36.60
CA THR R 255 91.70 17.88 36.70
C THR R 255 90.95 17.94 38.02
N LEU R 256 91.27 18.90 38.89
CA LEU R 256 90.56 19.11 40.14
C LEU R 256 89.83 20.44 40.19
N HIS R 257 89.94 21.27 39.15
CA HIS R 257 89.21 22.54 39.09
C HIS R 257 87.81 22.29 38.56
N VAL R 258 86.82 22.50 39.41
CA VAL R 258 85.41 22.43 39.02
C VAL R 258 84.78 23.78 39.31
N GLU R 259 83.47 23.89 39.07
CA GLU R 259 82.76 25.12 39.36
C GLU R 259 82.65 25.31 40.87
N GLY R 260 83.39 26.29 41.39
CA GLY R 260 83.38 26.56 42.82
C GLY R 260 84.72 26.36 43.50
N VAL R 261 85.81 26.59 42.77
CA VAL R 261 87.16 26.39 43.27
C VAL R 261 87.90 27.73 43.25
N GLN R 262 88.48 28.11 44.38
CA GLN R 262 89.29 29.32 44.43
C GLN R 262 90.78 29.07 44.64
N ARG R 263 91.17 27.97 45.30
CA ARG R 263 92.56 27.57 45.32
C ARG R 263 92.67 26.08 45.59
N VAL R 264 93.76 25.50 45.09
CA VAL R 264 94.08 24.08 45.21
C VAL R 264 95.47 23.95 45.81
N GLU R 265 95.91 22.71 46.00
CA GLU R 265 97.19 22.43 46.63
C GLU R 265 97.63 21.02 46.27
N LEU R 266 98.94 20.83 46.13
CA LEU R 266 99.52 19.56 45.71
C LEU R 266 100.80 19.30 46.50
N GLN R 267 100.99 18.05 46.94
CA GLN R 267 102.20 17.65 47.66
C GLN R 267 102.89 16.40 47.10
N GLU R 268 102.17 15.52 46.40
CA GLU R 268 102.69 14.17 46.14
C GLU R 268 103.84 14.14 45.13
N PRO R 269 103.86 14.91 44.03
CA PRO R 269 105.14 15.04 43.32
C PRO R 269 105.96 16.24 43.78
N ALA R 270 107.27 16.02 43.90
CA ALA R 270 108.17 17.15 44.04
C ALA R 270 108.40 17.84 42.70
N ALA R 271 108.64 17.05 41.65
CA ALA R 271 108.62 17.52 40.28
C ALA R 271 107.80 16.53 39.48
N ASP R 272 107.41 16.94 38.26
CA ASP R 272 106.59 16.08 37.42
C ASP R 272 107.39 14.89 36.89
N VAL R 273 106.67 13.79 36.66
CA VAL R 273 107.28 12.58 36.16
C VAL R 273 107.10 12.52 34.65
N VAL R 274 107.87 11.67 33.99
CA VAL R 274 107.81 11.50 32.55
C VAL R 274 107.30 10.10 32.22
N LEU R 275 106.40 10.02 31.26
CA LEU R 275 105.88 8.76 30.74
C LEU R 275 105.96 8.85 29.23
N ASP R 276 106.93 8.17 28.64
CA ASP R 276 107.17 8.24 27.20
C ASP R 276 106.18 7.35 26.46
N GLU R 277 106.44 7.12 25.17
CA GLU R 277 105.64 6.18 24.40
C GLU R 277 105.86 4.74 24.89
N THR R 278 107.00 4.46 25.51
CA THR R 278 107.27 3.20 26.18
C THR R 278 106.83 3.22 27.64
N GLN R 279 107.17 4.28 28.37
CA GLN R 279 106.96 4.33 29.81
C GLN R 279 105.50 4.60 30.16
N ALA R 280 104.97 3.84 31.11
CA ALA R 280 103.62 4.04 31.63
C ALA R 280 103.64 3.78 33.13
N ALA R 281 102.54 4.13 33.80
CA ALA R 281 102.47 4.02 35.25
C ALA R 281 101.03 3.78 35.68
N TYR R 282 100.84 3.68 37.00
CA TYR R 282 99.54 3.40 37.60
C TYR R 282 99.41 4.14 38.92
N CYS R 283 98.18 4.55 39.23
CA CYS R 283 97.87 5.28 40.45
C CYS R 283 97.07 4.38 41.38
N THR R 284 97.55 4.22 42.62
CA THR R 284 96.98 3.22 43.52
C THR R 284 95.71 3.72 44.21
N GLY R 285 95.84 4.76 45.04
CA GLY R 285 94.72 5.22 45.83
C GLY R 285 94.80 6.69 46.19
N TYR R 286 93.68 7.39 46.10
CA TYR R 286 93.64 8.83 46.24
C TYR R 286 93.00 9.25 47.55
N ALA R 287 93.27 10.50 47.95
CA ALA R 287 92.65 11.11 49.12
C ALA R 287 92.62 12.62 48.88
N ILE R 288 91.46 13.11 48.45
CA ILE R 288 91.25 14.54 48.19
C ILE R 288 90.20 15.03 49.17
N THR R 289 90.62 15.88 50.10
CA THR R 289 89.76 16.50 51.08
C THR R 289 89.85 18.02 50.95
N LEU R 290 89.22 18.73 51.88
CA LEU R 290 89.30 20.18 51.94
C LEU R 290 90.22 20.62 53.08
N GLY R 291 90.81 21.80 52.91
CA GLY R 291 91.63 22.37 53.96
C GLY R 291 90.85 23.16 54.99
N GLY R 292 89.68 23.68 54.63
CA GLY R 292 88.86 24.44 55.56
C GLY R 292 88.15 23.56 56.56
N ILE S 2 -24.00 -55.03 76.86
CA ILE S 2 -23.29 -54.40 75.75
C ILE S 2 -22.62 -55.50 74.93
N ILE S 3 -23.32 -55.97 73.90
CA ILE S 3 -22.87 -57.06 73.05
C ILE S 3 -22.90 -56.58 71.60
N ASP S 4 -21.80 -56.80 70.88
CA ASP S 4 -21.69 -56.37 69.50
C ASP S 4 -22.64 -57.17 68.62
N LEU S 5 -23.48 -56.47 67.85
CA LEU S 5 -24.36 -57.08 66.88
C LEU S 5 -23.73 -57.14 65.49
N SER S 6 -22.64 -56.41 65.28
CA SER S 6 -22.07 -56.20 63.96
C SER S 6 -21.06 -57.27 63.57
N GLN S 7 -21.20 -58.49 64.11
CA GLN S 7 -20.33 -59.60 63.76
C GLN S 7 -21.12 -60.85 63.39
N LEU S 8 -22.38 -60.69 63.05
CA LEU S 8 -23.30 -61.78 62.71
C LEU S 8 -23.31 -61.97 61.19
N PRO S 9 -23.98 -63.01 60.68
CA PRO S 9 -24.28 -63.04 59.24
C PRO S 9 -25.13 -61.87 58.79
N GLU S 10 -24.97 -61.52 57.52
CA GLU S 10 -25.50 -60.27 57.00
C GLU S 10 -27.02 -60.34 56.85
N PRO S 11 -27.74 -59.31 57.28
CA PRO S 11 -29.16 -59.22 56.95
C PRO S 11 -29.36 -58.65 55.56
N GLU S 12 -30.29 -59.24 54.82
CA GLU S 12 -30.63 -58.79 53.47
C GLU S 12 -32.00 -58.12 53.52
N VAL S 13 -32.01 -56.81 53.33
CA VAL S 13 -33.28 -56.09 53.34
C VAL S 13 -34.01 -56.31 52.02
N ILE S 14 -33.30 -56.24 50.91
CA ILE S 14 -33.78 -56.75 49.63
C ILE S 14 -33.08 -58.09 49.40
N GLU S 15 -33.77 -59.00 48.73
CA GLU S 15 -33.18 -60.30 48.43
C GLU S 15 -32.10 -60.14 47.38
N ASN S 16 -31.07 -60.98 47.49
CA ASN S 16 -29.90 -60.91 46.62
C ASN S 16 -29.87 -62.19 45.79
N LEU S 17 -30.59 -62.18 44.68
CA LEU S 17 -30.65 -63.33 43.81
C LEU S 17 -29.37 -63.47 43.00
N ASP S 18 -29.10 -64.69 42.53
CA ASP S 18 -27.91 -64.91 41.73
C ASP S 18 -28.18 -64.48 40.28
N PHE S 19 -27.16 -64.65 39.43
CA PHE S 19 -27.19 -64.08 38.08
C PHE S 19 -28.17 -64.79 37.17
N GLU S 20 -28.48 -66.06 37.45
CA GLU S 20 -29.28 -66.82 36.50
C GLU S 20 -30.77 -66.56 36.66
N THR S 21 -31.28 -66.56 37.89
CA THR S 21 -32.71 -66.33 38.06
C THR S 21 -33.10 -64.85 37.91
N ILE S 22 -32.13 -63.94 37.95
CA ILE S 22 -32.39 -62.57 37.53
C ILE S 22 -32.52 -62.51 36.01
N TYR S 23 -31.70 -63.29 35.31
CA TYR S 23 -31.70 -63.30 33.85
C TYR S 23 -32.97 -63.92 33.29
N GLN S 24 -33.40 -65.04 33.87
CA GLN S 24 -34.63 -65.68 33.41
C GLN S 24 -35.87 -64.89 33.80
N GLU S 25 -35.79 -64.04 34.83
CA GLU S 25 -36.89 -63.14 35.14
C GLU S 25 -37.00 -62.04 34.09
N LEU S 26 -35.87 -61.62 33.51
CA LEU S 26 -35.91 -60.59 32.48
C LEU S 26 -36.43 -61.13 31.16
N LEU S 27 -36.16 -62.40 30.86
CA LEU S 27 -36.70 -63.00 29.65
C LEU S 27 -38.21 -63.20 29.75
N GLY S 28 -38.70 -63.49 30.96
CA GLY S 28 -40.14 -63.54 31.16
C GLY S 28 -40.79 -62.19 31.02
N ASP S 29 -40.02 -61.13 31.30
CA ASP S 29 -40.51 -59.78 31.04
C ASP S 29 -40.38 -59.44 29.55
N PHE S 30 -39.47 -60.13 28.85
CA PHE S 30 -39.24 -59.82 27.44
C PHE S 30 -40.24 -60.55 26.54
N ARG S 31 -40.70 -61.73 26.95
CA ARG S 31 -41.68 -62.44 26.15
C ARG S 31 -43.06 -61.79 26.25
N GLU S 32 -43.38 -61.23 27.41
CA GLU S 32 -44.68 -60.61 27.61
C GLU S 32 -44.74 -59.24 26.93
N ALA S 33 -43.59 -58.59 26.77
CA ALA S 33 -43.58 -57.28 26.12
C ALA S 33 -43.61 -57.43 24.61
N MET S 34 -43.04 -58.52 24.08
CA MET S 34 -43.10 -58.83 22.66
C MET S 34 -44.32 -59.67 22.29
N ALA S 35 -45.38 -59.63 23.09
CA ALA S 35 -46.52 -60.51 22.91
C ALA S 35 -47.29 -60.16 21.65
N GLY S 36 -47.58 -61.18 20.83
CA GLY S 36 -48.19 -60.98 19.54
C GLY S 36 -47.24 -60.82 18.39
N GLU S 37 -46.02 -60.35 18.65
CA GLU S 37 -45.03 -60.16 17.60
C GLU S 37 -43.68 -60.80 17.90
N TRP S 38 -43.59 -61.67 18.90
CA TRP S 38 -42.33 -62.34 19.20
C TRP S 38 -42.06 -63.45 18.19
N THR S 39 -40.80 -63.56 17.78
CA THR S 39 -40.34 -64.64 16.93
C THR S 39 -39.05 -65.17 17.55
N ALA S 40 -38.72 -66.42 17.26
CA ALA S 40 -37.48 -66.99 17.77
C ALA S 40 -36.24 -66.36 17.12
N GLU S 41 -36.43 -65.71 15.96
CA GLU S 41 -35.33 -65.02 15.31
C GLU S 41 -35.08 -63.65 15.93
N VAL S 42 -35.98 -63.18 16.80
CA VAL S 42 -35.83 -61.87 17.42
C VAL S 42 -34.73 -61.91 18.48
N GLU S 43 -34.67 -62.98 19.27
CA GLU S 43 -33.70 -63.13 20.36
C GLU S 43 -32.33 -63.51 19.80
N SER S 44 -31.76 -62.59 19.03
CA SER S 44 -30.48 -62.81 18.38
C SER S 44 -29.33 -62.58 19.36
N ASP S 45 -28.13 -62.62 18.80
CA ASP S 45 -26.93 -62.41 19.63
C ASP S 45 -26.78 -60.98 20.17
N PRO S 46 -26.99 -59.89 19.41
CA PRO S 46 -26.92 -58.58 20.09
C PRO S 46 -28.10 -58.27 20.99
N VAL S 47 -29.19 -59.04 20.89
CA VAL S 47 -30.33 -58.83 21.76
C VAL S 47 -30.10 -59.50 23.11
N LEU S 48 -29.55 -60.72 23.10
CA LEU S 48 -29.37 -61.46 24.34
C LEU S 48 -28.25 -60.87 25.19
N LYS S 49 -27.22 -60.31 24.56
CA LYS S 49 -26.13 -59.72 25.33
C LYS S 49 -26.53 -58.43 26.02
N LEU S 50 -27.59 -57.76 25.55
CA LEU S 50 -28.17 -56.66 26.31
C LEU S 50 -28.83 -57.18 27.58
N LEU S 51 -29.54 -58.30 27.48
CA LEU S 51 -30.20 -58.88 28.64
C LEU S 51 -29.19 -59.48 29.62
N GLN S 52 -28.02 -59.88 29.15
CA GLN S 52 -26.98 -60.33 30.06
C GLN S 52 -26.30 -59.15 30.75
N LEU S 53 -26.34 -57.97 30.15
CA LEU S 53 -25.91 -56.76 30.85
C LEU S 53 -26.89 -56.41 31.95
N ALA S 54 -28.19 -56.42 31.63
CA ALA S 54 -29.22 -56.00 32.58
C ALA S 54 -29.29 -56.93 33.77
N ALA S 55 -29.13 -58.25 33.55
CA ALA S 55 -29.03 -59.20 34.65
C ALA S 55 -27.77 -58.99 35.49
N TYR S 56 -26.75 -58.35 34.94
CA TYR S 56 -25.55 -58.00 35.68
C TYR S 56 -25.66 -56.67 36.40
N ARG S 57 -26.52 -55.76 35.94
CA ARG S 57 -26.55 -54.43 36.55
C ARG S 57 -27.43 -54.41 37.81
N GLU S 58 -28.58 -55.09 37.81
CA GLU S 58 -29.29 -55.17 39.09
C GLU S 58 -28.75 -56.26 39.99
N LEU S 59 -27.81 -57.08 39.52
CA LEU S 59 -26.98 -57.81 40.46
C LEU S 59 -26.07 -56.85 41.21
N LEU S 60 -25.69 -55.74 40.57
CA LEU S 60 -24.97 -54.65 41.21
C LEU S 60 -25.89 -53.60 41.80
N LEU S 61 -27.20 -53.70 41.59
CA LEU S 61 -28.12 -52.82 42.32
C LEU S 61 -28.72 -53.47 43.53
N ARG S 62 -28.99 -54.79 43.47
CA ARG S 62 -29.37 -55.50 44.69
C ARG S 62 -28.22 -55.59 45.67
N ALA S 63 -26.97 -55.56 45.18
CA ALA S 63 -25.81 -55.43 46.04
C ALA S 63 -25.62 -54.01 46.54
N ARG S 64 -26.15 -53.02 45.83
CA ARG S 64 -26.04 -51.63 46.25
C ARG S 64 -27.08 -51.28 47.32
N ILE S 65 -28.30 -51.80 47.16
CA ILE S 65 -29.34 -51.58 48.17
C ILE S 65 -28.98 -52.28 49.46
N ASN S 66 -28.37 -53.47 49.37
CA ASN S 66 -27.94 -54.17 50.58
C ASN S 66 -26.77 -53.46 51.25
N ASP S 67 -25.80 -53.00 50.47
CA ASP S 67 -24.66 -52.28 51.05
C ASP S 67 -25.04 -50.91 51.56
N ALA S 68 -26.11 -50.31 51.05
CA ALA S 68 -26.61 -49.07 51.63
C ALA S 68 -27.35 -49.36 52.94
N ALA S 69 -28.12 -50.45 52.98
CA ALA S 69 -28.89 -50.78 54.16
C ALA S 69 -28.03 -51.34 55.29
N ARG S 70 -26.82 -51.83 54.97
CA ARG S 70 -25.88 -52.18 56.03
C ARG S 70 -25.40 -50.93 56.75
N ALA S 71 -24.94 -49.93 56.01
CA ALA S 71 -24.30 -48.76 56.58
C ALA S 71 -25.28 -47.77 57.21
N VAL S 72 -26.58 -48.02 57.13
CA VAL S 72 -27.58 -47.22 57.83
C VAL S 72 -27.86 -47.78 59.21
N MET S 73 -28.08 -49.08 59.32
CA MET S 73 -28.22 -49.72 60.62
C MET S 73 -26.86 -49.76 61.33
N LEU S 74 -26.88 -49.67 62.66
CA LEU S 74 -25.64 -49.77 63.44
C LEU S 74 -25.00 -51.14 63.32
N ALA S 75 -25.80 -52.17 63.06
CA ALA S 75 -25.26 -53.46 62.65
C ALA S 75 -24.60 -53.30 61.28
N TYR S 76 -23.28 -53.48 61.24
CA TYR S 76 -22.43 -53.35 60.05
C TYR S 76 -22.49 -51.94 59.45
N ALA S 77 -22.21 -50.95 60.29
CA ALA S 77 -21.94 -49.60 59.84
C ALA S 77 -20.45 -49.32 59.99
N SER S 78 -19.85 -48.76 58.95
CA SER S 78 -18.41 -48.58 58.87
C SER S 78 -18.04 -47.14 59.23
N GLY S 79 -16.73 -46.87 59.18
CA GLY S 79 -16.21 -45.60 59.62
C GLY S 79 -16.65 -44.43 58.75
N ALA S 80 -16.55 -43.24 59.34
CA ALA S 80 -17.02 -41.96 58.79
C ALA S 80 -18.51 -41.98 58.44
N ASP S 81 -19.28 -42.87 59.07
CA ASP S 81 -20.72 -42.95 58.89
C ASP S 81 -21.46 -43.09 60.21
N LEU S 82 -20.81 -43.55 61.28
CA LEU S 82 -21.41 -43.49 62.59
C LEU S 82 -21.46 -42.06 63.12
N ASP S 83 -20.65 -41.16 62.55
CA ASP S 83 -20.76 -39.74 62.90
C ASP S 83 -22.07 -39.16 62.40
N GLN S 84 -22.61 -39.69 61.29
CA GLN S 84 -23.94 -39.29 60.84
C GLN S 84 -25.03 -39.94 61.68
N ILE S 85 -24.77 -41.12 62.23
CA ILE S 85 -25.74 -41.77 63.10
C ILE S 85 -25.61 -41.26 64.53
N GLY S 86 -24.39 -41.10 65.02
CA GLY S 86 -24.17 -40.59 66.36
C GLY S 86 -24.58 -39.14 66.55
N ALA S 87 -24.67 -38.36 65.47
CA ALA S 87 -25.26 -37.04 65.56
C ALA S 87 -26.76 -37.13 65.83
N GLY S 88 -27.40 -38.20 65.38
CA GLY S 88 -28.77 -38.47 65.76
C GLY S 88 -28.93 -39.08 67.14
N PHE S 89 -27.83 -39.42 67.80
CA PHE S 89 -27.86 -39.96 69.15
C PHE S 89 -26.93 -39.22 70.10
N ASN S 90 -26.52 -38.00 69.71
CA ASN S 90 -25.64 -37.11 70.49
C ASN S 90 -24.32 -37.79 70.84
N VAL S 91 -23.75 -38.50 69.87
CA VAL S 91 -22.50 -39.21 70.05
C VAL S 91 -21.50 -38.61 69.07
N GLN S 92 -20.50 -37.91 69.60
CA GLN S 92 -19.41 -37.36 68.81
C GLN S 92 -18.11 -38.04 69.25
N ARG S 93 -17.28 -38.40 68.29
CA ARG S 93 -15.98 -38.98 68.63
C ARG S 93 -15.06 -37.93 69.22
N LEU S 94 -14.25 -38.33 70.18
CA LEU S 94 -13.35 -37.44 70.88
C LEU S 94 -11.94 -37.64 70.37
N LEU S 95 -11.01 -36.87 70.92
CA LEU S 95 -9.63 -36.82 70.45
C LEU S 95 -8.73 -37.57 71.41
N ILE S 96 -8.11 -38.64 70.94
CA ILE S 96 -7.12 -39.39 71.70
C ILE S 96 -5.76 -39.02 71.10
N ARG S 97 -5.09 -38.05 71.74
CA ARG S 97 -3.86 -37.34 71.34
C ARG S 97 -3.85 -36.99 69.85
N PRO S 98 -4.62 -35.95 69.45
CA PRO S 98 -4.75 -35.61 68.03
C PRO S 98 -3.51 -34.97 67.43
N ALA S 99 -3.63 -34.45 66.21
CA ALA S 99 -2.49 -33.96 65.45
C ALA S 99 -1.98 -32.65 66.04
N GLN S 100 -1.19 -32.78 67.11
CA GLN S 100 -0.33 -31.68 67.56
C GLN S 100 1.05 -31.86 66.94
N PRO S 101 1.48 -30.99 66.04
CA PRO S 101 2.83 -31.12 65.48
C PRO S 101 3.93 -30.67 66.42
N GLU S 102 4.40 -31.57 67.28
CA GLU S 102 5.66 -31.36 67.99
C GLU S 102 6.80 -31.12 67.01
N ALA S 103 6.89 -31.98 66.00
CA ALA S 103 7.60 -31.71 64.76
C ALA S 103 6.59 -31.81 63.63
N VAL S 104 6.75 -30.94 62.63
CA VAL S 104 5.68 -30.71 61.65
C VAL S 104 5.51 -31.86 60.65
N PRO S 105 6.54 -32.48 60.06
CA PRO S 105 6.27 -33.66 59.18
C PRO S 105 5.78 -34.91 59.91
N PRO S 106 6.24 -35.24 61.17
CA PRO S 106 5.53 -36.42 61.75
C PRO S 106 4.18 -36.09 62.38
N VAL S 107 3.15 -36.04 61.54
CA VAL S 107 1.80 -35.79 62.02
C VAL S 107 1.26 -37.04 62.70
N GLU S 108 0.72 -36.87 63.92
CA GLU S 108 0.15 -37.97 64.70
C GLU S 108 -1.31 -37.65 65.01
N ALA S 109 -2.20 -37.97 64.08
CA ALA S 109 -3.63 -37.74 64.23
C ALA S 109 -4.34 -39.03 64.60
N GLN S 110 -5.29 -38.94 65.52
CA GLN S 110 -5.99 -40.12 66.00
C GLN S 110 -7.35 -39.71 66.56
N TYR S 111 -8.39 -40.47 66.19
CA TYR S 111 -9.75 -40.26 66.65
C TYR S 111 -10.20 -41.46 67.46
N GLU S 112 -11.47 -41.46 67.84
CA GLU S 112 -12.08 -42.66 68.40
C GLU S 112 -12.38 -43.66 67.29
N SER S 113 -12.01 -44.91 67.53
CA SER S 113 -12.20 -45.96 66.54
C SER S 113 -13.65 -46.45 66.56
N ASP S 114 -13.95 -47.41 65.71
CA ASP S 114 -15.26 -48.05 65.70
C ASP S 114 -15.36 -49.06 66.84
N LYS S 115 -16.52 -49.71 66.93
CA LYS S 115 -16.92 -50.82 67.83
C LYS S 115 -16.80 -50.50 69.32
N SER S 116 -16.45 -49.27 69.66
CA SER S 116 -16.64 -48.66 70.96
C SER S 116 -17.37 -47.34 70.86
N LEU S 117 -17.20 -46.63 69.74
CA LEU S 117 -18.12 -45.55 69.39
C LEU S 117 -19.52 -46.09 69.16
N ARG S 118 -19.60 -47.29 68.57
CA ARG S 118 -20.89 -47.95 68.36
C ARG S 118 -21.54 -48.33 69.67
N ASN S 119 -20.73 -48.64 70.68
CA ASN S 119 -21.28 -48.91 72.01
C ASN S 119 -21.83 -47.65 72.64
N ARG S 120 -21.19 -46.49 72.37
CA ARG S 120 -21.67 -45.23 72.92
C ARG S 120 -22.95 -44.78 72.23
N ILE S 121 -23.15 -45.20 70.98
CA ILE S 121 -24.45 -44.98 70.34
C ILE S 121 -25.47 -45.96 70.88
N GLN S 122 -25.02 -47.17 71.25
CA GLN S 122 -25.91 -48.13 71.88
C GLN S 122 -26.27 -47.69 73.30
N LEU S 123 -25.36 -47.01 73.97
CA LEU S 123 -25.63 -46.45 75.30
C LEU S 123 -26.17 -45.04 75.24
N ALA S 124 -26.81 -44.64 74.14
CA ALA S 124 -27.32 -43.28 74.04
C ALA S 124 -28.61 -43.11 74.85
N PHE S 125 -29.58 -44.00 74.65
CA PHE S 125 -30.85 -43.90 75.36
C PHE S 125 -30.75 -44.23 76.84
N GLU S 126 -29.67 -44.87 77.27
CA GLU S 126 -29.44 -45.12 78.68
C GLU S 126 -28.79 -43.94 79.40
N GLN S 127 -28.59 -42.82 78.70
CA GLN S 127 -28.07 -41.60 79.31
C GLN S 127 -29.11 -40.50 79.37
N LEU S 128 -30.33 -40.73 78.84
CA LEU S 128 -31.38 -39.73 78.94
C LEU S 128 -31.96 -39.65 80.35
N SER S 129 -32.26 -40.81 80.94
CA SER S 129 -32.85 -40.82 82.27
C SER S 129 -31.82 -40.50 83.32
N VAL S 130 -32.02 -39.39 84.03
CA VAL S 130 -31.08 -38.92 85.04
C VAL S 130 -31.47 -39.41 86.44
N ALA S 131 -32.59 -40.14 86.55
CA ALA S 131 -33.01 -40.76 87.80
C ALA S 131 -32.35 -42.11 88.06
N GLY S 132 -31.32 -42.45 87.30
CA GLY S 132 -30.49 -43.60 87.57
C GLY S 132 -31.12 -44.98 87.48
N PRO S 133 -31.43 -45.46 86.25
CA PRO S 133 -31.67 -46.90 86.10
C PRO S 133 -30.39 -47.72 86.16
N ARG S 134 -30.49 -49.02 85.84
CA ARG S 134 -29.36 -49.93 86.01
C ARG S 134 -28.21 -49.62 85.07
N ASN S 135 -28.47 -48.95 83.95
CA ASN S 135 -27.42 -48.69 82.98
C ASN S 135 -26.94 -47.24 82.96
N ALA S 136 -27.69 -46.31 83.56
CA ALA S 136 -27.23 -44.92 83.58
C ALA S 136 -26.07 -44.73 84.56
N TYR S 137 -26.03 -45.53 85.63
CA TYR S 137 -24.82 -45.55 86.45
C TYR S 137 -23.66 -46.18 85.70
N ILE S 138 -23.95 -47.10 84.78
CA ILE S 138 -22.90 -47.67 83.95
C ILE S 138 -22.45 -46.67 82.90
N ALA S 139 -23.39 -46.22 82.05
CA ALA S 139 -23.09 -45.42 80.87
C ALA S 139 -22.54 -44.04 81.18
N HIS S 140 -22.72 -43.53 82.40
CA HIS S 140 -22.04 -42.31 82.79
C HIS S 140 -20.67 -42.58 83.40
N ALA S 141 -20.41 -43.82 83.84
CA ALA S 141 -19.11 -44.17 84.37
C ALA S 141 -18.10 -44.55 83.29
N LEU S 142 -18.53 -44.66 82.03
CA LEU S 142 -17.62 -44.88 80.91
C LEU S 142 -17.05 -43.59 80.34
N GLY S 143 -17.13 -42.48 81.09
CA GLY S 143 -16.52 -41.24 80.63
C GLY S 143 -15.02 -41.21 80.75
N ALA S 144 -14.46 -42.02 81.64
CA ALA S 144 -13.02 -42.08 81.84
C ALA S 144 -12.36 -42.99 80.81
N ASP S 145 -11.04 -42.94 80.76
CA ASP S 145 -10.25 -43.68 79.77
C ASP S 145 -9.48 -44.84 80.37
N GLY S 146 -8.89 -44.67 81.55
CA GLY S 146 -8.07 -45.71 82.14
C GLY S 146 -8.85 -46.72 82.97
N ARG S 147 -9.99 -47.17 82.45
CA ARG S 147 -10.86 -48.11 83.14
C ARG S 147 -11.46 -49.06 82.12
N VAL S 148 -12.45 -49.83 82.58
CA VAL S 148 -13.36 -50.57 81.72
C VAL S 148 -14.75 -50.41 82.34
N ALA S 149 -15.77 -51.01 81.70
CA ALA S 149 -17.16 -50.73 82.04
C ALA S 149 -17.54 -51.26 83.44
N ASP S 150 -18.74 -50.91 83.85
CA ASP S 150 -19.19 -51.01 85.24
C ASP S 150 -20.38 -51.97 85.34
N ALA S 151 -20.55 -52.55 86.53
CA ALA S 151 -21.74 -53.32 86.86
C ALA S 151 -22.33 -52.79 88.16
N SER S 152 -23.65 -52.83 88.25
CA SER S 152 -24.38 -52.25 89.38
C SER S 152 -25.13 -53.33 90.13
N ALA S 153 -25.16 -53.22 91.46
CA ALA S 153 -25.89 -54.15 92.32
C ALA S 153 -26.20 -53.46 93.63
N THR S 154 -27.07 -54.09 94.43
CA THR S 154 -27.40 -53.59 95.76
C THR S 154 -27.85 -54.76 96.62
N SER S 155 -26.98 -55.21 97.52
CA SER S 155 -27.37 -56.07 98.64
C SER S 155 -27.91 -55.30 99.86
N PRO S 156 -27.25 -54.20 100.39
CA PRO S 156 -27.76 -53.61 101.64
C PRO S 156 -29.03 -52.79 101.49
N ALA S 157 -29.36 -52.07 102.58
CA ALA S 157 -30.43 -51.09 102.78
C ALA S 157 -30.53 -50.10 101.61
N PRO S 158 -31.72 -49.57 101.31
CA PRO S 158 -31.89 -48.77 100.08
C PRO S 158 -31.15 -47.45 100.11
N CYS S 159 -31.01 -46.88 98.90
CA CYS S 159 -30.11 -45.77 98.60
C CYS S 159 -28.68 -46.04 99.08
N GLU S 160 -28.21 -47.25 98.82
CA GLU S 160 -26.81 -47.63 99.02
C GLU S 160 -26.40 -48.44 97.79
N VAL S 161 -25.72 -47.79 96.85
CA VAL S 161 -25.44 -48.39 95.56
C VAL S 161 -24.07 -49.06 95.61
N LEU S 162 -24.03 -50.32 95.19
CA LEU S 162 -22.78 -51.09 95.09
C LEU S 162 -22.45 -51.22 93.60
N ILE S 163 -21.57 -50.34 93.12
CA ILE S 163 -21.08 -50.42 91.75
C ILE S 163 -19.64 -50.93 91.77
N SER S 164 -19.32 -51.80 90.81
CA SER S 164 -18.03 -52.47 90.73
C SER S 164 -17.23 -51.84 89.60
N VAL S 165 -16.35 -50.89 89.93
CA VAL S 165 -15.52 -50.21 88.95
C VAL S 165 -14.35 -51.13 88.62
N LEU S 166 -14.42 -51.81 87.48
CA LEU S 166 -13.34 -52.65 87.00
C LEU S 166 -12.48 -51.86 86.03
N GLY S 167 -11.24 -52.30 85.84
CA GLY S 167 -10.33 -51.56 84.99
C GLY S 167 -9.34 -52.41 84.23
N VAL S 168 -9.22 -52.16 82.93
CA VAL S 168 -8.24 -52.84 82.08
C VAL S 168 -7.09 -51.87 81.85
N GLU S 169 -6.00 -52.04 82.60
CA GLU S 169 -4.74 -51.39 82.29
C GLU S 169 -3.55 -52.30 82.44
N GLY S 170 -3.69 -53.46 83.09
CA GLY S 170 -2.59 -54.35 83.34
C GLY S 170 -2.94 -55.44 84.34
N ASN S 171 -2.09 -55.64 85.34
CA ASN S 171 -2.27 -56.70 86.34
C ASN S 171 -3.33 -56.26 87.33
N GLY S 172 -4.59 -56.53 87.01
CA GLY S 172 -5.66 -56.49 88.00
C GLY S 172 -6.07 -55.13 88.51
N GLN S 173 -5.62 -54.83 89.73
CA GLN S 173 -6.10 -53.74 90.57
C GLN S 173 -5.98 -52.37 89.91
N ALA S 174 -7.10 -51.60 89.95
CA ALA S 174 -7.13 -50.23 89.45
C ALA S 174 -6.68 -49.27 90.55
N PRO S 175 -6.06 -48.14 90.17
CA PRO S 175 -5.61 -47.18 91.18
C PRO S 175 -6.76 -46.46 91.85
N GLU S 176 -6.53 -46.10 93.12
CA GLU S 176 -7.53 -45.39 93.90
C GLU S 176 -7.71 -43.94 93.48
N ALA S 177 -6.69 -43.35 92.84
CA ALA S 177 -6.84 -42.01 92.30
C ALA S 177 -7.75 -42.01 91.08
N VAL S 178 -7.75 -43.11 90.31
CA VAL S 178 -8.69 -43.25 89.21
C VAL S 178 -10.09 -43.53 89.76
N LEU S 179 -10.17 -44.13 90.95
CA LEU S 179 -11.45 -44.45 91.57
C LEU S 179 -12.22 -43.21 91.98
N GLN S 180 -11.52 -42.12 92.30
CA GLN S 180 -12.19 -40.90 92.74
C GLN S 180 -12.83 -40.13 91.59
N ALA S 181 -12.53 -40.48 90.34
CA ALA S 181 -13.06 -39.74 89.21
C ALA S 181 -14.52 -40.03 88.94
N VAL S 182 -15.05 -41.15 89.44
CA VAL S 182 -16.44 -41.47 89.16
C VAL S 182 -17.38 -40.63 90.02
N ARG S 183 -16.95 -40.20 91.21
CA ARG S 183 -17.76 -39.31 92.01
C ARG S 183 -17.74 -37.89 91.45
N LEU S 184 -16.68 -37.55 90.72
CA LEU S 184 -16.69 -36.34 89.91
C LEU S 184 -17.46 -36.54 88.61
N ALA S 185 -17.63 -37.78 88.17
CA ALA S 185 -18.44 -38.08 87.01
C ALA S 185 -19.89 -38.37 87.36
N LEU S 186 -20.22 -38.49 88.65
CA LEU S 186 -21.60 -38.71 89.09
C LEU S 186 -21.92 -37.69 90.18
N ASN S 187 -22.26 -36.47 89.77
CA ASN S 187 -22.72 -35.43 90.67
C ASN S 187 -24.10 -34.91 90.29
N ALA S 188 -24.29 -34.55 89.01
CA ALA S 188 -25.57 -34.14 88.48
C ALA S 188 -26.17 -35.21 87.56
N GLU S 189 -25.76 -36.46 87.76
CA GLU S 189 -26.27 -37.58 86.99
C GLU S 189 -27.03 -38.59 87.84
N ASP S 190 -26.80 -38.61 89.14
CA ASP S 190 -27.46 -39.55 90.03
C ASP S 190 -28.78 -38.96 90.49
N VAL S 191 -29.39 -39.59 91.46
CA VAL S 191 -30.47 -38.99 92.22
C VAL S 191 -29.83 -38.33 93.44
N ARG S 192 -30.42 -37.27 93.95
CA ARG S 192 -29.81 -36.60 95.09
C ARG S 192 -29.96 -37.36 96.42
N PRO S 193 -31.11 -37.98 96.77
CA PRO S 193 -31.10 -38.80 97.99
C PRO S 193 -30.27 -40.07 97.90
N VAL S 194 -30.08 -40.65 96.71
CA VAL S 194 -29.34 -41.90 96.63
C VAL S 194 -27.86 -41.62 96.84
N ALA S 195 -27.15 -42.59 97.41
CA ALA S 195 -25.74 -42.42 97.75
C ALA S 195 -25.01 -43.72 97.45
N ASP S 196 -23.95 -43.63 96.67
CA ASP S 196 -23.21 -44.81 96.23
C ASP S 196 -21.95 -45.01 97.06
N ARG S 197 -21.53 -46.27 97.16
CA ARG S 197 -20.17 -46.60 97.54
C ARG S 197 -19.47 -47.14 96.31
N VAL S 198 -18.19 -46.80 96.18
CA VAL S 198 -17.43 -47.13 94.98
C VAL S 198 -16.40 -48.18 95.38
N THR S 199 -16.69 -49.43 95.04
CA THR S 199 -15.81 -50.55 95.30
C THR S 199 -15.16 -50.99 93.99
N VAL S 200 -13.84 -51.10 93.99
CA VAL S 200 -13.11 -51.43 92.78
C VAL S 200 -13.10 -52.95 92.53
N ARG S 201 -12.93 -53.75 93.57
CA ARG S 201 -12.96 -55.22 93.47
C ARG S 201 -13.92 -55.69 94.56
N SER S 202 -15.21 -55.76 94.21
CA SER S 202 -16.28 -55.96 95.17
C SER S 202 -16.44 -57.41 95.61
N ALA S 203 -15.72 -58.35 95.00
CA ALA S 203 -15.83 -59.75 95.42
C ALA S 203 -14.47 -60.39 95.64
N GLY S 204 -13.46 -59.95 94.88
CA GLY S 204 -12.13 -60.52 95.01
C GLY S 204 -11.59 -61.05 93.69
N ILE S 205 -10.27 -61.22 93.61
CA ILE S 205 -9.60 -61.65 92.39
C ILE S 205 -8.81 -62.91 92.69
N VAL S 206 -9.06 -63.97 91.93
CA VAL S 206 -8.30 -65.21 92.03
C VAL S 206 -7.47 -65.37 90.75
N PRO S 207 -6.24 -65.88 90.84
CA PRO S 207 -5.38 -65.96 89.65
C PRO S 207 -5.75 -67.14 88.75
N TYR S 208 -5.88 -66.87 87.46
CA TYR S 208 -6.22 -67.87 86.47
C TYR S 208 -5.11 -68.00 85.43
N GLN S 209 -5.05 -69.17 84.80
CA GLN S 209 -4.15 -69.45 83.69
C GLN S 209 -4.89 -70.31 82.68
N VAL S 210 -4.20 -70.70 81.61
CA VAL S 210 -4.67 -71.77 80.73
C VAL S 210 -3.44 -72.48 80.18
N LYS S 211 -3.54 -73.79 80.03
CA LYS S 211 -2.48 -74.62 79.46
C LYS S 211 -3.14 -75.58 78.48
N ALA S 212 -2.90 -75.36 77.18
CA ALA S 212 -3.57 -76.13 76.14
C ALA S 212 -2.52 -76.86 75.30
N GLN S 213 -2.77 -78.14 75.05
CA GLN S 213 -1.93 -78.95 74.17
C GLN S 213 -2.74 -79.22 72.90
N LEU S 214 -2.68 -78.27 71.97
CA LEU S 214 -3.46 -78.35 70.75
C LEU S 214 -2.79 -79.29 69.76
N TYR S 215 -3.56 -79.76 68.79
CA TYR S 215 -3.00 -80.42 67.61
C TYR S 215 -3.34 -79.60 66.38
N LEU S 216 -2.38 -79.51 65.45
CA LEU S 216 -2.61 -78.94 64.14
C LEU S 216 -2.52 -80.04 63.08
N PHE S 217 -3.02 -79.73 61.90
CA PHE S 217 -3.02 -80.70 60.82
C PHE S 217 -1.61 -80.90 60.26
N PRO S 218 -1.32 -82.08 59.71
CA PRO S 218 -0.10 -82.23 58.90
C PRO S 218 -0.25 -81.43 57.62
N GLY S 219 0.48 -80.32 57.51
CA GLY S 219 0.15 -79.31 56.54
C GLY S 219 0.90 -78.02 56.78
N PRO S 220 0.14 -76.91 56.89
CA PRO S 220 0.77 -75.58 56.99
C PRO S 220 1.53 -75.38 58.29
N GLU S 221 2.22 -74.24 58.34
CA GLU S 221 3.23 -73.99 59.37
C GLU S 221 2.59 -73.69 60.72
N ALA S 222 3.23 -74.21 61.78
CA ALA S 222 2.71 -74.15 63.13
C ALA S 222 3.13 -72.89 63.89
N GLU S 223 3.71 -71.91 63.20
CA GLU S 223 4.18 -70.70 63.88
C GLU S 223 3.09 -69.64 63.94
N LEU S 224 2.42 -69.38 62.81
CA LEU S 224 1.39 -68.35 62.78
C LEU S 224 0.00 -68.87 63.12
N ILE S 225 -0.21 -70.18 63.10
CA ILE S 225 -1.52 -70.75 63.41
C ILE S 225 -1.68 -70.96 64.92
N ARG S 226 -0.59 -71.35 65.61
CA ARG S 226 -0.61 -71.40 67.07
C ARG S 226 -0.81 -70.00 67.66
N ALA S 227 -0.12 -69.01 67.10
CA ALA S 227 -0.27 -67.62 67.56
C ALA S 227 -1.61 -67.02 67.16
N ALA S 228 -2.28 -67.58 66.16
CA ALA S 228 -3.61 -67.08 65.80
C ALA S 228 -4.69 -67.53 66.78
N ALA S 229 -4.38 -68.51 67.63
CA ALA S 229 -5.33 -68.93 68.66
C ALA S 229 -5.51 -67.86 69.72
N GLU S 230 -4.43 -67.14 70.04
CA GLU S 230 -4.52 -66.04 70.99
C GLU S 230 -5.08 -64.76 70.36
N ALA S 231 -5.23 -64.72 69.04
CA ALA S 231 -5.88 -63.57 68.41
C ALA S 231 -7.36 -63.50 68.74
N SER S 232 -7.99 -64.65 68.99
CA SER S 232 -9.36 -64.70 69.48
C SER S 232 -9.44 -64.91 70.98
N LEU S 233 -8.31 -64.94 71.67
CA LEU S 233 -8.26 -65.14 73.12
C LEU S 233 -7.80 -63.92 73.88
N ARG S 234 -6.76 -63.22 73.43
CA ARG S 234 -6.25 -62.05 74.14
C ARG S 234 -7.20 -60.87 74.06
N ASP S 235 -8.06 -60.81 73.04
CA ASP S 235 -9.15 -59.83 73.02
C ASP S 235 -10.40 -60.34 73.70
N TYR S 236 -10.48 -61.65 73.98
CA TYR S 236 -11.63 -62.21 74.68
C TYR S 236 -11.53 -61.98 76.18
N ILE S 237 -10.31 -62.10 76.74
CA ILE S 237 -10.11 -61.87 78.17
C ILE S 237 -10.29 -60.40 78.51
N SER S 238 -9.92 -59.51 77.59
CA SER S 238 -10.17 -58.08 77.75
C SER S 238 -11.64 -57.71 77.62
N ALA S 239 -12.48 -58.62 77.11
CA ALA S 239 -13.90 -58.37 76.97
C ALA S 239 -14.72 -59.08 78.04
N GLN S 240 -14.08 -59.74 79.01
CA GLN S 240 -14.84 -60.41 80.06
C GLN S 240 -15.29 -59.43 81.14
N ARG S 241 -14.38 -58.63 81.66
CA ARG S 241 -14.74 -57.58 82.60
C ARG S 241 -15.28 -56.34 81.91
N ARG S 242 -15.29 -56.31 80.57
CA ARG S 242 -16.03 -55.29 79.85
C ARG S 242 -17.53 -55.45 80.08
N LEU S 243 -18.00 -56.68 80.27
CA LEU S 243 -19.35 -56.94 80.75
C LEU S 243 -19.37 -57.45 82.18
N GLY S 244 -18.20 -57.76 82.75
CA GLY S 244 -18.12 -58.25 84.11
C GLY S 244 -18.68 -59.65 84.30
N ARG S 245 -18.79 -60.43 83.23
CA ARG S 245 -19.49 -61.70 83.26
C ARG S 245 -18.50 -62.86 83.17
N ASP S 246 -19.03 -64.07 83.03
CA ASP S 246 -18.35 -65.30 83.41
C ASP S 246 -17.44 -65.81 82.29
N ILE S 247 -16.42 -66.57 82.69
CA ILE S 247 -15.67 -67.43 81.78
C ILE S 247 -16.11 -68.86 82.04
N ARG S 248 -15.95 -69.70 81.03
CA ARG S 248 -16.33 -71.10 81.14
C ARG S 248 -15.15 -71.97 80.78
N ARG S 249 -15.33 -73.29 80.98
CA ARG S 249 -14.43 -74.26 80.38
C ARG S 249 -14.50 -74.16 78.86
N SER S 250 -15.70 -74.04 78.30
CA SER S 250 -15.90 -73.90 76.87
C SER S 250 -15.41 -72.56 76.34
N ALA S 251 -15.27 -71.54 77.20
CA ALA S 251 -14.58 -70.33 76.78
C ALA S 251 -13.10 -70.58 76.58
N LEU S 252 -12.52 -71.53 77.31
CA LEU S 252 -11.14 -71.92 77.09
C LEU S 252 -10.99 -72.93 75.95
N PHE S 253 -12.10 -73.48 75.44
CA PHE S 253 -12.05 -74.30 74.23
C PHE S 253 -12.29 -73.45 72.97
N ALA S 254 -13.44 -72.76 72.94
CA ALA S 254 -13.93 -72.16 71.70
C ALA S 254 -13.10 -70.95 71.25
N THR S 255 -12.38 -70.31 72.19
CA THR S 255 -11.51 -69.20 71.82
C THR S 255 -10.15 -69.66 71.33
N LEU S 256 -9.92 -70.97 71.21
CA LEU S 256 -8.69 -71.51 70.66
C LEU S 256 -8.89 -72.26 69.35
N HIS S 257 -10.13 -72.36 68.86
CA HIS S 257 -10.39 -72.99 67.57
C HIS S 257 -10.19 -71.97 66.46
N VAL S 258 -9.19 -72.18 65.62
CA VAL S 258 -8.95 -71.36 64.44
C VAL S 258 -9.00 -72.28 63.23
N GLU S 259 -8.76 -71.72 62.05
CA GLU S 259 -8.72 -72.52 60.82
C GLU S 259 -7.50 -73.41 60.84
N GLY S 260 -7.72 -74.72 61.00
CA GLY S 260 -6.64 -75.68 61.03
C GLY S 260 -6.51 -76.42 62.35
N VAL S 261 -7.62 -76.64 63.04
CA VAL S 261 -7.64 -77.29 64.34
C VAL S 261 -8.47 -78.56 64.23
N GLN S 262 -7.90 -79.70 64.67
CA GLN S 262 -8.66 -80.94 64.70
C GLN S 262 -8.95 -81.45 66.10
N ARG S 263 -8.11 -81.14 67.10
CA ARG S 263 -8.48 -81.40 68.48
C ARG S 263 -7.70 -80.46 69.40
N VAL S 264 -8.30 -80.20 70.57
CA VAL S 264 -7.77 -79.33 71.60
C VAL S 264 -7.75 -80.10 72.91
N GLU S 265 -7.27 -79.45 73.97
CA GLU S 265 -7.12 -80.09 75.27
C GLU S 265 -7.03 -79.01 76.34
N LEU S 266 -7.58 -79.32 77.52
CA LEU S 266 -7.65 -78.38 78.63
C LEU S 266 -7.37 -79.11 79.94
N GLN S 267 -6.58 -78.48 80.82
CA GLN S 267 -6.30 -79.05 82.14
C GLN S 267 -6.52 -78.09 83.31
N GLU S 268 -6.48 -76.76 83.09
CA GLU S 268 -6.37 -75.83 84.20
C GLU S 268 -7.64 -75.72 85.06
N PRO S 269 -8.87 -75.71 84.52
CA PRO S 269 -10.00 -75.93 85.42
C PRO S 269 -10.41 -77.39 85.53
N ALA S 270 -10.73 -77.82 86.75
CA ALA S 270 -11.41 -79.09 86.93
C ALA S 270 -12.88 -78.97 86.56
N ALA S 271 -13.54 -77.92 87.05
CA ALA S 271 -14.86 -77.53 86.61
C ALA S 271 -14.82 -76.03 86.35
N ASP S 272 -15.85 -75.54 85.65
CA ASP S 272 -15.90 -74.13 85.31
C ASP S 272 -16.18 -73.27 86.54
N VAL S 273 -15.67 -72.04 86.50
CA VAL S 273 -15.84 -71.11 87.60
C VAL S 273 -17.00 -70.19 87.28
N VAL S 274 -17.51 -69.50 88.30
CA VAL S 274 -18.62 -68.58 88.14
C VAL S 274 -18.14 -67.17 88.43
N LEU S 275 -18.57 -66.23 87.58
CA LEU S 275 -18.31 -64.81 87.77
C LEU S 275 -19.64 -64.09 87.58
N ASP S 276 -20.23 -63.65 88.68
CA ASP S 276 -21.55 -63.04 88.66
C ASP S 276 -21.43 -61.58 88.21
N GLU S 277 -22.53 -60.83 88.38
CA GLU S 277 -22.48 -59.39 88.12
C GLU S 277 -21.59 -58.66 89.12
N THR S 278 -21.39 -59.24 90.31
CA THR S 278 -20.45 -58.76 91.30
C THR S 278 -19.06 -59.37 91.12
N GLN S 279 -19.00 -60.69 90.93
CA GLN S 279 -17.74 -61.42 90.92
C GLN S 279 -17.01 -61.24 89.59
N ALA S 280 -15.70 -60.96 89.68
CA ALA S 280 -14.84 -60.87 88.51
C ALA S 280 -13.49 -61.48 88.86
N ALA S 281 -12.65 -61.67 87.84
CA ALA S 281 -11.36 -62.33 88.04
C ALA S 281 -10.35 -61.81 87.03
N TYR S 282 -9.14 -62.37 87.08
CA TYR S 282 -8.03 -61.96 86.23
C TYR S 282 -7.18 -63.18 85.89
N CYS S 283 -6.60 -63.16 84.69
CA CYS S 283 -5.75 -64.23 84.19
C CYS S 283 -4.31 -63.75 84.13
N THR S 284 -3.40 -64.48 84.77
CA THR S 284 -2.03 -63.99 84.95
C THR S 284 -1.18 -64.24 83.72
N GLY S 285 -0.95 -65.50 83.38
CA GLY S 285 -0.02 -65.83 82.30
C GLY S 285 -0.34 -67.15 81.62
N TYR S 286 -0.26 -67.18 80.30
CA TYR S 286 -0.71 -68.32 79.52
C TYR S 286 0.46 -69.08 78.93
N ALA S 287 0.20 -70.33 78.54
CA ALA S 287 1.17 -71.17 77.85
C ALA S 287 0.39 -72.16 76.98
N ILE S 288 0.27 -71.84 75.70
CA ILE S 288 -0.43 -72.67 74.73
C ILE S 288 0.60 -73.16 73.72
N THR S 289 0.88 -74.45 73.74
CA THR S 289 1.79 -75.10 72.81
C THR S 289 1.04 -76.21 72.07
N LEU S 290 1.78 -76.99 71.28
CA LEU S 290 1.22 -78.13 70.57
C LEU S 290 1.65 -79.43 71.25
N GLY S 291 0.81 -80.46 71.09
CA GLY S 291 1.15 -81.77 71.61
C GLY S 291 2.00 -82.61 70.67
N GLY S 292 1.93 -82.34 69.38
CA GLY S 292 2.73 -83.07 68.40
C GLY S 292 4.19 -82.67 68.40
N ILE T 2 -6.36 13.71 96.33
CA ILE T 2 -6.13 13.16 95.01
C ILE T 2 -6.73 11.75 94.97
N ILE T 3 -7.98 11.66 94.53
CA ILE T 3 -8.72 10.40 94.48
C ILE T 3 -9.21 10.19 93.06
N ASP T 4 -9.00 9.00 92.53
CA ASP T 4 -9.40 8.67 91.17
C ASP T 4 -10.93 8.62 91.06
N LEU T 5 -11.47 9.39 90.12
CA LEU T 5 -12.89 9.36 89.82
C LEU T 5 -13.23 8.38 88.71
N SER T 6 -12.21 7.90 87.98
CA SER T 6 -12.41 7.12 86.76
C SER T 6 -12.55 5.63 87.03
N GLN T 7 -13.03 5.23 88.20
CA GLN T 7 -13.25 3.83 88.53
C GLN T 7 -14.65 3.59 89.09
N LEU T 8 -15.56 4.51 88.85
CA LEU T 8 -16.94 4.46 89.33
C LEU T 8 -17.84 3.83 88.27
N PRO T 9 -19.12 3.57 88.58
CA PRO T 9 -20.07 3.26 87.50
C PRO T 9 -20.21 4.42 86.51
N GLU T 10 -20.58 4.05 85.28
CA GLU T 10 -20.50 4.97 84.17
C GLU T 10 -21.61 6.02 84.23
N PRO T 11 -21.30 7.29 84.02
CA PRO T 11 -22.34 8.29 83.84
C PRO T 11 -22.88 8.27 82.42
N GLU T 12 -24.20 8.38 82.29
CA GLU T 12 -24.87 8.41 81.01
C GLU T 12 -25.37 9.83 80.77
N VAL T 13 -24.75 10.52 79.81
CA VAL T 13 -25.19 11.87 79.50
C VAL T 13 -26.47 11.84 78.68
N ILE T 14 -26.54 10.95 77.69
CA ILE T 14 -27.79 10.59 77.06
C ILE T 14 -28.19 9.23 77.63
N GLU T 15 -29.50 9.00 77.74
CA GLU T 15 -29.98 7.72 78.24
C GLU T 15 -29.72 6.62 77.21
N ASN T 16 -29.46 5.42 77.71
CA ASN T 16 -29.09 4.29 76.87
C ASN T 16 -30.20 3.26 77.01
N LEU T 17 -31.24 3.41 76.20
CA LEU T 17 -32.38 2.50 76.23
C LEU T 17 -32.03 1.19 75.56
N ASP T 18 -32.75 0.13 75.92
CA ASP T 18 -32.53 -1.16 75.30
C ASP T 18 -33.21 -1.23 73.93
N PHE T 19 -33.06 -2.38 73.27
CA PHE T 19 -33.46 -2.50 71.87
C PHE T 19 -34.98 -2.50 71.69
N GLU T 20 -35.73 -2.88 72.72
CA GLU T 20 -37.17 -3.04 72.52
C GLU T 20 -37.92 -1.72 72.64
N THR T 21 -37.62 -0.91 73.65
CA THR T 21 -38.34 0.36 73.78
C THR T 21 -37.86 1.42 72.80
N ILE T 22 -36.70 1.23 72.17
CA ILE T 22 -36.33 2.05 71.02
C ILE T 22 -37.17 1.65 69.82
N TYR T 23 -37.42 0.34 69.66
CA TYR T 23 -38.17 -0.16 68.52
C TYR T 23 -39.65 0.25 68.60
N GLN T 24 -40.25 0.14 69.78
CA GLN T 24 -41.64 0.54 69.95
C GLN T 24 -41.81 2.05 69.87
N GLU T 25 -40.77 2.82 70.16
CA GLU T 25 -40.83 4.26 69.95
C GLU T 25 -40.83 4.60 68.47
N LEU T 26 -40.16 3.79 67.64
CA LEU T 26 -40.15 4.05 66.21
C LEU T 26 -41.47 3.67 65.56
N LEU T 27 -42.15 2.64 66.08
CA LEU T 27 -43.46 2.28 65.55
C LEU T 27 -44.49 3.33 65.90
N GLY T 28 -44.37 3.96 67.08
CA GLY T 28 -45.24 5.08 67.41
C GLY T 28 -44.98 6.28 66.53
N ASP T 29 -43.75 6.41 66.02
CA ASP T 29 -43.47 7.43 65.03
C ASP T 29 -43.96 7.00 63.66
N PHE T 30 -44.11 5.70 63.44
CA PHE T 30 -44.52 5.20 62.12
C PHE T 30 -46.03 5.24 61.95
N ARG T 31 -46.77 5.05 63.05
CA ARG T 31 -48.23 5.11 62.96
C ARG T 31 -48.72 6.54 62.77
N GLU T 32 -48.01 7.50 63.38
CA GLU T 32 -48.42 8.90 63.27
C GLU T 32 -48.06 9.48 61.91
N ALA T 33 -47.03 8.93 61.27
CA ALA T 33 -46.64 9.43 59.96
C ALA T 33 -47.53 8.85 58.86
N MET T 34 -48.02 7.62 59.07
CA MET T 34 -48.97 6.99 58.15
C MET T 34 -50.41 7.30 58.51
N ALA T 35 -50.67 8.41 59.21
CA ALA T 35 -52.01 8.70 59.72
C ALA T 35 -52.97 9.02 58.59
N GLY T 36 -54.13 8.38 58.61
CA GLY T 36 -55.10 8.51 57.55
C GLY T 36 -54.97 7.48 56.44
N GLU T 37 -53.78 6.92 56.24
CA GLU T 37 -53.57 5.93 55.20
C GLU T 37 -52.89 4.66 55.70
N TRP T 38 -52.80 4.45 57.00
CA TRP T 38 -52.18 3.23 57.53
C TRP T 38 -53.13 2.05 57.39
N THR T 39 -52.58 0.90 57.02
CA THR T 39 -53.32 -0.35 56.97
C THR T 39 -52.44 -1.39 57.65
N ALA T 40 -53.07 -2.46 58.16
CA ALA T 40 -52.30 -3.53 58.78
C ALA T 40 -51.48 -4.32 57.77
N GLU T 41 -51.84 -4.22 56.49
CA GLU T 41 -51.08 -4.88 55.43
C GLU T 41 -49.84 -4.08 55.05
N VAL T 42 -49.73 -2.83 55.54
CA VAL T 42 -48.58 -1.99 55.21
C VAL T 42 -47.34 -2.47 55.95
N GLU T 43 -47.48 -2.85 57.22
CA GLU T 43 -46.36 -3.27 58.05
C GLU T 43 -45.96 -4.72 57.72
N SER T 44 -45.47 -4.89 56.50
CA SER T 44 -45.10 -6.19 56.01
C SER T 44 -43.71 -6.58 56.50
N ASP T 45 -43.22 -7.70 55.98
CA ASP T 45 -41.90 -8.19 56.39
C ASP T 45 -40.73 -7.31 55.91
N PRO T 46 -40.66 -6.80 54.67
CA PRO T 46 -39.54 -5.88 54.39
C PRO T 46 -39.69 -4.50 55.01
N VAL T 47 -40.88 -4.16 55.52
CA VAL T 47 -41.06 -2.88 56.18
C VAL T 47 -40.58 -2.96 57.63
N LEU T 48 -40.89 -4.07 58.32
CA LEU T 48 -40.53 -4.19 59.73
C LEU T 48 -39.05 -4.40 59.92
N LYS T 49 -38.38 -5.07 58.97
CA LYS T 49 -36.95 -5.29 59.11
C LYS T 49 -36.14 -4.01 58.89
N LEU T 50 -36.72 -3.02 58.22
CA LEU T 50 -36.09 -1.70 58.19
C LEU T 50 -36.16 -1.05 59.57
N LEU T 51 -37.29 -1.18 60.25
CA LEU T 51 -37.45 -0.61 61.59
C LEU T 51 -36.62 -1.36 62.63
N GLN T 52 -36.31 -2.64 62.38
CA GLN T 52 -35.40 -3.35 63.26
C GLN T 52 -33.96 -2.95 63.02
N LEU T 53 -33.63 -2.46 61.81
CA LEU T 53 -32.33 -1.86 61.59
C LEU T 53 -32.21 -0.53 62.33
N ALA T 54 -33.24 0.32 62.21
CA ALA T 54 -33.19 1.65 62.80
C ALA T 54 -33.13 1.59 64.32
N ALA T 55 -33.86 0.66 64.93
CA ALA T 55 -33.75 0.43 66.37
C ALA T 55 -32.39 -0.10 66.77
N TYR T 56 -31.65 -0.70 65.83
CA TYR T 56 -30.28 -1.15 66.09
C TYR T 56 -29.25 -0.06 65.84
N ARG T 57 -29.55 0.93 65.00
CA ARG T 57 -28.53 1.92 64.69
C ARG T 57 -28.44 3.03 65.73
N GLU T 58 -29.56 3.51 66.27
CA GLU T 58 -29.40 4.44 67.39
C GLU T 58 -29.20 3.74 68.72
N LEU T 59 -29.28 2.40 68.76
CA LEU T 59 -28.65 1.70 69.86
C LEU T 59 -27.14 1.82 69.76
N LEU T 60 -26.61 1.94 68.55
CA LEU T 60 -25.20 2.23 68.30
C LEU T 60 -24.93 3.73 68.22
N LEU T 61 -25.94 4.58 68.24
CA LEU T 61 -25.69 6.01 68.34
C LEU T 61 -25.82 6.52 69.77
N ARG T 62 -26.74 5.97 70.56
CA ARG T 62 -26.76 6.26 71.98
C ARG T 62 -25.54 5.69 72.69
N ALA T 63 -24.98 4.61 72.15
CA ALA T 63 -23.69 4.12 72.65
C ALA T 63 -22.53 4.95 72.14
N ARG T 64 -22.70 5.65 71.02
CA ARG T 64 -21.63 6.50 70.49
C ARG T 64 -21.57 7.84 71.22
N ILE T 65 -22.74 8.41 71.54
CA ILE T 65 -22.79 9.66 72.29
C ILE T 65 -22.26 9.45 73.70
N ASN T 66 -22.56 8.29 74.29
CA ASN T 66 -22.05 7.99 75.62
C ASN T 66 -20.56 7.75 75.60
N ASP T 67 -20.05 7.01 74.61
CA ASP T 67 -18.61 6.78 74.52
C ASP T 67 -17.83 8.01 74.11
N ALA T 68 -18.47 8.97 73.44
CA ALA T 68 -17.83 10.25 73.20
C ALA T 68 -17.80 11.09 74.46
N ALA T 69 -18.87 11.07 75.23
CA ALA T 69 -18.95 11.87 76.44
C ALA T 69 -18.12 11.30 77.58
N ARG T 70 -17.76 10.02 77.52
CA ARG T 70 -16.79 9.48 78.46
C ARG T 70 -15.41 10.08 78.22
N ALA T 71 -14.95 10.04 76.98
CA ALA T 71 -13.58 10.43 76.64
C ALA T 71 -13.36 11.93 76.62
N VAL T 72 -14.39 12.73 76.84
CA VAL T 72 -14.25 14.18 77.00
C VAL T 72 -14.01 14.56 78.45
N MET T 73 -14.83 14.02 79.36
CA MET T 73 -14.59 14.22 80.78
C MET T 73 -13.36 13.42 81.21
N LEU T 74 -12.63 13.96 82.20
CA LEU T 74 -11.48 13.25 82.76
C LEU T 74 -11.88 11.95 83.44
N ALA T 75 -13.10 11.87 83.96
CA ALA T 75 -13.67 10.59 84.38
C ALA T 75 -13.86 9.72 83.14
N TYR T 76 -13.10 8.62 83.09
CA TYR T 76 -13.09 7.64 81.99
C TYR T 76 -12.67 8.27 80.66
N ALA T 77 -11.50 8.91 80.68
CA ALA T 77 -10.81 9.32 79.48
C ALA T 77 -9.61 8.42 79.27
N SER T 78 -9.45 7.91 78.05
CA SER T 78 -8.44 6.91 77.74
C SER T 78 -7.22 7.56 77.10
N GLY T 79 -6.24 6.72 76.76
CA GLY T 79 -4.96 7.20 76.28
C GLY T 79 -5.06 7.88 74.93
N ALA T 80 -4.04 8.70 74.64
CA ALA T 80 -3.93 9.58 73.47
C ALA T 80 -5.09 10.56 73.35
N ASP T 81 -5.76 10.85 74.47
CA ASP T 81 -6.84 11.82 74.52
C ASP T 81 -6.72 12.76 75.71
N LEU T 82 -6.00 12.37 76.76
CA LEU T 82 -5.68 13.32 77.81
C LEU T 82 -4.65 14.35 77.35
N ASP T 83 -3.92 14.05 76.28
CA ASP T 83 -3.03 15.05 75.69
C ASP T 83 -3.82 16.19 75.07
N GLN T 84 -5.04 15.90 74.58
CA GLN T 84 -5.92 16.96 74.11
C GLN T 84 -6.56 17.71 75.27
N ILE T 85 -6.76 17.05 76.41
CA ILE T 85 -7.31 17.71 77.59
C ILE T 85 -6.21 18.40 78.38
N GLY T 86 -5.06 17.75 78.54
CA GLY T 86 -3.94 18.33 79.26
C GLY T 86 -3.32 19.53 78.56
N ALA T 87 -3.51 19.65 77.25
CA ALA T 87 -3.12 20.87 76.56
C ALA T 87 -4.00 22.04 76.97
N GLY T 88 -5.25 21.76 77.34
CA GLY T 88 -6.10 22.76 77.95
C GLY T 88 -5.84 23.02 79.41
N PHE T 89 -4.95 22.24 80.03
CA PHE T 89 -4.59 22.43 81.42
C PHE T 89 -3.07 22.48 81.61
N ASN T 90 -2.32 22.72 80.52
CA ASN T 90 -0.86 22.84 80.50
C ASN T 90 -0.19 21.59 81.06
N VAL T 91 -0.71 20.43 80.68
CA VAL T 91 -0.19 19.14 81.12
C VAL T 91 0.29 18.40 79.90
N GLN T 92 1.61 18.23 79.78
CA GLN T 92 2.22 17.45 78.72
C GLN T 92 2.92 16.26 79.35
N ARG T 93 2.77 15.08 78.74
CA ARG T 93 3.48 13.90 79.23
C ARG T 93 4.96 14.02 78.95
N LEU T 94 5.77 13.52 79.87
CA LEU T 94 7.22 13.59 79.79
C LEU T 94 7.77 12.23 79.36
N LEU T 95 9.09 12.18 79.23
CA LEU T 95 9.77 11.00 78.69
C LEU T 95 10.45 10.24 79.82
N ILE T 96 10.02 9.00 80.05
CA ILE T 96 10.65 8.11 81.01
C ILE T 96 11.43 7.10 80.18
N ARG T 97 12.74 7.36 80.00
CA ARG T 97 13.72 6.70 79.15
C ARG T 97 13.16 6.38 77.76
N PRO T 98 13.03 7.39 76.89
CA PRO T 98 12.39 7.19 75.57
C PRO T 98 13.26 6.40 74.59
N ALA T 99 12.83 6.37 73.33
CA ALA T 99 13.45 5.53 72.32
C ALA T 99 14.82 6.09 71.93
N GLN T 100 15.82 5.79 72.76
CA GLN T 100 17.21 5.92 72.36
C GLN T 100 17.69 4.59 71.85
N PRO T 101 17.99 4.44 70.56
CA PRO T 101 18.51 3.16 70.06
C PRO T 101 19.98 2.92 70.42
N GLU T 102 20.23 2.35 71.60
CA GLU T 102 21.55 1.78 71.90
C GLU T 102 21.91 0.71 70.88
N ALA T 103 20.97 -0.19 70.61
CA ALA T 103 20.95 -0.99 69.40
C ALA T 103 19.65 -0.70 68.67
N VAL T 104 19.72 -0.67 67.35
CA VAL T 104 18.64 -0.08 66.55
C VAL T 104 17.38 -0.95 66.48
N PRO T 105 17.41 -2.28 66.30
CA PRO T 105 16.12 -3.04 66.36
C PRO T 105 15.49 -3.13 67.75
N PRO T 106 16.26 -3.23 68.89
CA PRO T 106 15.44 -3.15 70.13
C PRO T 106 15.07 -1.73 70.57
N VAL T 107 13.99 -1.23 69.99
CA VAL T 107 13.48 0.10 70.34
C VAL T 107 12.79 0.02 71.69
N GLU T 108 13.15 0.95 72.60
CA GLU T 108 12.58 1.03 73.94
C GLU T 108 11.97 2.42 74.12
N ALA T 109 10.72 2.57 73.69
CA ALA T 109 10.00 3.83 73.80
C ALA T 109 9.01 3.76 74.95
N GLN T 110 8.91 4.85 75.72
CA GLN T 110 8.04 4.87 76.88
C GLN T 110 7.67 6.31 77.20
N TYR T 111 6.38 6.53 77.49
CA TYR T 111 5.84 7.82 77.84
C TYR T 111 5.30 7.76 79.27
N GLU T 112 4.66 8.85 79.69
CA GLU T 112 3.90 8.84 80.93
C GLU T 112 2.57 8.10 80.71
N SER T 113 2.25 7.20 81.63
CA SER T 113 1.03 6.41 81.52
C SER T 113 -0.18 7.23 81.97
N ASP T 114 -1.35 6.61 81.92
CA ASP T 114 -2.56 7.22 82.44
C ASP T 114 -2.59 7.13 83.97
N LYS T 115 -3.67 7.67 84.57
CA LYS T 115 -4.07 7.65 85.97
C LYS T 115 -3.05 8.25 86.94
N SER T 116 -1.97 8.81 86.40
CA SER T 116 -1.09 9.75 87.08
C SER T 116 -0.89 11.01 86.26
N LEU T 117 -0.96 10.90 84.93
CA LEU T 117 -1.14 12.06 84.07
C LEU T 117 -2.48 12.72 84.36
N ARG T 118 -3.50 11.90 84.66
CA ARG T 118 -4.82 12.42 85.01
C ARG T 118 -4.79 13.15 86.35
N ASN T 119 -3.90 12.73 87.25
CA ASN T 119 -3.72 13.45 88.51
C ASN T 119 -3.05 14.79 88.28
N ARG T 120 -2.15 14.87 87.30
CA ARG T 120 -1.48 16.13 87.00
C ARG T 120 -2.43 17.11 86.30
N ILE T 121 -3.43 16.59 85.60
CA ILE T 121 -4.50 17.45 85.09
C ILE T 121 -5.42 17.86 86.22
N GLN T 122 -5.60 16.97 87.21
CA GLN T 122 -6.39 17.31 88.38
C GLN T 122 -5.66 18.32 89.26
N LEU T 123 -4.34 18.26 89.28
CA LEU T 123 -3.52 19.22 90.00
C LEU T 123 -3.12 20.42 89.14
N ALA T 124 -3.90 20.74 88.10
CA ALA T 124 -3.53 21.86 87.23
C ALA T 124 -3.86 23.20 87.89
N PHE T 125 -5.09 23.36 88.37
CA PHE T 125 -5.51 24.61 88.99
C PHE T 125 -4.86 24.86 90.34
N GLU T 126 -4.28 23.85 90.96
CA GLU T 126 -3.54 24.03 92.20
C GLU T 126 -2.09 24.45 91.97
N GLN T 127 -1.70 24.69 90.72
CA GLN T 127 -0.38 25.20 90.40
C GLN T 127 -0.42 26.63 89.88
N LEU T 128 -1.61 27.21 89.72
CA LEU T 128 -1.71 28.61 89.28
C LEU T 128 -1.31 29.56 90.40
N SER T 129 -1.84 29.35 91.59
CA SER T 129 -1.57 30.25 92.70
C SER T 129 -0.16 30.02 93.23
N VAL T 130 0.69 31.05 93.11
CA VAL T 130 2.08 30.95 93.54
C VAL T 130 2.27 31.46 94.96
N ALA T 131 1.20 31.93 95.61
CA ALA T 131 1.24 32.33 97.01
C ALA T 131 1.05 31.17 97.97
N GLY T 132 1.15 29.93 97.49
CA GLY T 132 1.21 28.76 98.33
C GLY T 132 -0.02 28.42 99.17
N PRO T 133 -1.12 27.95 98.54
CA PRO T 133 -2.15 27.27 99.32
C PRO T 133 -1.73 25.87 99.75
N ARG T 134 -2.69 25.10 100.31
CA ARG T 134 -2.35 23.80 100.89
C ARG T 134 -1.91 22.78 99.84
N ASN T 135 -2.29 22.96 98.58
CA ASN T 135 -1.96 21.99 97.56
C ASN T 135 -0.86 22.45 96.61
N ALA T 136 -0.53 23.74 96.58
CA ALA T 136 0.55 24.19 95.70
C ALA T 136 1.91 23.77 96.23
N TYR T 137 2.06 23.66 97.55
CA TYR T 137 3.26 23.03 98.09
C TYR T 137 3.29 21.54 97.77
N ILE T 138 2.12 20.92 97.64
CA ILE T 138 2.07 19.51 97.24
C ILE T 138 2.36 19.38 95.76
N ALA T 139 1.56 20.05 94.92
CA ALA T 139 1.58 19.86 93.47
C ALA T 139 2.87 20.33 92.81
N HIS T 140 3.66 21.18 93.47
CA HIS T 140 4.99 21.50 92.97
C HIS T 140 6.04 20.53 93.47
N ALA T 141 5.76 19.79 94.54
CA ALA T 141 6.69 18.80 95.06
C ALA T 141 6.59 17.46 94.34
N LEU T 142 5.59 17.27 93.46
CA LEU T 142 5.49 16.09 92.63
C LEU T 142 6.29 16.18 91.34
N GLY T 143 7.23 17.14 91.24
CA GLY T 143 8.08 17.21 90.06
C GLY T 143 9.15 16.15 90.00
N ALA T 144 9.52 15.57 91.14
CA ALA T 144 10.54 14.55 91.18
C ALA T 144 9.93 13.17 90.87
N ASP T 145 10.81 12.20 90.67
CA ASP T 145 10.40 10.85 90.27
C ASP T 145 10.57 9.83 91.38
N GLY T 146 11.66 9.89 92.13
CA GLY T 146 11.93 8.90 93.16
C GLY T 146 11.29 9.20 94.50
N ARG T 147 10.02 9.63 94.49
CA ARG T 147 9.30 9.98 95.69
C ARG T 147 7.84 9.55 95.54
N VAL T 148 7.01 10.00 96.46
CA VAL T 148 5.56 9.96 96.34
C VAL T 148 5.06 11.31 96.86
N ALA T 149 3.74 11.52 96.84
CA ALA T 149 3.15 12.84 97.07
C ALA T 149 3.34 13.31 98.52
N ASP T 150 2.95 14.55 98.76
CA ASP T 150 3.32 15.31 99.95
C ASP T 150 2.06 15.70 100.73
N ALA T 151 2.24 15.91 102.03
CA ALA T 151 1.21 16.48 102.88
C ALA T 151 1.79 17.67 103.63
N SER T 152 0.95 18.67 103.86
CA SER T 152 1.37 19.93 104.45
C SER T 152 0.66 20.15 105.79
N ALA T 153 1.40 20.70 106.75
CA ALA T 153 0.85 21.02 108.07
C ALA T 153 1.71 22.11 108.70
N THR T 154 1.20 22.68 109.80
CA THR T 154 1.94 23.67 110.57
C THR T 154 1.45 23.64 112.02
N SER T 155 2.23 23.05 112.91
CA SER T 155 2.08 23.25 114.34
C SER T 155 2.78 24.51 114.88
N PRO T 156 4.10 24.82 114.55
CA PRO T 156 4.73 25.98 115.22
C PRO T 156 4.27 27.34 114.73
N ALA T 157 5.01 28.37 115.17
CA ALA T 157 4.95 29.79 114.82
C ALA T 157 4.83 30.02 113.32
N PRO T 158 4.19 31.11 112.87
CA PRO T 158 3.88 31.25 111.45
C PRO T 158 5.11 31.46 110.57
N CYS T 159 4.89 31.24 109.27
CA CYS T 159 5.95 31.09 108.25
C CYS T 159 6.98 30.05 108.66
N GLU T 160 6.48 28.91 109.15
CA GLU T 160 7.29 27.72 109.40
C GLU T 160 6.48 26.52 108.90
N VAL T 161 6.80 26.07 107.69
CA VAL T 161 5.99 25.06 107.02
C VAL T 161 6.54 23.68 107.35
N LEU T 162 5.65 22.79 107.79
CA LEU T 162 6.00 21.39 108.05
C LEU T 162 5.38 20.55 106.94
N ILE T 163 6.19 20.22 105.94
CA ILE T 163 5.77 19.32 104.86
C ILE T 163 6.43 17.97 105.05
N SER T 164 5.67 16.90 104.80
CA SER T 164 6.12 15.52 105.02
C SER T 164 6.40 14.89 103.66
N VAL T 165 7.67 14.88 103.26
CA VAL T 165 8.08 14.30 101.98
C VAL T 165 8.17 12.79 102.18
N LEU T 166 7.16 12.07 101.71
CA LEU T 166 7.16 10.62 101.75
C LEU T 166 7.65 10.08 100.42
N GLY T 167 8.13 8.84 100.42
CA GLY T 167 8.69 8.28 99.21
C GLY T 167 8.48 6.79 99.03
N VAL T 168 8.02 6.39 97.85
CA VAL T 168 7.86 4.99 97.51
C VAL T 168 9.03 4.59 96.61
N GLU T 169 10.03 3.94 97.21
CA GLU T 169 11.06 3.26 96.44
C GLU T 169 11.41 1.89 97.01
N GLY T 170 11.02 1.57 98.23
CA GLY T 170 11.38 0.33 98.88
C GLY T 170 11.06 0.33 100.35
N ASN T 171 12.03 -0.07 101.18
CA ASN T 171 11.84 -0.19 102.62
C ASN T 171 11.91 1.21 103.24
N GLY T 172 10.75 1.88 103.27
CA GLY T 172 10.59 3.04 104.13
C GLY T 172 11.34 4.31 103.73
N GLN T 173 12.43 4.56 104.46
CA GLN T 173 13.15 5.83 104.49
C GLN T 173 13.63 6.29 103.12
N ALA T 174 13.35 7.55 102.80
CA ALA T 174 13.82 8.19 101.58
C ALA T 174 15.22 8.77 101.79
N PRO T 175 16.04 8.81 100.73
CA PRO T 175 17.40 9.37 100.89
C PRO T 175 17.39 10.87 101.10
N GLU T 176 18.39 11.35 101.83
CA GLU T 176 18.53 12.77 102.12
C GLU T 176 19.00 13.57 100.90
N ALA T 177 19.66 12.92 99.95
CA ALA T 177 20.02 13.60 98.71
C ALA T 177 18.79 13.86 97.84
N VAL T 178 17.79 12.97 97.92
CA VAL T 178 16.52 13.21 97.24
C VAL T 178 15.74 14.29 97.98
N LEU T 179 15.97 14.43 99.29
CA LEU T 179 15.28 15.42 100.10
C LEU T 179 15.68 16.85 99.73
N GLN T 180 16.89 17.04 99.25
CA GLN T 180 17.35 18.38 98.90
C GLN T 180 16.77 18.90 97.59
N ALA T 181 16.12 18.04 96.81
CA ALA T 181 15.60 18.46 95.51
C ALA T 181 14.35 19.30 95.63
N VAL T 182 13.64 19.24 96.76
CA VAL T 182 12.40 19.99 96.88
C VAL T 182 12.69 21.48 97.12
N ARG T 183 13.83 21.80 97.75
CA ARG T 183 14.19 23.20 97.90
C ARG T 183 14.70 23.79 96.59
N LEU T 184 15.22 22.94 95.70
CA LEU T 184 15.45 23.34 94.33
C LEU T 184 14.17 23.36 93.51
N ALA T 185 13.15 22.63 93.94
CA ALA T 185 11.85 22.64 93.31
C ALA T 185 10.92 23.70 93.89
N LEU T 186 11.30 24.32 95.01
CA LEU T 186 10.50 25.39 95.64
C LEU T 186 11.42 26.59 95.88
N ASN T 187 11.65 27.38 94.85
CA ASN T 187 12.39 28.63 94.96
C ASN T 187 11.57 29.82 94.48
N ALA T 188 10.99 29.72 93.28
CA ALA T 188 10.10 30.74 92.74
C ALA T 188 8.66 30.25 92.73
N GLU T 189 8.33 29.31 93.62
CA GLU T 189 6.98 28.79 93.75
C GLU T 189 6.37 29.09 95.11
N ASP T 190 7.18 29.36 96.13
CA ASP T 190 6.68 29.63 97.46
C ASP T 190 6.38 31.12 97.59
N VAL T 191 6.14 31.55 98.80
CA VAL T 191 6.15 32.97 99.13
C VAL T 191 7.56 33.28 99.62
N ARG T 192 8.02 34.50 99.42
CA ARG T 192 9.39 34.82 99.83
C ARG T 192 9.55 34.97 101.36
N PRO T 193 8.64 35.60 102.12
CA PRO T 193 8.83 35.56 103.59
C PRO T 193 8.62 34.18 104.22
N VAL T 194 7.81 33.31 103.62
CA VAL T 194 7.57 32.01 104.25
C VAL T 194 8.80 31.14 104.10
N ALA T 195 9.02 30.26 105.08
CA ALA T 195 10.21 29.41 105.10
C ALA T 195 9.82 28.04 105.59
N ASP T 196 10.16 27.02 104.82
CA ASP T 196 9.77 25.65 105.12
C ASP T 196 10.92 24.88 105.76
N ARG T 197 10.55 23.90 106.58
CA ARG T 197 11.45 22.82 106.96
C ARG T 197 10.98 21.56 106.26
N VAL T 198 11.93 20.75 105.81
CA VAL T 198 11.64 19.57 105.01
C VAL T 198 11.93 18.35 105.86
N THR T 199 10.88 17.74 106.39
CA THR T 199 10.98 16.53 107.20
C THR T 199 10.48 15.36 106.38
N VAL T 200 11.29 14.31 106.31
CA VAL T 200 10.96 13.14 105.50
C VAL T 200 10.01 12.20 106.24
N ARG T 201 10.21 11.98 107.53
CA ARG T 201 9.33 11.14 108.34
C ARG T 201 9.00 11.97 109.59
N SER T 202 7.94 12.78 109.48
CA SER T 202 7.63 13.80 110.47
C SER T 202 6.96 13.25 111.72
N ALA T 203 6.58 11.98 111.75
CA ALA T 203 5.95 11.42 112.94
C ALA T 203 6.62 10.11 113.37
N GLY T 204 7.12 9.34 112.41
CA GLY T 204 7.74 8.07 112.73
C GLY T 204 7.13 6.91 111.97
N ILE T 205 7.85 5.79 111.88
CA ILE T 205 7.42 4.62 111.13
C ILE T 205 7.41 3.42 112.06
N VAL T 206 6.27 2.75 112.13
CA VAL T 206 6.14 1.52 112.90
C VAL T 206 5.93 0.36 111.92
N PRO T 207 6.50 -0.82 112.19
CA PRO T 207 6.40 -1.92 111.22
C PRO T 207 5.05 -2.62 111.28
N TYR T 208 4.44 -2.82 110.12
CA TYR T 208 3.15 -3.48 109.99
C TYR T 208 3.29 -4.74 109.14
N GLN T 209 2.35 -5.67 109.36
CA GLN T 209 2.22 -6.89 108.59
C GLN T 209 0.73 -7.17 108.40
N VAL T 210 0.42 -8.28 107.73
CA VAL T 210 -0.93 -8.84 107.75
C VAL T 210 -0.81 -10.36 107.62
N LYS T 211 -1.68 -11.08 108.33
CA LYS T 211 -1.73 -12.53 108.28
C LYS T 211 -3.19 -12.93 108.17
N ALA T 212 -3.59 -13.42 107.00
CA ALA T 212 -4.98 -13.73 106.71
C ALA T 212 -5.14 -15.21 106.41
N GLN T 213 -6.13 -15.84 107.03
CA GLN T 213 -6.48 -17.23 106.75
C GLN T 213 -7.82 -17.21 106.00
N LEU T 214 -7.73 -17.05 104.69
CA LEU T 214 -8.91 -16.93 103.86
C LEU T 214 -9.51 -18.31 103.59
N TYR T 215 -10.78 -18.34 103.20
CA TYR T 215 -11.39 -19.54 102.63
C TYR T 215 -11.79 -19.25 101.19
N LEU T 216 -11.59 -20.24 100.32
CA LEU T 216 -12.10 -20.21 98.96
C LEU T 216 -13.18 -21.26 98.80
N PHE T 217 -13.96 -21.12 97.73
CA PHE T 217 -15.05 -22.05 97.49
C PHE T 217 -14.52 -23.41 97.04
N PRO T 218 -15.27 -24.49 97.30
CA PRO T 218 -14.97 -25.76 96.63
C PRO T 218 -15.29 -25.66 95.16
N GLY T 219 -14.25 -25.61 94.33
CA GLY T 219 -14.42 -25.13 92.97
C GLY T 219 -13.09 -24.87 92.28
N PRO T 220 -12.92 -23.65 91.77
CA PRO T 220 -11.73 -23.33 90.97
C PRO T 220 -10.44 -23.33 91.79
N GLU T 221 -9.33 -23.20 91.07
CA GLU T 221 -8.01 -23.45 91.61
C GLU T 221 -7.56 -22.34 92.55
N ALA T 222 -6.88 -22.74 93.62
CA ALA T 222 -6.49 -21.84 94.71
C ALA T 222 -5.14 -21.18 94.48
N GLU T 223 -4.56 -21.31 93.29
CA GLU T 223 -3.25 -20.74 93.02
C GLU T 223 -3.34 -19.30 92.52
N LEU T 224 -4.22 -19.03 91.55
CA LEU T 224 -4.34 -17.69 90.99
C LEU T 224 -5.36 -16.84 91.72
N ILE T 225 -6.23 -17.43 92.53
CA ILE T 225 -7.23 -16.66 93.25
C ILE T 225 -6.69 -16.13 94.57
N ARG T 226 -5.84 -16.92 95.24
CA ARG T 226 -5.12 -16.42 96.42
C ARG T 226 -4.18 -15.29 96.04
N ALA T 227 -3.46 -15.43 94.92
CA ALA T 227 -2.57 -14.39 94.45
C ALA T 227 -3.31 -13.18 93.90
N ALA T 228 -4.58 -13.34 93.52
CA ALA T 228 -5.37 -12.20 93.07
C ALA T 228 -5.81 -11.30 94.22
N ALA T 229 -5.71 -11.79 95.46
CA ALA T 229 -6.04 -10.95 96.62
C ALA T 229 -5.00 -9.85 96.81
N GLU T 230 -3.74 -10.13 96.51
CA GLU T 230 -2.70 -9.11 96.57
C GLU T 230 -2.69 -8.20 95.36
N ALA T 231 -3.46 -8.51 94.31
CA ALA T 231 -3.57 -7.61 93.18
C ALA T 231 -4.33 -6.34 93.54
N SER T 232 -5.24 -6.43 94.51
CA SER T 232 -5.92 -5.26 95.05
C SER T 232 -5.31 -4.80 96.37
N LEU T 233 -4.23 -5.43 96.81
CA LEU T 233 -3.56 -5.07 98.06
C LEU T 233 -2.19 -4.45 97.87
N ARG T 234 -1.37 -5.00 96.97
CA ARG T 234 -0.03 -4.47 96.76
C ARG T 234 -0.03 -3.12 96.06
N ASP T 235 -1.08 -2.79 95.32
CA ASP T 235 -1.27 -1.45 94.82
C ASP T 235 -2.02 -0.56 95.79
N TYR T 236 -2.64 -1.13 96.81
CA TYR T 236 -3.35 -0.35 97.82
C TYR T 236 -2.38 0.22 98.84
N ILE T 237 -1.37 -0.55 99.23
CA ILE T 237 -0.37 -0.08 100.19
C ILE T 237 0.50 1.01 99.56
N SER T 238 0.76 0.90 98.26
CA SER T 238 1.47 1.96 97.54
C SER T 238 0.64 3.22 97.36
N ALA T 239 -0.67 3.15 97.59
CA ALA T 239 -1.55 4.31 97.48
C ALA T 239 -1.93 4.90 98.83
N GLN T 240 -1.36 4.40 99.93
CA GLN T 240 -1.69 4.94 101.24
C GLN T 240 -0.89 6.21 101.52
N ARG T 241 0.43 6.15 101.34
CA ARG T 241 1.25 7.36 101.47
C ARG T 241 1.22 8.22 100.22
N ARG T 242 0.54 7.77 99.16
CA ARG T 242 0.24 8.65 98.04
C ARG T 242 -0.71 9.77 98.47
N LEU T 243 -1.60 9.49 99.42
CA LEU T 243 -2.37 10.52 100.09
C LEU T 243 -1.93 10.74 101.52
N GLY T 244 -1.04 9.89 102.04
CA GLY T 244 -0.56 10.03 103.41
C GLY T 244 -1.58 9.73 104.47
N ARG T 245 -2.65 9.01 104.12
CA ARG T 245 -3.79 8.81 105.00
C ARG T 245 -3.83 7.38 105.55
N ASP T 246 -4.92 7.06 106.24
CA ASP T 246 -4.94 5.98 107.21
C ASP T 246 -5.21 4.63 106.56
N ILE T 247 -4.76 3.57 107.24
CA ILE T 247 -5.21 2.22 106.98
C ILE T 247 -6.15 1.82 108.12
N ARG T 248 -7.03 0.87 107.82
CA ARG T 248 -8.00 0.41 108.80
C ARG T 248 -7.90 -1.10 108.94
N ARG T 249 -8.64 -1.62 109.92
CA ARG T 249 -8.89 -3.06 109.96
C ARG T 249 -9.65 -3.49 108.71
N SER T 250 -10.67 -2.70 108.33
CA SER T 250 -11.46 -2.98 107.14
C SER T 250 -10.68 -2.78 105.86
N ALA T 251 -9.58 -2.01 105.89
CA ALA T 251 -8.68 -1.98 104.75
C ALA T 251 -7.94 -3.30 104.59
N LEU T 252 -7.71 -4.02 105.69
CA LEU T 252 -7.14 -5.35 105.63
C LEU T 252 -8.19 -6.43 105.35
N PHE T 253 -9.48 -6.09 105.38
CA PHE T 253 -10.52 -7.01 104.93
C PHE T 253 -10.86 -6.78 103.46
N ALA T 254 -11.25 -5.56 103.12
CA ALA T 254 -11.88 -5.27 101.83
C ALA T 254 -10.90 -5.36 100.66
N THR T 255 -9.60 -5.22 100.93
CA THR T 255 -8.60 -5.37 99.87
C THR T 255 -8.22 -6.84 99.63
N LEU T 256 -8.86 -7.78 100.32
CA LEU T 256 -8.62 -9.20 100.10
C LEU T 256 -9.85 -9.92 99.55
N HIS T 257 -10.97 -9.23 99.35
CA HIS T 257 -12.15 -9.84 98.75
C HIS T 257 -12.03 -9.78 97.24
N VAL T 258 -11.92 -10.96 96.62
CA VAL T 258 -11.92 -11.08 95.17
C VAL T 258 -13.08 -11.98 94.79
N GLU T 259 -13.22 -12.26 93.50
CA GLU T 259 -14.28 -13.16 93.03
C GLU T 259 -13.96 -14.59 93.47
N GLY T 260 -14.74 -15.09 94.42
CA GLY T 260 -14.55 -16.44 94.93
C GLY T 260 -14.18 -16.50 96.40
N VAL T 261 -14.69 -15.54 97.18
CA VAL T 261 -14.38 -15.44 98.60
C VAL T 261 -15.69 -15.58 99.38
N GLN T 262 -15.71 -16.49 100.36
CA GLN T 262 -16.87 -16.62 101.23
C GLN T 262 -16.62 -16.19 102.67
N ARG T 263 -15.39 -16.30 103.17
CA ARG T 263 -15.06 -15.69 104.45
C ARG T 263 -13.56 -15.42 104.52
N VAL T 264 -13.21 -14.42 105.33
CA VAL T 264 -11.84 -13.97 105.55
C VAL T 264 -11.58 -13.96 107.05
N GLU T 265 -10.36 -13.59 107.43
CA GLU T 265 -9.94 -13.60 108.83
C GLU T 265 -8.75 -12.68 108.99
N LEU T 266 -8.66 -12.04 110.15
CA LEU T 266 -7.62 -11.07 110.46
C LEU T 266 -7.17 -11.23 111.90
N GLN T 267 -5.84 -11.16 112.13
CA GLN T 267 -5.28 -11.24 113.47
C GLN T 267 -4.31 -10.12 113.83
N GLU T 268 -3.66 -9.47 112.84
CA GLU T 268 -2.49 -8.64 113.12
C GLU T 268 -2.82 -7.33 113.85
N PRO T 269 -3.91 -6.60 113.55
CA PRO T 269 -4.30 -5.55 114.51
C PRO T 269 -5.32 -6.04 115.52
N ALA T 270 -5.13 -5.61 116.77
CA ALA T 270 -6.19 -5.77 117.76
C ALA T 270 -7.28 -4.72 117.55
N ALA T 271 -6.87 -3.47 117.35
CA ALA T 271 -7.76 -2.41 116.89
C ALA T 271 -7.04 -1.68 115.75
N ASP T 272 -7.80 -0.88 115.02
CA ASP T 272 -7.23 -0.17 113.88
C ASP T 272 -6.31 0.95 114.35
N VAL T 273 -5.32 1.25 113.52
CA VAL T 273 -4.35 2.28 113.81
C VAL T 273 -4.77 3.57 113.11
N VAL T 274 -4.19 4.69 113.54
CA VAL T 274 -4.50 5.99 112.96
C VAL T 274 -3.26 6.53 112.26
N LEU T 275 -3.46 7.08 111.08
CA LEU T 275 -2.41 7.75 110.31
C LEU T 275 -2.99 9.08 109.86
N ASP T 276 -2.55 10.17 110.51
CA ASP T 276 -3.10 11.48 110.24
C ASP T 276 -2.45 12.06 108.99
N GLU T 277 -2.65 13.36 108.75
CA GLU T 277 -1.97 14.06 107.67
C GLU T 277 -0.47 14.15 107.92
N THR T 278 -0.04 14.09 109.19
CA THR T 278 1.35 13.99 109.57
C THR T 278 1.82 12.54 109.67
N GLN T 279 1.04 11.69 110.32
CA GLN T 279 1.45 10.33 110.65
C GLN T 279 1.36 9.42 109.42
N ALA T 280 2.40 8.63 109.19
CA ALA T 280 2.42 7.63 108.13
C ALA T 280 3.16 6.40 108.64
N ALA T 281 3.07 5.30 107.88
CA ALA T 281 3.65 4.04 108.32
C ALA T 281 4.08 3.22 107.10
N TYR T 282 4.59 2.03 107.37
CA TYR T 282 5.10 1.13 106.34
C TYR T 282 4.82 -0.32 106.75
N CYS T 283 4.59 -1.16 105.73
CA CYS T 283 4.29 -2.57 105.93
C CYS T 283 5.48 -3.40 105.43
N THR T 284 6.00 -4.26 106.30
CA THR T 284 7.26 -4.96 106.00
C THR T 284 7.05 -6.17 105.10
N GLY T 285 6.33 -7.17 105.59
CA GLY T 285 6.19 -8.42 104.86
C GLY T 285 4.91 -9.17 105.17
N TYR T 286 4.26 -9.70 104.15
CA TYR T 286 2.93 -10.28 104.29
C TYR T 286 2.98 -11.80 104.17
N ALA T 287 1.92 -12.43 104.67
CA ALA T 287 1.75 -13.89 104.55
C ALA T 287 0.24 -14.16 104.55
N ILE T 288 -0.33 -14.34 103.36
CA ILE T 288 -1.75 -14.62 103.18
C ILE T 288 -1.86 -16.02 102.59
N THR T 289 -2.38 -16.94 103.37
CA THR T 289 -2.62 -18.32 102.95
C THR T 289 -4.11 -18.64 103.12
N LEU T 290 -4.46 -19.90 102.91
CA LEU T 290 -5.82 -20.38 103.12
C LEU T 290 -5.90 -21.20 104.41
N GLY T 291 -7.10 -21.21 105.00
CA GLY T 291 -7.34 -22.02 106.18
C GLY T 291 -7.73 -23.45 105.87
N GLY T 292 -8.30 -23.70 104.70
CA GLY T 292 -8.68 -25.05 104.30
C GLY T 292 -7.50 -25.92 103.93
N ILE U 2 77.49 -59.21 -0.16
CA ILE U 2 76.52 -58.17 0.16
C ILE U 2 77.28 -56.86 0.41
N ILE U 3 77.42 -56.06 -0.64
CA ILE U 3 78.17 -54.81 -0.60
C ILE U 3 77.25 -53.71 -1.09
N ASP U 4 77.19 -52.60 -0.34
CA ASP U 4 76.34 -51.47 -0.68
C ASP U 4 76.86 -50.79 -1.94
N LEU U 5 75.97 -50.64 -2.93
CA LEU U 5 76.28 -49.90 -4.15
C LEU U 5 75.86 -48.44 -4.04
N SER U 6 75.06 -48.09 -3.03
CA SER U 6 74.43 -46.78 -2.94
C SER U 6 75.29 -45.74 -2.22
N GLN U 7 76.61 -45.89 -2.26
CA GLN U 7 77.52 -44.93 -1.65
C GLN U 7 78.61 -44.50 -2.63
N LEU U 8 78.41 -44.70 -3.92
CA LEU U 8 79.36 -44.38 -4.97
C LEU U 8 79.05 -42.99 -5.53
N PRO U 9 79.91 -42.45 -6.42
CA PRO U 9 79.49 -41.27 -7.19
C PRO U 9 78.26 -41.54 -8.05
N GLU U 10 77.52 -40.47 -8.31
CA GLU U 10 76.19 -40.60 -8.89
C GLU U 10 76.26 -40.98 -10.36
N PRO U 11 75.45 -41.94 -10.81
CA PRO U 11 75.32 -42.18 -12.25
C PRO U 11 74.34 -41.19 -12.87
N GLU U 12 74.70 -40.68 -14.04
CA GLU U 12 73.86 -39.76 -14.80
C GLU U 12 73.29 -40.50 -16.00
N VAL U 13 71.99 -40.74 -15.97
CA VAL U 13 71.35 -41.42 -17.09
C VAL U 13 71.17 -40.45 -18.26
N ILE U 14 70.73 -39.24 -17.97
CA ILE U 14 70.82 -38.13 -18.91
C ILE U 14 71.98 -37.26 -18.44
N GLU U 15 72.67 -36.63 -19.39
CA GLU U 15 73.77 -35.75 -19.05
C GLU U 15 73.25 -34.48 -18.38
N ASN U 16 74.05 -33.96 -17.46
CA ASN U 16 73.65 -32.80 -16.66
C ASN U 16 74.60 -31.67 -17.02
N LEU U 17 74.26 -30.94 -18.08
CA LEU U 17 75.09 -29.83 -18.54
C LEU U 17 74.91 -28.63 -17.62
N ASP U 18 75.90 -27.75 -17.63
CA ASP U 18 75.80 -26.54 -16.82
C ASP U 18 74.95 -25.49 -17.54
N PHE U 19 74.80 -24.32 -16.89
CA PHE U 19 73.83 -23.33 -17.34
C PHE U 19 74.26 -22.65 -18.64
N GLU U 20 75.55 -22.61 -18.93
CA GLU U 20 76.00 -21.82 -20.07
C GLU U 20 75.86 -22.57 -21.39
N THR U 21 76.27 -23.84 -21.44
CA THR U 21 76.15 -24.57 -22.69
C THR U 21 74.73 -25.02 -22.98
N ILE U 22 73.84 -25.01 -22.00
CA ILE U 22 72.42 -25.15 -22.28
C ILE U 22 71.89 -23.88 -22.92
N TYR U 23 72.37 -22.72 -22.45
CA TYR U 23 71.91 -21.44 -22.97
C TYR U 23 72.37 -21.20 -24.40
N GLN U 24 73.64 -21.51 -24.69
CA GLN U 24 74.13 -21.36 -26.05
C GLN U 24 73.55 -22.38 -27.01
N GLU U 25 73.08 -23.52 -26.51
CA GLU U 25 72.36 -24.46 -27.36
C GLU U 25 70.99 -23.92 -27.73
N LEU U 26 70.36 -23.14 -26.85
CA LEU U 26 69.06 -22.56 -27.15
C LEU U 26 69.17 -21.42 -28.15
N LEU U 27 70.27 -20.66 -28.09
CA LEU U 27 70.47 -19.59 -29.07
C LEU U 27 70.74 -20.16 -30.46
N GLY U 28 71.43 -21.31 -30.53
CA GLY U 28 71.60 -21.98 -31.80
C GLY U 28 70.29 -22.51 -32.35
N ASP U 29 69.35 -22.82 -31.46
CA ASP U 29 68.00 -23.16 -31.89
C ASP U 29 67.22 -21.91 -32.26
N PHE U 30 67.60 -20.76 -31.71
CA PHE U 30 66.86 -19.54 -31.96
C PHE U 30 67.28 -18.88 -33.26
N ARG U 31 68.56 -19.03 -33.64
CA ARG U 31 69.02 -18.45 -34.91
C ARG U 31 68.47 -19.23 -36.09
N GLU U 32 68.33 -20.54 -35.95
CA GLU U 32 67.85 -21.37 -37.05
C GLU U 32 66.34 -21.22 -37.23
N ALA U 33 65.63 -20.87 -36.16
CA ALA U 33 64.18 -20.69 -36.27
C ALA U 33 63.84 -19.32 -36.83
N MET U 34 64.68 -18.33 -36.57
CA MET U 34 64.54 -16.99 -37.15
C MET U 34 65.26 -16.84 -38.48
N ALA U 35 65.51 -17.95 -39.19
CA ALA U 35 66.33 -17.91 -40.40
C ALA U 35 65.62 -17.18 -41.52
N GLY U 36 66.33 -16.23 -42.15
CA GLY U 36 65.77 -15.38 -43.16
C GLY U 36 65.21 -14.08 -42.65
N GLU U 37 64.80 -14.02 -41.39
CA GLU U 37 64.25 -12.80 -40.81
C GLU U 37 64.91 -12.39 -39.50
N TRP U 38 66.04 -12.97 -39.14
CA TRP U 38 66.72 -12.58 -37.91
C TRP U 38 67.45 -11.25 -38.10
N THR U 39 67.37 -10.41 -37.07
CA THR U 39 68.11 -9.16 -37.02
C THR U 39 68.76 -9.09 -35.65
N ALA U 40 69.84 -8.31 -35.53
CA ALA U 40 70.50 -8.15 -34.24
C ALA U 40 69.65 -7.34 -33.27
N GLU U 41 68.67 -6.59 -33.79
CA GLU U 41 67.76 -5.84 -32.94
C GLU U 41 66.66 -6.72 -32.38
N VAL U 42 66.53 -7.96 -32.88
CA VAL U 42 65.47 -8.86 -32.42
C VAL U 42 65.81 -9.39 -31.03
N GLU U 43 67.08 -9.73 -30.79
CA GLU U 43 67.52 -10.30 -29.51
C GLU U 43 67.66 -9.20 -28.45
N SER U 44 66.51 -8.61 -28.11
CA SER U 44 66.48 -7.51 -27.17
C SER U 44 66.52 -8.04 -25.73
N ASP U 45 66.34 -7.11 -24.80
CA ASP U 45 66.36 -7.48 -23.37
C ASP U 45 65.18 -8.34 -22.93
N PRO U 46 63.91 -8.10 -23.31
CA PRO U 46 62.87 -9.07 -22.89
C PRO U 46 62.92 -10.37 -23.66
N VAL U 47 63.66 -10.43 -24.78
CA VAL U 47 63.77 -11.68 -25.53
C VAL U 47 64.84 -12.57 -24.90
N LEU U 48 65.96 -11.99 -24.48
CA LEU U 48 67.06 -12.79 -23.94
C LEU U 48 66.73 -13.34 -22.56
N LYS U 49 65.96 -12.58 -21.76
CA LYS U 49 65.60 -13.05 -20.43
C LYS U 49 64.61 -14.21 -20.47
N LEU U 50 63.87 -14.37 -21.56
CA LEU U 50 63.09 -15.59 -21.75
C LEU U 50 64.01 -16.79 -21.97
N LEU U 51 65.07 -16.60 -22.76
CA LEU U 51 66.01 -17.68 -23.02
C LEU U 51 66.86 -18.00 -21.79
N GLN U 52 67.04 -17.04 -20.88
CA GLN U 52 67.71 -17.34 -19.63
C GLN U 52 66.80 -18.07 -18.67
N LEU U 53 65.49 -17.92 -18.82
CA LEU U 53 64.56 -18.77 -18.08
C LEU U 53 64.61 -20.20 -18.58
N ALA U 54 64.56 -20.37 -19.90
CA ALA U 54 64.51 -21.70 -20.51
C ALA U 54 65.77 -22.49 -20.23
N ALA U 55 66.94 -21.83 -20.26
CA ALA U 55 68.18 -22.47 -19.86
C ALA U 55 68.21 -22.83 -18.37
N TYR U 56 67.39 -22.18 -17.57
CA TYR U 56 67.25 -22.50 -16.16
C TYR U 56 66.22 -23.60 -15.90
N ARG U 57 65.24 -23.78 -16.79
CA ARG U 57 64.19 -24.75 -16.51
C ARG U 57 64.59 -26.17 -16.88
N GLU U 58 65.29 -26.37 -18.01
CA GLU U 58 65.79 -27.73 -18.24
C GLU U 58 67.10 -28.00 -17.51
N LEU U 59 67.69 -26.98 -16.87
CA LEU U 59 68.65 -27.29 -15.82
C LEU U 59 67.94 -27.93 -14.63
N LEU U 60 66.67 -27.57 -14.41
CA LEU U 60 65.82 -28.22 -13.43
C LEU U 60 65.05 -29.40 -14.00
N LEU U 61 65.13 -29.65 -15.31
CA LEU U 61 64.55 -30.88 -15.83
C LEU U 61 65.58 -31.97 -16.04
N ARG U 62 66.82 -31.61 -16.40
CA ARG U 62 67.89 -32.59 -16.40
C ARG U 62 68.25 -33.01 -14.98
N ALA U 63 68.02 -32.15 -13.99
CA ALA U 63 68.13 -32.54 -12.60
C ALA U 63 66.93 -33.36 -12.14
N ARG U 64 65.79 -33.22 -12.80
CA ARG U 64 64.60 -33.99 -12.43
C ARG U 64 64.65 -35.40 -13.00
N ILE U 65 65.13 -35.54 -14.24
CA ILE U 65 65.29 -36.86 -14.84
C ILE U 65 66.35 -37.66 -14.12
N ASN U 66 67.42 -37.00 -13.68
CA ASN U 66 68.46 -37.69 -12.91
C ASN U 66 67.96 -38.08 -11.53
N ASP U 67 67.23 -37.20 -10.85
CA ASP U 67 66.71 -37.53 -9.53
C ASP U 67 65.57 -38.55 -9.60
N ALA U 68 64.89 -38.65 -10.72
CA ALA U 68 63.92 -39.73 -10.89
C ALA U 68 64.63 -41.06 -11.15
N ALA U 69 65.70 -41.03 -11.94
CA ALA U 69 66.42 -42.24 -12.28
C ALA U 69 67.28 -42.75 -11.13
N ARG U 70 67.60 -41.90 -10.15
CA ARG U 70 68.23 -42.38 -8.93
C ARG U 70 67.27 -43.24 -8.13
N ALA U 71 66.06 -42.73 -7.88
CA ALA U 71 65.12 -43.38 -6.99
C ALA U 71 64.41 -44.58 -7.61
N VAL U 72 64.67 -44.89 -8.87
CA VAL U 72 64.18 -46.12 -9.50
C VAL U 72 65.15 -47.27 -9.33
N MET U 73 66.43 -47.03 -9.60
CA MET U 73 67.45 -48.03 -9.32
C MET U 73 67.66 -48.16 -7.81
N LEU U 74 68.01 -49.37 -7.36
CA LEU U 74 68.30 -49.58 -5.94
C LEU U 74 69.55 -48.82 -5.50
N ALA U 75 70.47 -48.56 -6.42
CA ALA U 75 71.54 -47.60 -6.15
C ALA U 75 70.93 -46.22 -6.01
N TYR U 76 71.03 -45.66 -4.79
CA TYR U 76 70.50 -44.35 -4.40
C TYR U 76 68.98 -44.27 -4.56
N ALA U 77 68.29 -45.23 -3.92
CA ALA U 77 66.86 -45.16 -3.72
C ALA U 77 66.59 -44.84 -2.26
N SER U 78 65.70 -43.89 -2.01
CA SER U 78 65.46 -43.36 -0.68
C SER U 78 64.20 -43.99 -0.09
N GLY U 79 63.88 -43.57 1.14
CA GLY U 79 62.80 -44.17 1.88
C GLY U 79 61.43 -43.92 1.26
N ALA U 80 60.48 -44.77 1.66
CA ALA U 80 59.11 -44.86 1.13
C ALA U 80 59.07 -45.07 -0.38
N ASP U 81 60.15 -45.62 -0.96
CA ASP U 81 60.21 -45.94 -2.37
C ASP U 81 60.80 -47.33 -2.62
N LEU U 82 61.55 -47.89 -1.67
CA LEU U 82 61.93 -49.29 -1.78
C LEU U 82 60.75 -50.21 -1.52
N ASP U 83 59.68 -49.71 -0.89
CA ASP U 83 58.46 -50.48 -0.76
C ASP U 83 57.79 -50.69 -2.11
N GLN U 84 57.96 -49.74 -3.04
CA GLN U 84 57.49 -49.94 -4.40
C GLN U 84 58.41 -50.86 -5.19
N ILE U 85 59.69 -50.90 -4.85
CA ILE U 85 60.63 -51.80 -5.50
C ILE U 85 60.60 -53.18 -4.86
N GLY U 86 60.55 -53.22 -3.52
CA GLY U 86 60.49 -54.49 -2.81
C GLY U 86 59.20 -55.25 -3.02
N ALA U 87 58.11 -54.57 -3.41
CA ALA U 87 56.91 -55.27 -3.82
C ALA U 87 57.13 -56.01 -5.14
N GLY U 88 58.03 -55.51 -5.97
CA GLY U 88 58.46 -56.25 -7.15
C GLY U 88 59.48 -57.33 -6.87
N PHE U 89 59.97 -57.42 -5.64
CA PHE U 89 60.92 -58.46 -5.25
C PHE U 89 60.48 -59.18 -3.98
N ASN U 90 59.19 -59.08 -3.63
CA ASN U 90 58.56 -59.75 -2.48
C ASN U 90 59.27 -59.36 -1.17
N VAL U 91 59.62 -58.08 -1.03
CA VAL U 91 60.30 -57.58 0.14
C VAL U 91 59.37 -56.55 0.79
N GLN U 92 58.85 -56.88 1.96
CA GLN U 92 58.04 -55.97 2.75
C GLN U 92 58.77 -55.69 4.05
N ARG U 93 58.77 -54.43 4.47
CA ARG U 93 59.38 -54.09 5.75
C ARG U 93 58.54 -54.61 6.90
N LEU U 94 59.20 -55.05 7.96
CA LEU U 94 58.55 -55.62 9.12
C LEU U 94 58.52 -54.60 10.25
N LEU U 95 57.93 -55.00 11.37
CA LEU U 95 57.68 -54.11 12.49
C LEU U 95 58.67 -54.41 13.61
N ILE U 96 59.51 -53.44 13.94
CA ILE U 96 60.42 -53.52 15.07
C ILE U 96 59.84 -52.63 16.15
N ARG U 97 59.09 -53.25 17.09
CA ARG U 97 58.26 -52.68 18.15
C ARG U 97 57.44 -51.48 17.67
N PRO U 98 56.35 -51.72 16.91
CA PRO U 98 55.59 -50.62 16.32
C PRO U 98 54.75 -49.85 17.32
N ALA U 99 53.87 -48.98 16.82
CA ALA U 99 53.12 -48.06 17.66
C ALA U 99 52.05 -48.80 18.45
N GLN U 100 52.48 -49.43 19.55
CA GLN U 100 51.56 -49.86 20.59
C GLN U 100 51.48 -48.77 21.66
N PRO U 101 50.35 -48.09 21.82
CA PRO U 101 50.24 -47.08 22.87
C PRO U 101 50.07 -47.66 24.26
N GLU U 102 51.19 -47.96 24.93
CA GLU U 102 51.16 -48.22 26.37
C GLU U 102 50.59 -47.02 27.11
N ALA U 103 51.08 -45.83 26.77
CA ALA U 103 50.40 -44.58 27.04
C ALA U 103 50.17 -43.90 25.69
N VAL U 104 49.03 -43.24 25.55
CA VAL U 104 48.53 -42.83 24.24
C VAL U 104 49.31 -41.64 23.64
N PRO U 105 49.67 -40.56 24.35
CA PRO U 105 50.52 -39.52 23.68
C PRO U 105 51.95 -39.94 23.39
N PRO U 106 52.65 -40.79 24.23
CA PRO U 106 53.97 -41.18 23.67
C PRO U 106 53.91 -42.32 22.65
N VAL U 107 53.63 -41.97 21.40
CA VAL U 107 53.61 -42.94 20.33
C VAL U 107 55.03 -43.35 19.96
N GLU U 108 55.28 -44.67 19.88
CA GLU U 108 56.59 -45.21 19.55
C GLU U 108 56.42 -46.11 18.32
N ALA U 109 56.48 -45.50 17.13
CA ALA U 109 56.35 -46.21 15.87
C ALA U 109 57.72 -46.39 15.23
N GLN U 110 57.96 -47.57 14.67
CA GLN U 110 59.26 -47.87 14.08
C GLN U 110 59.10 -48.97 13.04
N TYR U 111 59.74 -48.78 11.89
CA TYR U 111 59.73 -49.73 10.79
C TYR U 111 61.15 -50.23 10.55
N GLU U 112 61.32 -51.02 9.50
CA GLU U 112 62.65 -51.36 9.03
C GLU U 112 63.26 -50.18 8.27
N SER U 113 64.50 -49.87 8.61
CA SER U 113 65.19 -48.74 7.99
C SER U 113 65.71 -49.12 6.62
N ASP U 114 66.37 -48.16 5.96
CA ASP U 114 67.02 -48.43 4.69
C ASP U 114 68.34 -49.17 4.90
N LYS U 115 69.04 -49.45 3.79
CA LYS U 115 70.38 -50.03 3.65
C LYS U 115 70.55 -51.41 4.30
N SER U 116 69.47 -51.97 4.85
CA SER U 116 69.32 -53.37 5.17
C SER U 116 68.06 -53.95 4.56
N LEU U 117 67.03 -53.13 4.38
CA LEU U 117 65.92 -53.48 3.49
C LEU U 117 66.42 -53.59 2.06
N ARG U 118 67.38 -52.73 1.68
CA ARG U 118 67.98 -52.79 0.36
C ARG U 118 68.78 -54.07 0.17
N ASN U 119 69.36 -54.58 1.25
CA ASN U 119 70.06 -55.86 1.18
C ASN U 119 69.08 -57.01 0.99
N ARG U 120 67.89 -56.90 1.58
CA ARG U 120 66.89 -57.95 1.43
C ARG U 120 66.28 -57.93 0.03
N ILE U 121 66.28 -56.78 -0.63
CA ILE U 121 65.92 -56.73 -2.05
C ILE U 121 67.06 -57.27 -2.89
N GLN U 122 68.31 -57.06 -2.44
CA GLN U 122 69.45 -57.63 -3.13
C GLN U 122 69.51 -59.15 -2.94
N LEU U 123 69.03 -59.63 -1.79
CA LEU U 123 68.94 -61.06 -1.54
C LEU U 123 67.60 -61.65 -1.96
N ALA U 124 66.90 -61.03 -2.90
CA ALA U 124 65.60 -61.55 -3.31
C ALA U 124 65.74 -62.77 -4.21
N PHE U 125 66.55 -62.66 -5.27
CA PHE U 125 66.73 -63.77 -6.20
C PHE U 125 67.51 -64.93 -5.61
N GLU U 126 68.21 -64.73 -4.51
CA GLU U 126 68.90 -65.82 -3.83
C GLU U 126 67.99 -66.59 -2.87
N GLN U 127 66.69 -66.26 -2.84
CA GLN U 127 65.72 -66.98 -2.05
C GLN U 127 64.73 -67.76 -2.91
N LEU U 128 64.83 -67.64 -4.24
CA LEU U 128 63.94 -68.40 -5.11
C LEU U 128 64.34 -69.88 -5.15
N SER U 129 65.63 -70.15 -5.32
CA SER U 129 66.10 -71.53 -5.42
C SER U 129 66.08 -72.18 -4.06
N VAL U 130 65.27 -73.23 -3.91
CA VAL U 130 65.12 -73.93 -2.66
C VAL U 130 66.04 -75.15 -2.57
N ALA U 131 66.81 -75.42 -3.63
CA ALA U 131 67.80 -76.48 -3.64
C ALA U 131 69.14 -76.06 -3.04
N GLY U 132 69.18 -74.91 -2.37
CA GLY U 132 70.33 -74.50 -1.59
C GLY U 132 71.63 -74.22 -2.32
N PRO U 133 71.71 -73.10 -3.08
CA PRO U 133 73.03 -72.60 -3.48
C PRO U 133 73.78 -71.95 -2.32
N ARG U 134 74.90 -71.30 -2.63
CA ARG U 134 75.78 -70.76 -1.59
C ARG U 134 75.15 -69.62 -0.81
N ASN U 135 74.17 -68.93 -1.40
CA ASN U 135 73.57 -67.78 -0.73
C ASN U 135 72.18 -68.05 -0.17
N ALA U 136 71.52 -69.13 -0.59
CA ALA U 136 70.19 -69.42 -0.04
C ALA U 136 70.28 -69.93 1.39
N TYR U 137 71.37 -70.61 1.75
CA TYR U 137 71.61 -70.89 3.16
C TYR U 137 71.92 -69.63 3.93
N ILE U 138 72.52 -68.63 3.27
CA ILE U 138 72.75 -67.35 3.92
C ILE U 138 71.45 -66.57 4.05
N ALA U 139 70.79 -66.31 2.91
CA ALA U 139 69.65 -65.40 2.85
C ALA U 139 68.41 -65.90 3.59
N HIS U 140 68.33 -67.20 3.88
CA HIS U 140 67.27 -67.70 4.74
C HIS U 140 67.68 -67.66 6.22
N ALA U 141 68.98 -67.56 6.51
CA ALA U 141 69.44 -67.46 7.88
C ALA U 141 69.41 -66.04 8.42
N LEU U 142 69.14 -65.05 7.57
CA LEU U 142 68.95 -63.67 8.01
C LEU U 142 67.52 -63.37 8.45
N GLY U 143 66.71 -64.40 8.72
CA GLY U 143 65.37 -64.16 9.23
C GLY U 143 65.32 -63.75 10.69
N ALA U 144 66.36 -64.08 11.45
CA ALA U 144 66.42 -63.72 12.86
C ALA U 144 66.93 -62.30 13.04
N ASP U 145 66.81 -61.80 14.27
CA ASP U 145 67.17 -60.43 14.60
C ASP U 145 68.44 -60.32 15.43
N GLY U 146 68.63 -61.20 16.42
CA GLY U 146 69.78 -61.11 17.29
C GLY U 146 71.02 -61.80 16.77
N ARG U 147 71.33 -61.61 15.49
CA ARG U 147 72.47 -62.24 14.84
C ARG U 147 73.06 -61.26 13.85
N VAL U 148 73.98 -61.77 13.02
CA VAL U 148 74.44 -61.11 11.81
C VAL U 148 74.54 -62.19 10.74
N ALA U 149 74.94 -61.81 9.52
CA ALA U 149 74.83 -62.68 8.36
C ALA U 149 75.79 -63.88 8.46
N ASP U 150 75.65 -64.79 7.49
CA ASP U 150 76.20 -66.13 7.55
C ASP U 150 77.17 -66.35 6.40
N ALA U 151 78.11 -67.28 6.61
CA ALA U 151 78.99 -67.75 5.55
C ALA U 151 78.92 -69.27 5.50
N SER U 152 79.04 -69.81 4.29
CA SER U 152 78.87 -71.24 4.05
C SER U 152 80.17 -71.84 3.51
N ALA U 153 80.49 -73.05 3.96
CA ALA U 153 81.67 -73.78 3.50
C ALA U 153 81.44 -75.27 3.73
N THR U 154 82.32 -76.08 3.14
CA THR U 154 82.29 -77.53 3.33
C THR U 154 83.69 -78.09 3.11
N SER U 155 84.37 -78.43 4.20
CA SER U 155 85.55 -79.28 4.16
C SER U 155 85.23 -80.79 4.14
N PRO U 156 84.33 -81.37 5.03
CA PRO U 156 84.20 -82.84 5.03
C PRO U 156 83.41 -83.41 3.86
N ALA U 157 83.09 -84.71 3.99
CA ALA U 157 82.27 -85.57 3.14
C ALA U 157 80.97 -84.89 2.72
N PRO U 158 80.41 -85.20 1.54
CA PRO U 158 79.27 -84.43 1.02
C PRO U 158 77.99 -84.61 1.83
N CYS U 159 77.07 -83.66 1.58
CA CYS U 159 75.88 -83.42 2.42
C CYS U 159 76.24 -83.26 3.89
N GLU U 160 77.29 -82.48 4.15
CA GLU U 160 77.67 -82.04 5.49
C GLU U 160 78.02 -80.56 5.39
N VAL U 161 77.08 -79.70 5.74
CA VAL U 161 77.22 -78.26 5.52
C VAL U 161 77.83 -77.62 6.75
N LEU U 162 78.89 -76.85 6.54
CA LEU U 162 79.54 -76.07 7.61
C LEU U 162 79.18 -74.61 7.40
N ILE U 163 78.16 -74.14 8.12
CA ILE U 163 77.78 -72.73 8.11
C ILE U 163 78.21 -72.08 9.41
N SER U 164 78.72 -70.85 9.30
CA SER U 164 79.27 -70.12 10.44
C SER U 164 78.29 -69.03 10.84
N VAL U 165 77.47 -69.31 11.84
CA VAL U 165 76.49 -68.35 12.33
C VAL U 165 77.21 -67.36 13.24
N LEU U 166 77.49 -66.17 12.73
CA LEU U 166 78.10 -65.11 13.50
C LEU U 166 77.00 -64.19 14.03
N GLY U 167 77.31 -63.46 15.09
CA GLY U 167 76.31 -62.60 15.70
C GLY U 167 76.83 -61.32 16.29
N VAL U 168 76.18 -60.20 15.98
CA VAL U 168 76.51 -58.90 16.54
C VAL U 168 75.48 -58.59 17.61
N GLU U 169 75.85 -58.81 18.87
CA GLU U 169 75.08 -58.30 20.00
C GLU U 169 75.96 -57.72 21.09
N GLY U 170 77.25 -57.99 21.09
CA GLY U 170 78.14 -57.54 22.14
C GLY U 170 79.50 -58.21 22.07
N ASN U 171 79.98 -58.72 23.19
CA ASN U 171 81.30 -59.34 23.29
C ASN U 171 81.25 -60.73 22.68
N GLY U 172 81.45 -60.81 21.36
CA GLY U 172 81.76 -62.07 20.71
C GLY U 172 80.65 -63.09 20.62
N GLN U 173 80.74 -64.09 21.49
CA GLN U 173 79.99 -65.35 21.42
C GLN U 173 78.48 -65.15 21.41
N ALA U 174 77.81 -65.82 20.44
CA ALA U 174 76.36 -65.82 20.34
C ALA U 174 75.77 -66.92 21.23
N PRO U 175 74.57 -66.72 21.76
CA PRO U 175 73.96 -67.74 22.62
C PRO U 175 73.53 -68.98 21.83
N GLU U 176 73.58 -70.13 22.52
CA GLU U 176 73.20 -71.39 21.91
C GLU U 176 71.70 -71.52 21.72
N ALA U 177 70.90 -70.79 22.50
CA ALA U 177 69.46 -70.78 22.27
C ALA U 177 69.10 -70.02 21.00
N VAL U 178 69.90 -69.01 20.64
CA VAL U 178 69.72 -68.32 19.37
C VAL U 178 70.21 -69.22 18.23
N LEU U 179 71.16 -70.12 18.53
CA LEU U 179 71.71 -71.02 17.52
C LEU U 179 70.69 -72.04 17.04
N GLN U 180 69.74 -72.41 17.89
CA GLN U 180 68.75 -73.41 17.51
C GLN U 180 67.67 -72.87 16.58
N ALA U 181 67.60 -71.55 16.40
CA ALA U 181 66.55 -70.96 15.57
C ALA U 181 66.80 -71.16 14.09
N VAL U 182 68.04 -71.44 13.67
CA VAL U 182 68.30 -71.58 12.25
C VAL U 182 67.82 -72.94 11.74
N ARG U 183 67.78 -73.96 12.60
CA ARG U 183 67.21 -75.24 12.18
C ARG U 183 65.70 -75.17 12.12
N LEU U 184 65.09 -74.27 12.89
CA LEU U 184 63.69 -73.93 12.69
C LEU U 184 63.49 -73.00 11.51
N ALA U 185 64.54 -72.28 11.10
CA ALA U 185 64.48 -71.44 9.91
C ALA U 185 64.92 -72.18 8.66
N LEU U 186 65.46 -73.39 8.79
CA LEU U 186 65.86 -74.21 7.63
C LEU U 186 65.25 -75.60 7.79
N ASN U 187 63.98 -75.73 7.43
CA ASN U 187 63.30 -77.02 7.39
C ASN U 187 62.73 -77.33 6.02
N ALA U 188 61.99 -76.38 5.43
CA ALA U 188 61.48 -76.50 4.07
C ALA U 188 62.21 -75.57 3.12
N GLU U 189 63.45 -75.21 3.47
CA GLU U 189 64.29 -74.37 2.63
C GLU U 189 65.54 -75.06 2.13
N ASP U 190 65.97 -76.12 2.80
CA ASP U 190 67.17 -76.85 2.41
C ASP U 190 66.80 -77.92 1.39
N VAL U 191 67.73 -78.79 1.11
CA VAL U 191 67.44 -80.03 0.41
C VAL U 191 67.19 -81.08 1.48
N ARG U 192 66.36 -82.08 1.20
CA ARG U 192 66.07 -83.07 2.22
C ARG U 192 67.22 -84.05 2.47
N PRO U 193 67.96 -84.58 1.48
CA PRO U 193 69.12 -85.40 1.84
C PRO U 193 70.27 -84.63 2.48
N VAL U 194 70.43 -83.33 2.21
CA VAL U 194 71.56 -82.61 2.76
C VAL U 194 71.31 -82.36 4.25
N ALA U 195 72.39 -82.31 5.02
CA ALA U 195 72.29 -82.17 6.47
C ALA U 195 73.39 -81.24 6.94
N ASP U 196 73.02 -80.20 7.67
CA ASP U 196 73.97 -79.18 8.12
C ASP U 196 74.37 -79.40 9.57
N ARG U 197 75.58 -78.96 9.89
CA ARG U 197 75.97 -78.71 11.26
C ARG U 197 76.07 -77.20 11.45
N VAL U 198 75.66 -76.73 12.63
CA VAL U 198 75.56 -75.31 12.89
C VAL U 198 76.64 -74.97 13.91
N THR U 199 77.73 -74.38 13.42
CA THR U 199 78.84 -73.95 14.25
C THR U 199 78.82 -72.43 14.36
N VAL U 200 78.86 -71.93 15.59
CA VAL U 200 78.77 -70.49 15.82
C VAL U 200 80.13 -69.80 15.62
N ARG U 201 81.22 -70.42 16.07
CA ARG U 201 82.57 -69.88 15.89
C ARG U 201 83.39 -71.04 15.34
N SER U 202 83.39 -71.16 14.01
CA SER U 202 83.94 -72.33 13.33
C SER U 202 85.46 -72.32 13.22
N ALA U 203 86.13 -71.24 13.59
CA ALA U 203 87.59 -71.21 13.52
C ALA U 203 88.21 -70.72 14.83
N GLY U 204 87.51 -69.83 15.53
CA GLY U 204 88.05 -69.30 16.77
C GLY U 204 88.11 -67.78 16.78
N ILE U 205 88.20 -67.18 17.97
CA ILE U 205 88.19 -65.74 18.14
C ILE U 205 89.46 -65.33 18.88
N VAL U 206 90.22 -64.42 18.30
CA VAL U 206 91.40 -63.85 18.95
C VAL U 206 91.12 -62.39 19.26
N PRO U 207 91.58 -61.87 20.40
CA PRO U 207 91.25 -60.49 20.78
C PRO U 207 92.09 -59.46 20.03
N TYR U 208 91.43 -58.46 19.48
CA TYR U 208 92.08 -57.38 18.74
C TYR U 208 91.82 -56.04 19.41
N GLN U 209 92.73 -55.10 19.15
CA GLN U 209 92.62 -53.71 19.58
C GLN U 209 93.13 -52.83 18.46
N VAL U 210 93.14 -51.51 18.71
CA VAL U 210 93.88 -50.57 17.88
C VAL U 210 94.33 -49.42 18.79
N LYS U 211 95.54 -48.92 18.53
CA LYS U 211 96.10 -47.78 19.26
C LYS U 211 96.72 -46.85 18.23
N ALA U 212 96.10 -45.70 18.01
CA ALA U 212 96.51 -44.77 16.97
C ALA U 212 96.89 -43.44 17.59
N GLN U 213 98.03 -42.90 17.18
CA GLN U 213 98.49 -41.58 17.59
C GLN U 213 98.37 -40.67 16.36
N LEU U 214 97.18 -40.12 16.17
CA LEU U 214 96.89 -39.30 15.02
C LEU U 214 97.44 -37.89 15.22
N TYR U 215 97.61 -37.16 14.13
CA TYR U 215 97.83 -35.72 14.19
C TYR U 215 96.67 -35.00 13.51
N LEU U 216 96.26 -33.88 14.09
CA LEU U 216 95.31 -32.99 13.47
C LEU U 216 96.01 -31.68 13.10
N PHE U 217 95.36 -30.90 12.25
CA PHE U 217 95.94 -29.65 11.78
C PHE U 217 95.89 -28.60 12.90
N PRO U 218 96.82 -27.63 12.88
CA PRO U 218 96.67 -26.45 13.73
C PRO U 218 95.51 -25.61 13.21
N GLY U 219 94.39 -25.61 13.94
CA GLY U 219 93.15 -25.18 13.38
C GLY U 219 91.96 -25.53 14.26
N PRO U 220 90.98 -26.24 13.68
CA PRO U 220 89.73 -26.52 14.41
C PRO U 220 89.92 -27.45 15.59
N GLU U 221 88.84 -27.61 16.35
CA GLU U 221 88.89 -28.24 17.66
C GLU U 221 89.06 -29.74 17.57
N ALA U 222 89.86 -30.29 18.48
CA ALA U 222 90.26 -31.69 18.47
C ALA U 222 89.28 -32.60 19.22
N GLU U 223 88.12 -32.09 19.61
CA GLU U 223 87.18 -32.89 20.39
C GLU U 223 86.23 -33.67 19.47
N LEU U 224 85.64 -33.00 18.47
CA LEU U 224 84.69 -33.66 17.59
C LEU U 224 85.35 -34.29 16.37
N ILE U 225 86.59 -33.93 16.06
CA ILE U 225 87.27 -34.49 14.90
C ILE U 225 87.96 -35.82 15.25
N ARG U 226 88.52 -35.91 16.48
CA ARG U 226 89.03 -37.20 16.96
C ARG U 226 87.90 -38.21 17.09
N ALA U 227 86.75 -37.79 17.62
CA ALA U 227 85.60 -38.67 17.75
C ALA U 227 84.94 -38.99 16.41
N ALA U 228 85.18 -38.17 15.39
CA ALA U 228 84.65 -38.48 14.07
C ALA U 228 85.42 -39.59 13.37
N ALA U 229 86.61 -39.93 13.87
CA ALA U 229 87.38 -41.03 13.30
C ALA U 229 86.70 -42.37 13.60
N GLU U 230 86.08 -42.49 14.77
CA GLU U 230 85.34 -43.70 15.11
C GLU U 230 83.96 -43.74 14.47
N ALA U 231 83.50 -42.64 13.86
CA ALA U 231 82.23 -42.67 13.14
C ALA U 231 82.33 -43.51 11.87
N SER U 232 83.52 -43.60 11.28
CA SER U 232 83.77 -44.49 10.16
C SER U 232 84.45 -45.79 10.59
N LEU U 233 84.66 -45.99 11.89
CA LEU U 233 85.31 -47.19 12.42
C LEU U 233 84.37 -48.08 13.21
N ARG U 234 83.53 -47.52 14.09
CA ARG U 234 82.64 -48.33 14.90
C ARG U 234 81.52 -48.96 14.08
N ASP U 235 81.18 -48.40 12.93
CA ASP U 235 80.29 -49.06 11.98
C ASP U 235 81.03 -49.96 11.01
N TYR U 236 82.35 -49.82 10.93
CA TYR U 236 83.16 -50.67 10.05
C TYR U 236 83.42 -52.03 10.68
N ILE U 237 83.66 -52.05 12.00
CA ILE U 237 83.89 -53.30 12.71
C ILE U 237 82.61 -54.12 12.78
N SER U 238 81.46 -53.46 12.88
CA SER U 238 80.17 -54.14 12.82
C SER U 238 79.83 -54.66 11.42
N ALA U 239 80.55 -54.22 10.40
CA ALA U 239 80.34 -54.68 9.03
C ALA U 239 81.38 -55.71 8.58
N GLN U 240 82.29 -56.13 9.46
CA GLN U 240 83.29 -57.12 9.07
C GLN U 240 82.73 -58.52 9.09
N ARG U 241 82.09 -58.90 10.20
CA ARG U 241 81.41 -60.20 10.26
C ARG U 241 80.03 -60.15 9.62
N ARG U 242 79.58 -58.99 9.15
CA ARG U 242 78.41 -58.93 8.29
C ARG U 242 78.69 -59.62 6.95
N LEU U 243 79.93 -59.58 6.49
CA LEU U 243 80.38 -60.39 5.37
C LEU U 243 81.32 -61.50 5.81
N GLY U 244 81.76 -61.50 7.07
CA GLY U 244 82.66 -62.52 7.58
C GLY U 244 84.05 -62.45 7.01
N ARG U 245 84.46 -61.31 6.47
CA ARG U 245 85.70 -61.18 5.73
C ARG U 245 86.73 -60.38 6.53
N ASP U 246 87.86 -60.08 5.88
CA ASP U 246 89.11 -59.79 6.56
C ASP U 246 89.20 -58.32 6.98
N ILE U 247 90.01 -58.08 8.00
CA ILE U 247 90.51 -56.75 8.32
C ILE U 247 91.97 -56.69 7.88
N ARG U 248 92.43 -55.47 7.62
CA ARG U 248 93.81 -55.28 7.18
C ARG U 248 94.48 -54.26 8.09
N ARG U 249 95.79 -54.10 7.89
CA ARG U 249 96.49 -52.94 8.44
C ARG U 249 95.91 -51.65 7.86
N SER U 250 95.66 -51.63 6.55
CA SER U 250 95.08 -50.49 5.88
C SER U 250 93.63 -50.26 6.26
N ALA U 251 92.93 -51.28 6.77
CA ALA U 251 91.63 -51.05 7.37
C ALA U 251 91.74 -50.27 8.66
N LEU U 252 92.86 -50.41 9.38
CA LEU U 252 93.11 -49.60 10.56
C LEU U 252 93.70 -48.24 10.22
N PHE U 253 94.08 -48.01 8.97
CA PHE U 253 94.48 -46.66 8.53
C PHE U 253 93.29 -45.91 7.93
N ALA U 254 92.65 -46.50 6.91
CA ALA U 254 91.71 -45.76 6.07
C ALA U 254 90.40 -45.46 6.78
N THR U 255 90.06 -46.22 7.82
CA THR U 255 88.87 -45.94 8.60
C THR U 255 89.10 -44.86 9.67
N LEU U 256 90.29 -44.27 9.74
CA LEU U 256 90.57 -43.19 10.65
C LEU U 256 90.87 -41.87 9.95
N HIS U 257 90.86 -41.85 8.61
CA HIS U 257 91.05 -40.61 7.87
C HIS U 257 89.72 -39.88 7.75
N VAL U 258 89.63 -38.72 8.38
CA VAL U 258 88.46 -37.85 8.26
C VAL U 258 88.94 -36.51 7.72
N GLU U 259 88.03 -35.56 7.58
CA GLU U 259 88.39 -34.22 7.13
C GLU U 259 89.21 -33.51 8.20
N GLY U 260 90.50 -33.34 7.94
CA GLY U 260 91.38 -32.68 8.89
C GLY U 260 92.49 -33.56 9.41
N VAL U 261 92.97 -34.50 8.58
CA VAL U 261 94.00 -35.45 8.97
C VAL U 261 95.20 -35.25 8.06
N GLN U 262 96.39 -35.08 8.65
CA GLN U 262 97.60 -34.99 7.86
C GLN U 262 98.54 -36.17 8.02
N ARG U 263 98.54 -36.86 9.18
CA ARG U 263 99.24 -38.13 9.30
C ARG U 263 98.62 -38.96 10.41
N VAL U 264 98.77 -40.27 10.28
CA VAL U 264 98.25 -41.27 11.21
C VAL U 264 99.40 -42.18 11.61
N GLU U 265 99.10 -43.13 12.49
CA GLU U 265 100.11 -44.04 13.03
C GLU U 265 99.43 -45.29 13.57
N LEU U 266 100.11 -46.42 13.44
CA LEU U 266 99.58 -47.72 13.83
C LEU U 266 100.68 -48.56 14.49
N GLN U 267 100.34 -49.24 15.59
CA GLN U 267 101.28 -50.13 16.27
C GLN U 267 100.76 -51.53 16.54
N GLU U 268 99.44 -51.74 16.60
CA GLU U 268 98.89 -52.97 17.17
C GLU U 268 99.11 -54.21 16.29
N PRO U 269 98.98 -54.17 14.95
CA PRO U 269 99.52 -55.31 14.19
C PRO U 269 100.95 -55.09 13.73
N ALA U 270 101.75 -56.16 13.82
CA ALA U 270 103.04 -56.15 13.14
C ALA U 270 102.86 -56.39 11.66
N ALA U 271 102.05 -57.38 11.29
CA ALA U 271 101.59 -57.58 9.94
C ALA U 271 100.09 -57.79 10.00
N ASP U 272 99.43 -57.70 8.84
CA ASP U 272 97.99 -57.85 8.80
C ASP U 272 97.57 -59.30 9.03
N VAL U 273 96.39 -59.48 9.58
CA VAL U 273 95.86 -60.78 9.89
C VAL U 273 94.93 -61.21 8.76
N VAL U 274 94.62 -62.50 8.71
CA VAL U 274 93.74 -63.05 7.68
C VAL U 274 92.47 -63.57 8.34
N LEU U 275 91.33 -63.27 7.71
CA LEU U 275 90.03 -63.77 8.14
C LEU U 275 89.34 -64.30 6.90
N ASP U 276 89.29 -65.62 6.76
CA ASP U 276 88.76 -66.26 5.56
C ASP U 276 87.23 -66.28 5.64
N GLU U 277 86.61 -67.04 4.74
CA GLU U 277 85.16 -67.24 4.81
C GLU U 277 84.76 -68.04 6.04
N THR U 278 85.69 -68.84 6.59
CA THR U 278 85.50 -69.53 7.86
C THR U 278 85.98 -68.67 9.05
N GLN U 279 87.17 -68.08 8.93
CA GLN U 279 87.81 -67.40 10.04
C GLN U 279 87.19 -66.03 10.28
N ALA U 280 86.91 -65.72 11.55
CA ALA U 280 86.41 -64.42 11.96
C ALA U 280 87.04 -64.06 13.30
N ALA U 281 86.87 -62.81 13.71
CA ALA U 281 87.51 -62.32 14.93
C ALA U 281 86.67 -61.23 15.56
N TYR U 282 87.17 -60.67 16.66
CA TYR U 282 86.47 -59.66 17.44
C TYR U 282 87.49 -58.68 18.02
N CYS U 283 87.07 -57.42 18.14
CA CYS U 283 87.89 -56.34 18.68
C CYS U 283 87.36 -55.93 20.04
N THR U 284 88.22 -55.95 21.06
CA THR U 284 87.77 -55.77 22.44
C THR U 284 87.57 -54.30 22.79
N GLY U 285 88.65 -53.53 22.79
CA GLY U 285 88.60 -52.15 23.24
C GLY U 285 89.63 -51.25 22.61
N TYR U 286 89.24 -50.05 22.22
CA TYR U 286 90.09 -49.17 21.43
C TYR U 286 90.58 -47.99 22.27
N ALA U 287 91.65 -47.36 21.79
CA ALA U 287 92.19 -46.13 22.39
C ALA U 287 92.87 -45.34 21.28
N ILE U 288 92.17 -44.36 20.75
CA ILE U 288 92.68 -43.49 19.69
C ILE U 288 92.77 -42.08 20.26
N THR U 289 94.00 -41.59 20.42
CA THR U 289 94.28 -40.25 20.90
C THR U 289 95.11 -39.52 19.86
N LEU U 290 95.57 -38.33 20.20
CA LEU U 290 96.45 -37.55 19.35
C LEU U 290 97.88 -37.58 19.89
N GLY U 291 98.83 -37.43 18.96
CA GLY U 291 100.23 -37.35 19.35
C GLY U 291 100.70 -35.96 19.75
N GLY U 292 100.03 -34.92 19.26
CA GLY U 292 100.38 -33.56 19.60
C GLY U 292 99.96 -33.17 21.00
N ILE V 2 17.93 -91.46 28.60
CA ILE V 2 18.04 -90.04 28.30
C ILE V 2 19.39 -89.78 27.63
N ILE V 3 19.38 -89.81 26.29
CA ILE V 3 20.58 -89.65 25.49
C ILE V 3 20.34 -88.50 24.51
N ASP V 4 21.30 -87.58 24.43
CA ASP V 4 21.19 -86.41 23.56
C ASP V 4 21.27 -86.85 22.10
N LEU V 5 20.26 -86.45 21.32
CA LEU V 5 20.24 -86.68 19.89
C LEU V 5 20.84 -85.51 19.11
N SER V 6 21.02 -84.36 19.76
CA SER V 6 21.38 -83.11 19.10
C SER V 6 22.88 -82.93 18.94
N GLN V 7 23.64 -84.01 18.88
CA GLN V 7 25.09 -83.95 18.66
C GLN V 7 25.55 -84.87 17.53
N LEU V 8 24.63 -85.27 16.67
CA LEU V 8 24.88 -86.16 15.55
C LEU V 8 25.16 -85.35 14.29
N PRO V 9 25.57 -85.99 13.18
CA PRO V 9 25.55 -85.28 11.90
C PRO V 9 24.15 -84.81 11.51
N GLU V 10 24.12 -83.74 10.72
CA GLU V 10 22.88 -83.01 10.48
C GLU V 10 21.96 -83.79 9.54
N PRO V 11 20.67 -83.87 9.86
CA PRO V 11 19.71 -84.40 8.90
C PRO V 11 19.30 -83.32 7.90
N GLU V 12 19.20 -83.72 6.64
CA GLU V 12 18.79 -82.82 5.57
C GLU V 12 17.39 -83.23 5.13
N VAL V 13 16.40 -82.38 5.43
CA VAL V 13 15.04 -82.67 5.03
C VAL V 13 14.86 -82.40 3.53
N ILE V 14 15.39 -81.28 3.07
CA ILE V 14 15.58 -81.05 1.64
C ILE V 14 17.06 -81.28 1.36
N GLU V 15 17.36 -81.76 0.16
CA GLU V 15 18.75 -81.97 -0.22
C GLU V 15 19.45 -80.64 -0.42
N ASN V 16 20.75 -80.61 -0.10
CA ASN V 16 21.53 -79.39 -0.14
C ASN V 16 22.61 -79.60 -1.22
N LEU V 17 22.24 -79.29 -2.45
CA LEU V 17 23.16 -79.44 -3.57
C LEU V 17 24.17 -78.31 -3.58
N ASP V 18 25.31 -78.56 -4.23
CA ASP V 18 26.33 -77.53 -4.32
C ASP V 18 25.99 -76.55 -5.44
N PHE V 19 26.86 -75.56 -5.63
CA PHE V 19 26.55 -74.42 -6.49
C PHE V 19 26.55 -74.80 -7.97
N GLU V 20 27.26 -75.85 -8.36
CA GLU V 20 27.41 -76.15 -9.77
C GLU V 20 26.21 -76.91 -10.33
N THR V 21 25.75 -77.96 -9.64
CA THR V 21 24.62 -78.72 -10.17
C THR V 21 23.29 -78.01 -9.97
N ILE V 22 23.23 -76.99 -9.12
CA ILE V 22 22.08 -76.10 -9.11
C ILE V 22 22.11 -75.20 -10.35
N TYR V 23 23.30 -74.75 -10.73
CA TYR V 23 23.44 -73.85 -11.88
C TYR V 23 23.14 -74.57 -13.19
N GLN V 24 23.63 -75.80 -13.35
CA GLN V 24 23.36 -76.55 -14.57
C GLN V 24 21.90 -77.02 -14.63
N GLU V 25 21.23 -77.14 -13.49
CA GLU V 25 19.80 -77.42 -13.50
C GLU V 25 19.01 -76.22 -14.00
N LEU V 26 19.49 -75.01 -13.72
CA LEU V 26 18.80 -73.81 -14.19
C LEU V 26 18.99 -73.59 -15.67
N LEU V 27 20.16 -73.97 -16.21
CA LEU V 27 20.38 -73.86 -17.65
C LEU V 27 19.52 -74.86 -18.41
N GLY V 28 19.31 -76.04 -17.84
CA GLY V 28 18.38 -76.99 -18.44
C GLY V 28 16.95 -76.48 -18.41
N ASP V 29 16.63 -75.65 -17.43
CA ASP V 29 15.33 -74.99 -17.42
C ASP V 29 15.32 -73.81 -18.40
N PHE V 30 16.49 -73.26 -18.71
CA PHE V 30 16.56 -72.10 -19.59
C PHE V 30 16.53 -72.50 -21.06
N ARG V 31 17.08 -73.67 -21.40
CA ARG V 31 17.05 -74.12 -22.78
C ARG V 31 15.65 -74.56 -23.18
N GLU V 32 14.90 -75.16 -22.24
CA GLU V 32 13.56 -75.63 -22.55
C GLU V 32 12.57 -74.49 -22.64
N ALA V 33 12.85 -73.39 -21.94
CA ALA V 33 11.94 -72.24 -21.99
C ALA V 33 12.19 -71.41 -23.24
N MET V 34 13.42 -71.39 -23.73
CA MET V 34 13.77 -70.73 -24.98
C MET V 34 13.64 -71.64 -26.19
N ALA V 35 12.83 -72.70 -26.09
CA ALA V 35 12.76 -73.71 -27.15
C ALA V 35 12.13 -73.15 -28.41
N GLY V 36 12.79 -73.37 -29.54
CA GLY V 36 12.38 -72.82 -30.80
C GLY V 36 12.99 -71.48 -31.16
N GLU V 37 13.41 -70.71 -30.16
CA GLU V 37 14.02 -69.41 -30.39
C GLU V 37 15.35 -69.21 -29.69
N TRP V 38 15.96 -70.27 -29.16
CA TRP V 38 17.26 -70.15 -28.50
C TRP V 38 18.37 -69.99 -29.54
N THR V 39 19.31 -69.11 -29.24
CA THR V 39 20.52 -68.94 -30.04
C THR V 39 21.68 -68.92 -29.07
N ALA V 40 22.88 -69.25 -29.56
CA ALA V 40 24.06 -69.21 -28.71
C ALA V 40 24.46 -67.77 -28.37
N GLU V 41 23.96 -66.80 -29.14
CA GLU V 41 24.23 -65.40 -28.84
C GLU V 41 23.31 -64.88 -27.75
N VAL V 42 22.28 -65.64 -27.37
CA VAL V 42 21.34 -65.20 -26.35
C VAL V 42 21.97 -65.27 -24.98
N GLU V 43 22.74 -66.33 -24.70
CA GLU V 43 23.37 -66.55 -23.39
C GLU V 43 24.62 -65.66 -23.24
N SER V 44 24.37 -64.35 -23.22
CA SER V 44 25.44 -63.39 -23.15
C SER V 44 25.92 -63.22 -21.72
N ASP V 45 26.79 -62.24 -21.53
CA ASP V 45 27.34 -61.97 -20.20
C ASP V 45 26.31 -61.42 -19.20
N PRO V 46 25.43 -60.45 -19.52
CA PRO V 46 24.42 -60.09 -18.50
C PRO V 46 23.34 -61.12 -18.31
N VAL V 47 23.21 -62.08 -19.22
CA VAL V 47 22.22 -63.14 -19.05
C VAL V 47 22.73 -64.22 -18.12
N LEU V 48 24.01 -64.59 -18.26
CA LEU V 48 24.56 -65.68 -17.45
C LEU V 48 24.76 -65.26 -16.00
N LYS V 49 25.08 -63.99 -15.77
CA LYS V 49 25.28 -63.52 -14.39
C LYS V 49 23.96 -63.44 -13.62
N LEU V 50 22.82 -63.36 -14.30
CA LEU V 50 21.55 -63.53 -13.63
C LEU V 50 21.37 -64.97 -13.16
N LEU V 51 21.76 -65.93 -13.99
CA LEU V 51 21.64 -67.33 -13.63
C LEU V 51 22.65 -67.73 -12.56
N GLN V 52 23.77 -67.01 -12.45
CA GLN V 52 24.69 -67.25 -11.36
C GLN V 52 24.18 -66.64 -10.06
N LEU V 53 23.33 -65.63 -10.14
CA LEU V 53 22.63 -65.15 -8.94
C LEU V 53 21.62 -66.16 -8.47
N ALA V 54 20.81 -66.68 -9.40
CA ALA V 54 19.73 -67.60 -9.05
C ALA V 54 20.26 -68.90 -8.47
N ALA V 55 21.37 -69.42 -9.02
CA ALA V 55 22.04 -70.58 -8.44
C ALA V 55 22.62 -70.28 -7.07
N TYR V 56 22.86 -69.01 -6.73
CA TYR V 56 23.31 -68.62 -5.42
C TYR V 56 22.17 -68.38 -4.45
N ARG V 57 20.97 -68.05 -4.94
CA ARG V 57 19.89 -67.70 -4.02
C ARG V 57 19.17 -68.94 -3.48
N GLU V 58 18.93 -69.97 -4.31
CA GLU V 58 18.40 -71.18 -3.70
C GLU V 58 19.48 -72.05 -3.10
N LEU V 59 20.75 -71.72 -3.28
CA LEU V 59 21.75 -72.23 -2.36
C LEU V 59 21.55 -71.66 -0.97
N LEU V 60 21.04 -70.44 -0.89
CA LEU V 60 20.63 -69.82 0.36
C LEU V 60 19.17 -70.11 0.71
N LEU V 61 18.40 -70.75 -0.17
CA LEU V 61 17.08 -71.20 0.23
C LEU V 61 17.05 -72.65 0.64
N ARG V 62 17.86 -73.50 0.01
CA ARG V 62 18.03 -74.87 0.50
C ARG V 62 18.75 -74.88 1.84
N ALA V 63 19.59 -73.88 2.11
CA ALA V 63 20.16 -73.71 3.43
C ALA V 63 19.17 -73.10 4.41
N ARG V 64 18.15 -72.39 3.93
CA ARG V 64 17.15 -71.81 4.81
C ARG V 64 16.10 -72.84 5.22
N ILE V 65 15.70 -73.71 4.29
CA ILE V 65 14.76 -74.78 4.60
C ILE V 65 15.38 -75.78 5.56
N ASN V 66 16.68 -76.05 5.39
CA ASN V 66 17.38 -76.96 6.31
C ASN V 66 17.53 -76.33 7.68
N ASP V 67 17.91 -75.05 7.75
CA ASP V 67 18.05 -74.39 9.04
C ASP V 67 16.72 -74.13 9.73
N ALA V 68 15.63 -74.06 8.97
CA ALA V 68 14.32 -74.01 9.59
C ALA V 68 13.91 -75.38 10.13
N ALA V 69 14.22 -76.43 9.38
CA ALA V 69 13.84 -77.78 9.79
C ALA V 69 14.71 -78.31 10.92
N ARG V 70 15.90 -77.74 11.13
CA ARG V 70 16.67 -78.06 12.32
C ARG V 70 15.97 -77.55 13.57
N ALA V 71 15.60 -76.27 13.57
CA ALA V 71 15.09 -75.61 14.77
C ALA V 71 13.63 -75.97 15.09
N VAL V 72 12.98 -76.79 14.27
CA VAL V 72 11.66 -77.31 14.57
C VAL V 72 11.75 -78.64 15.33
N MET V 73 12.58 -79.56 14.84
CA MET V 73 12.84 -80.80 15.56
C MET V 73 13.68 -80.49 16.80
N LEU V 74 13.46 -81.28 17.87
CA LEU V 74 14.27 -81.14 19.08
C LEU V 74 15.73 -81.48 18.83
N ALA V 75 16.01 -82.34 17.86
CA ALA V 75 17.37 -82.52 17.37
C ALA V 75 17.82 -81.22 16.71
N TYR V 76 18.82 -80.57 17.30
CA TYR V 76 19.40 -79.30 16.86
C TYR V 76 18.36 -78.18 16.84
N ALA V 77 17.72 -77.98 17.99
CA ALA V 77 16.92 -76.79 18.24
C ALA V 77 17.67 -75.91 19.24
N SER V 78 17.75 -74.61 18.92
CA SER V 78 18.57 -73.68 19.68
C SER V 78 17.71 -72.89 20.65
N GLY V 79 18.36 -71.98 21.38
CA GLY V 79 17.70 -71.25 22.45
C GLY V 79 16.64 -70.29 21.94
N ALA V 80 15.73 -69.93 22.86
CA ALA V 80 14.53 -69.14 22.63
C ALA V 80 13.60 -69.75 21.58
N ASP V 81 13.71 -71.06 21.36
CA ASP V 81 12.84 -71.78 20.45
C ASP V 81 12.32 -73.09 21.04
N LEU V 82 13.00 -73.64 22.05
CA LEU V 82 12.42 -74.75 22.79
C LEU V 82 11.26 -74.30 23.68
N ASP V 83 11.18 -72.99 23.97
CA ASP V 83 10.01 -72.47 24.67
C ASP V 83 8.76 -72.55 23.81
N GLN V 84 8.92 -72.47 22.48
CA GLN V 84 7.81 -72.69 21.57
C GLN V 84 7.49 -74.17 21.43
N ILE V 85 8.49 -75.03 21.59
CA ILE V 85 8.25 -76.48 21.54
C ILE V 85 7.81 -77.01 22.90
N GLY V 86 8.44 -76.55 23.98
CA GLY V 86 8.06 -76.96 25.32
C GLY V 86 6.68 -76.49 25.76
N ALA V 87 6.16 -75.43 25.13
CA ALA V 87 4.77 -75.07 25.36
C ALA V 87 3.83 -76.10 24.77
N GLY V 88 4.25 -76.79 23.70
CA GLY V 88 3.53 -77.93 23.20
C GLY V 88 3.74 -79.20 23.97
N PHE V 89 4.65 -79.20 24.95
CA PHE V 89 4.89 -80.36 25.79
C PHE V 89 4.86 -80.01 27.27
N ASN V 90 4.25 -78.86 27.61
CA ASN V 90 4.07 -78.36 28.99
C ASN V 90 5.42 -78.22 29.71
N VAL V 91 6.41 -77.72 29.00
CA VAL V 91 7.75 -77.53 29.54
C VAL V 91 8.05 -76.05 29.51
N GLN V 92 8.12 -75.43 30.68
CA GLN V 92 8.51 -74.04 30.82
C GLN V 92 9.81 -73.97 31.60
N ARG V 93 10.74 -73.12 31.16
CA ARG V 93 11.97 -72.95 31.89
C ARG V 93 11.73 -72.20 33.20
N LEU V 94 12.47 -72.59 34.22
CA LEU V 94 12.32 -72.03 35.56
C LEU V 94 13.45 -71.03 35.81
N LEU V 95 13.42 -70.42 37.00
CA LEU V 95 14.33 -69.35 37.36
C LEU V 95 15.39 -69.88 38.32
N ILE V 96 16.65 -69.84 37.90
CA ILE V 96 17.78 -70.19 38.75
C ILE V 96 18.45 -68.86 39.11
N ARG V 97 18.09 -68.34 40.30
CA ARG V 97 18.42 -67.02 40.86
C ARG V 97 18.30 -65.90 39.83
N PRO V 98 17.06 -65.49 39.49
CA PRO V 98 16.87 -64.49 38.42
C PRO V 98 17.27 -63.08 38.83
N ALA V 99 16.91 -62.10 37.98
CA ALA V 99 17.37 -60.73 38.15
C ALA V 99 16.66 -60.08 39.34
N GLN V 100 17.17 -60.37 40.54
CA GLN V 100 16.86 -59.56 41.71
C GLN V 100 17.96 -58.53 41.89
N PRO V 101 17.68 -57.24 41.70
CA PRO V 101 18.71 -56.21 41.91
C PRO V 101 19.00 -55.94 43.39
N GLU V 102 19.90 -56.72 43.99
CA GLU V 102 20.49 -56.34 45.27
C GLU V 102 21.15 -54.98 45.18
N ALA V 103 21.96 -54.79 44.13
CA ALA V 103 22.35 -53.49 43.64
C ALA V 103 21.88 -53.40 42.19
N VAL V 104 21.43 -52.21 41.80
CA VAL V 104 20.66 -52.07 40.56
C VAL V 104 21.51 -52.19 39.29
N PRO V 105 22.71 -51.61 39.14
CA PRO V 105 23.50 -51.88 37.91
C PRO V 105 24.05 -53.30 37.79
N PRO V 106 24.47 -54.01 38.90
CA PRO V 106 24.83 -55.41 38.57
C PRO V 106 23.63 -56.36 38.48
N VAL V 107 23.01 -56.39 37.31
CA VAL V 107 21.89 -57.29 37.06
C VAL V 107 22.41 -58.71 36.88
N GLU V 108 21.80 -59.67 37.60
CA GLU V 108 22.17 -61.08 37.55
C GLU V 108 20.94 -61.88 37.15
N ALA V 109 20.71 -61.99 35.84
CA ALA V 109 19.58 -62.73 35.31
C ALA V 109 20.05 -64.08 34.77
N GLN V 110 19.25 -65.13 35.02
CA GLN V 110 19.63 -66.47 34.63
C GLN V 110 18.38 -67.33 34.49
N TYR V 111 18.32 -68.10 33.41
CA TYR V 111 17.21 -69.01 33.13
C TYR V 111 17.75 -70.44 33.12
N GLU V 112 16.87 -71.38 32.75
CA GLU V 112 17.31 -72.74 32.46
C GLU V 112 17.97 -72.78 31.10
N SER V 113 19.14 -73.42 31.04
CA SER V 113 19.89 -73.51 29.80
C SER V 113 19.31 -74.59 28.89
N ASP V 114 19.93 -74.77 27.73
CA ASP V 114 19.55 -75.85 26.83
C ASP V 114 20.13 -77.18 27.32
N LYS V 115 19.85 -78.25 26.56
CA LYS V 115 20.33 -79.63 26.66
C LYS V 115 20.02 -80.31 28.01
N SER V 116 19.28 -79.62 28.88
CA SER V 116 18.57 -80.20 30.01
C SER V 116 17.11 -79.79 30.01
N LEU V 117 16.80 -78.61 29.47
CA LEU V 117 15.43 -78.29 29.10
C LEU V 117 14.95 -79.22 27.99
N ARG V 118 15.85 -79.58 27.08
CA ARG V 118 15.52 -80.52 26.02
C ARG V 118 15.25 -81.92 26.57
N ASN V 119 15.91 -82.26 27.68
CA ASN V 119 15.62 -83.53 28.34
C ASN V 119 14.24 -83.52 28.98
N ARG V 120 13.83 -82.35 29.49
CA ARG V 120 12.51 -82.25 30.12
C ARG V 120 11.41 -82.26 29.07
N ILE V 121 11.71 -81.84 27.84
CA ILE V 121 10.76 -82.03 26.75
C ILE V 121 10.77 -83.49 26.30
N GLN V 122 11.93 -84.15 26.41
CA GLN V 122 12.01 -85.56 26.09
C GLN V 122 11.31 -86.39 27.17
N LEU V 123 11.33 -85.92 28.42
CA LEU V 123 10.60 -86.57 29.50
C LEU V 123 9.19 -86.04 29.66
N ALA V 124 8.59 -85.49 28.61
CA ALA V 124 7.23 -84.95 28.74
C ALA V 124 6.19 -86.05 28.76
N PHE V 125 6.24 -86.96 27.79
CA PHE V 125 5.26 -88.04 27.72
C PHE V 125 5.42 -89.08 28.81
N GLU V 126 6.57 -89.11 29.49
CA GLU V 126 6.76 -90.00 30.62
C GLU V 126 6.23 -89.42 31.92
N GLN V 127 5.59 -88.26 31.88
CA GLN V 127 4.95 -87.66 33.04
C GLN V 127 3.43 -87.65 32.94
N LEU V 128 2.87 -88.12 31.82
CA LEU V 128 1.42 -88.20 31.70
C LEU V 128 0.85 -89.33 32.52
N SER V 129 1.45 -90.52 32.43
CA SER V 129 0.94 -91.68 33.15
C SER V 129 1.28 -91.56 34.62
N VAL V 130 0.24 -91.48 35.46
CA VAL V 130 0.40 -91.33 36.89
C VAL V 130 0.37 -92.68 37.60
N ALA V 131 0.18 -93.78 36.87
CA ALA V 131 0.24 -95.13 37.42
C ALA V 131 1.65 -95.68 37.49
N GLY V 132 2.66 -94.84 37.31
CA GLY V 132 4.03 -95.20 37.56
C GLY V 132 4.66 -96.28 36.68
N PRO V 133 4.95 -95.96 35.39
CA PRO V 133 5.89 -96.81 34.64
C PRO V 133 7.34 -96.60 35.07
N ARG V 134 8.27 -97.19 34.32
CA ARG V 134 9.68 -97.19 34.73
C ARG V 134 10.30 -95.80 34.70
N ASN V 135 9.74 -94.87 33.91
CA ASN V 135 10.32 -93.54 33.79
C ASN V 135 9.56 -92.46 34.53
N ALA V 136 8.31 -92.71 34.93
CA ALA V 136 7.57 -91.70 35.68
C ALA V 136 8.07 -91.55 37.10
N TYR V 137 8.60 -92.64 37.69
CA TYR V 137 9.32 -92.50 38.94
C TYR V 137 10.62 -91.73 38.74
N ILE V 138 11.23 -91.86 37.55
CA ILE V 138 12.43 -91.08 37.25
C ILE V 138 12.06 -89.63 37.00
N ALA V 139 11.20 -89.38 36.02
CA ALA V 139 10.92 -88.03 35.52
C ALA V 139 10.22 -87.14 36.53
N HIS V 140 9.59 -87.69 37.56
CA HIS V 140 9.08 -86.88 38.66
C HIS V 140 10.11 -86.66 39.74
N ALA V 141 11.17 -87.47 39.79
CA ALA V 141 12.24 -87.29 40.76
C ALA V 141 13.28 -86.28 40.32
N LEU V 142 13.22 -85.81 39.07
CA LEU V 142 14.09 -84.74 38.59
C LEU V 142 13.55 -83.35 38.89
N GLY V 143 12.59 -83.22 39.80
CA GLY V 143 12.11 -81.91 40.20
C GLY V 143 13.06 -81.15 41.09
N ALA V 144 13.95 -81.84 41.79
CA ALA V 144 14.91 -81.20 42.68
C ALA V 144 16.13 -80.72 41.89
N ASP V 145 16.96 -79.93 42.56
CA ASP V 145 18.12 -79.31 41.94
C ASP V 145 19.44 -79.91 42.40
N GLY V 146 19.58 -80.20 43.69
CA GLY V 146 20.83 -80.71 44.21
C GLY V 146 20.99 -82.21 44.10
N ARG V 147 20.63 -82.78 42.95
CA ARG V 147 20.70 -84.22 42.71
C ARG V 147 21.12 -84.45 41.27
N VAL V 148 21.01 -85.71 40.85
CA VAL V 148 21.06 -86.10 39.45
C VAL V 148 19.96 -87.16 39.26
N ALA V 149 19.81 -87.67 38.03
CA ALA V 149 18.66 -88.48 37.67
C ALA V 149 18.67 -89.84 38.39
N ASP V 150 17.58 -90.57 38.20
CA ASP V 150 17.23 -91.73 39.02
C ASP V 150 17.15 -92.98 38.15
N ALA V 151 17.36 -94.13 38.78
CA ALA V 151 17.13 -95.43 38.16
C ALA V 151 16.21 -96.25 39.06
N SER V 152 15.36 -97.06 38.44
CA SER V 152 14.34 -97.83 39.13
C SER V 152 14.58 -99.32 38.95
N ALA V 153 14.35 -100.08 40.02
CA ALA V 153 14.47 -101.54 39.98
C ALA V 153 13.61 -102.13 41.08
N THR V 154 13.44 -103.45 41.04
CA THR V 154 12.72 -104.18 42.09
C THR V 154 13.21 -105.62 42.11
N SER V 155 14.03 -105.95 43.11
CA SER V 155 14.30 -107.33 43.49
C SER V 155 13.26 -107.95 44.42
N PRO V 156 12.81 -107.29 45.57
CA PRO V 156 11.90 -108.01 46.47
C PRO V 156 10.47 -108.16 45.98
N ALA V 157 9.61 -108.60 46.92
CA ALA V 157 8.15 -108.77 46.85
C ALA V 157 7.46 -107.55 46.24
N PRO V 158 6.31 -107.71 45.57
CA PRO V 158 5.74 -106.60 44.80
C PRO V 158 5.22 -105.46 45.66
N CYS V 159 5.02 -104.32 44.99
CA CYS V 159 4.80 -103.01 45.61
C CYS V 159 5.88 -102.68 46.63
N GLU V 160 7.13 -102.94 46.25
CA GLU V 160 8.32 -102.51 47.00
C GLU V 160 9.31 -101.98 45.97
N VAL V 161 9.35 -100.67 45.81
CA VAL V 161 10.12 -100.03 44.75
C VAL V 161 11.52 -99.71 45.26
N LEU V 162 12.53 -100.13 44.51
CA LEU V 162 13.93 -99.82 44.81
C LEU V 162 14.40 -98.79 43.79
N ILE V 163 14.37 -97.51 44.17
CA ILE V 163 14.89 -96.43 43.34
C ILE V 163 16.21 -95.95 43.91
N SER V 164 17.16 -95.68 43.02
CA SER V 164 18.52 -95.29 43.42
C SER V 164 18.69 -93.79 43.15
N VAL V 165 18.52 -92.99 44.20
CA VAL V 165 18.65 -91.54 44.09
C VAL V 165 20.14 -91.21 44.13
N LEU V 166 20.71 -90.94 42.96
CA LEU V 166 22.10 -90.52 42.87
C LEU V 166 22.17 -89.00 42.81
N GLY V 167 23.33 -88.45 43.18
CA GLY V 167 23.45 -87.00 43.23
C GLY V 167 24.81 -86.47 42.85
N VAL V 168 24.85 -85.46 41.99
CA VAL V 168 26.07 -84.78 41.60
C VAL V 168 26.13 -83.46 42.35
N GLU V 169 26.89 -83.42 43.44
CA GLU V 169 27.25 -82.17 44.08
C GLU V 169 28.71 -82.12 44.50
N GLY V 170 29.42 -83.25 44.54
CA GLY V 170 30.78 -83.30 45.00
C GLY V 170 31.26 -84.72 45.21
N ASN V 171 31.87 -84.98 46.36
CA ASN V 171 32.44 -86.29 46.69
C ASN V 171 31.32 -87.25 47.07
N GLY V 172 30.73 -87.89 46.05
CA GLY V 172 29.91 -89.06 46.30
C GLY V 172 28.55 -88.84 46.95
N GLN V 173 28.50 -89.17 48.24
CA GLN V 173 27.29 -89.34 49.03
C GLN V 173 26.40 -88.10 49.05
N ALA V 174 25.11 -88.31 48.76
CA ALA V 174 24.10 -87.26 48.84
C ALA V 174 23.57 -87.12 50.27
N PRO V 175 23.16 -85.92 50.68
CA PRO V 175 22.64 -85.75 52.04
C PRO V 175 21.27 -86.40 52.22
N GLU V 176 21.02 -86.84 53.45
CA GLU V 176 19.76 -87.49 53.79
C GLU V 176 18.60 -86.50 53.87
N ALA V 177 18.89 -85.22 54.11
CA ALA V 177 17.83 -84.21 54.07
C ALA V 177 17.37 -83.95 52.65
N VAL V 178 18.27 -84.10 51.67
CA VAL V 178 17.88 -84.03 50.27
C VAL V 178 17.11 -85.29 49.87
N LEU V 179 17.39 -86.40 50.56
CA LEU V 179 16.72 -87.68 50.26
C LEU V 179 15.25 -87.65 50.62
N GLN V 180 14.85 -86.85 51.61
CA GLN V 180 13.46 -86.80 52.02
C GLN V 180 12.58 -86.00 51.07
N ALA V 181 13.17 -85.28 50.13
CA ALA V 181 12.39 -84.44 49.22
C ALA V 181 11.66 -85.25 48.15
N VAL V 182 12.11 -86.47 47.88
CA VAL V 182 11.47 -87.25 46.81
C VAL V 182 10.14 -87.83 47.30
N ARG V 183 9.98 -88.08 48.60
CA ARG V 183 8.70 -88.52 49.11
C ARG V 183 7.71 -87.36 49.17
N LEU V 184 8.21 -86.14 49.29
CA LEU V 184 7.38 -84.96 49.06
C LEU V 184 7.15 -84.70 47.58
N ALA V 185 8.03 -85.21 46.72
CA ALA V 185 7.84 -85.12 45.28
C ALA V 185 7.07 -86.30 44.70
N LEU V 186 6.82 -87.34 45.49
CA LEU V 186 6.04 -88.50 45.05
C LEU V 186 4.95 -88.76 46.09
N ASN V 187 3.86 -88.01 46.01
CA ASN V 187 2.68 -88.24 46.84
C ASN V 187 1.43 -88.47 46.01
N ALA V 188 1.16 -87.59 45.04
CA ALA V 188 0.07 -87.74 44.10
C ALA V 188 0.57 -88.09 42.71
N GLU V 189 1.76 -88.70 42.64
CA GLU V 189 2.34 -89.13 41.38
C GLU V 189 2.52 -90.64 41.30
N ASP V 190 2.55 -91.33 42.43
CA ASP V 190 2.74 -92.77 42.45
C ASP V 190 1.38 -93.45 42.34
N VAL V 191 1.36 -94.74 42.56
CA VAL V 191 0.12 -95.46 42.80
C VAL V 191 -0.07 -95.49 44.30
N ARG V 192 -1.31 -95.53 44.76
CA ARG V 192 -1.53 -95.52 46.21
C ARG V 192 -1.19 -96.85 46.90
N PRO V 193 -1.51 -98.04 46.36
CA PRO V 193 -1.02 -99.26 47.05
C PRO V 193 0.49 -99.46 46.96
N VAL V 194 1.17 -98.95 45.93
CA VAL V 194 2.60 -99.20 45.81
C VAL V 194 3.33 -98.35 46.85
N ALA V 195 4.47 -98.86 47.31
CA ALA V 195 5.23 -98.20 48.38
C ALA V 195 6.71 -98.35 48.08
N ASP V 196 7.43 -97.23 48.04
CA ASP V 196 8.83 -97.22 47.67
C ASP V 196 9.72 -97.14 48.90
N ARG V 197 10.92 -97.69 48.77
CA ARG V 197 12.02 -97.37 49.65
C ARG V 197 13.02 -96.53 48.87
N VAL V 198 13.62 -95.55 49.54
CA VAL V 198 14.48 -94.57 48.88
C VAL V 198 15.90 -94.84 49.37
N THR V 199 16.69 -95.49 48.52
CA THR V 199 18.07 -95.80 48.80
C THR V 199 18.96 -94.89 47.95
N VAL V 200 19.91 -94.22 48.60
CA VAL V 200 20.76 -93.26 47.91
C VAL V 200 21.92 -93.95 47.20
N ARG V 201 22.53 -94.96 47.81
CA ARG V 201 23.61 -95.74 47.22
C ARG V 201 23.23 -97.20 47.41
N SER V 202 22.47 -97.73 46.45
CA SER V 202 21.83 -99.03 46.57
C SER V 202 22.77 -100.21 46.33
N ALA V 203 24.00 -99.97 45.89
CA ALA V 203 24.93 -101.07 45.67
C ALA V 203 26.29 -100.81 46.33
N GLY V 204 26.69 -99.54 46.42
CA GLY V 204 27.97 -99.21 47.01
C GLY V 204 28.86 -98.40 46.07
N ILE V 205 29.86 -97.73 46.63
CA ILE V 205 30.74 -96.85 45.88
C ILE V 205 32.18 -97.31 46.09
N VAL V 206 32.88 -97.57 44.99
CA VAL V 206 34.30 -97.91 45.04
C VAL V 206 35.09 -96.76 44.41
N PRO V 207 36.27 -96.43 44.95
CA PRO V 207 37.02 -95.27 44.44
C PRO V 207 37.75 -95.58 43.14
N TYR V 208 37.58 -94.70 42.15
CA TYR V 208 38.22 -94.84 40.85
C TYR V 208 39.14 -93.67 40.58
N GLN V 209 40.13 -93.91 39.71
CA GLN V 209 41.04 -92.88 39.21
C GLN V 209 41.30 -93.16 37.73
N VAL V 210 42.15 -92.34 37.13
CA VAL V 210 42.74 -92.66 35.82
C VAL V 210 44.12 -92.03 35.78
N LYS V 211 45.07 -92.74 35.15
CA LYS V 211 46.43 -92.26 34.97
C LYS V 211 46.82 -92.56 33.53
N ALA V 212 46.93 -91.52 32.72
CA ALA V 212 47.19 -91.67 31.29
C ALA V 212 48.50 -90.98 30.92
N GLN V 213 49.33 -91.69 30.16
CA GLN V 213 50.57 -91.15 29.62
C GLN V 213 50.37 -90.96 28.12
N LEU V 214 49.80 -89.82 27.76
CA LEU V 214 49.47 -89.55 26.36
C LEU V 214 50.71 -89.10 25.61
N TYR V 215 50.65 -89.18 24.29
CA TYR V 215 51.63 -88.53 23.43
C TYR V 215 50.93 -87.49 22.58
N LEU V 216 51.57 -86.34 22.40
CA LEU V 216 51.13 -85.33 21.44
C LEU V 216 52.12 -85.25 20.29
N PHE V 217 51.68 -84.62 19.20
CA PHE V 217 52.52 -84.50 18.01
C PHE V 217 53.65 -83.50 18.25
N PRO V 218 54.78 -83.67 17.55
CA PRO V 218 55.77 -82.57 17.50
C PRO V 218 55.21 -81.42 16.71
N GLY V 219 54.86 -80.33 17.39
CA GLY V 219 53.99 -79.34 16.81
C GLY V 219 53.47 -78.35 17.82
N PRO V 220 52.15 -78.21 17.91
CA PRO V 220 51.55 -77.18 18.77
C PRO V 220 51.76 -77.44 20.26
N GLU V 221 51.36 -76.46 21.05
CA GLU V 221 51.72 -76.40 22.46
C GLU V 221 50.96 -77.41 23.29
N ALA V 222 51.65 -77.99 24.26
CA ALA V 222 51.13 -79.09 25.08
C ALA V 222 50.38 -78.62 26.32
N GLU V 223 50.10 -77.32 26.43
CA GLU V 223 49.43 -76.80 27.62
C GLU V 223 47.91 -76.83 27.47
N LEU V 224 47.38 -76.37 26.34
CA LEU V 224 45.94 -76.32 26.13
C LEU V 224 45.39 -77.59 25.50
N ILE V 225 46.25 -78.43 24.92
CA ILE V 225 45.78 -79.67 24.29
C ILE V 225 45.69 -80.80 25.31
N ARG V 226 46.61 -80.85 26.27
CA ARG V 226 46.49 -81.79 27.39
C ARG V 226 45.26 -81.47 28.22
N ALA V 227 45.01 -80.18 28.50
CA ALA V 227 43.84 -79.77 29.25
C ALA V 227 42.55 -79.93 28.47
N ALA V 228 42.63 -79.99 27.13
CA ALA V 228 41.43 -80.22 26.33
C ALA V 228 40.96 -81.67 26.40
N ALA V 229 41.81 -82.58 26.88
CA ALA V 229 41.40 -83.97 27.03
C ALA V 229 40.37 -84.12 28.14
N GLU V 230 40.50 -83.32 29.20
CA GLU V 230 39.52 -83.33 30.28
C GLU V 230 38.27 -82.53 29.95
N ALA V 231 38.27 -81.79 28.84
CA ALA V 231 37.04 -81.10 28.42
C ALA V 231 35.99 -82.08 27.94
N SER V 232 36.41 -83.23 27.41
CA SER V 232 35.51 -84.31 27.05
C SER V 232 35.45 -85.40 28.12
N LEU V 233 36.16 -85.22 29.23
CA LEU V 233 36.19 -86.20 30.32
C LEU V 233 35.49 -85.73 31.58
N ARG V 234 35.70 -84.47 31.99
CA ARG V 234 35.08 -83.99 33.23
C ARG V 234 33.58 -83.78 33.08
N ASP V 235 33.07 -83.60 31.86
CA ASP V 235 31.64 -83.64 31.62
C ASP V 235 31.13 -85.04 31.33
N TYR V 236 32.03 -85.98 31.05
CA TYR V 236 31.63 -87.36 30.81
C TYR V 236 31.38 -88.11 32.12
N ILE V 237 32.20 -87.85 33.13
CA ILE V 237 32.02 -88.49 34.43
C ILE V 237 30.76 -87.97 35.11
N SER V 238 30.43 -86.69 34.90
CA SER V 238 29.18 -86.12 35.40
C SER V 238 27.95 -86.65 34.66
N ALA V 239 28.14 -87.30 33.51
CA ALA V 239 27.04 -87.87 32.75
C ALA V 239 26.91 -89.38 32.91
N GLN V 240 27.73 -89.99 33.77
CA GLN V 240 27.64 -91.44 33.97
C GLN V 240 26.50 -91.79 34.91
N ARG V 241 26.44 -91.15 36.08
CA ARG V 241 25.31 -91.35 36.98
C ARG V 241 24.10 -90.52 36.60
N ARG V 242 24.22 -89.69 35.56
CA ARG V 242 23.03 -89.07 34.96
C ARG V 242 22.15 -90.13 34.31
N LEU V 243 22.75 -91.20 33.79
CA LEU V 243 22.02 -92.38 33.37
C LEU V 243 22.25 -93.56 34.30
N GLY V 244 23.17 -93.44 35.25
CA GLY V 244 23.46 -94.52 36.18
C GLY V 244 24.13 -95.73 35.56
N ARG V 245 24.74 -95.58 34.38
CA ARG V 245 25.24 -96.70 33.61
C ARG V 245 26.77 -96.75 33.64
N ASP V 246 27.33 -97.64 32.84
CA ASP V 246 28.66 -98.18 33.06
C ASP V 246 29.75 -97.27 32.48
N ILE V 247 30.95 -97.39 33.06
CA ILE V 247 32.17 -96.91 32.45
C ILE V 247 32.94 -98.12 31.92
N ARG V 248 33.78 -97.88 30.92
CA ARG V 248 34.56 -98.95 30.32
C ARG V 248 36.03 -98.57 30.35
N ARG V 249 36.86 -99.53 29.95
CA ARG V 249 38.25 -99.20 29.61
C ARG V 249 38.30 -98.25 28.43
N SER V 250 37.46 -98.51 27.41
CA SER V 250 37.37 -97.65 26.24
C SER V 250 36.74 -96.30 26.54
N ALA V 251 35.99 -96.18 27.64
CA ALA V 251 35.57 -94.86 28.10
C ALA V 251 36.74 -94.06 28.62
N LEU V 252 37.77 -94.73 29.16
CA LEU V 252 39.00 -94.06 29.56
C LEU V 252 39.96 -93.85 28.40
N PHE V 253 39.69 -94.44 27.23
CA PHE V 253 40.47 -94.12 26.04
C PHE V 253 39.79 -93.02 25.22
N ALA V 254 38.53 -93.23 24.83
CA ALA V 254 37.89 -92.39 23.83
C ALA V 254 37.56 -90.99 24.33
N THR V 255 37.46 -90.81 25.64
CA THR V 255 37.25 -89.48 26.21
C THR V 255 38.53 -88.68 26.37
N LEU V 256 39.66 -89.22 25.93
CA LEU V 256 40.93 -88.51 25.96
C LEU V 256 41.49 -88.23 24.57
N HIS V 257 40.81 -88.67 23.51
CA HIS V 257 41.24 -88.37 22.14
C HIS V 257 40.70 -87.00 21.74
N VAL V 258 41.61 -86.07 21.53
CA VAL V 258 41.27 -84.74 21.01
C VAL V 258 42.05 -84.54 19.72
N GLU V 259 41.92 -83.36 19.13
CA GLU V 259 42.65 -83.03 17.92
C GLU V 259 44.13 -82.87 18.24
N GLY V 260 44.94 -83.84 17.80
CA GLY V 260 46.36 -83.80 18.05
C GLY V 260 46.88 -84.95 18.90
N VAL V 261 46.25 -86.11 18.77
CA VAL V 261 46.58 -87.30 19.56
C VAL V 261 47.02 -88.40 18.60
N GLN V 262 48.18 -88.99 18.85
CA GLN V 262 48.62 -90.13 18.05
C GLN V 262 48.67 -91.45 18.81
N ARG V 263 48.89 -91.42 20.13
CA ARG V 263 48.70 -92.62 20.94
C ARG V 263 48.41 -92.24 22.38
N VAL V 264 47.71 -93.14 23.06
CA VAL V 264 47.30 -92.98 24.45
C VAL V 264 47.76 -94.22 25.22
N GLU V 265 47.48 -94.24 26.53
CA GLU V 265 47.92 -95.32 27.39
C GLU V 265 47.06 -95.33 28.65
N LEU V 266 46.81 -96.52 29.18
CA LEU V 266 45.95 -96.72 30.34
C LEU V 266 46.55 -97.79 31.25
N GLN V 267 46.50 -97.53 32.56
CA GLN V 267 46.98 -98.51 33.55
C GLN V 267 45.99 -98.82 34.67
N GLU V 268 45.05 -97.92 34.99
CA GLU V 268 44.31 -98.02 36.24
C GLU V 268 43.31 -99.18 36.29
N PRO V 269 42.56 -99.52 35.23
CA PRO V 269 41.89 -100.82 35.27
C PRO V 269 42.71 -101.94 34.63
N ALA V 270 42.69 -103.10 35.27
CA ALA V 270 43.19 -104.30 34.61
C ALA V 270 42.17 -104.83 33.61
N ALA V 271 40.91 -104.90 34.02
CA ALA V 271 39.79 -105.13 33.12
C ALA V 271 38.72 -104.10 33.45
N ASP V 272 37.75 -103.96 32.55
CA ASP V 272 36.69 -102.98 32.75
C ASP V 272 35.75 -103.41 33.86
N VAL V 273 35.16 -102.41 34.53
CA VAL V 273 34.24 -102.66 35.62
C VAL V 273 32.82 -102.58 35.09
N VAL V 274 31.87 -103.11 35.86
CA VAL V 274 30.46 -103.11 35.47
C VAL V 274 29.69 -102.22 36.44
N LEU V 275 28.79 -101.40 35.88
CA LEU V 275 27.88 -100.57 36.66
C LEU V 275 26.49 -100.78 36.07
N ASP V 276 25.66 -101.53 36.78
CA ASP V 276 24.34 -101.90 36.28
C ASP V 276 23.37 -100.74 36.50
N GLU V 277 22.08 -101.01 36.33
CA GLU V 277 21.05 -100.03 36.65
C GLU V 277 20.99 -99.75 38.15
N THR V 278 21.43 -100.70 38.97
CA THR V 278 21.59 -100.51 40.41
C THR V 278 22.98 -99.98 40.77
N GLN V 279 24.02 -100.59 40.19
CA GLN V 279 25.40 -100.29 40.58
C GLN V 279 25.88 -98.97 40.00
N ALA V 280 26.51 -98.15 40.84
CA ALA V 280 27.12 -96.89 40.41
C ALA V 280 28.43 -96.71 41.17
N ALA V 281 29.22 -95.73 40.75
CA ALA V 281 30.54 -95.52 41.34
C ALA V 281 30.91 -94.04 41.24
N TYR V 282 32.12 -93.73 41.72
CA TYR V 282 32.63 -92.36 41.78
C TYR V 282 34.13 -92.37 41.53
N CYS V 283 34.62 -91.31 40.90
CA CYS V 283 36.02 -91.14 40.58
C CYS V 283 36.61 -90.03 41.45
N THR V 284 37.69 -90.34 42.17
CA THR V 284 38.20 -89.42 43.19
C THR V 284 39.07 -88.32 42.58
N GLY V 285 40.21 -88.70 42.00
CA GLY V 285 41.17 -87.72 41.52
C GLY V 285 42.02 -88.21 40.36
N TYR V 286 42.22 -87.38 39.36
CA TYR V 286 42.87 -87.79 38.13
C TYR V 286 44.27 -87.20 38.01
N ALA V 287 45.07 -87.81 37.14
CA ALA V 287 46.41 -87.33 36.82
C ALA V 287 46.72 -87.78 35.39
N ILE V 288 46.53 -86.87 34.43
CA ILE V 288 46.80 -87.12 33.02
C ILE V 288 47.94 -86.21 32.60
N THR V 289 49.09 -86.80 32.30
CA THR V 289 50.27 -86.09 31.84
C THR V 289 50.67 -86.66 30.48
N LEU V 290 51.82 -86.21 29.98
CA LEU V 290 52.38 -86.73 28.73
C LEU V 290 53.57 -87.64 29.03
N GLY V 291 53.81 -88.58 28.13
CA GLY V 291 54.97 -89.46 28.24
C GLY V 291 56.24 -88.89 27.66
N GLY V 292 56.13 -87.97 26.71
CA GLY V 292 57.29 -87.35 26.10
C GLY V 292 57.95 -86.32 27.00
N SER W 2 58.13 33.34 -2.68
CA SER W 2 58.60 34.46 -3.48
C SER W 2 57.43 35.31 -3.98
N SER W 3 57.75 36.33 -4.78
CA SER W 3 56.70 37.12 -5.41
C SER W 3 56.06 36.36 -6.57
N ARG W 4 56.77 35.34 -7.09
CA ARG W 4 56.22 34.54 -8.17
C ARG W 4 55.26 33.49 -7.65
N LEU W 5 55.39 33.11 -6.37
CA LEU W 5 54.51 32.08 -5.80
C LEU W 5 53.16 32.67 -5.43
N LEU W 6 53.06 33.99 -5.37
CA LEU W 6 51.82 34.64 -5.05
C LEU W 6 50.83 34.53 -6.21
N PRO W 7 49.53 34.68 -5.93
CA PRO W 7 48.53 34.74 -7.01
C PRO W 7 48.72 35.98 -7.87
N PRO W 8 48.11 36.03 -9.06
CA PRO W 8 48.24 37.24 -9.90
C PRO W 8 47.70 38.51 -9.26
N ASN W 9 46.60 38.43 -8.54
CA ASN W 9 46.16 39.58 -7.74
C ASN W 9 47.05 39.71 -6.51
N ARG W 10 47.88 40.75 -6.50
CA ARG W 10 48.67 41.02 -5.32
C ARG W 10 48.98 42.51 -5.29
N SER W 11 49.03 43.04 -4.07
CA SER W 11 49.43 44.42 -3.89
C SER W 11 50.95 44.52 -3.99
N SER W 12 51.46 45.76 -3.94
CA SER W 12 52.89 45.92 -3.81
C SER W 12 53.36 45.55 -2.42
N LEU W 13 52.46 45.57 -1.42
CA LEU W 13 52.81 45.13 -0.08
C LEU W 13 53.00 43.61 -0.03
N GLU W 14 52.11 42.86 -0.67
CA GLU W 14 52.23 41.41 -0.69
C GLU W 14 53.44 40.97 -1.51
N ARG W 15 53.68 41.64 -2.64
CA ARG W 15 54.85 41.37 -3.46
C ARG W 15 56.15 41.71 -2.74
N SER W 16 56.12 42.75 -1.90
CA SER W 16 57.30 43.06 -1.08
C SER W 16 57.47 42.05 0.05
N LEU W 17 56.40 41.74 0.76
CA LEU W 17 56.47 40.76 1.84
C LEU W 17 56.66 39.35 1.30
N GLY W 18 56.30 39.11 0.04
CA GLY W 18 56.67 37.86 -0.60
C GLY W 18 58.15 37.72 -0.87
N ASP W 19 58.86 38.84 -0.98
CA ASP W 19 60.29 38.83 -1.23
C ASP W 19 61.13 38.90 0.03
N VAL W 20 60.52 39.02 1.20
CA VAL W 20 61.23 39.20 2.47
C VAL W 20 60.94 38.06 3.43
N LEU W 21 59.67 37.70 3.59
CA LEU W 21 59.28 36.71 4.60
C LEU W 21 59.78 35.28 4.35
N PRO W 22 59.99 34.78 3.12
CA PRO W 22 60.74 33.51 3.01
C PRO W 22 62.17 33.60 3.53
N ALA W 23 62.94 34.59 3.04
CA ALA W 23 64.31 34.89 3.49
C ALA W 23 65.23 33.68 3.35
N GLU W 24 65.48 33.33 2.09
CA GLU W 24 66.26 32.15 1.74
C GLU W 24 67.69 32.24 2.26
N LEU W 25 68.27 31.06 2.48
CA LEU W 25 69.59 30.92 3.06
C LEU W 25 70.40 29.91 2.25
N PRO W 26 71.72 30.05 2.22
CA PRO W 26 72.55 28.99 1.66
C PRO W 26 72.59 27.80 2.59
N VAL W 27 72.75 26.62 2.02
CA VAL W 27 72.91 25.40 2.80
C VAL W 27 74.32 24.87 2.52
N PRO W 28 75.32 25.26 3.32
CA PRO W 28 76.70 24.81 3.09
C PRO W 28 77.00 23.46 3.75
N LEU W 29 76.19 22.45 3.43
CA LEU W 29 76.30 21.14 4.05
C LEU W 29 77.00 20.12 3.17
N ARG W 30 76.76 20.16 1.85
CA ARG W 30 77.50 19.28 0.95
C ARG W 30 78.96 19.68 0.79
N GLU W 31 79.30 20.93 1.11
CA GLU W 31 80.65 21.43 1.01
C GLU W 31 81.56 20.95 2.13
N LEU W 32 81.03 20.27 3.14
CA LEU W 32 81.84 19.87 4.28
C LEU W 32 82.73 18.67 3.99
N HIS W 33 82.41 17.87 2.97
CA HIS W 33 83.17 16.67 2.68
C HIS W 33 84.01 16.78 1.41
N ASP W 34 83.81 17.82 0.61
CA ASP W 34 84.70 18.10 -0.50
C ASP W 34 85.84 18.96 0.03
N PRO W 35 87.09 18.47 0.04
CA PRO W 35 88.19 19.30 0.53
C PRO W 35 88.49 20.48 -0.36
N ALA W 36 88.20 20.39 -1.65
CA ALA W 36 88.36 21.51 -2.57
C ALA W 36 87.25 22.54 -2.44
N ARG W 37 86.21 22.26 -1.66
CA ARG W 37 85.14 23.23 -1.45
C ARG W 37 84.88 23.56 0.01
N CYS W 38 85.66 23.00 0.95
CA CYS W 38 85.57 23.45 2.33
C CYS W 38 86.13 24.87 2.46
N GLU W 39 85.58 25.60 3.42
CA GLU W 39 86.15 26.89 3.79
C GLU W 39 87.47 26.66 4.55
N ALA W 40 88.32 27.69 4.52
CA ALA W 40 89.64 27.56 5.12
C ALA W 40 89.61 27.55 6.63
N ALA W 41 88.53 28.04 7.24
CA ALA W 41 88.42 28.05 8.69
C ALA W 41 88.04 26.70 9.27
N LEU W 42 87.43 25.82 8.46
CA LEU W 42 87.00 24.51 8.93
C LEU W 42 87.60 23.37 8.13
N LEU W 43 88.65 23.63 7.36
CA LEU W 43 89.37 22.55 6.68
C LEU W 43 90.05 21.54 7.61
N PRO W 44 90.71 21.90 8.73
CA PRO W 44 91.27 20.84 9.59
C PRO W 44 90.25 20.01 10.36
N TYR W 45 88.96 20.35 10.33
CA TYR W 45 87.96 19.39 10.79
C TYR W 45 87.89 18.20 9.85
N LEU W 46 87.95 18.45 8.54
CA LEU W 46 87.95 17.36 7.57
C LEU W 46 89.28 16.63 7.56
N ALA W 47 90.37 17.33 7.88
CA ALA W 47 91.67 16.68 7.97
C ALA W 47 91.75 15.74 9.17
N TRP W 48 90.91 15.95 10.19
CA TRP W 48 90.87 15.04 11.32
C TRP W 48 90.18 13.73 10.93
N THR W 49 89.01 13.83 10.27
CA THR W 49 88.27 12.63 9.92
C THR W 49 88.88 11.87 8.76
N ARG W 50 89.74 12.51 7.96
CA ARG W 50 90.54 11.79 6.98
C ARG W 50 91.85 11.28 7.56
N SER W 51 92.07 11.50 8.88
CA SER W 51 93.21 11.00 9.65
C SER W 51 94.55 11.42 9.04
N VAL W 52 94.62 12.68 8.61
CA VAL W 52 95.88 13.25 8.13
C VAL W 52 96.81 13.36 9.33
N ASP W 53 97.86 12.53 9.34
CA ASP W 53 98.65 12.33 10.55
C ASP W 53 99.50 13.55 10.88
N ARG W 54 100.08 14.19 9.87
CA ARG W 54 100.93 15.35 10.08
C ARG W 54 100.40 16.54 9.30
N TRP W 55 100.50 17.71 9.90
CA TRP W 55 99.86 18.92 9.40
C TRP W 55 100.73 20.12 9.77
N ASP W 56 100.77 21.10 8.87
CA ASP W 56 101.54 22.32 9.12
C ASP W 56 100.66 23.53 8.87
N PRO W 57 100.60 24.49 9.80
CA PRO W 57 99.89 25.74 9.54
C PRO W 57 100.76 26.77 8.82
N ASP W 58 101.50 26.33 7.80
CA ASP W 58 102.36 27.20 7.02
C ASP W 58 102.19 26.98 5.52
N TRP W 59 101.50 25.94 5.10
CA TRP W 59 101.39 25.58 3.70
C TRP W 59 100.36 26.48 3.00
N SER W 60 100.43 26.49 1.66
CA SER W 60 99.36 27.07 0.88
C SER W 60 98.15 26.14 0.91
N ASP W 61 96.97 26.68 0.58
CA ASP W 61 95.76 25.86 0.59
C ASP W 61 95.76 24.82 -0.52
N GLU W 62 96.50 25.06 -1.61
CA GLU W 62 96.69 24.00 -2.60
C GLU W 62 97.53 22.86 -2.04
N ALA W 63 98.41 23.14 -1.09
CA ALA W 63 99.17 22.12 -0.40
C ALA W 63 98.47 21.57 0.83
N LYS W 64 97.37 22.21 1.25
CA LYS W 64 96.58 21.70 2.37
C LYS W 64 95.43 20.83 1.91
N ARG W 65 94.84 21.12 0.76
CA ARG W 65 93.65 20.40 0.31
C ARG W 65 93.99 19.10 -0.39
N ASN W 66 95.15 19.01 -1.04
CA ASN W 66 95.55 17.74 -1.64
C ASN W 66 96.03 16.74 -0.60
N ALA W 67 96.46 17.21 0.57
CA ALA W 67 96.77 16.31 1.67
C ALA W 67 95.51 15.70 2.27
N VAL W 68 94.37 16.33 2.07
CA VAL W 68 93.09 15.79 2.53
C VAL W 68 92.41 14.98 1.42
N ALA W 69 92.51 15.45 0.18
CA ALA W 69 91.90 14.74 -0.94
C ALA W 69 92.60 13.43 -1.23
N THR W 70 93.94 13.41 -1.17
CA THR W 70 94.71 12.19 -1.36
C THR W 70 95.09 11.55 -0.03
N SER W 71 94.34 11.83 1.03
CA SER W 71 94.57 11.15 2.30
C SER W 71 94.13 9.70 2.26
N PHE W 72 93.23 9.35 1.35
CA PHE W 72 92.86 7.95 1.16
C PHE W 72 94.01 7.16 0.53
N VAL W 73 94.55 7.67 -0.58
CA VAL W 73 95.56 6.97 -1.35
C VAL W 73 96.86 6.86 -0.56
N LEU W 74 97.14 7.85 0.28
CA LEU W 74 98.29 7.77 1.18
C LEU W 74 98.08 6.68 2.23
N HIS W 75 96.96 6.74 2.96
CA HIS W 75 96.72 5.78 4.04
C HIS W 75 96.33 4.40 3.55
N GLN W 76 96.02 4.23 2.27
CA GLN W 76 95.79 2.89 1.74
C GLN W 76 97.10 2.12 1.61
N ARG W 77 98.18 2.83 1.23
CA ARG W 77 99.47 2.22 0.95
C ARG W 77 100.53 2.93 1.79
N LYS W 78 100.70 2.53 3.05
CA LYS W 78 101.69 3.21 3.88
C LYS W 78 103.08 2.57 3.73
N GLY W 79 103.14 1.25 3.57
CA GLY W 79 104.44 0.60 3.50
C GLY W 79 105.11 0.74 2.15
N THR W 80 104.37 1.20 1.15
CA THR W 80 104.92 1.30 -0.19
C THR W 80 105.83 2.52 -0.33
N LEU W 81 106.60 2.54 -1.42
CA LEU W 81 107.33 3.74 -1.79
C LEU W 81 106.44 4.69 -2.57
N THR W 82 105.40 4.16 -3.24
CA THR W 82 104.62 4.96 -4.19
C THR W 82 103.72 5.97 -3.49
N ALA W 83 103.57 5.84 -2.17
CA ALA W 83 102.93 6.92 -1.41
C ALA W 83 103.94 7.65 -0.54
N LEU W 84 105.15 7.09 -0.41
CA LEU W 84 106.25 7.86 0.17
C LEU W 84 106.70 8.95 -0.81
N ARG W 85 106.47 8.73 -2.10
CA ARG W 85 106.72 9.77 -3.10
C ARG W 85 105.75 10.93 -2.95
N GLN W 86 104.49 10.64 -2.60
CA GLN W 86 103.46 11.67 -2.56
C GLN W 86 103.19 12.22 -1.16
N VAL W 87 103.76 11.60 -0.12
CA VAL W 87 103.62 12.20 1.21
C VAL W 87 104.48 13.46 1.30
N VAL W 88 105.59 13.51 0.56
CA VAL W 88 106.35 14.75 0.48
C VAL W 88 105.82 15.50 -0.74
N GLU W 89 104.61 16.05 -0.61
CA GLU W 89 104.02 16.92 -1.64
C GLU W 89 104.32 18.41 -1.48
N PRO W 90 104.16 19.06 -0.30
CA PRO W 90 104.43 20.51 -0.27
C PRO W 90 105.90 20.84 -0.39
N ILE W 91 106.76 20.03 0.23
CA ILE W 91 108.18 20.07 -0.10
C ILE W 91 108.31 19.38 -1.46
N GLY W 92 108.41 20.18 -2.52
CA GLY W 92 108.45 19.61 -3.86
C GLY W 92 109.76 18.91 -4.12
N ALA W 93 109.72 17.58 -4.12
CA ALA W 93 110.94 16.78 -4.15
C ALA W 93 110.61 15.38 -4.61
N LEU W 94 111.13 14.99 -5.78
CA LEU W 94 111.07 13.60 -6.22
C LEU W 94 112.30 13.38 -7.10
N SER W 95 113.40 12.92 -6.49
CA SER W 95 114.68 12.86 -7.18
C SER W 95 115.20 11.43 -7.32
N GLU W 96 115.40 10.71 -6.22
CA GLU W 96 116.15 9.46 -6.26
C GLU W 96 115.84 8.66 -5.00
N VAL W 97 115.95 7.34 -5.12
CA VAL W 97 115.67 6.41 -4.02
C VAL W 97 116.62 5.23 -4.17
N THR W 98 117.00 4.63 -3.04
CA THR W 98 117.93 3.52 -3.02
C THR W 98 117.20 2.18 -3.03
N GLU W 99 117.92 1.14 -3.44
CA GLU W 99 117.41 -0.23 -3.50
C GLU W 99 118.61 -1.15 -3.24
N TRP W 100 118.34 -2.45 -3.11
CA TRP W 100 119.32 -3.43 -2.63
C TRP W 100 120.53 -3.54 -3.54
N TRP W 101 120.31 -3.80 -4.83
CA TRP W 101 121.40 -4.24 -5.70
C TRP W 101 122.33 -3.12 -6.16
N GLN W 102 122.01 -1.86 -5.85
CA GLN W 102 122.96 -0.79 -6.16
C GLN W 102 124.19 -0.88 -5.25
N ARG W 103 124.02 -1.37 -4.03
CA ARG W 103 125.16 -1.69 -3.17
C ARG W 103 125.54 -3.14 -3.42
N SER W 104 126.79 -3.37 -3.78
CA SER W 104 127.25 -4.71 -4.13
C SER W 104 127.44 -5.62 -2.92
N PRO W 105 128.10 -5.20 -1.77
CA PRO W 105 128.24 -6.23 -0.71
C PRO W 105 126.99 -6.51 0.13
N THR W 106 126.03 -7.20 -0.52
CA THR W 106 124.80 -7.82 0.06
C THR W 106 124.03 -6.92 1.04
N GLY W 107 124.09 -5.61 0.84
CA GLY W 107 123.38 -4.68 1.69
C GLY W 107 124.18 -4.25 2.91
N VAL W 108 123.68 -3.21 3.57
CA VAL W 108 124.35 -2.64 4.74
C VAL W 108 124.11 -3.56 5.94
N PRO W 109 124.96 -3.52 6.98
CA PRO W 109 124.59 -4.21 8.23
C PRO W 109 123.42 -3.51 8.90
N GLY W 110 122.25 -4.15 8.84
CA GLY W 110 121.01 -3.53 9.23
C GLY W 110 119.94 -3.83 8.20
N THR W 111 120.34 -4.64 7.19
CA THR W 111 119.47 -5.18 6.14
C THR W 111 118.72 -4.09 5.39
N PHE W 112 119.47 -3.08 4.95
CA PHE W 112 119.03 -2.00 4.07
C PHE W 112 117.89 -1.18 4.66
N GLU W 113 118.24 -0.41 5.68
CA GLU W 113 117.46 0.78 5.96
C GLU W 113 117.70 1.79 4.83
N ILE W 114 116.67 2.56 4.51
CA ILE W 114 116.71 3.39 3.31
C ILE W 114 117.38 4.73 3.61
N THR W 115 118.10 5.23 2.61
CA THR W 115 118.67 6.57 2.60
C THR W 115 118.18 7.25 1.33
N VAL W 116 116.97 7.82 1.40
CA VAL W 116 116.31 8.40 0.23
C VAL W 116 116.93 9.75 -0.11
N ASP W 117 116.62 10.27 -1.29
CA ASP W 117 117.12 11.56 -1.75
C ASP W 117 115.96 12.53 -1.86
N VAL W 118 116.07 13.66 -1.18
CA VAL W 118 115.06 14.71 -1.17
C VAL W 118 115.69 15.97 -1.74
N SER W 119 115.02 16.59 -2.70
CA SER W 119 115.55 17.75 -3.40
C SER W 119 114.55 18.89 -3.35
N ASP W 120 114.74 19.81 -2.40
CA ASP W 120 113.87 20.97 -2.24
C ASP W 120 114.58 22.19 -2.78
N ARG W 121 113.82 23.11 -3.38
CA ARG W 121 114.35 24.36 -3.89
C ARG W 121 113.61 25.60 -3.41
N GLY W 122 112.41 25.43 -2.85
CA GLY W 122 111.65 26.59 -2.44
C GLY W 122 112.13 27.20 -1.13
N ILE W 123 112.35 26.35 -0.12
CA ILE W 123 112.77 26.78 1.21
C ILE W 123 114.16 26.22 1.46
N ASP W 124 115.11 27.10 1.79
CA ASP W 124 116.48 26.70 2.07
C ASP W 124 116.84 26.78 3.55
N GLU W 125 116.36 27.80 4.27
CA GLU W 125 116.59 27.91 5.69
C GLU W 125 115.72 26.89 6.44
N GLY W 126 116.34 26.13 7.33
CA GLY W 126 115.62 25.09 8.05
C GLY W 126 115.34 23.87 7.21
N THR W 127 114.06 23.50 7.10
CA THR W 127 113.43 22.46 6.27
C THR W 127 114.09 21.08 6.37
N VAL W 128 114.91 20.83 7.38
CA VAL W 128 115.54 19.52 7.57
C VAL W 128 114.87 18.74 8.69
N LEU W 129 114.57 19.41 9.81
CA LEU W 129 114.08 18.75 11.02
C LEU W 129 112.68 18.18 10.90
N GLU W 130 111.96 18.48 9.82
CA GLU W 130 110.63 17.92 9.65
C GLU W 130 110.65 16.56 8.97
N LEU W 131 111.59 16.32 8.06
CA LEU W 131 111.51 15.16 7.18
C LEU W 131 111.87 13.85 7.88
N GLU W 132 112.52 13.89 9.04
CA GLU W 132 112.73 12.64 9.78
C GLU W 132 111.50 12.24 10.57
N ARG W 133 110.56 13.16 10.78
CA ARG W 133 109.32 12.84 11.48
C ARG W 133 108.08 12.99 10.62
N LEU W 134 108.15 13.74 9.51
CA LEU W 134 107.06 13.72 8.54
C LEU W 134 106.97 12.36 7.85
N LEU W 135 108.11 11.73 7.60
CA LEU W 135 108.18 10.42 6.98
C LEU W 135 108.06 9.28 7.98
N ASP W 136 107.72 9.59 9.24
CA ASP W 136 107.68 8.57 10.28
C ASP W 136 106.43 7.70 10.18
N ASP W 137 105.30 8.29 9.79
CA ASP W 137 104.07 7.51 9.68
C ASP W 137 104.11 6.58 8.47
N VAL W 138 104.72 7.02 7.37
CA VAL W 138 104.88 6.18 6.19
C VAL W 138 105.89 5.08 6.47
N ARG W 139 106.88 5.36 7.30
CA ARG W 139 107.85 4.34 7.70
C ARG W 139 107.21 3.35 8.66
N PRO W 140 107.42 2.04 8.47
CA PRO W 140 106.99 1.07 9.49
C PRO W 140 107.81 1.19 10.76
N VAL W 141 107.36 0.46 11.80
CA VAL W 141 107.96 0.64 13.12
C VAL W 141 109.33 -0.01 13.20
N SER W 142 109.54 -1.12 12.49
CA SER W 142 110.79 -1.84 12.61
C SER W 142 111.31 -2.33 11.27
N ARG W 143 110.71 -1.93 10.15
CA ARG W 143 111.25 -2.31 8.85
C ARG W 143 112.41 -1.40 8.45
N HIS W 144 112.45 -0.18 8.96
CA HIS W 144 113.53 0.75 8.69
C HIS W 144 114.22 1.14 9.98
N LEU W 145 115.39 1.74 9.83
CA LEU W 145 116.10 2.41 10.92
C LEU W 145 116.07 3.91 10.64
N THR W 146 116.47 4.71 11.63
CA THR W 146 116.40 6.16 11.56
C THR W 146 117.52 6.79 10.71
N ARG W 147 118.25 6.02 9.92
CA ARG W 147 119.24 6.58 9.01
C ARG W 147 118.55 7.28 7.84
N LEU W 148 119.06 8.45 7.49
CA LEU W 148 118.42 9.29 6.48
C LEU W 148 119.47 10.05 5.70
N ASP W 149 119.16 10.35 4.44
CA ASP W 149 120.01 11.15 3.56
C ASP W 149 119.20 12.32 3.03
N LEU W 150 119.89 13.42 2.72
CA LEU W 150 119.22 14.64 2.30
C LEU W 150 120.02 15.35 1.22
N ARG W 151 119.43 16.42 0.70
CA ARG W 151 120.04 17.30 -0.28
C ARG W 151 119.28 18.62 -0.28
N ILE W 152 120.00 19.72 -0.42
CA ILE W 152 119.36 21.03 -0.47
C ILE W 152 119.39 21.59 -1.88
N SER X 2 -37.63 -46.48 30.37
CA SER X 2 -38.92 -47.09 30.05
C SER X 2 -39.22 -46.99 28.56
N SER X 3 -40.42 -47.44 28.18
CA SER X 3 -40.85 -47.27 26.80
C SER X 3 -41.27 -45.83 26.52
N ARG X 4 -41.58 -45.09 27.58
CA ARG X 4 -41.95 -43.69 27.42
C ARG X 4 -40.72 -42.80 27.24
N LEU X 5 -39.56 -43.26 27.71
CA LEU X 5 -38.35 -42.44 27.61
C LEU X 5 -37.75 -42.55 26.22
N LEU X 6 -38.19 -43.53 25.44
CA LEU X 6 -37.71 -43.71 24.08
C LEU X 6 -38.24 -42.60 23.18
N PRO X 7 -37.58 -42.36 22.04
CA PRO X 7 -38.12 -41.43 21.05
C PRO X 7 -39.40 -41.97 20.42
N PRO X 8 -40.18 -41.12 19.72
CA PRO X 8 -41.41 -41.62 19.09
C PRO X 8 -41.18 -42.70 18.04
N ASN X 9 -40.11 -42.61 17.26
CA ASN X 9 -39.74 -43.71 16.37
C ASN X 9 -39.11 -44.82 17.21
N ARG X 10 -39.83 -45.93 17.35
CA ARG X 10 -39.27 -47.07 18.03
C ARG X 10 -39.93 -48.33 17.49
N SER X 11 -39.16 -49.40 17.40
CA SER X 11 -39.71 -50.68 17.02
C SER X 11 -40.41 -51.30 18.22
N SER X 12 -41.05 -52.44 18.00
CA SER X 12 -41.56 -53.21 19.13
C SER X 12 -40.43 -53.87 19.89
N LEU X 13 -39.27 -54.06 19.27
CA LEU X 13 -38.10 -54.58 19.97
C LEU X 13 -37.53 -53.55 20.94
N GLU X 14 -37.42 -52.30 20.51
CA GLU X 14 -36.91 -51.25 21.38
C GLU X 14 -37.88 -50.97 22.52
N ARG X 15 -39.19 -50.96 22.21
CA ARG X 15 -40.21 -50.77 23.24
C ARG X 15 -40.24 -51.93 24.23
N SER X 16 -39.94 -53.14 23.77
CA SER X 16 -39.83 -54.27 24.69
C SER X 16 -38.56 -54.19 25.51
N LEU X 17 -37.43 -53.93 24.87
CA LEU X 17 -36.16 -53.80 25.61
C LEU X 17 -36.13 -52.53 26.45
N GLY X 18 -36.95 -51.54 26.11
CA GLY X 18 -37.12 -50.40 27.00
C GLY X 18 -37.87 -50.74 28.27
N ASP X 19 -38.67 -51.79 28.26
CA ASP X 19 -39.43 -52.21 29.43
C ASP X 19 -38.72 -53.27 30.26
N VAL X 20 -37.56 -53.74 29.83
CA VAL X 20 -36.85 -54.84 30.49
C VAL X 20 -35.48 -54.40 30.98
N LEU X 21 -34.71 -53.71 30.13
CA LEU X 21 -33.34 -53.35 30.46
C LEU X 21 -33.16 -52.36 31.61
N PRO X 22 -34.07 -51.40 31.90
CA PRO X 22 -33.95 -50.70 33.19
C PRO X 22 -34.10 -51.60 34.40
N ALA X 23 -35.20 -52.38 34.46
CA ALA X 23 -35.46 -53.39 35.50
C ALA X 23 -35.44 -52.77 36.89
N GLU X 24 -36.46 -51.94 37.13
CA GLU X 24 -36.57 -51.17 38.36
C GLU X 24 -36.71 -52.07 39.58
N LEU X 25 -36.30 -51.55 40.73
CA LEU X 25 -36.25 -52.27 41.98
C LEU X 25 -36.84 -51.41 43.08
N PRO X 26 -37.42 -52.01 44.11
CA PRO X 26 -37.80 -51.25 45.30
C PRO X 26 -36.56 -50.87 46.09
N VAL X 27 -36.63 -49.75 46.78
CA VAL X 27 -35.56 -49.32 47.66
C VAL X 27 -36.12 -49.34 49.08
N PRO X 28 -35.98 -50.44 49.82
CA PRO X 28 -36.52 -50.53 51.18
C PRO X 28 -35.55 -49.99 52.23
N LEU X 29 -35.12 -48.75 52.05
CA LEU X 29 -34.12 -48.14 52.93
C LEU X 29 -34.72 -47.18 53.95
N ARG X 30 -35.74 -46.42 53.56
CA ARG X 30 -36.43 -45.55 54.53
C ARG X 30 -37.26 -46.35 55.51
N GLU X 31 -37.63 -47.59 55.16
CA GLU X 31 -38.44 -48.44 56.02
C GLU X 31 -37.66 -49.04 57.18
N LEU X 32 -36.34 -48.87 57.23
CA LEU X 32 -35.54 -49.50 58.27
C LEU X 32 -35.65 -48.80 59.62
N HIS X 33 -36.04 -47.53 59.64
CA HIS X 33 -36.12 -46.78 60.89
C HIS X 33 -37.54 -46.51 61.35
N ASP X 34 -38.54 -46.78 60.53
CA ASP X 34 -39.93 -46.75 60.99
C ASP X 34 -40.25 -48.11 61.55
N PRO X 35 -40.53 -48.25 62.85
CA PRO X 35 -40.86 -49.57 63.39
C PRO X 35 -42.20 -50.09 62.90
N ALA X 36 -43.13 -49.22 62.54
CA ALA X 36 -44.40 -49.62 61.96
C ALA X 36 -44.28 -50.02 60.49
N ARG X 37 -43.12 -49.83 59.86
CA ARG X 37 -42.91 -50.23 58.48
C ARG X 37 -41.72 -51.17 58.29
N CYS X 38 -41.02 -51.56 59.35
CA CYS X 38 -40.02 -52.60 59.22
C CYS X 38 -40.68 -53.95 58.96
N GLU X 39 -39.97 -54.79 58.22
CA GLU X 39 -40.39 -56.18 58.07
C GLU X 39 -40.17 -56.93 59.38
N ALA X 40 -40.92 -58.03 59.54
CA ALA X 40 -40.89 -58.77 60.79
C ALA X 40 -39.60 -59.56 60.97
N ALA X 41 -38.88 -59.83 59.87
CA ALA X 41 -37.63 -60.57 59.97
C ALA X 41 -36.46 -59.71 60.45
N LEU X 42 -36.56 -58.39 60.31
CA LEU X 42 -35.48 -57.50 60.70
C LEU X 42 -35.92 -56.45 61.72
N LEU X 43 -37.07 -56.65 62.35
CA LEU X 43 -37.48 -55.77 63.44
C LEU X 43 -36.57 -55.77 64.67
N PRO X 44 -36.03 -56.90 65.17
CA PRO X 44 -35.11 -56.79 66.33
C PRO X 44 -33.75 -56.17 66.01
N TYR X 45 -33.41 -55.91 64.74
CA TYR X 45 -32.27 -55.05 64.48
C TYR X 45 -32.55 -53.61 64.93
N LEU X 46 -33.76 -53.12 64.68
CA LEU X 46 -34.13 -51.80 65.14
C LEU X 46 -34.36 -51.78 66.64
N ALA X 47 -34.80 -52.90 67.22
CA ALA X 47 -34.95 -52.98 68.67
C ALA X 47 -33.61 -52.95 69.39
N TRP X 48 -32.54 -53.33 68.71
CA TRP X 48 -31.20 -53.22 69.31
C TRP X 48 -30.75 -51.77 69.37
N THR X 49 -30.89 -51.03 68.26
CA THR X 49 -30.42 -49.65 68.24
C THR X 49 -31.33 -48.70 69.01
N ARG X 50 -32.57 -49.09 69.28
CA ARG X 50 -33.41 -48.34 70.20
C ARG X 50 -33.22 -48.80 71.65
N SER X 51 -32.30 -49.75 71.88
CA SER X 51 -31.89 -50.24 73.20
C SER X 51 -33.07 -50.76 74.01
N VAL X 52 -33.97 -51.49 73.35
CA VAL X 52 -35.07 -52.16 74.02
C VAL X 52 -34.48 -53.25 74.90
N ASP X 53 -34.54 -53.05 76.23
CA ASP X 53 -33.75 -53.86 77.15
C ASP X 53 -34.28 -55.28 77.26
N ARG X 54 -35.60 -55.45 77.26
CA ARG X 54 -36.21 -56.75 77.39
C ARG X 54 -37.13 -57.01 76.20
N TRP X 55 -37.14 -58.26 75.74
CA TRP X 55 -37.79 -58.64 74.50
C TRP X 55 -38.29 -60.07 74.63
N ASP X 56 -39.44 -60.35 74.03
CA ASP X 56 -40.01 -61.68 74.05
C ASP X 56 -40.36 -62.11 72.63
N PRO X 57 -39.95 -63.30 72.20
CA PRO X 57 -40.40 -63.81 70.90
C PRO X 57 -41.73 -64.54 70.98
N ASP X 58 -42.69 -63.96 71.69
CA ASP X 58 -44.03 -64.53 71.85
C ASP X 58 -45.13 -63.50 71.65
N TRP X 59 -44.79 -62.21 71.56
CA TRP X 59 -45.77 -61.15 71.47
C TRP X 59 -46.33 -61.04 70.05
N SER X 60 -47.46 -60.36 69.94
CA SER X 60 -47.92 -59.95 68.63
C SER X 60 -47.07 -58.80 68.11
N ASP X 61 -47.13 -58.56 66.80
CA ASP X 61 -46.33 -57.49 66.23
C ASP X 61 -46.84 -56.11 66.64
N GLU X 62 -48.12 -56.00 66.98
CA GLU X 62 -48.61 -54.75 67.58
C GLU X 62 -48.01 -54.53 68.96
N ALA X 63 -47.66 -55.60 69.68
CA ALA X 63 -46.98 -55.50 70.95
C ALA X 63 -45.46 -55.48 70.81
N LYS X 64 -44.94 -55.74 69.61
CA LYS X 64 -43.51 -55.65 69.36
C LYS X 64 -43.10 -54.30 68.81
N ARG X 65 -43.96 -53.67 68.01
CA ARG X 65 -43.58 -52.43 67.33
C ARG X 65 -43.78 -51.21 68.23
N ASN X 66 -44.73 -51.25 69.16
CA ASN X 66 -44.89 -50.15 70.10
C ASN X 66 -43.80 -50.14 71.17
N ALA X 67 -43.18 -51.29 71.43
CA ALA X 67 -42.02 -51.33 72.31
C ALA X 67 -40.79 -50.71 71.66
N VAL X 68 -40.77 -50.61 70.33
CA VAL X 68 -39.69 -49.95 69.62
C VAL X 68 -40.03 -48.49 69.33
N ALA X 69 -41.29 -48.21 69.02
CA ALA X 69 -41.70 -46.84 68.73
C ALA X 69 -41.70 -45.98 69.99
N THR X 70 -42.16 -46.53 71.12
CA THR X 70 -42.12 -45.82 72.39
C THR X 70 -40.90 -46.20 73.22
N SER X 71 -39.84 -46.69 72.59
CA SER X 71 -38.60 -46.95 73.31
C SER X 71 -37.89 -45.67 73.71
N PHE X 72 -38.16 -44.55 73.03
CA PHE X 72 -37.63 -43.27 73.44
C PHE X 72 -38.28 -42.80 74.74
N VAL X 73 -39.62 -42.79 74.77
CA VAL X 73 -40.37 -42.26 75.90
C VAL X 73 -40.17 -43.12 77.14
N LEU X 74 -39.96 -44.42 76.96
CA LEU X 74 -39.61 -45.29 78.07
C LEU X 74 -38.23 -44.95 78.62
N HIS X 75 -37.21 -44.94 77.75
CA HIS X 75 -35.83 -44.72 78.18
C HIS X 75 -35.55 -43.27 78.55
N GLN X 76 -36.44 -42.34 78.21
CA GLN X 76 -36.25 -40.96 78.67
C GLN X 76 -36.56 -40.84 80.16
N ARG X 77 -37.56 -41.58 80.63
CA ARG X 77 -38.06 -41.48 82.00
C ARG X 77 -38.05 -42.89 82.61
N LYS X 78 -36.90 -43.32 83.13
CA LYS X 78 -36.85 -44.67 83.71
C LYS X 78 -37.26 -44.66 85.17
N GLY X 79 -36.89 -43.62 85.91
CA GLY X 79 -37.18 -43.60 87.34
C GLY X 79 -38.62 -43.25 87.65
N THR X 80 -39.36 -42.76 86.65
CA THR X 80 -40.73 -42.33 86.89
C THR X 80 -41.67 -43.53 86.98
N LEU X 81 -42.89 -43.26 87.47
CA LEU X 81 -43.95 -44.24 87.39
C LEU X 81 -44.64 -44.19 86.04
N THR X 82 -44.59 -43.02 85.37
CA THR X 82 -45.41 -42.81 84.17
C THR X 82 -44.87 -43.59 82.97
N ALA X 83 -43.66 -44.13 83.08
CA ALA X 83 -43.22 -45.09 82.07
C ALA X 83 -43.16 -46.50 82.64
N LEU X 84 -43.29 -46.63 83.97
CA LEU X 84 -43.54 -47.94 84.54
C LEU X 84 -44.96 -48.42 84.22
N ARG X 85 -45.87 -47.46 83.97
CA ARG X 85 -47.20 -47.80 83.49
C ARG X 85 -47.16 -48.37 82.08
N GLN X 86 -46.28 -47.85 81.24
CA GLN X 86 -46.26 -48.22 79.83
C GLN X 86 -45.21 -49.28 79.50
N VAL X 87 -44.31 -49.60 80.43
CA VAL X 87 -43.40 -50.71 80.17
C VAL X 87 -44.14 -52.04 80.23
N VAL X 88 -45.21 -52.12 81.03
CA VAL X 88 -46.06 -53.30 80.99
C VAL X 88 -47.16 -52.99 79.99
N GLU X 89 -46.83 -53.00 78.70
CA GLU X 89 -47.79 -52.86 77.61
C GLU X 89 -48.37 -54.18 77.08
N PRO X 90 -47.58 -55.24 76.76
CA PRO X 90 -48.23 -56.44 76.21
C PRO X 90 -49.03 -57.20 77.25
N ILE X 91 -48.53 -57.27 78.48
CA ILE X 91 -49.36 -57.67 79.61
C ILE X 91 -50.26 -56.49 79.90
N GLY X 92 -51.50 -56.54 79.42
CA GLY X 92 -52.41 -55.43 79.59
C GLY X 92 -52.86 -55.27 81.03
N ALA X 93 -52.30 -54.27 81.71
CA ALA X 93 -52.49 -54.14 83.15
C ALA X 93 -52.18 -52.72 83.56
N LEU X 94 -53.20 -52.01 84.05
CA LEU X 94 -53.00 -50.71 84.69
C LEU X 94 -54.11 -50.56 85.72
N SER X 95 -53.84 -50.97 86.96
CA SER X 95 -54.88 -51.06 87.98
C SER X 95 -54.63 -50.12 89.16
N GLU X 96 -53.51 -50.25 89.85
CA GLU X 96 -53.32 -49.60 91.14
C GLU X 96 -51.85 -49.55 91.46
N VAL X 97 -51.46 -48.54 92.24
CA VAL X 97 -50.07 -48.33 92.65
C VAL X 97 -50.08 -47.75 94.06
N THR X 98 -49.05 -48.06 94.84
CA THR X 98 -48.94 -47.60 96.21
C THR X 98 -48.14 -46.30 96.31
N GLU X 99 -48.36 -45.59 97.42
CA GLU X 99 -47.66 -44.34 97.73
C GLU X 99 -47.54 -44.27 99.24
N TRP X 100 -46.80 -43.26 99.73
CA TRP X 100 -46.39 -43.17 101.13
C TRP X 100 -47.58 -43.07 102.10
N TRP X 101 -48.46 -42.10 101.88
CA TRP X 101 -49.43 -41.73 102.91
C TRP X 101 -50.61 -42.69 103.03
N GLN X 102 -50.74 -43.67 102.13
CA GLN X 102 -51.77 -44.69 102.32
C GLN X 102 -51.46 -45.59 103.50
N ARG X 103 -50.18 -45.81 103.79
CA ARG X 103 -49.77 -46.48 105.01
C ARG X 103 -49.54 -45.42 106.07
N SER X 104 -50.24 -45.54 107.20
CA SER X 104 -50.17 -44.54 108.26
C SER X 104 -48.87 -44.58 109.06
N PRO X 105 -48.33 -45.76 109.52
CA PRO X 105 -47.09 -45.62 110.34
C PRO X 105 -45.80 -45.37 109.54
N THR X 106 -45.70 -44.13 109.03
CA THR X 106 -44.51 -43.50 108.41
C THR X 106 -43.75 -44.39 107.40
N GLY X 107 -44.45 -45.28 106.73
CA GLY X 107 -43.85 -46.16 105.75
C GLY X 107 -43.31 -47.44 106.35
N VAL X 108 -42.98 -48.38 105.46
CA VAL X 108 -42.49 -49.69 105.88
C VAL X 108 -41.03 -49.55 106.31
N PRO X 109 -40.49 -50.48 107.14
CA PRO X 109 -39.04 -50.48 107.35
C PRO X 109 -38.31 -50.91 106.09
N GLY X 110 -37.66 -49.94 105.46
CA GLY X 110 -37.11 -50.12 104.13
C GLY X 110 -37.44 -48.92 103.28
N THR X 111 -38.11 -47.94 103.90
CA THR X 111 -38.44 -46.62 103.33
C THR X 111 -39.21 -46.73 102.02
N PHE X 112 -40.27 -47.54 102.05
CA PHE X 112 -41.27 -47.71 101.00
C PHE X 112 -40.65 -48.19 99.68
N GLU X 113 -40.24 -49.45 99.69
CA GLU X 113 -40.19 -50.18 98.44
C GLU X 113 -41.62 -50.42 97.96
N ILE X 114 -41.80 -50.43 96.64
CA ILE X 114 -43.15 -50.42 96.08
C ILE X 114 -43.68 -51.84 95.96
N THR X 115 -45.00 -51.96 96.17
CA THR X 115 -45.75 -53.19 95.93
C THR X 115 -46.89 -52.81 94.99
N VAL X 116 -46.60 -52.81 93.68
CA VAL X 116 -47.56 -52.35 92.68
C VAL X 116 -48.61 -53.42 92.43
N ASP X 117 -49.69 -53.05 91.74
CA ASP X 117 -50.77 -53.96 91.42
C ASP X 117 -50.81 -54.17 89.91
N VAL X 118 -50.72 -55.43 89.49
CA VAL X 118 -50.74 -55.81 88.08
C VAL X 118 -51.96 -56.70 87.86
N SER X 119 -52.77 -56.38 86.85
CA SER X 119 -54.01 -57.09 86.59
C SER X 119 -54.04 -57.57 85.14
N ASP X 120 -53.68 -58.84 84.94
CA ASP X 120 -53.67 -59.44 83.61
C ASP X 120 -54.88 -60.35 83.48
N ARG X 121 -55.45 -60.40 82.28
CA ARG X 121 -56.58 -61.28 82.00
C ARG X 121 -56.39 -62.17 80.78
N GLY X 122 -55.39 -61.88 79.93
CA GLY X 122 -55.22 -62.66 78.71
C GLY X 122 -54.55 -64.00 78.97
N ILE X 123 -53.46 -63.99 79.73
CA ILE X 123 -52.70 -65.21 80.03
C ILE X 123 -52.79 -65.47 81.52
N ASP X 124 -53.23 -66.68 81.89
CA ASP X 124 -53.35 -67.07 83.28
C ASP X 124 -52.29 -68.06 83.73
N GLU X 125 -51.91 -69.01 82.88
CA GLU X 125 -50.85 -69.95 83.20
C GLU X 125 -49.49 -69.25 83.11
N GLY X 126 -48.68 -69.40 84.16
CA GLY X 126 -47.40 -68.73 84.20
C GLY X 126 -47.51 -67.26 84.50
N THR X 127 -46.95 -66.42 83.62
CA THR X 127 -47.00 -64.95 83.54
C THR X 127 -46.62 -64.23 84.84
N VAL X 128 -45.99 -64.91 85.79
CA VAL X 128 -45.55 -64.28 87.04
C VAL X 128 -44.05 -64.04 87.04
N LEU X 129 -43.27 -65.02 86.59
CA LEU X 129 -41.81 -64.99 86.68
C LEU X 129 -41.15 -63.94 85.80
N GLU X 130 -41.89 -63.30 84.89
CA GLU X 130 -41.30 -62.26 84.06
C GLU X 130 -41.34 -60.89 84.72
N LEU X 131 -42.36 -60.60 85.52
CA LEU X 131 -42.60 -59.23 85.96
C LEU X 131 -41.64 -58.76 87.04
N GLU X 132 -40.94 -59.68 87.72
CA GLU X 132 -39.91 -59.22 88.65
C GLU X 132 -38.62 -58.86 87.95
N ARG X 133 -38.44 -59.30 86.70
CA ARG X 133 -37.26 -58.96 85.91
C ARG X 133 -37.57 -58.10 84.69
N LEU X 134 -38.81 -58.09 84.20
CA LEU X 134 -39.20 -57.13 83.17
C LEU X 134 -39.20 -55.72 83.73
N LEU X 135 -39.60 -55.56 84.99
CA LEU X 135 -39.62 -54.27 85.67
C LEU X 135 -38.29 -53.92 86.31
N ASP X 136 -37.23 -54.68 86.03
CA ASP X 136 -35.95 -54.47 86.67
C ASP X 136 -35.21 -53.28 86.07
N ASP X 137 -35.32 -53.06 84.76
CA ASP X 137 -34.64 -51.93 84.14
C ASP X 137 -35.29 -50.61 84.51
N VAL X 138 -36.62 -50.58 84.64
CA VAL X 138 -37.33 -49.39 85.08
C VAL X 138 -37.03 -49.10 86.55
N ARG X 139 -36.84 -50.15 87.34
CA ARG X 139 -36.48 -49.99 88.73
C ARG X 139 -35.03 -49.51 88.86
N PRO X 140 -34.75 -48.52 89.70
CA PRO X 140 -33.35 -48.16 89.99
C PRO X 140 -32.65 -49.26 90.78
N VAL X 141 -31.33 -49.10 90.93
CA VAL X 141 -30.53 -50.18 91.51
C VAL X 141 -30.74 -50.27 93.01
N SER X 142 -30.96 -49.15 93.68
CA SER X 142 -31.05 -49.16 95.13
C SER X 142 -32.18 -48.29 95.65
N ARG X 143 -33.03 -47.74 94.78
CA ARG X 143 -34.17 -46.99 95.28
C ARG X 143 -35.31 -47.90 95.70
N HIS X 144 -35.39 -49.11 95.15
CA HIS X 144 -36.39 -50.07 95.53
C HIS X 144 -35.73 -51.34 96.06
N LEU X 145 -36.55 -52.17 96.70
CA LEU X 145 -36.19 -53.53 97.08
C LEU X 145 -37.00 -54.48 96.21
N THR X 146 -36.64 -55.76 96.25
CA THR X 146 -37.26 -56.78 95.41
C THR X 146 -38.63 -57.25 95.89
N ARG X 147 -39.27 -56.53 96.81
CA ARG X 147 -40.63 -56.84 97.23
C ARG X 147 -41.62 -56.48 96.13
N LEU X 148 -42.58 -57.36 95.89
CA LEU X 148 -43.49 -57.19 94.77
C LEU X 148 -44.86 -57.76 95.14
N ASP X 149 -45.91 -57.18 94.55
CA ASP X 149 -47.28 -57.64 94.73
C ASP X 149 -47.88 -57.91 93.36
N LEU X 150 -48.84 -58.85 93.31
CA LEU X 150 -49.41 -59.27 92.04
C LEU X 150 -50.90 -59.53 92.19
N ARG X 151 -51.54 -59.81 91.05
CA ARG X 151 -52.95 -60.18 90.98
C ARG X 151 -53.17 -60.87 89.64
N ILE X 152 -54.01 -61.90 89.63
CA ILE X 152 -54.32 -62.61 88.38
C ILE X 152 -55.74 -62.28 87.92
N SER Y 2 -34.57 12.63 56.07
CA SER Y 2 -35.90 13.15 56.32
C SER Y 2 -36.82 12.91 55.13
N SER Y 3 -38.05 13.42 55.22
CA SER Y 3 -38.96 13.36 54.08
C SER Y 3 -38.57 14.39 53.02
N ARG Y 4 -37.81 15.41 53.42
CA ARG Y 4 -37.37 16.42 52.47
C ARG Y 4 -36.18 15.94 51.66
N LEU Y 5 -35.42 14.97 52.21
CA LEU Y 5 -34.23 14.49 51.50
C LEU Y 5 -34.62 13.50 50.41
N LEU Y 6 -35.85 13.00 50.45
CA LEU Y 6 -36.33 12.06 49.45
C LEU Y 6 -36.54 12.77 48.11
N PRO Y 7 -36.55 12.04 47.01
CA PRO Y 7 -36.92 12.61 45.72
C PRO Y 7 -38.37 13.04 45.69
N PRO Y 8 -38.78 13.86 44.70
CA PRO Y 8 -40.19 14.28 44.63
C PRO Y 8 -41.17 13.13 44.45
N ASN Y 9 -40.83 12.12 43.66
CA ASN Y 9 -41.64 10.90 43.62
C ASN Y 9 -41.41 10.11 44.90
N ARG Y 10 -42.41 10.07 45.75
CA ARG Y 10 -42.33 9.22 46.93
C ARG Y 10 -43.73 8.83 47.35
N SER Y 11 -43.86 7.61 47.86
CA SER Y 11 -45.13 7.17 48.42
C SER Y 11 -45.31 7.76 49.80
N SER Y 12 -46.48 7.52 50.39
CA SER Y 12 -46.64 7.86 51.79
C SER Y 12 -45.87 6.91 52.69
N LEU Y 13 -45.54 5.71 52.19
CA LEU Y 13 -44.69 4.80 52.95
C LEU Y 13 -43.26 5.28 53.02
N GLU Y 14 -42.71 5.76 51.89
CA GLU Y 14 -41.35 6.28 51.89
C GLU Y 14 -41.24 7.56 52.70
N ARG Y 15 -42.25 8.43 52.59
CA ARG Y 15 -42.29 9.66 53.38
C ARG Y 15 -42.44 9.37 54.86
N SER Y 16 -43.15 8.31 55.22
CA SER Y 16 -43.22 7.91 56.63
C SER Y 16 -41.93 7.28 57.10
N LEU Y 17 -41.36 6.36 56.31
CA LEU Y 17 -40.09 5.75 56.68
C LEU Y 17 -38.94 6.73 56.56
N GLY Y 18 -39.09 7.79 55.77
CA GLY Y 18 -38.12 8.87 55.79
C GLY Y 18 -38.13 9.67 57.07
N ASP Y 19 -39.25 9.68 57.79
CA ASP Y 19 -39.38 10.42 59.03
C ASP Y 19 -39.07 9.58 60.26
N VAL Y 20 -38.79 8.29 60.10
CA VAL Y 20 -38.58 7.37 61.22
C VAL Y 20 -37.19 6.76 61.19
N LEU Y 21 -36.75 6.28 60.03
CA LEU Y 21 -35.47 5.57 59.93
C LEU Y 21 -34.22 6.40 60.20
N PRO Y 22 -34.14 7.73 59.93
CA PRO Y 22 -33.01 8.49 60.50
C PRO Y 22 -32.98 8.50 62.02
N ALA Y 23 -34.10 8.91 62.65
CA ALA Y 23 -34.29 8.89 64.10
C ALA Y 23 -33.22 9.72 64.82
N GLU Y 24 -33.31 11.03 64.58
CA GLU Y 24 -32.33 11.98 65.10
C GLU Y 24 -32.29 12.00 66.62
N LEU Y 25 -31.14 12.38 67.15
CA LEU Y 25 -30.85 12.38 68.57
C LEU Y 25 -30.19 13.69 68.97
N PRO Y 26 -30.38 14.14 70.20
CA PRO Y 26 -29.58 15.26 70.69
C PRO Y 26 -28.17 14.82 70.96
N VAL Y 27 -27.24 15.75 70.82
CA VAL Y 27 -25.83 15.50 71.14
C VAL Y 27 -25.48 16.41 72.31
N PRO Y 28 -25.62 15.94 73.56
CA PRO Y 28 -25.32 16.77 74.73
C PRO Y 28 -23.85 16.71 75.13
N LEU Y 29 -22.96 17.02 74.18
CA LEU Y 29 -21.52 16.92 74.39
C LEU Y 29 -20.86 18.27 74.65
N ARG Y 30 -21.32 19.33 73.99
CA ARG Y 30 -20.79 20.67 74.29
C ARG Y 30 -21.28 21.19 75.64
N GLU Y 31 -22.38 20.64 76.15
CA GLU Y 31 -22.94 21.06 77.43
C GLU Y 31 -22.16 20.54 78.63
N LEU Y 32 -21.16 19.67 78.42
CA LEU Y 32 -20.45 19.08 79.55
C LEU Y 32 -19.44 20.03 80.18
N HIS Y 33 -18.99 21.05 79.46
CA HIS Y 33 -17.99 21.96 79.98
C HIS Y 33 -18.52 23.34 80.33
N ASP Y 34 -19.75 23.65 79.95
CA ASP Y 34 -20.41 24.86 80.41
C ASP Y 34 -21.09 24.52 81.73
N PRO Y 35 -20.67 25.11 82.86
CA PRO Y 35 -21.34 24.81 84.13
C PRO Y 35 -22.76 25.34 84.20
N ALA Y 36 -23.07 26.40 83.47
CA ALA Y 36 -24.43 26.92 83.39
C ALA Y 36 -25.33 26.09 82.48
N ARG Y 37 -24.77 25.12 81.76
CA ARG Y 37 -25.58 24.25 80.91
C ARG Y 37 -25.42 22.77 81.21
N CYS Y 38 -24.63 22.39 82.21
CA CYS Y 38 -24.61 21.01 82.64
C CYS Y 38 -25.93 20.65 83.33
N GLU Y 39 -26.30 19.38 83.21
CA GLU Y 39 -27.42 18.87 83.97
C GLU Y 39 -27.02 18.73 85.45
N ALA Y 40 -28.02 18.74 86.32
CA ALA Y 40 -27.76 18.72 87.75
C ALA Y 40 -27.27 17.37 88.24
N ALA Y 41 -27.50 16.30 87.48
CA ALA Y 41 -27.04 14.98 87.89
C ALA Y 41 -25.56 14.76 87.62
N LEU Y 42 -24.97 15.53 86.71
CA LEU Y 42 -23.56 15.36 86.36
C LEU Y 42 -22.75 16.63 86.55
N LEU Y 43 -23.29 17.61 87.29
CA LEU Y 43 -22.51 18.79 87.63
C LEU Y 43 -21.28 18.53 88.51
N PRO Y 44 -21.29 17.66 89.54
CA PRO Y 44 -20.03 17.44 90.28
C PRO Y 44 -18.96 16.66 89.53
N TYR Y 45 -19.24 16.12 88.34
CA TYR Y 45 -18.16 15.66 87.49
C TYR Y 45 -17.32 16.83 87.00
N LEU Y 46 -17.97 17.93 86.62
CA LEU Y 46 -17.25 19.12 86.20
C LEU Y 46 -16.62 19.83 87.38
N ALA Y 47 -17.22 19.72 88.56
CA ALA Y 47 -16.62 20.30 89.76
C ALA Y 47 -15.35 19.56 90.18
N TRP Y 48 -15.20 18.30 89.76
CA TRP Y 48 -13.96 17.58 90.03
C TRP Y 48 -12.83 18.08 89.15
N THR Y 49 -13.09 18.22 87.84
CA THR Y 49 -12.03 18.63 86.93
C THR Y 49 -11.71 20.11 87.04
N ARG Y 50 -12.60 20.92 87.61
CA ARG Y 50 -12.26 22.29 87.96
C ARG Y 50 -11.64 22.39 89.35
N SER Y 51 -11.44 21.25 90.03
CA SER Y 51 -10.76 21.13 91.32
C SER Y 51 -11.40 22.00 92.39
N VAL Y 52 -12.73 22.02 92.41
CA VAL Y 52 -13.47 22.72 93.46
C VAL Y 52 -13.23 21.96 94.76
N ASP Y 53 -12.48 22.57 95.68
CA ASP Y 53 -11.94 21.85 96.83
C ASP Y 53 -13.01 21.49 97.83
N ARG Y 54 -13.96 22.38 98.07
CA ARG Y 54 -15.03 22.14 99.04
C ARG Y 54 -16.38 22.27 98.37
N TRP Y 55 -17.30 21.41 98.76
CA TRP Y 55 -18.58 21.24 98.09
C TRP Y 55 -19.64 20.86 99.12
N ASP Y 56 -20.86 21.36 98.93
CA ASP Y 56 -21.96 21.04 99.83
C ASP Y 56 -23.15 20.57 99.01
N PRO Y 57 -23.76 19.43 99.36
CA PRO Y 57 -25.00 19.02 98.71
C PRO Y 57 -26.24 19.63 99.35
N ASP Y 58 -26.18 20.93 99.66
CA ASP Y 58 -27.28 21.66 100.26
C ASP Y 58 -27.55 23.00 99.57
N TRP Y 59 -26.67 23.44 98.69
CA TRP Y 59 -26.77 24.75 98.07
C TRP Y 59 -27.80 24.72 96.94
N SER Y 60 -28.24 25.92 96.54
CA SER Y 60 -28.99 26.05 95.31
C SER Y 60 -28.06 25.88 94.11
N ASP Y 61 -28.64 25.60 92.95
CA ASP Y 61 -27.82 25.41 91.76
C ASP Y 61 -27.18 26.71 91.29
N GLU Y 62 -27.79 27.86 91.61
CA GLU Y 62 -27.11 29.13 91.37
C GLU Y 62 -25.89 29.29 92.25
N ALA Y 63 -25.87 28.67 93.43
CA ALA Y 63 -24.71 28.66 94.30
C ALA Y 63 -23.78 27.49 94.03
N LYS Y 64 -24.20 26.53 93.20
CA LYS Y 64 -23.34 25.43 92.80
C LYS Y 64 -22.61 25.69 91.50
N ARG Y 65 -23.24 26.41 90.57
CA ARG Y 65 -22.66 26.60 89.25
C ARG Y 65 -21.66 27.75 89.22
N ASN Y 66 -21.83 28.75 90.07
CA ASN Y 66 -20.83 29.83 90.13
C ASN Y 66 -19.57 29.38 90.86
N ALA Y 67 -19.66 28.36 91.71
CA ALA Y 67 -18.46 27.78 92.31
C ALA Y 67 -17.65 26.99 91.29
N VAL Y 68 -18.27 26.57 90.19
CA VAL Y 68 -17.56 25.88 89.12
C VAL Y 68 -17.13 26.86 88.04
N ALA Y 69 -17.97 27.85 87.74
CA ALA Y 69 -17.64 28.83 86.73
C ALA Y 69 -16.50 29.76 87.17
N THR Y 70 -16.52 30.18 88.44
CA THR Y 70 -15.46 31.00 89.00
C THR Y 70 -14.43 30.16 89.76
N SER Y 71 -14.34 28.87 89.45
CA SER Y 71 -13.29 28.04 90.04
C SER Y 71 -11.92 28.38 89.51
N PHE Y 72 -11.84 28.97 88.32
CA PHE Y 72 -10.56 29.45 87.80
C PHE Y 72 -10.06 30.64 88.60
N VAL Y 73 -10.91 31.66 88.75
CA VAL Y 73 -10.53 32.92 89.38
C VAL Y 73 -10.23 32.72 90.86
N LEU Y 74 -10.91 31.76 91.49
CA LEU Y 74 -10.59 31.40 92.87
C LEU Y 74 -9.21 30.74 92.94
N HIS Y 75 -8.99 29.69 92.16
CA HIS Y 75 -7.73 28.94 92.23
C HIS Y 75 -6.57 29.67 91.59
N GLN Y 76 -6.80 30.74 90.83
CA GLN Y 76 -5.69 31.53 90.33
C GLN Y 76 -5.07 32.35 91.46
N ARG Y 77 -5.89 32.85 92.38
CA ARG Y 77 -5.45 33.74 93.45
C ARG Y 77 -5.89 33.17 94.79
N LYS Y 78 -5.12 32.23 95.35
CA LYS Y 78 -5.53 31.65 96.62
C LYS Y 78 -5.03 32.46 97.80
N GLY Y 79 -3.83 33.04 97.71
CA GLY Y 79 -3.28 33.76 98.84
C GLY Y 79 -3.87 35.14 99.01
N THR Y 80 -4.60 35.62 98.01
CA THR Y 80 -5.15 36.97 98.06
C THR Y 80 -6.37 37.04 98.96
N LEU Y 81 -6.76 38.26 99.30
CA LEU Y 81 -8.05 38.48 99.95
C LEU Y 81 -9.17 38.56 98.93
N THR Y 82 -8.84 38.95 97.68
CA THR Y 82 -9.87 39.26 96.69
C THR Y 82 -10.57 38.00 96.18
N ALA Y 83 -10.03 36.82 96.48
CA ALA Y 83 -10.78 35.60 96.23
C ALA Y 83 -11.23 34.97 97.54
N LEU Y 84 -10.70 35.44 98.67
CA LEU Y 84 -11.29 35.09 99.96
C LEU Y 84 -12.64 35.77 100.13
N ARG Y 85 -12.84 36.90 99.45
CA ARG Y 85 -14.15 37.54 99.42
C ARG Y 85 -15.17 36.70 98.66
N GLN Y 86 -14.74 36.04 97.57
CA GLN Y 86 -15.66 35.33 96.71
C GLN Y 86 -15.72 33.84 96.99
N VAL Y 87 -14.83 33.29 97.83
CA VAL Y 87 -14.97 31.89 98.22
C VAL Y 87 -16.16 31.73 99.15
N VAL Y 88 -16.49 32.75 99.93
CA VAL Y 88 -17.72 32.72 100.72
C VAL Y 88 -18.79 33.36 99.85
N GLU Y 89 -19.23 32.65 98.82
CA GLU Y 89 -20.36 33.08 97.97
C GLU Y 89 -21.74 32.58 98.43
N PRO Y 90 -21.97 31.28 98.74
CA PRO Y 90 -23.35 30.90 99.12
C PRO Y 90 -23.75 31.42 100.48
N ILE Y 91 -22.82 31.44 101.44
CA ILE Y 91 -23.00 32.23 102.65
C ILE Y 91 -22.79 33.67 102.25
N GLY Y 92 -23.88 34.40 102.03
CA GLY Y 92 -23.78 35.77 101.56
C GLY Y 92 -23.25 36.69 102.64
N ALA Y 93 -21.98 37.09 102.49
CA ALA Y 93 -21.30 37.79 103.57
C ALA Y 93 -20.09 38.52 102.98
N LEU Y 94 -20.12 39.85 103.03
CA LEU Y 94 -18.94 40.65 102.71
C LEU Y 94 -19.06 41.93 103.54
N SER Y 95 -18.47 41.92 104.73
CA SER Y 95 -18.67 43.01 105.69
C SER Y 95 -17.39 43.76 106.01
N GLU Y 96 -16.35 43.09 106.51
CA GLU Y 96 -15.22 43.78 107.10
C GLU Y 96 -14.05 42.81 107.19
N VAL Y 97 -12.83 43.35 107.14
CA VAL Y 97 -11.60 42.58 107.19
C VAL Y 97 -10.56 43.41 107.93
N THR Y 98 -9.65 42.73 108.63
CA THR Y 98 -8.62 43.39 109.42
C THR Y 98 -7.33 43.55 108.62
N GLU Y 99 -6.50 44.50 109.06
CA GLU Y 99 -5.20 44.79 108.46
C GLU Y 99 -4.30 45.27 109.60
N TRP Y 100 -3.01 45.47 109.29
CA TRP Y 100 -1.97 45.70 110.28
C TRP Y 100 -2.20 46.97 111.10
N TRP Y 101 -2.35 48.11 110.42
CA TRP Y 101 -2.25 49.40 111.10
C TRP Y 101 -3.50 49.78 111.90
N GLN Y 102 -4.58 49.01 111.81
CA GLN Y 102 -5.72 49.27 112.68
C GLN Y 102 -5.40 48.94 114.13
N ARG Y 103 -4.54 47.95 114.36
CA ARG Y 103 -4.00 47.71 115.70
C ARG Y 103 -2.72 48.51 115.85
N SER Y 104 -2.67 49.35 116.88
CA SER Y 104 -1.53 50.23 117.08
C SER Y 104 -0.28 49.51 117.60
N PRO Y 105 -0.33 48.60 118.64
CA PRO Y 105 0.97 48.04 119.07
C PRO Y 105 1.55 46.94 118.16
N THR Y 106 2.03 47.38 116.99
CA THR Y 106 2.85 46.63 115.99
C THR Y 106 2.34 45.21 115.68
N GLY Y 107 1.03 45.00 115.78
CA GLY Y 107 0.44 43.71 115.48
C GLY Y 107 0.39 42.79 116.69
N VAL Y 108 -0.36 41.71 116.54
CA VAL Y 108 -0.55 40.74 117.61
C VAL Y 108 0.72 39.88 117.73
N PRO Y 109 0.98 39.25 118.88
CA PRO Y 109 2.04 38.23 118.92
C PRO Y 109 1.64 37.00 118.12
N GLY Y 110 2.26 36.85 116.96
CA GLY Y 110 1.84 35.87 115.98
C GLY Y 110 1.85 36.50 114.59
N THR Y 111 2.27 37.77 114.55
CA THR Y 111 2.48 38.56 113.34
C THR Y 111 1.24 38.62 112.45
N PHE Y 112 0.12 38.96 113.09
CA PHE Y 112 -1.17 39.26 112.46
C PHE Y 112 -1.72 38.06 111.66
N GLU Y 113 -2.13 37.05 112.41
CA GLU Y 113 -3.15 36.16 111.88
C GLU Y 113 -4.48 36.92 111.78
N ILE Y 114 -5.26 36.60 110.77
CA ILE Y 114 -6.44 37.42 110.46
C ILE Y 114 -7.64 36.97 111.30
N THR Y 115 -8.45 37.96 111.67
CA THR Y 115 -9.76 37.74 112.31
C THR Y 115 -10.77 38.48 111.45
N VAL Y 116 -11.25 37.82 110.41
CA VAL Y 116 -12.15 38.44 109.43
C VAL Y 116 -13.56 38.53 110.00
N ASP Y 117 -14.41 39.31 109.33
CA ASP Y 117 -15.79 39.48 109.75
C ASP Y 117 -16.71 38.87 108.70
N VAL Y 118 -17.57 37.95 109.14
CA VAL Y 118 -18.52 37.26 108.28
C VAL Y 118 -19.92 37.60 108.77
N SER Y 119 -20.79 38.02 107.85
CA SER Y 119 -22.14 38.46 108.21
C SER Y 119 -23.16 37.71 107.38
N ASP Y 120 -23.73 36.66 107.96
CA ASP Y 120 -24.74 35.85 107.30
C ASP Y 120 -26.11 36.19 107.87
N ARG Y 121 -27.14 36.18 107.03
CA ARG Y 121 -28.50 36.42 107.45
C ARG Y 121 -29.50 35.35 107.03
N GLY Y 122 -29.12 34.48 106.08
CA GLY Y 122 -30.06 33.48 105.60
C GLY Y 122 -30.23 32.31 106.56
N ILE Y 123 -29.12 31.77 107.05
CA ILE Y 123 -29.12 30.62 107.94
C ILE Y 123 -28.56 31.06 109.28
N ASP Y 124 -29.32 30.83 110.35
CA ASP Y 124 -28.91 31.18 111.70
C ASP Y 124 -28.52 29.99 112.55
N GLU Y 125 -29.24 28.87 112.43
CA GLU Y 125 -28.89 27.66 113.15
C GLU Y 125 -27.66 27.01 112.52
N GLY Y 126 -26.68 26.68 113.35
CA GLY Y 126 -25.44 26.10 112.84
C GLY Y 126 -24.55 27.13 112.19
N THR Y 127 -24.18 26.88 110.92
CA THR Y 127 -23.44 27.72 109.96
C THR Y 127 -22.12 28.30 110.50
N VAL Y 128 -21.59 27.77 111.59
CA VAL Y 128 -20.32 28.23 112.14
C VAL Y 128 -19.19 27.25 111.85
N LEU Y 129 -19.46 25.94 112.02
CA LEU Y 129 -18.44 24.91 111.93
C LEU Y 129 -17.88 24.70 110.52
N GLU Y 130 -18.48 25.30 109.50
CA GLU Y 130 -17.96 25.16 108.15
C GLU Y 130 -16.88 26.19 107.83
N LEU Y 131 -16.98 27.39 108.37
CA LEU Y 131 -16.16 28.50 107.90
C LEU Y 131 -14.71 28.42 108.37
N GLU Y 132 -14.40 27.62 109.39
CA GLU Y 132 -13.00 27.43 109.74
C GLU Y 132 -12.31 26.42 108.83
N ARG Y 133 -13.08 25.61 108.10
CA ARG Y 133 -12.52 24.65 107.16
C ARG Y 133 -12.88 24.93 105.71
N LEU Y 134 -13.95 25.70 105.45
CA LEU Y 134 -14.20 26.17 104.10
C LEU Y 134 -13.14 27.17 103.66
N LEU Y 135 -12.66 27.99 104.59
CA LEU Y 135 -11.62 28.97 104.33
C LEU Y 135 -10.22 28.40 104.48
N ASP Y 136 -10.09 27.08 104.63
CA ASP Y 136 -8.79 26.46 104.87
C ASP Y 136 -7.96 26.37 103.59
N ASP Y 137 -8.60 26.12 102.45
CA ASP Y 137 -7.85 26.04 101.20
C ASP Y 137 -7.35 27.41 100.75
N VAL Y 138 -8.15 28.45 100.97
CA VAL Y 138 -7.73 29.82 100.64
C VAL Y 138 -6.62 30.26 101.58
N ARG Y 139 -6.67 29.80 102.82
CA ARG Y 139 -5.62 30.11 103.79
C ARG Y 139 -4.34 29.35 103.44
N PRO Y 140 -3.18 29.99 103.47
CA PRO Y 140 -1.91 29.24 103.34
C PRO Y 140 -1.65 28.36 104.56
N VAL Y 141 -0.62 27.52 104.44
CA VAL Y 141 -0.38 26.51 105.47
C VAL Y 141 0.21 27.14 106.73
N SER Y 142 1.03 28.17 106.58
CA SER Y 142 1.69 28.74 107.74
C SER Y 142 1.71 30.26 107.73
N ARG Y 143 1.00 30.90 106.80
CA ARG Y 143 0.93 32.35 106.82
C ARG Y 143 -0.10 32.84 107.84
N HIS Y 144 -1.10 32.02 108.15
CA HIS Y 144 -2.10 32.37 109.15
C HIS Y 144 -2.09 31.34 110.27
N LEU Y 145 -2.75 31.71 111.36
CA LEU Y 145 -3.06 30.80 112.46
C LEU Y 145 -4.57 30.57 112.45
N THR Y 146 -5.03 29.59 113.23
CA THR Y 146 -6.42 29.18 113.26
C THR Y 146 -7.33 30.12 114.07
N ARG Y 147 -6.88 31.32 114.41
CA ARG Y 147 -7.73 32.30 115.06
C ARG Y 147 -8.74 32.86 114.07
N LEU Y 148 -9.99 32.99 114.52
CA LEU Y 148 -11.08 33.39 113.64
C LEU Y 148 -12.09 34.22 114.42
N ASP Y 149 -12.76 35.13 113.71
CA ASP Y 149 -13.82 35.96 114.26
C ASP Y 149 -15.08 35.78 113.41
N LEU Y 150 -16.24 35.95 114.04
CA LEU Y 150 -17.50 35.70 113.36
C LEU Y 150 -18.55 36.72 113.79
N ARG Y 151 -19.71 36.64 113.15
CA ARG Y 151 -20.88 37.45 113.45
C ARG Y 151 -22.10 36.76 112.84
N ILE Y 152 -23.22 36.80 113.55
CA ILE Y 152 -24.45 36.20 113.05
C ILE Y 152 -25.43 37.29 112.63
N SER Z 2 55.09 -25.69 -28.36
CA SER Z 2 55.60 -25.68 -29.72
C SER Z 2 55.06 -24.51 -30.52
N SER Z 3 55.41 -24.45 -31.80
CA SER Z 3 54.82 -23.43 -32.68
C SER Z 3 53.38 -23.79 -33.04
N ARG Z 4 53.02 -25.07 -32.90
CA ARG Z 4 51.66 -25.48 -33.20
C ARG Z 4 50.73 -25.17 -32.04
N LEU Z 5 51.27 -25.03 -30.83
CA LEU Z 5 50.42 -24.76 -29.68
C LEU Z 5 50.06 -23.29 -29.60
N LEU Z 6 50.75 -22.45 -30.36
CA LEU Z 6 50.46 -21.03 -30.39
C LEU Z 6 49.14 -20.76 -31.12
N PRO Z 7 48.53 -19.61 -30.87
CA PRO Z 7 47.36 -19.21 -31.65
C PRO Z 7 47.71 -18.94 -33.10
N PRO Z 8 46.72 -18.87 -34.01
CA PRO Z 8 47.04 -18.59 -35.42
C PRO Z 8 47.72 -17.25 -35.66
N ASN Z 9 47.33 -16.21 -34.92
CA ASN Z 9 48.08 -14.96 -34.96
C ASN Z 9 49.37 -15.13 -34.18
N ARG Z 10 50.49 -15.16 -34.89
CA ARG Z 10 51.79 -15.20 -34.23
C ARG Z 10 52.82 -14.58 -35.13
N SER Z 11 53.77 -13.89 -34.53
CA SER Z 11 54.89 -13.35 -35.28
C SER Z 11 55.89 -14.46 -35.57
N SER Z 12 56.92 -14.14 -36.34
CA SER Z 12 58.02 -15.08 -36.48
C SER Z 12 58.85 -15.15 -35.21
N LEU Z 13 58.79 -14.13 -34.36
CA LEU Z 13 59.47 -14.17 -33.07
C LEU Z 13 58.79 -15.14 -32.11
N GLU Z 14 57.45 -15.11 -32.05
CA GLU Z 14 56.71 -16.03 -31.20
C GLU Z 14 56.85 -17.47 -31.68
N ARG Z 15 56.79 -17.66 -33.01
CA ARG Z 15 56.97 -18.98 -33.59
C ARG Z 15 58.38 -19.51 -33.37
N SER Z 16 59.39 -18.62 -33.35
CA SER Z 16 60.74 -19.05 -33.02
C SER Z 16 60.88 -19.34 -31.53
N LEU Z 17 60.38 -18.46 -30.68
CA LEU Z 17 60.45 -18.70 -29.23
C LEU Z 17 59.52 -19.83 -28.81
N GLY Z 18 58.50 -20.12 -29.61
CA GLY Z 18 57.71 -21.32 -29.37
C GLY Z 18 58.46 -22.61 -29.65
N ASP Z 19 59.49 -22.55 -30.50
CA ASP Z 19 60.28 -23.72 -30.83
C ASP Z 19 61.53 -23.88 -29.97
N VAL Z 20 61.80 -22.93 -29.07
CA VAL Z 20 63.02 -22.93 -28.26
C VAL Z 20 62.70 -23.01 -26.78
N LEU Z 21 61.75 -22.20 -26.30
CA LEU Z 21 61.48 -22.11 -24.87
C LEU Z 21 60.89 -23.38 -24.23
N PRO Z 22 60.11 -24.25 -24.90
CA PRO Z 22 59.85 -25.57 -24.28
C PRO Z 22 61.10 -26.40 -24.08
N ALA Z 23 61.89 -26.60 -25.13
CA ALA Z 23 63.18 -27.30 -25.11
C ALA Z 23 63.05 -28.72 -24.56
N GLU Z 24 62.37 -29.54 -25.37
CA GLU Z 24 62.04 -30.91 -24.98
C GLU Z 24 63.29 -31.75 -24.76
N LEU Z 25 63.15 -32.78 -23.93
CA LEU Z 25 64.22 -33.64 -23.51
C LEU Z 25 63.78 -35.10 -23.60
N PRO Z 26 64.71 -36.02 -23.85
CA PRO Z 26 64.37 -37.43 -23.72
C PRO Z 26 64.22 -37.80 -22.25
N VAL Z 27 63.38 -38.80 -22.00
CA VAL Z 27 63.21 -39.32 -20.65
C VAL Z 27 63.70 -40.77 -20.68
N PRO Z 28 64.98 -41.03 -20.39
CA PRO Z 28 65.52 -42.39 -20.42
C PRO Z 28 65.31 -43.15 -19.11
N LEU Z 29 64.05 -43.22 -18.66
CA LEU Z 29 63.73 -43.82 -17.38
C LEU Z 29 63.17 -45.23 -17.51
N ARG Z 30 62.35 -45.50 -18.54
CA ARG Z 30 61.88 -46.85 -18.78
C ARG Z 30 62.97 -47.78 -19.28
N GLU Z 31 64.04 -47.21 -19.84
CA GLU Z 31 65.16 -47.99 -20.37
C GLU Z 31 66.07 -48.55 -19.29
N LEU Z 32 65.87 -48.18 -18.02
CA LEU Z 32 66.76 -48.62 -16.96
C LEU Z 32 66.54 -50.06 -16.54
N HIS Z 33 65.35 -50.62 -16.79
CA HIS Z 33 65.05 -51.98 -16.37
C HIS Z 33 64.99 -52.98 -17.52
N ASP Z 34 65.02 -52.53 -18.77
CA ASP Z 34 65.18 -53.42 -19.90
C ASP Z 34 66.67 -53.61 -20.11
N PRO Z 35 67.22 -54.81 -19.93
CA PRO Z 35 68.65 -55.00 -20.16
C PRO Z 35 69.05 -54.88 -21.62
N ALA Z 36 68.13 -55.17 -22.54
CA ALA Z 36 68.38 -54.97 -23.97
C ALA Z 36 68.30 -53.51 -24.40
N ARG Z 37 67.86 -52.61 -23.52
CA ARG Z 37 67.81 -51.19 -23.84
C ARG Z 37 68.59 -50.31 -22.87
N CYS Z 38 69.26 -50.87 -21.88
CA CYS Z 38 70.17 -50.08 -21.07
C CYS Z 38 71.39 -49.66 -21.88
N GLU Z 39 71.93 -48.50 -21.54
CA GLU Z 39 73.20 -48.08 -22.10
C GLU Z 39 74.33 -48.93 -21.50
N ALA Z 40 75.44 -49.01 -22.24
CA ALA Z 40 76.54 -49.86 -21.83
C ALA Z 40 77.30 -49.31 -20.63
N ALA Z 41 77.18 -48.02 -20.35
CA ALA Z 41 77.87 -47.42 -19.22
C ALA Z 41 77.17 -47.70 -17.89
N LEU Z 42 75.87 -48.01 -17.92
CA LEU Z 42 75.12 -48.26 -16.71
C LEU Z 42 74.47 -49.63 -16.68
N LEU Z 43 74.89 -50.54 -17.55
CA LEU Z 43 74.42 -51.92 -17.48
C LEU Z 43 74.78 -52.67 -16.21
N PRO Z 44 75.99 -52.57 -15.62
CA PRO Z 44 76.22 -53.30 -14.35
C PRO Z 44 75.49 -52.74 -13.14
N TYR Z 45 74.82 -51.59 -13.25
CA TYR Z 45 73.87 -51.21 -12.20
C TYR Z 45 72.68 -52.15 -12.18
N LEU Z 46 72.18 -52.51 -13.37
CA LEU Z 46 71.08 -53.47 -13.45
C LEU Z 46 71.55 -54.88 -13.15
N ALA Z 47 72.81 -55.19 -13.44
CA ALA Z 47 73.35 -56.50 -13.09
C ALA Z 47 73.51 -56.67 -11.58
N TRP Z 48 73.61 -55.57 -10.84
CA TRP Z 48 73.65 -55.66 -9.38
C TRP Z 48 72.27 -56.01 -8.81
N THR Z 49 71.22 -55.31 -9.27
CA THR Z 49 69.89 -55.55 -8.73
C THR Z 49 69.28 -56.84 -9.24
N ARG Z 50 69.78 -57.40 -10.34
CA ARG Z 50 69.40 -58.74 -10.74
C ARG Z 50 70.28 -59.81 -10.09
N SER Z 51 71.22 -59.39 -9.23
CA SER Z 51 72.09 -60.26 -8.43
C SER Z 51 72.88 -61.24 -9.30
N VAL Z 52 73.40 -60.74 -10.42
CA VAL Z 52 74.29 -61.52 -11.27
C VAL Z 52 75.58 -61.75 -10.50
N ASP Z 53 75.82 -63.00 -10.08
CA ASP Z 53 76.84 -63.28 -9.08
C ASP Z 53 78.25 -63.12 -9.66
N ARG Z 54 78.45 -63.54 -10.90
CA ARG Z 54 79.76 -63.47 -11.54
C ARG Z 54 79.66 -62.67 -12.83
N TRP Z 55 80.69 -61.87 -13.10
CA TRP Z 55 80.68 -60.88 -14.17
C TRP Z 55 82.09 -60.74 -14.70
N ASP Z 56 82.20 -60.54 -16.01
CA ASP Z 56 83.50 -60.34 -16.64
C ASP Z 56 83.46 -59.08 -17.50
N PRO Z 57 84.44 -58.17 -17.35
CA PRO Z 57 84.52 -57.03 -18.27
C PRO Z 57 85.29 -57.35 -19.55
N ASP Z 58 85.00 -58.51 -20.15
CA ASP Z 58 85.64 -58.94 -21.39
C ASP Z 58 84.64 -59.47 -22.40
N TRP Z 59 83.38 -59.67 -22.02
CA TRP Z 59 82.39 -60.27 -22.88
C TRP Z 59 81.85 -59.25 -23.88
N SER Z 60 81.21 -59.76 -24.92
CA SER Z 60 80.43 -58.90 -25.79
C SER Z 60 79.13 -58.51 -25.07
N ASP Z 61 78.50 -57.44 -25.56
CA ASP Z 61 77.26 -56.99 -24.92
C ASP Z 61 76.11 -57.96 -25.14
N GLU Z 62 76.16 -58.75 -26.22
CA GLU Z 62 75.19 -59.84 -26.36
C GLU Z 62 75.39 -60.91 -25.30
N ALA Z 63 76.62 -61.08 -24.82
CA ALA Z 63 76.91 -61.99 -23.73
C ALA Z 63 76.79 -61.34 -22.36
N LYS Z 64 76.63 -60.02 -22.31
CA LYS Z 64 76.41 -59.32 -21.05
C LYS Z 64 74.94 -59.10 -20.75
N ARG Z 65 74.12 -58.90 -21.78
CA ARG Z 65 72.72 -58.56 -21.57
C ARG Z 65 71.86 -59.80 -21.34
N ASN Z 66 72.23 -60.94 -21.91
CA ASN Z 66 71.49 -62.17 -21.64
C ASN Z 66 71.79 -62.72 -20.25
N ALA Z 67 72.94 -62.38 -19.67
CA ALA Z 67 73.21 -62.73 -18.28
C ALA Z 67 72.37 -61.92 -17.32
N VAL Z 68 71.86 -60.77 -17.75
CA VAL Z 68 70.96 -59.96 -16.94
C VAL Z 68 69.50 -60.29 -17.23
N ALA Z 69 69.18 -60.54 -18.50
CA ALA Z 69 67.81 -60.86 -18.87
C ALA Z 69 67.39 -62.24 -18.37
N THR Z 70 68.28 -63.22 -18.44
CA THR Z 70 68.02 -64.54 -17.91
C THR Z 70 68.60 -64.74 -16.52
N SER Z 71 68.82 -63.64 -15.78
CA SER Z 71 69.25 -63.76 -14.39
C SER Z 71 68.14 -64.26 -13.49
N PHE Z 72 66.88 -64.10 -13.89
CA PHE Z 72 65.77 -64.68 -13.15
C PHE Z 72 65.77 -66.20 -13.26
N VAL Z 73 65.83 -66.70 -14.50
CA VAL Z 73 65.70 -68.12 -14.76
C VAL Z 73 66.90 -68.88 -14.21
N LEU Z 74 68.07 -68.24 -14.19
CA LEU Z 74 69.24 -68.84 -13.55
C LEU Z 74 69.04 -68.93 -12.04
N HIS Z 75 68.72 -67.81 -11.40
CA HIS Z 75 68.59 -67.77 -9.94
C HIS Z 75 67.33 -68.44 -9.43
N GLN Z 76 66.37 -68.75 -10.30
CA GLN Z 76 65.21 -69.51 -9.85
C GLN Z 76 65.58 -70.97 -9.62
N ARG Z 77 66.47 -71.51 -10.46
CA ARG Z 77 66.83 -72.93 -10.43
C ARG Z 77 68.35 -73.03 -10.32
N LYS Z 78 68.89 -72.94 -9.10
CA LYS Z 78 70.35 -73.02 -8.97
C LYS Z 78 70.82 -74.46 -8.84
N GLY Z 79 70.05 -75.30 -8.15
CA GLY Z 79 70.50 -76.67 -7.93
C GLY Z 79 70.32 -77.57 -9.14
N THR Z 80 69.57 -77.10 -10.14
CA THR Z 80 69.29 -77.93 -11.29
C THR Z 80 70.48 -77.97 -12.25
N LEU Z 81 70.43 -78.91 -13.18
CA LEU Z 81 71.38 -78.92 -14.29
C LEU Z 81 70.92 -77.98 -15.40
N THR Z 82 69.60 -77.74 -15.49
CA THR Z 82 69.05 -77.03 -16.65
C THR Z 82 69.38 -75.55 -16.63
N ALA Z 83 69.89 -75.04 -15.50
CA ALA Z 83 70.45 -73.70 -15.52
C ALA Z 83 71.97 -73.75 -15.38
N LEU Z 84 72.53 -74.92 -15.06
CA LEU Z 84 73.96 -75.11 -15.20
C LEU Z 84 74.36 -75.18 -16.66
N ARG Z 85 73.41 -75.58 -17.53
CA ARG Z 85 73.63 -75.53 -18.96
C ARG Z 85 73.71 -74.09 -19.47
N GLN Z 86 72.91 -73.20 -18.89
CA GLN Z 86 72.82 -71.83 -19.39
C GLN Z 86 73.68 -70.84 -18.61
N VAL Z 87 74.25 -71.24 -17.48
CA VAL Z 87 75.18 -70.34 -16.79
C VAL Z 87 76.48 -70.25 -17.58
N VAL Z 88 76.86 -71.30 -18.30
CA VAL Z 88 77.99 -71.21 -19.20
C VAL Z 88 77.42 -70.82 -20.57
N GLU Z 89 77.00 -69.55 -20.69
CA GLU Z 89 76.57 -68.98 -21.97
C GLU Z 89 77.67 -68.31 -22.80
N PRO Z 90 78.53 -67.41 -22.25
CA PRO Z 90 79.53 -66.78 -23.16
C PRO Z 90 80.61 -67.75 -23.60
N ILE Z 91 81.05 -68.64 -22.71
CA ILE Z 91 81.81 -69.80 -23.12
C ILE Z 91 80.82 -70.75 -23.77
N GLY Z 92 80.77 -70.75 -25.10
CA GLY Z 92 79.79 -71.56 -25.80
C GLY Z 92 80.13 -73.03 -25.70
N ALA Z 93 79.37 -73.76 -24.87
CA ALA Z 93 79.72 -75.12 -24.53
C ALA Z 93 78.49 -75.83 -23.99
N LEU Z 94 78.00 -76.84 -24.71
CA LEU Z 94 76.98 -77.74 -24.20
C LEU Z 94 77.20 -79.09 -24.87
N SER Z 95 77.98 -79.96 -24.22
CA SER Z 95 78.42 -81.19 -24.84
C SER Z 95 77.90 -82.44 -24.13
N GLU Z 96 78.20 -82.60 -22.84
CA GLU Z 96 77.98 -83.89 -22.17
C GLU Z 96 77.99 -83.67 -20.67
N VAL Z 97 77.27 -84.52 -19.96
CA VAL Z 97 77.15 -84.46 -18.51
C VAL Z 97 77.05 -85.88 -17.98
N THR Z 98 77.55 -86.11 -16.77
CA THR Z 98 77.55 -87.43 -16.16
C THR Z 98 76.33 -87.63 -15.27
N GLU Z 99 76.01 -88.91 -15.03
CA GLU Z 99 74.90 -89.32 -14.17
C GLU Z 99 75.31 -90.63 -13.52
N TRP Z 100 74.48 -91.12 -12.59
CA TRP Z 100 74.83 -92.24 -11.71
C TRP Z 100 75.09 -93.53 -12.47
N TRP Z 101 74.13 -93.96 -13.30
CA TRP Z 101 74.15 -95.33 -13.81
C TRP Z 101 75.13 -95.55 -14.95
N GLN Z 102 75.78 -94.50 -15.47
CA GLN Z 102 76.85 -94.72 -16.45
C GLN Z 102 78.06 -95.36 -15.81
N ARG Z 103 78.32 -95.09 -14.53
CA ARG Z 103 79.32 -95.83 -13.79
C ARG Z 103 78.65 -97.02 -13.12
N SER Z 104 79.15 -98.21 -13.39
CA SER Z 104 78.54 -99.43 -12.88
C SER Z 104 78.78 -99.67 -11.39
N PRO Z 105 80.03 -99.52 -10.81
CA PRO Z 105 80.11 -99.84 -9.36
C PRO Z 105 79.57 -98.76 -8.42
N THR Z 106 78.23 -98.65 -8.40
CA THR Z 106 77.39 -97.88 -7.45
C THR Z 106 77.87 -96.45 -7.16
N GLY Z 107 78.55 -95.83 -8.12
CA GLY Z 107 79.04 -94.48 -7.96
C GLY Z 107 80.42 -94.42 -7.36
N VAL Z 108 81.01 -93.23 -7.44
CA VAL Z 108 82.37 -93.00 -6.94
C VAL Z 108 82.33 -92.92 -5.42
N PRO Z 109 83.45 -93.18 -4.70
CA PRO Z 109 83.47 -92.84 -3.27
C PRO Z 109 83.44 -91.35 -3.06
N GLY Z 110 82.30 -90.85 -2.59
CA GLY Z 110 82.03 -89.43 -2.56
C GLY Z 110 80.63 -89.17 -3.06
N THR Z 111 79.92 -90.26 -3.39
CA THR Z 111 78.51 -90.28 -3.79
C THR Z 111 78.23 -89.36 -4.98
N PHE Z 112 79.05 -89.52 -6.03
CA PHE Z 112 78.90 -88.89 -7.33
C PHE Z 112 78.91 -87.36 -7.26
N GLU Z 113 80.09 -86.84 -6.97
CA GLU Z 113 80.39 -85.49 -7.42
C GLU Z 113 80.51 -85.49 -8.94
N ILE Z 114 80.10 -84.39 -9.57
CA ILE Z 114 79.96 -84.37 -11.01
C ILE Z 114 81.29 -84.02 -11.67
N THR Z 115 81.52 -84.64 -12.84
CA THR Z 115 82.64 -84.31 -13.73
C THR Z 115 82.02 -84.00 -15.08
N VAL Z 116 81.59 -82.75 -15.27
CA VAL Z 116 80.87 -82.34 -16.47
C VAL Z 116 81.84 -82.16 -17.62
N ASP Z 117 81.32 -82.05 -18.84
CA ASP Z 117 82.12 -81.86 -20.04
C ASP Z 117 81.83 -80.49 -20.61
N VAL Z 118 82.89 -79.69 -20.78
CA VAL Z 118 82.81 -78.34 -21.32
C VAL Z 118 83.62 -78.31 -22.61
N SER Z 119 83.02 -77.80 -23.68
CA SER Z 119 83.66 -77.78 -25.00
C SER Z 119 83.65 -76.37 -25.56
N ASP Z 120 84.77 -75.67 -25.40
CA ASP Z 120 84.92 -74.31 -25.90
C ASP Z 120 85.79 -74.34 -27.16
N ARG Z 121 85.48 -73.47 -28.11
CA ARG Z 121 86.26 -73.35 -29.33
C ARG Z 121 86.71 -71.93 -29.65
N GLY Z 122 86.12 -70.92 -28.99
CA GLY Z 122 86.47 -69.54 -29.31
C GLY Z 122 87.80 -69.11 -28.71
N ILE Z 123 88.00 -69.40 -27.42
CA ILE Z 123 89.20 -69.02 -26.70
C ILE Z 123 89.93 -70.29 -26.29
N ASP Z 124 91.21 -70.38 -26.67
CA ASP Z 124 92.04 -71.54 -26.34
C ASP Z 124 93.08 -71.25 -25.27
N GLU Z 125 93.69 -70.07 -25.29
CA GLU Z 125 94.64 -69.68 -24.26
C GLU Z 125 93.90 -69.35 -22.97
N GLY Z 126 94.35 -69.93 -21.86
CA GLY Z 126 93.69 -69.71 -20.59
C GLY Z 126 92.38 -70.48 -20.47
N THR Z 127 91.29 -69.76 -20.18
CA THR Z 127 89.87 -70.17 -20.14
C THR Z 127 89.59 -71.41 -19.28
N VAL Z 128 90.51 -71.81 -18.41
CA VAL Z 128 90.31 -72.95 -17.52
C VAL Z 128 90.02 -72.50 -16.10
N LEU Z 129 90.77 -71.51 -15.60
CA LEU Z 129 90.73 -71.09 -14.21
C LEU Z 129 89.42 -70.40 -13.81
N GLU Z 130 88.56 -70.06 -14.76
CA GLU Z 130 87.28 -69.45 -14.42
C GLU Z 130 86.19 -70.46 -14.11
N LEU Z 131 86.22 -71.62 -14.77
CA LEU Z 131 85.06 -72.52 -14.73
C LEU Z 131 84.93 -73.28 -13.42
N GLU Z 132 85.99 -73.35 -12.60
CA GLU Z 132 85.81 -73.95 -11.28
C GLU Z 132 85.20 -72.97 -10.28
N ARG Z 133 85.21 -71.68 -10.59
CA ARG Z 133 84.59 -70.68 -9.73
C ARG Z 133 83.41 -69.97 -10.38
N LEU Z 134 83.29 -69.98 -11.71
CA LEU Z 134 82.07 -69.51 -12.35
C LEU Z 134 80.90 -70.45 -12.04
N LEU Z 135 81.17 -71.74 -11.96
CA LEU Z 135 80.17 -72.75 -11.64
C LEU Z 135 79.98 -72.95 -10.15
N ASP Z 136 80.59 -72.09 -9.33
CA ASP Z 136 80.53 -72.27 -7.88
C ASP Z 136 79.19 -71.85 -7.30
N ASP Z 137 78.57 -70.80 -7.85
CA ASP Z 137 77.28 -70.36 -7.34
C ASP Z 137 76.16 -71.34 -7.71
N VAL Z 138 76.24 -71.93 -8.91
CA VAL Z 138 75.27 -72.93 -9.32
C VAL Z 138 75.46 -74.21 -8.51
N ARG Z 139 76.70 -74.51 -8.14
CA ARG Z 139 76.97 -75.67 -7.31
C ARG Z 139 76.50 -75.42 -5.87
N PRO Z 140 75.83 -76.36 -5.23
CA PRO Z 140 75.53 -76.24 -3.79
C PRO Z 140 76.79 -76.34 -2.95
N VAL Z 141 76.64 -76.06 -1.66
CA VAL Z 141 77.82 -75.94 -0.80
C VAL Z 141 78.39 -77.31 -0.47
N SER Z 142 77.55 -78.33 -0.35
CA SER Z 142 78.03 -79.64 0.05
C SER Z 142 77.41 -80.78 -0.74
N ARG Z 143 76.65 -80.48 -1.80
CA ARG Z 143 76.13 -81.55 -2.63
C ARG Z 143 77.17 -82.05 -3.62
N HIS Z 144 78.14 -81.21 -3.98
CA HIS Z 144 79.22 -81.61 -4.87
C HIS Z 144 80.56 -81.44 -4.17
N LEU Z 145 81.58 -82.05 -4.77
CA LEU Z 145 82.97 -81.83 -4.41
C LEU Z 145 83.62 -81.05 -5.55
N THR Z 146 84.85 -80.57 -5.31
CA THR Z 146 85.56 -79.72 -6.26
C THR Z 146 86.21 -80.49 -7.41
N ARG Z 147 85.84 -81.76 -7.63
CA ARG Z 147 86.33 -82.51 -8.78
C ARG Z 147 85.66 -82.00 -10.06
N LEU Z 148 86.46 -81.85 -11.11
CA LEU Z 148 85.98 -81.24 -12.35
C LEU Z 148 86.68 -81.89 -13.54
N ASP Z 149 85.98 -81.91 -14.67
CA ASP Z 149 86.53 -82.42 -15.93
C ASP Z 149 86.37 -81.33 -16.99
N LEU Z 150 87.27 -81.34 -17.98
CA LEU Z 150 87.29 -80.29 -18.99
C LEU Z 150 87.64 -80.87 -20.34
N ARG Z 151 87.57 -80.01 -21.36
CA ARG Z 151 87.95 -80.31 -22.73
C ARG Z 151 88.18 -79.00 -23.46
N ILE Z 152 89.18 -78.98 -24.33
CA ILE Z 152 89.46 -77.77 -25.11
C ILE Z 152 89.06 -77.97 -26.57
N SER AA 2 7.18 -65.62 -11.81
CA SER AA 2 6.82 -66.48 -12.93
C SER AA 2 6.69 -65.68 -14.22
N SER AA 3 6.30 -66.36 -15.29
CA SER AA 3 6.02 -65.66 -16.54
C SER AA 3 4.70 -64.90 -16.47
N ARG AA 4 3.83 -65.30 -15.54
CA ARG AA 4 2.55 -64.62 -15.38
C ARG AA 4 2.71 -63.34 -14.58
N LEU AA 5 3.76 -63.25 -13.76
CA LEU AA 5 3.95 -62.06 -12.94
C LEU AA 5 4.56 -60.92 -13.76
N LEU AA 6 5.09 -61.23 -14.93
CA LEU AA 6 5.67 -60.24 -15.80
C LEU AA 6 4.58 -59.36 -16.41
N PRO AA 7 4.93 -58.15 -16.86
CA PRO AA 7 3.99 -57.31 -17.60
C PRO AA 7 3.62 -57.95 -18.93
N PRO AA 8 2.55 -57.47 -19.59
CA PRO AA 8 2.18 -58.05 -20.91
C PRO AA 8 3.25 -57.88 -21.97
N ASN AA 9 3.94 -56.74 -22.01
CA ASN AA 9 5.11 -56.62 -22.88
C ASN AA 9 6.27 -57.41 -22.29
N ARG AA 10 6.61 -58.51 -22.93
CA ARG AA 10 7.78 -59.27 -22.51
C ARG AA 10 8.34 -60.00 -23.71
N SER AA 11 9.66 -60.13 -23.75
CA SER AA 11 10.30 -60.92 -24.77
C SER AA 11 10.19 -62.39 -24.42
N SER AA 12 10.65 -63.25 -25.32
CA SER AA 12 10.78 -64.66 -24.96
C SER AA 12 11.94 -64.88 -24.01
N LEU AA 13 12.90 -63.95 -23.97
CA LEU AA 13 13.98 -64.03 -22.99
C LEU AA 13 13.49 -63.73 -21.58
N GLU AA 14 12.66 -62.70 -21.42
CA GLU AA 14 12.11 -62.37 -20.11
C GLU AA 14 11.16 -63.45 -19.63
N ARG AA 15 10.34 -63.98 -20.54
CA ARG AA 15 9.42 -65.07 -20.20
C ARG AA 15 10.17 -66.34 -19.84
N SER AA 16 11.32 -66.58 -20.47
CA SER AA 16 12.15 -67.72 -20.09
C SER AA 16 12.85 -67.48 -18.75
N LEU AA 17 13.45 -66.30 -18.58
CA LEU AA 17 14.10 -65.99 -17.31
C LEU AA 17 13.08 -65.78 -16.19
N GLY AA 18 11.84 -65.47 -16.54
CA GLY AA 18 10.79 -65.47 -15.53
C GLY AA 18 10.43 -66.85 -15.03
N ASP AA 19 10.70 -67.88 -15.83
CA ASP AA 19 10.40 -69.26 -15.46
C ASP AA 19 11.57 -69.98 -14.82
N VAL AA 20 12.73 -69.33 -14.70
CA VAL AA 20 13.95 -69.96 -14.20
C VAL AA 20 14.47 -69.25 -12.95
N LEU AA 21 14.54 -67.93 -12.99
CA LEU AA 21 15.13 -67.17 -11.89
C LEU AA 21 14.38 -67.22 -10.55
N PRO AA 22 13.04 -67.36 -10.47
CA PRO AA 22 12.46 -67.69 -9.15
C PRO AA 22 12.93 -69.03 -8.60
N ALA AA 23 12.79 -70.10 -9.38
CA ALA AA 23 13.27 -71.45 -9.07
C ALA AA 23 12.68 -71.96 -7.75
N GLU AA 24 11.36 -72.20 -7.81
CA GLU AA 24 10.59 -72.59 -6.64
C GLU AA 24 11.06 -73.93 -6.07
N LEU AA 25 10.82 -74.10 -4.78
CA LEU AA 25 11.27 -75.26 -4.02
C LEU AA 25 10.13 -75.77 -3.16
N PRO AA 26 10.10 -77.08 -2.87
CA PRO AA 26 9.16 -77.58 -1.87
C PRO AA 26 9.62 -77.17 -0.48
N VAL AA 27 8.65 -77.00 0.42
CA VAL AA 27 8.94 -76.71 1.81
C VAL AA 27 8.45 -77.90 2.62
N PRO AA 28 9.29 -78.91 2.89
CA PRO AA 28 8.87 -80.09 3.64
C PRO AA 28 9.00 -79.89 5.15
N LEU AA 29 8.37 -78.85 5.67
CA LEU AA 29 8.48 -78.49 7.08
C LEU AA 29 7.26 -78.92 7.90
N ARG AA 30 6.05 -78.81 7.34
CA ARG AA 30 4.88 -79.30 8.03
C ARG AA 30 4.82 -80.82 8.09
N GLU AA 31 5.54 -81.51 7.20
CA GLU AA 31 5.58 -82.96 7.15
C GLU AA 31 6.42 -83.58 8.26
N LEU AA 32 7.15 -82.78 9.04
CA LEU AA 32 8.04 -83.33 10.05
C LEU AA 32 7.31 -83.83 11.29
N HIS AA 33 6.09 -83.35 11.53
CA HIS AA 33 5.36 -83.74 12.73
C HIS AA 33 4.18 -84.65 12.46
N ASP AA 34 3.81 -84.86 11.21
CA ASP AA 34 2.84 -85.88 10.86
C ASP AA 34 3.60 -87.17 10.65
N PRO AA 35 3.39 -88.20 11.48
CA PRO AA 35 4.10 -89.46 11.27
C PRO AA 35 3.68 -90.20 10.01
N ALA AA 36 2.45 -90.00 9.55
CA ALA AA 36 1.98 -90.57 8.30
C ALA AA 36 2.51 -89.82 7.08
N ARG AA 37 3.19 -88.69 7.26
CA ARG AA 37 3.76 -87.96 6.15
C ARG AA 37 5.25 -87.70 6.28
N CYS AA 38 5.90 -88.18 7.34
CA CYS AA 38 7.35 -88.13 7.40
C CYS AA 38 7.96 -89.09 6.38
N GLU AA 39 9.13 -88.73 5.88
CA GLU AA 39 9.91 -89.63 5.06
C GLU AA 39 10.49 -90.75 5.94
N ALA AA 40 10.81 -91.87 5.30
CA ALA AA 40 11.26 -93.05 6.04
C ALA AA 40 12.67 -92.88 6.56
N ALA AA 41 13.46 -91.96 5.99
CA ALA AA 41 14.82 -91.76 6.45
C ALA AA 41 14.89 -90.92 7.73
N LEU AA 42 13.85 -90.14 8.03
CA LEU AA 42 13.84 -89.29 9.21
C LEU AA 42 12.67 -89.56 10.13
N LEU AA 43 12.00 -90.70 9.97
CA LEU AA 43 10.96 -91.10 10.91
C LEU AA 43 11.45 -91.36 12.34
N PRO AA 44 12.60 -92.00 12.63
CA PRO AA 44 12.99 -92.14 14.04
C PRO AA 44 13.46 -90.85 14.72
N TYR AA 45 13.59 -89.74 14.00
CA TYR AA 45 13.72 -88.45 14.68
C TYR AA 45 12.43 -88.09 15.39
N LEU AA 46 11.29 -88.33 14.73
CA LEU AA 46 10.00 -88.07 15.36
C LEU AA 46 9.69 -89.11 16.41
N ALA AA 47 10.18 -90.34 16.25
CA ALA AA 47 10.00 -91.35 17.28
C ALA AA 47 10.78 -91.05 18.54
N TRP AA 48 11.84 -90.23 18.44
CA TRP AA 48 12.56 -89.82 19.63
C TRP AA 48 11.77 -88.78 20.43
N THR AA 49 11.23 -87.76 19.74
CA THR AA 49 10.50 -86.72 20.44
C THR AA 49 9.13 -87.16 20.90
N ARG AA 50 8.57 -88.23 20.34
CA ARG AA 50 7.37 -88.85 20.88
C ARG AA 50 7.69 -89.88 21.95
N SER AA 51 8.99 -90.05 22.28
CA SER AA 51 9.49 -90.91 23.36
C SER AA 51 9.02 -92.36 23.20
N VAL AA 52 9.06 -92.86 21.97
CA VAL AA 52 8.77 -94.26 21.69
C VAL AA 52 9.90 -95.08 22.31
N ASP AA 53 9.58 -95.82 23.38
CA ASP AA 53 10.60 -96.40 24.23
C ASP AA 53 11.31 -97.57 23.54
N ARG AA 54 10.58 -98.39 22.81
CA ARG AA 54 11.15 -99.54 22.14
C ARG AA 54 10.86 -99.47 20.65
N TRP AA 55 11.84 -99.88 19.85
CA TRP AA 55 11.83 -99.69 18.41
C TRP AA 55 12.56 -100.86 17.75
N ASP AA 56 12.07 -101.27 16.58
CA ASP AA 56 12.70 -102.36 15.85
C ASP AA 56 12.94 -101.92 14.41
N PRO AA 57 14.14 -102.09 13.87
CA PRO AA 57 14.36 -101.82 12.45
C PRO AA 57 14.04 -103.02 11.56
N ASP AA 58 12.90 -103.68 11.83
CA ASP AA 58 12.44 -104.82 11.07
C ASP AA 58 10.97 -104.72 10.69
N TRP AA 59 10.23 -103.77 11.24
CA TRP AA 59 8.81 -103.66 11.03
C TRP AA 59 8.50 -103.03 9.68
N SER AA 60 7.26 -103.20 9.23
CA SER AA 60 6.78 -102.42 8.10
C SER AA 60 6.52 -100.99 8.55
N ASP AA 61 6.44 -100.08 7.58
CA ASP AA 61 6.20 -98.67 7.92
C ASP AA 61 4.80 -98.44 8.46
N GLU AA 62 3.84 -99.30 8.09
CA GLU AA 62 2.53 -99.24 8.74
C GLU AA 62 2.62 -99.63 10.21
N ALA AA 63 3.57 -100.48 10.58
CA ALA AA 63 3.82 -100.83 11.96
C ALA AA 63 4.81 -99.89 12.64
N LYS AA 64 5.47 -99.02 11.88
CA LYS AA 64 6.36 -98.02 12.46
C LYS AA 64 5.67 -96.69 12.71
N ARG AA 65 4.71 -96.32 11.86
CA ARG AA 65 4.09 -95.00 11.96
C ARG AA 65 2.96 -94.97 12.97
N ASN AA 66 2.27 -96.10 13.20
CA ASN AA 66 1.25 -96.13 14.23
C ASN AA 66 1.85 -96.19 15.63
N ALA AA 67 3.10 -96.65 15.76
CA ALA AA 67 3.79 -96.58 17.04
C ALA AA 67 4.19 -95.15 17.38
N VAL AA 68 4.26 -94.27 16.38
CA VAL AA 68 4.54 -92.87 16.62
C VAL AA 68 3.25 -92.06 16.73
N ALA AA 69 2.25 -92.40 15.92
CA ALA AA 69 0.98 -91.69 15.96
C ALA AA 69 0.21 -91.97 17.25
N THR AA 70 0.21 -93.23 17.70
CA THR AA 70 -0.42 -93.59 18.96
C THR AA 70 0.57 -93.65 20.12
N SER AA 71 1.70 -92.93 19.99
CA SER AA 71 2.63 -92.83 21.11
C SER AA 71 2.09 -91.98 22.23
N PHE AA 72 1.15 -91.08 21.94
CA PHE AA 72 0.49 -90.32 22.99
C PHE AA 72 -0.42 -91.21 23.83
N VAL AA 73 -1.29 -91.97 23.16
CA VAL AA 73 -2.30 -92.78 23.85
C VAL AA 73 -1.65 -93.91 24.63
N LEU AA 74 -0.51 -94.42 24.13
CA LEU AA 74 0.25 -95.40 24.89
C LEU AA 74 0.85 -94.78 26.14
N HIS AA 75 1.59 -93.68 25.99
CA HIS AA 75 2.28 -93.06 27.12
C HIS AA 75 1.34 -92.31 28.06
N GLN AA 76 0.09 -92.07 27.66
CA GLN AA 76 -0.87 -91.48 28.59
C GLN AA 76 -1.30 -92.49 29.63
N ARG AA 77 -1.46 -93.76 29.22
CA ARG AA 77 -1.98 -94.82 30.08
C ARG AA 77 -0.97 -95.98 30.08
N LYS AA 78 0.05 -95.92 30.93
CA LYS AA 78 1.02 -97.00 30.93
C LYS AA 78 0.61 -98.12 31.87
N GLY AA 79 0.00 -97.78 33.01
CA GLY AA 79 -0.35 -98.81 33.97
C GLY AA 79 -1.59 -99.61 33.59
N THR AA 80 -2.33 -99.13 32.60
CA THR AA 80 -3.58 -99.79 32.23
C THR AA 80 -3.30 -101.03 31.39
N LEU AA 81 -4.34 -101.85 31.24
CA LEU AA 81 -4.29 -102.95 30.29
C LEU AA 81 -4.65 -102.47 28.89
N THR AA 82 -5.43 -101.38 28.80
CA THR AA 82 -6.00 -100.96 27.52
C THR AA 82 -4.95 -100.37 26.58
N ALA AA 83 -3.75 -100.07 27.10
CA ALA AA 83 -2.65 -99.74 26.21
C ALA AA 83 -1.61 -100.86 26.19
N LEU AA 84 -1.73 -101.82 27.12
CA LEU AA 84 -0.96 -103.05 26.99
C LEU AA 84 -1.50 -103.89 25.83
N ARG AA 85 -2.78 -103.72 25.50
CA ARG AA 85 -3.35 -104.36 24.32
C ARG AA 85 -2.76 -103.78 23.04
N GLN AA 86 -2.50 -102.47 23.02
CA GLN AA 86 -2.06 -101.81 21.79
C GLN AA 86 -0.55 -101.61 21.71
N VAL AA 87 0.19 -101.88 22.80
CA VAL AA 87 1.65 -101.83 22.69
C VAL AA 87 2.15 -103.03 21.88
N VAL AA 88 1.44 -104.15 21.93
CA VAL AA 88 1.77 -105.26 21.05
C VAL AA 88 0.91 -105.09 19.80
N GLU AA 89 1.28 -104.11 18.97
CA GLU AA 89 0.64 -103.90 17.66
C GLU AA 89 1.31 -104.64 16.50
N PRO AA 90 2.65 -104.58 16.28
CA PRO AA 90 3.19 -105.29 15.10
C PRO AA 90 3.14 -106.80 15.23
N ILE AA 91 3.39 -107.32 16.44
CA ILE AA 91 3.05 -108.69 16.75
C ILE AA 91 1.54 -108.71 16.92
N GLY AA 92 0.82 -109.13 15.88
CA GLY AA 92 -0.63 -109.10 15.93
C GLY AA 92 -1.18 -110.16 16.87
N ALA AA 93 -1.65 -109.70 18.04
CA ALA AA 93 -2.00 -110.62 19.11
C ALA AA 93 -2.92 -109.91 20.09
N LEU AA 94 -4.16 -110.37 20.19
CA LEU AA 94 -5.07 -109.92 21.24
C LEU AA 94 -6.01 -111.09 21.52
N SER AA 95 -5.64 -111.93 22.49
CA SER AA 95 -6.36 -113.18 22.72
C SER AA 95 -7.02 -113.25 24.10
N GLU AA 96 -6.26 -113.12 25.18
CA GLU AA 96 -6.76 -113.44 26.50
C GLU AA 96 -5.86 -112.80 27.55
N VAL AA 97 -6.44 -112.50 28.71
CA VAL AA 97 -5.74 -111.87 29.81
C VAL AA 97 -6.32 -112.41 31.11
N THR AA 98 -5.49 -112.49 32.14
CA THR AA 98 -5.91 -113.02 33.44
C THR AA 98 -6.36 -111.92 34.38
N GLU AA 99 -7.14 -112.31 35.38
CA GLU AA 99 -7.66 -111.41 36.40
C GLU AA 99 -7.79 -112.24 37.69
N TRP AA 100 -8.12 -111.57 38.80
CA TRP AA 100 -8.05 -112.15 40.14
C TRP AA 100 -9.00 -113.34 40.31
N TRP AA 101 -10.28 -113.16 40.02
CA TRP AA 101 -11.29 -114.12 40.45
C TRP AA 101 -11.35 -115.38 39.60
N GLN AA 102 -10.61 -115.46 38.49
CA GLN AA 102 -10.55 -116.71 37.75
C GLN AA 102 -9.77 -117.76 38.53
N ARG AA 103 -8.80 -117.36 39.33
CA ARG AA 103 -8.17 -118.26 40.28
C ARG AA 103 -8.92 -118.19 41.59
N SER AA 104 -9.38 -119.35 42.07
CA SER AA 104 -10.19 -119.39 43.27
C SER AA 104 -9.40 -119.18 44.57
N PRO AA 105 -8.21 -119.85 44.80
CA PRO AA 105 -7.58 -119.58 46.12
C PRO AA 105 -6.85 -118.24 46.25
N THR AA 106 -7.66 -117.17 46.33
CA THR AA 106 -7.30 -115.76 46.70
C THR AA 106 -6.03 -115.23 46.00
N GLY AA 107 -5.76 -115.71 44.79
CA GLY AA 107 -4.61 -115.26 44.03
C GLY AA 107 -3.35 -116.05 44.34
N VAL AA 108 -2.35 -115.86 43.49
CA VAL AA 108 -1.07 -116.57 43.61
C VAL AA 108 -0.27 -115.96 44.75
N PRO AA 109 0.68 -116.69 45.35
CA PRO AA 109 1.62 -116.02 46.28
C PRO AA 109 2.54 -115.08 45.52
N GLY AA 110 2.30 -113.79 45.69
CA GLY AA 110 2.92 -112.77 44.88
C GLY AA 110 1.89 -111.74 44.46
N THR AA 111 0.66 -111.95 44.94
CA THR AA 111 -0.49 -111.04 44.78
C THR AA 111 -0.77 -110.73 43.31
N PHE AA 112 -0.86 -111.80 42.52
CA PHE AA 112 -1.28 -111.79 41.12
C PHE AA 112 -0.39 -110.91 40.24
N GLU AA 113 0.82 -111.40 40.02
CA GLU AA 113 1.53 -111.01 38.82
C GLU AA 113 0.82 -111.63 37.61
N ILE AA 114 0.84 -110.92 36.50
CA ILE AA 114 0.01 -111.32 35.35
C ILE AA 114 0.74 -112.34 34.49
N THR AA 115 -0.04 -113.27 33.94
CA THR AA 115 0.40 -114.23 32.93
C THR AA 115 -0.53 -114.06 31.74
N VAL AA 116 -0.21 -113.10 30.87
CA VAL AA 116 -1.08 -112.75 29.75
C VAL AA 116 -0.93 -113.78 28.63
N ASP AA 117 -1.85 -113.74 27.67
CA ASP AA 117 -1.84 -114.65 26.53
C ASP AA 117 -1.56 -113.86 25.27
N VAL AA 118 -0.51 -114.26 24.54
CA VAL AA 118 -0.09 -113.63 23.29
C VAL AA 118 -0.21 -114.66 22.19
N SER AA 119 -0.87 -114.30 21.09
CA SER AA 119 -1.13 -115.23 19.99
C SER AA 119 -0.64 -114.63 18.68
N ASP AA 120 0.56 -115.01 18.27
CA ASP AA 120 1.16 -114.54 17.03
C ASP AA 120 1.07 -115.64 15.98
N ARG AA 121 0.85 -115.24 14.72
CA ARG AA 121 0.80 -116.18 13.61
C ARG AA 121 1.72 -115.82 12.45
N GLY AA 122 2.22 -114.59 12.41
CA GLY AA 122 3.05 -114.19 11.28
C GLY AA 122 4.47 -114.73 11.36
N ILE AA 123 5.10 -114.59 12.53
CA ILE AA 123 6.48 -115.03 12.74
C ILE AA 123 6.47 -116.15 13.76
N ASP AA 124 7.05 -117.29 13.40
CA ASP AA 124 7.13 -118.45 14.29
C ASP AA 124 8.52 -118.69 14.85
N GLU AA 125 9.57 -118.48 14.05
CA GLU AA 125 10.93 -118.62 14.52
C GLU AA 125 11.30 -117.43 15.40
N GLY AA 126 11.84 -117.70 16.59
CA GLY AA 126 12.18 -116.65 17.51
C GLY AA 126 10.96 -116.07 18.21
N THR AA 127 10.78 -114.74 18.09
CA THR AA 127 9.66 -113.90 18.52
C THR AA 127 9.23 -114.09 19.99
N VAL AA 128 10.06 -114.70 20.81
CA VAL AA 128 9.75 -114.87 22.23
C VAL AA 128 10.55 -113.91 23.10
N LEU AA 129 11.84 -113.74 22.81
CA LEU AA 129 12.76 -112.98 23.64
C LEU AA 129 12.49 -111.48 23.66
N GLU AA 130 11.62 -110.97 22.79
CA GLU AA 130 11.31 -109.56 22.80
C GLU AA 130 10.19 -109.20 23.78
N LEU AA 131 9.22 -110.10 23.97
CA LEU AA 131 7.99 -109.74 24.66
C LEU AA 131 8.17 -109.61 26.17
N GLU AA 132 9.24 -110.15 26.75
CA GLU AA 132 9.47 -109.90 28.18
C GLU AA 132 10.12 -108.55 28.41
N ARG AA 133 10.68 -107.92 27.37
CA ARG AA 133 11.26 -106.61 27.50
C ARG AA 133 10.56 -105.54 26.68
N LEU AA 134 9.79 -105.92 25.66
CA LEU AA 134 8.91 -104.97 24.99
C LEU AA 134 7.79 -104.52 25.91
N LEU AA 135 7.29 -105.42 26.74
CA LEU AA 135 6.25 -105.13 27.71
C LEU AA 135 6.78 -104.58 29.02
N ASP AA 136 8.07 -104.26 29.08
CA ASP AA 136 8.69 -103.81 30.33
C ASP AA 136 8.33 -102.38 30.66
N ASP AA 137 8.23 -101.51 29.64
CA ASP AA 137 7.88 -100.11 29.91
C ASP AA 137 6.42 -99.97 30.32
N VAL AA 138 5.53 -100.77 29.73
CA VAL AA 138 4.12 -100.75 30.13
C VAL AA 138 3.96 -101.34 31.52
N ARG AA 139 4.79 -102.30 31.88
CA ARG AA 139 4.76 -102.87 33.22
C ARG AA 139 5.34 -101.88 34.23
N PRO AA 140 4.70 -101.68 35.38
CA PRO AA 140 5.32 -100.89 36.45
C PRO AA 140 6.52 -101.61 37.05
N VAL AA 141 7.25 -100.88 37.90
CA VAL AA 141 8.52 -101.39 38.40
C VAL AA 141 8.31 -102.48 39.43
N SER AA 142 7.25 -102.39 40.24
CA SER AA 142 7.06 -103.34 41.31
C SER AA 142 5.62 -103.80 41.44
N ARG AA 143 4.73 -103.43 40.51
CA ARG AA 143 3.37 -103.93 40.57
C ARG AA 143 3.27 -105.34 40.00
N HIS AA 144 4.19 -105.71 39.10
CA HIS AA 144 4.21 -107.06 38.54
C HIS AA 144 5.54 -107.73 38.86
N LEU AA 145 5.56 -109.03 38.66
CA LEU AA 145 6.79 -109.83 38.67
C LEU AA 145 7.06 -110.28 37.24
N THR AA 146 8.25 -110.83 37.01
CA THR AA 146 8.70 -111.22 35.67
C THR AA 146 8.11 -112.55 35.18
N ARG AA 147 7.06 -113.06 35.82
CA ARG AA 147 6.37 -114.25 35.33
C ARG AA 147 5.55 -113.90 34.09
N LEU AA 148 5.62 -114.79 33.09
CA LEU AA 148 5.00 -114.52 31.80
C LEU AA 148 4.50 -115.82 31.19
N ASP AA 149 3.44 -115.71 30.39
CA ASP AA 149 2.87 -116.83 29.65
C ASP AA 149 2.82 -116.47 28.17
N LEU AA 150 2.89 -117.50 27.32
CA LEU AA 150 2.96 -117.27 25.88
C LEU AA 150 2.17 -118.34 25.14
N ARG AA 151 2.09 -118.15 23.82
CA ARG AA 151 1.46 -119.09 22.90
C ARG AA 151 1.96 -118.77 21.50
N ILE AA 152 2.19 -119.81 20.70
CA ILE AA 152 2.64 -119.61 19.33
C ILE AA 152 1.51 -119.93 18.35
N MET BA 1 -14.23 52.63 -37.17
CA MET BA 1 -13.42 51.73 -37.98
C MET BA 1 -14.25 51.20 -39.15
N ILE BA 2 -13.65 51.21 -40.33
CA ILE BA 2 -14.32 50.73 -41.54
C ILE BA 2 -14.43 49.22 -41.46
N PRO BA 3 -15.50 48.62 -42.00
CA PRO BA 3 -15.64 47.15 -41.97
C PRO BA 3 -14.66 46.49 -42.94
N GLN BA 4 -13.84 45.59 -42.40
CA GLN BA 4 -12.95 44.78 -43.22
C GLN BA 4 -13.17 43.31 -42.89
N THR BA 5 -12.72 42.47 -43.81
CA THR BA 5 -12.97 41.04 -43.79
C THR BA 5 -12.08 40.38 -44.82
N LEU BA 6 -11.97 39.05 -44.73
CA LEU BA 6 -11.14 38.31 -45.66
C LEU BA 6 -11.83 38.17 -46.99
N THR BA 7 -11.08 38.38 -48.08
CA THR BA 7 -11.58 38.18 -49.43
C THR BA 7 -10.83 37.10 -50.17
N ASN BA 8 -9.50 37.06 -50.07
CA ASN BA 8 -8.69 36.06 -50.74
C ASN BA 8 -7.52 35.69 -49.85
N THR BA 9 -6.86 34.60 -50.19
CA THR BA 9 -5.78 34.09 -49.37
C THR BA 9 -4.70 33.50 -50.27
N ASN BA 10 -3.59 33.11 -49.65
CA ASN BA 10 -2.48 32.51 -50.40
C ASN BA 10 -1.66 31.69 -49.41
N LEU BA 11 -0.71 30.92 -49.95
CA LEU BA 11 0.09 30.02 -49.14
C LEU BA 11 1.40 29.75 -49.86
N PHE BA 12 2.51 29.85 -49.13
CA PHE BA 12 3.83 29.51 -49.64
C PHE BA 12 4.40 28.36 -48.84
N ILE BA 13 5.07 27.42 -49.51
CA ILE BA 13 5.83 26.35 -48.86
C ILE BA 13 7.22 26.38 -49.46
N ASP BA 14 8.20 26.85 -48.67
CA ASP BA 14 9.62 26.85 -49.04
C ASP BA 14 9.85 27.63 -50.34
N GLY BA 15 9.15 28.74 -50.48
CA GLY BA 15 9.36 29.60 -51.63
C GLY BA 15 8.32 29.48 -52.72
N VAL BA 16 7.89 28.27 -53.05
CA VAL BA 16 6.95 28.09 -54.15
C VAL BA 16 5.56 28.48 -53.69
N SER BA 17 4.72 28.90 -54.64
CA SER BA 17 3.41 29.45 -54.34
C SER BA 17 2.33 28.43 -54.67
N PHE BA 18 1.39 28.25 -53.75
CA PHE BA 18 0.21 27.44 -54.01
C PHE BA 18 -0.92 28.37 -54.46
N ALA BA 19 -0.73 28.95 -55.64
CA ALA BA 19 -1.56 30.04 -56.11
C ALA BA 19 -2.87 29.59 -56.73
N GLY BA 20 -3.14 28.28 -56.76
CA GLY BA 20 -4.42 27.81 -57.28
C GLY BA 20 -4.91 26.58 -56.57
N ASP BA 21 -4.42 26.32 -55.36
CA ASP BA 21 -4.55 25.00 -54.76
C ASP BA 21 -5.32 24.99 -53.45
N VAL BA 22 -5.03 25.90 -52.53
CA VAL BA 22 -5.50 25.76 -51.16
C VAL BA 22 -6.91 26.34 -50.99
N PRO BA 23 -7.87 25.55 -50.50
CA PRO BA 23 -9.20 26.09 -50.24
C PRO BA 23 -9.41 26.57 -48.82
N SER BA 24 -8.47 26.27 -47.91
CA SER BA 24 -8.71 26.45 -46.49
C SER BA 24 -7.39 26.70 -45.78
N LEU BA 25 -7.47 27.47 -44.70
CA LEU BA 25 -6.37 27.68 -43.78
C LEU BA 25 -6.86 27.53 -42.36
N THR BA 26 -5.89 27.47 -41.45
CA THR BA 26 -6.16 27.65 -40.02
C THR BA 26 -4.84 28.11 -39.41
N LEU BA 27 -4.77 29.38 -39.01
CA LEU BA 27 -3.65 29.83 -38.21
C LEU BA 27 -3.73 29.17 -36.83
N PRO BA 28 -2.59 28.99 -36.15
CA PRO BA 28 -2.63 28.28 -34.87
C PRO BA 28 -3.36 29.05 -33.78
N LYS BA 29 -4.18 28.31 -33.03
CA LYS BA 29 -4.96 28.87 -31.94
C LYS BA 29 -4.03 29.31 -30.82
N LEU BA 30 -3.82 30.62 -30.71
CA LEU BA 30 -3.06 31.15 -29.60
C LEU BA 30 -3.92 31.15 -28.34
N ALA BA 31 -3.54 30.34 -27.37
CA ALA BA 31 -4.32 30.19 -26.15
C ALA BA 31 -3.38 30.11 -24.96
N VAL BA 32 -3.62 30.93 -23.95
CA VAL BA 32 -2.79 30.91 -22.76
C VAL BA 32 -3.24 29.77 -21.85
N LYS BA 33 -2.27 29.12 -21.21
CA LYS BA 33 -2.54 28.01 -20.30
C LYS BA 33 -2.93 28.59 -18.95
N THR BA 34 -4.20 28.47 -18.58
CA THR BA 34 -4.75 29.08 -17.40
C THR BA 34 -4.91 28.07 -16.28
N GLU BA 35 -4.48 28.46 -15.09
CA GLU BA 35 -4.68 27.69 -13.86
C GLU BA 35 -5.64 28.44 -12.96
N GLN BA 36 -6.69 27.76 -12.52
CA GLN BA 36 -7.73 28.39 -11.73
C GLN BA 36 -7.22 28.68 -10.33
N TYR BA 37 -7.06 29.96 -10.02
CA TYR BA 37 -6.59 30.40 -8.71
C TYR BA 37 -7.77 30.95 -7.92
N ARG BA 38 -8.38 30.11 -7.12
CA ARG BA 38 -9.20 30.59 -6.02
C ARG BA 38 -8.56 30.12 -4.72
N ALA BA 39 -8.66 30.96 -3.71
CA ALA BA 39 -7.87 30.81 -2.51
C ALA BA 39 -8.72 31.24 -1.32
N GLY BA 40 -8.08 31.39 -0.17
CA GLY BA 40 -8.81 31.81 1.01
C GLY BA 40 -9.16 33.28 0.92
N GLY BA 41 -10.44 33.59 1.04
CA GLY BA 41 -10.87 34.97 1.05
C GLY BA 41 -11.48 35.42 -0.25
N MET BA 42 -10.92 34.95 -1.35
CA MET BA 42 -11.37 35.40 -2.66
C MET BA 42 -12.51 34.51 -3.16
N ASP BA 43 -13.41 35.11 -3.93
CA ASP BA 43 -14.69 34.48 -4.25
C ASP BA 43 -14.62 33.67 -5.53
N ALA BA 44 -14.35 34.31 -6.62
CA ALA BA 44 -14.30 33.64 -7.90
C ALA BA 44 -12.87 33.30 -8.28
N PRO BA 45 -12.63 32.17 -8.94
CA PRO BA 45 -11.26 31.84 -9.35
C PRO BA 45 -10.81 32.69 -10.52
N VAL BA 46 -9.63 33.28 -10.39
CA VAL BA 46 -9.01 34.02 -11.47
C VAL BA 46 -8.18 33.06 -12.31
N SER BA 47 -7.93 33.45 -13.54
CA SER BA 47 -7.07 32.69 -14.44
C SER BA 47 -5.77 33.43 -14.65
N ILE BA 48 -4.66 32.70 -14.63
CA ILE BA 48 -3.33 33.29 -14.55
C ILE BA 48 -2.57 32.99 -15.84
N ASP BA 49 -1.90 34.00 -16.38
CA ASP BA 49 -0.98 33.85 -17.51
C ASP BA 49 0.16 32.94 -17.12
N MET BA 50 0.13 31.69 -17.59
CA MET BA 50 1.14 30.71 -17.22
C MET BA 50 1.58 29.89 -18.41
N GLY BA 51 1.87 30.55 -19.53
CA GLY BA 51 2.37 29.89 -20.71
C GLY BA 51 1.29 29.66 -21.75
N LEU BA 52 1.74 29.36 -22.97
CA LEU BA 52 0.85 29.17 -24.09
C LEU BA 52 0.58 27.69 -24.32
N GLU BA 53 -0.48 27.41 -25.07
CA GLU BA 53 -0.83 26.05 -25.41
C GLU BA 53 -0.05 25.59 -26.64
N ALA BA 54 -0.41 24.41 -27.14
CA ALA BA 54 0.24 23.85 -28.31
C ALA BA 54 -0.29 24.52 -29.57
N MET BA 55 0.59 25.21 -30.30
CA MET BA 55 0.20 25.81 -31.56
C MET BA 55 0.18 24.75 -32.65
N GLU BA 56 -0.85 24.82 -33.50
CA GLU BA 56 -0.99 23.86 -34.58
C GLU BA 56 -1.75 24.50 -35.73
N ALA BA 57 -1.16 24.47 -36.92
CA ALA BA 57 -1.67 25.19 -38.08
C ALA BA 57 -2.13 24.21 -39.16
N LYS BA 58 -3.44 24.05 -39.26
CA LYS BA 58 -4.02 23.26 -40.35
C LYS BA 58 -3.98 24.05 -41.65
N PHE BA 59 -3.75 23.33 -42.76
CA PHE BA 59 -4.07 23.86 -44.07
C PHE BA 59 -4.49 22.69 -44.95
N SER BA 60 -5.09 22.99 -46.09
CA SER BA 60 -5.78 22.00 -46.89
C SER BA 60 -5.43 22.19 -48.36
N THR BA 61 -5.47 21.09 -49.11
CA THR BA 61 -5.07 21.09 -50.52
C THR BA 61 -5.91 20.07 -51.28
N ASN BA 62 -6.42 20.48 -52.44
CA ASN BA 62 -7.29 19.63 -53.25
C ASN BA 62 -6.54 18.71 -54.20
N GLY BA 63 -5.28 18.99 -54.52
CA GLY BA 63 -4.54 18.17 -55.45
C GLY BA 63 -3.30 17.59 -54.82
N ALA BA 64 -2.72 16.63 -55.53
CA ALA BA 64 -1.47 16.00 -55.08
C ALA BA 64 -0.33 16.96 -55.35
N ARG BA 65 0.01 17.77 -54.35
CA ARG BA 65 1.12 18.68 -54.47
C ARG BA 65 2.35 18.04 -53.86
N ARG BA 66 3.34 17.79 -54.70
CA ARG BA 66 4.59 17.17 -54.27
C ARG BA 66 5.35 18.08 -53.34
N GLU BA 67 5.15 19.40 -53.46
CA GLU BA 67 5.84 20.35 -52.59
C GLU BA 67 5.28 20.31 -51.18
N ALA BA 68 4.01 19.97 -51.03
CA ALA BA 68 3.42 19.87 -49.70
C ALA BA 68 3.68 18.50 -49.07
N LEU BA 69 3.63 17.44 -49.87
CA LEU BA 69 3.83 16.09 -49.35
C LEU BA 69 5.29 15.77 -49.12
N ASN BA 70 6.20 16.64 -49.55
CA ASN BA 70 7.64 16.41 -49.38
C ASN BA 70 8.05 16.55 -47.92
N PHE BA 71 7.35 17.38 -47.16
CA PHE BA 71 7.83 17.80 -45.85
C PHE BA 71 7.19 17.04 -44.70
N PHE BA 72 6.56 15.90 -44.96
CA PHE BA 72 5.97 15.12 -43.88
C PHE BA 72 7.04 14.26 -43.21
N GLY BA 73 7.15 14.39 -41.89
CA GLY BA 73 7.92 13.46 -41.08
C GLY BA 73 9.41 13.46 -41.34
N LEU BA 74 9.97 14.63 -41.63
CA LEU BA 74 11.40 14.71 -41.86
C LEU BA 74 12.16 14.61 -40.54
N ALA BA 75 13.40 14.13 -40.63
CA ALA BA 75 14.20 13.87 -39.44
C ALA BA 75 14.63 15.15 -38.74
N ASP BA 76 14.63 16.27 -39.44
CA ASP BA 76 14.93 17.56 -38.84
C ASP BA 76 13.65 18.37 -38.65
N GLN BA 77 13.48 18.93 -37.46
CA GLN BA 77 12.38 19.86 -37.28
C GLN BA 77 12.75 21.21 -37.87
N SER BA 78 11.72 22.00 -38.17
CA SER BA 78 11.82 23.29 -38.85
C SER BA 78 12.51 23.17 -40.22
N ALA BA 79 12.30 22.06 -40.89
CA ALA BA 79 12.62 21.95 -42.31
C ALA BA 79 11.48 22.44 -43.17
N PHE BA 80 10.27 22.04 -42.81
CA PHE BA 80 9.06 22.77 -43.18
C PHE BA 80 9.16 24.19 -42.67
N ASN BA 81 8.83 25.17 -43.51
CA ASN BA 81 8.58 26.51 -42.99
C ASN BA 81 7.14 26.96 -43.24
N GLY BA 82 6.72 27.18 -44.49
CA GLY BA 82 5.38 27.67 -44.70
C GLY BA 82 5.16 29.14 -44.42
N VAL BA 83 4.41 29.84 -45.26
CA VAL BA 83 4.00 31.23 -45.04
C VAL BA 83 2.54 31.36 -45.41
N PHE BA 84 1.71 31.76 -44.45
CA PHE BA 84 0.27 31.93 -44.70
C PHE BA 84 -0.03 33.41 -44.87
N ARG BA 85 -0.77 33.74 -45.92
CA ARG BA 85 -1.06 35.13 -46.25
C ARG BA 85 -2.55 35.34 -46.44
N GLY BA 86 -3.03 36.51 -45.98
CA GLY BA 86 -4.39 36.91 -46.21
C GLY BA 86 -4.43 38.36 -46.67
N SER BA 87 -5.61 38.77 -47.13
CA SER BA 87 -5.80 40.13 -47.64
C SER BA 87 -7.17 40.62 -47.19
N PHE BA 88 -7.20 41.64 -46.35
CA PHE BA 88 -8.44 42.15 -45.77
C PHE BA 88 -8.74 43.50 -46.39
N LYS BA 89 -9.88 43.62 -47.07
CA LYS BA 89 -10.04 44.69 -48.05
C LYS BA 89 -10.50 46.02 -47.47
N GLY BA 90 -11.24 46.05 -46.37
CA GLY BA 90 -11.85 47.28 -45.92
C GLY BA 90 -13.08 47.68 -46.73
N GLN BA 91 -13.68 48.79 -46.31
CA GLN BA 91 -14.84 49.34 -47.01
C GLN BA 91 -14.45 50.31 -48.11
N LYS BA 92 -13.28 50.93 -48.02
CA LYS BA 92 -12.83 51.90 -49.01
C LYS BA 92 -11.71 51.34 -49.89
N GLY BA 93 -11.58 50.02 -49.96
CA GLY BA 93 -10.61 49.38 -50.83
C GLY BA 93 -9.20 49.28 -50.28
N ALA BA 94 -8.95 49.78 -49.07
CA ALA BA 94 -7.61 49.75 -48.50
C ALA BA 94 -7.33 48.34 -48.01
N SER BA 95 -6.73 47.52 -48.88
CA SER BA 95 -6.46 46.14 -48.55
C SER BA 95 -5.27 46.03 -47.62
N VAL BA 96 -5.39 45.15 -46.62
CA VAL BA 96 -4.43 45.06 -45.52
C VAL BA 96 -3.76 43.68 -45.55
N PRO BA 97 -2.45 43.60 -45.82
CA PRO BA 97 -1.81 42.29 -45.96
C PRO BA 97 -1.51 41.59 -44.64
N VAL BA 98 -2.30 40.58 -44.28
CA VAL BA 98 -2.07 39.81 -43.07
C VAL BA 98 -1.21 38.61 -43.45
N VAL BA 99 0.06 38.64 -43.04
CA VAL BA 99 1.01 37.59 -43.35
C VAL BA 99 1.46 36.94 -42.05
N ALA BA 100 1.47 35.61 -42.03
CA ALA BA 100 1.80 34.83 -40.83
C ALA BA 100 2.90 33.85 -41.18
N THR BA 101 4.14 34.19 -40.86
CA THR BA 101 5.28 33.33 -41.14
C THR BA 101 5.45 32.36 -39.98
N LEU BA 102 5.11 31.10 -40.21
CA LEU BA 102 5.36 30.04 -39.25
C LEU BA 102 6.52 29.18 -39.74
N ARG BA 103 7.10 28.40 -38.83
CA ARG BA 103 8.26 27.55 -39.16
C ARG BA 103 8.18 26.21 -38.44
N GLY BA 104 7.01 25.57 -38.45
CA GLY BA 104 6.79 24.37 -37.68
C GLY BA 104 7.23 23.10 -38.39
N LEU BA 105 6.86 21.98 -37.78
CA LEU BA 105 7.05 20.65 -38.33
C LEU BA 105 5.72 20.12 -38.86
N LEU BA 106 5.72 19.57 -40.07
CA LEU BA 106 4.48 19.07 -40.66
C LEU BA 106 4.11 17.76 -39.95
N LYS BA 107 2.89 17.70 -39.46
CA LYS BA 107 2.47 16.75 -38.44
C LYS BA 107 1.56 15.64 -38.95
N GLU BA 108 0.66 15.93 -39.89
CA GLU BA 108 -0.40 14.99 -40.20
C GLU BA 108 -0.82 15.20 -41.64
N VAL BA 109 -0.93 14.10 -42.38
CA VAL BA 109 -1.47 14.09 -43.74
C VAL BA 109 -2.56 13.04 -43.79
N ASP BA 110 -3.79 13.46 -44.10
CA ASP BA 110 -4.89 12.52 -44.32
C ASP BA 110 -5.65 12.87 -45.58
N PRO BA 111 -5.31 12.24 -46.70
CA PRO BA 111 -6.26 12.19 -47.82
C PRO BA 111 -7.51 11.46 -47.40
N GLY BA 112 -8.62 12.18 -47.38
CA GLY BA 112 -9.84 11.66 -46.80
C GLY BA 112 -10.61 10.72 -47.71
N ASP BA 113 -11.91 10.92 -47.78
CA ASP BA 113 -12.78 10.04 -48.54
C ASP BA 113 -12.61 10.34 -50.03
N TRP BA 114 -11.94 9.44 -50.75
CA TRP BA 114 -11.83 9.55 -52.20
C TRP BA 114 -13.08 8.95 -52.87
N LYS BA 115 -14.17 9.70 -52.78
CA LYS BA 115 -15.32 9.35 -53.60
C LYS BA 115 -15.05 9.73 -55.05
N ALA BA 116 -15.82 9.14 -55.95
CA ALA BA 116 -15.54 9.28 -57.38
C ALA BA 116 -15.88 10.67 -57.88
N GLY BA 117 -17.15 11.05 -57.80
CA GLY BA 117 -17.59 12.35 -58.29
C GLY BA 117 -17.15 13.51 -57.41
N GLU BA 118 -17.13 13.29 -56.10
CA GLU BA 118 -16.76 14.33 -55.16
C GLU BA 118 -15.26 14.62 -55.25
N LYS BA 119 -14.90 15.90 -55.14
CA LYS BA 119 -13.50 16.28 -55.12
C LYS BA 119 -12.82 15.77 -53.85
N ALA BA 120 -11.53 15.50 -53.96
CA ALA BA 120 -10.75 15.00 -52.84
C ALA BA 120 -10.07 16.15 -52.12
N GLU BA 121 -9.71 15.92 -50.86
CA GLU BA 121 -9.06 16.92 -50.05
C GLU BA 121 -7.91 16.30 -49.29
N PHE BA 122 -6.77 16.98 -49.26
CA PHE BA 122 -5.61 16.55 -48.47
C PHE BA 122 -5.49 17.51 -47.30
N LYS BA 123 -6.05 17.13 -46.16
CA LYS BA 123 -5.88 17.95 -44.96
C LYS BA 123 -4.46 17.81 -44.44
N TYR BA 124 -3.86 18.93 -44.07
CA TYR BA 124 -2.53 18.94 -43.47
C TYR BA 124 -2.60 19.50 -42.07
N ALA BA 125 -1.56 19.23 -41.29
CA ALA BA 125 -1.45 19.78 -39.94
C ALA BA 125 0.02 20.03 -39.65
N VAL BA 126 0.31 21.15 -39.01
CA VAL BA 126 1.68 21.59 -38.80
C VAL BA 126 1.89 21.79 -37.31
N ALA BA 127 2.80 21.01 -36.73
CA ALA BA 127 3.20 21.21 -35.34
C ALA BA 127 4.09 22.43 -35.30
N VAL BA 128 3.51 23.57 -34.92
CA VAL BA 128 4.16 24.87 -35.06
C VAL BA 128 5.23 25.03 -34.00
N SER BA 129 6.46 25.28 -34.44
CA SER BA 129 7.61 25.51 -33.58
C SER BA 129 8.10 26.95 -33.63
N TYR BA 130 7.43 27.81 -34.39
CA TYR BA 130 7.71 29.24 -34.51
C TYR BA 130 6.52 29.92 -35.16
N TYR BA 131 6.09 31.07 -34.65
CA TYR BA 131 4.92 31.74 -35.20
C TYR BA 131 5.13 33.24 -35.15
N LYS BA 132 4.68 33.92 -36.20
CA LYS BA 132 4.97 35.34 -36.37
C LYS BA 132 3.86 35.95 -37.22
N LEU BA 133 2.95 36.69 -36.58
CA LEU BA 133 1.83 37.30 -37.27
C LEU BA 133 2.10 38.79 -37.49
N GLU BA 134 1.80 39.26 -38.70
CA GLU BA 134 1.95 40.66 -39.07
C GLU BA 134 0.65 41.14 -39.67
N VAL BA 135 0.06 42.19 -39.10
CA VAL BA 135 -1.25 42.63 -39.55
C VAL BA 135 -1.16 43.48 -40.82
N ASP BA 136 -0.38 44.56 -40.80
CA ASP BA 136 -0.24 45.37 -42.00
C ASP BA 136 1.20 45.36 -42.52
N GLY BA 137 2.15 45.85 -41.73
CA GLY BA 137 3.55 45.67 -42.01
C GLY BA 137 4.27 45.49 -40.69
N ARG BA 138 3.51 45.66 -39.62
CA ARG BA 138 4.06 45.69 -38.27
C ARG BA 138 3.87 44.34 -37.61
N GLU BA 139 4.83 43.97 -36.77
CA GLU BA 139 4.91 42.61 -36.23
C GLU BA 139 4.11 42.54 -34.93
N VAL BA 140 2.98 41.83 -34.97
CA VAL BA 140 2.12 41.76 -33.79
C VAL BA 140 2.57 40.64 -32.86
N TYR BA 141 2.59 39.41 -33.36
CA TYR BA 141 3.01 38.26 -32.58
C TYR BA 141 4.36 37.77 -33.08
N GLU BA 142 5.14 37.25 -32.15
CA GLU BA 142 6.38 36.55 -32.50
C GLU BA 142 6.61 35.53 -31.38
N ILE BA 143 6.19 34.30 -31.63
CA ILE BA 143 6.12 33.29 -30.58
C ILE BA 143 7.31 32.36 -30.79
N ASP BA 144 8.29 32.44 -29.89
CA ASP BA 144 9.35 31.45 -29.82
C ASP BA 144 8.98 30.48 -28.70
N PRO BA 145 8.64 29.25 -29.00
CA PRO BA 145 8.53 28.25 -27.94
C PRO BA 145 9.88 27.90 -27.37
N VAL BA 146 10.83 27.52 -28.24
CA VAL BA 146 12.12 27.00 -27.80
C VAL BA 146 13.03 28.10 -27.27
N ASN BA 147 12.79 29.35 -27.62
CA ASN BA 147 13.51 30.48 -27.05
C ASN BA 147 12.61 31.23 -26.07
N GLY BA 148 13.22 32.10 -25.28
CA GLY BA 148 12.45 32.80 -24.27
C GLY BA 148 11.92 34.15 -24.73
N VAL BA 149 11.47 34.23 -25.98
CA VAL BA 149 11.03 35.49 -26.57
C VAL BA 149 9.59 35.30 -27.04
N ARG BA 150 8.63 35.77 -26.25
CA ARG BA 150 7.25 35.90 -26.65
C ARG BA 150 6.97 37.37 -26.87
N ALA BA 151 7.09 37.82 -28.11
CA ALA BA 151 6.99 39.23 -28.45
C ALA BA 151 5.55 39.54 -28.84
N ILE BA 152 4.88 40.32 -28.01
CA ILE BA 152 3.56 40.86 -28.32
C ILE BA 152 3.75 42.34 -28.62
N ASN BA 153 3.36 42.74 -29.83
CA ASN BA 153 3.54 44.12 -30.35
C ASN BA 153 5.01 44.54 -30.34
N GLY BA 154 5.91 43.60 -30.63
CA GLY BA 154 7.32 43.93 -30.77
C GLY BA 154 8.12 43.98 -29.49
N VAL BA 155 7.48 43.92 -28.33
CA VAL BA 155 8.17 43.93 -27.05
C VAL BA 155 8.01 42.55 -26.41
N ASP BA 156 9.10 42.03 -25.84
CA ASP BA 156 9.11 40.68 -25.29
C ASP BA 156 8.40 40.69 -23.95
N GLN BA 157 7.40 39.81 -23.80
CA GLN BA 157 6.67 39.76 -22.54
C GLN BA 157 7.31 38.82 -21.55
N LEU BA 158 8.08 37.84 -22.05
CA LEU BA 158 8.78 36.93 -21.15
C LEU BA 158 10.00 37.60 -20.52
N ALA BA 159 10.57 38.59 -21.22
CA ALA BA 159 11.67 39.34 -20.64
C ALA BA 159 11.19 40.24 -19.52
N GLY BA 160 9.96 40.73 -19.61
CA GLY BA 160 9.41 41.56 -18.55
C GLY BA 160 9.06 40.76 -17.31
N MET BA 161 8.87 39.45 -17.47
CA MET BA 161 8.61 38.59 -16.31
C MET BA 161 9.87 38.33 -15.52
N ARG BA 162 11.03 38.41 -16.17
CA ARG BA 162 12.29 38.18 -15.45
C ARG BA 162 12.74 39.43 -14.71
N ASN BA 163 12.36 40.61 -15.20
CA ASN BA 163 12.73 41.84 -14.51
C ASN BA 163 11.88 42.06 -13.28
N ASP BA 164 10.70 41.45 -13.24
CA ASP BA 164 9.81 41.60 -12.08
C ASP BA 164 10.26 40.73 -10.92
N LEU BA 165 11.14 39.77 -11.19
CA LEU BA 165 11.65 38.88 -10.14
C LEU BA 165 13.15 39.03 -9.99
N MET CA 1 -46.39 -13.89 -44.79
CA MET CA 1 -47.01 -13.09 -43.74
C MET CA 1 -47.47 -11.75 -44.30
N ILE CA 2 -48.69 -11.37 -43.97
CA ILE CA 2 -49.26 -10.10 -44.42
C ILE CA 2 -48.55 -8.96 -43.70
N PRO CA 3 -48.37 -7.81 -44.35
CA PRO CA 3 -47.70 -6.68 -43.68
C PRO CA 3 -48.61 -6.04 -42.63
N GLN CA 4 -48.13 -5.98 -41.40
CA GLN CA 4 -48.83 -5.29 -40.34
C GLN CA 4 -47.90 -4.28 -39.69
N THR CA 5 -48.50 -3.33 -38.98
CA THR CA 5 -47.82 -2.17 -38.43
C THR CA 5 -48.77 -1.47 -37.47
N LEU CA 6 -48.21 -0.58 -36.66
CA LEU CA 6 -49.02 0.14 -35.69
C LEU CA 6 -49.81 1.24 -36.36
N THR CA 7 -51.08 1.35 -36.00
CA THR CA 7 -51.95 2.42 -36.47
C THR CA 7 -52.43 3.34 -35.37
N ASN CA 8 -52.82 2.78 -34.23
CA ASN CA 8 -53.32 3.57 -33.11
C ASN CA 8 -52.86 2.90 -31.82
N THR CA 9 -52.98 3.65 -30.72
CA THR CA 9 -52.50 3.17 -29.44
C THR CA 9 -53.42 3.67 -28.35
N ASN CA 10 -53.18 3.20 -27.13
CA ASN CA 10 -53.99 3.61 -25.98
C ASN CA 10 -53.15 3.37 -24.73
N LEU CA 11 -53.67 3.86 -23.60
CA LEU CA 11 -52.93 3.78 -22.34
C LEU CA 11 -53.94 3.85 -21.19
N PHE CA 12 -53.79 2.96 -20.22
CA PHE CA 12 -54.60 2.96 -19.01
C PHE CA 12 -53.68 3.17 -17.81
N ILE CA 13 -54.13 3.97 -16.85
CA ILE CA 13 -53.45 4.12 -15.55
C ILE CA 13 -54.49 3.88 -14.48
N ASP CA 14 -54.40 2.72 -13.80
CA ASP CA 14 -55.25 2.35 -12.67
C ASP CA 14 -56.73 2.37 -13.06
N GLY CA 15 -57.03 1.89 -14.26
CA GLY CA 15 -58.39 1.77 -14.69
C GLY CA 15 -58.87 2.85 -15.64
N VAL CA 16 -58.50 4.11 -15.40
CA VAL CA 16 -58.99 5.19 -16.24
C VAL CA 16 -58.22 5.21 -17.54
N SER CA 17 -58.86 5.73 -18.59
CA SER CA 17 -58.33 5.68 -19.94
C SER CA 17 -57.79 7.04 -20.34
N PHE CA 18 -56.59 7.06 -20.91
CA PHE CA 18 -56.05 8.27 -21.51
C PHE CA 18 -56.35 8.25 -23.00
N ALA CA 19 -57.63 8.37 -23.31
CA ALA CA 19 -58.15 8.14 -24.65
C ALA CA 19 -57.98 9.33 -25.58
N GLY CA 20 -57.40 10.43 -25.12
CA GLY CA 20 -57.15 11.55 -25.99
C GLY CA 20 -55.88 12.29 -25.66
N ASP CA 21 -54.96 11.65 -24.95
CA ASP CA 21 -53.88 12.36 -24.28
C ASP CA 21 -52.50 11.98 -24.75
N VAL CA 22 -52.20 10.69 -24.87
CA VAL CA 22 -50.81 10.26 -25.00
C VAL CA 22 -50.36 10.28 -26.47
N PRO CA 23 -49.28 11.00 -26.79
CA PRO CA 23 -48.77 10.97 -28.16
C PRO CA 23 -47.68 9.93 -28.40
N SER CA 24 -47.17 9.31 -27.34
CA SER CA 24 -45.96 8.51 -27.45
C SER CA 24 -45.96 7.43 -26.38
N LEU CA 25 -45.33 6.31 -26.73
CA LEU CA 25 -45.07 5.22 -25.80
C LEU CA 25 -43.64 4.77 -25.94
N THR CA 26 -43.22 3.95 -24.98
CA THR CA 26 -42.00 3.16 -25.11
C THR CA 26 -42.19 1.97 -24.17
N LEU CA 27 -42.36 0.78 -24.74
CA LEU CA 27 -42.30 -0.42 -23.94
C LEU CA 27 -40.86 -0.65 -23.48
N PRO CA 28 -40.65 -1.31 -22.34
CA PRO CA 28 -39.29 -1.45 -21.82
C PRO CA 28 -38.41 -2.32 -22.70
N LYS CA 29 -37.18 -1.84 -22.89
CA LYS CA 29 -36.19 -2.54 -23.70
C LYS CA 29 -35.79 -3.83 -23.01
N LEU CA 30 -36.28 -4.95 -23.52
CA LEU CA 30 -35.86 -6.25 -23.02
C LEU CA 30 -34.48 -6.57 -23.57
N ALA CA 31 -33.48 -6.65 -22.69
CA ALA CA 31 -32.11 -6.88 -23.12
C ALA CA 31 -31.45 -7.81 -22.12
N VAL CA 32 -30.83 -8.87 -22.63
CA VAL CA 32 -30.14 -9.82 -21.77
C VAL CA 32 -28.76 -9.28 -21.41
N LYS CA 33 -28.33 -9.51 -20.18
CA LYS CA 33 -27.03 -9.05 -19.70
C LYS CA 33 -25.99 -10.05 -20.16
N THR CA 34 -25.15 -9.64 -21.10
CA THR CA 34 -24.19 -10.54 -21.73
C THR CA 34 -22.80 -10.31 -21.19
N GLU CA 35 -22.11 -11.41 -20.87
CA GLU CA 35 -20.72 -11.40 -20.48
C GLU CA 35 -19.88 -12.08 -21.56
N GLN CA 36 -18.85 -11.38 -22.02
CA GLN CA 36 -18.04 -11.86 -23.13
C GLN CA 36 -17.18 -13.03 -22.67
N TYR CA 37 -17.48 -14.22 -23.18
CA TYR CA 37 -16.75 -15.43 -22.84
C TYR CA 37 -15.86 -15.79 -24.02
N ARG CA 38 -14.61 -15.35 -23.98
CA ARG CA 38 -13.57 -15.98 -24.77
C ARG CA 38 -12.55 -16.57 -23.82
N ALA CA 39 -12.00 -17.70 -24.22
CA ALA CA 39 -11.24 -18.54 -23.32
C ALA CA 39 -10.09 -19.15 -24.10
N GLY CA 40 -9.43 -20.13 -23.50
CA GLY CA 40 -8.34 -20.80 -24.18
C GLY CA 40 -8.85 -21.72 -25.27
N GLY CA 41 -8.39 -21.50 -26.48
CA GLY CA 41 -8.75 -22.37 -27.58
C GLY CA 41 -9.79 -21.77 -28.50
N MET CA 42 -10.74 -21.05 -27.93
CA MET CA 42 -11.84 -20.51 -28.72
C MET CA 42 -11.47 -19.13 -29.25
N ASP CA 43 -12.00 -18.82 -30.43
CA ASP CA 43 -11.54 -17.67 -31.20
C ASP CA 43 -12.31 -16.41 -30.90
N ALA CA 44 -13.58 -16.42 -31.15
CA ALA CA 44 -14.39 -15.24 -30.91
C ALA CA 44 -15.13 -15.36 -29.58
N PRO CA 45 -15.33 -14.26 -28.87
CA PRO CA 45 -16.06 -14.33 -27.61
C PRO CA 45 -17.55 -14.52 -27.83
N VAL CA 46 -18.12 -15.49 -27.14
CA VAL CA 46 -19.57 -15.72 -27.16
C VAL CA 46 -20.20 -14.87 -26.06
N SER CA 47 -21.48 -14.60 -26.22
CA SER CA 47 -22.25 -13.89 -25.20
C SER CA 47 -23.22 -14.86 -24.55
N ILE CA 48 -23.35 -14.75 -23.23
CA ILE CA 48 -24.02 -15.76 -22.42
C ILE CA 48 -25.26 -15.14 -21.80
N ASP CA 49 -26.37 -15.88 -21.83
CA ASP CA 49 -27.61 -15.53 -21.15
C ASP CA 49 -27.35 -15.50 -19.65
N MET CA 50 -27.25 -14.31 -19.07
CA MET CA 50 -26.94 -14.17 -17.65
C MET CA 50 -27.79 -13.09 -17.01
N GLY CA 51 -29.08 -13.11 -17.27
CA GLY CA 51 -30.01 -12.17 -16.65
C GLY CA 51 -30.38 -11.02 -17.56
N LEU CA 52 -31.44 -10.33 -17.18
CA LEU CA 52 -31.96 -9.23 -17.97
C LEU CA 52 -31.46 -7.90 -17.43
N GLU CA 53 -31.58 -6.87 -18.27
CA GLU CA 53 -31.20 -5.53 -17.89
C GLU CA 53 -32.34 -4.84 -17.16
N ALA CA 54 -32.15 -3.55 -16.89
CA ALA CA 54 -33.16 -2.76 -16.20
C ALA CA 54 -34.28 -2.38 -17.16
N MET CA 55 -35.48 -2.85 -16.89
CA MET CA 55 -36.63 -2.48 -17.70
C MET CA 55 -37.12 -1.10 -17.31
N GLU CA 56 -37.46 -0.29 -18.31
CA GLU CA 56 -37.93 1.07 -18.06
C GLU CA 56 -38.85 1.49 -19.19
N ALA CA 57 -40.07 1.93 -18.83
CA ALA CA 57 -41.13 2.20 -19.79
C ALA CA 57 -41.46 3.68 -19.79
N LYS CA 58 -40.98 4.38 -20.82
CA LYS CA 58 -41.36 5.77 -21.03
C LYS CA 58 -42.77 5.86 -21.58
N PHE CA 59 -43.50 6.90 -21.15
CA PHE CA 59 -44.69 7.33 -21.87
C PHE CA 59 -44.80 8.84 -21.72
N SER CA 60 -45.65 9.46 -22.53
CA SER CA 60 -45.66 10.91 -22.67
C SER CA 60 -47.08 11.41 -22.68
N THR CA 61 -47.28 12.64 -22.23
CA THR CA 61 -48.60 13.24 -22.07
C THR CA 61 -48.52 14.74 -22.34
N ASN CA 62 -49.45 15.25 -23.14
CA ASN CA 62 -49.47 16.66 -23.51
C ASN CA 62 -50.18 17.56 -22.52
N GLY CA 63 -51.04 17.02 -21.66
CA GLY CA 63 -51.78 17.84 -20.73
C GLY CA 63 -51.49 17.46 -19.29
N ALA CA 64 -51.92 18.32 -18.38
CA ALA CA 64 -51.78 18.07 -16.96
C ALA CA 64 -52.82 17.04 -16.54
N ARG CA 65 -52.44 15.78 -16.56
CA ARG CA 65 -53.32 14.70 -16.13
C ARG CA 65 -53.01 14.38 -14.68
N ARG CA 66 -54.01 14.63 -13.83
CA ARG CA 66 -53.87 14.38 -12.40
C ARG CA 66 -53.74 12.88 -12.13
N GLU CA 67 -54.30 12.05 -13.01
CA GLU CA 67 -54.21 10.61 -12.83
C GLU CA 67 -52.80 10.09 -13.09
N ALA CA 68 -52.05 10.78 -13.95
CA ALA CA 68 -50.68 10.37 -14.23
C ALA CA 68 -49.72 10.95 -13.20
N LEU CA 69 -49.94 12.20 -12.78
CA LEU CA 69 -49.05 12.86 -11.82
C LEU CA 69 -49.29 12.40 -10.39
N ASN CA 70 -50.35 11.61 -10.16
CA ASN CA 70 -50.65 11.13 -8.81
C ASN CA 70 -49.65 10.08 -8.35
N PHE CA 71 -49.07 9.33 -9.28
CA PHE CA 71 -48.33 8.13 -8.92
C PHE CA 71 -46.83 8.34 -8.90
N PHE CA 72 -46.35 9.58 -8.85
CA PHE CA 72 -44.92 9.82 -8.79
C PHE CA 72 -44.42 9.69 -7.36
N GLY CA 73 -43.41 8.85 -7.16
CA GLY CA 73 -42.66 8.80 -5.91
C GLY CA 73 -43.46 8.36 -4.71
N LEU CA 74 -44.37 7.41 -4.89
CA LEU CA 74 -45.14 6.91 -3.77
C LEU CA 74 -44.29 5.99 -2.91
N ALA CA 75 -44.64 5.91 -1.62
CA ALA CA 75 -43.85 5.15 -0.67
C ALA CA 75 -43.93 3.65 -0.90
N ASP CA 76 -44.97 3.18 -1.58
CA ASP CA 76 -45.09 1.78 -1.94
C ASP CA 76 -44.76 1.58 -3.42
N GLN CA 77 -43.92 0.59 -3.70
CA GLN CA 77 -43.71 0.22 -5.09
C GLN CA 77 -44.88 -0.61 -5.58
N SER CA 78 -45.05 -0.64 -6.91
CA SER CA 78 -46.17 -1.28 -7.61
C SER CA 78 -47.53 -0.75 -7.15
N ALA CA 79 -47.57 0.55 -6.81
CA ALA CA 79 -48.83 1.25 -6.66
C ALA CA 79 -49.31 1.80 -8.00
N PHE CA 80 -48.39 2.38 -8.75
CA PHE CA 80 -48.53 2.51 -10.19
C PHE CA 80 -48.70 1.13 -10.81
N ASN CA 81 -49.66 0.98 -11.71
CA ASN CA 81 -49.66 -0.21 -12.57
C ASN CA 81 -49.50 0.15 -14.05
N GLY CA 82 -50.46 0.82 -14.67
CA GLY CA 82 -50.33 1.10 -16.09
C GLY CA 82 -50.58 -0.07 -17.01
N VAL CA 83 -51.28 0.15 -18.12
CA VAL CA 83 -51.48 -0.85 -19.17
C VAL CA 83 -51.28 -0.17 -20.52
N PHE CA 84 -50.33 -0.65 -21.31
CA PHE CA 84 -50.05 -0.08 -22.62
C PHE CA 84 -50.66 -0.98 -23.69
N ARG CA 85 -51.38 -0.38 -24.63
CA ARG CA 85 -52.11 -1.13 -25.64
C ARG CA 85 -51.78 -0.61 -27.03
N GLY CA 86 -51.67 -1.53 -27.98
CA GLY CA 86 -51.51 -1.18 -29.37
C GLY CA 86 -52.44 -2.00 -30.24
N SER CA 87 -52.55 -1.60 -31.50
CA SER CA 87 -53.43 -2.27 -32.46
C SER CA 87 -52.73 -2.33 -33.80
N PHE CA 88 -52.41 -3.54 -34.26
CA PHE CA 88 -51.65 -3.73 -35.49
C PHE CA 88 -52.59 -4.30 -36.54
N LYS CA 89 -52.77 -3.57 -37.65
CA LYS CA 89 -53.95 -3.79 -38.48
C LYS CA 89 -53.82 -4.92 -39.50
N GLY CA 90 -52.62 -5.23 -39.99
CA GLY CA 90 -52.49 -6.16 -41.10
C GLY CA 90 -52.86 -5.55 -42.44
N GLN CA 91 -52.72 -6.36 -43.48
CA GLN CA 91 -53.07 -5.94 -44.84
C GLN CA 91 -54.53 -6.24 -45.18
N LYS CA 92 -55.15 -7.20 -44.51
CA LYS CA 92 -56.52 -7.57 -44.78
C LYS CA 92 -57.47 -7.14 -43.66
N GLY CA 93 -57.06 -6.16 -42.86
CA GLY CA 93 -57.91 -5.60 -41.82
C GLY CA 93 -57.94 -6.37 -40.52
N ALA CA 94 -57.23 -7.48 -40.41
CA ALA CA 94 -57.25 -8.30 -39.21
C ALA CA 94 -56.39 -7.61 -38.16
N SER CA 95 -57.02 -6.77 -37.33
CA SER CA 95 -56.30 -6.02 -36.33
C SER CA 95 -55.93 -6.90 -35.14
N VAL CA 96 -54.71 -6.72 -34.66
CA VAL CA 96 -54.12 -7.62 -33.65
C VAL CA 96 -53.86 -6.84 -32.36
N PRO CA 97 -54.56 -7.14 -31.27
CA PRO CA 97 -54.39 -6.34 -30.05
C PRO CA 97 -53.14 -6.64 -29.25
N VAL CA 98 -52.14 -5.78 -29.34
CA VAL CA 98 -50.90 -5.93 -28.57
C VAL CA 98 -51.08 -5.18 -27.25
N VAL CA 99 -51.24 -5.90 -26.16
CA VAL CA 99 -51.45 -5.33 -24.85
C VAL CA 99 -50.26 -5.71 -23.95
N ALA CA 100 -49.72 -4.73 -23.23
CA ALA CA 100 -48.55 -4.92 -22.39
C ALA CA 100 -48.88 -4.43 -20.98
N THR CA 101 -49.22 -5.34 -20.09
CA THR CA 101 -49.54 -5.00 -18.72
C THR CA 101 -48.25 -4.96 -17.91
N LEU CA 102 -47.82 -3.77 -17.54
CA LEU CA 102 -46.69 -3.58 -16.65
C LEU CA 102 -47.21 -3.13 -15.29
N ARG CA 103 -46.36 -3.26 -14.26
CA ARG CA 103 -46.74 -2.90 -12.89
C ARG CA 103 -45.58 -2.25 -12.15
N GLY CA 104 -44.90 -1.31 -12.79
CA GLY CA 104 -43.70 -0.73 -12.24
C GLY CA 104 -43.95 0.42 -11.28
N LEU CA 105 -42.86 1.09 -10.91
CA LEU CA 105 -42.87 2.31 -10.12
C LEU CA 105 -42.60 3.50 -11.02
N LEU CA 106 -43.39 4.55 -10.88
CA LEU CA 106 -43.21 5.73 -11.72
C LEU CA 106 -41.97 6.48 -11.25
N LYS CA 107 -41.05 6.75 -12.17
CA LYS CA 107 -39.67 7.09 -11.88
C LYS CA 107 -39.32 8.54 -12.12
N GLU CA 108 -39.87 9.17 -13.14
CA GLU CA 108 -39.36 10.46 -13.57
C GLU CA 108 -40.48 11.25 -14.22
N VAL CA 109 -40.62 12.51 -13.83
CA VAL CA 109 -41.55 13.45 -14.45
C VAL CA 109 -40.77 14.69 -14.81
N ASP CA 110 -40.71 15.02 -16.10
CA ASP CA 110 -40.11 16.27 -16.55
C ASP CA 110 -41.01 16.98 -17.54
N PRO CA 111 -41.83 17.92 -17.06
CA PRO CA 111 -42.39 18.94 -17.97
C PRO CA 111 -41.26 19.75 -18.58
N GLY CA 112 -41.11 19.64 -19.90
CA GLY CA 112 -39.96 20.20 -20.55
C GLY CA 112 -40.05 21.68 -20.81
N ASP CA 113 -39.68 22.09 -22.02
CA ASP CA 113 -39.64 23.50 -22.38
C ASP CA 113 -41.07 24.00 -22.59
N TRP CA 114 -41.57 24.79 -21.64
CA TRP CA 114 -42.88 25.44 -21.80
C TRP CA 114 -42.72 26.73 -22.60
N LYS CA 115 -42.52 26.56 -23.91
CA LYS CA 115 -42.63 27.71 -24.79
C LYS CA 115 -44.10 28.09 -24.96
N ALA CA 116 -44.32 29.32 -25.41
CA ALA CA 116 -45.67 29.86 -25.43
C ALA CA 116 -46.52 29.23 -26.53
N GLY CA 117 -46.11 29.40 -27.79
CA GLY CA 117 -46.87 28.85 -28.90
C GLY CA 117 -46.75 27.35 -29.04
N GLU CA 118 -45.58 26.81 -28.73
CA GLU CA 118 -45.35 25.38 -28.85
C GLU CA 118 -46.10 24.62 -27.77
N LYS CA 119 -46.66 23.46 -28.14
CA LYS CA 119 -47.32 22.61 -27.16
C LYS CA 119 -46.33 22.05 -26.16
N ALA CA 120 -46.81 21.80 -24.95
CA ALA CA 120 -45.97 21.27 -23.89
C ALA CA 120 -46.08 19.75 -23.83
N GLU CA 121 -45.08 19.12 -23.25
CA GLU CA 121 -45.05 17.68 -23.13
C GLU CA 121 -44.60 17.29 -21.73
N PHE CA 122 -45.27 16.31 -21.15
CA PHE CA 122 -44.89 15.77 -19.84
C PHE CA 122 -44.34 14.37 -20.10
N LYS CA 123 -43.02 14.26 -20.22
CA LYS CA 123 -42.40 12.95 -20.36
C LYS CA 123 -42.47 12.22 -19.02
N TYR CA 124 -42.82 10.93 -19.07
CA TYR CA 124 -42.83 10.10 -17.88
C TYR CA 124 -41.85 8.94 -18.06
N ALA CA 125 -41.49 8.32 -16.94
CA ALA CA 125 -40.63 7.15 -16.98
C ALA CA 125 -41.04 6.25 -15.84
N VAL CA 126 -41.06 4.94 -16.09
CA VAL CA 126 -41.58 3.95 -15.17
C VAL CA 126 -40.49 2.92 -14.90
N ALA CA 127 -40.05 2.85 -13.65
CA ALA CA 127 -39.12 1.81 -13.24
C ALA CA 127 -39.91 0.51 -13.15
N VAL CA 128 -39.82 -0.31 -14.19
CA VAL CA 128 -40.69 -1.46 -14.35
C VAL CA 128 -40.28 -2.58 -13.40
N SER CA 129 -41.23 -3.02 -12.56
CA SER CA 129 -41.03 -4.10 -11.61
C SER CA 129 -41.83 -5.34 -11.98
N TYR CA 130 -42.55 -5.32 -13.10
CA TYR CA 130 -43.31 -6.43 -13.64
C TYR CA 130 -43.67 -6.12 -15.08
N TYR CA 131 -43.54 -7.08 -15.98
CA TYR CA 131 -43.81 -6.84 -17.40
C TYR CA 131 -44.45 -8.07 -18.01
N LYS CA 132 -45.42 -7.84 -18.89
CA LYS CA 132 -46.24 -8.93 -19.42
C LYS CA 132 -46.75 -8.50 -20.79
N LEU CA 133 -46.17 -9.03 -21.85
CA LEU CA 133 -46.55 -8.68 -23.21
C LEU CA 133 -47.43 -9.78 -23.82
N GLU CA 134 -48.52 -9.37 -24.47
CA GLU CA 134 -49.43 -10.29 -25.13
C GLU CA 134 -49.63 -9.81 -26.55
N VAL CA 135 -49.34 -10.67 -27.53
CA VAL CA 135 -49.39 -10.24 -28.93
C VAL CA 135 -50.81 -10.23 -29.46
N ASP CA 136 -51.52 -11.36 -29.39
CA ASP CA 136 -52.90 -11.38 -29.85
C ASP CA 136 -53.88 -11.67 -28.72
N GLY CA 137 -53.78 -12.82 -28.09
CA GLY CA 137 -54.47 -13.09 -26.85
C GLY CA 137 -53.58 -13.95 -25.99
N ARG CA 138 -52.46 -14.35 -26.57
CA ARG CA 138 -51.56 -15.31 -25.94
C ARG CA 138 -50.39 -14.57 -25.30
N GLU CA 139 -49.91 -15.12 -24.19
CA GLU CA 139 -48.96 -14.42 -23.33
C GLU CA 139 -47.54 -14.75 -23.79
N VAL CA 140 -46.86 -13.76 -24.36
CA VAL CA 140 -45.52 -13.98 -24.89
C VAL CA 140 -44.47 -13.83 -23.79
N TYR CA 141 -44.42 -12.65 -23.19
CA TYR CA 141 -43.47 -12.36 -22.12
C TYR CA 141 -44.21 -12.27 -20.80
N GLU CA 142 -43.52 -12.68 -19.73
CA GLU CA 142 -44.01 -12.46 -18.37
C GLU CA 142 -42.77 -12.37 -17.50
N ILE CA 143 -42.32 -11.16 -17.23
CA ILE CA 143 -41.02 -10.93 -16.60
C ILE CA 143 -41.28 -10.59 -15.15
N ASP CA 144 -40.95 -11.52 -14.25
CA ASP CA 144 -40.89 -11.24 -12.83
C ASP CA 144 -39.44 -10.96 -12.47
N PRO CA 145 -39.07 -9.73 -12.15
CA PRO CA 145 -37.74 -9.52 -11.57
C PRO CA 145 -37.65 -10.09 -10.17
N VAL CA 146 -38.59 -9.72 -9.30
CA VAL CA 146 -38.50 -10.07 -7.88
C VAL CA 146 -38.84 -11.54 -7.63
N ASN CA 147 -39.54 -12.19 -8.56
CA ASN CA 147 -39.79 -13.61 -8.47
C ASN CA 147 -38.92 -14.35 -9.49
N GLY CA 148 -38.84 -15.67 -9.35
CA GLY CA 148 -37.98 -16.43 -10.23
C GLY CA 148 -38.69 -16.98 -11.45
N VAL CA 149 -39.59 -16.19 -12.03
CA VAL CA 149 -40.41 -16.65 -13.16
C VAL CA 149 -40.18 -15.69 -14.32
N ARG CA 150 -39.34 -16.09 -15.26
CA ARG CA 150 -39.20 -15.42 -16.55
C ARG CA 150 -39.86 -16.30 -17.59
N ALA CA 151 -41.12 -16.03 -17.89
CA ALA CA 151 -41.91 -16.86 -18.78
C ALA CA 151 -41.81 -16.32 -20.19
N ILE CA 152 -41.17 -17.08 -21.06
CA ILE CA 152 -41.14 -16.80 -22.50
C ILE CA 152 -42.04 -17.82 -23.15
N ASN CA 153 -43.07 -17.33 -23.86
CA ASN CA 153 -44.11 -18.15 -24.51
C ASN CA 153 -44.84 -19.04 -23.50
N GLY CA 154 -45.05 -18.55 -22.29
CA GLY CA 154 -45.83 -19.27 -21.30
C GLY CA 154 -45.08 -20.31 -20.50
N VAL CA 155 -43.85 -20.64 -20.84
CA VAL CA 155 -43.05 -21.59 -20.10
C VAL CA 155 -41.91 -20.84 -19.42
N ASP CA 156 -41.65 -21.17 -18.16
CA ASP CA 156 -40.66 -20.46 -17.36
C ASP CA 156 -39.27 -20.91 -17.79
N GLN CA 157 -38.41 -19.94 -18.12
CA GLN CA 157 -37.07 -20.27 -18.56
C GLN CA 157 -36.11 -20.35 -17.37
N LEU CA 158 -36.43 -19.66 -16.28
CA LEU CA 158 -35.59 -19.74 -15.09
C LEU CA 158 -35.80 -21.05 -14.35
N ALA CA 159 -36.99 -21.64 -14.50
CA ALA CA 159 -37.22 -22.95 -13.89
C ALA CA 159 -36.45 -24.03 -14.63
N GLY CA 160 -36.25 -23.87 -15.94
CA GLY CA 160 -35.48 -24.84 -16.69
C GLY CA 160 -33.99 -24.76 -16.39
N MET CA 161 -33.54 -23.61 -15.88
CA MET CA 161 -32.14 -23.49 -15.50
C MET CA 161 -31.85 -24.22 -14.19
N ARG CA 162 -32.87 -24.39 -13.35
CA ARG CA 162 -32.66 -25.09 -12.08
C ARG CA 162 -32.71 -26.60 -12.27
N ASN CA 163 -33.44 -27.07 -13.29
CA ASN CA 163 -33.50 -28.51 -13.54
C ASN CA 163 -32.22 -28.99 -14.21
N ASP CA 164 -31.49 -28.09 -14.87
CA ASP CA 164 -30.26 -28.47 -15.53
C ASP CA 164 -29.10 -28.61 -14.54
N LEU CA 165 -29.28 -28.10 -13.33
CA LEU CA 165 -28.26 -28.19 -12.30
C LEU CA 165 -28.76 -28.97 -11.10
N MET DA 1 -61.18 11.42 -21.96
CA MET DA 1 -60.60 12.71 -21.56
C MET DA 1 -60.45 13.61 -22.78
N ILE DA 2 -60.86 14.86 -22.63
CA ILE DA 2 -60.77 15.84 -23.71
C ILE DA 2 -59.29 16.20 -23.91
N PRO DA 3 -58.87 16.49 -25.14
CA PRO DA 3 -57.47 16.86 -25.38
C PRO DA 3 -57.17 18.26 -24.87
N GLN DA 4 -56.18 18.36 -23.98
CA GLN DA 4 -55.71 19.65 -23.50
C GLN DA 4 -54.21 19.74 -23.71
N THR DA 5 -53.72 20.97 -23.68
CA THR DA 5 -52.34 21.30 -24.02
C THR DA 5 -52.07 22.74 -23.60
N LEU DA 6 -50.80 23.10 -23.58
CA LEU DA 6 -50.42 24.45 -23.17
C LEU DA 6 -50.68 25.43 -24.29
N THR DA 7 -51.26 26.57 -23.95
CA THR DA 7 -51.48 27.66 -24.90
C THR DA 7 -50.72 28.92 -24.54
N ASN DA 8 -50.70 29.30 -23.27
CA ASN DA 8 -50.00 30.50 -22.83
C ASN DA 8 -49.41 30.23 -21.46
N THR DA 9 -48.51 31.12 -21.04
CA THR DA 9 -47.80 30.93 -19.79
C THR DA 9 -47.57 32.29 -19.15
N ASN DA 10 -47.04 32.26 -17.93
CA ASN DA 10 -46.74 33.49 -17.19
C ASN DA 10 -45.68 33.17 -16.16
N LEU DA 11 -45.16 34.21 -15.52
CA LEU DA 11 -44.08 34.06 -14.56
C LEU DA 11 -44.10 35.25 -13.60
N PHE DA 12 -44.00 34.97 -12.31
CA PHE DA 12 -43.90 35.99 -11.28
C PHE DA 12 -42.57 35.84 -10.56
N ILE DA 13 -41.91 36.96 -10.25
CA ILE DA 13 -40.73 36.99 -9.39
C ILE DA 13 -40.98 37.99 -8.29
N ASP DA 14 -41.21 37.51 -7.07
CA ASP DA 14 -41.40 38.33 -5.87
C ASP DA 14 -42.55 39.32 -6.04
N GLY DA 15 -43.63 38.86 -6.66
CA GLY DA 15 -44.82 39.67 -6.79
C GLY DA 15 -45.02 40.31 -8.15
N VAL DA 16 -43.95 40.82 -8.77
CA VAL DA 16 -44.10 41.51 -10.04
C VAL DA 16 -44.26 40.49 -11.15
N SER DA 17 -44.93 40.90 -12.22
CA SER DA 17 -45.31 40.01 -13.31
C SER DA 17 -44.41 40.23 -14.51
N PHE DA 18 -43.91 39.14 -15.08
CA PHE DA 18 -43.19 39.22 -16.34
C PHE DA 18 -44.17 38.91 -17.48
N ALA DA 19 -45.10 39.83 -17.67
CA ALA DA 19 -46.26 39.63 -18.52
C ALA DA 19 -45.97 39.85 -20.00
N GLY DA 20 -44.75 40.18 -20.36
CA GLY DA 20 -44.42 40.34 -21.77
C GLY DA 20 -43.00 39.92 -22.08
N ASP DA 21 -42.39 39.11 -21.22
CA ASP DA 21 -40.95 38.93 -21.24
C ASP DA 21 -40.50 37.51 -21.52
N VAL DA 22 -41.07 36.52 -20.85
CA VAL DA 22 -40.47 35.19 -20.83
C VAL DA 22 -40.92 34.36 -22.03
N PRO DA 23 -39.99 33.84 -22.82
CA PRO DA 23 -40.37 32.95 -23.94
C PRO DA 23 -40.37 31.48 -23.59
N SER DA 24 -39.83 31.11 -22.43
CA SER DA 24 -39.54 29.72 -22.15
C SER DA 24 -39.59 29.48 -20.65
N LEU DA 25 -39.98 28.26 -20.29
CA LEU DA 25 -39.92 27.78 -18.92
C LEU DA 25 -39.32 26.39 -18.90
N THR DA 26 -39.00 25.94 -17.68
CA THR DA 26 -38.72 24.54 -17.42
C THR DA 26 -39.00 24.33 -15.94
N LEU DA 27 -40.07 23.61 -15.64
CA LEU DA 27 -40.29 23.16 -14.28
C LEU DA 27 -39.23 22.12 -13.92
N PRO DA 28 -38.87 21.97 -12.64
CA PRO DA 28 -37.80 21.05 -12.29
C PRO DA 28 -38.15 19.59 -12.53
N LYS DA 29 -37.18 18.88 -13.09
CA LYS DA 29 -37.34 17.46 -13.41
C LYS DA 29 -37.43 16.67 -12.11
N LEU DA 30 -38.64 16.24 -11.77
CA LEU DA 30 -38.83 15.36 -10.62
C LEU DA 30 -38.40 13.96 -10.99
N ALA DA 31 -37.33 13.47 -10.37
CA ALA DA 31 -36.77 12.16 -10.69
C ALA DA 31 -36.35 11.48 -9.40
N VAL DA 32 -36.79 10.24 -9.21
CA VAL DA 32 -36.43 9.49 -8.02
C VAL DA 32 -35.04 8.89 -8.21
N LYS DA 33 -34.25 8.86 -7.14
CA LYS DA 33 -32.91 8.31 -7.17
C LYS DA 33 -33.01 6.80 -7.03
N THR DA 34 -32.73 6.07 -8.10
CA THR DA 34 -32.92 4.63 -8.14
C THR DA 34 -31.60 3.91 -7.99
N GLU DA 35 -31.60 2.88 -7.14
CA GLU DA 35 -30.47 1.97 -6.96
C GLU DA 35 -30.87 0.60 -7.48
N GLN DA 36 -30.04 0.05 -8.37
CA GLN DA 36 -30.35 -1.21 -9.03
C GLN DA 36 -30.20 -2.35 -8.04
N TYR DA 37 -31.32 -2.97 -7.68
CA TYR DA 37 -31.33 -4.08 -6.74
C TYR DA 37 -31.56 -5.36 -7.52
N ARG DA 38 -30.48 -6.04 -7.89
CA ARG DA 38 -30.56 -7.45 -8.23
C ARG DA 38 -29.73 -8.22 -7.22
N ALA DA 39 -30.20 -9.41 -6.90
CA ALA DA 39 -29.71 -10.14 -5.75
C ALA DA 39 -29.70 -11.61 -6.10
N GLY DA 40 -29.51 -12.46 -5.10
CA GLY DA 40 -29.50 -13.89 -5.33
C GLY DA 40 -30.91 -14.38 -5.57
N GLY DA 41 -31.11 -15.04 -6.70
CA GLY DA 41 -32.40 -15.64 -6.99
C GLY DA 41 -33.22 -14.84 -7.98
N MET DA 42 -33.15 -13.52 -7.88
CA MET DA 42 -33.97 -12.67 -8.71
C MET DA 42 -33.24 -12.36 -10.02
N ASP DA 43 -34.04 -12.19 -11.08
CA ASP DA 43 -33.49 -12.17 -12.43
C ASP DA 43 -33.13 -10.75 -12.88
N ALA DA 44 -34.09 -9.90 -12.95
CA ALA DA 44 -33.86 -8.55 -13.41
C ALA DA 44 -33.72 -7.60 -12.22
N PRO DA 45 -32.87 -6.58 -12.32
CA PRO DA 45 -32.74 -5.63 -11.21
C PRO DA 45 -33.93 -4.70 -11.13
N VAL DA 46 -34.50 -4.58 -9.94
CA VAL DA 46 -35.56 -3.63 -9.67
C VAL DA 46 -34.95 -2.31 -9.26
N SER DA 47 -35.72 -1.24 -9.42
CA SER DA 47 -35.31 0.08 -8.99
C SER DA 47 -36.13 0.50 -7.79
N ILE DA 48 -35.47 1.11 -6.81
CA ILE DA 48 -36.05 1.32 -5.49
C ILE DA 48 -36.20 2.83 -5.25
N ASP DA 49 -37.36 3.23 -4.72
CA ASP DA 49 -37.61 4.59 -4.28
C ASP DA 49 -36.66 4.93 -3.14
N MET DA 50 -35.64 5.73 -3.43
CA MET DA 50 -34.62 6.06 -2.44
C MET DA 50 -34.24 7.53 -2.51
N GLY DA 51 -35.23 8.40 -2.59
CA GLY DA 51 -35.00 9.83 -2.58
C GLY DA 51 -35.08 10.44 -3.96
N LEU DA 52 -35.20 11.76 -3.98
CA LEU DA 52 -35.33 12.50 -5.23
C LEU DA 52 -33.98 13.06 -5.67
N GLU DA 53 -33.93 13.44 -6.94
CA GLU DA 53 -32.73 14.04 -7.51
C GLU DA 53 -32.72 15.54 -7.24
N ALA DA 54 -31.75 16.22 -7.84
CA ALA DA 54 -31.61 17.66 -7.68
C ALA DA 54 -32.63 18.37 -8.56
N MET DA 55 -33.54 19.11 -7.95
CA MET DA 55 -34.51 19.90 -8.69
C MET DA 55 -33.84 21.18 -9.19
N GLU DA 56 -34.14 21.55 -10.43
CA GLU DA 56 -33.57 22.75 -11.02
C GLU DA 56 -34.52 23.29 -12.07
N ALA DA 57 -34.89 24.57 -11.94
CA ALA DA 57 -35.93 25.18 -12.75
C ALA DA 57 -35.32 26.27 -13.64
N LYS DA 58 -35.15 25.95 -14.92
CA LYS DA 58 -34.73 26.95 -15.89
C LYS DA 58 -35.89 27.88 -16.24
N PHE DA 59 -35.56 29.14 -16.47
CA PHE DA 59 -36.48 30.03 -17.18
C PHE DA 59 -35.63 31.02 -17.98
N SER DA 60 -36.27 31.72 -18.91
CA SER DA 60 -35.55 32.49 -19.90
C SER DA 60 -36.21 33.84 -20.08
N THR DA 61 -35.41 34.85 -20.46
CA THR DA 61 -35.87 36.21 -20.58
C THR DA 61 -35.13 36.91 -21.71
N ASN DA 62 -35.86 37.62 -22.55
CA ASN DA 62 -35.28 38.30 -23.71
C ASN DA 62 -34.73 39.69 -23.42
N GLY DA 63 -35.15 40.33 -22.33
CA GLY DA 63 -34.70 41.66 -22.03
C GLY DA 63 -33.99 41.73 -20.70
N ALA DA 64 -33.31 42.86 -20.47
CA ALA DA 64 -32.63 43.10 -19.21
C ALA DA 64 -33.67 43.44 -18.16
N ARG DA 65 -34.13 42.43 -17.43
CA ARG DA 65 -35.07 42.65 -16.35
C ARG DA 65 -34.32 42.74 -15.05
N ARG DA 66 -34.37 43.92 -14.44
CA ARG DA 66 -33.70 44.17 -13.18
C ARG DA 66 -34.30 43.33 -12.05
N GLU DA 67 -35.58 42.97 -12.19
CA GLU DA 67 -36.23 42.15 -11.16
C GLU DA 67 -35.72 40.72 -11.19
N ALA DA 68 -35.30 40.24 -12.37
CA ALA DA 68 -34.76 38.88 -12.46
C ALA DA 68 -33.28 38.84 -12.11
N LEU DA 69 -32.52 39.86 -12.52
CA LEU DA 69 -31.09 39.89 -12.26
C LEU DA 69 -30.76 40.31 -10.83
N ASN DA 70 -31.76 40.74 -10.06
CA ASN DA 70 -31.53 41.16 -8.68
C ASN DA 70 -31.22 39.99 -7.78
N PHE DA 71 -31.74 38.81 -8.10
CA PHE DA 71 -31.74 37.69 -7.17
C PHE DA 71 -30.63 36.69 -7.42
N PHE DA 72 -29.60 37.05 -8.20
CA PHE DA 72 -28.50 36.13 -8.43
C PHE DA 72 -27.51 36.18 -7.29
N GLY DA 73 -27.22 35.01 -6.71
CA GLY DA 73 -26.11 34.86 -5.78
C GLY DA 73 -26.26 35.62 -4.48
N LEU DA 74 -27.46 35.71 -3.96
CA LEU DA 74 -27.68 36.40 -2.69
C LEU DA 74 -27.18 35.53 -1.54
N ALA DA 75 -26.80 36.20 -0.44
CA ALA DA 75 -26.20 35.51 0.69
C ALA DA 75 -27.21 34.64 1.44
N ASP DA 76 -28.49 34.92 1.30
CA ASP DA 76 -29.54 34.09 1.88
C ASP DA 76 -30.20 33.23 0.81
N GLN DA 77 -30.34 31.95 1.11
CA GLN DA 77 -31.12 31.11 0.23
C GLN DA 77 -32.60 31.35 0.48
N SER DA 78 -33.41 31.00 -0.53
CA SER DA 78 -34.85 31.23 -0.57
C SER DA 78 -35.21 32.71 -0.41
N ALA DA 79 -34.35 33.58 -0.94
CA ALA DA 79 -34.71 34.98 -1.12
C ALA DA 79 -35.41 35.18 -2.46
N PHE DA 80 -34.88 34.56 -3.50
CA PHE DA 80 -35.64 34.24 -4.69
C PHE DA 80 -36.83 33.37 -4.31
N ASN DA 81 -38.01 33.71 -4.83
CA ASN DA 81 -39.11 32.74 -4.78
C ASN DA 81 -39.56 32.32 -6.16
N GLY DA 82 -40.16 33.19 -6.97
CA GLY DA 82 -40.64 32.76 -8.27
C GLY DA 82 -41.93 31.97 -8.25
N VAL DA 83 -42.83 32.23 -9.20
CA VAL DA 83 -44.06 31.46 -9.37
C VAL DA 83 -44.24 31.22 -10.87
N PHE DA 84 -44.30 29.97 -11.28
CA PHE DA 84 -44.48 29.62 -12.69
C PHE DA 84 -45.92 29.21 -12.92
N ARG DA 85 -46.56 29.76 -13.94
CA ARG DA 85 -47.96 29.53 -14.21
C ARG DA 85 -48.17 29.10 -15.65
N GLY DA 86 -49.11 28.16 -15.85
CA GLY DA 86 -49.52 27.76 -17.17
C GLY DA 86 -51.03 27.69 -17.25
N SER DA 87 -51.53 27.57 -18.48
CA SER DA 87 -52.97 27.52 -18.73
C SER DA 87 -53.24 26.50 -19.81
N PHE DA 88 -53.94 25.42 -19.47
CA PHE DA 88 -54.18 24.32 -20.38
C PHE DA 88 -55.66 24.32 -20.76
N LYS DA 89 -55.94 24.50 -22.06
CA LYS DA 89 -57.26 24.97 -22.46
C LYS DA 89 -58.33 23.88 -22.59
N GLY DA 90 -57.98 22.64 -22.89
CA GLY DA 90 -58.97 21.64 -23.20
C GLY DA 90 -59.56 21.80 -24.59
N GLN DA 91 -60.47 20.88 -24.93
CA GLN DA 91 -61.17 20.90 -26.21
C GLN DA 91 -62.45 21.71 -26.15
N LYS DA 92 -63.05 21.86 -24.97
CA LYS DA 92 -64.29 22.60 -24.82
C LYS DA 92 -64.08 23.94 -24.12
N GLY DA 93 -62.86 24.46 -24.13
CA GLY DA 93 -62.57 25.76 -23.58
C GLY DA 93 -62.36 25.81 -22.08
N ALA DA 94 -62.46 24.68 -21.38
CA ALA DA 94 -62.29 24.65 -19.93
C ALA DA 94 -60.81 24.76 -19.62
N SER DA 95 -60.33 26.00 -19.43
CA SER DA 95 -58.92 26.23 -19.18
C SER DA 95 -58.56 25.86 -17.74
N VAL DA 96 -57.41 25.21 -17.58
CA VAL DA 96 -57.01 24.62 -16.31
C VAL DA 96 -55.74 25.31 -15.81
N PRO DA 97 -55.79 26.04 -14.69
CA PRO DA 97 -54.62 26.78 -14.24
C PRO DA 97 -53.55 25.95 -13.55
N VAL DA 98 -52.45 25.65 -14.25
CA VAL DA 98 -51.35 24.91 -13.68
C VAL DA 98 -50.36 25.92 -13.10
N VAL DA 99 -50.31 26.01 -11.77
CA VAL DA 99 -49.44 26.95 -11.08
C VAL DA 99 -48.43 26.16 -10.26
N ALA DA 100 -47.16 26.55 -10.36
CA ALA DA 100 -46.06 25.85 -9.69
C ALA DA 100 -45.28 26.86 -8.86
N THR DA 101 -45.54 26.90 -7.57
CA THR DA 101 -44.86 27.82 -6.66
C THR DA 101 -43.58 27.16 -6.17
N LEU DA 102 -42.44 27.63 -6.67
CA LEU DA 102 -41.14 27.20 -6.20
C LEU DA 102 -40.53 28.31 -5.36
N ARG DA 103 -39.52 27.96 -4.55
CA ARG DA 103 -38.86 28.91 -3.66
C ARG DA 103 -37.35 28.67 -3.60
N GLY DA 104 -36.72 28.47 -4.74
CA GLY DA 104 -35.32 28.09 -4.79
C GLY DA 104 -34.37 29.25 -4.72
N LEU DA 105 -33.08 28.93 -4.94
CA LEU DA 105 -32.01 29.90 -5.06
C LEU DA 105 -31.65 30.05 -6.53
N LEU DA 106 -31.49 31.29 -6.99
CA LEU DA 106 -31.16 31.53 -8.39
C LEU DA 106 -29.69 31.18 -8.60
N LYS DA 107 -29.42 30.32 -9.58
CA LYS DA 107 -28.19 29.58 -9.69
C LYS DA 107 -27.26 30.05 -10.80
N GLU DA 108 -27.81 30.47 -11.94
CA GLU DA 108 -26.99 30.67 -13.12
C GLU DA 108 -27.62 31.72 -14.01
N VAL DA 109 -26.80 32.68 -14.45
CA VAL DA 109 -27.22 33.69 -15.42
C VAL DA 109 -26.21 33.68 -16.55
N ASP DA 110 -26.64 33.38 -17.77
CA ASP DA 110 -25.79 33.47 -18.94
C ASP DA 110 -26.50 34.20 -20.06
N PRO DA 111 -26.27 35.51 -20.20
CA PRO DA 111 -26.54 36.19 -21.46
C PRO DA 111 -25.66 35.58 -22.56
N GLY DA 112 -26.31 34.96 -23.53
CA GLY DA 112 -25.58 34.18 -24.51
C GLY DA 112 -24.96 35.00 -25.60
N ASP DA 113 -25.11 34.53 -26.84
CA ASP DA 113 -24.49 35.18 -27.99
C ASP DA 113 -25.26 36.45 -28.31
N TRP DA 114 -24.66 37.60 -28.01
CA TRP DA 114 -25.23 38.88 -28.41
C TRP DA 114 -24.83 39.22 -29.85
N LYS DA 115 -25.46 38.53 -30.78
CA LYS DA 115 -25.36 38.94 -32.17
C LYS DA 115 -26.19 40.20 -32.39
N ALA DA 116 -25.88 40.91 -33.48
CA ALA DA 116 -26.49 42.23 -33.69
C ALA DA 116 -27.96 42.12 -34.08
N GLY DA 117 -28.25 41.48 -35.21
CA GLY DA 117 -29.61 41.35 -35.67
C GLY DA 117 -30.44 40.36 -34.87
N GLU DA 118 -29.82 39.29 -34.41
CA GLU DA 118 -30.53 38.27 -33.65
C GLU DA 118 -30.87 38.79 -32.26
N LYS DA 119 -32.06 38.42 -31.78
CA LYS DA 119 -32.47 38.78 -30.43
C LYS DA 119 -31.61 38.06 -29.40
N ALA DA 120 -31.44 38.70 -28.25
CA ALA DA 120 -30.64 38.14 -27.18
C ALA DA 120 -31.52 37.40 -26.20
N GLU DA 121 -30.91 36.48 -25.45
CA GLU DA 121 -31.63 35.68 -24.48
C GLU DA 121 -30.84 35.61 -23.19
N PHE DA 122 -31.51 35.77 -22.06
CA PHE DA 122 -30.89 35.63 -20.74
C PHE DA 122 -31.44 34.35 -20.15
N LYS DA 123 -30.70 33.25 -20.30
CA LYS DA 123 -31.09 32.01 -19.67
C LYS DA 123 -30.85 32.09 -18.16
N TYR DA 124 -31.81 31.62 -17.38
CA TYR DA 124 -31.68 31.57 -15.93
C TYR DA 124 -31.77 30.13 -15.47
N ALA DA 125 -31.30 29.90 -14.25
CA ALA DA 125 -31.40 28.57 -13.63
C ALA DA 125 -31.59 28.77 -12.14
N VAL DA 126 -32.45 27.96 -11.55
CA VAL DA 126 -32.87 28.11 -10.17
C VAL DA 126 -32.59 26.82 -9.43
N ALA DA 127 -31.69 26.87 -8.44
CA ALA DA 127 -31.46 25.73 -7.58
C ALA DA 127 -32.64 25.62 -6.62
N VAL DA 128 -33.57 24.73 -6.95
CA VAL DA 128 -34.87 24.69 -6.29
C VAL DA 128 -34.73 24.08 -4.90
N SER DA 129 -35.15 24.83 -3.89
CA SER DA 129 -35.13 24.40 -2.50
C SER DA 129 -36.53 24.18 -1.94
N TYR DA 130 -37.57 24.33 -2.76
CA TYR DA 130 -38.96 24.10 -2.43
C TYR DA 130 -39.77 24.04 -3.71
N TYR DA 131 -40.68 23.08 -3.84
CA TYR DA 131 -41.45 22.94 -5.06
C TYR DA 131 -42.86 22.52 -4.73
N LYS DA 132 -43.83 23.07 -5.46
CA LYS DA 132 -45.24 22.88 -5.13
C LYS DA 132 -46.05 23.05 -6.41
N LEU DA 133 -46.50 21.94 -6.99
CA LEU DA 133 -47.26 21.95 -8.23
C LEU DA 133 -48.75 21.78 -7.94
N GLU DA 134 -49.57 22.61 -8.59
CA GLU DA 134 -51.03 22.54 -8.46
C GLU DA 134 -51.62 22.47 -9.86
N VAL DA 135 -52.42 21.43 -10.12
CA VAL DA 135 -52.93 21.22 -11.46
C VAL DA 135 -54.14 22.11 -11.74
N ASP DA 136 -55.18 22.03 -10.93
CA ASP DA 136 -56.34 22.90 -11.14
C ASP DA 136 -56.55 23.86 -9.99
N GLY DA 137 -56.80 23.35 -8.79
CA GLY DA 137 -56.76 24.16 -7.59
C GLY DA 137 -56.20 23.30 -6.48
N ARG DA 138 -55.99 22.02 -6.80
CA ARG DA 138 -55.62 21.03 -5.81
C ARG DA 138 -54.12 20.80 -5.86
N GLU DA 139 -53.53 20.51 -4.71
CA GLU DA 139 -52.08 20.49 -4.56
C GLU DA 139 -51.57 19.08 -4.86
N VAL DA 140 -50.87 18.93 -5.98
CA VAL DA 140 -50.38 17.61 -6.39
C VAL DA 140 -49.05 17.29 -5.74
N TYR DA 141 -48.05 18.12 -5.99
CA TYR DA 141 -46.73 17.93 -5.41
C TYR DA 141 -46.47 19.00 -4.37
N GLU DA 142 -45.71 18.63 -3.35
CA GLU DA 142 -45.20 19.59 -2.38
C GLU DA 142 -43.89 19.00 -1.86
N ILE DA 143 -42.78 19.44 -2.43
CA ILE DA 143 -41.49 18.82 -2.21
C ILE DA 143 -40.71 19.71 -1.25
N ASP DA 144 -40.55 19.25 -0.02
CA ASP DA 144 -39.62 19.85 0.92
C ASP DA 144 -38.34 19.05 0.89
N PRO DA 145 -37.25 19.57 0.36
CA PRO DA 145 -35.96 18.90 0.53
C PRO DA 145 -35.50 18.99 1.98
N VAL DA 146 -35.45 20.21 2.52
CA VAL DA 146 -34.86 20.43 3.84
C VAL DA 146 -35.77 19.95 4.97
N ASN DA 147 -37.06 19.78 4.72
CA ASN DA 147 -37.97 19.19 5.68
C ASN DA 147 -38.34 17.78 5.25
N GLY DA 148 -38.94 17.02 6.16
CA GLY DA 148 -39.26 15.65 5.85
C GLY DA 148 -40.65 15.45 5.29
N VAL DA 149 -41.12 16.37 4.45
CA VAL DA 149 -42.48 16.33 3.94
C VAL DA 149 -42.39 16.30 2.41
N ARG DA 150 -42.55 15.12 1.83
CA ARG DA 150 -42.76 14.94 0.40
C ARG DA 150 -44.21 14.58 0.19
N ALA DA 151 -45.04 15.57 -0.09
CA ALA DA 151 -46.47 15.40 -0.19
C ALA DA 151 -46.84 15.14 -1.65
N ILE DA 152 -47.29 13.93 -1.93
CA ILE DA 152 -47.85 13.57 -3.22
C ILE DA 152 -49.34 13.45 -3.02
N ASN DA 153 -50.12 14.25 -3.77
CA ASN DA 153 -51.57 14.34 -3.68
C ASN DA 153 -52.03 14.73 -2.27
N GLY DA 154 -51.27 15.58 -1.60
CA GLY DA 154 -51.67 16.11 -0.32
C GLY DA 154 -51.35 15.25 0.89
N VAL DA 155 -50.90 14.02 0.69
CA VAL DA 155 -50.52 13.13 1.78
C VAL DA 155 -49.01 12.93 1.75
N ASP DA 156 -48.38 12.98 2.91
CA ASP DA 156 -46.92 12.92 3.00
C ASP DA 156 -46.47 11.48 2.80
N GLN DA 157 -45.55 11.26 1.86
CA GLN DA 157 -45.09 9.91 1.60
C GLN DA 157 -43.89 9.56 2.47
N LEU DA 158 -43.15 10.57 2.94
CA LEU DA 158 -42.03 10.31 3.83
C LEU DA 158 -42.52 9.98 5.24
N ALA DA 159 -43.70 10.49 5.61
CA ALA DA 159 -44.27 10.14 6.90
C ALA DA 159 -44.74 8.69 6.92
N GLY DA 160 -45.19 8.20 5.77
CA GLY DA 160 -45.61 6.80 5.70
C GLY DA 160 -44.44 5.83 5.74
N MET DA 161 -43.25 6.31 5.40
CA MET DA 161 -42.06 5.47 5.48
C MET DA 161 -41.60 5.29 6.92
N ARG DA 162 -41.94 6.24 7.79
CA ARG DA 162 -41.53 6.14 9.19
C ARG DA 162 -42.50 5.26 9.98
N ASN DA 163 -43.76 5.19 9.53
CA ASN DA 163 -44.72 4.34 10.23
C ASN DA 163 -44.51 2.87 9.87
N ASP DA 164 -43.86 2.61 8.73
CA ASP DA 164 -43.61 1.23 8.32
C ASP DA 164 -42.43 0.64 9.07
N LEU DA 165 -41.63 1.48 9.72
CA LEU DA 165 -40.49 1.01 10.49
C LEU DA 165 -40.63 1.36 11.96
N MET EA 1 0.56 27.42 -59.95
CA MET EA 1 0.15 26.02 -60.11
C MET EA 1 -1.27 25.94 -60.63
N ILE EA 2 -1.48 25.08 -61.62
CA ILE EA 2 -2.81 24.90 -62.20
C ILE EA 2 -3.69 24.15 -61.20
N PRO EA 3 -4.99 24.43 -61.16
CA PRO EA 3 -5.87 23.72 -60.22
C PRO EA 3 -6.10 22.28 -60.66
N GLN EA 4 -5.78 21.33 -59.79
CA GLN EA 4 -6.07 19.93 -60.01
C GLN EA 4 -6.87 19.39 -58.85
N THR EA 5 -7.51 18.25 -59.09
CA THR EA 5 -8.45 17.64 -58.17
C THR EA 5 -8.76 16.24 -58.67
N LEU EA 6 -9.38 15.45 -57.79
CA LEU EA 6 -9.71 14.07 -58.15
C LEU EA 6 -10.94 14.05 -59.05
N THR EA 7 -10.88 13.24 -60.10
CA THR EA 7 -12.01 13.03 -60.98
C THR EA 7 -12.51 11.59 -60.99
N ASN EA 8 -11.60 10.62 -61.00
CA ASN EA 8 -11.97 9.21 -61.01
C ASN EA 8 -10.95 8.44 -60.20
N THR EA 9 -11.30 7.20 -59.87
CA THR EA 9 -10.45 6.39 -59.01
C THR EA 9 -10.54 4.95 -59.47
N ASN EA 10 -9.72 4.10 -58.86
CA ASN EA 10 -9.70 2.68 -59.18
C ASN EA 10 -9.12 1.93 -57.98
N LEU EA 11 -9.19 0.61 -58.03
CA LEU EA 11 -8.74 -0.23 -56.92
C LEU EA 11 -8.41 -1.61 -57.47
N PHE EA 12 -7.26 -2.13 -57.06
CA PHE EA 12 -6.84 -3.49 -57.39
C PHE EA 12 -6.68 -4.29 -56.11
N ILE EA 13 -7.11 -5.55 -56.12
CA ILE EA 13 -6.87 -6.50 -55.03
C ILE EA 13 -6.25 -7.74 -55.65
N ASP EA 14 -4.95 -7.93 -55.43
CA ASP EA 14 -4.20 -9.12 -55.87
C ASP EA 14 -4.29 -9.30 -57.38
N GLY EA 15 -4.21 -8.19 -58.11
CA GLY EA 15 -4.19 -8.27 -59.56
C GLY EA 15 -5.50 -7.94 -60.24
N VAL EA 16 -6.62 -8.40 -59.70
CA VAL EA 16 -7.90 -8.18 -60.37
C VAL EA 16 -8.36 -6.76 -60.10
N SER EA 17 -9.16 -6.23 -61.01
CA SER EA 17 -9.57 -4.83 -60.99
C SER EA 17 -11.00 -4.71 -60.51
N PHE EA 18 -11.24 -3.80 -59.58
CA PHE EA 18 -12.61 -3.46 -59.19
C PHE EA 18 -13.06 -2.24 -59.98
N ALA EA 19 -13.22 -2.46 -61.29
CA ALA EA 19 -13.40 -1.38 -62.25
C ALA EA 19 -14.83 -0.88 -62.32
N GLY EA 20 -15.75 -1.41 -61.52
CA GLY EA 20 -17.10 -0.91 -61.51
C GLY EA 20 -17.76 -1.00 -60.15
N ASP EA 21 -16.95 -1.09 -59.10
CA ASP EA 21 -17.45 -1.52 -57.81
C ASP EA 21 -17.29 -0.50 -56.69
N VAL EA 22 -16.12 0.11 -56.57
CA VAL EA 22 -15.81 0.85 -55.34
C VAL EA 22 -16.32 2.29 -55.43
N PRO EA 23 -17.13 2.74 -54.47
CA PRO EA 23 -17.56 4.14 -54.46
C PRO EA 23 -16.70 5.05 -53.61
N SER EA 24 -15.80 4.50 -52.81
CA SER EA 24 -15.11 5.26 -51.79
C SER EA 24 -13.75 4.66 -51.51
N LEU EA 25 -12.82 5.54 -51.13
CA LEU EA 25 -11.51 5.14 -50.65
C LEU EA 25 -11.17 5.91 -49.39
N THR EA 26 -10.11 5.47 -48.73
CA THR EA 26 -9.45 6.27 -47.71
C THR EA 26 -8.02 5.75 -47.64
N LEU EA 27 -7.07 6.56 -48.10
CA LEU EA 27 -5.68 6.24 -47.87
C LEU EA 27 -5.38 6.41 -46.38
N PRO EA 28 -4.38 5.69 -45.85
CA PRO EA 28 -4.14 5.75 -44.40
C PRO EA 28 -3.64 7.11 -43.94
N LYS EA 29 -4.19 7.57 -42.82
CA LYS EA 29 -3.83 8.84 -42.23
C LYS EA 29 -2.40 8.79 -41.72
N LEU EA 30 -1.49 9.41 -42.45
CA LEU EA 30 -0.12 9.53 -41.98
C LEU EA 30 -0.04 10.60 -40.91
N ALA EA 31 0.27 10.20 -39.69
CA ALA EA 31 0.31 11.12 -38.56
C ALA EA 31 1.49 10.78 -37.68
N VAL EA 32 2.30 11.77 -37.36
CA VAL EA 32 3.45 11.55 -36.49
C VAL EA 32 2.99 11.55 -35.03
N LYS EA 33 3.60 10.68 -34.23
CA LYS EA 33 3.27 10.58 -32.81
C LYS EA 33 4.04 11.66 -32.07
N THR EA 34 3.31 12.66 -31.59
CA THR EA 34 3.92 13.84 -30.97
C THR EA 34 3.82 13.77 -29.46
N GLU EA 35 4.94 14.09 -28.80
CA GLU EA 35 5.01 14.22 -27.36
C GLU EA 35 5.27 15.67 -27.01
N GLN EA 36 4.42 16.23 -26.13
CA GLN EA 36 4.49 17.64 -25.80
C GLN EA 36 5.71 17.91 -24.93
N TYR EA 37 6.68 18.62 -25.49
CA TYR EA 37 7.91 18.96 -24.78
C TYR EA 37 7.86 20.43 -24.38
N ARG EA 38 7.40 20.69 -23.18
CA ARG EA 38 7.70 21.96 -22.52
C ARG EA 38 8.52 21.66 -21.29
N ALA EA 39 9.44 22.56 -21.00
CA ALA EA 39 10.50 22.29 -20.04
C ALA EA 39 10.78 23.58 -19.29
N GLY EA 40 11.88 23.58 -18.54
CA GLY EA 40 12.26 24.77 -17.80
C GLY EA 40 12.78 25.84 -18.73
N GLY EA 41 12.17 27.02 -18.69
CA GLY EA 41 12.66 28.12 -19.48
C GLY EA 41 11.85 28.38 -20.73
N MET EA 42 11.38 27.32 -21.36
CA MET EA 42 10.66 27.46 -22.61
C MET EA 42 9.17 27.63 -22.35
N ASP EA 43 8.52 28.39 -23.22
CA ASP EA 43 7.17 28.89 -22.96
C ASP EA 43 6.10 27.93 -23.49
N ALA EA 44 6.07 27.71 -24.76
CA ALA EA 44 5.07 26.86 -25.35
C ALA EA 44 5.63 25.46 -25.59
N PRO EA 45 4.82 24.41 -25.45
CA PRO EA 45 5.32 23.05 -25.70
C PRO EA 45 5.49 22.79 -27.18
N VAL EA 46 6.65 22.29 -27.56
CA VAL EA 46 6.91 21.87 -28.92
C VAL EA 46 6.49 20.41 -29.07
N SER EA 47 6.23 20.02 -30.31
CA SER EA 47 5.91 18.63 -30.62
C SER EA 47 7.07 18.01 -31.38
N ILE EA 48 7.40 16.77 -31.03
CA ILE EA 48 8.64 16.13 -31.46
C ILE EA 48 8.30 14.95 -32.36
N ASP EA 49 9.03 14.82 -33.47
CA ASP EA 49 8.96 13.67 -34.37
C ASP EA 49 9.42 12.44 -33.60
N MET EA 50 8.47 11.59 -33.21
CA MET EA 50 8.76 10.40 -32.42
C MET EA 50 7.98 9.20 -32.90
N GLY EA 51 7.96 8.97 -34.20
CA GLY EA 51 7.32 7.82 -34.78
C GLY EA 51 5.95 8.13 -35.35
N LEU EA 52 5.46 7.21 -36.17
CA LEU EA 52 4.19 7.38 -36.83
C LEU EA 52 3.07 6.67 -36.08
N GLU EA 53 1.84 7.04 -36.39
CA GLU EA 53 0.67 6.42 -35.79
C GLU EA 53 0.30 5.15 -36.56
N ALA EA 54 -0.84 4.58 -36.20
CA ALA EA 54 -1.34 3.36 -36.84
C ALA EA 54 -1.96 3.72 -38.18
N MET EA 55 -1.38 3.19 -39.25
CA MET EA 55 -1.95 3.39 -40.57
C MET EA 55 -3.12 2.44 -40.78
N GLU EA 56 -4.18 2.95 -41.39
CA GLU EA 56 -5.37 2.13 -41.64
C GLU EA 56 -6.09 2.67 -42.85
N ALA EA 57 -6.35 1.79 -43.82
CA ALA EA 57 -6.87 2.18 -45.13
C ALA EA 57 -8.27 1.61 -45.32
N LYS EA 58 -9.28 2.46 -45.17
CA LYS EA 58 -10.64 2.07 -45.49
C LYS EA 58 -10.87 2.03 -47.00
N PHE EA 59 -11.67 1.07 -47.44
CA PHE EA 59 -12.27 1.16 -48.76
C PHE EA 59 -13.64 0.51 -48.70
N SER EA 60 -14.45 0.74 -49.72
CA SER EA 60 -15.86 0.42 -49.67
C SER EA 60 -16.29 -0.24 -50.96
N THR EA 61 -17.30 -1.10 -50.89
CA THR EA 61 -17.77 -1.89 -52.03
C THR EA 61 -19.27 -2.09 -51.92
N ASN EA 62 -19.99 -1.88 -53.03
CA ASN EA 62 -21.44 -1.99 -53.06
C ASN EA 62 -21.95 -3.40 -53.32
N GLY EA 63 -21.13 -4.29 -53.86
CA GLY EA 63 -21.58 -5.63 -54.17
C GLY EA 63 -20.77 -6.68 -53.44
N ALA EA 64 -21.28 -7.91 -53.46
CA ALA EA 64 -20.59 -9.04 -52.85
C ALA EA 64 -19.45 -9.44 -53.77
N ARG EA 65 -18.26 -8.89 -53.51
CA ARG EA 65 -17.09 -9.24 -54.28
C ARG EA 65 -16.32 -10.32 -53.52
N ARG EA 66 -16.25 -11.49 -54.13
CA ARG EA 66 -15.55 -12.63 -53.54
C ARG EA 66 -14.06 -12.37 -53.44
N GLU EA 67 -13.53 -11.51 -54.33
CA GLU EA 67 -12.11 -11.19 -54.30
C GLU EA 67 -11.77 -10.31 -53.11
N ALA EA 68 -12.72 -9.50 -52.65
CA ALA EA 68 -12.47 -8.65 -51.49
C ALA EA 68 -12.72 -9.39 -50.19
N LEU EA 69 -13.77 -10.23 -50.16
CA LEU EA 69 -14.11 -10.96 -48.94
C LEU EA 69 -13.21 -12.17 -48.71
N ASN EA 70 -12.35 -12.51 -49.67
CA ASN EA 70 -11.45 -13.65 -49.54
C ASN EA 70 -10.36 -13.38 -48.52
N PHE EA 71 -9.96 -12.12 -48.36
CA PHE EA 71 -8.75 -11.80 -47.64
C PHE EA 71 -8.99 -11.35 -46.21
N PHE EA 72 -10.16 -11.61 -45.65
CA PHE EA 72 -10.43 -11.24 -44.27
C PHE EA 72 -9.86 -12.28 -43.32
N GLY EA 73 -9.04 -11.85 -42.38
CA GLY EA 73 -8.63 -12.67 -41.26
C GLY EA 73 -7.78 -13.87 -41.61
N LEU EA 74 -6.92 -13.74 -42.60
CA LEU EA 74 -6.05 -14.84 -42.99
C LEU EA 74 -4.94 -15.00 -41.96
N ALA EA 75 -4.44 -16.24 -41.85
CA ALA EA 75 -3.44 -16.57 -40.85
C ALA EA 75 -2.09 -15.93 -41.11
N ASP EA 76 -1.82 -15.54 -42.36
CA ASP EA 76 -0.61 -14.83 -42.71
C ASP EA 76 -0.91 -13.35 -42.93
N GLN EA 77 -0.11 -12.49 -42.31
CA GLN EA 77 -0.21 -11.08 -42.63
C GLN EA 77 0.47 -10.81 -43.97
N SER EA 78 0.07 -9.68 -44.58
CA SER EA 78 0.50 -9.26 -45.92
C SER EA 78 0.20 -10.31 -46.98
N ALA EA 79 -0.92 -11.02 -46.81
CA ALA EA 79 -1.49 -11.82 -47.88
C ALA EA 79 -2.41 -10.98 -48.75
N PHE EA 80 -3.23 -10.16 -48.10
CA PHE EA 80 -3.82 -8.99 -48.72
C PHE EA 80 -2.71 -8.08 -49.19
N ASN EA 81 -2.80 -7.57 -50.42
CA ASN EA 81 -1.96 -6.45 -50.81
C ASN EA 81 -2.78 -5.20 -51.14
N GLY EA 82 -3.57 -5.19 -52.20
CA GLY EA 82 -4.30 -3.98 -52.54
C GLY EA 82 -3.48 -2.89 -53.19
N VAL EA 83 -4.03 -2.22 -54.21
CA VAL EA 83 -3.40 -1.06 -54.84
C VAL EA 83 -4.49 -0.02 -55.06
N PHE EA 84 -4.31 1.17 -54.49
CA PHE EA 84 -5.28 2.25 -54.62
C PHE EA 84 -4.76 3.25 -55.64
N ARG EA 85 -5.59 3.64 -56.60
CA ARG EA 85 -5.19 4.52 -57.68
C ARG EA 85 -6.14 5.69 -57.81
N GLY EA 86 -5.57 6.87 -58.11
CA GLY EA 86 -6.36 8.05 -58.41
C GLY EA 86 -5.81 8.73 -59.64
N SER EA 87 -6.60 9.69 -60.15
CA SER EA 87 -6.24 10.42 -61.35
C SER EA 87 -6.64 11.88 -61.16
N PHE EA 88 -5.65 12.77 -61.13
CA PHE EA 88 -5.89 14.19 -60.86
C PHE EA 88 -5.66 14.97 -62.14
N LYS EA 89 -6.69 15.64 -62.64
CA LYS EA 89 -6.70 16.03 -64.04
C LYS EA 89 -5.97 17.33 -64.36
N GLY EA 90 -5.87 18.28 -63.44
CA GLY EA 90 -5.36 19.59 -63.77
C GLY EA 90 -6.36 20.46 -64.53
N GLN EA 91 -5.92 21.67 -64.84
CA GLN EA 91 -6.74 22.62 -65.58
C GLN EA 91 -6.51 22.50 -67.09
N LYS EA 92 -5.36 22.00 -67.52
CA LYS EA 92 -5.04 21.86 -68.93
C LYS EA 92 -5.06 20.41 -69.38
N GLY EA 93 -5.75 19.54 -68.65
CA GLY EA 93 -5.91 18.15 -69.04
C GLY EA 93 -4.76 17.23 -68.69
N ALA EA 94 -3.70 17.74 -68.07
CA ALA EA 94 -2.54 16.92 -67.74
C ALA EA 94 -2.89 16.08 -66.51
N SER EA 95 -3.40 14.87 -66.77
CA SER EA 95 -3.82 14.00 -65.68
C SER EA 95 -2.62 13.36 -64.99
N VAL EA 96 -2.67 13.31 -63.66
CA VAL EA 96 -1.53 12.91 -62.85
C VAL EA 96 -1.86 11.62 -62.10
N PRO EA 97 -1.20 10.50 -62.38
CA PRO EA 97 -1.56 9.23 -61.75
C PRO EA 97 -1.07 9.06 -60.32
N VAL EA 98 -1.96 9.22 -59.35
CA VAL EA 98 -1.61 9.02 -57.94
C VAL EA 98 -1.91 7.57 -57.60
N VAL EA 99 -0.86 6.77 -57.42
CA VAL EA 99 -0.97 5.35 -57.12
C VAL EA 99 -0.37 5.10 -55.74
N ALA EA 100 -1.09 4.36 -54.91
CA ALA EA 100 -0.69 4.09 -53.53
C ALA EA 100 -0.70 2.58 -53.31
N THR EA 101 0.48 1.96 -53.40
CA THR EA 101 0.61 0.53 -53.20
C THR EA 101 0.78 0.24 -51.71
N LEU EA 102 -0.26 -0.30 -51.08
CA LEU EA 102 -0.19 -0.74 -49.71
C LEU EA 102 -0.16 -2.27 -49.68
N ARG EA 103 0.26 -2.84 -48.55
CA ARG EA 103 0.38 -4.30 -48.40
C ARG EA 103 -0.05 -4.75 -47.01
N GLY EA 104 -1.18 -4.23 -46.52
CA GLY EA 104 -1.59 -4.47 -45.16
C GLY EA 104 -2.37 -5.77 -44.97
N LEU EA 105 -2.91 -5.91 -43.77
CA LEU EA 105 -3.81 -7.00 -43.41
C LEU EA 105 -5.24 -6.48 -43.38
N LEU EA 106 -6.17 -7.21 -43.98
CA LEU EA 106 -7.56 -6.78 -44.01
C LEU EA 106 -8.16 -6.99 -42.62
N LYS EA 107 -8.74 -5.93 -42.07
CA LYS EA 107 -9.02 -5.82 -40.64
C LYS EA 107 -10.49 -5.93 -40.28
N GLU EA 108 -11.39 -5.42 -41.11
CA GLU EA 108 -12.77 -5.26 -40.68
C GLU EA 108 -13.69 -5.33 -41.88
N VAL EA 109 -14.75 -6.12 -41.78
CA VAL EA 109 -15.79 -6.20 -42.79
C VAL EA 109 -17.11 -5.99 -42.08
N ASP EA 110 -17.85 -4.94 -42.44
CA ASP EA 110 -19.20 -4.72 -41.94
C ASP EA 110 -20.15 -4.39 -43.07
N PRO EA 111 -20.86 -5.38 -43.60
CA PRO EA 111 -22.08 -5.09 -44.35
C PRO EA 111 -23.09 -4.42 -43.44
N GLY EA 112 -23.42 -3.17 -43.77
CA GLY EA 112 -24.21 -2.36 -42.87
C GLY EA 112 -25.68 -2.63 -42.93
N ASP EA 113 -26.47 -1.57 -42.97
CA ASP EA 113 -27.93 -1.67 -42.94
C ASP EA 113 -28.40 -2.15 -44.31
N TRP EA 114 -28.83 -3.40 -44.40
CA TRP EA 114 -29.45 -3.92 -45.62
C TRP EA 114 -30.94 -3.56 -45.64
N LYS EA 115 -31.20 -2.29 -45.92
CA LYS EA 115 -32.57 -1.90 -46.24
C LYS EA 115 -32.93 -2.40 -47.64
N ALA EA 116 -34.23 -2.46 -47.90
CA ALA EA 116 -34.70 -3.09 -49.13
C ALA EA 116 -34.41 -2.21 -50.35
N GLY EA 117 -34.99 -1.01 -50.39
CA GLY EA 117 -34.80 -0.13 -51.53
C GLY EA 117 -33.43 0.50 -51.59
N GLU EA 118 -32.87 0.81 -50.42
CA GLU EA 118 -31.55 1.45 -50.36
C GLU EA 118 -30.46 0.46 -50.76
N LYS EA 119 -29.46 0.95 -51.49
CA LYS EA 119 -28.32 0.13 -51.85
C LYS EA 119 -27.51 -0.24 -50.61
N ALA EA 120 -26.86 -1.39 -50.67
CA ALA EA 120 -26.06 -1.87 -49.56
C ALA EA 120 -24.60 -1.48 -49.77
N GLU EA 121 -23.85 -1.45 -48.67
CA GLU EA 121 -22.45 -1.09 -48.71
C GLU EA 121 -21.66 -2.05 -47.85
N PHE EA 122 -20.51 -2.49 -48.35
CA PHE EA 122 -19.59 -3.33 -47.59
C PHE EA 122 -18.38 -2.48 -47.27
N LYS EA 123 -18.36 -1.88 -46.09
CA LYS EA 123 -17.19 -1.13 -45.67
C LYS EA 123 -16.06 -2.09 -45.32
N TYR EA 124 -14.85 -1.78 -45.77
CA TYR EA 124 -13.68 -2.57 -45.44
C TYR EA 124 -12.69 -1.71 -44.68
N ALA EA 125 -11.75 -2.37 -44.00
CA ALA EA 125 -10.68 -1.68 -43.30
C ALA EA 125 -9.44 -2.55 -43.37
N VAL EA 126 -8.29 -1.90 -43.58
CA VAL EA 126 -7.04 -2.61 -43.82
C VAL EA 126 -6.02 -2.14 -42.80
N ALA EA 127 -5.57 -3.06 -41.96
CA ALA EA 127 -4.47 -2.77 -41.02
C ALA EA 127 -3.19 -2.73 -41.83
N VAL EA 128 -2.75 -1.51 -42.17
CA VAL EA 128 -1.69 -1.32 -43.14
C VAL EA 128 -0.34 -1.66 -42.51
N SER EA 129 0.38 -2.60 -43.14
CA SER EA 129 1.70 -3.03 -42.72
C SER EA 129 2.79 -2.61 -43.68
N TYR EA 130 2.43 -1.87 -44.74
CA TYR EA 130 3.35 -1.32 -45.73
C TYR EA 130 2.61 -0.27 -46.54
N TYR EA 131 3.23 0.88 -46.80
CA TYR EA 131 2.55 1.94 -47.53
C TYR EA 131 3.54 2.65 -48.43
N LYS EA 132 3.08 3.01 -49.63
CA LYS EA 132 3.97 3.54 -50.66
C LYS EA 132 3.15 4.42 -51.58
N LEU EA 133 3.28 5.74 -51.44
CA LEU EA 133 2.53 6.69 -52.25
C LEU EA 133 3.41 7.25 -53.36
N GLU EA 134 2.86 7.32 -54.57
CA GLU EA 134 3.55 7.87 -55.73
C GLU EA 134 2.64 8.91 -56.36
N VAL EA 135 3.14 10.14 -56.50
CA VAL EA 135 2.28 11.22 -56.99
C VAL EA 135 2.17 11.19 -58.51
N ASP EA 136 3.28 11.23 -59.24
CA ASP EA 136 3.21 11.16 -60.68
C ASP EA 136 3.87 9.89 -61.23
N GLY EA 137 5.17 9.75 -61.02
CA GLY EA 137 5.84 8.49 -61.26
C GLY EA 137 6.89 8.31 -60.19
N ARG EA 138 7.06 9.34 -59.37
CA ARG EA 138 8.12 9.41 -58.40
C ARG EA 138 7.59 9.02 -57.03
N GLU EA 139 8.44 8.38 -56.24
CA GLU EA 139 8.03 7.74 -54.99
C GLU EA 139 8.13 8.75 -53.86
N VAL EA 140 6.98 9.18 -53.33
CA VAL EA 140 6.98 10.19 -52.28
C VAL EA 140 7.13 9.55 -50.91
N TYR EA 141 6.21 8.66 -50.56
CA TYR EA 141 6.25 7.97 -49.28
C TYR EA 141 6.62 6.51 -49.50
N GLU EA 142 7.31 5.94 -48.53
CA GLU EA 142 7.56 4.50 -48.50
C GLU EA 142 7.72 4.14 -47.03
N ILE EA 143 6.64 3.67 -46.42
CA ILE EA 143 6.57 3.51 -44.97
C ILE EA 143 6.73 2.02 -44.68
N ASP EA 144 7.88 1.64 -44.14
CA ASP EA 144 8.07 0.33 -43.57
C ASP EA 144 7.86 0.43 -42.07
N PRO EA 145 6.79 -0.12 -41.51
CA PRO EA 145 6.72 -0.22 -40.06
C PRO EA 145 7.71 -1.24 -39.54
N VAL EA 146 7.66 -2.46 -40.08
CA VAL EA 146 8.45 -3.56 -39.54
C VAL EA 146 9.93 -3.45 -39.88
N ASN EA 147 10.28 -2.68 -40.91
CA ASN EA 147 11.67 -2.39 -41.22
C ASN EA 147 12.00 -0.96 -40.82
N GLY EA 148 13.30 -0.65 -40.80
CA GLY EA 148 13.70 0.67 -40.36
C GLY EA 148 13.85 1.67 -41.49
N VAL EA 149 12.96 1.63 -42.48
CA VAL EA 149 13.06 2.47 -43.66
C VAL EA 149 11.77 3.28 -43.77
N ARG EA 150 11.83 4.53 -43.34
CA ARG EA 150 10.77 5.50 -43.60
C ARG EA 150 11.30 6.47 -44.65
N ALA EA 151 10.98 6.20 -45.90
CA ALA EA 151 11.52 6.97 -47.02
C ALA EA 151 10.55 8.08 -47.38
N ILE EA 152 10.97 9.31 -47.14
CA ILE EA 152 10.24 10.49 -47.57
C ILE EA 152 11.03 11.07 -48.73
N ASN EA 153 10.38 11.19 -49.90
CA ASN EA 153 10.99 11.65 -51.16
C ASN EA 153 12.18 10.79 -51.57
N GLY EA 154 12.12 9.48 -51.30
CA GLY EA 154 13.14 8.57 -51.75
C GLY EA 154 14.35 8.43 -50.86
N VAL EA 155 14.50 9.29 -49.84
CA VAL EA 155 15.61 9.21 -48.92
C VAL EA 155 15.08 8.78 -47.55
N ASP EA 156 15.80 7.87 -46.91
CA ASP EA 156 15.34 7.28 -45.65
C ASP EA 156 15.57 8.28 -44.53
N GLN EA 157 14.51 8.58 -43.77
CA GLN EA 157 14.64 9.55 -42.69
C GLN EA 157 15.05 8.87 -41.39
N LEU EA 158 14.76 7.56 -41.26
CA LEU EA 158 15.18 6.83 -40.06
C LEU EA 158 16.67 6.52 -40.11
N ALA EA 159 17.23 6.42 -41.32
CA ALA EA 159 18.67 6.21 -41.45
C ALA EA 159 19.44 7.47 -41.06
N GLY EA 160 18.84 8.64 -41.31
CA GLY EA 160 19.50 9.88 -40.92
C GLY EA 160 19.46 10.12 -39.42
N MET EA 161 18.53 9.46 -38.73
CA MET EA 161 18.48 9.58 -37.28
C MET EA 161 19.58 8.76 -36.62
N ARG EA 162 20.04 7.71 -37.30
CA ARG EA 162 21.11 6.89 -36.72
C ARG EA 162 22.48 7.50 -36.94
N ASN EA 163 22.62 8.29 -38.01
CA ASN EA 163 23.91 8.94 -38.27
C ASN EA 163 24.10 10.14 -37.35
N ASP EA 164 23.00 10.69 -36.82
CA ASP EA 164 23.11 11.84 -35.92
C ASP EA 164 23.51 11.41 -34.52
N LEU EA 165 23.42 10.11 -34.22
CA LEU EA 165 23.81 9.61 -32.92
C LEU EA 165 24.95 8.61 -33.04
N MET FA 1 -15.57 -5.80 -63.80
CA MET FA 1 -16.67 -6.34 -63.03
C MET FA 1 -17.92 -5.50 -63.23
N ILE FA 2 -19.04 -6.17 -63.47
CA ILE FA 2 -20.32 -5.48 -63.68
C ILE FA 2 -20.78 -4.90 -62.34
N PRO FA 3 -21.46 -3.75 -62.34
CA PRO FA 3 -21.94 -3.17 -61.09
C PRO FA 3 -23.12 -3.95 -60.52
N GLN FA 4 -22.97 -4.42 -59.28
CA GLN FA 4 -24.05 -5.08 -58.57
C GLN FA 4 -24.26 -4.38 -57.23
N THR FA 5 -25.44 -4.63 -56.67
CA THR FA 5 -25.91 -3.94 -55.48
C THR FA 5 -27.15 -4.67 -54.97
N LEU FA 6 -27.53 -4.36 -53.74
CA LEU FA 6 -28.70 -5.00 -53.14
C LEU FA 6 -29.98 -4.41 -53.70
N THR FA 7 -30.93 -5.27 -54.03
CA THR FA 7 -32.25 -4.85 -54.48
C THR FA 7 -33.37 -5.28 -53.55
N ASN FA 8 -33.32 -6.52 -53.06
CA ASN FA 8 -34.33 -7.04 -52.16
C ASN FA 8 -33.67 -7.96 -51.15
N THR FA 9 -34.40 -8.28 -50.09
CA THR FA 9 -33.86 -9.07 -49.01
C THR FA 9 -34.94 -9.99 -48.46
N ASN FA 10 -34.55 -10.87 -47.55
CA ASN FA 10 -35.49 -11.79 -46.93
C ASN FA 10 -34.90 -12.24 -45.61
N LEU FA 11 -35.71 -12.94 -44.81
CA LEU FA 11 -35.29 -13.37 -43.48
C LEU FA 11 -36.11 -14.58 -43.08
N PHE FA 12 -35.45 -15.61 -42.56
CA PHE FA 12 -36.08 -16.80 -42.03
C PHE FA 12 -35.76 -16.91 -40.54
N ILE FA 13 -36.75 -17.31 -39.75
CA ILE FA 13 -36.55 -17.65 -38.33
C ILE FA 13 -37.14 -19.02 -38.11
N ASP FA 14 -36.28 -20.03 -37.94
CA ASP FA 14 -36.67 -21.41 -37.63
C ASP FA 14 -37.62 -21.97 -38.70
N GLY FA 15 -37.33 -21.67 -39.96
CA GLY FA 15 -38.11 -22.22 -41.04
C GLY FA 15 -39.13 -21.30 -41.65
N VAL FA 16 -39.85 -20.53 -40.83
CA VAL FA 16 -40.91 -19.68 -41.35
C VAL FA 16 -40.29 -18.43 -41.97
N SER FA 17 -40.99 -17.85 -42.94
CA SER FA 17 -40.48 -16.75 -43.74
C SER FA 17 -41.10 -15.45 -43.28
N PHE FA 18 -40.27 -14.42 -43.11
CA PHE FA 18 -40.78 -13.08 -42.87
C PHE FA 18 -40.81 -12.33 -44.19
N ALA FA 19 -41.72 -12.79 -45.06
CA ALA FA 19 -41.75 -12.37 -46.46
C ALA FA 19 -42.45 -11.04 -46.68
N GLY FA 20 -42.93 -10.38 -45.63
CA GLY FA 20 -43.52 -9.07 -45.80
C GLY FA 20 -43.29 -8.16 -44.62
N ASP FA 21 -42.27 -8.46 -43.81
CA ASP FA 21 -42.16 -7.88 -42.48
C ASP FA 21 -40.93 -7.04 -42.27
N VAL FA 22 -39.74 -7.52 -42.65
CA VAL FA 22 -38.51 -6.91 -42.19
C VAL FA 22 -38.09 -5.75 -43.09
N PRO FA 23 -37.88 -4.55 -42.54
CA PRO FA 23 -37.39 -3.43 -43.34
C PRO FA 23 -35.88 -3.28 -43.33
N SER FA 24 -35.18 -3.99 -42.46
CA SER FA 24 -33.79 -3.71 -42.20
C SER FA 24 -33.07 -4.97 -41.75
N LEU FA 25 -31.79 -5.05 -42.08
CA LEU FA 25 -30.90 -6.09 -41.60
C LEU FA 25 -29.60 -5.46 -41.13
N THR FA 26 -28.81 -6.28 -40.45
CA THR FA 26 -27.40 -5.98 -40.20
C THR FA 26 -26.72 -7.32 -39.98
N LEU FA 27 -25.89 -7.73 -40.93
CA LEU FA 27 -25.03 -8.87 -40.69
C LEU FA 27 -23.97 -8.49 -39.66
N PRO FA 28 -23.44 -9.45 -38.90
CA PRO FA 28 -22.50 -9.09 -37.84
C PRO FA 28 -21.18 -8.55 -38.37
N LYS FA 29 -20.72 -7.48 -37.72
CA LYS FA 29 -19.47 -6.83 -38.08
C LYS FA 29 -18.31 -7.76 -37.78
N LEU FA 30 -17.74 -8.35 -38.83
CA LEU FA 30 -16.54 -9.15 -38.68
C LEU FA 30 -15.34 -8.22 -38.50
N ALA FA 31 -14.72 -8.26 -37.33
CA ALA FA 31 -13.61 -7.38 -37.03
C ALA FA 31 -12.57 -8.15 -36.25
N VAL FA 32 -11.33 -8.08 -36.68
CA VAL FA 32 -10.24 -8.77 -35.99
C VAL FA 32 -9.78 -7.92 -34.80
N LYS FA 33 -9.45 -8.58 -33.70
CA LYS FA 33 -8.98 -7.90 -32.50
C LYS FA 33 -7.50 -7.61 -32.66
N THR FA 34 -7.17 -6.33 -32.83
CA THR FA 34 -5.81 -5.91 -33.13
C THR FA 34 -5.12 -5.35 -31.90
N GLU FA 35 -3.89 -5.79 -31.69
CA GLU FA 35 -3.01 -5.26 -30.65
C GLU FA 35 -1.86 -4.51 -31.31
N GLN FA 36 -1.67 -3.27 -30.88
CA GLN FA 36 -0.66 -2.41 -31.49
C GLN FA 36 0.73 -2.87 -31.10
N TYR FA 37 1.47 -3.39 -32.07
CA TYR FA 37 2.83 -3.87 -31.85
C TYR FA 37 3.80 -2.86 -32.44
N ARG FA 38 4.27 -1.95 -31.61
CA ARG FA 38 5.51 -1.23 -31.91
C ARG FA 38 6.53 -1.59 -30.85
N ALA FA 39 7.78 -1.68 -31.27
CA ALA FA 39 8.81 -2.28 -30.46
C ALA FA 39 10.10 -1.51 -30.70
N GLY FA 40 11.21 -2.07 -30.23
CA GLY FA 40 12.49 -1.42 -30.42
C GLY FA 40 12.94 -1.55 -31.86
N GLY FA 41 13.21 -0.41 -32.48
CA GLY FA 41 13.72 -0.43 -33.84
C GLY FA 41 12.69 -0.10 -34.89
N MET FA 42 11.47 -0.56 -34.68
CA MET FA 42 10.42 -0.38 -35.67
C MET FA 42 9.69 0.93 -35.42
N ASP FA 43 9.21 1.53 -36.51
CA ASP FA 43 8.74 2.91 -36.46
C ASP FA 43 7.25 3.00 -36.18
N ALA FA 44 6.45 2.45 -37.04
CA ALA FA 44 5.02 2.51 -36.88
C ALA FA 44 4.50 1.23 -36.25
N PRO FA 45 3.47 1.30 -35.41
CA PRO FA 45 2.92 0.06 -34.83
C PRO FA 45 2.11 -0.73 -35.85
N VAL FA 46 2.40 -2.01 -35.95
CA VAL FA 46 1.63 -2.92 -36.78
C VAL FA 46 0.47 -3.47 -35.96
N SER FA 47 -0.56 -3.93 -36.65
CA SER FA 47 -1.69 -4.58 -36.02
C SER FA 47 -1.66 -6.07 -36.34
N ILE FA 48 -1.96 -6.89 -35.34
CA ILE FA 48 -1.71 -8.33 -35.41
C ILE FA 48 -3.06 -9.05 -35.35
N ASP FA 49 -3.22 -10.06 -36.21
CA ASP FA 49 -4.36 -10.95 -36.19
C ASP FA 49 -4.36 -11.73 -34.88
N MET FA 50 -5.25 -11.37 -33.96
CA MET FA 50 -5.28 -11.99 -32.64
C MET FA 50 -6.71 -12.25 -32.19
N GLY FA 51 -7.52 -12.80 -33.08
CA GLY FA 51 -8.88 -13.18 -32.75
C GLY FA 51 -9.90 -12.17 -33.25
N LEU FA 52 -11.14 -12.61 -33.26
CA LEU FA 52 -12.24 -11.79 -33.77
C LEU FA 52 -12.97 -11.10 -32.62
N GLU FA 53 -13.73 -10.07 -32.97
CA GLU FA 53 -14.53 -9.34 -32.01
C GLU FA 53 -15.87 -10.03 -31.79
N ALA FA 54 -16.74 -9.38 -31.03
CA ALA FA 54 -18.06 -9.92 -30.74
C ALA FA 54 -18.97 -9.71 -31.94
N MET FA 55 -19.44 -10.82 -32.51
CA MET FA 55 -20.39 -10.74 -33.61
C MET FA 55 -21.78 -10.48 -33.07
N GLU FA 56 -22.52 -9.60 -33.74
CA GLU FA 56 -23.86 -9.26 -33.32
C GLU FA 56 -24.67 -8.84 -34.53
N ALA FA 57 -25.83 -9.48 -34.72
CA ALA FA 57 -26.63 -9.32 -35.93
C ALA FA 57 -27.96 -8.66 -35.58
N LYS FA 58 -28.08 -7.37 -35.89
CA LYS FA 58 -29.34 -6.67 -35.76
C LYS FA 58 -30.29 -7.06 -36.89
N PHE FA 59 -31.58 -7.14 -36.58
CA PHE FA 59 -32.61 -7.11 -37.60
C PHE FA 59 -33.83 -6.42 -37.01
N SER FA 60 -34.76 -6.04 -37.86
CA SER FA 60 -35.84 -5.14 -37.48
C SER FA 60 -37.16 -5.65 -38.05
N THR FA 61 -38.25 -5.35 -37.35
CA THR FA 61 -39.58 -5.83 -37.72
C THR FA 61 -40.62 -4.78 -37.36
N ASN FA 62 -41.54 -4.52 -38.28
CA ASN FA 62 -42.57 -3.51 -38.09
C ASN FA 62 -43.81 -4.01 -37.37
N GLY FA 63 -44.05 -5.31 -37.33
CA GLY FA 63 -45.24 -5.84 -36.70
C GLY FA 63 -44.91 -6.78 -35.57
N ALA FA 64 -45.93 -7.09 -34.78
CA ALA FA 64 -45.78 -8.04 -33.67
C ALA FA 64 -45.73 -9.44 -34.25
N ARG FA 65 -44.53 -9.93 -34.51
CA ARG FA 65 -44.34 -11.28 -35.01
C ARG FA 65 -44.04 -12.19 -33.83
N ARG FA 66 -44.97 -13.12 -33.60
CA ARG FA 66 -44.83 -14.07 -32.51
C ARG FA 66 -43.65 -15.01 -32.75
N GLU FA 67 -43.30 -15.24 -34.02
CA GLU FA 67 -42.17 -16.11 -34.33
C GLU FA 67 -40.84 -15.46 -33.98
N ALA FA 68 -40.78 -14.13 -34.02
CA ALA FA 68 -39.56 -13.43 -33.66
C ALA FA 68 -39.46 -13.20 -32.17
N LEU FA 69 -40.59 -12.89 -31.52
CA LEU FA 69 -40.59 -12.62 -30.09
C LEU FA 69 -40.54 -13.90 -29.25
N ASN FA 70 -40.67 -15.07 -29.88
CA ASN FA 70 -40.63 -16.33 -29.16
C ASN FA 70 -39.24 -16.65 -28.65
N PHE FA 71 -38.21 -16.19 -29.34
CA PHE FA 71 -36.86 -16.67 -29.10
C PHE FA 71 -36.03 -15.73 -28.23
N PHE FA 72 -36.65 -14.80 -27.52
CA PHE FA 72 -35.90 -13.91 -26.63
C PHE FA 72 -35.62 -14.60 -25.30
N GLY FA 73 -34.35 -14.64 -24.93
CA GLY FA 73 -33.94 -15.02 -23.58
C GLY FA 73 -34.25 -16.46 -23.20
N LEU FA 74 -34.11 -17.38 -24.15
CA LEU FA 74 -34.36 -18.78 -23.86
C LEU FA 74 -33.18 -19.35 -23.07
N ALA FA 75 -33.48 -20.39 -22.27
CA ALA FA 75 -32.49 -20.97 -21.38
C ALA FA 75 -31.39 -21.71 -22.13
N ASP FA 76 -31.65 -22.13 -23.36
CA ASP FA 76 -30.64 -22.75 -24.20
C ASP FA 76 -30.14 -21.77 -25.25
N GLN FA 77 -28.82 -21.68 -25.39
CA GLN FA 77 -28.28 -20.92 -26.48
C GLN FA 77 -28.38 -21.73 -27.76
N SER FA 78 -28.33 -21.02 -28.90
CA SER FA 78 -28.51 -21.57 -30.25
C SER FA 78 -29.84 -22.30 -30.40
N ALA FA 79 -30.88 -21.80 -29.71
CA ALA FA 79 -32.25 -22.20 -30.01
C ALA FA 79 -32.83 -21.33 -31.11
N PHE FA 80 -32.59 -20.03 -31.01
CA PHE FA 80 -32.64 -19.14 -32.16
C PHE FA 80 -31.66 -19.63 -33.21
N ASN FA 81 -32.09 -19.69 -34.47
CA ASN FA 81 -31.11 -19.83 -35.55
C ASN FA 81 -31.14 -18.63 -36.49
N GLY FA 82 -32.20 -18.40 -37.25
CA GLY FA 82 -32.19 -17.29 -38.19
C GLY FA 82 -31.38 -17.52 -39.45
N VAL FA 83 -31.90 -17.09 -40.60
CA VAL FA 83 -31.17 -17.11 -41.87
C VAL FA 83 -31.43 -15.79 -42.58
N PHE FA 84 -30.36 -15.05 -42.88
CA PHE FA 84 -30.48 -13.76 -43.56
C PHE FA 84 -30.10 -13.95 -45.02
N ARG FA 85 -30.94 -13.43 -45.92
CA ARG FA 85 -30.75 -13.62 -47.35
C ARG FA 85 -30.78 -12.29 -48.08
N GLY FA 86 -29.93 -12.15 -49.09
CA GLY FA 86 -29.95 -11.00 -49.97
C GLY FA 86 -29.86 -11.45 -51.42
N SER FA 87 -30.11 -10.51 -52.32
CA SER FA 87 -30.09 -10.78 -53.75
C SER FA 87 -29.45 -9.60 -54.45
N PHE FA 88 -28.30 -9.82 -55.08
CA PHE FA 88 -27.54 -8.75 -55.71
C PHE FA 88 -27.61 -8.93 -57.22
N LYS FA 89 -28.18 -7.94 -57.91
CA LYS FA 89 -28.70 -8.20 -59.26
C LYS FA 89 -27.67 -8.12 -60.38
N GLY FA 90 -26.60 -7.34 -60.26
CA GLY FA 90 -25.72 -7.11 -61.37
C GLY FA 90 -26.29 -6.13 -62.39
N GLN FA 91 -25.49 -5.87 -63.42
CA GLN FA 91 -25.90 -5.00 -64.51
C GLN FA 91 -26.60 -5.75 -65.64
N LYS FA 92 -26.33 -7.05 -65.78
CA LYS FA 92 -26.94 -7.86 -66.83
C LYS FA 92 -28.00 -8.82 -66.29
N GLY FA 93 -28.54 -8.54 -65.11
CA GLY FA 93 -29.60 -9.34 -64.54
C GLY FA 93 -29.18 -10.59 -63.83
N ALA FA 94 -27.89 -10.89 -63.76
CA ALA FA 94 -27.40 -12.10 -63.11
C ALA FA 94 -27.46 -11.89 -61.60
N SER FA 95 -28.58 -12.27 -61.00
CA SER FA 95 -28.79 -12.08 -59.58
C SER FA 95 -27.99 -13.10 -58.77
N VAL FA 96 -27.37 -12.63 -57.69
CA VAL FA 96 -26.42 -13.43 -56.92
C VAL FA 96 -26.95 -13.64 -55.50
N PRO FA 97 -27.29 -14.87 -55.12
CA PRO FA 97 -27.90 -15.09 -53.79
C PRO FA 97 -26.92 -15.05 -52.62
N VAL FA 98 -26.91 -13.96 -51.87
CA VAL FA 98 -26.07 -13.84 -50.69
C VAL FA 98 -26.88 -14.33 -49.49
N VAL FA 99 -26.54 -15.50 -48.98
CA VAL FA 99 -27.25 -16.11 -47.85
C VAL FA 99 -26.27 -16.22 -46.69
N ALA FA 100 -26.72 -15.81 -45.50
CA ALA FA 100 -25.89 -15.79 -44.30
C ALA FA 100 -26.62 -16.56 -43.20
N THR FA 101 -26.23 -17.81 -43.00
CA THR FA 101 -26.84 -18.66 -41.97
C THR FA 101 -26.11 -18.43 -40.65
N LEU FA 102 -26.76 -17.74 -39.73
CA LEU FA 102 -26.25 -17.56 -38.38
C LEU FA 102 -27.05 -18.43 -37.43
N ARG FA 103 -26.50 -18.68 -36.23
CA ARG FA 103 -27.15 -19.53 -35.23
C ARG FA 103 -26.95 -18.98 -33.82
N GLY FA 104 -27.15 -17.69 -33.65
CA GLY FA 104 -26.86 -17.04 -32.39
C GLY FA 104 -27.98 -17.12 -31.37
N LEU FA 105 -27.79 -16.38 -30.28
CA LEU FA 105 -28.80 -16.18 -29.24
C LEU FA 105 -29.42 -14.81 -29.40
N LEU FA 106 -30.75 -14.74 -29.31
CA LEU FA 106 -31.43 -13.46 -29.47
C LEU FA 106 -31.22 -12.65 -28.20
N LYS FA 107 -30.74 -11.42 -28.35
CA LYS FA 107 -30.12 -10.65 -27.29
C LYS FA 107 -30.95 -9.50 -26.78
N GLU FA 108 -31.69 -8.81 -27.65
CA GLU FA 108 -32.28 -7.54 -27.27
C GLU FA 108 -33.54 -7.31 -28.09
N VAL FA 109 -34.62 -6.93 -27.40
CA VAL FA 109 -35.87 -6.54 -28.05
C VAL FA 109 -36.25 -5.18 -27.48
N ASP FA 110 -36.34 -4.18 -28.34
CA ASP FA 110 -36.85 -2.86 -27.94
C ASP FA 110 -37.87 -2.35 -28.94
N PRO FA 111 -39.16 -2.56 -28.66
CA PRO FA 111 -40.20 -1.74 -29.30
C PRO FA 111 -40.00 -0.30 -28.91
N GLY FA 112 -39.70 0.54 -29.89
CA GLY FA 112 -39.30 1.89 -29.62
C GLY FA 112 -40.45 2.84 -29.34
N ASP FA 113 -40.40 4.01 -29.96
CA ASP FA 113 -41.39 5.05 -29.73
C ASP FA 113 -42.68 4.67 -30.45
N TRP FA 114 -43.70 4.25 -29.69
CA TRP FA 114 -45.02 4.00 -30.27
C TRP FA 114 -45.80 5.31 -30.36
N LYS FA 115 -45.42 6.12 -31.34
CA LYS FA 115 -46.26 7.26 -31.68
C LYS FA 115 -47.50 6.76 -32.44
N ALA FA 116 -48.53 7.61 -32.47
CA ALA FA 116 -49.82 7.18 -33.00
C ALA FA 116 -49.78 7.03 -34.52
N GLY FA 117 -49.53 8.13 -35.23
CA GLY FA 117 -49.50 8.09 -36.68
C GLY FA 117 -48.29 7.40 -37.26
N GLU FA 118 -47.14 7.56 -36.60
CA GLU FA 118 -45.90 6.95 -37.09
C GLU FA 118 -45.93 5.45 -36.89
N LYS FA 119 -45.38 4.72 -37.86
CA LYS FA 119 -45.29 3.27 -37.75
C LYS FA 119 -44.31 2.88 -36.65
N ALA FA 120 -44.54 1.73 -36.03
CA ALA FA 120 -43.71 1.24 -34.95
C ALA FA 120 -42.66 0.30 -35.51
N GLU FA 121 -41.58 0.13 -34.75
CA GLU FA 121 -40.48 -0.73 -35.15
C GLU FA 121 -40.04 -1.56 -33.96
N PHE FA 122 -39.80 -2.85 -34.19
CA PHE FA 122 -39.27 -3.74 -33.17
C PHE FA 122 -37.83 -4.06 -33.57
N LYS FA 123 -36.88 -3.32 -33.02
CA LYS FA 123 -35.48 -3.63 -33.27
C LYS FA 123 -35.09 -4.91 -32.52
N TYR FA 124 -34.37 -5.79 -33.18
CA TYR FA 124 -33.86 -7.00 -32.56
C TYR FA 124 -32.34 -6.99 -32.59
N ALA FA 125 -31.75 -7.84 -31.75
CA ALA FA 125 -30.30 -8.00 -31.74
C ALA FA 125 -30.00 -9.44 -31.38
N VAL FA 126 -29.01 -10.01 -32.05
CA VAL FA 126 -28.70 -11.43 -31.94
C VAL FA 126 -27.24 -11.58 -31.53
N ALA FA 127 -27.02 -12.14 -30.35
CA ALA FA 127 -25.67 -12.47 -29.91
C ALA FA 127 -25.22 -13.69 -30.70
N VAL FA 128 -24.44 -13.46 -31.75
CA VAL FA 128 -24.13 -14.48 -32.74
C VAL FA 128 -23.12 -15.48 -32.18
N SER FA 129 -23.49 -16.76 -32.16
CA SER FA 129 -22.64 -17.83 -31.70
C SER FA 129 -22.19 -18.75 -32.83
N TYR FA 130 -22.58 -18.44 -34.07
CA TYR FA 130 -22.19 -19.16 -35.28
C TYR FA 130 -22.51 -18.29 -36.48
N TYR FA 131 -21.61 -18.20 -37.46
CA TYR FA 131 -21.84 -17.34 -38.61
C TYR FA 131 -21.27 -18.01 -39.85
N LYS FA 132 -22.00 -17.86 -40.96
CA LYS FA 132 -21.66 -18.60 -42.18
C LYS FA 132 -22.19 -17.80 -43.37
N LEU FA 133 -21.30 -17.11 -44.08
CA LEU FA 133 -21.69 -16.30 -45.23
C LEU FA 133 -21.38 -17.02 -46.52
N GLU FA 134 -22.33 -16.99 -47.45
CA GLU FA 134 -22.18 -17.60 -48.76
C GLU FA 134 -22.52 -16.55 -49.81
N VAL FA 135 -21.60 -16.28 -50.73
CA VAL FA 135 -21.81 -15.20 -51.69
C VAL FA 135 -22.69 -15.66 -52.84
N ASP FA 136 -22.32 -16.72 -53.55
CA ASP FA 136 -23.16 -17.20 -54.64
C ASP FA 136 -23.71 -18.61 -54.36
N GLY FA 137 -22.82 -19.60 -54.22
CA GLY FA 137 -23.19 -20.89 -53.71
C GLY FA 137 -22.06 -21.41 -52.86
N ARG FA 138 -20.97 -20.65 -52.88
CA ARG FA 138 -19.72 -21.08 -52.27
C ARG FA 138 -19.58 -20.43 -50.90
N GLU FA 139 -18.96 -21.15 -49.98
CA GLU FA 139 -18.94 -20.76 -48.57
C GLU FA 139 -17.72 -19.88 -48.31
N VAL FA 140 -17.96 -18.60 -48.05
CA VAL FA 140 -16.86 -17.66 -47.84
C VAL FA 140 -16.41 -17.67 -46.40
N TYR FA 141 -17.31 -17.35 -45.47
CA TYR FA 141 -17.01 -17.33 -44.06
C TYR FA 141 -17.69 -18.50 -43.38
N GLU FA 142 -17.05 -19.01 -42.33
CA GLU FA 142 -17.66 -20.00 -41.45
C GLU FA 142 -16.99 -19.80 -40.10
N ILE FA 143 -17.64 -19.04 -39.22
CA ILE FA 143 -17.02 -18.58 -37.98
C ILE FA 143 -17.59 -19.44 -36.87
N ASP FA 144 -16.77 -20.33 -36.32
CA ASP FA 144 -17.07 -21.01 -35.08
C ASP FA 144 -16.37 -20.28 -33.94
N PRO FA 145 -17.08 -19.60 -33.07
CA PRO FA 145 -16.43 -19.09 -31.86
C PRO FA 145 -16.08 -20.22 -30.93
N VAL FA 146 -17.07 -21.07 -30.60
CA VAL FA 146 -16.88 -22.10 -29.57
C VAL FA 146 -16.02 -23.26 -30.07
N ASN FA 147 -15.89 -23.44 -31.38
CA ASN FA 147 -14.99 -24.43 -31.94
C ASN FA 147 -13.78 -23.73 -32.54
N GLY FA 148 -12.75 -24.52 -32.84
CA GLY FA 148 -11.53 -23.93 -33.36
C GLY FA 148 -11.47 -23.87 -34.86
N VAL FA 149 -12.59 -23.57 -35.52
CA VAL FA 149 -12.67 -23.59 -36.98
C VAL FA 149 -13.13 -22.21 -37.43
N ARG FA 150 -12.18 -21.38 -37.87
CA ARG FA 150 -12.47 -20.14 -38.57
C ARG FA 150 -12.14 -20.34 -40.03
N ALA FA 151 -13.14 -20.70 -40.82
CA ALA FA 151 -12.95 -21.05 -42.22
C ALA FA 151 -13.15 -19.83 -43.08
N ILE FA 152 -12.08 -19.36 -43.70
CA ILE FA 152 -12.13 -18.31 -44.69
C ILE FA 152 -11.89 -18.98 -46.03
N ASN FA 153 -12.86 -18.82 -46.95
CA ASN FA 153 -12.86 -19.45 -48.27
C ASN FA 153 -12.76 -20.98 -48.19
N GLY FA 154 -13.38 -21.57 -47.17
CA GLY FA 154 -13.46 -23.01 -47.06
C GLY FA 154 -12.27 -23.68 -46.41
N VAL FA 155 -11.19 -22.96 -46.15
CA VAL FA 155 -10.00 -23.53 -45.50
C VAL FA 155 -9.90 -22.90 -44.11
N ASP FA 156 -9.59 -23.71 -43.11
CA ASP FA 156 -9.56 -23.27 -41.72
C ASP FA 156 -8.27 -22.48 -41.49
N GLN FA 157 -8.41 -21.27 -40.97
CA GLN FA 157 -7.23 -20.43 -40.73
C GLN FA 157 -6.67 -20.68 -39.34
N LEU FA 158 -7.50 -21.15 -38.41
CA LEU FA 158 -7.01 -21.46 -37.07
C LEU FA 158 -6.24 -22.77 -37.06
N ALA FA 159 -6.55 -23.68 -37.99
CA ALA FA 159 -5.79 -24.91 -38.11
C ALA FA 159 -4.39 -24.63 -38.66
N GLY FA 160 -4.27 -23.62 -39.52
CA GLY FA 160 -2.96 -23.27 -40.05
C GLY FA 160 -2.07 -22.59 -39.02
N MET FA 161 -2.68 -22.02 -37.98
CA MET FA 161 -1.90 -21.41 -36.91
C MET FA 161 -1.30 -22.47 -36.00
N ARG FA 162 -1.91 -23.65 -35.93
CA ARG FA 162 -1.37 -24.70 -35.09
C ARG FA 162 -0.25 -25.47 -35.78
N ASN FA 163 -0.29 -25.51 -37.12
CA ASN FA 163 0.79 -26.18 -37.85
C ASN FA 163 2.05 -25.34 -37.88
N ASP FA 164 1.91 -24.02 -37.69
CA ASP FA 164 3.07 -23.14 -37.71
C ASP FA 164 3.84 -23.20 -36.39
N LEU FA 165 3.22 -23.76 -35.36
CA LEU FA 165 3.85 -23.89 -34.07
C LEU FA 165 3.99 -25.35 -33.65
N SER GA 2 46.53 -10.65 -54.58
CA SER GA 2 46.63 -11.57 -53.45
C SER GA 2 45.84 -11.06 -52.26
N PHE GA 3 44.67 -11.64 -52.05
CA PHE GA 3 43.79 -11.28 -50.94
C PHE GA 3 44.16 -12.07 -49.70
N PHE GA 4 43.35 -11.93 -48.66
CA PHE GA 4 43.53 -12.64 -47.40
C PHE GA 4 42.17 -13.04 -46.88
N HIS GA 5 42.11 -14.13 -46.10
CA HIS GA 5 40.83 -14.72 -45.77
C HIS GA 5 40.58 -14.73 -44.26
N GLY GA 6 41.44 -14.08 -43.49
CA GLY GA 6 41.25 -14.05 -42.06
C GLY GA 6 40.96 -12.68 -41.50
N VAL GA 7 40.96 -12.60 -40.17
CA VAL GA 7 40.83 -11.31 -39.49
C VAL GA 7 42.19 -10.62 -39.50
N THR GA 8 42.17 -9.31 -39.74
CA THR GA 8 43.39 -8.56 -40.03
C THR GA 8 43.32 -7.21 -39.31
N VAL GA 9 44.49 -6.69 -38.94
CA VAL GA 9 44.65 -5.32 -38.47
C VAL GA 9 45.20 -4.49 -39.63
N THR GA 10 44.70 -3.26 -39.77
CA THR GA 10 45.22 -2.31 -40.73
C THR GA 10 45.55 -1.01 -40.01
N ASN GA 11 46.76 -0.51 -40.23
CA ASN GA 11 47.23 0.71 -39.58
C ASN GA 11 47.36 1.88 -40.54
N VAL GA 12 46.82 1.78 -41.75
CA VAL GA 12 46.88 2.85 -42.73
C VAL GA 12 45.49 3.48 -42.81
N ASP GA 13 45.43 4.69 -43.35
CA ASP GA 13 44.17 5.40 -43.48
C ASP GA 13 43.28 4.72 -44.51
N ILE GA 14 41.96 4.82 -44.29
CA ILE GA 14 40.99 4.12 -45.14
C ILE GA 14 40.01 5.11 -45.76
N GLY GA 15 39.25 5.79 -44.91
CA GLY GA 15 38.10 6.56 -45.38
C GLY GA 15 38.43 8.00 -45.72
N ALA GA 16 37.47 8.64 -46.38
CA ALA GA 16 37.58 10.04 -46.75
C ALA GA 16 36.87 10.90 -45.72
N ARG GA 17 37.54 11.99 -45.31
CA ARG GA 17 36.95 12.95 -44.38
C ARG GA 17 36.89 14.35 -44.99
N THR GA 18 36.93 14.44 -46.32
CA THR GA 18 36.79 15.71 -47.03
C THR GA 18 35.34 16.03 -47.36
N ILE GA 19 34.40 15.50 -46.59
CA ILE GA 19 32.98 15.73 -46.83
C ILE GA 19 32.44 16.85 -45.94
N ALA GA 20 32.82 16.85 -44.67
CA ALA GA 20 32.38 17.85 -43.71
C ALA GA 20 32.85 19.25 -44.08
N LEU GA 21 34.18 19.46 -44.03
CA LEU GA 21 34.88 20.70 -44.39
C LEU GA 21 34.31 21.93 -43.69
N PRO GA 22 34.59 22.13 -42.40
CA PRO GA 22 34.08 23.33 -41.70
C PRO GA 22 34.70 24.59 -42.28
N ALA GA 23 33.85 25.44 -42.89
CA ALA GA 23 34.30 26.54 -43.72
C ALA GA 23 34.92 27.69 -42.93
N SER GA 24 34.77 27.70 -41.61
CA SER GA 24 35.32 28.78 -40.81
C SER GA 24 36.72 28.50 -40.29
N SER GA 25 37.18 27.24 -40.37
CA SER GA 25 38.42 26.84 -39.72
C SER GA 25 39.48 26.36 -40.69
N VAL GA 26 39.32 26.59 -41.99
CA VAL GA 26 40.33 26.20 -42.96
C VAL GA 26 41.50 27.17 -42.89
N ILE GA 27 42.72 26.63 -43.01
CA ILE GA 27 43.95 27.35 -42.69
C ILE GA 27 44.84 27.34 -43.91
N GLY GA 28 45.37 28.52 -44.27
CA GLY GA 28 46.41 28.62 -45.27
C GLY GA 28 47.77 28.59 -44.61
N LEU GA 29 48.68 27.80 -45.18
CA LEU GA 29 49.97 27.55 -44.56
C LEU GA 29 51.07 27.59 -45.62
N CYS GA 30 52.12 28.35 -45.35
CA CYS GA 30 53.23 28.51 -46.29
C CYS GA 30 54.54 28.55 -45.53
N ASP GA 31 55.40 27.55 -45.78
CA ASP GA 31 56.75 27.53 -45.22
C ASP GA 31 57.61 26.64 -46.11
N VAL GA 32 58.87 26.48 -45.74
CA VAL GA 32 59.82 25.74 -46.57
C VAL GA 32 59.69 24.24 -46.31
N PHE GA 33 60.15 23.46 -47.28
CA PHE GA 33 60.29 22.00 -47.13
C PHE GA 33 61.30 21.52 -48.15
N THR GA 34 61.58 20.23 -48.11
CA THR GA 34 62.52 19.61 -49.04
C THR GA 34 61.77 18.66 -49.96
N PRO GA 35 61.59 18.99 -51.24
CA PRO GA 35 60.82 18.12 -52.16
C PRO GA 35 61.62 16.93 -52.66
N GLY GA 36 61.87 15.97 -51.78
CA GLY GA 36 62.55 14.75 -52.13
C GLY GA 36 61.58 13.69 -52.64
N ALA GA 37 62.00 12.43 -52.49
CA ALA GA 37 61.13 11.31 -52.82
C ALA GA 37 60.21 10.93 -51.67
N GLN GA 38 60.53 11.34 -50.45
CA GLN GA 38 59.65 11.10 -49.31
C GLN GA 38 58.55 12.14 -49.18
N ALA GA 39 58.70 13.29 -49.86
CA ALA GA 39 57.71 14.36 -49.85
C ALA GA 39 57.01 14.34 -51.21
N SER GA 40 55.80 13.80 -51.25
CA SER GA 40 55.08 13.61 -52.51
C SER GA 40 54.18 14.80 -52.81
N ALA GA 41 54.80 15.97 -52.97
CA ALA GA 41 54.09 17.18 -53.32
C ALA GA 41 55.02 18.12 -54.06
N LYS GA 42 54.55 18.67 -55.18
CA LYS GA 42 55.27 19.71 -55.87
C LYS GA 42 55.30 20.98 -55.01
N PRO GA 43 56.37 21.80 -55.13
CA PRO GA 43 56.53 22.95 -54.21
C PRO GA 43 55.43 24.00 -54.24
N ASN GA 44 55.20 24.64 -55.39
CA ASN GA 44 54.33 25.81 -55.44
C ASN GA 44 52.89 25.48 -55.79
N VAL GA 45 52.40 24.29 -55.44
CA VAL GA 45 51.00 23.96 -55.64
C VAL GA 45 50.36 23.76 -54.28
N PRO GA 46 49.07 24.04 -54.11
CA PRO GA 46 48.40 23.71 -52.85
C PRO GA 46 48.02 22.25 -52.77
N VAL GA 47 47.87 21.77 -51.54
CA VAL GA 47 47.48 20.40 -51.28
C VAL GA 47 46.63 20.38 -50.01
N LEU GA 48 45.59 19.57 -50.02
CA LEU GA 48 44.63 19.52 -48.92
C LEU GA 48 45.12 18.56 -47.85
N LEU GA 49 45.03 18.99 -46.59
CA LEU GA 49 45.50 18.20 -45.46
C LEU GA 49 44.40 18.12 -44.41
N THR GA 50 44.32 16.96 -43.78
CA THR GA 50 43.35 16.77 -42.70
C THR GA 50 43.99 16.24 -41.43
N SER GA 51 44.94 15.32 -41.54
CA SER GA 51 45.57 14.70 -40.39
C SER GA 51 47.09 14.76 -40.53
N LYS GA 52 47.78 14.28 -39.50
CA LYS GA 52 49.24 14.24 -39.53
C LYS GA 52 49.77 13.22 -40.52
N LYS GA 53 48.97 12.20 -40.86
CA LYS GA 53 49.37 11.27 -41.90
C LYS GA 53 49.39 11.92 -43.27
N ASP GA 54 48.50 12.90 -43.50
CA ASP GA 54 48.52 13.64 -44.76
C ASP GA 54 49.73 14.56 -44.83
N ALA GA 55 50.14 15.11 -43.69
CA ALA GA 55 51.34 15.94 -43.65
C ALA GA 55 52.60 15.09 -43.77
N ALA GA 56 52.55 13.85 -43.28
CA ALA GA 56 53.70 12.96 -43.41
C ALA GA 56 53.86 12.46 -44.84
N ALA GA 57 52.75 12.27 -45.56
CA ALA GA 57 52.83 11.75 -46.91
C ALA GA 57 53.20 12.83 -47.91
N ALA GA 58 52.73 14.06 -47.69
CA ALA GA 58 52.97 15.14 -48.64
C ALA GA 58 54.24 15.92 -48.39
N PHE GA 59 54.75 15.90 -47.15
CA PHE GA 59 55.92 16.69 -46.80
C PHE GA 59 56.83 15.84 -45.92
N GLY GA 60 58.07 16.32 -45.74
CA GLY GA 60 59.01 15.62 -44.91
C GLY GA 60 58.71 15.81 -43.43
N ILE GA 61 59.16 14.83 -42.64
CA ILE GA 61 58.93 14.90 -41.19
C ILE GA 61 59.80 15.99 -40.56
N GLY GA 62 61.07 16.06 -40.94
CA GLY GA 62 61.93 17.11 -40.46
C GLY GA 62 61.70 18.46 -41.09
N SER GA 63 60.91 18.52 -42.15
CA SER GA 63 60.60 19.79 -42.79
C SER GA 63 59.66 20.62 -41.92
N SER GA 64 59.80 21.93 -41.99
CA SER GA 64 59.07 22.83 -41.11
C SER GA 64 57.63 23.07 -41.55
N ILE GA 65 57.19 22.48 -42.68
CA ILE GA 65 55.76 22.37 -42.94
C ILE GA 65 55.12 21.46 -41.90
N TYR GA 66 55.68 20.27 -41.72
CA TYR GA 66 55.14 19.29 -40.77
C TYR GA 66 55.26 19.79 -39.33
N LEU GA 67 56.27 20.60 -39.04
CA LEU GA 67 56.40 21.19 -37.71
C LEU GA 67 55.29 22.21 -37.45
N ALA GA 68 54.78 22.84 -38.50
CA ALA GA 68 53.61 23.70 -38.39
C ALA GA 68 52.31 22.93 -38.51
N CYS GA 69 52.29 21.82 -39.25
CA CYS GA 69 51.11 20.99 -39.32
C CYS GA 69 50.87 20.24 -38.03
N GLU GA 70 51.94 19.81 -37.35
CA GLU GA 70 51.81 19.18 -36.05
C GLU GA 70 51.36 20.19 -34.99
N ALA GA 71 51.78 21.46 -35.15
CA ALA GA 71 51.38 22.50 -34.21
C ALA GA 71 49.90 22.79 -34.27
N ILE GA 72 49.27 22.57 -35.43
CA ILE GA 72 47.83 22.75 -35.55
C ILE GA 72 47.09 21.49 -35.17
N TYR GA 73 47.57 20.33 -35.63
CA TYR GA 73 46.87 19.07 -35.44
C TYR GA 73 47.01 18.50 -34.04
N ASN GA 74 47.87 19.06 -33.20
CA ASN GA 74 47.87 18.68 -31.80
C ASN GA 74 46.67 19.21 -31.04
N ARG GA 75 46.07 20.29 -31.51
CA ARG GA 75 44.97 20.93 -30.79
C ARG GA 75 43.60 20.68 -31.43
N ALA GA 76 43.48 20.92 -32.73
CA ALA GA 76 42.18 20.88 -33.38
C ALA GA 76 42.18 19.86 -34.52
N GLN GA 77 40.97 19.41 -34.85
CA GLN GA 77 40.75 18.61 -36.05
C GLN GA 77 40.49 19.57 -37.20
N ALA GA 78 41.57 20.15 -37.71
CA ALA GA 78 41.49 21.27 -38.64
C ALA GA 78 41.72 20.80 -40.07
N VAL GA 79 41.49 21.72 -40.99
CA VAL GA 79 41.72 21.52 -42.42
C VAL GA 79 42.72 22.57 -42.86
N ILE GA 80 43.79 22.13 -43.51
CA ILE GA 80 44.90 23.00 -43.89
C ILE GA 80 45.08 22.95 -45.40
N VAL GA 81 45.09 24.11 -46.03
CA VAL GA 81 45.59 24.27 -47.40
C VAL GA 81 47.06 24.67 -47.27
N ALA GA 82 47.95 23.73 -47.55
CA ALA GA 82 49.38 23.91 -47.32
C ALA GA 82 50.09 24.10 -48.65
N VAL GA 83 50.69 25.26 -48.85
CA VAL GA 83 51.55 25.52 -49.99
C VAL GA 83 52.99 25.51 -49.49
N GLY GA 84 53.89 25.04 -50.32
CA GLY GA 84 55.29 24.99 -49.98
C GLY GA 84 56.09 25.99 -50.78
N VAL GA 85 57.28 26.29 -50.28
CA VAL GA 85 58.25 27.10 -51.01
C VAL GA 85 59.59 26.39 -50.95
N GLU GA 86 60.35 26.49 -52.04
CA GLU GA 86 61.71 25.98 -52.04
C GLU GA 86 62.59 26.92 -51.22
N THR GA 87 63.43 26.34 -50.37
CA THR GA 87 64.29 27.16 -49.52
C THR GA 87 65.41 27.78 -50.35
N ALA GA 88 65.66 29.06 -50.10
CA ALA GA 88 66.66 29.83 -50.83
C ALA GA 88 67.89 30.04 -49.95
N GLU GA 89 68.82 30.86 -50.44
CA GLU GA 89 70.04 31.17 -49.70
C GLU GA 89 69.94 32.52 -49.00
N THR GA 90 69.62 33.57 -49.75
CA THR GA 90 69.47 34.90 -49.17
C THR GA 90 68.13 35.00 -48.44
N PRO GA 91 68.11 35.45 -47.19
CA PRO GA 91 66.83 35.58 -46.47
C PRO GA 91 65.93 36.67 -47.02
N GLU GA 92 66.49 37.71 -47.65
CA GLU GA 92 65.67 38.67 -48.37
C GLU GA 92 65.12 38.10 -49.67
N ALA GA 93 65.79 37.10 -50.25
CA ALA GA 93 65.24 36.35 -51.37
C ALA GA 93 64.41 35.17 -50.92
N GLN GA 94 64.56 34.72 -49.67
CA GLN GA 94 63.66 33.73 -49.12
C GLN GA 94 62.27 34.30 -48.91
N ALA GA 95 62.20 35.54 -48.45
CA ALA GA 95 60.91 36.24 -48.34
C ALA GA 95 60.31 36.50 -49.72
N SER GA 96 61.15 36.61 -50.75
CA SER GA 96 60.65 36.74 -52.12
C SER GA 96 60.02 35.45 -52.62
N ALA GA 97 60.41 34.30 -52.08
CA ALA GA 97 59.80 33.03 -52.48
C ALA GA 97 58.45 32.83 -51.82
N VAL GA 98 58.27 33.35 -50.61
CA VAL GA 98 57.03 33.14 -49.88
C VAL GA 98 55.92 34.03 -50.43
N ILE GA 99 56.26 35.27 -50.81
CA ILE GA 99 55.25 36.18 -51.37
C ILE GA 99 54.80 35.70 -52.75
N GLY GA 100 55.67 35.03 -53.50
CA GLY GA 100 55.28 34.45 -54.77
C GLY GA 100 54.98 35.49 -55.83
N GLY GA 101 53.89 35.26 -56.54
CA GLY GA 101 53.44 36.14 -57.59
C GLY GA 101 53.01 35.35 -58.80
N ILE GA 102 53.06 36.01 -59.95
CA ILE GA 102 52.61 35.43 -61.22
C ILE GA 102 53.88 35.23 -62.04
N SER GA 103 54.98 34.90 -61.35
CA SER GA 103 56.27 34.72 -62.01
C SER GA 103 56.29 33.54 -62.98
N ALA GA 104 55.37 32.60 -62.82
CA ALA GA 104 55.22 31.50 -63.78
C ALA GA 104 54.38 31.97 -64.97
N ALA GA 105 53.98 31.04 -65.82
CA ALA GA 105 53.16 31.39 -66.98
C ALA GA 105 51.71 31.66 -66.56
N GLY GA 106 51.05 30.65 -65.99
CA GLY GA 106 49.69 30.82 -65.52
C GLY GA 106 49.46 30.16 -64.17
N GLU GA 107 50.50 30.15 -63.33
CA GLU GA 107 50.46 29.50 -62.04
C GLU GA 107 50.78 30.49 -60.95
N ARG GA 108 50.02 30.44 -59.85
CA ARG GA 108 50.29 31.25 -58.67
C ARG GA 108 51.20 30.49 -57.72
N THR GA 109 52.21 31.19 -57.20
CA THR GA 109 53.22 30.61 -56.34
C THR GA 109 53.20 31.28 -54.97
N GLY GA 110 53.72 30.58 -53.98
CA GLY GA 110 53.90 31.17 -52.65
C GLY GA 110 52.57 31.33 -51.92
N LEU GA 111 52.41 32.50 -51.28
CA LEU GA 111 51.17 32.81 -50.58
C LEU GA 111 50.01 32.98 -51.54
N GLN GA 112 50.28 33.38 -52.79
CA GLN GA 112 49.22 33.66 -53.74
C GLN GA 112 48.50 32.40 -54.21
N ALA GA 113 49.09 31.23 -54.01
CA ALA GA 113 48.41 29.98 -54.30
C ALA GA 113 47.37 29.61 -53.26
N LEU GA 114 47.35 30.30 -52.11
CA LEU GA 114 46.29 30.10 -51.14
C LEU GA 114 44.98 30.72 -51.60
N LEU GA 115 45.03 31.65 -52.56
CA LEU GA 115 43.83 32.14 -53.22
C LEU GA 115 43.18 31.06 -54.07
N ASP GA 116 43.94 30.05 -54.48
CA ASP GA 116 43.42 28.90 -55.21
C ASP GA 116 43.01 27.77 -54.28
N GLY GA 117 42.63 28.07 -53.05
CA GLY GA 117 42.14 27.05 -52.15
C GLY GA 117 40.79 26.53 -52.60
N LYS GA 118 39.84 27.44 -52.78
CA LYS GA 118 38.62 27.11 -53.51
C LYS GA 118 38.98 26.89 -54.98
N SER GA 119 38.14 26.11 -55.67
CA SER GA 119 38.30 25.51 -57.00
C SER GA 119 39.34 24.40 -57.03
N ARG GA 120 39.96 24.07 -55.90
CA ARG GA 120 40.78 22.88 -55.76
C ARG GA 120 40.22 21.92 -54.73
N PHE GA 121 39.90 22.41 -53.52
CA PHE GA 121 39.52 21.52 -52.43
C PHE GA 121 38.41 22.05 -51.53
N ASN GA 122 37.60 23.00 -52.01
CA ASN GA 122 36.45 23.60 -51.29
C ASN GA 122 36.88 24.24 -49.97
N ALA GA 123 38.04 24.87 -49.95
CA ALA GA 123 38.54 25.49 -48.73
C ALA GA 123 38.98 26.91 -49.04
N GLN GA 124 38.12 27.87 -48.72
CA GLN GA 124 38.42 29.29 -48.80
C GLN GA 124 39.08 29.69 -47.48
N PRO GA 125 40.41 29.86 -47.44
CA PRO GA 125 41.13 29.83 -46.15
C PRO GA 125 40.80 31.02 -45.26
N ARG GA 126 40.60 30.73 -43.98
CA ARG GA 126 40.21 31.72 -43.00
C ARG GA 126 41.33 32.10 -42.05
N LEU GA 127 42.41 31.32 -42.01
CA LEU GA 127 43.52 31.57 -41.11
C LEU GA 127 44.81 31.53 -41.92
N LEU GA 128 45.51 32.65 -41.99
CA LEU GA 128 46.77 32.76 -42.71
C LEU GA 128 47.90 32.72 -41.70
N VAL GA 129 48.81 31.76 -41.87
CA VAL GA 129 49.99 31.66 -41.02
C VAL GA 129 51.22 31.44 -41.91
N ALA GA 130 52.28 32.18 -41.63
CA ALA GA 130 53.61 31.91 -42.17
C ALA GA 130 54.53 31.73 -40.96
N PRO GA 131 54.73 30.50 -40.50
CA PRO GA 131 55.46 30.28 -39.24
C PRO GA 131 56.94 30.57 -39.33
N GLY GA 132 57.36 31.69 -38.75
CA GLY GA 132 58.74 32.10 -38.85
C GLY GA 132 58.95 33.17 -39.89
N HIS GA 133 58.25 33.04 -41.02
CA HIS GA 133 58.35 34.03 -42.09
C HIS GA 133 57.28 35.10 -41.95
N SER GA 134 57.16 35.67 -40.77
CA SER GA 134 56.29 36.82 -40.55
C SER GA 134 56.93 37.87 -39.67
N ALA GA 135 58.13 37.62 -39.15
CA ALA GA 135 58.90 38.69 -38.52
C ALA GA 135 59.44 39.66 -39.57
N GLN GA 136 59.57 39.21 -40.82
CA GLN GA 136 59.89 40.11 -41.91
C GLN GA 136 58.65 40.90 -42.31
N GLN GA 137 58.84 42.19 -42.58
CA GLN GA 137 57.71 43.07 -42.85
C GLN GA 137 57.14 42.84 -44.25
N ALA GA 138 57.97 42.40 -45.19
CA ALA GA 138 57.51 42.23 -46.57
C ALA GA 138 56.52 41.08 -46.73
N VAL GA 139 56.61 40.07 -45.88
CA VAL GA 139 55.64 38.98 -45.92
C VAL GA 139 54.43 39.31 -45.04
N ALA GA 140 54.64 40.04 -43.95
CA ALA GA 140 53.53 40.49 -43.12
C ALA GA 140 52.67 41.52 -43.83
N THR GA 141 53.25 42.27 -44.78
CA THR GA 141 52.46 43.12 -45.66
C THR GA 141 51.83 42.30 -46.79
N ALA GA 142 52.48 41.20 -47.18
CA ALA GA 142 51.89 40.30 -48.16
C ALA GA 142 50.71 39.55 -47.58
N MET GA 143 50.84 39.08 -46.33
CA MET GA 143 49.71 38.46 -45.65
C MET GA 143 48.64 39.48 -45.29
N ASP GA 144 49.02 40.75 -45.16
CA ASP GA 144 48.06 41.82 -44.95
C ASP GA 144 47.15 41.97 -46.17
N GLY GA 145 47.75 42.26 -47.33
CA GLY GA 145 46.97 42.57 -48.52
C GLY GA 145 46.26 41.37 -49.10
N LEU GA 146 46.74 40.17 -48.80
CA LEU GA 146 46.04 38.96 -49.26
C LEU GA 146 44.84 38.65 -48.38
N ALA GA 147 44.77 39.22 -47.18
CA ALA GA 147 43.69 38.89 -46.25
C ALA GA 147 42.36 39.46 -46.70
N GLU GA 148 42.34 40.74 -47.10
CA GLU GA 148 41.07 41.32 -47.54
C GLU GA 148 40.64 40.81 -48.91
N LYS GA 149 41.56 40.26 -49.69
CA LYS GA 149 41.15 39.51 -50.87
C LYS GA 149 40.51 38.19 -50.49
N LEU GA 150 40.94 37.62 -49.37
CA LEU GA 150 40.54 36.28 -48.96
C LEU GA 150 39.42 36.32 -47.92
N ARG GA 151 39.15 37.49 -47.33
CA ARG GA 151 38.25 37.69 -46.19
C ARG GA 151 38.61 36.74 -45.05
N ALA GA 152 39.86 36.83 -44.62
CA ALA GA 152 40.42 36.03 -43.54
C ALA GA 152 41.09 36.98 -42.54
N ILE GA 153 41.77 36.39 -41.57
CA ILE GA 153 42.69 37.13 -40.71
C ILE GA 153 44.03 36.43 -40.73
N ALA GA 154 45.10 37.22 -40.77
CA ALA GA 154 46.46 36.69 -40.90
C ALA GA 154 47.11 36.68 -39.52
N ILE GA 155 47.49 35.49 -39.06
CA ILE GA 155 48.11 35.32 -37.75
C ILE GA 155 49.62 35.39 -37.98
N LEU GA 156 50.16 36.60 -37.89
CA LEU GA 156 51.59 36.79 -38.00
C LEU GA 156 52.20 36.77 -36.61
N ASP GA 157 53.52 36.86 -36.53
CA ASP GA 157 54.19 36.88 -35.23
C ASP GA 157 55.38 37.83 -35.26
N GLY GA 158 55.65 38.44 -34.10
CA GLY GA 158 56.77 39.33 -33.98
C GLY GA 158 58.08 38.60 -33.87
N PRO GA 159 59.17 39.35 -33.76
CA PRO GA 159 60.47 38.73 -33.50
C PRO GA 159 60.53 38.22 -32.07
N ASN GA 160 61.45 37.29 -31.84
CA ASN GA 160 61.63 36.70 -30.52
C ASN GA 160 62.58 37.48 -29.63
N SER GA 161 62.78 38.77 -29.93
CA SER GA 161 63.54 39.67 -29.06
C SER GA 161 62.64 40.23 -27.97
N THR GA 162 63.09 41.28 -27.31
CA THR GA 162 62.38 41.86 -26.18
C THR GA 162 61.06 42.53 -26.61
N ASP GA 163 60.38 43.11 -25.63
CA ASP GA 163 59.00 43.55 -25.81
C ASP GA 163 58.90 44.76 -26.74
N GLU GA 164 59.75 45.77 -26.53
CA GLU GA 164 59.68 46.96 -27.38
C GLU GA 164 60.18 46.69 -28.79
N ALA GA 165 60.90 45.59 -29.02
CA ALA GA 165 61.19 45.17 -30.38
C ALA GA 165 59.95 44.63 -31.06
N ALA GA 166 58.99 44.13 -30.29
CA ALA GA 166 57.72 43.65 -30.83
C ALA GA 166 56.61 44.68 -30.77
N VAL GA 167 56.67 45.64 -29.84
CA VAL GA 167 55.70 46.73 -29.81
C VAL GA 167 55.94 47.65 -31.00
N ALA GA 168 57.20 47.99 -31.27
CA ALA GA 168 57.52 48.83 -32.43
C ALA GA 168 57.33 48.08 -33.74
N TYR GA 169 57.37 46.75 -33.73
CA TYR GA 169 57.05 45.98 -34.92
C TYR GA 169 55.56 45.96 -35.19
N ALA GA 170 54.73 46.13 -34.16
CA ALA GA 170 53.29 46.22 -34.34
C ALA GA 170 52.82 47.59 -34.78
N LYS GA 171 53.68 48.61 -34.70
CA LYS GA 171 53.31 49.96 -35.08
C LYS GA 171 53.38 50.18 -36.59
N ASN GA 172 53.85 49.21 -37.36
CA ASN GA 172 53.85 49.29 -38.81
C ASN GA 172 52.52 48.89 -39.43
N PHE GA 173 51.50 48.61 -38.61
CA PHE GA 173 50.25 48.05 -39.09
C PHE GA 173 49.11 48.73 -38.35
N GLY GA 174 47.94 48.10 -38.33
CA GLY GA 174 46.71 48.78 -37.98
C GLY GA 174 45.66 48.56 -39.05
N SER GA 175 45.77 47.43 -39.72
CA SER GA 175 45.00 47.13 -40.91
C SER GA 175 43.94 46.04 -40.71
N LYS GA 176 43.46 45.86 -39.47
CA LYS GA 176 42.20 45.20 -39.14
C LYS GA 176 42.20 43.67 -39.35
N ARG GA 177 43.23 43.14 -40.00
CA ARG GA 177 43.24 41.74 -40.41
C ARG GA 177 44.39 40.96 -39.80
N LEU GA 178 45.11 41.53 -38.84
CA LEU GA 178 46.37 40.96 -38.37
C LEU GA 178 46.26 40.67 -36.88
N PHE GA 179 46.69 39.48 -36.50
CA PHE GA 179 46.63 39.01 -35.12
C PHE GA 179 48.03 38.52 -34.75
N MET GA 180 48.78 39.31 -33.98
CA MET GA 180 50.18 39.02 -33.73
C MET GA 180 50.37 38.43 -32.34
N VAL GA 181 51.12 37.34 -32.28
CA VAL GA 181 51.48 36.65 -31.03
C VAL GA 181 53.00 36.60 -30.99
N ASP GA 182 53.61 37.49 -30.21
CA ASP GA 182 55.07 37.60 -30.25
C ASP GA 182 55.94 36.56 -29.53
N PRO GA 183 55.60 35.98 -28.33
CA PRO GA 183 56.56 35.03 -27.73
C PRO GA 183 56.57 33.70 -28.46
N GLY GA 184 57.64 33.42 -29.19
CA GLY GA 184 57.78 32.14 -29.84
C GLY GA 184 57.94 31.04 -28.80
N VAL GA 185 56.89 30.27 -28.60
CA VAL GA 185 56.85 29.31 -27.51
C VAL GA 185 57.67 28.09 -27.88
N GLN GA 186 58.21 27.41 -26.88
CA GLN GA 186 59.07 26.27 -27.13
C GLN GA 186 58.37 24.98 -26.73
N VAL GA 187 58.74 23.89 -27.40
CA VAL GA 187 58.06 22.61 -27.25
C VAL GA 187 59.10 21.53 -27.02
N TRP GA 188 58.71 20.52 -26.23
CA TRP GA 188 59.59 19.40 -25.94
C TRP GA 188 59.79 18.53 -27.17
N ASP GA 189 61.00 18.02 -27.34
CA ASP GA 189 61.36 17.21 -28.49
C ASP GA 189 61.83 15.83 -28.05
N SER GA 190 61.52 14.82 -28.87
CA SER GA 190 61.94 13.45 -28.57
C SER GA 190 63.38 13.21 -28.98
N ALA GA 191 63.76 13.70 -30.16
CA ALA GA 191 65.11 13.41 -30.68
C ALA GA 191 66.15 14.30 -30.01
N THR GA 192 65.84 15.59 -29.84
CA THR GA 192 66.81 16.53 -29.29
C THR GA 192 67.01 16.30 -27.79
N ASN GA 193 65.95 15.86 -27.10
CA ASN GA 193 65.90 15.72 -25.64
C ASN GA 193 66.26 17.04 -24.96
N ALA GA 194 65.70 18.12 -25.48
CA ALA GA 194 65.93 19.47 -24.99
C ALA GA 194 64.74 20.33 -25.41
N ALA GA 195 64.86 21.64 -25.22
CA ALA GA 195 63.79 22.58 -25.54
C ALA GA 195 64.01 23.17 -26.93
N ARG GA 196 62.97 23.10 -27.76
CA ARG GA 196 63.02 23.61 -29.13
C ARG GA 196 62.81 25.11 -29.21
N ASN GA 197 62.52 25.61 -30.41
CA ASN GA 197 62.12 26.99 -30.63
C ASN GA 197 61.10 27.01 -31.75
N ALA GA 198 59.81 27.08 -31.40
CA ALA GA 198 58.73 27.18 -32.37
C ALA GA 198 58.24 28.61 -32.48
N PRO GA 199 57.82 29.08 -33.66
CA PRO GA 199 57.49 30.50 -33.82
C PRO GA 199 56.16 30.92 -33.20
N ALA GA 200 55.31 29.97 -32.79
CA ALA GA 200 54.06 30.20 -32.06
C ALA GA 200 53.04 31.03 -32.84
N SER GA 201 53.11 31.02 -34.17
CA SER GA 201 52.02 31.57 -34.95
C SER GA 201 51.08 30.48 -35.43
N ALA GA 202 51.58 29.26 -35.62
CA ALA GA 202 50.73 28.14 -36.00
C ALA GA 202 49.95 27.61 -34.82
N TYR GA 203 50.41 27.84 -33.58
CA TYR GA 203 49.67 27.37 -32.41
C TYR GA 203 48.41 28.18 -32.20
N ALA GA 204 48.43 29.46 -32.55
CA ALA GA 204 47.22 30.26 -32.50
C ALA GA 204 46.25 29.90 -33.62
N ALA GA 205 46.75 29.33 -34.72
CA ALA GA 205 45.85 28.90 -35.79
C ALA GA 205 45.10 27.63 -35.39
N GLY GA 206 45.79 26.71 -34.72
CA GLY GA 206 45.12 25.52 -34.22
C GLY GA 206 44.17 25.83 -33.08
N LEU GA 207 44.44 26.90 -32.33
CA LEU GA 207 43.52 27.31 -31.29
C LEU GA 207 42.28 27.99 -31.87
N PHE GA 208 42.41 28.63 -33.03
CA PHE GA 208 41.23 29.24 -33.62
C PHE GA 208 40.35 28.19 -34.27
N ALA GA 209 40.96 27.16 -34.85
CA ALA GA 209 40.20 26.05 -35.41
C ALA GA 209 39.55 25.21 -34.30
N TRP GA 210 40.17 25.17 -33.13
CA TRP GA 210 39.52 24.50 -32.01
C TRP GA 210 38.40 25.35 -31.43
N THR GA 211 38.48 26.66 -31.60
CA THR GA 211 37.47 27.52 -30.99
C THR GA 211 36.20 27.55 -31.83
N ASP GA 212 36.34 27.78 -33.13
CA ASP GA 212 35.16 28.01 -33.96
C ASP GA 212 34.36 26.73 -34.26
N ALA GA 213 34.93 25.55 -33.99
CA ALA GA 213 34.21 24.31 -34.20
C ALA GA 213 33.63 23.73 -32.92
N GLU GA 214 34.27 23.98 -31.78
CA GLU GA 214 33.80 23.49 -30.49
C GLU GA 214 33.08 24.54 -29.66
N TYR GA 215 33.42 25.83 -29.81
CA TYR GA 215 32.75 26.89 -29.09
C TYR GA 215 32.01 27.87 -29.98
N GLY GA 216 32.15 27.77 -31.29
CA GLY GA 216 31.55 28.73 -32.21
C GLY GA 216 32.51 29.86 -32.55
N PHE GA 217 32.37 30.38 -33.77
CA PHE GA 217 33.27 31.42 -34.26
C PHE GA 217 33.02 32.76 -33.58
N TRP GA 218 31.83 32.93 -33.03
CA TRP GA 218 31.49 34.14 -32.29
C TRP GA 218 32.15 34.20 -30.93
N SER GA 219 32.67 33.09 -30.44
CA SER GA 219 33.36 33.06 -29.16
C SER GA 219 34.79 33.52 -29.31
N SER GA 220 35.28 34.23 -28.30
CA SER GA 220 36.60 34.85 -28.36
C SER GA 220 37.69 33.81 -28.16
N PRO GA 221 38.59 33.63 -29.10
CA PRO GA 221 39.62 32.59 -29.00
C PRO GA 221 40.91 33.10 -28.36
N SER GA 222 40.83 33.52 -27.10
CA SER GA 222 42.02 33.95 -26.38
C SER GA 222 42.29 33.07 -25.18
N ASN GA 223 41.33 32.92 -24.27
CA ASN GA 223 41.56 32.37 -22.94
C ASN GA 223 41.62 30.84 -22.94
N LYS GA 224 41.91 30.21 -24.07
CA LYS GA 224 41.78 28.77 -24.26
C LYS GA 224 43.14 28.12 -24.30
N GLU GA 225 43.14 26.80 -24.16
CA GLU GA 225 44.36 26.03 -23.92
C GLU GA 225 45.13 25.81 -25.21
N ILE GA 226 46.46 25.85 -25.11
CA ILE GA 226 47.37 25.43 -26.18
C ILE GA 226 47.92 24.07 -25.82
N LYS GA 227 47.85 23.13 -26.76
CA LYS GA 227 48.49 21.83 -26.58
C LYS GA 227 49.73 21.73 -27.46
N GLY GA 228 50.61 20.80 -27.07
CA GLY GA 228 51.92 20.68 -27.69
C GLY GA 228 52.80 21.86 -27.35
N VAL GA 229 53.12 22.02 -26.06
CA VAL GA 229 53.64 23.30 -25.59
C VAL GA 229 54.47 23.05 -24.34
N THR GA 230 55.44 23.94 -24.10
CA THR GA 230 56.15 24.07 -22.84
C THR GA 230 56.25 25.57 -22.60
N GLY GA 231 57.23 25.99 -21.79
CA GLY GA 231 57.45 27.40 -21.51
C GLY GA 231 57.68 28.26 -22.75
N THR GA 232 57.67 29.57 -22.52
CA THR GA 232 57.87 30.52 -23.61
C THR GA 232 59.35 30.90 -23.70
N SER GA 233 59.70 31.54 -24.81
CA SER GA 233 61.05 32.04 -24.99
C SER GA 233 61.34 33.25 -24.13
N ARG GA 234 60.31 33.94 -23.62
CA ARG GA 234 60.46 35.03 -22.70
C ARG GA 234 59.51 34.78 -21.53
N PRO GA 235 60.00 34.88 -20.29
CA PRO GA 235 59.08 34.87 -19.14
C PRO GA 235 58.29 36.16 -19.10
N VAL GA 236 56.99 36.07 -19.38
CA VAL GA 236 56.14 37.25 -19.51
C VAL GA 236 55.23 37.28 -18.27
N GLU GA 237 55.50 38.22 -17.37
CA GLU GA 237 54.77 38.32 -16.12
C GLU GA 237 53.38 38.93 -16.34
N PHE GA 238 52.53 38.79 -15.31
CA PHE GA 238 51.14 39.20 -15.40
C PHE GA 238 50.57 39.33 -14.01
N LEU GA 239 49.80 40.38 -13.79
CA LEU GA 239 49.15 40.64 -12.50
C LEU GA 239 47.73 41.14 -12.77
N ASP GA 240 47.09 41.67 -11.73
CA ASP GA 240 45.76 42.24 -11.81
C ASP GA 240 45.78 43.61 -11.14
N GLY GA 241 45.40 44.65 -11.88
CA GLY GA 241 45.34 45.99 -11.33
C GLY GA 241 46.11 47.04 -12.08
N ASP GA 242 46.34 46.81 -13.38
CA ASP GA 242 46.90 47.77 -14.34
C ASP GA 242 48.31 48.22 -13.91
N GLU GA 243 49.20 47.25 -13.84
CA GLU GA 243 50.58 47.48 -13.43
C GLU GA 243 51.46 47.75 -14.66
N THR GA 244 52.77 47.67 -14.46
CA THR GA 244 53.75 47.80 -15.55
C THR GA 244 54.10 46.43 -16.12
N CYS GA 245 53.14 45.51 -16.09
CA CYS GA 245 53.34 44.13 -16.49
C CYS GA 245 53.67 44.01 -17.97
N ARG GA 246 54.35 42.93 -18.32
CA ARG GA 246 54.64 42.64 -19.71
C ARG GA 246 53.47 41.98 -20.42
N ALA GA 247 52.36 41.73 -19.72
CA ALA GA 247 51.10 41.30 -20.30
C ALA GA 247 50.26 42.50 -20.73
N ASN GA 248 50.11 43.48 -19.83
CA ASN GA 248 49.34 44.68 -20.14
C ASN GA 248 50.08 45.58 -21.12
N LEU GA 249 51.41 45.48 -21.18
CA LEU GA 249 52.17 46.25 -22.14
C LEU GA 249 51.91 45.75 -23.56
N LEU GA 250 51.83 44.43 -23.73
CA LEU GA 250 51.62 43.88 -25.06
C LEU GA 250 50.17 44.01 -25.50
N ASN GA 251 49.24 43.84 -24.57
CA ASN GA 251 47.82 43.88 -24.92
C ASN GA 251 47.38 45.28 -25.30
N ASN GA 252 47.90 46.30 -24.61
CA ASN GA 252 47.61 47.68 -24.98
C ASN GA 252 48.28 48.09 -26.28
N ALA GA 253 49.28 47.36 -26.73
CA ALA GA 253 49.89 47.57 -28.03
C ALA GA 253 49.25 46.70 -29.11
N ASN GA 254 48.04 46.17 -28.85
CA ASN GA 254 47.27 45.31 -29.75
C ASN GA 254 48.05 44.05 -30.13
N ILE GA 255 48.73 43.45 -29.15
CA ILE GA 255 49.52 42.24 -29.37
C ILE GA 255 49.03 41.18 -28.41
N ALA GA 256 48.74 39.99 -28.92
CA ALA GA 256 48.41 38.88 -28.04
C ALA GA 256 49.68 38.13 -27.64
N THR GA 257 49.56 37.35 -26.57
CA THR GA 257 50.72 36.71 -25.96
C THR GA 257 50.31 35.52 -25.12
N ILE GA 258 51.16 34.49 -25.13
CA ILE GA 258 50.99 33.38 -24.21
C ILE GA 258 51.42 33.83 -22.82
N ILE GA 259 50.55 33.63 -21.82
CA ILE GA 259 50.75 34.30 -20.54
C ILE GA 259 50.93 33.37 -19.35
N ARG GA 260 49.94 32.57 -19.00
CA ARG GA 260 49.98 31.97 -17.67
C ARG GA 260 50.65 30.61 -17.72
N ASP GA 261 51.32 30.27 -16.61
CA ASP GA 261 51.97 28.98 -16.34
C ASP GA 261 53.02 28.59 -17.38
N ASP GA 262 53.47 29.55 -18.18
CA ASP GA 262 54.48 29.37 -19.24
C ASP GA 262 54.06 28.29 -20.24
N GLY GA 263 53.05 28.64 -21.02
CA GLY GA 263 52.61 27.81 -22.12
C GLY GA 263 51.17 27.39 -22.05
N TYR GA 264 50.47 27.72 -20.97
CA TYR GA 264 49.18 27.13 -20.67
C TYR GA 264 48.08 27.74 -21.54
N ARG GA 265 47.99 29.08 -21.60
CA ARG GA 265 46.90 29.73 -22.33
C ARG GA 265 47.40 30.93 -23.11
N LEU GA 266 46.74 31.18 -24.25
CA LEU GA 266 46.83 32.43 -24.96
C LEU GA 266 46.09 33.52 -24.18
N TRP GA 267 46.33 34.78 -24.53
CA TRP GA 267 45.78 35.89 -23.76
C TRP GA 267 45.76 37.14 -24.62
N GLY GA 268 44.57 37.63 -24.94
CA GLY GA 268 44.50 38.82 -25.78
C GLY GA 268 43.69 38.53 -27.02
N ASN GA 269 42.80 39.46 -27.36
CA ASN GA 269 41.92 39.27 -28.50
C ASN GA 269 41.89 40.44 -29.48
N ARG GA 270 42.50 41.58 -29.17
CA ARG GA 270 42.42 42.70 -30.08
C ARG GA 270 43.38 42.51 -31.24
N THR GA 271 42.95 42.95 -32.42
CA THR GA 271 43.72 42.82 -33.63
C THR GA 271 44.49 44.11 -33.92
N LEU GA 272 45.44 44.02 -34.84
CA LEU GA 272 46.17 45.19 -35.28
C LEU GA 272 45.27 46.05 -36.15
N SER GA 273 44.50 46.94 -35.52
CA SER GA 273 43.55 47.78 -36.22
C SER GA 273 43.68 49.21 -35.75
N SER GA 274 43.56 50.15 -36.69
CA SER GA 274 43.58 51.55 -36.35
C SER GA 274 42.22 52.04 -35.87
N ASP GA 275 41.15 51.33 -36.23
CA ASP GA 275 39.81 51.72 -35.86
C ASP GA 275 39.41 51.02 -34.56
N SER GA 276 38.84 51.79 -33.63
CA SER GA 276 38.31 51.20 -32.40
C SER GA 276 37.01 50.44 -32.64
N LYS GA 277 36.34 50.66 -33.77
CA LYS GA 277 35.17 49.88 -34.13
C LYS GA 277 35.54 48.44 -34.44
N TRP GA 278 36.67 48.24 -35.12
CA TRP GA 278 37.14 46.91 -35.52
C TRP GA 278 38.28 46.43 -34.65
N ALA GA 279 38.24 46.72 -33.35
CA ALA GA 279 39.38 46.42 -32.50
C ALA GA 279 39.48 44.93 -32.19
N PHE GA 280 38.36 44.27 -31.93
CA PHE GA 280 38.36 42.87 -31.58
C PHE GA 280 38.48 42.00 -32.82
N VAL GA 281 38.97 40.77 -32.64
CA VAL GA 281 38.93 39.83 -33.75
C VAL GA 281 37.51 39.29 -33.93
N THR GA 282 36.74 39.22 -32.85
CA THR GA 282 35.36 38.74 -32.94
C THR GA 282 34.45 39.73 -33.63
N ARG GA 283 34.82 41.01 -33.68
CA ARG GA 283 34.13 41.93 -34.58
C ARG GA 283 34.46 41.60 -36.03
N VAL GA 284 35.69 41.14 -36.28
CA VAL GA 284 36.15 40.89 -37.65
C VAL GA 284 35.75 39.49 -38.10
N ARG GA 285 35.85 38.50 -37.21
CA ARG GA 285 35.50 37.13 -37.58
C ARG GA 285 34.00 36.98 -37.80
N THR GA 286 33.18 37.53 -36.91
CA THR GA 286 31.74 37.47 -37.12
C THR GA 286 31.26 38.38 -38.24
N MET GA 287 32.09 39.30 -38.71
CA MET GA 287 31.74 40.07 -39.90
C MET GA 287 31.81 39.20 -41.15
N ASP GA 288 32.81 38.35 -41.24
CA ASP GA 288 33.06 37.58 -42.46
C ASP GA 288 32.51 36.17 -42.41
N LEU GA 289 32.33 35.60 -41.23
CA LEU GA 289 31.86 34.23 -41.10
C LEU GA 289 30.36 34.13 -40.89
N VAL GA 290 29.64 35.25 -40.82
CA VAL GA 290 28.21 35.16 -41.04
C VAL GA 290 27.90 35.47 -42.49
N MET GA 291 28.66 36.36 -43.14
CA MET GA 291 28.35 36.82 -44.48
C MET GA 291 28.93 35.91 -45.56
N ASP GA 292 29.60 34.83 -45.15
CA ASP GA 292 29.84 33.71 -46.03
C ASP GA 292 29.09 32.47 -45.59
N ALA GA 293 28.48 32.50 -44.40
CA ALA GA 293 27.47 31.53 -44.01
C ALA GA 293 26.09 31.94 -44.47
N ILE GA 294 25.83 33.24 -44.58
CA ILE GA 294 24.68 33.75 -45.34
C ILE GA 294 24.68 33.20 -46.75
N LEU GA 295 25.84 33.20 -47.41
CA LEU GA 295 25.92 32.76 -48.79
C LEU GA 295 25.81 31.25 -48.92
N ALA GA 296 26.39 30.51 -47.97
CA ALA GA 296 26.28 29.06 -47.98
C ALA GA 296 24.88 28.66 -47.58
N GLY GA 297 24.12 28.13 -48.54
CA GLY GA 297 22.72 27.85 -48.33
C GLY GA 297 21.87 28.74 -49.20
N HIS GA 298 22.28 30.00 -49.34
CA HIS GA 298 21.64 30.95 -50.25
C HIS GA 298 22.48 31.17 -51.50
N LYS GA 299 23.08 30.09 -52.02
CA LYS GA 299 23.80 30.13 -53.28
C LYS GA 299 22.87 30.25 -54.48
N TRP GA 300 21.55 30.15 -54.29
CA TRP GA 300 20.58 30.32 -55.35
C TRP GA 300 20.29 31.79 -55.66
N ALA GA 301 20.93 32.73 -54.97
CA ALA GA 301 20.64 34.15 -55.15
C ALA GA 301 21.37 34.77 -56.34
N VAL GA 302 22.17 34.01 -57.06
CA VAL GA 302 22.85 34.52 -58.27
C VAL GA 302 22.09 34.12 -59.53
N ASP GA 303 21.17 33.18 -59.43
CA ASP GA 303 20.23 32.85 -60.50
C ASP GA 303 18.83 33.02 -59.94
N ARG GA 304 17.83 32.48 -60.64
CA ARG GA 304 16.40 32.68 -60.35
C ARG GA 304 16.09 34.18 -60.41
N GLY GA 305 16.13 34.67 -61.65
CA GLY GA 305 16.02 36.09 -61.99
C GLY GA 305 14.88 36.87 -61.37
N ILE GA 306 15.00 38.19 -61.40
CA ILE GA 306 14.25 39.07 -60.51
C ILE GA 306 12.80 39.13 -60.93
N THR GA 307 11.96 38.32 -60.28
CA THR GA 307 10.53 38.41 -60.41
C THR GA 307 9.98 39.16 -59.20
N LYS GA 308 8.66 39.19 -59.06
CA LYS GA 308 8.04 39.94 -57.96
C LYS GA 308 8.33 39.29 -56.61
N THR GA 309 8.32 37.95 -56.57
CA THR GA 309 8.56 37.28 -55.31
C THR GA 309 10.04 37.12 -54.97
N TYR GA 310 10.95 37.37 -55.93
CA TYR GA 310 12.36 37.06 -55.72
C TYR GA 310 13.01 38.00 -54.71
N VAL GA 311 12.72 39.30 -54.79
CA VAL GA 311 13.20 40.25 -53.80
C VAL GA 311 12.61 39.91 -52.44
N LYS GA 312 11.37 39.43 -52.43
CA LYS GA 312 10.70 39.00 -51.22
C LYS GA 312 11.12 37.59 -50.80
N ASP GA 313 11.70 36.80 -51.70
CA ASP GA 313 12.05 35.42 -51.35
C ASP GA 313 13.26 35.38 -50.41
N VAL GA 314 14.26 36.21 -50.66
CA VAL GA 314 15.48 36.14 -49.87
C VAL GA 314 15.49 37.15 -48.73
N THR GA 315 14.60 38.14 -48.74
CA THR GA 315 14.58 39.09 -47.63
C THR GA 315 14.00 38.52 -46.36
N GLU GA 316 13.28 37.38 -46.42
CA GLU GA 316 13.09 36.55 -45.25
C GLU GA 316 13.77 35.19 -45.42
N GLY GA 317 14.55 35.02 -46.48
CA GLY GA 317 15.46 33.89 -46.55
C GLY GA 317 16.67 34.18 -45.70
N LEU GA 318 17.06 35.44 -45.65
CA LEU GA 318 18.14 35.85 -44.75
C LEU GA 318 17.65 36.06 -43.34
N ARG GA 319 16.42 36.55 -43.19
CA ARG GA 319 15.85 36.79 -41.87
C ARG GA 319 15.61 35.47 -41.14
N ALA GA 320 15.26 34.42 -41.86
CA ALA GA 320 15.11 33.11 -41.25
C ALA GA 320 16.43 32.42 -41.00
N PHE GA 321 17.49 32.81 -41.70
CA PHE GA 321 18.80 32.22 -41.44
C PHE GA 321 19.54 32.98 -40.34
N MET GA 322 19.38 34.30 -40.29
CA MET GA 322 20.07 35.08 -39.27
C MET GA 322 19.39 34.97 -37.92
N ARG GA 323 18.11 34.63 -37.86
CA ARG GA 323 17.52 34.28 -36.58
C ARG GA 323 18.01 32.94 -36.07
N ASP GA 324 18.50 32.07 -36.97
CA ASP GA 324 19.21 30.88 -36.51
C ASP GA 324 20.57 31.23 -35.95
N LEU GA 325 21.20 32.28 -36.48
CA LEU GA 325 22.43 32.79 -35.88
C LEU GA 325 22.15 33.50 -34.58
N LYS GA 326 21.00 34.15 -34.46
CA LYS GA 326 20.67 34.87 -33.23
C LYS GA 326 20.34 33.92 -32.09
N ASN GA 327 19.69 32.80 -32.40
CA ASN GA 327 19.27 31.87 -31.35
C ASN GA 327 20.43 31.04 -30.82
N GLN GA 328 21.44 30.77 -31.64
CA GLN GA 328 22.63 30.05 -31.18
C GLN GA 328 23.67 30.98 -30.61
N GLY GA 329 23.37 32.27 -30.48
CA GLY GA 329 24.24 33.21 -29.83
C GLY GA 329 25.26 33.89 -30.71
N ALA GA 330 25.26 33.60 -32.01
CA ALA GA 330 26.29 34.13 -32.90
C ALA GA 330 26.17 35.63 -33.07
N VAL GA 331 24.94 36.15 -33.04
CA VAL GA 331 24.71 37.58 -32.96
C VAL GA 331 23.69 37.83 -31.86
N ILE GA 332 23.49 39.10 -31.57
CA ILE GA 332 22.32 39.57 -30.83
C ILE GA 332 21.51 40.35 -31.86
N ASN GA 333 20.38 40.93 -31.44
CA ASN GA 333 19.23 41.24 -32.30
C ASN GA 333 19.61 42.06 -33.53
N PHE GA 334 18.93 41.77 -34.64
CA PHE GA 334 19.32 42.23 -35.96
C PHE GA 334 18.10 42.81 -36.68
N GLU GA 335 18.33 43.23 -37.93
CA GLU GA 335 17.24 43.54 -38.83
C GLU GA 335 17.70 43.34 -40.28
N VAL GA 336 16.84 42.74 -41.08
CA VAL GA 336 17.11 42.45 -42.49
C VAL GA 336 15.95 43.01 -43.29
N TYR GA 337 16.25 43.90 -44.24
CA TYR GA 337 15.20 44.53 -45.03
C TYR GA 337 15.77 44.93 -46.37
N ALA GA 338 14.91 44.89 -47.38
CA ALA GA 338 15.30 45.33 -48.71
C ALA GA 338 15.46 46.85 -48.74
N ASP GA 339 16.36 47.30 -49.60
CA ASP GA 339 16.74 48.71 -49.67
C ASP GA 339 15.66 49.48 -50.43
N PRO GA 340 14.99 50.44 -49.79
CA PRO GA 340 13.87 51.12 -50.47
C PRO GA 340 14.28 52.10 -51.56
N ASP GA 341 15.35 52.88 -51.33
CA ASP GA 341 15.61 54.01 -52.21
C ASP GA 341 16.57 53.63 -53.34
N LEU GA 342 17.58 52.81 -53.05
CA LEU GA 342 18.58 52.53 -54.07
C LEU GA 342 18.11 51.45 -55.03
N ASN GA 343 17.10 50.67 -54.66
CA ASN GA 343 16.52 49.72 -55.59
C ASN GA 343 15.63 50.45 -56.58
N SER GA 344 15.94 50.31 -57.86
CA SER GA 344 15.19 51.00 -58.91
C SER GA 344 15.19 50.13 -60.15
N ALA GA 345 14.27 50.41 -61.06
CA ALA GA 345 14.12 49.59 -62.26
C ALA GA 345 15.19 49.90 -63.29
N SER GA 346 15.93 50.99 -63.10
CA SER GA 346 17.00 51.33 -64.03
C SER GA 346 18.19 50.38 -63.88
N GLN GA 347 18.46 49.94 -62.66
CA GLN GA 347 19.54 49.00 -62.39
C GLN GA 347 19.06 47.63 -61.98
N LEU GA 348 17.75 47.41 -61.91
CA LEU GA 348 17.23 46.06 -61.75
C LEU GA 348 17.35 45.27 -63.04
N ALA GA 349 17.24 45.95 -64.19
CA ALA GA 349 17.53 45.31 -65.46
C ALA GA 349 19.02 45.06 -65.64
N GLN GA 350 19.86 45.82 -64.95
CA GLN GA 350 21.30 45.58 -64.95
C GLN GA 350 21.69 44.36 -64.13
N GLY GA 351 20.85 43.95 -63.18
CA GLY GA 351 21.10 42.81 -62.32
C GLY GA 351 21.33 43.20 -60.88
N LYS GA 352 21.58 44.48 -60.61
CA LYS GA 352 21.85 44.92 -59.26
C LYS GA 352 20.56 45.12 -58.48
N VAL GA 353 20.53 44.56 -57.27
CA VAL GA 353 19.40 44.71 -56.35
C VAL GA 353 19.94 44.59 -54.93
N TYR GA 354 19.57 45.53 -54.07
CA TYR GA 354 20.29 45.73 -52.81
C TYR GA 354 19.45 45.23 -51.64
N TRP GA 355 20.13 44.72 -50.61
CA TRP GA 355 19.52 44.41 -49.33
C TRP GA 355 20.37 45.02 -48.23
N ASN GA 356 19.71 45.52 -47.19
CA ASN GA 356 20.39 46.14 -46.07
C ASN GA 356 20.40 45.18 -44.89
N ILE GA 357 21.58 44.85 -44.39
CA ILE GA 357 21.75 43.98 -43.23
C ILE GA 357 22.28 44.85 -42.11
N ARG GA 358 21.65 44.77 -40.94
CA ARG GA 358 22.13 45.46 -39.76
C ARG GA 358 22.06 44.51 -38.58
N PHE GA 359 23.22 44.08 -38.10
CA PHE GA 359 23.25 43.24 -36.92
C PHE GA 359 24.32 43.77 -35.97
N THR GA 360 24.08 43.62 -34.68
CA THR GA 360 25.11 43.78 -33.68
C THR GA 360 25.51 42.42 -33.14
N ASP GA 361 26.78 42.28 -32.79
CA ASP GA 361 27.31 40.99 -32.37
C ASP GA 361 27.61 41.00 -30.88
N VAL GA 362 27.93 39.82 -30.36
CA VAL GA 362 28.16 39.68 -28.93
C VAL GA 362 29.54 40.25 -28.57
N PRO GA 363 29.65 41.02 -27.50
CA PRO GA 363 30.96 41.51 -27.08
C PRO GA 363 31.67 40.49 -26.23
N PRO GA 364 32.99 40.33 -26.38
CA PRO GA 364 33.73 39.44 -25.49
C PRO GA 364 34.11 40.12 -24.20
N ALA GA 365 33.86 39.44 -23.08
CA ALA GA 365 34.01 40.02 -21.75
C ALA GA 365 35.47 39.96 -21.32
N GLU GA 366 36.28 40.82 -21.93
CA GLU GA 366 37.71 40.81 -21.65
C GLU GA 366 38.02 41.44 -20.30
N ASN GA 367 37.11 42.27 -19.77
CA ASN GA 367 37.32 42.96 -18.51
C ASN GA 367 36.03 43.00 -17.71
N PRO GA 368 35.70 41.93 -17.00
CA PRO GA 368 34.53 41.99 -16.11
C PRO GA 368 34.85 42.73 -14.81
N ASN GA 369 34.08 43.78 -14.54
CA ASN GA 369 34.18 44.52 -13.28
C ASN GA 369 33.17 43.94 -12.30
N PHE GA 370 33.45 44.07 -11.01
CA PHE GA 370 32.60 43.55 -9.95
C PHE GA 370 32.42 44.62 -8.88
N ARG GA 371 31.37 45.43 -9.01
CA ARG GA 371 31.06 46.35 -7.94
C ARG GA 371 30.32 45.60 -6.83
N VAL GA 372 31.06 45.15 -5.82
CA VAL GA 372 30.46 44.43 -4.72
C VAL GA 372 29.76 45.43 -3.79
N GLU GA 373 28.55 45.08 -3.37
CA GLU GA 373 27.82 45.88 -2.40
C GLU GA 373 27.03 44.94 -1.49
N VAL GA 374 26.92 45.32 -0.22
CA VAL GA 374 26.24 44.50 0.78
C VAL GA 374 25.17 45.34 1.44
N THR GA 375 24.20 44.65 2.03
CA THR GA 375 23.04 45.26 2.68
C THR GA 375 22.40 44.20 3.57
N ASP GA 376 21.29 44.57 4.21
CA ASP GA 376 20.43 43.60 4.90
C ASP GA 376 19.07 43.51 4.23
N GLN GA 377 18.36 44.63 4.08
CA GLN GA 377 17.15 44.69 3.29
C GLN GA 377 17.26 45.66 2.12
N TRP GA 378 17.65 46.92 2.39
CA TRP GA 378 17.79 47.91 1.34
C TRP GA 378 19.06 48.76 1.42
N LEU GA 379 19.66 48.91 2.59
CA LEU GA 379 20.79 49.82 2.77
C LEU GA 379 21.85 49.15 3.63
N THR GA 380 23.02 49.78 3.70
CA THR GA 380 24.08 49.34 4.60
C THR GA 380 23.70 49.70 6.02
N GLU GA 381 23.34 48.69 6.82
CA GLU GA 381 22.86 48.95 8.17
C GLU GA 381 23.99 49.32 9.11
N VAL GA 382 25.20 48.80 8.86
CA VAL GA 382 26.34 49.11 9.71
C VAL GA 382 26.79 50.56 9.48
N LEU GA 383 26.92 50.96 8.23
CA LEU GA 383 27.27 52.34 7.89
C LEU GA 383 26.42 52.84 6.73
N SER HA 2 -59.28 18.74 37.50
CA SER HA 2 -58.03 18.78 38.23
C SER HA 2 -56.92 18.07 37.46
N PHE HA 3 -56.06 18.86 36.81
CA PHE HA 3 -54.95 18.35 36.04
C PHE HA 3 -53.73 18.14 36.94
N PHE HA 4 -52.62 17.79 36.32
CA PHE HA 4 -51.36 17.58 37.01
C PHE HA 4 -50.23 18.14 36.16
N HIS HA 5 -49.13 18.56 36.80
CA HIS HA 5 -48.13 19.33 36.08
C HIS HA 5 -46.78 18.63 36.09
N GLY HA 6 -46.71 17.39 36.55
CA GLY HA 6 -45.45 16.69 36.58
C GLY HA 6 -45.41 15.47 35.67
N VAL HA 7 -44.33 14.71 35.80
CA VAL HA 7 -44.23 13.43 35.10
C VAL HA 7 -45.03 12.38 35.85
N THR HA 8 -45.74 11.53 35.11
CA THR HA 8 -46.74 10.64 35.68
C THR HA 8 -46.65 9.29 35.00
N VAL HA 9 -46.99 8.23 35.75
CA VAL HA 9 -47.20 6.90 35.21
C VAL HA 9 -48.70 6.67 35.07
N THR HA 10 -49.11 6.03 33.98
CA THR HA 10 -50.49 5.62 33.78
C THR HA 10 -50.53 4.14 33.45
N ASN HA 11 -51.37 3.41 34.17
CA ASN HA 11 -51.49 1.96 33.99
C ASN HA 11 -52.80 1.54 33.33
N VAL HA 12 -53.57 2.49 32.79
CA VAL HA 12 -54.82 2.18 32.13
C VAL HA 12 -54.60 2.30 30.63
N ASP HA 13 -55.51 1.70 29.86
CA ASP HA 13 -55.41 1.74 28.41
C ASP HA 13 -55.66 3.16 27.88
N ILE HA 14 -55.01 3.49 26.77
CA ILE HA 14 -55.08 4.84 26.22
C ILE HA 14 -55.60 4.82 24.79
N GLY HA 15 -54.87 4.15 23.89
CA GLY HA 15 -55.11 4.29 22.48
C GLY HA 15 -56.10 3.27 21.94
N ALA HA 16 -56.52 3.52 20.70
CA ALA HA 16 -57.43 2.63 19.99
C ALA HA 16 -56.64 1.71 19.07
N ARG HA 17 -56.97 0.41 19.10
CA ARG HA 17 -56.35 -0.56 18.22
C ARG HA 17 -57.38 -1.26 17.35
N THR HA 18 -58.55 -0.64 17.15
CA THR HA 18 -59.59 -1.15 16.27
C THR HA 18 -59.44 -0.65 14.84
N ILE HA 19 -58.22 -0.29 14.44
CA ILE HA 19 -57.97 0.24 13.11
C ILE HA 19 -57.47 -0.86 12.17
N ALA HA 20 -56.54 -1.69 12.65
CA ALA HA 20 -55.96 -2.78 11.87
C ALA HA 20 -57.00 -3.82 11.48
N LEU HA 21 -57.56 -4.52 12.48
CA LEU HA 21 -58.61 -5.53 12.35
C LEU HA 21 -58.29 -6.60 11.31
N PRO HA 22 -57.40 -7.55 11.60
CA PRO HA 22 -57.10 -8.62 10.63
C PRO HA 22 -58.31 -9.50 10.39
N ALA HA 23 -58.82 -9.47 9.16
CA ALA HA 23 -60.13 -10.02 8.82
C ALA HA 23 -60.16 -11.55 8.83
N SER HA 24 -59.00 -12.20 8.86
CA SER HA 24 -58.97 -13.66 8.85
C SER HA 24 -58.96 -14.28 10.24
N SER HA 25 -58.71 -13.48 11.29
CA SER HA 25 -58.49 -14.02 12.63
C SER HA 25 -59.52 -13.56 13.65
N VAL HA 26 -60.63 -12.98 13.21
CA VAL HA 26 -61.67 -12.56 14.15
C VAL HA 26 -62.45 -13.79 14.60
N ILE HA 27 -62.80 -13.80 15.89
CA ILE HA 27 -63.29 -14.99 16.57
C ILE HA 27 -64.66 -14.70 17.16
N GLY HA 28 -65.62 -15.60 16.93
CA GLY HA 28 -66.90 -15.54 17.61
C GLY HA 28 -66.85 -16.42 18.85
N LEU HA 29 -67.36 -15.88 19.96
CA LEU HA 29 -67.25 -16.53 21.26
C LEU HA 29 -68.57 -16.44 22.00
N CYS HA 30 -69.05 -17.57 22.51
CA CYS HA 30 -70.32 -17.62 23.23
C CYS HA 30 -70.20 -18.56 24.41
N ASP HA 31 -70.36 -18.03 25.61
CA ASP HA 31 -70.39 -18.85 26.82
C ASP HA 31 -71.13 -18.04 27.90
N VAL HA 32 -71.23 -18.62 29.10
CA VAL HA 32 -72.01 -18.00 30.16
C VAL HA 32 -71.14 -16.97 30.89
N PHE HA 33 -71.82 -16.05 31.59
CA PHE HA 33 -71.17 -15.11 32.48
C PHE HA 33 -72.24 -14.59 33.45
N THR HA 34 -71.81 -13.75 34.39
CA THR HA 34 -72.69 -13.17 35.38
C THR HA 34 -72.80 -11.66 35.14
N PRO HA 35 -73.93 -11.16 34.64
CA PRO HA 35 -74.06 -9.71 34.34
C PRO HA 35 -74.32 -8.88 35.59
N GLY HA 36 -73.30 -8.73 36.42
CA GLY HA 36 -73.38 -7.89 37.59
C GLY HA 36 -73.01 -6.46 37.29
N ALA HA 37 -72.56 -5.75 38.33
CA ALA HA 37 -72.04 -4.40 38.17
C ALA HA 37 -70.58 -4.36 37.74
N GLN HA 38 -69.85 -5.45 37.95
CA GLN HA 38 -68.47 -5.53 37.51
C GLN HA 38 -68.36 -5.95 36.04
N ALA HA 39 -69.42 -6.49 35.47
CA ALA HA 39 -69.46 -6.91 34.07
C ALA HA 39 -70.32 -5.89 33.32
N SER HA 40 -69.67 -5.00 32.59
CA SER HA 40 -70.37 -3.89 31.92
C SER HA 40 -70.74 -4.26 30.50
N ALA HA 41 -71.58 -5.29 30.37
CA ALA HA 41 -72.08 -5.74 29.08
C ALA HA 41 -73.42 -6.41 29.27
N LYS HA 42 -74.38 -6.03 28.42
CA LYS HA 42 -75.66 -6.73 28.37
C LYS HA 42 -75.45 -8.14 27.84
N PRO HA 43 -76.27 -9.13 28.27
CA PRO HA 43 -76.01 -10.53 27.91
C PRO HA 43 -76.03 -10.87 26.42
N ASN HA 44 -77.15 -10.64 25.74
CA ASN HA 44 -77.33 -11.15 24.39
C ASN HA 44 -76.93 -10.15 23.31
N VAL HA 45 -75.99 -9.25 23.59
CA VAL HA 45 -75.49 -8.35 22.56
C VAL HA 45 -74.02 -8.66 22.32
N PRO HA 46 -73.50 -8.46 21.12
CA PRO HA 46 -72.07 -8.62 20.90
C PRO HA 46 -71.28 -7.41 21.38
N VAL HA 47 -70.01 -7.66 21.67
CA VAL HA 47 -69.09 -6.62 22.12
C VAL HA 47 -67.69 -6.95 21.58
N LEU HA 48 -66.98 -5.92 21.14
CA LEU HA 48 -65.68 -6.09 20.51
C LEU HA 48 -64.60 -6.15 21.59
N LEU HA 49 -63.68 -7.09 21.43
CA LEU HA 49 -62.61 -7.30 22.39
C LEU HA 49 -61.27 -7.36 21.67
N THR HA 50 -60.25 -6.79 22.30
CA THR HA 50 -58.92 -6.85 21.74
C THR HA 50 -57.88 -7.38 22.73
N SER HA 51 -57.98 -7.01 24.00
CA SER HA 51 -57.02 -7.41 25.00
C SER HA 51 -57.74 -7.97 26.22
N LYS HA 52 -56.96 -8.45 27.19
CA LYS HA 52 -57.53 -8.98 28.42
C LYS HA 52 -58.17 -7.89 29.28
N LYS HA 53 -57.75 -6.64 29.12
CA LYS HA 53 -58.39 -5.54 29.82
C LYS HA 53 -59.80 -5.30 29.30
N ASP HA 54 -60.04 -5.56 28.01
CA ASP HA 54 -61.39 -5.45 27.46
C ASP HA 54 -62.27 -6.58 27.96
N ALA HA 55 -61.70 -7.77 28.16
CA ALA HA 55 -62.46 -8.88 28.72
C ALA HA 55 -62.70 -8.68 30.22
N ALA HA 56 -61.79 -7.98 30.90
CA ALA HA 56 -61.97 -7.71 32.32
C ALA HA 56 -63.05 -6.64 32.53
N ALA HA 57 -63.14 -5.67 31.62
CA ALA HA 57 -64.10 -4.60 31.78
C ALA HA 57 -65.51 -5.03 31.37
N ALA HA 58 -65.62 -5.88 30.36
CA ALA HA 58 -66.93 -6.26 29.85
C ALA HA 58 -67.51 -7.49 30.53
N PHE HA 59 -66.67 -8.33 31.12
CA PHE HA 59 -67.14 -9.57 31.73
C PHE HA 59 -66.42 -9.77 33.06
N GLY HA 60 -66.94 -10.71 33.85
CA GLY HA 60 -66.32 -10.99 35.13
C GLY HA 60 -65.05 -11.81 34.97
N ILE HA 61 -64.17 -11.69 35.97
CA ILE HA 61 -62.90 -12.42 35.94
C ILE HA 61 -63.15 -13.91 36.15
N GLY HA 62 -63.97 -14.26 37.14
CA GLY HA 62 -64.31 -15.65 37.36
C GLY HA 62 -65.29 -16.23 36.36
N SER HA 63 -65.89 -15.40 35.52
CA SER HA 63 -66.81 -15.88 34.50
C SER HA 63 -66.04 -16.58 33.39
N SER HA 64 -66.67 -17.59 32.80
CA SER HA 64 -66.00 -18.44 31.82
C SER HA 64 -65.92 -17.81 30.43
N ILE HA 65 -66.45 -16.61 30.24
CA ILE HA 65 -66.09 -15.82 29.06
C ILE HA 65 -64.61 -15.43 29.14
N TYR HA 66 -64.20 -14.86 30.28
CA TYR HA 66 -62.82 -14.43 30.47
C TYR HA 66 -61.86 -15.61 30.51
N LEU HA 67 -62.33 -16.78 30.95
CA LEU HA 67 -61.49 -17.97 30.92
C LEU HA 67 -61.25 -18.44 29.49
N ALA HA 68 -62.18 -18.14 28.58
CA ALA HA 68 -61.97 -18.39 27.16
C ALA HA 68 -61.27 -17.23 26.46
N CYS HA 69 -61.45 -16.00 26.96
CA CYS HA 69 -60.73 -14.87 26.39
C CYS HA 69 -59.26 -14.91 26.77
N GLU HA 70 -58.95 -15.37 27.99
CA GLU HA 70 -57.56 -15.54 28.38
C GLU HA 70 -56.90 -16.68 27.61
N ALA HA 71 -57.68 -17.71 27.26
CA ALA HA 71 -57.17 -18.84 26.50
C ALA HA 71 -56.76 -18.43 25.08
N ILE HA 72 -57.40 -17.40 24.54
CA ILE HA 72 -57.01 -16.91 23.22
C ILE HA 72 -55.91 -15.87 23.33
N TYR HA 73 -56.04 -14.95 24.28
CA TYR HA 73 -55.10 -13.83 24.40
C TYR HA 73 -53.76 -14.21 25.01
N ASN HA 74 -53.61 -15.42 25.53
CA ASN HA 74 -52.29 -15.88 25.93
C ASN HA 74 -51.41 -16.21 24.74
N ARG HA 75 -51.99 -16.52 23.59
CA ARG HA 75 -51.22 -16.96 22.43
C ARG HA 75 -51.13 -15.89 21.34
N ALA HA 76 -52.26 -15.32 20.94
CA ALA HA 76 -52.30 -14.43 19.79
C ALA HA 76 -52.84 -13.07 20.18
N GLN HA 77 -52.48 -12.07 19.38
CA GLN HA 77 -53.08 -10.73 19.47
C GLN HA 77 -54.31 -10.75 18.58
N ALA HA 78 -55.39 -11.34 19.11
CA ALA HA 78 -56.57 -11.64 18.32
C ALA HA 78 -57.67 -10.62 18.57
N VAL HA 79 -58.71 -10.72 17.76
CA VAL HA 79 -59.92 -9.90 17.87
C VAL HA 79 -61.09 -10.84 18.09
N ILE HA 80 -61.87 -10.60 19.14
CA ILE HA 80 -62.94 -11.48 19.54
C ILE HA 80 -64.26 -10.71 19.53
N VAL HA 81 -65.25 -11.24 18.82
CA VAL HA 81 -66.64 -10.83 18.98
C VAL HA 81 -67.26 -11.78 20.00
N ALA HA 82 -67.47 -11.28 21.21
CA ALA HA 82 -67.89 -12.10 22.34
C ALA HA 82 -69.35 -11.81 22.65
N VAL HA 83 -70.20 -12.82 22.50
CA VAL HA 83 -71.58 -12.75 22.94
C VAL HA 83 -71.72 -13.57 24.21
N GLY HA 84 -72.58 -13.13 25.10
CA GLY HA 84 -72.81 -13.83 26.33
C GLY HA 84 -74.18 -14.47 26.36
N VAL HA 85 -74.34 -15.43 27.26
CA VAL HA 85 -75.64 -16.03 27.54
C VAL HA 85 -75.83 -16.06 29.05
N GLU HA 86 -77.07 -15.85 29.49
CA GLU HA 86 -77.39 -16.01 30.90
C GLU HA 86 -77.42 -17.49 31.24
N THR HA 87 -76.80 -17.85 32.36
CA THR HA 87 -76.74 -19.26 32.75
C THR HA 87 -78.11 -19.73 33.24
N ALA HA 88 -78.50 -20.92 32.79
CA ALA HA 88 -79.79 -21.50 33.12
C ALA HA 88 -79.62 -22.60 34.15
N GLU HA 89 -80.69 -23.32 34.43
CA GLU HA 89 -80.68 -24.43 35.37
C GLU HA 89 -80.59 -25.77 34.65
N THR HA 90 -81.50 -26.03 33.73
CA THR HA 90 -81.48 -27.28 32.97
C THR HA 90 -80.40 -27.21 31.91
N PRO HA 91 -79.51 -28.20 31.80
CA PRO HA 91 -78.48 -28.18 30.76
C PRO HA 91 -79.03 -28.36 29.35
N GLU HA 92 -80.17 -29.01 29.19
CA GLU HA 92 -80.84 -29.02 27.89
C GLU HA 92 -81.48 -27.67 27.56
N ALA HA 93 -81.83 -26.89 28.58
CA ALA HA 93 -82.26 -25.52 28.38
C ALA HA 93 -81.09 -24.55 28.37
N GLN HA 94 -79.94 -24.94 28.90
CA GLN HA 94 -78.74 -24.13 28.77
C GLN HA 94 -78.25 -24.12 27.32
N ALA HA 95 -78.34 -25.26 26.64
CA ALA HA 95 -78.03 -25.32 25.23
C ALA HA 95 -79.05 -24.56 24.40
N SER HA 96 -80.27 -24.42 24.91
CA SER HA 96 -81.27 -23.59 24.25
C SER HA 96 -80.95 -22.10 24.34
N ALA HA 97 -80.19 -21.69 25.36
CA ALA HA 97 -79.81 -20.30 25.46
C ALA HA 97 -78.65 -19.96 24.54
N VAL HA 98 -77.76 -20.93 24.27
CA VAL HA 98 -76.60 -20.66 23.44
C VAL HA 98 -76.99 -20.60 21.96
N ILE HA 99 -77.92 -21.45 21.54
CA ILE HA 99 -78.36 -21.44 20.14
C ILE HA 99 -79.14 -20.17 19.83
N GLY HA 100 -79.86 -19.61 20.82
CA GLY HA 100 -80.53 -18.34 20.64
C GLY HA 100 -81.71 -18.43 19.69
N GLY HA 101 -81.79 -17.44 18.81
CA GLY HA 101 -82.85 -17.38 17.82
C GLY HA 101 -83.37 -15.96 17.72
N ILE HA 102 -84.62 -15.86 17.27
CA ILE HA 102 -85.27 -14.57 17.04
C ILE HA 102 -86.37 -14.49 18.09
N SER HA 103 -86.09 -15.05 19.27
CA SER HA 103 -87.06 -15.07 20.37
C SER HA 103 -87.42 -13.69 20.87
N ALA HA 104 -86.56 -12.69 20.64
CA ALA HA 104 -86.87 -11.30 20.97
C ALA HA 104 -87.73 -10.70 19.87
N ALA HA 105 -87.93 -9.38 19.92
CA ALA HA 105 -88.71 -8.69 18.89
C ALA HA 105 -87.91 -8.55 17.59
N GLY HA 106 -86.79 -7.84 17.66
CA GLY HA 106 -85.93 -7.68 16.50
C GLY HA 106 -84.47 -7.82 16.83
N GLU HA 107 -84.16 -8.66 17.82
CA GLU HA 107 -82.80 -8.85 18.30
C GLU HA 107 -82.40 -10.32 18.19
N ARG HA 108 -81.18 -10.55 17.73
CA ARG HA 108 -80.61 -11.89 17.67
C ARG HA 108 -79.86 -12.19 18.96
N THR HA 109 -80.10 -13.39 19.50
CA THR HA 109 -79.54 -13.82 20.77
C THR HA 109 -78.65 -15.04 20.56
N GLY HA 110 -77.74 -15.25 21.52
CA GLY HA 110 -76.94 -16.47 21.51
C GLY HA 110 -75.89 -16.46 20.43
N LEU HA 111 -75.74 -17.61 19.75
CA LEU HA 111 -74.81 -17.73 18.63
C LEU HA 111 -75.24 -16.89 17.44
N GLN HA 112 -76.53 -16.62 17.30
CA GLN HA 112 -77.03 -15.90 16.14
C GLN HA 112 -76.65 -14.42 16.15
N ALA HA 113 -76.24 -13.89 17.30
CA ALA HA 113 -75.74 -12.53 17.36
C ALA HA 113 -74.32 -12.40 16.82
N LEU HA 114 -73.63 -13.53 16.59
CA LEU HA 114 -72.33 -13.47 15.94
C LEU HA 114 -72.45 -13.17 14.46
N LEU HA 115 -73.64 -13.38 13.87
CA LEU HA 115 -73.92 -12.91 12.52
C LEU HA 115 -73.96 -11.40 12.44
N ASP HA 116 -74.21 -10.73 13.57
CA ASP HA 116 -74.16 -9.27 13.66
C ASP HA 116 -72.78 -8.75 14.05
N GLY HA 117 -71.72 -9.48 13.73
CA GLY HA 117 -70.38 -9.01 13.98
C GLY HA 117 -70.03 -7.85 13.08
N LYS HA 118 -70.18 -8.05 11.77
CA LYS HA 118 -70.19 -6.94 10.83
C LYS HA 118 -71.46 -6.13 11.06
N SER HA 119 -71.42 -4.84 10.68
CA SER HA 119 -72.36 -3.75 10.96
C SER HA 119 -72.35 -3.32 12.42
N ARG HA 120 -71.51 -3.92 13.26
CA ARG HA 120 -71.24 -3.42 14.60
C ARG HA 120 -69.77 -3.04 14.79
N PHE HA 121 -68.84 -3.93 14.41
CA PHE HA 121 -67.43 -3.68 14.72
C PHE HA 121 -66.47 -4.12 13.63
N ASN HA 122 -66.94 -4.26 12.38
CA ASN HA 122 -66.13 -4.64 11.20
C ASN HA 122 -65.45 -5.99 11.38
N ALA HA 123 -66.11 -6.94 12.01
CA ALA HA 123 -65.52 -8.25 12.27
C ALA HA 123 -66.52 -9.31 11.82
N GLN HA 124 -66.29 -9.86 10.64
CA GLN HA 124 -67.03 -11.00 10.11
C GLN HA 124 -66.35 -12.26 10.62
N PRO HA 125 -66.88 -12.94 11.66
CA PRO HA 125 -66.08 -13.89 12.44
C PRO HA 125 -65.67 -15.12 11.64
N ARG HA 126 -64.41 -15.51 11.81
CA ARG HA 126 -63.83 -16.62 11.08
C ARG HA 126 -63.62 -17.86 11.93
N LEU HA 127 -63.70 -17.72 13.26
CA LEU HA 127 -63.47 -18.83 14.17
C LEU HA 127 -64.62 -18.87 15.16
N LEU HA 128 -65.39 -19.95 15.12
CA LEU HA 128 -66.51 -20.14 16.03
C LEU HA 128 -66.10 -21.10 17.13
N VAL HA 129 -66.21 -20.66 18.38
CA VAL HA 129 -65.92 -21.50 19.53
C VAL HA 129 -67.04 -21.34 20.56
N ALA HA 130 -67.51 -22.47 21.08
CA ALA HA 130 -68.36 -22.50 22.26
C ALA HA 130 -67.64 -23.38 23.29
N PRO HA 131 -66.84 -22.79 24.17
CA PRO HA 131 -65.98 -23.58 25.06
C PRO HA 131 -66.75 -24.34 26.14
N GLY HA 132 -66.87 -25.64 25.97
CA GLY HA 132 -67.63 -26.45 26.88
C GLY HA 132 -69.01 -26.78 26.34
N HIS HA 133 -69.63 -25.80 25.69
CA HIS HA 133 -70.95 -26.01 25.09
C HIS HA 133 -70.84 -26.45 23.64
N SER HA 134 -70.03 -27.47 23.40
CA SER HA 134 -69.97 -28.09 22.09
C SER HA 134 -69.89 -29.61 22.17
N ALA HA 135 -69.82 -30.18 23.37
CA ALA HA 135 -70.02 -31.61 23.53
C ALA HA 135 -71.48 -31.99 23.32
N GLN HA 136 -72.39 -31.04 23.50
CA GLN HA 136 -73.78 -31.26 23.14
C GLN HA 136 -73.95 -31.15 21.64
N GLN HA 137 -74.75 -32.05 21.07
CA GLN HA 137 -74.90 -32.10 19.62
C GLN HA 137 -75.75 -30.97 19.08
N ALA HA 138 -76.68 -30.45 19.88
CA ALA HA 138 -77.60 -29.41 19.41
C ALA HA 138 -76.89 -28.09 19.17
N VAL HA 139 -75.82 -27.81 19.91
CA VAL HA 139 -75.06 -26.59 19.67
C VAL HA 139 -73.99 -26.83 18.60
N ALA HA 140 -73.44 -28.04 18.53
CA ALA HA 140 -72.49 -28.37 17.47
C ALA HA 140 -73.17 -28.43 16.11
N THR HA 141 -74.47 -28.72 16.07
CA THR HA 141 -75.24 -28.57 14.84
C THR HA 141 -75.62 -27.10 14.61
N ALA HA 142 -75.77 -26.33 15.69
CA ALA HA 142 -76.01 -24.90 15.55
C ALA HA 142 -74.77 -24.18 15.03
N MET HA 143 -73.60 -24.55 15.56
CA MET HA 143 -72.34 -24.01 15.04
C MET HA 143 -72.04 -24.54 13.65
N ASP HA 144 -72.58 -25.71 13.30
CA ASP HA 144 -72.45 -26.23 11.96
C ASP HA 144 -73.18 -25.35 10.96
N GLY HA 145 -74.49 -25.18 11.16
CA GLY HA 145 -75.30 -24.46 10.19
C GLY HA 145 -75.05 -22.97 10.15
N LEU HA 146 -74.51 -22.41 11.23
CA LEU HA 146 -74.15 -21.01 11.24
C LEU HA 146 -72.83 -20.75 10.52
N ALA HA 147 -72.03 -21.80 10.31
CA ALA HA 147 -70.70 -21.62 9.72
C ALA HA 147 -70.79 -21.29 8.24
N GLU HA 148 -71.62 -22.01 7.47
CA GLU HA 148 -71.72 -21.71 6.06
C GLU HA 148 -72.50 -20.44 5.79
N LYS HA 149 -73.30 -19.96 6.74
CA LYS HA 149 -73.84 -18.61 6.65
C LYS HA 149 -72.74 -17.58 6.87
N LEU HA 150 -71.75 -17.92 7.69
CA LEU HA 150 -70.73 -16.98 8.12
C LEU HA 150 -69.45 -17.12 7.30
N ARG HA 151 -69.31 -18.21 6.53
CA ARG HA 151 -68.09 -18.61 5.83
C ARG HA 151 -66.90 -18.66 6.78
N ALA HA 152 -67.07 -19.43 7.84
CA ALA HA 152 -66.06 -19.65 8.87
C ALA HA 152 -65.85 -21.14 9.05
N ILE HA 153 -65.07 -21.50 10.07
CA ILE HA 153 -65.00 -22.87 10.54
C ILE HA 153 -65.26 -22.87 12.04
N ALA HA 154 -66.02 -23.85 12.51
CA ALA HA 154 -66.42 -23.93 13.90
C ALA HA 154 -65.53 -24.91 14.64
N ILE HA 155 -64.82 -24.42 15.65
CA ILE HA 155 -63.90 -25.25 16.43
C ILE HA 155 -64.71 -25.77 17.62
N LEU HA 156 -65.31 -26.93 17.43
CA LEU HA 156 -66.02 -27.57 18.52
C LEU HA 156 -65.08 -28.56 19.22
N ASP HA 157 -65.56 -29.19 20.29
CA ASP HA 157 -64.75 -30.15 21.00
C ASP HA 157 -65.59 -31.32 21.47
N GLY HA 158 -64.97 -32.50 21.54
CA GLY HA 158 -65.66 -33.68 22.01
C GLY HA 158 -65.77 -33.70 23.51
N PRO HA 159 -66.40 -34.75 24.02
CA PRO HA 159 -66.44 -34.94 25.47
C PRO HA 159 -65.07 -35.35 25.99
N ASN HA 160 -64.85 -35.15 27.29
CA ASN HA 160 -63.59 -35.47 27.92
C ASN HA 160 -63.52 -36.91 28.41
N SER HA 161 -64.35 -37.79 27.86
CA SER HA 161 -64.28 -39.23 28.12
C SER HA 161 -63.24 -39.86 27.22
N THR HA 162 -63.28 -41.19 27.10
CA THR HA 162 -62.28 -41.94 26.35
C THR HA 162 -62.40 -41.70 24.85
N ASP HA 163 -61.54 -42.39 24.09
CA ASP HA 163 -61.35 -42.06 22.67
C ASP HA 163 -62.54 -42.44 21.83
N GLU HA 164 -63.11 -43.64 22.02
CA GLU HA 164 -64.26 -44.05 21.22
C GLU HA 164 -65.53 -43.30 21.59
N ALA HA 165 -65.55 -42.64 22.76
CA ALA HA 165 -66.64 -41.71 23.05
C ALA HA 165 -66.52 -40.45 22.21
N ALA HA 166 -65.31 -40.11 21.77
CA ALA HA 166 -65.09 -38.96 20.90
C ALA HA 166 -65.02 -39.32 19.42
N VAL HA 167 -64.63 -40.56 19.10
CA VAL HA 167 -64.67 -41.00 17.71
C VAL HA 167 -66.12 -41.15 17.24
N ALA HA 168 -66.96 -41.76 18.08
CA ALA HA 168 -68.37 -41.90 17.75
C ALA HA 168 -69.11 -40.56 17.81
N TYR HA 169 -68.59 -39.59 18.57
CA TYR HA 169 -69.16 -38.26 18.56
C TYR HA 169 -68.80 -37.50 17.29
N ALA HA 170 -67.69 -37.86 16.65
CA ALA HA 170 -67.32 -37.25 15.37
C ALA HA 170 -68.06 -37.87 14.19
N LYS HA 171 -68.71 -39.00 14.37
CA LYS HA 171 -69.42 -39.65 13.27
C LYS HA 171 -70.79 -39.05 13.01
N ASN HA 172 -71.23 -38.10 13.83
CA ASN HA 172 -72.48 -37.38 13.60
C ASN HA 172 -72.32 -36.23 12.62
N PHE HA 173 -71.15 -36.06 12.03
CA PHE HA 173 -70.84 -34.88 11.23
C PHE HA 173 -70.05 -35.34 10.00
N GLY HA 174 -69.34 -34.42 9.37
CA GLY HA 174 -68.83 -34.63 8.03
C GLY HA 174 -69.24 -33.48 7.13
N SER HA 175 -69.40 -32.31 7.74
CA SER HA 175 -69.98 -31.14 7.10
C SER HA 175 -68.98 -30.03 6.82
N LYS HA 176 -67.69 -30.36 6.69
CA LYS HA 176 -66.66 -29.55 6.03
C LYS HA 176 -66.25 -28.30 6.82
N ARG HA 177 -66.97 -27.96 7.88
CA ARG HA 177 -66.77 -26.69 8.58
C ARG HA 177 -66.40 -26.89 10.04
N LEU HA 178 -66.10 -28.11 10.46
CA LEU HA 178 -65.96 -28.43 11.87
C LEU HA 178 -64.57 -28.97 12.14
N PHE HA 179 -63.94 -28.46 13.20
CA PHE HA 179 -62.58 -28.82 13.58
C PHE HA 179 -62.62 -29.21 15.05
N MET HA 180 -62.58 -30.50 15.35
CA MET HA 180 -62.79 -30.97 16.71
C MET HA 180 -61.47 -31.34 17.37
N VAL HA 181 -61.28 -30.85 18.59
CA VAL HA 181 -60.10 -31.14 19.41
C VAL HA 181 -60.64 -31.73 20.72
N ASP HA 182 -60.57 -33.06 20.86
CA ASP HA 182 -61.21 -33.69 22.01
C ASP HA 182 -60.53 -33.64 23.39
N PRO HA 183 -59.16 -33.73 23.57
CA PRO HA 183 -58.67 -33.71 24.95
C PRO HA 183 -58.75 -32.33 25.57
N GLY HA 184 -59.66 -32.16 26.53
CA GLY HA 184 -59.75 -30.91 27.24
C GLY HA 184 -58.52 -30.70 28.10
N VAL HA 185 -57.64 -29.81 27.66
CA VAL HA 185 -56.35 -29.67 28.28
C VAL HA 185 -56.49 -28.87 29.58
N GLN HA 186 -55.58 -29.11 30.52
CA GLN HA 186 -55.69 -28.47 31.82
C GLN HA 186 -54.57 -27.44 31.98
N VAL HA 187 -54.85 -26.42 32.78
CA VAL HA 187 -53.95 -25.28 32.91
C VAL HA 187 -53.73 -25.01 34.40
N TRP HA 188 -52.53 -24.51 34.72
CA TRP HA 188 -52.18 -24.18 36.09
C TRP HA 188 -52.95 -22.95 36.56
N ASP HA 189 -53.35 -22.95 37.83
CA ASP HA 189 -54.15 -21.88 38.41
C ASP HA 189 -53.40 -21.27 39.58
N SER HA 190 -53.57 -19.95 39.76
CA SER HA 190 -52.95 -19.26 40.88
C SER HA 190 -53.75 -19.43 42.17
N ALA HA 191 -55.07 -19.32 42.07
CA ALA HA 191 -55.91 -19.36 43.27
C ALA HA 191 -56.12 -20.80 43.75
N THR HA 192 -56.35 -21.72 42.82
CA THR HA 192 -56.63 -23.10 43.21
C THR HA 192 -55.37 -23.81 43.69
N ASN HA 193 -54.20 -23.43 43.14
CA ASN HA 193 -52.92 -24.08 43.37
C ASN HA 193 -53.00 -25.58 43.05
N ALA HA 194 -53.65 -25.88 41.93
CA ALA HA 194 -53.85 -27.25 41.46
C ALA HA 194 -54.08 -27.20 39.96
N ALA HA 195 -54.49 -28.32 39.38
CA ALA HA 195 -54.72 -28.44 37.95
C ALA HA 195 -56.19 -28.21 37.63
N ARG HA 196 -56.46 -27.31 36.69
CA ARG HA 196 -57.82 -26.98 36.28
C ARG HA 196 -58.40 -27.98 35.29
N ASN HA 197 -59.48 -27.59 34.62
CA ASN HA 197 -60.06 -28.36 33.51
C ASN HA 197 -60.61 -27.36 32.50
N ALA HA 198 -59.85 -27.10 31.44
CA ALA HA 198 -60.28 -26.22 30.36
C ALA HA 198 -60.75 -27.05 29.16
N PRO HA 199 -61.76 -26.59 28.42
CA PRO HA 199 -62.32 -27.45 27.36
C PRO HA 199 -61.46 -27.56 26.10
N ALA HA 200 -60.42 -26.73 25.96
CA ALA HA 200 -59.42 -26.80 24.89
C ALA HA 200 -60.00 -26.61 23.50
N SER HA 201 -61.13 -25.91 23.38
CA SER HA 201 -61.59 -25.47 22.07
C SER HA 201 -61.20 -24.03 21.80
N ALA HA 202 -61.08 -23.21 22.85
CA ALA HA 202 -60.61 -21.84 22.70
C ALA HA 202 -59.11 -21.76 22.48
N TYR HA 203 -58.35 -22.78 22.90
CA TYR HA 203 -56.91 -22.76 22.70
C TYR HA 203 -56.56 -22.98 21.23
N ALA HA 204 -57.38 -23.76 20.52
CA ALA HA 204 -57.19 -23.90 19.09
C ALA HA 204 -57.61 -22.66 18.32
N ALA HA 205 -58.49 -21.83 18.90
CA ALA HA 205 -58.86 -20.59 18.25
C ALA HA 205 -57.75 -19.57 18.35
N GLY HA 206 -57.09 -19.49 19.50
CA GLY HA 206 -55.94 -18.61 19.65
C GLY HA 206 -54.75 -19.08 18.85
N LEU HA 207 -54.65 -20.38 18.60
CA LEU HA 207 -53.58 -20.88 17.74
C LEU HA 207 -53.86 -20.59 16.28
N PHE HA 208 -55.13 -20.51 15.87
CA PHE HA 208 -55.41 -20.18 14.48
C PHE HA 208 -55.21 -18.69 14.23
N ALA HA 209 -55.52 -17.86 15.22
CA ALA HA 209 -55.25 -16.43 15.11
C ALA HA 209 -53.77 -16.14 15.16
N TRP HA 210 -52.99 -16.98 15.85
CA TRP HA 210 -51.55 -16.82 15.82
C TRP HA 210 -50.97 -17.31 14.50
N THR HA 211 -51.65 -18.24 13.84
CA THR HA 211 -51.10 -18.80 12.62
C THR HA 211 -51.32 -17.88 11.43
N ASP HA 212 -52.55 -17.40 11.25
CA ASP HA 212 -52.88 -16.67 10.04
C ASP HA 212 -52.32 -15.25 10.02
N ALA HA 213 -51.86 -14.72 11.16
CA ALA HA 213 -51.27 -13.40 11.20
C ALA HA 213 -49.74 -13.43 11.20
N GLU HA 214 -49.13 -14.48 11.75
CA GLU HA 214 -47.68 -14.60 11.78
C GLU HA 214 -47.12 -15.56 10.74
N TYR HA 215 -47.89 -16.56 10.31
CA TYR HA 215 -47.44 -17.48 9.28
C TYR HA 215 -48.29 -17.44 8.01
N GLY HA 216 -49.41 -16.72 8.01
CA GLY HA 216 -50.32 -16.73 6.87
C GLY HA 216 -51.41 -17.76 7.02
N PHE HA 217 -52.58 -17.43 6.47
CA PHE HA 217 -53.75 -18.31 6.60
C PHE HA 217 -53.61 -19.58 5.77
N TRP HA 218 -52.76 -19.53 4.75
CA TRP HA 218 -52.49 -20.69 3.92
C TRP HA 218 -51.63 -21.73 4.62
N SER HA 219 -50.98 -21.37 5.72
CA SER HA 219 -50.16 -22.31 6.46
C SER HA 219 -51.03 -23.13 7.39
N SER HA 220 -50.64 -24.39 7.56
CA SER HA 220 -51.44 -25.35 8.32
C SER HA 220 -51.28 -25.11 9.81
N PRO HA 221 -52.34 -24.82 10.53
CA PRO HA 221 -52.25 -24.51 11.96
C PRO HA 221 -52.41 -25.74 12.85
N SER HA 222 -51.50 -26.70 12.72
CA SER HA 222 -51.52 -27.87 13.58
C SER HA 222 -50.27 -27.97 14.45
N ASN HA 223 -49.08 -27.96 13.84
CA ASN HA 223 -47.85 -28.35 14.50
C ASN HA 223 -47.26 -27.22 15.37
N LYS HA 224 -48.08 -26.26 15.80
CA LYS HA 224 -47.63 -25.04 16.43
C LYS HA 224 -47.93 -25.06 17.92
N GLU HA 225 -47.28 -24.15 18.64
CA GLU HA 225 -47.25 -24.18 20.10
C GLU HA 225 -48.54 -23.64 20.69
N ILE HA 226 -48.98 -24.25 21.79
CA ILE HA 226 -50.06 -23.73 22.63
C ILE HA 226 -49.45 -23.12 23.87
N LYS HA 227 -49.83 -21.89 24.19
CA LYS HA 227 -49.42 -21.27 25.44
C LYS HA 227 -50.58 -21.21 26.42
N GLY HA 228 -50.23 -21.07 27.70
CA GLY HA 228 -51.20 -21.16 28.77
C GLY HA 228 -51.71 -22.58 28.93
N VAL HA 229 -50.84 -23.52 29.28
CA VAL HA 229 -51.13 -24.93 29.09
C VAL HA 229 -50.31 -25.75 30.08
N THR HA 230 -50.83 -26.91 30.44
CA THR HA 230 -50.10 -27.97 31.13
C THR HA 230 -50.55 -29.26 30.45
N GLY HA 231 -50.41 -30.39 31.14
CA GLY HA 231 -50.81 -31.68 30.60
C GLY HA 231 -52.27 -31.75 30.17
N THR HA 232 -52.59 -32.84 29.49
CA THR HA 232 -53.95 -33.06 29.01
C THR HA 232 -54.74 -33.88 30.02
N SER HA 233 -56.06 -33.90 29.82
CA SER HA 233 -56.92 -34.72 30.66
C SER HA 233 -56.79 -36.20 30.37
N ARG HA 234 -56.24 -36.56 29.22
CA ARG HA 234 -55.95 -37.94 28.87
C ARG HA 234 -54.52 -38.00 28.37
N PRO HA 235 -53.71 -38.92 28.89
CA PRO HA 235 -52.39 -39.17 28.28
C PRO HA 235 -52.56 -39.85 26.94
N VAL HA 236 -52.26 -39.12 25.86
CA VAL HA 236 -52.50 -39.60 24.51
C VAL HA 236 -51.14 -39.91 23.89
N GLU HA 237 -50.85 -41.21 23.73
CA GLU HA 237 -49.57 -41.65 23.23
C GLU HA 237 -49.46 -41.44 21.72
N PHE HA 238 -48.22 -41.55 21.22
CA PHE HA 238 -47.93 -41.26 19.82
C PHE HA 238 -46.58 -41.87 19.47
N LEU HA 239 -46.52 -42.47 18.29
CA LEU HA 239 -45.30 -43.09 17.77
C LEU HA 239 -45.17 -42.76 16.29
N ASP HA 240 -44.26 -43.47 15.62
CA ASP HA 240 -44.05 -43.33 14.18
C ASP HA 240 -44.03 -44.72 13.55
N GLY HA 241 -44.91 -44.94 12.58
CA GLY HA 241 -44.95 -46.22 11.89
C GLY HA 241 -46.30 -46.91 11.87
N ASP HA 242 -47.37 -46.14 12.01
CA ASP HA 242 -48.77 -46.57 11.84
C ASP HA 242 -49.13 -47.68 12.83
N GLU HA 243 -49.03 -47.34 14.12
CA GLU HA 243 -49.32 -48.29 15.19
C GLU HA 243 -50.78 -48.18 15.61
N THR HA 244 -51.09 -48.74 16.78
CA THR HA 244 -52.42 -48.65 17.37
C THR HA 244 -52.50 -47.46 18.33
N CYS HA 245 -51.74 -46.41 18.02
CA CYS HA 245 -51.61 -45.24 18.89
C CYS HA 245 -52.93 -44.49 19.02
N ARG HA 246 -53.05 -43.76 20.13
CA ARG HA 246 -54.21 -42.91 20.35
C ARG HA 246 -54.10 -41.58 19.62
N ALA HA 247 -52.98 -41.34 18.92
CA ALA HA 247 -52.82 -40.20 18.02
C ALA HA 247 -53.32 -40.53 16.62
N ASN HA 248 -52.91 -41.69 16.09
CA ASN HA 248 -53.33 -42.12 14.77
C ASN HA 248 -54.79 -42.56 14.77
N LEU HA 249 -55.31 -42.99 15.93
CA LEU HA 249 -56.73 -43.34 16.02
C LEU HA 249 -57.61 -42.11 15.89
N LEU HA 250 -57.20 -41.00 16.51
CA LEU HA 250 -58.01 -39.79 16.45
C LEU HA 250 -57.87 -39.09 15.11
N ASN HA 251 -56.66 -39.09 14.55
CA ASN HA 251 -56.43 -38.36 13.30
C ASN HA 251 -57.14 -39.03 12.13
N ASN HA 252 -57.16 -40.37 12.12
CA ASN HA 252 -57.88 -41.09 11.07
C ASN HA 252 -59.40 -40.97 11.25
N ALA HA 253 -59.87 -40.58 12.42
CA ALA HA 253 -61.28 -40.28 12.64
C ALA HA 253 -61.59 -38.81 12.42
N ASN HA 254 -60.69 -38.07 11.73
CA ASN HA 254 -60.81 -36.64 11.45
C ASN HA 254 -60.94 -35.80 12.72
N ILE HA 255 -60.16 -36.15 13.73
CA ILE HA 255 -60.16 -35.44 15.01
C ILE HA 255 -58.75 -34.97 15.29
N ALA HA 256 -58.60 -33.69 15.62
CA ALA HA 256 -57.30 -33.20 16.05
C ALA HA 256 -57.16 -33.36 17.56
N THR HA 257 -55.91 -33.28 18.03
CA THR HA 257 -55.60 -33.61 19.42
C THR HA 257 -54.27 -33.00 19.83
N ILE HA 258 -54.20 -32.56 21.09
CA ILE HA 258 -52.92 -32.16 21.66
C ILE HA 258 -52.11 -33.40 21.96
N ILE HA 259 -50.87 -33.44 21.47
CA ILE HA 259 -50.14 -34.71 21.44
C ILE HA 259 -48.85 -34.72 22.26
N ARG HA 260 -47.86 -33.91 21.91
CA ARG HA 260 -46.53 -34.18 22.43
C ARG HA 260 -46.29 -33.41 23.71
N ASP HA 261 -45.48 -34.02 24.60
CA ASP HA 261 -45.00 -33.45 25.86
C ASP HA 261 -46.13 -33.01 26.81
N ASP HA 262 -47.35 -33.49 26.58
CA ASP HA 262 -48.54 -33.18 27.37
C ASP HA 262 -48.79 -31.68 27.48
N GLY HA 263 -49.20 -31.12 26.34
CA GLY HA 263 -49.62 -29.74 26.27
C GLY HA 263 -48.84 -28.90 25.29
N TYR HA 264 -47.79 -29.45 24.68
CA TYR HA 264 -46.83 -28.65 23.95
C TYR HA 264 -47.37 -28.21 22.60
N ARG HA 265 -47.91 -29.14 21.81
CA ARG HA 265 -48.35 -28.81 20.45
C ARG HA 265 -49.67 -29.48 20.12
N LEU HA 266 -50.45 -28.80 19.28
CA LEU HA 266 -51.59 -29.41 18.60
C LEU HA 266 -51.08 -30.33 17.50
N TRP HA 267 -51.96 -31.18 16.98
CA TRP HA 267 -51.53 -32.21 16.02
C TRP HA 267 -52.74 -32.68 15.23
N GLY HA 268 -52.75 -32.40 13.93
CA GLY HA 268 -53.89 -32.82 13.12
C GLY HA 268 -54.51 -31.62 12.44
N ASN HA 269 -54.81 -31.77 11.16
CA ASN HA 269 -55.34 -30.69 10.36
C ASN HA 269 -56.61 -31.02 9.58
N ARG HA 270 -57.03 -32.28 9.53
CA ARG HA 270 -58.21 -32.60 8.74
C ARG HA 270 -59.47 -32.22 9.49
N THR HA 271 -60.46 -31.75 8.74
CA THR HA 271 -61.72 -31.30 9.29
C THR HA 271 -62.75 -32.43 9.22
N LEU HA 272 -63.86 -32.23 9.93
CA LEU HA 272 -64.97 -33.17 9.85
C LEU HA 272 -65.69 -32.99 8.53
N SER HA 273 -65.22 -33.69 7.49
CA SER HA 273 -65.76 -33.55 6.16
C SER HA 273 -65.98 -34.94 5.56
N SER HA 274 -67.09 -35.09 4.84
CA SER HA 274 -67.36 -36.33 4.15
C SER HA 274 -66.64 -36.41 2.81
N ASP HA 275 -66.24 -35.27 2.26
CA ASP HA 275 -65.57 -35.22 0.97
C ASP HA 275 -64.06 -35.22 1.18
N SER HA 276 -63.36 -36.08 0.43
CA SER HA 276 -61.91 -36.08 0.46
C SER HA 276 -61.30 -34.87 -0.24
N LYS HA 277 -62.08 -34.18 -1.08
CA LYS HA 277 -61.62 -32.94 -1.68
C LYS HA 277 -61.46 -31.84 -0.64
N TRP HA 278 -62.38 -31.77 0.33
CA TRP HA 278 -62.38 -30.75 1.37
C TRP HA 278 -61.90 -31.31 2.69
N ALA HA 279 -60.91 -32.20 2.68
CA ALA HA 279 -60.52 -32.89 3.90
C ALA HA 279 -59.72 -31.97 4.82
N PHE HA 280 -58.81 -31.18 4.27
CA PHE HA 280 -57.96 -30.32 5.07
C PHE HA 280 -58.71 -29.06 5.48
N VAL HA 281 -58.25 -28.43 6.56
CA VAL HA 281 -58.80 -27.11 6.88
C VAL HA 281 -58.20 -26.06 5.97
N THR HA 282 -56.97 -26.27 5.50
CA THR HA 282 -56.32 -25.32 4.60
C THR HA 282 -56.93 -25.33 3.21
N ARG HA 283 -57.63 -26.41 2.83
CA ARG HA 283 -58.47 -26.34 1.66
C ARG HA 283 -59.68 -25.45 1.92
N VAL HA 284 -60.19 -25.47 3.15
CA VAL HA 284 -61.40 -24.73 3.49
C VAL HA 284 -61.08 -23.29 3.84
N ARG HA 285 -59.98 -23.06 4.56
CA ARG HA 285 -59.62 -21.70 4.96
C ARG HA 285 -59.17 -20.87 3.77
N THR HA 286 -58.33 -21.44 2.90
CA THR HA 286 -57.92 -20.70 1.70
C THR HA 286 -59.04 -20.59 0.68
N MET HA 287 -60.11 -21.37 0.81
CA MET HA 287 -61.27 -21.17 -0.04
C MET HA 287 -61.99 -19.87 0.30
N ASP HA 288 -62.13 -19.59 1.59
CA ASP HA 288 -62.94 -18.47 2.04
C ASP HA 288 -62.13 -17.22 2.35
N LEU HA 289 -60.84 -17.35 2.66
CA LEU HA 289 -60.02 -16.21 3.01
C LEU HA 289 -59.23 -15.65 1.86
N VAL HA 290 -59.34 -16.25 0.67
CA VAL HA 290 -58.94 -15.49 -0.51
C VAL HA 290 -60.16 -14.82 -1.14
N MET HA 291 -61.33 -15.45 -1.07
CA MET HA 291 -62.51 -14.95 -1.74
C MET HA 291 -63.27 -13.92 -0.91
N ASP HA 292 -62.77 -13.60 0.28
CA ASP HA 292 -63.16 -12.39 0.97
C ASP HA 292 -62.02 -11.40 1.05
N ALA HA 293 -60.80 -11.82 0.70
CA ALA HA 293 -59.70 -10.90 0.43
C ALA HA 293 -59.71 -10.41 -1.01
N ILE HA 294 -60.23 -11.23 -1.94
CA ILE HA 294 -60.61 -10.76 -3.27
C ILE HA 294 -61.58 -9.59 -3.16
N LEU HA 295 -62.57 -9.69 -2.28
CA LEU HA 295 -63.59 -8.66 -2.17
C LEU HA 295 -63.06 -7.41 -1.46
N ALA HA 296 -62.20 -7.60 -0.46
CA ALA HA 296 -61.59 -6.47 0.22
C ALA HA 296 -60.56 -5.82 -0.68
N GLY HA 297 -60.87 -4.62 -1.15
CA GLY HA 297 -60.05 -3.97 -2.14
C GLY HA 297 -60.80 -3.83 -3.45
N HIS HA 298 -61.57 -4.86 -3.80
CA HIS HA 298 -62.45 -4.83 -4.96
C HIS HA 298 -63.90 -4.66 -4.54
N LYS HA 299 -64.14 -3.82 -3.53
CA LYS HA 299 -65.49 -3.45 -3.12
C LYS HA 299 -66.18 -2.54 -4.12
N TRP HA 300 -65.47 -2.04 -5.13
CA TRP HA 300 -66.06 -1.23 -6.18
C TRP HA 300 -66.78 -2.04 -7.25
N ALA HA 301 -66.82 -3.37 -7.13
CA ALA HA 301 -67.42 -4.21 -8.15
C ALA HA 301 -68.92 -4.33 -8.03
N VAL HA 302 -69.55 -3.68 -7.05
CA VAL HA 302 -71.01 -3.70 -6.91
C VAL HA 302 -71.62 -2.42 -7.49
N ASP HA 303 -70.81 -1.41 -7.76
CA ASP HA 303 -71.21 -0.23 -8.50
C ASP HA 303 -70.27 -0.10 -9.69
N ARG HA 304 -70.27 1.08 -10.32
CA ARG HA 304 -69.55 1.34 -11.58
C ARG HA 304 -70.07 0.36 -12.65
N GLY HA 305 -71.32 0.64 -13.05
CA GLY HA 305 -72.11 -0.19 -13.94
C GLY HA 305 -71.47 -0.65 -15.23
N ILE HA 306 -72.06 -1.68 -15.84
CA ILE HA 306 -71.36 -2.50 -16.82
C ILE HA 306 -71.19 -1.74 -18.13
N THR HA 307 -70.02 -1.17 -18.30
CA THR HA 307 -69.59 -0.60 -19.56
C THR HA 307 -68.67 -1.59 -20.26
N LYS HA 308 -68.06 -1.16 -21.36
CA LYS HA 308 -67.20 -2.06 -22.13
C LYS HA 308 -65.93 -2.40 -21.36
N THR HA 309 -65.36 -1.43 -20.66
CA THR HA 309 -64.13 -1.69 -19.92
C THR HA 309 -64.36 -2.34 -18.57
N TYR HA 310 -65.60 -2.36 -18.06
CA TYR HA 310 -65.85 -2.81 -16.69
C TYR HA 310 -65.62 -4.30 -16.51
N VAL HA 311 -66.10 -5.12 -17.47
CA VAL HA 311 -65.82 -6.55 -17.44
C VAL HA 311 -64.33 -6.79 -17.58
N LYS HA 312 -63.66 -5.95 -18.36
CA LYS HA 312 -62.22 -6.00 -18.53
C LYS HA 312 -61.47 -5.34 -17.36
N ASP HA 313 -62.14 -4.50 -16.56
CA ASP HA 313 -61.44 -3.80 -15.50
C ASP HA 313 -61.10 -4.74 -14.34
N VAL HA 314 -62.02 -5.62 -13.99
CA VAL HA 314 -61.81 -6.47 -12.82
C VAL HA 314 -61.26 -7.84 -13.20
N THR HA 315 -61.30 -8.22 -14.48
CA THR HA 315 -60.76 -9.52 -14.86
C THR HA 315 -59.23 -9.55 -14.87
N GLU HA 316 -58.57 -8.38 -14.86
CA GLU HA 316 -57.19 -8.30 -14.42
C GLU HA 316 -57.05 -7.47 -13.16
N GLY HA 317 -58.17 -7.09 -12.55
CA GLY HA 317 -58.15 -6.56 -11.20
C GLY HA 317 -58.00 -7.71 -10.23
N LEU HA 318 -58.61 -8.84 -10.57
CA LEU HA 318 -58.44 -10.05 -9.77
C LEU HA 318 -57.15 -10.77 -10.11
N ARG HA 319 -56.75 -10.72 -11.38
CA ARG HA 319 -55.52 -11.39 -11.81
C ARG HA 319 -54.30 -10.70 -11.21
N ALA HA 320 -54.35 -9.38 -11.03
CA ALA HA 320 -53.27 -8.67 -10.38
C ALA HA 320 -53.30 -8.81 -8.86
N PHE HA 321 -54.45 -9.14 -8.28
CA PHE HA 321 -54.50 -9.37 -6.85
C PHE HA 321 -54.17 -10.80 -6.49
N MET HA 322 -54.58 -11.76 -7.33
CA MET HA 322 -54.30 -13.15 -7.04
C MET HA 322 -52.87 -13.53 -7.36
N ARG HA 323 -52.19 -12.80 -8.25
CA ARG HA 323 -50.75 -12.99 -8.39
C ARG HA 323 -50.00 -12.44 -7.18
N ASP HA 324 -50.59 -11.52 -6.43
CA ASP HA 324 -50.00 -11.15 -5.14
C ASP HA 324 -50.21 -12.25 -4.11
N LEU HA 325 -51.31 -13.00 -4.23
CA LEU HA 325 -51.48 -14.19 -3.40
C LEU HA 325 -50.56 -15.31 -3.82
N LYS HA 326 -50.26 -15.40 -5.12
CA LYS HA 326 -49.40 -16.46 -5.63
C LYS HA 326 -47.95 -16.22 -5.24
N ASN HA 327 -47.51 -14.97 -5.21
CA ASN HA 327 -46.12 -14.67 -4.93
C ASN HA 327 -45.79 -14.80 -3.45
N GLN HA 328 -46.75 -14.54 -2.57
CA GLN HA 328 -46.55 -14.73 -1.14
C GLN HA 328 -46.84 -16.14 -0.69
N GLY HA 329 -47.11 -17.05 -1.62
CA GLY HA 329 -47.27 -18.46 -1.31
C GLY HA 329 -48.67 -18.89 -0.94
N ALA HA 330 -49.64 -17.97 -0.94
CA ALA HA 330 -50.99 -18.31 -0.48
C ALA HA 330 -51.68 -19.29 -1.42
N VAL HA 331 -51.39 -19.21 -2.71
CA VAL HA 331 -51.79 -20.23 -3.67
C VAL HA 331 -50.58 -20.60 -4.50
N ILE HA 332 -50.75 -21.63 -5.32
CA ILE HA 332 -49.87 -21.90 -6.44
C ILE HA 332 -50.73 -21.63 -7.67
N ASN HA 333 -50.17 -21.83 -8.87
CA ASN HA 333 -50.58 -21.15 -10.11
C ASN HA 333 -52.06 -21.25 -10.39
N PHE HA 334 -52.61 -20.19 -10.96
CA PHE HA 334 -54.05 -19.97 -11.05
C PHE HA 334 -54.41 -19.54 -12.46
N GLU HA 335 -55.71 -19.27 -12.67
CA GLU HA 335 -56.17 -18.59 -13.87
C GLU HA 335 -57.47 -17.86 -13.57
N VAL HA 336 -57.58 -16.64 -14.07
CA VAL HA 336 -58.75 -15.78 -13.88
C VAL HA 336 -59.19 -15.31 -15.25
N TYR HA 337 -60.44 -15.59 -15.60
CA TYR HA 337 -60.95 -15.23 -16.91
C TYR HA 337 -62.45 -15.03 -16.83
N ALA HA 338 -62.95 -14.12 -17.67
CA ALA HA 338 -64.38 -13.89 -17.75
C ALA HA 338 -65.07 -15.07 -18.42
N ASP HA 339 -66.31 -15.31 -18.04
CA ASP HA 339 -67.06 -16.48 -18.48
C ASP HA 339 -67.58 -16.22 -19.89
N PRO HA 340 -67.17 -17.01 -20.88
CA PRO HA 340 -67.57 -16.72 -22.26
C PRO HA 340 -69.02 -17.04 -22.59
N ASP HA 341 -69.55 -18.16 -22.10
CA ASP HA 341 -70.83 -18.64 -22.60
C ASP HA 341 -72.00 -18.14 -21.75
N LEU HA 342 -71.82 -18.07 -20.43
CA LEU HA 342 -72.94 -17.72 -19.57
C LEU HA 342 -73.15 -16.21 -19.51
N ASN HA 343 -72.14 -15.43 -19.88
CA ASN HA 343 -72.32 -13.99 -19.99
C ASN HA 343 -73.09 -13.65 -21.25
N SER HA 344 -74.24 -12.99 -21.08
CA SER HA 344 -75.09 -12.65 -22.21
C SER HA 344 -75.78 -11.33 -21.91
N ALA HA 345 -76.30 -10.71 -22.96
CA ALA HA 345 -76.91 -9.38 -22.80
C ALA HA 345 -78.31 -9.49 -22.20
N SER HA 346 -78.87 -10.71 -22.15
CA SER HA 346 -80.19 -10.87 -21.55
C SER HA 346 -80.15 -10.72 -20.04
N GLN HA 347 -79.05 -11.15 -19.42
CA GLN HA 347 -78.88 -11.02 -17.97
C GLN HA 347 -77.81 -10.01 -17.59
N LEU HA 348 -77.16 -9.37 -18.56
CA LEU HA 348 -76.30 -8.24 -18.24
C LEU HA 348 -77.12 -7.02 -17.89
N ALA HA 349 -78.30 -6.87 -18.49
CA ALA HA 349 -79.23 -5.83 -18.08
C ALA HA 349 -79.85 -6.12 -16.73
N GLN HA 350 -79.89 -7.40 -16.33
CA GLN HA 350 -80.35 -7.79 -15.01
C GLN HA 350 -79.34 -7.47 -13.93
N GLY HA 351 -78.06 -7.33 -14.29
CA GLY HA 351 -76.99 -7.04 -13.36
C GLY HA 351 -76.02 -8.20 -13.18
N LYS HA 352 -76.41 -9.39 -13.62
CA LYS HA 352 -75.55 -10.56 -13.45
C LYS HA 352 -74.48 -10.61 -14.53
N VAL HA 353 -73.23 -10.82 -14.10
CA VAL HA 353 -72.10 -10.98 -15.01
C VAL HA 353 -71.06 -11.86 -14.30
N TYR HA 354 -70.58 -12.88 -14.99
CA TYR HA 354 -69.87 -13.98 -14.34
C TYR HA 354 -68.37 -13.90 -14.61
N TRP HA 355 -67.59 -14.33 -13.64
CA TRP HA 355 -66.16 -14.55 -13.82
C TRP HA 355 -65.80 -15.93 -13.28
N ASN HA 356 -64.88 -16.60 -13.96
CA ASN HA 356 -64.44 -17.93 -13.59
C ASN HA 356 -63.08 -17.83 -12.91
N ILE HA 357 -63.00 -18.33 -11.68
CA ILE HA 357 -61.75 -18.36 -10.92
C ILE HA 357 -61.35 -19.82 -10.79
N ARG HA 358 -60.11 -20.13 -11.13
CA ARG HA 358 -59.58 -21.47 -10.93
C ARG HA 358 -58.20 -21.36 -10.33
N PHE HA 359 -58.07 -21.75 -9.07
CA PHE HA 359 -56.76 -21.78 -8.43
C PHE HA 359 -56.60 -23.10 -7.71
N THR HA 360 -55.37 -23.57 -7.65
CA THR HA 360 -54.99 -24.65 -6.75
C THR HA 360 -54.15 -24.06 -5.61
N ASP HA 361 -54.29 -24.64 -4.43
CA ASP HA 361 -53.64 -24.12 -3.26
C ASP HA 361 -52.50 -25.04 -2.81
N VAL HA 362 -51.74 -24.56 -1.84
CA VAL HA 362 -50.57 -25.32 -1.38
C VAL HA 362 -51.04 -26.47 -0.49
N PRO HA 363 -50.49 -27.67 -0.66
CA PRO HA 363 -50.83 -28.78 0.21
C PRO HA 363 -49.98 -28.75 1.47
N PRO HA 364 -50.56 -29.07 2.63
CA PRO HA 364 -49.75 -29.17 3.85
C PRO HA 364 -49.08 -30.54 3.97
N ALA HA 365 -47.79 -30.51 4.28
CA ALA HA 365 -46.96 -31.71 4.27
C ALA HA 365 -47.14 -32.48 5.56
N GLU HA 366 -48.30 -33.12 5.69
CA GLU HA 366 -48.61 -33.82 6.94
C GLU HA 366 -47.85 -35.14 7.03
N ASN HA 367 -47.39 -35.68 5.90
CA ASN HA 367 -46.69 -36.96 5.88
C ASN HA 367 -45.54 -36.90 4.88
N PRO HA 368 -44.39 -36.35 5.28
CA PRO HA 368 -43.22 -36.41 4.39
C PRO HA 368 -42.55 -37.78 4.43
N ASN HA 369 -42.45 -38.40 3.26
CA ASN HA 369 -41.72 -39.66 3.11
C ASN HA 369 -40.29 -39.35 2.70
N PHE HA 370 -39.37 -40.26 3.03
CA PHE HA 370 -37.95 -40.09 2.75
C PHE HA 370 -37.40 -41.39 2.17
N ARG HA 371 -37.43 -41.51 0.85
CA ARG HA 371 -36.77 -42.65 0.23
C ARG HA 371 -35.27 -42.39 0.17
N VAL HA 372 -34.54 -42.89 1.16
CA VAL HA 372 -33.10 -42.69 1.18
C VAL HA 372 -32.44 -43.66 0.20
N GLU HA 373 -31.50 -43.15 -0.59
CA GLU HA 373 -30.72 -43.98 -1.49
C GLU HA 373 -29.30 -43.44 -1.52
N VAL HA 374 -28.34 -44.36 -1.64
CA VAL HA 374 -26.93 -44.01 -1.65
C VAL HA 374 -26.27 -44.57 -2.90
N THR HA 375 -25.14 -43.99 -3.26
CA THR HA 375 -24.39 -44.33 -4.47
C THR HA 375 -22.99 -43.76 -4.32
N ASP HA 376 -22.17 -43.94 -5.36
CA ASP HA 376 -20.89 -43.24 -5.47
C ASP HA 376 -20.89 -42.28 -6.64
N GLN HA 377 -21.18 -42.76 -7.85
CA GLN HA 377 -21.40 -41.90 -9.01
C GLN HA 377 -22.80 -42.05 -9.58
N TRP HA 378 -23.22 -43.28 -9.90
CA TRP HA 378 -24.54 -43.52 -10.45
C TRP HA 378 -25.29 -44.70 -9.84
N LEU HA 379 -24.61 -45.69 -9.25
CA LEU HA 379 -25.25 -46.90 -8.78
C LEU HA 379 -24.67 -47.27 -7.43
N THR HA 380 -25.32 -48.24 -6.78
CA THR HA 380 -24.80 -48.80 -5.54
C THR HA 380 -23.60 -49.68 -5.86
N GLU HA 381 -22.40 -49.22 -5.52
CA GLU HA 381 -21.19 -49.94 -5.88
C GLU HA 381 -20.98 -51.17 -5.00
N VAL HA 382 -21.45 -51.12 -3.75
CA VAL HA 382 -21.31 -52.27 -2.85
C VAL HA 382 -22.24 -53.40 -3.29
N LEU HA 383 -23.50 -53.07 -3.56
CA LEU HA 383 -24.44 -54.07 -4.05
C LEU HA 383 -25.30 -53.49 -5.18
N SER IA 2 -8.92 67.89 23.75
CA SER IA 2 -7.70 67.22 24.16
C SER IA 2 -7.77 65.72 23.88
N PHE IA 3 -7.12 65.30 22.81
CA PHE IA 3 -7.07 63.90 22.41
C PHE IA 3 -5.93 63.18 23.13
N PHE IA 4 -5.71 61.93 22.74
CA PHE IA 4 -4.65 61.11 23.29
C PHE IA 4 -4.05 60.28 22.16
N HIS IA 5 -2.77 59.92 22.31
CA HIS IA 5 -2.06 59.35 21.17
C HIS IA 5 -1.56 57.93 21.47
N GLY IA 6 -1.97 57.35 22.58
CA GLY IA 6 -1.53 56.01 22.91
C GLY IA 6 -2.65 54.99 22.94
N VAL IA 7 -2.31 53.79 23.40
CA VAL IA 7 -3.31 52.75 23.63
C VAL IA 7 -4.02 53.03 24.95
N THR IA 8 -5.34 52.83 24.95
CA THR IA 8 -6.19 53.29 26.05
C THR IA 8 -7.23 52.22 26.34
N VAL IA 9 -7.65 52.14 27.60
CA VAL IA 9 -8.81 51.36 28.03
C VAL IA 9 -9.98 52.33 28.20
N THR IA 10 -11.17 51.89 27.78
CA THR IA 10 -12.40 52.63 28.02
C THR IA 10 -13.42 51.71 28.67
N ASN IA 11 -14.01 52.18 29.77
CA ASN IA 11 -14.97 51.39 30.52
C ASN IA 11 -16.40 51.92 30.40
N VAL IA 12 -16.66 52.84 29.47
CA VAL IA 12 -17.99 53.38 29.27
C VAL IA 12 -18.56 52.77 27.99
N ASP IA 13 -19.87 52.85 27.85
CA ASP IA 13 -20.53 52.29 26.67
C ASP IA 13 -20.18 53.11 25.43
N ILE IA 14 -20.15 52.41 24.28
CA ILE IA 14 -19.72 53.02 23.03
C ILE IA 14 -20.81 52.92 21.97
N GLY IA 15 -21.18 51.68 21.61
CA GLY IA 15 -22.00 51.47 20.44
C GLY IA 15 -23.49 51.44 20.74
N ALA IA 16 -24.27 51.48 19.67
CA ALA IA 16 -25.72 51.41 19.74
C ALA IA 16 -26.18 49.99 19.51
N ARG IA 17 -27.11 49.52 20.36
CA ARG IA 17 -27.70 48.20 20.22
C ARG IA 17 -29.21 48.28 20.06
N THR IA 18 -29.72 49.43 19.64
CA THR IA 18 -31.14 49.63 19.37
C THR IA 18 -31.50 49.31 17.91
N ILE IA 19 -30.72 48.46 17.26
CA ILE IA 19 -30.95 48.10 15.87
C ILE IA 19 -31.72 46.79 15.76
N ALA IA 20 -31.33 45.78 16.56
CA ALA IA 20 -31.96 44.47 16.56
C ALA IA 20 -33.42 44.53 16.99
N LEU IA 21 -33.66 44.89 18.26
CA LEU IA 21 -34.97 45.07 18.89
C LEU IA 21 -35.89 43.88 18.70
N PRO IA 22 -35.69 42.78 19.43
CA PRO IA 22 -36.59 41.62 19.29
C PRO IA 22 -37.99 41.96 19.76
N ALA IA 23 -38.94 41.93 18.82
CA ALA IA 23 -40.27 42.48 19.04
C ALA IA 23 -41.13 41.66 19.98
N SER IA 24 -40.73 40.43 20.30
CA SER IA 24 -41.52 39.58 21.17
C SER IA 24 -41.13 39.71 22.64
N SER IA 25 -39.99 40.33 22.95
CA SER IA 25 -39.45 40.32 24.30
C SER IA 25 -39.35 41.71 24.92
N VAL IA 26 -39.97 42.72 24.34
CA VAL IA 26 -39.94 44.06 24.91
C VAL IA 26 -40.88 44.11 26.10
N ILE IA 27 -40.46 44.82 27.15
CA ILE IA 27 -41.08 44.75 28.47
C ILE IA 27 -41.50 46.14 28.89
N GLY IA 28 -42.74 46.29 29.34
CA GLY IA 28 -43.19 47.50 29.97
C GLY IA 28 -43.01 47.41 31.48
N LEU IA 29 -42.47 48.49 32.06
CA LEU IA 29 -42.09 48.48 33.47
C LEU IA 29 -42.51 49.78 34.13
N CYS IA 30 -43.18 49.69 35.27
CA CYS IA 30 -43.67 50.86 35.99
C CYS IA 30 -43.51 50.65 37.48
N ASP IA 31 -42.69 51.48 38.11
CA ASP IA 31 -42.53 51.46 39.57
C ASP IA 31 -42.02 52.84 39.98
N VAL IA 32 -41.79 53.01 41.28
CA VAL IA 32 -41.39 54.30 41.82
C VAL IA 32 -39.87 54.49 41.67
N PHE IA 33 -39.45 55.75 41.72
CA PHE IA 33 -38.05 56.11 41.77
C PHE IA 33 -37.95 57.53 42.32
N THR IA 34 -36.71 57.99 42.50
CA THR IA 34 -36.47 59.34 43.00
C THR IA 34 -35.82 60.17 41.90
N PRO IA 35 -36.53 61.14 41.32
CA PRO IA 35 -35.96 61.93 40.21
C PRO IA 35 -35.04 63.04 40.70
N GLY IA 36 -33.85 62.64 41.15
CA GLY IA 36 -32.83 63.57 41.56
C GLY IA 36 -31.95 63.99 40.41
N ALA IA 37 -30.73 64.40 40.75
CA ALA IA 37 -29.73 64.74 39.73
C ALA IA 37 -28.98 63.52 39.24
N GLN IA 38 -28.99 62.42 39.99
CA GLN IA 38 -28.37 61.18 39.56
C GLN IA 38 -29.28 60.36 38.66
N ALA IA 39 -30.58 60.65 38.65
CA ALA IA 39 -31.55 59.96 37.81
C ALA IA 39 -31.94 60.92 36.69
N SER IA 40 -31.40 60.69 35.50
CA SER IA 40 -31.59 61.60 34.37
C SER IA 40 -32.77 61.18 33.52
N ALA IA 41 -33.95 61.19 34.14
CA ALA IA 41 -35.19 60.87 33.45
C ALA IA 41 -36.35 61.57 34.13
N LYS IA 42 -37.21 62.21 33.34
CA LYS IA 42 -38.44 62.77 33.85
C LYS IA 42 -39.37 61.62 34.29
N PRO IA 43 -40.23 61.85 35.31
CA PRO IA 43 -41.03 60.73 35.87
C PRO IA 43 -41.99 60.04 34.91
N ASN IA 44 -42.96 60.78 34.35
CA ASN IA 44 -44.05 60.16 33.61
C ASN IA 44 -43.80 60.06 32.11
N VAL IA 45 -42.54 59.95 31.69
CA VAL IA 45 -42.24 59.72 30.28
C VAL IA 45 -41.58 58.35 30.14
N PRO IA 46 -41.75 57.67 29.02
CA PRO IA 46 -41.02 56.42 28.81
C PRO IA 46 -39.59 56.67 28.37
N VAL IA 47 -38.75 55.68 28.61
CA VAL IA 47 -37.34 55.73 28.23
C VAL IA 47 -36.90 54.31 27.88
N LEU IA 48 -36.09 54.20 26.83
CA LEU IA 48 -35.65 52.90 26.32
C LEU IA 48 -34.43 52.43 27.09
N LEU IA 49 -34.44 51.15 27.46
CA LEU IA 49 -33.35 50.56 28.23
C LEU IA 49 -32.89 49.27 27.57
N THR IA 50 -31.59 49.05 27.62
CA THR IA 50 -31.04 47.81 27.08
C THR IA 50 -30.15 47.08 28.07
N SER IA 51 -29.35 47.80 28.86
CA SER IA 51 -28.42 47.20 29.79
C SER IA 51 -28.58 47.85 31.16
N LYS IA 52 -27.83 47.33 32.13
CA LYS IA 52 -27.86 47.89 33.48
C LYS IA 52 -27.22 49.26 33.55
N LYS IA 53 -26.34 49.60 32.60
CA LYS IA 53 -25.79 50.94 32.54
C LYS IA 53 -26.85 51.96 32.13
N ASP IA 54 -27.80 51.54 31.31
CA ASP IA 54 -28.91 52.43 30.95
C ASP IA 54 -29.85 52.63 32.13
N ALA IA 55 -30.03 51.60 32.95
CA ALA IA 55 -30.86 51.75 34.14
C ALA IA 55 -30.13 52.55 35.21
N ALA IA 56 -28.79 52.49 35.23
CA ALA IA 56 -28.04 53.28 36.19
C ALA IA 56 -28.03 54.76 35.82
N ALA IA 57 -28.03 55.06 34.52
CA ALA IA 57 -27.97 56.45 34.07
C ALA IA 57 -29.33 57.12 34.16
N ALA IA 58 -30.41 56.38 33.90
CA ALA IA 58 -31.74 56.97 33.86
C ALA IA 58 -32.44 56.95 35.20
N PHE IA 59 -32.05 56.06 36.11
CA PHE IA 59 -32.73 55.92 37.38
C PHE IA 59 -31.69 55.73 38.48
N GLY IA 60 -32.13 55.86 39.72
CA GLY IA 60 -31.24 55.67 40.85
C GLY IA 60 -30.93 54.21 41.10
N ILE IA 61 -29.78 53.96 41.71
CA ILE IA 61 -29.38 52.60 42.02
C ILE IA 61 -30.24 52.01 43.11
N GLY IA 62 -30.47 52.77 44.19
CA GLY IA 62 -31.35 52.32 45.24
C GLY IA 62 -32.83 52.38 44.92
N SER IA 63 -33.19 53.01 43.81
CA SER IA 63 -34.58 53.08 43.40
C SER IA 63 -35.05 51.72 42.89
N SER IA 64 -36.34 51.43 43.10
CA SER IA 64 -36.87 50.12 42.79
C SER IA 64 -37.18 49.93 41.31
N ILE IA 65 -36.96 50.94 40.47
CA ILE IA 65 -36.89 50.70 39.03
C ILE IA 65 -35.68 49.84 38.71
N TYR IA 66 -34.51 50.24 39.21
CA TYR IA 66 -33.26 49.51 38.96
C TYR IA 66 -33.28 48.14 39.62
N LEU IA 67 -34.01 47.99 40.72
CA LEU IA 67 -34.14 46.68 41.34
C LEU IA 67 -34.99 45.73 40.50
N ALA IA 68 -35.88 46.29 39.69
CA ALA IA 68 -36.62 45.50 38.71
C ALA IA 68 -35.89 45.39 37.38
N CYS IA 69 -35.07 46.39 37.04
CA CYS IA 69 -34.26 46.28 35.83
C CYS IA 69 -33.12 45.28 36.01
N GLU IA 70 -32.55 45.20 37.21
CA GLU IA 70 -31.54 44.20 37.49
C GLU IA 70 -32.15 42.81 37.52
N ALA IA 71 -33.40 42.69 37.94
CA ALA IA 71 -34.09 41.40 37.99
C ALA IA 71 -34.33 40.84 36.59
N ILE IA 72 -34.46 41.71 35.60
CA ILE IA 72 -34.61 41.24 34.23
C ILE IA 72 -33.26 41.04 33.57
N TYR IA 73 -32.34 41.97 33.76
CA TYR IA 73 -31.05 41.94 33.07
C TYR IA 73 -30.07 40.93 33.64
N ASN IA 74 -30.38 40.32 34.79
CA ASN IA 74 -29.56 39.21 35.25
C ASN IA 74 -29.79 37.95 34.43
N ARG IA 75 -30.93 37.81 33.78
CA ARG IA 75 -31.27 36.59 33.06
C ARG IA 75 -31.19 36.75 31.55
N ALA IA 76 -31.81 37.77 30.99
CA ALA IA 76 -31.94 37.91 29.56
C ALA IA 76 -31.33 39.21 29.07
N GLN IA 77 -30.96 39.23 27.79
CA GLN IA 77 -30.57 40.46 27.11
C GLN IA 77 -31.85 41.08 26.54
N ALA IA 78 -32.59 41.73 27.42
CA ALA IA 78 -33.94 42.19 27.11
C ALA IA 78 -33.95 43.67 26.78
N VAL IA 79 -35.12 44.12 26.32
CA VAL IA 79 -35.38 45.51 26.03
C VAL IA 79 -36.56 45.95 26.89
N ILE IA 80 -36.38 47.04 27.63
CA ILE IA 80 -37.37 47.49 28.60
C ILE IA 80 -37.80 48.90 28.25
N VAL IA 81 -39.11 49.10 28.12
CA VAL IA 81 -39.71 50.43 28.13
C VAL IA 81 -40.11 50.72 29.57
N ALA IA 82 -39.34 51.57 30.23
CA ALA IA 82 -39.49 51.82 31.66
C ALA IA 82 -40.11 53.19 31.87
N VAL IA 83 -41.31 53.21 32.45
CA VAL IA 83 -41.94 54.45 32.89
C VAL IA 83 -41.83 54.52 34.40
N GLY IA 84 -41.68 55.73 34.92
CA GLY IA 84 -41.59 55.93 36.34
C GLY IA 84 -42.81 56.62 36.89
N VAL IA 85 -42.99 56.50 38.20
CA VAL IA 85 -44.02 57.24 38.92
C VAL IA 85 -43.39 57.88 40.14
N GLU IA 86 -43.85 59.08 40.47
CA GLU IA 86 -43.42 59.73 41.70
C GLU IA 86 -44.08 59.03 42.88
N THR IA 87 -43.30 58.75 43.93
CA THR IA 87 -43.83 58.06 45.08
C THR IA 87 -44.73 58.98 45.89
N ALA IA 88 -45.88 58.46 46.31
CA ALA IA 88 -46.87 59.22 47.05
C ALA IA 88 -46.84 58.82 48.52
N GLU IA 89 -47.80 59.33 49.28
CA GLU IA 89 -47.92 59.02 50.70
C GLU IA 89 -48.97 57.94 50.96
N THR IA 90 -50.18 58.17 50.49
CA THR IA 90 -51.26 57.20 50.65
C THR IA 90 -51.07 56.05 49.66
N PRO IA 91 -51.09 54.79 50.12
CA PRO IA 91 -50.95 53.67 49.18
C PRO IA 91 -52.13 53.50 48.24
N GLU IA 92 -53.32 53.93 48.62
CA GLU IA 92 -54.43 53.97 47.68
C GLU IA 92 -54.27 55.10 46.66
N ALA IA 93 -53.54 56.15 47.01
CA ALA IA 93 -53.17 57.18 46.05
C ALA IA 93 -51.88 56.85 45.33
N GLN IA 94 -51.06 55.95 45.88
CA GLN IA 94 -49.90 55.44 45.16
C GLN IA 94 -50.32 54.59 43.97
N ALA IA 95 -51.37 53.77 44.16
CA ALA IA 95 -51.93 53.01 43.05
C ALA IA 95 -52.60 53.93 42.03
N SER IA 96 -53.06 55.10 42.46
CA SER IA 96 -53.59 56.10 41.53
C SER IA 96 -52.51 56.72 40.66
N ALA IA 97 -51.26 56.73 41.13
CA ALA IA 97 -50.17 57.26 40.32
C ALA IA 97 -49.71 56.26 39.27
N VAL IA 98 -49.82 54.97 39.56
CA VAL IA 98 -49.35 53.94 38.65
C VAL IA 98 -50.32 53.77 37.49
N ILE IA 99 -51.63 53.83 37.77
CA ILE IA 99 -52.63 53.70 36.71
C ILE IA 99 -52.60 54.89 35.77
N GLY IA 100 -52.23 56.08 36.27
CA GLY IA 100 -52.06 57.24 35.41
C GLY IA 100 -53.36 57.75 34.84
N GLY IA 101 -53.33 58.06 33.55
CA GLY IA 101 -54.49 58.56 32.85
C GLY IA 101 -54.10 59.71 31.96
N ILE IA 102 -55.10 60.54 31.65
CA ILE IA 102 -54.92 61.67 30.75
C ILE IA 102 -55.05 62.91 31.63
N SER IA 103 -54.57 62.80 32.87
CA SER IA 103 -54.65 63.89 33.84
C SER IA 103 -53.84 65.12 33.42
N ALA IA 104 -52.86 64.95 32.54
CA ALA IA 104 -52.11 66.07 31.98
C ALA IA 104 -52.91 66.68 30.82
N ALA IA 105 -52.28 67.59 30.08
CA ALA IA 105 -52.94 68.19 28.94
C ALA IA 105 -53.01 67.24 27.75
N GLY IA 106 -51.85 66.81 27.25
CA GLY IA 106 -51.81 65.86 26.16
C GLY IA 106 -50.76 64.79 26.37
N GLU IA 107 -50.51 64.43 27.62
CA GLU IA 107 -49.49 63.47 27.98
C GLU IA 107 -50.10 62.31 28.75
N ARG IA 108 -49.67 61.09 28.42
CA ARG IA 108 -50.08 59.89 29.14
C ARG IA 108 -49.09 59.62 30.27
N THR IA 109 -49.63 59.30 31.44
CA THR IA 109 -48.84 59.08 32.64
C THR IA 109 -49.05 57.66 33.14
N GLY IA 110 -48.09 57.17 33.93
CA GLY IA 110 -48.23 55.89 34.60
C GLY IA 110 -48.10 54.73 33.63
N LEU IA 111 -49.00 53.74 33.80
CA LEU IA 111 -49.03 52.59 32.90
C LEU IA 111 -49.46 52.97 31.49
N GLN IA 112 -50.24 54.05 31.35
CA GLN IA 112 -50.76 54.43 30.05
C GLN IA 112 -49.68 54.97 29.11
N ALA IA 113 -48.53 55.36 29.64
CA ALA IA 113 -47.41 55.77 28.80
C ALA IA 113 -46.70 54.59 28.17
N LEU IA 114 -46.99 53.36 28.61
CA LEU IA 114 -46.45 52.19 27.93
C LEU IA 114 -47.14 51.94 26.59
N LEU IA 115 -48.32 52.51 26.39
CA LEU IA 115 -48.94 52.51 25.07
C LEU IA 115 -48.17 53.37 24.08
N ASP IA 116 -47.37 54.32 24.58
CA ASP IA 116 -46.50 55.13 23.74
C ASP IA 116 -45.11 54.52 23.60
N GLY IA 117 -44.98 53.20 23.69
CA GLY IA 117 -43.72 52.54 23.47
C GLY IA 117 -43.32 52.62 22.01
N LYS IA 118 -44.21 52.17 21.13
CA LYS IA 118 -44.08 52.48 19.72
C LYS IA 118 -44.34 53.97 19.52
N SER IA 119 -43.80 54.52 18.43
CA SER IA 119 -43.65 55.94 18.07
C SER IA 119 -42.65 56.69 18.95
N ARG IA 120 -42.00 56.00 19.89
CA ARG IA 120 -40.86 56.55 20.60
C ARG IA 120 -39.60 55.72 20.37
N PHE IA 121 -39.68 54.39 20.53
CA PHE IA 121 -38.46 53.58 20.49
C PHE IA 121 -38.64 52.23 19.80
N ASN IA 122 -39.67 52.07 18.95
CA ASN IA 122 -39.96 50.84 18.19
C ASN IA 122 -40.17 49.62 19.08
N ALA IA 123 -40.81 49.82 20.23
CA ALA IA 123 -41.02 48.73 21.18
C ALA IA 123 -42.49 48.73 21.58
N GLN IA 124 -43.26 47.84 20.98
CA GLN IA 124 -44.65 47.58 21.33
C GLN IA 124 -44.63 46.53 22.44
N PRO IA 125 -44.83 46.91 23.70
CA PRO IA 125 -44.43 46.04 24.83
C PRO IA 125 -45.25 44.76 24.92
N ARG IA 126 -44.56 43.66 25.16
CA ARG IA 126 -45.19 42.35 25.22
C ARG IA 126 -45.28 41.79 26.62
N LEU IA 127 -44.57 42.38 27.59
CA LEU IA 127 -44.57 41.90 28.95
C LEU IA 127 -44.83 43.08 29.87
N LEU IA 128 -45.95 43.05 30.59
CA LEU IA 128 -46.32 44.09 31.53
C LEU IA 128 -46.01 43.63 32.93
N VAL IA 129 -45.19 44.38 33.65
CA VAL IA 129 -44.87 44.10 35.03
C VAL IA 129 -44.98 45.38 35.85
N ALA IA 130 -45.64 45.28 37.00
CA ALA IA 130 -45.60 46.30 38.04
C ALA IA 130 -45.09 45.63 39.30
N PRO IA 131 -43.78 45.67 39.56
CA PRO IA 131 -43.21 44.88 40.66
C PRO IA 131 -43.57 45.40 42.03
N GLY IA 132 -44.46 44.70 42.72
CA GLY IA 132 -44.93 45.14 44.01
C GLY IA 132 -46.28 45.81 43.91
N HIS IA 133 -46.49 46.61 42.87
CA HIS IA 133 -47.77 47.27 42.66
C HIS IA 133 -48.70 46.43 41.79
N SER IA 134 -48.86 45.17 42.13
CA SER IA 134 -49.84 44.32 41.49
C SER IA 134 -50.59 43.45 42.48
N ALA IA 135 -50.23 43.49 43.77
CA ALA IA 135 -51.08 42.88 44.78
C ALA IA 135 -52.35 43.69 45.00
N GLN IA 136 -52.32 44.98 44.64
CA GLN IA 136 -53.54 45.77 44.64
C GLN IA 136 -54.36 45.44 43.41
N GLN IA 137 -55.69 45.35 43.60
CA GLN IA 137 -56.56 44.93 42.51
C GLN IA 137 -56.76 46.02 41.47
N ALA IA 138 -56.66 47.29 41.88
CA ALA IA 138 -56.93 48.40 40.97
C ALA IA 138 -55.86 48.53 39.89
N VAL IA 139 -54.62 48.14 40.19
CA VAL IA 139 -53.57 48.16 39.17
C VAL IA 139 -53.56 46.85 38.38
N ALA IA 140 -53.92 45.73 39.03
CA ALA IA 140 -54.03 44.48 38.30
C ALA IA 140 -55.20 44.48 37.33
N THR IA 141 -56.24 45.28 37.61
CA THR IA 141 -57.29 45.52 36.63
C THR IA 141 -56.84 46.54 35.59
N ALA IA 142 -55.96 47.47 35.98
CA ALA IA 142 -55.39 48.40 35.01
C ALA IA 142 -54.46 47.69 34.04
N MET IA 143 -53.62 46.79 34.55
CA MET IA 143 -52.77 45.97 33.70
C MET IA 143 -53.58 44.96 32.90
N ASP IA 144 -54.76 44.60 33.40
CA ASP IA 144 -55.67 43.74 32.66
C ASP IA 144 -56.16 44.44 31.41
N GLY IA 145 -56.82 45.59 31.59
CA GLY IA 145 -57.46 46.27 30.47
C GLY IA 145 -56.49 46.90 29.50
N LEU IA 146 -55.27 47.17 29.95
CA LEU IA 146 -54.25 47.70 29.06
C LEU IA 146 -53.63 46.60 28.20
N ALA IA 147 -53.79 45.33 28.60
CA ALA IA 147 -53.13 44.24 27.90
C ALA IA 147 -53.76 43.98 26.54
N GLU IA 148 -55.11 43.94 26.48
CA GLU IA 148 -55.75 43.69 25.19
C GLU IA 148 -55.68 44.91 24.28
N LYS IA 149 -55.44 46.10 24.82
CA LYS IA 149 -55.09 47.23 23.97
C LYS IA 149 -53.70 47.06 23.40
N LEU IA 150 -52.81 46.41 24.14
CA LEU IA 150 -51.40 46.31 23.80
C LEU IA 150 -51.07 44.99 23.13
N ARG IA 151 -51.98 44.01 23.18
CA ARG IA 151 -51.78 42.62 22.75
C ARG IA 151 -50.53 42.03 23.40
N ALA IA 152 -50.52 42.08 24.72
CA ALA IA 152 -49.45 41.56 25.57
C ALA IA 152 -50.05 40.64 26.61
N ILE IA 153 -49.21 40.20 27.55
CA ILE IA 153 -49.68 39.53 28.75
C ILE IA 153 -49.07 40.25 29.95
N ALA IA 154 -49.87 40.42 30.99
CA ALA IA 154 -49.46 41.17 32.17
C ALA IA 154 -49.04 40.19 33.26
N ILE IA 155 -47.79 40.29 33.69
CA ILE IA 155 -47.24 39.41 34.71
C ILE IA 155 -47.44 40.12 36.05
N LEU IA 156 -48.57 39.86 36.67
CA LEU IA 156 -48.83 40.41 37.99
C LEU IA 156 -48.40 39.40 39.04
N ASP IA 157 -48.52 39.77 40.32
CA ASP IA 157 -48.14 38.86 41.39
C ASP IA 157 -49.10 39.00 42.56
N GLY IA 158 -49.32 37.90 43.27
CA GLY IA 158 -50.18 37.91 44.43
C GLY IA 158 -49.48 38.51 45.63
N PRO IA 159 -50.21 38.58 46.74
CA PRO IA 159 -49.59 38.99 48.00
C PRO IA 159 -48.66 37.90 48.52
N ASN IA 160 -47.74 38.31 49.39
CA ASN IA 160 -46.76 37.40 49.96
C ASN IA 160 -47.27 36.71 51.22
N SER IA 161 -48.58 36.65 51.41
CA SER IA 161 -49.20 35.87 52.49
C SER IA 161 -49.34 34.42 52.07
N THR IA 162 -50.16 33.67 52.80
CA THR IA 162 -50.31 32.24 52.58
C THR IA 162 -51.03 31.94 51.26
N ASP IA 163 -51.25 30.65 51.00
CA ASP IA 163 -51.67 30.20 49.68
C ASP IA 163 -53.11 30.60 49.37
N GLU IA 164 -54.04 30.41 50.31
CA GLU IA 164 -55.42 30.77 50.05
C GLU IA 164 -55.64 32.28 50.01
N ALA IA 165 -54.70 33.07 50.51
CA ALA IA 165 -54.74 34.50 50.27
C ALA IA 165 -54.39 34.83 48.83
N ALA IA 166 -53.64 33.96 48.15
CA ALA IA 166 -53.31 34.14 46.75
C ALA IA 166 -54.23 33.38 45.81
N VAL IA 167 -54.83 32.28 46.27
CA VAL IA 167 -55.82 31.58 45.46
C VAL IA 167 -57.09 32.42 45.33
N ALA IA 168 -57.54 33.00 46.45
CA ALA IA 168 -58.70 33.88 46.41
C ALA IA 168 -58.42 35.20 45.72
N TYR IA 169 -57.15 35.61 45.66
CA TYR IA 169 -56.79 36.79 44.89
C TYR IA 169 -56.79 36.50 43.40
N ALA IA 170 -56.59 35.25 43.00
CA ALA IA 170 -56.68 34.87 41.60
C ALA IA 170 -58.10 34.67 41.12
N LYS IA 171 -59.08 34.58 42.02
CA LYS IA 171 -60.46 34.38 41.63
C LYS IA 171 -61.16 35.66 41.20
N ASN IA 172 -60.48 36.81 41.30
CA ASN IA 172 -61.03 38.06 40.80
C ASN IA 172 -60.80 38.26 39.31
N PHE IA 173 -60.23 37.26 38.62
CA PHE IA 173 -59.80 37.42 37.24
C PHE IA 173 -60.17 36.14 36.49
N GLY IA 174 -59.53 35.91 35.35
CA GLY IA 174 -60.01 34.95 34.38
C GLY IA 174 -60.11 35.59 33.01
N SER IA 175 -59.24 36.57 32.79
CA SER IA 175 -59.30 37.45 31.62
C SER IA 175 -58.17 37.23 30.63
N LYS IA 176 -57.59 36.02 30.60
CA LYS IA 176 -56.81 35.47 29.48
C LYS IA 176 -55.43 36.14 29.30
N ARG IA 177 -55.17 37.25 29.99
CA ARG IA 177 -53.98 38.05 29.74
C ARG IA 177 -53.09 38.16 30.97
N LEU IA 178 -53.35 37.39 32.01
CA LEU IA 178 -52.71 37.59 33.30
C LEU IA 178 -51.96 36.33 33.70
N PHE IA 179 -50.72 36.52 34.15
CA PHE IA 179 -49.84 35.42 34.53
C PHE IA 179 -49.31 35.74 35.93
N MET IA 180 -49.86 35.08 36.96
CA MET IA 180 -49.55 35.44 38.34
C MET IA 180 -48.56 34.47 38.94
N VAL IA 181 -47.52 35.02 39.58
CA VAL IA 181 -46.50 34.27 40.29
C VAL IA 181 -46.50 34.79 41.73
N ASP IA 182 -47.11 34.03 42.64
CA ASP IA 182 -47.28 34.56 44.00
C ASP IA 182 -46.11 34.55 44.98
N PRO IA 183 -45.17 33.54 45.04
CA PRO IA 183 -44.12 33.66 46.06
C PRO IA 183 -43.08 34.70 45.71
N GLY IA 184 -43.09 35.81 46.44
CA GLY IA 184 -42.07 36.84 46.24
C GLY IA 184 -40.73 36.31 46.66
N VAL IA 185 -39.89 36.01 45.69
CA VAL IA 185 -38.64 35.32 45.97
C VAL IA 185 -37.62 36.33 46.50
N GLN IA 186 -36.68 35.84 47.30
CA GLN IA 186 -35.71 36.71 47.94
C GLN IA 186 -34.33 36.52 47.31
N VAL IA 187 -33.53 37.58 47.34
CA VAL IA 187 -32.24 37.59 46.66
C VAL IA 187 -31.17 38.09 47.62
N TRP IA 188 -29.96 37.58 47.45
CA TRP IA 188 -28.84 37.97 48.29
C TRP IA 188 -28.41 39.40 47.97
N ASP IA 189 -28.02 40.13 49.01
CA ASP IA 189 -27.64 41.54 48.88
C ASP IA 189 -26.21 41.73 49.36
N SER IA 190 -25.50 42.65 48.71
CA SER IA 190 -24.13 42.96 49.10
C SER IA 190 -24.08 43.91 50.28
N ALA IA 191 -24.92 44.95 50.28
CA ALA IA 191 -24.88 45.96 51.32
C ALA IA 191 -25.55 45.47 52.60
N THR IA 192 -26.71 44.81 52.46
CA THR IA 192 -27.46 44.38 53.64
C THR IA 192 -26.78 43.20 54.33
N ASN IA 193 -26.10 42.35 53.55
CA ASN IA 193 -25.49 41.09 54.00
C ASN IA 193 -26.55 40.20 54.67
N ALA IA 194 -27.72 40.14 54.05
CA ALA IA 194 -28.85 39.36 54.54
C ALA IA 194 -29.75 39.05 53.36
N ALA IA 195 -30.93 38.52 53.64
CA ALA IA 195 -31.89 38.13 52.60
C ALA IA 195 -32.89 39.25 52.37
N ARG IA 196 -33.06 39.64 51.11
CA ARG IA 196 -33.97 40.71 50.71
C ARG IA 196 -35.42 40.24 50.61
N ASN IA 197 -36.25 41.05 49.95
CA ASN IA 197 -37.62 40.66 49.61
C ASN IA 197 -37.95 41.28 48.27
N ALA IA 198 -37.86 40.49 47.20
CA ALA IA 198 -38.22 40.94 45.86
C ALA IA 198 -39.59 40.41 45.47
N PRO IA 199 -40.39 41.17 44.72
CA PRO IA 199 -41.77 40.76 44.45
C PRO IA 199 -41.93 39.61 43.46
N ALA IA 200 -40.86 39.24 42.75
CA ALA IA 200 -40.80 38.07 41.84
C ALA IA 200 -41.80 38.15 40.68
N SER IA 201 -42.21 39.34 40.29
CA SER IA 201 -42.94 39.49 39.03
C SER IA 201 -42.03 39.91 37.90
N ALA IA 202 -40.96 40.63 38.22
CA ALA IA 202 -39.97 41.00 37.21
C ALA IA 202 -39.05 39.84 36.83
N TYR IA 203 -38.91 38.85 37.71
CA TYR IA 203 -38.06 37.71 37.39
C TYR IA 203 -38.72 36.81 36.35
N ALA IA 204 -40.05 36.74 36.36
CA ALA IA 204 -40.75 36.01 35.30
C ALA IA 204 -40.72 36.78 33.98
N ALA IA 205 -40.55 38.10 34.02
CA ALA IA 205 -40.44 38.86 32.77
C ALA IA 205 -39.08 38.63 32.12
N GLY IA 206 -38.02 38.57 32.91
CA GLY IA 206 -36.71 38.26 32.37
C GLY IA 206 -36.61 36.82 31.91
N LEU IA 207 -37.39 35.93 32.50
CA LEU IA 207 -37.42 34.54 32.04
C LEU IA 207 -38.20 34.41 30.73
N PHE IA 208 -39.18 35.28 30.50
CA PHE IA 208 -39.91 35.19 29.24
C PHE IA 208 -39.08 35.78 28.11
N ALA IA 209 -38.31 36.83 28.40
CA ALA IA 209 -37.41 37.38 27.40
C ALA IA 209 -36.24 36.45 27.12
N TRP IA 210 -35.84 35.64 28.09
CA TRP IA 210 -34.84 34.63 27.83
C TRP IA 210 -35.41 33.46 27.05
N THR IA 211 -36.71 33.23 27.17
CA THR IA 211 -37.30 32.08 26.50
C THR IA 211 -37.54 32.36 25.03
N ASP IA 212 -38.17 33.49 24.72
CA ASP IA 212 -38.61 33.72 23.35
C ASP IA 212 -37.47 34.10 22.41
N ALA IA 213 -36.28 34.43 22.93
CA ALA IA 213 -35.14 34.74 22.08
C ALA IA 213 -34.16 33.58 21.95
N GLU IA 214 -34.07 32.72 22.97
CA GLU IA 214 -33.18 31.57 22.94
C GLU IA 214 -33.89 30.26 22.64
N TYR IA 215 -35.16 30.12 23.00
CA TYR IA 215 -35.92 28.91 22.71
C TYR IA 215 -37.10 29.13 21.78
N GLY IA 216 -37.42 30.38 21.45
CA GLY IA 216 -38.61 30.67 20.66
C GLY IA 216 -39.81 30.96 21.51
N PHE IA 217 -40.69 31.83 20.99
CA PHE IA 217 -41.87 32.27 21.75
C PHE IA 217 -42.90 31.16 21.86
N TRP IA 218 -42.86 30.20 20.96
CA TRP IA 218 -43.75 29.05 20.98
C TRP IA 218 -43.41 28.07 22.09
N SER IA 219 -42.21 28.16 22.66
CA SER IA 219 -41.81 27.28 23.74
C SER IA 219 -42.36 27.79 25.06
N SER IA 220 -42.72 26.84 25.92
CA SER IA 220 -43.38 27.17 27.19
C SER IA 220 -42.37 27.70 28.19
N PRO IA 221 -42.53 28.91 28.69
CA PRO IA 221 -41.56 29.51 29.61
C PRO IA 221 -41.88 29.25 31.08
N SER IA 222 -41.88 27.98 31.47
CA SER IA 222 -42.10 27.64 32.87
C SER IA 222 -40.89 26.93 33.47
N ASN IA 223 -40.44 25.85 32.88
CA ASN IA 223 -39.50 24.92 33.52
C ASN IA 223 -38.04 25.41 33.46
N LYS IA 224 -37.83 26.72 33.27
CA LYS IA 224 -36.53 27.27 32.97
C LYS IA 224 -35.96 28.00 34.19
N GLU IA 225 -34.67 28.28 34.13
CA GLU IA 225 -33.90 28.74 35.28
C GLU IA 225 -34.14 30.22 35.54
N ILE IA 226 -34.19 30.59 36.82
CA ILE IA 226 -34.18 31.98 37.26
C ILE IA 226 -32.79 32.29 37.80
N LYS IA 227 -32.20 33.39 37.33
CA LYS IA 227 -30.93 33.85 37.89
C LYS IA 227 -31.15 35.09 38.74
N GLY IA 228 -30.18 35.35 39.62
CA GLY IA 228 -30.32 36.40 40.62
C GLY IA 228 -31.36 36.04 41.65
N VAL IA 229 -31.12 34.98 42.41
CA VAL IA 229 -32.20 34.34 43.16
C VAL IA 229 -31.60 33.62 44.36
N THR IA 230 -32.39 33.47 45.41
CA THR IA 230 -32.15 32.57 46.53
C THR IA 230 -33.51 31.94 46.83
N GLY IA 231 -33.69 31.45 48.05
CA GLY IA 231 -34.95 30.84 48.46
C GLY IA 231 -36.16 31.74 48.32
N THR IA 232 -37.33 31.13 48.49
CA THR IA 232 -38.57 31.87 48.37
C THR IA 232 -39.02 32.35 49.74
N SER IA 233 -40.00 33.26 49.74
CA SER IA 233 -40.58 33.75 50.99
C SER IA 233 -41.47 32.72 51.65
N ARG IA 234 -41.91 31.70 50.91
CA ARG IA 234 -42.67 30.60 51.46
C ARG IA 234 -42.03 29.31 50.96
N PRO IA 235 -41.74 28.36 51.86
CA PRO IA 235 -41.33 27.02 51.40
C PRO IA 235 -42.51 26.30 50.78
N VAL IA 236 -42.48 26.11 49.47
CA VAL IA 236 -43.59 25.56 48.71
C VAL IA 236 -43.20 24.14 48.30
N GLU IA 237 -43.82 23.15 48.94
CA GLU IA 237 -43.48 21.75 48.69
C GLU IA 237 -44.08 21.27 47.38
N PHE IA 238 -43.60 20.11 46.92
CA PHE IA 238 -43.96 19.57 45.62
C PHE IA 238 -43.61 18.09 45.58
N LEU IA 239 -44.51 17.30 45.02
CA LEU IA 239 -44.33 15.85 44.88
C LEU IA 239 -44.83 15.43 43.51
N ASP IA 240 -44.98 14.13 43.32
CA ASP IA 240 -45.50 13.54 42.09
C ASP IA 240 -46.58 12.54 42.45
N GLY IA 241 -47.79 12.74 41.92
CA GLY IA 241 -48.88 11.81 42.17
C GLY IA 241 -50.15 12.42 42.70
N ASP IA 242 -50.35 13.72 42.44
CA ASP IA 242 -51.59 14.47 42.72
C ASP IA 242 -51.93 14.46 44.21
N GLU IA 243 -51.02 15.01 45.00
CA GLU IA 243 -51.17 15.07 46.44
C GLU IA 243 -51.83 16.38 46.85
N THR IA 244 -51.76 16.70 48.14
CA THR IA 244 -52.25 17.96 48.69
C THR IA 244 -51.16 19.02 48.71
N CYS IA 245 -50.23 18.93 47.74
CA CYS IA 245 -49.05 19.78 47.70
C CYS IA 245 -49.43 21.24 47.47
N ARG IA 246 -48.54 22.12 47.90
CA ARG IA 246 -48.70 23.55 47.67
C ARG IA 246 -48.26 23.96 46.27
N ALA IA 247 -47.77 23.02 45.47
CA ALA IA 247 -47.49 23.22 44.05
C ALA IA 247 -48.73 22.93 43.21
N ASN IA 248 -49.37 21.79 43.46
CA ASN IA 248 -50.57 21.41 42.73
C ASN IA 248 -51.77 22.26 43.14
N LEU IA 249 -51.75 22.81 44.35
CA LEU IA 249 -52.82 23.70 44.80
C LEU IA 249 -52.77 25.01 44.03
N LEU IA 250 -51.58 25.54 43.79
CA LEU IA 250 -51.47 26.81 43.08
C LEU IA 250 -51.67 26.64 41.59
N ASN IA 251 -51.18 25.54 41.02
CA ASN IA 251 -51.26 25.34 39.58
C ASN IA 251 -52.71 25.08 39.14
N ASN IA 252 -53.47 24.35 39.95
CA ASN IA 252 -54.89 24.14 39.65
C ASN IA 252 -55.72 25.40 39.87
N ALA IA 253 -55.20 26.38 40.60
CA ALA IA 253 -55.83 27.68 40.71
C ALA IA 253 -55.34 28.67 39.67
N ASN IA 254 -54.70 28.17 38.60
CA ASN IA 254 -54.14 28.96 37.50
C ASN IA 254 -53.09 29.97 37.99
N ILE IA 255 -52.24 29.54 38.92
CA ILE IA 255 -51.21 30.38 39.48
C ILE IA 255 -49.87 29.68 39.28
N ALA IA 256 -48.89 30.40 38.74
CA ALA IA 256 -47.55 29.85 38.64
C ALA IA 256 -46.77 30.17 39.91
N THR IA 257 -45.67 29.43 40.12
CA THR IA 257 -44.93 29.50 41.37
C THR IA 257 -43.51 28.98 41.18
N ILE IA 258 -42.57 29.60 41.89
CA ILE IA 258 -41.22 29.07 41.96
C ILE IA 258 -41.22 27.86 42.88
N ILE IA 259 -40.69 26.74 42.40
CA ILE IA 259 -40.93 25.48 43.08
C ILE IA 259 -39.67 24.78 43.60
N ARG IA 260 -38.77 24.36 42.73
CA ARG IA 260 -37.78 23.39 43.17
C ARG IA 260 -36.53 24.09 43.69
N ASP IA 261 -35.88 23.44 44.67
CA ASP IA 261 -34.60 23.84 45.27
C ASP IA 261 -34.60 25.25 45.85
N ASP IA 262 -35.78 25.83 46.08
CA ASP IA 262 -35.97 27.17 46.64
C ASP IA 262 -35.25 28.23 45.81
N GLY IA 263 -35.80 28.46 44.63
CA GLY IA 263 -35.34 29.53 43.76
C GLY IA 263 -34.86 29.08 42.40
N TYR IA 264 -34.81 27.77 42.16
CA TYR IA 264 -34.11 27.24 41.00
C TYR IA 264 -34.93 27.43 39.73
N ARG IA 265 -36.20 27.05 39.73
CA ARG IA 265 -37.00 27.09 38.51
C ARG IA 265 -38.41 27.59 38.79
N LEU IA 266 -38.97 28.27 37.80
CA LEU IA 266 -40.40 28.56 37.75
C LEU IA 266 -41.16 27.27 37.41
N TRP IA 267 -42.48 27.27 37.60
CA TRP IA 267 -43.26 26.05 37.44
C TRP IA 267 -44.71 26.42 37.23
N GLY IA 268 -45.24 26.14 36.05
CA GLY IA 268 -46.63 26.48 35.79
C GLY IA 268 -46.71 27.39 34.57
N ASN IA 269 -47.66 27.07 33.69
CA ASN IA 269 -47.82 27.82 32.46
C ASN IA 269 -49.23 28.31 32.17
N ARG IA 270 -50.23 27.91 32.95
CA ARG IA 270 -51.58 28.34 32.64
C ARG IA 270 -51.82 29.76 33.12
N THR IA 271 -52.59 30.51 32.34
CA THR IA 271 -52.88 31.91 32.63
C THR IA 271 -54.21 32.02 33.35
N LEU IA 272 -54.45 33.21 33.90
CA LEU IA 272 -55.73 33.49 34.53
C LEU IA 272 -56.79 33.67 33.46
N SER IA 273 -57.40 32.57 33.03
CA SER IA 273 -58.38 32.59 31.96
C SER IA 273 -59.60 31.79 32.36
N SER IA 274 -60.77 32.28 31.98
CA SER IA 274 -62.01 31.55 32.24
C SER IA 274 -62.27 30.49 31.18
N ASP IA 275 -61.66 30.65 30.00
CA ASP IA 275 -61.87 29.73 28.90
C ASP IA 275 -60.77 28.66 28.92
N SER IA 276 -61.18 27.40 28.78
CA SER IA 276 -60.21 26.31 28.66
C SER IA 276 -59.51 26.29 27.31
N LYS IA 277 -60.07 26.99 26.31
CA LYS IA 277 -59.40 27.12 25.03
C LYS IA 277 -58.14 27.98 25.16
N TRP IA 278 -58.21 29.03 25.96
CA TRP IA 278 -57.10 29.97 26.15
C TRP IA 278 -56.41 29.76 27.49
N ALA IA 279 -56.26 28.51 27.91
CA ALA IA 279 -55.76 28.25 29.25
C ALA IA 279 -54.26 28.47 29.34
N PHE IA 280 -53.51 28.04 28.33
CA PHE IA 280 -52.06 28.17 28.34
C PHE IA 280 -51.64 29.57 27.96
N VAL IA 281 -50.43 29.97 28.38
CA VAL IA 281 -49.90 31.22 27.87
C VAL IA 281 -49.39 31.04 26.45
N THR IA 282 -48.94 29.84 26.10
CA THR IA 282 -48.47 29.58 24.75
C THR IA 282 -49.59 29.56 23.73
N ARG IA 283 -50.83 29.34 24.16
CA ARG IA 283 -51.95 29.60 23.28
C ARG IA 283 -52.11 31.10 23.05
N VAL IA 284 -51.81 31.90 24.08
CA VAL IA 284 -52.03 33.35 24.01
C VAL IA 284 -50.83 34.04 23.37
N ARG IA 285 -49.61 33.59 23.69
CA ARG IA 285 -48.42 34.22 23.14
C ARG IA 285 -48.28 33.94 21.64
N THR IA 286 -48.50 32.69 21.22
CA THR IA 286 -48.45 32.37 19.80
C THR IA 286 -49.64 32.92 19.04
N MET IA 287 -50.71 33.34 19.73
CA MET IA 287 -51.79 34.03 19.04
C MET IA 287 -51.36 35.42 18.59
N ASP IA 288 -50.62 36.13 19.44
CA ASP IA 288 -50.29 37.52 19.18
C ASP IA 288 -48.92 37.72 18.58
N LEU IA 289 -47.99 36.78 18.78
CA LEU IA 289 -46.65 36.93 18.28
C LEU IA 289 -46.42 36.24 16.95
N VAL IA 290 -47.43 35.59 16.39
CA VAL IA 290 -47.37 35.30 14.96
C VAL IA 290 -48.11 36.38 14.19
N MET IA 291 -49.18 36.93 14.74
CA MET IA 291 -50.03 37.87 14.03
C MET IA 291 -49.53 39.30 14.12
N ASP IA 292 -48.41 39.52 14.80
CA ASP IA 292 -47.63 40.73 14.64
C ASP IA 292 -46.29 40.45 13.98
N ALA IA 293 -45.92 39.18 13.84
CA ALA IA 293 -44.83 38.77 12.95
C ALA IA 293 -45.31 38.56 11.53
N ILE IA 294 -46.57 38.16 11.36
CA ILE IA 294 -47.25 38.26 10.06
C ILE IA 294 -47.18 39.68 9.52
N LEU IA 295 -47.43 40.68 10.37
CA LEU IA 295 -47.46 42.07 9.93
C LEU IA 295 -46.06 42.61 9.67
N ALA IA 296 -45.09 42.20 10.48
CA ALA IA 296 -43.71 42.61 10.26
C ALA IA 296 -43.14 41.89 9.05
N GLY IA 297 -42.92 42.63 7.98
CA GLY IA 297 -42.53 42.03 6.71
C GLY IA 297 -43.63 42.23 5.69
N HIS IA 298 -44.87 42.11 6.13
CA HIS IA 298 -46.04 42.39 5.28
C HIS IA 298 -46.67 43.72 5.65
N LYS IA 299 -45.83 44.72 5.94
CA LYS IA 299 -46.30 46.09 6.17
C LYS IA 299 -46.77 46.78 4.90
N TRP IA 300 -46.54 46.18 3.73
CA TRP IA 300 -47.02 46.71 2.46
C TRP IA 300 -48.49 46.42 2.21
N ALA IA 301 -49.19 45.75 3.12
CA ALA IA 301 -50.58 45.37 2.90
C ALA IA 301 -51.57 46.48 3.21
N VAL IA 302 -51.11 47.66 3.65
CA VAL IA 302 -52.00 48.78 3.91
C VAL IA 302 -51.99 49.77 2.73
N ASP IA 303 -51.03 49.64 1.82
CA ASP IA 303 -51.02 50.34 0.56
C ASP IA 303 -50.95 49.30 -0.55
N ARG IA 304 -50.63 49.74 -1.78
CA ARG IA 304 -50.67 48.92 -2.98
C ARG IA 304 -52.10 48.39 -3.18
N GLY IA 305 -52.97 49.34 -3.54
CA GLY IA 305 -54.40 49.17 -3.65
C GLY IA 305 -54.91 47.97 -4.44
N ILE IA 306 -56.17 47.64 -4.22
CA ILE IA 306 -56.69 46.31 -4.55
C ILE IA 306 -56.84 46.15 -6.05
N THR IA 307 -55.84 45.54 -6.66
CA THR IA 307 -55.90 45.11 -8.04
C THR IA 307 -56.21 43.61 -8.07
N LYS IA 308 -56.14 43.01 -9.26
CA LYS IA 308 -56.48 41.59 -9.40
C LYS IA 308 -55.44 40.71 -8.72
N THR IA 309 -54.17 41.07 -8.80
CA THR IA 309 -53.14 40.26 -8.20
C THR IA 309 -52.94 40.53 -6.71
N TYR IA 310 -53.51 41.63 -6.18
CA TYR IA 310 -53.21 42.03 -4.81
C TYR IA 310 -53.80 41.08 -3.77
N VAL IA 311 -55.05 40.66 -3.98
CA VAL IA 311 -55.65 39.66 -3.10
C VAL IA 311 -54.88 38.35 -3.21
N LYS IA 312 -54.38 38.05 -4.39
CA LYS IA 312 -53.56 36.88 -4.64
C LYS IA 312 -52.11 37.08 -4.21
N ASP IA 313 -51.66 38.34 -4.04
CA ASP IA 313 -50.26 38.58 -3.70
C ASP IA 313 -49.96 38.19 -2.26
N VAL IA 314 -50.87 38.51 -1.33
CA VAL IA 314 -50.60 38.27 0.07
C VAL IA 314 -51.19 36.95 0.56
N THR IA 315 -52.10 36.33 -0.20
CA THR IA 315 -52.66 35.07 0.24
C THR IA 315 -51.68 33.91 0.10
N GLU IA 316 -50.61 34.06 -0.68
CA GLU IA 316 -49.43 33.22 -0.51
C GLU IA 316 -48.23 34.02 -0.06
N GLY IA 317 -48.43 35.29 0.30
CA GLY IA 317 -47.43 36.02 1.02
C GLY IA 317 -47.46 35.61 2.48
N LEU IA 318 -48.67 35.31 2.97
CA LEU IA 318 -48.80 34.79 4.32
C LEU IA 318 -48.54 33.30 4.36
N ARG IA 319 -48.91 32.58 3.31
CA ARG IA 319 -48.70 31.13 3.26
C ARG IA 319 -47.21 30.81 3.18
N ALA IA 320 -46.43 31.66 2.52
CA ALA IA 320 -44.99 31.45 2.49
C ALA IA 320 -44.31 31.92 3.76
N PHE IA 321 -44.93 32.80 4.53
CA PHE IA 321 -44.35 33.21 5.80
C PHE IA 321 -44.75 32.28 6.94
N MET IA 322 -45.97 31.76 6.90
CA MET IA 322 -46.42 30.87 7.96
C MET IA 322 -45.87 29.46 7.80
N ARG IA 323 -45.47 29.07 6.59
CA ARG IA 323 -44.72 27.83 6.46
C ARG IA 323 -43.30 27.98 6.98
N ASP IA 324 -42.78 29.21 7.07
CA ASP IA 324 -41.53 29.43 7.78
C ASP IA 324 -41.75 29.31 9.29
N LEU IA 325 -42.93 29.67 9.77
CA LEU IA 325 -43.27 29.43 11.17
C LEU IA 325 -43.52 27.95 11.43
N LYS IA 326 -44.05 27.23 10.44
CA LYS IA 326 -44.33 25.82 10.62
C LYS IA 326 -43.05 24.99 10.63
N ASN IA 327 -42.06 25.38 9.83
CA ASN IA 327 -40.84 24.59 9.73
C ASN IA 327 -39.93 24.78 10.93
N GLN IA 328 -39.97 25.95 11.57
CA GLN IA 328 -39.19 26.19 12.77
C GLN IA 328 -39.93 25.77 14.03
N GLY IA 329 -41.10 25.15 13.89
CA GLY IA 329 -41.82 24.58 15.01
C GLY IA 329 -42.78 25.52 15.69
N ALA IA 330 -42.91 26.77 15.23
CA ALA IA 330 -43.74 27.75 15.94
C ALA IA 330 -45.21 27.40 15.87
N VAL IA 331 -45.65 26.77 14.78
CA VAL IA 331 -46.97 26.18 14.69
C VAL IA 331 -46.81 24.77 14.15
N ILE IA 332 -47.92 24.04 14.16
CA ILE IA 332 -48.09 22.83 13.36
C ILE IA 332 -49.12 23.22 12.31
N ASN IA 333 -49.49 22.26 11.44
CA ASN IA 333 -50.02 22.52 10.10
C ASN IA 333 -51.20 23.49 10.09
N PHE IA 334 -51.26 24.30 9.04
CA PHE IA 334 -52.11 25.48 8.98
C PHE IA 334 -52.86 25.50 7.64
N GLU IA 335 -53.64 26.55 7.45
CA GLU IA 335 -54.18 26.86 6.13
C GLU IA 335 -54.49 28.36 6.05
N VAL IA 336 -54.13 28.96 4.92
CA VAL IA 336 -54.31 30.37 4.65
C VAL IA 336 -55.05 30.51 3.34
N TYR IA 337 -56.20 31.17 3.36
CA TYR IA 337 -57.02 31.29 2.17
C TYR IA 337 -57.84 32.57 2.25
N ALA IA 338 -58.09 33.16 1.09
CA ALA IA 338 -58.94 34.35 1.03
C ALA IA 338 -60.39 33.96 1.29
N ASP IA 339 -61.13 34.90 1.87
CA ASP IA 339 -62.50 34.66 2.31
C ASP IA 339 -63.42 34.70 1.09
N PRO IA 340 -64.11 33.60 0.76
CA PRO IA 340 -64.93 33.60 -0.46
C PRO IA 340 -66.22 34.40 -0.38
N ASP IA 341 -66.93 34.33 0.75
CA ASP IA 341 -68.29 34.86 0.78
C ASP IA 341 -68.32 36.31 1.26
N LEU IA 342 -67.49 36.66 2.23
CA LEU IA 342 -67.58 38.01 2.80
C LEU IA 342 -66.85 39.03 1.94
N ASN IA 343 -65.95 38.58 1.07
CA ASN IA 343 -65.32 39.49 0.12
C ASN IA 343 -66.29 39.82 -1.00
N SER IA 344 -66.58 41.11 -1.17
CA SER IA 344 -67.53 41.55 -2.17
C SER IA 344 -67.10 42.92 -2.67
N ALA IA 345 -67.63 43.30 -3.84
CA ALA IA 345 -67.21 44.56 -4.46
C ALA IA 345 -67.88 45.76 -3.78
N SER IA 346 -68.88 45.52 -2.94
CA SER IA 346 -69.54 46.61 -2.25
C SER IA 346 -68.64 47.19 -1.16
N GLN IA 347 -67.84 46.34 -0.52
CA GLN IA 347 -66.92 46.79 0.52
C GLN IA 347 -65.46 46.68 0.09
N LEU IA 348 -65.18 46.21 -1.12
CA LEU IA 348 -63.83 46.31 -1.65
C LEU IA 348 -63.49 47.73 -2.05
N ALA IA 349 -64.49 48.50 -2.50
CA ALA IA 349 -64.31 49.93 -2.72
C ALA IA 349 -64.18 50.69 -1.42
N GLN IA 350 -64.71 50.14 -0.32
CA GLN IA 350 -64.55 50.73 1.00
C GLN IA 350 -63.14 50.51 1.55
N GLY IA 351 -62.42 49.51 1.06
CA GLY IA 351 -61.08 49.19 1.51
C GLY IA 351 -61.00 47.88 2.26
N LYS IA 352 -62.14 47.33 2.68
CA LYS IA 352 -62.13 46.10 3.45
C LYS IA 352 -62.03 44.89 2.53
N VAL IA 353 -61.12 43.99 2.87
CA VAL IA 353 -60.93 42.73 2.15
C VAL IA 353 -60.39 41.71 3.14
N TYR IA 354 -60.99 40.52 3.17
CA TYR IA 354 -60.80 39.60 4.29
C TYR IA 354 -59.93 38.43 3.88
N TRP IA 355 -59.15 37.92 4.83
CA TRP IA 355 -58.43 36.66 4.69
C TRP IA 355 -58.68 35.81 5.91
N ASN IA 356 -58.81 34.51 5.70
CA ASN IA 356 -59.07 33.56 6.77
C ASN IA 356 -57.79 32.83 7.11
N ILE IA 357 -57.36 32.91 8.36
CA ILE IA 357 -56.18 32.22 8.85
C ILE IA 357 -56.65 31.14 9.81
N ARG IA 358 -56.20 29.91 9.62
CA ARG IA 358 -56.49 28.82 10.54
C ARG IA 358 -55.21 28.06 10.81
N PHE IA 359 -54.70 28.17 12.03
CA PHE IA 359 -53.53 27.40 12.41
C PHE IA 359 -53.78 26.78 13.77
N THR IA 360 -53.22 25.61 13.98
CA THR IA 360 -53.09 25.04 15.31
C THR IA 360 -51.65 25.12 15.75
N ASP IA 361 -51.45 25.31 17.05
CA ASP IA 361 -50.12 25.53 17.59
C ASP IA 361 -49.66 24.31 18.40
N VAL IA 362 -48.39 24.33 18.77
CA VAL IA 362 -47.80 23.19 19.49
C VAL IA 362 -48.29 23.19 20.94
N PRO IA 363 -48.69 22.05 21.48
CA PRO IA 363 -49.08 22.00 22.89
C PRO IA 363 -47.85 21.80 23.77
N PRO IA 364 -47.81 22.46 24.93
CA PRO IA 364 -46.71 22.22 25.87
C PRO IA 364 -46.96 21.00 26.73
N ALA IA 365 -45.95 20.13 26.82
CA ALA IA 365 -46.08 18.83 27.48
C ALA IA 365 -45.96 18.99 28.99
N GLU IA 366 -47.00 19.55 29.60
CA GLU IA 366 -46.95 19.81 31.03
C GLU IA 366 -47.13 18.53 31.84
N ASN IA 367 -47.72 17.50 31.24
CA ASN IA 367 -47.98 16.24 31.94
C ASN IA 367 -47.71 15.07 31.00
N PRO IA 368 -46.46 14.65 30.87
CA PRO IA 368 -46.20 13.43 30.09
C PRO IA 368 -46.50 12.17 30.90
N ASN IA 369 -47.38 11.33 30.36
CA ASN IA 369 -47.68 10.03 30.94
C ASN IA 369 -46.79 8.98 30.29
N PHE IA 370 -46.52 7.90 31.02
CA PHE IA 370 -45.65 6.83 30.54
C PHE IA 370 -46.31 5.49 30.84
N ARG IA 371 -47.08 4.98 29.88
CA ARG IA 371 -47.61 3.63 30.03
C ARG IA 371 -46.52 2.63 29.67
N VAL IA 372 -45.80 2.15 30.68
CA VAL IA 372 -44.74 1.18 30.43
C VAL IA 372 -45.37 -0.19 30.20
N GLU IA 373 -44.87 -0.89 29.18
CA GLU IA 373 -45.29 -2.26 28.89
C GLU IA 373 -44.08 -3.04 28.41
N VAL IA 374 -44.03 -4.31 28.77
CA VAL IA 374 -42.91 -5.18 28.42
C VAL IA 374 -43.46 -6.42 27.71
N THR IA 375 -42.59 -7.07 26.96
CA THR IA 375 -42.91 -8.24 26.15
C THR IA 375 -41.60 -8.93 25.78
N ASP IA 376 -41.70 -10.00 24.99
CA ASP IA 376 -40.54 -10.61 24.36
C ASP IA 376 -40.61 -10.47 22.84
N GLN IA 377 -41.69 -10.95 22.22
CA GLN IA 377 -41.96 -10.69 20.81
C GLN IA 377 -43.25 -9.92 20.59
N TRP IA 378 -44.37 -10.41 21.15
CA TRP IA 378 -45.65 -9.73 20.99
C TRP IA 378 -46.47 -9.63 22.26
N LEU IA 379 -46.28 -10.49 23.26
CA LEU IA 379 -47.13 -10.52 24.44
C LEU IA 379 -46.25 -10.70 25.68
N THR IA 380 -46.88 -10.53 26.85
CA THR IA 380 -46.21 -10.81 28.11
C THR IA 380 -46.09 -12.33 28.27
N GLU IA 381 -44.86 -12.85 28.13
CA GLU IA 381 -44.66 -14.29 28.18
C GLU IA 381 -44.76 -14.82 29.60
N VAL IA 382 -44.38 -14.01 30.60
CA VAL IA 382 -44.47 -14.45 31.99
C VAL IA 382 -45.92 -14.55 32.44
N LEU IA 383 -46.70 -13.52 32.15
CA LEU IA 383 -48.13 -13.52 32.47
C LEU IA 383 -48.95 -12.95 31.32
N SER JA 2 -3.61 -59.91 -40.86
CA SER JA 2 -3.47 -60.12 -39.42
C SER JA 2 -3.08 -58.83 -38.72
N PHE JA 3 -4.06 -58.20 -38.08
CA PHE JA 3 -3.87 -56.96 -37.35
C PHE JA 3 -3.42 -57.27 -35.92
N PHE JA 4 -3.34 -56.20 -35.12
CA PHE JA 4 -2.97 -56.32 -33.71
C PHE JA 4 -3.80 -55.33 -32.91
N HIS JA 5 -4.03 -55.64 -31.63
CA HIS JA 5 -5.04 -54.90 -30.89
C HIS JA 5 -4.43 -54.21 -29.67
N GLY JA 6 -3.10 -54.20 -29.55
CA GLY JA 6 -2.47 -53.55 -28.43
C GLY JA 6 -1.61 -52.36 -28.80
N VAL JA 7 -0.88 -51.86 -27.81
CA VAL JA 7 0.09 -50.80 -28.05
C VAL JA 7 1.36 -51.43 -28.63
N THR JA 8 1.96 -50.75 -29.62
CA THR JA 8 3.02 -51.35 -30.43
C THR JA 8 4.08 -50.29 -30.69
N VAL JA 9 5.33 -50.74 -30.83
CA VAL JA 9 6.43 -49.92 -31.32
C VAL JA 9 6.65 -50.27 -32.79
N THR JA 10 6.92 -49.26 -33.60
CA THR JA 10 7.30 -49.44 -35.00
C THR JA 10 8.61 -48.70 -35.26
N ASN JA 11 9.56 -49.40 -35.86
CA ASN JA 11 10.87 -48.84 -36.15
C ASN JA 11 11.11 -48.60 -37.64
N VAL JA 12 10.07 -48.68 -38.47
CA VAL JA 12 10.20 -48.45 -39.89
C VAL JA 12 9.60 -47.09 -40.20
N ASP JA 13 9.95 -46.54 -41.35
CA ASP JA 13 9.45 -45.23 -41.76
C ASP JA 13 7.95 -45.31 -42.08
N ILE JA 14 7.26 -44.19 -41.82
CA ILE JA 14 5.80 -44.15 -41.96
C ILE JA 14 5.38 -43.07 -42.95
N GLY JA 15 5.70 -41.82 -42.63
CA GLY JA 15 5.13 -40.70 -43.35
C GLY JA 15 5.96 -40.25 -44.53
N ALA JA 16 5.35 -39.39 -45.34
CA ALA JA 16 6.00 -38.81 -46.51
C ALA JA 16 6.55 -37.43 -46.16
N ARG JA 17 7.79 -37.18 -46.56
CA ARG JA 17 8.42 -35.87 -46.37
C ARG JA 17 8.84 -35.26 -47.70
N THR JA 18 8.23 -35.69 -48.80
CA THR JA 18 8.47 -35.12 -50.12
C THR JA 18 7.53 -33.96 -50.43
N ILE JA 19 7.02 -33.29 -49.41
CA ILE JA 19 6.09 -32.18 -49.59
C ILE JA 19 6.81 -30.84 -49.54
N ALA JA 20 7.72 -30.68 -48.57
CA ALA JA 20 8.47 -29.45 -48.39
C ALA JA 20 9.38 -29.15 -49.58
N LEU JA 21 10.39 -30.00 -49.81
CA LEU JA 21 11.34 -29.95 -50.91
C LEU JA 21 12.00 -28.59 -51.07
N PRO JA 22 12.97 -28.23 -50.22
CA PRO JA 22 13.66 -26.94 -50.36
C PRO JA 22 14.46 -26.89 -51.64
N ALA JA 23 14.05 -25.99 -52.54
CA ALA JA 23 14.52 -25.99 -53.93
C ALA JA 23 15.96 -25.53 -54.07
N SER JA 24 16.56 -24.95 -53.04
CA SER JA 24 17.93 -24.47 -53.12
C SER JA 24 18.96 -25.50 -52.68
N SER JA 25 18.53 -26.59 -52.03
CA SER JA 25 19.46 -27.51 -51.39
C SER JA 25 19.39 -28.93 -51.97
N VAL JA 26 18.74 -29.12 -53.11
CA VAL JA 26 18.68 -30.44 -53.72
C VAL JA 26 20.01 -30.74 -54.39
N ILE JA 27 20.45 -31.99 -54.27
CA ILE JA 27 21.81 -32.40 -54.59
C ILE JA 27 21.78 -33.49 -55.64
N GLY JA 28 22.59 -33.34 -56.69
CA GLY JA 28 22.80 -34.42 -57.65
C GLY JA 28 24.02 -35.23 -57.24
N LEU JA 29 23.88 -36.55 -57.29
CA LEU JA 29 24.91 -37.45 -56.78
C LEU JA 29 25.10 -38.61 -57.75
N CYS JA 30 26.36 -38.88 -58.11
CA CYS JA 30 26.68 -39.95 -59.06
C CYS JA 30 27.95 -40.65 -58.61
N ASP JA 31 27.83 -41.94 -58.30
CA ASP JA 31 28.99 -42.76 -57.97
C ASP JA 31 28.60 -44.21 -58.22
N VAL JA 32 29.53 -45.14 -57.95
CA VAL JA 32 29.31 -46.54 -58.26
C VAL JA 32 28.53 -47.20 -57.11
N PHE JA 33 27.91 -48.33 -57.43
CA PHE JA 33 27.28 -49.20 -56.44
C PHE JA 33 27.14 -50.59 -57.06
N THR JA 34 26.63 -51.51 -56.25
CA THR JA 34 26.42 -52.89 -56.70
C THR JA 34 24.93 -53.18 -56.76
N PRO JA 35 24.33 -53.29 -57.94
CA PRO JA 35 22.87 -53.53 -58.05
C PRO JA 35 22.49 -54.98 -57.81
N GLY JA 36 22.58 -55.40 -56.55
CA GLY JA 36 22.16 -56.72 -56.14
C GLY JA 36 20.69 -56.76 -55.78
N ALA JA 37 20.34 -57.73 -54.95
CA ALA JA 37 18.98 -57.84 -54.42
C ALA JA 37 18.76 -56.96 -53.20
N GLN JA 38 19.82 -56.54 -52.52
CA GLN JA 38 19.71 -55.63 -51.40
C GLN JA 38 19.63 -54.17 -51.83
N ALA JA 39 20.01 -53.87 -53.07
CA ALA JA 39 19.96 -52.52 -53.62
C ALA JA 39 18.80 -52.49 -54.61
N SER JA 40 17.68 -51.89 -54.18
CA SER JA 40 16.45 -51.89 -54.97
C SER JA 40 16.36 -50.65 -55.85
N ALA JA 41 17.33 -50.52 -56.76
CA ALA JA 41 17.35 -49.42 -57.70
C ALA JA 41 18.10 -49.85 -58.95
N LYS JA 42 17.51 -49.56 -60.11
CA LYS JA 42 18.20 -49.76 -61.38
C LYS JA 42 19.37 -48.77 -61.48
N PRO JA 43 20.47 -49.14 -62.18
CA PRO JA 43 21.67 -48.30 -62.18
C PRO JA 43 21.52 -46.89 -62.74
N ASN JA 44 21.13 -46.75 -64.01
CA ASN JA 44 21.18 -45.46 -64.68
C ASN JA 44 19.87 -44.69 -64.61
N VAL JA 45 19.08 -44.87 -63.56
CA VAL JA 45 17.87 -44.07 -63.37
C VAL JA 45 18.04 -43.24 -62.11
N PRO JA 46 17.45 -42.06 -62.02
CA PRO JA 46 17.47 -41.30 -60.77
C PRO JA 46 16.46 -41.83 -59.77
N VAL JA 47 16.74 -41.54 -58.50
CA VAL JA 47 15.86 -41.95 -57.41
C VAL JA 47 15.95 -40.88 -56.32
N LEU JA 48 14.81 -40.55 -55.72
CA LEU JA 48 14.72 -39.49 -54.74
C LEU JA 48 15.08 -40.03 -53.35
N LEU JA 49 15.89 -39.28 -52.63
CA LEU JA 49 16.36 -39.68 -51.31
C LEU JA 49 16.13 -38.55 -50.32
N THR JA 50 15.76 -38.92 -49.10
CA THR JA 50 15.59 -37.93 -48.05
C THR JA 50 16.36 -38.28 -46.79
N SER JA 51 16.42 -39.55 -46.41
CA SER JA 51 17.09 -39.96 -45.19
C SER JA 51 18.03 -41.12 -45.49
N LYS JA 52 18.76 -41.55 -44.46
CA LYS JA 52 19.68 -42.68 -44.61
C LYS JA 52 18.95 -44.00 -44.81
N LYS JA 53 17.69 -44.09 -44.38
CA LYS JA 53 16.90 -45.28 -44.65
C LYS JA 53 16.56 -45.40 -46.13
N ASP JA 54 16.41 -44.26 -46.82
CA ASP JA 54 16.18 -44.29 -48.26
C ASP JA 54 17.44 -44.70 -49.00
N ALA JA 55 18.61 -44.29 -48.49
CA ALA JA 55 19.86 -44.71 -49.10
C ALA JA 55 20.16 -46.18 -48.79
N ALA JA 56 19.69 -46.67 -47.65
CA ALA JA 56 19.89 -48.08 -47.31
C ALA JA 56 18.98 -48.97 -48.15
N ALA JA 57 17.78 -48.50 -48.47
CA ALA JA 57 16.84 -49.33 -49.22
C ALA JA 57 17.17 -49.34 -50.72
N ALA JA 58 17.66 -48.22 -51.25
CA ALA JA 58 17.91 -48.11 -52.68
C ALA JA 58 19.31 -48.53 -53.08
N PHE JA 59 20.27 -48.50 -52.16
CA PHE JA 59 21.65 -48.81 -52.48
C PHE JA 59 22.24 -49.67 -51.37
N GLY JA 60 23.40 -50.26 -51.65
CA GLY JA 60 24.05 -51.08 -50.66
C GLY JA 60 24.73 -50.24 -49.59
N ILE JA 61 24.90 -50.85 -48.41
CA ILE JA 61 25.53 -50.15 -47.30
C ILE JA 61 27.02 -49.96 -47.57
N GLY JA 62 27.69 -51.00 -48.02
CA GLY JA 62 29.10 -50.88 -48.37
C GLY JA 62 29.36 -50.17 -49.68
N SER JA 63 28.33 -49.90 -50.47
CA SER JA 63 28.49 -49.17 -51.72
C SER JA 63 28.78 -47.71 -51.44
N SER JA 64 29.57 -47.10 -52.33
CA SER JA 64 30.04 -45.74 -52.11
C SER JA 64 29.00 -44.68 -52.46
N ILE JA 65 27.81 -45.07 -52.92
CA ILE JA 65 26.68 -44.15 -52.93
C ILE JA 65 26.28 -43.82 -51.50
N TYR JA 66 26.09 -44.85 -50.67
CA TYR JA 66 25.69 -44.67 -49.28
C TYR JA 66 26.79 -43.99 -48.46
N LEU JA 67 28.05 -44.18 -48.85
CA LEU JA 67 29.14 -43.49 -48.17
C LEU JA 67 29.12 -42.00 -48.48
N ALA JA 68 28.57 -41.62 -49.63
CA ALA JA 68 28.35 -40.21 -49.95
C ALA JA 68 27.01 -39.71 -49.45
N CYS JA 69 26.01 -40.59 -49.34
CA CYS JA 69 24.73 -40.19 -48.78
C CYS JA 69 24.84 -39.99 -47.27
N GLU JA 70 25.64 -40.81 -46.59
CA GLU JA 70 25.89 -40.61 -45.17
C GLU JA 70 26.70 -39.34 -44.92
N ALA JA 71 27.59 -38.99 -45.85
CA ALA JA 71 28.40 -37.78 -45.73
C ALA JA 71 27.54 -36.52 -45.81
N ILE JA 72 26.42 -36.58 -46.51
CA ILE JA 72 25.52 -35.44 -46.57
C ILE JA 72 24.52 -35.47 -45.42
N TYR JA 73 23.96 -36.64 -45.13
CA TYR JA 73 22.90 -36.76 -44.13
C TYR JA 73 23.41 -36.70 -42.69
N ASN JA 74 24.72 -36.74 -42.47
CA ASN JA 74 25.23 -36.49 -41.13
C ASN JA 74 25.13 -35.01 -40.74
N ARG JA 75 25.09 -34.10 -41.72
CA ARG JA 75 25.09 -32.68 -41.44
C ARG JA 75 23.73 -32.02 -41.65
N ALA JA 76 23.11 -32.23 -42.79
CA ALA JA 76 21.91 -31.51 -43.16
C ALA JA 76 20.76 -32.48 -43.42
N GLN JA 77 19.54 -31.95 -43.27
CA GLN JA 77 18.33 -32.65 -43.70
C GLN JA 77 18.11 -32.31 -45.17
N ALA JA 78 18.87 -32.96 -46.02
CA ALA JA 78 18.95 -32.60 -47.44
C ALA JA 78 18.10 -33.53 -48.29
N VAL JA 79 17.98 -33.15 -49.56
CA VAL JA 79 17.28 -33.92 -50.57
C VAL JA 79 18.28 -34.25 -51.67
N ILE JA 80 18.41 -35.53 -52.01
CA ILE JA 80 19.43 -35.99 -52.96
C ILE JA 80 18.74 -36.68 -54.13
N VAL JA 81 19.05 -36.24 -55.34
CA VAL JA 81 18.76 -37.00 -56.55
C VAL JA 81 20.01 -37.83 -56.85
N ALA JA 82 19.93 -39.12 -56.58
CA ALA JA 82 21.09 -40.01 -56.66
C ALA JA 82 20.96 -40.90 -57.89
N VAL JA 83 21.90 -40.75 -58.82
CA VAL JA 83 22.02 -41.66 -59.95
C VAL JA 83 23.21 -42.56 -59.70
N GLY JA 84 23.10 -43.80 -60.15
CA GLY JA 84 24.17 -44.75 -60.00
C GLY JA 84 24.83 -45.06 -61.32
N VAL JA 85 26.04 -45.61 -61.24
CA VAL JA 85 26.74 -46.13 -62.40
C VAL JA 85 27.26 -47.52 -62.06
N GLU JA 86 27.25 -48.41 -63.04
CA GLU JA 86 27.86 -49.71 -62.87
C GLU JA 86 29.38 -49.56 -62.90
N THR JA 87 30.06 -50.22 -61.96
CA THR JA 87 31.50 -50.11 -61.88
C THR JA 87 32.15 -50.89 -63.02
N ALA JA 88 33.15 -50.25 -63.65
CA ALA JA 88 33.85 -50.82 -64.78
C ALA JA 88 35.22 -51.32 -64.35
N GLU JA 89 36.03 -51.74 -65.32
CA GLU JA 89 37.38 -52.22 -65.07
C GLU JA 89 38.42 -51.13 -65.34
N THR JA 90 38.40 -50.56 -66.54
CA THR JA 90 39.34 -49.49 -66.88
C THR JA 90 38.89 -48.19 -66.23
N PRO JA 91 39.78 -47.48 -65.52
CA PRO JA 91 39.38 -46.20 -64.92
C PRO JA 91 39.12 -45.10 -65.93
N GLU JA 92 39.73 -45.15 -67.11
CA GLU JA 92 39.35 -44.25 -68.18
C GLU JA 92 38.00 -44.60 -68.79
N ALA JA 93 37.59 -45.87 -68.70
CA ALA JA 93 36.24 -46.26 -69.06
C ALA JA 93 35.28 -46.15 -67.90
N GLN JA 94 35.78 -46.09 -66.67
CA GLN JA 94 34.92 -45.79 -65.52
C GLN JA 94 34.44 -44.35 -65.57
N ALA JA 95 35.31 -43.43 -65.98
CA ALA JA 95 34.90 -42.04 -66.18
C ALA JA 95 33.95 -41.91 -67.36
N SER JA 96 34.01 -42.85 -68.32
CA SER JA 96 33.06 -42.87 -69.42
C SER JA 96 31.68 -43.31 -68.97
N ALA JA 97 31.58 -44.06 -67.87
CA ALA JA 97 30.27 -44.45 -67.36
C ALA JA 97 29.61 -43.33 -66.56
N VAL JA 98 30.41 -42.48 -65.92
CA VAL JA 98 29.86 -41.40 -65.10
C VAL JA 98 29.34 -40.27 -65.97
N ILE JA 99 30.05 -39.95 -67.05
CA ILE JA 99 29.61 -38.89 -67.95
C ILE JA 99 28.34 -39.29 -68.69
N GLY JA 100 28.15 -40.58 -68.96
CA GLY JA 100 26.92 -41.06 -69.55
C GLY JA 100 26.74 -40.61 -70.99
N GLY JA 101 25.53 -40.17 -71.30
CA GLY JA 101 25.18 -39.69 -72.61
C GLY JA 101 23.84 -40.24 -73.03
N ILE JA 102 23.64 -40.30 -74.35
CA ILE JA 102 22.38 -40.73 -74.93
C ILE JA 102 22.67 -42.08 -75.58
N SER JA 103 23.57 -42.85 -74.96
CA SER JA 103 23.97 -44.15 -75.49
C SER JA 103 22.83 -45.15 -75.54
N ALA JA 104 21.79 -44.95 -74.73
CA ALA JA 104 20.59 -45.78 -74.80
C ALA JA 104 19.69 -45.31 -75.93
N ALA JA 105 18.46 -45.82 -75.99
CA ALA JA 105 17.52 -45.41 -77.02
C ALA JA 105 16.94 -44.03 -76.71
N GLY JA 106 16.25 -43.91 -75.59
CA GLY JA 106 15.70 -42.64 -75.17
C GLY JA 106 15.88 -42.37 -73.71
N GLU JA 107 16.98 -42.86 -73.14
CA GLU JA 107 17.27 -42.75 -71.72
C GLU JA 107 18.60 -42.05 -71.51
N ARG JA 108 18.63 -41.13 -70.54
CA ARG JA 108 19.86 -40.47 -70.14
C ARG JA 108 20.54 -41.25 -69.03
N THR JA 109 21.85 -41.44 -69.15
CA THR JA 109 22.64 -42.22 -68.22
C THR JA 109 23.70 -41.35 -67.56
N GLY JA 110 24.17 -41.80 -66.40
CA GLY JA 110 25.29 -41.13 -65.75
C GLY JA 110 24.90 -39.80 -65.14
N LEU JA 111 25.76 -38.80 -65.33
CA LEU JA 111 25.48 -37.45 -64.85
C LEU JA 111 24.32 -36.81 -65.59
N GLN JA 112 24.08 -37.23 -66.84
CA GLN JA 112 23.04 -36.60 -67.65
C GLN JA 112 21.63 -36.94 -67.17
N ALA JA 113 21.48 -37.98 -66.35
CA ALA JA 113 20.18 -38.28 -65.75
C ALA JA 113 19.85 -37.33 -64.60
N LEU JA 114 20.81 -36.54 -64.12
CA LEU JA 114 20.50 -35.51 -63.13
C LEU JA 114 19.75 -34.35 -63.74
N LEU JA 115 19.81 -34.19 -65.07
CA LEU JA 115 18.94 -33.24 -65.76
C LEU JA 115 17.49 -33.66 -65.70
N ASP JA 116 17.21 -34.95 -65.49
CA ASP JA 116 15.86 -35.46 -65.29
C ASP JA 116 15.45 -35.47 -63.83
N GLY JA 117 16.00 -34.59 -63.01
CA GLY JA 117 15.58 -34.48 -61.62
C GLY JA 117 14.18 -33.91 -61.52
N LYS JA 118 13.96 -32.76 -62.13
CA LYS JA 118 12.61 -32.28 -62.38
C LYS JA 118 11.96 -33.19 -63.42
N SER JA 119 10.62 -33.23 -63.41
CA SER JA 119 9.71 -34.15 -64.10
C SER JA 119 9.77 -35.57 -63.55
N ARG JA 120 10.58 -35.83 -62.53
CA ARG JA 120 10.52 -37.07 -61.77
C ARG JA 120 10.16 -36.84 -60.31
N PHE JA 121 10.85 -35.90 -59.64
CA PHE JA 121 10.67 -35.76 -58.19
C PHE JA 121 10.69 -34.31 -57.70
N ASN JA 122 10.45 -33.33 -58.59
CA ASN JA 122 10.40 -31.89 -58.27
C ASN JA 122 11.71 -31.37 -57.68
N ALA JA 123 12.84 -31.88 -58.15
CA ALA JA 123 14.14 -31.49 -57.63
C ALA JA 123 15.04 -31.12 -58.80
N GLN JA 124 15.18 -29.83 -59.05
CA GLN JA 124 16.11 -29.28 -60.01
C GLN JA 124 17.44 -29.08 -59.29
N PRO JA 125 18.43 -29.98 -59.49
CA PRO JA 125 19.55 -30.08 -58.54
C PRO JA 125 20.45 -28.85 -58.53
N ARG JA 126 20.82 -28.43 -57.33
CA ARG JA 126 21.63 -27.24 -57.13
C ARG JA 126 23.05 -27.53 -56.73
N LEU JA 127 23.35 -28.77 -56.34
CA LEU JA 127 24.68 -29.16 -55.90
C LEU JA 127 25.09 -30.42 -56.64
N LEU JA 128 26.13 -30.33 -57.45
CA LEU JA 128 26.63 -31.46 -58.21
C LEU JA 128 27.88 -31.99 -57.51
N VAL JA 129 27.86 -33.27 -57.14
CA VAL JA 129 29.02 -33.92 -56.54
C VAL JA 129 29.23 -35.27 -57.22
N ALA JA 130 30.48 -35.54 -57.57
CA ALA JA 130 30.93 -36.88 -57.96
C ALA JA 130 32.05 -37.26 -57.00
N PRO JA 131 31.74 -37.95 -55.90
CA PRO JA 131 32.76 -38.17 -54.85
C PRO JA 131 33.84 -39.15 -55.25
N GLY JA 132 35.03 -38.64 -55.53
CA GLY JA 132 36.11 -39.47 -55.99
C GLY JA 132 36.30 -39.39 -57.50
N HIS JA 133 35.19 -39.33 -58.22
CA HIS JA 133 35.24 -39.20 -59.68
C HIS JA 133 35.20 -37.75 -60.11
N SER JA 134 36.05 -36.93 -59.52
CA SER JA 134 36.23 -35.56 -59.97
C SER JA 134 37.68 -35.14 -59.98
N ALA JA 135 38.60 -36.00 -59.55
CA ALA JA 135 40.02 -35.76 -59.80
C ALA JA 135 40.37 -35.98 -61.26
N GLN JA 136 39.55 -36.75 -61.99
CA GLN JA 136 39.70 -36.86 -63.42
C GLN JA 136 39.12 -35.62 -64.08
N GLN JA 137 39.81 -35.14 -65.11
CA GLN JA 137 39.42 -33.88 -65.75
C GLN JA 137 38.20 -34.07 -66.65
N ALA JA 138 38.00 -35.27 -67.20
CA ALA JA 138 36.90 -35.50 -68.13
C ALA JA 138 35.54 -35.45 -67.45
N VAL JA 139 35.47 -35.81 -66.17
CA VAL JA 139 34.21 -35.70 -65.44
C VAL JA 139 34.06 -34.31 -64.83
N ALA JA 140 35.17 -33.68 -64.45
CA ALA JA 140 35.11 -32.30 -63.95
C ALA JA 140 34.75 -31.32 -65.06
N THR JA 141 35.06 -31.67 -66.32
CA THR JA 141 34.56 -30.89 -67.44
C THR JA 141 33.11 -31.28 -67.77
N ALA JA 142 32.73 -32.52 -67.47
CA ALA JA 142 31.34 -32.93 -67.62
C ALA JA 142 30.45 -32.25 -66.59
N MET JA 143 30.92 -32.19 -65.34
CA MET JA 143 30.19 -31.46 -64.31
C MET JA 143 30.25 -29.96 -64.54
N ASP JA 144 31.26 -29.48 -65.27
CA ASP JA 144 31.32 -28.09 -65.65
C ASP JA 144 30.20 -27.74 -66.61
N GLY JA 145 30.15 -28.43 -67.75
CA GLY JA 145 29.18 -28.08 -68.79
C GLY JA 145 27.75 -28.43 -68.44
N LEU JA 146 27.55 -29.36 -67.53
CA LEU JA 146 26.21 -29.68 -67.07
C LEU JA 146 25.69 -28.65 -66.07
N ALA JA 147 26.59 -27.85 -65.47
CA ALA JA 147 26.18 -26.92 -64.43
C ALA JA 147 25.40 -25.75 -64.99
N GLU JA 148 25.87 -25.15 -66.09
CA GLU JA 148 25.14 -24.03 -66.66
C GLU JA 148 23.86 -24.47 -67.38
N LYS JA 149 23.76 -25.74 -67.76
CA LYS JA 149 22.47 -26.26 -68.18
C LYS JA 149 21.52 -26.40 -67.00
N LEU JA 150 22.06 -26.65 -65.81
CA LEU JA 150 21.27 -26.96 -64.63
C LEU JA 150 21.10 -25.74 -63.73
N ARG JA 151 21.88 -24.68 -63.96
CA ARG JA 151 22.00 -23.51 -63.10
C ARG JA 151 22.29 -23.90 -61.65
N ALA JA 152 23.37 -24.66 -61.50
CA ALA JA 152 23.87 -25.15 -60.23
C ALA JA 152 25.33 -24.77 -60.09
N ILE JA 153 25.97 -25.28 -59.04
CA ILE JA 153 27.42 -25.24 -58.92
C ILE JA 153 27.90 -26.66 -58.64
N ALA JA 154 29.01 -27.03 -59.26
CA ALA JA 154 29.55 -28.38 -59.17
C ALA JA 154 30.68 -28.40 -58.15
N ILE JA 155 30.51 -29.20 -57.10
CA ILE JA 155 31.50 -29.31 -56.04
C ILE JA 155 32.40 -30.47 -56.41
N LEU JA 156 33.47 -30.16 -57.14
CA LEU JA 156 34.46 -31.18 -57.48
C LEU JA 156 35.57 -31.16 -56.43
N ASP JA 157 36.53 -32.07 -56.57
CA ASP JA 157 37.64 -32.11 -55.63
C ASP JA 157 38.93 -32.46 -56.35
N GLY JA 158 40.04 -31.93 -55.85
CA GLY JA 158 41.33 -32.22 -56.42
C GLY JA 158 41.83 -33.59 -56.00
N PRO JA 159 43.02 -33.94 -56.51
CA PRO JA 159 43.66 -35.17 -56.05
C PRO JA 159 44.17 -35.01 -54.62
N ASN JA 160 44.38 -36.14 -53.96
CA ASN JA 160 44.84 -36.15 -52.58
C ASN JA 160 46.35 -36.12 -52.46
N SER JA 161 47.05 -35.66 -53.50
CA SER JA 161 48.48 -35.40 -53.46
C SER JA 161 48.76 -34.05 -52.85
N THR JA 162 49.98 -33.54 -53.04
CA THR JA 162 50.42 -32.30 -52.43
C THR JA 162 49.72 -31.09 -53.04
N ASP JA 163 50.09 -29.91 -52.56
CA ASP JA 163 49.33 -28.69 -52.84
C ASP JA 163 49.45 -28.24 -54.28
N GLU JA 164 50.67 -28.25 -54.83
CA GLU JA 164 50.85 -27.82 -56.22
C GLU JA 164 50.30 -28.83 -57.22
N ALA JA 165 50.05 -30.07 -56.78
CA ALA JA 165 49.30 -31.00 -57.62
C ALA JA 165 47.83 -30.61 -57.70
N ALA JA 166 47.32 -29.90 -56.69
CA ALA JA 166 45.95 -29.41 -56.70
C ALA JA 166 45.82 -27.97 -57.17
N VAL JA 167 46.88 -27.16 -57.03
CA VAL JA 167 46.85 -25.81 -57.58
C VAL JA 167 46.91 -25.87 -59.11
N ALA JA 168 47.78 -26.72 -59.65
CA ALA JA 168 47.86 -26.88 -61.09
C ALA JA 168 46.65 -27.61 -61.66
N TYR JA 169 45.95 -28.40 -60.83
CA TYR JA 169 44.70 -29.01 -61.26
C TYR JA 169 43.56 -28.00 -61.30
N ALA JA 170 43.65 -26.92 -60.51
CA ALA JA 170 42.66 -25.86 -60.56
C ALA JA 170 42.89 -24.88 -61.71
N LYS JA 171 44.06 -24.92 -62.35
CA LYS JA 171 44.34 -24.00 -63.45
C LYS JA 171 43.74 -24.45 -64.77
N ASN JA 172 43.11 -25.62 -64.82
CA ASN JA 172 42.41 -26.08 -66.01
C ASN JA 172 41.00 -25.52 -66.11
N PHE JA 173 40.60 -24.64 -65.20
CA PHE JA 173 39.23 -24.19 -65.10
C PHE JA 173 39.24 -22.68 -64.83
N GLY JA 174 38.14 -22.16 -64.31
CA GLY JA 174 37.90 -20.73 -64.32
C GLY JA 174 36.54 -20.44 -64.92
N SER JA 175 35.62 -21.40 -64.76
CA SER JA 175 34.34 -21.40 -65.44
C SER JA 175 33.15 -21.15 -64.51
N LYS JA 176 33.38 -20.47 -63.37
CA LYS JA 176 32.36 -19.78 -62.57
C LYS JA 176 31.41 -20.72 -61.81
N ARG JA 177 31.46 -22.01 -62.10
CA ARG JA 177 30.48 -22.95 -61.56
C ARG JA 177 31.11 -24.05 -60.72
N LEU JA 178 32.39 -23.93 -60.39
CA LEU JA 178 33.14 -25.03 -59.80
C LEU JA 178 33.69 -24.60 -58.45
N PHE JA 179 33.51 -25.47 -57.45
CA PHE JA 179 33.93 -25.20 -56.08
C PHE JA 179 34.76 -26.40 -55.64
N MET JA 180 36.09 -26.24 -55.60
CA MET JA 180 36.97 -27.37 -55.36
C MET JA 180 37.49 -27.38 -53.93
N VAL JA 181 37.40 -28.53 -53.29
CA VAL JA 181 37.90 -28.75 -51.93
C VAL JA 181 38.89 -29.91 -52.02
N ASP JA 182 40.19 -29.61 -52.01
CA ASP JA 182 41.18 -30.64 -52.26
C ASP JA 182 41.55 -31.64 -51.14
N PRO JA 183 41.63 -31.28 -49.81
CA PRO JA 183 42.05 -32.33 -48.87
C PRO JA 183 40.93 -33.34 -48.62
N GLY JA 184 41.11 -34.56 -49.13
CA GLY JA 184 40.16 -35.61 -48.86
C GLY JA 184 40.20 -35.99 -47.40
N VAL JA 185 39.18 -35.57 -46.66
CA VAL JA 185 39.19 -35.71 -45.22
C VAL JA 185 38.86 -37.15 -44.84
N GLN JA 186 39.35 -37.59 -43.68
CA GLN JA 186 39.16 -38.96 -43.27
C GLN JA 186 38.20 -39.03 -42.10
N VAL JA 187 37.49 -40.15 -41.99
CA VAL JA 187 36.42 -40.31 -41.02
C VAL JA 187 36.62 -41.62 -40.27
N TRP JA 188 36.22 -41.63 -39.00
CA TRP JA 188 36.33 -42.83 -38.17
C TRP JA 188 35.34 -43.89 -38.62
N ASP JA 189 35.76 -45.15 -38.56
CA ASP JA 189 34.95 -46.28 -39.02
C ASP JA 189 34.73 -47.25 -37.87
N SER JA 190 33.54 -47.87 -37.86
CA SER JA 190 33.22 -48.85 -36.82
C SER JA 190 33.82 -50.21 -37.14
N ALA JA 191 33.73 -50.64 -38.41
CA ALA JA 191 34.19 -51.97 -38.78
C ALA JA 191 35.70 -52.02 -38.91
N THR JA 192 36.29 -51.00 -39.53
CA THR JA 192 37.74 -51.01 -39.77
C THR JA 192 38.51 -50.78 -38.48
N ASN JA 193 37.94 -49.99 -37.56
CA ASN JA 193 38.58 -49.53 -36.32
C ASN JA 193 39.90 -48.81 -36.63
N ALA JA 194 39.86 -47.96 -37.65
CA ALA JA 194 41.01 -47.21 -38.12
C ALA JA 194 40.49 -45.98 -38.86
N ALA JA 195 41.38 -45.26 -39.52
CA ALA JA 195 41.04 -44.04 -40.24
C ALA JA 195 40.79 -44.35 -41.71
N ARG JA 196 39.65 -43.89 -42.22
CA ARG JA 196 39.25 -44.12 -43.61
C ARG JA 196 39.90 -43.14 -44.57
N ASN JA 197 39.36 -43.06 -45.78
CA ASN JA 197 39.75 -42.05 -46.76
C ASN JA 197 38.51 -41.66 -47.55
N ALA JA 198 37.89 -40.54 -47.19
CA ALA JA 198 36.73 -40.01 -47.90
C ALA JA 198 37.14 -38.86 -48.81
N PRO JA 199 36.52 -38.70 -49.98
CA PRO JA 199 37.01 -37.70 -50.94
C PRO JA 199 36.68 -36.25 -50.59
N ALA JA 200 35.82 -36.01 -49.60
CA ALA JA 200 35.50 -34.70 -49.04
C ALA JA 200 34.89 -33.74 -50.05
N SER JA 201 34.25 -34.24 -51.08
CA SER JA 201 33.43 -33.39 -51.94
C SER JA 201 31.96 -33.46 -51.55
N ALA JA 202 31.52 -34.60 -51.01
CA ALA JA 202 30.16 -34.72 -50.51
C ALA JA 202 29.95 -34.03 -49.18
N TYR JA 203 31.03 -33.82 -48.41
CA TYR JA 203 30.88 -33.13 -47.13
C TYR JA 203 30.62 -31.64 -47.33
N ALA JA 204 31.15 -31.06 -48.40
CA ALA JA 204 30.84 -29.68 -48.73
C ALA JA 204 29.42 -29.55 -49.29
N ALA JA 205 28.86 -30.62 -49.85
CA ALA JA 205 27.49 -30.56 -50.32
C ALA JA 205 26.50 -30.59 -49.16
N GLY JA 206 26.79 -31.39 -48.15
CA GLY JA 206 25.95 -31.39 -46.95
C GLY JA 206 26.09 -30.11 -46.15
N LEU JA 207 27.25 -29.44 -46.25
CA LEU JA 207 27.41 -28.16 -45.59
C LEU JA 207 26.67 -27.06 -46.33
N PHE JA 208 26.51 -27.18 -47.66
CA PHE JA 208 25.77 -26.15 -48.37
C PHE JA 208 24.28 -26.31 -48.15
N ALA JA 209 23.81 -27.56 -48.03
CA ALA JA 209 22.42 -27.81 -47.70
C ALA JA 209 22.10 -27.42 -46.27
N TRP JA 210 23.08 -27.50 -45.37
CA TRP JA 210 22.87 -27.00 -44.02
C TRP JA 210 22.90 -25.48 -43.98
N THR JA 211 23.60 -24.85 -44.93
CA THR JA 211 23.72 -23.40 -44.88
C THR JA 211 22.47 -22.73 -45.42
N ASP JA 212 22.01 -23.15 -46.60
CA ASP JA 212 20.94 -22.43 -47.27
C ASP JA 212 19.57 -22.65 -46.64
N ALA JA 213 19.42 -23.65 -45.77
CA ALA JA 213 18.15 -23.89 -45.09
C ALA JA 213 18.12 -23.35 -43.67
N GLU JA 214 19.26 -23.28 -42.99
CA GLU JA 214 19.35 -22.76 -41.64
C GLU JA 214 19.90 -21.34 -41.56
N TYR JA 215 20.74 -20.93 -42.50
CA TYR JA 215 21.27 -19.57 -42.52
C TYR JA 215 20.85 -18.77 -43.75
N GLY JA 216 20.21 -19.38 -44.73
CA GLY JA 216 19.88 -18.71 -45.97
C GLY JA 216 20.95 -18.91 -47.03
N PHE JA 217 20.51 -18.93 -48.28
CA PHE JA 217 21.43 -19.19 -49.40
C PHE JA 217 22.36 -18.02 -49.67
N TRP JA 218 21.96 -16.83 -49.23
CA TRP JA 218 22.78 -15.63 -49.35
C TRP JA 218 23.96 -15.63 -48.38
N SER JA 219 23.94 -16.48 -47.37
CA SER JA 219 25.03 -16.56 -46.42
C SER JA 219 26.14 -17.43 -46.97
N SER JA 220 27.38 -17.05 -46.66
CA SER JA 220 28.56 -17.70 -47.22
C SER JA 220 28.79 -19.04 -46.53
N PRO JA 221 28.79 -20.14 -47.25
CA PRO JA 221 28.96 -21.46 -46.64
C PRO JA 221 30.41 -21.93 -46.59
N SER JA 222 31.24 -21.19 -45.86
CA SER JA 222 32.62 -21.58 -45.67
C SER JA 222 32.94 -21.88 -44.21
N ASN JA 223 32.70 -20.92 -43.31
CA ASN JA 223 33.23 -20.95 -41.96
C ASN JA 223 32.42 -21.86 -41.02
N LYS JA 224 31.69 -22.82 -41.55
CA LYS JA 224 30.70 -23.60 -40.81
C LYS JA 224 31.22 -25.01 -40.58
N GLU JA 225 30.57 -25.70 -39.65
CA GLU JA 225 31.05 -26.96 -39.12
C GLU JA 225 30.77 -28.12 -40.07
N ILE JA 226 31.72 -29.06 -40.15
CA ILE JA 226 31.54 -30.34 -40.84
C ILE JA 226 31.33 -31.41 -39.78
N LYS JA 227 30.28 -32.21 -39.92
CA LYS JA 227 30.08 -33.35 -39.05
C LYS JA 227 30.37 -34.65 -39.79
N GLY JA 228 30.64 -35.69 -39.02
CA GLY JA 228 31.10 -36.95 -39.56
C GLY JA 228 32.51 -36.83 -40.09
N VAL JA 229 33.47 -36.54 -39.23
CA VAL JA 229 34.77 -36.04 -39.68
C VAL JA 229 35.83 -36.38 -38.64
N THR JA 230 37.06 -36.51 -39.10
CA THR JA 230 38.26 -36.54 -38.25
C THR JA 230 39.27 -35.69 -39.01
N GLY JA 231 40.56 -35.91 -38.74
CA GLY JA 231 41.63 -35.16 -39.41
C GLY JA 231 41.62 -35.28 -40.92
N THR JA 232 42.45 -34.46 -41.55
CA THR JA 232 42.54 -34.44 -43.00
C THR JA 232 43.67 -35.36 -43.45
N SER JA 233 43.68 -35.65 -44.76
CA SER JA 233 44.75 -36.44 -45.33
C SER JA 233 46.06 -35.68 -45.44
N ARG JA 234 46.02 -34.35 -45.35
CA ARG JA 234 47.20 -33.52 -45.32
C ARG JA 234 47.04 -32.55 -44.15
N PRO JA 235 48.05 -32.43 -43.28
CA PRO JA 235 48.04 -31.35 -42.29
C PRO JA 235 48.26 -30.01 -42.96
N VAL JA 236 47.22 -29.19 -43.00
CA VAL JA 236 47.25 -27.93 -43.73
C VAL JA 236 47.30 -26.80 -42.70
N GLU JA 237 48.47 -26.16 -42.60
CA GLU JA 237 48.69 -25.12 -41.60
C GLU JA 237 48.00 -23.82 -42.01
N PHE JA 238 47.90 -22.91 -41.04
CA PHE JA 238 47.16 -21.66 -41.22
C PHE JA 238 47.58 -20.68 -40.13
N LEU JA 239 47.77 -19.42 -40.53
CA LEU JA 239 48.15 -18.35 -39.63
C LEU JA 239 47.37 -17.10 -40.00
N ASP JA 240 47.79 -15.96 -39.44
CA ASP JA 240 47.18 -14.66 -39.72
C ASP JA 240 48.29 -13.68 -40.04
N GLY JA 241 48.23 -13.06 -41.22
CA GLY JA 241 49.22 -12.08 -41.59
C GLY JA 241 49.93 -12.32 -42.92
N ASP JA 242 49.27 -13.06 -43.81
CA ASP JA 242 49.68 -13.28 -45.21
C ASP JA 242 51.06 -13.93 -45.29
N GLU JA 243 51.15 -15.13 -44.73
CA GLU JA 243 52.39 -15.88 -44.69
C GLU JA 243 52.48 -16.81 -45.90
N THR JA 244 53.40 -17.78 -45.84
CA THR JA 244 53.55 -18.80 -46.86
C THR JA 244 52.73 -20.04 -46.51
N CYS JA 245 51.61 -19.83 -45.82
CA CYS JA 245 50.77 -20.90 -45.31
C CYS JA 245 50.15 -21.72 -46.44
N ARG JA 246 49.82 -22.96 -46.10
CA ARG JA 246 49.13 -23.84 -47.05
C ARG JA 246 47.63 -23.57 -47.09
N ALA JA 247 47.14 -22.64 -46.27
CA ALA JA 247 45.77 -22.14 -46.34
C ALA JA 247 45.66 -20.97 -47.32
N ASN JA 248 46.57 -20.01 -47.21
CA ASN JA 248 46.56 -18.86 -48.10
C ASN JA 248 47.04 -19.23 -49.50
N LEU JA 249 47.82 -20.31 -49.61
CA LEU JA 249 48.25 -20.78 -50.93
C LEU JA 249 47.08 -21.36 -51.70
N LEU JA 250 46.21 -22.11 -51.02
CA LEU JA 250 45.08 -22.72 -51.70
C LEU JA 250 43.97 -21.71 -51.98
N ASN JA 251 43.75 -20.79 -51.04
CA ASN JA 251 42.65 -19.82 -51.20
C ASN JA 251 42.94 -18.83 -52.31
N ASN JA 252 44.20 -18.41 -52.45
CA ASN JA 252 44.58 -17.54 -53.55
C ASN JA 252 44.58 -18.25 -54.89
N ALA JA 253 44.60 -19.58 -54.90
CA ALA JA 253 44.44 -20.36 -56.11
C ALA JA 253 42.98 -20.74 -56.36
N ASN JA 254 42.04 -20.05 -55.71
CA ASN JA 254 40.59 -20.28 -55.80
C ASN JA 254 40.21 -21.70 -55.41
N ILE JA 255 40.83 -22.21 -54.35
CA ILE JA 255 40.57 -23.56 -53.86
C ILE JA 255 40.16 -23.46 -52.41
N ALA JA 256 39.05 -24.10 -52.04
CA ALA JA 256 38.67 -24.17 -50.64
C ALA JA 256 39.30 -25.40 -50.00
N THR JA 257 39.34 -25.39 -48.67
CA THR JA 257 40.07 -26.41 -47.92
C THR JA 257 39.58 -26.48 -46.49
N ILE JA 258 39.56 -27.70 -45.95
CA ILE JA 258 39.31 -27.88 -44.52
C ILE JA 258 40.56 -27.47 -43.75
N ILE JA 259 40.39 -26.58 -42.77
CA ILE JA 259 41.55 -25.91 -42.20
C ILE JA 259 41.78 -26.16 -40.71
N ARG JA 260 40.86 -25.75 -39.84
CA ARG JA 260 41.24 -25.66 -38.44
C ARG JA 260 40.91 -26.94 -37.71
N ASP JA 261 41.74 -27.25 -36.70
CA ASP JA 261 41.59 -28.38 -35.77
C ASP JA 261 41.51 -29.75 -36.45
N ASP JA 262 41.93 -29.82 -37.72
CA ASP JA 262 41.94 -31.05 -38.53
C ASP JA 262 40.56 -31.69 -38.59
N GLY JA 263 39.69 -31.01 -39.33
CA GLY JA 263 38.37 -31.52 -39.64
C GLY JA 263 37.23 -30.65 -39.18
N TYR JA 264 37.52 -29.58 -38.46
CA TYR JA 264 36.49 -28.83 -37.75
C TYR JA 264 35.67 -27.96 -38.68
N ARG JA 265 36.32 -27.17 -39.54
CA ARG JA 265 35.58 -26.23 -40.40
C ARG JA 265 36.17 -26.20 -41.80
N LEU JA 266 35.28 -25.95 -42.77
CA LEU JA 266 35.68 -25.57 -44.12
C LEU JA 266 36.20 -24.12 -44.09
N TRP JA 267 36.86 -23.71 -45.16
CA TRP JA 267 37.51 -22.40 -45.19
C TRP JA 267 37.75 -21.98 -46.62
N GLY JA 268 37.07 -20.92 -47.06
CA GLY JA 268 37.25 -20.49 -48.44
C GLY JA 268 35.92 -20.48 -49.15
N ASN JA 269 35.67 -19.40 -49.90
CA ASN JA 269 34.40 -19.23 -50.58
C ASN JA 269 34.52 -18.89 -52.06
N ARG JA 270 35.70 -18.61 -52.58
CA ARG JA 270 35.81 -18.22 -53.98
C ARG JA 270 35.73 -19.45 -54.87
N THR JA 271 35.08 -19.28 -56.02
CA THR JA 271 34.89 -20.36 -56.97
C THR JA 271 35.96 -20.31 -58.04
N LEU JA 272 36.04 -21.39 -58.81
CA LEU JA 272 36.95 -21.43 -59.96
C LEU JA 272 36.38 -20.56 -61.07
N SER JA 273 36.70 -19.27 -61.05
CA SER JA 273 36.17 -18.32 -62.01
C SER JA 273 37.30 -17.45 -62.54
N SER JA 274 37.24 -17.16 -63.83
CA SER JA 274 38.22 -16.26 -64.43
C SER JA 274 37.84 -14.80 -64.23
N ASP JA 275 36.56 -14.52 -63.95
CA ASP JA 275 36.08 -13.16 -63.76
C ASP JA 275 36.10 -12.82 -62.28
N SER JA 276 36.63 -11.63 -61.96
CA SER JA 276 36.61 -11.15 -60.59
C SER JA 276 35.21 -10.69 -60.17
N LYS JA 277 34.32 -10.44 -61.13
CA LYS JA 277 32.93 -10.13 -60.81
C LYS JA 277 32.22 -11.34 -60.22
N TRP JA 278 32.50 -12.53 -60.74
CA TRP JA 278 31.86 -13.77 -60.29
C TRP JA 278 32.79 -14.60 -59.43
N ALA JA 279 33.59 -13.95 -58.57
CA ALA JA 279 34.62 -14.68 -57.83
C ALA JA 279 34.02 -15.49 -56.70
N PHE JA 280 33.06 -14.93 -55.98
CA PHE JA 280 32.47 -15.61 -54.83
C PHE JA 280 31.43 -16.62 -55.29
N VAL JA 281 31.16 -17.61 -54.45
CA VAL JA 281 30.04 -18.50 -54.74
C VAL JA 281 28.72 -17.81 -54.40
N THR JA 282 28.73 -16.89 -53.43
CA THR JA 282 27.53 -16.16 -53.07
C THR JA 282 27.12 -15.15 -54.12
N ARG JA 283 28.04 -14.73 -54.99
CA ARG JA 283 27.63 -14.01 -56.18
C ARG JA 283 26.91 -14.95 -57.15
N VAL JA 284 27.34 -16.21 -57.20
CA VAL JA 284 26.80 -17.16 -58.15
C VAL JA 284 25.53 -17.81 -57.61
N ARG JA 285 25.50 -18.13 -56.32
CA ARG JA 285 24.33 -18.78 -55.73
C ARG JA 285 23.15 -17.82 -55.66
N THR JA 286 23.37 -16.58 -55.22
CA THR JA 286 22.29 -15.60 -55.20
C THR JA 286 21.90 -15.13 -56.59
N MET JA 287 22.71 -15.40 -57.61
CA MET JA 287 22.29 -15.11 -58.97
C MET JA 287 21.20 -16.07 -59.42
N ASP JA 288 21.34 -17.35 -59.07
CA ASP JA 288 20.45 -18.38 -59.58
C ASP JA 288 19.34 -18.75 -58.62
N LEU JA 289 19.53 -18.53 -57.32
CA LEU JA 289 18.53 -18.90 -56.34
C LEU JA 289 17.60 -17.77 -55.96
N VAL JA 290 17.79 -16.58 -56.52
CA VAL JA 290 16.68 -15.63 -56.49
C VAL JA 290 15.89 -15.72 -57.80
N MET JA 291 16.55 -16.01 -58.92
CA MET JA 291 15.91 -15.99 -60.22
C MET JA 291 15.23 -17.30 -60.56
N ASP JA 292 15.28 -18.28 -59.65
CA ASP JA 292 14.37 -19.40 -59.68
C ASP JA 292 13.41 -19.37 -58.49
N ALA JA 293 13.66 -18.51 -57.52
CA ALA JA 293 12.66 -18.16 -56.51
C ALA JA 293 11.74 -17.04 -56.98
N ILE JA 294 12.24 -16.15 -57.86
CA ILE JA 294 11.37 -15.27 -58.63
C ILE JA 294 10.34 -16.07 -59.41
N LEU JA 295 10.76 -17.16 -60.03
CA LEU JA 295 9.85 -17.95 -60.86
C LEU JA 295 8.88 -18.76 -60.02
N ALA JA 296 9.35 -19.28 -58.89
CA ALA JA 296 8.48 -20.02 -58.00
C ALA JA 296 7.53 -19.06 -57.29
N GLY JA 297 6.25 -19.13 -57.64
CA GLY JA 297 5.29 -18.16 -57.17
C GLY JA 297 4.77 -17.32 -58.31
N HIS JA 298 5.67 -16.97 -59.24
CA HIS JA 298 5.30 -16.27 -60.46
C HIS JA 298 5.32 -17.20 -61.66
N LYS JA 299 4.85 -18.44 -61.46
CA LYS JA 299 4.69 -19.39 -62.55
C LYS JA 299 3.53 -19.05 -63.47
N TRP JA 300 2.71 -18.05 -63.11
CA TRP JA 300 1.62 -17.59 -63.97
C TRP JA 300 2.08 -16.65 -65.07
N ALA JA 301 3.37 -16.36 -65.17
CA ALA JA 301 3.88 -15.40 -66.16
C ALA JA 301 4.08 -16.01 -67.54
N VAL JA 302 3.81 -17.30 -67.73
CA VAL JA 302 3.92 -17.93 -69.05
C VAL JA 302 2.55 -18.03 -69.72
N ASP JA 303 1.47 -17.82 -68.96
CA ASP JA 303 0.14 -17.67 -69.51
C ASP JA 303 -0.41 -16.34 -69.03
N ARG JA 304 -1.73 -16.14 -69.14
CA ARG JA 304 -2.39 -14.86 -68.90
C ARG JA 304 -1.80 -13.80 -69.83
N GLY JA 305 -2.14 -13.97 -71.12
CA GLY JA 305 -1.61 -13.22 -72.23
C GLY JA 305 -1.60 -11.70 -72.12
N ILE JA 306 -0.80 -11.06 -72.96
CA ILE JA 306 -0.36 -9.69 -72.73
C ILE JA 306 -1.50 -8.71 -72.95
N THR JA 307 -2.15 -8.32 -71.87
CA THR JA 307 -3.10 -7.24 -71.86
C THR JA 307 -2.42 -5.99 -71.32
N LYS JA 308 -3.20 -4.93 -71.10
CA LYS JA 308 -2.63 -3.67 -70.63
C LYS JA 308 -2.11 -3.78 -69.21
N THR JA 309 -2.82 -4.51 -68.36
CA THR JA 309 -2.38 -4.63 -66.98
C THR JA 309 -1.34 -5.72 -66.77
N TYR JA 310 -1.09 -6.60 -67.76
CA TYR JA 310 -0.23 -7.75 -67.55
C TYR JA 310 1.23 -7.36 -67.40
N VAL JA 311 1.71 -6.44 -68.23
CA VAL JA 311 3.07 -5.92 -68.08
C VAL JA 311 3.20 -5.19 -66.76
N LYS JA 312 2.13 -4.53 -66.33
CA LYS JA 312 2.07 -3.86 -65.06
C LYS JA 312 1.80 -4.82 -63.90
N ASP JA 313 1.27 -6.03 -64.17
CA ASP JA 313 0.92 -6.94 -63.10
C ASP JA 313 2.17 -7.54 -62.45
N VAL JA 314 3.15 -7.91 -63.26
CA VAL JA 314 4.33 -8.60 -62.73
C VAL JA 314 5.48 -7.64 -62.46
N THR JA 315 5.43 -6.40 -62.97
CA THR JA 315 6.52 -5.47 -62.70
C THR JA 315 6.48 -4.92 -61.27
N GLU JA 316 5.36 -5.05 -60.56
CA GLU JA 316 5.37 -4.97 -59.11
C GLU JA 316 4.99 -6.30 -58.48
N GLY JA 317 4.85 -7.36 -59.28
CA GLY JA 317 4.79 -8.69 -58.74
C GLY JA 317 6.18 -9.15 -58.37
N LEU JA 318 7.17 -8.71 -59.15
CA LEU JA 318 8.55 -8.98 -58.81
C LEU JA 318 9.08 -8.00 -57.78
N ARG JA 319 8.62 -6.75 -57.84
CA ARG JA 319 9.06 -5.73 -56.89
C ARG JA 319 8.56 -6.03 -55.49
N ALA JA 320 7.38 -6.63 -55.37
CA ALA JA 320 6.87 -7.04 -54.07
C ALA JA 320 7.48 -8.34 -53.59
N PHE JA 321 8.03 -9.16 -54.48
CA PHE JA 321 8.70 -10.38 -54.05
C PHE JA 321 10.16 -10.12 -53.74
N MET JA 322 10.81 -9.24 -54.49
CA MET JA 322 12.22 -8.96 -54.24
C MET JA 322 12.42 -8.05 -53.04
N ARG JA 323 11.42 -7.25 -52.66
CA ARG JA 323 11.50 -6.57 -51.38
C ARG JA 323 11.34 -7.52 -50.21
N ASP JA 324 10.73 -8.69 -50.43
CA ASP JA 324 10.77 -9.73 -49.41
C ASP JA 324 12.14 -10.37 -49.33
N LEU JA 325 12.86 -10.42 -50.46
CA LEU JA 325 14.25 -10.85 -50.42
C LEU JA 325 15.14 -9.79 -49.80
N LYS JA 326 14.81 -8.51 -49.99
CA LYS JA 326 15.62 -7.44 -49.44
C LYS JA 326 15.46 -7.34 -47.93
N ASN JA 327 14.27 -7.60 -47.41
CA ASN JA 327 14.02 -7.45 -45.99
C ASN JA 327 14.60 -8.59 -45.17
N GLN JA 328 14.69 -9.79 -45.75
CA GLN JA 328 15.30 -10.92 -45.08
C GLN JA 328 16.80 -10.99 -45.31
N GLY JA 329 17.37 -9.98 -45.96
CA GLY JA 329 18.81 -9.88 -46.11
C GLY JA 329 19.38 -10.56 -47.33
N ALA JA 330 18.55 -11.19 -48.16
CA ALA JA 330 19.07 -11.97 -49.29
C ALA JA 330 19.73 -11.07 -50.34
N VAL JA 331 19.22 -9.86 -50.51
CA VAL JA 331 19.89 -8.84 -51.29
C VAL JA 331 19.94 -7.56 -50.48
N ILE JA 332 20.66 -6.59 -51.01
CA ILE JA 332 20.53 -5.20 -50.60
C ILE JA 332 19.90 -4.50 -51.80
N ASN JA 333 19.70 -3.18 -51.72
CA ASN JA 333 18.67 -2.44 -52.47
C ASN JA 333 18.74 -2.70 -53.97
N PHE JA 334 17.56 -2.72 -54.59
CA PHE JA 334 17.38 -3.21 -55.95
C PHE JA 334 16.55 -2.23 -56.75
N GLU JA 335 16.26 -2.60 -58.00
CA GLU JA 335 15.26 -1.91 -58.80
C GLU JA 335 14.71 -2.86 -59.86
N VAL JA 336 13.40 -2.84 -60.03
CA VAL JA 336 12.69 -3.69 -60.98
C VAL JA 336 11.82 -2.78 -61.83
N TYR JA 337 12.02 -2.83 -63.15
CA TYR JA 337 11.28 -1.96 -64.05
C TYR JA 337 11.18 -2.62 -65.40
N ALA JA 338 10.06 -2.36 -66.09
CA ALA JA 338 9.88 -2.86 -67.44
C ALA JA 338 10.80 -2.14 -68.41
N ASP JA 339 11.20 -2.85 -69.45
CA ASP JA 339 12.18 -2.36 -70.40
C ASP JA 339 11.51 -1.38 -71.36
N PRO JA 340 11.93 -0.11 -71.39
CA PRO JA 340 11.23 0.88 -72.21
C PRO JA 340 11.49 0.75 -73.71
N ASP JA 341 12.72 0.47 -74.12
CA ASP JA 341 13.07 0.60 -75.54
C ASP JA 341 12.90 -0.71 -76.29
N LEU JA 342 13.25 -1.83 -75.65
CA LEU JA 342 13.23 -3.11 -76.37
C LEU JA 342 11.83 -3.69 -76.42
N ASN JA 343 10.93 -3.25 -75.55
CA ASN JA 343 9.54 -3.67 -75.64
C ASN JA 343 8.85 -2.93 -76.77
N SER JA 344 8.32 -3.69 -77.72
CA SER JA 344 7.67 -3.09 -78.89
C SER JA 344 6.54 -4.02 -79.33
N ALA JA 345 5.63 -3.48 -80.12
CA ALA JA 345 4.46 -4.24 -80.53
C ALA JA 345 4.80 -5.23 -81.64
N SER JA 346 5.98 -5.11 -82.25
CA SER JA 346 6.38 -6.04 -83.29
C SER JA 346 6.71 -7.41 -82.70
N GLN JA 347 7.28 -7.44 -81.50
CA GLN JA 347 7.61 -8.69 -80.83
C GLN JA 347 6.75 -8.97 -79.62
N LEU JA 348 5.80 -8.08 -79.30
CA LEU JA 348 4.80 -8.40 -78.29
C LEU JA 348 3.78 -9.38 -78.83
N ALA JA 349 3.49 -9.32 -80.13
CA ALA JA 349 2.67 -10.33 -80.78
C ALA JA 349 3.41 -11.66 -80.91
N GLN JA 350 4.74 -11.62 -80.91
CA GLN JA 350 5.55 -12.82 -80.92
C GLN JA 350 5.56 -13.52 -79.56
N GLY JA 351 5.26 -12.80 -78.48
CA GLY JA 351 5.25 -13.33 -77.14
C GLY JA 351 6.36 -12.79 -76.27
N LYS JA 352 7.36 -12.15 -76.87
CA LYS JA 352 8.49 -11.65 -76.11
C LYS JA 352 8.16 -10.29 -75.49
N VAL JA 353 8.46 -10.16 -74.20
CA VAL JA 353 8.27 -8.92 -73.46
C VAL JA 353 9.29 -8.90 -72.32
N TYR JA 354 10.02 -7.80 -72.18
CA TYR JA 354 11.24 -7.78 -71.39
C TYR JA 354 11.02 -7.04 -70.08
N TRP JA 355 11.72 -7.48 -69.05
CA TRP JA 355 11.82 -6.74 -67.79
C TRP JA 355 13.28 -6.66 -67.38
N ASN JA 356 13.66 -5.53 -66.80
CA ASN JA 356 15.03 -5.29 -66.37
C ASN JA 356 15.10 -5.44 -64.86
N ILE JA 357 15.96 -6.34 -64.39
CA ILE JA 357 16.18 -6.56 -62.97
C ILE JA 357 17.59 -6.08 -62.67
N ARG JA 358 17.74 -5.25 -61.65
CA ARG JA 358 19.05 -4.81 -61.19
C ARG JA 358 19.09 -4.89 -59.68
N PHE JA 359 19.85 -5.84 -59.15
CA PHE JA 359 20.03 -5.92 -57.71
C PHE JA 359 21.50 -6.09 -57.42
N THR JA 360 21.93 -5.55 -56.29
CA THR JA 360 23.22 -5.89 -55.71
C THR JA 360 23.00 -6.77 -54.48
N ASP JA 361 23.93 -7.69 -54.25
CA ASP JA 361 23.79 -8.66 -53.19
C ASP JA 361 24.75 -8.36 -52.05
N VAL JA 362 24.58 -9.09 -50.96
CA VAL JA 362 25.41 -8.85 -49.77
C VAL JA 362 26.80 -9.43 -49.99
N PRO JA 363 27.86 -8.71 -49.63
CA PRO JA 363 29.20 -9.27 -49.74
C PRO JA 363 29.54 -10.09 -48.51
N PRO JA 364 30.23 -11.21 -48.67
CA PRO JA 364 30.69 -11.97 -47.50
C PRO JA 364 31.99 -11.43 -46.94
N ALA JA 365 32.02 -11.24 -45.62
CA ALA JA 365 33.12 -10.57 -44.95
C ALA JA 365 34.27 -11.54 -44.73
N GLU JA 366 34.97 -11.86 -45.82
CA GLU JA 366 36.03 -12.85 -45.73
C GLU JA 366 37.28 -12.26 -45.10
N ASN JA 367 37.42 -10.93 -45.11
CA ASN JA 367 38.60 -10.26 -44.56
C ASN JA 367 38.18 -9.00 -43.82
N PRO JA 368 37.74 -9.11 -42.57
CA PRO JA 368 37.48 -7.89 -41.80
C PRO JA 368 38.76 -7.26 -41.27
N ASN JA 369 38.98 -6.01 -41.62
CA ASN JA 369 40.09 -5.22 -41.09
C ASN JA 369 39.62 -4.45 -39.88
N PHE JA 370 40.55 -4.14 -38.98
CA PHE JA 370 40.25 -3.43 -37.73
C PHE JA 370 41.27 -2.32 -37.52
N ARG JA 371 40.96 -1.13 -38.02
CA ARG JA 371 41.83 0.00 -37.71
C ARG JA 371 41.51 0.51 -36.32
N VAL JA 372 42.26 0.05 -35.33
CA VAL JA 372 42.04 0.48 -33.96
C VAL JA 372 42.62 1.88 -33.76
N GLU JA 373 41.85 2.75 -33.11
CA GLU JA 373 42.31 4.08 -32.76
C GLU JA 373 41.75 4.45 -31.40
N VAL JA 374 42.54 5.18 -30.62
CA VAL JA 374 42.15 5.57 -29.28
C VAL JA 374 42.27 7.09 -29.15
N THR JA 375 41.55 7.63 -28.17
CA THR JA 375 41.46 9.06 -27.92
C THR JA 375 40.92 9.25 -26.51
N ASP JA 376 40.73 10.51 -26.12
CA ASP JA 376 39.99 10.85 -24.91
C ASP JA 376 38.70 11.58 -25.23
N GLN JA 377 38.78 12.69 -25.96
CA GLN JA 377 37.60 13.37 -26.50
C GLN JA 377 37.62 13.43 -28.02
N TRP JA 378 38.70 13.94 -28.62
CA TRP JA 378 38.80 14.03 -30.07
C TRP JA 378 40.14 13.59 -30.65
N LEU JA 379 41.23 13.63 -29.88
CA LEU JA 379 42.55 13.36 -30.42
C LEU JA 379 43.32 12.48 -29.45
N THR JA 380 44.46 11.99 -29.90
CA THR JA 380 45.37 11.25 -29.03
C THR JA 380 46.07 12.23 -28.09
N GLU JA 381 45.69 12.21 -26.81
CA GLU JA 381 46.21 13.19 -25.86
C GLU JA 381 47.65 12.86 -25.47
N VAL JA 382 48.02 11.58 -25.47
CA VAL JA 382 49.38 11.19 -25.12
C VAL JA 382 50.35 11.60 -26.23
N LEU JA 383 50.01 11.29 -27.47
CA LEU JA 383 50.83 11.70 -28.61
C LEU JA 383 49.95 12.21 -29.75
N SER KA 2 -56.43 -45.01 5.31
CA SER KA 2 -55.71 -44.74 6.54
C SER KA 2 -54.38 -44.05 6.26
N PHE KA 3 -54.35 -42.74 6.47
CA PHE KA 3 -53.15 -41.94 6.26
C PHE KA 3 -52.29 -41.94 7.51
N PHE KA 4 -51.24 -41.13 7.47
CA PHE KA 4 -50.32 -40.99 8.59
C PHE KA 4 -49.91 -39.53 8.70
N HIS KA 5 -49.57 -39.07 9.90
CA HIS KA 5 -49.43 -37.64 10.13
C HIS KA 5 -48.01 -37.29 10.59
N GLY KA 6 -47.09 -38.24 10.55
CA GLY KA 6 -45.73 -37.95 10.97
C GLY KA 6 -44.71 -38.06 9.84
N VAL KA 7 -43.44 -37.98 10.24
CA VAL KA 7 -42.35 -38.22 9.30
C VAL KA 7 -42.16 -39.71 9.12
N THR KA 8 -41.91 -40.14 7.87
CA THR KA 8 -41.97 -41.54 7.50
C THR KA 8 -40.83 -41.85 6.55
N VAL KA 9 -40.33 -43.09 6.60
CA VAL KA 9 -39.42 -43.62 5.59
C VAL KA 9 -40.23 -44.50 4.64
N THR KA 10 -39.92 -44.43 3.36
CA THR KA 10 -40.49 -45.29 2.35
C THR KA 10 -39.37 -45.95 1.55
N ASN KA 11 -39.44 -47.27 1.43
CA ASN KA 11 -38.43 -48.05 0.73
C ASN KA 11 -38.91 -48.61 -0.60
N VAL KA 12 -40.07 -48.16 -1.09
CA VAL KA 12 -40.60 -48.64 -2.36
C VAL KA 12 -40.40 -47.53 -3.39
N ASP KA 13 -40.47 -47.89 -4.66
CA ASP KA 13 -40.29 -46.92 -5.75
C ASP KA 13 -41.46 -45.96 -5.79
N ILE KA 14 -41.17 -44.72 -6.21
CA ILE KA 14 -42.16 -43.66 -6.21
C ILE KA 14 -42.37 -43.08 -7.60
N GLY KA 15 -41.30 -42.50 -8.16
CA GLY KA 15 -41.43 -41.70 -9.36
C GLY KA 15 -41.25 -42.49 -10.64
N ALA KA 16 -41.60 -41.84 -11.75
CA ALA KA 16 -41.46 -42.40 -13.08
C ALA KA 16 -40.16 -41.93 -13.71
N ARG KA 17 -39.42 -42.86 -14.30
CA ARG KA 17 -38.19 -42.54 -15.02
C ARG KA 17 -38.25 -42.97 -16.48
N THR KA 18 -39.46 -43.14 -17.02
CA THR KA 18 -39.68 -43.47 -18.42
C THR KA 18 -39.82 -42.22 -19.29
N ILE KA 19 -39.25 -41.10 -18.85
CA ILE KA 19 -39.34 -39.84 -19.60
C ILE KA 19 -38.10 -39.62 -20.45
N ALA KA 20 -36.92 -39.88 -19.89
CA ALA KA 20 -35.65 -39.69 -20.58
C ALA KA 20 -35.52 -40.61 -21.78
N LEU KA 21 -35.44 -41.93 -21.53
CA LEU KA 21 -35.38 -43.00 -22.52
C LEU KA 21 -34.26 -42.79 -23.54
N PRO KA 22 -33.00 -43.03 -23.19
CA PRO KA 22 -31.90 -42.87 -24.16
C PRO KA 22 -32.02 -43.90 -25.28
N ALA KA 23 -32.26 -43.40 -26.50
CA ALA KA 23 -32.67 -44.23 -27.62
C ALA KA 23 -31.55 -45.12 -28.15
N SER KA 24 -30.30 -44.87 -27.77
CA SER KA 24 -29.18 -45.67 -28.27
C SER KA 24 -28.86 -46.86 -27.38
N SER KA 25 -29.39 -46.91 -26.16
CA SER KA 25 -28.97 -47.91 -25.17
C SER KA 25 -30.09 -48.85 -24.75
N VAL KA 26 -31.22 -48.87 -25.45
CA VAL KA 26 -32.30 -49.78 -25.11
C VAL KA 26 -31.95 -51.18 -25.57
N ILE KA 27 -32.30 -52.17 -24.75
CA ILE KA 27 -31.78 -53.53 -24.88
C ILE KA 27 -32.96 -54.49 -25.01
N GLY KA 28 -32.89 -55.37 -26.00
CA GLY KA 28 -33.84 -56.47 -26.10
C GLY KA 28 -33.28 -57.70 -25.40
N LEU KA 29 -34.12 -58.35 -24.61
CA LEU KA 29 -33.69 -59.46 -23.76
C LEU KA 29 -34.70 -60.58 -23.81
N CYS KA 30 -34.22 -61.80 -24.05
CA CYS KA 30 -35.09 -62.97 -24.17
C CYS KA 30 -34.42 -64.16 -23.51
N ASP KA 31 -35.04 -64.69 -22.45
CA ASP KA 31 -34.57 -65.91 -21.80
C ASP KA 31 -35.76 -66.51 -21.06
N VAL KA 32 -35.52 -67.63 -20.37
CA VAL KA 32 -36.59 -68.35 -19.71
C VAL KA 32 -36.87 -67.74 -18.34
N PHE KA 33 -38.07 -68.02 -17.83
CA PHE KA 33 -38.44 -67.68 -16.46
C PHE KA 33 -39.62 -68.57 -16.07
N THR KA 34 -40.05 -68.43 -14.82
CA THR KA 34 -41.17 -69.20 -14.30
C THR KA 34 -42.34 -68.25 -14.01
N PRO KA 35 -43.40 -68.29 -14.81
CA PRO KA 35 -44.54 -67.36 -14.61
C PRO KA 35 -45.47 -67.80 -13.48
N GLY KA 36 -44.99 -67.65 -12.25
CA GLY KA 36 -45.77 -67.94 -11.07
C GLY KA 36 -46.58 -66.74 -10.63
N ALA KA 37 -46.90 -66.72 -9.34
CA ALA KA 37 -47.58 -65.58 -8.74
C ALA KA 37 -46.61 -64.49 -8.31
N GLN KA 38 -45.33 -64.82 -8.13
CA GLN KA 38 -44.32 -63.84 -7.81
C GLN KA 38 -43.79 -63.12 -9.05
N ALA KA 39 -44.02 -63.66 -10.24
CA ALA KA 39 -43.60 -63.06 -11.49
C ALA KA 39 -44.85 -62.50 -12.18
N SER KA 40 -45.03 -61.19 -12.10
CA SER KA 40 -46.25 -60.55 -12.60
C SER KA 40 -46.07 -60.10 -14.04
N ALA KA 41 -45.84 -61.06 -14.92
CA ALA KA 41 -45.70 -60.79 -16.34
C ALA KA 41 -46.10 -62.04 -17.13
N LYS KA 42 -46.93 -61.84 -18.15
CA LYS KA 42 -47.24 -62.91 -19.08
C LYS KA 42 -45.99 -63.26 -19.89
N PRO KA 43 -45.84 -64.55 -20.32
CA PRO KA 43 -44.58 -64.98 -20.94
C PRO KA 43 -44.20 -64.28 -22.24
N ASN KA 44 -45.04 -64.35 -23.27
CA ASN KA 44 -44.64 -63.90 -24.61
C ASN KA 44 -45.03 -62.45 -24.90
N VAL KA 45 -45.10 -61.61 -23.89
CA VAL KA 45 -45.35 -60.18 -24.12
C VAL KA 45 -44.13 -59.39 -23.67
N PRO KA 46 -43.82 -58.26 -24.27
CA PRO KA 46 -42.73 -57.42 -23.77
C PRO KA 46 -43.17 -56.60 -22.56
N VAL KA 47 -42.18 -56.21 -21.77
CA VAL KA 47 -42.40 -55.39 -20.59
C VAL KA 47 -41.19 -54.48 -20.42
N LEU KA 48 -41.44 -53.23 -20.04
CA LEU KA 48 -40.40 -52.23 -19.92
C LEU KA 48 -39.75 -52.30 -18.55
N LEU KA 49 -38.43 -52.25 -18.52
CA LEU KA 49 -37.66 -52.36 -17.28
C LEU KA 49 -36.67 -51.21 -17.19
N THR KA 50 -36.48 -50.72 -15.98
CA THR KA 50 -35.51 -49.66 -15.75
C THR KA 50 -34.53 -50.00 -14.63
N SER KA 51 -35.00 -50.61 -13.56
CA SER KA 51 -34.17 -50.92 -12.40
C SER KA 51 -34.34 -52.39 -12.02
N LYS KA 52 -33.57 -52.81 -11.02
CA LYS KA 52 -33.67 -54.18 -10.53
C LYS KA 52 -34.98 -54.45 -9.80
N LYS KA 53 -35.63 -53.39 -9.28
CA LYS KA 53 -36.94 -53.56 -8.69
C LYS KA 53 -38.00 -53.89 -9.74
N ASP KA 54 -37.83 -53.38 -10.96
CA ASP KA 54 -38.74 -53.73 -12.04
C ASP KA 54 -38.53 -55.17 -12.49
N ALA KA 55 -37.27 -55.64 -12.46
CA ALA KA 55 -37.01 -57.04 -12.78
C ALA KA 55 -37.45 -57.97 -11.67
N ALA KA 56 -37.44 -57.49 -10.43
CA ALA KA 56 -37.92 -58.30 -9.31
C ALA KA 56 -39.43 -58.42 -9.32
N ALA KA 57 -40.13 -57.37 -9.75
CA ALA KA 57 -41.58 -57.39 -9.74
C ALA KA 57 -42.15 -58.16 -10.92
N ALA KA 58 -41.49 -58.09 -12.08
CA ALA KA 58 -42.01 -58.72 -13.28
C ALA KA 58 -41.54 -60.15 -13.47
N PHE KA 59 -40.42 -60.53 -12.87
CA PHE KA 59 -39.85 -61.85 -13.06
C PHE KA 59 -39.37 -62.39 -11.72
N GLY KA 60 -39.08 -63.68 -11.69
CA GLY KA 60 -38.58 -64.29 -10.47
C GLY KA 60 -37.13 -63.94 -10.23
N ILE KA 61 -36.74 -64.00 -8.95
CA ILE KA 61 -35.36 -63.70 -8.57
C ILE KA 61 -34.42 -64.80 -9.04
N GLY KA 62 -34.80 -66.06 -8.82
CA GLY KA 62 -34.00 -67.16 -9.31
C GLY KA 62 -34.11 -67.43 -10.79
N SER KA 63 -35.05 -66.77 -11.47
CA SER KA 63 -35.19 -66.93 -12.91
C SER KA 63 -34.05 -66.23 -13.63
N SER KA 64 -33.65 -66.79 -14.77
CA SER KA 64 -32.49 -66.30 -15.49
C SER KA 64 -32.76 -65.04 -16.32
N ILE KA 65 -33.99 -64.54 -16.33
CA ILE KA 65 -34.23 -63.17 -16.78
C ILE KA 65 -33.56 -62.19 -15.83
N TYR KA 66 -33.84 -62.34 -14.53
CA TYR KA 66 -33.26 -61.45 -13.52
C TYR KA 66 -31.76 -61.61 -13.41
N LEU KA 67 -31.22 -62.79 -13.71
CA LEU KA 67 -29.79 -62.99 -13.73
C LEU KA 67 -29.14 -62.24 -14.89
N ALA KA 68 -29.88 -62.03 -15.97
CA ALA KA 68 -29.42 -61.19 -17.06
C ALA KA 68 -29.76 -59.72 -16.85
N CYS KA 69 -30.84 -59.43 -16.13
CA CYS KA 69 -31.15 -58.05 -15.81
C CYS KA 69 -30.20 -57.49 -14.77
N GLU KA 70 -29.77 -58.31 -13.81
CA GLU KA 70 -28.77 -57.88 -12.85
C GLU KA 70 -27.41 -57.69 -13.52
N ALA KA 71 -27.12 -58.49 -14.55
CA ALA KA 71 -25.86 -58.38 -15.27
C ALA KA 71 -25.76 -57.07 -16.03
N ILE KA 72 -26.89 -56.50 -16.44
CA ILE KA 72 -26.88 -55.21 -17.11
C ILE KA 72 -26.95 -54.07 -16.09
N TYR KA 73 -27.81 -54.20 -15.08
CA TYR KA 73 -28.05 -53.12 -14.14
C TYR KA 73 -26.94 -52.96 -13.10
N ASN KA 74 -25.99 -53.90 -13.03
CA ASN KA 74 -24.82 -53.67 -12.19
C ASN KA 74 -23.87 -52.63 -12.78
N ARG KA 75 -23.91 -52.44 -14.11
CA ARG KA 75 -22.97 -51.54 -14.78
C ARG KA 75 -23.60 -50.23 -15.20
N ALA KA 76 -24.72 -50.28 -15.91
CA ALA KA 76 -25.31 -49.10 -16.52
C ALA KA 76 -26.72 -48.86 -16.02
N GLN KA 77 -27.15 -47.61 -16.12
CA GLN KA 77 -28.55 -47.24 -15.89
C GLN KA 77 -29.26 -47.39 -17.24
N ALA KA 78 -29.58 -48.63 -17.57
CA ALA KA 78 -30.05 -48.98 -18.89
C ALA KA 78 -31.57 -49.17 -18.91
N VAL KA 79 -32.09 -49.31 -20.12
CA VAL KA 79 -33.50 -49.58 -20.36
C VAL KA 79 -33.59 -50.89 -21.12
N ILE KA 80 -34.39 -51.82 -20.61
CA ILE KA 80 -34.48 -53.17 -21.15
C ILE KA 80 -35.92 -53.45 -21.57
N VAL KA 81 -36.09 -53.87 -22.82
CA VAL KA 81 -37.33 -54.50 -23.27
C VAL KA 81 -37.14 -56.00 -23.11
N ALA KA 82 -37.76 -56.58 -22.08
CA ALA KA 82 -37.53 -57.96 -21.71
C ALA KA 82 -38.74 -58.80 -22.10
N VAL KA 83 -38.54 -59.75 -23.01
CA VAL KA 83 -39.54 -60.74 -23.35
C VAL KA 83 -39.13 -62.06 -22.72
N GLY KA 84 -40.12 -62.83 -22.29
CA GLY KA 84 -39.86 -64.12 -21.68
C GLY KA 84 -40.29 -65.25 -22.59
N VAL KA 85 -39.76 -66.43 -22.30
CA VAL KA 85 -40.19 -67.66 -22.95
C VAL KA 85 -40.44 -68.70 -21.88
N GLU KA 86 -41.45 -69.53 -22.10
CA GLU KA 86 -41.69 -70.67 -21.21
C GLU KA 86 -40.62 -71.72 -21.47
N THR KA 87 -40.05 -72.27 -20.40
CA THR KA 87 -39.01 -73.27 -20.54
C THR KA 87 -39.60 -74.60 -21.02
N ALA KA 88 -38.93 -75.21 -21.99
CA ALA KA 88 -39.38 -76.45 -22.59
C ALA KA 88 -38.54 -77.61 -22.07
N GLU KA 89 -38.74 -78.78 -22.67
CA GLU KA 89 -37.98 -79.99 -22.30
C GLU KA 89 -36.84 -80.25 -23.28
N THR KA 90 -37.16 -80.34 -24.57
CA THR KA 90 -36.14 -80.57 -25.58
C THR KA 90 -35.38 -79.28 -25.85
N PRO KA 91 -34.04 -79.30 -25.81
CA PRO KA 91 -33.28 -78.07 -26.10
C PRO KA 91 -33.38 -77.61 -27.54
N GLU KA 92 -33.63 -78.52 -28.49
CA GLU KA 92 -33.93 -78.09 -29.85
C GLU KA 92 -35.31 -77.49 -29.96
N ALA KA 93 -36.23 -77.86 -29.07
CA ALA KA 93 -37.52 -77.20 -28.98
C ALA KA 93 -37.49 -76.00 -28.05
N GLN KA 94 -36.48 -75.92 -27.18
CA GLN KA 94 -36.29 -74.70 -26.39
C GLN KA 94 -35.84 -73.54 -27.27
N ALA KA 95 -34.97 -73.83 -28.24
CA ALA KA 95 -34.58 -72.83 -29.22
C ALA KA 95 -35.74 -72.44 -30.12
N SER KA 96 -36.70 -73.36 -30.31
CA SER KA 96 -37.91 -73.03 -31.05
C SER KA 96 -38.83 -72.08 -30.30
N ALA KA 97 -38.73 -72.04 -28.97
CA ALA KA 97 -39.53 -71.10 -28.20
C ALA KA 97 -38.93 -69.71 -28.21
N VAL KA 98 -37.61 -69.60 -28.31
CA VAL KA 98 -36.95 -68.31 -28.28
C VAL KA 98 -37.11 -67.58 -29.61
N ILE KA 99 -37.04 -68.31 -30.72
CA ILE KA 99 -37.21 -67.71 -32.04
C ILE KA 99 -38.65 -67.23 -32.24
N GLY KA 100 -39.61 -67.91 -31.63
CA GLY KA 100 -40.99 -67.46 -31.67
C GLY KA 100 -41.61 -67.57 -33.06
N GLY KA 101 -42.32 -66.53 -33.45
CA GLY KA 101 -42.96 -66.47 -34.74
C GLY KA 101 -44.36 -65.90 -34.60
N ILE KA 102 -45.21 -66.25 -35.57
CA ILE KA 102 -46.57 -65.74 -35.63
C ILE KA 102 -47.46 -66.95 -35.34
N SER KA 103 -46.98 -67.83 -34.47
CA SER KA 103 -47.70 -69.05 -34.11
C SER KA 103 -49.02 -68.77 -33.41
N ALA KA 104 -49.18 -67.60 -32.82
CA ALA KA 104 -50.45 -67.18 -32.23
C ALA KA 104 -51.36 -66.63 -33.33
N ALA KA 105 -52.48 -66.03 -32.92
CA ALA KA 105 -53.41 -65.46 -33.90
C ALA KA 105 -52.86 -64.15 -34.45
N GLY KA 106 -52.66 -63.16 -33.58
CA GLY KA 106 -52.11 -61.88 -34.00
C GLY KA 106 -51.07 -61.35 -33.03
N GLU KA 107 -50.34 -62.26 -32.41
CA GLU KA 107 -49.36 -61.92 -31.38
C GLU KA 107 -47.99 -62.45 -31.79
N ARG KA 108 -46.96 -61.62 -31.60
CA ARG KA 108 -45.58 -62.04 -31.82
C ARG KA 108 -44.99 -62.59 -30.53
N THR KA 109 -44.30 -63.72 -30.64
CA THR KA 109 -43.74 -64.42 -29.50
C THR KA 109 -42.23 -64.50 -29.63
N GLY KA 110 -41.57 -64.70 -28.49
CA GLY KA 110 -40.12 -64.94 -28.51
C GLY KA 110 -39.33 -63.68 -28.82
N LEU KA 111 -38.32 -63.85 -29.67
CA LEU KA 111 -37.50 -62.71 -30.11
C LEU KA 111 -38.30 -61.74 -30.97
N GLN KA 112 -39.33 -62.23 -31.66
CA GLN KA 112 -40.08 -61.38 -32.58
C GLN KA 112 -40.93 -60.35 -31.86
N ALA KA 113 -41.19 -60.53 -30.56
CA ALA KA 113 -41.88 -59.51 -29.79
C ALA KA 113 -40.98 -58.32 -29.44
N LEU KA 114 -39.68 -58.43 -29.65
CA LEU KA 114 -38.80 -57.28 -29.48
C LEU KA 114 -38.96 -56.28 -30.61
N LEU KA 115 -39.52 -56.70 -31.75
CA LEU KA 115 -39.92 -55.76 -32.79
C LEU KA 115 -41.08 -54.88 -32.34
N ASP KA 116 -41.85 -55.32 -31.35
CA ASP KA 116 -42.91 -54.53 -30.76
C ASP KA 116 -42.43 -53.71 -29.56
N GLY KA 117 -41.16 -53.35 -29.52
CA GLY KA 117 -40.65 -52.48 -28.48
C GLY KA 117 -41.21 -51.08 -28.60
N LYS KA 118 -41.03 -50.48 -29.78
CA LYS KA 118 -41.77 -49.29 -30.13
C LYS KA 118 -43.23 -49.67 -30.32
N SER KA 119 -44.13 -48.70 -30.16
CA SER KA 119 -45.59 -48.76 -30.04
C SER KA 119 -46.05 -49.40 -28.73
N ARG KA 120 -45.14 -49.79 -27.85
CA ARG KA 120 -45.47 -50.17 -26.48
C ARG KA 120 -44.81 -49.27 -25.47
N PHE KA 121 -43.50 -49.02 -25.59
CA PHE KA 121 -42.78 -48.30 -24.54
C PHE KA 121 -41.71 -47.34 -25.05
N ASN KA 122 -41.79 -46.91 -26.32
CA ASN KA 122 -40.86 -45.96 -26.97
C ASN KA 122 -39.42 -46.46 -26.93
N ALA KA 123 -39.21 -47.74 -27.11
CA ALA KA 123 -37.88 -48.32 -27.07
C ALA KA 123 -37.69 -49.20 -28.29
N GLN KA 124 -37.01 -48.66 -29.30
CA GLN KA 124 -36.60 -49.40 -30.48
C GLN KA 124 -35.25 -50.05 -30.16
N PRO KA 125 -35.20 -51.35 -29.87
CA PRO KA 125 -34.04 -51.93 -29.17
C PRO KA 125 -32.77 -51.91 -30.02
N ARG KA 126 -31.67 -51.53 -29.37
CA ARG KA 126 -30.38 -51.40 -30.04
C ARG KA 126 -29.40 -52.50 -29.68
N LEU KA 127 -29.69 -53.27 -28.64
CA LEU KA 127 -28.80 -54.33 -28.19
C LEU KA 127 -29.62 -55.60 -28.02
N LEU KA 128 -29.31 -56.62 -28.81
CA LEU KA 128 -30.00 -57.90 -28.75
C LEU KA 128 -29.12 -58.89 -28.00
N VAL KA 129 -29.64 -59.45 -26.92
CA VAL KA 129 -28.94 -60.48 -26.15
C VAL KA 129 -29.89 -61.63 -25.87
N ALA KA 130 -29.40 -62.85 -26.09
CA ALA KA 130 -30.05 -64.06 -25.61
C ALA KA 130 -29.03 -64.79 -24.75
N PRO KA 131 -29.03 -64.55 -23.43
CA PRO KA 131 -27.96 -65.07 -22.57
C PRO KA 131 -28.00 -66.57 -22.38
N GLY KA 132 -27.08 -67.28 -23.04
CA GLY KA 132 -27.07 -68.73 -22.98
C GLY KA 132 -27.69 -69.33 -24.22
N HIS KA 133 -28.76 -68.73 -24.71
CA HIS KA 133 -29.41 -69.21 -25.94
C HIS KA 133 -28.86 -68.51 -27.17
N SER KA 134 -27.55 -68.49 -27.30
CA SER KA 134 -26.91 -68.01 -28.51
C SER KA 134 -25.73 -68.88 -28.93
N ALA KA 135 -25.39 -69.90 -28.15
CA ALA KA 135 -24.46 -70.91 -28.62
C ALA KA 135 -25.11 -71.81 -29.67
N GLN KA 136 -26.44 -71.88 -29.67
CA GLN KA 136 -27.15 -72.56 -30.74
C GLN KA 136 -27.19 -71.67 -31.96
N GLN KA 137 -27.00 -72.28 -33.14
CA GLN KA 137 -26.90 -71.50 -34.37
C GLN KA 137 -28.26 -71.00 -34.84
N ALA KA 138 -29.34 -71.72 -34.50
CA ALA KA 138 -30.67 -71.35 -34.98
C ALA KA 138 -31.18 -70.06 -34.35
N VAL KA 139 -30.75 -69.76 -33.13
CA VAL KA 139 -31.14 -68.50 -32.51
C VAL KA 139 -30.15 -67.39 -32.86
N ALA KA 140 -28.87 -67.73 -33.07
CA ALA KA 140 -27.91 -66.75 -33.52
C ALA KA 140 -28.17 -66.32 -34.96
N THR KA 141 -28.81 -67.18 -35.76
CA THR KA 141 -29.31 -66.77 -37.06
C THR KA 141 -30.63 -66.01 -36.94
N ALA KA 142 -31.41 -66.31 -35.91
CA ALA KA 142 -32.62 -65.55 -35.63
C ALA KA 142 -32.30 -64.15 -35.16
N MET KA 143 -31.31 -64.02 -34.27
CA MET KA 143 -30.84 -62.71 -33.85
C MET KA 143 -30.10 -61.99 -34.96
N ASP KA 144 -29.55 -62.73 -35.92
CA ASP KA 144 -28.93 -62.14 -37.09
C ASP KA 144 -29.99 -61.43 -37.95
N GLY KA 145 -30.99 -62.19 -38.40
CA GLY KA 145 -31.96 -61.63 -39.34
C GLY KA 145 -32.90 -60.63 -38.71
N LEU KA 146 -33.07 -60.68 -37.40
CA LEU KA 146 -33.89 -59.69 -36.71
C LEU KA 146 -33.14 -58.38 -36.52
N ALA KA 147 -31.82 -58.39 -36.63
CA ALA KA 147 -31.01 -57.20 -36.36
C ALA KA 147 -31.19 -56.15 -37.45
N GLU KA 148 -31.10 -56.56 -38.73
CA GLU KA 148 -31.26 -55.58 -39.80
C GLU KA 148 -32.71 -55.12 -39.96
N LYS KA 149 -33.67 -55.89 -39.45
CA LYS KA 149 -35.02 -55.36 -39.33
C LYS KA 149 -35.11 -54.30 -38.24
N LEU KA 150 -34.28 -54.45 -37.21
CA LEU KA 150 -34.35 -53.61 -36.03
C LEU KA 150 -33.33 -52.48 -36.05
N ARG KA 151 -32.34 -52.55 -36.97
CA ARG KA 151 -31.18 -51.67 -37.03
C ARG KA 151 -30.45 -51.62 -35.69
N ALA KA 152 -30.09 -52.79 -35.21
CA ALA KA 152 -29.38 -53.00 -33.96
C ALA KA 152 -28.13 -53.83 -34.22
N ILE KA 153 -27.45 -54.22 -33.16
CA ILE KA 153 -26.42 -55.25 -33.22
C ILE KA 153 -26.74 -56.31 -32.18
N ALA KA 154 -26.55 -57.57 -32.54
CA ALA KA 154 -26.90 -58.69 -31.69
C ALA KA 154 -25.64 -59.20 -30.99
N ILE KA 155 -25.65 -59.15 -29.66
CA ILE KA 155 -24.51 -59.58 -28.86
C ILE KA 155 -24.75 -61.05 -28.52
N LEU KA 156 -24.27 -61.93 -29.38
CA LEU KA 156 -24.36 -63.36 -29.12
C LEU KA 156 -23.07 -63.81 -28.42
N ASP KA 157 -23.02 -65.09 -28.05
CA ASP KA 157 -21.83 -65.63 -27.40
C ASP KA 157 -21.56 -67.04 -27.87
N GLY KA 158 -20.28 -67.40 -27.91
CA GLY KA 158 -19.90 -68.74 -28.31
C GLY KA 158 -20.10 -69.73 -27.19
N PRO KA 159 -19.78 -70.99 -27.47
CA PRO KA 159 -19.80 -72.00 -26.42
C PRO KA 159 -18.65 -71.79 -25.46
N ASN KA 160 -18.78 -72.36 -24.26
CA ASN KA 160 -17.77 -72.22 -23.22
C ASN KA 160 -16.71 -73.30 -23.30
N SER KA 161 -16.54 -73.93 -24.47
CA SER KA 161 -15.44 -74.85 -24.72
C SER KA 161 -14.19 -74.08 -25.11
N THR KA 162 -13.21 -74.78 -25.69
CA THR KA 162 -11.92 -74.20 -26.03
C THR KA 162 -12.04 -73.21 -27.18
N ASP KA 163 -10.89 -72.66 -27.58
CA ASP KA 163 -10.86 -71.50 -28.48
C ASP KA 163 -11.28 -71.86 -29.89
N GLU KA 164 -10.78 -72.97 -30.44
CA GLU KA 164 -11.14 -73.35 -31.80
C GLU KA 164 -12.58 -73.85 -31.89
N ALA KA 165 -13.20 -74.21 -30.77
CA ALA KA 165 -14.64 -74.46 -30.78
C ALA KA 165 -15.42 -73.17 -30.93
N ALA KA 166 -14.84 -72.03 -30.55
CA ALA KA 166 -15.47 -70.74 -30.71
C ALA KA 166 -15.00 -70.00 -31.95
N VAL KA 167 -13.79 -70.28 -32.45
CA VAL KA 167 -13.35 -69.71 -33.72
C VAL KA 167 -14.14 -70.31 -34.88
N ALA KA 168 -14.32 -71.63 -34.85
CA ALA KA 168 -15.11 -72.29 -35.90
C ALA KA 168 -16.59 -71.98 -35.75
N TYR KA 169 -17.05 -71.61 -34.56
CA TYR KA 169 -18.43 -71.16 -34.40
C TYR KA 169 -18.64 -69.76 -34.95
N ALA KA 170 -17.58 -68.95 -35.00
CA ALA KA 170 -17.67 -67.63 -35.61
C ALA KA 170 -17.57 -67.65 -37.13
N LYS KA 171 -17.16 -68.77 -37.72
CA LYS KA 171 -17.04 -68.87 -39.16
C LYS KA 171 -18.36 -69.12 -39.86
N ASN KA 172 -19.45 -69.33 -39.11
CA ASN KA 172 -20.78 -69.48 -39.69
C ASN KA 172 -21.44 -68.13 -39.98
N PHE KA 173 -20.74 -67.02 -39.78
CA PHE KA 173 -21.34 -65.69 -39.85
C PHE KA 173 -20.36 -64.78 -40.56
N GLY KA 174 -20.53 -63.47 -40.37
CA GLY KA 174 -19.90 -62.49 -41.25
C GLY KA 174 -20.93 -61.52 -41.76
N SER KA 175 -21.97 -61.31 -40.96
CA SER KA 175 -23.17 -60.59 -41.35
C SER KA 175 -23.32 -59.23 -40.67
N LYS KA 176 -22.21 -58.63 -40.23
CA LYS KA 176 -22.08 -57.18 -39.94
C LYS KA 176 -22.82 -56.74 -38.66
N ARG KA 177 -23.65 -57.60 -38.09
CA ARG KA 177 -24.53 -57.20 -37.00
C ARG KA 177 -24.29 -57.99 -35.73
N LEU KA 178 -23.22 -58.78 -35.67
CA LEU KA 178 -23.03 -59.74 -34.60
C LEU KA 178 -21.74 -59.44 -33.86
N PHE KA 179 -21.81 -59.45 -32.53
CA PHE KA 179 -20.68 -59.13 -31.66
C PHE KA 179 -20.56 -60.27 -30.66
N MET KA 180 -19.59 -61.16 -30.86
CA MET KA 180 -19.52 -62.39 -30.06
C MET KA 180 -18.44 -62.26 -29.00
N VAL KA 181 -18.80 -62.62 -27.76
CA VAL KA 181 -17.89 -62.65 -26.62
C VAL KA 181 -17.92 -64.07 -26.07
N ASP KA 182 -16.90 -64.87 -26.38
CA ASP KA 182 -16.96 -66.29 -26.04
C ASP KA 182 -16.69 -66.72 -24.58
N PRO KA 183 -15.75 -66.13 -23.76
CA PRO KA 183 -15.57 -66.68 -22.42
C PRO KA 183 -16.71 -66.33 -21.50
N GLY KA 184 -17.54 -67.32 -21.16
CA GLY KA 184 -18.61 -67.09 -20.20
C GLY KA 184 -18.03 -66.82 -18.83
N VAL KA 185 -18.08 -65.57 -18.41
CA VAL KA 185 -17.40 -65.16 -17.21
C VAL KA 185 -18.21 -65.57 -15.99
N GLN KA 186 -17.54 -65.78 -14.87
CA GLN KA 186 -18.20 -66.27 -13.68
C GLN KA 186 -18.26 -65.17 -12.62
N VAL KA 187 -19.28 -65.23 -11.78
CA VAL KA 187 -19.57 -64.17 -10.82
C VAL KA 187 -19.77 -64.80 -9.44
N TRP KA 188 -19.38 -64.05 -8.40
CA TRP KA 188 -19.54 -64.51 -7.04
C TRP KA 188 -21.00 -64.52 -6.64
N ASP KA 189 -21.39 -65.53 -5.85
CA ASP KA 189 -22.77 -65.71 -5.43
C ASP KA 189 -22.87 -65.67 -3.91
N SER KA 190 -23.97 -65.13 -3.40
CA SER KA 190 -24.18 -65.07 -1.96
C SER KA 190 -24.71 -66.40 -1.42
N ALA KA 191 -25.67 -67.01 -2.13
CA ALA KA 191 -26.29 -68.23 -1.64
C ALA KA 191 -25.40 -69.45 -1.86
N THR KA 192 -24.77 -69.54 -3.03
CA THR KA 192 -23.96 -70.71 -3.36
C THR KA 192 -22.65 -70.71 -2.57
N ASN KA 193 -22.12 -69.51 -2.28
CA ASN KA 193 -20.80 -69.31 -1.66
C ASN KA 193 -19.72 -70.00 -2.48
N ALA KA 194 -19.80 -69.85 -3.80
CA ALA KA 194 -18.87 -70.45 -4.74
C ALA KA 194 -18.91 -69.63 -6.03
N ALA KA 195 -18.28 -70.14 -7.07
CA ALA KA 195 -18.20 -69.45 -8.36
C ALA KA 195 -19.31 -69.95 -9.28
N ARG KA 196 -20.06 -69.02 -9.85
CA ARG KA 196 -21.17 -69.33 -10.75
C ARG KA 196 -20.70 -69.61 -12.17
N ASN KA 197 -21.63 -69.58 -13.12
CA ASN KA 197 -21.33 -69.66 -14.55
C ASN KA 197 -22.33 -68.79 -15.29
N ALA KA 198 -21.93 -67.56 -15.63
CA ALA KA 198 -22.77 -66.64 -16.40
C ALA KA 198 -22.34 -66.64 -17.86
N PRO KA 199 -23.26 -66.49 -18.82
CA PRO KA 199 -22.90 -66.62 -20.23
C PRO KA 199 -22.12 -65.46 -20.81
N ALA KA 200 -22.04 -64.33 -20.11
CA ALA KA 200 -21.23 -63.14 -20.46
C ALA KA 200 -21.62 -62.51 -21.78
N SER KA 201 -22.87 -62.67 -22.21
CA SER KA 201 -23.37 -61.87 -23.32
C SER KA 201 -24.17 -60.68 -22.84
N ALA KA 202 -24.80 -60.80 -21.66
CA ALA KA 202 -25.50 -59.68 -21.08
C ALA KA 202 -24.56 -58.66 -20.44
N TYR KA 203 -23.35 -59.07 -20.08
CA TYR KA 203 -22.40 -58.14 -19.49
C TYR KA 203 -21.85 -57.18 -20.54
N ALA KA 204 -21.73 -57.63 -21.79
CA ALA KA 204 -21.36 -56.73 -22.87
C ALA KA 204 -22.49 -55.79 -23.24
N ALA KA 205 -23.74 -56.18 -22.97
CA ALA KA 205 -24.86 -55.27 -23.23
C ALA KA 205 -24.91 -54.14 -22.23
N GLY KA 206 -24.63 -54.44 -20.96
CA GLY KA 206 -24.55 -53.40 -19.95
C GLY KA 206 -23.35 -52.50 -20.14
N LEU KA 207 -22.28 -53.04 -20.73
CA LEU KA 207 -21.12 -52.20 -21.03
C LEU KA 207 -21.38 -51.29 -22.22
N PHE KA 208 -22.24 -51.71 -23.15
CA PHE KA 208 -22.53 -50.83 -24.28
C PHE KA 208 -23.48 -49.72 -23.86
N ALA KA 209 -24.41 -50.03 -22.95
CA ALA KA 209 -25.29 -49.00 -22.41
C ALA KA 209 -24.53 -48.04 -21.50
N TRP KA 210 -23.47 -48.51 -20.85
CA TRP KA 210 -22.64 -47.60 -20.09
C TRP KA 210 -21.76 -46.76 -21.00
N THR KA 211 -21.44 -47.26 -22.18
CA THR KA 211 -20.54 -46.52 -23.06
C THR KA 211 -21.27 -45.40 -23.78
N ASP KA 212 -22.41 -45.70 -24.39
CA ASP KA 212 -23.07 -44.73 -25.25
C ASP KA 212 -23.75 -43.60 -24.49
N ALA KA 213 -23.95 -43.74 -23.18
CA ALA KA 213 -24.55 -42.69 -22.38
C ALA KA 213 -23.53 -41.86 -21.61
N GLU KA 214 -22.40 -42.45 -21.24
CA GLU KA 214 -21.35 -41.75 -20.51
C GLU KA 214 -20.18 -41.33 -21.38
N TYR KA 215 -19.89 -42.07 -22.45
CA TYR KA 215 -18.81 -41.71 -23.36
C TYR KA 215 -19.26 -41.38 -24.77
N GLY KA 216 -20.54 -41.59 -25.08
CA GLY KA 216 -21.02 -41.40 -26.44
C GLY KA 216 -20.97 -42.69 -27.25
N PHE KA 217 -21.94 -42.81 -28.18
CA PHE KA 217 -22.06 -44.03 -28.97
C PHE KA 217 -20.95 -44.16 -29.99
N TRP KA 218 -20.31 -43.05 -30.34
CA TRP KA 218 -19.19 -43.04 -31.26
C TRP KA 218 -17.92 -43.59 -30.62
N SER KA 219 -17.87 -43.69 -29.31
CA SER KA 219 -16.70 -44.22 -28.63
C SER KA 219 -16.74 -45.74 -28.62
N SER KA 220 -15.57 -46.34 -28.74
CA SER KA 220 -15.45 -47.79 -28.88
C SER KA 220 -15.67 -48.47 -27.54
N PRO KA 221 -16.66 -49.34 -27.43
CA PRO KA 221 -16.96 -49.99 -26.15
C PRO KA 221 -16.25 -51.32 -25.95
N SER KA 222 -14.91 -51.28 -25.92
CA SER KA 222 -14.14 -52.48 -25.66
C SER KA 222 -13.33 -52.36 -24.37
N ASN KA 223 -12.50 -51.34 -24.24
CA ASN KA 223 -11.47 -51.28 -23.22
C ASN KA 223 -12.00 -50.85 -21.85
N LYS KA 224 -13.29 -51.02 -21.61
CA LYS KA 224 -13.97 -50.46 -20.44
C LYS KA 224 -14.30 -51.55 -19.44
N GLU KA 225 -14.63 -51.12 -18.23
CA GLU KA 225 -14.73 -52.01 -17.07
C GLU KA 225 -16.04 -52.79 -17.08
N ILE KA 226 -15.98 -54.04 -16.66
CA ILE KA 226 -17.16 -54.85 -16.38
C ILE KA 226 -17.34 -54.93 -14.86
N LYS KA 227 -18.53 -54.64 -14.38
CA LYS KA 227 -18.85 -54.82 -12.98
C LYS KA 227 -19.76 -56.03 -12.78
N GLY KA 228 -19.75 -56.54 -11.55
CA GLY KA 228 -20.43 -57.79 -11.24
C GLY KA 228 -19.73 -58.96 -11.88
N VAL KA 229 -18.48 -59.22 -11.47
CA VAL KA 229 -17.60 -60.07 -12.26
C VAL KA 229 -16.55 -60.69 -11.34
N THR KA 230 -16.05 -61.86 -11.73
CA THR KA 230 -14.85 -62.48 -11.18
C THR KA 230 -14.10 -63.02 -12.39
N GLY KA 231 -13.25 -64.01 -12.18
CA GLY KA 231 -12.49 -64.64 -13.25
C GLY KA 231 -13.35 -65.23 -14.36
N THR KA 232 -12.68 -65.60 -15.44
CA THR KA 232 -13.36 -66.19 -16.58
C THR KA 232 -13.36 -67.70 -16.48
N SER KA 233 -14.20 -68.33 -17.32
CA SER KA 233 -14.23 -69.78 -17.38
C SER KA 233 -13.01 -70.37 -18.06
N ARG KA 234 -12.26 -69.56 -18.82
CA ARG KA 234 -11.02 -69.97 -19.41
C ARG KA 234 -9.97 -68.90 -19.09
N PRO KA 235 -8.80 -69.30 -18.59
CA PRO KA 235 -7.69 -68.33 -18.47
C PRO KA 235 -7.16 -67.99 -19.86
N VAL KA 236 -7.40 -66.75 -20.29
CA VAL KA 236 -7.08 -66.32 -21.65
C VAL KA 236 -5.89 -65.38 -21.55
N GLU KA 237 -4.72 -65.85 -21.98
CA GLU KA 237 -3.49 -65.09 -21.86
C GLU KA 237 -3.42 -63.99 -22.92
N PHE KA 238 -2.48 -63.07 -22.72
CA PHE KA 238 -2.37 -61.88 -23.56
C PHE KA 238 -1.00 -61.26 -23.37
N LEU KA 239 -0.39 -60.84 -24.47
CA LEU KA 239 0.94 -60.22 -24.46
C LEU KA 239 0.91 -59.05 -25.45
N ASP KA 240 2.09 -58.54 -25.76
CA ASP KA 240 2.28 -57.45 -26.73
C ASP KA 240 3.38 -57.84 -27.69
N GLY KA 241 3.08 -57.87 -28.98
CA GLY KA 241 4.06 -58.19 -29.98
C GLY KA 241 3.71 -59.32 -30.93
N ASP KA 242 2.40 -59.55 -31.10
CA ASP KA 242 1.83 -60.48 -32.11
C ASP KA 242 2.32 -61.90 -31.90
N GLU KA 243 2.02 -62.45 -30.72
CA GLU KA 243 2.43 -63.79 -30.36
C GLU KA 243 1.34 -64.79 -30.73
N THR KA 244 1.44 -66.00 -30.18
CA THR KA 244 0.44 -67.06 -30.35
C THR KA 244 -0.59 -67.00 -29.23
N CYS KA 245 -0.84 -65.80 -28.71
CA CYS KA 245 -1.72 -65.60 -27.57
C CYS KA 245 -3.15 -65.98 -27.88
N ARG KA 246 -3.89 -66.31 -26.82
CA ARG KA 246 -5.30 -66.61 -26.95
C ARG KA 246 -6.16 -65.35 -26.99
N ALA KA 247 -5.55 -64.18 -26.89
CA ALA KA 247 -6.19 -62.89 -27.12
C ALA KA 247 -6.14 -62.50 -28.59
N ASN KA 248 -4.96 -62.60 -29.19
CA ASN KA 248 -4.78 -62.27 -30.60
C ASN KA 248 -5.41 -63.33 -31.50
N LEU KA 249 -5.55 -64.56 -31.01
CA LEU KA 249 -6.21 -65.61 -31.78
C LEU KA 249 -7.70 -65.32 -31.90
N LEU KA 250 -8.33 -64.84 -30.83
CA LEU KA 250 -9.76 -64.58 -30.87
C LEU KA 250 -10.05 -63.28 -31.61
N ASN KA 251 -9.21 -62.26 -31.43
CA ASN KA 251 -9.48 -60.96 -32.04
C ASN KA 251 -9.32 -61.02 -33.55
N ASN KA 252 -8.34 -61.78 -34.04
CA ASN KA 252 -8.18 -61.96 -35.48
C ASN KA 252 -9.27 -62.82 -36.08
N ALA KA 253 -10.00 -63.58 -35.27
CA ALA KA 253 -11.17 -64.32 -35.71
C ALA KA 253 -12.45 -63.53 -35.53
N ASN KA 254 -12.34 -62.20 -35.35
CA ASN KA 254 -13.46 -61.28 -35.15
C ASN KA 254 -14.30 -61.65 -33.92
N ILE KA 255 -13.63 -62.03 -32.84
CA ILE KA 255 -14.29 -62.41 -31.60
C ILE KA 255 -13.74 -61.55 -30.48
N ALA KA 256 -14.63 -60.94 -29.71
CA ALA KA 256 -14.20 -60.21 -28.53
C ALA KA 256 -14.13 -61.13 -27.33
N THR KA 257 -13.41 -60.69 -26.30
CA THR KA 257 -13.10 -61.55 -25.16
C THR KA 257 -12.72 -60.72 -23.95
N ILE KA 258 -13.12 -61.20 -22.77
CA ILE KA 258 -12.65 -60.62 -21.52
C ILE KA 258 -11.20 -61.05 -21.29
N ILE KA 259 -10.31 -60.09 -21.06
CA ILE KA 259 -8.89 -60.39 -21.15
C ILE KA 259 -8.11 -60.18 -19.86
N ARG KA 260 -8.03 -58.95 -19.34
CA ARG KA 260 -7.00 -58.69 -18.35
C ARG KA 260 -7.55 -58.91 -16.94
N ASP KA 261 -6.65 -59.34 -16.05
CA ASP KA 261 -6.88 -59.54 -14.61
C ASP KA 261 -8.04 -60.48 -14.29
N ASP KA 262 -8.46 -61.29 -15.26
CA ASP KA 262 -9.55 -62.26 -15.14
C ASP KA 262 -10.85 -61.60 -14.67
N GLY KA 263 -11.43 -60.82 -15.58
CA GLY KA 263 -12.73 -60.24 -15.37
C GLY KA 263 -12.75 -58.73 -15.45
N TYR KA 264 -11.60 -58.09 -15.57
CA TYR KA 264 -11.48 -56.66 -15.38
C TYR KA 264 -12.04 -55.89 -16.57
N ARG KA 265 -11.62 -56.22 -17.80
CA ARG KA 265 -12.02 -55.45 -18.96
C ARG KA 265 -12.36 -56.36 -20.14
N LEU KA 266 -13.30 -55.90 -20.96
CA LEU KA 266 -13.53 -56.45 -22.29
C LEU KA 266 -12.38 -56.02 -23.21
N TRP KA 267 -12.28 -56.67 -24.37
CA TRP KA 267 -11.14 -56.43 -25.25
C TRP KA 267 -11.50 -56.88 -26.66
N GLY KA 268 -11.59 -55.94 -27.59
CA GLY KA 268 -11.94 -56.31 -28.96
C GLY KA 268 -13.17 -55.55 -29.38
N ASN KA 269 -13.13 -55.02 -30.60
CA ASN KA 269 -14.22 -54.22 -31.12
C ASN KA 269 -14.73 -54.63 -32.50
N ARG KA 270 -14.05 -55.55 -33.19
CA ARG KA 270 -14.51 -55.89 -34.53
C ARG KA 270 -15.70 -56.84 -34.46
N THR KA 271 -16.63 -56.66 -35.39
CA THR KA 271 -17.85 -57.45 -35.45
C THR KA 271 -17.67 -58.60 -36.43
N LEU KA 272 -18.61 -59.54 -36.36
CA LEU KA 272 -18.63 -60.65 -37.32
C LEU KA 272 -19.11 -60.13 -38.67
N SER KA 273 -18.18 -59.63 -39.48
CA SER KA 273 -18.50 -59.05 -40.76
C SER KA 273 -17.56 -59.58 -41.82
N SER KA 274 -18.10 -59.83 -43.01
CA SER KA 274 -17.28 -60.27 -44.12
C SER KA 274 -16.61 -59.10 -44.83
N ASP KA 275 -17.16 -57.89 -44.67
CA ASP KA 275 -16.62 -56.71 -45.32
C ASP KA 275 -15.64 -56.00 -44.38
N SER KA 276 -14.49 -55.63 -44.91
CA SER KA 276 -13.53 -54.85 -44.14
C SER KA 276 -13.97 -53.41 -43.97
N LYS KA 277 -14.91 -52.93 -44.77
CA LYS KA 277 -15.48 -51.60 -44.59
C LYS KA 277 -16.29 -51.54 -43.30
N TRP KA 278 -17.04 -52.60 -43.00
CA TRP KA 278 -17.91 -52.65 -41.83
C TRP KA 278 -17.31 -53.51 -40.73
N ALA KA 279 -15.98 -53.46 -40.54
CA ALA KA 279 -15.34 -54.38 -39.62
C ALA KA 279 -15.58 -53.98 -38.17
N PHE KA 280 -15.53 -52.70 -37.86
CA PHE KA 280 -15.69 -52.23 -36.49
C PHE KA 280 -17.18 -52.17 -36.12
N VAL KA 281 -17.45 -52.23 -34.82
CA VAL KA 281 -18.82 -51.98 -34.39
C VAL KA 281 -19.13 -50.49 -34.43
N THR KA 282 -18.12 -49.65 -34.25
CA THR KA 282 -18.31 -48.21 -34.29
C THR KA 282 -18.57 -47.70 -35.70
N ARG KA 283 -18.18 -48.46 -36.73
CA ARG KA 283 -18.67 -48.17 -38.06
C ARG KA 283 -20.15 -48.50 -38.17
N VAL KA 284 -20.60 -49.54 -37.46
CA VAL KA 284 -21.98 -50.00 -37.57
C VAL KA 284 -22.88 -49.22 -36.63
N ARG KA 285 -22.40 -48.93 -35.41
CA ARG KA 285 -23.21 -48.20 -34.44
C ARG KA 285 -23.43 -46.75 -34.86
N THR KA 286 -22.37 -46.07 -35.31
CA THR KA 286 -22.53 -44.70 -35.79
C THR KA 286 -23.25 -44.63 -37.13
N MET KA 287 -23.38 -45.75 -37.84
CA MET KA 287 -24.21 -45.76 -39.04
C MET KA 287 -25.69 -45.63 -38.68
N ASP KA 288 -26.12 -46.33 -37.64
CA ASP KA 288 -27.53 -46.43 -37.31
C ASP KA 288 -27.96 -45.46 -36.23
N LEU KA 289 -27.05 -45.01 -35.38
CA LEU KA 289 -27.40 -44.13 -34.28
C LEU KA 289 -27.19 -42.66 -34.59
N VAL KA 290 -26.69 -42.33 -35.78
CA VAL KA 290 -26.87 -40.97 -36.24
C VAL KA 290 -28.12 -40.88 -37.13
N MET KA 291 -28.43 -41.93 -37.89
CA MET KA 291 -29.52 -41.89 -38.85
C MET KA 291 -30.85 -42.23 -38.24
N ASP KA 292 -30.89 -42.50 -36.94
CA ASP KA 292 -32.12 -42.45 -36.17
C ASP KA 292 -32.11 -41.31 -35.17
N ALA KA 293 -30.97 -40.66 -34.97
CA ALA KA 293 -30.90 -39.37 -34.30
C ALA KA 293 -31.14 -38.21 -35.27
N ILE KA 294 -30.77 -38.40 -36.55
CA ILE KA 294 -31.25 -37.52 -37.62
C ILE KA 294 -32.77 -37.46 -37.63
N LEU KA 295 -33.42 -38.61 -37.48
CA LEU KA 295 -34.88 -38.66 -37.55
C LEU KA 295 -35.54 -38.10 -36.30
N ALA KA 296 -34.93 -38.34 -35.14
CA ALA KA 296 -35.44 -37.78 -33.90
C ALA KA 296 -35.16 -36.29 -33.85
N GLY KA 297 -36.22 -35.49 -33.97
CA GLY KA 297 -36.07 -34.06 -34.09
C GLY KA 297 -36.53 -33.60 -35.46
N HIS KA 298 -36.24 -34.39 -36.48
CA HIS KA 298 -36.72 -34.16 -37.84
C HIS KA 298 -37.85 -35.11 -38.19
N LYS KA 299 -38.73 -35.39 -37.23
CA LYS KA 299 -39.93 -36.19 -37.47
C LYS KA 299 -40.96 -35.44 -38.30
N TRP KA 300 -40.78 -34.14 -38.55
CA TRP KA 300 -41.68 -33.37 -39.40
C TRP KA 300 -41.43 -33.58 -40.89
N ALA KA 301 -40.47 -34.42 -41.26
CA ALA KA 301 -40.13 -34.61 -42.67
C ALA KA 301 -41.04 -35.58 -43.40
N VAL KA 302 -42.04 -36.17 -42.72
CA VAL KA 302 -43.00 -37.06 -43.36
C VAL KA 302 -44.29 -36.32 -43.70
N ASP KA 303 -44.50 -35.14 -43.13
CA ASP KA 303 -45.57 -34.23 -43.52
C ASP KA 303 -44.94 -32.92 -43.92
N ARG KA 304 -45.75 -31.86 -44.01
CA ARG KA 304 -45.35 -30.56 -44.55
C ARG KA 304 -44.86 -30.73 -45.99
N GLY KA 305 -45.84 -31.03 -46.84
CA GLY KA 305 -45.66 -31.39 -48.23
C GLY KA 305 -44.76 -30.51 -49.08
N ILE KA 306 -44.32 -31.05 -50.22
CA ILE KA 306 -43.15 -30.53 -50.92
C ILE KA 306 -43.48 -29.21 -51.59
N THR KA 307 -43.12 -28.12 -50.92
CA THR KA 307 -43.15 -26.79 -51.49
C THR KA 307 -41.73 -26.42 -51.92
N LYS KA 308 -41.54 -25.17 -52.32
CA LYS KA 308 -40.23 -24.73 -52.80
C LYS KA 308 -39.22 -24.68 -51.66
N THR KA 309 -39.63 -24.26 -50.48
CA THR KA 309 -38.70 -24.17 -49.37
C THR KA 309 -38.51 -25.49 -48.64
N TYR KA 310 -39.35 -26.50 -48.89
CA TYR KA 310 -39.31 -27.73 -48.10
C TYR KA 310 -38.06 -28.56 -48.36
N VAL KA 311 -37.68 -28.70 -49.63
CA VAL KA 311 -36.42 -29.38 -49.97
C VAL KA 311 -35.26 -28.59 -49.39
N LYS KA 312 -35.37 -27.28 -49.37
CA LYS KA 312 -34.36 -26.41 -48.78
C LYS KA 312 -34.48 -26.33 -47.26
N ASP KA 313 -35.63 -26.71 -46.68
CA ASP KA 313 -35.80 -26.59 -45.23
C ASP KA 313 -34.99 -27.62 -44.48
N VAL KA 314 -34.97 -28.85 -44.98
CA VAL KA 314 -34.30 -29.93 -44.25
C VAL KA 314 -32.87 -30.17 -44.75
N THR KA 315 -32.50 -29.62 -45.91
CA THR KA 315 -31.13 -29.82 -46.37
C THR KA 315 -30.12 -28.98 -45.61
N GLU KA 316 -30.54 -27.96 -44.86
CA GLU KA 316 -29.74 -27.43 -43.78
C GLU KA 316 -30.40 -27.65 -42.42
N GLY KA 317 -31.48 -28.43 -42.39
CA GLY KA 317 -31.99 -28.94 -41.14
C GLY KA 317 -31.13 -30.10 -40.70
N LEU KA 318 -30.66 -30.87 -41.67
CA LEU KA 318 -29.72 -31.95 -41.37
C LEU KA 318 -28.30 -31.43 -41.22
N ARG KA 319 -27.94 -30.41 -42.00
CA ARG KA 319 -26.60 -29.84 -41.93
C ARG KA 319 -26.37 -29.15 -40.60
N ALA KA 320 -27.42 -28.55 -40.04
CA ALA KA 320 -27.30 -27.93 -38.72
C ALA KA 320 -27.35 -28.96 -37.59
N PHE KA 321 -27.92 -30.14 -37.84
CA PHE KA 321 -27.93 -31.17 -36.82
C PHE KA 321 -26.67 -32.02 -36.87
N MET KA 322 -26.14 -32.27 -38.06
CA MET KA 322 -24.94 -33.09 -38.18
C MET KA 322 -23.68 -32.32 -37.83
N ARG KA 323 -23.71 -30.98 -37.93
CA ARG KA 323 -22.60 -30.21 -37.36
C ARG KA 323 -22.63 -30.22 -35.84
N ASP KA 324 -23.79 -30.48 -35.22
CA ASP KA 324 -23.81 -30.73 -33.80
C ASP KA 324 -23.22 -32.10 -33.47
N LEU KA 325 -23.37 -33.07 -34.39
CA LEU KA 325 -22.67 -34.34 -34.23
C LEU KA 325 -21.19 -34.20 -34.48
N LYS KA 326 -20.80 -33.30 -35.39
CA LYS KA 326 -19.39 -33.12 -35.71
C LYS KA 326 -18.65 -32.41 -34.58
N ASN KA 327 -19.31 -31.47 -33.90
CA ASN KA 327 -18.64 -30.71 -32.86
C ASN KA 327 -18.48 -31.50 -31.57
N GLN KA 328 -19.38 -32.43 -31.29
CA GLN KA 328 -19.26 -33.29 -30.12
C GLN KA 328 -18.43 -34.53 -30.41
N GLY KA 329 -17.84 -34.62 -31.59
CA GLY KA 329 -16.93 -35.70 -31.91
C GLY KA 329 -17.56 -36.94 -32.49
N ALA KA 330 -18.89 -36.96 -32.68
CA ALA KA 330 -19.56 -38.18 -33.12
C ALA KA 330 -19.18 -38.55 -34.56
N VAL KA 331 -18.92 -37.54 -35.39
CA VAL KA 331 -18.35 -37.76 -36.70
C VAL KA 331 -17.18 -36.79 -36.86
N ILE KA 332 -16.45 -36.97 -37.95
CA ILE KA 332 -15.55 -35.95 -38.47
C ILE KA 332 -16.21 -35.52 -39.78
N ASN KA 333 -15.56 -34.59 -40.51
CA ASN KA 333 -16.21 -33.67 -41.46
C ASN KA 333 -17.09 -34.39 -42.48
N PHE KA 334 -18.19 -33.74 -42.83
CA PHE KA 334 -19.29 -34.35 -43.57
C PHE KA 334 -19.71 -33.46 -44.72
N GLU KA 335 -20.73 -33.89 -45.44
CA GLU KA 335 -21.44 -33.02 -46.39
C GLU KA 335 -22.86 -33.51 -46.57
N VAL KA 336 -23.80 -32.58 -46.59
CA VAL KA 336 -25.22 -32.86 -46.74
C VAL KA 336 -25.74 -31.99 -47.89
N TYR KA 337 -26.32 -32.64 -48.89
CA TYR KA 337 -26.78 -31.90 -50.07
C TYR KA 337 -27.92 -32.67 -50.70
N ALA KA 338 -28.86 -31.93 -51.30
CA ALA KA 338 -29.96 -32.55 -52.01
C ALA KA 338 -29.46 -33.18 -53.31
N ASP KA 339 -30.13 -34.24 -53.73
CA ASP KA 339 -29.72 -35.04 -54.86
C ASP KA 339 -30.10 -34.32 -56.15
N PRO KA 340 -29.14 -33.93 -57.00
CA PRO KA 340 -29.49 -33.15 -58.18
C PRO KA 340 -30.17 -33.93 -59.29
N ASP KA 341 -29.74 -35.16 -59.56
CA ASP KA 341 -30.17 -35.84 -60.77
C ASP KA 341 -31.39 -36.72 -60.53
N LEU KA 342 -31.46 -37.39 -59.38
CA LEU KA 342 -32.54 -38.33 -59.16
C LEU KA 342 -33.81 -37.63 -58.69
N ASN KA 343 -33.69 -36.39 -58.20
CA ASN KA 343 -34.88 -35.62 -57.88
C ASN KA 343 -35.51 -35.08 -59.15
N SER KA 344 -36.77 -35.44 -59.38
CA SER KA 344 -37.48 -35.03 -60.57
C SER KA 344 -38.95 -34.87 -60.23
N ALA KA 345 -39.66 -34.14 -61.11
CA ALA KA 345 -41.05 -33.85 -60.84
C ALA KA 345 -41.96 -35.04 -61.12
N SER KA 346 -41.43 -36.07 -61.79
CA SER KA 346 -42.22 -37.26 -62.06
C SER KA 346 -42.46 -38.07 -60.79
N GLN KA 347 -41.48 -38.09 -59.89
CA GLN KA 347 -41.60 -38.80 -58.63
C GLN KA 347 -41.69 -37.87 -57.43
N LEU KA 348 -41.65 -36.57 -57.64
CA LEU KA 348 -41.96 -35.65 -56.55
C LEU KA 348 -43.45 -35.61 -56.27
N ALA KA 349 -44.28 -35.81 -57.30
CA ALA KA 349 -45.70 -35.99 -57.09
C ALA KA 349 -46.03 -37.33 -56.45
N GLN KA 350 -45.13 -38.31 -56.60
CA GLN KA 350 -45.28 -39.60 -55.94
C GLN KA 350 -44.95 -39.52 -54.45
N GLY KA 351 -44.18 -38.52 -54.03
CA GLY KA 351 -43.79 -38.33 -52.65
C GLY KA 351 -42.31 -38.56 -52.42
N LYS KA 352 -41.62 -39.17 -53.38
CA LYS KA 352 -40.20 -39.46 -53.20
C LYS KA 352 -39.36 -38.24 -53.53
N VAL KA 353 -38.42 -37.93 -52.62
CA VAL KA 353 -37.47 -36.84 -52.80
C VAL KA 353 -36.20 -37.19 -52.03
N TYR KA 354 -35.05 -37.08 -52.68
CA TYR KA 354 -33.83 -37.71 -52.19
C TYR KA 354 -32.88 -36.67 -51.60
N TRP KA 355 -32.13 -37.08 -50.58
CA TRP KA 355 -31.02 -36.30 -50.07
C TRP KA 355 -29.80 -37.21 -49.94
N ASN KA 356 -28.63 -36.67 -50.23
CA ASN KA 356 -27.38 -37.41 -50.18
C ASN KA 356 -26.63 -37.01 -48.92
N ILE KA 357 -26.33 -38.00 -48.08
CA ILE KA 357 -25.56 -37.79 -46.86
C ILE KA 357 -24.22 -38.47 -47.05
N ARG KA 358 -23.13 -37.75 -46.79
CA ARG KA 358 -21.80 -38.33 -46.83
C ARG KA 358 -21.03 -37.88 -45.60
N PHE KA 359 -20.78 -38.80 -44.69
CA PHE KA 359 -19.98 -38.47 -43.53
C PHE KA 359 -18.95 -39.58 -43.33
N THR KA 360 -17.79 -39.20 -42.82
CA THR KA 360 -16.83 -40.15 -42.29
C THR KA 360 -16.83 -40.04 -40.77
N ASP KA 361 -16.60 -41.17 -40.12
CA ASP KA 361 -16.68 -41.24 -38.67
C ASP KA 361 -15.29 -41.41 -38.06
N VAL KA 362 -15.24 -41.30 -36.74
CA VAL KA 362 -13.95 -41.37 -36.04
C VAL KA 362 -13.48 -42.82 -35.98
N PRO KA 363 -12.21 -43.09 -36.26
CA PRO KA 363 -11.69 -44.44 -36.12
C PRO KA 363 -11.28 -44.72 -34.68
N PRO KA 364 -11.54 -45.93 -34.19
CA PRO KA 364 -11.05 -46.29 -32.85
C PRO KA 364 -9.60 -46.76 -32.89
N ALA KA 365 -8.80 -46.22 -31.97
CA ALA KA 365 -7.35 -46.43 -31.97
C ALA KA 365 -7.02 -47.77 -31.30
N GLU KA 366 -7.32 -48.84 -32.03
CA GLU KA 366 -7.12 -50.17 -31.45
C GLU KA 366 -5.65 -50.56 -31.44
N ASN KA 367 -4.84 -49.92 -32.27
CA ASN KA 367 -3.41 -50.24 -32.39
C ASN KA 367 -2.60 -48.96 -32.56
N PRO KA 368 -2.30 -48.25 -31.47
CA PRO KA 368 -1.40 -47.10 -31.60
C PRO KA 368 0.06 -47.53 -31.69
N ASN KA 369 0.72 -47.12 -32.77
CA ASN KA 369 2.14 -47.32 -32.95
C ASN KA 369 2.89 -46.11 -32.43
N PHE KA 370 4.14 -46.32 -32.01
CA PHE KA 370 4.98 -45.26 -31.45
C PHE KA 370 6.36 -45.35 -32.07
N ARG KA 371 6.57 -44.62 -33.17
CA ARG KA 371 7.91 -44.52 -33.72
C ARG KA 371 8.71 -43.51 -32.91
N VAL KA 372 9.46 -43.99 -31.93
CA VAL KA 372 10.26 -43.10 -31.10
C VAL KA 372 11.51 -42.68 -31.87
N GLU KA 373 11.82 -41.38 -31.83
CA GLU KA 373 13.05 -40.87 -32.42
C GLU KA 373 13.59 -39.76 -31.54
N VAL KA 374 14.91 -39.68 -31.46
CA VAL KA 374 15.58 -38.68 -30.62
C VAL KA 374 16.55 -37.88 -31.46
N THR KA 375 16.89 -36.70 -30.97
CA THR KA 375 17.75 -35.75 -31.65
C THR KA 375 18.24 -34.74 -30.61
N ASP KA 376 19.00 -33.75 -31.06
CA ASP KA 376 19.34 -32.58 -30.26
C ASP KA 376 18.73 -31.31 -30.84
N GLN KA 377 19.02 -31.01 -32.11
CA GLN KA 377 18.34 -29.94 -32.83
C GLN KA 377 17.60 -30.45 -34.05
N TRP KA 378 18.28 -31.18 -34.94
CA TRP KA 378 17.63 -31.71 -36.14
C TRP KA 378 17.97 -33.17 -36.44
N LEU KA 379 19.10 -33.70 -35.98
CA LEU KA 379 19.54 -35.04 -36.37
C LEU KA 379 20.06 -35.77 -35.13
N THR KA 380 20.30 -37.06 -35.29
CA THR KA 380 20.95 -37.85 -34.24
C THR KA 380 22.42 -37.49 -34.19
N GLU KA 381 22.82 -36.76 -33.14
CA GLU KA 381 24.20 -36.29 -33.06
C GLU KA 381 25.16 -37.41 -32.69
N VAL KA 382 24.70 -38.41 -31.93
CA VAL KA 382 25.55 -39.52 -31.55
C VAL KA 382 25.84 -40.40 -32.76
N LEU KA 383 24.81 -40.75 -33.51
CA LEU KA 383 24.97 -41.54 -34.72
C LEU KA 383 24.09 -41.00 -35.85
N ALA LA 2 73.85 46.14 29.91
CA ALA LA 2 74.35 45.32 28.80
C ALA LA 2 73.25 44.47 28.20
N TYR LA 3 72.01 44.94 28.31
CA TYR LA 3 70.86 44.23 27.77
C TYR LA 3 70.83 44.27 26.24
N LEU LA 4 71.52 45.23 25.61
CA LEU LA 4 71.61 45.27 24.17
C LEU LA 4 72.44 44.10 23.63
N GLU LA 5 73.32 43.55 24.46
CA GLU LA 5 74.09 42.36 24.11
C GLU LA 5 73.45 41.09 24.64
N GLN LA 6 72.62 41.19 25.68
CA GLN LA 6 72.27 40.05 26.51
C GLN LA 6 71.07 39.27 25.98
N LEU LA 7 69.91 39.95 25.80
CA LEU LA 7 68.68 39.25 25.44
C LEU LA 7 68.70 38.76 24.00
N GLN LA 8 69.30 39.54 23.10
CA GLN LA 8 69.40 39.11 21.70
C GLN LA 8 70.31 37.89 21.57
N ALA LA 9 71.34 37.80 22.41
CA ALA LA 9 72.10 36.57 22.50
C ALA LA 9 71.34 35.51 23.28
N GLY LA 10 70.41 35.93 24.15
CA GLY LA 10 69.67 34.97 24.96
C GLY LA 10 68.66 34.17 24.17
N LEU LA 11 68.05 34.80 23.17
CA LEU LA 11 67.13 34.10 22.29
C LEU LA 11 67.88 33.14 21.36
N ARG LA 12 69.17 33.40 21.13
CA ARG LA 12 69.97 32.56 20.25
C ARG LA 12 70.25 31.19 20.87
N TYR LA 13 70.34 31.12 22.20
CA TYR LA 13 70.49 29.82 22.86
C TYR LA 13 69.21 29.00 22.77
N LEU LA 14 68.06 29.63 23.00
CA LEU LA 14 66.79 28.91 22.96
C LEU LA 14 66.38 28.52 21.55
N GLY LA 15 66.97 29.14 20.53
CA GLY LA 15 66.80 28.63 19.19
C GLY LA 15 67.49 27.30 18.98
N ARG LA 16 68.57 27.04 19.73
CA ARG LA 16 69.21 25.74 19.70
C ARG LA 16 68.54 24.77 20.66
N ALA LA 17 67.83 25.28 21.66
CA ALA LA 17 67.24 24.41 22.68
C ALA LA 17 66.04 23.66 22.15
N GLY LA 18 65.07 24.37 21.59
CA GLY LA 18 63.86 23.76 21.12
C GLY LA 18 63.93 23.11 19.76
N GLU LA 19 65.11 23.01 19.16
CA GLU LA 19 65.18 22.47 17.82
C GLU LA 19 66.20 21.33 17.72
N SER LA 20 67.26 21.40 18.52
CA SER LA 20 68.18 20.26 18.64
C SER LA 20 67.73 19.33 19.76
N GLY LA 21 66.44 18.99 19.74
CA GLY LA 21 65.83 18.12 20.72
C GLY LA 21 64.78 17.27 20.08
N ARG LA 22 64.88 17.10 18.75
CA ARG LA 22 63.87 16.37 17.97
C ARG LA 22 63.81 14.90 18.37
N LYS LA 23 64.90 14.17 18.16
CA LYS LA 23 64.96 12.75 18.50
C LYS LA 23 66.00 12.46 19.56
N SER LA 24 66.34 13.43 20.39
CA SER LA 24 67.34 13.25 21.44
C SER LA 24 66.97 14.12 22.63
N LEU LA 25 67.71 13.92 23.73
CA LEU LA 25 67.48 14.66 24.98
C LEU LA 25 68.69 15.44 25.45
N ASP LA 26 69.90 14.93 25.22
CA ASP LA 26 71.09 15.49 25.85
C ASP LA 26 71.50 16.83 25.26
N LYS LA 27 71.10 17.12 24.03
CA LYS LA 27 71.45 18.38 23.39
C LYS LA 27 70.54 19.53 23.80
N VAL LA 28 69.57 19.28 24.68
CA VAL LA 28 68.67 20.33 25.11
C VAL LA 28 69.25 21.08 26.33
N VAL LA 29 70.01 20.37 27.17
CA VAL LA 29 70.32 20.86 28.51
C VAL LA 29 71.36 21.98 28.47
N ALA LA 30 72.34 21.86 27.58
CA ALA LA 30 73.40 22.87 27.53
C ALA LA 30 72.97 24.24 27.00
N PRO LA 31 72.07 24.40 25.99
CA PRO LA 31 71.59 25.76 25.70
C PRO LA 31 70.57 26.28 26.72
N VAL LA 32 69.86 25.36 27.40
CA VAL LA 32 68.94 25.79 28.45
C VAL LA 32 69.72 26.27 29.68
N ASN LA 33 70.80 25.57 30.02
CA ASN LA 33 71.71 26.09 31.03
C ASN LA 33 72.43 27.35 30.55
N GLY LA 34 72.64 27.47 29.24
CA GLY LA 34 73.22 28.65 28.66
C GLY LA 34 72.28 29.81 28.49
N ALA LA 35 71.03 29.68 28.94
CA ALA LA 35 70.04 30.75 28.87
C ALA LA 35 69.55 31.22 30.22
N ILE LA 36 69.31 30.30 31.16
CA ILE LA 36 68.71 30.65 32.44
C ILE LA 36 69.65 31.48 33.29
N SER LA 37 70.93 31.12 33.31
CA SER LA 37 71.97 31.94 33.94
C SER LA 37 72.45 33.07 33.04
N GLU LA 38 71.75 33.35 31.95
CA GLU LA 38 72.18 34.33 30.96
C GLU LA 38 71.03 35.28 30.61
N ILE LA 39 69.79 34.83 30.77
CA ILE LA 39 68.67 35.79 30.77
C ILE LA 39 68.62 36.51 32.11
N ARG LA 40 69.13 35.87 33.17
CA ARG LA 40 69.29 36.53 34.47
C ARG LA 40 70.27 37.70 34.38
N GLY LA 41 71.23 37.64 33.45
CA GLY LA 41 72.13 38.76 33.22
C GLY LA 41 71.46 40.00 32.66
N ALA LA 42 70.23 39.86 32.14
CA ALA LA 42 69.42 41.01 31.76
C ALA LA 42 68.26 41.27 32.70
N ALA LA 43 67.76 40.25 33.40
CA ALA LA 43 66.70 40.47 34.38
C ALA LA 43 67.23 41.18 35.61
N ALA LA 44 68.52 41.04 35.90
CA ALA LA 44 69.16 41.85 36.92
C ALA LA 44 69.67 43.18 36.38
N GLU LA 45 69.92 43.26 35.07
CA GLU LA 45 70.36 44.50 34.47
C GLU LA 45 69.21 45.49 34.32
N LEU LA 46 68.02 45.00 34.00
CA LEU LA 46 66.85 45.83 33.78
C LEU LA 46 66.09 46.13 35.07
N GLU LA 47 66.72 45.95 36.24
CA GLU LA 47 66.05 46.29 37.49
C GLU LA 47 65.93 47.78 37.68
N ASN LA 48 66.82 48.57 37.08
CA ASN LA 48 66.89 50.02 37.30
C ASN LA 48 67.19 50.75 35.99
N LEU LA 49 66.11 51.09 35.27
CA LEU LA 49 66.19 51.94 34.09
C LEU LA 49 65.07 52.96 34.16
N PRO LA 50 65.34 54.22 33.79
CA PRO LA 50 64.31 55.25 33.88
C PRO LA 50 63.44 55.36 32.63
N GLY LA 51 63.41 54.35 31.77
CA GLY LA 51 62.70 54.49 30.51
C GLY LA 51 63.53 55.25 29.50
N VAL LA 52 64.60 54.61 29.03
CA VAL LA 52 65.73 55.32 28.43
C VAL LA 52 65.38 55.94 27.09
N SER LA 53 64.49 55.35 26.32
CA SER LA 53 64.23 55.83 24.97
C SER LA 53 62.84 55.37 24.54
N PRO LA 54 62.22 56.05 23.56
CA PRO LA 54 61.02 55.49 22.91
C PRO LA 54 61.39 54.34 21.98
N GLU LA 55 62.61 54.38 21.46
CA GLU LA 55 63.25 53.20 20.90
C GLU LA 55 63.94 52.46 22.03
N MET LA 56 64.80 51.47 21.70
CA MET LA 56 65.68 50.75 22.63
C MET LA 56 64.94 49.89 23.66
N ALA LA 57 63.62 49.98 23.68
CA ALA LA 57 62.74 49.21 24.54
C ALA LA 57 61.56 48.62 23.79
N ALA LA 58 61.21 49.16 22.61
CA ALA LA 58 60.49 48.38 21.63
C ALA LA 58 61.35 47.21 21.14
N ARG LA 59 62.67 47.40 21.10
CA ARG LA 59 63.60 46.30 20.88
C ARG LA 59 63.47 45.24 21.96
N LEU LA 60 63.25 45.68 23.20
CA LEU LA 60 62.98 44.73 24.28
C LEU LA 60 61.64 44.04 24.08
N GLN LA 61 60.66 44.77 23.53
CA GLN LA 61 59.38 44.14 23.20
C GLN LA 61 59.50 43.22 21.99
N ARG LA 62 60.38 43.56 21.03
CA ARG LA 62 60.66 42.64 19.93
C ARG LA 62 61.38 41.40 20.43
N ALA LA 63 62.18 41.53 21.48
CA ALA LA 63 62.93 40.38 21.98
C ALA LA 63 62.08 39.52 22.89
N MET LA 64 61.34 40.12 23.82
CA MET LA 64 60.56 39.34 24.78
C MET LA 64 59.34 38.70 24.17
N ARG LA 65 58.84 39.21 23.04
CA ARG LA 65 57.89 38.42 22.27
C ARG LA 65 58.57 37.21 21.67
N GLY LA 66 59.81 37.36 21.21
CA GLY LA 66 60.52 36.22 20.63
C GLY LA 66 60.93 35.18 21.64
N ILE LA 67 61.34 35.62 22.84
CA ILE LA 67 61.66 34.68 23.91
C ILE LA 67 60.40 34.03 24.43
N GLY LA 68 59.27 34.76 24.39
CA GLY LA 68 57.98 34.16 24.65
C GLY LA 68 57.59 33.11 23.63
N GLN LA 69 58.05 33.27 22.38
CA GLN LA 69 57.85 32.19 21.41
C GLN LA 69 58.82 31.05 21.66
N ALA LA 70 59.95 31.33 22.30
CA ALA LA 70 60.97 30.31 22.51
C ALA LA 70 60.59 29.36 23.64
N GLN LA 71 59.78 29.82 24.60
CA GLN LA 71 59.24 28.90 25.60
C GLN LA 71 58.27 27.92 24.97
N GLY LA 72 57.46 28.38 24.02
CA GLY LA 72 56.49 27.50 23.38
C GLY LA 72 57.13 26.47 22.48
N LYS LA 73 58.30 26.77 21.92
CA LYS LA 73 58.96 25.79 21.08
C LYS LA 73 59.65 24.72 21.91
N VAL LA 74 60.28 25.12 23.03
CA VAL LA 74 60.96 24.15 23.88
C VAL LA 74 59.94 23.24 24.58
N ASN LA 75 58.93 23.84 25.22
CA ASN LA 75 58.00 23.08 26.04
C ASN LA 75 57.05 22.20 25.24
N ARG LA 76 56.99 22.35 23.92
CA ARG LA 76 56.24 21.41 23.09
C ARG LA 76 57.12 20.30 22.54
N VAL LA 77 58.38 20.60 22.22
CA VAL LA 77 59.32 19.58 21.78
C VAL LA 77 59.70 18.66 22.94
N VAL LA 78 59.84 19.23 24.14
CA VAL LA 78 60.12 18.43 25.32
C VAL LA 78 58.92 17.53 25.67
N SER LA 79 57.70 18.06 25.51
CA SER LA 79 56.50 17.32 25.89
C SER LA 79 56.19 16.13 25.00
N THR LA 80 56.90 15.97 23.87
CA THR LA 80 56.74 14.79 23.05
C THR LA 80 57.45 13.55 23.61
N TYR LA 81 58.25 13.71 24.66
CA TYR LA 81 59.02 12.61 25.19
C TYR LA 81 58.32 11.91 26.34
N ASP LA 82 58.85 10.74 26.70
CA ASP LA 82 58.42 10.03 27.89
C ASP LA 82 58.83 10.82 29.13
N ARG LA 83 58.05 10.67 30.20
CA ARG LA 83 58.39 11.32 31.46
C ARG LA 83 59.59 10.63 32.11
N ALA LA 84 59.69 9.31 31.97
CA ALA LA 84 60.80 8.57 32.57
C ALA LA 84 62.11 8.88 31.86
N SER LA 85 62.07 9.09 30.54
CA SER LA 85 63.27 9.54 29.84
C SER LA 85 63.59 10.99 30.15
N ARG LA 86 62.58 11.77 30.54
CA ARG LA 86 62.79 13.15 30.95
C ARG LA 86 63.23 13.25 32.40
N ALA LA 87 62.83 12.30 33.24
CA ALA LA 87 63.22 12.33 34.65
C ALA LA 87 64.68 11.93 34.83
N LEU LA 88 65.17 11.00 34.00
CA LEU LA 88 66.57 10.61 34.07
C LEU LA 88 67.47 11.74 33.58
N LEU LA 89 66.98 12.58 32.67
CA LEU LA 89 67.73 13.74 32.24
C LEU LA 89 67.65 14.85 33.28
N GLY LA 90 66.48 15.06 33.85
CA GLY LA 90 66.30 16.06 34.89
C GLY LA 90 66.18 17.47 34.37
N ILE LA 91 65.21 17.71 33.49
CA ILE LA 91 64.94 19.08 33.04
C ILE LA 91 63.48 19.42 33.28
N ASP LA 92 62.78 18.58 34.06
CA ASP LA 92 61.49 18.99 34.59
C ASP LA 92 61.69 20.09 35.64
N GLU LA 93 62.72 19.95 36.47
CA GLU LA 93 63.08 20.95 37.45
C GLU LA 93 64.02 22.01 36.89
N ARG LA 94 64.18 22.07 35.57
CA ARG LA 94 65.02 23.08 34.93
C ARG LA 94 64.23 24.00 34.01
N LEU LA 95 63.23 23.47 33.29
CA LEU LA 95 62.41 24.33 32.43
C LEU LA 95 61.49 25.25 33.21
N ASP LA 96 61.22 24.95 34.48
CA ASP LA 96 60.47 25.87 35.31
C ASP LA 96 61.26 27.12 35.67
N ALA LA 97 62.60 27.05 35.62
CA ALA LA 97 63.41 28.23 35.84
C ALA LA 97 63.31 29.21 34.67
N LEU LA 98 62.96 28.70 33.48
CA LEU LA 98 62.58 29.60 32.39
C LEU LA 98 61.27 30.31 32.69
N LYS LA 99 60.37 29.67 33.43
CA LYS LA 99 59.16 30.36 33.86
C LYS LA 99 59.44 31.34 35.00
N VAL LA 100 60.61 31.26 35.61
CA VAL LA 100 61.01 32.21 36.64
C VAL LA 100 61.80 33.37 36.04
N GLN LA 101 62.82 33.06 35.22
CA GLN LA 101 63.74 34.10 34.78
C GLN LA 101 63.15 34.94 33.65
N VAL LA 102 62.46 34.33 32.71
CA VAL LA 102 61.89 35.08 31.60
C VAL LA 102 60.69 35.91 32.07
N ASN LA 103 59.91 35.39 33.02
CA ASN LA 103 58.84 36.17 33.61
C ASN LA 103 59.40 37.32 34.44
N SER LA 104 60.53 37.12 35.10
CA SER LA 104 61.18 38.23 35.77
C SER LA 104 61.80 39.20 34.77
N ALA LA 105 62.16 38.72 33.58
CA ALA LA 105 62.62 39.60 32.53
C ALA LA 105 61.47 40.32 31.84
N ALA LA 106 60.33 39.66 31.69
CA ALA LA 106 59.16 40.31 31.11
C ALA LA 106 58.54 41.33 32.05
N GLN LA 107 58.60 41.08 33.35
CA GLN LA 107 58.19 42.09 34.32
C GLN LA 107 59.16 43.25 34.35
N ALA LA 108 60.44 43.00 34.06
CA ALA LA 108 61.43 44.08 34.03
C ALA LA 108 61.24 44.97 32.81
N VAL LA 109 60.90 44.37 31.66
CA VAL LA 109 60.64 45.16 30.47
C VAL LA 109 59.35 45.97 30.62
N GLY LA 110 58.33 45.36 31.23
CA GLY LA 110 57.07 46.05 31.41
C GLY LA 110 57.12 47.20 32.39
N LYS LA 111 58.07 47.17 33.32
CA LYS LA 111 58.26 48.32 34.20
C LYS LA 111 58.95 49.47 33.47
N VAL LA 112 59.94 49.15 32.63
CA VAL LA 112 60.65 50.18 31.89
C VAL LA 112 59.78 50.73 30.78
N ALA LA 113 59.22 49.86 29.95
CA ALA LA 113 58.32 50.25 28.87
C ALA LA 113 57.05 49.44 28.99
N GLY LA 114 55.96 50.10 29.36
CA GLY LA 114 54.68 49.44 29.47
C GLY LA 114 54.09 49.08 28.12
N ASP LA 115 53.08 48.23 28.16
CA ASP LA 115 52.44 47.79 26.93
C ASP LA 115 51.49 48.84 26.38
N ILE LA 116 51.18 48.71 25.10
CA ILE LA 116 50.16 49.57 24.50
C ILE LA 116 48.79 49.11 24.99
N SER LA 117 47.86 50.06 25.06
CA SER LA 117 46.51 49.72 25.48
C SER LA 117 45.82 48.89 24.39
N PRO LA 118 45.00 47.91 24.79
CA PRO LA 118 44.27 47.11 23.79
C PRO LA 118 43.15 47.92 23.16
N THR LA 119 43.48 48.66 22.09
CA THR LA 119 42.54 49.55 21.43
C THR LA 119 41.36 48.78 20.84
N LEU LA 120 40.23 49.48 20.72
CA LEU LA 120 38.97 48.87 20.34
C LEU LA 120 38.50 49.45 19.01
N ALA LA 121 38.38 48.58 18.01
CA ALA LA 121 37.83 48.96 16.72
C ALA LA 121 36.51 48.26 16.41
N GLY LA 122 36.13 47.25 17.17
CA GLY LA 122 34.89 46.54 16.94
C GLY LA 122 33.76 46.98 17.86
N VAL LA 123 33.68 48.28 18.11
CA VAL LA 123 32.63 48.84 18.95
C VAL LA 123 31.45 49.19 18.05
N LEU LA 124 30.36 48.50 18.21
CA LEU LA 124 29.16 48.67 17.42
C LEU LA 124 28.13 49.49 18.20
N PRO LA 125 27.14 50.06 17.52
CA PRO LA 125 25.98 50.62 18.24
C PRO LA 125 25.05 49.52 18.71
N SER LA 126 23.91 49.94 19.27
CA SER LA 126 22.94 49.02 19.87
C SER LA 126 21.85 48.63 18.88
N TRP LA 127 22.18 48.51 17.61
CA TRP LA 127 21.23 48.26 16.53
C TRP LA 127 21.42 46.93 15.84
N LEU LA 128 22.68 46.56 15.57
CA LEU LA 128 22.99 45.41 14.73
C LEU LA 128 22.56 44.09 15.37
N LEU LA 129 22.44 44.07 16.69
CA LEU LA 129 21.67 43.04 17.39
C LEU LA 129 20.55 43.78 18.09
N ALA LA 130 19.48 44.04 17.34
CA ALA LA 130 18.21 44.61 17.79
C ALA LA 130 17.16 44.40 16.70
N PRO LA 131 16.02 43.79 17.00
CA PRO LA 131 15.03 43.53 15.96
C PRO LA 131 14.18 44.75 15.66
N SER LA 132 13.83 44.92 14.40
CA SER LA 132 12.90 45.97 14.01
C SER LA 132 11.51 45.58 14.46
N ALA LA 133 11.05 46.18 15.56
CA ALA LA 133 9.79 45.80 16.19
C ALA LA 133 8.57 46.37 15.47
N THR LA 134 8.76 47.16 14.43
CA THR LA 134 7.62 47.66 13.67
C THR LA 134 7.01 46.53 12.83
N PRO LA 135 5.68 46.51 12.68
CA PRO LA 135 5.07 45.45 11.89
C PRO LA 135 5.34 45.66 10.42
N PRO LA 136 5.38 44.60 9.61
CA PRO LA 136 5.72 44.74 8.20
C PRO LA 136 4.54 45.30 7.41
N SER LA 137 4.77 45.47 6.11
CA SER LA 137 3.74 45.97 5.22
C SER LA 137 2.63 44.96 4.97
N GLU LA 138 2.86 43.69 5.31
CA GLU LA 138 1.82 42.68 5.17
C GLU LA 138 0.70 42.89 6.18
N ALA LA 139 1.05 43.26 7.41
CA ALA LA 139 0.04 43.44 8.46
C ALA LA 139 -0.81 44.69 8.25
N ALA LA 140 -0.34 45.64 7.45
CA ALA LA 140 -1.09 46.85 7.14
C ALA LA 140 -1.78 46.78 5.80
N ALA LA 141 -1.79 45.62 5.15
CA ALA LA 141 -2.36 45.51 3.81
C ALA LA 141 -3.89 45.58 3.87
N SER LA 142 -4.49 45.74 2.70
CA SER LA 142 -5.95 45.77 2.59
C SER LA 142 -6.52 44.39 2.28
N LEU LA 143 -6.16 43.40 3.09
CA LEU LA 143 -6.67 42.05 2.96
C LEU LA 143 -6.78 41.48 4.36
N PRO LA 144 -7.93 40.93 4.73
CA PRO LA 144 -8.05 40.27 6.03
C PRO LA 144 -7.20 39.00 6.06
N HIS LA 145 -6.47 38.83 7.15
CA HIS LA 145 -5.51 37.73 7.24
C HIS LA 145 -6.22 36.42 7.48
N LEU LA 146 -5.81 35.41 6.72
CA LEU LA 146 -6.46 34.11 6.71
C LEU LA 146 -6.05 33.25 7.90
N LEU LA 147 -4.78 33.35 8.31
CA LEU LA 147 -4.17 32.60 9.38
C LEU LA 147 -2.85 33.28 9.68
N VAL LA 148 -2.39 33.19 10.93
CA VAL LA 148 -1.19 33.91 11.35
C VAL LA 148 -0.29 32.96 12.13
N LEU LA 149 0.96 32.81 11.67
CA LEU LA 149 2.00 32.11 12.39
C LEU LA 149 2.79 33.10 13.22
N GLN LA 150 3.07 32.76 14.47
CA GLN LA 150 3.83 33.65 15.34
C GLN LA 150 4.54 32.88 16.45
N PRO LA 151 5.85 33.09 16.63
CA PRO LA 151 6.66 32.20 17.49
C PRO LA 151 6.70 32.60 18.96
N LEU LA 152 7.51 31.88 19.74
CA LEU LA 152 7.56 32.08 21.19
C LEU LA 152 8.49 33.21 21.61
N THR LA 153 9.42 33.63 20.74
CA THR LA 153 10.35 34.68 21.13
C THR LA 153 9.64 36.03 21.26
N ALA LA 154 8.49 36.17 20.61
CA ALA LA 154 7.50 37.24 20.69
C ALA LA 154 7.97 38.55 20.07
N ASN LA 155 9.24 38.66 19.66
CA ASN LA 155 9.72 39.81 18.93
C ASN LA 155 10.04 39.51 17.48
N ALA LA 156 10.05 38.24 17.09
CA ALA LA 156 10.30 37.87 15.70
C ALA LA 156 9.11 38.24 14.83
N GLN LA 157 9.37 38.36 13.54
CA GLN LA 157 8.33 38.80 12.62
C GLN LA 157 7.36 37.66 12.35
N PRO LA 158 6.06 37.87 12.55
CA PRO LA 158 5.08 36.82 12.25
C PRO LA 158 4.87 36.66 10.76
N PHE LA 159 4.30 35.52 10.40
CA PHE LA 159 3.92 35.23 9.02
C PHE LA 159 2.42 35.40 8.90
N TYR LA 160 1.99 36.14 7.89
CA TYR LA 160 0.58 36.43 7.67
C TYR LA 160 0.11 35.70 6.42
N PHE LA 161 -0.89 34.84 6.57
CA PHE LA 161 -1.52 34.20 5.43
C PHE LA 161 -2.62 35.11 4.90
N ASN LA 162 -2.47 35.55 3.66
CA ASN LA 162 -3.51 36.26 2.92
C ASN LA 162 -3.23 36.04 1.43
N LEU LA 163 -3.96 36.76 0.58
CA LEU LA 163 -3.80 36.59 -0.86
C LEU LA 163 -2.47 37.14 -1.36
N ASN LA 164 -1.81 38.00 -0.58
CA ASN LA 164 -0.50 38.48 -0.98
C ASN LA 164 0.60 37.46 -0.68
N THR LA 165 0.46 36.66 0.37
CA THR LA 165 1.57 35.78 0.71
C THR LA 165 1.38 34.32 0.28
N ALA LA 166 0.46 33.59 0.90
CA ALA LA 166 0.33 32.17 0.56
C ALA LA 166 -1.08 31.75 0.14
N ALA LA 167 -2.08 32.10 0.97
CA ALA LA 167 -3.52 31.95 0.67
C ALA LA 167 -3.91 30.50 0.39
N PHE LA 168 -3.86 29.69 1.45
CA PHE LA 168 -4.35 28.32 1.35
C PHE LA 168 -5.86 28.27 1.13
N ASP LA 169 -6.32 27.32 0.32
CA ASP LA 169 -7.74 26.94 0.32
C ASP LA 169 -7.82 25.43 0.41
N ALA LA 170 -7.60 24.90 1.62
CA ALA LA 170 -7.96 23.60 2.15
C ALA LA 170 -7.47 23.60 3.58
N LEU LA 171 -8.12 22.85 4.46
CA LEU LA 171 -7.63 22.79 5.84
C LEU LA 171 -8.01 21.44 6.44
N GLN LA 172 -7.10 20.49 6.32
CA GLN LA 172 -7.22 19.23 7.03
C GLN LA 172 -6.91 19.45 8.51
N ARG LA 173 -7.73 18.89 9.38
CA ARG LA 173 -7.44 18.94 10.81
C ARG LA 173 -7.73 17.56 11.40
N ASN LA 174 -6.73 16.69 11.38
CA ASN LA 174 -6.82 15.41 12.06
C ASN LA 174 -6.68 15.62 13.56
N SER LA 175 -7.42 14.83 14.33
CA SER LA 175 -7.32 14.89 15.79
C SER LA 175 -7.70 13.52 16.34
N ALA LA 176 -6.70 12.71 16.67
CA ALA LA 176 -6.95 11.43 17.27
C ALA LA 176 -7.21 11.58 18.77
N TYR LA 177 -7.62 10.48 19.40
CA TYR LA 177 -7.79 10.42 20.84
C TYR LA 177 -7.34 9.04 21.29
N ASN LA 178 -6.39 9.00 22.22
CA ASN LA 178 -5.63 7.79 22.49
C ASN LA 178 -6.44 6.88 23.41
N TRP LA 179 -7.21 5.99 22.81
CA TRP LA 179 -7.93 4.94 23.53
C TRP LA 179 -7.24 3.61 23.22
N SER LA 180 -6.69 2.98 24.24
CA SER LA 180 -5.90 1.76 24.08
C SER LA 180 -6.78 0.54 24.36
N GLY LA 181 -6.72 -0.45 23.49
CA GLY LA 181 -7.49 -1.66 23.65
C GLY LA 181 -6.71 -2.75 24.37
N GLN LA 182 -7.36 -3.38 25.33
CA GLN LA 182 -6.79 -4.51 26.07
C GLN LA 182 -7.73 -5.70 25.89
N VAL LA 183 -7.25 -6.72 25.19
CA VAL LA 183 -8.10 -7.85 24.84
C VAL LA 183 -8.33 -8.73 26.06
N ARG LA 184 -9.60 -8.88 26.44
CA ARG LA 184 -10.02 -9.81 27.46
C ARG LA 184 -10.55 -11.05 26.78
N LEU LA 185 -10.43 -12.20 27.46
CA LEU LA 185 -10.53 -13.48 26.77
C LEU LA 185 -11.96 -13.83 26.40
N GLY LA 186 -12.89 -13.68 27.33
CA GLY LA 186 -14.24 -14.09 27.07
C GLY LA 186 -15.22 -12.98 26.75
N ARG LA 187 -14.76 -11.78 26.48
CA ARG LA 187 -15.66 -10.63 26.37
C ARG LA 187 -15.04 -9.59 25.44
N ARG LA 188 -15.65 -8.41 25.43
CA ARG LA 188 -15.21 -7.33 24.57
C ARG LA 188 -13.91 -6.74 25.11
N PRO LA 189 -13.02 -6.23 24.25
CA PRO LA 189 -11.77 -5.65 24.74
C PRO LA 189 -12.00 -4.33 25.45
N ALA LA 190 -11.40 -4.20 26.63
CA ALA LA 190 -11.54 -2.99 27.42
C ALA LA 190 -10.75 -1.85 26.81
N LEU LA 191 -11.35 -0.66 26.79
CA LEU LA 191 -10.75 0.53 26.23
C LEU LA 191 -10.45 1.51 27.35
N GLN LA 192 -9.23 2.03 27.37
CA GLN LA 192 -8.79 2.95 28.40
C GLN LA 192 -8.25 4.22 27.75
N SER LA 193 -8.61 5.37 28.31
CA SER LA 193 -8.14 6.66 27.81
C SER LA 193 -6.74 6.89 28.36
N VAL LA 194 -5.73 6.63 27.54
CA VAL LA 194 -4.35 6.71 27.98
C VAL LA 194 -3.66 7.95 27.43
N GLY LA 195 -4.41 8.98 27.08
CA GLY LA 195 -3.81 10.21 26.60
C GLY LA 195 -4.70 10.97 25.65
N MET LA 196 -4.07 11.73 24.75
CA MET LA 196 -4.80 12.62 23.84
C MET LA 196 -4.43 12.33 22.40
N GLY LA 197 -3.19 11.92 22.15
CA GLY LA 197 -2.77 11.59 20.81
C GLY LA 197 -2.47 12.83 19.97
N GLU LA 198 -1.97 12.57 18.77
CA GLU LA 198 -1.49 13.63 17.90
C GLU LA 198 -2.66 14.34 17.21
N GLU LA 199 -2.75 15.65 17.39
CA GLU LA 199 -3.64 16.50 16.63
C GLU LA 199 -2.82 17.28 15.61
N SER LA 200 -3.22 17.20 14.34
CA SER LA 200 -2.44 17.78 13.27
C SER LA 200 -3.31 18.67 12.41
N ILE LA 201 -2.68 19.68 11.81
CA ILE LA 201 -3.31 20.61 10.87
C ILE LA 201 -2.46 20.65 9.61
N LEU LA 202 -3.10 20.44 8.46
CA LEU LA 202 -2.40 20.37 7.18
C LEU LA 202 -2.98 21.43 6.26
N LEU LA 203 -2.12 22.33 5.77
CA LEU LA 203 -2.53 23.47 4.96
C LEU LA 203 -2.07 23.23 3.52
N LYS LA 204 -3.02 22.99 2.61
CA LYS LA 204 -2.71 22.88 1.18
C LYS LA 204 -2.52 24.26 0.56
N GLY LA 205 -2.58 24.35 -0.76
CA GLY LA 205 -2.65 25.65 -1.38
C GLY LA 205 -1.63 25.80 -2.48
N ALA LA 206 -1.52 27.03 -2.99
CA ALA LA 206 -0.64 27.32 -4.10
C ALA LA 206 -0.24 28.79 -4.05
N VAL LA 207 1.04 29.06 -4.32
CA VAL LA 207 1.56 30.41 -4.43
C VAL LA 207 1.93 30.63 -5.89
N PHE LA 208 1.39 31.68 -6.49
CA PHE LA 208 1.71 32.03 -7.88
C PHE LA 208 2.58 33.27 -7.86
N PRO LA 209 3.89 33.14 -7.95
CA PRO LA 209 4.75 34.31 -7.71
C PRO LA 209 4.97 35.21 -8.92
N LEU LA 210 3.92 35.44 -9.70
CA LEU LA 210 3.89 36.51 -10.70
C LEU LA 210 2.61 37.32 -10.65
N ARG LA 211 1.60 36.86 -9.94
CA ARG LA 211 0.40 37.65 -9.73
C ARG LA 211 0.75 38.84 -8.86
N ARG LA 212 0.42 40.03 -9.34
CA ARG LA 212 0.78 41.25 -8.65
C ARG LA 212 -0.05 41.40 -7.38
N GLN LA 213 0.51 42.13 -6.40
CA GLN LA 213 -0.17 42.33 -5.15
C GLN LA 213 -1.41 43.20 -5.35
N VAL LA 214 -2.32 43.11 -4.38
CA VAL LA 214 -3.69 43.57 -4.57
C VAL LA 214 -3.74 45.08 -4.72
N GLY LA 215 -4.55 45.54 -5.68
CA GLY LA 215 -4.60 46.95 -6.00
C GLY LA 215 -3.47 47.46 -6.86
N ASN LA 216 -2.63 46.55 -7.40
CA ASN LA 216 -1.50 46.86 -8.28
C ASN LA 216 -0.51 47.80 -7.58
N GLN LA 217 0.11 47.27 -6.53
CA GLN LA 217 1.00 48.04 -5.67
C GLN LA 217 2.42 48.18 -6.22
N GLU LA 218 2.61 48.00 -7.54
CA GLU LA 218 3.92 48.00 -8.21
C GLU LA 218 4.86 46.96 -7.60
N LYS LA 219 4.30 45.83 -7.17
CA LYS LA 219 5.04 44.80 -6.44
C LYS LA 219 4.30 43.49 -6.60
N VAL LA 220 5.03 42.43 -6.92
CA VAL LA 220 4.44 41.14 -7.19
C VAL LA 220 4.57 40.26 -5.96
N VAL LA 221 3.83 39.15 -5.97
CA VAL LA 221 4.06 38.07 -5.01
C VAL LA 221 5.43 37.46 -5.31
N GLY LA 222 6.25 37.34 -4.29
CA GLY LA 222 7.65 37.02 -4.50
C GLY LA 222 7.95 35.54 -4.52
N LEU LA 223 9.16 35.23 -4.99
CA LEU LA 223 9.72 33.90 -4.85
C LEU LA 223 10.22 33.64 -3.44
N GLU LA 224 10.54 34.70 -2.70
CA GLU LA 224 11.00 34.65 -1.31
C GLU LA 224 9.91 34.21 -0.35
N GLN LA 225 8.65 34.26 -0.79
CA GLN LA 225 7.49 34.33 0.09
C GLN LA 225 6.99 32.95 0.50
N LEU LA 226 7.68 31.90 0.07
CA LEU LA 226 7.53 30.57 0.65
C LEU LA 226 8.77 30.15 1.40
N GLU LA 227 9.93 30.72 1.05
CA GLU LA 227 11.14 30.48 1.81
C GLU LA 227 11.08 31.17 3.16
N ALA LA 228 10.24 32.19 3.31
CA ALA LA 228 9.96 32.77 4.62
C ALA LA 228 9.26 31.78 5.55
N LEU LA 229 8.45 30.87 4.98
CA LEU LA 229 7.91 29.77 5.77
C LEU LA 229 9.00 28.80 6.19
N ARG LA 230 10.05 28.66 5.39
CA ARG LA 230 11.13 27.75 5.76
C ARG LA 230 11.98 28.33 6.87
N ARG LA 231 12.39 29.61 6.75
CA ARG LA 231 13.18 30.28 7.78
C ARG LA 231 12.46 30.32 9.13
N LEU LA 232 11.14 30.51 9.10
CA LEU LA 232 10.35 30.50 10.31
C LEU LA 232 10.16 29.10 10.88
N ALA LA 233 10.49 28.06 10.10
CA ALA LA 233 10.39 26.69 10.57
C ALA LA 233 11.70 26.11 11.08
N GLU LA 234 12.85 26.66 10.70
CA GLU LA 234 14.12 26.19 11.29
C GLU LA 234 14.46 26.88 12.60
N ARG LA 235 13.51 27.50 13.28
CA ARG LA 235 13.75 28.09 14.57
C ARG LA 235 13.65 27.08 15.71
N ARG LA 236 13.20 25.85 15.41
CA ARG LA 236 12.96 24.78 16.39
C ARG LA 236 12.03 25.25 17.50
N GLU LA 237 10.89 25.81 17.09
CA GLU LA 237 10.13 26.62 17.98
C GLU LA 237 8.64 26.48 17.67
N PRO LA 238 7.79 26.37 18.68
CA PRO LA 238 6.35 26.28 18.40
C PRO LA 238 5.80 27.61 17.91
N LEU LA 239 4.60 27.54 17.37
CA LEU LA 239 3.95 28.68 16.72
C LEU LA 239 2.51 28.76 17.19
N ILE LA 240 2.04 29.97 17.41
CA ILE LA 240 0.64 30.22 17.73
C ILE LA 240 -0.11 30.42 16.43
N LEU LA 241 -1.15 29.61 16.21
CA LEU LA 241 -2.07 29.85 15.11
C LEU LA 241 -3.11 30.85 15.56
N SER LA 242 -3.41 31.83 14.70
CA SER LA 242 -4.37 32.88 15.02
C SER LA 242 -5.29 33.05 13.82
N SER LA 243 -6.41 32.33 13.84
CA SER LA 243 -7.44 32.46 12.82
C SER LA 243 -8.34 33.65 13.18
N GLY LA 244 -9.49 33.76 12.53
CA GLY LA 244 -10.37 34.86 12.86
C GLY LA 244 -11.85 34.53 12.83
N TYR LA 245 -12.21 33.26 12.94
CA TYR LA 245 -13.60 32.87 12.72
C TYR LA 245 -14.26 32.25 13.94
N GLY LA 246 -13.67 31.21 14.54
CA GLY LA 246 -14.30 30.56 15.67
C GLY LA 246 -13.58 30.91 16.95
N GLU LA 247 -12.87 29.95 17.52
CA GLU LA 247 -11.85 30.31 18.49
C GLU LA 247 -10.71 31.01 17.78
N VAL LA 248 -10.20 32.06 18.39
CA VAL LA 248 -9.07 32.76 17.79
C VAL LA 248 -7.76 32.29 18.41
N GLN LA 249 -7.77 31.98 19.71
CA GLN LA 249 -6.59 31.51 20.41
C GLN LA 249 -6.44 30.01 20.20
N MET LA 250 -5.91 29.64 19.05
CA MET LA 250 -5.43 28.27 18.89
C MET LA 250 -4.13 28.09 19.67
N GLY LA 251 -3.78 26.83 19.92
CA GLY LA 251 -2.68 26.52 20.80
C GLY LA 251 -1.32 26.72 20.17
N LEU LA 252 -0.33 26.07 20.77
CA LEU LA 252 1.03 26.06 20.22
C LEU LA 252 1.13 24.95 19.20
N TRP LA 253 1.54 25.28 17.98
CA TRP LA 253 1.57 24.36 16.86
C TRP LA 253 2.95 24.39 16.23
N CYS LA 254 3.72 23.33 16.42
CA CYS LA 254 5.04 23.27 15.81
C CYS LA 254 4.90 22.85 14.36
N LEU LA 255 5.76 23.38 13.51
CA LEU LA 255 5.71 23.11 12.08
C LEU LA 255 6.63 21.93 11.79
N VAL LA 256 6.13 20.98 10.99
CA VAL LA 256 6.80 19.70 10.81
C VAL LA 256 7.27 19.50 9.37
N ARG LA 257 6.44 19.84 8.38
CA ARG LA 257 6.76 19.50 7.00
C ARG LA 257 6.36 20.61 6.05
N ILE LA 258 7.28 20.98 5.15
CA ILE LA 258 7.01 21.86 4.02
C ILE LA 258 7.38 21.10 2.76
N SER LA 259 6.48 21.07 1.78
CA SER LA 259 6.80 20.38 0.52
C SER LA 259 6.14 21.13 -0.63
N GLU LA 260 6.91 21.94 -1.34
CA GLU LA 260 6.42 22.66 -2.49
C GLU LA 260 6.63 21.86 -3.76
N ASN LA 261 5.80 22.12 -4.77
CA ASN LA 261 5.93 21.56 -6.10
C ASN LA 261 5.97 22.73 -7.06
N GLN LA 262 7.15 23.29 -7.28
CA GLN LA 262 7.28 24.47 -8.10
C GLN LA 262 7.59 24.09 -9.55
N SER LA 263 6.72 24.50 -10.46
CA SER LA 263 6.78 24.12 -11.86
C SER LA 263 6.36 25.31 -12.72
N ALA LA 264 6.26 25.07 -14.03
CA ALA LA 264 6.09 26.09 -15.07
C ALA LA 264 7.19 27.16 -14.95
N LEU LA 265 8.42 26.70 -15.13
CA LEU LA 265 9.60 27.49 -14.78
C LEU LA 265 9.87 28.60 -15.80
N LEU LA 266 10.59 29.61 -15.34
CA LEU LA 266 11.13 30.64 -16.22
C LEU LA 266 12.54 30.22 -16.66
N GLY LA 267 13.26 31.14 -17.29
CA GLY LA 267 14.58 30.81 -17.83
C GLY LA 267 15.62 30.58 -16.77
N ASN LA 268 15.60 31.40 -15.72
CA ASN LA 268 16.56 31.27 -14.62
C ASN LA 268 16.07 30.36 -13.50
N GLY LA 269 15.14 29.46 -13.80
CA GLY LA 269 14.64 28.54 -12.80
C GLY LA 269 13.49 29.05 -11.97
N ALA LA 270 13.04 30.27 -12.22
CA ALA LA 270 11.96 30.86 -11.44
C ALA LA 270 10.64 30.19 -11.78
N PRO LA 271 9.94 29.60 -10.82
CA PRO LA 271 8.61 29.07 -11.10
C PRO LA 271 7.59 30.18 -11.23
N ARG LA 272 6.39 29.79 -11.65
CA ARG LA 272 5.25 30.68 -11.56
C ARG LA 272 4.05 29.97 -10.94
N LYS LA 273 4.26 28.78 -10.37
CA LYS LA 273 3.34 28.19 -9.43
C LYS LA 273 4.15 27.47 -8.38
N GLN LA 274 3.66 27.49 -7.14
CA GLN LA 274 4.31 26.80 -6.02
C GLN LA 274 3.21 26.16 -5.17
N THR LA 275 2.85 24.93 -5.51
CA THR LA 275 1.83 24.23 -4.74
C THR LA 275 2.48 23.54 -3.56
N PHE LA 276 2.15 24.02 -2.36
CA PHE LA 276 2.76 23.54 -1.13
C PHE LA 276 1.75 22.76 -0.31
N ASP LA 277 2.24 22.10 0.73
CA ASP LA 277 1.38 21.59 1.79
C ASP LA 277 2.14 21.62 3.12
N LEU LA 278 1.76 22.53 3.99
CA LEU LA 278 2.31 22.61 5.34
C LEU LA 278 1.67 21.55 6.20
N GLU LA 279 2.30 21.25 7.34
CA GLU LA 279 1.77 20.19 8.20
C GLU LA 279 2.24 20.45 9.62
N PHE LA 280 1.30 20.74 10.51
CA PHE LA 280 1.57 21.11 11.89
C PHE LA 280 1.23 19.95 12.82
N LYS LA 281 1.77 20.02 14.04
CA LYS LA 281 1.33 19.17 15.14
C LYS LA 281 1.22 20.03 16.38
N ARG LA 282 0.20 19.80 17.20
CA ARG LA 282 -0.04 20.64 18.36
C ARG LA 282 1.00 20.37 19.43
N TYR LA 283 1.84 21.36 19.69
CA TYR LA 283 2.77 21.36 20.81
C TYR LA 283 2.01 21.33 22.14
N GLY LA 284 2.19 20.28 22.91
CA GLY LA 284 1.43 20.11 24.14
C GLY LA 284 1.96 20.86 25.34
N ASP LA 285 1.71 22.16 25.41
CA ASP LA 285 2.15 22.95 26.55
C ASP LA 285 1.29 22.67 27.78
N ASP LA 286 1.72 23.22 28.91
CA ASP LA 286 0.97 23.08 30.17
C ASP LA 286 -0.29 23.94 30.11
N ALA MA 2 10.82 48.41 77.56
CA ALA MA 2 11.87 48.91 76.69
C ALA MA 2 11.85 48.18 75.35
N TYR MA 3 10.67 47.71 74.96
CA TYR MA 3 10.51 47.00 73.69
C TYR MA 3 10.59 47.93 72.49
N LEU MA 4 10.40 49.24 72.69
CA LEU MA 4 10.58 50.21 71.61
C LEU MA 4 12.04 50.34 71.22
N GLU MA 5 12.95 50.01 72.14
CA GLU MA 5 14.37 49.98 71.84
C GLU MA 5 14.86 48.57 71.48
N GLN MA 6 14.14 47.54 71.91
CA GLN MA 6 14.68 46.19 71.98
C GLN MA 6 14.52 45.42 70.67
N LEU MA 7 13.28 45.27 70.17
CA LEU MA 7 13.04 44.41 69.02
C LEU MA 7 13.55 45.03 67.72
N GLN MA 8 13.45 46.36 67.60
CA GLN MA 8 13.98 47.03 66.41
C GLN MA 8 15.50 46.93 66.35
N ALA MA 9 16.16 46.93 67.50
CA ALA MA 9 17.57 46.60 67.53
C ALA MA 9 17.79 45.10 67.39
N GLY MA 10 16.78 44.29 67.74
CA GLY MA 10 16.94 42.84 67.66
C GLY MA 10 16.95 42.32 66.24
N LEU MA 11 16.18 42.96 65.36
CA LEU MA 11 16.20 42.59 63.95
C LEU MA 11 17.49 43.03 63.28
N ARG MA 12 18.16 44.03 63.85
CA ARG MA 12 19.41 44.53 63.28
C ARG MA 12 20.55 43.54 63.43
N TYR MA 13 20.53 42.73 64.50
CA TYR MA 13 21.54 41.68 64.65
C TYR MA 13 21.32 40.58 63.63
N LEU MA 14 20.08 40.15 63.43
CA LEU MA 14 19.79 39.07 62.51
C LEU MA 14 19.95 39.48 61.05
N GLY MA 15 19.96 40.78 60.77
CA GLY MA 15 20.38 41.24 59.45
C GLY MA 15 21.85 40.99 59.18
N ARG MA 16 22.67 40.99 60.24
CA ARG MA 16 24.06 40.61 60.09
C ARG MA 16 24.26 39.10 60.15
N ALA MA 17 23.31 38.38 60.75
CA ALA MA 17 23.48 36.95 60.96
C ALA MA 17 23.31 36.18 59.65
N GLY MA 18 22.19 36.40 58.96
CA GLY MA 18 21.91 35.67 57.75
C GLY MA 18 22.56 36.19 56.50
N GLU MA 19 23.48 37.15 56.60
CA GLU MA 19 24.07 37.71 55.40
C GLU MA 19 25.59 37.68 55.46
N SER MA 20 26.17 37.82 56.65
CA SER MA 20 27.61 37.62 56.83
C SER MA 20 27.90 36.15 57.14
N GLY MA 21 27.30 35.26 56.35
CA GLY MA 21 27.46 33.83 56.50
C GLY MA 21 27.47 33.16 55.13
N ARG MA 22 27.80 33.93 54.10
CA ARG MA 22 27.76 33.46 52.72
C ARG MA 22 28.78 32.35 52.50
N LYS MA 23 30.06 32.66 52.64
CA LYS MA 23 31.13 31.69 52.43
C LYS MA 23 31.94 31.45 53.70
N SER MA 24 31.33 31.67 54.88
CA SER MA 24 32.03 31.47 56.15
C SER MA 24 31.01 31.03 57.19
N LEU MA 25 31.53 30.65 58.36
CA LEU MA 25 30.71 30.17 59.47
C LEU MA 25 30.87 31.00 60.74
N ASP MA 26 32.07 31.52 61.01
CA ASP MA 26 32.37 32.09 62.31
C ASP MA 26 31.69 33.44 62.53
N LYS MA 27 31.34 34.14 61.46
CA LYS MA 27 30.69 35.43 61.58
C LYS MA 27 29.18 35.32 61.83
N VAL MA 28 28.65 34.11 61.93
CA VAL MA 28 27.23 33.94 62.17
C VAL MA 28 26.94 33.94 63.67
N VAL MA 29 27.87 33.45 64.48
CA VAL MA 29 27.58 33.07 65.86
C VAL MA 29 27.43 34.30 66.75
N ALA MA 30 28.24 35.32 66.53
CA ALA MA 30 28.19 36.51 67.38
C ALA MA 30 26.93 37.37 67.23
N PRO MA 31 26.32 37.58 66.02
CA PRO MA 31 25.01 38.25 66.02
C PRO MA 31 23.87 37.36 66.48
N VAL MA 32 24.01 36.04 66.32
CA VAL MA 32 22.99 35.12 66.82
C VAL MA 32 23.02 35.07 68.34
N ASN MA 33 24.22 35.06 68.93
CA ASN MA 33 24.32 35.24 70.38
C ASN MA 33 23.90 36.64 70.80
N GLY MA 34 24.08 37.62 69.94
CA GLY MA 34 23.63 38.98 70.19
C GLY MA 34 22.16 39.21 69.97
N ALA MA 35 21.40 38.17 69.64
CA ALA MA 35 19.95 38.27 69.43
C ALA MA 35 19.15 37.43 70.40
N ILE MA 36 19.59 36.20 70.71
CA ILE MA 36 18.80 35.27 71.52
C ILE MA 36 18.72 35.75 72.96
N SER MA 37 19.83 36.25 73.51
CA SER MA 37 19.82 36.89 74.82
C SER MA 37 19.37 38.35 74.75
N GLU MA 38 18.82 38.78 73.63
CA GLU MA 38 18.46 40.18 73.42
C GLU MA 38 17.04 40.31 72.88
N ILE MA 39 16.54 39.26 72.22
CA ILE MA 39 15.10 39.18 71.96
C ILE MA 39 14.38 38.74 73.24
N ARG MA 40 15.09 38.01 74.11
CA ARG MA 40 14.59 37.68 75.45
C ARG MA 40 14.35 38.92 76.29
N GLY MA 41 15.12 39.99 76.04
CA GLY MA 41 14.90 41.27 76.71
C GLY MA 41 13.58 41.93 76.35
N ALA MA 42 12.92 41.50 75.27
CA ALA MA 42 11.57 41.92 74.95
C ALA MA 42 10.52 40.86 75.18
N ALA MA 43 10.90 39.58 75.11
CA ALA MA 43 9.94 38.51 75.41
C ALA MA 43 9.63 38.45 76.90
N ALA MA 44 10.55 38.92 77.75
CA ALA MA 44 10.27 39.10 79.16
C ALA MA 44 9.66 40.46 79.45
N GLU MA 45 9.89 41.45 78.58
CA GLU MA 45 9.31 42.76 78.78
C GLU MA 45 7.83 42.77 78.41
N LEU MA 46 7.45 42.03 77.37
CA LEU MA 46 6.08 41.99 76.89
C LEU MA 46 5.23 40.94 77.61
N GLU MA 47 5.66 40.48 78.78
CA GLU MA 47 4.85 39.53 79.54
C GLU MA 47 3.62 40.19 80.14
N ASN MA 48 3.69 41.50 80.40
CA ASN MA 48 2.62 42.21 81.12
C ASN MA 48 2.39 43.59 80.50
N LEU MA 49 1.51 43.64 79.50
CA LEU MA 49 1.04 44.88 78.91
C LEU MA 49 -0.47 44.80 78.75
N PRO MA 50 -1.19 45.88 79.03
CA PRO MA 50 -2.65 45.85 78.92
C PRO MA 50 -3.18 46.18 77.53
N GLY MA 51 -2.35 46.12 76.50
CA GLY MA 51 -2.80 46.59 75.20
C GLY MA 51 -2.73 48.10 75.09
N VAL MA 52 -1.50 48.62 75.06
CA VAL MA 52 -1.22 50.01 75.42
C VAL MA 52 -1.79 51.00 74.41
N SER MA 53 -1.85 50.63 73.13
CA SER MA 53 -2.26 51.59 72.11
C SER MA 53 -2.78 50.83 70.90
N PRO MA 54 -3.60 51.49 70.04
CA PRO MA 54 -3.90 50.90 68.73
C PRO MA 54 -2.71 51.03 67.79
N GLU MA 55 -1.87 52.04 68.03
CA GLU MA 55 -0.52 52.07 67.50
C GLU MA 55 0.37 51.33 68.49
N MET MA 56 1.70 51.46 68.33
CA MET MA 56 2.73 50.97 69.27
C MET MA 56 2.79 49.45 69.39
N ALA MA 57 1.85 48.75 68.74
CA ALA MA 57 1.77 47.30 68.69
C ALA MA 57 1.51 46.79 67.30
N ALA MA 58 1.00 47.62 66.40
CA ALA MA 58 1.21 47.38 64.98
C ALA MA 58 2.69 47.50 64.62
N ARG MA 59 3.42 48.36 65.35
CA ARG MA 59 4.87 48.39 65.26
C ARG MA 59 5.48 47.06 65.69
N LEU MA 60 4.89 46.42 66.69
CA LEU MA 60 5.30 45.07 67.07
C LEU MA 60 4.96 44.07 65.98
N GLN MA 61 3.84 44.27 65.29
CA GLN MA 61 3.51 43.42 64.16
C GLN MA 61 4.39 43.71 62.96
N ARG MA 62 4.80 44.97 62.77
CA ARG MA 62 5.78 45.28 61.74
C ARG MA 62 7.14 44.68 62.06
N ALA MA 63 7.47 44.55 63.35
CA ALA MA 63 8.76 44.00 63.73
C ALA MA 63 8.76 42.48 63.71
N MET MA 64 7.73 41.85 64.25
CA MET MA 64 7.71 40.40 64.35
C MET MA 64 7.45 39.72 63.00
N ARG MA 65 6.86 40.44 62.04
CA ARG MA 65 6.90 39.95 60.67
C ARG MA 65 8.31 40.00 60.13
N GLY MA 66 9.06 41.05 60.46
CA GLY MA 66 10.42 41.17 59.98
C GLY MA 66 11.38 40.18 60.63
N ILE MA 67 11.20 39.92 61.93
CA ILE MA 67 12.01 38.91 62.60
C ILE MA 67 11.61 37.52 62.13
N GLY MA 68 10.34 37.33 61.77
CA GLY MA 68 9.92 36.12 61.11
C GLY MA 68 10.55 35.94 59.73
N GLN MA 69 10.85 37.05 59.04
CA GLN MA 69 11.62 36.94 57.81
C GLN MA 69 13.09 36.67 58.11
N ALA MA 70 13.55 37.08 59.30
CA ALA MA 70 14.96 36.91 59.63
C ALA MA 70 15.32 35.48 59.99
N GLN MA 71 14.35 34.70 60.48
CA GLN MA 71 14.58 33.28 60.67
C GLN MA 71 14.75 32.57 59.33
N GLY MA 72 13.96 32.97 58.33
CA GLY MA 72 14.05 32.33 57.02
C GLY MA 72 15.34 32.65 56.29
N LYS MA 73 15.92 33.82 56.56
CA LYS MA 73 17.18 34.15 55.90
C LYS MA 73 18.35 33.41 56.53
N VAL MA 74 18.36 33.29 57.87
CA VAL MA 74 19.43 32.59 58.55
C VAL MA 74 19.38 31.10 58.26
N ASN MA 75 18.21 30.48 58.44
CA ASN MA 75 18.08 29.04 58.35
C ASN MA 75 18.21 28.51 56.92
N ARG MA 76 18.18 29.37 55.90
CA ARG MA 76 18.48 28.94 54.55
C ARG MA 76 19.95 29.14 54.18
N VAL MA 77 20.57 30.20 54.69
CA VAL MA 77 22.00 30.41 54.47
C VAL MA 77 22.82 29.39 55.25
N VAL MA 78 22.37 29.05 56.46
CA VAL MA 78 23.02 28.02 57.26
C VAL MA 78 22.89 26.64 56.60
N SER MA 79 21.71 26.36 56.02
CA SER MA 79 21.43 25.05 55.45
C SER MA 79 22.22 24.76 54.17
N THR MA 80 22.91 25.75 53.61
CA THR MA 80 23.78 25.50 52.46
C THR MA 80 25.10 24.85 52.84
N TYR MA 81 25.40 24.74 54.13
CA TYR MA 81 26.69 24.23 54.56
C TYR MA 81 26.64 22.73 54.85
N ASP MA 82 27.83 22.14 55.00
CA ASP MA 82 27.95 20.77 55.47
C ASP MA 82 27.51 20.69 56.93
N ARG MA 83 27.01 19.51 57.30
CA ARG MA 83 26.62 19.30 58.69
C ARG MA 83 27.85 19.16 59.59
N ALA MA 84 28.93 18.57 59.06
CA ALA MA 84 30.14 18.39 59.85
C ALA MA 84 30.85 19.72 60.08
N SER MA 85 30.79 20.62 59.10
CA SER MA 85 31.31 21.97 59.32
C SER MA 85 30.39 22.77 60.24
N ARG MA 86 29.11 22.41 60.30
CA ARG MA 86 28.18 23.06 61.20
C ARG MA 86 28.25 22.48 62.61
N ALA MA 87 28.62 21.19 62.72
CA ALA MA 87 28.71 20.56 64.03
C ALA MA 87 29.94 21.04 64.79
N LEU MA 88 31.04 21.28 64.07
CA LEU MA 88 32.25 21.81 64.71
C LEU MA 88 32.05 23.24 65.18
N LEU MA 89 31.18 23.99 64.50
CA LEU MA 89 30.84 25.33 64.96
C LEU MA 89 29.86 25.28 66.13
N GLY MA 90 28.87 24.39 66.04
CA GLY MA 90 27.92 24.22 67.12
C GLY MA 90 26.83 25.27 67.13
N ILE MA 91 26.10 25.41 66.03
CA ILE MA 91 24.95 26.32 66.00
C ILE MA 91 23.71 25.55 65.58
N ASP MA 92 23.80 24.22 65.52
CA ASP MA 92 22.59 23.40 65.43
C ASP MA 92 21.80 23.48 66.72
N GLU MA 93 22.50 23.46 67.85
CA GLU MA 93 21.89 23.63 69.16
C GLU MA 93 21.76 25.09 69.57
N ARG MA 94 21.95 26.02 68.64
CA ARG MA 94 21.81 27.44 68.93
C ARG MA 94 20.69 28.10 68.12
N LEU MA 95 20.50 27.69 66.86
CA LEU MA 95 19.42 28.26 66.06
C LEU MA 95 18.04 27.78 66.51
N ASP MA 96 17.97 26.68 67.27
CA ASP MA 96 16.70 26.27 67.85
C ASP MA 96 16.25 27.19 68.97
N ALA MA 97 17.19 27.92 69.59
CA ALA MA 97 16.81 28.90 70.60
C ALA MA 97 16.13 30.11 69.97
N LEU MA 98 16.40 30.38 68.69
CA LEU MA 98 15.58 31.34 67.95
C LEU MA 98 14.16 30.82 67.76
N LYS MA 99 13.98 29.51 67.64
CA LYS MA 99 12.62 28.97 67.59
C LYS MA 99 11.96 28.98 68.97
N VAL MA 100 12.73 29.21 70.04
CA VAL MA 100 12.17 29.34 71.37
C VAL MA 100 11.89 30.79 71.71
N GLN MA 101 12.86 31.68 71.50
CA GLN MA 101 12.73 33.05 71.98
C GLN MA 101 11.83 33.89 71.10
N VAL MA 102 11.92 33.74 69.77
CA VAL MA 102 11.09 34.54 68.87
C VAL MA 102 9.65 34.05 68.91
N ASN MA 103 9.44 32.74 69.07
CA ASN MA 103 8.08 32.23 69.25
C ASN MA 103 7.51 32.68 70.59
N SER MA 104 8.34 32.78 71.63
CA SER MA 104 7.86 33.36 72.87
C SER MA 104 7.63 34.86 72.74
N ALA MA 105 8.35 35.50 71.83
CA ALA MA 105 8.11 36.92 71.55
C ALA MA 105 6.88 37.11 70.67
N ALA MA 106 6.64 36.19 69.74
CA ALA MA 106 5.44 36.28 68.90
C ALA MA 106 4.18 35.93 69.68
N GLN MA 107 4.28 35.02 70.64
CA GLN MA 107 3.16 34.77 71.54
C GLN MA 107 2.92 35.95 72.47
N ALA MA 108 3.97 36.69 72.81
CA ALA MA 108 3.81 37.86 73.67
C ALA MA 108 3.16 39.02 72.93
N VAL MA 109 3.48 39.18 71.65
CA VAL MA 109 2.84 40.22 70.85
C VAL MA 109 1.39 39.87 70.59
N GLY MA 110 1.10 38.59 70.33
CA GLY MA 110 -0.26 38.17 70.05
C GLY MA 110 -1.18 38.25 71.25
N LYS MA 111 -0.63 38.19 72.46
CA LYS MA 111 -1.45 38.40 73.65
C LYS MA 111 -1.79 39.87 73.83
N VAL MA 112 -0.82 40.75 73.58
CA VAL MA 112 -1.05 42.18 73.72
C VAL MA 112 -1.92 42.70 72.59
N ALA MA 113 -1.55 42.40 71.35
CA ALA MA 113 -2.32 42.79 70.18
C ALA MA 113 -2.57 41.56 69.32
N GLY MA 114 -3.82 41.10 69.30
CA GLY MA 114 -4.16 39.96 68.49
C GLY MA 114 -4.15 40.26 67.00
N ASP MA 115 -4.19 39.19 66.21
CA ASP MA 115 -4.14 39.35 64.77
C ASP MA 115 -5.51 39.76 64.21
N ILE MA 116 -5.48 40.30 63.00
CA ILE MA 116 -6.73 40.59 62.31
C ILE MA 116 -7.33 39.28 61.83
N SER MA 117 -8.67 39.24 61.73
CA SER MA 117 -9.34 38.06 61.24
C SER MA 117 -9.06 37.87 59.75
N PRO MA 118 -8.91 36.62 59.30
CA PRO MA 118 -8.68 36.39 57.86
C PRO MA 118 -9.96 36.61 57.07
N THR MA 119 -10.19 37.87 56.66
CA THR MA 119 -11.41 38.26 55.97
C THR MA 119 -11.55 37.54 54.62
N LEU MA 120 -12.80 37.38 54.19
CA LEU MA 120 -13.13 36.57 53.03
C LEU MA 120 -13.74 37.45 51.95
N ALA MA 121 -13.07 37.52 50.80
CA ALA MA 121 -13.58 38.22 49.64
C ALA MA 121 -13.90 37.29 48.47
N GLY MA 122 -13.46 36.04 48.53
CA GLY MA 122 -13.72 35.09 47.46
C GLY MA 122 -14.88 34.16 47.75
N VAL MA 123 -15.94 34.69 48.36
CA VAL MA 123 -17.12 33.90 48.67
C VAL MA 123 -18.07 34.02 47.48
N LEU MA 124 -18.28 32.91 46.80
CA LEU MA 124 -19.12 32.84 45.62
C LEU MA 124 -20.48 32.26 45.98
N PRO MA 125 -21.50 32.44 45.14
CA PRO MA 125 -22.74 31.69 45.30
C PRO MA 125 -22.58 30.26 44.80
N SER MA 126 -23.68 29.52 44.79
CA SER MA 126 -23.69 28.10 44.45
C SER MA 126 -24.02 27.88 42.97
N TRP MA 127 -23.59 28.79 42.11
CA TRP MA 127 -23.92 28.78 40.69
C TRP MA 127 -22.72 28.57 39.78
N LEU MA 128 -21.60 29.21 40.09
CA LEU MA 128 -20.45 29.25 39.20
C LEU MA 128 -19.81 27.89 39.03
N LEU MA 129 -20.00 26.98 39.98
CA LEU MA 129 -19.80 25.55 39.78
C LEU MA 129 -21.17 24.92 39.99
N ALA MA 130 -22.00 24.94 38.94
CA ALA MA 130 -23.29 24.28 38.84
C ALA MA 130 -23.71 24.25 37.38
N PRO MA 131 -24.02 23.09 36.81
CA PRO MA 131 -24.38 23.04 35.39
C PRO MA 131 -25.82 23.45 35.16
N SER MA 132 -26.05 24.12 34.03
CA SER MA 132 -27.40 24.45 33.62
C SER MA 132 -28.08 23.17 33.12
N ALA MA 133 -28.94 22.59 33.96
CA ALA MA 133 -29.54 21.30 33.66
C ALA MA 133 -30.69 21.38 32.67
N THR MA 134 -31.07 22.56 32.22
CA THR MA 134 -32.11 22.68 31.22
C THR MA 134 -31.58 22.24 29.86
N PRO MA 135 -32.41 21.57 29.04
CA PRO MA 135 -31.94 21.12 27.74
C PRO MA 135 -31.78 22.31 26.81
N PRO MA 136 -30.88 22.21 25.82
CA PRO MA 136 -30.61 23.35 24.94
C PRO MA 136 -31.73 23.51 23.91
N SER MA 137 -31.57 24.53 23.06
CA SER MA 137 -32.55 24.79 22.01
C SER MA 137 -32.49 23.76 20.89
N GLU MA 138 -31.42 22.95 20.83
CA GLU MA 138 -31.32 21.90 19.84
C GLU MA 138 -32.32 20.77 20.12
N ALA MA 139 -32.49 20.43 21.39
CA ALA MA 139 -33.39 19.33 21.76
C ALA MA 139 -34.86 19.69 21.59
N ALA MA 140 -35.18 20.97 21.54
CA ALA MA 140 -36.55 21.43 21.33
C ALA MA 140 -36.83 21.84 19.89
N ALA MA 141 -35.90 21.58 18.98
CA ALA MA 141 -36.06 22.01 17.60
C ALA MA 141 -37.11 21.18 16.89
N SER MA 142 -37.51 21.65 15.70
CA SER MA 142 -38.48 20.95 14.87
C SER MA 142 -37.80 20.04 13.86
N LEU MA 143 -36.89 19.18 14.34
CA LEU MA 143 -36.20 18.23 13.51
C LEU MA 143 -35.98 16.98 14.35
N PRO MA 144 -36.36 15.80 13.86
CA PRO MA 144 -36.07 14.57 14.58
C PRO MA 144 -34.58 14.29 14.60
N HIS MA 145 -34.07 13.93 15.77
CA HIS MA 145 -32.64 13.80 15.96
C HIS MA 145 -32.13 12.51 15.32
N LEU MA 146 -31.03 12.63 14.59
CA LEU MA 146 -30.49 11.55 13.80
C LEU MA 146 -29.69 10.57 14.63
N LEU MA 147 -28.98 11.08 15.63
CA LEU MA 147 -28.12 10.32 16.54
C LEU MA 147 -27.79 11.25 17.70
N VAL MA 148 -27.55 10.69 18.88
CA VAL MA 148 -27.35 11.49 20.08
C VAL MA 148 -26.12 10.98 20.82
N LEU MA 149 -25.15 11.86 21.04
CA LEU MA 149 -24.01 11.59 21.90
C LEU MA 149 -24.31 12.10 23.31
N GLN MA 150 -24.00 11.28 24.32
CA GLN MA 150 -24.25 11.67 25.70
C GLN MA 150 -23.32 10.94 26.66
N PRO MA 151 -22.64 11.68 27.55
CA PRO MA 151 -21.54 11.09 28.33
C PRO MA 151 -21.95 10.43 29.64
N LEU MA 152 -20.95 10.01 30.43
CA LEU MA 152 -21.22 9.25 31.65
C LEU MA 152 -21.49 10.14 32.85
N THR MA 153 -21.11 11.42 32.80
CA THR MA 153 -21.33 12.29 33.95
C THR MA 153 -22.81 12.58 34.15
N ALA MA 154 -23.61 12.42 33.10
CA ALA MA 154 -25.07 12.43 33.03
C ALA MA 154 -25.67 13.82 33.24
N ASN MA 155 -24.89 14.82 33.61
CA ASN MA 155 -25.36 16.20 33.69
C ASN MA 155 -24.79 17.09 32.60
N ALA MA 156 -23.79 16.62 31.87
CA ALA MA 156 -23.21 17.40 30.79
C ALA MA 156 -24.18 17.48 29.62
N GLN MA 157 -23.97 18.49 28.78
CA GLN MA 157 -24.89 18.72 27.69
C GLN MA 157 -24.65 17.72 26.57
N PRO MA 158 -25.68 17.00 26.12
CA PRO MA 158 -25.50 16.05 25.03
C PRO MA 158 -25.37 16.76 23.69
N PHE MA 159 -24.85 16.01 22.72
CA PHE MA 159 -24.76 16.50 21.34
C PHE MA 159 -25.85 15.83 20.53
N TYR MA 160 -26.58 16.64 19.78
CA TYR MA 160 -27.71 16.16 18.98
C TYR MA 160 -27.34 16.25 17.51
N PHE MA 161 -27.37 15.12 16.81
CA PHE MA 161 -27.19 15.12 15.36
C PHE MA 161 -28.53 15.35 14.70
N ASN MA 162 -28.64 16.44 13.96
CA ASN MA 162 -29.78 16.73 13.10
C ASN MA 162 -29.29 17.67 12.00
N LEU MA 163 -30.22 18.19 11.21
CA LEU MA 163 -29.85 19.07 10.11
C LEU MA 163 -29.35 20.43 10.59
N ASN MA 164 -29.64 20.80 11.83
CA ASN MA 164 -29.09 22.03 12.37
C ASN MA 164 -27.64 21.88 12.81
N THR MA 165 -27.24 20.70 13.29
CA THR MA 165 -25.88 20.62 13.81
C THR MA 165 -24.86 19.96 12.88
N ALA MA 166 -24.99 18.65 12.62
CA ALA MA 166 -23.98 17.99 11.80
C ALA MA 166 -24.55 17.23 10.60
N ALA MA 167 -25.55 16.37 10.85
CA ALA MA 167 -26.35 15.68 9.83
C ALA MA 167 -25.48 14.81 8.90
N PHE MA 168 -24.95 13.74 9.47
CA PHE MA 168 -24.24 12.74 8.67
C PHE MA 168 -25.16 12.02 7.71
N ASP MA 169 -24.68 11.72 6.49
CA ASP MA 169 -25.32 10.73 5.64
C ASP MA 169 -24.25 9.77 5.13
N ALA MA 170 -23.84 8.87 6.01
CA ALA MA 170 -23.15 7.60 5.78
C ALA MA 170 -22.96 6.99 7.15
N LEU MA 171 -22.92 5.67 7.26
CA LEU MA 171 -22.69 5.06 8.57
C LEU MA 171 -21.98 3.72 8.37
N GLN MA 172 -20.66 3.76 8.42
CA GLN MA 172 -19.87 2.54 8.48
C GLN MA 172 -19.99 1.94 9.87
N ARG MA 173 -20.18 0.63 9.92
CA ARG MA 173 -20.17 -0.07 11.22
C ARG MA 173 -19.39 -1.37 11.05
N ASN MA 174 -18.07 -1.29 11.25
CA ASN MA 174 -17.24 -2.48 11.30
C ASN MA 174 -17.45 -3.20 12.61
N SER MA 175 -17.42 -4.53 12.56
CA SER MA 175 -17.55 -5.33 13.77
C SER MA 175 -16.83 -6.66 13.53
N ALA MA 176 -15.60 -6.75 14.02
CA ALA MA 176 -14.87 -8.00 13.91
C ALA MA 176 -15.30 -8.98 15.00
N TYR MA 177 -14.80 -10.20 14.91
CA TYR MA 177 -15.01 -11.22 15.93
C TYR MA 177 -13.73 -12.02 16.03
N ASN MA 178 -13.17 -12.10 17.23
CA ASN MA 178 -11.79 -12.53 17.41
C ASN MA 178 -11.73 -14.05 17.41
N TRP MA 179 -11.50 -14.62 16.23
CA TRP MA 179 -11.26 -16.04 16.04
C TRP MA 179 -9.79 -16.22 15.69
N SER MA 180 -9.05 -16.90 16.57
CA SER MA 180 -7.60 -17.06 16.41
C SER MA 180 -7.31 -18.40 15.77
N GLY MA 181 -6.43 -18.38 14.77
CA GLY MA 181 -6.04 -19.60 14.07
C GLY MA 181 -4.79 -20.22 14.67
N GLN MA 182 -4.83 -21.52 14.86
CA GLN MA 182 -3.69 -22.30 15.34
C GLN MA 182 -3.40 -23.38 14.30
N VAL MA 183 -2.25 -23.26 13.64
CA VAL MA 183 -1.92 -24.15 12.54
C VAL MA 183 -1.54 -25.52 13.07
N ARG MA 184 -2.30 -26.54 12.66
CA ARG MA 184 -1.98 -27.93 12.92
C ARG MA 184 -1.33 -28.50 11.68
N LEU MA 185 -0.45 -29.50 11.87
CA LEU MA 185 0.52 -29.84 10.84
C LEU MA 185 -0.13 -30.61 9.69
N GLY MA 186 -0.94 -31.61 9.99
CA GLY MA 186 -1.50 -32.44 8.95
C GLY MA 186 -2.93 -32.15 8.57
N ARG MA 187 -3.51 -31.05 9.03
CA ARG MA 187 -4.93 -30.83 8.87
C ARG MA 187 -5.22 -29.34 8.83
N ARG MA 188 -6.51 -29.00 8.90
CA ARG MA 188 -6.94 -27.61 8.83
C ARG MA 188 -6.59 -26.90 10.14
N PRO MA 189 -6.31 -25.60 10.10
CA PRO MA 189 -5.97 -24.88 11.33
C PRO MA 189 -7.18 -24.69 12.23
N ALA MA 190 -6.99 -25.01 13.51
CA ALA MA 190 -8.07 -24.89 14.47
C ALA MA 190 -8.35 -23.43 14.80
N LEU MA 191 -9.62 -23.09 14.89
CA LEU MA 191 -10.07 -21.74 15.17
C LEU MA 191 -10.72 -21.71 16.54
N GLN MA 192 -10.32 -20.76 17.37
CA GLN MA 192 -10.82 -20.62 18.73
C GLN MA 192 -11.35 -19.21 18.94
N SER MA 193 -12.50 -19.11 19.58
CA SER MA 193 -13.11 -17.82 19.89
C SER MA 193 -12.42 -17.25 21.13
N VAL MA 194 -11.49 -16.34 20.91
CA VAL MA 194 -10.68 -15.80 22.00
C VAL MA 194 -11.09 -14.37 22.36
N GLY MA 195 -12.33 -14.00 22.06
CA GLY MA 195 -12.81 -12.68 22.41
C GLY MA 195 -13.88 -12.15 21.48
N MET MA 196 -13.95 -10.83 21.36
CA MET MA 196 -15.00 -10.18 20.59
C MET MA 196 -14.39 -9.24 19.55
N GLY MA 197 -13.24 -8.64 19.85
CA GLY MA 197 -12.60 -7.76 18.90
C GLY MA 197 -13.23 -6.40 18.83
N GLU MA 198 -12.60 -5.52 18.05
CA GLU MA 198 -13.00 -4.13 17.99
C GLU MA 198 -14.22 -3.96 17.10
N GLU MA 199 -15.28 -3.36 17.65
CA GLU MA 199 -16.43 -2.91 16.88
C GLU MA 199 -16.37 -1.40 16.78
N SER MA 200 -16.45 -0.88 15.55
CA SER MA 200 -16.27 0.54 15.32
C SER MA 200 -17.42 1.09 14.50
N ILE MA 201 -17.71 2.37 14.72
CA ILE MA 201 -18.72 3.12 13.98
C ILE MA 201 -18.07 4.39 13.44
N LEU MA 202 -18.23 4.62 12.14
CA LEU MA 202 -17.59 5.76 11.47
C LEU MA 202 -18.67 6.61 10.82
N LEU MA 203 -18.73 7.88 11.20
CA LEU MA 203 -19.77 8.80 10.74
C LEU MA 203 -19.16 9.80 9.77
N LYS MA 204 -19.50 9.70 8.49
CA LYS MA 204 -19.07 10.68 7.50
C LYS MA 204 -19.91 11.95 7.58
N GLY MA 205 -19.89 12.78 6.54
CA GLY MA 205 -20.86 13.86 6.47
C GLY MA 205 -20.20 15.19 6.20
N ALA MA 206 -20.99 16.24 6.28
CA ALA MA 206 -20.52 17.58 5.98
C ALA MA 206 -21.36 18.60 6.72
N VAL MA 207 -20.70 19.62 7.26
CA VAL MA 207 -21.36 20.74 7.92
C VAL MA 207 -21.13 21.96 7.04
N PHE MA 208 -22.22 22.63 6.66
CA PHE MA 208 -22.13 23.85 5.86
C PHE MA 208 -22.49 25.02 6.76
N PRO MA 209 -21.53 25.73 7.33
CA PRO MA 209 -21.87 26.72 8.35
C PRO MA 209 -22.28 28.08 7.83
N LEU MA 210 -23.07 28.11 6.76
CA LEU MA 210 -23.78 29.32 6.34
C LEU MA 210 -25.23 29.03 6.00
N ARG MA 211 -25.62 27.78 5.87
CA ARG MA 211 -27.02 27.44 5.69
C ARG MA 211 -27.77 27.76 6.97
N ARG MA 212 -28.83 28.55 6.84
CA ARG MA 212 -29.57 29.01 7.99
C ARG MA 212 -30.36 27.87 8.61
N GLN MA 213 -30.62 27.98 9.91
CA GLN MA 213 -31.35 26.94 10.62
C GLN MA 213 -32.79 26.88 10.12
N VAL MA 214 -33.42 25.72 10.37
CA VAL MA 214 -34.64 25.34 9.68
C VAL MA 214 -35.79 26.26 10.07
N GLY MA 215 -36.57 26.67 9.06
CA GLY MA 215 -37.63 27.62 9.27
C GLY MA 215 -37.17 29.06 9.35
N ASN MA 216 -35.90 29.34 9.05
CA ASN MA 216 -35.30 30.68 9.05
C ASN MA 216 -35.43 31.34 10.43
N GLN MA 217 -34.73 30.73 11.39
CA GLN MA 217 -34.81 31.13 12.80
C GLN MA 217 -33.93 32.33 13.14
N GLU MA 218 -33.53 33.14 12.14
CA GLU MA 218 -32.61 34.27 12.30
C GLU MA 218 -31.28 33.83 12.90
N LYS MA 219 -30.84 32.62 12.55
CA LYS MA 219 -29.66 32.02 13.15
C LYS MA 219 -29.15 30.96 12.19
N VAL MA 220 -27.84 30.96 11.96
CA VAL MA 220 -27.24 30.07 10.98
C VAL MA 220 -26.61 28.88 11.70
N VAL MA 221 -26.26 27.86 10.92
CA VAL MA 221 -25.40 26.79 11.42
C VAL MA 221 -24.02 27.39 11.68
N GLY MA 222 -23.49 27.15 12.87
CA GLY MA 222 -22.32 27.87 13.30
C GLY MA 222 -21.00 27.22 12.93
N LEU MA 223 -19.94 28.00 13.08
CA LEU MA 223 -18.59 27.46 13.01
C LEU MA 223 -18.21 26.73 14.29
N GLU MA 224 -18.86 27.05 15.40
CA GLU MA 224 -18.66 26.42 16.70
C GLU MA 224 -19.15 24.98 16.74
N GLN MA 225 -19.96 24.58 15.77
CA GLN MA 225 -20.85 23.45 15.89
C GLN MA 225 -20.20 22.14 15.46
N LEU MA 226 -18.92 22.19 15.11
CA LEU MA 226 -18.07 21.01 15.04
C LEU MA 226 -17.01 20.99 16.12
N GLU MA 227 -16.65 22.16 16.63
CA GLU MA 227 -15.76 22.23 17.78
C GLU MA 227 -16.44 21.75 19.05
N ALA MA 228 -17.78 21.77 19.08
CA ALA MA 228 -18.52 21.14 20.17
C ALA MA 228 -18.33 19.63 20.18
N LEU MA 229 -18.12 19.02 19.01
CA LEU MA 229 -17.73 17.61 18.96
C LEU MA 229 -16.33 17.40 19.52
N ARG MA 230 -15.46 18.40 19.39
CA ARG MA 230 -14.11 18.25 19.90
C ARG MA 230 -14.09 18.37 21.42
N ARG MA 231 -14.77 19.39 21.98
CA ARG MA 231 -14.85 19.57 23.43
C ARG MA 231 -15.49 18.38 24.12
N LEU MA 232 -16.49 17.77 23.49
CA LEU MA 232 -17.13 16.58 24.03
C LEU MA 232 -16.26 15.35 23.88
N ALA MA 233 -15.19 15.41 23.09
CA ALA MA 233 -14.28 14.30 22.92
C ALA MA 233 -13.04 14.38 23.79
N GLU MA 234 -12.65 15.56 24.30
CA GLU MA 234 -11.53 15.64 25.23
C GLU MA 234 -11.94 15.41 26.68
N ARG MA 235 -13.11 14.81 26.93
CA ARG MA 235 -13.52 14.48 28.29
C ARG MA 235 -12.95 13.16 28.77
N ARG MA 236 -12.28 12.40 27.88
CA ARG MA 236 -11.73 11.07 28.15
C ARG MA 236 -12.81 10.14 28.69
N GLU MA 237 -13.94 10.08 27.98
CA GLU MA 237 -15.13 9.56 28.58
C GLU MA 237 -15.96 8.86 27.51
N PRO MA 238 -16.53 7.70 27.81
CA PRO MA 238 -17.39 7.02 26.83
C PRO MA 238 -18.69 7.77 26.62
N LEU MA 239 -19.38 7.40 25.55
CA LEU MA 239 -20.58 8.08 25.11
C LEU MA 239 -21.64 7.05 24.76
N ILE MA 240 -22.88 7.33 25.11
CA ILE MA 240 -24.01 6.50 24.73
C ILE MA 240 -24.52 7.00 23.39
N LEU MA 241 -24.58 6.11 22.40
CA LEU MA 241 -25.24 6.41 21.15
C LEU MA 241 -26.73 6.13 21.31
N SER MA 242 -27.57 7.04 20.83
CA SER MA 242 -29.01 6.91 20.94
C SER MA 242 -29.63 7.24 19.58
N SER MA 243 -29.82 6.20 18.77
CA SER MA 243 -30.50 6.33 17.50
C SER MA 243 -32.01 6.28 17.72
N GLY MA 244 -32.79 6.10 16.66
CA GLY MA 244 -34.22 6.04 16.85
C GLY MA 244 -34.94 5.07 15.95
N TYR MA 245 -34.24 4.07 15.40
CA TYR MA 245 -34.83 3.22 14.38
C TYR MA 245 -34.91 1.76 14.78
N GLY MA 246 -33.82 1.13 15.19
CA GLY MA 246 -33.85 -0.28 15.52
C GLY MA 246 -33.77 -0.47 17.02
N GLU MA 247 -32.64 -0.98 17.50
CA GLU MA 247 -32.33 -0.81 18.91
C GLU MA 247 -32.05 0.66 19.18
N VAL MA 248 -32.55 1.16 20.29
CA VAL MA 248 -32.27 2.55 20.65
C VAL MA 248 -31.13 2.61 21.65
N GLN MA 249 -31.03 1.64 22.55
CA GLN MA 249 -29.98 1.60 23.55
C GLN MA 249 -28.74 0.96 22.94
N MET MA 250 -27.99 1.75 22.18
CA MET MA 250 -26.65 1.35 21.82
C MET MA 250 -25.74 1.49 23.03
N GLY MA 251 -24.59 0.81 22.98
CA GLY MA 251 -23.72 0.71 24.13
C GLY MA 251 -22.92 1.96 24.40
N LEU MA 252 -21.84 1.78 25.16
CA LEU MA 252 -20.89 2.85 25.43
C LEU MA 252 -19.88 2.90 24.29
N TRP MA 253 -19.75 4.06 23.67
CA TRP MA 253 -18.93 4.25 22.49
C TRP MA 253 -17.99 5.42 22.71
N CYS MA 254 -16.71 5.13 22.90
CA CYS MA 254 -15.74 6.19 23.08
C CYS MA 254 -15.37 6.77 21.72
N LEU MA 255 -15.12 8.07 21.69
CA LEU MA 255 -14.80 8.76 20.45
C LEU MA 255 -13.29 8.79 20.27
N VAL MA 256 -12.83 8.47 19.08
CA VAL MA 256 -11.41 8.23 18.82
C VAL MA 256 -10.81 9.25 17.87
N ARG MA 257 -11.52 9.60 16.79
CA ARG MA 257 -10.91 10.44 15.76
C ARG MA 257 -11.91 11.43 15.20
N ILE MA 258 -11.50 12.69 15.09
CA ILE MA 258 -12.22 13.73 14.37
C ILE MA 258 -11.28 14.28 13.31
N SER MA 259 -11.75 14.38 12.07
CA SER MA 259 -10.91 14.94 11.02
C SER MA 259 -11.78 15.70 10.03
N GLU MA 260 -11.82 17.02 10.16
CA GLU MA 260 -12.57 17.85 9.25
C GLU MA 260 -11.70 18.31 8.09
N ASN MA 261 -12.35 18.61 6.96
CA ASN MA 261 -11.70 19.18 5.79
C ASN MA 261 -12.46 20.46 5.46
N GLN MA 262 -12.08 21.57 6.10
CA GLN MA 262 -12.80 22.81 5.94
C GLN MA 262 -12.17 23.64 4.82
N SER MA 263 -12.96 23.96 3.80
CA SER MA 263 -12.49 24.63 2.61
C SER MA 263 -13.58 25.61 2.14
N ALA MA 264 -13.33 26.22 0.98
CA ALA MA 264 -14.10 27.35 0.43
C ALA MA 264 -14.19 28.47 1.46
N LEU MA 265 -13.03 29.01 1.80
CA LEU MA 265 -12.88 29.88 2.95
C LEU MA 265 -13.43 31.28 2.68
N LEU MA 266 -13.78 31.97 3.76
CA LEU MA 266 -14.09 33.40 3.71
C LEU MA 266 -12.82 34.20 3.95
N GLY MA 267 -12.97 35.51 4.15
CA GLY MA 267 -11.81 36.38 4.29
C GLY MA 267 -11.06 36.17 5.58
N ASN MA 268 -11.77 35.98 6.68
CA ASN MA 268 -11.18 35.76 7.99
C ASN MA 268 -10.92 34.29 8.29
N GLY MA 269 -10.83 33.45 7.26
CA GLY MA 269 -10.57 32.05 7.47
C GLY MA 269 -11.79 31.19 7.70
N ALA MA 270 -12.97 31.78 7.70
CA ALA MA 270 -14.20 31.03 7.95
C ALA MA 270 -14.52 30.14 6.78
N PRO MA 271 -14.64 28.84 6.96
CA PRO MA 271 -15.07 27.98 5.87
C PRO MA 271 -16.57 28.12 5.63
N ARG MA 272 -17.02 27.49 4.56
CA ARG MA 272 -18.44 27.30 4.34
C ARG MA 272 -18.75 25.86 3.95
N LYS MA 273 -17.78 24.96 4.09
CA LYS MA 273 -18.04 23.54 4.15
C LYS MA 273 -17.07 22.93 5.15
N GLN MA 274 -17.53 21.91 5.88
CA GLN MA 274 -16.69 21.19 6.84
C GLN MA 274 -17.02 19.71 6.72
N THR MA 275 -16.31 19.02 5.83
CA THR MA 275 -16.53 17.59 5.66
C THR MA 275 -15.70 16.83 6.69
N PHE MA 276 -16.38 16.19 7.63
CA PHE MA 276 -15.76 15.50 8.75
C PHE MA 276 -15.92 13.99 8.58
N ASP MA 277 -15.20 13.25 9.43
CA ASP MA 277 -15.49 11.84 9.64
C ASP MA 277 -15.14 11.47 11.07
N LEU MA 278 -16.16 11.23 11.87
CA LEU MA 278 -15.99 10.76 13.24
C LEU MA 278 -15.69 9.26 13.22
N GLU MA 279 -15.17 8.75 14.32
CA GLU MA 279 -14.81 7.33 14.37
C GLU MA 279 -14.85 6.86 15.81
N PHE MA 280 -15.77 5.96 16.12
CA PHE MA 280 -15.99 5.47 17.47
C PHE MA 280 -15.44 4.06 17.62
N LYS MA 281 -15.27 3.64 18.87
CA LYS MA 281 -15.03 2.25 19.20
C LYS MA 281 -15.87 1.92 20.42
N ARG MA 282 -16.43 0.71 20.46
CA ARG MA 282 -17.34 0.35 21.53
C ARG MA 282 -16.57 0.11 22.82
N TYR MA 283 -16.79 0.97 23.81
CA TYR MA 283 -16.28 0.79 25.16
C TYR MA 283 -16.90 -0.45 25.79
N GLY MA 284 -16.07 -1.44 26.13
CA GLY MA 284 -16.56 -2.70 26.63
C GLY MA 284 -16.89 -2.72 28.10
N ASP MA 285 -18.04 -2.17 28.48
CA ASP MA 285 -18.44 -2.17 29.88
C ASP MA 285 -18.93 -3.56 30.30
N ASP MA 286 -19.16 -3.71 31.60
CA ASP MA 286 -19.67 -4.97 32.15
C ASP MA 286 -21.14 -5.16 31.75
N ALA NA 2 -36.87 -14.51 83.10
CA ALA NA 2 -36.47 -13.11 83.12
C ALA NA 2 -35.82 -12.70 81.82
N TYR NA 3 -36.18 -13.39 80.73
CA TYR NA 3 -35.64 -13.09 79.41
C TYR NA 3 -36.16 -11.77 78.84
N LEU NA 4 -37.29 -11.27 79.35
CA LEU NA 4 -37.79 -9.97 78.94
C LEU NA 4 -36.89 -8.84 79.44
N GLU NA 5 -36.14 -9.09 80.50
CA GLU NA 5 -35.15 -8.14 81.01
C GLU NA 5 -33.75 -8.44 80.49
N GLN NA 6 -33.48 -9.68 80.08
CA GLN NA 6 -32.13 -10.18 79.95
C GLN NA 6 -31.52 -9.91 78.57
N LEU NA 7 -32.17 -10.37 77.50
CA LEU NA 7 -31.58 -10.27 76.16
C LEU NA 7 -31.58 -8.85 75.64
N GLN NA 8 -32.63 -8.07 75.94
CA GLN NA 8 -32.67 -6.68 75.52
C GLN NA 8 -31.59 -5.86 76.22
N ALA NA 9 -31.28 -6.20 77.48
CA ALA NA 9 -30.10 -5.63 78.11
C ALA NA 9 -28.82 -6.27 77.59
N GLY NA 10 -28.91 -7.48 77.06
CA GLY NA 10 -27.71 -8.16 76.58
C GLY NA 10 -27.18 -7.57 75.29
N LEU NA 11 -28.07 -7.11 74.43
CA LEU NA 11 -27.65 -6.44 73.20
C LEU NA 11 -27.06 -5.06 73.50
N ARG NA 12 -27.43 -4.48 74.64
CA ARG NA 12 -26.94 -3.15 75.02
C ARG NA 12 -25.46 -3.19 75.38
N TYR NA 13 -24.97 -4.31 75.93
CA TYR NA 13 -23.54 -4.43 76.20
C TYR NA 13 -22.75 -4.54 74.91
N LEU NA 14 -23.23 -5.35 73.95
CA LEU NA 14 -22.52 -5.55 72.70
C LEU NA 14 -22.57 -4.32 71.79
N GLY NA 15 -23.51 -3.41 72.03
CA GLY NA 15 -23.46 -2.12 71.38
C GLY NA 15 -22.28 -1.28 71.84
N ARG NA 16 -21.84 -1.47 73.08
CA ARG NA 16 -20.64 -0.83 73.57
C ARG NA 16 -19.39 -1.60 73.19
N ALA NA 17 -19.52 -2.90 72.92
CA ALA NA 17 -18.35 -3.74 72.66
C ALA NA 17 -17.77 -3.46 71.29
N GLY NA 18 -18.59 -3.54 70.25
CA GLY NA 18 -18.11 -3.36 68.90
C GLY NA 18 -17.94 -1.93 68.45
N GLU NA 19 -18.09 -0.95 69.33
CA GLU NA 19 -17.99 0.42 68.89
C GLU NA 19 -16.97 1.21 69.71
N SER NA 20 -16.84 0.88 70.98
CA SER NA 20 -15.75 1.44 71.79
C SER NA 20 -14.48 0.60 71.68
N GLY NA 21 -14.13 0.25 70.45
CA GLY NA 21 -12.98 -0.56 70.15
C GLY NA 21 -12.33 -0.10 68.86
N ARG NA 22 -12.59 1.16 68.48
CA ARG NA 22 -12.12 1.72 67.22
C ARG NA 22 -10.60 1.80 67.18
N LYS NA 23 -10.01 2.60 68.07
CA LYS NA 23 -8.56 2.76 68.12
C LYS NA 23 -7.98 2.29 69.45
N SER NA 24 -8.66 1.37 70.13
CA SER NA 24 -8.19 0.86 71.42
C SER NA 24 -8.61 -0.60 71.56
N LEU NA 25 -8.10 -1.25 72.61
CA LEU NA 25 -8.39 -2.65 72.89
C LEU NA 25 -9.03 -2.88 74.24
N ASP NA 26 -8.67 -2.09 75.25
CA ASP NA 26 -9.03 -2.40 76.64
C ASP NA 26 -10.51 -2.16 76.92
N LYS NA 27 -11.15 -1.30 76.15
CA LYS NA 27 -12.56 -1.00 76.36
C LYS NA 27 -13.49 -2.04 75.74
N VAL NA 28 -12.94 -3.08 75.11
CA VAL NA 28 -13.77 -4.12 74.51
C VAL NA 28 -14.10 -5.20 75.52
N VAL NA 29 -13.20 -5.46 76.47
CA VAL NA 29 -13.25 -6.69 77.27
C VAL NA 29 -14.36 -6.63 78.31
N ALA NA 30 -14.57 -5.46 78.92
CA ALA NA 30 -15.57 -5.35 79.97
C ALA NA 30 -17.03 -5.47 79.49
N PRO NA 31 -17.47 -4.93 78.31
CA PRO NA 31 -18.83 -5.28 77.87
C PRO NA 31 -18.95 -6.69 77.32
N VAL NA 32 -17.85 -7.26 76.81
CA VAL NA 32 -17.88 -8.64 76.36
C VAL NA 32 -17.98 -9.60 77.55
N ASN NA 33 -17.25 -9.31 78.63
CA ASN NA 33 -17.46 -10.04 79.88
C ASN NA 33 -18.82 -9.75 80.47
N GLY NA 34 -19.36 -8.55 80.23
CA GLY NA 34 -20.69 -8.21 80.66
C GLY NA 34 -21.81 -8.75 79.81
N ALA NA 35 -21.49 -9.55 78.79
CA ALA NA 35 -22.49 -10.16 77.93
C ALA NA 35 -22.48 -11.68 77.99
N ILE NA 36 -21.30 -12.31 78.01
CA ILE NA 36 -21.20 -13.77 77.92
C ILE NA 36 -21.76 -14.43 79.17
N SER NA 37 -21.46 -13.88 80.34
CA SER NA 37 -22.07 -14.32 81.58
C SER NA 37 -23.45 -13.72 81.81
N GLU NA 38 -24.03 -13.08 80.80
CA GLU NA 38 -25.30 -12.37 80.94
C GLU NA 38 -26.27 -12.75 79.83
N ILE NA 39 -25.74 -13.20 78.68
CA ILE NA 39 -26.60 -13.89 77.72
C ILE NA 39 -26.86 -15.32 78.19
N ARG NA 40 -25.93 -15.88 78.99
CA ARG NA 40 -26.15 -17.17 79.65
C ARG NA 40 -27.32 -17.10 80.62
N GLY NA 41 -27.60 -15.93 81.20
CA GLY NA 41 -28.77 -15.74 82.04
C GLY NA 41 -30.09 -15.88 81.31
N ALA NA 42 -30.09 -15.82 79.99
CA ALA NA 42 -31.26 -16.13 79.18
C ALA NA 42 -31.17 -17.45 78.45
N ALA NA 43 -29.96 -17.92 78.14
CA ALA NA 43 -29.82 -19.23 77.51
C ALA NA 43 -30.12 -20.36 78.49
N ALA NA 44 -29.94 -20.10 79.79
CA ALA NA 44 -30.40 -21.03 80.81
C ALA NA 44 -31.85 -20.78 81.20
N GLU NA 45 -32.36 -19.56 80.98
CA GLU NA 45 -33.75 -19.26 81.29
C GLU NA 45 -34.68 -19.85 80.25
N LEU NA 46 -34.27 -19.83 78.98
CA LEU NA 46 -35.09 -20.32 77.88
C LEU NA 46 -34.94 -21.81 77.64
N GLU NA 47 -34.42 -22.57 78.62
CA GLU NA 47 -34.31 -24.01 78.46
C GLU NA 47 -35.67 -24.69 78.53
N ASN NA 48 -36.63 -24.08 79.22
CA ASN NA 48 -37.93 -24.71 79.47
C ASN NA 48 -39.06 -23.68 79.35
N LEU NA 49 -39.57 -23.51 78.13
CA LEU NA 49 -40.75 -22.72 77.85
C LEU NA 49 -41.66 -23.50 76.92
N PRO NA 50 -42.97 -23.46 77.15
CA PRO NA 50 -43.89 -24.23 76.30
C PRO NA 50 -44.36 -23.47 75.06
N GLY NA 51 -43.67 -22.40 74.66
CA GLY NA 51 -44.18 -21.60 73.56
C GLY NA 51 -45.26 -20.64 74.04
N VAL NA 52 -44.83 -19.65 74.83
CA VAL NA 52 -45.74 -18.94 75.74
C VAL NA 52 -46.75 -18.07 75.00
N SER NA 53 -46.39 -17.52 73.85
CA SER NA 53 -47.27 -16.57 73.17
C SER NA 53 -46.93 -16.55 71.69
N PRO NA 54 -47.87 -16.11 70.82
CA PRO NA 54 -47.49 -15.79 69.44
C PRO NA 54 -46.72 -14.49 69.36
N GLU NA 55 -46.95 -13.61 70.33
CA GLU NA 55 -46.04 -12.52 70.64
C GLU NA 55 -45.00 -13.05 71.61
N MET NA 56 -44.20 -12.15 72.22
CA MET NA 56 -43.26 -12.42 73.31
C MET NA 56 -42.09 -13.33 72.91
N ALA NA 57 -42.12 -13.84 71.67
CA ALA NA 57 -41.09 -14.67 71.09
C ALA NA 57 -40.72 -14.24 69.68
N ALA NA 58 -41.60 -13.50 69.00
CA ALA NA 58 -41.14 -12.64 67.92
C ALA NA 58 -40.23 -11.54 68.45
N ARG NA 59 -40.46 -11.11 69.69
CA ARG NA 59 -39.53 -10.23 70.39
C ARG NA 59 -38.18 -10.91 70.57
N LEU NA 60 -38.19 -12.21 70.83
CA LEU NA 60 -36.94 -12.98 70.88
C LEU NA 60 -36.31 -13.06 69.49
N GLN NA 61 -37.12 -13.14 68.45
CA GLN NA 61 -36.59 -13.10 67.09
C GLN NA 61 -36.11 -11.72 66.71
N ARG NA 62 -36.77 -10.66 67.21
CA ARG NA 62 -36.26 -9.31 67.02
C ARG NA 62 -34.95 -9.10 67.77
N ALA NA 63 -34.76 -9.78 68.90
CA ALA NA 63 -33.55 -9.61 69.68
C ALA NA 63 -32.40 -10.44 69.13
N MET NA 64 -32.66 -11.72 68.80
CA MET NA 64 -31.58 -12.59 68.36
C MET NA 64 -31.13 -12.29 66.94
N ARG NA 65 -31.95 -11.63 66.13
CA ARG NA 65 -31.43 -11.04 64.90
C ARG NA 65 -30.48 -9.90 65.23
N GLY NA 66 -30.81 -9.10 66.25
CA GLY NA 66 -29.96 -7.97 66.61
C GLY NA 66 -28.66 -8.42 67.27
N ILE NA 67 -28.71 -9.45 68.10
CA ILE NA 67 -27.49 -9.99 68.71
C ILE NA 67 -26.66 -10.70 67.64
N GLY NA 68 -27.32 -11.28 66.64
CA GLY NA 68 -26.61 -11.78 65.48
C GLY NA 68 -25.94 -10.69 64.67
N GLN NA 69 -26.50 -9.48 64.68
CA GLN NA 69 -25.79 -8.37 64.07
C GLN NA 69 -24.66 -7.89 64.97
N ALA NA 70 -24.77 -8.13 66.27
CA ALA NA 70 -23.76 -7.65 67.21
C ALA NA 70 -22.49 -8.48 67.17
N GLN NA 71 -22.59 -9.75 66.79
CA GLN NA 71 -21.39 -10.54 66.55
C GLN NA 71 -20.62 -10.02 65.35
N GLY NA 72 -21.34 -9.62 64.30
CA GLY NA 72 -20.67 -9.13 63.11
C GLY NA 72 -20.00 -7.79 63.31
N LYS NA 73 -20.51 -6.97 64.23
CA LYS NA 73 -19.87 -5.68 64.47
C LYS NA 73 -18.61 -5.85 65.32
N VAL NA 74 -18.65 -6.73 66.32
CA VAL NA 74 -17.49 -6.95 67.18
C VAL NA 74 -16.38 -7.64 66.41
N ASN NA 75 -16.71 -8.74 65.73
CA ASN NA 75 -15.69 -9.56 65.08
C ASN NA 75 -15.07 -8.92 63.85
N ARG NA 76 -15.64 -7.83 63.33
CA ARG NA 76 -14.97 -7.07 62.28
C ARG NA 76 -14.13 -5.93 62.83
N VAL NA 77 -14.58 -5.30 63.92
CA VAL NA 77 -13.78 -4.25 64.55
C VAL NA 77 -12.55 -4.85 65.23
N VAL NA 78 -12.72 -6.04 65.83
CA VAL NA 78 -11.58 -6.74 66.43
C VAL NA 78 -10.59 -7.20 65.37
N SER NA 79 -11.08 -7.65 64.20
CA SER NA 79 -10.23 -8.18 63.16
C SER NA 79 -9.37 -7.13 62.47
N THR NA 80 -9.60 -5.84 62.72
CA THR NA 80 -8.73 -4.79 62.19
C THR NA 80 -7.42 -4.67 62.96
N TYR NA 81 -7.26 -5.35 64.07
CA TYR NA 81 -6.08 -5.19 64.89
C TYR NA 81 -5.02 -6.25 64.58
N ASP NA 82 -3.82 -6.01 65.11
CA ASP NA 82 -2.76 -7.00 65.06
C ASP NA 82 -3.12 -8.19 65.95
N ARG NA 83 -2.61 -9.36 65.56
CA ARG NA 83 -2.83 -10.55 66.38
C ARG NA 83 -2.02 -10.50 67.66
N ALA NA 84 -0.82 -9.92 67.60
CA ALA NA 84 0.03 -9.83 68.79
C ALA NA 84 -0.52 -8.84 69.80
N SER NA 85 -1.14 -7.75 69.32
CA SER NA 85 -1.84 -6.85 70.23
C SER NA 85 -3.13 -7.46 70.75
N ARG NA 86 -3.71 -8.41 70.00
CA ARG NA 86 -4.90 -9.11 70.46
C ARG NA 86 -4.54 -10.26 71.39
N ALA NA 87 -3.36 -10.86 71.22
CA ALA NA 87 -2.96 -11.96 72.08
C ALA NA 87 -2.57 -11.48 73.47
N LEU NA 88 -1.97 -10.30 73.57
CA LEU NA 88 -1.63 -9.74 74.87
C LEU NA 88 -2.89 -9.33 75.64
N LEU NA 89 -3.95 -8.96 74.92
CA LEU NA 89 -5.22 -8.68 75.57
C LEU NA 89 -5.94 -9.97 75.95
N GLY NA 90 -5.92 -10.96 75.06
CA GLY NA 90 -6.51 -12.24 75.35
C GLY NA 90 -8.02 -12.27 75.17
N ILE NA 91 -8.50 -11.92 73.97
CA ILE NA 91 -9.91 -12.03 73.68
C ILE NA 91 -10.12 -12.88 72.43
N ASP NA 92 -9.05 -13.54 71.97
CA ASP NA 92 -9.22 -14.60 70.99
C ASP NA 92 -9.93 -15.79 71.62
N GLU NA 93 -9.57 -16.12 72.86
CA GLU NA 93 -10.22 -17.17 73.63
C GLU NA 93 -11.44 -16.67 74.38
N ARG NA 94 -11.91 -15.46 74.09
CA ARG NA 94 -13.11 -14.92 74.73
C ARG NA 94 -14.24 -14.68 73.75
N LEU NA 95 -13.95 -14.23 72.52
CA LEU NA 95 -14.99 -14.02 71.53
C LEU NA 95 -15.58 -15.32 71.01
N ASP NA 96 -14.88 -16.45 71.17
CA ASP NA 96 -15.46 -17.74 70.83
C ASP NA 96 -16.56 -18.15 71.80
N ALA NA 97 -16.56 -17.61 73.03
CA ALA NA 97 -17.64 -17.89 73.96
C ALA NA 97 -18.93 -17.20 73.54
N LEU NA 98 -18.82 -16.11 72.76
CA LEU NA 98 -20.00 -15.57 72.09
C LEU NA 98 -20.53 -16.52 71.04
N LYS NA 99 -19.65 -17.29 70.40
CA LYS NA 99 -20.13 -18.31 69.48
C LYS NA 99 -20.70 -19.52 70.21
N VAL NA 100 -20.48 -19.62 71.52
CA VAL NA 100 -21.07 -20.68 72.31
C VAL NA 100 -22.39 -20.23 72.94
N GLN NA 101 -22.39 -19.06 73.58
CA GLN NA 101 -23.55 -18.66 74.37
C GLN NA 101 -24.69 -18.13 73.51
N VAL NA 102 -24.37 -17.35 72.47
CA VAL NA 102 -25.43 -16.82 71.61
C VAL NA 102 -26.02 -17.90 70.73
N ASN NA 103 -25.18 -18.86 70.28
CA ASN NA 103 -25.71 -20.01 69.55
C ASN NA 103 -26.55 -20.90 70.45
N SER NA 104 -26.18 -21.02 71.73
CA SER NA 104 -27.05 -21.72 72.67
C SER NA 104 -28.31 -20.93 72.95
N ALA NA 105 -28.24 -19.60 72.84
CA ALA NA 105 -29.43 -18.77 72.99
C ALA NA 105 -30.29 -18.79 71.74
N ALA NA 106 -29.66 -18.87 70.56
CA ALA NA 106 -30.44 -18.96 69.32
C ALA NA 106 -31.08 -20.33 69.15
N GLN NA 107 -30.42 -21.39 69.63
CA GLN NA 107 -31.06 -22.70 69.67
C GLN NA 107 -32.19 -22.75 70.69
N ALA NA 108 -32.09 -21.95 71.76
CA ALA NA 108 -33.16 -21.92 72.76
C ALA NA 108 -34.39 -21.18 72.24
N VAL NA 109 -34.17 -20.11 71.47
CA VAL NA 109 -35.29 -19.38 70.87
C VAL NA 109 -35.95 -20.23 69.78
N GLY NA 110 -35.14 -20.95 68.99
CA GLY NA 110 -35.69 -21.76 67.93
C GLY NA 110 -36.48 -22.96 68.42
N LYS NA 111 -36.19 -23.43 69.63
CA LYS NA 111 -37.00 -24.51 70.20
C LYS NA 111 -38.34 -23.97 70.68
N VAL NA 112 -38.35 -22.79 71.29
CA VAL NA 112 -39.59 -22.20 71.79
C VAL NA 112 -40.43 -21.70 70.62
N ALA NA 113 -39.85 -20.89 69.75
CA ALA NA 113 -40.53 -20.38 68.57
C ALA NA 113 -39.68 -20.68 67.34
N GLY NA 114 -40.15 -21.61 66.51
CA GLY NA 114 -39.43 -21.95 65.30
C GLY NA 114 -39.51 -20.86 64.25
N ASP NA 115 -38.65 -20.99 63.25
CA ASP NA 115 -38.60 -19.99 62.20
C ASP NA 115 -39.74 -20.17 61.20
N ILE NA 116 -40.02 -19.11 60.45
CA ILE NA 116 -40.98 -19.21 59.37
C ILE NA 116 -40.34 -19.99 58.22
N SER NA 117 -41.18 -20.68 57.45
CA SER NA 117 -40.68 -21.42 56.30
C SER NA 117 -40.21 -20.45 55.21
N PRO NA 118 -39.13 -20.78 54.51
CA PRO NA 118 -38.66 -19.92 53.42
C PRO NA 118 -39.59 -20.00 52.22
N THR NA 119 -40.64 -19.17 52.22
CA THR NA 119 -41.66 -19.21 51.18
C THR NA 119 -41.08 -18.87 49.81
N LEU NA 120 -41.74 -19.37 48.77
CA LEU NA 120 -41.23 -19.29 47.40
C LEU NA 120 -42.18 -18.47 46.55
N ALA NA 121 -41.68 -17.36 46.03
CA ALA NA 121 -42.42 -16.54 45.09
C ALA NA 121 -41.81 -16.51 43.69
N GLY NA 122 -40.60 -17.01 43.52
CA GLY NA 122 -39.96 -17.03 42.23
C GLY NA 122 -40.04 -18.36 41.53
N VAL NA 123 -41.19 -19.03 41.64
CA VAL NA 123 -41.41 -20.32 41.00
C VAL NA 123 -41.99 -20.04 39.62
N LEU NA 124 -41.24 -20.36 38.59
CA LEU NA 124 -41.61 -20.14 37.21
C LEU NA 124 -42.11 -21.44 36.59
N PRO NA 125 -42.82 -21.38 35.47
CA PRO NA 125 -43.09 -22.60 34.69
C PRO NA 125 -41.85 -22.99 33.88
N SER NA 126 -42.03 -24.02 33.05
CA SER NA 126 -40.93 -24.61 32.28
C SER NA 126 -40.84 -24.02 30.88
N TRP NA 127 -41.15 -22.72 30.75
CA TRP NA 127 -41.22 -22.04 29.47
C TRP NA 127 -40.19 -20.95 29.30
N LEU NA 128 -39.97 -20.16 30.35
CA LEU NA 128 -39.16 -18.94 30.25
C LEU NA 128 -37.69 -19.25 29.97
N LEU NA 129 -37.25 -20.46 30.31
CA LEU NA 129 -36.02 -21.02 29.76
C LEU NA 129 -36.46 -22.27 29.00
N ALA NA 130 -36.90 -22.06 27.75
CA ALA NA 130 -37.26 -23.10 26.78
C ALA NA 130 -37.36 -22.44 25.41
N PRO NA 131 -36.64 -22.92 24.40
CA PRO NA 131 -36.70 -22.26 23.09
C PRO NA 131 -37.91 -22.69 22.29
N SER NA 132 -38.46 -21.74 21.53
CA SER NA 132 -39.55 -22.06 20.62
C SER NA 132 -38.98 -22.83 19.44
N ALA NA 133 -39.19 -24.15 19.45
CA ALA NA 133 -38.59 -25.03 18.45
C ALA NA 133 -39.31 -25.01 17.11
N THR NA 134 -40.40 -24.27 16.98
CA THR NA 134 -41.07 -24.16 15.71
C THR NA 134 -40.24 -23.29 14.75
N PRO NA 135 -40.22 -23.62 13.46
CA PRO NA 135 -39.44 -22.81 12.52
C PRO NA 135 -40.13 -21.48 12.29
N PRO NA 136 -39.38 -20.43 11.95
CA PRO NA 136 -39.97 -19.10 11.79
C PRO NA 136 -40.72 -19.00 10.47
N SER NA 137 -41.30 -17.82 10.24
CA SER NA 137 -42.03 -17.56 9.00
C SER NA 137 -41.10 -17.41 7.80
N GLU NA 138 -39.79 -17.24 8.03
CA GLU NA 138 -38.84 -17.17 6.94
C GLU NA 138 -38.67 -18.53 6.25
N ALA NA 139 -38.66 -19.61 7.03
CA ALA NA 139 -38.47 -20.94 6.48
C ALA NA 139 -39.67 -21.45 5.71
N ALA NA 140 -40.85 -20.86 5.94
CA ALA NA 140 -42.06 -21.25 5.23
C ALA NA 140 -42.41 -20.28 4.11
N ALA NA 141 -41.51 -19.35 3.78
CA ALA NA 141 -41.80 -18.34 2.78
C ALA NA 141 -41.79 -18.95 1.38
N SER NA 142 -42.30 -18.19 0.41
CA SER NA 142 -42.32 -18.61 -0.98
C SER NA 142 -41.09 -18.12 -1.73
N LEU NA 143 -39.91 -18.40 -1.19
CA LEU NA 143 -38.65 -18.04 -1.82
C LEU NA 143 -37.66 -19.14 -1.48
N PRO NA 144 -36.97 -19.71 -2.47
CA PRO NA 144 -35.93 -20.68 -2.17
C PRO NA 144 -34.74 -20.02 -1.49
N HIS NA 145 -34.27 -20.67 -0.43
CA HIS NA 145 -33.24 -20.06 0.40
C HIS NA 145 -31.88 -20.12 -0.28
N LEU NA 146 -31.19 -18.99 -0.24
CA LEU NA 146 -29.94 -18.82 -0.97
C LEU NA 146 -28.76 -19.44 -0.24
N LEU NA 147 -28.77 -19.38 1.09
CA LEU NA 147 -27.74 -19.89 1.99
C LEU NA 147 -28.33 -19.90 3.38
N VAL NA 148 -27.87 -20.81 4.23
CA VAL NA 148 -28.46 -20.98 5.56
C VAL NA 148 -27.35 -21.04 6.60
N LEU NA 149 -27.40 -20.16 7.58
CA LEU NA 149 -26.54 -20.20 8.75
C LEU NA 149 -27.24 -20.95 9.86
N GLN NA 150 -26.54 -21.86 10.52
CA GLN NA 150 -27.13 -22.63 11.62
C GLN NA 150 -26.07 -23.11 12.60
N PRO NA 151 -26.26 -22.87 13.90
CA PRO NA 151 -25.18 -23.07 14.88
C PRO NA 151 -25.08 -24.48 15.46
N LEU NA 152 -24.18 -24.65 16.44
CA LEU NA 152 -23.91 -25.98 17.00
C LEU NA 152 -24.87 -26.37 18.11
N THR NA 153 -25.58 -25.40 18.70
CA THR NA 153 -26.49 -25.75 19.79
C THR NA 153 -27.70 -26.52 19.29
N ALA NA 154 -28.00 -26.41 18.00
CA ALA NA 154 -28.96 -27.16 17.19
C ALA NA 154 -30.41 -26.85 17.52
N ASN NA 155 -30.70 -26.08 18.57
CA ASN NA 155 -32.04 -25.61 18.85
C ASN NA 155 -32.22 -24.12 18.62
N ALA NA 156 -31.15 -23.39 18.40
CA ALA NA 156 -31.24 -21.97 18.13
C ALA NA 156 -31.82 -21.73 16.74
N GLN NA 157 -32.36 -20.54 16.54
CA GLN NA 157 -33.03 -20.23 15.29
C GLN NA 157 -32.01 -19.99 14.19
N PRO NA 158 -32.10 -20.69 13.06
CA PRO NA 158 -31.17 -20.45 11.96
C PRO NA 158 -31.47 -19.15 11.23
N PHE NA 159 -30.49 -18.69 10.49
CA PHE NA 159 -30.64 -17.52 9.62
C PHE NA 159 -30.78 -17.99 8.19
N TYR NA 160 -31.79 -17.48 7.51
CA TYR NA 160 -32.09 -17.87 6.14
C TYR NA 160 -31.77 -16.72 5.21
N PHE NA 161 -30.88 -16.94 4.25
CA PHE NA 161 -30.61 -15.95 3.22
C PHE NA 161 -31.60 -16.16 2.08
N ASN NA 162 -32.41 -15.15 1.82
CA ASN NA 162 -33.29 -15.09 0.66
C ASN NA 162 -33.56 -13.62 0.37
N LEU NA 163 -34.48 -13.34 -0.54
CA LEU NA 163 -34.79 -11.96 -0.90
C LEU NA 163 -35.53 -11.22 0.21
N ASN NA 164 -36.13 -11.93 1.16
CA ASN NA 164 -36.74 -11.27 2.29
C ASN NA 164 -35.72 -10.82 3.33
N THR NA 165 -34.62 -11.56 3.51
CA THR NA 165 -33.72 -11.17 4.59
C THR NA 165 -32.47 -10.42 4.15
N ALA NA 166 -31.54 -11.07 3.44
CA ALA NA 166 -30.31 -10.37 3.08
C ALA NA 166 -30.00 -10.38 1.59
N ALA NA 167 -30.03 -11.57 0.96
CA ALA NA 167 -29.94 -11.77 -0.49
C ALA NA 167 -28.63 -11.21 -1.07
N PHE NA 168 -27.53 -11.88 -0.72
CA PHE NA 168 -26.24 -11.54 -1.32
C PHE NA 168 -26.20 -11.87 -2.81
N ASP NA 169 -25.54 -11.02 -3.61
CA ASP NA 169 -25.14 -11.41 -4.96
C ASP NA 169 -23.67 -11.04 -5.13
N ALA NA 170 -22.80 -11.87 -4.54
CA ALA NA 170 -21.38 -12.05 -4.81
C ALA NA 170 -20.94 -13.14 -3.85
N LEU NA 171 -19.92 -13.92 -4.20
CA LEU NA 171 -19.46 -14.95 -3.27
C LEU NA 171 -17.96 -15.19 -3.53
N GLN NA 172 -17.13 -14.46 -2.79
CA GLN NA 172 -15.71 -14.74 -2.75
C GLN NA 172 -15.47 -16.01 -1.95
N ARG NA 173 -14.62 -16.89 -2.46
CA ARG NA 173 -14.21 -18.06 -1.68
C ARG NA 173 -12.72 -18.26 -1.86
N ASN NA 174 -11.94 -17.61 -0.99
CA ASN NA 174 -10.50 -17.86 -0.95
C ASN NA 174 -10.23 -19.19 -0.27
N SER NA 175 -9.20 -19.88 -0.76
CA SER NA 175 -8.81 -21.16 -0.16
C SER NA 175 -7.33 -21.36 -0.44
N ALA NA 176 -6.49 -21.03 0.55
CA ALA NA 176 -5.07 -21.26 0.41
C ALA NA 176 -4.73 -22.72 0.70
N TYR NA 177 -3.47 -23.08 0.46
CA TYR NA 177 -2.94 -24.40 0.79
C TYR NA 177 -1.52 -24.20 1.25
N ASN NA 178 -1.21 -24.67 2.45
CA ASN NA 178 0.00 -24.26 3.16
C ASN NA 178 1.17 -25.08 2.66
N TRP NA 179 1.86 -24.56 1.66
CA TRP NA 179 3.11 -25.11 1.14
C TRP NA 179 4.24 -24.18 1.57
N SER NA 180 5.15 -24.69 2.40
CA SER NA 180 6.22 -23.88 2.97
C SER NA 180 7.49 -24.07 2.16
N GLY NA 181 8.15 -22.97 1.83
CA GLY NA 181 9.38 -23.02 1.07
C GLY NA 181 10.61 -23.03 1.96
N GLN NA 182 11.54 -23.91 1.63
CA GLN NA 182 12.82 -24.02 2.33
C GLN NA 182 13.92 -23.83 1.31
N VAL NA 183 14.66 -22.71 1.42
CA VAL NA 183 15.65 -22.35 0.41
C VAL NA 183 16.87 -23.24 0.55
N ARG NA 184 17.18 -23.98 -0.52
CA ARG NA 184 18.40 -24.75 -0.62
C ARG NA 184 19.39 -23.94 -1.46
N LEU NA 185 20.68 -24.14 -1.21
CA LEU NA 185 21.68 -23.16 -1.64
C LEU NA 185 21.94 -23.24 -3.13
N GLY NA 186 22.13 -24.44 -3.67
CA GLY NA 186 22.49 -24.57 -5.06
C GLY NA 186 21.38 -24.98 -5.99
N ARG NA 187 20.12 -24.95 -5.55
CA ARG NA 187 19.05 -25.52 -6.34
C ARG NA 187 17.75 -24.81 -6.00
N ARG NA 188 16.65 -25.38 -6.49
CA ARG NA 188 15.33 -24.80 -6.28
C ARG NA 188 14.89 -25.01 -4.83
N PRO NA 189 14.10 -24.08 -4.27
CA PRO NA 189 13.66 -24.26 -2.88
C PRO NA 189 12.64 -25.37 -2.73
N ALA NA 190 12.88 -26.24 -1.75
CA ALA NA 190 11.99 -27.36 -1.51
C ALA NA 190 10.68 -26.89 -0.89
N LEU NA 191 9.58 -27.47 -1.36
CA LEU NA 191 8.24 -27.12 -0.90
C LEU NA 191 7.66 -28.31 -0.16
N GLN NA 192 7.13 -28.06 1.03
CA GLN NA 192 6.57 -29.10 1.88
C GLN NA 192 5.14 -28.72 2.25
N SER NA 193 4.25 -29.70 2.20
CA SER NA 193 2.86 -29.50 2.58
C SER NA 193 2.76 -29.56 4.10
N VAL NA 194 2.71 -28.40 4.74
CA VAL NA 194 2.72 -28.31 6.18
C VAL NA 194 1.34 -27.97 6.75
N GLY NA 195 0.28 -28.25 6.00
CA GLY NA 195 -1.05 -27.99 6.50
C GLY NA 195 -2.06 -27.71 5.40
N MET NA 196 -3.08 -26.93 5.72
CA MET NA 196 -4.18 -26.66 4.81
C MET NA 196 -4.38 -25.17 4.63
N GLY NA 197 -4.12 -24.39 5.67
CA GLY NA 197 -4.26 -22.95 5.56
C GLY NA 197 -5.69 -22.48 5.66
N GLU NA 198 -5.85 -21.17 5.68
CA GLU NA 198 -7.16 -20.57 5.90
C GLU NA 198 -8.00 -20.59 4.64
N GLU NA 199 -9.18 -21.18 4.73
CA GLU NA 199 -10.20 -21.09 3.68
C GLU NA 199 -11.29 -20.15 4.17
N SER NA 200 -11.61 -19.15 3.36
CA SER NA 200 -12.52 -18.10 3.75
C SER NA 200 -13.62 -17.93 2.71
N ILE NA 201 -14.78 -17.49 3.18
CA ILE NA 201 -15.94 -17.17 2.35
C ILE NA 201 -16.41 -15.77 2.70
N LEU NA 202 -16.56 -14.92 1.68
CA LEU NA 202 -16.92 -13.53 1.88
C LEU NA 202 -18.20 -13.25 1.11
N LEU NA 203 -19.23 -12.79 1.81
CA LEU NA 203 -20.55 -12.57 1.24
C LEU NA 203 -20.82 -11.07 1.15
N LYS NA 204 -20.84 -10.53 -0.06
CA LYS NA 204 -21.20 -9.13 -0.28
C LYS NA 204 -22.71 -8.93 -0.22
N GLY NA 205 -23.22 -7.81 -0.72
CA GLY NA 205 -24.65 -7.69 -0.90
C GLY NA 205 -25.18 -6.42 -0.32
N ALA NA 206 -26.50 -6.31 -0.30
CA ALA NA 206 -27.17 -5.10 0.18
C ALA NA 206 -28.55 -5.46 0.69
N VAL NA 207 -28.94 -4.85 1.80
CA VAL NA 207 -30.27 -4.98 2.36
C VAL NA 207 -30.97 -3.63 2.22
N PHE NA 208 -32.13 -3.63 1.58
CA PHE NA 208 -32.90 -2.40 1.44
C PHE NA 208 -34.11 -2.49 2.36
N PRO NA 209 -34.07 -1.91 3.54
CA PRO NA 209 -35.14 -2.17 4.52
C PRO NA 209 -36.37 -1.31 4.37
N LEU NA 210 -36.81 -1.06 3.14
CA LEU NA 210 -38.14 -0.54 2.85
C LEU NA 210 -38.83 -1.27 1.74
N ARG NA 211 -38.13 -2.12 1.01
CA ARG NA 211 -38.78 -2.97 0.02
C ARG NA 211 -39.64 -3.99 0.75
N ARG NA 212 -40.91 -4.06 0.36
CA ARG NA 212 -41.87 -4.92 1.05
C ARG NA 212 -41.57 -6.37 0.72
N GLN NA 213 -41.95 -7.25 1.64
CA GLN NA 213 -41.73 -8.68 1.46
C GLN NA 213 -42.57 -9.20 0.30
N VAL NA 214 -42.15 -10.35 -0.22
CA VAL NA 214 -42.58 -10.82 -1.53
C VAL NA 214 -44.07 -11.17 -1.51
N GLY NA 215 -44.78 -10.76 -2.55
CA GLY NA 215 -46.21 -10.93 -2.60
C GLY NA 215 -47.01 -9.92 -1.80
N ASN NA 216 -46.36 -8.87 -1.29
CA ASN NA 216 -46.96 -7.78 -0.50
C ASN NA 216 -47.68 -8.35 0.73
N GLN NA 217 -46.86 -8.89 1.64
CA GLN NA 217 -47.34 -9.57 2.83
C GLN NA 217 -47.71 -8.62 3.98
N GLU NA 218 -47.96 -7.34 3.68
CA GLU NA 218 -48.22 -6.28 4.67
C GLU NA 218 -47.08 -6.17 5.68
N LYS NA 219 -45.84 -6.39 5.21
CA LYS NA 219 -44.68 -6.45 6.08
C LYS NA 219 -43.46 -6.16 5.23
N VAL NA 220 -42.57 -5.30 5.71
CA VAL NA 220 -41.42 -4.87 4.96
C VAL NA 220 -40.20 -5.64 5.44
N VAL NA 221 -39.13 -5.54 4.65
CA VAL NA 221 -37.81 -5.97 5.11
C VAL NA 221 -37.37 -5.03 6.24
N GLY NA 222 -36.96 -5.60 7.36
CA GLY NA 222 -36.79 -4.82 8.56
C GLY NA 222 -35.40 -4.24 8.71
N LEU NA 223 -35.29 -3.31 9.66
CA LEU NA 223 -34.01 -2.81 10.12
C LEU NA 223 -33.33 -3.80 11.06
N GLU NA 224 -34.11 -4.67 11.69
CA GLU NA 224 -33.65 -5.71 12.60
C GLU NA 224 -32.89 -6.81 11.87
N GLN NA 225 -33.02 -6.88 10.56
CA GLN NA 225 -32.76 -8.10 9.79
C GLN NA 225 -31.31 -8.20 9.35
N LEU NA 226 -30.47 -7.25 9.76
CA LEU NA 226 -29.03 -7.41 9.71
C LEU NA 226 -28.42 -7.49 11.10
N GLU NA 227 -29.13 -6.95 12.10
CA GLU NA 227 -28.70 -7.12 13.48
C GLU NA 227 -28.92 -8.55 13.96
N ALA NA 228 -29.81 -9.29 13.30
CA ALA NA 228 -29.94 -10.73 13.55
C ALA NA 228 -28.67 -11.48 13.14
N LEU NA 229 -27.96 -10.99 12.11
CA LEU NA 229 -26.65 -11.53 11.79
C LEU NA 229 -25.63 -11.23 12.87
N ARG NA 230 -25.80 -10.10 13.57
CA ARG NA 230 -24.86 -9.76 14.62
C ARG NA 230 -25.08 -10.62 15.85
N ARG NA 231 -26.35 -10.76 16.29
CA ARG NA 231 -26.68 -11.60 17.45
C ARG NA 231 -26.27 -13.05 17.24
N LEU NA 232 -26.40 -13.55 16.03
CA LEU NA 232 -25.98 -14.91 15.70
C LEU NA 232 -24.47 -15.03 15.60
N ALA NA 233 -23.75 -13.92 15.57
CA ALA NA 233 -22.30 -13.93 15.51
C ALA NA 233 -21.63 -13.74 16.87
N GLU NA 234 -22.32 -13.16 17.87
CA GLU NA 234 -21.73 -13.09 19.21
C GLU NA 234 -21.98 -14.34 20.05
N ARG NA 235 -22.31 -15.47 19.44
CA ARG NA 235 -22.47 -16.72 20.16
C ARG NA 235 -21.15 -17.43 20.38
N ARG NA 236 -20.06 -16.95 19.76
CA ARG NA 236 -18.73 -17.57 19.79
C ARG NA 236 -18.79 -19.01 19.33
N GLU NA 237 -19.41 -19.22 18.18
CA GLU NA 237 -19.86 -20.55 17.85
C GLU NA 237 -19.77 -20.75 16.34
N PRO NA 238 -19.31 -21.91 15.88
CA PRO NA 238 -19.26 -22.15 14.44
C PRO NA 238 -20.65 -22.32 13.86
N LEU NA 239 -20.72 -22.25 12.53
CA LEU NA 239 -21.98 -22.26 11.81
C LEU NA 239 -21.86 -23.21 10.63
N ILE NA 240 -22.93 -23.95 10.36
CA ILE NA 240 -23.00 -24.81 9.18
C ILE NA 240 -23.57 -23.98 8.04
N LEU NA 241 -22.85 -23.91 6.93
CA LEU NA 241 -23.38 -23.34 5.72
C LEU NA 241 -24.16 -24.42 4.97
N SER NA 242 -25.34 -24.07 4.48
CA SER NA 242 -26.20 -25.01 3.78
C SER NA 242 -26.71 -24.34 2.51
N SER NA 243 -25.98 -24.52 1.41
CA SER NA 243 -26.39 -24.03 0.11
C SER NA 243 -27.37 -25.04 -0.51
N GLY NA 244 -27.64 -24.91 -1.80
CA GLY NA 244 -28.55 -25.85 -2.42
C GLY NA 244 -28.20 -26.25 -3.83
N TYR NA 245 -26.94 -26.08 -4.24
CA TYR NA 245 -26.59 -26.25 -5.65
C TYR NA 245 -25.58 -27.38 -5.89
N GLY NA 246 -24.44 -27.38 -5.21
CA GLY NA 246 -23.44 -28.39 -5.46
C GLY NA 246 -23.39 -29.37 -4.32
N GLU NA 247 -22.32 -29.33 -3.53
CA GLU NA 247 -22.38 -29.93 -2.21
C GLU NA 247 -23.32 -29.11 -1.34
N VAL NA 248 -24.14 -29.80 -0.56
CA VAL NA 248 -25.03 -29.09 0.35
C VAL NA 248 -24.43 -29.02 1.74
N GLN NA 249 -23.73 -30.08 2.16
CA GLN NA 249 -23.11 -30.14 3.47
C GLN NA 249 -21.75 -29.43 3.42
N MET NA 250 -21.79 -28.11 3.48
CA MET NA 250 -20.57 -27.38 3.75
C MET NA 250 -20.20 -27.54 5.22
N GLY NA 251 -18.94 -27.25 5.53
CA GLY NA 251 -18.40 -27.54 6.85
C GLY NA 251 -18.83 -26.55 7.91
N LEU NA 252 -18.07 -26.53 9.00
CA LEU NA 252 -18.28 -25.57 10.07
C LEU NA 252 -17.55 -24.29 9.72
N TRP NA 253 -18.28 -23.18 9.71
CA TRP NA 253 -17.76 -21.88 9.27
C TRP NA 253 -18.04 -20.85 10.35
N CYS NA 254 -17.01 -20.41 11.05
CA CYS NA 254 -17.19 -19.40 12.07
C CYS NA 254 -17.24 -18.03 11.39
N LEU NA 255 -18.06 -17.14 11.95
CA LEU NA 255 -18.25 -15.82 11.39
C LEU NA 255 -17.26 -14.86 12.04
N VAL NA 256 -16.59 -14.04 11.23
CA VAL NA 256 -15.47 -13.25 11.68
C VAL NA 256 -15.76 -11.75 11.60
N ARG NA 257 -16.37 -11.28 10.52
CA ARG NA 257 -16.49 -9.84 10.31
C ARG NA 257 -17.84 -9.49 9.70
N ILE NA 258 -18.49 -8.49 10.27
CA ILE NA 258 -19.68 -7.86 9.69
C ILE NA 258 -19.37 -6.38 9.55
N SER NA 259 -19.64 -5.82 8.36
CA SER NA 259 -19.39 -4.39 8.18
C SER NA 259 -20.44 -3.83 7.21
N GLU NA 260 -21.46 -3.20 7.76
CA GLU NA 260 -22.49 -2.57 6.94
C GLU NA 260 -22.15 -1.12 6.64
N ASN NA 261 -22.69 -0.62 5.54
CA ASN NA 261 -22.58 0.79 5.15
C ASN NA 261 -24.00 1.27 4.95
N GLN NA 262 -24.64 1.72 6.02
CA GLN NA 262 -26.04 2.12 5.95
C GLN NA 262 -26.14 3.62 5.70
N SER NA 263 -26.80 3.99 4.61
CA SER NA 263 -26.88 5.36 4.14
C SER NA 263 -28.26 5.60 3.56
N ALA NA 264 -28.44 6.80 2.98
CA ALA NA 264 -29.75 7.35 2.56
C ALA NA 264 -30.75 7.29 3.70
N LEU NA 265 -30.43 8.03 4.75
CA LEU NA 265 -31.10 7.89 6.04
C LEU NA 265 -32.47 8.54 6.03
N LEU NA 266 -33.33 8.08 6.93
CA LEU NA 266 -34.60 8.73 7.24
C LEU NA 266 -34.39 9.75 8.35
N GLY NA 267 -35.50 10.28 8.89
CA GLY NA 267 -35.40 11.32 9.89
C GLY NA 267 -34.87 10.82 11.23
N ASN NA 268 -35.32 9.64 11.65
CA ASN NA 268 -34.89 9.05 12.90
C ASN NA 268 -33.65 8.17 12.75
N GLY NA 269 -32.85 8.38 11.72
CA GLY NA 269 -31.66 7.61 11.52
C GLY NA 269 -31.84 6.32 10.77
N ALA NA 270 -33.05 5.99 10.36
CA ALA NA 270 -33.32 4.73 9.68
C ALA NA 270 -32.75 4.78 8.27
N PRO NA 271 -31.86 3.87 7.90
CA PRO NA 271 -31.39 3.81 6.52
C PRO NA 271 -32.46 3.21 5.61
N ARG NA 272 -32.17 3.27 4.32
CA ARG NA 272 -32.94 2.52 3.35
C ARG NA 272 -32.02 1.77 2.39
N LYS NA 273 -30.73 1.71 2.68
CA LYS NA 273 -29.82 0.74 2.10
C LYS NA 273 -28.84 0.32 3.18
N GLN NA 274 -28.45 -0.96 3.15
CA GLN NA 274 -27.45 -1.49 4.09
C GLN NA 274 -26.55 -2.43 3.31
N THR NA 275 -25.48 -1.89 2.75
CA THR NA 275 -24.53 -2.71 1.99
C THR NA 275 -23.53 -3.31 2.96
N PHE NA 276 -23.58 -4.63 3.12
CA PHE NA 276 -22.76 -5.35 4.08
C PHE NA 276 -21.72 -6.19 3.35
N ASP NA 277 -20.78 -6.72 4.12
CA ASP NA 277 -19.94 -7.81 3.65
C ASP NA 277 -19.57 -8.71 4.82
N LEU NA 278 -20.14 -9.91 4.83
CA LEU NA 278 -19.80 -10.91 5.82
C LEU NA 278 -18.49 -11.58 5.44
N GLU NA 279 -17.87 -12.26 6.39
CA GLU NA 279 -16.57 -12.89 6.12
C GLU NA 279 -16.39 -14.05 7.07
N PHE NA 280 -16.35 -15.27 6.52
CA PHE NA 280 -16.26 -16.50 7.29
C PHE NA 280 -14.86 -17.07 7.21
N LYS NA 281 -14.56 -17.99 8.12
CA LYS NA 281 -13.38 -18.84 8.02
C LYS NA 281 -13.81 -20.24 8.44
N ARG NA 282 -13.27 -21.25 7.75
CA ARG NA 282 -13.70 -22.62 7.99
C ARG NA 282 -13.14 -23.12 9.32
N TYR NA 283 -14.03 -23.36 10.27
CA TYR NA 283 -13.70 -24.02 11.53
C TYR NA 283 -13.23 -25.44 11.27
N GLY NA 284 -11.98 -25.74 11.63
CA GLY NA 284 -11.41 -27.04 11.32
C GLY NA 284 -11.76 -28.13 12.30
N ASP NA 285 -12.96 -28.70 12.19
CA ASP NA 285 -13.36 -29.78 13.08
C ASP NA 285 -12.67 -31.09 12.67
N ASP NA 286 -12.84 -32.11 13.51
CA ASP NA 286 -12.29 -33.43 13.25
C ASP NA 286 -13.07 -34.11 12.11
N ALA OA 2 -21.53 -79.61 40.94
CA ALA OA 2 -22.32 -78.62 41.66
C ALA OA 2 -22.07 -77.21 41.11
N TYR OA 3 -21.69 -77.14 39.84
CA TYR OA 3 -21.42 -75.86 39.19
C TYR OA 3 -22.69 -75.05 38.94
N LEU OA 4 -23.85 -75.71 38.93
CA LEU OA 4 -25.12 -75.00 38.79
C LEU OA 4 -25.42 -74.18 40.03
N GLU OA 5 -24.85 -74.56 41.17
CA GLU OA 5 -24.97 -73.79 42.40
C GLU OA 5 -23.77 -72.86 42.62
N GLN OA 6 -22.63 -73.16 42.01
CA GLN OA 6 -21.35 -72.61 42.43
C GLN OA 6 -21.03 -71.28 41.77
N LEU OA 7 -21.00 -71.24 40.42
CA LEU OA 7 -20.54 -70.03 39.72
C LEU OA 7 -21.56 -68.91 39.80
N GLN OA 8 -22.86 -69.24 39.77
CA GLN OA 8 -23.89 -68.21 39.91
C GLN OA 8 -23.87 -67.59 41.30
N ALA OA 9 -23.53 -68.38 42.32
CA ALA OA 9 -23.25 -67.80 43.62
C ALA OA 9 -21.89 -67.13 43.65
N GLY OA 10 -20.98 -67.55 42.77
CA GLY OA 10 -19.64 -66.98 42.77
C GLY OA 10 -19.60 -65.56 42.25
N LEU OA 11 -20.46 -65.25 41.27
CA LEU OA 11 -20.55 -63.88 40.76
C LEU OA 11 -21.23 -62.98 41.78
N ARG OA 12 -22.02 -63.55 42.69
CA ARG OA 12 -22.73 -62.76 43.70
C ARG OA 12 -21.77 -62.19 44.73
N TYR OA 13 -20.67 -62.88 45.02
CA TYR OA 13 -19.67 -62.32 45.93
C TYR OA 13 -18.93 -61.15 45.29
N LEU OA 14 -18.55 -61.30 44.02
CA LEU OA 14 -17.81 -60.24 43.34
C LEU OA 14 -18.67 -59.03 43.02
N GLY OA 15 -20.00 -59.18 43.04
CA GLY OA 15 -20.86 -58.02 43.01
C GLY OA 15 -20.76 -57.18 44.26
N ARG OA 16 -20.46 -57.81 45.40
CA ARG OA 16 -20.20 -57.07 46.62
C ARG OA 16 -18.76 -56.59 46.70
N ALA OA 17 -17.85 -57.23 45.97
CA ALA OA 17 -16.43 -56.91 46.09
C ALA OA 17 -16.12 -55.58 45.40
N GLY OA 18 -16.50 -55.44 44.14
CA GLY OA 18 -16.18 -54.25 43.39
C GLY OA 18 -17.10 -53.06 43.62
N GLU OA 19 -18.01 -53.13 44.58
CA GLU OA 19 -18.94 -52.03 44.77
C GLU OA 19 -18.96 -51.54 46.21
N SER OA 20 -18.73 -52.43 47.16
CA SER OA 20 -18.52 -52.01 48.55
C SER OA 20 -17.05 -51.73 48.82
N GLY OA 21 -16.44 -50.97 47.92
CA GLY OA 21 -15.04 -50.60 48.00
C GLY OA 21 -14.84 -49.20 47.49
N ARG OA 22 -15.92 -48.40 47.50
CA ARG OA 22 -15.90 -47.04 46.94
C ARG OA 22 -14.96 -46.14 47.72
N LYS OA 23 -15.26 -45.91 49.00
CA LYS OA 23 -14.44 -45.05 49.85
C LYS OA 23 -13.84 -45.81 51.01
N SER OA 24 -13.65 -47.12 50.88
CA SER OA 24 -13.09 -47.94 51.95
C SER OA 24 -12.30 -49.08 51.34
N LEU OA 25 -11.59 -49.81 52.19
CA LEU OA 25 -10.75 -50.94 51.78
C LEU OA 25 -11.13 -52.25 52.43
N ASP OA 26 -11.59 -52.22 53.68
CA ASP OA 26 -11.72 -53.44 54.47
C ASP OA 26 -12.91 -54.29 54.02
N LYS OA 27 -13.90 -53.69 53.37
CA LYS OA 27 -15.07 -54.44 52.91
C LYS OA 27 -14.83 -55.15 51.58
N VAL OA 28 -13.63 -55.05 51.02
CA VAL OA 28 -13.34 -55.72 49.76
C VAL OA 28 -12.84 -57.14 50.01
N VAL OA 29 -12.15 -57.37 51.13
CA VAL OA 29 -11.34 -58.57 51.30
C VAL OA 29 -12.21 -59.79 51.56
N ALA OA 30 -13.29 -59.63 52.33
CA ALA OA 30 -14.14 -60.76 52.68
C ALA OA 30 -14.95 -61.35 51.51
N PRO OA 31 -15.52 -60.57 50.54
CA PRO OA 31 -16.11 -61.24 49.37
C PRO OA 31 -15.07 -61.76 48.40
N VAL OA 32 -13.88 -61.17 48.37
CA VAL OA 32 -12.81 -61.69 47.51
C VAL OA 32 -12.28 -63.01 48.06
N ASN OA 33 -12.13 -63.10 49.38
CA ASN OA 33 -11.83 -64.39 50.00
C ASN OA 33 -13.02 -65.35 49.86
N GLY OA 34 -14.23 -64.83 49.81
CA GLY OA 34 -15.41 -65.63 49.58
C GLY OA 34 -15.65 -66.02 48.15
N ALA OA 35 -14.75 -65.68 47.25
CA ALA OA 35 -14.85 -66.05 45.83
C ALA OA 35 -13.72 -66.93 45.35
N ILE OA 36 -12.48 -66.65 45.77
CA ILE OA 36 -11.31 -67.36 45.24
C ILE OA 36 -11.30 -68.81 45.70
N SER OA 37 -11.63 -69.06 46.97
CA SER OA 37 -11.82 -70.41 47.47
C SER OA 37 -13.21 -70.97 47.15
N GLU OA 38 -13.96 -70.31 46.27
CA GLU OA 38 -15.34 -70.69 45.98
C GLU OA 38 -15.57 -70.75 44.47
N ILE OA 39 -14.78 -70.02 43.69
CA ILE OA 39 -14.74 -70.29 42.25
C ILE OA 39 -13.88 -71.53 41.99
N ARG OA 40 -12.93 -71.82 42.90
CA ARG OA 40 -12.17 -73.07 42.86
C ARG OA 40 -13.08 -74.28 43.04
N GLY OA 41 -14.20 -74.13 43.75
CA GLY OA 41 -15.19 -75.19 43.88
C GLY OA 41 -15.89 -75.55 42.57
N ALA OA 42 -15.80 -74.69 41.56
CA ALA OA 42 -16.26 -75.02 40.21
C ALA OA 42 -15.13 -75.26 39.23
N ALA OA 43 -13.95 -74.67 39.45
CA ALA OA 43 -12.82 -74.94 38.57
C ALA OA 43 -12.26 -76.34 38.80
N ALA OA 44 -12.48 -76.91 39.98
CA ALA OA 44 -12.18 -78.31 40.22
C ALA OA 44 -13.36 -79.21 39.87
N GLU OA 45 -14.57 -78.67 39.86
CA GLU OA 45 -15.74 -79.45 39.49
C GLU OA 45 -15.81 -79.66 37.98
N LEU OA 46 -15.42 -78.64 37.21
CA LEU OA 46 -15.48 -78.69 35.76
C LEU OA 46 -14.24 -79.31 35.14
N GLU OA 47 -13.45 -80.04 35.90
CA GLU OA 47 -12.27 -80.70 35.34
C GLU OA 47 -12.66 -81.87 34.44
N ASN OA 48 -13.81 -82.49 34.71
CA ASN OA 48 -14.22 -83.72 34.02
C ASN OA 48 -15.72 -83.69 33.70
N LEU OA 49 -16.05 -83.13 32.53
CA LEU OA 49 -17.40 -83.16 31.98
C LEU OA 49 -17.31 -83.53 30.51
N PRO OA 50 -18.22 -84.37 30.03
CA PRO OA 50 -18.17 -84.78 28.61
C PRO OA 50 -18.92 -83.85 27.67
N GLY OA 51 -19.22 -82.62 28.08
CA GLY OA 51 -20.06 -81.77 27.24
C GLY OA 51 -21.52 -82.12 27.40
N VAL OA 52 -22.07 -81.83 28.58
CA VAL OA 52 -23.28 -82.48 29.07
C VAL OA 52 -24.53 -82.09 28.28
N SER OA 53 -24.58 -80.88 27.74
CA SER OA 53 -25.80 -80.42 27.08
C SER OA 53 -25.45 -79.30 26.12
N PRO OA 54 -26.31 -79.04 25.11
CA PRO OA 54 -26.15 -77.80 24.32
C PRO OA 54 -26.62 -76.59 25.12
N GLU OA 55 -27.54 -76.82 26.06
CA GLU OA 55 -27.79 -75.89 27.14
C GLU OA 55 -26.80 -76.21 28.27
N MET OA 56 -27.02 -75.64 29.46
CA MET OA 56 -26.31 -75.95 30.71
C MET OA 56 -24.81 -75.57 30.69
N ALA OA 57 -24.33 -75.11 29.53
CA ALA OA 57 -22.97 -74.65 29.32
C ALA OA 57 -22.92 -73.34 28.55
N ALA OA 58 -23.97 -72.98 27.83
CA ALA OA 58 -24.21 -71.59 27.51
C ALA OA 58 -24.50 -70.80 28.78
N ARG OA 59 -25.10 -71.45 29.78
CA ARG OA 59 -25.20 -70.86 31.11
C ARG OA 59 -23.84 -70.60 31.71
N LEU OA 60 -22.89 -71.51 31.46
CA LEU OA 60 -21.51 -71.27 31.87
C LEU OA 60 -20.90 -70.12 31.09
N GLN OA 61 -21.27 -69.97 29.82
CA GLN OA 61 -20.81 -68.82 29.05
C GLN OA 61 -21.50 -67.54 29.48
N ARG OA 62 -22.76 -67.62 29.90
CA ARG OA 62 -23.42 -66.46 30.49
C ARG OA 62 -22.80 -66.08 31.82
N ALA OA 63 -22.28 -67.06 32.56
CA ALA OA 63 -21.69 -66.77 33.86
C ALA OA 63 -20.26 -66.27 33.73
N MET OA 64 -19.44 -66.92 32.90
CA MET OA 64 -18.04 -66.55 32.81
C MET OA 64 -17.82 -65.25 32.04
N ARG OA 65 -18.78 -64.84 31.21
CA ARG OA 65 -18.75 -63.47 30.72
C ARG OA 65 -19.03 -62.50 31.87
N GLY OA 66 -19.95 -62.85 32.76
CA GLY OA 66 -20.26 -61.99 33.88
C GLY OA 66 -19.15 -61.92 34.92
N ILE OA 67 -18.48 -63.05 35.18
CA ILE OA 67 -17.34 -63.03 36.09
C ILE OA 67 -16.16 -62.33 35.44
N GLY OA 68 -16.05 -62.41 34.12
CA GLY OA 68 -15.10 -61.58 33.40
C GLY OA 68 -15.39 -60.10 33.49
N GLN OA 69 -16.67 -59.73 33.63
CA GLN OA 69 -16.98 -58.33 33.91
C GLN OA 69 -16.70 -58.00 35.36
N ALA OA 70 -16.71 -59.00 36.24
CA ALA OA 70 -16.51 -58.75 37.66
C ALA OA 70 -15.05 -58.50 38.01
N GLN OA 71 -14.12 -59.03 37.21
CA GLN OA 71 -12.72 -58.66 37.37
C GLN OA 71 -12.48 -57.21 37.00
N GLY OA 72 -13.15 -56.73 35.95
CA GLY OA 72 -12.97 -55.35 35.53
C GLY OA 72 -13.55 -54.35 36.50
N LYS OA 73 -14.58 -54.74 37.24
CA LYS OA 73 -15.15 -53.81 38.21
C LYS OA 73 -14.30 -53.72 39.47
N VAL OA 74 -13.76 -54.86 39.93
CA VAL OA 74 -12.93 -54.87 41.12
C VAL OA 74 -11.59 -54.17 40.85
N ASN OA 75 -10.91 -54.55 39.77
CA ASN OA 75 -9.57 -54.06 39.50
C ASN OA 75 -9.52 -52.60 39.08
N ARG OA 76 -10.67 -51.98 38.76
CA ARG OA 76 -10.70 -50.54 38.54
C ARG OA 76 -11.06 -49.77 39.80
N VAL OA 77 -11.93 -50.32 40.65
CA VAL OA 77 -12.25 -49.68 41.92
C VAL OA 77 -11.07 -49.76 42.87
N VAL OA 78 -10.34 -50.88 42.85
CA VAL OA 78 -9.13 -51.03 43.65
C VAL OA 78 -8.04 -50.09 43.18
N SER OA 79 -7.91 -49.90 41.86
CA SER OA 79 -6.84 -49.08 41.30
C SER OA 79 -7.00 -47.59 41.56
N THR OA 80 -8.14 -47.15 42.09
CA THR OA 80 -8.30 -45.76 42.49
C THR OA 80 -7.62 -45.42 43.80
N TYR OA 81 -7.11 -46.41 44.52
CA TYR OA 81 -6.53 -46.18 45.83
C TYR OA 81 -5.02 -46.00 45.77
N ASP OA 82 -4.47 -45.53 46.88
CA ASP OA 82 -3.03 -45.46 47.06
C ASP OA 82 -2.47 -46.88 47.14
N ARG OA 83 -1.21 -47.03 46.70
CA ARG OA 83 -0.55 -48.32 46.81
C ARG OA 83 -0.18 -48.63 48.25
N ALA OA 84 0.18 -47.60 49.03
CA ALA OA 84 0.55 -47.81 50.43
C ALA OA 84 -0.66 -48.19 51.28
N SER OA 85 -1.83 -47.62 50.95
CA SER OA 85 -3.05 -48.05 51.63
C SER OA 85 -3.49 -49.43 51.15
N ARG OA 86 -3.08 -49.82 49.94
CA ARG OA 86 -3.38 -51.15 49.44
C ARG OA 86 -2.37 -52.18 49.95
N ALA OA 87 -1.13 -51.76 50.22
CA ALA OA 87 -0.12 -52.68 50.71
C ALA OA 87 -0.37 -53.05 52.17
N LEU OA 88 -0.89 -52.11 52.97
CA LEU OA 88 -1.21 -52.41 54.36
C LEU OA 88 -2.41 -53.34 54.45
N LEU OA 89 -3.31 -53.29 53.47
CA LEU OA 89 -4.42 -54.23 53.42
C LEU OA 89 -3.96 -55.58 52.90
N GLY OA 90 -3.12 -55.59 51.87
CA GLY OA 90 -2.58 -56.82 51.34
C GLY OA 90 -3.52 -57.55 50.42
N ILE OA 91 -3.98 -56.88 49.36
CA ILE OA 91 -4.80 -57.54 48.35
C ILE OA 91 -4.17 -57.37 46.98
N ASP OA 92 -2.94 -56.87 46.94
CA ASP OA 92 -2.15 -56.96 45.72
C ASP OA 92 -1.78 -58.41 45.42
N GLU OA 93 -1.42 -59.16 46.47
CA GLU OA 93 -1.15 -60.58 46.36
C GLU OA 93 -2.39 -61.44 46.51
N ARG OA 94 -3.57 -60.84 46.45
CA ARG OA 94 -4.82 -61.58 46.52
C ARG OA 94 -5.65 -61.47 45.25
N LEU OA 95 -5.67 -60.30 44.60
CA LEU OA 95 -6.42 -60.16 43.36
C LEU OA 95 -5.78 -60.88 42.19
N ASP OA 96 -4.49 -61.24 42.29
CA ASP OA 96 -3.87 -62.08 41.28
C ASP OA 96 -4.37 -63.51 41.32
N ALA OA 97 -4.90 -63.95 42.47
CA ALA OA 97 -5.49 -65.29 42.55
C ALA OA 97 -6.82 -65.34 41.80
N LEU OA 98 -7.48 -64.20 41.62
CA LEU OA 98 -8.60 -64.13 40.68
C LEU OA 98 -8.12 -64.31 39.25
N LYS OA 99 -6.91 -63.86 38.93
CA LYS OA 99 -6.36 -64.14 37.60
C LYS OA 99 -5.91 -65.59 37.46
N VAL OA 100 -5.81 -66.32 38.57
CA VAL OA 100 -5.48 -67.74 38.52
C VAL OA 100 -6.74 -68.60 38.48
N GLN OA 101 -7.69 -68.33 39.39
CA GLN OA 101 -8.83 -69.23 39.55
C GLN OA 101 -9.88 -69.04 38.47
N VAL OA 102 -10.16 -67.78 38.09
CA VAL OA 102 -11.16 -67.54 37.06
C VAL OA 102 -10.65 -67.94 35.69
N ASN OA 103 -9.35 -67.74 35.44
CA ASN OA 103 -8.76 -68.22 34.20
C ASN OA 103 -8.72 -69.74 34.15
N SER OA 104 -8.52 -70.40 35.30
CA SER OA 104 -8.66 -71.85 35.33
C SER OA 104 -10.12 -72.27 35.20
N ALA OA 105 -11.05 -71.41 35.61
CA ALA OA 105 -12.46 -71.70 35.39
C ALA OA 105 -12.88 -71.41 33.96
N ALA OA 106 -12.30 -70.39 33.33
CA ALA OA 106 -12.60 -70.10 31.93
C ALA OA 106 -11.99 -71.13 31.00
N GLN OA 107 -10.82 -71.66 31.35
CA GLN OA 107 -10.25 -72.77 30.59
C GLN OA 107 -11.06 -74.04 30.79
N ALA OA 108 -11.69 -74.20 31.95
CA ALA OA 108 -12.51 -75.38 32.19
C ALA OA 108 -13.82 -75.32 31.42
N VAL OA 109 -14.41 -74.13 31.29
CA VAL OA 109 -15.62 -73.97 30.50
C VAL OA 109 -15.32 -74.14 29.02
N GLY OA 110 -14.18 -73.61 28.56
CA GLY OA 110 -13.82 -73.73 27.16
C GLY OA 110 -13.48 -75.13 26.72
N LYS OA 111 -13.05 -75.99 27.66
CA LYS OA 111 -12.84 -77.39 27.32
C LYS OA 111 -14.17 -78.13 27.18
N VAL OA 112 -15.11 -77.84 28.07
CA VAL OA 112 -16.42 -78.49 28.02
C VAL OA 112 -17.24 -77.97 26.85
N ALA OA 113 -17.37 -76.64 26.75
CA ALA OA 113 -18.08 -76.01 25.64
C ALA OA 113 -17.17 -74.96 25.01
N GLY OA 114 -16.70 -75.23 23.81
CA GLY OA 114 -15.86 -74.29 23.11
C GLY OA 114 -16.63 -73.07 22.63
N ASP OA 115 -15.87 -72.05 22.23
CA ASP OA 115 -16.47 -70.81 21.79
C ASP OA 115 -16.99 -70.93 20.36
N ILE OA 116 -17.89 -70.02 19.99
CA ILE OA 116 -18.34 -69.94 18.62
C ILE OA 116 -17.22 -69.32 17.78
N SER OA 117 -17.18 -69.70 16.50
CA SER OA 117 -16.18 -69.14 15.61
C SER OA 117 -16.49 -67.67 15.33
N PRO OA 118 -15.46 -66.83 15.22
CA PRO OA 118 -15.70 -65.41 14.91
C PRO OA 118 -16.13 -65.23 13.46
N THR OA 119 -17.43 -65.34 13.20
CA THR OA 119 -17.97 -65.29 11.85
C THR OA 119 -17.73 -63.93 11.20
N LEU OA 120 -17.67 -63.94 9.87
CA LEU OA 120 -17.25 -62.79 9.09
C LEU OA 120 -18.41 -62.32 8.22
N ALA OA 121 -18.86 -61.09 8.45
CA ALA OA 121 -19.87 -60.47 7.63
C ALA OA 121 -19.36 -59.25 6.85
N GLY OA 122 -18.17 -58.76 7.18
CA GLY OA 122 -17.61 -57.62 6.49
C GLY OA 122 -16.59 -57.99 5.44
N VAL OA 123 -16.85 -59.07 4.70
CA VAL OA 123 -15.97 -59.52 3.63
C VAL OA 123 -16.42 -58.84 2.34
N LEU OA 124 -15.59 -57.97 1.82
CA LEU OA 124 -15.86 -57.21 0.62
C LEU OA 124 -15.14 -57.83 -0.57
N PRO OA 125 -15.55 -57.50 -1.79
CA PRO OA 125 -14.74 -57.86 -2.96
C PRO OA 125 -13.54 -56.90 -3.10
N SER OA 126 -12.81 -57.07 -4.20
CA SER OA 126 -11.58 -56.32 -4.44
C SER OA 126 -11.82 -55.08 -5.28
N TRP OA 127 -12.97 -54.43 -5.09
CA TRP OA 127 -13.40 -53.30 -5.90
C TRP OA 127 -13.53 -52.01 -5.12
N LEU OA 128 -14.09 -52.09 -3.90
CA LEU OA 128 -14.45 -50.90 -3.14
C LEU OA 128 -13.24 -50.10 -2.71
N LEU OA 129 -12.08 -50.73 -2.63
CA LEU OA 129 -10.80 -50.04 -2.63
C LEU OA 129 -10.07 -50.51 -3.88
N ALA OA 130 -10.39 -49.88 -5.01
CA ALA OA 130 -9.75 -50.05 -6.32
C ALA OA 130 -10.18 -48.90 -7.22
N PRO OA 131 -9.25 -48.15 -7.80
CA PRO OA 131 -9.64 -47.00 -8.62
C PRO OA 131 -10.04 -47.43 -10.03
N SER OA 132 -11.03 -46.74 -10.58
CA SER OA 132 -11.42 -46.96 -11.97
C SER OA 132 -10.36 -46.35 -12.87
N ALA OA 133 -9.50 -47.21 -13.43
CA ALA OA 133 -8.35 -46.78 -14.20
C ALA OA 133 -8.70 -46.33 -15.61
N THR OA 134 -9.95 -46.44 -16.01
CA THR OA 134 -10.35 -45.95 -17.33
C THR OA 134 -10.38 -44.43 -17.34
N PRO OA 135 -9.97 -43.80 -18.45
CA PRO OA 135 -9.99 -42.34 -18.51
C PRO OA 135 -11.40 -41.83 -18.58
N PRO OA 136 -11.66 -40.62 -18.09
CA PRO OA 136 -13.03 -40.09 -18.07
C PRO OA 136 -13.47 -39.64 -19.45
N SER OA 137 -14.71 -39.15 -19.52
CA SER OA 137 -15.26 -38.64 -20.76
C SER OA 137 -14.64 -37.32 -21.18
N GLU OA 138 -13.94 -36.64 -20.27
CA GLU OA 138 -13.26 -35.40 -20.62
C GLU OA 138 -12.07 -35.65 -21.53
N ALA OA 139 -11.33 -36.73 -21.28
CA ALA OA 139 -10.14 -37.03 -22.07
C ALA OA 139 -10.48 -37.51 -23.48
N ALA OA 140 -11.70 -37.98 -23.71
CA ALA OA 140 -12.14 -38.43 -25.02
C ALA OA 140 -12.98 -37.39 -25.74
N ALA OA 141 -13.06 -36.17 -25.21
CA ALA OA 141 -13.91 -35.14 -25.80
C ALA OA 141 -13.31 -34.62 -27.10
N SER OA 142 -14.12 -33.88 -27.84
CA SER OA 142 -13.67 -33.27 -29.10
C SER OA 142 -13.16 -31.84 -28.88
N LEU OA 143 -12.23 -31.68 -27.94
CA LEU OA 143 -11.62 -30.40 -27.66
C LEU OA 143 -10.17 -30.69 -27.27
N PRO OA 144 -9.21 -30.02 -27.89
CA PRO OA 144 -7.81 -30.18 -27.46
C PRO OA 144 -7.60 -29.57 -26.08
N HIS OA 145 -6.91 -30.31 -25.23
CA HIS OA 145 -6.77 -29.93 -23.84
C HIS OA 145 -5.78 -28.78 -23.69
N LEU OA 146 -6.16 -27.80 -22.91
CA LEU OA 146 -5.41 -26.56 -22.77
C LEU OA 146 -4.25 -26.71 -21.80
N LEU OA 147 -4.43 -27.50 -20.75
CA LEU OA 147 -3.47 -27.76 -19.69
C LEU OA 147 -3.99 -28.95 -18.91
N VAL OA 148 -3.08 -29.73 -18.33
CA VAL OA 148 -3.48 -30.97 -17.65
C VAL OA 148 -2.79 -31.03 -16.28
N LEU OA 149 -3.59 -31.16 -15.23
CA LEU OA 149 -3.11 -31.43 -13.89
C LEU OA 149 -3.13 -32.93 -13.65
N GLN OA 150 -2.05 -33.45 -13.07
CA GLN OA 150 -1.96 -34.89 -12.80
C GLN OA 150 -1.00 -35.18 -11.64
N PRO OA 151 -1.44 -35.95 -10.64
CA PRO OA 151 -0.68 -36.07 -9.38
C PRO OA 151 0.38 -37.17 -9.37
N LEU OA 152 0.99 -37.37 -8.20
CA LEU OA 152 2.11 -38.31 -8.09
C LEU OA 152 1.66 -39.74 -7.85
N THR OA 153 0.43 -39.95 -7.41
CA THR OA 153 -0.03 -41.32 -7.15
C THR OA 153 -0.18 -42.11 -8.44
N ALA OA 154 -0.34 -41.41 -9.57
CA ALA OA 154 -0.32 -41.88 -10.96
C ALA OA 154 -1.54 -42.71 -11.33
N ASN OA 155 -2.41 -43.07 -10.39
CA ASN OA 155 -3.66 -43.73 -10.70
C ASN OA 155 -4.88 -42.85 -10.46
N ALA OA 156 -4.70 -41.70 -9.82
CA ALA OA 156 -5.81 -40.79 -9.59
C ALA OA 156 -6.22 -40.13 -10.90
N GLN OA 157 -7.45 -39.62 -10.91
CA GLN OA 157 -7.99 -39.06 -12.14
C GLN OA 157 -7.39 -37.68 -12.38
N PRO OA 158 -6.82 -37.43 -13.55
CA PRO OA 158 -6.28 -36.10 -13.84
C PRO OA 158 -7.38 -35.09 -14.13
N PHE OA 159 -7.01 -33.82 -14.05
CA PHE OA 159 -7.90 -32.72 -14.38
C PHE OA 159 -7.50 -32.18 -15.74
N TYR OA 160 -8.47 -32.03 -16.63
CA TYR OA 160 -8.23 -31.58 -17.99
C TYR OA 160 -8.80 -30.18 -18.16
N PHE OA 161 -7.96 -29.22 -18.51
CA PHE OA 161 -8.42 -27.88 -18.84
C PHE OA 161 -8.80 -27.85 -20.32
N ASN OA 162 -10.06 -27.56 -20.59
CA ASN OA 162 -10.57 -27.30 -21.93
C ASN OA 162 -11.82 -26.45 -21.78
N LEU OA 163 -12.54 -26.24 -22.88
CA LEU OA 163 -13.74 -25.41 -22.84
C LEU OA 163 -14.88 -26.09 -22.09
N ASN OA 164 -14.82 -27.40 -21.90
CA ASN OA 164 -15.85 -28.06 -21.11
C ASN OA 164 -15.61 -27.89 -19.61
N THR OA 165 -14.36 -27.80 -19.16
CA THR OA 165 -14.17 -27.76 -17.71
C THR OA 165 -13.87 -26.36 -17.15
N ALA OA 166 -12.71 -25.78 -17.46
CA ALA OA 166 -12.38 -24.49 -16.85
C ALA OA 166 -12.03 -23.41 -17.86
N ALA OA 167 -11.09 -23.71 -18.78
CA ALA OA 167 -10.74 -22.87 -19.94
C ALA OA 167 -10.24 -21.49 -19.53
N PHE OA 168 -9.06 -21.47 -18.92
CA PHE OA 168 -8.42 -20.19 -18.60
C PHE OA 168 -7.99 -19.45 -19.87
N ASP OA 169 -8.11 -18.11 -19.85
CA ASP OA 169 -7.42 -17.28 -20.84
C ASP OA 169 -6.73 -16.16 -20.08
N ALA OA 170 -5.59 -16.51 -19.46
CA ALA OA 170 -4.49 -15.66 -19.00
C ALA OA 170 -3.48 -16.62 -18.40
N LEU OA 171 -2.21 -16.29 -18.43
CA LEU OA 171 -1.22 -17.18 -17.81
C LEU OA 171 -0.04 -16.34 -17.33
N GLN OA 172 -0.11 -15.91 -16.08
CA GLN OA 172 1.02 -15.31 -15.41
C GLN OA 172 2.05 -16.39 -15.08
N ARG OA 173 3.32 -16.11 -15.36
CA ARG OA 173 4.39 -17.02 -14.95
C ARG OA 173 5.54 -16.19 -14.38
N ASN OA 174 5.47 -15.92 -13.08
CA ASN OA 174 6.58 -15.30 -12.39
C ASN OA 174 7.71 -16.32 -12.18
N SER OA 175 8.94 -15.83 -12.28
CA SER OA 175 10.09 -16.71 -12.04
C SER OA 175 11.25 -15.83 -11.56
N ALA OA 176 11.45 -15.80 -10.24
CA ALA OA 176 12.56 -15.06 -9.69
C ALA OA 176 13.85 -15.87 -9.80
N TYR OA 177 14.97 -15.22 -9.47
CA TYR OA 177 16.27 -15.88 -9.40
C TYR OA 177 17.01 -15.27 -8.22
N ASN OA 178 17.44 -16.11 -7.29
CA ASN OA 178 17.86 -15.65 -5.97
C ASN OA 178 19.30 -15.15 -6.04
N TRP OA 179 19.44 -13.85 -6.29
CA TRP OA 179 20.73 -13.16 -6.24
C TRP OA 179 20.74 -12.28 -5.00
N SER OA 180 21.63 -12.57 -4.06
CA SER OA 180 21.67 -11.88 -2.78
C SER OA 180 22.73 -10.79 -2.83
N GLY OA 181 22.37 -9.59 -2.35
CA GLY OA 181 23.28 -8.47 -2.34
C GLY OA 181 24.00 -8.35 -1.00
N GLN OA 182 25.31 -8.13 -1.09
CA GLN OA 182 26.15 -7.91 0.09
C GLN OA 182 26.84 -6.57 -0.08
N VAL OA 183 26.47 -5.61 0.77
CA VAL OA 183 26.95 -4.25 0.61
C VAL OA 183 28.41 -4.15 1.05
N ARG OA 184 29.26 -3.74 0.12
CA ARG OA 184 30.66 -3.43 0.40
C ARG OA 184 30.77 -1.92 0.54
N LEU OA 185 31.74 -1.47 1.34
CA LEU OA 185 31.71 -0.11 1.85
C LEU OA 185 32.09 0.92 0.79
N GLY OA 186 33.17 0.67 0.05
CA GLY OA 186 33.63 1.65 -0.90
C GLY OA 186 33.31 1.38 -2.34
N ARG OA 187 32.42 0.44 -2.63
CA ARG OA 187 32.22 0.00 -4.01
C ARG OA 187 30.80 -0.52 -4.17
N ARG OA 188 30.55 -1.15 -5.32
CA ARG OA 188 29.23 -1.68 -5.63
C ARG OA 188 28.96 -2.93 -4.80
N PRO OA 189 27.70 -3.20 -4.45
CA PRO OA 189 27.40 -4.39 -3.64
C PRO OA 189 27.56 -5.67 -4.44
N ALA OA 190 28.25 -6.63 -3.84
CA ALA OA 190 28.49 -7.90 -4.51
C ALA OA 190 27.22 -8.74 -4.54
N LEU OA 191 26.98 -9.37 -5.69
CA LEU OA 191 25.80 -10.21 -5.89
C LEU OA 191 26.23 -11.66 -6.02
N GLN OA 192 25.58 -12.54 -5.27
CA GLN OA 192 25.91 -13.95 -5.26
C GLN OA 192 24.66 -14.76 -5.58
N SER OA 193 24.81 -15.77 -6.42
CA SER OA 193 23.71 -16.66 -6.77
C SER OA 193 23.54 -17.68 -5.66
N VAL OA 194 22.57 -17.44 -4.78
CA VAL OA 194 22.37 -18.28 -3.61
C VAL OA 194 21.16 -19.19 -3.75
N GLY OA 195 20.75 -19.48 -4.99
CA GLY OA 195 19.63 -20.37 -5.20
C GLY OA 195 18.88 -20.09 -6.48
N MET OA 196 17.59 -20.42 -6.48
CA MET OA 196 16.76 -20.31 -7.67
C MET OA 196 15.52 -19.47 -7.41
N GLY OA 197 15.01 -19.52 -6.19
CA GLY OA 197 13.85 -18.72 -5.83
C GLY OA 197 12.55 -19.31 -6.33
N GLU OA 198 11.45 -18.67 -5.95
CA GLU OA 198 10.13 -19.20 -6.23
C GLU OA 198 9.72 -18.89 -7.66
N GLU OA 199 9.38 -19.93 -8.41
CA GLU OA 199 8.76 -19.80 -9.72
C GLU OA 199 7.29 -20.17 -9.58
N SER OA 200 6.41 -19.28 -10.04
CA SER OA 200 4.98 -19.44 -9.83
C SER OA 200 4.24 -19.31 -11.15
N ILE OA 201 3.10 -19.99 -11.24
CA ILE OA 201 2.20 -19.94 -12.39
C ILE OA 201 0.80 -19.62 -11.86
N LEU OA 202 0.17 -18.60 -12.43
CA LEU OA 202 -1.14 -18.14 -11.98
C LEU OA 202 -2.11 -18.22 -13.15
N LEU OA 203 -3.20 -18.96 -12.97
CA LEU OA 203 -4.17 -19.21 -14.03
C LEU OA 203 -5.45 -18.45 -13.70
N LYS OA 204 -5.76 -17.41 -14.49
CA LYS OA 204 -7.02 -16.69 -14.36
C LYS OA 204 -8.16 -17.45 -15.01
N GLY OA 205 -9.27 -16.80 -15.28
CA GLY OA 205 -10.29 -17.41 -16.11
C GLY OA 205 -11.65 -17.34 -15.49
N ALA OA 206 -12.60 -18.02 -16.12
CA ALA OA 206 -13.99 -18.00 -15.68
C ALA OA 206 -14.67 -19.28 -16.12
N VAL OA 207 -15.49 -19.84 -15.24
CA VAL OA 207 -16.33 -20.99 -15.53
C VAL OA 207 -17.77 -20.53 -15.53
N PHE OA 208 -18.48 -20.77 -16.62
CA PHE OA 208 -19.89 -20.41 -16.71
C PHE OA 208 -20.71 -21.70 -16.65
N PRO OA 209 -21.24 -22.08 -15.50
CA PRO OA 209 -21.83 -23.41 -15.38
C PRO OA 209 -23.27 -23.52 -15.83
N LEU OA 210 -23.62 -22.87 -16.94
CA LEU OA 210 -24.86 -23.12 -17.66
C LEU OA 210 -24.65 -23.24 -19.15
N ARG OA 211 -23.49 -22.89 -19.66
CA ARG OA 211 -23.17 -23.11 -21.06
C ARG OA 211 -23.04 -24.61 -21.29
N ARG OA 212 -23.79 -25.11 -22.26
CA ARG OA 212 -23.84 -26.53 -22.52
C ARG OA 212 -22.52 -27.01 -23.13
N GLN OA 213 -22.21 -28.28 -22.91
CA GLN OA 213 -20.98 -28.84 -23.44
C GLN OA 213 -21.01 -28.88 -24.96
N VAL OA 214 -19.83 -28.98 -25.55
CA VAL OA 214 -19.63 -28.68 -26.97
C VAL OA 214 -20.35 -29.72 -27.83
N GLY OA 215 -21.02 -29.23 -28.87
CA GLY OA 215 -21.82 -30.08 -29.71
C GLY OA 215 -23.17 -30.45 -29.15
N ASN OA 216 -23.58 -29.82 -28.04
CA ASN OA 216 -24.87 -30.02 -27.37
C ASN OA 216 -25.04 -31.49 -26.95
N GLN OA 217 -24.19 -31.90 -26.02
CA GLN OA 217 -24.12 -33.28 -25.57
C GLN OA 217 -25.18 -33.66 -24.54
N GLU OA 218 -26.28 -32.89 -24.45
CA GLU OA 218 -27.33 -33.04 -23.44
C GLU OA 218 -26.78 -32.97 -22.02
N LYS OA 219 -25.76 -32.12 -21.82
CA LYS OA 219 -25.03 -32.05 -20.57
C LYS OA 219 -24.36 -30.69 -20.50
N VAL OA 220 -24.48 -30.02 -19.37
CA VAL OA 220 -23.97 -28.67 -19.21
C VAL OA 220 -22.64 -28.71 -18.47
N VAL OA 221 -21.93 -27.59 -18.49
CA VAL OA 221 -20.81 -27.39 -17.61
C VAL OA 221 -21.32 -27.31 -16.18
N GLY OA 222 -20.74 -28.10 -15.29
CA GLY OA 222 -21.33 -28.30 -13.99
C GLY OA 222 -20.87 -27.31 -12.95
N LEU OA 223 -21.60 -27.30 -11.83
CA LEU OA 223 -21.17 -26.59 -10.63
C LEU OA 223 -20.08 -27.35 -9.89
N GLU OA 224 -20.00 -28.67 -10.09
CA GLU OA 224 -19.01 -29.56 -9.51
C GLU OA 224 -17.62 -29.31 -10.07
N GLN OA 225 -17.51 -28.62 -11.19
CA GLN OA 225 -16.37 -28.68 -12.08
C GLN OA 225 -15.29 -27.67 -11.72
N LEU OA 226 -15.49 -26.92 -10.63
CA LEU OA 226 -14.43 -26.18 -9.98
C LEU OA 226 -14.12 -26.76 -8.60
N GLU OA 227 -15.07 -27.46 -7.99
CA GLU OA 227 -14.81 -28.17 -6.75
C GLU OA 227 -13.92 -29.38 -7.00
N ALA OA 228 -13.88 -29.89 -8.23
CA ALA OA 228 -12.91 -30.91 -8.60
C ALA OA 228 -11.48 -30.38 -8.53
N LEU OA 229 -11.29 -29.09 -8.79
CA LEU OA 229 -9.98 -28.47 -8.56
C LEU OA 229 -9.66 -28.41 -7.08
N ARG OA 230 -10.68 -28.29 -6.23
CA ARG OA 230 -10.42 -28.22 -4.79
C ARG OA 230 -10.05 -29.59 -4.25
N ARG OA 231 -10.81 -30.64 -4.61
CA ARG OA 231 -10.52 -32.01 -4.17
C ARG OA 231 -9.14 -32.47 -4.61
N LEU OA 232 -8.73 -32.08 -5.81
CA LEU OA 232 -7.41 -32.41 -6.32
C LEU OA 232 -6.31 -31.59 -5.65
N ALA OA 233 -6.67 -30.54 -4.93
CA ALA OA 233 -5.70 -29.72 -4.22
C ALA OA 233 -5.54 -30.07 -2.75
N GLU OA 234 -6.53 -30.74 -2.13
CA GLU OA 234 -6.33 -31.20 -0.75
C GLU OA 234 -5.65 -32.55 -0.65
N ARG OA 235 -4.96 -33.00 -1.70
CA ARG OA 235 -4.20 -34.23 -1.64
C ARG OA 235 -2.81 -34.04 -1.04
N ARG OA 236 -2.40 -32.79 -0.80
CA ARG OA 236 -1.08 -32.42 -0.30
C ARG OA 236 0.02 -32.99 -1.18
N GLU OA 237 -0.11 -32.74 -2.48
CA GLU OA 237 0.61 -33.53 -3.44
C GLU OA 237 0.97 -32.67 -4.65
N PRO OA 238 2.18 -32.78 -5.17
CA PRO OA 238 2.55 -32.01 -6.36
C PRO OA 238 1.82 -32.52 -7.60
N LEU OA 239 1.85 -31.71 -8.63
CA LEU OA 239 1.11 -31.95 -9.85
C LEU OA 239 2.02 -31.69 -11.05
N ILE OA 240 1.90 -32.55 -12.06
CA ILE OA 240 2.61 -32.34 -13.32
C ILE OA 240 1.73 -31.49 -14.23
N LEU OA 241 2.27 -30.37 -14.70
CA LEU OA 241 1.60 -29.59 -15.72
C LEU OA 241 1.98 -30.18 -17.08
N SER OA 242 0.99 -30.33 -17.96
CA SER OA 242 1.20 -30.90 -19.28
C SER OA 242 0.49 -30.02 -20.30
N SER OA 243 1.21 -29.06 -20.84
CA SER OA 243 0.70 -28.21 -21.91
C SER OA 243 0.89 -28.93 -23.24
N GLY OA 244 0.74 -28.21 -24.35
CA GLY OA 244 0.91 -28.86 -25.63
C GLY OA 244 1.58 -28.03 -26.70
N TYR OA 245 2.32 -26.99 -26.31
CA TYR OA 245 2.82 -26.03 -27.29
C TYR OA 245 4.35 -25.96 -27.35
N GLY OA 246 5.02 -25.74 -26.23
CA GLY OA 246 6.47 -25.60 -26.26
C GLY OA 246 7.12 -26.84 -25.69
N GLU OA 247 7.71 -26.71 -24.50
CA GLU OA 247 7.99 -27.89 -23.70
C GLU OA 247 6.67 -28.48 -23.22
N VAL OA 248 6.57 -29.79 -23.27
CA VAL OA 248 5.36 -30.44 -22.78
C VAL OA 248 5.57 -30.94 -21.35
N GLN OA 249 6.78 -31.40 -21.03
CA GLN OA 249 7.10 -31.90 -19.70
C GLN OA 249 7.47 -30.72 -18.80
N MET OA 250 6.45 -30.03 -18.31
CA MET OA 250 6.66 -29.11 -17.21
C MET OA 250 6.89 -29.90 -15.92
N GLY OA 251 7.46 -29.24 -14.93
CA GLY OA 251 7.90 -29.91 -13.72
C GLY OA 251 6.77 -30.26 -12.77
N LEU OA 252 7.15 -30.49 -11.52
CA LEU OA 252 6.18 -30.71 -10.46
C LEU OA 252 5.73 -29.37 -9.91
N TRP OA 253 4.42 -29.14 -9.91
CA TRP OA 253 3.85 -27.86 -9.53
C TRP OA 253 2.78 -28.09 -8.48
N CYS OA 254 3.07 -27.71 -7.24
CA CYS OA 254 2.07 -27.85 -6.19
C CYS OA 254 1.08 -26.70 -6.26
N LEU OA 255 -0.17 -26.99 -5.94
CA LEU OA 255 -1.24 -26.00 -6.02
C LEU OA 255 -1.37 -25.32 -4.67
N VAL OA 256 -1.45 -23.99 -4.67
CA VAL OA 256 -1.36 -23.20 -3.46
C VAL OA 256 -2.67 -22.46 -3.16
N ARG OA 257 -3.32 -21.87 -4.15
CA ARG OA 257 -4.45 -21.00 -3.88
C ARG OA 257 -5.53 -21.18 -4.93
N ILE OA 258 -6.77 -21.32 -4.48
CA ILE OA 258 -7.97 -21.27 -5.32
C ILE OA 258 -8.85 -20.18 -4.77
N SER OA 259 -9.33 -19.28 -5.62
CA SER OA 259 -10.23 -18.22 -5.15
C SER OA 259 -11.23 -17.89 -6.25
N GLU OA 260 -12.44 -18.43 -6.13
CA GLU OA 260 -13.50 -18.15 -7.09
C GLU OA 260 -14.33 -16.95 -6.64
N ASN OA 261 -14.94 -16.30 -7.61
CA ASN OA 261 -15.89 -15.21 -7.38
C ASN OA 261 -17.17 -15.59 -8.09
N GLN OA 262 -18.02 -16.35 -7.43
CA GLN OA 262 -19.23 -16.85 -8.06
C GLN OA 262 -20.40 -15.90 -7.78
N SER OA 263 -21.00 -15.39 -8.85
CA SER OA 263 -22.04 -14.37 -8.78
C SER OA 263 -23.06 -14.65 -9.88
N ALA OA 264 -24.02 -13.73 -10.01
CA ALA OA 264 -25.23 -13.87 -10.83
C ALA OA 264 -25.98 -15.16 -10.46
N LEU OA 265 -26.41 -15.21 -9.22
CA LEU OA 265 -26.88 -16.44 -8.60
C LEU OA 265 -28.27 -16.83 -9.09
N LEU OA 266 -28.57 -18.12 -8.99
CA LEU OA 266 -29.92 -18.64 -9.18
C LEU OA 266 -30.66 -18.64 -7.85
N GLY OA 267 -31.83 -19.28 -7.82
CA GLY OA 267 -32.65 -19.25 -6.61
C GLY OA 267 -32.07 -20.06 -5.47
N ASN OA 268 -31.51 -21.24 -5.79
CA ASN OA 268 -30.91 -22.11 -4.79
C ASN OA 268 -29.42 -21.82 -4.57
N GLY OA 269 -28.95 -20.62 -4.90
CA GLY OA 269 -27.57 -20.28 -4.70
C GLY OA 269 -26.65 -20.65 -5.83
N ALA OA 270 -27.16 -21.25 -6.88
CA ALA OA 270 -26.33 -21.68 -8.00
C ALA OA 270 -25.85 -20.47 -8.78
N PRO OA 271 -24.55 -20.28 -8.94
CA PRO OA 271 -24.06 -19.20 -9.79
C PRO OA 271 -24.23 -19.57 -11.26
N ARG OA 272 -23.95 -18.58 -12.10
CA ARG OA 272 -23.79 -18.84 -13.52
C ARG OA 272 -22.54 -18.16 -14.07
N LYS OA 273 -21.68 -17.66 -13.17
CA LYS OA 273 -20.29 -17.36 -13.51
C LYS OA 273 -19.44 -17.71 -12.31
N GLN OA 274 -18.23 -18.20 -12.57
CA GLN OA 274 -17.27 -18.53 -11.51
C GLN OA 274 -15.90 -18.08 -11.98
N THR OA 275 -15.54 -16.83 -11.67
CA THR OA 275 -14.24 -16.31 -12.06
C THR OA 275 -13.23 -16.70 -10.99
N PHE OA 276 -12.29 -17.56 -11.35
CA PHE OA 276 -11.30 -18.11 -10.44
C PHE OA 276 -9.92 -17.56 -10.76
N ASP OA 277 -8.98 -17.81 -9.86
CA ASP OA 277 -7.56 -17.67 -10.17
C ASP OA 277 -6.77 -18.69 -9.37
N LEU OA 278 -6.25 -19.70 -10.07
CA LEU OA 278 -5.37 -20.68 -9.47
C LEU OA 278 -3.98 -20.09 -9.33
N GLU OA 279 -3.16 -20.73 -8.50
CA GLU OA 279 -1.82 -20.19 -8.26
C GLU OA 279 -0.90 -21.33 -7.83
N PHE OA 280 0.08 -21.65 -8.66
CA PHE OA 280 0.98 -22.77 -8.44
C PHE OA 280 2.34 -22.27 -7.98
N LYS OA 281 3.13 -23.19 -7.42
CA LYS OA 281 4.55 -22.96 -7.19
C LYS OA 281 5.29 -24.24 -7.58
N ARG OA 282 6.45 -24.09 -8.19
CA ARG OA 282 7.18 -25.25 -8.70
C ARG OA 282 7.79 -26.03 -7.54
N TYR OA 283 7.30 -27.25 -7.34
CA TYR OA 283 7.88 -28.21 -6.41
C TYR OA 283 9.28 -28.59 -6.87
N GLY OA 284 10.28 -28.28 -6.05
CA GLY OA 284 11.66 -28.52 -6.43
C GLY OA 284 12.16 -29.93 -6.24
N ASP OA 285 11.80 -30.84 -7.13
CA ASP OA 285 12.27 -32.22 -7.02
C ASP OA 285 13.73 -32.33 -7.44
N ASP OA 286 14.30 -33.51 -7.23
CA ASP OA 286 15.68 -33.79 -7.62
C ASP OA 286 15.79 -33.90 -9.13
N ALA PA 2 41.59 -81.86 -6.77
CA ALA PA 2 40.25 -82.17 -6.27
C ALA PA 2 39.42 -80.91 -6.08
N TYR PA 3 39.74 -79.87 -6.86
CA TYR PA 3 39.01 -78.61 -6.77
C TYR PA 3 37.61 -78.70 -7.36
N LEU PA 4 37.34 -79.70 -8.20
CA LEU PA 4 35.99 -79.92 -8.70
C LEU PA 4 35.05 -80.38 -7.60
N GLU PA 5 35.60 -80.99 -6.55
CA GLU PA 5 34.83 -81.38 -5.38
C GLU PA 5 34.89 -80.33 -4.27
N GLN PA 6 35.93 -79.49 -4.26
CA GLN PA 6 36.31 -78.74 -3.08
C GLN PA 6 35.58 -77.39 -2.97
N LEU PA 7 35.70 -76.54 -3.98
CA LEU PA 7 35.17 -75.17 -3.89
C LEU PA 7 33.65 -75.15 -3.95
N GLN PA 8 33.05 -76.04 -4.77
CA GLN PA 8 31.59 -76.12 -4.83
C GLN PA 8 31.01 -76.61 -3.53
N ALA PA 9 31.72 -77.48 -2.82
CA ALA PA 9 31.33 -77.81 -1.45
C ALA PA 9 31.73 -76.70 -0.50
N GLY PA 10 32.71 -75.88 -0.86
CA GLY PA 10 33.16 -74.83 0.03
C GLY PA 10 32.17 -73.68 0.14
N LEU PA 11 31.49 -73.38 -0.96
CA LEU PA 11 30.45 -72.36 -0.93
C LEU PA 11 29.22 -72.84 -0.17
N ARG PA 12 29.04 -74.16 -0.08
CA ARG PA 12 27.89 -74.73 0.62
C ARG PA 12 27.98 -74.52 2.13
N TYR PA 13 29.20 -74.48 2.69
CA TYR PA 13 29.34 -74.17 4.11
C TYR PA 13 29.02 -72.71 4.39
N LEU PA 14 29.49 -71.80 3.54
CA LEU PA 14 29.25 -70.38 3.76
C LEU PA 14 27.81 -69.98 3.49
N GLY PA 15 27.05 -70.81 2.76
CA GLY PA 15 25.62 -70.61 2.70
C GLY PA 15 24.93 -70.86 4.03
N ARG PA 16 25.50 -71.74 4.84
CA ARG PA 16 24.99 -71.94 6.20
C ARG PA 16 25.56 -70.91 7.17
N ALA PA 17 26.71 -70.33 6.85
CA ALA PA 17 27.38 -69.43 7.78
C ALA PA 17 26.66 -68.09 7.87
N GLY PA 18 26.43 -67.45 6.75
CA GLY PA 18 25.81 -66.14 6.73
C GLY PA 18 24.31 -66.11 6.86
N GLU PA 19 23.66 -67.25 7.10
CA GLU PA 19 22.21 -67.27 7.15
C GLU PA 19 21.69 -67.88 8.45
N SER PA 20 22.41 -68.85 8.99
CA SER PA 20 22.09 -69.35 10.33
C SER PA 20 22.82 -68.54 11.40
N GLY PA 21 22.74 -67.22 11.29
CA GLY PA 21 23.37 -66.29 12.19
C GLY PA 21 22.50 -65.08 12.39
N ARG PA 22 21.19 -65.23 12.10
CA ARG PA 22 20.25 -64.12 12.16
C ARG PA 22 20.10 -63.56 13.57
N LYS PA 23 19.60 -64.39 14.49
CA LYS PA 23 19.42 -63.97 15.87
C LYS PA 23 20.27 -64.79 16.84
N SER PA 24 21.38 -65.35 16.37
CA SER PA 24 22.26 -66.14 17.22
C SER PA 24 23.69 -65.98 16.75
N LEU PA 25 24.62 -66.52 17.54
CA LEU PA 25 26.05 -66.44 17.25
C LEU PA 25 26.73 -67.78 17.10
N ASP PA 26 26.28 -68.80 17.86
CA ASP PA 26 27.03 -70.04 17.98
C ASP PA 26 26.95 -70.89 16.72
N LYS PA 27 25.91 -70.71 15.91
CA LYS PA 27 25.75 -71.49 14.69
C LYS PA 27 26.58 -70.94 13.53
N VAL PA 28 27.34 -69.87 13.74
CA VAL PA 28 28.16 -69.31 12.68
C VAL PA 28 29.52 -69.99 12.62
N VAL PA 29 30.03 -70.43 13.78
CA VAL PA 29 31.45 -70.76 13.92
C VAL PA 29 31.77 -72.09 13.24
N ALA PA 30 30.87 -73.07 13.35
CA ALA PA 30 31.13 -74.39 12.79
C ALA PA 30 31.14 -74.44 11.25
N PRO PA 31 30.28 -73.73 10.47
CA PRO PA 31 30.52 -73.72 9.02
C PRO PA 31 31.69 -72.83 8.60
N VAL PA 32 32.02 -71.82 9.40
CA VAL PA 32 33.19 -70.99 9.11
C VAL PA 32 34.47 -71.78 9.35
N ASN PA 33 34.52 -72.57 10.44
CA ASN PA 33 35.62 -73.51 10.62
C ASN PA 33 35.58 -74.62 9.57
N GLY PA 34 34.39 -74.96 9.08
CA GLY PA 34 34.25 -75.93 8.01
C GLY PA 34 34.53 -75.40 6.63
N ALA PA 35 34.95 -74.15 6.51
CA ALA PA 35 35.29 -73.54 5.23
C ALA PA 35 36.75 -73.12 5.14
N ILE PA 36 37.31 -72.53 6.19
CA ILE PA 36 38.66 -71.96 6.13
C ILE PA 36 39.71 -73.06 6.00
N SER PA 37 39.55 -74.16 6.72
CA SER PA 37 40.39 -75.33 6.55
C SER PA 37 39.93 -76.21 5.39
N GLU PA 38 39.03 -75.72 4.55
CA GLU PA 38 38.45 -76.51 3.47
C GLU PA 38 38.49 -75.75 2.15
N ILE PA 39 38.53 -74.42 2.20
CA ILE PA 39 38.90 -73.66 1.01
C ILE PA 39 40.42 -73.72 0.82
N ARG PA 40 41.17 -73.92 1.92
CA ARG PA 40 42.60 -74.19 1.84
C ARG PA 40 42.90 -75.48 1.09
N GLY PA 41 41.99 -76.45 1.12
CA GLY PA 41 42.13 -77.66 0.34
C GLY PA 41 42.06 -77.45 -1.17
N ALA PA 42 41.58 -76.30 -1.61
CA ALA PA 42 41.66 -75.91 -3.01
C ALA PA 42 42.68 -74.82 -3.29
N ALA PA 43 42.98 -73.97 -2.30
CA ALA PA 43 44.02 -72.96 -2.50
C ALA PA 43 45.41 -73.58 -2.53
N ALA PA 44 45.57 -74.75 -1.90
CA ALA PA 44 46.80 -75.52 -2.05
C ALA PA 44 46.74 -76.45 -3.24
N GLU PA 45 45.53 -76.82 -3.69
CA GLU PA 45 45.40 -77.68 -4.86
C GLU PA 45 45.65 -76.91 -6.14
N LEU PA 46 45.22 -75.64 -6.20
CA LEU PA 46 45.36 -74.81 -7.38
C LEU PA 46 46.70 -74.08 -7.44
N GLU PA 47 47.70 -74.53 -6.68
CA GLU PA 47 49.01 -73.90 -6.75
C GLU PA 47 49.73 -74.23 -8.05
N ASN PA 48 49.41 -75.38 -8.66
CA ASN PA 48 50.13 -75.87 -9.84
C ASN PA 48 49.15 -76.48 -10.84
N LEU PA 49 48.63 -75.64 -11.74
CA LEU PA 49 47.83 -76.06 -12.87
C LEU PA 49 48.31 -75.31 -14.11
N PRO PA 50 48.39 -75.99 -15.25
CA PRO PA 50 48.88 -75.33 -16.47
C PRO PA 50 47.79 -74.64 -17.28
N GLY PA 51 46.62 -74.36 -16.68
CA GLY PA 51 45.53 -73.84 -17.48
C GLY PA 51 44.81 -74.94 -18.24
N VAL PA 52 44.11 -75.80 -17.49
CA VAL PA 52 43.77 -77.13 -17.96
C VAL PA 52 42.73 -77.12 -19.09
N SER PA 53 41.84 -76.14 -19.11
CA SER PA 53 40.76 -76.14 -20.10
C SER PA 53 40.25 -74.72 -20.29
N PRO PA 54 39.59 -74.43 -21.43
CA PRO PA 54 38.84 -73.17 -21.54
C PRO PA 54 37.55 -73.24 -20.73
N GLU PA 55 37.03 -74.45 -20.55
CA GLU PA 55 36.06 -74.74 -19.50
C GLU PA 55 36.83 -75.06 -18.23
N MET PA 56 36.15 -75.59 -17.20
CA MET PA 56 36.72 -76.13 -15.97
C MET PA 56 37.41 -75.08 -15.09
N ALA PA 57 37.50 -73.85 -15.58
CA ALA PA 57 38.07 -72.71 -14.89
C ALA PA 57 37.20 -71.47 -15.00
N ALA PA 58 36.31 -71.41 -15.99
CA ALA PA 58 35.14 -70.56 -15.87
C ALA PA 58 34.24 -71.05 -14.76
N ARG PA 59 34.23 -72.36 -14.50
CA ARG PA 59 33.58 -72.91 -13.31
C ARG PA 59 34.23 -72.38 -12.05
N LEU PA 60 35.55 -72.21 -12.07
CA LEU PA 60 36.24 -71.58 -10.95
C LEU PA 60 35.85 -70.11 -10.85
N GLN PA 61 35.63 -69.45 -11.98
CA GLN PA 61 35.15 -68.07 -11.94
C GLN PA 61 33.69 -67.99 -11.52
N ARG PA 62 32.87 -69.00 -11.87
CA ARG PA 62 31.52 -69.07 -11.36
C ARG PA 62 31.50 -69.33 -9.86
N ALA PA 63 32.50 -70.06 -9.35
CA ALA PA 63 32.54 -70.36 -7.92
C ALA PA 63 33.12 -69.21 -7.11
N MET PA 64 34.23 -68.62 -7.57
CA MET PA 64 34.88 -67.57 -6.79
C MET PA 64 34.12 -66.25 -6.82
N ARG PA 65 33.27 -66.03 -7.82
CA ARG PA 65 32.30 -64.95 -7.71
C ARG PA 65 31.28 -65.26 -6.62
N GLY PA 66 30.87 -66.53 -6.52
CA GLY PA 66 29.89 -66.89 -5.50
C GLY PA 66 30.47 -66.88 -4.10
N ILE PA 67 31.72 -67.31 -3.94
CA ILE PA 67 32.37 -67.23 -2.63
C ILE PA 67 32.67 -65.78 -2.29
N GLY PA 68 32.94 -64.95 -3.30
CA GLY PA 68 33.01 -63.52 -3.08
C GLY PA 68 31.70 -62.91 -2.65
N GLN PA 69 30.58 -63.49 -3.07
CA GLN PA 69 29.30 -63.05 -2.52
C GLN PA 69 29.08 -63.60 -1.12
N ALA PA 70 29.74 -64.71 -0.79
CA ALA PA 70 29.54 -65.33 0.52
C ALA PA 70 30.27 -64.59 1.62
N GLN PA 71 31.36 -63.88 1.30
CA GLN PA 71 31.98 -63.01 2.27
C GLN PA 71 31.09 -61.84 2.61
N GLY PA 72 30.39 -61.28 1.62
CA GLY PA 72 29.53 -60.15 1.87
C GLY PA 72 28.30 -60.50 2.67
N LYS PA 73 27.83 -61.75 2.57
CA LYS PA 73 26.67 -62.13 3.36
C LYS PA 73 27.05 -62.40 4.82
N VAL PA 74 28.20 -63.02 5.05
CA VAL PA 74 28.64 -63.29 6.42
C VAL PA 74 29.00 -62.00 7.14
N ASN PA 75 29.84 -61.17 6.51
CA ASN PA 75 30.38 -59.99 7.16
C ASN PA 75 29.36 -58.88 7.36
N ARG PA 76 28.18 -58.97 6.75
CA ARG PA 76 27.11 -58.04 7.06
C ARG PA 76 26.16 -58.58 8.12
N VAL PA 77 25.92 -59.89 8.15
CA VAL PA 77 25.11 -60.49 9.20
C VAL PA 77 25.85 -60.47 10.53
N VAL PA 78 27.17 -60.68 10.49
CA VAL PA 78 28.00 -60.60 11.70
C VAL PA 78 28.05 -59.16 12.22
N SER PA 79 28.11 -58.18 11.32
CA SER PA 79 28.25 -56.78 11.72
C SER PA 79 27.00 -56.20 12.36
N THR PA 80 25.88 -56.90 12.34
CA THR PA 80 24.69 -56.45 13.05
C THR PA 80 24.76 -56.70 14.55
N TYR PA 81 25.76 -57.42 15.03
CA TYR PA 81 25.83 -57.77 16.43
C TYR PA 81 26.69 -56.80 17.23
N ASP PA 82 26.59 -56.91 18.55
CA ASP PA 82 27.47 -56.18 19.45
C ASP PA 82 28.90 -56.72 19.32
N ARG PA 83 29.86 -55.84 19.57
CA ARG PA 83 31.26 -56.27 19.54
C ARG PA 83 31.59 -57.12 20.76
N ALA PA 84 30.97 -56.83 21.91
CA ALA PA 84 31.24 -57.60 23.12
C ALA PA 84 30.64 -59.00 23.03
N SER PA 85 29.48 -59.14 22.37
CA SER PA 85 28.93 -60.47 22.11
C SER PA 85 29.74 -61.19 21.04
N ARG PA 86 30.42 -60.44 20.17
CA ARG PA 86 31.27 -61.04 19.16
C ARG PA 86 32.65 -61.39 19.71
N ALA PA 87 33.11 -60.63 20.72
CA ALA PA 87 34.42 -60.89 21.30
C ALA PA 87 34.40 -62.13 22.18
N LEU PA 88 33.28 -62.38 22.88
CA LEU PA 88 33.15 -63.59 23.68
C LEU PA 88 33.05 -64.83 22.82
N LEU PA 89 32.52 -64.69 21.60
CA LEU PA 89 32.51 -65.80 20.66
C LEU PA 89 33.87 -65.99 20.01
N GLY PA 90 34.53 -64.89 19.65
CA GLY PA 90 35.86 -64.95 19.09
C GLY PA 90 35.88 -65.33 17.62
N ILE PA 91 35.18 -64.55 16.78
CA ILE PA 91 35.24 -64.75 15.34
C ILE PA 91 35.66 -63.46 14.66
N ASP PA 92 36.09 -62.48 15.44
CA ASP PA 92 36.80 -61.34 14.86
C ASP PA 92 38.15 -61.77 14.32
N GLU PA 93 38.85 -62.65 15.05
CA GLU PA 93 40.11 -63.22 14.63
C GLU PA 93 39.92 -64.48 13.79
N ARG PA 94 38.70 -64.77 13.35
CA ARG PA 94 38.44 -65.91 12.50
C ARG PA 94 37.93 -65.53 11.12
N LEU PA 95 37.11 -64.48 11.00
CA LEU PA 95 36.63 -64.05 9.70
C LEU PA 95 37.72 -63.39 8.86
N ASP PA 96 38.81 -62.94 9.49
CA ASP PA 96 39.95 -62.44 8.72
C ASP PA 96 40.69 -63.55 8.00
N ALA PA 97 40.56 -64.80 8.47
CA ALA PA 97 41.16 -65.93 7.76
C ALA PA 97 40.43 -66.23 6.46
N LEU PA 98 39.15 -65.84 6.38
CA LEU PA 98 38.46 -65.84 5.09
C LEU PA 98 39.04 -64.80 4.15
N LYS PA 99 39.54 -63.68 4.69
CA LYS PA 99 40.23 -62.72 3.85
C LYS PA 99 41.63 -63.20 3.46
N VAL PA 100 42.13 -64.24 4.12
CA VAL PA 100 43.42 -64.82 3.76
C VAL PA 100 43.24 -65.98 2.78
N GLN PA 101 42.33 -66.91 3.09
CA GLN PA 101 42.25 -68.14 2.32
C GLN PA 101 41.52 -67.95 0.99
N VAL PA 102 40.44 -67.16 0.99
CA VAL PA 102 39.69 -66.95 -0.24
C VAL PA 102 40.46 -66.04 -1.20
N ASN PA 103 41.19 -65.06 -0.65
CA ASN PA 103 42.07 -64.24 -1.48
C ASN PA 103 43.23 -65.05 -2.03
N SER PA 104 43.74 -66.01 -1.25
CA SER PA 104 44.73 -66.93 -1.80
C SER PA 104 44.11 -67.88 -2.81
N ALA PA 105 42.82 -68.17 -2.67
CA ALA PA 105 42.13 -68.98 -3.67
C ALA PA 105 41.79 -68.17 -4.91
N ALA PA 106 41.46 -66.89 -4.74
CA ALA PA 106 41.18 -66.03 -5.90
C ALA PA 106 42.45 -65.69 -6.66
N GLN PA 107 43.57 -65.56 -5.97
CA GLN PA 107 44.85 -65.41 -6.66
C GLN PA 107 45.26 -66.70 -7.37
N ALA PA 108 44.85 -67.85 -6.84
CA ALA PA 108 45.18 -69.11 -7.48
C ALA PA 108 44.34 -69.33 -8.75
N VAL PA 109 43.08 -68.89 -8.73
CA VAL PA 109 42.25 -68.99 -9.93
C VAL PA 109 42.72 -68.01 -10.99
N GLY PA 110 43.13 -66.81 -10.57
CA GLY PA 110 43.58 -65.80 -11.52
C GLY PA 110 44.90 -66.14 -12.18
N LYS PA 111 45.73 -66.96 -11.53
CA LYS PA 111 46.95 -67.42 -12.17
C LYS PA 111 46.64 -68.49 -13.22
N VAL PA 112 45.72 -69.39 -12.91
CA VAL PA 112 45.36 -70.45 -13.85
C VAL PA 112 44.55 -69.89 -15.00
N ALA PA 113 43.48 -69.15 -14.69
CA ALA PA 113 42.64 -68.51 -15.70
C ALA PA 113 42.52 -67.04 -15.36
N GLY PA 114 43.15 -66.18 -16.16
CA GLY PA 114 43.06 -64.75 -15.94
C GLY PA 114 41.69 -64.20 -16.29
N ASP PA 115 41.46 -62.97 -15.84
CA ASP PA 115 40.17 -62.33 -16.08
C ASP PA 115 40.08 -61.80 -17.51
N ILE PA 116 38.85 -61.57 -17.94
CA ILE PA 116 38.62 -60.92 -19.22
C ILE PA 116 38.97 -59.44 -19.09
N SER PA 117 39.41 -58.84 -20.19
CA SER PA 117 39.73 -57.42 -20.18
C SER PA 117 38.45 -56.60 -20.04
N PRO PA 118 38.50 -55.49 -19.31
CA PRO PA 118 37.31 -54.64 -19.18
C PRO PA 118 37.05 -53.87 -20.47
N THR PA 119 36.30 -54.50 -21.39
CA THR PA 119 36.05 -53.93 -22.70
C THR PA 119 35.25 -52.64 -22.61
N LEU PA 120 35.43 -51.79 -23.63
CA LEU PA 120 34.90 -50.43 -23.62
C LEU PA 120 33.89 -50.27 -24.74
N ALA PA 121 32.64 -49.98 -24.36
CA ALA PA 121 31.59 -49.68 -25.31
C ALA PA 121 31.11 -48.24 -25.23
N GLY PA 122 31.47 -47.50 -24.19
CA GLY PA 122 31.05 -46.12 -24.04
C GLY PA 122 32.11 -45.12 -24.47
N VAL PA 123 32.81 -45.42 -25.56
CA VAL PA 123 33.83 -44.53 -26.09
C VAL PA 123 33.16 -43.61 -27.10
N LEU PA 124 33.10 -42.33 -26.78
CA LEU PA 124 32.47 -41.32 -27.59
C LEU PA 124 33.52 -40.54 -28.37
N PRO PA 125 33.13 -39.83 -29.42
CA PRO PA 125 34.05 -38.85 -30.03
C PRO PA 125 34.13 -37.58 -29.20
N SER PA 126 34.83 -36.59 -29.73
CA SER PA 126 35.11 -35.34 -29.02
C SER PA 126 34.09 -34.26 -29.37
N TRP PA 127 32.85 -34.65 -29.60
CA TRP PA 127 31.79 -33.75 -30.06
C TRP PA 127 30.66 -33.59 -29.07
N LEU PA 128 30.23 -34.67 -28.43
CA LEU PA 128 29.03 -34.68 -27.61
C LEU PA 128 29.17 -33.82 -26.37
N LEU PA 129 30.41 -33.58 -25.92
CA LEU PA 129 30.72 -32.48 -25.01
C LEU PA 129 31.68 -31.58 -25.79
N ALA PA 130 31.10 -30.71 -26.63
CA ALA PA 130 31.78 -29.65 -27.38
C ALA PA 130 30.72 -28.68 -27.89
N PRO PA 131 30.84 -27.38 -27.61
CA PRO PA 131 29.80 -26.45 -28.06
C PRO PA 131 30.00 -26.05 -29.51
N SER PA 132 28.88 -25.88 -30.22
CA SER PA 132 28.93 -25.36 -31.58
C SER PA 132 29.26 -23.88 -31.52
N ALA PA 133 30.52 -23.54 -31.81
CA ALA PA 133 31.01 -22.19 -31.67
C ALA PA 133 30.59 -21.25 -32.79
N THR PA 134 29.89 -21.76 -33.81
CA THR PA 134 29.41 -20.91 -34.87
C THR PA 134 28.25 -20.04 -34.36
N PRO PA 135 28.15 -18.79 -34.81
CA PRO PA 135 27.05 -17.95 -34.35
C PRO PA 135 25.74 -18.40 -34.96
N PRO PA 136 24.61 -18.16 -34.29
CA PRO PA 136 23.32 -18.64 -34.79
C PRO PA 136 22.83 -17.76 -35.94
N SER PA 137 21.66 -18.14 -36.47
CA SER PA 137 21.04 -17.38 -37.55
C SER PA 137 20.49 -16.04 -37.10
N GLU PA 138 20.37 -15.84 -35.79
CA GLU PA 138 19.91 -14.55 -35.27
C GLU PA 138 20.97 -13.47 -35.46
N ALA PA 139 22.24 -13.82 -35.26
CA ALA PA 139 23.32 -12.84 -35.38
C ALA PA 139 23.59 -12.44 -36.81
N ALA PA 140 23.17 -13.24 -37.79
CA ALA PA 140 23.34 -12.93 -39.20
C ALA PA 140 22.08 -12.36 -39.83
N ALA PA 141 21.06 -12.04 -39.03
CA ALA PA 141 19.80 -11.57 -39.57
C ALA PA 141 19.93 -10.15 -40.10
N SER PA 142 18.91 -9.71 -40.84
CA SER PA 142 18.88 -8.36 -41.38
C SER PA 142 18.12 -7.41 -40.45
N LEU PA 143 18.51 -7.38 -39.18
CA LEU PA 143 17.93 -6.50 -38.20
C LEU PA 143 19.04 -6.10 -37.24
N PRO PA 144 19.24 -4.80 -36.99
CA PRO PA 144 20.22 -4.40 -36.00
C PRO PA 144 19.78 -4.78 -34.60
N HIS PA 145 20.71 -5.35 -33.83
CA HIS PA 145 20.36 -5.90 -32.53
C HIS PA 145 20.14 -4.80 -31.51
N LEU PA 146 19.06 -4.95 -30.75
CA LEU PA 146 18.63 -3.92 -29.83
C LEU PA 146 19.40 -3.95 -28.52
N LEU PA 147 19.77 -5.14 -28.07
CA LEU PA 147 20.50 -5.41 -26.83
C LEU PA 147 20.97 -6.85 -26.90
N VAL PA 148 22.09 -7.15 -26.25
CA VAL PA 148 22.69 -8.48 -26.35
C VAL PA 148 23.05 -8.97 -24.96
N LEU PA 149 22.51 -10.14 -24.60
CA LEU PA 149 22.90 -10.85 -23.38
C LEU PA 149 24.00 -11.85 -23.72
N GLN PA 150 25.03 -11.90 -22.90
CA GLN PA 150 26.14 -12.83 -23.13
C GLN PA 150 26.87 -13.18 -21.84
N PRO PA 151 27.06 -14.47 -21.56
CA PRO PA 151 27.53 -14.88 -20.22
C PRO PA 151 29.04 -14.92 -20.04
N LEU PA 152 29.49 -15.42 -18.88
CA LEU PA 152 30.91 -15.40 -18.54
C LEU PA 152 31.66 -16.60 -19.08
N THR PA 153 30.97 -17.68 -19.46
CA THR PA 153 31.67 -18.86 -19.97
C THR PA 153 32.29 -18.60 -21.33
N ALA PA 154 31.78 -17.60 -22.04
CA ALA PA 154 32.28 -16.99 -23.28
C ALA PA 154 32.13 -17.90 -24.49
N ASN PA 155 31.75 -19.16 -24.33
CA ASN PA 155 31.45 -20.04 -25.46
C ASN PA 155 29.98 -20.36 -25.59
N ALA PA 156 29.16 -20.00 -24.60
CA ALA PA 156 27.74 -20.25 -24.67
C ALA PA 156 27.09 -19.30 -25.68
N GLN PA 157 25.92 -19.68 -26.15
CA GLN PA 157 25.26 -18.91 -27.19
C GLN PA 157 24.63 -17.65 -26.59
N PRO PA 158 24.94 -16.48 -27.13
CA PRO PA 158 24.33 -15.25 -26.61
C PRO PA 158 22.88 -15.12 -27.05
N PHE PA 159 22.17 -14.25 -26.35
CA PHE PA 159 20.78 -13.92 -26.70
C PHE PA 159 20.78 -12.55 -27.37
N TYR PA 160 20.13 -12.46 -28.51
CA TYR PA 160 20.07 -11.23 -29.30
C TYR PA 160 18.66 -10.67 -29.23
N PHE PA 161 18.54 -9.44 -28.74
CA PHE PA 161 17.27 -8.73 -28.77
C PHE PA 161 17.13 -8.02 -30.10
N ASN PA 162 16.12 -8.39 -30.87
CA ASN PA 162 15.73 -7.70 -32.09
C ASN PA 162 14.25 -8.00 -32.33
N LEU PA 163 13.74 -7.60 -33.49
CA LEU PA 163 12.33 -7.83 -33.79
C LEU PA 163 12.00 -9.29 -34.03
N ASN PA 164 13.01 -10.12 -34.31
CA ASN PA 164 12.76 -11.54 -34.44
C ASN PA 164 12.64 -12.24 -33.09
N THR PA 165 13.35 -11.78 -32.06
CA THR PA 165 13.29 -12.53 -30.82
C THR PA 165 12.39 -11.94 -29.74
N ALA PA 166 12.74 -10.78 -29.17
CA ALA PA 166 11.93 -10.23 -28.09
C ALA PA 166 11.44 -8.81 -28.32
N ALA PA 167 12.38 -7.90 -28.66
CA ALA PA 167 12.10 -6.52 -29.09
C ALA PA 167 11.33 -5.72 -28.02
N PHE PA 168 12.03 -5.44 -26.93
CA PHE PA 168 11.48 -4.55 -25.90
C PHE PA 168 11.32 -3.13 -26.42
N ASP PA 169 10.23 -2.46 -26.01
CA ASP PA 169 10.16 -1.00 -26.13
C ASP PA 169 9.70 -0.44 -24.78
N ALA PA 170 10.63 -0.39 -23.84
CA ALA PA 170 10.67 0.41 -22.62
C ALA PA 170 12.00 0.06 -21.97
N LEU PA 171 12.59 0.97 -21.20
CA LEU PA 171 13.83 0.63 -20.52
C LEU PA 171 13.93 1.47 -19.24
N GLN PA 172 13.44 0.89 -18.14
CA GLN PA 172 13.67 1.44 -16.83
C GLN PA 172 15.12 1.20 -16.42
N ARG PA 173 15.76 2.23 -15.88
CA ARG PA 173 17.11 2.05 -15.33
C ARG PA 173 17.18 2.81 -13.99
N ASN PA 174 16.81 2.12 -12.92
CA ASN PA 174 17.00 2.66 -11.58
C ASN PA 174 18.47 2.58 -11.20
N SER PA 175 18.94 3.59 -10.47
CA SER PA 175 20.32 3.60 -10.00
C SER PA 175 20.36 4.43 -8.72
N ALA PA 176 20.34 3.75 -7.58
CA ALA PA 176 20.46 4.44 -6.31
C ALA PA 176 21.92 4.77 -6.01
N TYR PA 177 22.14 5.53 -4.94
CA TYR PA 177 23.48 5.84 -4.45
C TYR PA 177 23.38 5.88 -2.94
N ASN PA 178 24.20 5.07 -2.27
CA ASN PA 178 23.99 4.74 -0.86
C ASN PA 178 24.57 5.86 0.00
N TRP PA 179 23.72 6.82 0.33
CA TRP PA 179 24.04 7.89 1.27
C TRP PA 179 23.25 7.63 2.55
N SER PA 180 23.97 7.38 3.65
CA SER PA 180 23.35 7.01 4.91
C SER PA 180 23.22 8.23 5.80
N GLY PA 181 22.04 8.41 6.40
CA GLY PA 181 21.80 9.53 7.28
C GLY PA 181 22.06 9.18 8.73
N GLN PA 182 22.75 10.08 9.42
CA GLN PA 182 23.02 9.95 10.85
C GLN PA 182 22.48 11.19 11.54
N VAL PA 183 21.43 11.00 12.35
CA VAL PA 183 20.74 12.13 12.96
C VAL PA 183 21.58 12.72 14.08
N ARG PA 184 21.92 14.00 13.93
CA ARG PA 184 22.58 14.76 14.98
C ARG PA 184 21.51 15.60 15.68
N LEU PA 185 21.73 15.90 16.96
CA LEU PA 185 20.63 16.32 17.81
C LEU PA 185 20.22 17.77 17.54
N GLY PA 186 21.17 18.68 17.43
CA GLY PA 186 20.84 20.07 17.27
C GLY PA 186 20.97 20.63 15.88
N ARG PA 187 21.13 19.78 14.86
CA ARG PA 187 21.45 20.27 13.53
C ARG PA 187 20.94 19.29 12.49
N ARG PA 188 21.37 19.50 11.25
CA ARG PA 188 20.93 18.68 10.13
C ARG PA 188 21.61 17.31 10.21
N PRO PA 189 20.94 16.25 9.75
CA PRO PA 189 21.56 14.92 9.81
C PRO PA 189 22.71 14.78 8.81
N ALA PA 190 23.82 14.25 9.31
CA ALA PA 190 25.00 14.08 8.46
C ALA PA 190 24.80 12.92 7.49
N LEU PA 191 25.23 13.13 6.26
CA LEU PA 191 25.10 12.14 5.20
C LEU PA 191 26.49 11.65 4.82
N GLN PA 192 26.64 10.33 4.75
CA GLN PA 192 27.92 9.71 4.45
C GLN PA 192 27.74 8.75 3.27
N SER PA 193 28.68 8.79 2.33
CA SER PA 193 28.66 7.90 1.18
C SER PA 193 29.20 6.54 1.62
N VAL PA 194 28.32 5.60 1.88
CA VAL PA 194 28.69 4.31 2.40
C VAL PA 194 28.60 3.21 1.34
N GLY PA 195 28.66 3.58 0.07
CA GLY PA 195 28.63 2.59 -0.98
C GLY PA 195 28.04 3.12 -2.28
N MET PA 196 27.45 2.23 -3.07
CA MET PA 196 26.94 2.56 -4.38
C MET PA 196 25.48 2.18 -4.52
N GLY PA 197 25.06 1.12 -3.84
CA GLY PA 197 23.67 0.71 -3.90
C GLY PA 197 23.31 -0.02 -5.17
N GLU PA 198 22.08 -0.51 -5.20
CA GLU PA 198 21.63 -1.35 -6.30
C GLU PA 198 21.28 -0.53 -7.52
N GLU PA 199 21.91 -0.85 -8.65
CA GLU PA 199 21.53 -0.32 -9.95
C GLU PA 199 20.83 -1.42 -10.73
N SER PA 200 19.63 -1.12 -11.22
CA SER PA 200 18.80 -2.13 -11.86
C SER PA 200 18.35 -1.65 -13.23
N ILE PA 201 18.13 -2.61 -14.12
CA ILE PA 201 17.61 -2.38 -15.46
C ILE PA 201 16.41 -3.29 -15.67
N LEU PA 202 15.28 -2.71 -16.09
CA LEU PA 202 14.04 -3.45 -16.25
C LEU PA 202 13.58 -3.32 -17.69
N LEU PA 203 13.41 -4.45 -18.38
CA LEU PA 203 13.06 -4.48 -19.78
C LEU PA 203 11.62 -4.95 -19.94
N LYS PA 204 10.72 -4.06 -20.35
CA LYS PA 204 9.33 -4.43 -20.64
C LYS PA 204 9.23 -5.08 -22.01
N GLY PA 205 8.03 -5.16 -22.58
CA GLY PA 205 7.91 -5.55 -23.96
C GLY PA 205 6.90 -6.65 -24.15
N ALA PA 206 6.86 -7.17 -25.38
CA ALA PA 206 5.90 -8.20 -25.74
C ALA PA 206 6.44 -9.03 -26.88
N VAL PA 207 6.25 -10.34 -26.81
CA VAL PA 207 6.59 -11.26 -27.87
C VAL PA 207 5.30 -11.80 -28.46
N PHE PA 208 5.13 -11.66 -29.77
CA PHE PA 208 3.95 -12.18 -30.44
C PHE PA 208 4.37 -13.39 -31.25
N PRO PA 209 4.19 -14.61 -30.75
CA PRO PA 209 4.80 -15.76 -31.44
C PRO PA 209 3.98 -16.35 -32.58
N LEU PA 210 3.37 -15.49 -33.39
CA LEU PA 210 2.82 -15.87 -34.68
C LEU PA 210 3.19 -14.91 -35.78
N ARG PA 211 3.74 -13.74 -35.45
CA ARG PA 211 4.26 -12.84 -36.47
C ARG PA 211 5.48 -13.47 -37.10
N ARG PA 212 5.46 -13.57 -38.43
CA ARG PA 212 6.53 -14.24 -39.15
C ARG PA 212 7.80 -13.39 -39.11
N GLN PA 213 8.94 -14.07 -39.22
CA GLN PA 213 10.22 -13.38 -39.18
C GLN PA 213 10.38 -12.50 -40.41
N VAL PA 214 11.29 -11.53 -40.29
CA VAL PA 214 11.33 -10.38 -41.19
C VAL PA 214 11.72 -10.82 -42.60
N GLY PA 215 11.02 -10.28 -43.59
CA GLY PA 215 11.22 -10.70 -44.96
C GLY PA 215 10.56 -12.00 -45.35
N ASN PA 216 9.70 -12.54 -44.48
CA ASN PA 216 8.95 -13.79 -44.69
C ASN PA 216 9.89 -14.95 -44.97
N GLN PA 217 10.66 -15.31 -43.93
CA GLN PA 217 11.71 -16.31 -44.02
C GLN PA 217 11.20 -17.74 -43.89
N GLU PA 218 9.89 -17.96 -44.12
CA GLU PA 218 9.22 -19.26 -43.94
C GLU PA 218 9.39 -19.78 -42.51
N LYS PA 219 9.41 -18.87 -41.54
CA LYS PA 219 9.69 -19.20 -40.16
C LYS PA 219 9.11 -18.10 -39.29
N VAL PA 220 8.41 -18.49 -38.22
CA VAL PA 220 7.72 -17.54 -37.37
C VAL PA 220 8.55 -17.29 -36.12
N VAL PA 221 8.16 -16.25 -35.39
CA VAL PA 221 8.67 -16.06 -34.03
C VAL PA 221 8.14 -17.19 -33.16
N GLY PA 222 9.02 -17.85 -32.44
CA GLY PA 222 8.65 -19.08 -31.79
C GLY PA 222 8.09 -18.92 -30.39
N LEU PA 223 7.51 -20.01 -29.89
CA LEU PA 223 7.14 -20.11 -28.50
C LEU PA 223 8.36 -20.39 -27.61
N GLU PA 224 9.40 -20.96 -28.19
CA GLU PA 224 10.66 -21.27 -27.53
C GLU PA 224 11.45 -20.01 -27.16
N GLN PA 225 11.11 -18.88 -27.74
CA GLN PA 225 11.99 -17.74 -27.87
C GLN PA 225 11.91 -16.80 -26.68
N LEU PA 226 11.10 -17.16 -25.67
CA LEU PA 226 11.19 -16.56 -24.35
C LEU PA 226 11.68 -17.55 -23.31
N GLU PA 227 11.51 -18.84 -23.57
CA GLU PA 227 12.10 -19.86 -22.71
C GLU PA 227 13.62 -19.90 -22.87
N ALA PA 228 14.15 -19.41 -23.99
CA ALA PA 228 15.59 -19.23 -24.14
C ALA PA 228 16.12 -18.18 -23.15
N LEU PA 229 15.31 -17.18 -22.81
CA LEU PA 229 15.67 -16.26 -21.74
C LEU PA 229 15.69 -16.95 -20.39
N ARG PA 230 14.84 -17.97 -20.21
CA ARG PA 230 14.82 -18.68 -18.94
C ARG PA 230 16.04 -19.57 -18.79
N ARG PA 231 16.36 -20.37 -19.83
CA ARG PA 231 17.53 -21.24 -19.81
C ARG PA 231 18.83 -20.47 -19.61
N LEU PA 232 18.92 -19.28 -20.20
CA LEU PA 232 20.08 -18.43 -20.03
C LEU PA 232 20.12 -17.77 -18.66
N ALA PA 233 19.02 -17.83 -17.91
CA ALA PA 233 18.96 -17.26 -16.57
C ALA PA 233 19.20 -18.27 -15.47
N GLU PA 234 18.99 -19.58 -15.71
CA GLU PA 234 19.32 -20.58 -14.69
C GLU PA 234 20.78 -21.02 -14.73
N ARG PA 235 21.67 -20.25 -15.34
CA ARG PA 235 23.09 -20.56 -15.34
C ARG PA 235 23.79 -20.05 -14.09
N ARG PA 236 23.10 -19.28 -13.25
CA ARG PA 236 23.64 -18.64 -12.05
C ARG PA 236 24.87 -17.81 -12.37
N GLU PA 237 24.72 -16.94 -13.37
CA GLU PA 237 25.89 -16.39 -14.01
C GLU PA 237 25.59 -14.97 -14.47
N PRO PA 238 26.53 -14.05 -14.30
CA PRO PA 238 26.30 -12.68 -14.77
C PRO PA 238 26.32 -12.61 -16.28
N LEU PA 239 25.83 -11.49 -16.81
CA LEU PA 239 25.66 -11.29 -18.23
C LEU PA 239 26.18 -9.91 -18.60
N ILE PA 240 26.84 -9.82 -19.75
CA ILE PA 240 27.27 -8.55 -20.30
C ILE PA 240 26.15 -8.00 -21.17
N LEU PA 241 25.70 -6.78 -20.87
CA LEU PA 241 24.80 -6.08 -21.74
C LEU PA 241 25.61 -5.36 -22.82
N SER PA 242 25.16 -5.46 -24.06
CA SER PA 242 25.87 -4.85 -25.19
C SER PA 242 24.83 -4.12 -26.05
N SER PA 243 24.63 -2.84 -25.76
CA SER PA 243 23.78 -1.99 -26.56
C SER PA 243 24.57 -1.48 -27.77
N GLY PA 244 24.04 -0.47 -28.46
CA GLY PA 244 24.76 0.05 -29.60
C GLY PA 244 24.69 1.54 -29.80
N TYR PA 245 24.35 2.29 -28.75
CA TYR PA 245 24.05 3.71 -28.92
C TYR PA 245 25.00 4.62 -28.16
N GLY PA 246 25.18 4.44 -26.86
CA GLY PA 246 26.02 5.33 -26.08
C GLY PA 246 27.31 4.64 -25.72
N GLU PA 247 27.48 4.31 -24.44
CA GLU PA 247 28.48 3.32 -24.09
C GLU PA 247 28.01 1.96 -24.60
N VAL PA 248 28.94 1.19 -25.15
CA VAL PA 248 28.59 -0.14 -25.62
C VAL PA 248 28.95 -1.18 -24.56
N GLN PA 249 30.06 -0.97 -23.85
CA GLN PA 249 30.50 -1.90 -22.81
C GLN PA 249 29.77 -1.58 -21.51
N MET PA 250 28.54 -2.06 -21.42
CA MET PA 250 27.88 -2.10 -20.12
C MET PA 250 28.49 -3.21 -19.28
N GLY PA 251 28.28 -3.13 -17.97
CA GLY PA 251 28.95 -4.01 -17.04
C GLY PA 251 28.37 -5.41 -16.99
N LEU PA 252 28.67 -6.10 -15.90
CA LEU PA 252 28.11 -7.42 -15.65
C LEU PA 252 26.75 -7.26 -14.98
N TRP PA 253 25.73 -7.85 -15.58
CA TRP PA 253 24.34 -7.68 -15.14
C TRP PA 253 23.72 -9.05 -14.95
N CYS PA 254 23.49 -9.43 -13.70
CA CYS PA 254 22.85 -10.71 -13.44
C CYS PA 254 21.35 -10.56 -13.61
N LEU PA 255 20.71 -11.62 -14.10
CA LEU PA 255 19.28 -11.60 -14.37
C LEU PA 255 18.55 -12.12 -13.14
N VAL PA 256 17.50 -11.42 -12.74
CA VAL PA 256 16.84 -11.66 -11.47
C VAL PA 256 15.41 -12.17 -11.64
N ARG PA 257 14.64 -11.57 -12.55
CA ARG PA 257 13.22 -11.88 -12.63
C ARG PA 257 12.74 -11.92 -14.06
N ILE PA 258 12.00 -12.97 -14.40
CA ILE PA 258 11.26 -13.08 -15.66
C ILE PA 258 9.80 -13.31 -15.30
N SER PA 259 8.90 -12.53 -15.91
CA SER PA 259 7.48 -12.72 -15.63
C SER PA 259 6.68 -12.41 -16.90
N GLU PA 260 6.29 -13.45 -17.62
CA GLU PA 260 5.48 -13.29 -18.82
C GLU PA 260 4.00 -13.35 -18.48
N ASN PA 261 3.19 -12.73 -19.33
CA ASN PA 261 1.74 -12.78 -19.25
C ASN PA 261 1.25 -13.27 -20.60
N GLN PA 262 1.20 -14.57 -20.79
CA GLN PA 262 0.85 -15.14 -22.09
C GLN PA 262 -0.65 -15.42 -22.15
N SER PA 263 -1.32 -14.79 -23.12
CA SER PA 263 -2.77 -14.84 -23.24
C SER PA 263 -3.12 -14.90 -24.72
N ALA PA 264 -4.43 -14.83 -25.00
CA ALA PA 264 -5.04 -15.07 -26.32
C ALA PA 264 -4.59 -16.43 -26.86
N LEU PA 265 -4.97 -17.47 -26.13
CA LEU PA 265 -4.41 -18.80 -26.32
C LEU PA 265 -4.97 -19.48 -27.56
N LEU PA 266 -4.21 -20.44 -28.08
CA LEU PA 266 -4.68 -21.36 -29.11
C LEU PA 266 -5.30 -22.59 -28.45
N GLY PA 267 -5.59 -23.61 -29.25
CA GLY PA 267 -6.26 -24.79 -28.73
C GLY PA 267 -5.39 -25.63 -27.82
N ASN PA 268 -4.11 -25.78 -28.18
CA ASN PA 268 -3.17 -26.55 -27.39
C ASN PA 268 -2.43 -25.72 -26.36
N GLY PA 269 -2.99 -24.58 -25.95
CA GLY PA 269 -2.37 -23.74 -24.97
C GLY PA 269 -1.37 -22.74 -25.50
N ALA PA 270 -1.15 -22.71 -26.80
CA ALA PA 270 -0.17 -21.81 -27.38
C ALA PA 270 -0.68 -20.39 -27.34
N PRO PA 271 0.03 -19.47 -26.71
CA PRO PA 271 -0.38 -18.06 -26.76
C PRO PA 271 -0.06 -17.45 -28.12
N ARG PA 272 -0.53 -16.23 -28.29
CA ARG PA 272 -0.10 -15.41 -29.41
C ARG PA 272 0.27 -14.01 -28.95
N LYS PA 273 0.36 -13.79 -27.64
CA LYS PA 273 1.07 -12.66 -27.09
C LYS PA 273 1.78 -13.13 -25.82
N GLN PA 274 2.96 -12.56 -25.56
CA GLN PA 274 3.73 -12.88 -24.35
C GLN PA 274 4.34 -11.57 -23.85
N THR PA 275 3.60 -10.87 -23.00
CA THR PA 275 4.11 -9.62 -22.45
C THR PA 275 4.95 -9.93 -21.22
N PHE PA 276 6.25 -9.67 -21.32
CA PHE PA 276 7.22 -10.00 -20.28
C PHE PA 276 7.74 -8.73 -19.63
N ASP PA 277 8.46 -8.91 -18.53
CA ASP PA 277 9.30 -7.85 -17.99
C ASP PA 277 10.52 -8.48 -17.31
N LEU PA 278 11.66 -8.33 -17.94
CA LEU PA 278 12.92 -8.77 -17.36
C LEU PA 278 13.39 -7.75 -16.32
N GLU PA 279 14.31 -8.16 -15.47
CA GLU PA 279 14.77 -7.27 -14.40
C GLU PA 279 16.18 -7.67 -13.99
N PHE PA 280 17.15 -6.81 -14.25
CA PHE PA 280 18.55 -7.08 -13.99
C PHE PA 280 19.02 -6.32 -12.76
N LYS PA 281 20.16 -6.74 -12.23
CA LYS PA 281 20.90 -5.97 -11.24
C LYS PA 281 22.37 -6.05 -11.60
N ARG PA 282 23.09 -4.94 -11.43
CA ARG PA 282 24.48 -4.88 -11.86
C ARG PA 282 25.36 -5.69 -10.90
N TYR PA 283 25.93 -6.78 -11.43
CA TYR PA 283 26.94 -7.57 -10.74
C TYR PA 283 28.18 -6.72 -10.50
N GLY PA 284 28.53 -6.50 -9.23
CA GLY PA 284 29.64 -5.63 -8.91
C GLY PA 284 31.01 -6.28 -8.99
N ASP PA 285 31.55 -6.44 -10.19
CA ASP PA 285 32.87 -7.02 -10.34
C ASP PA 285 33.96 -6.01 -9.95
N ASP PA 286 35.20 -6.50 -9.90
CA ASP PA 286 36.34 -5.65 -9.57
C ASP PA 286 36.64 -4.72 -10.75
N MET QA 1 61.00 39.01 43.24
CA MET QA 1 60.27 37.91 43.84
C MET QA 1 58.87 38.34 44.24
N ILE QA 2 57.96 38.38 43.27
CA ILE QA 2 56.57 38.71 43.51
C ILE QA 2 55.70 37.53 43.06
N ILE QA 3 54.52 37.43 43.65
CA ILE QA 3 53.59 36.36 43.35
C ILE QA 3 52.59 36.83 42.30
N ASP QA 4 52.22 35.94 41.38
CA ASP QA 4 51.26 36.31 40.36
C ASP QA 4 49.85 36.39 40.94
N LEU QA 5 49.03 37.24 40.32
CA LEU QA 5 47.67 37.47 40.79
C LEU QA 5 46.70 36.40 40.31
N SER QA 6 47.09 35.58 39.34
CA SER QA 6 46.22 34.56 38.78
C SER QA 6 46.17 33.29 39.61
N GLN QA 7 46.96 33.20 40.68
CA GLN QA 7 46.93 32.04 41.57
C GLN QA 7 46.32 32.38 42.92
N LEU QA 8 45.76 33.57 43.07
CA LEU QA 8 45.12 33.95 44.32
C LEU QA 8 43.76 33.27 44.45
N PRO QA 9 43.34 32.93 45.66
CA PRO QA 9 41.98 32.43 45.86
C PRO QA 9 40.97 33.56 45.72
N GLU QA 10 39.73 33.17 45.41
CA GLU QA 10 38.67 34.14 45.25
C GLU QA 10 38.25 34.72 46.60
N PRO QA 11 37.94 36.01 46.69
CA PRO QA 11 37.64 36.61 47.98
C PRO QA 11 36.23 36.33 48.48
N GLU QA 12 35.88 36.94 49.61
CA GLU QA 12 34.62 36.70 50.29
C GLU QA 12 33.50 37.61 49.79
N VAL QA 13 33.80 38.88 49.54
CA VAL QA 13 32.75 39.86 49.29
C VAL QA 13 32.21 39.80 47.87
N ILE QA 14 32.97 39.30 46.91
CA ILE QA 14 32.48 39.18 45.54
C ILE QA 14 31.51 38.01 45.46
N GLU QA 15 30.29 38.27 45.00
CA GLU QA 15 29.25 37.26 44.88
C GLU QA 15 28.74 37.18 43.44
N ASN QA 16 28.54 35.95 42.97
CA ASN QA 16 27.66 35.74 41.84
C ASN QA 16 26.24 36.13 42.23
N LEU QA 17 25.54 36.79 41.32
CA LEU QA 17 24.17 37.22 41.56
C LEU QA 17 23.22 36.37 40.74
N ASP QA 18 21.95 36.43 41.12
CA ASP QA 18 20.85 35.85 40.37
C ASP QA 18 19.66 36.78 40.51
N PHE QA 19 18.96 37.03 39.40
CA PHE QA 19 17.71 37.77 39.53
C PHE QA 19 16.65 36.92 40.21
N GLU QA 20 16.67 35.61 39.97
CA GLU QA 20 15.62 34.74 40.51
C GLU QA 20 15.77 34.55 42.01
N THR QA 21 16.99 34.33 42.50
CA THR QA 21 17.18 34.11 43.93
C THR QA 21 17.07 35.40 44.75
N ILE QA 22 16.91 36.55 44.11
CA ILE QA 22 16.45 37.74 44.79
C ILE QA 22 14.94 37.89 44.67
N TYR QA 23 14.40 37.59 43.49
CA TYR QA 23 12.97 37.74 43.24
C TYR QA 23 12.13 36.64 43.86
N GLN QA 24 12.64 35.40 43.89
CA GLN QA 24 11.90 34.34 44.58
C GLN QA 24 11.97 34.49 46.09
N GLU QA 25 12.97 35.20 46.60
CA GLU QA 25 12.93 35.58 48.01
C GLU QA 25 11.87 36.65 48.26
N LEU QA 26 11.77 37.63 47.35
CA LEU QA 26 10.76 38.68 47.51
C LEU QA 26 9.35 38.14 47.34
N LEU QA 27 9.18 37.07 46.56
CA LEU QA 27 7.90 36.35 46.59
C LEU QA 27 7.73 35.63 47.93
N GLY QA 28 8.76 34.94 48.38
CA GLY QA 28 8.77 34.21 49.62
C GLY QA 28 8.94 35.05 50.87
N ASP QA 29 9.00 36.38 50.72
CA ASP QA 29 8.89 37.28 51.86
C ASP QA 29 7.58 38.05 51.88
N PHE QA 30 6.91 38.18 50.73
CA PHE QA 30 5.66 38.92 50.62
C PHE QA 30 4.43 38.04 50.69
N ARG QA 31 4.51 36.81 50.18
CA ARG QA 31 3.35 35.93 50.18
C ARG QA 31 2.99 35.47 51.59
N GLU QA 32 4.00 35.20 52.42
CA GLU QA 32 3.77 34.90 53.82
C GLU QA 32 3.38 36.14 54.63
N ALA QA 33 3.78 37.33 54.16
CA ALA QA 33 3.45 38.56 54.86
C ALA QA 33 2.01 39.00 54.60
N MET QA 34 1.38 38.50 53.55
CA MET QA 34 -0.02 38.84 53.28
C MET QA 34 -1.00 37.92 53.98
N ALA QA 35 -0.52 36.76 54.47
CA ALA QA 35 -1.32 35.75 55.18
C ALA QA 35 -2.51 35.28 54.35
N GLY QA 36 -2.28 35.09 53.05
CA GLY QA 36 -3.31 34.60 52.16
C GLY QA 36 -4.29 35.63 51.66
N GLU QA 37 -4.08 36.91 51.98
CA GLU QA 37 -4.99 37.95 51.49
C GLU QA 37 -4.67 38.33 50.06
N TRP QA 38 -3.43 38.19 49.64
CA TRP QA 38 -3.00 38.36 48.26
C TRP QA 38 -2.59 37.00 47.71
N THR QA 39 -3.22 36.56 46.63
CA THR QA 39 -2.91 35.25 46.07
C THR QA 39 -2.89 35.22 44.55
N ALA QA 40 -2.71 36.37 43.89
CA ALA QA 40 -2.68 36.44 42.43
C ALA QA 40 -1.24 36.63 41.99
N GLU QA 41 -0.54 35.51 41.77
CA GLU QA 41 0.84 35.54 41.31
C GLU QA 41 0.96 35.68 39.78
N VAL QA 42 -0.12 36.07 39.11
CA VAL QA 42 -0.05 36.42 37.70
C VAL QA 42 0.75 37.71 37.56
N GLU QA 43 1.56 37.79 36.50
CA GLU QA 43 2.48 38.91 36.30
C GLU QA 43 1.76 40.24 36.11
N SER QA 44 0.51 40.20 35.61
CA SER QA 44 -0.28 41.41 35.41
C SER QA 44 -0.69 42.10 36.72
N ASP QA 45 -0.55 41.43 37.85
CA ASP QA 45 -0.79 42.05 39.15
C ASP QA 45 0.26 43.12 39.40
N PRO QA 46 -0.11 44.36 39.73
CA PRO QA 46 0.86 45.44 39.86
C PRO QA 46 1.79 45.37 41.08
N VAL QA 47 1.74 44.32 41.89
CA VAL QA 47 2.85 44.07 42.80
C VAL QA 47 4.02 43.40 42.09
N LEU QA 48 3.75 42.61 41.05
CA LEU QA 48 4.84 41.98 40.34
C LEU QA 48 5.49 42.91 39.32
N LYS QA 49 4.90 44.06 39.05
CA LYS QA 49 5.67 45.15 38.44
C LYS QA 49 6.72 45.65 39.40
N LEU QA 50 6.36 45.75 40.68
CA LEU QA 50 7.20 46.40 41.68
C LEU QA 50 8.18 45.44 42.33
N LEU QA 51 7.81 44.16 42.50
CA LEU QA 51 8.76 43.18 42.99
C LEU QA 51 9.80 42.83 41.94
N GLN QA 52 9.55 43.11 40.67
CA GLN QA 52 10.58 43.04 39.65
C GLN QA 52 11.34 44.35 39.51
N LEU QA 53 11.01 45.37 40.32
CA LEU QA 53 11.90 46.51 40.50
C LEU QA 53 12.75 46.36 41.75
N ALA QA 54 12.14 45.89 42.85
CA ALA QA 54 12.87 45.68 44.09
C ALA QA 54 13.83 44.51 44.02
N ALA QA 55 13.72 43.65 42.99
CA ALA QA 55 14.70 42.63 42.74
C ALA QA 55 15.66 42.99 41.62
N TYR QA 56 15.33 44.02 40.83
CA TYR QA 56 16.22 44.50 39.79
C TYR QA 56 17.09 45.67 40.27
N ARG QA 57 16.49 46.61 41.00
CA ARG QA 57 17.29 47.71 41.56
C ARG QA 57 18.13 47.24 42.73
N GLU QA 58 17.73 46.18 43.43
CA GLU QA 58 18.60 45.62 44.45
C GLU QA 58 19.80 44.92 43.82
N LEU QA 59 19.56 44.22 42.71
CA LEU QA 59 20.65 43.56 41.98
C LEU QA 59 21.63 44.58 41.40
N LEU QA 60 21.18 45.80 41.12
CA LEU QA 60 22.12 46.85 40.78
C LEU QA 60 22.91 47.30 42.00
N LEU QA 61 22.26 47.41 43.16
CA LEU QA 61 23.00 47.77 44.37
C LEU QA 61 23.86 46.63 44.88
N ARG QA 62 23.46 45.38 44.63
CA ARG QA 62 24.36 44.27 44.94
C ARG QA 62 25.57 44.24 44.01
N ALA QA 63 25.41 44.76 42.79
CA ALA QA 63 26.51 44.78 41.84
C ALA QA 63 27.42 45.99 42.05
N ARG QA 64 26.88 47.10 42.56
CA ARG QA 64 27.72 48.25 42.88
C ARG QA 64 28.67 47.95 44.01
N ILE QA 65 28.22 47.14 44.98
CA ILE QA 65 29.09 46.71 46.06
C ILE QA 65 30.16 45.76 45.55
N ASN QA 66 29.81 44.89 44.60
CA ASN QA 66 30.81 44.05 43.97
C ASN QA 66 31.72 44.87 43.05
N ASP QA 67 31.19 45.94 42.44
CA ASP QA 67 32.04 46.82 41.64
C ASP QA 67 32.99 47.63 42.53
N ALA QA 68 32.55 48.03 43.71
CA ALA QA 68 33.41 48.79 44.60
C ALA QA 68 34.39 47.89 45.34
N ALA QA 69 34.04 46.63 45.56
CA ALA QA 69 34.97 45.71 46.21
C ALA QA 69 36.09 45.28 45.29
N ARG QA 70 35.83 45.23 43.98
CA ARG QA 70 36.92 44.96 43.04
C ARG QA 70 37.82 46.17 42.88
N ALA QA 71 37.28 47.37 43.07
CA ALA QA 71 38.05 48.60 42.88
C ALA QA 71 39.03 48.86 44.01
N VAL QA 72 38.93 48.16 45.13
CA VAL QA 72 39.84 48.32 46.26
C VAL QA 72 40.74 47.10 46.40
N MET QA 73 40.73 46.19 45.44
CA MET QA 73 41.61 45.03 45.42
C MET QA 73 42.54 45.14 44.22
N LEU QA 74 43.81 44.79 44.43
CA LEU QA 74 44.81 44.98 43.39
C LEU QA 74 44.64 43.96 42.26
N ALA QA 75 44.13 42.78 42.57
CA ALA QA 75 43.98 41.74 41.56
C ALA QA 75 42.72 41.90 40.72
N TYR QA 76 41.90 42.92 40.97
CA TYR QA 76 40.67 43.09 40.20
C TYR QA 76 40.38 44.51 39.76
N ALA QA 77 41.06 45.53 40.28
CA ALA QA 77 40.74 46.90 39.93
C ALA QA 77 41.30 47.25 38.55
N SER QA 78 40.60 48.17 37.88
CA SER QA 78 41.01 48.61 36.55
C SER QA 78 40.47 50.02 36.32
N GLY QA 79 40.94 50.63 35.23
CA GLY QA 79 40.47 51.96 34.88
C GLY QA 79 41.11 53.01 35.77
N ALA QA 80 40.27 53.91 36.29
CA ALA QA 80 40.72 54.94 37.20
C ALA QA 80 40.75 54.47 38.65
N ASP QA 81 40.58 53.17 38.88
CA ASP QA 81 40.61 52.60 40.22
C ASP QA 81 41.99 52.08 40.62
N LEU QA 82 42.83 51.72 39.64
CA LEU QA 82 44.24 51.52 39.90
C LEU QA 82 45.00 52.83 40.02
N ASP QA 83 44.39 53.95 39.61
CA ASP QA 83 44.98 55.25 39.87
C ASP QA 83 44.97 55.57 41.36
N GLN QA 84 43.93 55.13 42.07
CA GLN QA 84 43.88 55.35 43.51
C GLN QA 84 44.82 54.42 44.26
N ILE QA 85 45.04 53.21 43.74
CA ILE QA 85 46.09 52.37 44.29
C ILE QA 85 47.45 52.90 43.88
N GLY QA 86 47.54 53.49 42.68
CA GLY QA 86 48.82 54.02 42.23
C GLY QA 86 49.22 55.29 42.93
N ALA QA 87 48.25 56.14 43.29
CA ALA QA 87 48.56 57.38 43.97
C ALA QA 87 49.01 57.15 45.41
N GLY QA 88 48.62 56.02 46.01
CA GLY QA 88 49.06 55.73 47.36
C GLY QA 88 50.46 55.18 47.43
N PHE QA 89 50.94 54.56 46.36
CA PHE QA 89 52.25 53.94 46.34
C PHE QA 89 53.25 54.70 45.48
N ASN QA 90 52.91 55.95 45.13
CA ASN QA 90 53.77 56.88 44.38
C ASN QA 90 54.16 56.28 43.01
N VAL QA 91 53.18 55.67 42.36
CA VAL QA 91 53.36 55.07 41.04
C VAL QA 91 52.38 55.75 40.08
N GLN QA 92 52.90 56.27 38.97
CA GLN QA 92 52.08 56.93 37.98
C GLN QA 92 52.05 56.11 36.69
N ARG QA 93 50.98 56.28 35.93
CA ARG QA 93 50.81 55.57 34.68
C ARG QA 93 51.67 56.21 33.59
N LEU QA 94 52.32 55.38 32.77
CA LEU QA 94 53.34 55.87 31.86
C LEU QA 94 52.74 56.64 30.69
N LEU QA 95 53.63 57.20 29.87
CA LEU QA 95 53.30 57.88 28.62
C LEU QA 95 54.23 57.34 27.55
N ILE QA 96 53.71 56.47 26.69
CA ILE QA 96 54.52 55.92 25.61
C ILE QA 96 54.75 56.97 24.53
N ARG QA 97 53.69 57.51 23.99
CA ARG QA 97 53.72 58.65 23.11
C ARG QA 97 53.12 59.86 23.81
N PRO QA 98 53.65 61.08 23.55
CA PRO QA 98 53.21 62.26 24.33
C PRO QA 98 51.78 62.69 24.05
N ALA QA 99 51.31 63.67 24.82
CA ALA QA 99 49.90 64.01 24.82
C ALA QA 99 49.53 64.99 23.71
N GLN QA 100 50.39 65.99 23.46
CA GLN QA 100 49.96 67.09 22.61
C GLN QA 100 50.27 66.80 21.15
N PRO QA 101 49.30 66.90 20.25
CA PRO QA 101 49.57 66.79 18.81
C PRO QA 101 49.92 68.14 18.20
N GLU QA 102 50.59 68.06 17.05
CA GLU QA 102 50.86 69.25 16.25
C GLU QA 102 49.96 69.35 15.03
N ALA QA 103 49.22 68.30 14.71
CA ALA QA 103 48.36 68.27 13.53
C ALA QA 103 46.91 68.48 13.92
N VAL QA 104 46.04 68.45 12.91
CA VAL QA 104 44.61 68.68 13.09
C VAL QA 104 43.90 67.48 13.74
N PRO QA 105 44.15 66.21 13.38
CA PRO QA 105 43.60 65.12 14.22
C PRO QA 105 44.31 65.05 15.55
N PRO QA 106 43.56 65.04 16.65
CA PRO QA 106 44.19 65.01 17.99
C PRO QA 106 44.79 63.65 18.29
N VAL QA 107 46.11 63.62 18.48
CA VAL QA 107 46.77 62.40 18.88
C VAL QA 107 46.42 62.10 20.34
N GLU QA 108 45.91 60.88 20.58
CA GLU QA 108 45.52 60.49 21.92
C GLU QA 108 46.75 60.31 22.80
N ALA QA 109 46.63 60.74 24.05
CA ALA QA 109 47.71 60.62 25.02
C ALA QA 109 47.84 59.15 25.40
N GLN QA 110 48.79 58.46 24.78
CA GLN QA 110 48.88 57.02 24.95
C GLN QA 110 49.43 56.66 26.32
N TYR QA 111 48.56 56.07 27.13
CA TYR QA 111 48.92 55.55 28.44
C TYR QA 111 49.15 54.05 28.32
N GLU QA 112 49.91 53.49 29.27
CA GLU QA 112 50.07 52.05 29.32
C GLU QA 112 48.79 51.41 29.83
N SER QA 113 48.60 50.13 29.49
CA SER QA 113 47.39 49.41 29.86
C SER QA 113 47.40 49.08 31.34
N ASP QA 114 46.23 48.77 31.90
CA ASP QA 114 46.11 48.47 33.32
C ASP QA 114 46.69 47.10 33.68
N LYS QA 115 46.99 46.25 32.69
CA LYS QA 115 47.70 45.02 32.96
C LYS QA 115 49.18 45.25 33.23
N SER QA 116 49.71 46.43 32.90
CA SER QA 116 51.07 46.79 33.22
C SER QA 116 51.19 47.65 34.47
N LEU QA 117 50.09 48.24 34.94
CA LEU QA 117 50.10 48.85 36.27
C LEU QA 117 50.26 47.79 37.35
N ARG QA 118 49.53 46.67 37.22
CA ARG QA 118 49.67 45.55 38.15
C ARG QA 118 51.08 44.98 38.16
N ASN QA 119 51.82 45.13 37.07
CA ASN QA 119 53.26 44.91 37.11
C ASN QA 119 53.95 45.95 37.99
N ARG QA 120 53.58 47.22 37.83
CA ARG QA 120 54.35 48.30 38.45
C ARG QA 120 53.94 48.57 39.89
N ILE QA 121 52.67 48.37 40.24
CA ILE QA 121 52.28 48.51 41.64
C ILE QA 121 52.92 47.41 42.47
N GLN QA 122 53.05 46.21 41.90
CA GLN QA 122 53.59 45.09 42.64
C GLN QA 122 55.11 45.12 42.70
N LEU QA 123 55.77 45.78 41.75
CA LEU QA 123 57.20 46.00 41.81
C LEU QA 123 57.57 47.31 42.50
N ALA QA 124 56.63 47.95 43.19
CA ALA QA 124 56.93 49.16 43.93
C ALA QA 124 57.55 48.89 45.28
N PHE QA 125 57.74 47.62 45.65
CA PHE QA 125 58.38 47.25 46.90
C PHE QA 125 59.83 46.84 46.68
N GLU QA 126 60.06 45.84 45.83
CA GLU QA 126 61.42 45.44 45.46
C GLU QA 126 61.96 46.47 44.49
N GLN QA 127 62.51 47.55 45.05
CA GLN QA 127 62.87 48.73 44.30
C GLN QA 127 64.04 49.39 45.01
N LEU QA 128 64.89 50.08 44.25
CA LEU QA 128 66.02 50.79 44.85
C LEU QA 128 65.52 51.97 45.67
N SER QA 129 65.68 51.87 46.98
CA SER QA 129 65.21 52.88 47.93
C SER QA 129 66.35 53.58 48.64
N VAL QA 130 67.28 52.82 49.21
CA VAL QA 130 68.36 53.35 50.02
C VAL QA 130 69.50 52.34 50.00
N ALA QA 131 70.74 52.83 50.04
CA ALA QA 131 71.91 51.95 49.94
C ALA QA 131 72.32 51.48 51.34
N GLY QA 132 71.56 50.55 51.88
CA GLY QA 132 71.89 49.92 53.13
C GLY QA 132 72.99 48.88 53.04
N PRO QA 133 72.71 47.73 52.42
CA PRO QA 133 73.72 46.66 52.39
C PRO QA 133 74.65 46.73 51.20
N ARG QA 134 75.52 45.72 51.08
CA ARG QA 134 76.52 45.68 50.02
C ARG QA 134 75.89 45.53 48.64
N ASN QA 135 74.69 44.95 48.57
CA ASN QA 135 74.00 44.79 47.30
C ASN QA 135 73.26 46.04 46.87
N ALA QA 136 73.21 47.06 47.72
CA ALA QA 136 72.50 48.29 47.41
C ALA QA 136 73.41 49.51 47.26
N TYR QA 137 74.64 49.47 47.78
CA TYR QA 137 75.58 50.53 47.45
C TYR QA 137 75.98 50.49 45.99
N ILE QA 138 76.00 49.31 45.38
CA ILE QA 138 76.46 49.19 44.00
C ILE QA 138 75.33 49.49 43.03
N ALA QA 139 74.11 49.06 43.35
CA ALA QA 139 72.98 49.33 42.48
C ALA QA 139 72.56 50.80 42.53
N HIS QA 140 72.82 51.48 43.64
CA HIS QA 140 72.70 52.93 43.69
C HIS QA 140 73.92 53.63 43.11
N ALA QA 141 74.97 52.89 42.76
CA ALA QA 141 76.14 53.45 42.08
C ALA QA 141 76.09 53.16 40.58
N LEU QA 142 74.92 53.23 39.97
CA LEU QA 142 74.76 53.07 38.54
C LEU QA 142 74.28 54.36 37.90
N GLY QA 143 74.86 55.47 38.34
CA GLY QA 143 74.61 56.77 37.74
C GLY QA 143 75.46 57.02 36.51
N ALA QA 144 76.70 56.53 36.52
CA ALA QA 144 77.57 56.65 35.37
C ALA QA 144 77.26 55.55 34.36
N ASP QA 145 77.99 55.54 33.25
CA ASP QA 145 77.70 54.58 32.20
C ASP QA 145 78.90 53.75 31.75
N GLY QA 146 80.09 54.35 31.67
CA GLY QA 146 81.26 53.64 31.19
C GLY QA 146 81.97 52.86 32.28
N ARG QA 147 81.37 51.75 32.70
CA ARG QA 147 81.77 51.10 33.94
C ARG QA 147 81.17 49.70 34.00
N VAL QA 148 81.92 48.78 34.62
CA VAL QA 148 81.48 47.40 34.84
C VAL QA 148 81.27 47.26 36.36
N ALA QA 149 80.83 46.09 36.82
CA ALA QA 149 80.29 45.88 38.16
C ALA QA 149 81.31 46.16 39.27
N ASP QA 150 80.79 46.20 40.49
CA ASP QA 150 81.50 46.79 41.62
C ASP QA 150 81.05 46.09 42.90
N ALA QA 151 81.83 46.27 43.96
CA ALA QA 151 81.55 45.73 45.28
C ALA QA 151 81.93 46.75 46.33
N SER QA 152 81.46 46.54 47.56
CA SER QA 152 81.66 47.50 48.64
C SER QA 152 82.32 46.84 49.84
N ALA QA 153 82.91 47.69 50.70
CA ALA QA 153 83.56 47.26 51.92
C ALA QA 153 83.39 48.32 52.99
N THR QA 154 83.78 47.98 54.21
CA THR QA 154 83.81 48.93 55.32
C THR QA 154 84.90 48.50 56.29
N SER QA 155 85.95 49.30 56.40
CA SER QA 155 87.06 48.89 57.26
C SER QA 155 86.76 49.17 58.74
N PRO QA 156 86.19 50.35 59.15
CA PRO QA 156 85.63 50.39 60.51
C PRO QA 156 84.14 50.09 60.54
N ALA QA 157 83.64 49.73 61.73
CA ALA QA 157 82.19 49.61 61.90
C ALA QA 157 81.48 50.96 61.93
N PRO QA 158 81.78 51.92 62.83
CA PRO QA 158 80.78 52.97 63.10
C PRO QA 158 80.64 54.04 62.02
N CYS QA 159 81.69 54.37 61.27
CA CYS QA 159 81.62 55.55 60.41
C CYS QA 159 81.71 55.26 58.92
N GLU QA 160 82.76 54.59 58.47
CA GLU QA 160 83.19 54.66 57.07
C GLU QA 160 82.73 53.46 56.28
N VAL QA 161 82.32 53.71 55.03
CA VAL QA 161 82.01 52.67 54.05
C VAL QA 161 82.85 52.94 52.80
N LEU QA 162 83.36 51.87 52.20
CA LEU QA 162 84.29 51.97 51.09
C LEU QA 162 83.68 51.38 49.83
N ILE QA 163 83.72 52.13 48.74
CA ILE QA 163 83.27 51.67 47.42
C ILE QA 163 84.41 51.91 46.43
N SER QA 164 84.89 50.83 45.83
CA SER QA 164 86.06 50.88 44.95
C SER QA 164 85.60 50.79 43.50
N VAL QA 165 85.33 51.96 42.92
CA VAL QA 165 84.76 52.06 41.58
C VAL QA 165 85.87 51.82 40.54
N LEU QA 166 85.65 50.85 39.66
CA LEU QA 166 86.50 50.69 38.48
C LEU QA 166 85.64 50.72 37.24
N GLY QA 167 86.06 51.50 36.24
CA GLY QA 167 85.30 51.64 35.02
C GLY QA 167 86.10 51.29 33.78
N VAL QA 168 85.55 50.45 32.91
CA VAL QA 168 86.29 49.93 31.76
C VAL QA 168 86.09 50.92 30.62
N GLU QA 169 87.04 51.84 30.49
CA GLU QA 169 87.14 52.71 29.32
C GLU QA 169 88.44 52.45 28.57
N GLY QA 170 89.57 52.54 29.27
CA GLY QA 170 90.86 52.15 28.73
C GLY QA 170 91.42 50.95 29.45
N ASN QA 171 92.35 51.19 30.36
CA ASN QA 171 92.95 50.15 31.19
C ASN QA 171 92.10 49.74 32.38
N GLY QA 172 90.97 50.41 32.60
CA GLY QA 172 90.12 50.09 33.73
C GLY QA 172 90.26 50.99 34.93
N GLN QA 173 91.04 52.06 34.83
CA GLN QA 173 91.14 53.04 35.90
C GLN QA 173 89.85 53.86 35.98
N ALA QA 174 89.60 54.40 37.15
CA ALA QA 174 88.47 55.30 37.33
C ALA QA 174 88.92 56.74 37.06
N PRO QA 175 88.32 57.43 36.09
CA PRO QA 175 88.65 58.84 35.88
C PRO QA 175 88.10 59.71 37.00
N GLU QA 176 88.68 60.90 37.11
CA GLU QA 176 88.23 61.85 38.13
C GLU QA 176 86.91 62.53 37.74
N ALA QA 177 86.50 62.42 36.48
CA ALA QA 177 85.21 62.97 36.06
C ALA QA 177 84.06 62.16 36.63
N VAL QA 178 84.23 60.83 36.71
CA VAL QA 178 83.17 59.98 37.28
C VAL QA 178 83.35 59.73 38.77
N LEU QA 179 84.38 60.30 39.38
CA LEU QA 179 84.45 60.26 40.84
C LEU QA 179 83.39 61.15 41.47
N GLN QA 180 83.17 62.33 40.91
CA GLN QA 180 82.10 63.19 41.39
C GLN QA 180 80.74 62.74 40.90
N ALA QA 181 80.67 62.00 39.79
CA ALA QA 181 79.40 61.52 39.28
C ALA QA 181 78.82 60.42 40.16
N VAL QA 182 79.67 59.70 40.89
CA VAL QA 182 79.17 58.78 41.92
C VAL QA 182 78.73 59.55 43.15
N ARG QA 183 79.52 60.55 43.56
CA ARG QA 183 79.24 61.25 44.82
C ARG QA 183 78.04 62.19 44.72
N LEU QA 184 77.55 62.49 43.51
CA LEU QA 184 76.34 63.28 43.38
C LEU QA 184 75.10 62.46 43.75
N ALA QA 185 75.19 61.14 43.65
CA ALA QA 185 74.02 60.30 43.91
C ALA QA 185 73.99 59.80 45.34
N LEU QA 186 75.15 59.67 45.98
CA LEU QA 186 75.21 59.00 47.27
C LEU QA 186 74.94 59.95 48.43
N ASN QA 187 74.76 61.24 48.15
CA ASN QA 187 74.55 62.20 49.23
C ASN QA 187 73.13 62.11 49.80
N ALA QA 188 72.15 61.79 48.96
CA ALA QA 188 70.76 61.71 49.40
C ALA QA 188 70.16 60.32 49.28
N GLU QA 189 70.91 59.35 48.77
CA GLU QA 189 70.42 57.98 48.62
C GLU QA 189 71.09 57.00 49.57
N ASP QA 190 71.91 57.48 50.49
CA ASP QA 190 72.52 56.64 51.52
C ASP QA 190 71.82 56.89 52.85
N VAL QA 191 72.31 56.20 53.87
CA VAL QA 191 72.10 56.65 55.24
C VAL QA 191 72.84 57.97 55.39
N ARG QA 192 72.27 58.90 56.16
CA ARG QA 192 72.82 60.26 56.22
C ARG QA 192 74.23 60.37 56.81
N PRO QA 193 74.59 59.73 58.00
CA PRO QA 193 75.96 59.88 58.50
C PRO QA 193 76.93 58.81 57.99
N VAL QA 194 77.03 58.69 56.67
CA VAL QA 194 78.05 57.81 56.10
C VAL QA 194 79.29 58.61 55.76
N ALA QA 195 80.44 58.01 56.04
CA ALA QA 195 81.73 58.52 55.58
C ALA QA 195 82.05 57.75 54.30
N ASP QA 196 81.29 58.06 53.25
CA ASP QA 196 81.41 57.38 51.96
C ASP QA 196 82.70 57.82 51.27
N ARG QA 197 83.79 57.15 51.63
CA ARG QA 197 85.08 57.45 51.04
C ARG QA 197 85.10 56.88 49.62
N VAL QA 198 84.57 57.66 48.68
CA VAL QA 198 84.51 57.25 47.28
C VAL QA 198 85.78 57.80 46.64
N THR QA 199 86.86 57.01 46.75
CA THR QA 199 88.08 57.27 46.02
C THR QA 199 87.98 56.59 44.64
N VAL QA 200 89.09 56.55 43.92
CA VAL QA 200 89.16 55.71 42.73
C VAL QA 200 89.06 54.25 43.15
N ARG QA 201 90.05 53.77 43.90
CA ARG QA 201 90.25 52.39 44.30
C ARG QA 201 91.51 52.39 45.15
N SER QA 202 91.78 51.26 45.81
CA SER QA 202 93.04 51.13 46.53
C SER QA 202 94.18 50.80 45.57
N ALA QA 203 93.95 49.89 44.62
CA ALA QA 203 94.92 49.56 43.60
C ALA QA 203 94.16 49.07 42.37
N GLY QA 204 94.41 49.72 41.23
CA GLY QA 204 93.64 49.45 40.03
C GLY QA 204 94.36 48.52 39.08
N ILE QA 205 95.01 49.09 38.06
CA ILE QA 205 95.76 48.29 37.11
C ILE QA 205 97.00 47.70 37.79
N VAL QA 206 96.91 46.42 38.11
CA VAL QA 206 98.05 45.65 38.59
C VAL QA 206 98.32 44.66 37.46
N PRO QA 207 99.23 44.99 36.54
CA PRO QA 207 99.28 44.32 35.23
C PRO QA 207 99.70 42.85 35.33
N TYR QA 208 98.77 41.97 34.97
CA TYR QA 208 98.94 40.53 35.06
C TYR QA 208 99.11 39.99 33.64
N GLN QA 209 100.35 39.93 33.19
CA GLN QA 209 100.64 39.27 31.92
C GLN QA 209 100.48 37.77 32.07
N VAL QA 210 100.26 37.10 30.95
CA VAL QA 210 100.27 35.64 30.88
C VAL QA 210 101.10 35.23 29.67
N LYS QA 211 101.85 34.15 29.81
CA LYS QA 211 102.48 33.47 28.69
C LYS QA 211 102.30 31.97 28.89
N ALA QA 212 102.06 31.26 27.78
CA ALA QA 212 101.83 29.83 27.85
C ALA QA 212 102.60 29.16 26.71
N GLN QA 213 103.56 28.30 27.08
CA GLN QA 213 104.30 27.50 26.11
C GLN QA 213 103.49 26.23 25.89
N LEU QA 214 102.59 26.27 24.90
CA LEU QA 214 101.71 25.15 24.62
C LEU QA 214 102.46 24.04 23.91
N TYR QA 215 102.26 22.80 24.38
CA TYR QA 215 102.83 21.61 23.76
C TYR QA 215 101.66 20.76 23.25
N LEU QA 216 101.61 20.58 21.93
CA LEU QA 216 100.52 19.88 21.27
C LEU QA 216 101.05 18.73 20.43
N PHE QA 217 100.14 17.84 20.06
CA PHE QA 217 100.55 16.94 18.99
C PHE QA 217 100.41 17.67 17.65
N PRO QA 218 101.39 17.54 16.75
CA PRO QA 218 101.38 18.36 15.52
C PRO QA 218 100.39 17.92 14.45
N GLY QA 219 99.40 17.11 14.79
CA GLY QA 219 98.44 16.60 13.83
C GLY QA 219 97.43 17.63 13.34
N PRO QA 220 96.27 17.14 12.88
CA PRO QA 220 95.34 18.01 12.15
C PRO QA 220 94.58 18.98 13.05
N GLU QA 221 94.29 18.55 14.27
CA GLU QA 221 93.51 19.33 15.22
C GLU QA 221 94.35 20.37 15.96
N ALA QA 222 95.64 20.48 15.65
CA ALA QA 222 96.52 21.39 16.37
C ALA QA 222 96.21 22.86 16.11
N GLU QA 223 95.51 23.18 15.02
CA GLU QA 223 95.03 24.54 14.82
C GLU QA 223 93.71 24.77 15.56
N LEU QA 224 92.88 23.74 15.67
CA LEU QA 224 91.55 23.90 16.25
C LEU QA 224 91.58 23.92 17.77
N ILE QA 225 92.39 23.06 18.41
CA ILE QA 225 92.43 23.03 19.86
C ILE QA 225 93.34 24.12 20.41
N ARG QA 226 94.22 24.70 19.60
CA ARG QA 226 95.01 25.85 20.03
C ARG QA 226 94.15 27.09 20.17
N ALA QA 227 93.25 27.31 19.21
CA ALA QA 227 92.32 28.43 19.31
C ALA QA 227 91.17 28.15 20.26
N ALA QA 228 90.88 26.87 20.53
CA ALA QA 228 89.82 26.55 21.49
C ALA QA 228 90.27 26.83 22.91
N ALA QA 229 91.53 26.53 23.23
CA ALA QA 229 92.07 26.89 24.53
C ALA QA 229 92.33 28.38 24.62
N GLU QA 230 92.59 29.03 23.49
CA GLU QA 230 92.73 30.48 23.47
C GLU QA 230 91.38 31.17 23.65
N ALA QA 231 90.32 30.58 23.11
CA ALA QA 231 88.98 31.13 23.29
C ALA QA 231 88.50 30.96 24.72
N SER QA 232 88.92 29.87 25.39
CA SER QA 232 88.61 29.71 26.80
C SER QA 232 89.39 30.68 27.67
N LEU QA 233 90.51 31.21 27.17
CA LEU QA 233 91.26 32.22 27.89
C LEU QA 233 90.63 33.60 27.75
N ARG QA 234 89.95 33.85 26.63
CA ARG QA 234 89.34 35.16 26.41
C ARG QA 234 88.15 35.40 27.33
N ASP QA 235 87.20 34.47 27.36
CA ASP QA 235 86.03 34.67 28.21
C ASP QA 235 86.32 34.43 29.68
N TYR QA 236 87.45 33.83 30.02
CA TYR QA 236 87.85 33.73 31.42
C TYR QA 236 88.29 35.08 31.95
N ILE QA 237 89.25 35.71 31.25
CA ILE QA 237 89.79 37.01 31.66
C ILE QA 237 88.72 38.09 31.57
N SER QA 238 87.84 38.00 30.58
CA SER QA 238 86.70 38.91 30.48
C SER QA 238 85.70 38.72 31.62
N ALA QA 239 85.68 37.53 32.23
CA ALA QA 239 84.93 37.32 33.46
C ALA QA 239 85.73 37.69 34.71
N GLN QA 240 87.04 37.90 34.58
CA GLN QA 240 87.87 38.33 35.70
C GLN QA 240 87.93 39.84 35.82
N ARG QA 241 87.23 40.58 34.98
CA ARG QA 241 87.04 42.02 35.16
C ARG QA 241 86.02 42.19 36.29
N ARG QA 242 86.54 42.11 37.51
CA ARG QA 242 85.72 41.84 38.69
C ARG QA 242 86.54 42.26 39.90
N LEU QA 243 85.87 42.36 41.05
CA LEU QA 243 86.57 42.48 42.32
C LEU QA 243 86.74 41.15 43.03
N GLY QA 244 86.08 40.09 42.55
CA GLY QA 244 86.45 38.76 42.97
C GLY QA 244 87.81 38.36 42.43
N ARG QA 245 88.08 38.72 41.16
CA ARG QA 245 89.37 38.89 40.48
C ARG QA 245 90.47 37.87 40.80
N ASP QA 246 90.08 36.61 41.01
CA ASP QA 246 91.03 35.60 41.47
C ASP QA 246 91.93 35.15 40.30
N ILE QA 247 92.83 36.06 39.92
CA ILE QA 247 93.84 35.74 38.91
C ILE QA 247 94.85 34.78 39.52
N ARG QA 248 95.07 33.65 38.86
CA ARG QA 248 95.88 32.60 39.47
C ARG QA 248 96.87 31.96 38.52
N ARG QA 249 97.44 30.83 38.96
CA ARG QA 249 98.27 29.99 38.13
C ARG QA 249 97.59 28.66 37.81
N SER QA 250 97.01 27.99 38.82
CA SER QA 250 96.40 26.70 38.58
C SER QA 250 94.96 26.80 38.13
N ALA QA 251 94.29 27.93 38.36
CA ALA QA 251 92.96 28.12 37.78
C ALA QA 251 93.05 28.39 36.29
N LEU QA 252 94.21 28.84 35.80
CA LEU QA 252 94.46 28.96 34.38
C LEU QA 252 95.02 27.68 33.77
N PHE QA 253 95.33 26.68 34.60
CA PHE QA 253 95.64 25.35 34.06
C PHE QA 253 94.42 24.72 33.42
N ALA QA 254 93.29 24.71 34.13
CA ALA QA 254 92.07 24.11 33.60
C ALA QA 254 91.49 24.91 32.43
N THR QA 255 91.88 26.18 32.32
CA THR QA 255 91.52 26.96 31.15
C THR QA 255 92.24 26.46 29.91
N LEU QA 256 93.51 26.04 30.07
CA LEU QA 256 94.34 25.77 28.91
C LEU QA 256 94.53 24.28 28.68
N HIS QA 257 94.13 23.43 29.64
CA HIS QA 257 94.34 21.99 29.50
C HIS QA 257 93.14 21.30 28.85
N VAL QA 258 92.46 21.97 27.91
CA VAL QA 258 91.04 21.78 27.61
C VAL QA 258 90.58 20.33 27.42
N GLU QA 259 91.07 19.62 26.39
CA GLU QA 259 90.88 18.17 26.30
C GLU QA 259 92.09 17.39 25.84
N GLY QA 260 92.98 17.99 25.04
CA GLY QA 260 93.97 17.18 24.37
C GLY QA 260 95.35 17.78 24.27
N VAL QA 261 95.66 18.72 25.15
CA VAL QA 261 97.00 19.30 25.17
C VAL QA 261 97.94 18.32 25.88
N GLN QA 262 99.23 18.46 25.64
CA GLN QA 262 100.19 17.62 26.36
C GLN QA 262 100.53 18.22 27.73
N ARG QA 263 101.01 19.46 27.74
CA ARG QA 263 101.27 20.19 28.97
C ARG QA 263 101.25 21.68 28.64
N VAL QA 264 101.36 22.51 29.68
CA VAL QA 264 101.42 23.95 29.52
C VAL QA 264 102.50 24.47 30.48
N GLU QA 265 103.03 25.65 30.18
CA GLU QA 265 104.03 26.32 31.02
C GLU QA 265 103.62 27.78 31.18
N LEU QA 266 103.12 28.14 32.36
CA LEU QA 266 102.74 29.51 32.64
C LEU QA 266 103.91 30.24 33.31
N GLN QA 267 104.41 31.27 32.65
CA GLN QA 267 105.61 31.97 33.10
C GLN QA 267 105.30 33.14 34.02
N GLU QA 268 104.46 34.07 33.56
CA GLU QA 268 104.21 35.27 34.37
C GLU QA 268 103.29 34.98 35.56
N PRO QA 269 102.23 34.13 35.46
CA PRO QA 269 101.66 33.61 36.71
C PRO QA 269 102.51 32.49 37.28
N ALA QA 270 103.27 32.79 38.32
CA ALA QA 270 104.07 31.80 39.03
C ALA QA 270 103.55 31.52 40.43
N ALA QA 271 102.88 32.48 41.04
CA ALA QA 271 102.21 32.30 42.32
C ALA QA 271 100.81 32.87 42.23
N ASP QA 272 99.96 32.45 43.17
CA ASP QA 272 98.60 32.95 43.22
C ASP QA 272 98.58 34.39 43.74
N VAL QA 273 97.67 35.19 43.16
CA VAL QA 273 97.50 36.56 43.58
C VAL QA 273 96.76 36.59 44.91
N VAL QA 274 97.32 37.29 45.90
CA VAL QA 274 96.66 37.49 47.17
C VAL QA 274 95.43 38.37 46.97
N LEU QA 275 94.34 38.03 47.65
CA LEU QA 275 93.02 38.56 47.32
C LEU QA 275 92.46 39.39 48.47
N ASP QA 276 92.13 40.64 48.16
CA ASP QA 276 91.25 41.47 48.96
C ASP QA 276 90.21 42.11 48.05
N GLU QA 277 89.19 42.71 48.65
CA GLU QA 277 88.15 43.37 47.87
C GLU QA 277 88.64 44.67 47.27
N THR QA 278 89.61 45.32 47.91
CA THR QA 278 89.92 46.71 47.59
C THR QA 278 90.70 46.84 46.28
N GLN QA 279 91.61 45.91 46.00
CA GLN QA 279 92.46 46.04 44.83
C GLN QA 279 91.71 45.58 43.57
N ALA QA 280 92.33 45.83 42.41
CA ALA QA 280 91.77 45.40 41.14
C ALA QA 280 92.82 44.64 40.33
N ALA QA 281 92.48 44.26 39.10
CA ALA QA 281 93.38 43.47 38.25
C ALA QA 281 93.21 43.89 36.80
N TYR QA 282 94.21 43.52 35.98
CA TYR QA 282 94.20 43.83 34.55
C TYR QA 282 95.16 42.88 33.85
N CYS QA 283 94.83 42.53 32.60
CA CYS QA 283 95.67 41.71 31.74
C CYS QA 283 96.06 42.52 30.52
N THR QA 284 97.37 42.73 30.33
CA THR QA 284 97.82 43.58 29.24
C THR QA 284 97.91 42.83 27.92
N GLY QA 285 98.12 41.53 27.95
CA GLY QA 285 98.21 40.76 26.73
C GLY QA 285 98.98 39.47 26.97
N TYR QA 286 99.30 38.80 25.87
CA TYR QA 286 100.01 37.52 25.93
C TYR QA 286 100.78 37.31 24.63
N ALA QA 287 101.63 36.28 24.65
CA ALA QA 287 102.37 35.83 23.48
C ALA QA 287 102.25 34.31 23.46
N ILE QA 288 101.19 33.82 22.82
CA ILE QA 288 100.93 32.38 22.78
C ILE QA 288 101.83 31.75 21.72
N THR QA 289 102.24 30.50 21.96
CA THR QA 289 103.21 29.86 21.08
C THR QA 289 103.07 28.34 21.19
N LEU QA 290 103.64 27.66 20.20
CA LEU QA 290 103.66 26.20 20.12
C LEU QA 290 105.01 25.68 20.58
N GLY QA 291 105.00 24.51 21.24
CA GLY QA 291 106.26 23.91 21.66
C GLY QA 291 107.07 23.36 20.49
N GLY QA 292 106.42 22.62 19.61
CA GLY QA 292 107.10 22.04 18.46
C GLY QA 292 107.33 20.55 18.58
N SER RA 2 32.97 48.86 -65.85
CA SER RA 2 32.81 47.43 -65.76
C SER RA 2 31.56 47.07 -64.98
N PHE RA 3 31.48 45.84 -64.51
CA PHE RA 3 30.34 45.36 -63.72
C PHE RA 3 30.83 44.27 -62.79
N PHE RA 4 29.90 43.65 -62.06
CA PHE RA 4 30.20 42.57 -61.13
C PHE RA 4 29.22 41.44 -61.32
N HIS RA 5 29.72 40.22 -61.25
CA HIS RA 5 28.88 39.03 -61.26
C HIS RA 5 28.98 38.36 -59.90
N GLY RA 6 27.87 37.82 -59.41
CA GLY RA 6 27.86 37.21 -58.11
C GLY RA 6 27.61 38.21 -57.00
N VAL RA 7 27.57 37.69 -55.78
CA VAL RA 7 27.30 38.51 -54.60
C VAL RA 7 28.54 39.31 -54.23
N THR RA 8 28.38 40.63 -54.14
CA THR RA 8 29.43 41.53 -53.69
C THR RA 8 28.98 42.13 -52.36
N VAL RA 9 29.54 41.63 -51.27
CA VAL RA 9 29.19 42.09 -49.93
C VAL RA 9 29.96 43.37 -49.64
N THR RA 10 29.24 44.46 -49.45
CA THR RA 10 29.84 45.76 -49.18
C THR RA 10 29.95 45.98 -47.67
N ASN RA 11 30.24 47.22 -47.27
CA ASN RA 11 30.32 47.56 -45.85
C ASN RA 11 30.04 49.06 -45.74
N VAL RA 12 28.83 49.40 -45.31
CA VAL RA 12 28.37 50.78 -45.30
C VAL RA 12 28.02 51.19 -43.88
N ASP RA 13 27.52 52.42 -43.71
CA ASP RA 13 27.05 52.92 -42.42
C ASP RA 13 25.65 53.50 -42.61
N ILE RA 14 24.65 52.79 -42.11
CA ILE RA 14 23.25 53.20 -42.20
C ILE RA 14 22.62 53.13 -40.80
N GLY RA 15 21.57 53.92 -40.60
CA GLY RA 15 20.91 53.98 -39.31
C GLY RA 15 19.72 53.05 -39.23
N ALA RA 16 18.79 53.37 -38.32
CA ALA RA 16 17.60 52.54 -38.09
C ALA RA 16 16.68 52.61 -39.29
N ARG RA 17 15.83 51.60 -39.45
CA ARG RA 17 14.92 51.50 -40.59
C ARG RA 17 13.59 52.17 -40.26
N THR RA 18 13.67 53.39 -39.75
CA THR RA 18 12.50 54.14 -39.34
C THR RA 18 11.93 54.94 -40.52
N ILE RA 19 12.37 54.64 -41.73
CA ILE RA 19 11.85 55.32 -42.92
C ILE RA 19 10.57 54.61 -43.31
N ALA RA 20 9.47 55.00 -42.65
CA ALA RA 20 8.12 54.67 -43.06
C ALA RA 20 7.34 55.97 -43.07
N LEU RA 21 6.81 56.34 -44.23
CA LEU RA 21 6.51 57.73 -44.52
C LEU RA 21 5.01 57.96 -44.62
N PRO RA 22 4.36 58.59 -43.63
CA PRO RA 22 3.01 59.07 -43.87
C PRO RA 22 3.01 60.41 -44.59
N ALA RA 23 2.35 60.48 -45.74
CA ALA RA 23 2.34 61.70 -46.56
C ALA RA 23 1.15 62.57 -46.13
N SER RA 24 1.20 63.00 -44.87
CA SER RA 24 0.12 63.77 -44.27
C SER RA 24 0.44 65.25 -44.14
N SER RA 25 1.57 65.60 -43.53
CA SER RA 25 1.94 66.99 -43.32
C SER RA 25 3.31 67.27 -43.91
N VAL RA 26 3.45 68.46 -44.48
CA VAL RA 26 4.69 68.91 -45.10
C VAL RA 26 5.16 70.17 -44.36
N ILE RA 27 6.47 70.37 -44.32
CA ILE RA 27 7.08 71.42 -43.51
C ILE RA 27 7.93 72.31 -44.42
N GLY RA 28 7.72 73.60 -44.34
CA GLY RA 28 8.57 74.57 -45.01
C GLY RA 28 9.64 75.07 -44.06
N LEU RA 29 10.89 74.89 -44.46
CA LEU RA 29 12.03 75.18 -43.61
C LEU RA 29 12.99 76.11 -44.34
N CYS RA 30 13.68 76.95 -43.57
CA CYS RA 30 14.68 77.85 -44.13
C CYS RA 30 15.70 78.19 -43.07
N ASP RA 31 16.98 77.93 -43.35
CA ASP RA 31 18.05 78.26 -42.43
C ASP RA 31 19.34 78.38 -43.24
N VAL RA 32 20.41 78.83 -42.58
CA VAL RA 32 21.67 79.04 -43.28
C VAL RA 32 22.40 77.71 -43.42
N PHE RA 33 23.34 77.67 -44.37
CA PHE RA 33 24.18 76.49 -44.59
C PHE RA 33 25.44 76.94 -45.31
N THR RA 34 26.31 75.98 -45.61
CA THR RA 34 27.53 76.22 -46.38
C THR RA 34 27.46 75.37 -47.65
N PRO RA 35 27.36 75.99 -48.84
CA PRO RA 35 27.29 75.20 -50.07
C PRO RA 35 28.63 74.61 -50.49
N GLY RA 36 29.03 73.52 -49.83
CA GLY RA 36 30.26 72.84 -50.16
C GLY RA 36 30.09 71.84 -51.28
N ALA RA 37 31.11 70.99 -51.42
CA ALA RA 37 31.06 69.95 -52.45
C ALA RA 37 30.16 68.79 -52.05
N GLN RA 38 30.08 68.49 -50.76
CA GLN RA 38 29.22 67.42 -50.28
C GLN RA 38 27.76 67.85 -50.14
N ALA RA 39 27.48 69.15 -50.20
CA ALA RA 39 26.12 69.68 -50.09
C ALA RA 39 25.61 69.95 -51.49
N SER RA 40 24.87 68.99 -52.06
CA SER RA 40 24.41 69.07 -53.43
C SER RA 40 23.07 69.80 -53.49
N ALA RA 41 23.13 71.10 -53.22
CA ALA RA 41 21.94 71.95 -53.29
C ALA RA 41 22.37 73.37 -53.57
N LYS RA 42 21.77 73.97 -54.61
CA LYS RA 42 21.94 75.39 -54.85
C LYS RA 42 21.24 76.18 -53.74
N PRO RA 43 21.74 77.41 -53.41
CA PRO RA 43 21.24 78.13 -52.23
C PRO RA 43 19.76 78.48 -52.20
N ASN RA 44 19.26 79.22 -53.20
CA ASN RA 44 17.91 79.78 -53.12
C ASN RA 44 16.85 78.89 -53.75
N VAL RA 45 17.17 77.65 -54.11
CA VAL RA 45 16.18 76.76 -54.70
C VAL RA 45 15.61 75.86 -53.62
N PRO RA 46 14.37 75.38 -53.76
CA PRO RA 46 13.84 74.41 -52.79
C PRO RA 46 14.30 73.00 -53.11
N VAL RA 47 14.45 72.21 -52.04
CA VAL RA 47 14.84 70.81 -52.12
C VAL RA 47 13.85 70.00 -51.29
N LEU RA 48 13.18 69.05 -51.92
CA LEU RA 48 12.31 68.14 -51.18
C LEU RA 48 13.17 67.13 -50.44
N LEU RA 49 12.88 66.92 -49.17
CA LEU RA 49 13.61 65.99 -48.34
C LEU RA 49 12.71 64.83 -47.92
N THR RA 50 13.30 63.64 -47.89
CA THR RA 50 12.59 62.41 -47.58
C THR RA 50 12.97 61.85 -46.21
N SER RA 51 14.25 61.80 -45.88
CA SER RA 51 14.72 61.28 -44.62
C SER RA 51 15.99 62.04 -44.22
N LYS RA 52 16.75 61.47 -43.30
CA LYS RA 52 18.05 62.05 -42.96
C LYS RA 52 19.11 61.73 -44.00
N LYS RA 53 18.88 60.69 -44.80
CA LYS RA 53 19.91 60.24 -45.75
C LYS RA 53 20.06 61.20 -46.93
N ASP RA 54 18.98 61.85 -47.35
CA ASP RA 54 19.11 62.89 -48.36
C ASP RA 54 19.11 64.29 -47.79
N ALA RA 55 18.78 64.46 -46.51
CA ALA RA 55 19.07 65.72 -45.83
C ALA RA 55 20.55 65.84 -45.52
N ALA RA 56 21.27 64.73 -45.43
CA ALA RA 56 22.72 64.73 -45.37
C ALA RA 56 23.36 64.75 -46.74
N ALA RA 57 22.60 64.48 -47.80
CA ALA RA 57 23.12 64.53 -49.15
C ALA RA 57 22.88 65.90 -49.80
N ALA RA 58 21.72 66.52 -49.52
CA ALA RA 58 21.47 67.85 -50.07
C ALA RA 58 22.26 68.91 -49.32
N PHE RA 59 22.37 68.78 -48.00
CA PHE RA 59 23.10 69.73 -47.18
C PHE RA 59 24.09 68.97 -46.31
N GLY RA 60 25.08 69.68 -45.80
CA GLY RA 60 26.14 69.06 -45.04
C GLY RA 60 25.70 68.59 -43.66
N ILE RA 61 26.59 67.85 -43.01
CA ILE RA 61 26.33 67.36 -41.66
C ILE RA 61 26.34 68.51 -40.66
N GLY RA 62 27.39 69.33 -40.72
CA GLY RA 62 27.53 70.45 -39.82
C GLY RA 62 26.75 71.70 -40.20
N SER RA 63 25.96 71.63 -41.26
CA SER RA 63 25.17 72.78 -41.68
C SER RA 63 23.99 73.01 -40.74
N SER RA 64 23.58 74.27 -40.65
CA SER RA 64 22.47 74.62 -39.76
C SER RA 64 21.12 74.19 -40.29
N ILE RA 65 21.03 73.81 -41.57
CA ILE RA 65 19.85 73.12 -42.07
C ILE RA 65 19.67 71.79 -41.37
N TYR RA 66 20.72 70.97 -41.40
CA TYR RA 66 20.62 69.59 -40.91
C TYR RA 66 20.46 69.51 -39.40
N LEU RA 67 20.98 70.50 -38.67
CA LEU RA 67 20.70 70.56 -37.24
C LEU RA 67 19.25 70.91 -36.96
N ALA RA 68 18.62 71.67 -37.85
CA ALA RA 68 17.20 71.98 -37.79
C ALA RA 68 16.35 71.03 -38.61
N CYS RA 69 16.97 70.02 -39.23
CA CYS RA 69 16.23 69.00 -39.97
C CYS RA 69 16.33 67.63 -39.33
N GLU RA 70 17.39 67.37 -38.56
CA GLU RA 70 17.46 66.16 -37.75
C GLU RA 70 16.39 66.14 -36.67
N ALA RA 71 16.04 67.31 -36.13
CA ALA RA 71 15.06 67.40 -35.05
C ALA RA 71 13.66 67.05 -35.53
N ILE RA 72 13.35 67.27 -36.80
CA ILE RA 72 12.06 66.89 -37.33
C ILE RA 72 11.98 65.37 -37.50
N TYR RA 73 12.99 64.78 -38.13
CA TYR RA 73 12.97 63.34 -38.37
C TYR RA 73 13.21 62.50 -37.12
N ASN RA 74 13.59 63.11 -35.99
CA ASN RA 74 13.64 62.37 -34.74
C ASN RA 74 12.25 62.00 -34.26
N ARG RA 75 11.25 62.81 -34.59
CA ARG RA 75 9.88 62.60 -34.12
C ARG RA 75 8.95 62.06 -35.20
N ALA RA 76 8.86 62.75 -36.34
CA ALA RA 76 7.99 62.35 -37.43
C ALA RA 76 8.78 62.28 -38.72
N GLN RA 77 8.63 61.18 -39.45
CA GLN RA 77 9.28 61.01 -40.74
C GLN RA 77 8.34 61.51 -41.83
N ALA RA 78 8.18 62.84 -41.87
CA ALA RA 78 7.38 63.50 -42.88
C ALA RA 78 8.28 63.85 -44.06
N VAL RA 79 7.77 64.68 -44.97
CA VAL RA 79 8.55 65.19 -46.09
C VAL RA 79 8.62 66.70 -45.97
N ILE RA 80 9.79 67.27 -46.27
CA ILE RA 80 10.11 68.66 -45.97
C ILE RA 80 10.47 69.36 -47.27
N VAL RA 81 9.75 70.44 -47.57
CA VAL RA 81 10.16 71.38 -48.61
C VAL RA 81 11.10 72.35 -47.93
N ALA RA 82 12.41 72.18 -48.14
CA ALA RA 82 13.43 72.92 -47.43
C ALA RA 82 14.18 73.80 -48.41
N VAL RA 83 14.17 75.10 -48.18
CA VAL RA 83 14.99 76.03 -48.94
C VAL RA 83 16.19 76.38 -48.09
N GLY RA 84 17.29 76.71 -48.76
CA GLY RA 84 18.48 77.18 -48.09
C GLY RA 84 18.66 78.68 -48.25
N VAL RA 85 19.66 79.20 -47.57
CA VAL RA 85 20.05 80.59 -47.73
C VAL RA 85 21.55 80.70 -47.44
N GLU RA 86 22.23 81.53 -48.21
CA GLU RA 86 23.63 81.81 -47.96
C GLU RA 86 23.76 82.66 -46.70
N THR RA 87 24.73 82.31 -45.86
CA THR RA 87 24.96 83.06 -44.64
C THR RA 87 25.54 84.44 -44.95
N ALA RA 88 25.38 85.36 -44.00
CA ALA RA 88 25.81 86.73 -44.16
C ALA RA 88 26.60 87.18 -42.93
N GLU RA 89 27.20 88.36 -43.05
CA GLU RA 89 28.06 88.89 -42.00
C GLU RA 89 27.27 89.69 -40.97
N THR RA 90 26.61 90.76 -41.42
CA THR RA 90 25.76 91.53 -40.54
C THR RA 90 24.43 90.82 -40.33
N PRO RA 91 23.84 90.93 -39.14
CA PRO RA 91 22.55 90.25 -38.91
C PRO RA 91 21.38 90.87 -39.64
N GLU RA 92 21.52 92.13 -40.08
CA GLU RA 92 20.45 92.75 -40.88
C GLU RA 92 20.45 92.21 -42.30
N ALA RA 93 21.63 91.94 -42.86
CA ALA RA 93 21.69 91.35 -44.19
C ALA RA 93 21.36 89.88 -44.16
N GLN RA 94 21.58 89.23 -43.02
CA GLN RA 94 21.15 87.84 -42.86
C GLN RA 94 19.64 87.75 -42.69
N ALA RA 95 19.05 88.73 -42.00
CA ALA RA 95 17.60 88.76 -41.87
C ALA RA 95 16.93 89.15 -43.18
N SER RA 96 17.63 89.92 -44.01
CA SER RA 96 17.07 90.30 -45.31
C SER RA 96 17.22 89.17 -46.32
N ALA RA 97 18.21 88.29 -46.12
CA ALA RA 97 18.43 87.20 -47.06
C ALA RA 97 17.49 86.03 -46.78
N VAL RA 98 17.15 85.81 -45.51
CA VAL RA 98 16.27 84.71 -45.16
C VAL RA 98 14.83 85.03 -45.57
N ILE RA 99 14.49 86.31 -45.66
CA ILE RA 99 13.21 86.70 -46.23
C ILE RA 99 13.24 86.52 -47.75
N GLY RA 100 14.21 87.14 -48.40
CA GLY RA 100 14.35 87.05 -49.84
C GLY RA 100 13.27 87.83 -50.54
N GLY RA 101 12.93 87.38 -51.75
CA GLY RA 101 11.89 88.03 -52.52
C GLY RA 101 12.09 87.77 -54.00
N ILE RA 102 11.76 88.79 -54.79
CA ILE RA 102 11.82 88.69 -56.24
C ILE RA 102 13.10 89.33 -56.79
N SER RA 103 14.14 89.43 -55.96
CA SER RA 103 15.40 90.08 -56.34
C SER RA 103 16.22 89.26 -57.34
N ALA RA 104 15.79 88.06 -57.70
CA ALA RA 104 16.45 87.29 -58.77
C ALA RA 104 15.92 87.76 -60.12
N ALA RA 105 16.25 87.02 -61.18
CA ALA RA 105 15.75 87.36 -62.50
C ALA RA 105 14.26 87.06 -62.62
N GLY RA 106 13.89 85.79 -62.45
CA GLY RA 106 12.49 85.40 -62.45
C GLY RA 106 12.20 84.35 -61.39
N GLU RA 107 12.94 84.39 -60.29
CA GLU RA 107 12.83 83.39 -59.24
C GLU RA 107 12.47 84.05 -57.91
N ARG RA 108 12.09 83.21 -56.97
CA ARG RA 108 11.80 83.63 -55.60
C ARG RA 108 12.90 83.10 -54.69
N THR RA 109 13.41 83.97 -53.82
CA THR RA 109 14.51 83.62 -52.92
C THR RA 109 14.03 83.70 -51.48
N GLY RA 110 14.80 83.09 -50.58
CA GLY RA 110 14.51 83.15 -49.16
C GLY RA 110 13.31 82.33 -48.76
N LEU RA 111 12.43 82.91 -47.93
CA LEU RA 111 11.19 82.24 -47.57
C LEU RA 111 10.23 82.16 -48.74
N GLN RA 112 10.35 83.08 -49.70
CA GLN RA 112 9.42 83.17 -50.83
C GLN RA 112 9.50 81.96 -51.75
N ALA RA 113 10.61 81.22 -51.73
CA ALA RA 113 10.70 80.00 -52.52
C ALA RA 113 9.88 78.85 -51.95
N LEU RA 114 9.34 79.00 -50.73
CA LEU RA 114 8.39 78.02 -50.22
C LEU RA 114 7.02 78.16 -50.86
N LEU RA 115 6.73 79.29 -51.51
CA LEU RA 115 5.51 79.42 -52.29
C LEU RA 115 5.55 78.59 -53.56
N ASP RA 116 6.74 78.14 -53.97
CA ASP RA 116 6.90 77.23 -55.10
C ASP RA 116 6.91 75.77 -54.67
N GLY RA 117 6.21 75.44 -53.58
CA GLY RA 117 6.08 74.08 -53.12
C GLY RA 117 5.32 73.21 -54.10
N LYS RA 118 4.08 73.59 -54.40
CA LYS RA 118 3.39 72.96 -55.51
C LYS RA 118 3.94 73.49 -56.83
N SER RA 119 3.63 72.76 -57.91
CA SER RA 119 4.08 72.95 -59.30
C SER RA 119 5.59 72.76 -59.47
N ARG RA 120 6.28 72.36 -58.43
CA ARG RA 120 7.66 71.91 -58.41
C ARG RA 120 7.82 70.58 -57.70
N PHE RA 121 7.11 70.39 -56.58
CA PHE RA 121 7.27 69.22 -55.73
C PHE RA 121 5.97 68.51 -55.43
N ASN RA 122 4.81 69.13 -55.73
CA ASN RA 122 3.48 68.70 -55.31
C ASN RA 122 3.43 68.54 -53.79
N ALA RA 123 3.84 69.60 -53.09
CA ALA RA 123 3.79 69.63 -51.63
C ALA RA 123 3.69 71.09 -51.19
N GLN RA 124 2.47 71.54 -50.89
CA GLN RA 124 2.25 72.91 -50.45
C GLN RA 124 2.47 72.98 -48.94
N PRO RA 125 3.50 73.69 -48.46
CA PRO RA 125 3.89 73.61 -47.05
C PRO RA 125 2.84 74.19 -46.12
N ARG RA 126 2.43 73.39 -45.14
CA ARG RA 126 1.48 73.83 -44.12
C ARG RA 126 2.13 74.12 -42.79
N LEU RA 127 3.43 73.87 -42.66
CA LEU RA 127 4.18 74.14 -41.43
C LEU RA 127 5.39 74.98 -41.82
N LEU RA 128 5.42 76.22 -41.36
CA LEU RA 128 6.45 77.18 -41.74
C LEU RA 128 7.36 77.43 -40.54
N VAL RA 129 8.64 77.11 -40.70
CA VAL RA 129 9.62 77.31 -39.64
C VAL RA 129 10.88 77.95 -40.20
N ALA RA 130 11.55 78.72 -39.35
CA ALA RA 130 12.92 79.17 -39.59
C ALA RA 130 13.56 79.28 -38.21
N PRO RA 131 14.25 78.24 -37.77
CA PRO RA 131 14.72 78.17 -36.38
C PRO RA 131 15.84 79.15 -36.10
N GLY RA 132 15.60 80.05 -35.15
CA GLY RA 132 16.58 81.07 -34.81
C GLY RA 132 16.27 82.39 -35.46
N HIS RA 133 15.82 82.33 -36.72
CA HIS RA 133 15.53 83.56 -37.44
C HIS RA 133 14.16 84.12 -37.08
N SER RA 134 13.30 83.30 -36.48
CA SER RA 134 11.97 83.76 -36.12
C SER RA 134 11.99 84.67 -34.89
N ALA RA 135 13.11 84.71 -34.18
CA ALA RA 135 13.24 85.62 -33.05
C ALA RA 135 13.36 87.06 -33.50
N GLN RA 136 13.76 87.28 -34.75
CA GLN RA 136 13.81 88.63 -35.31
C GLN RA 136 12.40 89.09 -35.65
N GLN RA 137 12.18 90.40 -35.57
CA GLN RA 137 10.86 90.95 -35.82
C GLN RA 137 10.54 91.00 -37.30
N ALA RA 138 11.52 91.39 -38.12
CA ALA RA 138 11.26 91.58 -39.54
C ALA RA 138 11.11 90.26 -40.27
N VAL RA 139 11.77 89.20 -39.77
CA VAL RA 139 11.64 87.89 -40.38
C VAL RA 139 10.29 87.26 -40.03
N ALA RA 140 9.84 87.48 -38.79
CA ALA RA 140 8.58 86.88 -38.35
C ALA RA 140 7.38 87.54 -39.01
N THR RA 141 7.51 88.81 -39.40
CA THR RA 141 6.45 89.47 -40.14
C THR RA 141 6.38 88.96 -41.56
N ALA RA 142 7.54 88.67 -42.17
CA ALA RA 142 7.55 88.01 -43.46
C ALA RA 142 7.14 86.55 -43.32
N MET RA 143 7.43 85.95 -42.17
CA MET RA 143 6.89 84.62 -41.85
C MET RA 143 5.38 84.68 -41.66
N ASP RA 144 4.88 85.80 -41.15
CA ASP RA 144 3.44 85.99 -40.96
C ASP RA 144 2.72 86.07 -42.30
N GLY RA 145 3.10 87.06 -43.12
CA GLY RA 145 2.39 87.34 -44.36
C GLY RA 145 2.51 86.25 -45.41
N LEU RA 146 3.50 85.39 -45.29
CA LEU RA 146 3.60 84.23 -46.18
C LEU RA 146 2.68 83.10 -45.75
N ALA RA 147 2.18 83.13 -44.51
CA ALA RA 147 1.28 82.08 -44.06
C ALA RA 147 -0.14 82.29 -44.55
N GLU RA 148 -0.61 83.54 -44.60
CA GLU RA 148 -1.95 83.78 -45.15
C GLU RA 148 -1.99 83.62 -46.66
N LYS RA 149 -0.85 83.75 -47.34
CA LYS RA 149 -0.80 83.44 -48.75
C LYS RA 149 -0.77 81.93 -49.01
N LEU RA 150 -0.46 81.14 -47.99
CA LEU RA 150 -0.21 79.72 -48.15
C LEU RA 150 -1.15 78.86 -47.30
N ARG RA 151 -1.95 79.48 -46.44
CA ARG RA 151 -2.88 78.83 -45.50
C ARG RA 151 -2.15 77.80 -44.63
N ALA RA 152 -1.18 78.31 -43.87
CA ALA RA 152 -0.24 77.48 -43.15
C ALA RA 152 -0.09 78.00 -41.72
N ILE RA 153 0.39 77.12 -40.84
CA ILE RA 153 0.74 77.49 -39.49
C ILE RA 153 2.22 77.81 -39.45
N ALA RA 154 2.55 79.05 -39.09
CA ALA RA 154 3.93 79.53 -39.05
C ALA RA 154 4.40 79.49 -37.60
N ILE RA 155 5.36 78.63 -37.30
CA ILE RA 155 5.85 78.44 -35.94
C ILE RA 155 6.99 79.42 -35.71
N LEU RA 156 6.80 80.31 -34.74
CA LEU RA 156 7.78 81.34 -34.45
C LEU RA 156 8.63 80.95 -33.26
N ASP RA 157 9.52 81.84 -32.86
CA ASP RA 157 10.39 81.61 -31.71
C ASP RA 157 10.32 82.77 -30.73
N GLY RA 158 11.20 82.75 -29.74
CA GLY RA 158 11.44 83.87 -28.89
C GLY RA 158 12.92 84.01 -28.65
N PRO RA 159 13.32 84.99 -27.84
CA PRO RA 159 14.73 85.11 -27.47
C PRO RA 159 15.10 84.07 -26.41
N ASN RA 160 16.40 84.03 -26.11
CA ASN RA 160 16.90 83.18 -25.04
C ASN RA 160 16.62 83.79 -23.67
N SER RA 161 16.17 85.04 -23.61
CA SER RA 161 16.07 85.79 -22.37
C SER RA 161 14.81 85.39 -21.61
N THR RA 162 14.47 86.20 -20.60
CA THR RA 162 13.47 85.85 -19.59
C THR RA 162 12.05 85.91 -20.15
N ASP RA 163 11.09 85.66 -19.27
CA ASP RA 163 9.68 85.58 -19.67
C ASP RA 163 9.13 86.94 -20.05
N GLU RA 164 9.63 88.02 -19.45
CA GLU RA 164 9.11 89.35 -19.74
C GLU RA 164 9.47 89.79 -21.16
N ALA RA 165 10.67 89.43 -21.61
CA ALA RA 165 11.08 89.77 -22.97
C ALA RA 165 10.52 88.81 -24.02
N ALA RA 166 9.83 87.74 -23.61
CA ALA RA 166 9.13 86.87 -24.53
C ALA RA 166 7.66 87.21 -24.65
N VAL RA 167 7.05 87.69 -23.56
CA VAL RA 167 5.68 88.21 -23.64
C VAL RA 167 5.64 89.48 -24.47
N ALA RA 168 6.67 90.33 -24.34
CA ALA RA 168 6.71 91.58 -25.08
C ALA RA 168 6.96 91.35 -26.56
N TYR RA 169 7.54 90.19 -26.91
CA TYR RA 169 7.71 89.86 -28.32
C TYR RA 169 6.41 89.37 -28.94
N ALA RA 170 5.46 88.96 -28.11
CA ALA RA 170 4.22 88.39 -28.63
C ALA RA 170 3.08 89.40 -28.63
N LYS RA 171 3.31 90.60 -28.07
CA LYS RA 171 2.23 91.58 -27.99
C LYS RA 171 1.95 92.22 -29.34
N ASN RA 172 2.99 92.42 -30.16
CA ASN RA 172 2.81 93.10 -31.43
C ASN RA 172 2.24 92.17 -32.50
N PHE RA 173 2.19 90.87 -32.23
CA PHE RA 173 1.55 89.91 -33.12
C PHE RA 173 0.09 89.74 -32.70
N GLY RA 174 -0.54 88.67 -33.15
CA GLY RA 174 -1.97 88.52 -32.94
C GLY RA 174 -2.73 88.32 -34.24
N SER RA 175 -2.08 87.68 -35.21
CA SER RA 175 -2.56 87.55 -36.56
C SER RA 175 -2.89 86.10 -36.93
N LYS RA 176 -3.49 85.35 -35.99
CA LYS RA 176 -4.25 84.11 -36.16
C LYS RA 176 -3.53 82.93 -36.81
N ARG RA 177 -2.26 83.08 -37.16
CA ARG RA 177 -1.52 82.02 -37.84
C ARG RA 177 -0.19 81.69 -37.20
N LEU RA 178 0.16 82.38 -36.13
CA LEU RA 178 1.50 82.32 -35.56
C LEU RA 178 1.48 81.51 -34.28
N PHE RA 179 2.48 80.66 -34.11
CA PHE RA 179 2.58 79.76 -32.97
C PHE RA 179 3.96 79.94 -32.36
N MET RA 180 4.01 80.55 -31.17
CA MET RA 180 5.27 80.92 -30.55
C MET RA 180 5.65 79.92 -29.46
N VAL RA 181 6.90 79.47 -29.48
CA VAL RA 181 7.46 78.58 -28.47
C VAL RA 181 8.73 79.25 -27.98
N ASP RA 182 8.67 79.92 -26.83
CA ASP RA 182 9.85 80.63 -26.34
C ASP RA 182 11.01 79.87 -25.69
N PRO RA 183 10.87 78.74 -24.96
CA PRO RA 183 12.05 78.23 -24.23
C PRO RA 183 13.04 77.56 -25.17
N GLY RA 184 14.30 77.96 -25.07
CA GLY RA 184 15.35 77.40 -25.89
C GLY RA 184 15.63 75.95 -25.54
N VAL RA 185 15.26 75.04 -26.43
CA VAL RA 185 15.49 73.62 -26.19
C VAL RA 185 16.97 73.32 -26.37
N GLN RA 186 17.64 72.94 -25.29
CA GLN RA 186 19.02 72.51 -25.36
C GLN RA 186 19.07 70.99 -25.51
N VAL RA 187 19.97 70.51 -26.36
CA VAL RA 187 19.97 69.12 -26.78
C VAL RA 187 21.42 68.63 -26.86
N TRP RA 188 21.63 67.38 -26.44
CA TRP RA 188 22.93 66.74 -26.53
C TRP RA 188 23.26 66.41 -27.99
N ASP RA 189 24.54 66.48 -28.33
CA ASP RA 189 25.02 66.03 -29.63
C ASP RA 189 26.19 65.07 -29.44
N SER RA 190 26.44 64.27 -30.47
CA SER RA 190 27.51 63.29 -30.45
C SER RA 190 28.78 63.77 -31.12
N ALA RA 191 28.76 64.94 -31.76
CA ALA RA 191 29.94 65.44 -32.46
C ALA RA 191 30.97 65.99 -31.48
N THR RA 192 30.60 67.02 -30.72
CA THR RA 192 31.49 67.65 -29.78
C THR RA 192 31.29 67.18 -28.34
N ASN RA 193 30.29 66.31 -28.11
CA ASN RA 193 29.94 65.74 -26.81
C ASN RA 193 29.63 66.84 -25.77
N ALA RA 194 28.65 67.66 -26.11
CA ALA RA 194 28.23 68.77 -25.26
C ALA RA 194 26.74 68.99 -25.48
N ALA RA 195 26.24 70.14 -25.03
CA ALA RA 195 24.82 70.46 -25.16
C ALA RA 195 24.68 71.69 -26.05
N ARG RA 196 23.95 71.54 -27.15
CA ARG RA 196 23.69 72.64 -28.07
C ARG RA 196 22.53 73.49 -27.54
N ASN RA 197 22.05 74.42 -28.37
CA ASN RA 197 20.87 75.22 -28.04
C ASN RA 197 20.03 75.35 -29.30
N ALA RA 198 19.10 74.41 -29.47
CA ALA RA 198 18.24 74.45 -30.65
C ALA RA 198 17.07 75.40 -30.41
N PRO RA 199 16.73 76.24 -31.39
CA PRO RA 199 15.69 77.25 -31.15
C PRO RA 199 14.26 76.76 -31.34
N ALA RA 200 13.93 75.56 -30.84
CA ALA RA 200 12.58 75.12 -30.52
C ALA RA 200 11.55 75.07 -31.65
N SER RA 201 11.95 75.35 -32.89
CA SER RA 201 10.98 75.38 -33.99
C SER RA 201 10.80 74.01 -34.63
N ALA RA 202 11.90 73.32 -34.92
CA ALA RA 202 11.83 72.04 -35.60
C ALA RA 202 11.24 70.95 -34.72
N TYR RA 203 11.33 71.09 -33.39
CA TYR RA 203 10.72 70.12 -32.50
C TYR RA 203 9.21 70.25 -32.50
N ALA RA 204 8.70 71.47 -32.57
CA ALA RA 204 7.26 71.67 -32.70
C ALA RA 204 6.79 71.40 -34.12
N ALA RA 205 7.66 71.58 -35.12
CA ALA RA 205 7.28 71.28 -36.50
C ALA RA 205 7.20 69.78 -36.72
N GLY RA 206 8.15 69.03 -36.16
CA GLY RA 206 8.07 67.59 -36.20
C GLY RA 206 7.01 67.01 -35.30
N LEU RA 207 6.43 67.82 -34.42
CA LEU RA 207 5.34 67.36 -33.58
C LEU RA 207 3.97 67.67 -34.19
N PHE RA 208 3.87 68.75 -34.97
CA PHE RA 208 2.63 68.99 -35.70
C PHE RA 208 2.46 67.96 -36.81
N ALA RA 209 3.56 67.57 -37.46
CA ALA RA 209 3.50 66.55 -38.50
C ALA RA 209 3.34 65.15 -37.92
N TRP RA 210 3.64 64.95 -36.64
CA TRP RA 210 3.46 63.65 -36.02
C TRP RA 210 2.02 63.41 -35.61
N THR RA 211 1.36 64.43 -35.06
CA THR RA 211 -0.01 64.28 -34.59
C THR RA 211 -1.01 64.24 -35.73
N ASP RA 212 -0.60 64.54 -36.96
CA ASP RA 212 -1.47 64.37 -38.12
C ASP RA 212 -1.39 62.97 -38.69
N ALA RA 213 -0.43 62.16 -38.24
CA ALA RA 213 -0.25 60.84 -38.81
C ALA RA 213 -1.28 59.86 -38.30
N GLU RA 214 -1.52 59.82 -36.98
CA GLU RA 214 -2.53 58.92 -36.43
C GLU RA 214 -3.55 59.60 -35.53
N TYR RA 215 -3.24 60.74 -34.94
CA TYR RA 215 -4.23 61.47 -34.17
C TYR RA 215 -5.06 62.43 -35.01
N GLY RA 216 -4.64 62.67 -36.25
CA GLY RA 216 -5.40 63.52 -37.15
C GLY RA 216 -5.14 65.00 -36.93
N PHE RA 217 -5.48 65.78 -37.94
CA PHE RA 217 -5.31 67.23 -37.86
C PHE RA 217 -6.31 67.89 -36.94
N TRP RA 218 -7.44 67.22 -36.65
CA TRP RA 218 -8.42 67.77 -35.72
C TRP RA 218 -7.92 67.76 -34.28
N SER RA 219 -6.98 66.89 -33.94
CA SER RA 219 -6.49 66.77 -32.59
C SER RA 219 -5.50 67.88 -32.25
N SER RA 220 -5.33 68.13 -30.95
CA SER RA 220 -4.41 69.16 -30.49
C SER RA 220 -3.06 68.54 -30.13
N PRO RA 221 -1.97 69.09 -30.63
CA PRO RA 221 -0.63 68.67 -30.19
C PRO RA 221 -0.09 69.51 -29.04
N SER RA 222 -0.83 69.59 -27.95
CA SER RA 222 -0.47 70.45 -26.84
C SER RA 222 -0.20 69.70 -25.55
N ASN RA 223 -0.11 68.37 -25.60
CA ASN RA 223 0.43 67.60 -24.48
C ASN RA 223 1.22 66.42 -25.02
N LYS RA 224 1.86 66.56 -26.17
CA LYS RA 224 2.49 65.44 -26.83
C LYS RA 224 3.98 65.38 -26.50
N GLU RA 225 4.53 64.19 -26.66
CA GLU RA 225 5.91 63.92 -26.29
C GLU RA 225 6.85 64.39 -27.41
N ILE RA 226 8.10 64.65 -27.06
CA ILE RA 226 9.14 65.05 -28.01
C ILE RA 226 10.31 64.10 -27.86
N LYS RA 227 10.74 63.50 -28.97
CA LYS RA 227 11.90 62.63 -28.95
C LYS RA 227 13.16 63.38 -29.39
N GLY RA 228 14.30 62.87 -28.94
CA GLY RA 228 15.60 63.44 -29.27
C GLY RA 228 15.80 64.80 -28.66
N VAL RA 229 15.89 64.86 -27.33
CA VAL RA 229 15.71 66.12 -26.62
C VAL RA 229 16.31 65.97 -25.22
N THR RA 230 16.73 67.10 -24.67
CA THR RA 230 17.09 67.23 -23.25
C THR RA 230 16.35 68.48 -22.79
N GLY RA 231 16.77 69.04 -21.65
CA GLY RA 231 16.11 70.17 -21.03
C GLY RA 231 15.98 71.46 -21.81
N THR RA 232 15.40 72.47 -21.19
CA THR RA 232 15.27 73.76 -21.85
C THR RA 232 16.36 74.72 -21.35
N SER RA 233 16.47 75.86 -22.02
CA SER RA 233 17.40 76.88 -21.56
C SER RA 233 16.92 77.51 -20.26
N ARG RA 234 15.62 77.73 -20.15
CA ARG RA 234 15.02 78.25 -18.94
C ARG RA 234 13.99 77.25 -18.41
N PRO RA 235 13.93 77.05 -17.11
CA PRO RA 235 12.86 76.21 -16.54
C PRO RA 235 11.52 76.90 -16.67
N VAL RA 236 10.49 76.11 -16.97
CA VAL RA 236 9.12 76.58 -17.00
C VAL RA 236 8.21 75.41 -16.65
N GLU RA 237 7.37 75.60 -15.64
CA GLU RA 237 6.58 74.53 -15.06
C GLU RA 237 5.14 75.01 -14.90
N PHE RA 238 4.21 74.08 -14.92
CA PHE RA 238 2.82 74.37 -14.58
C PHE RA 238 2.54 73.86 -13.17
N LEU RA 239 2.01 74.74 -12.34
CA LEU RA 239 1.52 74.40 -11.02
C LEU RA 239 0.08 74.91 -10.92
N ASP RA 240 -0.55 74.75 -9.75
CA ASP RA 240 -1.95 75.09 -9.60
C ASP RA 240 -2.15 76.01 -8.41
N GLY RA 241 -3.18 76.85 -8.49
CA GLY RA 241 -3.55 77.71 -7.39
C GLY RA 241 -3.65 79.16 -7.81
N ASP RA 242 -3.57 79.40 -9.12
CA ASP RA 242 -3.65 80.72 -9.75
C ASP RA 242 -2.56 81.66 -9.21
N GLU RA 243 -1.35 81.14 -9.10
CA GLU RA 243 -0.20 81.94 -8.71
C GLU RA 243 0.56 82.37 -9.96
N THR RA 244 1.74 82.94 -9.77
CA THR RA 244 2.62 83.31 -10.88
C THR RA 244 3.38 82.07 -11.37
N CYS RA 245 2.64 81.19 -12.03
CA CYS RA 245 3.26 80.07 -12.73
C CYS RA 245 3.98 80.58 -13.96
N ARG RA 246 5.11 79.97 -14.28
CA ARG RA 246 5.80 80.36 -15.50
C ARG RA 246 5.08 79.84 -16.74
N ALA RA 247 4.34 78.74 -16.63
CA ALA RA 247 3.56 78.27 -17.75
C ALA RA 247 2.33 79.13 -17.96
N ASN RA 248 1.62 79.47 -16.87
CA ASN RA 248 0.37 80.20 -16.98
C ASN RA 248 0.62 81.65 -17.38
N LEU RA 249 1.79 82.20 -17.03
CA LEU RA 249 2.15 83.52 -17.50
C LEU RA 249 2.42 83.53 -19.00
N LEU RA 250 2.84 82.39 -19.54
CA LEU RA 250 3.17 82.32 -20.96
C LEU RA 250 2.02 81.79 -21.79
N ASN RA 251 1.11 81.02 -21.18
CA ASN RA 251 -0.10 80.63 -21.90
C ASN RA 251 -1.03 81.82 -22.07
N ASN RA 252 -1.10 82.69 -21.06
CA ASN RA 252 -1.96 83.87 -21.16
C ASN RA 252 -1.42 84.90 -22.14
N ALA RA 253 -0.13 84.83 -22.47
CA ALA RA 253 0.44 85.59 -23.57
C ALA RA 253 0.41 84.83 -24.88
N ASN RA 254 -0.32 83.71 -24.94
CA ASN RA 254 -0.53 82.88 -26.13
C ASN RA 254 0.79 82.32 -26.68
N ILE RA 255 1.62 81.80 -25.78
CA ILE RA 255 2.93 81.25 -26.13
C ILE RA 255 3.02 79.84 -25.59
N ALA RA 256 3.49 78.90 -26.41
CA ALA RA 256 3.71 77.54 -25.96
C ALA RA 256 5.01 77.41 -25.16
N THR RA 257 5.00 76.46 -24.22
CA THR RA 257 6.18 76.19 -23.40
C THR RA 257 6.52 74.70 -23.50
N ILE RA 258 7.43 74.25 -22.64
CA ILE RA 258 7.81 72.86 -22.50
C ILE RA 258 7.84 72.55 -21.00
N ILE RA 259 7.12 71.51 -20.59
CA ILE RA 259 6.79 71.36 -19.17
C ILE RA 259 7.65 70.37 -18.40
N ARG RA 260 7.59 69.09 -18.76
CA ARG RA 260 8.13 68.07 -17.89
C ARG RA 260 9.63 67.90 -18.16
N ASP RA 261 10.21 66.80 -17.65
CA ASP RA 261 11.65 66.63 -17.60
C ASP RA 261 12.27 66.45 -18.97
N ASP RA 262 13.31 67.25 -19.24
CA ASP RA 262 14.21 67.08 -20.38
C ASP RA 262 13.47 67.15 -21.71
N GLY RA 263 12.63 68.17 -21.86
CA GLY RA 263 11.92 68.37 -23.11
C GLY RA 263 10.82 67.37 -23.34
N TYR RA 264 10.03 67.09 -22.30
CA TYR RA 264 9.15 65.94 -22.38
C TYR RA 264 7.82 66.26 -23.05
N ARG RA 265 7.29 67.48 -22.91
CA ARG RA 265 5.99 67.82 -23.49
C ARG RA 265 6.04 69.19 -24.17
N LEU RA 266 5.02 69.43 -24.99
CA LEU RA 266 4.68 70.77 -25.48
C LEU RA 266 3.40 71.17 -24.76
N TRP RA 267 3.09 72.47 -24.74
CA TRP RA 267 2.09 72.97 -23.82
C TRP RA 267 1.13 74.00 -24.41
N GLY RA 268 1.30 74.40 -25.66
CA GLY RA 268 0.45 75.45 -26.18
C GLY RA 268 -0.71 75.01 -27.04
N ASN RA 269 -1.91 75.48 -26.72
CA ASN RA 269 -3.09 75.30 -27.57
C ASN RA 269 -3.40 76.51 -28.43
N ARG RA 270 -2.97 77.71 -28.06
CA ARG RA 270 -3.53 78.93 -28.65
C ARG RA 270 -2.50 79.64 -29.52
N THR RA 271 -2.97 80.07 -30.69
CA THR RA 271 -2.16 80.87 -31.60
C THR RA 271 -2.03 82.29 -31.09
N LEU RA 272 -1.09 83.02 -31.68
CA LEU RA 272 -1.06 84.46 -31.51
C LEU RA 272 -2.19 85.06 -32.33
N SER RA 273 -3.32 85.33 -31.68
CA SER RA 273 -4.51 85.80 -32.37
C SER RA 273 -5.21 86.84 -31.52
N SER RA 274 -5.38 88.04 -32.06
CA SER RA 274 -6.16 89.06 -31.38
C SER RA 274 -7.65 88.81 -31.48
N ASP RA 275 -8.08 87.95 -32.40
CA ASP RA 275 -9.48 87.58 -32.53
C ASP RA 275 -9.75 86.38 -31.61
N SER RA 276 -10.83 86.47 -30.83
CA SER RA 276 -11.13 85.42 -29.86
C SER RA 276 -11.69 84.16 -30.50
N LYS RA 277 -12.17 84.25 -31.75
CA LYS RA 277 -12.71 83.07 -32.41
C LYS RA 277 -11.61 82.12 -32.84
N TRP RA 278 -10.50 82.67 -33.35
CA TRP RA 278 -9.40 81.88 -33.91
C TRP RA 278 -8.28 81.70 -32.91
N ALA RA 279 -8.62 81.50 -31.63
CA ALA RA 279 -7.60 81.38 -30.59
C ALA RA 279 -6.82 80.09 -30.73
N PHE RA 280 -7.51 78.95 -30.66
CA PHE RA 280 -6.87 77.64 -30.61
C PHE RA 280 -6.17 77.31 -31.92
N VAL RA 281 -5.14 76.45 -31.81
CA VAL RA 281 -4.47 75.97 -33.02
C VAL RA 281 -5.35 75.01 -33.80
N THR RA 282 -6.32 74.36 -33.13
CA THR RA 282 -7.10 73.32 -33.79
C THR RA 282 -8.11 73.93 -34.75
N ARG RA 283 -8.76 75.03 -34.36
CA ARG RA 283 -9.75 75.65 -35.24
C ARG RA 283 -9.08 76.29 -36.46
N VAL RA 284 -7.87 76.81 -36.29
CA VAL RA 284 -7.15 77.38 -37.42
C VAL RA 284 -6.65 76.28 -38.35
N ARG RA 285 -6.24 75.14 -37.79
CA ARG RA 285 -5.79 74.03 -38.63
C ARG RA 285 -6.96 73.31 -39.27
N THR RA 286 -8.08 73.16 -38.57
CA THR RA 286 -9.22 72.42 -39.13
C THR RA 286 -9.85 73.17 -40.29
N MET RA 287 -10.00 74.49 -40.17
CA MET RA 287 -10.51 75.29 -41.28
C MET RA 287 -9.55 75.30 -42.46
N ASP RA 288 -8.25 75.11 -42.22
CA ASP RA 288 -7.29 75.09 -43.31
C ASP RA 288 -7.03 73.69 -43.85
N LEU RA 289 -7.39 72.64 -43.11
CA LEU RA 289 -7.09 71.28 -43.54
C LEU RA 289 -8.32 70.43 -43.81
N VAL RA 290 -9.54 70.96 -43.64
CA VAL RA 290 -10.69 70.28 -44.24
C VAL RA 290 -10.97 70.80 -45.64
N MET RA 291 -10.36 71.92 -46.04
CA MET RA 291 -10.62 72.46 -47.36
C MET RA 291 -9.72 71.85 -48.42
N ASP RA 292 -8.45 71.61 -48.11
CA ASP RA 292 -7.62 70.87 -49.05
C ASP RA 292 -8.00 69.40 -49.10
N ALA RA 293 -8.66 68.88 -48.05
CA ALA RA 293 -9.29 67.57 -48.12
C ALA RA 293 -10.55 67.59 -48.96
N ILE RA 294 -11.08 68.76 -49.26
CA ILE RA 294 -12.21 68.92 -50.16
C ILE RA 294 -11.77 69.39 -51.54
N LEU RA 295 -10.93 70.43 -51.59
CA LEU RA 295 -10.45 70.95 -52.88
C LEU RA 295 -9.57 69.95 -53.62
N ALA RA 296 -8.92 69.05 -52.91
CA ALA RA 296 -8.50 67.78 -53.51
C ALA RA 296 -9.61 66.78 -53.27
N GLY RA 297 -10.00 66.08 -54.33
CA GLY RA 297 -11.30 65.46 -54.38
C GLY RA 297 -12.33 66.32 -55.08
N HIS RA 298 -12.04 67.61 -55.26
CA HIS RA 298 -12.77 68.51 -56.15
C HIS RA 298 -11.78 69.28 -57.00
N LYS RA 299 -10.84 68.55 -57.63
CA LYS RA 299 -10.11 69.11 -58.76
C LYS RA 299 -11.06 69.37 -59.92
N TRP RA 300 -12.12 68.59 -60.02
CA TRP RA 300 -13.27 68.88 -60.86
C TRP RA 300 -14.12 69.96 -60.19
N ALA RA 301 -15.32 70.18 -60.73
CA ALA RA 301 -16.24 71.27 -60.33
C ALA RA 301 -15.59 72.64 -60.47
N VAL RA 302 -14.69 72.78 -61.43
CA VAL RA 302 -14.12 74.05 -61.85
C VAL RA 302 -13.73 73.92 -63.32
N ASP RA 303 -14.14 74.91 -64.12
CA ASP RA 303 -14.01 74.92 -65.58
C ASP RA 303 -14.67 73.71 -66.24
N ARG RA 304 -15.75 73.21 -65.63
CA ARG RA 304 -16.48 72.08 -66.20
C ARG RA 304 -17.58 72.54 -67.15
N GLY RA 305 -18.51 73.34 -66.66
CA GLY RA 305 -19.70 73.68 -67.40
C GLY RA 305 -20.94 73.41 -66.59
N ILE RA 306 -21.75 74.44 -66.39
CA ILE RA 306 -22.84 74.39 -65.43
C ILE RA 306 -24.09 73.85 -66.14
N THR RA 307 -24.50 72.64 -65.77
CA THR RA 307 -25.75 72.06 -66.24
C THR RA 307 -26.86 72.46 -65.28
N LYS RA 308 -28.03 71.81 -65.41
CA LYS RA 308 -29.15 72.13 -64.54
C LYS RA 308 -28.92 71.60 -63.14
N THR RA 309 -28.51 70.34 -63.01
CA THR RA 309 -28.20 69.74 -61.71
C THR RA 309 -26.71 69.78 -61.40
N TYR RA 310 -26.01 70.80 -61.89
CA TYR RA 310 -24.59 70.96 -61.57
C TYR RA 310 -24.39 71.30 -60.11
N VAL RA 311 -25.22 72.20 -59.57
CA VAL RA 311 -25.08 72.62 -58.19
C VAL RA 311 -25.47 71.49 -57.25
N LYS RA 312 -26.47 70.70 -57.61
CA LYS RA 312 -26.95 69.63 -56.75
C LYS RA 312 -25.98 68.46 -56.70
N ASP RA 313 -25.34 68.13 -57.82
CA ASP RA 313 -24.46 66.97 -57.87
C ASP RA 313 -23.13 67.18 -57.16
N VAL RA 314 -22.79 68.40 -56.77
CA VAL RA 314 -21.54 68.64 -56.06
C VAL RA 314 -21.84 68.96 -54.60
N THR RA 315 -23.03 69.50 -54.31
CA THR RA 315 -23.41 69.68 -52.91
C THR RA 315 -23.85 68.38 -52.27
N GLU RA 316 -24.10 67.33 -53.05
CA GLU RA 316 -24.21 65.97 -52.54
C GLU RA 316 -22.87 65.26 -52.56
N GLY RA 317 -21.85 65.89 -53.14
CA GLY RA 317 -20.50 65.35 -53.13
C GLY RA 317 -19.67 66.04 -52.06
N LEU RA 318 -20.07 67.25 -51.67
CA LEU RA 318 -19.47 67.88 -50.50
C LEU RA 318 -19.94 67.21 -49.22
N ARG RA 319 -21.19 66.76 -49.18
CA ARG RA 319 -21.70 66.03 -48.02
C ARG RA 319 -21.03 64.68 -47.90
N ALA RA 320 -20.81 64.00 -49.02
CA ALA RA 320 -20.21 62.66 -48.98
C ALA RA 320 -18.73 62.71 -48.61
N PHE RA 321 -18.06 63.83 -48.88
CA PHE RA 321 -16.70 64.05 -48.44
C PHE RA 321 -16.64 64.81 -47.12
N MET RA 322 -17.73 64.76 -46.35
CA MET RA 322 -17.78 65.39 -45.03
C MET RA 322 -18.34 64.38 -44.02
N ARG RA 323 -19.15 63.44 -44.51
CA ARG RA 323 -19.63 62.36 -43.65
C ARG RA 323 -18.52 61.42 -43.24
N ASP RA 324 -17.49 61.27 -44.08
CA ASP RA 324 -16.33 60.49 -43.65
C ASP RA 324 -15.46 61.26 -42.67
N LEU RA 325 -15.52 62.59 -42.70
CA LEU RA 325 -14.84 63.38 -41.68
C LEU RA 325 -15.54 63.27 -40.33
N LYS RA 326 -16.87 63.15 -40.33
CA LYS RA 326 -17.58 62.82 -39.10
C LYS RA 326 -17.29 61.39 -38.67
N ASN RA 327 -17.03 60.51 -39.64
CA ASN RA 327 -16.76 59.11 -39.33
C ASN RA 327 -15.40 58.94 -38.66
N GLN RA 328 -14.40 59.68 -39.11
CA GLN RA 328 -13.07 59.62 -38.51
C GLN RA 328 -12.89 60.61 -37.37
N GLY RA 329 -13.97 61.26 -36.93
CA GLY RA 329 -13.91 62.12 -35.77
C GLY RA 329 -13.30 63.47 -36.00
N ALA RA 330 -13.27 63.96 -37.24
CA ALA RA 330 -12.66 65.25 -37.51
C ALA RA 330 -13.58 66.39 -37.11
N VAL RA 331 -14.88 66.27 -37.33
CA VAL RA 331 -15.84 67.31 -37.02
C VAL RA 331 -16.98 66.73 -36.19
N ILE RA 332 -17.71 67.63 -35.55
CA ILE RA 332 -19.02 67.34 -35.03
C ILE RA 332 -19.98 67.87 -36.09
N ASN RA 333 -21.28 67.60 -35.91
CA ASN RA 333 -22.33 67.67 -36.94
C ASN RA 333 -22.33 68.96 -37.73
N PHE RA 334 -22.45 68.82 -39.05
CA PHE RA 334 -22.25 69.88 -40.02
C PHE RA 334 -23.55 70.16 -40.77
N GLU RA 335 -23.48 71.10 -41.71
CA GLU RA 335 -24.50 71.26 -42.72
C GLU RA 335 -23.86 71.85 -43.97
N VAL RA 336 -24.18 71.28 -45.12
CA VAL RA 336 -23.67 71.72 -46.41
C VAL RA 336 -24.87 71.97 -47.30
N TYR RA 337 -25.02 73.20 -47.79
CA TYR RA 337 -26.16 73.53 -48.63
C TYR RA 337 -25.78 74.67 -49.56
N ALA RA 338 -26.40 74.68 -50.73
CA ALA RA 338 -26.17 75.75 -51.68
C ALA RA 338 -26.79 77.05 -51.20
N ASP RA 339 -26.13 78.15 -51.50
CA ASP RA 339 -26.57 79.46 -51.06
C ASP RA 339 -27.72 79.91 -51.96
N PRO RA 340 -28.94 80.06 -51.43
CA PRO RA 340 -30.09 80.29 -52.32
C PRO RA 340 -30.16 81.70 -52.89
N ASP RA 341 -29.73 82.72 -52.14
CA ASP RA 341 -29.94 84.08 -52.61
C ASP RA 341 -28.75 84.63 -53.38
N LEU RA 342 -27.54 84.13 -53.10
CA LEU RA 342 -26.37 84.58 -53.84
C LEU RA 342 -26.26 83.91 -55.19
N ASN RA 343 -26.77 82.68 -55.31
CA ASN RA 343 -26.80 82.02 -56.61
C ASN RA 343 -27.91 82.61 -57.46
N SER RA 344 -27.54 83.14 -58.62
CA SER RA 344 -28.49 83.80 -59.51
C SER RA 344 -28.04 83.56 -60.95
N ALA RA 345 -28.89 83.99 -61.89
CA ALA RA 345 -28.60 83.77 -63.30
C ALA RA 345 -27.50 84.71 -63.79
N SER RA 346 -27.35 85.87 -63.14
CA SER RA 346 -26.30 86.80 -63.54
C SER RA 346 -24.93 86.33 -63.04
N GLN RA 347 -24.91 85.53 -61.98
CA GLN RA 347 -23.65 85.01 -61.48
C GLN RA 347 -23.18 83.80 -62.29
N LEU RA 348 -24.11 83.13 -62.97
CA LEU RA 348 -23.74 81.98 -63.78
C LEU RA 348 -23.01 82.39 -65.04
N ALA RA 349 -23.30 83.59 -65.55
CA ALA RA 349 -22.67 84.08 -66.77
C ALA RA 349 -21.19 84.42 -66.58
N GLN RA 350 -20.74 84.59 -65.34
CA GLN RA 350 -19.34 84.83 -65.04
C GLN RA 350 -18.70 83.69 -64.26
N GLY RA 351 -19.40 82.55 -64.13
CA GLY RA 351 -18.83 81.36 -63.54
C GLY RA 351 -18.84 81.30 -62.03
N LYS RA 352 -19.55 82.21 -61.36
CA LYS RA 352 -19.56 82.27 -59.90
C LYS RA 352 -20.75 81.49 -59.35
N VAL RA 353 -20.46 80.54 -58.47
CA VAL RA 353 -21.46 79.73 -57.79
C VAL RA 353 -21.03 79.59 -56.33
N TYR RA 354 -22.02 79.57 -55.43
CA TYR RA 354 -21.74 79.70 -54.01
C TYR RA 354 -22.36 78.56 -53.21
N TRP RA 355 -21.65 78.13 -52.18
CA TRP RA 355 -22.15 77.13 -51.24
C TRP RA 355 -21.87 77.59 -49.81
N ASN RA 356 -22.53 76.92 -48.87
CA ASN RA 356 -22.38 77.18 -47.45
C ASN RA 356 -21.99 75.90 -46.75
N ILE RA 357 -20.77 75.87 -46.20
CA ILE RA 357 -20.18 74.65 -45.66
C ILE RA 357 -20.01 74.87 -44.16
N ARG RA 358 -20.99 75.53 -43.53
CA ARG RA 358 -21.02 75.74 -42.10
C ARG RA 358 -20.90 74.46 -41.29
N PHE RA 359 -19.80 74.30 -40.55
CA PHE RA 359 -19.60 73.14 -39.71
C PHE RA 359 -19.05 73.60 -38.36
N THR RA 360 -18.86 72.64 -37.45
CA THR RA 360 -18.25 72.89 -36.16
C THR RA 360 -17.12 71.89 -35.96
N ASP RA 361 -16.29 72.16 -34.95
CA ASP RA 361 -15.10 71.37 -34.72
C ASP RA 361 -15.00 70.99 -33.24
N VAL RA 362 -14.18 69.98 -32.97
CA VAL RA 362 -13.94 69.54 -31.60
C VAL RA 362 -13.07 70.55 -30.87
N PRO RA 363 -13.51 71.05 -29.72
CA PRO RA 363 -12.66 71.93 -28.93
C PRO RA 363 -11.66 71.13 -28.10
N PRO RA 364 -10.40 71.52 -28.10
CA PRO RA 364 -9.41 70.79 -27.30
C PRO RA 364 -9.59 71.08 -25.81
N ALA RA 365 -9.57 70.01 -25.03
CA ALA RA 365 -9.81 70.09 -23.59
C ALA RA 365 -8.56 70.65 -22.90
N GLU RA 366 -8.44 71.97 -22.95
CA GLU RA 366 -7.27 72.61 -22.39
C GLU RA 366 -7.36 72.71 -20.87
N ASN RA 367 -8.56 72.53 -20.31
CA ASN RA 367 -8.75 72.72 -18.89
C ASN RA 367 -9.69 71.67 -18.31
N PRO RA 368 -9.23 70.45 -18.04
CA PRO RA 368 -10.07 69.52 -17.28
C PRO RA 368 -10.05 69.81 -15.78
N ASN RA 369 -11.17 70.27 -15.25
CA ASN RA 369 -11.30 70.61 -13.85
C ASN RA 369 -11.81 69.40 -13.08
N PHE RA 370 -11.17 69.07 -11.96
CA PHE RA 370 -11.61 67.97 -11.11
C PHE RA 370 -11.97 68.52 -9.74
N ARG RA 371 -13.26 68.54 -9.44
CA ARG RA 371 -13.78 69.05 -8.18
C ARG RA 371 -13.78 67.91 -7.18
N VAL RA 372 -12.96 68.04 -6.14
CA VAL RA 372 -12.61 66.90 -5.29
C VAL RA 372 -12.56 67.34 -3.82
N GLU RA 373 -13.12 66.52 -2.94
CA GLU RA 373 -12.96 66.70 -1.51
C GLU RA 373 -12.74 65.36 -0.84
N VAL RA 374 -12.33 65.41 0.43
CA VAL RA 374 -12.23 64.23 1.27
C VAL RA 374 -13.41 64.26 2.22
N THR RA 375 -14.38 63.38 1.98
CA THR RA 375 -15.58 63.35 2.80
C THR RA 375 -15.34 62.38 3.95
N ASP RA 376 -16.34 62.18 4.80
CA ASP RA 376 -16.36 61.10 5.78
C ASP RA 376 -17.62 60.26 5.62
N GLN RA 377 -18.08 60.10 4.37
CA GLN RA 377 -19.36 59.44 4.13
C GLN RA 377 -19.24 57.93 4.30
N TRP RA 378 -18.33 57.29 3.58
CA TRP RA 378 -18.16 55.85 3.67
C TRP RA 378 -17.19 55.47 4.79
N LEU RA 379 -17.41 56.02 5.98
CA LEU RA 379 -16.62 55.65 7.15
C LEU RA 379 -17.28 54.52 7.92
N THR RA 380 -18.58 54.33 7.74
CA THR RA 380 -19.29 53.18 8.29
C THR RA 380 -18.98 51.89 7.55
N GLU RA 381 -18.30 51.97 6.40
CA GLU RA 381 -17.77 50.77 5.75
C GLU RA 381 -16.64 50.15 6.55
N VAL RA 382 -15.96 50.94 7.37
CA VAL RA 382 -14.86 50.45 8.21
C VAL RA 382 -15.47 50.16 9.57
N LEU RA 383 -15.98 48.94 9.74
CA LEU RA 383 -16.51 48.50 11.03
C LEU RA 383 -16.19 47.02 11.23
N ILE SA 2 -56.05 64.27 -54.11
CA ILE SA 2 -55.81 64.42 -55.53
C ILE SA 2 -55.08 63.19 -56.06
N PRO SA 3 -55.61 62.57 -57.12
CA PRO SA 3 -54.95 61.40 -57.72
C PRO SA 3 -53.61 61.79 -58.33
N GLN SA 4 -52.58 61.00 -58.02
CA GLN SA 4 -51.21 61.31 -58.36
C GLN SA 4 -50.51 60.04 -58.80
N THR SA 5 -49.78 60.12 -59.91
CA THR SA 5 -49.20 58.94 -60.55
C THR SA 5 -47.88 59.37 -61.19
N LEU SA 6 -46.93 58.42 -61.28
CA LEU SA 6 -45.67 58.67 -61.96
C LEU SA 6 -45.89 58.95 -63.45
N THR SA 7 -45.12 59.88 -63.98
CA THR SA 7 -45.10 60.17 -65.41
C THR SA 7 -43.74 59.88 -66.03
N ASN SA 8 -42.67 60.48 -65.52
CA ASN SA 8 -41.35 60.33 -66.09
C ASN SA 8 -40.34 59.97 -65.01
N THR SA 9 -39.28 59.28 -65.43
CA THR SA 9 -38.17 58.93 -64.56
C THR SA 9 -36.89 59.45 -65.19
N ASN SA 10 -35.81 59.42 -64.40
CA ASN SA 10 -34.50 59.82 -64.89
C ASN SA 10 -33.46 59.14 -64.01
N LEU SA 11 -32.20 59.19 -64.45
CA LEU SA 11 -31.10 58.60 -63.69
C LEU SA 11 -29.82 59.37 -63.96
N PHE SA 12 -29.22 59.89 -62.89
CA PHE SA 12 -27.91 60.53 -62.94
C PHE SA 12 -26.92 59.66 -62.18
N ILE SA 13 -25.66 59.67 -62.62
CA ILE SA 13 -24.65 59.00 -61.82
C ILE SA 13 -23.67 60.04 -61.29
N ASP SA 14 -22.91 60.63 -62.21
CA ASP SA 14 -21.89 61.63 -61.88
C ASP SA 14 -22.26 62.97 -62.48
N GLY SA 15 -23.54 63.24 -62.58
CA GLY SA 15 -24.05 64.23 -63.49
C GLY SA 15 -24.19 63.74 -64.90
N VAL SA 16 -23.72 62.53 -65.20
CA VAL SA 16 -23.88 61.93 -66.51
C VAL SA 16 -25.34 61.53 -66.63
N SER SA 17 -26.08 62.25 -67.47
CA SER SA 17 -27.50 62.03 -67.60
C SER SA 17 -27.79 60.78 -68.41
N PHE SA 18 -28.87 60.10 -68.05
CA PHE SA 18 -29.48 59.08 -68.89
C PHE SA 18 -30.88 59.55 -69.25
N ALA SA 19 -30.96 60.37 -70.29
CA ALA SA 19 -32.23 61.00 -70.64
C ALA SA 19 -33.15 60.02 -71.34
N GLY SA 20 -32.71 59.46 -72.46
CA GLY SA 20 -33.45 58.42 -73.14
C GLY SA 20 -32.80 57.06 -73.10
N ASP SA 21 -32.23 56.66 -71.97
CA ASP SA 21 -31.42 55.45 -71.91
C ASP SA 21 -31.95 54.40 -70.93
N VAL SA 22 -32.63 54.81 -69.87
CA VAL SA 22 -33.03 53.90 -68.80
C VAL SA 22 -34.54 53.64 -68.88
N PRO SA 23 -34.96 52.44 -69.26
CA PRO SA 23 -36.41 52.17 -69.29
C PRO SA 23 -37.01 51.94 -67.92
N SER SA 24 -36.30 51.26 -67.02
CA SER SA 24 -36.84 50.88 -65.72
C SER SA 24 -35.79 51.09 -64.64
N LEU SA 25 -36.25 51.50 -63.45
CA LEU SA 25 -35.39 51.64 -62.29
C LEU SA 25 -36.22 51.37 -61.04
N THR SA 26 -35.54 50.90 -59.99
CA THR SA 26 -36.21 50.43 -58.79
C THR SA 26 -35.52 50.99 -57.56
N LEU SA 27 -36.27 51.71 -56.73
CA LEU SA 27 -35.79 52.13 -55.43
C LEU SA 27 -35.65 50.92 -54.50
N PRO SA 28 -34.81 51.00 -53.47
CA PRO SA 28 -34.65 49.85 -52.58
C PRO SA 28 -35.87 49.64 -51.70
N LYS SA 29 -36.25 48.37 -51.55
CA LYS SA 29 -37.32 48.00 -50.64
C LYS SA 29 -36.83 48.18 -49.21
N LEU SA 30 -37.23 49.30 -48.61
CA LEU SA 30 -36.92 49.53 -47.20
C LEU SA 30 -37.84 48.67 -46.36
N ALA SA 31 -37.29 47.61 -45.78
CA ALA SA 31 -38.04 46.72 -44.92
C ALA SA 31 -37.38 46.70 -43.55
N VAL SA 32 -38.16 46.88 -42.51
CA VAL SA 32 -37.62 46.79 -41.18
C VAL SA 32 -37.57 45.31 -40.81
N LYS SA 33 -36.61 44.94 -39.96
CA LYS SA 33 -36.38 43.52 -39.67
C LYS SA 33 -37.29 43.12 -38.51
N THR SA 34 -38.45 42.58 -38.84
CA THR SA 34 -39.37 42.14 -37.82
C THR SA 34 -39.11 40.70 -37.43
N GLU SA 35 -39.23 40.42 -36.13
CA GLU SA 35 -39.17 39.06 -35.61
C GLU SA 35 -40.41 38.87 -34.75
N GLN SA 36 -41.18 37.83 -35.04
CA GLN SA 36 -42.46 37.61 -34.39
C GLN SA 36 -42.24 37.22 -32.93
N TYR SA 37 -42.47 38.15 -32.03
CA TYR SA 37 -42.19 37.98 -30.61
C TYR SA 37 -43.49 37.63 -29.89
N ARG SA 38 -43.59 36.39 -29.42
CA ARG SA 38 -44.69 35.97 -28.55
C ARG SA 38 -44.09 35.38 -27.28
N ALA SA 39 -44.14 36.15 -26.20
CA ALA SA 39 -43.72 35.69 -24.89
C ALA SA 39 -44.94 35.21 -24.11
N GLY SA 40 -44.75 34.97 -22.82
CA GLY SA 40 -45.86 34.54 -21.99
C GLY SA 40 -46.82 35.66 -21.69
N GLY SA 41 -48.10 35.32 -21.64
CA GLY SA 41 -49.13 36.31 -21.36
C GLY SA 41 -49.69 37.01 -22.57
N MET SA 42 -49.59 36.41 -23.75
CA MET SA 42 -50.12 36.99 -24.97
C MET SA 42 -50.42 35.88 -25.97
N ASP SA 43 -51.49 36.06 -26.73
CA ASP SA 43 -51.89 35.06 -27.71
C ASP SA 43 -51.30 35.32 -29.10
N ALA SA 44 -51.08 36.56 -29.44
CA ALA SA 44 -50.57 36.82 -30.77
C ALA SA 44 -49.14 37.34 -30.71
N PRO SA 45 -48.34 37.11 -31.75
CA PRO SA 45 -47.00 37.69 -31.78
C PRO SA 45 -47.05 39.18 -32.08
N VAL SA 46 -46.11 39.90 -31.47
CA VAL SA 46 -45.90 41.31 -31.75
C VAL SA 46 -44.57 41.46 -32.46
N SER SA 47 -44.59 42.10 -33.62
CA SER SA 47 -43.35 42.30 -34.36
C SER SA 47 -42.55 43.44 -33.75
N ILE SA 48 -41.22 43.35 -33.87
CA ILE SA 48 -40.29 44.23 -33.19
C ILE SA 48 -39.17 44.64 -34.15
N ASP SA 49 -38.67 45.86 -33.97
CA ASP SA 49 -37.58 46.37 -34.79
C ASP SA 49 -36.29 45.63 -34.47
N MET SA 50 -35.56 45.29 -35.53
CA MET SA 50 -34.20 44.77 -35.45
C MET SA 50 -33.31 45.49 -36.45
N GLY SA 51 -33.53 46.78 -36.63
CA GLY SA 51 -32.87 47.50 -37.71
C GLY SA 51 -33.55 47.20 -39.04
N LEU SA 52 -32.91 47.67 -40.10
CA LEU SA 52 -33.45 47.50 -41.44
C LEU SA 52 -32.85 46.28 -42.12
N GLU SA 53 -33.40 45.95 -43.28
CA GLU SA 53 -32.87 44.87 -44.10
C GLU SA 53 -31.77 45.41 -45.01
N ALA SA 54 -31.26 44.56 -45.89
CA ALA SA 54 -30.26 44.99 -46.85
C ALA SA 54 -30.95 45.67 -48.02
N MET SA 55 -30.60 46.93 -48.24
CA MET SA 55 -31.19 47.71 -49.32
C MET SA 55 -30.64 47.24 -50.67
N GLU SA 56 -31.49 47.29 -51.70
CA GLU SA 56 -31.15 46.67 -52.97
C GLU SA 56 -31.84 47.42 -54.09
N ALA SA 57 -31.06 47.99 -55.01
CA ALA SA 57 -31.58 48.89 -56.04
C ALA SA 57 -31.32 48.33 -57.43
N LYS SA 58 -32.37 47.93 -58.11
CA LYS SA 58 -32.27 47.56 -59.51
C LYS SA 58 -32.43 48.79 -60.39
N PHE SA 59 -31.68 48.81 -61.49
CA PHE SA 59 -32.02 49.67 -62.62
C PHE SA 59 -31.58 48.94 -63.89
N SER SA 60 -32.02 49.45 -65.03
CA SER SA 60 -31.86 48.74 -66.28
C SER SA 60 -31.52 49.71 -67.40
N THR SA 61 -30.78 49.20 -68.39
CA THR SA 61 -30.44 49.99 -69.56
C THR SA 61 -30.45 49.05 -70.75
N ASN SA 62 -31.07 49.49 -71.84
CA ASN SA 62 -31.17 48.68 -73.04
C ASN SA 62 -30.06 48.96 -74.05
N GLY SA 63 -28.95 49.54 -73.59
CA GLY SA 63 -27.80 49.74 -74.44
C GLY SA 63 -26.52 49.79 -73.62
N ALA SA 64 -25.41 49.46 -74.27
CA ALA SA 64 -24.09 49.52 -73.64
C ALA SA 64 -23.67 50.98 -73.57
N ARG SA 65 -23.61 51.52 -72.36
CA ARG SA 65 -23.35 52.94 -72.19
C ARG SA 65 -21.94 53.28 -71.78
N ARG SA 66 -21.27 52.36 -71.05
CA ARG SA 66 -19.91 52.42 -70.51
C ARG SA 66 -19.84 53.39 -69.31
N GLU SA 67 -20.88 54.16 -69.05
CA GLU SA 67 -20.92 54.92 -67.81
C GLU SA 67 -21.55 54.17 -66.67
N ALA SA 68 -22.40 53.19 -66.98
CA ALA SA 68 -22.96 52.29 -65.98
C ALA SA 68 -22.17 51.01 -65.84
N LEU SA 69 -21.34 50.67 -66.83
CA LEU SA 69 -20.58 49.44 -66.80
C LEU SA 69 -19.26 49.59 -66.05
N ASN SA 70 -18.68 50.80 -66.03
CA ASN SA 70 -17.36 50.99 -65.45
C ASN SA 70 -17.38 51.13 -63.93
N PHE SA 71 -18.52 50.93 -63.29
CA PHE SA 71 -18.62 51.03 -61.84
C PHE SA 71 -18.88 49.68 -61.21
N PHE SA 72 -18.73 48.60 -61.96
CA PHE SA 72 -18.97 47.26 -61.46
C PHE SA 72 -17.72 46.71 -60.80
N GLY SA 73 -17.88 46.24 -59.56
CA GLY SA 73 -16.91 45.38 -58.93
C GLY SA 73 -15.56 46.00 -58.63
N LEU SA 74 -15.46 47.32 -58.69
CA LEU SA 74 -14.20 47.97 -58.39
C LEU SA 74 -14.00 48.00 -56.87
N ALA SA 75 -12.73 48.14 -56.47
CA ALA SA 75 -12.32 47.90 -55.08
C ALA SA 75 -12.89 48.92 -54.12
N ASP SA 76 -13.19 50.14 -54.58
CA ASP SA 76 -13.81 51.15 -53.72
C ASP SA 76 -15.30 50.84 -53.64
N GLN SA 77 -15.71 50.20 -52.55
CA GLN SA 77 -17.14 50.07 -52.30
C GLN SA 77 -17.74 51.43 -51.99
N SER SA 78 -19.03 51.58 -52.31
CA SER SA 78 -19.76 52.85 -52.26
C SER SA 78 -19.07 53.93 -53.08
N ALA SA 79 -18.69 53.58 -54.30
CA ALA SA 79 -18.20 54.54 -55.28
C ALA SA 79 -19.24 54.90 -56.32
N PHE SA 80 -20.19 54.01 -56.60
CA PHE SA 80 -21.36 54.33 -57.40
C PHE SA 80 -22.21 55.32 -56.61
N ASN SA 81 -22.19 56.59 -56.99
CA ASN SA 81 -22.91 57.60 -56.21
C ASN SA 81 -24.40 57.61 -56.54
N GLY SA 82 -24.77 57.92 -57.79
CA GLY SA 82 -26.12 57.69 -58.28
C GLY SA 82 -27.23 58.60 -57.79
N VAL SA 83 -28.18 58.94 -58.67
CA VAL SA 83 -29.38 59.70 -58.30
C VAL SA 83 -30.56 59.10 -59.05
N PHE SA 84 -31.56 58.61 -58.32
CA PHE SA 84 -32.83 58.20 -58.91
C PHE SA 84 -33.81 59.36 -58.83
N ARG SA 85 -34.34 59.77 -59.97
CA ARG SA 85 -35.32 60.85 -60.03
C ARG SA 85 -36.65 60.36 -60.60
N GLY SA 86 -37.73 60.96 -60.14
CA GLY SA 86 -39.04 60.64 -60.62
C GLY SA 86 -40.01 61.77 -60.40
N SER SA 87 -40.74 62.17 -61.44
CA SER SA 87 -41.67 63.28 -61.36
C SER SA 87 -43.08 62.73 -61.27
N PHE SA 88 -43.76 62.99 -60.16
CA PHE SA 88 -45.12 62.54 -59.95
C PHE SA 88 -46.06 63.69 -60.30
N LYS SA 89 -46.88 63.51 -61.32
CA LYS SA 89 -47.58 64.64 -61.91
C LYS SA 89 -48.80 65.05 -61.09
N GLY SA 90 -49.77 64.17 -60.96
CA GLY SA 90 -51.02 64.54 -60.31
C GLY SA 90 -52.04 65.08 -61.32
N GLN SA 91 -53.28 65.20 -60.83
CA GLN SA 91 -54.36 65.56 -61.74
C GLN SA 91 -54.39 67.06 -62.03
N LYS SA 92 -54.06 67.89 -61.05
CA LYS SA 92 -54.30 69.33 -61.14
C LYS SA 92 -53.08 70.10 -61.64
N GLY SA 93 -52.30 69.54 -62.55
CA GLY SA 93 -51.22 70.31 -63.12
C GLY SA 93 -49.83 70.03 -62.56
N ALA SA 94 -49.41 70.87 -61.61
CA ALA SA 94 -48.03 70.91 -61.15
C ALA SA 94 -47.60 69.60 -60.49
N SER SA 95 -46.34 69.23 -60.71
CA SER SA 95 -45.81 67.93 -60.32
C SER SA 95 -45.08 68.01 -58.99
N VAL SA 96 -44.73 66.84 -58.49
CA VAL SA 96 -43.98 66.68 -57.24
C VAL SA 96 -42.73 65.87 -57.53
N PRO SA 97 -41.54 66.44 -57.40
CA PRO SA 97 -40.32 65.67 -57.69
C PRO SA 97 -39.97 64.74 -56.54
N VAL SA 98 -39.53 63.53 -56.90
CA VAL SA 98 -39.09 62.52 -55.94
C VAL SA 98 -37.65 62.19 -56.29
N VAL SA 99 -36.72 62.66 -55.46
CA VAL SA 99 -35.29 62.52 -55.72
C VAL SA 99 -34.70 61.62 -54.65
N ALA SA 100 -33.99 60.58 -55.07
CA ALA SA 100 -33.29 59.68 -54.18
C ALA SA 100 -31.85 59.51 -54.64
N THR SA 101 -30.90 59.69 -53.73
CA THR SA 101 -29.49 59.44 -54.00
C THR SA 101 -29.07 58.17 -53.28
N LEU SA 102 -28.28 57.34 -53.96
CA LEU SA 102 -28.10 55.96 -53.54
C LEU SA 102 -26.64 55.53 -53.69
N ARG SA 103 -25.85 55.78 -52.65
CA ARG SA 103 -24.40 55.57 -52.70
C ARG SA 103 -24.09 54.15 -52.21
N GLY SA 104 -23.82 53.24 -53.14
CA GLY SA 104 -23.49 51.88 -52.81
C GLY SA 104 -22.56 51.27 -53.84
N LEU SA 105 -22.35 49.96 -53.73
CA LEU SA 105 -21.58 49.27 -54.75
C LEU SA 105 -22.51 48.71 -55.82
N LEU SA 106 -21.98 48.55 -57.03
CA LEU SA 106 -22.75 47.95 -58.12
C LEU SA 106 -22.62 46.44 -58.00
N LYS SA 107 -23.73 45.78 -57.66
CA LYS SA 107 -23.67 44.37 -57.30
C LYS SA 107 -23.54 43.47 -58.52
N GLU SA 108 -24.44 43.59 -59.49
CA GLU SA 108 -24.36 42.68 -60.61
C GLU SA 108 -24.71 43.43 -61.89
N VAL SA 109 -24.22 42.89 -63.00
CA VAL SA 109 -24.59 43.33 -64.34
C VAL SA 109 -25.07 42.09 -65.08
N ASP SA 110 -26.36 42.07 -65.44
CA ASP SA 110 -26.98 40.91 -66.07
C ASP SA 110 -27.50 41.28 -67.45
N PRO SA 111 -26.67 41.18 -68.49
CA PRO SA 111 -27.20 41.23 -69.85
C PRO SA 111 -27.98 39.97 -70.16
N GLY SA 112 -29.23 40.14 -70.58
CA GLY SA 112 -30.11 39.01 -70.82
C GLY SA 112 -29.82 38.27 -72.10
N ASP SA 113 -30.85 37.63 -72.63
CA ASP SA 113 -30.70 36.91 -73.89
C ASP SA 113 -30.64 37.90 -75.05
N TRP SA 114 -29.60 37.79 -75.86
CA TRP SA 114 -29.45 38.58 -77.07
C TRP SA 114 -30.05 37.76 -78.21
N LYS SA 115 -31.29 38.09 -78.58
CA LYS SA 115 -32.05 37.24 -79.49
C LYS SA 115 -32.22 37.85 -80.87
N ALA SA 116 -31.40 38.86 -81.21
CA ALA SA 116 -31.23 39.39 -82.57
C ALA SA 116 -32.55 39.92 -83.16
N GLY SA 117 -33.04 40.99 -82.53
CA GLY SA 117 -34.27 41.61 -82.97
C GLY SA 117 -35.14 42.05 -81.82
N GLU SA 118 -34.63 41.91 -80.61
CA GLU SA 118 -35.30 42.35 -79.40
C GLU SA 118 -34.42 43.36 -78.67
N LYS SA 119 -34.88 43.78 -77.49
CA LYS SA 119 -34.14 44.77 -76.73
C LYS SA 119 -33.04 44.12 -75.90
N ALA SA 120 -31.99 44.90 -75.62
CA ALA SA 120 -30.81 44.36 -74.95
C ALA SA 120 -31.08 44.10 -73.48
N GLU SA 121 -31.53 45.13 -72.75
CA GLU SA 121 -32.01 45.04 -71.36
C GLU SA 121 -30.91 44.55 -70.41
N PHE SA 122 -29.91 45.41 -70.24
CA PHE SA 122 -28.84 45.13 -69.27
C PHE SA 122 -29.37 45.37 -67.87
N LYS SA 123 -29.61 44.30 -67.11
CA LYS SA 123 -30.00 44.45 -65.73
C LYS SA 123 -28.81 44.92 -64.90
N TYR SA 124 -29.06 45.83 -63.96
CA TYR SA 124 -28.08 46.24 -62.99
C TYR SA 124 -28.67 46.08 -61.59
N ALA SA 125 -27.79 46.03 -60.60
CA ALA SA 125 -28.23 45.94 -59.21
C ALA SA 125 -27.21 46.64 -58.33
N VAL SA 126 -27.69 47.48 -57.41
CA VAL SA 126 -26.84 48.29 -56.56
C VAL SA 126 -27.08 47.88 -55.12
N ALA SA 127 -26.00 47.56 -54.42
CA ALA SA 127 -26.06 47.22 -53.01
C ALA SA 127 -25.91 48.51 -52.22
N VAL SA 128 -27.04 49.09 -51.82
CA VAL SA 128 -27.10 50.46 -51.34
C VAL SA 128 -26.52 50.55 -49.93
N SER SA 129 -25.52 51.41 -49.77
CA SER SA 129 -25.01 51.76 -48.44
C SER SA 129 -25.70 53.01 -47.91
N TYR SA 130 -25.59 54.11 -48.63
CA TYR SA 130 -26.25 55.36 -48.27
C TYR SA 130 -27.50 55.56 -49.12
N TYR SA 131 -28.59 55.94 -48.47
CA TYR SA 131 -29.87 56.15 -49.16
C TYR SA 131 -30.56 57.36 -48.54
N LYS SA 132 -31.09 58.24 -49.39
CA LYS SA 132 -31.72 59.47 -48.93
C LYS SA 132 -32.87 59.80 -49.88
N LEU SA 133 -34.10 59.57 -49.44
CA LEU SA 133 -35.28 59.82 -50.25
C LEU SA 133 -35.83 61.21 -49.95
N GLU SA 134 -36.08 61.99 -51.00
CA GLU SA 134 -36.67 63.30 -50.88
C GLU SA 134 -37.95 63.36 -51.69
N VAL SA 135 -39.01 63.93 -51.11
CA VAL SA 135 -40.28 64.14 -51.79
C VAL SA 135 -40.61 65.62 -51.69
N ASP SA 136 -40.88 66.25 -52.85
CA ASP SA 136 -41.22 67.67 -52.98
C ASP SA 136 -40.11 68.55 -52.40
N GLY SA 137 -38.87 68.19 -52.70
CA GLY SA 137 -37.73 69.01 -52.33
C GLY SA 137 -37.33 68.95 -50.86
N ARG SA 138 -38.02 68.19 -50.04
CA ARG SA 138 -37.71 68.09 -48.62
C ARG SA 138 -37.48 66.64 -48.23
N GLU SA 139 -36.72 66.46 -47.16
CA GLU SA 139 -36.17 65.15 -46.81
C GLU SA 139 -37.24 64.26 -46.21
N VAL SA 140 -37.27 63.01 -46.66
CA VAL SA 140 -38.11 61.97 -46.08
C VAL SA 140 -37.29 60.96 -45.30
N TYR SA 141 -36.30 60.36 -45.95
CA TYR SA 141 -35.48 59.30 -45.40
C TYR SA 141 -34.01 59.67 -45.48
N GLU SA 142 -33.21 59.12 -44.58
CA GLU SA 142 -31.77 59.17 -44.70
C GLU SA 142 -31.23 57.92 -44.03
N ILE SA 143 -30.77 56.96 -44.82
CA ILE SA 143 -30.37 55.66 -44.31
C ILE SA 143 -28.88 55.51 -44.57
N ASP SA 144 -28.10 55.52 -43.50
CA ASP SA 144 -26.68 55.15 -43.58
C ASP SA 144 -26.38 54.33 -42.32
N PRO SA 145 -26.14 53.02 -42.46
CA PRO SA 145 -25.78 52.24 -41.27
C PRO SA 145 -24.41 52.57 -40.72
N VAL SA 146 -23.47 52.95 -41.58
CA VAL SA 146 -22.22 53.53 -41.10
C VAL SA 146 -22.52 54.85 -40.41
N ASN SA 147 -22.22 54.91 -39.11
CA ASN SA 147 -22.54 55.89 -38.08
C ASN SA 147 -24.00 55.79 -37.61
N GLY SA 148 -24.85 54.99 -38.26
CA GLY SA 148 -26.20 54.71 -37.80
C GLY SA 148 -27.12 55.91 -37.72
N VAL SA 149 -27.49 56.48 -38.86
CA VAL SA 149 -28.15 57.78 -38.88
C VAL SA 149 -29.51 57.64 -39.57
N ARG SA 150 -30.19 56.51 -39.34
CA ARG SA 150 -31.54 56.30 -39.84
C ARG SA 150 -32.52 57.37 -39.38
N ALA SA 151 -32.91 58.23 -40.32
CA ALA SA 151 -33.65 59.45 -40.01
C ALA SA 151 -34.94 59.48 -40.80
N ILE SA 152 -36.04 59.74 -40.11
CA ILE SA 152 -37.35 59.86 -40.73
C ILE SA 152 -37.79 61.30 -40.56
N ASN SA 153 -38.22 61.92 -41.66
CA ASN SA 153 -38.60 63.32 -41.89
C ASN SA 153 -37.83 64.35 -41.07
N GLY SA 154 -36.51 64.20 -41.00
CA GLY SA 154 -35.69 65.16 -40.30
C GLY SA 154 -35.17 64.71 -38.96
N VAL SA 155 -35.98 64.04 -38.15
CA VAL SA 155 -35.54 63.59 -36.84
C VAL SA 155 -34.87 62.23 -36.97
N ASP SA 156 -33.88 61.99 -36.11
CA ASP SA 156 -33.03 60.82 -36.19
C ASP SA 156 -33.56 59.79 -35.20
N GLN SA 157 -33.92 58.61 -35.71
CA GLN SA 157 -34.58 57.62 -34.88
C GLN SA 157 -33.57 56.79 -34.09
N LEU SA 158 -32.30 56.81 -34.52
CA LEU SA 158 -31.30 56.03 -33.80
C LEU SA 158 -30.50 56.91 -32.85
N ALA SA 159 -31.05 58.07 -32.47
CA ALA SA 159 -30.37 58.97 -31.56
C ALA SA 159 -30.36 58.39 -30.15
N GLY SA 160 -31.34 57.53 -29.85
CA GLY SA 160 -31.37 56.90 -28.55
C GLY SA 160 -30.29 55.85 -28.37
N MET SA 161 -30.09 55.00 -29.38
CA MET SA 161 -29.15 53.90 -29.24
C MET SA 161 -27.70 54.37 -29.31
N ARG SA 162 -27.44 55.49 -30.00
CA ARG SA 162 -26.06 55.96 -30.11
C ARG SA 162 -25.57 56.54 -28.79
N ASN SA 163 -26.49 57.03 -27.95
CA ASN SA 163 -26.11 57.38 -26.59
C ASN SA 163 -25.98 56.15 -25.73
N ASP SA 164 -26.64 55.06 -26.12
CA ASP SA 164 -26.57 53.82 -25.35
C ASP SA 164 -25.32 53.03 -25.70
N LEU SA 165 -24.89 53.11 -26.95
CA LEU SA 165 -23.74 52.31 -27.38
C LEU SA 165 -22.46 53.13 -27.30
N GLY SA 166 -22.53 54.36 -26.79
CA GLY SA 166 -21.37 55.21 -26.70
C GLY SA 166 -20.87 55.77 -28.01
N LEU SA 167 -21.65 55.67 -29.09
CA LEU SA 167 -21.25 56.17 -30.39
C LEU SA 167 -21.32 57.69 -30.44
N SER TA 2 14.62 -20.06 -84.85
CA SER TA 2 13.76 -20.72 -83.87
C SER TA 2 13.15 -19.70 -82.92
N PHE TA 3 12.65 -20.18 -81.78
CA PHE TA 3 12.06 -19.32 -80.76
C PHE TA 3 12.26 -19.98 -79.40
N PHE TA 4 11.68 -19.38 -78.37
CA PHE TA 4 11.77 -19.89 -77.01
C PHE TA 4 10.39 -19.85 -76.37
N HIS TA 5 10.08 -20.90 -75.61
CA HIS TA 5 8.88 -20.94 -74.80
C HIS TA 5 9.28 -20.92 -73.33
N GLY TA 6 8.50 -20.21 -72.52
CA GLY TA 6 8.82 -20.11 -71.11
C GLY TA 6 9.79 -18.97 -70.83
N VAL TA 7 10.10 -18.81 -69.55
CA VAL TA 7 10.98 -17.73 -69.12
C VAL TA 7 12.43 -18.08 -69.43
N THR TA 8 13.10 -17.19 -70.16
CA THR TA 8 14.52 -17.31 -70.46
C THR TA 8 15.24 -16.17 -69.76
N VAL TA 9 15.90 -16.50 -68.65
CA VAL TA 9 16.61 -15.51 -67.84
C VAL TA 9 17.97 -15.27 -68.48
N THR TA 10 18.20 -14.04 -68.93
CA THR TA 10 19.45 -13.66 -69.57
C THR TA 10 20.42 -13.10 -68.54
N ASN TA 11 21.50 -12.48 -69.01
CA ASN TA 11 22.48 -11.85 -68.12
C ASN TA 11 23.17 -10.76 -68.93
N VAL TA 12 22.79 -9.51 -68.68
CA VAL TA 12 23.26 -8.39 -69.48
C VAL TA 12 24.00 -7.39 -68.60
N ASP TA 13 24.43 -6.27 -69.17
CA ASP TA 13 25.06 -5.19 -68.42
C ASP TA 13 24.37 -3.88 -68.77
N ILE TA 14 23.58 -3.35 -67.84
CA ILE TA 14 22.85 -2.11 -68.03
C ILE TA 14 23.11 -1.19 -66.84
N GLY TA 15 22.98 0.11 -67.06
CA GLY TA 15 23.23 1.08 -66.02
C GLY TA 15 21.99 1.50 -65.28
N ALA TA 16 22.01 2.68 -64.67
CA ALA TA 16 20.91 3.19 -63.86
C ALA TA 16 19.72 3.50 -64.76
N ARG TA 17 18.52 3.51 -64.17
CA ARG TA 17 17.28 3.74 -64.91
C ARG TA 17 16.95 5.23 -64.93
N THR TA 18 17.96 6.03 -65.29
CA THR TA 18 17.80 7.47 -65.32
C THR TA 18 17.27 7.94 -66.67
N ILE TA 19 16.75 7.02 -67.48
CA ILE TA 19 16.19 7.38 -68.77
C ILE TA 19 14.75 7.81 -68.52
N ALA TA 20 14.58 9.07 -68.14
CA ALA TA 20 13.30 9.76 -68.11
C ALA TA 20 13.52 11.07 -68.86
N LEU TA 21 12.77 11.27 -69.93
CA LEU TA 21 13.19 12.18 -70.99
C LEU TA 21 12.29 13.40 -71.06
N PRO TA 22 12.72 14.58 -70.61
CA PRO TA 22 11.97 15.80 -70.95
C PRO TA 22 12.35 16.30 -72.34
N ALA TA 23 11.36 16.42 -73.22
CA ALA TA 23 11.59 16.84 -74.60
C ALA TA 23 11.52 18.37 -74.69
N SER TA 24 12.44 19.01 -73.98
CA SER TA 24 12.47 20.46 -73.87
C SER TA 24 13.56 21.10 -74.71
N SER TA 25 14.81 20.66 -74.56
CA SER TA 25 15.93 21.25 -75.29
C SER TA 25 16.68 20.17 -76.06
N VAL TA 26 17.13 20.53 -77.25
CA VAL TA 26 17.88 19.65 -78.13
C VAL TA 26 19.25 20.26 -78.37
N ILE TA 27 20.25 19.41 -78.59
CA ILE TA 27 21.65 19.82 -78.66
C ILE TA 27 22.22 19.37 -80.00
N GLY TA 28 22.84 20.28 -80.72
CA GLY TA 28 23.58 19.96 -81.92
C GLY TA 28 25.05 19.77 -81.59
N LEU TA 29 25.56 18.59 -81.92
CA LEU TA 29 26.91 18.19 -81.54
C LEU TA 29 27.68 17.75 -82.78
N CYS TA 30 28.99 17.96 -82.76
CA CYS TA 30 29.86 17.53 -83.85
C CYS TA 30 31.26 17.32 -83.33
N ASP TA 31 31.81 16.13 -83.51
CA ASP TA 31 33.17 15.83 -83.11
C ASP TA 31 33.65 14.65 -83.94
N VAL TA 32 34.94 14.33 -83.81
CA VAL TA 32 35.52 13.26 -84.60
C VAL TA 32 35.20 11.91 -83.97
N PHE TA 33 35.29 10.86 -84.78
CA PHE TA 33 35.08 9.49 -84.31
C PHE TA 33 35.79 8.54 -85.27
N THR TA 34 35.67 7.25 -85.00
CA THR TA 34 36.19 6.20 -85.88
C THR TA 34 35.04 5.33 -86.35
N PRO TA 35 34.70 5.34 -87.64
CA PRO TA 35 33.58 4.53 -88.11
C PRO TA 35 33.91 3.04 -88.21
N GLY TA 36 33.91 2.36 -87.07
CA GLY TA 36 34.18 0.94 -87.03
C GLY TA 36 32.94 0.11 -87.27
N ALA TA 37 33.05 -1.18 -86.96
CA ALA TA 37 31.92 -2.09 -87.12
C ALA TA 37 30.90 -1.93 -86.01
N GLN TA 38 31.34 -1.59 -84.79
CA GLN TA 38 30.43 -1.37 -83.68
C GLN TA 38 29.79 0.00 -83.70
N ALA TA 39 30.30 0.93 -84.52
CA ALA TA 39 29.76 2.28 -84.62
C ALA TA 39 28.85 2.32 -85.84
N SER TA 40 27.55 2.15 -85.61
CA SER TA 40 26.57 2.05 -86.70
C SER TA 40 26.07 3.45 -87.06
N ALA TA 41 26.97 4.24 -87.65
CA ALA TA 41 26.62 5.57 -88.10
C ALA TA 41 27.54 5.98 -89.25
N LYS TA 42 26.95 6.38 -90.36
CA LYS TA 42 27.72 6.98 -91.44
C LYS TA 42 28.26 8.33 -90.99
N PRO TA 43 29.44 8.76 -91.54
CA PRO TA 43 30.12 9.96 -91.01
C PRO TA 43 29.35 11.27 -91.06
N ASN TA 44 28.93 11.72 -92.24
CA ASN TA 44 28.40 13.07 -92.38
C ASN TA 44 26.88 13.15 -92.23
N VAL TA 45 26.23 12.08 -91.77
CA VAL TA 45 24.78 12.12 -91.60
C VAL TA 45 24.46 12.42 -90.14
N PRO TA 46 23.31 13.02 -89.84
CA PRO TA 46 22.94 13.21 -88.43
C PRO TA 46 22.29 11.96 -87.86
N VAL TA 47 22.51 11.78 -86.56
CA VAL TA 47 21.94 10.66 -85.79
C VAL TA 47 21.28 11.24 -84.55
N LEU TA 48 19.99 11.00 -84.39
CA LEU TA 48 19.30 11.39 -83.17
C LEU TA 48 19.67 10.43 -82.05
N LEU TA 49 20.04 10.98 -80.90
CA LEU TA 49 20.43 10.18 -79.75
C LEU TA 49 19.43 10.35 -78.62
N THR TA 50 19.16 9.25 -77.93
CA THR TA 50 18.19 9.20 -76.85
C THR TA 50 18.82 9.07 -75.48
N SER TA 51 19.81 8.21 -75.33
CA SER TA 51 20.48 8.00 -74.05
C SER TA 51 21.93 7.61 -74.33
N LYS TA 52 22.60 7.04 -73.33
CA LYS TA 52 23.95 6.52 -73.56
C LYS TA 52 23.92 5.19 -74.28
N LYS TA 53 22.78 4.48 -74.26
CA LYS TA 53 22.72 3.13 -74.81
C LYS TA 53 22.74 3.14 -76.33
N ASP TA 54 22.18 4.18 -76.97
CA ASP TA 54 22.30 4.32 -78.41
C ASP TA 54 23.38 5.31 -78.82
N ALA TA 55 23.92 6.09 -77.89
CA ALA TA 55 25.15 6.82 -78.15
C ALA TA 55 26.35 5.89 -78.14
N ALA TA 56 26.24 4.75 -77.45
CA ALA TA 56 27.23 3.69 -77.55
C ALA TA 56 26.96 2.74 -78.70
N ALA TA 57 25.76 2.79 -79.28
CA ALA TA 57 25.43 1.96 -80.43
C ALA TA 57 25.70 2.69 -81.75
N ALA TA 58 25.43 3.99 -81.81
CA ALA TA 58 25.71 4.74 -83.02
C ALA TA 58 27.21 5.01 -83.16
N PHE TA 59 27.88 5.32 -82.06
CA PHE TA 59 29.31 5.58 -82.08
C PHE TA 59 29.98 4.72 -81.03
N GLY TA 60 31.29 4.56 -81.17
CA GLY TA 60 32.03 3.67 -80.28
C GLY TA 60 32.19 4.22 -78.88
N ILE TA 61 32.70 3.36 -78.00
CA ILE TA 61 32.96 3.75 -76.62
C ILE TA 61 34.12 4.73 -76.55
N GLY TA 62 35.23 4.39 -77.20
CA GLY TA 62 36.40 5.25 -77.20
C GLY TA 62 36.39 6.38 -78.18
N SER TA 63 35.28 6.58 -78.89
CA SER TA 63 35.19 7.67 -79.85
C SER TA 63 35.03 9.00 -79.14
N SER TA 64 35.50 10.07 -79.80
CA SER TA 64 35.43 11.39 -79.21
C SER TA 64 34.02 11.98 -79.23
N ILE TA 65 33.10 11.38 -79.99
CA ILE TA 65 31.68 11.71 -79.84
C ILE TA 65 31.19 11.33 -78.46
N TYR TA 66 31.41 10.08 -78.07
CA TYR TA 66 30.84 9.54 -76.84
C TYR TA 66 31.47 10.15 -75.60
N LEU TA 67 32.73 10.58 -75.67
CA LEU TA 67 33.33 11.31 -74.57
C LEU TA 67 32.71 12.69 -74.42
N ALA TA 68 32.26 13.28 -75.52
CA ALA TA 68 31.54 14.54 -75.53
C ALA TA 68 30.03 14.35 -75.50
N CYS TA 69 29.55 13.10 -75.43
CA CYS TA 69 28.14 12.83 -75.31
C CYS TA 69 27.77 12.21 -73.97
N GLU TA 70 28.72 11.54 -73.31
CA GLU TA 70 28.50 11.08 -71.95
C GLU TA 70 28.35 12.25 -70.98
N ALA TA 71 29.05 13.36 -71.25
CA ALA TA 71 29.02 14.51 -70.36
C ALA TA 71 27.66 15.21 -70.37
N ILE TA 72 26.92 15.12 -71.48
CA ILE TA 72 25.58 15.69 -71.53
C ILE TA 72 24.62 14.84 -70.73
N TYR TA 73 24.62 13.52 -70.94
CA TYR TA 73 23.70 12.64 -70.25
C TYR TA 73 24.03 12.42 -68.78
N ASN TA 74 25.20 12.87 -68.32
CA ASN TA 74 25.47 12.85 -66.89
C ASN TA 74 24.61 13.86 -66.14
N ARG TA 75 24.21 14.95 -66.80
CA ARG TA 75 23.45 16.02 -66.17
C ARG TA 75 21.99 16.04 -66.60
N ALA TA 76 21.72 16.09 -67.90
CA ALA TA 76 20.36 16.15 -68.42
C ALA TA 76 20.19 15.06 -69.46
N GLN TA 77 19.10 14.30 -69.35
CA GLN TA 77 18.76 13.27 -70.32
C GLN TA 77 17.87 13.89 -71.39
N ALA TA 78 18.48 14.72 -72.21
CA ALA TA 78 17.79 15.35 -73.33
C ALA TA 78 17.97 14.47 -74.57
N VAL TA 79 17.62 15.00 -75.73
CA VAL TA 79 17.84 14.31 -77.00
C VAL TA 79 18.78 15.15 -77.84
N ILE TA 80 19.70 14.49 -78.53
CA ILE TA 80 20.83 15.14 -79.19
C ILE TA 80 20.78 14.81 -80.67
N VAL TA 81 20.76 15.86 -81.50
CA VAL TA 81 21.00 15.71 -82.93
C VAL TA 81 22.52 15.79 -83.10
N ALA TA 82 23.15 14.64 -83.28
CA ALA TA 82 24.60 14.55 -83.28
C ALA TA 82 25.08 14.13 -84.66
N VAL TA 83 25.90 14.96 -85.28
CA VAL TA 83 26.57 14.60 -86.52
C VAL TA 83 27.99 14.19 -86.20
N GLY TA 84 28.54 13.32 -87.03
CA GLY TA 84 29.93 12.92 -86.91
C GLY TA 84 30.78 13.59 -87.98
N VAL TA 85 32.08 13.36 -87.86
CA VAL TA 85 33.03 13.81 -88.87
C VAL TA 85 34.21 12.84 -88.86
N GLU TA 86 34.71 12.53 -90.05
CA GLU TA 86 35.92 11.72 -90.17
C GLU TA 86 37.13 12.54 -89.72
N THR TA 87 38.00 11.91 -88.95
CA THR TA 87 39.20 12.59 -88.47
C THR TA 87 40.19 12.82 -89.61
N ALA TA 88 41.07 13.79 -89.41
CA ALA TA 88 42.02 14.19 -90.43
C ALA TA 88 43.42 14.28 -89.82
N GLU TA 89 44.41 14.45 -90.70
CA GLU TA 89 45.81 14.47 -90.28
C GLU TA 89 46.26 15.87 -89.90
N THR TA 90 46.19 16.80 -90.85
CA THR TA 90 46.52 18.19 -90.53
C THR TA 90 45.36 18.85 -89.81
N PRO TA 91 45.65 19.78 -88.88
CA PRO TA 91 44.54 20.43 -88.15
C PRO TA 91 43.75 21.41 -89.01
N GLU TA 92 44.30 21.87 -90.13
CA GLU TA 92 43.54 22.73 -91.02
C GLU TA 92 42.50 21.94 -91.81
N ALA TA 93 42.83 20.71 -92.20
CA ALA TA 93 41.87 19.87 -92.89
C ALA TA 93 40.85 19.30 -91.92
N GLN TA 94 41.23 19.16 -90.65
CA GLN TA 94 40.27 18.75 -89.63
C GLN TA 94 39.31 19.90 -89.30
N ALA TA 95 39.82 21.13 -89.29
CA ALA TA 95 38.95 22.28 -89.07
C ALA TA 95 38.06 22.54 -90.28
N SER TA 96 38.51 22.16 -91.47
CA SER TA 96 37.69 22.34 -92.65
C SER TA 96 36.63 21.24 -92.77
N ALA TA 97 36.90 20.07 -92.17
CA ALA TA 97 35.96 18.97 -92.26
C ALA TA 97 34.84 19.11 -91.23
N VAL TA 98 35.15 19.68 -90.07
CA VAL TA 98 34.14 19.85 -89.03
C VAL TA 98 33.17 20.96 -89.40
N ILE TA 99 33.61 21.91 -90.23
CA ILE TA 99 32.70 22.89 -90.79
C ILE TA 99 31.83 22.24 -91.87
N GLY TA 100 32.47 21.63 -92.85
CA GLY TA 100 31.77 20.98 -93.94
C GLY TA 100 31.13 21.98 -94.86
N GLY TA 101 30.04 21.56 -95.48
CA GLY TA 101 29.32 22.43 -96.40
C GLY TA 101 28.55 21.63 -97.42
N ILE TA 102 28.48 22.17 -98.63
CA ILE TA 102 27.72 21.57 -99.71
C ILE TA 102 28.63 20.78 -100.65
N SER TA 103 29.79 20.34 -100.18
CA SER TA 103 30.76 19.63 -100.99
C SER TA 103 30.35 18.20 -101.35
N ALA TA 104 29.21 17.73 -100.86
CA ALA TA 104 28.68 16.44 -101.27
C ALA TA 104 27.89 16.62 -102.58
N ALA TA 105 27.15 15.59 -102.98
CA ALA TA 105 26.32 15.70 -104.18
C ALA TA 105 25.12 16.61 -103.93
N GLY TA 106 24.26 16.22 -102.99
CA GLY TA 106 23.14 17.05 -102.61
C GLY TA 106 22.91 17.05 -101.11
N GLU TA 107 23.99 16.90 -100.35
CA GLU TA 107 23.90 16.78 -98.90
C GLU TA 107 24.71 17.89 -98.23
N ARG TA 108 24.49 18.03 -96.94
CA ARG TA 108 25.23 18.95 -96.09
C ARG TA 108 26.13 18.15 -95.17
N THR TA 109 27.39 18.56 -95.07
CA THR TA 109 28.38 17.86 -94.25
C THR TA 109 28.87 18.77 -93.13
N GLY TA 110 29.49 18.15 -92.13
CA GLY TA 110 30.07 18.90 -91.03
C GLY TA 110 29.04 19.48 -90.09
N LEU TA 111 29.22 20.74 -89.70
CA LEU TA 111 28.22 21.42 -88.89
C LEU TA 111 26.94 21.69 -89.67
N GLN TA 112 27.03 21.78 -91.00
CA GLN TA 112 25.89 22.14 -91.84
C GLN TA 112 24.80 21.08 -91.83
N ALA TA 113 25.12 19.84 -91.47
CA ALA TA 113 24.10 18.81 -91.34
C ALA TA 113 23.23 18.98 -90.11
N LEU TA 114 23.58 19.88 -89.20
CA LEU TA 114 22.69 20.22 -88.10
C LEU TA 114 21.54 21.11 -88.55
N LEU TA 115 21.64 21.73 -89.72
CA LEU TA 115 20.50 22.45 -90.30
C LEU TA 115 19.42 21.50 -90.78
N ASP TA 116 19.74 20.23 -90.94
CA ASP TA 116 18.75 19.20 -91.29
C ASP TA 116 18.18 18.52 -90.05
N GLY TA 117 18.10 19.24 -88.94
CA GLY TA 117 17.51 18.72 -87.72
C GLY TA 117 16.02 18.46 -87.87
N LYS TA 118 15.26 19.50 -88.23
CA LYS TA 118 13.88 19.28 -88.64
C LYS TA 118 13.86 18.70 -90.05
N SER TA 119 12.69 18.16 -90.41
CA SER TA 119 12.37 17.44 -91.66
C SER TA 119 13.16 16.14 -91.84
N ARG TA 120 13.94 15.77 -90.83
CA ARG TA 120 14.60 14.47 -90.68
C ARG TA 120 14.35 13.85 -89.32
N PHE TA 121 14.35 14.66 -88.26
CA PHE TA 121 14.25 14.19 -86.90
C PHE TA 121 13.15 14.87 -86.09
N ASN TA 122 12.58 15.98 -86.60
CA ASN TA 122 11.70 16.89 -85.88
C ASN TA 122 12.36 17.37 -84.58
N ALA TA 123 13.58 17.89 -84.72
CA ALA TA 123 14.32 18.45 -83.59
C ALA TA 123 15.28 19.50 -84.15
N GLN TA 124 14.89 20.77 -84.07
CA GLN TA 124 15.73 21.87 -84.53
C GLN TA 124 16.68 22.25 -83.42
N PRO TA 125 18.00 22.06 -83.59
CA PRO TA 125 18.94 22.21 -82.47
C PRO TA 125 19.05 23.66 -81.99
N ARG TA 126 18.84 23.85 -80.68
CA ARG TA 126 18.99 25.16 -80.08
C ARG TA 126 20.27 25.31 -79.28
N LEU TA 127 21.05 24.23 -79.15
CA LEU TA 127 22.32 24.25 -78.43
C LEU TA 127 23.38 23.69 -79.36
N LEU TA 128 24.32 24.52 -79.77
CA LEU TA 128 25.33 24.16 -80.75
C LEU TA 128 26.67 24.03 -80.06
N VAL TA 129 27.26 22.84 -80.11
CA VAL TA 129 28.56 22.58 -79.50
C VAL TA 129 29.44 21.80 -80.45
N ALA TA 130 30.75 22.03 -80.34
CA ALA TA 130 31.78 21.18 -80.93
C ALA TA 130 32.96 21.24 -79.98
N PRO TA 131 33.07 20.28 -79.07
CA PRO TA 131 34.06 20.38 -77.98
C PRO TA 131 35.48 20.19 -78.48
N GLY TA 132 36.30 21.20 -78.27
CA GLY TA 132 37.68 21.17 -78.71
C GLY TA 132 37.88 21.91 -80.01
N HIS TA 133 36.90 21.79 -80.92
CA HIS TA 133 37.01 22.44 -82.21
C HIS TA 133 36.62 23.91 -82.13
N SER TA 134 35.91 24.30 -81.07
CA SER TA 134 35.48 25.68 -80.95
C SER TA 134 36.62 26.60 -80.55
N ALA TA 135 37.75 26.03 -80.12
CA ALA TA 135 38.92 26.85 -79.81
C ALA TA 135 39.56 27.41 -81.06
N GLN TA 136 39.30 26.79 -82.22
CA GLN TA 136 39.79 27.32 -83.48
C GLN TA 136 38.94 28.51 -83.90
N GLN TA 137 39.57 29.46 -84.61
CA GLN TA 137 38.88 30.68 -85.02
C GLN TA 137 37.93 30.42 -86.18
N ALA TA 138 38.36 29.62 -87.15
CA ALA TA 138 37.56 29.42 -88.36
C ALA TA 138 36.36 28.53 -88.10
N VAL TA 139 36.47 27.63 -87.12
CA VAL TA 139 35.33 26.77 -86.78
C VAL TA 139 34.30 27.56 -85.99
N ALA TA 140 34.75 28.45 -85.11
CA ALA TA 140 33.83 29.20 -84.27
C ALA TA 140 33.07 30.25 -85.08
N THR TA 141 33.66 30.72 -86.17
CA THR TA 141 32.94 31.65 -87.06
C THR TA 141 31.86 30.90 -87.85
N ALA TA 142 32.16 29.66 -88.26
CA ALA TA 142 31.14 28.83 -88.86
C ALA TA 142 30.14 28.35 -87.82
N MET TA 143 30.59 28.21 -86.57
CA MET TA 143 29.67 27.98 -85.47
C MET TA 143 28.82 29.20 -85.20
N ASP TA 144 29.37 30.40 -85.43
CA ASP TA 144 28.63 31.64 -85.26
C ASP TA 144 27.51 31.76 -86.29
N GLY TA 145 27.87 31.75 -87.58
CA GLY TA 145 26.93 32.00 -88.66
C GLY TA 145 25.86 30.94 -88.81
N LEU TA 146 26.10 29.74 -88.29
CA LEU TA 146 25.07 28.71 -88.28
C LEU TA 146 24.07 28.92 -87.16
N ALA TA 147 24.39 29.75 -86.16
CA ALA TA 147 23.45 29.98 -85.06
C ALA TA 147 22.38 30.99 -85.44
N GLU TA 148 22.74 32.03 -86.21
CA GLU TA 148 21.72 32.98 -86.65
C GLU TA 148 20.82 32.40 -87.73
N LYS TA 149 21.29 31.39 -88.45
CA LYS TA 149 20.41 30.67 -89.37
C LYS TA 149 19.48 29.71 -88.65
N LEU TA 150 19.77 29.39 -87.40
CA LEU TA 150 19.07 28.35 -86.67
C LEU TA 150 18.41 28.86 -85.40
N ARG TA 151 18.67 30.11 -85.02
CA ARG TA 151 18.18 30.76 -83.79
C ARG TA 151 18.55 29.95 -82.54
N ALA TA 152 19.85 29.77 -82.36
CA ALA TA 152 20.39 28.85 -81.38
C ALA TA 152 21.51 29.52 -80.60
N ILE TA 153 21.78 28.97 -79.42
CA ILE TA 153 22.93 29.41 -78.63
C ILE TA 153 24.09 28.47 -78.94
N ALA TA 154 25.18 29.05 -79.45
CA ALA TA 154 26.36 28.30 -79.84
C ALA TA 154 27.40 28.43 -78.73
N ILE TA 155 27.70 27.33 -78.06
CA ILE TA 155 28.62 27.32 -76.93
C ILE TA 155 30.03 27.11 -77.46
N LEU TA 156 30.90 28.10 -77.24
CA LEU TA 156 32.26 28.05 -77.74
C LEU TA 156 33.21 27.60 -76.64
N ASP TA 157 34.50 27.56 -76.97
CA ASP TA 157 35.53 27.18 -76.02
C ASP TA 157 36.63 28.23 -75.96
N GLY TA 158 37.70 27.91 -75.25
CA GLY TA 158 38.92 28.66 -75.31
C GLY TA 158 40.10 27.71 -75.35
N PRO TA 159 41.30 28.24 -75.36
CA PRO TA 159 42.49 27.39 -75.27
C PRO TA 159 42.70 26.89 -73.85
N ASN TA 160 43.68 26.00 -73.71
CA ASN TA 160 44.10 25.53 -72.40
C ASN TA 160 44.97 26.55 -71.67
N SER TA 161 45.39 27.60 -72.36
CA SER TA 161 46.38 28.53 -71.83
C SER TA 161 45.72 29.53 -70.87
N THR TA 162 46.47 30.58 -70.53
CA THR TA 162 46.14 31.48 -69.43
C THR TA 162 44.95 32.39 -69.78
N ASP TA 163 44.64 33.27 -68.84
CA ASP TA 163 43.48 34.14 -68.96
C ASP TA 163 43.67 35.20 -70.04
N GLU TA 164 44.90 35.63 -70.28
CA GLU TA 164 45.14 36.67 -71.28
C GLU TA 164 44.89 36.15 -72.69
N ALA TA 165 45.24 34.89 -72.94
CA ALA TA 165 45.00 34.31 -74.25
C ALA TA 165 43.56 33.82 -74.43
N ALA TA 166 42.74 33.87 -73.38
CA ALA TA 166 41.31 33.59 -73.49
C ALA TA 166 40.48 34.85 -73.66
N VAL TA 167 40.90 35.95 -73.05
CA VAL TA 167 40.25 37.24 -73.28
C VAL TA 167 40.50 37.70 -74.72
N ALA TA 168 41.71 37.45 -75.23
CA ALA TA 168 42.05 37.87 -76.60
C ALA TA 168 41.31 37.03 -77.64
N TYR TA 169 40.88 35.83 -77.26
CA TYR TA 169 40.08 35.01 -78.16
C TYR TA 169 38.64 35.50 -78.22
N ALA TA 170 38.21 36.29 -77.23
CA ALA TA 170 36.82 36.70 -77.17
C ALA TA 170 36.63 38.12 -77.66
N LYS TA 171 37.72 38.82 -78.00
CA LYS TA 171 37.61 40.21 -78.42
C LYS TA 171 37.09 40.32 -79.86
N ASN TA 172 37.46 39.37 -80.71
CA ASN TA 172 37.05 39.44 -82.10
C ASN TA 172 35.62 38.97 -82.32
N PHE TA 173 35.01 38.36 -81.30
CA PHE TA 173 33.60 37.99 -81.35
C PHE TA 173 32.77 39.14 -80.77
N GLY TA 174 31.53 38.86 -80.40
CA GLY TA 174 30.62 39.91 -80.01
C GLY TA 174 29.34 39.92 -80.83
N SER TA 175 28.91 38.74 -81.25
CA SER TA 175 27.82 38.54 -82.19
C SER TA 175 26.62 37.85 -81.54
N LYS TA 176 26.31 38.20 -80.29
CA LYS TA 176 25.03 38.02 -79.59
C LYS TA 176 24.51 36.58 -79.45
N ARG TA 177 25.25 35.59 -79.93
CA ARG TA 177 24.79 34.21 -79.90
C ARG TA 177 25.82 33.26 -79.33
N LEU TA 178 26.98 33.75 -78.93
CA LEU TA 178 28.11 32.90 -78.58
C LEU TA 178 28.32 32.91 -77.09
N PHE TA 179 28.58 31.73 -76.53
CA PHE TA 179 28.74 31.57 -75.09
C PHE TA 179 30.06 30.84 -74.85
N MET TA 180 31.04 31.55 -74.31
CA MET TA 180 32.40 31.03 -74.19
C MET TA 180 32.65 30.57 -72.76
N VAL TA 181 33.21 29.37 -72.62
CA VAL TA 181 33.60 28.80 -71.33
C VAL TA 181 35.07 28.39 -71.48
N ASP TA 182 35.99 29.23 -70.99
CA ASP TA 182 37.40 28.90 -71.16
C ASP TA 182 38.09 27.83 -70.29
N PRO TA 183 37.74 27.56 -69.01
CA PRO TA 183 38.62 26.65 -68.25
C PRO TA 183 38.40 25.20 -68.68
N GLY TA 184 39.51 24.51 -68.96
CA GLY TA 184 39.45 23.12 -69.36
C GLY TA 184 39.02 22.22 -68.22
N VAL TA 185 37.81 21.67 -68.32
CA VAL TA 185 37.30 20.78 -67.30
C VAL TA 185 38.02 19.44 -67.39
N GLN TA 186 38.79 19.10 -66.37
CA GLN TA 186 39.43 17.80 -66.30
C GLN TA 186 38.54 16.86 -65.49
N VAL TA 187 38.43 15.61 -65.95
CA VAL TA 187 37.44 14.68 -65.43
C VAL TA 187 38.09 13.30 -65.32
N TRP TA 188 37.75 12.58 -64.25
CA TRP TA 188 38.20 11.21 -64.06
C TRP TA 188 37.48 10.27 -65.04
N ASP TA 189 38.19 9.23 -65.47
CA ASP TA 189 37.59 8.17 -66.26
C ASP TA 189 37.91 6.82 -65.63
N SER TA 190 37.10 5.82 -65.97
CA SER TA 190 37.27 4.47 -65.46
C SER TA 190 38.03 3.55 -66.41
N ALA TA 191 38.32 4.01 -67.62
CA ALA TA 191 39.01 3.17 -68.60
C ALA TA 191 40.50 3.04 -68.27
N THR TA 192 41.21 4.17 -68.26
CA THR TA 192 42.65 4.18 -68.00
C THR TA 192 42.98 4.57 -66.56
N ASN TA 193 41.97 4.90 -65.76
CA ASN TA 193 42.10 5.31 -64.35
C ASN TA 193 43.04 6.51 -64.20
N ALA TA 194 42.68 7.60 -64.86
CA ALA TA 194 43.45 8.82 -64.84
C ALA TA 194 42.48 9.99 -64.99
N ALA TA 195 43.01 11.17 -65.29
CA ALA TA 195 42.20 12.37 -65.46
C ALA TA 195 42.33 12.86 -66.90
N ARG TA 196 41.19 12.94 -67.60
CA ARG TA 196 41.16 13.43 -68.97
C ARG TA 196 41.14 14.96 -68.96
N ASN TA 197 40.91 15.56 -70.13
CA ASN TA 197 40.76 17.02 -70.25
C ASN TA 197 39.62 17.27 -71.22
N ALA TA 198 38.41 17.38 -70.70
CA ALA TA 198 37.26 17.64 -71.56
C ALA TA 198 37.14 19.14 -71.84
N PRO TA 199 36.88 19.52 -73.09
CA PRO TA 199 36.88 20.95 -73.42
C PRO TA 199 35.58 21.69 -73.13
N ALA TA 200 34.95 21.43 -71.97
CA ALA TA 200 33.99 22.31 -71.30
C ALA TA 200 32.71 22.65 -72.06
N SER TA 201 32.48 22.08 -73.24
CA SER TA 201 31.30 22.44 -74.02
C SER TA 201 30.10 21.58 -73.67
N ALA TA 202 30.29 20.27 -73.59
CA ALA TA 202 29.19 19.36 -73.32
C ALA TA 202 28.65 19.49 -71.90
N TYR TA 203 29.47 19.97 -70.97
CA TYR TA 203 28.99 20.19 -69.61
C TYR TA 203 28.08 21.39 -69.54
N ALA TA 204 28.38 22.44 -70.30
CA ALA TA 204 27.48 23.58 -70.37
C ALA TA 204 26.28 23.30 -71.27
N ALA TA 205 26.45 22.41 -72.26
CA ALA TA 205 25.32 22.03 -73.10
C ALA TA 205 24.33 21.16 -72.36
N GLY TA 206 24.82 20.23 -71.55
CA GLY TA 206 23.96 19.46 -70.68
C GLY TA 206 23.39 20.25 -69.52
N LEU TA 207 23.92 21.45 -69.27
CA LEU TA 207 23.39 22.30 -68.22
C LEU TA 207 22.35 23.28 -68.76
N PHE TA 208 22.47 23.70 -70.02
CA PHE TA 208 21.42 24.50 -70.62
C PHE TA 208 20.16 23.66 -70.84
N ALA TA 209 20.34 22.39 -71.21
CA ALA TA 209 19.20 21.51 -71.39
C ALA TA 209 18.62 21.04 -70.07
N TRP TA 210 19.37 21.15 -68.98
CA TRP TA 210 18.85 20.76 -67.67
C TRP TA 210 17.98 21.85 -67.07
N THR TA 211 18.40 23.10 -67.19
CA THR TA 211 17.66 24.20 -66.60
C THR TA 211 16.39 24.54 -67.36
N ASP TA 212 16.20 23.98 -68.55
CA ASP TA 212 14.94 24.13 -69.27
C ASP TA 212 13.92 23.08 -68.86
N ALA TA 213 14.34 22.07 -68.11
CA ALA TA 213 13.43 20.99 -67.76
C ALA TA 213 12.47 21.39 -66.65
N GLU TA 214 12.97 22.01 -65.58
CA GLU TA 214 12.11 22.45 -64.49
C GLU TA 214 12.27 23.90 -64.10
N TYR TA 215 13.41 24.52 -64.37
CA TYR TA 215 13.57 25.95 -64.12
C TYR TA 215 13.11 26.80 -65.29
N GLY TA 216 12.88 26.21 -66.45
CA GLY TA 216 12.39 26.93 -67.60
C GLY TA 216 13.49 27.64 -68.36
N PHE TA 217 13.18 28.00 -69.61
CA PHE TA 217 14.14 28.70 -70.45
C PHE TA 217 14.32 30.16 -70.03
N TRP TA 218 13.37 30.72 -69.28
CA TRP TA 218 13.50 32.08 -68.79
C TRP TA 218 14.56 32.22 -67.72
N SER TA 219 14.87 31.13 -67.01
CA SER TA 219 15.84 31.18 -65.92
C SER TA 219 17.27 31.17 -66.43
N SER TA 220 18.18 31.64 -65.58
CA SER TA 220 19.59 31.68 -65.95
C SER TA 220 20.31 30.45 -65.41
N PRO TA 221 21.08 29.77 -66.25
CA PRO TA 221 21.95 28.69 -65.79
C PRO TA 221 23.37 29.15 -65.46
N SER TA 222 23.48 30.13 -64.57
CA SER TA 222 24.78 30.74 -64.27
C SER TA 222 25.20 30.55 -62.83
N ASN TA 223 24.50 29.72 -62.06
CA ASN TA 223 25.01 29.28 -60.77
C ASN TA 223 24.59 27.83 -60.54
N LYS TA 224 24.49 27.03 -61.59
CA LYS TA 224 23.94 25.69 -61.48
C LYS TA 224 25.05 24.66 -61.33
N GLU TA 225 24.68 23.51 -60.78
CA GLU TA 225 25.63 22.46 -60.46
C GLU TA 225 25.92 21.63 -61.72
N ILE TA 226 27.07 20.97 -61.73
CA ILE TA 226 27.48 20.09 -62.82
C ILE TA 226 27.79 18.71 -62.23
N LYS TA 227 27.17 17.67 -62.78
CA LYS TA 227 27.46 16.32 -62.34
C LYS TA 227 28.47 15.65 -63.27
N GLY TA 228 29.17 14.65 -62.72
CA GLY TA 228 30.17 13.90 -63.45
C GLY TA 228 31.37 14.72 -63.83
N VAL TA 229 32.14 15.16 -62.84
CA VAL TA 229 33.08 16.24 -63.03
C VAL TA 229 34.12 16.20 -61.92
N THR TA 230 35.31 16.72 -62.21
CA THR TA 230 36.34 17.01 -61.22
C THR TA 230 36.79 18.43 -61.56
N GLY TA 231 37.96 18.82 -61.04
CA GLY TA 231 38.47 20.17 -61.18
C GLY TA 231 38.68 20.72 -62.58
N THR TA 232 39.19 21.95 -62.67
CA THR TA 232 39.48 22.54 -63.95
C THR TA 232 40.97 22.43 -64.26
N SER TA 233 41.33 22.76 -65.49
CA SER TA 233 42.75 22.80 -65.86
C SER TA 233 43.44 23.96 -65.18
N ARG TA 234 42.78 25.11 -65.10
CA ARG TA 234 43.29 26.27 -64.41
C ARG TA 234 42.34 26.67 -63.29
N PRO TA 235 42.87 27.05 -62.13
CA PRO TA 235 41.99 27.56 -61.07
C PRO TA 235 41.43 28.92 -61.46
N VAL TA 236 40.17 29.14 -61.11
CA VAL TA 236 39.51 30.43 -61.29
C VAL TA 236 38.45 30.56 -60.20
N GLU TA 237 38.53 31.66 -59.45
CA GLU TA 237 37.71 31.85 -58.26
C GLU TA 237 37.13 33.25 -58.28
N PHE TA 238 35.99 33.41 -57.63
CA PHE TA 238 35.42 34.73 -57.41
C PHE TA 238 35.67 35.15 -55.97
N LEU TA 239 36.24 36.33 -55.80
CA LEU TA 239 36.42 36.98 -54.51
C LEU TA 239 35.80 38.38 -54.62
N ASP TA 240 35.91 39.15 -53.54
CA ASP TA 240 35.26 40.45 -53.49
C ASP TA 240 36.25 41.53 -53.10
N GLY TA 241 35.99 42.74 -53.57
CA GLY TA 241 36.80 43.89 -53.21
C GLY TA 241 37.32 44.65 -54.42
N ASP TA 242 36.82 44.26 -55.60
CA ASP TA 242 37.18 44.85 -56.90
C ASP TA 242 38.69 44.75 -57.16
N GLU TA 243 39.25 43.59 -56.87
CA GLU TA 243 40.65 43.31 -57.17
C GLU TA 243 40.74 42.55 -58.49
N THR TA 244 41.93 42.05 -58.81
CA THR TA 244 42.13 41.21 -59.99
C THR TA 244 41.69 39.78 -59.68
N CYS TA 245 40.38 39.60 -59.59
CA CYS TA 245 39.81 38.27 -59.51
C CYS TA 245 39.92 37.59 -60.85
N ARG TA 246 40.17 36.28 -60.85
CA ARG TA 246 40.20 35.56 -62.10
C ARG TA 246 38.81 35.38 -62.69
N ALA TA 247 37.77 35.35 -61.84
CA ALA TA 247 36.41 35.28 -62.36
C ALA TA 247 35.98 36.62 -62.94
N ASN TA 248 36.26 37.71 -62.22
CA ASN TA 248 35.80 39.03 -62.63
C ASN TA 248 36.55 39.52 -63.86
N LEU TA 249 37.80 39.07 -64.04
CA LEU TA 249 38.53 39.38 -65.26
C LEU TA 249 37.93 38.66 -66.46
N LEU TA 250 37.29 37.51 -66.23
CA LEU TA 250 36.75 36.74 -67.33
C LEU TA 250 35.26 37.01 -67.53
N ASN TA 251 34.56 37.47 -66.49
CA ASN TA 251 33.18 37.91 -66.70
C ASN TA 251 33.14 39.22 -67.47
N ASN TA 252 34.09 40.11 -67.22
CA ASN TA 252 34.14 41.39 -67.93
C ASN TA 252 34.55 41.21 -69.38
N ALA TA 253 35.18 40.09 -69.73
CA ALA TA 253 35.41 39.72 -71.11
C ALA TA 253 34.29 38.85 -71.67
N ASN TA 254 33.17 38.75 -70.94
CA ASN TA 254 31.97 38.03 -71.36
C ASN TA 254 32.23 36.54 -71.56
N ILE TA 255 32.95 35.93 -70.63
CA ILE TA 255 33.32 34.52 -70.69
C ILE TA 255 32.88 33.84 -69.40
N ALA TA 256 32.26 32.68 -69.53
CA ALA TA 256 31.87 31.90 -68.35
C ALA TA 256 33.06 31.14 -67.78
N THR TA 257 33.02 30.92 -66.46
CA THR TA 257 34.06 30.18 -65.76
C THR TA 257 33.41 29.05 -64.96
N ILE TA 258 34.20 28.42 -64.11
CA ILE TA 258 33.76 27.39 -63.17
C ILE TA 258 34.38 27.72 -61.81
N ILE TA 259 33.54 27.82 -60.77
CA ILE TA 259 33.99 28.48 -59.55
C ILE TA 259 34.40 27.54 -58.42
N ARG TA 260 33.46 26.74 -57.91
CA ARG TA 260 33.70 26.06 -56.65
C ARG TA 260 34.45 24.74 -56.90
N ASP TA 261 34.48 23.87 -55.90
CA ASP TA 261 35.37 22.71 -55.89
C ASP TA 261 34.96 21.67 -56.91
N ASP TA 262 35.95 21.25 -57.72
CA ASP TA 262 35.85 20.08 -58.60
C ASP TA 262 34.72 20.22 -59.61
N GLY TA 263 34.66 21.37 -60.27
CA GLY TA 263 33.66 21.58 -61.30
C GLY TA 263 32.26 21.75 -60.75
N TYR TA 264 32.13 22.54 -59.70
CA TYR TA 264 30.88 22.54 -58.96
C TYR TA 264 29.83 23.48 -59.55
N ARG TA 265 30.24 24.60 -60.14
CA ARG TA 265 29.29 25.57 -60.67
C ARG TA 265 29.71 26.07 -62.05
N LEU TA 266 28.76 26.69 -62.75
CA LEU TA 266 29.01 27.53 -63.91
C LEU TA 266 28.77 28.97 -63.47
N TRP TA 267 29.30 29.93 -64.22
CA TRP TA 267 29.40 31.29 -63.71
C TRP TA 267 29.03 32.38 -64.71
N GLY TA 268 28.71 32.04 -65.95
CA GLY TA 268 28.48 33.10 -66.92
C GLY TA 268 27.03 33.41 -67.22
N ASN TA 269 26.66 34.69 -67.14
CA ASN TA 269 25.36 35.18 -67.57
C ASN TA 269 25.37 35.79 -68.95
N ARG TA 270 26.51 36.28 -69.44
CA ARG TA 270 26.52 37.17 -70.58
C ARG TA 270 27.12 36.50 -71.81
N THR TA 271 26.47 36.69 -72.95
CA THR TA 271 26.96 36.22 -74.23
C THR TA 271 28.10 37.10 -74.73
N LEU TA 272 28.81 36.59 -75.73
CA LEU TA 272 29.71 37.44 -76.48
C LEU TA 272 28.88 38.34 -77.37
N SER TA 273 28.63 39.57 -76.93
CA SER TA 273 27.75 40.49 -77.64
C SER TA 273 28.31 41.89 -77.54
N SER TA 274 28.58 42.51 -78.70
CA SER TA 274 28.99 43.90 -78.71
C SER TA 274 27.81 44.84 -78.48
N ASP TA 275 26.58 44.36 -78.63
CA ASP TA 275 25.39 45.15 -78.36
C ASP TA 275 25.03 45.00 -76.89
N SER TA 276 24.78 46.13 -76.22
CA SER TA 276 24.50 46.10 -74.79
C SER TA 276 23.10 45.59 -74.47
N LYS TA 277 22.20 45.57 -75.44
CA LYS TA 277 20.85 45.08 -75.19
C LYS TA 277 20.83 43.56 -75.05
N TRP TA 278 21.59 42.87 -75.89
CA TRP TA 278 21.58 41.41 -75.94
C TRP TA 278 22.74 40.80 -75.17
N ALA TA 279 23.07 41.40 -74.01
CA ALA TA 279 24.20 40.93 -73.22
C ALA TA 279 23.93 39.57 -72.61
N PHE TA 280 22.88 39.47 -71.79
CA PHE TA 280 22.61 38.27 -71.02
C PHE TA 280 22.21 37.09 -71.90
N VAL TA 281 22.45 35.88 -71.40
CA VAL TA 281 22.00 34.69 -72.10
C VAL TA 281 20.50 34.53 -72.04
N THR TA 282 19.85 35.13 -71.02
CA THR TA 282 18.43 34.91 -70.83
C THR TA 282 17.60 35.67 -71.85
N ARG TA 283 17.99 36.91 -72.16
CA ARG TA 283 17.23 37.69 -73.13
C ARG TA 283 17.40 37.13 -74.54
N VAL TA 284 18.57 36.57 -74.86
CA VAL TA 284 18.76 35.95 -76.16
C VAL TA 284 18.00 34.64 -76.26
N ARG TA 285 17.94 33.88 -75.16
CA ARG TA 285 17.18 32.64 -75.17
C ARG TA 285 15.68 32.88 -75.13
N THR TA 286 15.22 33.88 -74.36
CA THR TA 286 13.78 34.11 -74.24
C THR TA 286 13.18 34.61 -75.55
N MET TA 287 13.89 35.50 -76.25
CA MET TA 287 13.42 35.95 -77.56
C MET TA 287 13.45 34.83 -78.59
N ASP TA 288 14.32 33.85 -78.41
CA ASP TA 288 14.36 32.73 -79.34
C ASP TA 288 13.49 31.55 -78.93
N LEU TA 289 13.06 31.49 -77.67
CA LEU TA 289 12.27 30.35 -77.20
C LEU TA 289 10.86 30.70 -76.77
N VAL TA 290 10.43 31.96 -76.85
CA VAL TA 290 9.00 32.24 -76.79
C VAL TA 290 8.39 32.25 -78.17
N MET TA 291 9.19 32.29 -79.23
CA MET TA 291 8.65 32.33 -80.58
C MET TA 291 8.35 30.95 -81.11
N ASP TA 292 9.21 29.96 -80.85
CA ASP TA 292 8.85 28.60 -81.21
C ASP TA 292 7.77 28.03 -80.30
N ALA TA 293 7.60 28.61 -79.11
CA ALA TA 293 6.43 28.31 -78.29
C ALA TA 293 5.17 28.97 -78.83
N ILE TA 294 5.32 29.94 -79.73
CA ILE TA 294 4.20 30.56 -80.43
C ILE TA 294 4.04 30.02 -81.84
N LEU TA 295 5.14 29.95 -82.62
CA LEU TA 295 5.08 29.43 -83.99
C LEU TA 295 4.71 27.96 -84.03
N ALA TA 296 5.01 27.20 -82.97
CA ALA TA 296 4.28 25.97 -82.72
C ALA TA 296 3.12 26.32 -81.80
N GLY TA 297 1.93 25.84 -82.16
CA GLY TA 297 0.71 26.45 -81.70
C GLY TA 297 0.15 27.48 -82.66
N HIS TA 298 0.96 27.91 -83.63
CA HIS TA 298 0.52 28.66 -84.81
C HIS TA 298 1.15 28.04 -86.05
N LYS TA 299 1.03 26.72 -86.18
CA LYS TA 299 1.24 26.09 -87.48
C LYS TA 299 0.17 26.54 -88.46
N TRP TA 300 -1.01 26.87 -87.95
CA TRP TA 300 -2.04 27.61 -88.68
C TRP TA 300 -1.65 29.08 -88.73
N ALA TA 301 -2.59 29.92 -89.18
CA ALA TA 301 -2.39 31.36 -89.44
C ALA TA 301 -1.27 31.60 -90.45
N VAL TA 302 -1.10 30.66 -91.38
CA VAL TA 302 -0.24 30.81 -92.55
C VAL TA 302 -0.82 29.94 -93.65
N ASP TA 303 -0.95 30.52 -94.85
CA ASP TA 303 -1.62 29.91 -96.01
C ASP TA 303 -3.06 29.51 -95.71
N ARG TA 304 -3.73 30.24 -94.83
CA ARG TA 304 -5.13 29.95 -94.51
C ARG TA 304 -6.08 30.70 -95.43
N GLY TA 305 -6.00 32.03 -95.43
CA GLY TA 305 -6.97 32.84 -96.12
C GLY TA 305 -7.52 33.91 -95.19
N ILE TA 306 -7.37 35.17 -95.58
CA ILE TA 306 -7.63 36.29 -94.69
C ILE TA 306 -9.09 36.67 -94.80
N THR TA 307 -9.84 36.43 -93.72
CA THR TA 307 -11.22 36.88 -93.61
C THR TA 307 -11.25 38.27 -92.99
N LYS TA 308 -12.43 38.73 -92.59
CA LYS TA 308 -12.55 40.05 -91.99
C LYS TA 308 -11.95 40.07 -90.58
N THR TA 309 -12.31 39.09 -89.75
CA THR TA 309 -11.78 38.98 -88.41
C THR TA 309 -10.63 37.99 -88.33
N TYR TA 310 -9.85 37.88 -89.41
CA TYR TA 310 -8.68 37.01 -89.39
C TYR TA 310 -7.60 37.55 -88.47
N VAL TA 311 -7.36 38.87 -88.53
CA VAL TA 311 -6.33 39.50 -87.72
C VAL TA 311 -6.72 39.47 -86.24
N LYS TA 312 -8.01 39.66 -85.95
CA LYS TA 312 -8.46 39.71 -84.57
C LYS TA 312 -8.45 38.34 -83.90
N ASP TA 313 -8.78 37.29 -84.65
CA ASP TA 313 -8.88 35.95 -84.07
C ASP TA 313 -7.52 35.32 -83.77
N VAL TA 314 -6.43 35.89 -84.24
CA VAL TA 314 -5.11 35.34 -83.96
C VAL TA 314 -4.37 36.25 -82.97
N THR TA 315 -4.70 37.54 -82.97
CA THR TA 315 -4.12 38.41 -81.95
C THR TA 315 -4.80 38.24 -80.59
N GLU TA 316 -5.95 37.57 -80.54
CA GLU TA 316 -6.51 37.06 -79.30
C GLU TA 316 -6.04 35.65 -79.01
N GLY TA 317 -5.33 35.03 -79.96
CA GLY TA 317 -4.72 33.73 -79.74
C GLY TA 317 -3.26 33.86 -79.41
N LEU TA 318 -2.65 34.97 -79.80
CA LEU TA 318 -1.31 35.29 -79.34
C LEU TA 318 -1.31 35.71 -77.89
N ARG TA 319 -2.37 36.41 -77.46
CA ARG TA 319 -2.50 36.79 -76.05
C ARG TA 319 -2.74 35.56 -75.18
N ALA TA 320 -3.55 34.61 -75.67
CA ALA TA 320 -3.88 33.43 -74.87
C ALA TA 320 -2.70 32.49 -74.76
N PHE TA 321 -1.78 32.51 -75.73
CA PHE TA 321 -0.53 31.78 -75.65
C PHE TA 321 0.59 32.62 -75.08
N MET TA 322 0.27 33.68 -74.34
CA MET TA 322 1.26 34.52 -73.69
C MET TA 322 0.85 34.72 -72.24
N ARG TA 323 -0.46 34.62 -71.96
CA ARG TA 323 -0.92 34.69 -70.58
C ARG TA 323 -0.49 33.46 -69.78
N ASP TA 324 -0.34 32.31 -70.44
CA ASP TA 324 0.21 31.15 -69.74
C ASP TA 324 1.72 31.28 -69.53
N LEU TA 325 2.39 32.07 -70.36
CA LEU TA 325 3.81 32.36 -70.13
C LEU TA 325 3.97 33.28 -68.93
N LYS TA 326 3.04 34.21 -68.73
CA LYS TA 326 3.03 34.98 -67.49
C LYS TA 326 2.64 34.11 -66.31
N ASN TA 327 1.83 33.09 -66.55
CA ASN TA 327 1.39 32.21 -65.48
C ASN TA 327 2.53 31.33 -64.98
N GLN TA 328 3.37 30.83 -65.88
CA GLN TA 328 4.51 30.01 -65.52
C GLN TA 328 5.77 30.84 -65.24
N GLY TA 329 5.64 32.16 -65.19
CA GLY TA 329 6.76 33.01 -64.82
C GLY TA 329 7.79 33.24 -65.90
N ALA TA 330 7.43 33.04 -67.16
CA ALA TA 330 8.41 33.22 -68.22
C ALA TA 330 8.65 34.70 -68.52
N VAL TA 331 7.61 35.51 -68.49
CA VAL TA 331 7.72 36.94 -68.79
C VAL TA 331 7.08 37.75 -67.68
N ILE TA 332 7.42 39.02 -67.66
CA ILE TA 332 6.67 40.02 -66.94
C ILE TA 332 5.79 40.68 -68.01
N ASN TA 333 4.88 41.57 -67.56
CA ASN TA 333 3.70 42.03 -68.31
C ASN TA 333 4.02 42.49 -69.73
N PHE TA 334 3.19 42.03 -70.66
CA PHE TA 334 3.38 42.14 -72.09
C PHE TA 334 2.31 43.03 -72.72
N GLU TA 335 2.40 43.16 -74.04
CA GLU TA 335 1.29 43.68 -74.84
C GLU TA 335 1.39 43.09 -76.24
N VAL TA 336 0.27 42.60 -76.75
CA VAL TA 336 0.18 42.03 -78.08
C VAL TA 336 -0.93 42.76 -78.82
N TYR TA 337 -0.60 43.38 -79.94
CA TYR TA 337 -1.59 44.13 -80.69
C TYR TA 337 -1.19 44.16 -82.16
N ALA TA 338 -2.20 44.24 -83.02
CA ALA TA 338 -1.95 44.33 -84.45
C ALA TA 338 -1.39 45.70 -84.79
N ASP TA 339 -0.51 45.72 -85.78
CA ASP TA 339 0.16 46.94 -86.20
C ASP TA 339 -0.81 47.75 -87.06
N PRO TA 340 -1.25 48.92 -86.62
CA PRO TA 340 -2.33 49.61 -87.34
C PRO TA 340 -1.91 50.26 -88.65
N ASP TA 341 -0.68 50.77 -88.74
CA ASP TA 341 -0.30 51.53 -89.92
C ASP TA 341 0.39 50.67 -90.97
N LEU TA 342 1.05 49.59 -90.56
CA LEU TA 342 1.69 48.71 -91.54
C LEU TA 342 0.68 47.77 -92.19
N ASN TA 343 -0.39 47.42 -91.48
CA ASN TA 343 -1.44 46.63 -92.09
C ASN TA 343 -2.29 47.49 -93.01
N SER TA 344 -2.35 47.10 -94.28
CA SER TA 344 -3.06 47.88 -95.29
C SER TA 344 -3.65 46.92 -96.31
N ALA TA 345 -4.45 47.47 -97.22
CA ALA TA 345 -5.10 46.64 -98.22
C ALA TA 345 -4.12 46.16 -99.29
N SER TA 346 -3.05 46.93 -99.51
CA SER TA 346 -2.06 46.53 -100.50
C SER TA 346 -1.16 45.41 -99.96
N GLN TA 347 -1.04 45.32 -98.64
CA GLN TA 347 -0.24 44.25 -98.05
C GLN TA 347 -1.01 42.95 -97.99
N LEU TA 348 -2.36 43.02 -98.01
CA LEU TA 348 -3.16 41.81 -97.98
C LEU TA 348 -3.11 41.06 -99.29
N ALA TA 349 -2.90 41.77 -100.40
CA ALA TA 349 -2.84 41.15 -101.72
C ALA TA 349 -1.60 40.30 -101.92
N GLN TA 350 -0.56 40.49 -101.09
CA GLN TA 350 0.64 39.68 -101.16
C GLN TA 350 0.83 38.84 -99.90
N GLY TA 351 -0.18 38.77 -99.04
CA GLY TA 351 -0.17 37.87 -97.90
C GLY TA 351 0.58 38.38 -96.68
N LYS TA 352 0.96 39.65 -96.64
CA LYS TA 352 1.74 40.19 -95.54
C LYS TA 352 0.81 40.84 -94.52
N VAL TA 353 0.94 40.40 -93.26
CA VAL TA 353 0.18 40.91 -92.13
C VAL TA 353 1.13 41.02 -90.94
N TYR TA 354 0.94 42.07 -90.12
CA TYR TA 354 1.93 42.44 -89.12
C TYR TA 354 1.30 42.53 -87.74
N TRP TA 355 2.07 42.11 -86.73
CA TRP TA 355 1.68 42.25 -85.34
C TRP TA 355 2.84 42.80 -84.53
N ASN TA 356 2.52 43.24 -83.31
CA ASN TA 356 3.51 43.77 -82.38
C ASN TA 356 3.41 42.99 -81.08
N ILE TA 357 4.47 42.26 -80.76
CA ILE TA 357 4.47 41.33 -79.64
C ILE TA 357 5.48 41.83 -78.62
N ARG TA 358 5.52 43.16 -78.45
CA ARG TA 358 6.36 43.81 -77.44
C ARG TA 358 6.14 43.27 -76.03
N PHE TA 359 7.16 42.62 -75.47
CA PHE TA 359 7.09 42.11 -74.11
C PHE TA 359 8.40 42.43 -73.39
N THR TA 360 8.46 42.06 -72.12
CA THR TA 360 9.66 42.18 -71.32
C THR TA 360 9.96 40.85 -70.66
N ASP TA 361 11.17 40.73 -70.11
CA ASP TA 361 11.63 39.47 -69.56
C ASP TA 361 12.25 39.70 -68.19
N VAL TA 362 12.37 38.61 -67.44
CA VAL TA 362 12.98 38.65 -66.11
C VAL TA 362 14.50 38.83 -66.25
N PRO TA 363 15.08 39.84 -65.60
CA PRO TA 363 16.53 39.98 -65.61
C PRO TA 363 17.16 39.07 -64.58
N PRO TA 364 18.21 38.33 -64.94
CA PRO TA 364 18.87 37.46 -63.97
C PRO TA 364 19.67 38.26 -62.96
N ALA TA 365 19.50 37.93 -61.68
CA ALA TA 365 20.14 38.66 -60.59
C ALA TA 365 21.61 38.28 -60.52
N GLU TA 366 22.39 38.92 -61.38
CA GLU TA 366 23.82 38.59 -61.45
C GLU TA 366 24.59 39.25 -60.32
N ASN TA 367 23.99 40.23 -59.65
CA ASN TA 367 24.71 40.97 -58.63
C ASN TA 367 23.81 41.28 -57.44
N PRO TA 368 23.58 40.35 -56.51
CA PRO TA 368 22.90 40.72 -55.27
C PRO TA 368 23.84 41.40 -54.28
N ASN TA 369 23.63 42.69 -54.04
CA ASN TA 369 24.47 43.46 -53.13
C ASN TA 369 23.87 43.44 -51.74
N PHE TA 370 24.68 43.15 -50.73
CA PHE TA 370 24.23 43.15 -49.35
C PHE TA 370 24.99 44.21 -48.58
N ARG TA 371 24.31 45.29 -48.23
CA ARG TA 371 24.91 46.41 -47.50
C ARG TA 371 24.80 46.11 -46.01
N VAL TA 372 25.94 45.94 -45.36
CA VAL TA 372 25.98 45.33 -44.02
C VAL TA 372 27.01 46.05 -43.16
N GLU TA 373 26.65 46.31 -41.90
CA GLU TA 373 27.59 46.79 -40.91
C GLU TA 373 27.34 46.10 -39.58
N VAL TA 374 28.28 46.26 -38.67
CA VAL TA 374 28.14 45.82 -37.30
C VAL TA 374 27.87 47.05 -36.44
N THR TA 375 26.63 47.20 -36.00
CA THR TA 375 26.25 48.37 -35.23
C THR TA 375 26.47 48.03 -33.74
N ASP TA 376 26.15 48.98 -32.86
CA ASP TA 376 26.03 48.72 -31.43
C ASP TA 376 24.66 49.15 -30.92
N GLN TA 377 23.63 48.96 -31.75
CA GLN TA 377 22.30 49.46 -31.39
C GLN TA 377 21.64 48.58 -30.35
N TRP TA 378 21.50 47.29 -30.62
CA TRP TA 378 20.87 46.37 -29.67
C TRP TA 378 21.88 45.82 -28.67
N LEU TA 379 22.66 46.70 -28.05
CA LEU TA 379 23.56 46.32 -26.99
C LEU TA 379 22.91 46.45 -25.61
N THR TA 380 21.84 47.25 -25.51
CA THR TA 380 21.04 47.33 -24.31
C THR TA 380 20.14 46.11 -24.13
N GLU TA 381 20.04 45.24 -25.14
CA GLU TA 381 19.40 43.95 -24.97
C GLU TA 381 20.20 43.03 -24.07
N VAL TA 382 21.51 43.25 -23.98
CA VAL TA 382 22.38 42.45 -23.13
C VAL TA 382 22.54 43.22 -21.83
N LEU TA 383 21.62 42.97 -20.90
CA LEU TA 383 21.68 43.56 -19.56
C LEU TA 383 21.18 42.56 -18.53
N SER UA 2 -68.83 54.60 11.83
CA SER UA 2 -67.42 54.92 11.60
C SER UA 2 -66.79 53.90 10.66
N PHE UA 3 -65.46 53.85 10.66
CA PHE UA 3 -64.72 52.90 9.83
C PHE UA 3 -63.40 52.59 10.53
N PHE UA 4 -62.55 51.81 9.87
CA PHE UA 4 -61.24 51.44 10.39
C PHE UA 4 -60.19 51.62 9.31
N HIS UA 5 -59.03 52.11 9.71
CA HIS UA 5 -57.88 52.19 8.83
C HIS UA 5 -56.81 51.24 9.35
N GLY UA 6 -56.11 50.59 8.44
CA GLY UA 6 -55.09 49.63 8.83
C GLY UA 6 -55.67 48.26 9.07
N VAL UA 7 -54.78 47.32 9.41
CA VAL UA 7 -55.17 45.94 9.63
C VAL UA 7 -55.86 45.80 10.98
N THR UA 8 -57.08 45.25 10.97
CA THR UA 8 -57.82 44.95 12.18
C THR UA 8 -57.95 43.43 12.27
N VAL UA 9 -57.15 42.83 13.14
CA VAL UA 9 -57.14 41.38 13.32
C VAL UA 9 -58.30 41.00 14.24
N THR UA 10 -59.23 40.23 13.71
CA THR UA 10 -60.39 39.78 14.47
C THR UA 10 -60.12 38.43 15.10
N ASN UA 11 -61.17 37.79 15.62
CA ASN UA 11 -61.04 36.47 16.22
C ASN UA 11 -62.41 35.80 16.11
N VAL UA 12 -62.56 34.88 15.16
CA VAL UA 12 -63.84 34.28 14.84
C VAL UA 12 -63.76 32.77 15.04
N ASP UA 13 -64.84 32.06 14.73
CA ASP UA 13 -64.89 30.60 14.78
C ASP UA 13 -65.44 30.09 13.45
N ILE UA 14 -64.55 29.51 12.63
CA ILE UA 14 -64.91 28.96 11.33
C ILE UA 14 -64.38 27.54 11.23
N GLY UA 15 -65.02 26.73 10.38
CA GLY UA 15 -64.63 25.35 10.22
C GLY UA 15 -63.69 25.14 9.06
N ALA UA 16 -63.66 23.92 8.53
CA ALA UA 16 -62.75 23.55 7.44
C ALA UA 16 -63.16 24.26 6.15
N ARG UA 17 -62.22 24.41 5.23
CA ARG UA 17 -62.46 25.12 3.98
C ARG UA 17 -62.93 24.15 2.89
N THR UA 18 -63.93 23.35 3.27
CA THR UA 18 -64.46 22.34 2.36
C THR UA 18 -65.57 22.92 1.48
N ILE UA 19 -65.69 24.24 1.44
CA ILE UA 19 -66.70 24.88 0.61
C ILE UA 19 -66.11 24.99 -0.80
N ALA UA 20 -66.22 23.91 -1.56
CA ALA UA 20 -65.97 23.89 -2.99
C ALA UA 20 -67.18 23.22 -3.60
N LEU UA 21 -67.87 23.93 -4.48
CA LEU UA 21 -69.28 23.64 -4.75
C LEU UA 21 -69.47 23.13 -6.17
N PRO UA 22 -69.71 21.83 -6.38
CA PRO UA 22 -70.19 21.39 -7.70
C PRO UA 22 -71.69 21.61 -7.84
N ALA UA 23 -72.10 22.38 -8.85
CA ALA UA 23 -73.51 22.69 -9.05
C ALA UA 23 -74.16 21.63 -9.94
N SER UA 24 -74.16 20.40 -9.43
CA SER UA 24 -74.65 19.25 -10.17
C SER UA 24 -76.02 18.79 -9.71
N SER UA 25 -76.20 18.54 -8.41
CA SER UA 25 -77.47 18.05 -7.88
C SER UA 25 -77.97 18.96 -6.79
N VAL UA 26 -79.29 19.14 -6.76
CA VAL UA 26 -79.97 19.99 -5.78
C VAL UA 26 -80.93 19.11 -4.99
N ILE UA 27 -81.17 19.47 -3.73
CA ILE UA 27 -81.93 18.66 -2.79
C ILE UA 27 -83.09 19.47 -2.26
N GLY UA 28 -84.28 18.91 -2.32
CA GLY UA 28 -85.45 19.50 -1.69
C GLY UA 28 -85.66 18.90 -0.32
N LEU UA 29 -85.67 19.75 0.70
CA LEU UA 29 -85.71 19.31 2.09
C LEU UA 29 -86.86 20.00 2.80
N CYS UA 30 -87.44 19.31 3.79
CA CYS UA 30 -88.52 19.88 4.59
C CYS UA 30 -88.54 19.20 5.94
N ASP UA 31 -88.43 19.97 7.02
CA ASP UA 31 -88.49 19.44 8.37
C ASP UA 31 -88.91 20.58 9.29
N VAL UA 32 -89.18 20.24 10.55
CA VAL UA 32 -89.64 21.23 11.51
C VAL UA 32 -88.46 22.04 12.04
N PHE UA 33 -88.77 23.21 12.58
CA PHE UA 33 -87.76 24.07 13.19
C PHE UA 33 -88.47 25.01 14.16
N THR UA 34 -87.69 25.88 14.78
CA THR UA 34 -88.22 26.93 15.67
C THR UA 34 -87.83 28.29 15.11
N PRO UA 35 -88.79 29.11 14.64
CA PRO UA 35 -88.43 30.42 14.08
C PRO UA 35 -88.06 31.44 15.14
N GLY UA 36 -86.84 31.34 15.66
CA GLY UA 36 -86.35 32.29 16.65
C GLY UA 36 -85.75 33.53 16.02
N ALA UA 37 -85.04 34.28 16.85
CA ALA UA 37 -84.38 35.50 16.37
C ALA UA 37 -83.12 35.18 15.58
N GLN UA 38 -82.41 34.11 15.93
CA GLN UA 38 -81.21 33.72 15.20
C GLN UA 38 -81.52 32.95 13.92
N ALA UA 39 -82.75 32.49 13.75
CA ALA UA 39 -83.16 31.75 12.56
C ALA UA 39 -83.85 32.72 11.61
N SER UA 40 -83.10 33.24 10.65
CA SER UA 40 -83.60 34.28 9.74
C SER UA 40 -84.25 33.62 8.53
N ALA UA 41 -85.40 32.99 8.78
CA ALA UA 41 -86.17 32.37 7.72
C ALA UA 41 -87.63 32.32 8.12
N LYS UA 42 -88.50 32.83 7.25
CA LYS UA 42 -89.93 32.66 7.43
C LYS UA 42 -90.29 31.18 7.24
N PRO UA 43 -91.36 30.69 7.91
CA PRO UA 43 -91.65 29.24 7.91
C PRO UA 43 -91.92 28.58 6.56
N ASN UA 44 -92.92 29.04 5.81
CA ASN UA 44 -93.35 28.32 4.63
C ASN UA 44 -92.68 28.78 3.34
N VAL UA 45 -91.63 29.59 3.42
CA VAL UA 45 -90.95 30.06 2.22
C VAL UA 45 -89.72 29.18 2.00
N PRO UA 46 -89.27 29.01 0.76
CA PRO UA 46 -88.01 28.28 0.52
C PRO UA 46 -86.80 29.17 0.73
N VAL UA 47 -85.72 28.52 1.18
CA VAL UA 47 -84.43 29.17 1.40
C VAL UA 47 -83.37 28.34 0.71
N LEU UA 48 -82.64 28.95 -0.22
CA LEU UA 48 -81.50 28.28 -0.84
C LEU UA 48 -80.34 28.26 0.13
N LEU UA 49 -79.73 27.09 0.29
CA LEU UA 49 -78.61 26.93 1.19
C LEU UA 49 -77.34 26.60 0.42
N THR UA 50 -76.24 27.16 0.88
CA THR UA 50 -74.93 27.01 0.23
C THR UA 50 -73.98 26.12 1.01
N SER UA 51 -73.89 26.31 2.32
CA SER UA 51 -72.99 25.52 3.16
C SER UA 51 -73.64 25.39 4.53
N LYS UA 52 -72.83 25.02 5.53
CA LYS UA 52 -73.34 24.99 6.90
C LYS UA 52 -73.41 26.40 7.50
N LYS UA 53 -72.67 27.35 6.93
CA LYS UA 53 -72.60 28.68 7.53
C LYS UA 53 -73.88 29.48 7.34
N ASP UA 54 -74.60 29.26 6.23
CA ASP UA 54 -75.91 29.87 6.07
C ASP UA 54 -77.05 28.92 6.38
N ALA UA 55 -76.78 27.62 6.53
CA ALA UA 55 -77.75 26.74 7.15
C ALA UA 55 -77.84 26.95 8.65
N ALA UA 56 -76.78 27.49 9.26
CA ALA UA 56 -76.83 27.94 10.64
C ALA UA 56 -77.32 29.38 10.76
N ALA UA 57 -77.37 30.12 9.66
CA ALA UA 57 -77.88 31.48 9.67
C ALA UA 57 -79.37 31.53 9.33
N ALA UA 58 -79.82 30.68 8.40
CA ALA UA 58 -81.24 30.65 8.07
C ALA UA 58 -82.04 29.94 9.16
N PHE UA 59 -81.49 28.86 9.71
CA PHE UA 59 -82.15 28.10 10.76
C PHE UA 59 -81.20 27.91 11.92
N GLY UA 60 -81.75 27.60 13.08
CA GLY UA 60 -80.95 27.51 14.28
C GLY UA 60 -80.06 26.28 14.32
N ILE UA 61 -79.18 26.26 15.32
CA ILE UA 61 -78.27 25.13 15.50
C ILE UA 61 -79.04 23.91 15.96
N GLY UA 62 -79.87 24.06 16.98
CA GLY UA 62 -80.65 22.96 17.51
C GLY UA 62 -81.92 22.64 16.75
N SER UA 63 -82.16 23.30 15.62
CA SER UA 63 -83.36 23.04 14.84
C SER UA 63 -83.23 21.71 14.09
N SER UA 64 -84.37 21.09 13.83
CA SER UA 64 -84.37 19.80 13.14
C SER UA 64 -84.08 19.93 11.65
N ILE UA 65 -84.12 21.15 11.09
CA ILE UA 65 -83.59 21.38 9.76
C ILE UA 65 -82.10 21.12 9.74
N TYR UA 66 -81.36 21.77 10.65
CA TYR UA 66 -79.90 21.75 10.61
C TYR UA 66 -79.35 20.38 10.98
N LEU UA 67 -80.06 19.60 11.79
CA LEU UA 67 -79.65 18.24 12.05
C LEU UA 67 -79.82 17.37 10.81
N ALA UA 68 -80.81 17.69 9.97
CA ALA UA 68 -81.02 17.02 8.69
C ALA UA 68 -80.35 17.75 7.55
N CYS UA 69 -79.62 18.83 7.82
CA CYS UA 69 -78.87 19.54 6.80
C CYS UA 69 -77.37 19.43 7.00
N GLU UA 70 -76.92 19.21 8.24
CA GLU UA 70 -75.52 18.92 8.49
C GLU UA 70 -75.11 17.59 7.87
N ALA UA 71 -76.03 16.63 7.82
CA ALA UA 71 -75.72 15.30 7.29
C ALA UA 71 -75.48 15.33 5.78
N ILE UA 72 -76.09 16.28 5.07
CA ILE UA 72 -75.85 16.40 3.65
C ILE UA 72 -74.47 16.99 3.40
N TYR UA 73 -74.14 18.09 4.08
CA TYR UA 73 -72.87 18.76 3.86
C TYR UA 73 -71.68 18.01 4.47
N ASN UA 74 -71.92 16.96 5.25
CA ASN UA 74 -70.81 16.11 5.68
C ASN UA 74 -70.24 15.30 4.52
N ARG UA 75 -71.08 14.98 3.52
CA ARG UA 75 -70.67 14.15 2.40
C ARG UA 75 -70.48 14.94 1.11
N ALA UA 76 -71.49 15.69 0.68
CA ALA UA 76 -71.43 16.47 -0.55
C ALA UA 76 -71.81 17.91 -0.25
N GLN UA 77 -70.99 18.84 -0.75
CA GLN UA 77 -71.27 20.27 -0.59
C GLN UA 77 -72.07 20.73 -1.81
N ALA UA 78 -73.32 20.30 -1.87
CA ALA UA 78 -74.24 20.69 -2.91
C ALA UA 78 -75.00 21.94 -2.47
N VAL UA 79 -76.05 22.30 -3.20
CA VAL UA 79 -76.92 23.40 -2.82
C VAL UA 79 -78.32 22.85 -2.59
N ILE UA 80 -78.99 23.34 -1.55
CA ILE UA 80 -80.22 22.76 -1.05
C ILE UA 80 -81.33 23.81 -1.11
N VAL UA 81 -82.41 23.48 -1.79
CA VAL UA 81 -83.64 24.25 -1.70
C VAL UA 81 -84.40 23.67 -0.51
N ALA UA 82 -84.34 24.39 0.61
CA ALA UA 82 -84.87 23.88 1.88
C ALA UA 82 -86.04 24.73 2.32
N VAL UA 83 -87.19 24.11 2.48
CA VAL UA 83 -88.34 24.78 3.05
C VAL UA 83 -88.46 24.35 4.50
N GLY UA 84 -89.03 25.23 5.32
CA GLY UA 84 -89.31 24.92 6.70
C GLY UA 84 -90.78 24.64 6.93
N VAL UA 85 -91.09 24.24 8.15
CA VAL UA 85 -92.48 24.07 8.57
C VAL UA 85 -92.55 24.32 10.07
N GLU UA 86 -93.61 24.98 10.50
CA GLU UA 86 -93.85 25.17 11.93
C GLU UA 86 -94.26 23.85 12.55
N THR UA 87 -93.70 23.56 13.73
CA THR UA 87 -94.03 22.32 14.42
C THR UA 87 -95.45 22.37 14.97
N ALA UA 88 -96.00 21.18 15.22
CA ALA UA 88 -97.38 21.05 15.67
C ALA UA 88 -97.44 20.12 16.87
N GLU UA 89 -98.61 20.06 17.49
CA GLU UA 89 -98.82 19.28 18.70
C GLU UA 89 -99.22 17.83 18.37
N THR UA 90 -100.34 17.66 17.68
CA THR UA 90 -100.75 16.33 17.28
C THR UA 90 -99.96 15.91 16.04
N PRO UA 91 -99.66 14.60 15.90
CA PRO UA 91 -98.88 14.17 14.73
C PRO UA 91 -99.67 14.21 13.44
N GLU UA 92 -100.99 14.24 13.50
CA GLU UA 92 -101.79 14.36 12.28
C GLU UA 92 -101.74 15.79 11.74
N ALA UA 93 -101.72 16.79 12.62
CA ALA UA 93 -101.60 18.17 12.17
C ALA UA 93 -100.17 18.48 11.76
N GLN UA 94 -99.20 17.75 12.32
CA GLN UA 94 -97.82 17.91 11.86
C GLN UA 94 -97.62 17.26 10.50
N ALA UA 95 -98.30 16.12 10.27
CA ALA UA 95 -98.23 15.48 8.96
C ALA UA 95 -98.99 16.28 7.91
N SER UA 96 -100.02 17.02 8.33
CA SER UA 96 -100.77 17.85 7.39
C SER UA 96 -100.02 19.14 7.09
N ALA UA 97 -99.17 19.59 8.02
CA ALA UA 97 -98.45 20.84 7.81
C ALA UA 97 -97.22 20.63 6.93
N VAL UA 98 -96.59 19.46 7.04
CA VAL UA 98 -95.39 19.19 6.24
C VAL UA 98 -95.78 18.94 4.79
N ILE UA 99 -97.00 18.49 4.55
CA ILE UA 99 -97.50 18.41 3.18
C ILE UA 99 -97.83 19.81 2.66
N GLY UA 100 -98.66 20.54 3.39
CA GLY UA 100 -99.04 21.88 3.02
C GLY UA 100 -99.97 21.87 1.82
N GLY UA 101 -99.90 22.95 1.05
CA GLY UA 101 -100.73 23.06 -0.14
C GLY UA 101 -100.97 24.51 -0.49
N ILE UA 102 -102.17 24.78 -0.99
CA ILE UA 102 -102.55 26.10 -1.45
C ILE UA 102 -103.38 26.84 -0.40
N SER UA 103 -103.25 26.45 0.87
CA SER UA 103 -104.04 27.03 1.96
C SER UA 103 -103.62 28.45 2.33
N ALA UA 104 -102.59 29.00 1.70
CA ALA UA 104 -102.23 30.41 1.88
C ALA UA 104 -103.08 31.27 0.96
N ALA UA 105 -102.74 32.55 0.84
CA ALA UA 105 -103.47 33.43 -0.07
C ALA UA 105 -103.15 33.10 -1.53
N GLY UA 106 -101.88 33.22 -1.91
CA GLY UA 106 -101.46 32.84 -3.24
C GLY UA 106 -100.12 32.13 -3.24
N GLU UA 107 -99.84 31.42 -2.16
CA GLU UA 107 -98.54 30.77 -1.97
C GLU UA 107 -98.73 29.28 -1.80
N ARG UA 108 -97.61 28.56 -1.89
CA ARG UA 108 -97.55 27.12 -1.65
C ARG UA 108 -96.81 26.88 -0.34
N THR UA 109 -97.37 26.03 0.51
CA THR UA 109 -96.79 25.72 1.81
C THR UA 109 -96.39 24.27 1.88
N GLY UA 110 -95.55 23.95 2.86
CA GLY UA 110 -95.14 22.57 3.09
C GLY UA 110 -94.19 22.05 2.05
N LEU UA 111 -94.43 20.82 1.56
CA LEU UA 111 -93.62 20.28 0.48
C LEU UA 111 -93.90 20.99 -0.84
N GLN UA 112 -95.08 21.60 -0.98
CA GLN UA 112 -95.49 22.22 -2.23
C GLN UA 112 -94.64 23.44 -2.58
N ALA UA 113 -93.98 24.05 -1.60
CA ALA UA 113 -93.09 25.17 -1.88
C ALA UA 113 -91.79 24.73 -2.54
N LEU UA 114 -91.51 23.42 -2.61
CA LEU UA 114 -90.38 22.94 -3.39
C LEU UA 114 -90.66 22.98 -4.88
N LEU UA 115 -91.93 23.09 -5.29
CA LEU UA 115 -92.25 23.30 -6.69
C LEU UA 115 -91.87 24.70 -7.16
N ASP UA 116 -91.64 25.62 -6.24
CA ASP UA 116 -91.14 26.96 -6.54
C ASP UA 116 -89.63 27.04 -6.51
N GLY UA 117 -88.94 25.93 -6.81
CA GLY UA 117 -87.49 25.92 -6.87
C GLY UA 117 -86.95 26.78 -7.99
N LYS UA 118 -87.35 26.48 -9.23
CA LYS UA 118 -87.09 27.41 -10.31
C LYS UA 118 -88.04 28.61 -10.21
N SER UA 119 -87.68 29.68 -10.94
CA SER UA 119 -88.32 30.99 -10.99
C SER UA 119 -88.27 31.75 -9.65
N ARG UA 120 -87.58 31.19 -8.67
CA ARG UA 120 -87.21 31.82 -7.41
C ARG UA 120 -85.72 31.67 -7.12
N PHE UA 121 -85.16 30.50 -7.41
CA PHE UA 121 -83.78 30.16 -7.05
C PHE UA 121 -82.96 29.66 -8.23
N ASN UA 122 -83.60 29.32 -9.36
CA ASN UA 122 -83.01 28.61 -10.49
C ASN UA 122 -82.36 27.30 -10.03
N ALA UA 123 -83.15 26.50 -9.31
CA ALA UA 123 -82.71 25.19 -8.84
C ALA UA 123 -83.95 24.32 -8.67
N GLN UA 124 -84.23 23.47 -9.67
CA GLN UA 124 -85.37 22.57 -9.61
C GLN UA 124 -84.96 21.31 -8.87
N PRO UA 125 -85.53 21.02 -7.69
CA PRO UA 125 -85.01 19.94 -6.84
C PRO UA 125 -85.21 18.57 -7.45
N ARG UA 126 -84.13 17.81 -7.56
CA ARG UA 126 -84.18 16.45 -8.05
C ARG UA 126 -84.05 15.41 -6.95
N LEU UA 127 -83.83 15.83 -5.72
CA LEU UA 127 -83.72 14.93 -4.58
C LEU UA 127 -84.68 15.43 -3.51
N LEU UA 128 -85.71 14.66 -3.22
CA LEU UA 128 -86.78 15.05 -2.32
C LEU UA 128 -86.67 14.24 -1.03
N VAL UA 129 -86.47 14.93 0.09
CA VAL UA 129 -86.36 14.28 1.39
C VAL UA 129 -87.18 15.03 2.42
N ALA UA 130 -87.67 14.28 3.40
CA ALA UA 130 -88.23 14.83 4.63
C ALA UA 130 -87.92 13.81 5.72
N PRO UA 131 -86.81 14.00 6.44
CA PRO UA 131 -86.33 12.96 7.36
C PRO UA 131 -87.21 12.80 8.58
N GLY UA 132 -87.75 11.60 8.76
CA GLY UA 132 -88.63 11.32 9.87
C GLY UA 132 -90.09 11.37 9.46
N HIS UA 133 -90.43 12.34 8.59
CA HIS UA 133 -91.80 12.49 8.16
C HIS UA 133 -92.16 11.51 7.06
N SER UA 134 -91.16 10.93 6.40
CA SER UA 134 -91.43 9.99 5.31
C SER UA 134 -91.89 8.64 5.83
N ALA UA 135 -91.74 8.39 7.14
CA ALA UA 135 -92.24 7.15 7.72
C ALA UA 135 -93.77 7.15 7.79
N GLN UA 136 -94.39 8.32 7.75
CA GLN UA 136 -95.83 8.40 7.69
C GLN UA 136 -96.33 8.07 6.29
N GLN UA 137 -97.54 7.49 6.23
CA GLN UA 137 -98.08 7.07 4.95
C GLN UA 137 -98.60 8.26 4.14
N ALA UA 138 -99.26 9.20 4.80
CA ALA UA 138 -99.89 10.31 4.08
C ALA UA 138 -98.86 11.30 3.58
N VAL UA 139 -97.73 11.43 4.28
CA VAL UA 139 -96.68 12.34 3.84
C VAL UA 139 -95.93 11.74 2.66
N ALA UA 140 -95.71 10.43 2.68
CA ALA UA 140 -94.95 9.77 1.62
C ALA UA 140 -95.74 9.72 0.32
N THR UA 141 -97.07 9.71 0.41
CA THR UA 141 -97.89 9.77 -0.79
C THR UA 141 -97.87 11.18 -1.40
N ALA UA 142 -97.83 12.21 -0.55
CA ALA UA 142 -97.61 13.55 -1.05
C ALA UA 142 -96.18 13.75 -1.48
N MET UA 143 -95.25 13.02 -0.86
CA MET UA 143 -93.88 12.97 -1.36
C MET UA 143 -93.81 12.24 -2.70
N ASP UA 144 -94.68 11.26 -2.90
CA ASP UA 144 -94.75 10.53 -4.16
C ASP UA 144 -95.22 11.43 -5.29
N GLY UA 145 -96.43 11.97 -5.15
CA GLY UA 145 -97.07 12.73 -6.23
C GLY UA 145 -96.38 14.03 -6.56
N LEU UA 146 -95.57 14.56 -5.66
CA LEU UA 146 -94.77 15.73 -5.97
C LEU UA 146 -93.52 15.38 -6.77
N ALA UA 147 -93.13 14.11 -6.80
CA ALA UA 147 -91.94 13.72 -7.57
C ALA UA 147 -92.25 13.58 -9.05
N GLU UA 148 -93.43 13.07 -9.41
CA GLU UA 148 -93.78 13.00 -10.83
C GLU UA 148 -94.11 14.36 -11.41
N LYS UA 149 -94.50 15.32 -10.57
CA LYS UA 149 -94.65 16.69 -11.04
C LYS UA 149 -93.32 17.39 -11.21
N LEU UA 150 -92.25 16.85 -10.63
CA LEU UA 150 -90.97 17.53 -10.57
C LEU UA 150 -89.85 16.72 -11.22
N ARG UA 151 -90.13 15.48 -11.62
CA ARG UA 151 -89.16 14.54 -12.21
C ARG UA 151 -87.94 14.35 -11.31
N ALA UA 152 -88.23 13.87 -10.10
CA ALA UA 152 -87.25 13.82 -9.02
C ALA UA 152 -87.28 12.46 -8.35
N ILE UA 153 -86.20 12.13 -7.67
CA ILE UA 153 -86.12 10.94 -6.84
C ILE UA 153 -86.47 11.34 -5.42
N ALA UA 154 -87.54 10.75 -4.89
CA ALA UA 154 -88.03 11.04 -3.55
C ALA UA 154 -87.55 9.95 -2.61
N ILE UA 155 -86.67 10.30 -1.68
CA ILE UA 155 -86.08 9.35 -0.76
C ILE UA 155 -86.98 9.22 0.46
N LEU UA 156 -87.51 8.03 0.70
CA LEU UA 156 -88.43 7.79 1.79
C LEU UA 156 -87.69 7.18 2.97
N ASP UA 157 -88.45 6.86 4.02
CA ASP UA 157 -87.91 6.23 5.21
C ASP UA 157 -88.68 4.98 5.58
N GLY UA 158 -88.38 4.43 6.74
CA GLY UA 158 -89.18 3.41 7.35
C GLY UA 158 -89.30 3.68 8.83
N PRO UA 159 -89.98 2.81 9.55
CA PRO UA 159 -90.03 2.93 11.01
C PRO UA 159 -88.73 2.46 11.65
N ASN UA 160 -88.63 2.67 12.95
CA ASN UA 160 -87.51 2.17 13.73
C ASN UA 160 -87.63 0.67 14.01
N SER UA 161 -88.79 0.07 13.70
CA SER UA 161 -89.08 -1.29 14.10
C SER UA 161 -88.42 -2.28 13.15
N THR UA 162 -88.83 -3.55 13.26
CA THR UA 162 -88.14 -4.68 12.65
C THR UA 162 -88.31 -4.71 11.13
N ASP UA 163 -87.75 -5.75 10.52
CA ASP UA 163 -87.76 -5.87 9.07
C ASP UA 163 -89.14 -6.16 8.50
N GLU UA 164 -89.99 -6.86 9.28
CA GLU UA 164 -91.32 -7.20 8.79
C GLU UA 164 -92.20 -5.96 8.68
N ALA UA 165 -92.06 -5.02 9.60
CA ALA UA 165 -92.84 -3.78 9.54
C ALA UA 165 -92.24 -2.76 8.58
N ALA UA 166 -91.07 -3.03 8.00
CA ALA UA 166 -90.52 -2.20 6.95
C ALA UA 166 -90.82 -2.72 5.55
N VAL UA 167 -90.90 -4.04 5.40
CA VAL UA 167 -91.35 -4.62 4.14
C VAL UA 167 -92.84 -4.30 3.91
N ALA UA 168 -93.63 -4.32 4.98
CA ALA UA 168 -95.06 -4.05 4.86
C ALA UA 168 -95.31 -2.58 4.57
N TYR UA 169 -94.37 -1.71 4.89
CA TYR UA 169 -94.51 -0.30 4.54
C TYR UA 169 -94.19 -0.06 3.08
N ALA UA 170 -93.50 -1.01 2.44
CA ALA UA 170 -93.08 -0.80 1.05
C ALA UA 170 -93.98 -1.53 0.06
N LYS UA 171 -94.95 -2.30 0.57
CA LYS UA 171 -95.80 -3.07 -0.33
C LYS UA 171 -96.85 -2.19 -1.01
N ASN UA 172 -97.33 -1.17 -0.30
CA ASN UA 172 -98.38 -0.32 -0.87
C ASN UA 172 -97.82 0.71 -1.84
N PHE UA 173 -96.50 0.87 -1.90
CA PHE UA 173 -95.86 1.72 -2.88
C PHE UA 173 -95.50 0.89 -4.11
N GLY UA 174 -94.60 1.39 -4.96
CA GLY UA 174 -94.34 0.75 -6.22
C GLY UA 174 -94.54 1.68 -7.40
N SER UA 175 -94.27 2.96 -7.17
CA SER UA 175 -94.55 4.04 -8.12
C SER UA 175 -93.28 4.70 -8.66
N LYS UA 176 -92.26 3.89 -8.95
CA LYS UA 176 -91.11 4.15 -9.82
C LYS UA 176 -90.23 5.36 -9.46
N ARG UA 177 -90.53 6.07 -8.38
CA ARG UA 177 -89.78 7.27 -8.03
C ARG UA 177 -89.33 7.28 -6.58
N LEU UA 178 -89.63 6.24 -5.81
CA LEU UA 178 -89.46 6.24 -4.37
C LEU UA 178 -88.27 5.35 -4.01
N PHE UA 179 -87.45 5.83 -3.09
CA PHE UA 179 -86.24 5.14 -2.67
C PHE UA 179 -86.27 5.04 -1.16
N MET UA 180 -86.46 3.83 -0.65
CA MET UA 180 -86.68 3.62 0.78
C MET UA 180 -85.39 3.10 1.43
N VAL UA 181 -85.02 3.70 2.56
CA VAL UA 181 -83.87 3.29 3.36
C VAL UA 181 -84.40 3.10 4.78
N ASP UA 182 -84.66 1.86 5.17
CA ASP UA 182 -85.22 1.62 6.50
C ASP UA 182 -84.34 1.70 7.76
N PRO UA 183 -83.04 1.35 7.79
CA PRO UA 183 -82.36 1.29 9.10
C PRO UA 183 -82.08 2.69 9.64
N GLY UA 184 -82.47 2.92 10.89
CA GLY UA 184 -82.24 4.19 11.54
C GLY UA 184 -80.78 4.43 11.81
N VAL UA 185 -80.18 5.37 11.08
CA VAL UA 185 -78.78 5.70 11.26
C VAL UA 185 -78.61 6.47 12.57
N GLN UA 186 -77.92 5.87 13.53
CA GLN UA 186 -77.60 6.57 14.77
C GLN UA 186 -76.21 7.19 14.64
N VAL UA 187 -76.07 8.41 15.15
CA VAL UA 187 -74.89 9.23 14.90
C VAL UA 187 -74.50 9.95 16.18
N TRP UA 188 -73.20 10.05 16.42
CA TRP UA 188 -72.68 10.81 17.55
C TRP UA 188 -72.85 12.30 17.33
N ASP UA 189 -73.08 13.04 18.42
CA ASP UA 189 -73.08 14.49 18.38
C ASP UA 189 -72.16 15.04 19.45
N SER UA 190 -71.75 16.29 19.26
CA SER UA 190 -70.86 16.97 20.21
C SER UA 190 -71.59 17.86 21.20
N ALA UA 191 -72.90 18.05 21.03
CA ALA UA 191 -73.65 18.91 21.93
C ALA UA 191 -73.89 18.25 23.28
N THR UA 192 -74.60 17.12 23.28
CA THR UA 192 -74.93 16.41 24.50
C THR UA 192 -74.01 15.23 24.76
N ASN UA 193 -73.08 14.95 23.85
CA ASN UA 193 -72.11 13.85 23.93
C ASN UA 193 -72.80 12.49 24.09
N ALA UA 194 -73.65 12.17 23.12
CA ALA UA 194 -74.41 10.94 23.11
C ALA UA 194 -74.62 10.52 21.66
N ALA UA 195 -75.54 9.59 21.43
CA ALA UA 195 -75.84 9.09 20.10
C ALA UA 195 -77.28 9.44 19.74
N ARG UA 196 -77.45 10.20 18.66
CA ARG UA 196 -78.79 10.57 18.20
C ARG UA 196 -79.37 9.43 17.36
N ASN UA 197 -80.49 9.69 16.69
CA ASN UA 197 -81.11 8.72 15.77
C ASN UA 197 -81.59 9.50 14.55
N ALA UA 198 -80.73 9.62 13.56
CA ALA UA 198 -81.11 10.33 12.35
C ALA UA 198 -81.88 9.41 11.42
N PRO UA 199 -82.98 9.89 10.82
CA PRO UA 199 -83.81 8.99 10.01
C PRO UA 199 -83.36 8.80 8.57
N ALA UA 200 -82.04 8.63 8.34
CA ALA UA 200 -81.46 8.00 7.16
C ALA UA 200 -81.74 8.65 5.80
N SER UA 201 -82.42 9.79 5.76
CA SER UA 201 -82.76 10.40 4.48
C SER UA 201 -81.67 11.33 3.98
N ALA UA 202 -81.16 12.20 4.86
CA ALA UA 202 -80.16 13.17 4.45
C ALA UA 202 -78.82 12.53 4.12
N TYR UA 203 -78.54 11.36 4.68
CA TYR UA 203 -77.30 10.67 4.34
C TYR UA 203 -77.36 10.07 2.94
N ALA UA 204 -78.53 9.58 2.54
CA ALA UA 204 -78.69 9.11 1.16
C ALA UA 204 -78.88 10.28 0.20
N ALA UA 205 -79.41 11.40 0.68
CA ALA UA 205 -79.55 12.58 -0.18
C ALA UA 205 -78.20 13.23 -0.44
N GLY UA 206 -77.35 13.31 0.58
CA GLY UA 206 -75.98 13.76 0.38
C GLY UA 206 -75.11 12.78 -0.35
N LEU UA 207 -75.57 11.54 -0.52
CA LEU UA 207 -74.82 10.55 -1.29
C LEU UA 207 -75.25 10.52 -2.74
N PHE UA 208 -76.52 10.83 -3.03
CA PHE UA 208 -76.93 10.96 -4.42
C PHE UA 208 -76.31 12.20 -5.05
N ALA UA 209 -76.19 13.28 -4.27
CA ALA UA 209 -75.55 14.49 -4.78
C ALA UA 209 -74.04 14.37 -4.84
N TRP UA 210 -73.47 13.40 -4.12
CA TRP UA 210 -72.02 13.21 -4.18
C TRP UA 210 -71.61 12.42 -5.40
N THR UA 211 -72.37 11.38 -5.73
CA THR UA 211 -72.02 10.53 -6.87
C THR UA 211 -72.30 11.19 -8.20
N ASP UA 212 -73.00 12.32 -8.23
CA ASP UA 212 -73.18 13.08 -9.45
C ASP UA 212 -72.04 14.06 -9.69
N ALA UA 213 -71.16 14.25 -8.70
CA ALA UA 213 -70.11 15.24 -8.83
C ALA UA 213 -68.97 14.72 -9.70
N GLU UA 214 -68.50 13.50 -9.47
CA GLU UA 214 -67.43 12.93 -10.28
C GLU UA 214 -67.74 11.57 -10.87
N TYR UA 215 -68.65 10.80 -10.29
CA TYR UA 215 -69.05 9.53 -10.88
C TYR UA 215 -70.19 9.69 -11.88
N GLY UA 216 -70.84 10.84 -11.91
CA GLY UA 216 -71.90 11.10 -12.85
C GLY UA 216 -73.23 10.54 -12.41
N PHE UA 217 -74.30 11.05 -13.03
CA PHE UA 217 -75.64 10.60 -12.73
C PHE UA 217 -75.93 9.21 -13.29
N TRP UA 218 -75.17 8.78 -14.29
CA TRP UA 218 -75.33 7.44 -14.84
C TRP UA 218 -74.89 6.35 -13.88
N SER UA 219 -74.00 6.66 -12.94
CA SER UA 219 -73.46 5.67 -12.03
C SER UA 219 -74.45 5.39 -10.90
N SER UA 220 -74.27 4.22 -10.27
CA SER UA 220 -75.13 3.82 -9.17
C SER UA 220 -74.48 4.18 -7.84
N PRO UA 221 -75.21 4.83 -6.95
CA PRO UA 221 -74.73 5.05 -5.57
C PRO UA 221 -75.18 3.97 -4.59
N SER UA 222 -74.87 2.71 -4.91
CA SER UA 222 -75.35 1.59 -4.10
C SER UA 222 -74.22 0.79 -3.46
N ASN UA 223 -72.98 1.28 -3.51
CA ASN UA 223 -71.93 0.73 -2.67
C ASN UA 223 -71.01 1.86 -2.21
N LYS UA 224 -71.54 3.05 -2.01
CA LYS UA 224 -70.72 4.21 -1.74
C LYS UA 224 -70.61 4.47 -0.24
N GLU UA 225 -69.56 5.18 0.13
CA GLU UA 225 -69.24 5.44 1.53
C GLU UA 225 -70.08 6.60 2.05
N ILE UA 226 -70.27 6.65 3.37
CA ILE UA 226 -71.00 7.73 4.03
C ILE UA 226 -70.09 8.33 5.10
N LYS UA 227 -69.90 9.64 5.06
CA LYS UA 227 -69.12 10.31 6.10
C LYS UA 227 -70.02 10.90 7.17
N GLY UA 228 -69.44 11.08 8.35
CA GLY UA 228 -70.13 11.65 9.50
C GLY UA 228 -71.24 10.75 10.01
N VAL UA 229 -70.87 9.60 10.56
CA VAL UA 229 -71.82 8.52 10.74
C VAL UA 229 -71.27 7.54 11.77
N THR UA 230 -72.17 6.83 12.45
CA THR UA 230 -71.85 5.69 13.28
C THR UA 230 -72.86 4.63 12.86
N GLY UA 231 -73.04 3.60 13.69
CA GLY UA 231 -73.87 2.45 13.37
C GLY UA 231 -75.34 2.69 13.08
N THR UA 232 -76.08 1.62 12.83
CA THR UA 232 -77.50 1.75 12.59
C THR UA 232 -78.28 1.40 13.85
N SER UA 233 -79.59 1.66 13.81
CA SER UA 233 -80.45 1.27 14.93
C SER UA 233 -80.61 -0.24 14.98
N ARG UA 234 -80.73 -0.87 13.82
CA ARG UA 234 -80.81 -2.32 13.71
C ARG UA 234 -79.65 -2.83 12.87
N PRO UA 235 -79.03 -3.94 13.25
CA PRO UA 235 -78.03 -4.54 12.38
C PRO UA 235 -78.66 -5.14 11.13
N VAL UA 236 -77.96 -4.99 10.01
CA VAL UA 236 -78.36 -5.59 8.76
C VAL UA 236 -77.10 -5.85 7.94
N GLU UA 237 -76.93 -7.10 7.52
CA GLU UA 237 -75.70 -7.55 6.89
C GLU UA 237 -76.05 -8.36 5.65
N PHE UA 238 -75.12 -8.37 4.70
CA PHE UA 238 -75.23 -9.26 3.55
C PHE UA 238 -74.29 -10.44 3.73
N LEU UA 239 -74.83 -11.64 3.59
CA LEU UA 239 -74.06 -12.87 3.57
C LEU UA 239 -74.46 -13.63 2.30
N ASP UA 240 -73.91 -14.82 2.11
CA ASP UA 240 -74.12 -15.56 0.87
C ASP UA 240 -74.60 -16.97 1.19
N GLY UA 241 -75.37 -17.52 0.26
CA GLY UA 241 -75.83 -18.91 0.36
C GLY UA 241 -77.33 -19.03 0.24
N ASP UA 242 -77.98 -17.91 -0.13
CA ASP UA 242 -79.44 -17.81 -0.31
C ASP UA 242 -80.19 -18.20 0.96
N GLU UA 243 -79.71 -17.69 2.09
CA GLU UA 243 -80.39 -17.89 3.36
C GLU UA 243 -81.23 -16.64 3.67
N THR UA 244 -81.75 -16.58 4.89
CA THR UA 244 -82.49 -15.40 5.35
C THR UA 244 -81.51 -14.32 5.79
N CYS UA 245 -80.86 -13.71 4.79
CA CYS UA 245 -80.04 -12.53 5.05
C CYS UA 245 -80.96 -11.35 5.33
N ARG UA 246 -80.53 -10.47 6.24
CA ARG UA 246 -81.32 -9.28 6.47
C ARG UA 246 -81.20 -8.28 5.33
N ALA UA 247 -80.10 -8.30 4.59
CA ALA UA 247 -79.97 -7.43 3.43
C ALA UA 247 -80.82 -7.96 2.28
N ASN UA 248 -80.75 -9.27 2.02
CA ASN UA 248 -81.43 -9.86 0.88
C ASN UA 248 -82.94 -9.87 1.09
N LEU UA 249 -83.39 -9.93 2.33
CA LEU UA 249 -84.82 -9.81 2.62
C LEU UA 249 -85.31 -8.40 2.35
N LEU UA 250 -84.42 -7.40 2.46
CA LEU UA 250 -84.83 -6.02 2.28
C LEU UA 250 -84.54 -5.53 0.86
N ASN UA 251 -83.58 -6.15 0.16
CA ASN UA 251 -83.40 -5.82 -1.24
C ASN UA 251 -84.54 -6.38 -2.08
N ASN UA 252 -85.04 -7.57 -1.73
CA ASN UA 252 -86.15 -8.16 -2.47
C ASN UA 252 -87.46 -7.42 -2.22
N ALA UA 253 -87.55 -6.65 -1.14
CA ALA UA 253 -88.65 -5.72 -0.93
C ALA UA 253 -88.35 -4.34 -1.47
N ASN UA 254 -87.28 -4.20 -2.26
CA ASN UA 254 -86.87 -2.96 -2.95
C ASN UA 254 -86.56 -1.84 -1.96
N ILE UA 255 -85.82 -2.17 -0.90
CA ILE UA 255 -85.47 -1.22 0.15
C ILE UA 255 -83.95 -1.22 0.32
N ALA UA 256 -83.36 -0.03 0.41
CA ALA UA 256 -81.93 0.08 0.65
C ALA UA 256 -81.60 -0.13 2.13
N THR UA 257 -80.41 -0.65 2.39
CA THR UA 257 -79.93 -0.88 3.75
C THR UA 257 -78.57 -0.20 3.90
N ILE UA 258 -77.91 -0.50 5.03
CA ILE UA 258 -76.56 -0.05 5.33
C ILE UA 258 -75.78 -1.26 5.85
N ILE UA 259 -74.63 -1.54 5.24
CA ILE UA 259 -74.03 -2.86 5.41
C ILE UA 259 -72.88 -2.93 6.40
N ARG UA 260 -71.78 -2.23 6.12
CA ARG UA 260 -70.55 -2.49 6.86
C ARG UA 260 -70.53 -1.65 8.14
N ASP UA 261 -69.36 -1.55 8.77
CA ASP UA 261 -69.25 -1.03 10.14
C ASP UA 261 -69.54 0.46 10.21
N ASP UA 262 -70.42 0.81 11.15
CA ASP UA 262 -70.67 2.18 11.59
C ASP UA 262 -71.13 3.07 10.43
N GLY UA 263 -72.11 2.58 9.67
CA GLY UA 263 -72.68 3.36 8.60
C GLY UA 263 -71.76 3.49 7.41
N TYR UA 264 -71.13 2.39 7.01
CA TYR UA 264 -70.02 2.50 6.07
C TYR UA 264 -70.49 2.52 4.61
N ARG UA 265 -71.58 1.84 4.27
CA ARG UA 265 -72.03 1.77 2.89
C ARG UA 265 -73.54 1.96 2.80
N LEU UA 266 -74.01 2.24 1.59
CA LEU UA 266 -75.40 2.13 1.20
C LEU UA 266 -75.51 0.91 0.28
N TRP UA 267 -76.72 0.38 0.10
CA TRP UA 267 -76.85 -0.95 -0.47
C TRP UA 267 -77.98 -1.10 -1.49
N GLY UA 268 -78.77 -0.05 -1.74
CA GLY UA 268 -79.89 -0.25 -2.63
C GLY UA 268 -79.72 0.26 -4.05
N ASN UA 269 -80.00 -0.61 -5.03
CA ASN UA 269 -80.06 -0.22 -6.43
C ASN UA 269 -81.46 0.05 -6.93
N ARG UA 270 -82.50 -0.50 -6.31
CA ARG UA 270 -83.81 -0.57 -6.93
C ARG UA 270 -84.80 0.35 -6.23
N THR UA 271 -85.58 1.06 -7.03
CA THR UA 271 -86.65 1.91 -6.53
C THR UA 271 -87.84 1.06 -6.12
N LEU UA 272 -88.77 1.68 -5.39
CA LEU UA 272 -90.07 1.10 -5.19
C LEU UA 272 -90.85 1.22 -6.49
N SER UA 273 -90.86 0.16 -7.29
CA SER UA 273 -91.48 0.20 -8.61
C SER UA 273 -92.16 -1.13 -8.88
N SER UA 274 -93.47 -1.07 -9.14
CA SER UA 274 -94.18 -2.28 -9.54
C SER UA 274 -93.91 -2.65 -11.00
N ASP UA 275 -93.37 -1.72 -11.78
CA ASP UA 275 -93.01 -1.99 -13.16
C ASP UA 275 -91.57 -2.51 -13.19
N SER UA 276 -91.36 -3.61 -13.92
CA SER UA 276 -90.05 -4.24 -13.94
C SER UA 276 -89.04 -3.47 -14.79
N LYS UA 277 -89.50 -2.58 -15.66
CA LYS UA 277 -88.58 -1.82 -16.50
C LYS UA 277 -87.87 -0.75 -15.68
N TRP UA 278 -88.59 -0.08 -14.79
CA TRP UA 278 -88.07 1.05 -14.02
C TRP UA 278 -87.62 0.63 -12.64
N ALA UA 279 -87.01 -0.56 -12.53
CA ALA UA 279 -86.60 -1.08 -11.22
C ALA UA 279 -85.45 -0.27 -10.64
N PHE UA 280 -84.33 -0.21 -11.35
CA PHE UA 280 -83.10 0.38 -10.84
C PHE UA 280 -83.23 1.89 -10.67
N VAL UA 281 -82.42 2.44 -9.74
CA VAL UA 281 -82.39 3.88 -9.57
C VAL UA 281 -81.68 4.55 -10.74
N THR UA 282 -80.83 3.83 -11.45
CA THR UA 282 -80.03 4.46 -12.50
C THR UA 282 -80.87 4.75 -13.74
N ARG UA 283 -81.75 3.83 -14.13
CA ARG UA 283 -82.58 4.06 -15.29
C ARG UA 283 -83.61 5.17 -15.05
N VAL UA 284 -84.10 5.29 -13.82
CA VAL UA 284 -85.03 6.37 -13.50
C VAL UA 284 -84.30 7.70 -13.45
N ARG UA 285 -83.06 7.72 -12.94
CA ARG UA 285 -82.30 8.96 -12.92
C ARG UA 285 -81.79 9.34 -14.29
N THR UA 286 -81.36 8.37 -15.10
CA THR UA 286 -80.80 8.69 -16.41
C THR UA 286 -81.86 9.25 -17.35
N MET UA 287 -83.06 8.68 -17.33
CA MET UA 287 -84.15 9.22 -18.14
C MET UA 287 -84.59 10.59 -17.65
N ASP UA 288 -84.38 10.90 -16.38
CA ASP UA 288 -84.75 12.21 -15.87
C ASP UA 288 -83.61 13.22 -15.91
N LEU UA 289 -82.36 12.78 -16.07
CA LEU UA 289 -81.23 13.69 -16.05
C LEU UA 289 -80.45 13.75 -17.37
N VAL UA 290 -80.85 13.02 -18.40
CA VAL UA 290 -80.37 13.34 -19.74
C VAL UA 290 -81.30 14.31 -20.45
N MET UA 291 -82.50 14.52 -19.93
CA MET UA 291 -83.44 15.42 -20.58
C MET UA 291 -83.23 16.87 -20.16
N ASP UA 292 -82.96 17.13 -18.88
CA ASP UA 292 -82.59 18.48 -18.50
C ASP UA 292 -81.20 18.84 -18.99
N ALA UA 293 -80.35 17.85 -19.28
CA ALA UA 293 -79.11 18.10 -19.99
C ALA UA 293 -79.33 18.39 -21.47
N ILE UA 294 -80.53 18.09 -21.98
CA ILE UA 294 -80.91 18.43 -23.33
C ILE UA 294 -81.83 19.66 -23.36
N LEU UA 295 -82.87 19.68 -22.51
CA LEU UA 295 -83.79 20.81 -22.47
C LEU UA 295 -83.11 22.10 -21.99
N ALA UA 296 -82.05 21.98 -21.20
CA ALA UA 296 -81.07 23.06 -21.12
C ALA UA 296 -80.00 22.77 -22.15
N GLY UA 297 -79.65 23.78 -22.94
CA GLY UA 297 -79.04 23.57 -24.23
C GLY UA 297 -80.04 23.54 -25.37
N HIS UA 298 -81.32 23.40 -25.05
CA HIS UA 298 -82.43 23.64 -25.96
C HIS UA 298 -83.48 24.51 -25.28
N LYS UA 299 -83.03 25.61 -24.69
CA LYS UA 299 -83.95 26.70 -24.35
C LYS UA 299 -84.53 27.30 -25.62
N TRP UA 300 -83.77 27.25 -26.72
CA TRP UA 300 -84.27 27.49 -28.06
C TRP UA 300 -85.05 26.26 -28.53
N ALA UA 301 -85.39 26.24 -29.82
CA ALA UA 301 -86.25 25.22 -30.46
C ALA UA 301 -87.62 25.13 -29.79
N VAL UA 302 -88.09 26.26 -29.27
CA VAL UA 302 -89.46 26.43 -28.78
C VAL UA 302 -89.82 27.91 -28.94
N ASP UA 303 -91.00 28.16 -29.53
CA ASP UA 303 -91.48 29.49 -29.91
C ASP UA 303 -90.52 30.21 -30.85
N ARG UA 304 -89.80 29.46 -31.69
CA ARG UA 304 -88.90 30.05 -32.66
C ARG UA 304 -89.60 30.36 -33.98
N GLY UA 305 -90.15 29.33 -34.62
CA GLY UA 305 -90.67 29.47 -35.97
C GLY UA 305 -90.10 28.39 -36.85
N ILE UA 306 -90.97 27.59 -37.47
CA ILE UA 306 -90.57 26.39 -38.16
C ILE UA 306 -90.25 26.73 -39.61
N THR UA 307 -88.97 26.65 -39.96
CA THR UA 307 -88.52 26.80 -41.33
C THR UA 307 -88.53 25.43 -42.01
N LYS UA 308 -87.92 25.35 -43.19
CA LYS UA 308 -87.89 24.08 -43.91
C LYS UA 308 -86.95 23.08 -43.25
N THR UA 309 -85.74 23.52 -42.92
CA THR UA 309 -84.76 22.67 -42.23
C THR UA 309 -84.76 22.91 -40.72
N TYR UA 310 -85.91 23.27 -40.15
CA TYR UA 310 -86.01 23.45 -38.72
C TYR UA 310 -85.87 22.12 -37.98
N VAL UA 311 -86.52 21.08 -38.50
CA VAL UA 311 -86.48 19.77 -37.86
C VAL UA 311 -85.09 19.16 -37.98
N LYS UA 312 -84.43 19.37 -39.11
CA LYS UA 312 -83.11 18.77 -39.34
C LYS UA 312 -82.03 19.45 -38.51
N ASP UA 313 -82.11 20.77 -38.32
CA ASP UA 313 -81.06 21.49 -37.61
C ASP UA 313 -81.08 21.27 -36.11
N VAL UA 314 -82.13 20.66 -35.56
CA VAL UA 314 -82.18 20.41 -34.12
C VAL UA 314 -81.98 18.91 -33.87
N THR UA 315 -82.37 18.06 -34.83
CA THR UA 315 -82.06 16.65 -34.68
C THR UA 315 -80.61 16.33 -34.97
N GLU UA 316 -79.87 17.26 -35.57
CA GLU UA 316 -78.42 17.21 -35.60
C GLU UA 316 -77.80 17.92 -34.40
N GLY UA 317 -78.62 18.60 -33.61
CA GLY UA 317 -78.17 19.22 -32.39
C GLY UA 317 -78.50 18.36 -31.19
N LEU UA 318 -79.50 17.50 -31.33
CA LEU UA 318 -79.75 16.49 -30.31
C LEU UA 318 -78.69 15.41 -30.36
N ARG UA 319 -78.20 15.07 -31.55
CA ARG UA 319 -77.12 14.10 -31.67
C ARG UA 319 -75.82 14.64 -31.11
N ALA UA 320 -75.54 15.93 -31.34
CA ALA UA 320 -74.30 16.52 -30.88
C ALA UA 320 -74.29 16.69 -29.37
N PHE UA 321 -75.46 16.84 -28.74
CA PHE UA 321 -75.58 16.86 -27.30
C PHE UA 321 -75.87 15.48 -26.74
N MET UA 322 -75.53 14.43 -27.47
CA MET UA 322 -75.70 13.05 -27.01
C MET UA 322 -74.41 12.29 -27.26
N ARG UA 323 -73.63 12.73 -28.27
CA ARG UA 323 -72.32 12.13 -28.51
C ARG UA 323 -71.34 12.46 -27.39
N ASP UA 324 -71.50 13.62 -26.74
CA ASP UA 324 -70.68 13.89 -25.56
C ASP UA 324 -71.13 13.09 -24.35
N LEU UA 325 -72.39 12.68 -24.31
CA LEU UA 325 -72.84 11.78 -23.26
C LEU UA 325 -72.28 10.38 -23.45
N LYS UA 326 -72.11 9.94 -24.70
CA LYS UA 326 -71.37 8.71 -24.96
C LYS UA 326 -69.89 8.89 -24.66
N ASN UA 327 -69.37 10.11 -24.82
CA ASN UA 327 -67.96 10.37 -24.57
C ASN UA 327 -67.65 10.32 -23.09
N GLN UA 328 -68.54 10.84 -22.24
CA GLN UA 328 -68.33 10.80 -20.81
C GLN UA 328 -68.91 9.55 -20.16
N GLY UA 329 -69.35 8.57 -20.96
CA GLY UA 329 -69.78 7.31 -20.43
C GLY UA 329 -71.17 7.29 -19.83
N ALA UA 330 -72.02 8.25 -20.20
CA ALA UA 330 -73.36 8.30 -19.63
C ALA UA 330 -74.27 7.25 -20.25
N VAL UA 331 -74.17 7.04 -21.56
CA VAL UA 331 -75.01 6.09 -22.26
C VAL UA 331 -74.16 5.15 -23.08
N ILE UA 332 -74.77 4.04 -23.47
CA ILE UA 332 -74.28 3.21 -24.54
C ILE UA 332 -75.09 3.62 -25.77
N ASN UA 333 -74.71 3.08 -26.94
CA ASN UA 333 -75.06 3.59 -28.27
C ASN UA 333 -76.55 3.88 -28.45
N PHE UA 334 -76.83 5.04 -29.02
CA PHE UA 334 -78.16 5.65 -29.10
C PHE UA 334 -78.61 5.74 -30.54
N GLU UA 335 -79.80 6.31 -30.72
CA GLU UA 335 -80.25 6.79 -32.03
C GLU UA 335 -81.23 7.92 -31.82
N VAL UA 336 -81.04 9.01 -32.56
CA VAL UA 336 -81.90 10.18 -32.50
C VAL UA 336 -82.37 10.46 -33.93
N TYR UA 337 -83.68 10.46 -34.13
CA TYR UA 337 -84.22 10.69 -35.46
C TYR UA 337 -85.61 11.28 -35.33
N ALA UA 338 -85.98 12.09 -36.33
CA ALA UA 338 -87.30 12.68 -36.36
C ALA UA 338 -88.35 11.61 -36.67
N ASP UA 339 -89.51 11.76 -36.08
CA ASP UA 339 -90.60 10.81 -36.23
C ASP UA 339 -91.27 11.06 -37.58
N PRO UA 340 -91.20 10.11 -38.52
CA PRO UA 340 -91.65 10.41 -39.88
C PRO UA 340 -93.16 10.45 -40.04
N ASP UA 341 -93.89 9.63 -39.30
CA ASP UA 341 -95.33 9.53 -39.55
C ASP UA 341 -96.14 10.45 -38.66
N LEU UA 342 -95.62 10.80 -37.47
CA LEU UA 342 -96.35 11.72 -36.61
C LEU UA 342 -96.14 13.16 -37.04
N ASN UA 343 -95.00 13.48 -37.64
CA ASN UA 343 -94.79 14.81 -38.17
C ASN UA 343 -95.58 14.98 -39.46
N SER UA 344 -96.47 15.98 -39.48
CA SER UA 344 -97.34 16.21 -40.61
C SER UA 344 -97.60 17.70 -40.73
N ALA UA 345 -98.28 18.09 -41.81
CA ALA UA 345 -98.53 19.50 -42.05
C ALA UA 345 -99.61 20.04 -41.12
N SER UA 346 -100.52 19.16 -40.66
CA SER UA 346 -101.56 19.59 -39.74
C SER UA 346 -101.02 19.78 -38.34
N GLN UA 347 -99.91 19.11 -38.00
CA GLN UA 347 -99.31 19.28 -36.69
C GLN UA 347 -98.46 20.53 -36.63
N LEU UA 348 -98.00 21.02 -37.79
CA LEU UA 348 -97.19 22.23 -37.82
C LEU UA 348 -98.02 23.47 -37.55
N ALA UA 349 -99.30 23.43 -37.89
CA ALA UA 349 -100.17 24.59 -37.68
C ALA UA 349 -100.49 24.83 -36.23
N GLN UA 350 -100.28 23.85 -35.35
CA GLN UA 350 -100.47 24.00 -33.93
C GLN UA 350 -99.16 23.89 -33.15
N GLY UA 351 -98.02 23.89 -33.84
CA GLY UA 351 -96.73 23.95 -33.20
C GLY UA 351 -96.18 22.63 -32.70
N LYS UA 352 -96.80 21.51 -33.05
CA LYS UA 352 -96.38 20.21 -32.54
C LYS UA 352 -95.42 19.54 -33.52
N VAL UA 353 -94.26 19.16 -33.02
CA VAL UA 353 -93.22 18.47 -33.77
C VAL UA 353 -92.63 17.38 -32.89
N TYR UA 354 -92.28 16.25 -33.48
CA TYR UA 354 -91.97 15.05 -32.72
C TYR UA 354 -90.61 14.49 -33.11
N TRP UA 355 -89.90 13.97 -32.12
CA TRP UA 355 -88.62 13.27 -32.34
C TRP UA 355 -88.61 11.97 -31.55
N ASN UA 356 -87.65 11.12 -31.89
CA ASN UA 356 -87.46 9.84 -31.23
C ASN UA 356 -86.03 9.77 -30.73
N ILE UA 357 -85.86 9.72 -29.40
CA ILE UA 357 -84.56 9.84 -28.76
C ILE UA 357 -84.31 8.52 -28.05
N ARG UA 358 -84.69 7.41 -28.70
CA ARG UA 358 -84.42 6.06 -28.21
C ARG UA 358 -82.95 5.80 -27.92
N PHE UA 359 -82.60 5.59 -26.65
CA PHE UA 359 -81.25 5.28 -26.25
C PHE UA 359 -81.28 4.14 -25.24
N THR UA 360 -80.08 3.72 -24.82
CA THR UA 360 -79.93 2.73 -23.78
C THR UA 360 -78.96 3.25 -22.73
N ASP UA 361 -78.92 2.58 -21.59
CA ASP UA 361 -78.15 3.05 -20.45
C ASP UA 361 -77.33 1.90 -19.88
N VAL UA 362 -76.32 2.27 -19.09
CA VAL UA 362 -75.46 1.29 -18.43
C VAL UA 362 -76.22 0.63 -17.28
N PRO UA 363 -76.30 -0.69 -17.25
CA PRO UA 363 -76.91 -1.37 -16.11
C PRO UA 363 -75.93 -1.48 -14.96
N PRO UA 364 -76.35 -1.15 -13.74
CA PRO UA 364 -75.45 -1.28 -12.59
C PRO UA 364 -75.23 -2.74 -12.22
N ALA UA 365 -73.96 -3.09 -12.01
CA ALA UA 365 -73.57 -4.47 -11.73
C ALA UA 365 -73.94 -4.81 -10.29
N GLU UA 366 -75.21 -5.13 -10.08
CA GLU UA 366 -75.69 -5.42 -8.74
C GLU UA 366 -75.28 -6.82 -8.28
N ASN UA 367 -74.89 -7.67 -9.22
CA ASN UA 367 -74.59 -9.06 -8.89
C ASN UA 367 -73.37 -9.56 -9.65
N PRO UA 368 -72.15 -9.26 -9.22
CA PRO UA 368 -70.99 -9.94 -9.82
C PRO UA 368 -70.79 -11.34 -9.26
N ASN UA 369 -71.01 -12.35 -10.09
CA ASN UA 369 -70.88 -13.74 -9.68
C ASN UA 369 -69.46 -14.23 -10.00
N PHE UA 370 -68.83 -14.87 -9.03
CA PHE UA 370 -67.49 -15.42 -9.22
C PHE UA 370 -67.55 -16.93 -9.05
N ARG UA 371 -67.42 -17.66 -10.15
CA ARG UA 371 -67.47 -19.11 -10.15
C ARG UA 371 -66.06 -19.64 -9.88
N VAL UA 372 -65.89 -20.31 -8.75
CA VAL UA 372 -64.56 -20.57 -8.21
C VAL UA 372 -64.51 -21.98 -7.63
N GLU UA 373 -63.42 -22.70 -7.91
CA GLU UA 373 -63.14 -23.97 -7.23
C GLU UA 373 -61.66 -24.05 -6.91
N VAL UA 374 -61.32 -25.03 -6.08
CA VAL UA 374 -59.94 -25.36 -5.78
C VAL UA 374 -59.60 -26.64 -6.55
N THR UA 375 -58.82 -26.50 -7.61
CA THR UA 375 -58.48 -27.63 -8.45
C THR UA 375 -57.19 -28.26 -7.89
N ASP UA 376 -56.69 -29.30 -8.55
CA ASP UA 376 -55.36 -29.83 -8.32
C ASP UA 376 -54.57 -29.87 -9.62
N GLN UA 377 -54.80 -28.88 -10.49
CA GLN UA 377 -54.20 -28.92 -11.82
C GLN UA 377 -52.71 -28.56 -11.77
N TRP UA 378 -52.38 -27.39 -11.22
CA TRP UA 378 -50.99 -26.95 -11.14
C TRP UA 378 -50.32 -27.47 -9.87
N LEU UA 379 -50.45 -28.77 -9.62
CA LEU UA 379 -49.76 -29.41 -8.51
C LEU UA 379 -48.41 -29.97 -8.94
N THR UA 380 -48.24 -30.21 -10.25
CA THR UA 380 -46.94 -30.58 -10.80
C THR UA 380 -45.97 -29.42 -10.87
N GLU UA 381 -46.44 -28.19 -10.63
CA GLU UA 381 -45.55 -27.05 -10.46
C GLU UA 381 -44.74 -27.15 -9.18
N VAL UA 382 -45.25 -27.89 -8.18
CA VAL UA 382 -44.57 -28.07 -6.91
C VAL UA 382 -43.83 -29.41 -7.02
N LEU UA 383 -42.60 -29.36 -7.53
CA LEU UA 383 -41.74 -30.53 -7.62
C LEU UA 383 -40.29 -30.14 -7.36
N SER VA 2 -8.53 86.34 -17.43
CA SER VA 2 -7.56 85.38 -17.95
C SER VA 2 -8.20 84.00 -18.12
N PHE VA 3 -7.36 82.98 -18.22
CA PHE VA 3 -7.84 81.61 -18.36
C PHE VA 3 -6.79 80.68 -17.75
N PHE VA 4 -7.01 79.38 -17.89
CA PHE VA 4 -6.09 78.36 -17.38
C PHE VA 4 -5.86 77.30 -18.44
N HIS VA 5 -4.63 76.84 -18.53
CA HIS VA 5 -4.28 75.72 -19.39
C HIS VA 5 -3.85 74.56 -18.51
N GLY VA 6 -4.22 73.35 -18.89
CA GLY VA 6 -3.89 72.19 -18.10
C GLY VA 6 -4.91 71.93 -17.00
N VAL VA 7 -4.66 70.86 -16.25
CA VAL VA 7 -5.58 70.45 -15.20
C VAL VA 7 -5.41 71.36 -13.98
N THR VA 8 -6.51 71.96 -13.54
CA THR VA 8 -6.53 72.76 -12.32
C THR VA 8 -7.41 72.04 -11.32
N VAL VA 9 -6.77 71.40 -10.34
CA VAL VA 9 -7.48 70.64 -9.31
C VAL VA 9 -7.96 71.61 -8.24
N THR VA 10 -9.28 71.70 -8.09
CA THR VA 10 -9.89 72.59 -7.11
C THR VA 10 -10.13 71.84 -5.80
N ASN VA 11 -10.91 72.46 -4.90
CA ASN VA 11 -11.24 71.82 -3.63
C ASN VA 11 -12.56 72.43 -3.17
N VAL VA 12 -13.66 71.69 -3.34
CA VAL VA 12 -15.00 72.23 -3.09
C VAL VA 12 -15.68 71.38 -2.02
N ASP VA 13 -16.94 71.69 -1.72
CA ASP VA 13 -17.75 70.93 -0.78
C ASP VA 13 -19.08 70.59 -1.45
N ILE VA 14 -19.25 69.32 -1.81
CA ILE VA 14 -20.46 68.83 -2.47
C ILE VA 14 -20.96 67.60 -1.73
N GLY VA 15 -22.27 67.34 -1.84
CA GLY VA 15 -22.86 66.21 -1.15
C GLY VA 15 -22.97 64.98 -2.02
N ALA VA 16 -23.90 64.09 -1.69
CA ALA VA 16 -24.07 62.83 -2.41
C ALA VA 16 -24.60 63.10 -3.81
N ARG VA 17 -24.39 62.15 -4.72
CA ARG VA 17 -24.79 62.30 -6.12
C ARG VA 17 -26.20 61.73 -6.31
N THR VA 18 -27.11 62.15 -5.43
CA THR VA 18 -28.48 61.68 -5.47
C THR VA 18 -29.34 62.54 -6.40
N ILE VA 19 -28.71 63.35 -7.24
CA ILE VA 19 -29.44 64.18 -8.18
C ILE VA 19 -29.71 63.32 -9.41
N ALA VA 20 -30.78 62.54 -9.33
CA ALA VA 20 -31.38 61.83 -10.46
C ALA VA 20 -32.86 62.16 -10.42
N LEU VA 21 -33.36 62.78 -11.46
CA LEU VA 21 -34.58 63.58 -11.37
C LEU VA 21 -35.73 62.95 -12.14
N PRO VA 22 -36.72 62.33 -11.48
CA PRO VA 22 -37.95 61.99 -12.20
C PRO VA 22 -38.87 63.19 -12.29
N ALA VA 23 -39.24 63.58 -13.52
CA ALA VA 23 -40.09 64.75 -13.73
C ALA VA 23 -41.55 64.33 -13.71
N SER VA 24 -41.97 63.82 -12.55
CA SER VA 24 -43.32 63.29 -12.38
C SER VA 24 -44.24 64.22 -11.59
N SER VA 25 -43.82 64.66 -10.41
CA SER VA 25 -44.64 65.52 -9.57
C SER VA 25 -43.89 66.79 -9.22
N VAL VA 26 -44.63 67.89 -9.18
CA VAL VA 26 -44.11 69.21 -8.86
C VAL VA 26 -44.81 69.72 -7.61
N ILE VA 27 -44.12 70.53 -6.83
CA ILE VA 27 -44.58 70.97 -5.51
C ILE VA 27 -44.59 72.49 -5.47
N GLY VA 28 -45.72 73.05 -5.07
CA GLY VA 28 -45.82 74.48 -4.82
C GLY VA 28 -45.59 74.77 -3.35
N LEU VA 29 -44.60 75.61 -3.08
CA LEU VA 29 -44.15 75.87 -1.73
C LEU VA 29 -44.15 77.37 -1.47
N CYS VA 30 -44.39 77.76 -0.22
CA CYS VA 30 -44.37 79.16 0.17
C CYS VA 30 -44.06 79.26 1.66
N ASP VA 31 -43.00 79.99 1.99
CA ASP VA 31 -42.64 80.20 3.40
C ASP VA 31 -41.81 81.48 3.46
N VAL VA 32 -41.52 81.92 4.68
CA VAL VA 32 -40.77 83.16 4.88
C VAL VA 32 -39.28 82.90 4.67
N PHE VA 33 -38.55 83.98 4.40
CA PHE VA 33 -37.10 83.92 4.25
C PHE VA 33 -36.53 85.31 4.50
N THR VA 34 -35.21 85.43 4.38
CA THR VA 34 -34.53 86.71 4.48
C THR VA 34 -33.80 86.99 3.17
N PRO VA 35 -34.22 88.01 2.40
CA PRO VA 35 -33.55 88.28 1.12
C PRO VA 35 -32.19 88.95 1.29
N GLY VA 36 -31.18 88.16 1.63
CA GLY VA 36 -29.83 88.65 1.78
C GLY VA 36 -29.07 88.68 0.46
N ALA VA 37 -27.76 88.86 0.57
CA ALA VA 37 -26.91 88.88 -0.61
C ALA VA 37 -26.67 87.48 -1.16
N GLN VA 38 -26.63 86.47 -0.30
CA GLN VA 38 -26.43 85.10 -0.75
C GLN VA 38 -27.73 84.46 -1.24
N ALA VA 39 -28.87 85.07 -0.98
CA ALA VA 39 -30.17 84.54 -1.41
C ALA VA 39 -30.57 85.29 -2.68
N SER VA 40 -30.28 84.68 -3.83
CA SER VA 40 -30.50 85.32 -5.13
C SER VA 40 -31.92 85.03 -5.62
N ALA VA 41 -32.89 85.62 -4.92
CA ALA VA 41 -34.29 85.49 -5.28
C ALA VA 41 -35.07 86.70 -4.79
N LYS VA 42 -35.79 87.34 -5.69
CA LYS VA 42 -36.73 88.38 -5.31
C LYS VA 42 -37.88 87.76 -4.53
N PRO VA 43 -38.50 88.52 -3.59
CA PRO VA 43 -39.49 87.92 -2.67
C PRO VA 43 -40.73 87.29 -3.30
N ASN VA 44 -41.51 88.04 -4.07
CA ASN VA 44 -42.82 87.55 -4.51
C ASN VA 44 -42.78 86.85 -5.86
N VAL VA 45 -41.60 86.56 -6.41
CA VAL VA 45 -41.53 85.88 -7.70
C VAL VA 45 -41.34 84.39 -7.46
N PRO VA 46 -41.77 83.53 -8.37
CA PRO VA 46 -41.48 82.10 -8.23
C PRO VA 46 -40.09 81.75 -8.74
N VAL VA 47 -39.51 80.73 -8.09
CA VAL VA 47 -38.20 80.21 -8.44
C VAL VA 47 -38.33 78.70 -8.58
N LEU VA 48 -37.99 78.17 -9.76
CA LEU VA 48 -37.95 76.73 -9.94
C LEU VA 48 -36.69 76.17 -9.28
N LEU VA 49 -36.86 75.11 -8.50
CA LEU VA 49 -35.76 74.49 -7.80
C LEU VA 49 -35.52 73.09 -8.34
N THR VA 50 -34.25 72.72 -8.42
CA THR VA 50 -33.82 71.45 -8.97
C THR VA 50 -33.28 70.50 -7.91
N SER VA 51 -32.44 70.98 -7.00
CA SER VA 51 -31.87 70.16 -5.95
C SER VA 51 -31.64 71.05 -4.73
N LYS VA 52 -30.81 70.58 -3.81
CA LYS VA 52 -30.43 71.41 -2.67
C LYS VA 52 -29.40 72.45 -3.05
N LYS VA 53 -28.69 72.25 -4.16
CA LYS VA 53 -27.59 73.14 -4.52
C LYS VA 53 -28.09 74.48 -5.03
N ASP VA 54 -29.24 74.52 -5.69
CA ASP VA 54 -29.85 75.80 -6.06
C ASP VA 54 -30.95 76.24 -5.12
N ALA VA 55 -31.42 75.35 -4.23
CA ALA VA 55 -32.23 75.80 -3.11
C ALA VA 55 -31.39 76.50 -2.06
N ALA VA 56 -30.09 76.22 -2.01
CA ALA VA 56 -29.15 76.98 -1.21
C ALA VA 56 -28.61 78.19 -1.94
N ALA VA 57 -28.80 78.27 -3.26
CA ALA VA 57 -28.37 79.43 -4.02
C ALA VA 57 -29.48 80.46 -4.18
N ALA VA 58 -30.73 80.00 -4.35
CA ALA VA 58 -31.85 80.94 -4.44
C ALA VA 58 -32.19 81.51 -3.07
N PHE VA 59 -32.16 80.69 -2.04
CA PHE VA 59 -32.47 81.12 -0.69
C PHE VA 59 -31.34 80.70 0.24
N GLY VA 60 -31.28 81.33 1.41
CA GLY VA 60 -30.19 81.10 2.33
C GLY VA 60 -30.27 79.75 3.01
N ILE VA 61 -29.18 79.42 3.72
CA ILE VA 61 -29.13 78.17 4.47
C ILE VA 61 -30.08 78.22 5.66
N GLY VA 62 -30.00 79.29 6.44
CA GLY VA 62 -30.84 79.43 7.61
C GLY VA 62 -32.24 79.94 7.34
N SER VA 63 -32.62 80.11 6.08
CA SER VA 63 -33.95 80.59 5.75
C SER VA 63 -34.98 79.50 5.95
N SER VA 64 -36.22 79.91 6.25
CA SER VA 64 -37.28 78.95 6.49
C SER VA 64 -37.79 78.28 5.22
N ILE VA 65 -37.44 78.81 4.05
CA ILE VA 65 -37.65 78.08 2.80
C ILE VA 65 -36.82 76.80 2.80
N TYR VA 66 -35.52 76.94 3.04
CA TYR VA 66 -34.60 75.81 2.88
C TYR VA 66 -34.81 74.75 3.95
N LEU VA 67 -35.28 75.13 5.14
CA LEU VA 67 -35.65 74.14 6.15
C LEU VA 67 -36.88 73.36 5.72
N ALA VA 68 -37.78 73.99 4.97
CA ALA VA 68 -38.94 73.34 4.40
C ALA VA 68 -38.69 72.84 2.98
N CYS VA 69 -37.48 73.00 2.45
CA CYS VA 69 -37.12 72.48 1.15
C CYS VA 69 -36.10 71.37 1.22
N GLU VA 70 -35.30 71.32 2.28
CA GLU VA 70 -34.41 70.19 2.52
C GLU VA 70 -35.21 68.92 2.81
N ALA VA 71 -36.36 69.06 3.46
CA ALA VA 71 -37.17 67.90 3.82
C ALA VA 71 -37.78 67.22 2.60
N ILE VA 72 -38.02 67.97 1.54
CA ILE VA 72 -38.53 67.36 0.31
C ILE VA 72 -37.43 66.56 -0.39
N TYR VA 73 -36.26 67.18 -0.56
CA TYR VA 73 -35.17 66.50 -1.26
C TYR VA 73 -34.50 65.40 -0.45
N ASN VA 74 -34.83 65.26 0.84
CA ASN VA 74 -34.36 64.10 1.58
C ASN VA 74 -35.05 62.83 1.11
N ARG VA 75 -36.28 62.93 0.61
CA ARG VA 75 -37.06 61.76 0.20
C ARG VA 75 -37.16 61.62 -1.32
N ALA VA 76 -37.62 62.65 -2.01
CA ALA VA 76 -37.78 62.62 -3.45
C ALA VA 76 -37.09 63.81 -4.07
N GLN VA 77 -36.29 63.56 -5.11
CA GLN VA 77 -35.60 64.63 -5.84
C GLN VA 77 -36.49 65.06 -7.00
N ALA VA 78 -37.58 65.74 -6.64
CA ALA VA 78 -38.50 66.29 -7.62
C ALA VA 78 -38.06 67.72 -7.96
N VAL VA 79 -38.93 68.45 -8.64
CA VAL VA 79 -38.69 69.86 -8.94
C VAL VA 79 -39.79 70.67 -8.29
N ILE VA 80 -39.41 71.82 -7.72
CA ILE VA 80 -40.29 72.60 -6.84
C ILE VA 80 -40.45 73.99 -7.42
N VAL VA 81 -41.70 74.39 -7.65
CA VAL VA 81 -42.03 75.78 -7.93
C VAL VA 81 -42.21 76.43 -6.57
N ALA VA 82 -41.21 77.18 -6.12
CA ALA VA 82 -41.17 77.72 -4.77
C ALA VA 82 -41.24 79.24 -4.84
N VAL VA 83 -42.25 79.81 -4.21
CA VAL VA 83 -42.33 81.26 -4.06
C VAL VA 83 -41.89 81.60 -2.66
N GLY VA 84 -41.35 82.81 -2.50
CA GLY VA 84 -40.99 83.32 -1.19
C GLY VA 84 -41.98 84.35 -0.70
N VAL VA 85 -41.78 84.78 0.53
CA VAL VA 85 -42.56 85.87 1.10
C VAL VA 85 -41.69 86.58 2.13
N GLU VA 86 -41.79 87.91 2.17
CA GLU VA 86 -41.10 88.68 3.18
C GLU VA 86 -41.79 88.46 4.53
N THR VA 87 -40.97 88.28 5.57
CA THR VA 87 -41.51 88.07 6.91
C THR VA 87 -42.13 89.36 7.45
N ALA VA 88 -43.01 89.20 8.43
CA ALA VA 88 -43.75 90.31 9.00
C ALA VA 88 -43.69 90.25 10.52
N GLU VA 89 -44.18 91.31 11.16
CA GLU VA 89 -44.11 91.44 12.60
C GLU VA 89 -45.34 90.82 13.27
N THR VA 90 -46.52 91.33 12.95
CA THR VA 90 -47.74 90.75 13.49
C THR VA 90 -48.10 89.49 12.70
N PRO VA 91 -48.69 88.49 13.37
CA PRO VA 91 -49.03 87.26 12.64
C PRO VA 91 -50.20 87.42 11.68
N GLU VA 92 -51.01 88.46 11.84
CA GLU VA 92 -52.09 88.71 10.89
C GLU VA 92 -51.55 89.28 9.59
N ALA VA 93 -50.52 90.14 9.67
CA ALA VA 93 -49.92 90.66 8.45
C ALA VA 93 -49.02 89.62 7.79
N GLN VA 94 -48.50 88.67 8.58
CA GLN VA 94 -47.75 87.56 7.99
C GLN VA 94 -48.69 86.58 7.31
N ALA VA 95 -49.88 86.37 7.89
CA ALA VA 95 -50.87 85.51 7.25
C ALA VA 95 -51.46 86.16 6.02
N SER VA 96 -51.51 87.50 5.99
CA SER VA 96 -52.02 88.19 4.82
C SER VA 96 -50.98 88.26 3.72
N ALA VA 97 -49.70 88.20 4.08
CA ALA VA 97 -48.64 88.29 3.08
C ALA VA 97 -48.40 86.94 2.41
N VAL VA 98 -48.59 85.84 3.14
CA VAL VA 98 -48.37 84.52 2.57
C VAL VA 98 -49.51 84.16 1.62
N ILE VA 99 -50.69 84.76 1.83
CA ILE VA 99 -51.76 84.62 0.85
C ILE VA 99 -51.47 85.46 -0.37
N GLY VA 100 -51.23 86.75 -0.17
CA GLY VA 100 -50.92 87.66 -1.26
C GLY VA 100 -52.15 87.94 -2.09
N GLY VA 101 -51.91 88.23 -3.36
CA GLY VA 101 -53.00 88.51 -4.28
C GLY VA 101 -52.53 89.38 -5.43
N ILE VA 102 -53.43 90.26 -5.86
CA ILE VA 102 -53.18 91.13 -6.99
C ILE VA 102 -52.76 92.53 -6.55
N SER VA 103 -52.24 92.66 -5.32
CA SER VA 103 -51.86 93.94 -4.75
C SER VA 103 -50.62 94.55 -5.38
N ALA VA 104 -49.96 93.87 -6.31
CA ALA VA 104 -48.86 94.46 -7.06
C ALA VA 104 -49.42 95.26 -8.23
N ALA VA 105 -48.54 95.68 -9.15
CA ALA VA 105 -49.00 96.41 -10.33
C ALA VA 105 -49.73 95.48 -11.29
N GLY VA 106 -49.04 94.46 -11.79
CA GLY VA 106 -49.66 93.48 -12.64
C GLY VA 106 -49.17 92.07 -12.34
N GLU VA 107 -48.82 91.82 -11.09
CA GLU VA 107 -48.24 90.55 -10.67
C GLU VA 107 -49.11 89.91 -9.60
N ARG VA 108 -48.83 88.63 -9.33
CA ARG VA 108 -49.45 87.87 -8.27
C ARG VA 108 -48.44 87.62 -7.17
N THR VA 109 -48.83 87.87 -5.93
CA THR VA 109 -47.94 87.71 -4.78
C THR VA 109 -48.46 86.61 -3.86
N GLY VA 110 -47.58 86.14 -2.98
CA GLY VA 110 -47.96 85.14 -2.01
C GLY VA 110 -48.17 83.76 -2.60
N LEU VA 111 -49.26 83.09 -2.19
CA LEU VA 111 -49.60 81.81 -2.79
C LEU VA 111 -50.06 81.96 -4.23
N GLN VA 112 -50.57 83.15 -4.60
CA GLN VA 112 -51.14 83.37 -5.92
C GLN VA 112 -50.10 83.30 -7.03
N ALA VA 113 -48.82 83.48 -6.71
CA ALA VA 113 -47.76 83.34 -7.70
C ALA VA 113 -47.50 81.89 -8.08
N LEU VA 114 -48.07 80.92 -7.35
CA LEU VA 114 -48.01 79.53 -7.77
C LEU VA 114 -48.94 79.24 -8.94
N LEU VA 115 -49.92 80.12 -9.20
CA LEU VA 115 -50.74 80.00 -10.40
C LEU VA 115 -49.96 80.34 -11.67
N ASP VA 116 -48.81 81.00 -11.53
CA ASP VA 116 -47.91 81.27 -12.64
C ASP VA 116 -46.86 80.19 -12.81
N GLY VA 117 -47.17 78.95 -12.43
CA GLY VA 117 -46.28 77.83 -12.61
C GLY VA 117 -46.03 77.52 -14.07
N LYS VA 118 -47.09 77.23 -14.82
CA LYS VA 118 -46.97 77.18 -16.27
C LYS VA 118 -46.87 78.60 -16.83
N SER VA 119 -46.43 78.68 -18.09
CA SER VA 119 -46.14 79.88 -18.88
C SER VA 119 -44.99 80.71 -18.30
N ARG VA 120 -44.34 80.23 -17.26
CA ARG VA 120 -43.10 80.74 -16.69
C ARG VA 120 -42.07 79.64 -16.51
N PHE VA 121 -42.49 78.45 -16.08
CA PHE VA 121 -41.61 77.35 -15.73
C PHE VA 121 -41.96 76.05 -16.42
N ASN VA 122 -43.13 75.95 -17.04
CA ASN VA 122 -43.73 74.71 -17.54
C ASN VA 122 -43.81 73.66 -16.44
N ALA VA 123 -44.39 74.04 -15.31
CA ALA VA 123 -44.59 73.13 -14.18
C ALA VA 123 -45.79 73.64 -13.39
N GLN VA 124 -46.95 73.04 -13.63
CA GLN VA 124 -48.18 73.41 -12.91
C GLN VA 124 -48.23 72.64 -11.60
N PRO VA 125 -48.14 73.32 -10.44
CA PRO VA 125 -47.96 72.61 -9.17
C PRO VA 125 -49.18 71.79 -8.78
N ARG VA 126 -48.94 70.50 -8.51
CA ARG VA 126 -49.99 69.61 -8.05
C ARG VA 126 -49.92 69.31 -6.57
N LEU VA 127 -48.89 69.81 -5.88
CA LEU VA 127 -48.72 69.62 -4.45
C LEU VA 127 -48.52 70.98 -3.83
N LEU VA 128 -49.48 71.42 -3.02
CA LEU VA 128 -49.49 72.76 -2.45
C LEU VA 128 -49.20 72.67 -0.95
N VAL VA 129 -48.10 73.29 -0.52
CA VAL VA 129 -47.71 73.29 0.89
C VAL VA 129 -47.31 74.69 1.31
N ALA VA 130 -47.54 74.97 2.59
CA ALA VA 130 -46.96 76.13 3.28
C ALA VA 130 -46.76 75.70 4.72
N PRO VA 131 -45.56 75.22 5.06
CA PRO VA 131 -45.35 74.59 6.37
C PRO VA 131 -45.38 75.59 7.51
N GLY VA 132 -46.30 75.38 8.44
CA GLY VA 132 -46.46 76.27 9.56
C GLY VA 132 -47.58 77.25 9.35
N HIS VA 133 -47.72 77.75 8.12
CA HIS VA 133 -48.76 78.72 7.83
C HIS VA 133 -50.10 78.06 7.61
N SER VA 134 -50.11 76.75 7.34
CA SER VA 134 -51.37 76.05 7.09
C SER VA 134 -52.15 75.81 8.38
N ALA VA 135 -51.52 76.02 9.54
CA ALA VA 135 -52.23 75.91 10.80
C ALA VA 135 -53.19 77.07 11.01
N GLN VA 136 -52.97 78.18 10.31
CA GLN VA 136 -53.89 79.30 10.37
C GLN VA 136 -55.13 79.00 9.53
N GLN VA 137 -56.26 79.56 9.95
CA GLN VA 137 -57.52 79.29 9.26
C GLN VA 137 -57.62 80.06 7.95
N ALA VA 138 -57.18 81.32 7.96
CA ALA VA 138 -57.35 82.17 6.78
C ALA VA 138 -56.38 81.78 5.67
N VAL VA 139 -55.22 81.25 6.03
CA VAL VA 139 -54.26 80.81 5.02
C VAL VA 139 -54.71 79.51 4.39
N ALA VA 140 -55.29 78.61 5.19
CA ALA VA 140 -55.70 77.31 4.69
C ALA VA 140 -56.92 77.42 3.78
N THR VA 141 -57.74 78.45 3.98
CA THR VA 141 -58.86 78.69 3.09
C THR VA 141 -58.38 79.24 1.75
N ALA VA 142 -57.36 80.09 1.78
CA ALA VA 142 -56.72 80.51 0.54
C ALA VA 142 -55.90 79.39 -0.07
N MET VA 143 -55.38 78.50 0.78
CA MET VA 143 -54.77 77.27 0.28
C MET VA 143 -55.82 76.34 -0.33
N ASP VA 144 -57.04 76.38 0.21
CA ASP VA 144 -58.13 75.57 -0.32
C ASP VA 144 -58.54 76.05 -1.72
N GLY VA 145 -58.95 77.31 -1.82
CA GLY VA 145 -59.50 77.86 -3.06
C GLY VA 145 -58.50 77.94 -4.20
N LEU VA 146 -57.21 77.94 -3.89
CA LEU VA 146 -56.21 77.89 -4.92
C LEU VA 146 -56.00 76.49 -5.46
N ALA VA 147 -56.47 75.46 -4.75
CA ALA VA 147 -56.30 74.09 -5.22
C ALA VA 147 -57.35 73.73 -6.27
N GLU VA 148 -58.59 74.20 -6.13
CA GLU VA 148 -59.59 73.93 -7.15
C GLU VA 148 -59.35 74.75 -8.42
N LYS VA 149 -58.64 75.87 -8.31
CA LYS VA 149 -58.22 76.59 -9.50
C LYS VA 149 -57.05 75.93 -10.20
N LEU VA 150 -56.36 75.03 -9.52
CA LEU VA 150 -55.12 74.46 -10.01
C LEU VA 150 -55.17 72.94 -10.15
N ARG VA 151 -56.24 72.31 -9.67
CA ARG VA 151 -56.45 70.86 -9.64
C ARG VA 151 -55.29 70.15 -8.93
N ALA VA 152 -55.12 70.50 -7.67
CA ALA VA 152 -53.94 70.11 -6.90
C ALA VA 152 -54.37 69.60 -5.53
N ILE VA 153 -53.50 68.83 -4.90
CA ILE VA 153 -53.67 68.40 -3.53
C ILE VA 153 -52.95 69.38 -2.62
N ALA VA 154 -53.70 70.03 -1.74
CA ALA VA 154 -53.15 71.03 -0.83
C ALA VA 154 -52.97 70.38 0.54
N ILE VA 155 -51.72 70.25 0.96
CA ILE VA 155 -51.39 69.57 2.21
C ILE VA 155 -51.40 70.60 3.33
N LEU VA 156 -52.30 70.40 4.30
CA LEU VA 156 -52.46 71.34 5.39
C LEU VA 156 -51.71 70.86 6.62
N ASP VA 157 -51.84 71.62 7.71
CA ASP VA 157 -51.22 71.26 8.98
C ASP VA 157 -52.23 71.27 10.11
N GLY VA 158 -51.74 71.13 11.33
CA GLY VA 158 -52.52 71.37 12.51
C GLY VA 158 -51.66 72.12 13.51
N PRO VA 159 -52.22 72.39 14.69
CA PRO VA 159 -51.43 73.00 15.75
C PRO VA 159 -50.51 71.98 16.41
N ASN VA 160 -49.65 72.48 17.29
CA ASN VA 160 -48.80 71.62 18.10
C ASN VA 160 -49.57 70.97 19.24
N SER VA 161 -50.81 71.39 19.49
CA SER VA 161 -51.56 70.98 20.67
C SER VA 161 -52.17 69.60 20.48
N THR VA 162 -53.09 69.24 21.37
CA THR VA 162 -53.57 67.88 21.52
C THR VA 162 -54.49 67.48 20.36
N ASP VA 163 -55.03 66.25 20.47
CA ASP VA 163 -55.84 65.68 19.41
C ASP VA 163 -57.19 66.37 19.28
N GLU VA 164 -57.73 66.88 20.40
CA GLU VA 164 -59.04 67.52 20.36
C GLU VA 164 -58.99 68.84 19.60
N ALA VA 165 -57.90 69.59 19.73
CA ALA VA 165 -57.75 70.84 19.00
C ALA VA 165 -57.29 70.64 17.57
N ALA VA 166 -56.97 69.41 17.16
CA ALA VA 166 -56.69 69.08 15.76
C ALA VA 166 -57.90 68.54 15.03
N VAL VA 167 -58.77 67.81 15.73
CA VAL VA 167 -60.05 67.40 15.15
C VAL VA 167 -60.94 68.60 14.91
N ALA VA 168 -60.92 69.56 15.85
CA ALA VA 168 -61.76 70.75 15.72
C ALA VA 168 -61.27 71.66 14.61
N TYR VA 169 -60.00 71.55 14.24
CA TYR VA 169 -59.49 72.33 13.12
C TYR VA 169 -59.91 71.71 11.79
N ALA VA 170 -60.32 70.44 11.80
CA ALA VA 170 -60.65 69.77 10.55
C ALA VA 170 -62.15 69.70 10.31
N LYS VA 171 -62.94 70.16 11.28
CA LYS VA 171 -64.40 70.06 11.14
C LYS VA 171 -64.93 71.11 10.16
N ASN VA 172 -64.31 72.28 10.13
CA ASN VA 172 -64.83 73.36 9.27
C ASN VA 172 -64.39 73.18 7.82
N PHE VA 173 -63.47 72.26 7.56
CA PHE VA 173 -63.09 71.92 6.19
C PHE VA 173 -63.96 70.75 5.71
N GLY VA 174 -63.53 70.07 4.66
CA GLY VA 174 -64.37 69.07 4.02
C GLY VA 174 -64.58 69.35 2.55
N SER VA 175 -63.59 69.93 1.91
CA SER VA 175 -63.67 70.43 0.54
C SER VA 175 -62.76 69.66 -0.41
N LYS VA 176 -62.68 68.33 -0.24
CA LYS VA 176 -62.23 67.31 -1.20
C LYS VA 176 -60.81 67.45 -1.75
N ARG VA 177 -60.05 68.46 -1.31
CA ARG VA 177 -58.72 68.68 -1.85
C ARG VA 177 -57.66 68.84 -0.77
N LEU VA 178 -58.05 68.77 0.50
CA LEU VA 178 -57.18 69.11 1.61
C LEU VA 178 -56.72 67.86 2.33
N PHE VA 179 -55.44 67.82 2.68
CA PHE VA 179 -54.82 66.67 3.30
C PHE VA 179 -54.11 67.16 4.56
N MET VA 180 -54.64 66.80 5.72
CA MET VA 180 -54.16 67.33 6.98
C MET VA 180 -53.27 66.30 7.68
N VAL VA 181 -52.11 66.76 8.17
CA VAL VA 181 -51.17 65.94 8.93
C VAL VA 181 -50.90 66.71 10.21
N ASP VA 182 -51.56 66.34 11.31
CA ASP VA 182 -51.36 67.10 12.55
C ASP VA 182 -50.09 66.91 13.40
N PRO VA 183 -49.42 65.74 13.50
CA PRO VA 183 -48.34 65.67 14.50
C PRO VA 183 -47.10 66.42 14.04
N GLY VA 184 -46.57 67.27 14.92
CA GLY VA 184 -45.39 68.04 14.62
C GLY VA 184 -44.15 67.17 14.54
N VAL VA 185 -43.63 66.99 13.33
CA VAL VA 185 -42.43 66.18 13.13
C VAL VA 185 -41.22 66.95 13.67
N GLN VA 186 -40.61 66.42 14.72
CA GLN VA 186 -39.37 66.98 15.23
C GLN VA 186 -38.18 66.25 14.61
N VAL VA 187 -37.15 67.00 14.24
CA VAL VA 187 -36.07 66.49 13.43
C VAL VA 187 -34.74 67.05 13.96
N TRP VA 188 -33.72 66.22 13.95
CA TRP VA 188 -32.38 66.63 14.32
C TRP VA 188 -31.77 67.52 13.24
N ASP VA 189 -30.95 68.49 13.67
CA ASP VA 189 -30.16 69.29 12.75
C ASP VA 189 -28.70 69.27 13.16
N SER VA 190 -27.83 69.60 12.19
CA SER VA 190 -26.40 69.63 12.43
C SER VA 190 -25.87 71.02 12.73
N ALA VA 191 -26.69 72.06 12.62
CA ALA VA 191 -26.24 73.42 12.86
C ALA VA 191 -26.07 73.70 14.36
N THR VA 192 -27.16 73.59 15.11
CA THR VA 192 -27.14 73.86 16.54
C THR VA 192 -27.06 72.60 17.39
N ASN VA 193 -27.08 71.42 16.76
CA ASN VA 193 -27.02 70.10 17.39
C ASN VA 193 -28.14 69.92 18.43
N ALA VA 194 -29.37 70.05 17.93
CA ALA VA 194 -30.55 69.93 18.76
C ALA VA 194 -31.67 69.35 17.91
N ALA VA 195 -32.91 69.44 18.39
CA ALA VA 195 -34.06 68.92 17.67
C ALA VA 195 -34.99 70.08 17.33
N ARG VA 196 -35.25 70.27 16.04
CA ARG VA 196 -36.15 71.31 15.57
C ARG VA 196 -37.59 70.83 15.68
N ASN VA 197 -38.52 71.58 15.10
CA ASN VA 197 -39.94 71.18 15.04
C ASN VA 197 -40.45 71.57 13.66
N ALA VA 198 -40.35 70.64 12.72
CA ALA VA 198 -40.81 70.90 11.37
C ALA VA 198 -42.31 70.65 11.28
N PRO VA 199 -43.08 71.54 10.63
CA PRO VA 199 -44.53 71.38 10.63
C PRO VA 199 -45.09 70.44 9.57
N ALA VA 200 -44.45 69.27 9.37
CA ALA VA 200 -45.04 68.08 8.77
C ALA VA 200 -45.55 68.18 7.34
N SER VA 201 -45.38 69.33 6.68
CA SER VA 201 -45.93 69.48 5.33
C SER VA 201 -44.96 69.00 4.26
N ALA VA 202 -43.70 69.41 4.36
CA ALA VA 202 -42.70 69.06 3.35
C ALA VA 202 -42.37 67.58 3.35
N TYR VA 203 -42.55 66.90 4.48
CA TYR VA 203 -42.30 65.47 4.52
C TYR VA 203 -43.39 64.70 3.79
N ALA VA 204 -44.64 65.16 3.89
CA ALA VA 204 -45.71 64.55 3.12
C ALA VA 204 -45.68 65.01 1.66
N ALA VA 205 -45.15 66.21 1.40
CA ALA VA 205 -45.03 66.68 0.03
C ALA VA 205 -43.94 65.94 -0.71
N GLY VA 206 -42.81 65.69 -0.04
CA GLY VA 206 -41.78 64.85 -0.62
C GLY VA 206 -42.13 63.39 -0.66
N LEU VA 207 -43.20 62.98 0.00
CA LEU VA 207 -43.66 61.60 -0.06
C LEU VA 207 -44.71 61.41 -1.14
N PHE VA 208 -45.52 62.43 -1.43
CA PHE VA 208 -46.43 62.33 -2.56
C PHE VA 208 -45.66 62.34 -3.87
N ALA VA 209 -44.59 63.13 -3.94
CA ALA VA 209 -43.76 63.16 -5.14
C ALA VA 209 -42.87 61.93 -5.26
N TRP VA 210 -42.66 61.20 -4.17
CA TRP VA 210 -41.85 59.99 -4.24
C TRP VA 210 -42.66 58.81 -4.75
N THR VA 211 -43.91 58.67 -4.29
CA THR VA 211 -44.73 57.55 -4.69
C THR VA 211 -45.24 57.67 -6.12
N ASP VA 212 -45.09 58.82 -6.76
CA ASP VA 212 -45.41 58.96 -8.17
C ASP VA 212 -44.25 58.57 -9.07
N ALA VA 213 -43.06 58.37 -8.49
CA ALA VA 213 -41.89 58.08 -9.31
C ALA VA 213 -41.88 56.63 -9.79
N GLU VA 214 -42.15 55.67 -8.90
CA GLU VA 214 -42.18 54.28 -9.31
C GLU VA 214 -43.44 53.53 -8.89
N TYR VA 215 -44.17 53.98 -7.88
CA TYR VA 215 -45.43 53.37 -7.52
C TYR VA 215 -46.61 53.97 -8.28
N GLY VA 216 -46.40 55.11 -8.95
CA GLY VA 216 -47.44 55.71 -9.75
C GLY VA 216 -48.39 56.56 -8.92
N PHE VA 217 -49.12 57.43 -9.62
CA PHE VA 217 -50.09 58.29 -8.96
C PHE VA 217 -51.34 57.54 -8.53
N TRP VA 218 -51.60 56.37 -9.12
CA TRP VA 218 -52.74 55.56 -8.71
C TRP VA 218 -52.56 54.94 -7.34
N SER VA 219 -51.32 54.77 -6.88
CA SER VA 219 -51.04 54.13 -5.61
C SER VA 219 -51.26 55.09 -4.45
N SER VA 220 -51.47 54.52 -3.26
CA SER VA 220 -51.67 55.33 -2.06
C SER VA 220 -50.36 55.50 -1.31
N PRO VA 221 -50.02 56.72 -0.94
CA PRO VA 221 -48.87 56.97 -0.04
C PRO VA 221 -49.25 57.03 1.43
N SER VA 222 -49.91 55.98 1.92
CA SER VA 222 -50.44 55.99 3.29
C SER VA 222 -49.82 54.92 4.17
N ASN VA 223 -48.76 54.25 3.71
CA ASN VA 223 -47.94 53.43 4.59
C ASN VA 223 -46.48 53.53 4.17
N LYS VA 224 -46.06 54.67 3.66
CA LYS VA 224 -44.73 54.80 3.07
C LYS VA 224 -43.75 55.38 4.08
N GLU VA 225 -42.47 55.12 3.82
CA GLU VA 225 -41.41 55.50 4.73
C GLU VA 225 -41.04 56.97 4.50
N ILE VA 226 -40.45 57.59 5.52
CA ILE VA 226 -39.98 58.97 5.45
C ILE VA 226 -38.51 59.00 5.84
N LYS VA 227 -37.68 59.58 4.98
CA LYS VA 227 -36.26 59.71 5.30
C LYS VA 227 -35.97 61.10 5.87
N GLY VA 228 -34.88 61.17 6.63
CA GLY VA 228 -34.42 62.41 7.24
C GLY VA 228 -35.37 62.91 8.30
N VAL VA 229 -35.49 62.17 9.40
CA VAL VA 229 -36.62 62.35 10.31
C VAL VA 229 -36.26 61.74 11.66
N THR VA 230 -36.89 62.26 12.71
CA THR VA 230 -36.89 61.66 14.04
C THR VA 230 -38.35 61.68 14.46
N GLY VA 231 -38.61 61.51 15.76
CA GLY VA 231 -39.95 61.39 16.30
C GLY VA 231 -40.93 62.54 16.06
N THR VA 232 -42.13 62.40 16.61
CA THR VA 232 -43.11 63.46 16.48
C THR VA 232 -43.17 64.29 17.75
N SER VA 233 -43.88 65.41 17.69
CA SER VA 233 -44.09 66.22 18.89
C SER VA 233 -45.01 65.51 19.87
N ARG VA 234 -46.03 64.84 19.37
CA ARG VA 234 -46.93 64.05 20.18
C ARG VA 234 -46.91 62.60 19.72
N PRO VA 235 -46.93 61.65 20.64
CA PRO VA 235 -47.05 60.25 20.22
C PRO VA 235 -48.43 59.97 19.68
N VAL VA 236 -48.47 59.15 18.64
CA VAL VA 236 -49.73 58.66 18.06
C VAL VA 236 -49.47 57.29 17.46
N GLU VA 237 -50.27 56.31 17.88
CA GLU VA 237 -50.04 54.91 17.55
C GLU VA 237 -51.35 54.29 17.11
N PHE VA 238 -51.26 53.27 16.28
CA PHE VA 238 -52.41 52.46 15.93
C PHE VA 238 -52.35 51.15 16.71
N LEU VA 239 -53.45 50.83 17.39
CA LEU VA 239 -53.65 49.56 18.04
C LEU VA 239 -54.99 48.99 17.55
N ASP VA 240 -55.38 47.84 18.08
CA ASP VA 240 -56.56 47.16 17.60
C ASP VA 240 -57.50 46.83 18.75
N GLY VA 241 -58.80 46.78 18.45
CA GLY VA 241 -59.81 46.39 19.42
C GLY VA 241 -60.91 47.40 19.55
N ASP VA 242 -60.91 48.40 18.63
CA ASP VA 242 -61.90 49.48 18.57
C ASP VA 242 -61.94 50.27 19.88
N GLU VA 243 -60.77 50.59 20.41
CA GLU VA 243 -60.65 51.43 21.59
C GLU VA 243 -60.35 52.86 21.15
N THR VA 244 -60.03 53.72 22.12
CA THR VA 244 -59.62 55.09 21.83
C THR VA 244 -58.15 55.11 21.41
N CYS VA 245 -57.91 54.62 20.20
CA CYS VA 245 -56.60 54.76 19.59
C CYS VA 245 -56.38 56.20 19.17
N ARG VA 246 -55.16 56.68 19.30
CA ARG VA 246 -54.88 58.04 18.84
C ARG VA 246 -54.84 58.11 17.32
N ALA VA 247 -54.51 57.01 16.64
CA ALA VA 247 -54.55 57.01 15.18
C ALA VA 247 -55.99 56.94 14.68
N ASN VA 248 -56.80 56.08 15.29
CA ASN VA 248 -58.17 55.86 14.81
C ASN VA 248 -59.06 57.06 15.13
N LEU VA 249 -58.73 57.80 16.21
CA LEU VA 249 -59.44 59.03 16.50
C LEU VA 249 -59.12 60.10 15.46
N LEU VA 250 -57.93 60.03 14.85
CA LEU VA 250 -57.53 61.05 13.89
C LEU VA 250 -57.81 60.62 12.46
N ASN VA 251 -57.88 59.31 12.20
CA ASN VA 251 -58.31 58.87 10.88
C ASN VA 251 -59.80 59.13 10.68
N ASN VA 252 -60.59 58.97 11.72
CA ASN VA 252 -62.03 59.21 11.62
C ASN VA 252 -62.35 60.70 11.50
N ALA VA 253 -61.42 61.57 11.88
CA ALA VA 253 -61.52 62.98 11.58
C ALA VA 253 -60.83 63.35 10.27
N ASN VA 254 -60.47 62.35 9.47
CA ASN VA 254 -59.87 62.50 8.14
C ASN VA 254 -58.54 63.25 8.19
N ILE VA 255 -57.68 62.86 9.14
CA ILE VA 255 -56.38 63.51 9.35
C ILE VA 255 -55.31 62.42 9.33
N ALA VA 256 -54.22 62.67 8.61
CA ALA VA 256 -53.10 61.73 8.60
C ALA VA 256 -52.24 61.88 9.84
N THR VA 257 -51.61 60.77 10.25
CA THR VA 257 -50.72 60.76 11.40
C THR VA 257 -49.38 60.18 10.98
N ILE VA 258 -48.54 59.90 11.97
CA ILE VA 258 -47.24 59.23 11.80
C ILE VA 258 -47.14 58.15 12.86
N ILE VA 259 -46.87 56.92 12.46
CA ILE VA 259 -47.13 55.78 13.34
C ILE VA 259 -45.89 55.23 14.04
N ARG VA 260 -44.94 54.69 13.28
CA ARG VA 260 -43.89 53.88 13.89
C ARG VA 260 -42.76 54.78 14.40
N ASP VA 261 -41.62 54.17 14.70
CA ASP VA 261 -40.55 54.84 15.44
C ASP VA 261 -39.87 55.92 14.63
N ASP VA 262 -39.76 57.11 15.23
CA ASP VA 262 -38.94 58.22 14.75
C ASP VA 262 -39.35 58.67 13.35
N GLY VA 263 -40.65 58.86 13.15
CA GLY VA 263 -41.14 59.36 11.88
C GLY VA 263 -41.08 58.32 10.78
N TYR VA 264 -41.48 57.10 11.08
CA TYR VA 264 -41.20 56.01 10.16
C TYR VA 264 -42.24 55.87 9.06
N ARG VA 265 -43.50 56.19 9.32
CA ARG VA 265 -44.55 56.02 8.33
C ARG VA 265 -45.49 57.23 8.29
N LEU VA 266 -46.25 57.31 7.21
CA LEU VA 266 -47.43 58.16 7.11
C LEU VA 266 -48.65 57.25 7.15
N TRP VA 267 -49.82 57.79 7.46
CA TRP VA 267 -50.94 56.96 7.84
C TRP VA 267 -52.29 57.37 7.24
N GLY VA 268 -52.35 58.45 6.49
CA GLY VA 268 -53.65 58.89 6.01
C GLY VA 268 -53.99 58.54 4.58
N ASN VA 269 -55.16 57.94 4.38
CA ASN VA 269 -55.71 57.72 3.05
C ASN VA 269 -56.74 58.75 2.62
N ARG VA 270 -57.39 59.44 3.55
CA ARG VA 270 -58.61 60.17 3.24
C ARG VA 270 -58.38 61.67 3.32
N THR VA 271 -58.90 62.38 2.32
CA THR VA 271 -58.88 63.83 2.31
C THR VA 271 -59.92 64.39 3.28
N LEU VA 272 -59.79 65.70 3.55
CA LEU VA 272 -60.87 66.42 4.20
C LEU VA 272 -61.97 66.62 3.18
N SER VA 273 -62.99 65.76 3.20
CA SER VA 273 -64.04 65.79 2.20
C SER VA 273 -65.36 65.47 2.88
N SER VA 274 -66.32 66.39 2.78
CA SER VA 274 -67.67 66.12 3.27
C SER VA 274 -68.44 65.20 2.33
N ASP VA 275 -67.99 65.05 1.09
CA ASP VA 275 -68.61 64.14 0.14
C ASP VA 275 -67.98 62.76 0.29
N SER VA 276 -68.82 61.73 0.38
CA SER VA 276 -68.33 60.38 0.62
C SER VA 276 -67.69 59.76 -0.61
N LYS VA 277 -67.95 60.30 -1.80
CA LYS VA 277 -67.35 59.76 -3.01
C LYS VA 277 -65.87 60.10 -3.10
N TRP VA 278 -65.51 61.32 -2.74
CA TRP VA 278 -64.15 61.83 -2.89
C TRP VA 278 -63.37 61.73 -1.58
N ALA VA 279 -63.58 60.66 -0.84
CA ALA VA 279 -62.93 60.50 0.46
C ALA VA 279 -61.43 60.29 0.31
N PHE VA 280 -61.03 59.23 -0.40
CA PHE VA 280 -59.64 58.81 -0.47
C PHE VA 280 -58.79 59.83 -1.25
N VAL VA 281 -57.50 59.84 -0.94
CA VAL VA 281 -56.58 60.68 -1.70
C VAL VA 281 -56.35 60.14 -3.10
N THR VA 282 -56.57 58.83 -3.31
CA THR VA 282 -56.24 58.23 -4.58
C THR VA 282 -57.26 58.59 -5.65
N ARG VA 283 -58.55 58.61 -5.30
CA ARG VA 283 -59.57 58.97 -6.27
C ARG VA 283 -59.50 60.44 -6.66
N VAL VA 284 -59.11 61.31 -5.72
CA VAL VA 284 -58.95 62.72 -6.04
C VAL VA 284 -57.71 62.93 -6.89
N ARG VA 285 -56.64 62.18 -6.63
CA ARG VA 285 -55.43 62.32 -7.45
C ARG VA 285 -55.59 61.66 -8.81
N THR VA 286 -56.28 60.53 -8.89
CA THR VA 286 -56.41 59.83 -10.17
C THR VA 286 -57.28 60.61 -11.14
N MET VA 287 -58.37 61.20 -10.66
CA MET VA 287 -59.20 62.05 -11.52
C MET VA 287 -58.46 63.32 -11.94
N ASP VA 288 -57.51 63.77 -11.15
CA ASP VA 288 -56.75 64.96 -11.51
C ASP VA 288 -55.47 64.66 -12.28
N LEU VA 289 -54.99 63.42 -12.25
CA LEU VA 289 -53.73 63.08 -12.92
C LEU VA 289 -53.87 62.09 -14.06
N VAL VA 290 -55.09 61.61 -14.38
CA VAL VA 290 -55.28 60.97 -15.68
C VAL VA 290 -55.71 61.97 -16.73
N MET VA 291 -56.11 63.17 -16.33
CA MET VA 291 -56.56 64.15 -17.31
C MET VA 291 -55.41 64.95 -17.89
N ASP VA 292 -54.42 65.33 -17.07
CA ASP VA 292 -53.24 65.95 -17.64
C ASP VA 292 -52.37 64.94 -18.38
N ALA VA 293 -52.53 63.65 -18.09
CA ALA VA 293 -51.94 62.61 -18.93
C ALA VA 293 -52.69 62.43 -20.23
N ILE VA 294 -53.90 62.98 -20.33
CA ILE VA 294 -54.66 63.00 -21.56
C ILE VA 294 -54.59 64.37 -22.24
N LEU VA 295 -54.82 65.45 -21.49
CA LEU VA 295 -54.76 66.80 -22.07
C LEU VA 295 -53.37 67.17 -22.54
N ALA VA 296 -52.33 66.59 -21.96
CA ALA VA 296 -51.06 66.47 -22.65
C ALA VA 296 -51.05 65.15 -23.39
N GLY VA 297 -50.68 65.19 -24.66
CA GLY VA 297 -51.06 64.17 -25.60
C GLY VA 297 -52.32 64.50 -26.37
N HIS VA 298 -53.07 65.50 -25.92
CA HIS VA 298 -54.12 66.15 -26.66
C HIS VA 298 -53.97 67.66 -26.57
N LYS VA 299 -52.76 68.15 -26.82
CA LYS VA 299 -52.58 69.57 -27.14
C LYS VA 299 -53.28 69.91 -28.44
N TRP VA 300 -53.39 68.93 -29.34
CA TRP VA 300 -54.27 68.98 -30.49
C TRP VA 300 -55.71 68.71 -30.03
N ALA VA 301 -56.61 68.50 -30.99
CA ALA VA 301 -58.06 68.36 -30.78
C ALA VA 301 -58.66 69.57 -30.08
N VAL VA 302 -58.07 70.75 -30.31
CA VAL VA 302 -58.61 72.03 -29.89
C VAL VA 302 -58.11 73.08 -30.89
N ASP VA 303 -59.04 73.91 -31.39
CA ASP VA 303 -58.82 74.88 -32.46
C ASP VA 303 -58.28 74.24 -33.73
N ARG VA 304 -58.67 72.98 -33.99
CA ARG VA 304 -58.25 72.30 -35.21
C ARG VA 304 -59.22 72.55 -36.36
N GLY VA 305 -60.47 72.17 -36.17
CA GLY VA 305 -61.43 72.17 -37.26
C GLY VA 305 -62.12 70.82 -37.35
N ILE VA 306 -63.44 70.83 -37.26
CA ILE VA 306 -64.22 69.61 -37.10
C ILE VA 306 -64.56 69.06 -38.48
N THR VA 307 -63.95 67.93 -38.82
CA THR VA 307 -64.29 67.20 -40.03
C THR VA 307 -65.41 66.21 -39.73
N LYS VA 308 -65.67 65.29 -40.66
CA LYS VA 308 -66.73 64.30 -40.45
C LYS VA 308 -66.32 63.27 -39.42
N THR VA 309 -65.12 62.72 -39.54
CA THR VA 309 -64.59 61.75 -38.58
C THR VA 309 -63.68 62.40 -37.55
N TYR VA 310 -63.94 63.67 -37.21
CA TYR VA 310 -63.16 64.34 -36.18
C TYR VA 310 -63.43 63.74 -34.80
N VAL VA 311 -64.69 63.46 -34.50
CA VAL VA 311 -65.07 62.92 -33.20
C VAL VA 311 -64.56 61.49 -33.06
N LYS VA 312 -64.59 60.72 -34.15
CA LYS VA 312 -64.19 59.32 -34.09
C LYS VA 312 -62.68 59.17 -33.95
N ASP VA 313 -61.90 60.04 -34.61
CA ASP VA 313 -60.46 59.89 -34.60
C ASP VA 313 -59.81 60.31 -33.29
N VAL VA 314 -60.54 60.94 -32.38
CA VAL VA 314 -59.98 61.33 -31.10
C VAL VA 314 -60.56 60.43 -30.00
N THR VA 315 -61.77 59.92 -30.20
CA THR VA 315 -62.28 58.95 -29.23
C THR VA 315 -61.66 57.56 -29.41
N GLU VA 316 -60.97 57.33 -30.53
CA GLU VA 316 -60.06 56.19 -30.65
C GLU VA 316 -58.65 56.55 -30.23
N GLY VA 317 -58.40 57.82 -29.94
CA GLY VA 317 -57.12 58.24 -29.41
C GLY VA 317 -57.20 58.43 -27.91
N LEU VA 318 -58.40 58.65 -27.39
CA LEU VA 318 -58.59 58.62 -25.95
C LEU VA 318 -58.53 57.20 -25.42
N ARG VA 319 -59.02 56.23 -26.20
CA ARG VA 319 -58.92 54.83 -25.80
C ARG VA 319 -57.48 54.36 -25.82
N ALA VA 320 -56.70 54.79 -26.83
CA ALA VA 320 -55.32 54.34 -26.95
C ALA VA 320 -54.44 54.95 -25.88
N PHE VA 321 -54.79 56.13 -25.36
CA PHE VA 321 -54.12 56.73 -24.23
C PHE VA 321 -54.78 56.37 -22.91
N MET VA 322 -55.53 55.26 -22.87
CA MET VA 322 -56.16 54.78 -21.66
C MET VA 322 -55.87 53.30 -21.51
N ARG VA 323 -55.64 52.62 -22.64
CA ARG VA 323 -55.24 51.21 -22.59
C ARG VA 323 -53.85 51.04 -22.03
N ASP VA 324 -52.97 52.04 -22.20
CA ASP VA 324 -51.67 51.98 -21.54
C ASP VA 324 -51.77 52.29 -20.05
N LEU VA 325 -52.81 53.02 -19.63
CA LEU VA 325 -53.07 53.21 -18.22
C LEU VA 325 -53.57 51.93 -17.57
N LYS VA 326 -54.34 51.13 -18.29
CA LYS VA 326 -54.69 49.81 -17.81
C LYS VA 326 -53.46 48.89 -17.83
N ASN VA 327 -52.54 49.14 -18.76
CA ASN VA 327 -51.35 48.31 -18.86
C ASN VA 327 -50.40 48.55 -17.69
N GLN VA 328 -50.26 49.80 -17.27
CA GLN VA 328 -49.40 50.12 -16.14
C GLN VA 328 -50.14 50.08 -14.81
N GLY VA 329 -51.37 49.58 -14.80
CA GLY VA 329 -52.09 49.38 -13.56
C GLY VA 329 -52.69 50.62 -12.95
N ALA VA 330 -52.90 51.68 -13.74
CA ALA VA 330 -53.45 52.90 -13.19
C ALA VA 330 -54.95 52.79 -12.94
N VAL VA 331 -55.68 52.14 -13.83
CA VAL VA 331 -57.12 52.01 -13.72
C VAL VA 331 -57.51 50.54 -13.87
N ILE VA 332 -58.73 50.24 -13.43
CA ILE VA 332 -59.42 49.05 -13.81
C ILE VA 332 -60.35 49.46 -14.95
N ASN VA 333 -61.01 48.46 -15.57
CA ASN VA 333 -61.64 48.56 -16.89
C ASN VA 333 -62.54 49.79 -17.06
N PHE VA 334 -62.37 50.45 -18.20
CA PHE VA 334 -62.94 51.75 -18.49
C PHE VA 334 -63.93 51.65 -19.64
N GLU VA 335 -64.49 52.80 -20.02
CA GLU VA 335 -65.19 52.96 -21.29
C GLU VA 335 -65.10 54.41 -21.72
N VAL VA 336 -64.75 54.62 -22.99
CA VAL VA 336 -64.63 55.94 -23.58
C VAL VA 336 -65.52 55.97 -24.81
N TYR VA 337 -66.48 56.88 -24.84
CA TYR VA 337 -67.40 56.95 -25.96
C TYR VA 337 -67.90 58.38 -26.10
N ALA VA 338 -68.21 58.76 -27.33
CA ALA VA 338 -68.77 60.08 -27.60
C ALA VA 338 -70.19 60.16 -27.08
N ASP VA 339 -70.56 61.33 -26.59
CA ASP VA 339 -71.88 61.56 -26.02
C ASP VA 339 -72.87 61.73 -27.16
N PRO VA 340 -73.83 60.82 -27.32
CA PRO VA 340 -74.68 60.86 -28.53
C PRO VA 340 -75.71 61.96 -28.53
N ASP VA 341 -76.27 62.31 -27.37
CA ASP VA 341 -77.40 63.24 -27.36
C ASP VA 341 -76.94 64.69 -27.16
N LEU VA 342 -75.81 64.90 -26.49
CA LEU VA 342 -75.31 66.26 -26.30
C LEU VA 342 -74.60 66.77 -27.54
N ASN VA 343 -74.00 65.87 -28.32
CA ASN VA 343 -73.40 66.28 -29.58
C ASN VA 343 -74.49 66.53 -30.62
N SER VA 344 -74.52 67.75 -31.15
CA SER VA 344 -75.55 68.14 -32.10
C SER VA 344 -74.94 69.13 -33.08
N ALA VA 345 -75.73 69.48 -34.10
CA ALA VA 345 -75.23 70.40 -35.13
C ALA VA 345 -75.16 71.83 -34.62
N SER VA 346 -76.00 72.17 -33.63
CA SER VA 346 -75.97 73.52 -33.08
C SER VA 346 -74.78 73.70 -32.15
N GLN VA 347 -74.26 72.60 -31.59
CA GLN VA 347 -73.09 72.71 -30.72
C GLN VA 347 -71.81 72.78 -31.53
N LEU VA 348 -71.84 72.30 -32.78
CA LEU VA 348 -70.65 72.36 -33.62
C LEU VA 348 -70.37 73.78 -34.08
N ALA VA 349 -71.40 74.61 -34.21
CA ALA VA 349 -71.23 75.98 -34.68
C ALA VA 349 -70.54 76.87 -33.65
N GLN VA 350 -70.50 76.45 -32.38
CA GLN VA 350 -69.79 77.18 -31.34
C GLN VA 350 -68.60 76.40 -30.79
N GLY VA 351 -68.22 75.30 -31.45
CA GLY VA 351 -67.01 74.58 -31.11
C GLY VA 351 -67.13 73.61 -29.96
N LYS VA 352 -68.33 73.32 -29.48
CA LYS VA 352 -68.53 72.45 -28.34
C LYS VA 352 -68.78 71.02 -28.79
N VAL VA 353 -67.96 70.10 -28.27
CA VAL VA 353 -68.06 68.67 -28.54
C VAL VA 353 -67.82 67.93 -27.23
N TYR VA 354 -68.54 66.82 -27.04
CA TYR VA 354 -68.61 66.17 -25.74
C TYR VA 354 -68.23 64.70 -25.83
N TRP VA 355 -67.54 64.21 -24.81
CA TRP VA 355 -67.21 62.79 -24.68
C TRP VA 355 -67.52 62.32 -23.27
N ASN VA 356 -67.54 61.00 -23.11
CA ASN VA 356 -67.78 60.36 -21.82
C ASN VA 356 -66.63 59.43 -21.52
N ILE VA 357 -65.87 59.74 -20.48
CA ILE VA 357 -64.62 59.05 -20.17
C ILE VA 357 -64.82 58.35 -18.83
N ARG VA 358 -66.01 57.80 -18.63
CA ARG VA 358 -66.35 57.01 -17.44
C ARG VA 358 -65.36 55.86 -17.19
N PHE VA 359 -64.61 55.92 -16.10
CA PHE VA 359 -63.69 54.86 -15.74
C PHE VA 359 -63.81 54.59 -14.25
N THR VA 360 -63.07 53.60 -13.77
CA THR VA 360 -62.97 53.29 -12.36
C THR VA 360 -61.50 53.21 -11.96
N ASP VA 361 -61.26 53.21 -10.65
CA ASP VA 361 -59.91 53.28 -10.13
C ASP VA 361 -59.71 52.22 -9.06
N VAL VA 362 -58.45 51.93 -8.77
CA VAL VA 362 -58.09 50.97 -7.74
C VAL VA 362 -58.35 51.56 -6.36
N PRO VA 363 -59.12 50.89 -5.51
CA PRO VA 363 -59.31 51.37 -4.14
C PRO VA 363 -58.14 50.96 -3.27
N PRO VA 364 -57.60 51.89 -2.47
CA PRO VA 364 -56.49 51.52 -1.59
C PRO VA 364 -56.96 50.68 -0.42
N ALA VA 365 -56.22 49.60 -0.17
CA ALA VA 365 -56.59 48.62 0.86
C ALA VA 365 -56.26 49.20 2.24
N GLU VA 366 -57.17 50.05 2.73
CA GLU VA 366 -56.94 50.71 4.00
C GLU VA 366 -57.22 49.78 5.16
N ASN VA 367 -57.92 48.68 4.92
CA ASN VA 367 -58.32 47.80 6.01
C ASN VA 367 -58.21 46.33 5.59
N PRO VA 368 -57.01 45.73 5.63
CA PRO VA 368 -56.95 44.27 5.46
C PRO VA 368 -57.31 43.53 6.74
N ASN VA 369 -58.44 42.83 6.73
CA ASN VA 369 -58.91 42.10 7.89
C ASN VA 369 -58.42 40.66 7.81
N PHE VA 370 -57.86 40.15 8.89
CA PHE VA 370 -57.40 38.76 8.95
C PHE VA 370 -58.19 38.03 10.02
N ARG VA 371 -59.08 37.14 9.59
CA ARG VA 371 -59.92 36.36 10.49
C ARG VA 371 -59.16 35.11 10.88
N VAL VA 372 -58.83 34.98 12.16
CA VAL VA 372 -57.83 34.02 12.61
C VAL VA 372 -58.28 33.39 13.93
N GLU VA 373 -58.10 32.07 14.05
CA GLU VA 373 -58.28 31.38 15.32
C GLU VA 373 -57.19 30.33 15.48
N VAL VA 374 -57.10 29.82 16.69
CA VAL VA 374 -56.23 28.69 17.00
C VAL VA 374 -57.10 27.46 17.14
N THR VA 375 -57.07 26.58 16.15
CA THR VA 375 -57.91 25.40 16.15
C THR VA 375 -57.13 24.28 16.86
N ASP VA 376 -57.72 23.08 16.93
CA ASP VA 376 -57.03 21.87 17.30
C ASP VA 376 -57.21 20.80 16.23
N GLN VA 377 -57.26 21.22 14.96
CA GLN VA 377 -57.57 20.29 13.89
C GLN VA 377 -56.38 19.40 13.56
N TRP VA 378 -55.24 20.00 13.23
CA TRP VA 378 -54.04 19.22 12.90
C TRP VA 378 -53.24 18.86 14.14
N LEU VA 379 -53.90 18.31 15.15
CA LEU VA 379 -53.24 17.82 16.34
C LEU VA 379 -52.90 16.34 16.21
N THR VA 380 -53.59 15.63 15.32
CA THR VA 380 -53.25 14.26 14.99
C THR VA 380 -52.00 14.16 14.12
N GLU VA 381 -51.50 15.29 13.60
CA GLU VA 381 -50.20 15.30 12.95
C GLU VA 381 -49.06 15.09 13.94
N VAL VA 382 -49.29 15.40 15.21
CA VAL VA 382 -48.29 15.22 16.26
C VAL VA 382 -48.61 13.88 16.92
N LEU VA 383 -48.05 12.81 16.37
CA LEU VA 383 -48.18 11.48 16.94
C LEU VA 383 -46.89 10.69 16.75
N SER WA 2 -45.42 -51.58 -55.39
CA SER WA 2 -45.85 -50.96 -54.14
C SER WA 2 -45.19 -49.60 -53.96
N PHE WA 3 -45.18 -49.10 -52.73
CA PHE WA 3 -44.57 -47.82 -52.41
C PHE WA 3 -44.10 -47.87 -50.96
N PHE WA 4 -43.60 -46.73 -50.47
CA PHE WA 4 -43.13 -46.61 -49.10
C PHE WA 4 -43.67 -45.34 -48.48
N HIS WA 5 -44.05 -45.42 -47.21
CA HIS WA 5 -44.45 -44.26 -46.44
C HIS WA 5 -43.41 -44.05 -45.35
N GLY WA 6 -43.10 -42.79 -45.06
CA GLY WA 6 -42.11 -42.47 -44.06
C GLY WA 6 -40.71 -42.48 -44.64
N VAL WA 7 -39.75 -42.17 -43.78
CA VAL WA 7 -38.35 -42.08 -44.18
C VAL WA 7 -37.77 -43.47 -44.36
N THR WA 8 -37.22 -43.72 -45.54
CA THR WA 8 -36.51 -44.97 -45.83
C THR WA 8 -35.05 -44.63 -46.06
N VAL WA 9 -34.22 -44.91 -45.05
CA VAL WA 9 -32.80 -44.62 -45.10
C VAL WA 9 -32.11 -45.73 -45.89
N THR WA 10 -31.51 -45.37 -47.02
CA THR WA 10 -30.81 -46.32 -47.87
C THR WA 10 -29.34 -46.37 -47.51
N ASN WA 11 -28.53 -47.00 -48.36
CA ASN WA 11 -27.09 -47.07 -48.15
C ASN WA 11 -26.45 -47.27 -49.53
N VAL WA 12 -25.88 -46.19 -50.07
CA VAL WA 12 -25.36 -46.19 -51.43
C VAL WA 12 -23.87 -45.88 -51.41
N ASP WA 13 -23.27 -45.77 -52.60
CA ASP WA 13 -21.87 -45.38 -52.74
C ASP WA 13 -21.78 -44.26 -53.76
N ILE WA 14 -21.52 -43.04 -53.28
CA ILE WA 14 -21.40 -41.85 -54.12
C ILE WA 14 -20.11 -41.13 -53.78
N GLY WA 15 -19.60 -40.37 -54.75
CA GLY WA 15 -18.34 -39.67 -54.56
C GLY WA 15 -18.55 -38.23 -54.10
N ALA WA 16 -17.56 -37.37 -54.36
CA ALA WA 16 -17.58 -35.98 -53.94
C ALA WA 16 -18.65 -35.23 -54.71
N ARG WA 17 -19.12 -34.11 -54.13
CA ARG WA 17 -20.19 -33.32 -54.74
C ARG WA 17 -19.59 -32.23 -55.65
N THR WA 18 -18.68 -32.66 -56.51
CA THR WA 18 -17.99 -31.75 -57.41
C THR WA 18 -18.78 -31.55 -58.70
N ILE WA 19 -20.05 -31.97 -58.72
CA ILE WA 19 -20.89 -31.79 -59.89
C ILE WA 19 -21.46 -30.38 -59.82
N ALA WA 20 -20.68 -29.42 -60.28
CA ALA WA 20 -21.11 -28.06 -60.56
C ALA WA 20 -20.63 -27.74 -61.96
N LEU WA 21 -21.57 -27.44 -62.85
CA LEU WA 21 -21.33 -27.62 -64.28
C LEU WA 21 -21.29 -26.28 -65.00
N PRO WA 22 -20.11 -25.78 -65.42
CA PRO WA 22 -20.11 -24.66 -66.37
C PRO WA 22 -20.31 -25.14 -67.79
N ALA WA 23 -21.35 -24.63 -68.46
CA ALA WA 23 -21.66 -25.06 -69.83
C ALA WA 23 -20.92 -24.19 -70.83
N SER WA 24 -19.59 -24.26 -70.76
CA SER WA 24 -18.71 -23.42 -71.57
C SER WA 24 -18.08 -24.19 -72.73
N SER WA 25 -17.43 -25.31 -72.46
CA SER WA 25 -16.76 -26.08 -73.50
C SER WA 25 -17.27 -27.51 -73.50
N VAL WA 26 -17.39 -28.07 -74.70
CA VAL WA 26 -17.85 -29.43 -74.93
C VAL WA 26 -16.74 -30.21 -75.62
N ILE WA 27 -16.67 -31.51 -75.37
CA ILE WA 27 -15.57 -32.35 -75.81
C ILE WA 27 -16.14 -33.50 -76.64
N GLY WA 28 -15.60 -33.71 -77.83
CA GLY WA 28 -15.91 -34.86 -78.64
C GLY WA 28 -14.89 -35.95 -78.42
N LEU WA 29 -15.38 -37.12 -77.99
CA LEU WA 29 -14.53 -38.22 -77.59
C LEU WA 29 -14.91 -39.47 -78.35
N CYS WA 30 -13.92 -40.34 -78.60
CA CYS WA 30 -14.18 -41.60 -79.27
C CYS WA 30 -13.09 -42.60 -78.87
N ASP WA 31 -13.50 -43.74 -78.34
CA ASP WA 31 -12.55 -44.79 -77.96
C ASP WA 31 -13.33 -46.11 -77.93
N VAL WA 32 -12.60 -47.21 -77.77
CA VAL WA 32 -13.22 -48.53 -77.78
C VAL WA 32 -13.85 -48.81 -76.42
N PHE WA 33 -14.79 -49.77 -76.43
CA PHE WA 33 -15.45 -50.21 -75.19
C PHE WA 33 -16.00 -51.60 -75.42
N THR WA 34 -16.66 -52.13 -74.41
CA THR WA 34 -17.34 -53.43 -74.50
C THR WA 34 -18.83 -53.22 -74.22
N PRO WA 35 -19.71 -53.41 -75.20
CA PRO WA 35 -21.15 -53.18 -74.95
C PRO WA 35 -21.80 -54.30 -74.15
N GLY WA 36 -21.59 -54.29 -72.84
CA GLY WA 36 -22.17 -55.27 -71.96
C GLY WA 36 -23.57 -54.87 -71.52
N ALA WA 37 -24.04 -55.59 -70.49
CA ALA WA 37 -25.37 -55.30 -69.95
C ALA WA 37 -25.37 -54.05 -69.08
N GLN WA 38 -24.26 -53.78 -68.38
CA GLN WA 38 -24.16 -52.59 -67.55
C GLN WA 38 -23.82 -51.34 -68.35
N ALA WA 39 -23.41 -51.48 -69.60
CA ALA WA 39 -23.07 -50.36 -70.47
C ALA WA 39 -24.26 -50.07 -71.36
N SER WA 40 -25.10 -49.11 -70.95
CA SER WA 40 -26.34 -48.81 -71.64
C SER WA 40 -26.09 -47.77 -72.73
N ALA WA 41 -25.38 -48.21 -73.77
CA ALA WA 41 -25.09 -47.36 -74.92
C ALA WA 41 -24.87 -48.23 -76.14
N LYS WA 42 -25.60 -47.93 -77.21
CA LYS WA 42 -25.34 -48.55 -78.50
C LYS WA 42 -23.99 -48.06 -79.03
N PRO WA 43 -23.27 -48.88 -79.84
CA PRO WA 43 -21.89 -48.53 -80.23
C PRO WA 43 -21.69 -47.24 -81.00
N ASN WA 44 -22.33 -47.08 -82.15
CA ASN WA 44 -22.01 -45.97 -83.04
C ASN WA 44 -22.87 -44.74 -82.83
N VAL WA 45 -23.66 -44.69 -81.75
CA VAL WA 45 -24.49 -43.53 -81.50
C VAL WA 45 -23.78 -42.60 -80.51
N PRO WA 46 -24.03 -41.30 -80.53
CA PRO WA 46 -23.45 -40.43 -79.51
C PRO WA 46 -24.26 -40.45 -78.23
N VAL WA 47 -23.55 -40.26 -77.11
CA VAL WA 47 -24.13 -40.19 -75.78
C VAL WA 47 -23.60 -38.94 -75.10
N LEU WA 48 -24.50 -38.04 -74.70
CA LEU WA 48 -24.09 -36.88 -73.92
C LEU WA 48 -23.80 -37.32 -72.49
N LEU WA 49 -22.67 -36.87 -71.96
CA LEU WA 49 -22.25 -37.22 -70.62
C LEU WA 49 -22.24 -35.98 -69.73
N THR WA 50 -22.65 -36.15 -68.49
CA THR WA 50 -22.76 -35.08 -67.52
C THR WA 50 -21.71 -35.15 -66.43
N SER WA 51 -21.47 -36.33 -65.87
CA SER WA 51 -20.48 -36.50 -64.82
C SER WA 51 -19.90 -37.90 -64.94
N LYS WA 52 -19.26 -38.38 -63.88
CA LYS WA 52 -18.78 -39.76 -63.86
C LYS WA 52 -19.91 -40.75 -63.60
N LYS WA 53 -21.03 -40.27 -63.04
CA LYS WA 53 -22.10 -41.17 -62.63
C LYS WA 53 -22.87 -41.71 -63.84
N ASP WA 54 -22.99 -40.94 -64.91
CA ASP WA 54 -23.59 -41.45 -66.14
C ASP WA 54 -22.54 -41.84 -67.17
N ALA WA 55 -21.28 -41.48 -66.98
CA ALA WA 55 -20.21 -42.10 -67.76
C ALA WA 55 -19.93 -43.52 -67.29
N ALA WA 56 -20.28 -43.84 -66.04
CA ALA WA 56 -20.28 -45.21 -65.56
C ALA WA 56 -21.58 -45.94 -65.85
N ALA WA 57 -22.62 -45.21 -66.22
CA ALA WA 57 -23.90 -45.83 -66.58
C ALA WA 57 -24.01 -46.07 -68.08
N ALA WA 58 -23.49 -45.16 -68.89
CA ALA WA 58 -23.52 -45.38 -70.33
C ALA WA 58 -22.47 -46.40 -70.77
N PHE WA 59 -21.29 -46.36 -70.16
CA PHE WA 59 -20.21 -47.28 -70.47
C PHE WA 59 -19.70 -47.90 -69.19
N GLY WA 60 -19.01 -49.02 -69.32
CA GLY WA 60 -18.57 -49.77 -68.17
C GLY WA 60 -17.43 -49.10 -67.41
N ILE WA 61 -17.12 -49.66 -66.24
CA ILE WA 61 -16.02 -49.16 -65.44
C ILE WA 61 -14.69 -49.45 -66.10
N GLY WA 62 -14.48 -50.70 -66.51
CA GLY WA 62 -13.25 -51.11 -67.15
C GLY WA 62 -13.14 -50.80 -68.61
N SER WA 63 -14.11 -50.10 -69.18
CA SER WA 63 -14.07 -49.76 -70.59
C SER WA 63 -13.07 -48.65 -70.85
N SER WA 64 -12.52 -48.63 -72.06
CA SER WA 64 -11.52 -47.63 -72.42
C SER WA 64 -12.12 -46.25 -72.65
N ILE WA 65 -13.45 -46.15 -72.78
CA ILE WA 65 -14.12 -44.85 -72.74
C ILE WA 65 -13.93 -44.22 -71.37
N TYR WA 66 -14.28 -44.95 -70.31
CA TYR WA 66 -14.31 -44.39 -68.97
C TYR WA 66 -12.92 -44.10 -68.44
N LEU WA 67 -11.90 -44.83 -68.88
CA LEU WA 67 -10.53 -44.48 -68.52
C LEU WA 67 -10.10 -43.19 -69.20
N ALA WA 68 -10.64 -42.91 -70.39
CA ALA WA 68 -10.41 -41.65 -71.08
C ALA WA 68 -11.48 -40.63 -70.80
N CYS WA 69 -12.45 -40.93 -69.93
CA CYS WA 69 -13.46 -39.98 -69.53
C CYS WA 69 -13.36 -39.59 -68.07
N GLU WA 70 -12.76 -40.44 -67.23
CA GLU WA 70 -12.45 -40.07 -65.86
C GLU WA 70 -11.41 -38.97 -65.81
N ALA WA 71 -10.47 -38.97 -66.77
CA ALA WA 71 -9.40 -37.97 -66.79
C ALA WA 71 -9.91 -36.58 -67.08
N ILE WA 72 -11.01 -36.47 -67.83
CA ILE WA 72 -11.59 -35.15 -68.09
C ILE WA 72 -12.28 -34.62 -66.84
N TYR WA 73 -13.11 -35.45 -66.20
CA TYR WA 73 -13.85 -35.00 -65.03
C TYR WA 73 -12.99 -34.87 -63.78
N ASN WA 74 -11.73 -35.33 -63.81
CA ASN WA 74 -10.83 -35.04 -62.70
C ASN WA 74 -10.45 -33.56 -62.66
N ARG WA 75 -10.44 -32.89 -63.80
CA ARG WA 75 -10.02 -31.50 -63.89
C ARG WA 75 -11.18 -30.54 -64.09
N ALA WA 76 -12.01 -30.76 -65.12
CA ALA WA 76 -13.13 -29.89 -65.42
C ALA WA 76 -14.39 -30.73 -65.56
N GLN WA 77 -15.46 -30.29 -64.89
CA GLN WA 77 -16.76 -30.96 -64.97
C GLN WA 77 -17.55 -30.32 -66.11
N ALA WA 78 -17.11 -30.58 -67.33
CA ALA WA 78 -17.79 -30.11 -68.52
C ALA WA 78 -18.80 -31.16 -68.96
N VAL WA 79 -19.34 -31.01 -70.16
CA VAL WA 79 -20.24 -31.99 -70.75
C VAL WA 79 -19.59 -32.52 -72.03
N ILE WA 80 -19.72 -33.83 -72.24
CA ILE WA 80 -18.97 -34.55 -73.26
C ILE WA 80 -19.94 -35.21 -74.22
N VAL WA 81 -19.82 -34.89 -75.51
CA VAL WA 81 -20.48 -35.66 -76.57
C VAL WA 81 -19.53 -36.80 -76.89
N ALA WA 82 -19.84 -37.99 -76.39
CA ALA WA 82 -18.94 -39.13 -76.47
C ALA WA 82 -19.58 -40.21 -77.34
N VAL WA 83 -18.90 -40.57 -78.42
CA VAL WA 83 -19.32 -41.70 -79.23
C VAL WA 83 -18.45 -42.89 -78.87
N GLY WA 84 -19.00 -44.08 -79.03
CA GLY WA 84 -18.26 -45.30 -78.83
C GLY WA 84 -17.88 -45.95 -80.16
N VAL WA 85 -17.09 -47.01 -80.05
CA VAL WA 85 -16.76 -47.84 -81.21
C VAL WA 85 -16.51 -49.25 -80.72
N GLU WA 86 -16.97 -50.22 -81.51
CA GLU WA 86 -16.69 -51.61 -81.22
C GLU WA 86 -15.22 -51.91 -81.50
N THR WA 87 -14.59 -52.65 -80.59
CA THR WA 87 -13.20 -53.01 -80.76
C THR WA 87 -13.02 -54.01 -81.89
N ALA WA 88 -11.80 -54.07 -82.41
CA ALA WA 88 -11.48 -54.92 -83.55
C ALA WA 88 -10.22 -55.70 -83.27
N GLU WA 89 -9.93 -56.66 -84.15
CA GLU WA 89 -8.79 -57.56 -83.98
C GLU WA 89 -7.52 -56.97 -84.59
N THR WA 90 -7.54 -56.72 -85.89
CA THR WA 90 -6.40 -56.09 -86.53
C THR WA 90 -6.41 -54.59 -86.26
N PRO WA 91 -5.23 -53.96 -86.15
CA PRO WA 91 -5.21 -52.52 -85.87
C PRO WA 91 -5.63 -51.66 -87.05
N GLU WA 92 -5.60 -52.22 -88.27
CA GLU WA 92 -6.08 -51.47 -89.42
C GLU WA 92 -7.60 -51.40 -89.45
N ALA WA 93 -8.27 -52.48 -89.03
CA ALA WA 93 -9.72 -52.47 -88.96
C ALA WA 93 -10.20 -51.69 -87.74
N GLN WA 94 -9.37 -51.60 -86.71
CA GLN WA 94 -9.70 -50.76 -85.57
C GLN WA 94 -9.51 -49.28 -85.92
N ALA WA 95 -8.51 -48.97 -86.73
CA ALA WA 95 -8.31 -47.59 -87.18
C ALA WA 95 -9.38 -47.20 -88.18
N SER WA 96 -9.90 -48.16 -88.93
CA SER WA 96 -10.96 -47.85 -89.88
C SER WA 96 -12.31 -47.72 -89.19
N ALA WA 97 -12.47 -48.37 -88.03
CA ALA WA 97 -13.75 -48.31 -87.33
C ALA WA 97 -13.86 -47.03 -86.49
N VAL WA 98 -12.73 -46.54 -85.98
CA VAL WA 98 -12.77 -45.33 -85.17
C VAL WA 98 -12.99 -44.10 -86.05
N ILE WA 99 -12.59 -44.20 -87.33
CA ILE WA 99 -12.95 -43.15 -88.27
C ILE WA 99 -14.41 -43.23 -88.64
N GLY WA 100 -14.86 -44.41 -89.09
CA GLY WA 100 -16.23 -44.62 -89.47
C GLY WA 100 -16.58 -43.89 -90.74
N GLY WA 101 -17.85 -43.53 -90.87
CA GLY WA 101 -18.30 -42.82 -92.05
C GLY WA 101 -19.78 -43.04 -92.27
N ILE WA 102 -20.15 -43.11 -93.54
CA ILE WA 102 -21.55 -43.24 -93.95
C ILE WA 102 -21.89 -44.70 -94.28
N SER WA 103 -21.11 -45.65 -93.76
CA SER WA 103 -21.29 -47.08 -94.05
C SER WA 103 -22.53 -47.68 -93.41
N ALA WA 104 -23.29 -46.93 -92.62
CA ALA WA 104 -24.57 -47.39 -92.10
C ALA WA 104 -25.65 -47.15 -93.16
N ALA WA 105 -26.91 -47.31 -92.76
CA ALA WA 105 -28.02 -47.04 -93.69
C ALA WA 105 -28.17 -45.55 -93.93
N GLY WA 106 -28.45 -44.79 -92.88
CA GLY WA 106 -28.54 -43.34 -92.98
C GLY WA 106 -27.91 -42.65 -91.79
N GLU WA 107 -26.90 -43.28 -91.19
CA GLU WA 107 -26.25 -42.79 -89.99
C GLU WA 107 -24.78 -42.54 -90.23
N ARG WA 108 -24.17 -41.84 -89.28
CA ARG WA 108 -22.74 -41.59 -89.26
C ARG WA 108 -22.12 -42.39 -88.13
N THR WA 109 -21.01 -43.08 -88.43
CA THR WA 109 -20.34 -43.93 -87.46
C THR WA 109 -18.93 -43.41 -87.19
N GLY WA 110 -18.35 -43.87 -86.09
CA GLY WA 110 -16.99 -43.50 -85.74
C GLY WA 110 -16.86 -42.07 -85.27
N LEU WA 111 -15.84 -41.36 -85.76
CA LEU WA 111 -15.70 -39.95 -85.44
C LEU WA 111 -16.78 -39.11 -86.09
N GLN WA 112 -17.36 -39.59 -87.20
CA GLN WA 112 -18.34 -38.82 -87.96
C GLN WA 112 -19.63 -38.59 -87.20
N ALA WA 113 -19.93 -39.40 -86.18
CA ALA WA 113 -21.10 -39.18 -85.36
C ALA WA 113 -20.94 -38.00 -84.41
N LEU WA 114 -19.72 -37.43 -84.28
CA LEU WA 114 -19.54 -36.19 -83.55
C LEU WA 114 -20.04 -34.98 -84.33
N LEU WA 115 -20.25 -35.12 -85.64
CA LEU WA 115 -20.89 -34.07 -86.42
C LEU WA 115 -22.38 -33.94 -86.11
N ASP WA 116 -22.96 -34.96 -85.49
CA ASP WA 116 -24.34 -34.92 -85.02
C ASP WA 116 -24.46 -34.43 -83.58
N GLY WA 117 -23.52 -33.59 -83.14
CA GLY WA 117 -23.57 -32.99 -81.82
C GLY WA 117 -24.76 -32.08 -81.63
N LYS WA 118 -24.86 -31.05 -82.47
CA LYS WA 118 -26.10 -30.28 -82.52
C LYS WA 118 -27.17 -31.08 -83.27
N SER WA 119 -28.42 -30.64 -83.10
CA SER WA 119 -29.66 -31.24 -83.60
C SER WA 119 -29.96 -32.62 -83.01
N ARG WA 120 -29.15 -33.07 -82.08
CA ARG WA 120 -29.35 -34.23 -81.23
C ARG WA 120 -29.15 -33.91 -79.76
N PHE WA 121 -28.16 -33.10 -79.43
CA PHE WA 121 -27.77 -32.81 -78.06
C PHE WA 121 -27.69 -31.33 -77.75
N ASN WA 122 -27.72 -30.46 -78.76
CA ASN WA 122 -27.42 -29.03 -78.67
C ASN WA 122 -26.05 -28.80 -78.02
N ALA WA 123 -25.04 -29.48 -78.57
CA ALA WA 123 -23.66 -29.31 -78.11
C ALA WA 123 -22.74 -29.65 -79.28
N GLN WA 124 -22.25 -28.61 -79.96
CA GLN WA 124 -21.34 -28.79 -81.09
C GLN WA 124 -19.92 -28.91 -80.55
N PRO WA 125 -19.26 -30.07 -80.69
CA PRO WA 125 -17.98 -30.29 -80.00
C PRO WA 125 -16.87 -29.40 -80.52
N ARG WA 126 -16.21 -28.70 -79.61
CA ARG WA 126 -15.08 -27.85 -79.95
C ARG WA 126 -13.75 -28.46 -79.54
N LEU WA 127 -13.77 -29.59 -78.86
CA LEU WA 127 -12.56 -30.28 -78.43
C LEU WA 127 -12.66 -31.73 -78.91
N LEU WA 128 -11.79 -32.10 -79.84
CA LEU WA 128 -11.85 -33.41 -80.48
C LEU WA 128 -10.68 -34.25 -80.01
N VAL WA 129 -10.99 -35.39 -79.36
CA VAL WA 129 -9.96 -36.29 -78.85
C VAL WA 129 -10.31 -37.73 -79.21
N ALA WA 130 -9.27 -38.53 -79.39
CA ALA WA 130 -9.38 -40.00 -79.43
C ALA WA 130 -8.09 -40.52 -78.83
N PRO WA 131 -8.08 -40.82 -77.54
CA PRO WA 131 -6.81 -41.13 -76.85
C PRO WA 131 -6.25 -42.48 -77.27
N GLY WA 132 -5.04 -42.46 -77.80
CA GLY WA 132 -4.39 -43.67 -78.27
C GLY WA 132 -4.53 -43.85 -79.76
N HIS WA 133 -5.70 -43.50 -80.29
CA HIS WA 133 -5.93 -43.66 -81.72
C HIS WA 133 -5.34 -42.52 -82.52
N SER WA 134 -5.04 -41.39 -81.86
CA SER WA 134 -4.49 -40.25 -82.58
C SER WA 134 -3.02 -40.46 -82.94
N ALA WA 135 -2.38 -41.48 -82.37
CA ALA WA 135 -1.00 -41.80 -82.74
C ALA WA 135 -0.92 -42.40 -84.14
N GLN WA 136 -2.04 -42.94 -84.63
CA GLN WA 136 -2.08 -43.44 -85.99
C GLN WA 136 -2.19 -42.29 -86.97
N GLN WA 137 -1.63 -42.49 -88.17
CA GLN WA 137 -1.61 -41.42 -89.17
C GLN WA 137 -2.97 -41.26 -89.83
N ALA WA 138 -3.64 -42.38 -90.13
CA ALA WA 138 -4.89 -42.31 -90.88
C ALA WA 138 -6.03 -41.80 -90.01
N VAL WA 139 -5.96 -42.05 -88.70
CA VAL WA 139 -7.00 -41.56 -87.79
C VAL WA 139 -6.84 -40.07 -87.56
N ALA WA 140 -5.59 -39.61 -87.46
CA ALA WA 140 -5.34 -38.19 -87.18
C ALA WA 140 -5.68 -37.32 -88.38
N THR WA 141 -5.60 -37.87 -89.59
CA THR WA 141 -6.01 -37.13 -90.77
C THR WA 141 -7.53 -37.02 -90.83
N ALA WA 142 -8.24 -38.07 -90.42
CA ALA WA 142 -9.68 -37.97 -90.28
C ALA WA 142 -10.06 -37.13 -89.07
N MET WA 143 -9.19 -37.11 -88.05
CA MET WA 143 -9.34 -36.17 -86.95
C MET WA 143 -9.09 -34.75 -87.42
N ASP WA 144 -8.19 -34.58 -88.39
CA ASP WA 144 -7.89 -33.26 -88.95
C ASP WA 144 -9.08 -32.72 -89.71
N GLY WA 145 -9.52 -33.44 -90.75
CA GLY WA 145 -10.56 -32.95 -91.65
C GLY WA 145 -11.92 -32.80 -91.02
N LEU WA 146 -12.16 -33.48 -89.89
CA LEU WA 146 -13.39 -33.28 -89.16
C LEU WA 146 -13.36 -32.02 -88.31
N ALA WA 147 -12.17 -31.45 -88.06
CA ALA WA 147 -12.09 -30.24 -87.26
C ALA WA 147 -12.42 -28.99 -88.07
N GLU WA 148 -12.01 -28.94 -89.35
CA GLU WA 148 -12.37 -27.80 -90.18
C GLU WA 148 -13.84 -27.83 -90.57
N LYS WA 149 -14.48 -29.00 -90.56
CA LYS WA 149 -15.92 -29.06 -90.75
C LYS WA 149 -16.68 -28.65 -89.51
N LEU WA 150 -16.02 -28.61 -88.36
CA LEU WA 150 -16.69 -28.42 -87.08
C LEU WA 150 -16.16 -27.19 -86.33
N ARG WA 151 -15.11 -26.56 -86.83
CA ARG WA 151 -14.42 -25.40 -86.22
C ARG WA 151 -14.00 -25.70 -84.79
N ALA WA 152 -13.16 -26.72 -84.67
CA ALA WA 152 -12.80 -27.29 -83.39
C ALA WA 152 -11.30 -27.48 -83.29
N ILE WA 153 -10.81 -27.58 -82.07
CA ILE WA 153 -9.41 -27.93 -81.81
C ILE WA 153 -9.33 -29.43 -81.61
N ALA WA 154 -8.56 -30.10 -82.47
CA ALA WA 154 -8.41 -31.54 -82.42
C ALA WA 154 -7.08 -31.87 -81.75
N ILE WA 155 -7.15 -32.48 -80.57
CA ILE WA 155 -5.97 -32.78 -79.78
C ILE WA 155 -5.44 -34.14 -80.20
N LEU WA 156 -4.22 -34.17 -80.71
CA LEU WA 156 -3.61 -35.39 -81.21
C LEU WA 156 -2.68 -35.98 -80.17
N ASP WA 157 -2.03 -37.08 -80.53
CA ASP WA 157 -1.06 -37.74 -79.66
C ASP WA 157 0.26 -37.96 -80.36
N GLY WA 158 1.15 -38.70 -79.71
CA GLY WA 158 2.33 -39.21 -80.34
C GLY WA 158 2.55 -40.64 -79.90
N PRO WA 159 3.63 -41.26 -80.36
CA PRO WA 159 3.97 -42.60 -79.89
C PRO WA 159 4.57 -42.54 -78.48
N ASN WA 160 4.78 -43.73 -77.92
CA ASN WA 160 5.48 -43.86 -76.64
C ASN WA 160 6.99 -43.68 -76.79
N SER WA 161 7.49 -43.64 -78.02
CA SER WA 161 8.92 -43.68 -78.28
C SER WA 161 9.55 -42.30 -78.08
N THR WA 162 10.79 -42.15 -78.54
CA THR WA 162 11.64 -41.02 -78.19
C THR WA 162 11.19 -39.74 -78.90
N ASP WA 163 11.97 -38.68 -78.69
CA ASP WA 163 11.62 -37.35 -79.21
C ASP WA 163 11.77 -37.28 -80.71
N GLU WA 164 12.69 -38.05 -81.29
CA GLU WA 164 12.90 -37.99 -82.74
C GLU WA 164 11.73 -38.59 -83.50
N ALA WA 165 11.12 -39.64 -82.96
CA ALA WA 165 9.96 -40.24 -83.59
C ALA WA 165 8.67 -39.50 -83.29
N ALA WA 166 8.70 -38.49 -82.42
CA ALA WA 166 7.56 -37.62 -82.19
C ALA WA 166 7.62 -36.34 -83.02
N VAL WA 167 8.83 -35.82 -83.27
CA VAL WA 167 8.99 -34.70 -84.18
C VAL WA 167 8.66 -35.13 -85.61
N ALA WA 168 9.06 -36.36 -85.98
CA ALA WA 168 8.79 -36.84 -87.33
C ALA WA 168 7.32 -37.12 -87.56
N TYR WA 169 6.56 -37.34 -86.47
CA TYR WA 169 5.13 -37.51 -86.60
C TYR WA 169 4.43 -36.17 -86.80
N ALA WA 170 5.10 -35.07 -86.47
CA ALA WA 170 4.44 -33.77 -86.54
C ALA WA 170 4.86 -33.00 -87.79
N LYS WA 171 5.78 -33.55 -88.59
CA LYS WA 171 6.24 -32.84 -89.76
C LYS WA 171 5.24 -32.89 -90.89
N ASN WA 172 4.49 -33.99 -91.01
CA ASN WA 172 3.55 -34.13 -92.11
C ASN WA 172 2.25 -33.39 -91.85
N PHE WA 173 2.04 -32.92 -90.62
CA PHE WA 173 0.90 -32.08 -90.29
C PHE WA 173 1.29 -30.61 -90.46
N GLY WA 174 0.51 -29.71 -89.87
CA GLY WA 174 0.71 -28.29 -90.13
C GLY WA 174 -0.55 -27.62 -90.65
N SER WA 175 -1.70 -28.11 -90.21
CA SER WA 175 -3.00 -27.71 -90.72
C SER WA 175 -3.84 -26.98 -89.68
N LYS WA 176 -3.21 -26.11 -88.88
CA LYS WA 176 -3.77 -25.01 -88.09
C LYS WA 176 -4.83 -25.38 -87.04
N ARG WA 177 -5.15 -26.65 -86.89
CA ARG WA 177 -6.19 -27.07 -85.96
C ARG WA 177 -5.75 -28.18 -85.02
N LEU WA 178 -4.53 -28.65 -85.14
CA LEU WA 178 -4.08 -29.85 -84.46
C LEU WA 178 -3.15 -29.48 -83.31
N PHE WA 179 -3.34 -30.14 -82.18
CA PHE WA 179 -2.59 -29.86 -80.95
C PHE WA 179 -2.01 -31.17 -80.46
N MET WA 180 -0.70 -31.32 -80.57
CA MET WA 180 -0.03 -32.58 -80.28
C MET WA 180 0.62 -32.54 -78.90
N VAL WA 181 0.39 -33.58 -78.11
CA VAL WA 181 1.00 -33.75 -76.79
C VAL WA 181 1.65 -35.13 -76.81
N ASP WA 182 2.96 -35.19 -77.02
CA ASP WA 182 3.62 -36.50 -77.10
C ASP WA 182 3.93 -37.30 -75.83
N PRO WA 183 4.21 -36.76 -74.63
CA PRO WA 183 4.67 -37.66 -73.55
C PRO WA 183 3.52 -38.46 -72.97
N GLY WA 184 3.70 -39.77 -72.88
CA GLY WA 184 2.69 -40.65 -72.32
C GLY WA 184 2.50 -40.43 -70.84
N VAL WA 185 1.36 -39.87 -70.47
CA VAL WA 185 1.07 -39.62 -69.07
C VAL WA 185 0.74 -40.95 -68.39
N GLN WA 186 1.59 -41.37 -67.46
CA GLN WA 186 1.32 -42.55 -66.66
C GLN WA 186 0.64 -42.13 -65.36
N VAL WA 187 -0.36 -42.91 -64.95
CA VAL WA 187 -1.25 -42.51 -63.86
C VAL WA 187 -1.54 -43.73 -62.99
N TRP WA 188 -1.60 -43.50 -61.68
CA TRP WA 188 -1.98 -44.55 -60.73
C TRP WA 188 -3.46 -44.87 -60.84
N ASP WA 189 -3.80 -46.14 -60.62
CA ASP WA 189 -5.19 -46.56 -60.51
C ASP WA 189 -5.40 -47.33 -59.23
N SER WA 190 -6.66 -47.41 -58.80
CA SER WA 190 -7.03 -48.11 -57.58
C SER WA 190 -7.53 -49.52 -57.84
N ALA WA 191 -7.72 -49.91 -59.09
CA ALA WA 191 -8.24 -51.24 -59.40
C ALA WA 191 -7.16 -52.31 -59.22
N THR WA 192 -6.07 -52.21 -59.97
CA THR WA 192 -5.00 -53.19 -59.92
C THR WA 192 -3.83 -52.74 -59.06
N ASN WA 193 -3.88 -51.50 -58.54
CA ASN WA 193 -2.84 -50.89 -57.71
C ASN WA 193 -1.49 -50.86 -58.41
N ALA WA 194 -1.47 -50.21 -59.57
CA ALA WA 194 -0.27 -50.10 -60.39
C ALA WA 194 -0.34 -48.77 -61.14
N ALA WA 195 0.51 -48.61 -62.15
CA ALA WA 195 0.56 -47.39 -62.93
C ALA WA 195 0.16 -47.71 -64.37
N ARG WA 196 -0.89 -47.06 -64.86
CA ARG WA 196 -1.35 -47.23 -66.22
C ARG WA 196 -0.52 -46.36 -67.15
N ASN WA 197 -0.94 -46.25 -68.41
CA ASN WA 197 -0.29 -45.37 -69.40
C ASN WA 197 -1.40 -44.70 -70.20
N ALA WA 198 -1.86 -43.55 -69.75
CA ALA WA 198 -2.91 -42.84 -70.45
C ALA WA 198 -2.31 -42.02 -71.59
N PRO WA 199 -2.91 -42.03 -72.77
CA PRO WA 199 -2.28 -41.34 -73.92
C PRO WA 199 -2.58 -39.85 -74.01
N ALA WA 200 -2.53 -39.13 -72.88
CA ALA WA 200 -2.33 -37.68 -72.81
C ALA WA 200 -3.37 -36.79 -73.49
N SER WA 201 -4.45 -37.35 -74.04
CA SER WA 201 -5.42 -36.53 -74.76
C SER WA 201 -6.49 -35.98 -73.83
N ALA WA 202 -7.06 -36.83 -72.98
CA ALA WA 202 -8.14 -36.42 -72.10
C ALA WA 202 -7.67 -35.45 -71.02
N TYR WA 203 -6.39 -35.47 -70.67
CA TYR WA 203 -5.89 -34.52 -69.69
C TYR WA 203 -5.77 -33.12 -70.29
N ALA WA 204 -5.39 -33.04 -71.57
CA ALA WA 204 -5.39 -31.75 -72.24
C ALA WA 204 -6.79 -31.32 -72.65
N ALA WA 205 -7.69 -32.28 -72.88
CA ALA WA 205 -9.07 -31.95 -73.21
C ALA WA 205 -9.81 -31.42 -71.98
N GLY WA 206 -9.58 -32.04 -70.83
CA GLY WA 206 -10.12 -31.52 -69.59
C GLY WA 206 -9.45 -30.24 -69.11
N LEU WA 207 -8.32 -29.89 -69.70
CA LEU WA 207 -7.65 -28.64 -69.36
C LEU WA 207 -8.06 -27.50 -70.27
N PHE WA 208 -8.40 -27.80 -71.53
CA PHE WA 208 -8.96 -26.76 -72.40
C PHE WA 208 -10.36 -26.36 -71.93
N ALA WA 209 -11.14 -27.34 -71.45
CA ALA WA 209 -12.46 -27.03 -70.94
C ALA WA 209 -12.42 -26.40 -69.55
N TRP WA 210 -11.30 -26.53 -68.85
CA TRP WA 210 -11.18 -25.90 -67.53
C TRP WA 210 -10.83 -24.43 -67.64
N THR WA 211 -9.92 -24.09 -68.56
CA THR WA 211 -9.49 -22.71 -68.71
C THR WA 211 -10.53 -21.83 -69.38
N ASP WA 212 -11.59 -22.41 -69.95
CA ASP WA 212 -12.69 -21.63 -70.47
C ASP WA 212 -13.73 -21.31 -69.41
N ALA WA 213 -13.62 -21.93 -68.24
CA ALA WA 213 -14.63 -21.74 -67.20
C ALA WA 213 -14.46 -20.40 -66.50
N GLU WA 214 -13.25 -20.06 -66.09
CA GLU WA 214 -13.00 -18.78 -65.43
C GLU WA 214 -11.88 -17.96 -66.03
N TYR WA 215 -10.93 -18.56 -66.74
CA TYR WA 215 -9.92 -17.78 -67.44
C TYR WA 215 -10.34 -17.38 -68.83
N GLY WA 216 -11.42 -17.94 -69.35
CA GLY WA 216 -11.94 -17.57 -70.64
C GLY WA 216 -11.22 -18.26 -71.78
N PHE WA 217 -11.88 -18.26 -72.94
CA PHE WA 217 -11.30 -18.87 -74.14
C PHE WA 217 -10.15 -18.05 -74.72
N TRP WA 218 -10.08 -16.76 -74.39
CA TRP WA 218 -8.99 -15.92 -74.85
C TRP WA 218 -7.66 -16.27 -74.20
N SER WA 219 -7.69 -16.88 -73.02
CA SER WA 219 -6.47 -17.19 -72.28
C SER WA 219 -5.81 -18.44 -72.83
N SER WA 220 -4.51 -18.58 -72.54
CA SER WA 220 -3.76 -19.74 -72.99
C SER WA 220 -3.69 -20.78 -71.88
N PRO WA 221 -4.00 -22.03 -72.19
CA PRO WA 221 -3.80 -23.14 -71.25
C PRO WA 221 -2.44 -23.82 -71.41
N SER WA 222 -1.36 -23.06 -71.34
CA SER WA 222 -0.03 -23.58 -71.60
C SER WA 222 0.90 -23.50 -70.40
N ASN WA 223 0.38 -23.17 -69.22
CA ASN WA 223 1.13 -23.36 -67.99
C ASN WA 223 0.17 -23.78 -66.87
N LYS WA 224 -0.87 -24.52 -67.20
CA LYS WA 224 -1.92 -24.82 -66.23
C LYS WA 224 -1.69 -26.17 -65.59
N GLU WA 225 -2.28 -26.35 -64.41
CA GLU WA 225 -2.09 -27.54 -63.61
C GLU WA 225 -2.99 -28.66 -64.11
N ILE WA 226 -2.62 -29.90 -63.82
CA ILE WA 226 -3.41 -31.08 -64.18
C ILE WA 226 -3.66 -31.88 -62.91
N LYS WA 227 -4.92 -32.19 -62.62
CA LYS WA 227 -5.26 -33.01 -61.48
C LYS WA 227 -5.45 -34.47 -61.89
N GLY WA 228 -5.26 -35.36 -60.91
CA GLY WA 228 -5.41 -36.79 -61.11
C GLY WA 228 -4.36 -37.36 -62.04
N VAL WA 229 -3.11 -37.36 -61.61
CA VAL WA 229 -1.99 -37.52 -62.52
C VAL WA 229 -0.76 -37.94 -61.73
N THR WA 230 0.15 -38.64 -62.39
CA THR WA 230 1.49 -38.91 -61.90
C THR WA 230 2.40 -38.57 -63.08
N GLY WA 231 3.65 -39.05 -63.04
CA GLY WA 231 4.66 -38.72 -64.03
C GLY WA 231 4.38 -39.07 -65.48
N THR WA 232 5.34 -38.78 -66.35
CA THR WA 232 5.19 -39.12 -67.75
C THR WA 232 5.95 -40.41 -68.07
N SER WA 233 5.72 -40.93 -69.28
CA SER WA 233 6.47 -42.10 -69.72
C SER WA 233 7.93 -41.73 -69.98
N ARG WA 234 8.17 -40.56 -70.56
CA ARG WA 234 9.50 -40.05 -70.78
C ARG WA 234 9.69 -38.73 -70.06
N PRO WA 235 10.84 -38.51 -69.43
CA PRO WA 235 11.10 -37.19 -68.84
C PRO WA 235 11.29 -36.14 -69.93
N VAL WA 236 10.77 -34.95 -69.66
CA VAL WA 236 10.96 -33.79 -70.53
C VAL WA 236 10.90 -32.54 -69.66
N GLU WA 237 11.95 -31.72 -69.76
CA GLU WA 237 12.14 -30.59 -68.86
C GLU WA 237 12.52 -29.37 -69.68
N PHE WA 238 12.20 -28.20 -69.17
CA PHE WA 238 12.68 -26.96 -69.75
C PHE WA 238 13.82 -26.41 -68.91
N LEU WA 239 14.93 -26.12 -69.56
CA LEU WA 239 16.06 -25.43 -68.96
C LEU WA 239 16.39 -24.23 -69.85
N ASP WA 240 17.44 -23.50 -69.49
CA ASP WA 240 17.76 -22.26 -70.18
C ASP WA 240 19.21 -22.27 -70.64
N GLY WA 241 19.48 -21.56 -71.74
CA GLY WA 241 20.82 -21.39 -72.24
C GLY WA 241 20.95 -21.78 -73.71
N ASP WA 242 19.80 -22.03 -74.34
CA ASP WA 242 19.69 -22.43 -75.76
C ASP WA 242 20.48 -23.71 -76.04
N GLU WA 243 20.35 -24.69 -75.16
CA GLU WA 243 20.96 -25.99 -75.37
C GLU WA 243 19.92 -26.95 -75.93
N THR WA 244 20.25 -28.23 -75.99
CA THR WA 244 19.30 -29.27 -76.41
C THR WA 244 18.39 -29.64 -75.25
N CYS WA 245 17.48 -28.70 -74.95
CA CYS WA 245 16.41 -29.00 -73.99
C CYS WA 245 15.40 -29.93 -74.64
N ARG WA 246 14.86 -30.85 -73.85
CA ARG WA 246 13.82 -31.71 -74.40
C ARG WA 246 12.51 -30.98 -74.61
N ALA WA 247 12.26 -29.92 -73.83
CA ALA WA 247 11.06 -29.12 -74.05
C ALA WA 247 11.22 -28.24 -75.29
N ASN WA 248 12.38 -27.59 -75.43
CA ASN WA 248 12.59 -26.65 -76.52
C ASN WA 248 12.72 -27.36 -77.86
N LEU WA 249 13.19 -28.61 -77.84
CA LEU WA 249 13.21 -29.41 -79.06
C LEU WA 249 11.80 -29.78 -79.48
N LEU WA 250 10.87 -29.87 -78.53
CA LEU WA 250 9.51 -30.28 -78.86
C LEU WA 250 8.59 -29.08 -79.05
N ASN WA 251 8.93 -27.93 -78.45
CA ASN WA 251 8.16 -26.72 -78.75
C ASN WA 251 8.46 -26.22 -80.16
N ASN WA 252 9.72 -26.35 -80.60
CA ASN WA 252 10.07 -25.92 -81.94
C ASN WA 252 9.50 -26.83 -83.01
N ALA WA 253 9.11 -28.05 -82.65
CA ALA WA 253 8.33 -28.92 -83.53
C ALA WA 253 6.84 -28.76 -83.31
N ASN WA 254 6.43 -27.71 -82.58
CA ASN WA 254 5.02 -27.35 -82.34
C ASN WA 254 4.27 -28.47 -81.62
N ILE WA 255 4.88 -29.02 -80.58
CA ILE WA 255 4.31 -30.12 -79.80
C ILE WA 255 4.32 -29.72 -78.32
N ALA WA 256 3.20 -29.94 -77.64
CA ALA WA 256 3.13 -29.68 -76.21
C ALA WA 256 3.77 -30.81 -75.40
N THR WA 257 4.31 -30.44 -74.24
CA THR WA 257 4.95 -31.39 -73.33
C THR WA 257 4.31 -31.25 -71.95
N ILE WA 258 4.92 -31.92 -70.97
CA ILE WA 258 4.55 -31.83 -69.57
C ILE WA 258 5.84 -31.64 -68.77
N ILE WA 259 5.88 -30.60 -67.94
CA ILE WA 259 7.17 -30.12 -67.42
C ILE WA 259 7.50 -30.57 -66.00
N ARG WA 260 6.72 -30.14 -65.02
CA ARG WA 260 7.15 -30.27 -63.65
C ARG WA 260 6.78 -31.65 -63.11
N ASP WA 261 6.84 -31.82 -61.78
CA ASP WA 261 6.78 -33.13 -61.15
C ASP WA 261 5.41 -33.76 -61.27
N ASP WA 262 5.40 -35.02 -61.74
CA ASP WA 262 4.24 -35.91 -61.70
C ASP WA 262 3.05 -35.33 -62.45
N GLY WA 263 3.31 -34.87 -63.67
CA GLY WA 263 2.23 -34.36 -64.51
C GLY WA 263 1.71 -33.03 -64.05
N TYR WA 264 2.60 -32.11 -63.71
CA TYR WA 264 2.17 -30.92 -63.00
C TYR WA 264 1.70 -29.81 -63.93
N ARG WA 265 2.28 -29.68 -65.13
CA ARG WA 265 1.91 -28.61 -66.05
C ARG WA 265 1.75 -29.13 -67.47
N LEU WA 266 1.12 -28.32 -68.31
CA LEU WA 266 1.15 -28.44 -69.76
C LEU WA 266 2.01 -27.30 -70.28
N TRP WA 267 2.50 -27.42 -71.51
CA TRP WA 267 3.58 -26.55 -71.95
C TRP WA 267 3.43 -26.01 -73.38
N GLY WA 268 2.39 -26.39 -74.11
CA GLY WA 268 2.32 -25.95 -75.49
C GLY WA 268 1.38 -24.79 -75.78
N ASN WA 269 1.91 -23.78 -76.46
CA ASN WA 269 1.10 -22.68 -76.98
C ASN WA 269 0.73 -22.82 -78.44
N ARG WA 270 1.48 -23.57 -79.23
CA ARG WA 270 1.39 -23.48 -80.67
C ARG WA 270 0.78 -24.73 -81.28
N THR WA 271 -0.14 -24.53 -82.22
CA THR WA 271 -0.73 -25.61 -82.98
C THR WA 271 0.24 -26.14 -84.02
N LEU WA 272 -0.10 -27.31 -84.56
CA LEU WA 272 0.57 -27.77 -85.76
C LEU WA 272 0.07 -26.95 -86.94
N SER WA 273 0.81 -25.92 -87.32
CA SER WA 273 0.37 -24.99 -88.35
C SER WA 273 1.57 -24.59 -89.20
N SER WA 274 1.49 -24.85 -90.50
CA SER WA 274 2.52 -24.38 -91.42
C SER WA 274 2.40 -22.89 -91.69
N ASP WA 275 1.25 -22.29 -91.39
CA ASP WA 275 1.05 -20.86 -91.55
C ASP WA 275 1.48 -20.16 -90.28
N SER WA 276 2.29 -19.10 -90.43
CA SER WA 276 2.84 -18.41 -89.26
C SER WA 276 1.82 -17.54 -88.56
N LYS WA 277 0.71 -17.21 -89.22
CA LYS WA 277 -0.32 -16.38 -88.58
C LYS WA 277 -1.09 -17.17 -87.54
N TRP WA 278 -1.42 -18.42 -87.84
CA TRP WA 278 -2.26 -19.26 -86.99
C TRP WA 278 -1.44 -20.19 -86.13
N ALA WA 279 -0.30 -19.70 -85.62
CA ALA WA 279 0.60 -20.54 -84.83
C ALA WA 279 -0.02 -20.89 -83.48
N PHE WA 280 -0.34 -19.88 -82.68
CA PHE WA 280 -0.78 -20.07 -81.30
C PHE WA 280 -2.14 -20.74 -81.23
N VAL WA 281 -2.40 -21.43 -80.12
CA VAL WA 281 -3.72 -22.01 -79.90
C VAL WA 281 -4.74 -20.93 -79.59
N THR WA 282 -4.31 -19.78 -79.11
CA THR WA 282 -5.27 -18.75 -78.68
C THR WA 282 -5.91 -18.06 -79.86
N ARG WA 283 -5.13 -17.76 -80.90
CA ARG WA 283 -5.70 -17.10 -82.07
C ARG WA 283 -6.63 -18.02 -82.85
N VAL WA 284 -6.34 -19.32 -82.86
CA VAL WA 284 -7.22 -20.26 -83.52
C VAL WA 284 -8.51 -20.46 -82.72
N ARG WA 285 -8.39 -20.46 -81.38
CA ARG WA 285 -9.58 -20.59 -80.56
C ARG WA 285 -10.40 -19.31 -80.52
N THR WA 286 -9.76 -18.15 -80.50
CA THR WA 286 -10.50 -16.89 -80.40
C THR WA 286 -11.29 -16.62 -81.66
N MET WA 287 -10.71 -16.88 -82.83
CA MET WA 287 -11.43 -16.73 -84.08
C MET WA 287 -12.57 -17.74 -84.20
N ASP WA 288 -12.47 -18.88 -83.54
CA ASP WA 288 -13.52 -19.88 -83.59
C ASP WA 288 -14.53 -19.74 -82.45
N LEU WA 289 -14.20 -19.01 -81.38
CA LEU WA 289 -15.10 -18.89 -80.25
C LEU WA 289 -15.61 -17.48 -79.98
N VAL WA 290 -15.22 -16.48 -80.78
CA VAL WA 290 -15.97 -15.23 -80.77
C VAL WA 290 -17.09 -15.24 -81.79
N MET WA 291 -17.08 -16.20 -82.72
CA MET WA 291 -18.11 -16.23 -83.74
C MET WA 291 -19.36 -16.97 -83.28
N ASP WA 292 -19.20 -18.08 -82.56
CA ASP WA 292 -20.38 -18.70 -81.97
C ASP WA 292 -20.93 -17.89 -80.79
N ALA WA 293 -20.10 -17.01 -80.20
CA ALA WA 293 -20.60 -16.02 -79.27
C ALA WA 293 -21.34 -14.89 -79.97
N ILE WA 294 -21.18 -14.77 -81.29
CA ILE WA 294 -21.93 -13.83 -82.10
C ILE WA 294 -23.06 -14.51 -82.86
N LEU WA 295 -22.78 -15.64 -83.52
CA LEU WA 295 -23.81 -16.36 -84.27
C LEU WA 295 -24.90 -16.93 -83.36
N ALA WA 296 -24.57 -17.21 -82.10
CA ALA WA 296 -25.60 -17.26 -81.07
C ALA WA 296 -25.69 -15.87 -80.45
N GLY WA 297 -26.91 -15.37 -80.33
CA GLY WA 297 -27.13 -13.95 -80.22
C GLY WA 297 -27.43 -13.29 -81.56
N HIS WA 298 -27.16 -13.99 -82.65
CA HIS WA 298 -27.64 -13.66 -83.99
C HIS WA 298 -28.21 -14.90 -84.65
N LYS WA 299 -29.09 -15.60 -83.92
CA LYS WA 299 -29.98 -16.57 -84.57
C LYS WA 299 -30.93 -15.85 -85.51
N TRP WA 300 -31.26 -14.59 -85.19
CA TRP WA 300 -31.90 -13.67 -86.11
C TRP WA 300 -30.86 -13.14 -87.10
N ALA WA 301 -31.23 -12.12 -87.87
CA ALA WA 301 -30.45 -11.56 -88.99
C ALA WA 301 -30.11 -12.61 -90.04
N VAL WA 302 -31.00 -13.59 -90.21
CA VAL WA 302 -30.95 -14.56 -91.29
C VAL WA 302 -32.39 -15.00 -91.56
N ASP WA 303 -32.78 -14.99 -92.84
CA ASP WA 303 -34.14 -15.24 -93.31
C ASP WA 303 -35.16 -14.28 -92.68
N ARG WA 304 -34.73 -13.06 -92.38
CA ARG WA 304 -35.63 -12.05 -91.81
C ARG WA 304 -36.32 -11.23 -92.90
N GLY WA 305 -35.54 -10.56 -93.73
CA GLY WA 305 -36.08 -9.61 -94.68
C GLY WA 305 -35.36 -8.28 -94.55
N ILE WA 306 -34.77 -7.81 -95.65
CA ILE WA 306 -33.85 -6.68 -95.62
C ILE WA 306 -34.65 -5.40 -95.79
N THR WA 307 -34.72 -4.61 -94.73
CA THR WA 307 -35.32 -3.29 -94.78
C THR WA 307 -34.24 -2.27 -95.15
N LYS WA 308 -34.55 -0.98 -95.00
CA LYS WA 308 -33.58 0.06 -95.33
C LYS WA 308 -32.46 0.12 -94.31
N THR WA 309 -32.81 0.13 -93.03
CA THR WA 309 -31.82 0.12 -91.95
C THR WA 309 -31.57 -1.27 -91.39
N TYR WA 310 -31.68 -2.29 -92.25
CA TYR WA 310 -31.40 -3.65 -91.81
C TYR WA 310 -29.91 -3.84 -91.55
N VAL WA 311 -29.06 -3.29 -92.41
CA VAL WA 311 -27.62 -3.44 -92.27
C VAL WA 311 -27.12 -2.65 -91.07
N LYS WA 312 -27.71 -1.48 -90.82
CA LYS WA 312 -27.27 -0.62 -89.73
C LYS WA 312 -27.67 -1.17 -88.37
N ASP WA 313 -28.85 -1.77 -88.27
CA ASP WA 313 -29.35 -2.25 -86.98
C ASP WA 313 -28.66 -3.52 -86.49
N VAL WA 314 -27.88 -4.18 -87.32
CA VAL WA 314 -27.17 -5.39 -86.89
C VAL WA 314 -25.69 -5.07 -86.75
N THR WA 315 -25.18 -4.10 -87.52
CA THR WA 315 -23.79 -3.70 -87.31
C THR WA 315 -23.63 -2.82 -86.07
N GLU WA 316 -24.73 -2.31 -85.52
CA GLU WA 316 -24.73 -1.75 -84.17
C GLU WA 316 -25.05 -2.80 -83.13
N GLY WA 317 -25.41 -4.00 -83.54
CA GLY WA 317 -25.63 -5.11 -82.64
C GLY WA 317 -24.43 -6.02 -82.61
N LEU WA 318 -23.62 -5.98 -83.67
CA LEU WA 318 -22.34 -6.67 -83.62
C LEU WA 318 -21.35 -5.91 -82.74
N ARG WA 319 -21.43 -4.58 -82.74
CA ARG WA 319 -20.58 -3.78 -81.85
C ARG WA 319 -20.97 -3.98 -80.40
N ALA WA 320 -22.26 -4.08 -80.11
CA ALA WA 320 -22.72 -4.22 -78.73
C ALA WA 320 -22.41 -5.59 -78.18
N PHE WA 321 -22.31 -6.61 -79.05
CA PHE WA 321 -21.86 -7.93 -78.65
C PHE WA 321 -20.36 -8.11 -78.85
N MET WA 322 -19.61 -7.01 -78.87
CA MET WA 322 -18.16 -7.06 -78.99
C MET WA 322 -17.56 -6.14 -77.94
N ARG WA 323 -18.32 -5.12 -77.53
CA ARG WA 323 -17.87 -4.25 -76.44
C ARG WA 323 -17.86 -4.98 -75.10
N ASP WA 324 -18.74 -5.96 -74.92
CA ASP WA 324 -18.66 -6.78 -73.73
C ASP WA 324 -17.50 -7.77 -73.79
N LEU WA 325 -17.05 -8.14 -74.99
CA LEU WA 325 -15.85 -8.94 -75.13
C LEU WA 325 -14.61 -8.14 -74.77
N LYS WA 326 -14.60 -6.85 -75.10
CA LYS WA 326 -13.54 -5.97 -74.61
C LYS WA 326 -13.66 -5.77 -73.10
N ASN WA 327 -14.88 -5.81 -72.58
CA ASN WA 327 -15.10 -5.60 -71.15
C ASN WA 327 -14.58 -6.79 -70.34
N GLN WA 328 -14.78 -8.00 -70.82
CA GLN WA 328 -14.30 -9.19 -70.14
C GLN WA 328 -12.88 -9.58 -70.56
N GLY WA 329 -12.20 -8.72 -71.32
CA GLY WA 329 -10.82 -8.96 -71.66
C GLY WA 329 -10.57 -9.98 -72.75
N ALA WA 330 -11.56 -10.26 -73.58
CA ALA WA 330 -11.38 -11.26 -74.63
C ALA WA 330 -10.56 -10.72 -75.78
N VAL WA 331 -10.78 -9.47 -76.16
CA VAL WA 331 -10.07 -8.86 -77.28
C VAL WA 331 -9.47 -7.54 -76.85
N ILE WA 332 -8.52 -7.07 -77.65
CA ILE WA 332 -8.09 -5.70 -77.64
C ILE WA 332 -8.84 -5.03 -78.78
N ASN WA 333 -8.71 -3.70 -78.89
CA ASN WA 333 -9.61 -2.81 -79.64
C ASN WA 333 -9.90 -3.28 -81.07
N PHE WA 334 -11.17 -3.24 -81.44
CA PHE WA 334 -11.72 -3.83 -82.64
C PHE WA 334 -12.26 -2.75 -83.56
N GLU WA 335 -12.82 -3.19 -84.69
CA GLU WA 335 -13.67 -2.35 -85.53
C GLU WA 335 -14.65 -3.23 -86.27
N VAL WA 336 -15.91 -2.84 -86.26
CA VAL WA 336 -16.98 -3.56 -86.94
C VAL WA 336 -17.69 -2.58 -87.85
N TYR WA 337 -17.71 -2.87 -89.15
CA TYR WA 337 -18.32 -1.96 -90.10
C TYR WA 337 -18.80 -2.74 -91.30
N ALA WA 338 -19.87 -2.25 -91.92
CA ALA WA 338 -20.40 -2.87 -93.12
C ALA WA 338 -19.45 -2.65 -94.29
N ASP WA 339 -19.37 -3.65 -95.15
CA ASP WA 339 -18.48 -3.61 -96.31
C ASP WA 339 -19.12 -2.74 -97.38
N PRO WA 340 -18.52 -1.59 -97.72
CA PRO WA 340 -19.23 -0.64 -98.60
C PRO WA 340 -19.27 -1.06 -100.06
N ASP WA 341 -18.23 -1.72 -100.56
CA ASP WA 341 -18.17 -1.98 -101.99
C ASP WA 341 -18.74 -3.35 -102.36
N LEU WA 342 -18.70 -4.31 -101.43
CA LEU WA 342 -19.28 -5.62 -101.72
C LEU WA 342 -20.79 -5.61 -101.55
N ASN WA 343 -21.31 -4.77 -100.67
CA ASN WA 343 -22.76 -4.63 -100.55
C ASN WA 343 -23.30 -3.84 -101.73
N SER WA 344 -24.22 -4.45 -102.47
CA SER WA 344 -24.77 -3.83 -103.67
C SER WA 344 -26.21 -4.28 -103.82
N ALA WA 345 -26.91 -3.69 -104.79
CA ALA WA 345 -28.32 -4.00 -105.00
C ALA WA 345 -28.49 -5.38 -105.64
N SER WA 346 -27.48 -5.84 -106.39
CA SER WA 346 -27.56 -7.15 -107.01
C SER WA 346 -27.33 -8.26 -106.00
N GLN WA 347 -26.61 -7.94 -104.91
CA GLN WA 347 -26.37 -8.95 -103.87
C GLN WA 347 -27.57 -9.07 -102.94
N LEU WA 348 -28.41 -8.03 -102.88
CA LEU WA 348 -29.59 -8.09 -102.02
C LEU WA 348 -30.66 -9.01 -102.59
N ALA WA 349 -30.69 -9.15 -103.91
CA ALA WA 349 -31.69 -10.00 -104.56
C ALA WA 349 -31.44 -11.48 -104.33
N GLN WA 350 -30.24 -11.86 -103.90
CA GLN WA 350 -29.93 -13.24 -103.56
C GLN WA 350 -29.63 -13.43 -102.09
N GLY WA 351 -29.88 -12.40 -101.27
CA GLY WA 351 -29.77 -12.52 -99.83
C GLY WA 351 -28.38 -12.37 -99.26
N LYS WA 352 -27.41 -11.93 -100.05
CA LYS WA 352 -26.03 -11.82 -99.60
C LYS WA 352 -25.74 -10.42 -99.11
N VAL WA 353 -25.27 -10.31 -97.87
CA VAL WA 353 -24.87 -9.07 -97.23
C VAL WA 353 -23.57 -9.31 -96.46
N TYR WA 354 -22.70 -8.30 -96.45
CA TYR WA 354 -21.34 -8.49 -95.99
C TYR WA 354 -20.98 -7.49 -94.90
N TRP WA 355 -20.19 -7.94 -93.93
CA TRP WA 355 -19.65 -7.09 -92.89
C TRP WA 355 -18.16 -7.37 -92.71
N ASN WA 356 -17.49 -6.46 -92.01
CA ASN WA 356 -16.07 -6.59 -91.71
C ASN WA 356 -15.90 -6.49 -90.19
N ILE WA 357 -15.44 -7.58 -89.60
CA ILE WA 357 -15.38 -7.72 -88.14
C ILE WA 357 -13.91 -7.84 -87.76
N ARG WA 358 -13.07 -7.07 -88.44
CA ARG WA 358 -11.64 -6.98 -88.15
C ARG WA 358 -11.35 -6.64 -86.69
N PHE WA 359 -10.75 -7.57 -85.95
CA PHE WA 359 -10.37 -7.33 -84.56
C PHE WA 359 -8.97 -7.88 -84.33
N THR WA 360 -8.48 -7.69 -83.11
CA THR WA 360 -7.20 -8.25 -82.68
C THR WA 360 -7.40 -9.00 -81.37
N ASP WA 361 -6.41 -9.78 -80.98
CA ASP WA 361 -6.51 -10.64 -79.83
C ASP WA 361 -5.28 -10.50 -78.96
N VAL WA 362 -5.40 -10.95 -77.70
CA VAL WA 362 -4.29 -10.91 -76.77
C VAL WA 362 -3.28 -12.00 -77.12
N PRO WA 363 -2.01 -11.65 -77.30
CA PRO WA 363 -0.99 -12.67 -77.54
C PRO WA 363 -0.55 -13.30 -76.23
N PRO WA 364 -0.46 -14.62 -76.17
CA PRO WA 364 -0.01 -15.27 -74.93
C PRO WA 364 1.49 -15.06 -74.72
N ALA WA 365 1.85 -14.69 -73.50
CA ALA WA 365 3.23 -14.37 -73.15
C ALA WA 365 4.03 -15.67 -73.01
N GLU WA 366 4.44 -16.21 -74.15
CA GLU WA 366 5.15 -17.48 -74.15
C GLU WA 366 6.60 -17.30 -73.74
N ASN WA 367 7.11 -16.06 -73.77
CA ASN WA 367 8.52 -15.84 -73.49
C ASN WA 367 8.71 -14.56 -72.68
N PRO WA 368 8.52 -14.59 -71.35
CA PRO WA 368 8.94 -13.44 -70.54
C PRO WA 368 10.44 -13.43 -70.28
N ASN WA 369 11.14 -12.47 -70.86
CA ASN WA 369 12.58 -12.35 -70.71
C ASN WA 369 12.89 -11.42 -69.54
N PHE WA 370 13.79 -11.85 -68.66
CA PHE WA 370 14.21 -11.02 -67.53
C PHE WA 370 15.71 -10.74 -67.66
N ARG WA 371 16.04 -9.50 -67.99
CA ARG WA 371 17.41 -9.06 -68.16
C ARG WA 371 17.96 -8.63 -66.80
N VAL WA 372 18.94 -9.36 -66.29
CA VAL WA 372 19.32 -9.28 -64.90
C VAL WA 372 20.83 -9.34 -64.76
N GLU WA 373 21.39 -8.48 -63.90
CA GLU WA 373 22.79 -8.58 -63.52
C GLU WA 373 22.93 -8.31 -62.03
N VAL WA 374 24.11 -8.62 -61.50
CA VAL WA 374 24.48 -8.28 -60.14
C VAL WA 374 25.42 -7.09 -60.21
N THR WA 375 24.94 -5.92 -59.84
CA THR WA 375 25.74 -4.70 -59.91
C THR WA 375 26.46 -4.54 -58.57
N ASP WA 376 27.22 -3.46 -58.43
CA ASP WA 376 27.76 -3.03 -57.14
C ASP WA 376 27.35 -1.59 -56.86
N GLN WA 377 26.16 -1.20 -57.30
CA GLN WA 377 25.74 0.20 -57.21
C GLN WA 377 25.36 0.57 -55.78
N TRP WA 378 24.42 -0.16 -55.18
CA TRP WA 378 24.00 0.14 -53.81
C TRP WA 378 24.86 -0.57 -52.79
N LEU WA 379 26.19 -0.44 -52.92
CA LEU WA 379 27.12 -0.97 -51.94
C LEU WA 379 27.47 0.07 -50.89
N THR WA 380 27.27 1.35 -51.20
CA THR WA 380 27.42 2.41 -50.23
C THR WA 380 26.25 2.46 -49.25
N GLU WA 381 25.18 1.70 -49.50
CA GLU WA 381 24.13 1.52 -48.50
C GLU WA 381 24.61 0.71 -47.31
N VAL WA 382 25.64 -0.11 -47.50
CA VAL WA 382 26.19 -0.93 -46.42
C VAL WA 382 27.40 -0.16 -45.90
N LEU WA 383 27.15 0.71 -44.93
CA LEU WA 383 28.21 1.46 -44.25
C LEU WA 383 27.86 1.64 -42.78
N SER XA 2 -87.01 -14.45 -7.07
CA SER XA 2 -86.31 -13.35 -6.42
C SER XA 2 -85.04 -13.01 -7.18
N PHE XA 3 -84.13 -12.30 -6.52
CA PHE XA 3 -82.85 -11.91 -7.12
C PHE XA 3 -81.82 -11.79 -6.01
N PHE XA 4 -80.62 -11.35 -6.36
CA PHE XA 4 -79.53 -11.16 -5.42
C PHE XA 4 -78.87 -9.81 -5.65
N HIS XA 5 -78.51 -9.14 -4.57
CA HIS XA 5 -77.72 -7.93 -4.63
C HIS XA 5 -76.37 -8.19 -4.02
N GLY XA 6 -75.33 -7.61 -4.59
CA GLY XA 6 -74.00 -7.83 -4.10
C GLY XA 6 -73.37 -9.08 -4.69
N VAL XA 7 -72.11 -9.32 -4.29
CA VAL XA 7 -71.36 -10.45 -4.81
C VAL XA 7 -71.84 -11.74 -4.15
N THR XA 8 -72.22 -12.71 -4.99
CA THR XA 8 -72.60 -14.04 -4.52
C THR XA 8 -71.56 -15.02 -5.06
N VAL XA 9 -70.66 -15.44 -4.17
CA VAL XA 9 -69.59 -16.37 -4.53
C VAL XA 9 -70.15 -17.78 -4.53
N THR XA 10 -70.14 -18.42 -5.70
CA THR XA 10 -70.65 -19.77 -5.86
C THR XA 10 -69.52 -20.78 -5.69
N ASN XA 11 -69.78 -22.04 -6.06
CA ASN XA 11 -68.76 -23.09 -5.98
C ASN XA 11 -69.15 -24.15 -7.00
N VAL XA 12 -68.46 -24.16 -8.14
CA VAL XA 12 -68.83 -25.01 -9.27
C VAL XA 12 -67.67 -25.94 -9.60
N ASP XA 13 -67.82 -26.75 -10.65
CA ASP XA 13 -66.76 -27.62 -11.15
C ASP XA 13 -66.61 -27.40 -12.64
N ILE XA 14 -65.52 -26.74 -13.03
CA ILE XA 14 -65.22 -26.45 -14.43
C ILE XA 14 -63.80 -26.89 -14.75
N GLY XA 15 -63.54 -27.18 -16.02
CA GLY XA 15 -62.23 -27.65 -16.43
C GLY XA 15 -61.34 -26.53 -16.93
N ALA XA 16 -60.35 -26.87 -17.75
CA ALA XA 16 -59.39 -25.92 -18.27
C ALA XA 16 -60.06 -24.95 -19.23
N ARG XA 17 -59.47 -23.77 -19.42
CA ARG XA 17 -60.04 -22.73 -20.27
C ARG XA 17 -59.51 -22.89 -21.71
N THR XA 18 -59.60 -24.11 -22.21
CA THR XA 18 -59.10 -24.42 -23.54
C THR XA 18 -60.19 -24.18 -24.60
N ILE XA 19 -61.25 -23.46 -24.23
CA ILE XA 19 -62.30 -23.14 -25.18
C ILE XA 19 -61.87 -21.90 -25.93
N ALA XA 20 -61.06 -22.10 -26.96
CA ALA XA 20 -60.74 -21.10 -27.96
C ALA XA 20 -60.98 -21.77 -29.31
N LEU XA 21 -61.88 -21.21 -30.09
CA LEU XA 21 -62.57 -21.97 -31.14
C LEU XA 21 -62.17 -21.50 -32.52
N PRO XA 22 -61.34 -22.24 -33.27
CA PRO XA 22 -61.20 -21.94 -34.70
C PRO XA 22 -62.33 -22.56 -35.50
N ALA XA 23 -63.08 -21.73 -36.23
CA ALA XA 23 -64.23 -22.20 -37.00
C ALA XA 23 -63.76 -22.61 -38.40
N SER XA 24 -62.90 -23.63 -38.43
CA SER XA 24 -62.29 -24.10 -39.68
C SER XA 24 -62.89 -25.40 -40.18
N SER XA 25 -62.95 -26.42 -39.34
CA SER XA 25 -63.46 -27.72 -39.75
C SER XA 25 -64.58 -28.17 -38.83
N VAL XA 26 -65.58 -28.80 -39.41
CA VAL XA 26 -66.75 -29.31 -38.71
C VAL XA 26 -66.81 -30.83 -38.89
N ILE XA 27 -67.36 -31.52 -37.91
CA ILE XA 27 -67.33 -32.97 -37.84
C ILE XA 27 -68.76 -33.49 -37.72
N GLY XA 28 -69.12 -34.42 -38.59
CA GLY XA 28 -70.39 -35.12 -38.49
C GLY XA 28 -70.21 -36.42 -37.73
N LEU XA 29 -70.95 -36.57 -36.64
CA LEU XA 29 -70.79 -37.69 -35.74
C LEU XA 29 -72.12 -38.38 -35.53
N CYS XA 30 -72.07 -39.69 -35.29
CA CYS XA 30 -73.28 -40.46 -35.02
C CYS XA 30 -72.92 -41.69 -34.20
N ASP XA 31 -73.54 -41.84 -33.05
CA ASP XA 31 -73.30 -43.01 -32.20
C ASP XA 31 -74.53 -43.18 -31.29
N VAL XA 32 -74.57 -44.28 -30.56
CA VAL XA 32 -75.70 -44.57 -29.70
C VAL XA 32 -75.58 -43.79 -28.40
N PHE XA 33 -76.72 -43.62 -27.72
CA PHE XA 33 -76.76 -42.95 -26.42
C PHE XA 33 -78.02 -43.41 -25.70
N THR XA 34 -78.22 -42.87 -24.50
CA THR XA 34 -79.43 -43.12 -23.72
C THR XA 34 -80.13 -41.79 -23.47
N PRO XA 35 -81.33 -41.58 -24.04
CA PRO XA 35 -82.03 -40.30 -23.84
C PRO XA 35 -82.65 -40.16 -22.47
N GLY XA 36 -81.83 -39.86 -21.47
CA GLY XA 36 -82.30 -39.67 -20.11
C GLY XA 36 -82.78 -38.25 -19.86
N ALA XA 37 -82.96 -37.94 -18.58
CA ALA XA 37 -83.38 -36.60 -18.19
C ALA XA 37 -82.25 -35.59 -18.27
N GLN XA 38 -81.01 -36.02 -18.02
CA GLN XA 38 -79.87 -35.14 -18.10
C GLN XA 38 -79.36 -34.95 -19.53
N ALA XA 39 -79.82 -35.78 -20.47
CA ALA XA 39 -79.41 -35.71 -21.86
C ALA XA 39 -80.50 -34.95 -22.63
N SER XA 40 -80.31 -33.65 -22.79
CA SER XA 40 -81.32 -32.79 -23.41
C SER XA 40 -81.14 -32.77 -24.93
N ALA XA 41 -81.45 -33.91 -25.53
CA ALA XA 41 -81.39 -34.04 -26.98
C ALA XA 41 -82.35 -35.13 -27.44
N LYS XA 42 -83.22 -34.79 -28.38
CA LYS XA 42 -84.05 -35.78 -29.03
C LYS XA 42 -83.17 -36.68 -29.90
N PRO XA 43 -83.57 -37.97 -30.09
CA PRO XA 43 -82.66 -38.95 -30.74
C PRO XA 43 -82.22 -38.63 -32.17
N ASN XA 44 -83.15 -38.47 -33.11
CA ASN XA 44 -82.78 -38.39 -34.52
C ASN XA 44 -82.56 -36.97 -35.01
N VAL XA 45 -82.49 -35.98 -34.12
CA VAL XA 45 -82.26 -34.60 -34.56
C VAL XA 45 -80.78 -34.27 -34.41
N PRO XA 46 -80.23 -33.36 -35.21
CA PRO XA 46 -78.85 -32.93 -35.00
C PRO XA 46 -78.73 -31.90 -33.91
N VAL XA 47 -77.58 -31.93 -33.22
CA VAL XA 47 -77.25 -30.99 -32.16
C VAL XA 47 -75.86 -30.45 -32.45
N LEU XA 48 -75.75 -29.13 -32.59
CA LEU XA 48 -74.44 -28.51 -32.72
C LEU XA 48 -73.75 -28.48 -31.37
N LEU XA 49 -72.49 -28.89 -31.34
CA LEU XA 49 -71.72 -28.93 -30.12
C LEU XA 49 -70.57 -27.93 -30.19
N THR XA 50 -70.30 -27.29 -29.06
CA THR XA 50 -69.28 -26.26 -28.95
C THR XA 50 -68.07 -26.70 -28.16
N SER XA 51 -68.26 -27.36 -27.02
CA SER XA 51 -67.17 -27.83 -26.19
C SER XA 51 -67.62 -29.10 -25.49
N LYS XA 52 -66.93 -29.48 -24.43
CA LYS XA 52 -67.36 -30.61 -23.61
C LYS XA 52 -68.52 -30.24 -22.69
N LYS XA 53 -68.70 -28.94 -22.43
CA LYS XA 53 -69.70 -28.51 -21.45
C LYS XA 53 -71.11 -28.65 -21.98
N ASP XA 54 -71.32 -28.49 -23.29
CA ASP XA 54 -72.61 -28.76 -23.88
C ASP XA 54 -72.69 -30.12 -24.55
N ALA XA 55 -71.56 -30.80 -24.75
CA ALA XA 55 -71.59 -32.21 -25.09
C ALA XA 55 -71.95 -33.07 -23.88
N ALA XA 56 -71.71 -32.55 -22.67
CA ALA XA 56 -72.23 -33.17 -21.45
C ALA XA 56 -73.63 -32.71 -21.10
N ALA XA 57 -74.10 -31.64 -21.74
CA ALA XA 57 -75.46 -31.17 -21.50
C ALA XA 57 -76.44 -31.74 -22.52
N ALA XA 58 -76.02 -31.90 -23.78
CA ALA XA 58 -76.90 -32.50 -24.77
C ALA XA 58 -76.99 -34.01 -24.58
N PHE XA 59 -75.89 -34.66 -24.25
CA PHE XA 59 -75.85 -36.09 -24.04
C PHE XA 59 -75.20 -36.37 -22.70
N GLY XA 60 -75.42 -37.59 -22.19
CA GLY XA 60 -74.96 -37.93 -20.86
C GLY XA 60 -73.46 -38.15 -20.81
N ILE XA 61 -72.96 -38.29 -19.58
CA ILE XA 61 -71.54 -38.54 -19.36
C ILE XA 61 -71.17 -39.94 -19.83
N GLY XA 62 -71.93 -40.93 -19.41
CA GLY XA 62 -71.67 -42.31 -19.77
C GLY XA 62 -72.18 -42.73 -21.14
N SER XA 63 -72.74 -41.80 -21.91
CA SER XA 63 -73.24 -42.13 -23.23
C SER XA 63 -72.10 -42.34 -24.22
N SER XA 64 -72.35 -43.16 -25.23
CA SER XA 64 -71.34 -43.46 -26.22
C SER XA 64 -71.09 -42.31 -27.18
N ILE XA 65 -71.97 -41.32 -27.22
CA ILE XA 65 -71.68 -40.07 -27.92
C ILE XA 65 -70.49 -39.37 -27.25
N TYR XA 66 -70.59 -39.16 -25.93
CA TYR XA 66 -69.61 -38.35 -25.22
C TYR XA 66 -68.26 -39.04 -25.12
N LEU XA 67 -68.23 -40.37 -25.13
CA LEU XA 67 -66.94 -41.07 -25.19
C LEU XA 67 -66.30 -40.90 -26.56
N ALA XA 68 -67.11 -40.74 -27.61
CA ALA XA 68 -66.62 -40.45 -28.94
C ALA XA 68 -66.62 -38.97 -29.25
N CYS XA 69 -66.98 -38.12 -28.29
CA CYS XA 69 -66.91 -36.68 -28.45
C CYS XA 69 -65.87 -36.03 -27.56
N GLU XA 70 -65.52 -36.67 -26.44
CA GLU XA 70 -64.40 -36.22 -25.62
C GLU XA 70 -63.08 -36.35 -26.36
N ALA XA 71 -62.97 -37.39 -27.21
CA ALA XA 71 -61.73 -37.64 -27.93
C ALA XA 71 -61.44 -36.56 -28.98
N ILE XA 72 -62.48 -35.94 -29.52
CA ILE XA 72 -62.28 -34.84 -30.46
C ILE XA 72 -61.79 -33.60 -29.74
N TYR XA 73 -62.46 -33.21 -28.66
CA TYR XA 73 -62.09 -32.00 -27.94
C TYR XA 73 -60.82 -32.14 -27.12
N ASN XA 74 -60.26 -33.35 -26.99
CA ASN XA 74 -58.94 -33.48 -26.40
C ASN XA 74 -57.86 -32.91 -27.30
N ARG XA 75 -58.07 -32.94 -28.61
CA ARG XA 75 -57.08 -32.49 -29.58
C ARG XA 75 -57.41 -31.14 -30.21
N ALA XA 76 -58.60 -31.02 -30.79
CA ALA XA 76 -59.02 -29.79 -31.45
C ALA XA 76 -60.37 -29.37 -30.92
N GLN XA 77 -60.49 -28.09 -30.56
CA GLN XA 77 -61.75 -27.53 -30.08
C GLN XA 77 -62.50 -26.97 -31.28
N ALA XA 78 -62.99 -27.87 -32.12
CA ALA XA 78 -63.79 -27.51 -33.28
C ALA XA 78 -65.26 -27.50 -32.87
N VAL XA 79 -66.16 -27.43 -33.86
CA VAL XA 79 -67.59 -27.52 -33.63
C VAL XA 79 -68.12 -28.74 -34.36
N ILE XA 80 -69.02 -29.47 -33.73
CA ILE XA 80 -69.45 -30.79 -34.17
C ILE XA 80 -70.95 -30.77 -34.40
N VAL XA 81 -71.36 -31.14 -35.62
CA VAL XA 81 -72.75 -31.43 -35.92
C VAL XA 81 -72.93 -32.91 -35.56
N ALA XA 82 -73.53 -33.17 -34.40
CA ALA XA 82 -73.62 -34.52 -33.86
C ALA XA 82 -75.08 -34.95 -33.82
N VAL XA 83 -75.38 -36.05 -34.50
CA VAL XA 83 -76.70 -36.65 -34.41
C VAL XA 83 -76.59 -37.84 -33.48
N GLY XA 84 -77.70 -38.17 -32.83
CA GLY XA 84 -77.78 -39.35 -32.00
C GLY XA 84 -78.57 -40.46 -32.67
N VAL XA 85 -78.59 -41.61 -32.02
CA VAL XA 85 -79.42 -42.72 -32.46
C VAL XA 85 -79.78 -43.54 -31.24
N GLU XA 86 -81.02 -44.02 -31.21
CA GLU XA 86 -81.46 -44.91 -30.16
C GLU XA 86 -80.81 -46.28 -30.34
N THR XA 87 -80.34 -46.85 -29.23
CA THR XA 87 -79.69 -48.16 -29.29
C THR XA 87 -80.71 -49.25 -29.58
N ALA XA 88 -80.21 -50.38 -30.08
CA ALA XA 88 -81.06 -51.49 -30.48
C ALA XA 88 -80.50 -52.78 -29.90
N GLU XA 89 -81.30 -53.85 -30.04
CA GLU XA 89 -80.96 -55.15 -29.47
C GLU XA 89 -80.12 -55.98 -30.43
N THR XA 90 -80.67 -56.27 -31.60
CA THR XA 90 -79.90 -57.00 -32.61
C THR XA 90 -78.95 -56.04 -33.31
N PRO XA 91 -77.76 -56.53 -33.71
CA PRO XA 91 -76.81 -55.63 -34.39
C PRO XA 91 -77.22 -55.24 -35.80
N GLU XA 92 -78.14 -56.00 -36.42
CA GLU XA 92 -78.63 -55.62 -37.74
C GLU XA 92 -79.61 -54.45 -37.64
N ALA XA 93 -80.42 -54.43 -36.59
CA ALA XA 93 -81.34 -53.30 -36.39
C ALA XA 93 -80.59 -52.07 -35.88
N GLN XA 94 -79.46 -52.30 -35.19
CA GLN XA 94 -78.63 -51.17 -34.78
C GLN XA 94 -77.88 -50.59 -35.98
N ALA XA 95 -77.46 -51.46 -36.90
CA ALA XA 95 -76.81 -50.98 -38.12
C ALA XA 95 -77.80 -50.31 -39.05
N SER XA 96 -79.06 -50.72 -39.00
CA SER XA 96 -80.08 -50.08 -39.82
C SER XA 96 -80.54 -48.76 -39.23
N ALA XA 97 -80.40 -48.61 -37.91
CA ALA XA 97 -80.85 -47.37 -37.27
C ALA XA 97 -79.79 -46.28 -37.39
N VAL XA 98 -78.51 -46.65 -37.39
CA VAL XA 98 -77.45 -45.66 -37.49
C VAL XA 98 -77.38 -45.12 -38.91
N ILE XA 99 -77.82 -45.90 -39.90
CA ILE XA 99 -77.96 -45.37 -41.25
C ILE XA 99 -79.17 -44.45 -41.33
N GLY XA 100 -80.33 -44.94 -40.93
CA GLY XA 100 -81.55 -44.17 -40.96
C GLY XA 100 -82.03 -43.95 -42.37
N GLY XA 101 -82.72 -42.83 -42.55
CA GLY XA 101 -83.24 -42.50 -43.88
C GLY XA 101 -84.45 -41.60 -43.76
N ILE XA 102 -85.39 -41.80 -44.69
CA ILE XA 102 -86.58 -40.98 -44.78
C ILE XA 102 -87.79 -41.66 -44.11
N SER XA 103 -87.53 -42.60 -43.19
CA SER XA 103 -88.58 -43.37 -42.54
C SER XA 103 -89.41 -42.56 -41.54
N ALA XA 104 -89.08 -41.29 -41.31
CA ALA XA 104 -89.91 -40.42 -40.49
C ALA XA 104 -91.03 -39.84 -41.36
N ALA XA 105 -91.75 -38.85 -40.83
CA ALA XA 105 -92.80 -38.20 -41.60
C ALA XA 105 -92.20 -37.32 -42.69
N GLY XA 106 -91.42 -36.31 -42.30
CA GLY XA 106 -90.73 -35.47 -43.25
C GLY XA 106 -89.32 -35.14 -42.81
N GLU XA 107 -88.70 -36.05 -42.07
CA GLU XA 107 -87.39 -35.81 -41.48
C GLU XA 107 -86.40 -36.87 -41.98
N ARG XA 108 -85.13 -36.60 -41.71
CA ARG XA 108 -84.04 -37.53 -42.00
C ARG XA 108 -83.50 -38.05 -40.68
N THR XA 109 -83.30 -39.37 -40.61
CA THR XA 109 -82.82 -40.01 -39.39
C THR XA 109 -81.48 -40.67 -39.64
N GLY XA 110 -80.78 -40.98 -38.55
CA GLY XA 110 -79.51 -41.67 -38.65
C GLY XA 110 -78.39 -40.79 -39.16
N LEU XA 111 -77.59 -41.33 -40.09
CA LEU XA 111 -76.55 -40.53 -40.72
C LEU XA 111 -77.14 -39.47 -41.63
N GLN XA 112 -78.35 -39.69 -42.15
CA GLN XA 112 -78.96 -38.79 -43.12
C GLN XA 112 -79.29 -37.42 -42.53
N ALA XA 113 -79.41 -37.31 -41.21
CA ALA XA 113 -79.63 -36.02 -40.58
C ALA XA 113 -78.39 -35.15 -40.58
N LEU XA 114 -77.22 -35.69 -40.95
CA LEU XA 114 -76.03 -34.86 -41.15
C LEU XA 114 -76.10 -34.08 -42.45
N LEU XA 115 -76.98 -34.46 -43.37
CA LEU XA 115 -77.22 -33.66 -44.57
C LEU XA 115 -77.97 -32.37 -44.26
N ASP XA 116 -78.59 -32.29 -43.08
CA ASP XA 116 -79.24 -31.08 -42.61
C ASP XA 116 -78.30 -30.21 -41.77
N GLY XA 117 -76.99 -30.27 -42.03
CA GLY XA 117 -76.03 -29.44 -41.35
C GLY XA 117 -76.21 -27.97 -41.65
N LYS XA 118 -76.14 -27.61 -42.92
CA LYS XA 118 -76.55 -26.26 -43.31
C LYS XA 118 -78.08 -26.18 -43.30
N SER XA 119 -78.57 -24.93 -43.32
CA SER XA 119 -79.98 -24.51 -43.23
C SER XA 119 -80.62 -24.88 -41.88
N ARG XA 120 -79.85 -25.40 -40.96
CA ARG XA 120 -80.20 -25.63 -39.56
C ARG XA 120 -79.14 -25.08 -38.62
N PHE XA 121 -77.86 -25.24 -38.96
CA PHE XA 121 -76.75 -24.89 -38.11
C PHE XA 121 -75.71 -24.00 -38.78
N ASN XA 122 -75.78 -23.85 -40.10
CA ASN XA 122 -74.74 -23.23 -40.93
C ASN XA 122 -73.38 -23.89 -40.70
N ALA XA 123 -73.37 -25.23 -40.82
CA ALA XA 123 -72.14 -26.01 -40.69
C ALA XA 123 -72.33 -27.29 -41.50
N GLN XA 124 -71.79 -27.30 -42.72
CA GLN XA 124 -71.87 -28.48 -43.58
C GLN XA 124 -70.72 -29.42 -43.24
N PRO XA 125 -71.00 -30.61 -42.69
CA PRO XA 125 -69.93 -31.46 -42.14
C PRO XA 125 -68.97 -31.98 -43.21
N ARG XA 126 -67.69 -31.73 -43.00
CA ARG XA 126 -66.65 -32.22 -43.89
C ARG XA 126 -65.90 -33.42 -43.33
N LEU XA 127 -66.19 -33.82 -42.10
CA LEU XA 127 -65.56 -34.97 -41.45
C LEU XA 127 -66.66 -35.86 -40.94
N LEU XA 128 -66.78 -37.05 -41.53
CA LEU XA 128 -67.87 -37.98 -41.22
C LEU XA 128 -67.32 -39.17 -40.45
N VAL XA 129 -67.81 -39.35 -39.22
CA VAL XA 129 -67.38 -40.45 -38.36
C VAL XA 129 -68.58 -41.13 -37.73
N ALA XA 130 -68.44 -42.42 -37.48
CA ALA XA 130 -69.33 -43.17 -36.60
C ALA XA 130 -68.46 -44.24 -35.95
N PRO XA 131 -67.95 -43.97 -34.75
CA PRO XA 131 -66.94 -44.85 -34.15
C PRO XA 131 -67.53 -46.18 -33.70
N GLY XA 132 -67.00 -47.26 -34.26
CA GLY XA 132 -67.48 -48.59 -33.94
C GLY XA 132 -68.43 -49.11 -34.99
N HIS XA 133 -69.29 -48.21 -35.50
CA HIS XA 133 -70.26 -48.63 -36.49
C HIS XA 133 -69.66 -48.71 -37.88
N SER XA 134 -68.51 -48.07 -38.09
CA SER XA 134 -67.88 -48.08 -39.41
C SER XA 134 -67.21 -49.41 -39.71
N ALA XA 135 -67.06 -50.28 -38.70
CA ALA XA 135 -66.52 -51.61 -38.94
C ALA XA 135 -67.53 -52.50 -39.67
N GLN XA 136 -68.81 -52.15 -39.61
CA GLN XA 136 -69.81 -52.88 -40.36
C GLN XA 136 -69.76 -52.48 -41.83
N GLN XA 137 -70.11 -53.42 -42.71
CA GLN XA 137 -70.03 -53.18 -44.14
C GLN XA 137 -71.17 -52.29 -44.62
N ALA XA 138 -72.38 -52.54 -44.11
CA ALA XA 138 -73.55 -51.82 -44.61
C ALA XA 138 -73.58 -50.38 -44.12
N VAL XA 139 -72.99 -50.12 -42.95
CA VAL XA 139 -72.94 -48.75 -42.44
C VAL XA 139 -71.89 -47.96 -43.18
N ALA XA 140 -70.76 -48.59 -43.52
CA ALA XA 140 -69.67 -47.89 -44.19
C ALA XA 140 -70.03 -47.55 -45.63
N THR XA 141 -70.90 -48.34 -46.25
CA THR XA 141 -71.37 -48.02 -47.59
C THR XA 141 -72.34 -46.85 -47.55
N ALA XA 142 -73.18 -46.76 -46.51
CA ALA XA 142 -74.00 -45.58 -46.32
C ALA XA 142 -73.15 -44.41 -45.85
N MET XA 143 -72.06 -44.69 -45.15
CA MET XA 143 -71.08 -43.65 -44.85
C MET XA 143 -70.36 -43.20 -46.11
N ASP XA 144 -70.17 -44.12 -47.07
CA ASP XA 144 -69.55 -43.80 -48.34
C ASP XA 144 -70.43 -42.85 -49.16
N GLY XA 145 -71.64 -43.30 -49.49
CA GLY XA 145 -72.52 -42.56 -50.39
C GLY XA 145 -73.00 -41.24 -49.84
N LEU XA 146 -72.95 -41.06 -48.53
CA LEU XA 146 -73.28 -39.77 -47.95
C LEU XA 146 -72.12 -38.78 -48.06
N ALA XA 147 -70.90 -39.26 -48.33
CA ALA XA 147 -69.76 -38.36 -48.45
C ALA XA 147 -69.72 -37.69 -49.82
N GLU XA 148 -70.07 -38.41 -50.90
CA GLU XA 148 -70.11 -37.77 -52.20
C GLU XA 148 -71.30 -36.83 -52.35
N LYS XA 149 -72.35 -37.02 -51.56
CA LYS XA 149 -73.43 -36.04 -51.53
C LYS XA 149 -73.06 -34.81 -50.73
N LEU XA 150 -72.01 -34.87 -49.92
CA LEU XA 150 -71.68 -33.83 -48.97
C LEU XA 150 -70.29 -33.26 -49.19
N ARG XA 151 -69.49 -33.86 -50.08
CA ARG XA 151 -68.10 -33.51 -50.38
C ARG XA 151 -67.25 -33.50 -49.11
N ALA XA 152 -67.19 -34.66 -48.47
CA ALA XA 152 -66.61 -34.81 -47.15
C ALA XA 152 -65.68 -36.02 -47.12
N ILE XA 153 -64.78 -36.01 -46.14
CA ILE XA 153 -63.93 -37.16 -45.87
C ILE XA 153 -64.60 -38.00 -44.80
N ALA XA 154 -64.90 -39.24 -45.14
CA ALA XA 154 -65.58 -40.17 -44.23
C ALA XA 154 -64.53 -41.10 -43.64
N ILE XA 155 -64.31 -40.99 -42.34
CA ILE XA 155 -63.29 -41.77 -41.64
C ILE XA 155 -63.91 -43.08 -41.19
N LEU XA 156 -63.39 -44.19 -41.70
CA LEU XA 156 -63.92 -45.51 -41.40
C LEU XA 156 -63.10 -46.18 -40.31
N ASP XA 157 -63.46 -47.41 -39.99
CA ASP XA 157 -62.75 -48.20 -38.99
C ASP XA 157 -62.35 -49.56 -39.55
N GLY XA 158 -61.85 -50.41 -38.68
CA GLY XA 158 -61.68 -51.81 -38.97
C GLY XA 158 -62.10 -52.63 -37.77
N PRO XA 159 -61.96 -53.95 -37.86
CA PRO XA 159 -62.23 -54.79 -36.70
C PRO XA 159 -61.09 -54.72 -35.69
N ASN XA 160 -61.31 -55.36 -34.55
CA ASN XA 160 -60.26 -55.51 -33.54
C ASN XA 160 -59.26 -56.58 -33.92
N SER XA 161 -59.53 -57.37 -34.95
CA SER XA 161 -58.75 -58.54 -35.28
C SER XA 161 -57.47 -58.17 -36.02
N THR XA 162 -56.81 -59.16 -36.60
CA THR XA 162 -55.45 -59.05 -37.11
C THR XA 162 -55.41 -58.23 -38.41
N ASP XA 163 -54.20 -58.14 -38.96
CA ASP XA 163 -53.97 -57.31 -40.14
C ASP XA 163 -54.61 -57.89 -41.39
N GLU XA 164 -54.72 -59.23 -41.47
CA GLU XA 164 -55.29 -59.85 -42.65
C GLU XA 164 -56.79 -59.57 -42.76
N ALA XA 165 -57.49 -59.53 -41.63
CA ALA XA 165 -58.91 -59.22 -41.65
C ALA XA 165 -59.19 -57.73 -41.74
N ALA XA 166 -58.16 -56.89 -41.68
CA ALA XA 166 -58.32 -55.46 -41.92
C ALA XA 166 -58.00 -55.07 -43.35
N VAL XA 167 -57.05 -55.76 -43.98
CA VAL XA 167 -56.79 -55.57 -45.41
C VAL XA 167 -57.98 -56.06 -46.23
N ALA XA 168 -58.59 -57.17 -45.81
CA ALA XA 168 -59.72 -57.73 -46.54
C ALA XA 168 -60.97 -56.87 -46.40
N TYR XA 169 -61.02 -56.05 -45.34
CA TYR XA 169 -62.13 -55.11 -45.20
C TYR XA 169 -61.96 -53.90 -46.10
N ALA XA 170 -60.74 -53.67 -46.58
CA ALA XA 170 -60.48 -52.46 -47.38
C ALA XA 170 -60.44 -52.77 -48.87
N LYS XA 171 -60.53 -54.05 -49.24
CA LYS XA 171 -60.44 -54.40 -50.65
C LYS XA 171 -61.71 -54.06 -51.41
N ASN XA 172 -62.87 -54.18 -50.75
CA ASN XA 172 -64.14 -53.93 -51.44
C ASN XA 172 -64.44 -52.45 -51.55
N PHE XA 173 -63.69 -51.60 -50.85
CA PHE XA 173 -63.82 -50.15 -51.00
C PHE XA 173 -62.84 -49.68 -52.07
N GLY XA 174 -62.54 -48.38 -52.09
CA GLY XA 174 -61.77 -47.81 -53.18
C GLY XA 174 -62.49 -46.68 -53.87
N SER XA 175 -63.29 -45.94 -53.11
CA SER XA 175 -64.19 -44.91 -53.62
C SER XA 175 -63.79 -43.51 -53.16
N LYS XA 176 -62.48 -43.23 -53.14
CA LYS XA 176 -61.84 -41.90 -53.14
C LYS XA 176 -62.20 -40.96 -51.99
N ARG XA 177 -63.05 -41.38 -51.05
CA ARG XA 177 -63.48 -40.52 -49.97
C ARG XA 177 -63.33 -41.15 -48.60
N LEU XA 178 -62.82 -42.37 -48.52
CA LEU XA 178 -62.85 -43.16 -47.29
C LEU XA 178 -61.44 -43.23 -46.72
N PHE XA 179 -61.35 -43.07 -45.40
CA PHE XA 179 -60.07 -43.04 -44.70
C PHE XA 179 -60.16 -44.05 -43.56
N MET XA 180 -59.43 -45.16 -43.69
CA MET XA 180 -59.55 -46.27 -42.75
C MET XA 180 -58.38 -46.25 -41.77
N VAL XA 181 -58.71 -46.41 -40.48
CA VAL XA 181 -57.72 -46.49 -39.40
C VAL XA 181 -58.05 -47.76 -38.63
N ASP XA 182 -57.33 -48.85 -38.89
CA ASP XA 182 -57.66 -50.11 -38.22
C ASP XA 182 -57.26 -50.35 -36.76
N PRO XA 183 -56.15 -49.84 -36.18
CA PRO XA 183 -55.79 -50.31 -34.83
C PRO XA 183 -56.70 -49.70 -33.78
N GLY XA 184 -57.24 -50.56 -32.92
CA GLY XA 184 -58.11 -50.11 -31.85
C GLY XA 184 -57.35 -49.32 -30.79
N VAL XA 185 -57.60 -48.02 -30.74
CA VAL XA 185 -56.94 -47.18 -29.75
C VAL XA 185 -57.53 -47.45 -28.37
N GLN XA 186 -56.72 -48.00 -27.47
CA GLN XA 186 -57.14 -48.18 -26.10
C GLN XA 186 -56.68 -46.99 -25.27
N VAL XA 187 -57.56 -46.54 -24.37
CA VAL XA 187 -57.36 -45.28 -23.68
C VAL XA 187 -57.77 -45.44 -22.22
N TRP XA 188 -57.02 -44.80 -21.32
CA TRP XA 188 -57.35 -44.79 -19.91
C TRP XA 188 -58.56 -43.90 -19.64
N ASP XA 189 -59.36 -44.29 -18.66
CA ASP XA 189 -60.46 -43.46 -18.17
C ASP XA 189 -60.35 -43.29 -16.67
N SER XA 190 -61.00 -42.23 -16.17
CA SER XA 190 -61.01 -41.94 -14.74
C SER XA 190 -62.26 -42.45 -14.02
N ALA XA 191 -63.24 -42.97 -14.76
CA ALA XA 191 -64.47 -43.44 -14.13
C ALA XA 191 -64.26 -44.79 -13.44
N THR XA 192 -63.89 -45.80 -14.19
CA THR XA 192 -63.69 -47.15 -13.66
C THR XA 192 -62.22 -47.47 -13.39
N ASN XA 193 -61.30 -46.55 -13.73
CA ASN XA 193 -59.86 -46.69 -13.55
C ASN XA 193 -59.31 -47.93 -14.26
N ALA XA 194 -59.55 -47.97 -15.57
CA ALA XA 194 -59.12 -49.09 -16.40
C ALA XA 194 -58.80 -48.55 -17.79
N ALA XA 195 -58.70 -49.45 -18.77
CA ALA XA 195 -58.39 -49.07 -20.13
C ALA XA 195 -59.56 -49.44 -21.03
N ARG XA 196 -60.14 -48.46 -21.71
CA ARG XA 196 -61.25 -48.69 -22.62
C ARG XA 196 -60.70 -49.14 -23.97
N ASN XA 197 -61.56 -49.21 -24.98
CA ASN XA 197 -61.15 -49.52 -26.36
C ASN XA 197 -61.94 -48.61 -27.29
N ALA XA 198 -61.37 -47.45 -27.59
CA ALA XA 198 -62.03 -46.51 -28.48
C ALA XA 198 -61.76 -46.89 -29.93
N PRO XA 199 -62.78 -46.86 -30.80
CA PRO XA 199 -62.58 -47.33 -32.17
C PRO XA 199 -62.00 -46.30 -33.13
N ALA XA 200 -60.99 -45.53 -32.69
CA ALA XA 200 -60.02 -44.84 -33.55
C ALA XA 200 -60.55 -43.80 -34.52
N SER XA 201 -61.86 -43.50 -34.50
CA SER XA 201 -62.41 -42.56 -35.46
C SER XA 201 -62.34 -41.12 -34.97
N ALA XA 202 -62.74 -40.89 -33.72
CA ALA XA 202 -62.77 -39.54 -33.17
C ALA XA 202 -61.38 -38.96 -32.98
N TYR XA 203 -60.37 -39.81 -32.81
CA TYR XA 203 -59.01 -39.31 -32.68
C TYR XA 203 -58.47 -38.81 -34.01
N ALA XA 204 -58.83 -39.49 -35.10
CA ALA XA 204 -58.45 -38.99 -36.43
C ALA XA 204 -59.36 -37.85 -36.86
N ALA XA 205 -60.59 -37.80 -36.37
CA ALA XA 205 -61.48 -36.70 -36.70
C ALA XA 205 -61.06 -35.42 -35.99
N GLY XA 206 -60.65 -35.53 -34.72
CA GLY XA 206 -60.09 -34.41 -34.02
C GLY XA 206 -58.70 -34.03 -34.48
N LEU XA 207 -58.06 -34.87 -35.28
CA LEU XA 207 -56.75 -34.55 -35.85
C LEU XA 207 -56.87 -33.91 -37.22
N PHE XA 208 -57.90 -34.26 -38.00
CA PHE XA 208 -58.14 -33.55 -39.25
C PHE XA 208 -58.60 -32.13 -38.98
N ALA XA 209 -59.40 -31.93 -37.95
CA ALA XA 209 -59.84 -30.59 -37.58
C ALA XA 209 -58.75 -29.79 -36.90
N TRP XA 210 -57.72 -30.45 -36.38
CA TRP XA 210 -56.62 -29.72 -35.74
C TRP XA 210 -55.64 -29.19 -36.77
N THR XA 211 -55.32 -30.00 -37.79
CA THR XA 211 -54.36 -29.59 -38.79
C THR XA 211 -54.91 -28.55 -39.75
N ASP XA 212 -56.21 -28.29 -39.74
CA ASP XA 212 -56.77 -27.20 -40.52
C ASP XA 212 -56.73 -25.88 -39.78
N ALA XA 213 -56.40 -25.89 -38.48
CA ALA XA 213 -56.43 -24.67 -37.69
C ALA XA 213 -55.21 -23.79 -37.97
N GLU XA 214 -54.01 -24.38 -37.99
CA GLU XA 214 -52.81 -23.59 -38.28
C GLU XA 214 -51.94 -24.18 -39.36
N TYR XA 215 -52.01 -25.47 -39.65
CA TYR XA 215 -51.27 -26.04 -40.76
C TYR XA 215 -52.05 -25.97 -42.07
N GLY XA 216 -53.33 -25.66 -42.03
CA GLY XA 216 -54.13 -25.52 -43.22
C GLY XA 216 -54.63 -26.85 -43.76
N PHE XA 217 -55.65 -26.75 -44.60
CA PHE XA 217 -56.22 -27.95 -45.21
C PHE XA 217 -55.33 -28.55 -46.29
N TRP XA 218 -54.40 -27.75 -46.83
CA TRP XA 218 -53.45 -28.26 -47.82
C TRP XA 218 -52.44 -29.21 -47.22
N SER XA 219 -52.17 -29.13 -45.93
CA SER XA 219 -51.18 -29.96 -45.28
C SER XA 219 -51.71 -31.35 -45.00
N SER XA 220 -50.79 -32.30 -44.82
CA SER XA 220 -51.16 -33.68 -44.53
C SER XA 220 -51.13 -33.93 -43.04
N PRO XA 221 -52.18 -34.51 -42.48
CA PRO XA 221 -52.17 -34.97 -41.09
C PRO XA 221 -51.75 -36.43 -40.93
N SER XA 222 -50.57 -36.78 -41.46
CA SER XA 222 -50.12 -38.16 -41.47
C SER XA 222 -48.85 -38.39 -40.67
N ASN XA 223 -48.40 -37.40 -39.90
CA ASN XA 223 -47.37 -37.64 -38.89
C ASN XA 223 -47.66 -36.77 -37.66
N LYS XA 224 -48.92 -36.53 -37.36
CA LYS XA 224 -49.27 -35.58 -36.32
C LYS XA 224 -49.54 -36.30 -35.00
N GLU XA 225 -49.42 -35.54 -33.92
CA GLU XA 225 -49.53 -36.08 -32.57
C GLU XA 225 -51.01 -36.21 -32.19
N ILE XA 226 -51.29 -37.09 -31.24
CA ILE XA 226 -52.64 -37.30 -30.71
C ILE XA 226 -52.60 -37.12 -29.20
N LYS XA 227 -53.45 -36.25 -28.67
CA LYS XA 227 -53.53 -36.08 -27.23
C LYS XA 227 -54.67 -36.90 -26.64
N GLY XA 228 -54.54 -37.20 -25.35
CA GLY XA 228 -55.54 -37.96 -24.62
C GLY XA 228 -55.64 -39.40 -25.10
N VAL XA 229 -54.58 -40.18 -24.88
CA VAL XA 229 -54.42 -41.43 -25.61
C VAL XA 229 -53.42 -42.31 -24.86
N THR XA 230 -53.56 -43.62 -25.04
CA THR XA 230 -52.56 -44.60 -24.62
C THR XA 230 -52.40 -45.49 -25.84
N GLY XA 231 -51.81 -46.68 -25.64
CA GLY XA 231 -51.48 -47.60 -26.72
C GLY XA 231 -52.60 -48.09 -27.62
N THR XA 232 -52.26 -48.95 -28.56
CA THR XA 232 -53.27 -49.52 -29.44
C THR XA 232 -53.65 -50.92 -28.99
N SER XA 233 -54.69 -51.47 -29.59
CA SER XA 233 -55.07 -52.84 -29.29
C SER XA 233 -54.06 -53.82 -29.87
N ARG XA 234 -53.54 -53.53 -31.06
CA ARG XA 234 -52.50 -54.32 -31.68
C ARG XA 234 -51.29 -53.46 -31.93
N PRO XA 235 -50.09 -53.98 -31.71
CA PRO XA 235 -48.88 -53.22 -32.08
C PRO XA 235 -48.74 -53.15 -33.59
N VAL XA 236 -48.29 -51.99 -34.05
CA VAL XA 236 -47.98 -51.77 -35.46
C VAL XA 236 -46.87 -50.73 -35.54
N GLU XA 237 -45.78 -51.08 -36.22
CA GLU XA 237 -44.58 -50.27 -36.24
C GLU XA 237 -44.09 -50.16 -37.67
N PHE XA 238 -43.37 -49.07 -37.94
CA PHE XA 238 -42.68 -48.92 -39.21
C PHE XA 238 -41.19 -49.18 -39.00
N LEU XA 239 -40.63 -50.07 -39.80
CA LEU XA 239 -39.21 -50.32 -39.87
C LEU XA 239 -38.79 -50.19 -41.33
N ASP XA 240 -37.51 -50.44 -41.62
CA ASP XA 240 -36.97 -50.22 -42.94
C ASP XA 240 -36.27 -51.46 -43.44
N GLY XA 241 -36.27 -51.64 -44.76
CA GLY XA 241 -35.54 -52.73 -45.40
C GLY XA 241 -36.42 -53.55 -46.31
N ASP XA 242 -37.65 -53.05 -46.55
CA ASP XA 242 -38.67 -53.69 -47.40
C ASP XA 242 -39.00 -55.11 -46.92
N GLU XA 243 -39.17 -55.26 -45.61
CA GLU XA 243 -39.60 -56.52 -45.03
C GLU XA 243 -41.11 -56.48 -44.79
N THR XA 244 -41.62 -57.47 -44.08
CA THR XA 244 -43.03 -57.49 -43.69
C THR XA 244 -43.23 -56.61 -42.45
N CYS XA 245 -43.16 -55.30 -42.69
CA CYS XA 245 -43.54 -54.35 -41.66
C CYS XA 245 -45.04 -54.35 -41.50
N ARG XA 246 -45.51 -54.18 -40.26
CA ARG XA 246 -46.94 -54.09 -40.06
C ARG XA 246 -47.50 -52.76 -40.54
N ALA XA 247 -46.68 -51.70 -40.56
CA ALA XA 247 -47.15 -50.43 -41.10
C ALA XA 247 -47.19 -50.48 -42.63
N ASN XA 248 -46.15 -51.03 -43.25
CA ASN XA 248 -46.05 -51.03 -44.71
C ASN XA 248 -47.05 -52.00 -45.33
N LEU XA 249 -47.41 -53.06 -44.59
CA LEU XA 249 -48.46 -53.95 -45.06
C LEU XA 249 -49.82 -53.26 -45.03
N LEU XA 250 -49.99 -52.28 -44.13
CA LEU XA 250 -51.28 -51.61 -44.01
C LEU XA 250 -51.32 -50.30 -44.80
N ASN XA 251 -50.16 -49.69 -45.06
CA ASN XA 251 -50.14 -48.54 -45.96
C ASN XA 251 -50.39 -48.97 -47.40
N ASN XA 252 -49.87 -50.13 -47.80
CA ASN XA 252 -50.09 -50.62 -49.15
C ASN XA 252 -51.53 -51.09 -49.37
N ALA XA 253 -52.26 -51.36 -48.30
CA ALA XA 253 -53.70 -51.58 -48.38
C ALA XA 253 -54.49 -50.29 -48.16
N ASN XA 254 -53.81 -49.14 -48.19
CA ASN XA 254 -54.41 -47.80 -48.07
C ASN XA 254 -55.15 -47.61 -46.75
N ILE XA 255 -54.50 -48.03 -45.65
CA ILE XA 255 -55.09 -47.95 -44.32
C ILE XA 255 -54.11 -47.22 -43.41
N ALA XA 256 -54.61 -46.27 -42.62
CA ALA XA 256 -53.77 -45.58 -41.66
C ALA XA 256 -53.55 -46.42 -40.40
N THR XA 257 -52.40 -46.20 -39.76
CA THR XA 257 -52.04 -46.90 -38.53
C THR XA 257 -51.68 -45.87 -37.47
N ILE XA 258 -51.13 -46.36 -36.37
CA ILE XA 258 -50.60 -45.55 -35.27
C ILE XA 258 -49.24 -46.11 -34.89
N ILE XA 259 -48.21 -45.28 -34.88
CA ILE XA 259 -46.84 -45.80 -34.91
C ILE XA 259 -46.14 -45.80 -33.56
N ARG XA 260 -45.91 -44.63 -32.97
CA ARG XA 260 -44.98 -44.54 -31.85
C ARG XA 260 -45.72 -44.87 -30.54
N ASP XA 261 -45.09 -44.54 -29.41
CA ASP XA 261 -45.53 -45.02 -28.10
C ASP XA 261 -46.84 -44.40 -27.67
N ASP XA 262 -47.77 -45.26 -27.26
CA ASP XA 262 -49.01 -44.89 -26.57
C ASP XA 262 -49.86 -43.94 -27.41
N GLY XA 263 -50.07 -44.28 -28.67
CA GLY XA 263 -50.91 -43.49 -29.53
C GLY XA 263 -50.29 -42.18 -29.94
N TYR XA 264 -49.02 -42.21 -30.31
CA TYR XA 264 -48.29 -40.96 -30.45
C TYR XA 264 -48.47 -40.31 -31.82
N ARG XA 265 -48.64 -41.09 -32.88
CA ARG XA 265 -48.76 -40.53 -34.22
C ARG XA 265 -49.88 -41.20 -35.01
N LEU XA 266 -50.28 -40.55 -36.10
CA LEU XA 266 -51.07 -41.14 -37.16
C LEU XA 266 -50.15 -41.32 -38.36
N TRP XA 267 -50.52 -42.19 -39.30
CA TRP XA 267 -49.56 -42.66 -40.29
C TRP XA 267 -50.11 -42.74 -41.72
N GLY XA 268 -51.37 -42.43 -41.95
CA GLY XA 268 -51.88 -42.61 -43.30
C GLY XA 268 -52.00 -41.36 -44.14
N ASN XA 269 -51.46 -41.40 -45.35
CA ASN XA 269 -51.64 -40.36 -46.34
C ASN XA 269 -52.72 -40.67 -47.36
N ARG XA 270 -53.05 -41.94 -47.60
CA ARG XA 270 -53.80 -42.31 -48.78
C ARG XA 270 -55.20 -42.77 -48.43
N THR XA 271 -56.17 -42.30 -49.20
CA THR XA 271 -57.55 -42.74 -49.07
C THR XA 271 -57.74 -44.13 -49.65
N LEU XA 272 -58.89 -44.72 -49.34
CA LEU XA 272 -59.32 -45.90 -50.05
C LEU XA 272 -59.81 -45.46 -51.43
N SER XA 273 -58.95 -45.57 -52.44
CA SER XA 273 -59.25 -45.08 -53.77
C SER XA 273 -58.68 -46.04 -54.80
N SER XA 274 -59.55 -46.58 -55.65
CA SER XA 274 -59.09 -47.39 -56.76
C SER XA 274 -58.48 -46.56 -57.88
N ASP XA 275 -58.76 -45.26 -57.90
CA ASP XA 275 -58.18 -44.36 -58.88
C ASP XA 275 -56.85 -43.84 -58.36
N SER XA 276 -55.81 -43.90 -59.20
CA SER XA 276 -54.48 -43.52 -58.77
C SER XA 276 -54.31 -42.01 -58.64
N LYS XA 277 -55.19 -41.23 -59.26
CA LYS XA 277 -55.07 -39.78 -59.16
C LYS XA 277 -55.48 -39.28 -57.78
N TRP XA 278 -56.54 -39.85 -57.22
CA TRP XA 278 -57.13 -39.39 -55.96
C TRP XA 278 -56.64 -40.24 -54.78
N ALA XA 279 -55.38 -40.64 -54.81
CA ALA XA 279 -54.84 -41.50 -53.76
C ALA XA 279 -54.74 -40.77 -52.43
N PHE XA 280 -53.98 -39.68 -52.39
CA PHE XA 280 -53.66 -38.99 -51.14
C PHE XA 280 -54.89 -38.32 -50.55
N VAL XA 281 -54.86 -38.13 -49.23
CA VAL XA 281 -55.94 -37.40 -48.56
C VAL XA 281 -55.87 -35.92 -48.88
N THR XA 282 -54.69 -35.41 -49.26
CA THR XA 282 -54.53 -33.98 -49.45
C THR XA 282 -55.18 -33.51 -50.74
N ARG XA 283 -55.05 -34.28 -51.82
CA ARG XA 283 -55.66 -33.89 -53.09
C ARG XA 283 -57.17 -33.98 -53.03
N VAL XA 284 -57.70 -34.94 -52.28
CA VAL XA 284 -59.15 -35.04 -52.13
C VAL XA 284 -59.68 -33.92 -51.24
N ARG XA 285 -58.92 -33.54 -50.21
CA ARG XA 285 -59.35 -32.44 -49.36
C ARG XA 285 -59.16 -31.08 -50.03
N THR XA 286 -58.08 -30.91 -50.80
CA THR XA 286 -57.83 -29.60 -51.42
C THR XA 286 -58.85 -29.29 -52.50
N MET XA 287 -59.21 -30.29 -53.30
CA MET XA 287 -60.26 -30.09 -54.31
C MET XA 287 -61.62 -29.86 -53.67
N ASP XA 288 -61.84 -30.36 -52.46
CA ASP XA 288 -63.11 -30.14 -51.79
C ASP XA 288 -63.11 -28.91 -50.89
N LEU XA 289 -61.95 -28.37 -50.52
CA LEU XA 289 -61.89 -27.25 -49.61
C LEU XA 289 -61.30 -25.98 -50.21
N VAL XA 290 -60.91 -25.97 -51.50
CA VAL XA 290 -60.70 -24.70 -52.18
C VAL XA 290 -61.97 -24.23 -52.87
N MET XA 291 -62.97 -25.10 -53.01
CA MET XA 291 -64.19 -24.71 -53.69
C MET XA 291 -65.17 -24.03 -52.75
N ASP XA 292 -65.31 -24.52 -51.50
CA ASP XA 292 -66.13 -23.79 -50.55
C ASP XA 292 -65.43 -22.51 -50.08
N ALA XA 293 -64.11 -22.42 -50.23
CA ALA XA 293 -63.41 -21.16 -50.06
C ALA XA 293 -63.64 -20.22 -51.23
N ILE XA 294 -64.14 -20.73 -52.35
CA ILE XA 294 -64.53 -19.92 -53.48
C ILE XA 294 -66.03 -19.72 -53.55
N LEU XA 295 -66.82 -20.80 -53.41
CA LEU XA 295 -68.28 -20.70 -53.45
C LEU XA 295 -68.83 -19.90 -52.28
N ALA XA 296 -68.13 -19.85 -51.15
CA ALA XA 296 -68.30 -18.76 -50.21
C ALA XA 296 -67.28 -17.70 -50.58
N GLY XA 297 -67.74 -16.46 -50.66
CA GLY XA 297 -67.05 -15.45 -51.43
C GLY XA 297 -67.57 -15.31 -52.84
N HIS XA 298 -68.34 -16.29 -53.31
CA HIS XA 298 -69.16 -16.21 -54.50
C HIS XA 298 -70.57 -16.72 -54.20
N LYS XA 299 -71.15 -16.20 -53.12
CA LYS XA 299 -72.60 -16.31 -52.95
C LYS XA 299 -73.31 -15.51 -54.02
N TRP XA 300 -72.67 -14.45 -54.52
CA TRP XA 300 -73.05 -13.77 -55.74
C TRP XA 300 -72.60 -14.59 -56.94
N ALA XA 301 -72.67 -14.00 -58.14
CA ALA XA 301 -72.42 -14.66 -59.43
C ALA XA 301 -73.32 -15.87 -59.64
N VAL XA 302 -74.52 -15.82 -59.08
CA VAL XA 302 -75.59 -16.78 -59.34
C VAL XA 302 -76.92 -16.05 -59.13
N ASP XA 303 -77.83 -16.20 -60.11
CA ASP XA 303 -79.10 -15.47 -60.20
C ASP XA 303 -78.91 -13.96 -60.18
N ARG XA 304 -77.80 -13.49 -60.74
CA ARG XA 304 -77.56 -12.05 -60.82
C ARG XA 304 -78.12 -11.45 -62.11
N GLY XA 305 -77.65 -11.94 -63.25
CA GLY XA 305 -77.97 -11.33 -64.52
C GLY XA 305 -76.70 -11.07 -65.31
N ILE XA 306 -76.63 -11.63 -66.50
CA ILE XA 306 -75.39 -11.66 -67.28
C ILE XA 306 -75.29 -10.40 -68.12
N THR XA 307 -74.35 -9.53 -67.76
CA THR XA 307 -74.04 -8.36 -68.56
C THR XA 307 -72.96 -8.71 -69.57
N LYS XA 308 -72.38 -7.69 -70.22
CA LYS XA 308 -71.34 -7.95 -71.21
C LYS XA 308 -70.04 -8.40 -70.56
N THR XA 309 -69.61 -7.69 -69.52
CA THR XA 309 -68.40 -8.05 -68.78
C THR XA 309 -68.73 -8.83 -67.51
N TYR XA 310 -69.80 -9.62 -67.54
CA TYR XA 310 -70.14 -10.47 -66.40
C TYR XA 310 -69.13 -11.58 -66.21
N VAL XA 311 -68.72 -12.22 -67.32
CA VAL XA 311 -67.78 -13.32 -67.26
C VAL XA 311 -66.40 -12.82 -66.85
N LYS XA 312 -66.01 -11.64 -67.32
CA LYS XA 312 -64.68 -11.10 -67.04
C LYS XA 312 -64.55 -10.65 -65.58
N ASP XA 313 -65.61 -10.07 -65.02
CA ASP XA 313 -65.53 -9.51 -63.68
C ASP XA 313 -65.53 -10.57 -62.58
N VAL XA 314 -65.81 -11.83 -62.90
CA VAL XA 314 -65.79 -12.89 -61.90
C VAL XA 314 -64.57 -13.77 -62.13
N THR XA 315 -64.10 -13.87 -63.37
CA THR XA 315 -62.85 -14.60 -63.59
C THR XA 315 -61.63 -13.79 -63.18
N GLU XA 316 -61.78 -12.49 -62.95
CA GLU XA 316 -60.78 -11.71 -62.24
C GLU XA 316 -61.02 -11.69 -60.75
N GLY XA 317 -62.15 -12.25 -60.30
CA GLY XA 317 -62.44 -12.40 -58.89
C GLY XA 317 -62.14 -13.80 -58.42
N LEU XA 318 -62.13 -14.76 -59.36
CA LEU XA 318 -61.64 -16.09 -59.03
C LEU XA 318 -60.12 -16.09 -58.90
N ARG XA 319 -59.43 -15.28 -59.71
CA ARG XA 319 -57.98 -15.16 -59.59
C ARG XA 319 -57.60 -14.47 -58.29
N ALA XA 320 -58.36 -13.45 -57.88
CA ALA XA 320 -58.02 -12.72 -56.66
C ALA XA 320 -58.29 -13.54 -55.42
N PHE XA 321 -59.22 -14.48 -55.48
CA PHE XA 321 -59.46 -15.43 -54.41
C PHE XA 321 -58.67 -16.72 -54.59
N MET XA 322 -57.59 -16.68 -55.37
CA MET XA 322 -56.72 -17.82 -55.58
C MET XA 322 -55.28 -17.38 -55.38
N ARG XA 323 -55.00 -16.09 -55.61
CA ARG XA 323 -53.67 -15.56 -55.33
C ARG XA 323 -53.39 -15.51 -53.84
N ASP XA 324 -54.41 -15.35 -53.01
CA ASP XA 324 -54.19 -15.46 -51.57
C ASP XA 324 -54.01 -16.90 -51.13
N LEU XA 325 -54.52 -17.86 -51.89
CA LEU XA 325 -54.25 -19.27 -51.63
C LEU XA 325 -52.82 -19.63 -51.97
N LYS XA 326 -52.26 -19.01 -53.01
CA LYS XA 326 -50.84 -19.14 -53.27
C LYS XA 326 -50.02 -18.41 -52.21
N ASN XA 327 -50.58 -17.33 -51.64
CA ASN XA 327 -49.87 -16.56 -50.63
C ASN XA 327 -49.76 -17.34 -49.32
N GLN XA 328 -50.82 -18.05 -48.94
CA GLN XA 328 -50.80 -18.84 -47.73
C GLN XA 328 -50.30 -20.26 -47.95
N GLY XA 329 -49.78 -20.55 -49.14
CA GLY XA 329 -49.17 -21.84 -49.40
C GLY XA 329 -50.14 -22.97 -49.65
N ALA XA 330 -51.37 -22.68 -50.03
CA ALA XA 330 -52.34 -23.74 -50.26
C ALA XA 330 -52.09 -24.46 -51.58
N VAL XA 331 -51.74 -23.72 -52.62
CA VAL XA 331 -51.53 -24.30 -53.94
C VAL XA 331 -50.17 -23.84 -54.48
N ILE XA 332 -49.71 -24.57 -55.48
CA ILE XA 332 -48.66 -24.11 -56.36
C ILE XA 332 -49.39 -23.57 -57.59
N ASN XA 333 -48.62 -22.95 -58.50
CA ASN XA 333 -49.10 -22.04 -59.55
C ASN XA 333 -50.28 -22.59 -60.35
N PHE XA 334 -51.28 -21.73 -60.53
CA PHE XA 334 -52.60 -22.07 -61.05
C PHE XA 334 -52.82 -21.38 -62.40
N GLU XA 335 -54.02 -21.60 -62.95
CA GLU XA 335 -54.54 -20.78 -64.04
C GLU XA 335 -56.06 -20.81 -63.98
N VAL XA 336 -56.67 -19.64 -64.08
CA VAL XA 336 -58.12 -19.49 -64.07
C VAL XA 336 -58.50 -18.71 -65.32
N TYR XA 337 -59.34 -19.32 -66.15
CA TYR XA 337 -59.73 -18.68 -67.40
C TYR XA 337 -61.11 -19.18 -67.80
N ALA XA 338 -61.85 -18.32 -68.49
CA ALA XA 338 -63.16 -18.69 -68.99
C ALA XA 338 -63.02 -19.68 -70.14
N ASP XA 339 -63.96 -20.61 -70.22
CA ASP XA 339 -63.95 -21.65 -71.24
C ASP XA 339 -64.44 -21.05 -72.54
N PRO XA 340 -63.59 -20.97 -73.58
CA PRO XA 340 -63.98 -20.21 -74.77
C PRO XA 340 -64.99 -20.93 -75.66
N ASP XA 341 -64.93 -22.25 -75.74
CA ASP XA 341 -65.77 -22.94 -76.71
C ASP XA 341 -67.09 -23.41 -76.11
N LEU XA 342 -67.12 -23.66 -74.80
CA LEU XA 342 -68.36 -24.07 -74.16
C LEU XA 342 -69.27 -22.88 -73.88
N ASN XA 343 -68.70 -21.71 -73.66
CA ASN XA 343 -69.50 -20.51 -73.51
C ASN XA 343 -70.03 -20.06 -74.87
N SER XA 344 -71.35 -19.98 -74.98
CA SER XA 344 -71.99 -19.63 -76.24
C SER XA 344 -73.26 -18.86 -75.93
N ALA XA 345 -73.89 -18.35 -77.00
CA ALA XA 345 -75.10 -17.55 -76.82
C ALA XA 345 -76.30 -18.41 -76.46
N SER XA 346 -76.27 -19.69 -76.87
CA SER XA 346 -77.37 -20.58 -76.54
C SER XA 346 -77.30 -21.04 -75.09
N GLN XA 347 -76.10 -21.02 -74.50
CA GLN XA 347 -75.96 -21.40 -73.11
C GLN XA 347 -76.33 -20.25 -72.18
N LEU XA 348 -76.28 -19.01 -72.68
CA LEU XA 348 -76.65 -17.86 -71.85
C LEU XA 348 -78.15 -17.79 -71.63
N ALA XA 349 -78.94 -18.31 -72.58
CA ALA XA 349 -80.39 -18.27 -72.47
C ALA XA 349 -80.93 -19.21 -71.40
N GLN XA 350 -80.13 -20.17 -70.96
CA GLN XA 350 -80.51 -21.07 -69.87
C GLN XA 350 -79.65 -20.88 -68.63
N GLY XA 351 -78.83 -19.83 -68.59
CA GLY XA 351 -78.09 -19.48 -67.40
C GLY XA 351 -76.80 -20.24 -67.19
N LYS XA 352 -76.32 -20.99 -68.18
CA LYS XA 352 -75.14 -21.81 -68.03
C LYS XA 352 -73.91 -21.04 -68.53
N VAL XA 353 -72.90 -20.92 -67.67
CA VAL XA 353 -71.63 -20.28 -67.97
C VAL XA 353 -70.52 -21.12 -67.36
N TYR XA 354 -69.38 -21.20 -68.05
CA TYR XA 354 -68.35 -22.17 -67.71
C TYR XA 354 -67.01 -21.49 -67.50
N TRP XA 355 -66.23 -22.00 -66.55
CA TRP XA 355 -64.87 -21.56 -66.31
C TRP XA 355 -63.96 -22.77 -66.14
N ASN XA 356 -62.65 -22.51 -66.21
CA ASN XA 356 -61.63 -23.53 -66.04
C ASN XA 356 -60.69 -23.09 -64.93
N ILE XA 357 -60.68 -23.84 -63.84
CA ILE XA 357 -59.98 -23.45 -62.62
C ILE XA 357 -58.88 -24.49 -62.40
N ARG XA 358 -58.25 -24.92 -63.49
CA ARG XA 358 -57.11 -25.84 -63.45
C ARG XA 358 -55.98 -25.36 -62.55
N PHE XA 359 -55.72 -26.07 -61.45
CA PHE XA 359 -54.63 -25.73 -60.55
C PHE XA 359 -53.90 -27.01 -60.17
N THR XA 360 -52.83 -26.85 -59.39
CA THR XA 360 -52.09 -27.97 -58.84
C THR XA 360 -51.95 -27.78 -57.33
N ASP XA 361 -51.53 -28.84 -56.65
CA ASP XA 361 -51.48 -28.84 -55.20
C ASP XA 361 -50.14 -29.39 -54.73
N VAL XA 362 -49.83 -29.10 -53.47
CA VAL XA 362 -48.60 -29.60 -52.85
C VAL XA 362 -48.72 -31.09 -52.57
N PRO XA 363 -47.77 -31.91 -53.05
CA PRO XA 363 -47.79 -33.33 -52.71
C PRO XA 363 -47.17 -33.56 -51.35
N PRO XA 364 -47.81 -34.35 -50.49
CA PRO XA 364 -47.23 -34.62 -49.18
C PRO XA 364 -46.03 -35.55 -49.28
N ALA XA 365 -44.96 -35.18 -48.59
CA ALA XA 365 -43.70 -35.92 -48.65
C ALA XA 365 -43.81 -37.20 -47.82
N GLU XA 366 -44.43 -38.21 -48.44
CA GLU XA 366 -44.66 -39.46 -47.72
C GLU XA 366 -43.39 -40.29 -47.66
N ASN XA 367 -42.40 -39.99 -48.49
CA ASN XA 367 -41.20 -40.82 -48.55
C ASN XA 367 -39.96 -39.96 -48.71
N PRO XA 368 -39.42 -39.38 -47.64
CA PRO XA 368 -38.09 -38.75 -47.75
C PRO XA 368 -36.96 -39.78 -47.70
N ASN XA 369 -36.27 -39.96 -48.81
CA ASN XA 369 -35.19 -40.91 -48.91
C ASN XA 369 -33.87 -40.22 -48.60
N PHE XA 370 -33.06 -40.82 -47.74
CA PHE XA 370 -31.74 -40.28 -47.40
C PHE XA 370 -30.68 -41.28 -47.82
N ARG XA 371 -29.94 -40.93 -48.87
CA ARG XA 371 -28.89 -41.78 -49.41
C ARG XA 371 -27.60 -41.47 -48.67
N VAL XA 372 -27.09 -42.44 -47.93
CA VAL XA 372 -26.07 -42.18 -46.91
C VAL XA 372 -25.03 -43.31 -46.92
N GLU XA 373 -23.76 -42.95 -46.83
CA GLU XA 373 -22.69 -43.92 -46.61
C GLU XA 373 -21.69 -43.35 -45.62
N VAL XA 374 -20.82 -44.23 -45.15
CA VAL XA 374 -19.69 -43.83 -44.32
C VAL XA 374 -18.44 -43.89 -45.19
N THR XA 375 -17.93 -42.73 -45.57
CA THR XA 375 -16.78 -42.66 -46.45
C THR XA 375 -15.52 -42.65 -45.57
N ASP XA 376 -14.34 -42.56 -46.20
CA ASP XA 376 -13.09 -42.26 -45.51
C ASP XA 376 -12.42 -41.05 -46.14
N GLN XA 377 -13.23 -40.08 -46.59
CA GLN XA 377 -12.68 -38.95 -47.33
C GLN XA 377 -11.98 -37.97 -46.41
N TRP XA 378 -12.69 -37.47 -45.41
CA TRP XA 378 -12.10 -36.50 -44.47
C TRP XA 378 -11.40 -37.20 -43.31
N LEU XA 379 -10.53 -38.17 -43.63
CA LEU XA 379 -9.71 -38.81 -42.63
C LEU XA 379 -8.36 -38.13 -42.48
N THR XA 380 -7.94 -37.36 -43.49
CA THR XA 380 -6.76 -36.52 -43.40
C THR XA 380 -6.99 -35.28 -42.55
N GLU XA 381 -8.25 -35.00 -42.17
CA GLU XA 381 -8.51 -33.97 -41.17
C GLU XA 381 -8.04 -34.38 -39.79
N VAL XA 382 -7.92 -35.67 -39.53
CA VAL XA 382 -7.45 -36.19 -38.24
C VAL XA 382 -5.96 -36.46 -38.42
N LEU XA 383 -5.14 -35.44 -38.17
CA LEU XA 383 -3.69 -35.58 -38.21
C LEU XA 383 -3.06 -34.71 -37.13
N ILE YA 2 -29.17 59.36 -76.30
CA ILE YA 2 -29.68 58.76 -77.52
C ILE YA 2 -30.14 57.33 -77.24
N PRO YA 3 -31.38 57.01 -77.64
CA PRO YA 3 -31.90 55.64 -77.45
C PRO YA 3 -31.12 54.65 -78.31
N GLN YA 4 -30.74 53.54 -77.68
CA GLN YA 4 -29.83 52.57 -78.28
C GLN YA 4 -30.29 51.17 -77.90
N THR YA 5 -30.36 50.28 -78.89
CA THR YA 5 -30.95 48.96 -78.71
C THR YA 5 -30.18 47.99 -79.61
N LEU YA 6 -30.13 46.73 -79.20
CA LEU YA 6 -29.52 45.68 -80.02
C LEU YA 6 -30.28 45.48 -81.32
N THR YA 7 -29.54 45.24 -82.40
CA THR YA 7 -30.11 44.90 -83.69
C THR YA 7 -29.72 43.50 -84.14
N ASN YA 8 -28.41 43.22 -84.20
CA ASN YA 8 -27.92 41.94 -84.70
C ASN YA 8 -26.89 41.36 -83.74
N THR YA 9 -26.80 40.04 -83.74
CA THR YA 9 -25.81 39.31 -82.97
C THR YA 9 -25.01 38.42 -83.90
N ASN YA 10 -23.91 37.88 -83.39
CA ASN YA 10 -23.09 36.95 -84.14
C ASN YA 10 -22.31 36.09 -83.15
N LEU YA 11 -21.70 35.02 -83.65
CA LEU YA 11 -20.91 34.14 -82.81
C LEU YA 11 -19.79 33.51 -83.62
N PHE YA 12 -18.55 33.73 -83.18
CA PHE YA 12 -17.37 33.09 -83.74
C PHE YA 12 -16.80 32.13 -82.72
N ILE YA 13 -16.20 31.04 -83.19
CA ILE YA 13 -15.47 30.18 -82.26
C ILE YA 13 -14.00 30.22 -82.60
N ASP YA 14 -13.64 29.66 -83.74
CA ASP YA 14 -12.27 29.57 -84.20
C ASP YA 14 -12.08 30.40 -85.47
N GLY YA 15 -12.84 31.49 -85.58
CA GLY YA 15 -13.10 32.11 -86.85
C GLY YA 15 -14.19 31.44 -87.64
N VAL YA 16 -14.70 30.30 -87.17
CA VAL YA 16 -15.81 29.62 -87.80
C VAL YA 16 -17.06 30.45 -87.50
N SER YA 17 -17.58 31.11 -88.52
CA SER YA 17 -18.70 32.01 -88.34
C SER YA 17 -20.00 31.23 -88.16
N PHE YA 18 -20.89 31.80 -87.37
CA PHE YA 18 -22.28 31.37 -87.31
C PHE YA 18 -23.13 32.56 -87.74
N ALA YA 19 -23.28 32.72 -89.06
CA ALA YA 19 -23.94 33.90 -89.60
C ALA YA 19 -25.44 33.80 -89.44
N GLY YA 20 -26.05 32.77 -90.01
CA GLY YA 20 -27.46 32.50 -89.83
C GLY YA 20 -27.75 31.25 -89.03
N ASP YA 21 -27.02 30.99 -87.95
CA ASP YA 21 -27.11 29.72 -87.23
C ASP YA 21 -27.52 29.87 -85.77
N VAL YA 22 -27.19 30.98 -85.13
CA VAL YA 22 -27.40 31.15 -83.68
C VAL YA 22 -28.57 32.09 -83.43
N PRO YA 23 -29.70 31.60 -82.94
CA PRO YA 23 -30.82 32.53 -82.65
C PRO YA 23 -30.63 33.32 -81.38
N SER YA 24 -30.06 32.72 -80.33
CA SER YA 24 -29.95 33.37 -79.04
C SER YA 24 -28.58 33.08 -78.42
N LEU YA 25 -28.05 34.06 -77.71
CA LEU YA 25 -26.81 33.91 -76.98
C LEU YA 25 -26.84 34.80 -75.74
N THR YA 26 -26.11 34.40 -74.72
CA THR YA 26 -26.19 35.06 -73.42
C THR YA 26 -24.78 35.29 -72.87
N LEU YA 27 -24.45 36.54 -72.59
CA LEU YA 27 -23.22 36.88 -71.89
C LEU YA 27 -23.32 36.42 -70.44
N PRO YA 28 -22.18 36.19 -69.76
CA PRO YA 28 -22.25 35.74 -68.37
C PRO YA 28 -22.70 36.83 -67.43
N LYS YA 29 -23.57 36.45 -66.50
CA LYS YA 29 -24.01 37.37 -65.45
C LYS YA 29 -22.84 37.60 -64.51
N LEU YA 30 -22.17 38.74 -64.67
CA LEU YA 30 -21.11 39.13 -63.76
C LEU YA 30 -21.75 39.62 -62.47
N ALA YA 31 -21.67 38.82 -61.42
CA ALA YA 31 -22.20 39.18 -60.13
C ALA YA 31 -21.07 39.15 -59.12
N VAL YA 32 -20.94 40.20 -58.34
CA VAL YA 32 -19.95 40.21 -57.29
C VAL YA 32 -20.52 39.47 -56.09
N LYS YA 33 -19.66 38.84 -55.30
CA LYS YA 33 -20.13 37.97 -54.23
C LYS YA 33 -20.35 38.82 -52.99
N THR YA 34 -21.58 39.28 -52.78
CA THR YA 34 -21.88 40.08 -51.62
C THR YA 34 -22.30 39.20 -50.46
N GLU YA 35 -21.86 39.58 -49.27
CA GLU YA 35 -22.30 38.96 -48.02
C GLU YA 35 -22.77 40.08 -47.11
N GLN YA 36 -24.00 39.97 -46.61
CA GLN YA 36 -24.61 41.03 -45.83
C GLN YA 36 -23.92 41.14 -44.48
N TYR YA 37 -23.09 42.16 -44.32
CA TYR YA 37 -22.27 42.36 -43.14
C TYR YA 37 -22.94 43.37 -42.24
N ARG YA 38 -23.43 42.93 -41.09
CA ARG YA 38 -23.93 43.80 -40.04
C ARG YA 38 -23.21 43.47 -38.75
N ALA YA 39 -22.26 44.33 -38.38
CA ALA YA 39 -21.54 44.20 -37.12
C ALA YA 39 -22.20 45.12 -36.09
N GLY YA 40 -21.54 45.30 -34.95
CA GLY YA 40 -22.07 46.17 -33.92
C GLY YA 40 -21.92 47.63 -34.29
N GLY YA 41 -22.94 48.41 -33.91
CA GLY YA 41 -22.91 49.83 -34.19
C GLY YA 41 -23.53 50.23 -35.52
N MET YA 42 -24.41 49.40 -36.07
CA MET YA 42 -25.07 49.71 -37.32
C MET YA 42 -26.39 48.95 -37.38
N ASP YA 43 -27.40 49.60 -37.98
CA ASP YA 43 -28.71 48.98 -38.09
C ASP YA 43 -28.91 48.20 -39.38
N ALA YA 44 -28.25 48.61 -40.45
CA ALA YA 44 -28.48 47.92 -41.71
C ALA YA 44 -27.22 47.15 -42.12
N PRO YA 45 -27.36 46.06 -42.86
CA PRO YA 45 -26.18 45.38 -43.39
C PRO YA 45 -25.55 46.15 -44.53
N VAL YA 46 -24.23 46.07 -44.61
CA VAL YA 46 -23.46 46.62 -45.71
C VAL YA 46 -22.89 45.44 -46.50
N SER YA 47 -23.14 45.41 -47.81
CA SER YA 47 -22.60 44.35 -48.63
C SER YA 47 -21.14 44.61 -48.94
N ILE YA 48 -20.39 43.52 -49.10
CA ILE YA 48 -18.93 43.55 -49.21
C ILE YA 48 -18.48 42.62 -50.32
N ASP YA 49 -17.40 42.99 -50.99
CA ASP YA 49 -16.82 42.18 -52.05
C ASP YA 49 -16.21 40.91 -51.50
N MET YA 50 -16.46 39.80 -52.18
CA MET YA 50 -15.82 38.51 -51.93
C MET YA 50 -15.37 37.91 -53.26
N GLY YA 51 -14.89 38.73 -54.17
CA GLY YA 51 -14.63 38.27 -55.52
C GLY YA 51 -15.93 38.15 -56.30
N LEU YA 52 -15.81 37.56 -57.48
CA LEU YA 52 -16.96 37.40 -58.36
C LEU YA 52 -17.58 36.03 -58.19
N GLU YA 53 -18.72 35.85 -58.84
CA GLU YA 53 -19.41 34.56 -58.87
C GLU YA 53 -18.85 33.72 -60.02
N ALA YA 54 -19.44 32.55 -60.23
CA ALA YA 54 -19.06 31.70 -61.35
C ALA YA 54 -19.73 32.20 -62.62
N MET YA 55 -18.93 32.57 -63.61
CA MET YA 55 -19.46 33.07 -64.87
C MET YA 55 -20.06 31.93 -65.68
N GLU YA 56 -21.11 32.23 -66.42
CA GLU YA 56 -21.90 31.19 -67.06
C GLU YA 56 -22.52 31.74 -68.34
N ALA YA 57 -22.18 31.15 -69.48
CA ALA YA 57 -22.56 31.69 -70.79
C ALA YA 57 -23.40 30.69 -71.56
N LYS YA 58 -24.68 31.02 -71.73
CA LYS YA 58 -25.54 30.24 -72.61
C LYS YA 58 -25.43 30.74 -74.04
N PHE YA 59 -25.50 29.81 -74.98
CA PHE YA 59 -25.84 30.15 -76.35
C PHE YA 59 -26.61 28.98 -76.94
N SER YA 60 -27.21 29.20 -78.11
CA SER YA 60 -28.15 28.23 -78.65
C SER YA 60 -27.98 28.13 -80.16
N THR YA 61 -28.28 26.96 -80.69
CA THR YA 61 -28.23 26.73 -82.13
C THR YA 61 -29.39 25.81 -82.48
N ASN YA 62 -30.10 26.12 -83.54
CA ASN YA 62 -31.26 25.32 -83.96
C ASN YA 62 -30.89 24.29 -85.03
N GLY YA 63 -29.60 23.95 -85.14
CA GLY YA 63 -29.18 22.91 -86.05
C GLY YA 63 -27.89 22.27 -85.56
N ALA YA 64 -27.68 21.03 -85.99
CA ALA YA 64 -26.46 20.30 -85.67
C ALA YA 64 -25.35 20.83 -86.56
N ARG YA 65 -24.37 21.50 -85.95
CA ARG YA 65 -23.35 22.18 -86.73
C ARG YA 65 -22.02 21.45 -86.76
N ARG YA 66 -21.71 20.68 -85.70
CA ARG YA 66 -20.50 19.90 -85.45
C ARG YA 66 -19.30 20.80 -85.12
N GLU YA 67 -19.43 22.11 -85.28
CA GLU YA 67 -18.39 23.00 -84.79
C GLU YA 67 -18.62 23.44 -83.36
N ALA YA 68 -19.88 23.43 -82.92
CA ALA YA 68 -20.20 23.68 -81.52
C ALA YA 68 -20.32 22.42 -80.70
N LEU YA 69 -20.49 21.26 -81.35
CA LEU YA 69 -20.64 20.00 -80.63
C LEU YA 69 -19.30 19.37 -80.29
N ASN YA 70 -18.26 19.62 -81.07
CA ASN YA 70 -16.98 18.95 -80.87
C ASN YA 70 -16.14 19.56 -79.78
N PHE YA 71 -16.65 20.53 -79.04
CA PHE YA 71 -15.91 21.17 -77.95
C PHE YA 71 -16.49 20.82 -76.60
N PHE YA 72 -17.37 19.84 -76.54
CA PHE YA 72 -18.01 19.44 -75.30
C PHE YA 72 -17.15 18.42 -74.57
N GLY YA 73 -16.86 18.72 -73.30
CA GLY YA 73 -16.36 17.72 -72.37
C GLY YA 73 -14.99 17.17 -72.66
N LEU YA 74 -14.23 17.82 -73.54
CA LEU YA 74 -12.89 17.34 -73.83
C LEU YA 74 -11.94 17.74 -72.69
N ALA YA 75 -10.84 17.00 -72.59
CA ALA YA 75 -9.98 17.06 -71.40
C ALA YA 75 -9.29 18.39 -71.23
N ASP YA 76 -9.06 19.14 -72.30
CA ASP YA 76 -8.47 20.47 -72.20
C ASP YA 76 -9.58 21.43 -71.79
N GLN YA 77 -9.61 21.78 -70.50
CA GLN YA 77 -10.50 22.85 -70.09
C GLN YA 77 -9.98 24.17 -70.62
N SER YA 78 -10.91 25.11 -70.83
CA SER YA 78 -10.68 26.40 -71.49
C SER YA 78 -10.05 26.20 -72.88
N ALA YA 79 -10.64 25.28 -73.65
CA ALA YA 79 -10.29 25.13 -75.06
C ALA YA 79 -11.32 25.75 -75.99
N PHE YA 80 -12.57 25.85 -75.56
CA PHE YA 80 -13.58 26.64 -76.26
C PHE YA 80 -13.20 28.10 -76.17
N ASN YA 81 -12.67 28.67 -77.25
CA ASN YA 81 -12.19 30.05 -77.19
C ASN YA 81 -13.34 31.05 -77.31
N GLY YA 82 -14.05 31.07 -78.44
CA GLY YA 82 -15.32 31.78 -78.53
C GLY YA 82 -15.30 33.30 -78.60
N VAL YA 83 -16.19 33.90 -79.39
CA VAL YA 83 -16.37 35.35 -79.46
C VAL YA 83 -17.86 35.64 -79.55
N PHE YA 84 -18.41 36.36 -78.58
CA PHE YA 84 -19.77 36.87 -78.66
C PHE YA 84 -19.73 38.29 -79.22
N ARG YA 85 -20.46 38.52 -80.30
CA ARG YA 85 -20.54 39.84 -80.91
C ARG YA 85 -21.97 40.35 -80.91
N GLY YA 86 -22.11 41.67 -80.82
CA GLY YA 86 -23.41 42.29 -80.86
C GLY YA 86 -23.30 43.74 -81.29
N SER YA 87 -24.09 44.14 -82.27
CA SER YA 87 -24.06 45.49 -82.81
C SER YA 87 -25.24 46.27 -82.25
N PHE YA 88 -24.97 47.32 -81.48
CA PHE YA 88 -26.00 48.15 -80.89
C PHE YA 88 -26.16 49.38 -81.78
N LYS YA 89 -27.33 49.53 -82.39
CA LYS YA 89 -27.48 50.49 -83.47
C LYS YA 89 -27.62 51.92 -82.96
N GLY YA 90 -28.68 52.20 -82.21
CA GLY YA 90 -28.96 53.56 -81.82
C GLY YA 90 -29.84 54.28 -82.82
N GLN YA 91 -30.34 55.44 -82.41
CA GLN YA 91 -31.33 56.15 -83.22
C GLN YA 91 -30.67 56.91 -84.37
N LYS YA 92 -29.49 57.47 -84.15
CA LYS YA 92 -28.92 58.43 -85.08
C LYS YA 92 -27.95 57.79 -86.07
N GLY YA 93 -28.22 56.56 -86.51
CA GLY YA 93 -27.39 55.98 -87.54
C GLY YA 93 -26.35 54.99 -87.08
N ALA YA 94 -25.11 55.48 -86.90
CA ALA YA 94 -23.94 54.62 -86.70
C ALA YA 94 -24.03 53.80 -85.43
N SER YA 95 -23.53 52.58 -85.50
CA SER YA 95 -23.69 51.58 -84.45
C SER YA 95 -22.48 51.54 -83.54
N VAL YA 96 -22.63 50.79 -82.45
CA VAL YA 96 -21.57 50.59 -81.46
C VAL YA 96 -21.34 49.08 -81.32
N PRO YA 97 -20.18 48.56 -81.69
CA PRO YA 97 -19.96 47.11 -81.56
C PRO YA 97 -19.63 46.72 -80.12
N VAL YA 98 -20.21 45.59 -79.70
CA VAL YA 98 -19.97 45.03 -78.38
C VAL YA 98 -19.38 43.65 -78.59
N VAL YA 99 -18.09 43.50 -78.33
CA VAL YA 99 -17.35 42.27 -78.59
C VAL YA 99 -16.91 41.68 -77.25
N ALA YA 100 -17.23 40.42 -77.03
CA ALA YA 100 -16.81 39.70 -75.83
C ALA YA 100 -16.20 38.37 -76.24
N THR YA 101 -15.00 38.08 -75.74
CA THR YA 101 -14.35 36.79 -75.94
C THR YA 101 -14.39 36.01 -74.63
N LEU YA 102 -14.69 34.71 -74.73
CA LEU YA 102 -15.11 33.94 -73.56
C LEU YA 102 -14.46 32.56 -73.57
N ARG YA 103 -13.27 32.46 -72.99
CA ARG YA 103 -12.46 31.25 -73.05
C ARG YA 103 -12.77 30.39 -71.83
N GLY YA 104 -13.58 29.35 -72.02
CA GLY YA 104 -13.94 28.45 -70.94
C GLY YA 104 -14.19 27.05 -71.47
N LEU YA 105 -14.72 26.19 -70.60
CA LEU YA 105 -15.13 24.87 -71.05
C LEU YA 105 -16.60 24.88 -71.43
N LEU YA 106 -16.97 23.97 -72.33
CA LEU YA 106 -18.37 23.82 -72.74
C LEU YA 106 -19.05 22.92 -71.73
N LYS YA 107 -19.96 23.49 -70.94
CA LYS YA 107 -20.50 22.78 -69.79
C LYS YA 107 -21.54 21.75 -70.20
N GLU YA 108 -22.56 22.15 -70.93
CA GLU YA 108 -23.60 21.19 -71.26
C GLU YA 108 -24.09 21.42 -72.68
N VAL YA 109 -24.63 20.36 -73.27
CA VAL YA 109 -25.33 20.42 -74.54
C VAL YA 109 -26.72 19.83 -74.30
N ASP YA 110 -27.76 20.66 -74.43
CA ASP YA 110 -29.13 20.23 -74.15
C ASP YA 110 -29.99 20.36 -75.40
N PRO YA 111 -30.03 19.32 -76.23
CA PRO YA 111 -31.06 19.26 -77.28
C PRO YA 111 -32.42 19.03 -76.66
N GLY YA 112 -33.37 19.90 -76.96
CA GLY YA 112 -34.69 19.86 -76.36
C GLY YA 112 -35.58 18.78 -76.93
N ASP YA 113 -36.87 19.00 -76.85
CA ASP YA 113 -37.83 18.04 -77.40
C ASP YA 113 -37.85 18.15 -78.91
N TRP YA 114 -37.64 17.02 -79.58
CA TRP YA 114 -37.74 16.93 -81.03
C TRP YA 114 -39.18 16.53 -81.36
N LYS YA 115 -40.00 17.50 -81.71
CA LYS YA 115 -41.44 17.27 -81.82
C LYS YA 115 -41.94 17.27 -83.26
N ALA YA 116 -41.03 17.10 -84.23
CA ALA YA 116 -41.33 16.80 -85.64
C ALA YA 116 -42.20 17.88 -86.29
N GLY YA 117 -41.62 19.06 -86.40
CA GLY YA 117 -42.32 20.18 -87.01
C GLY YA 117 -42.04 21.48 -86.30
N GLU YA 118 -41.15 21.46 -85.32
CA GLU YA 118 -40.73 22.63 -84.58
C GLU YA 118 -39.22 22.78 -84.72
N LYS YA 119 -38.67 23.78 -84.02
CA LYS YA 119 -37.25 24.05 -84.11
C LYS YA 119 -36.45 23.15 -83.18
N ALA YA 120 -35.20 22.90 -83.55
CA ALA YA 120 -34.36 21.95 -82.82
C ALA YA 120 -33.92 22.52 -81.48
N GLU YA 121 -33.28 23.69 -81.49
CA GLU YA 121 -32.92 24.48 -80.32
C GLU YA 121 -31.97 23.72 -79.39
N PHE YA 122 -30.75 23.51 -79.88
CA PHE YA 122 -29.71 22.89 -79.07
C PHE YA 122 -29.20 23.92 -78.07
N LYS YA 123 -29.54 23.75 -76.79
CA LYS YA 123 -28.99 24.62 -75.76
C LYS YA 123 -27.52 24.28 -75.53
N TYR YA 124 -26.71 25.31 -75.34
CA TYR YA 124 -25.33 25.15 -74.93
C TYR YA 124 -25.07 25.98 -73.69
N ALA YA 125 -24.01 25.65 -72.97
CA ALA YA 125 -23.63 26.41 -71.79
C ALA YA 125 -22.12 26.35 -71.64
N VAL YA 126 -21.51 27.50 -71.39
CA VAL YA 126 -20.05 27.62 -71.32
C VAL YA 126 -19.68 28.07 -69.91
N ALA YA 127 -18.78 27.32 -69.28
CA ALA YA 127 -18.27 27.67 -67.96
C ALA YA 127 -17.06 28.57 -68.17
N VAL YA 128 -17.28 29.87 -68.09
CA VAL YA 128 -16.32 30.86 -68.56
C VAL YA 128 -15.15 30.96 -67.58
N SER YA 129 -13.94 30.76 -68.09
CA SER YA 129 -12.74 31.04 -67.31
C SER YA 129 -12.22 32.44 -67.60
N TYR YA 130 -11.92 32.73 -68.86
CA TYR YA 130 -11.48 34.06 -69.28
C TYR YA 130 -12.63 34.81 -69.93
N TYR YA 131 -12.80 36.07 -69.56
CA TYR YA 131 -13.87 36.91 -70.09
C TYR YA 131 -13.36 38.32 -70.29
N LYS YA 132 -13.66 38.91 -71.45
CA LYS YA 132 -13.17 40.24 -71.78
C LYS YA 132 -14.23 40.95 -72.61
N LEU YA 133 -14.93 41.90 -71.99
CA LEU YA 133 -15.99 42.65 -72.66
C LEU YA 133 -15.44 43.95 -73.22
N GLU YA 134 -15.71 44.20 -74.50
CA GLU YA 134 -15.32 45.43 -75.17
C GLU YA 134 -16.56 46.14 -75.70
N VAL YA 135 -16.62 47.45 -75.49
CA VAL YA 135 -17.70 48.28 -76.02
C VAL YA 135 -17.05 49.40 -76.82
N ASP YA 136 -17.49 49.55 -78.08
CA ASP YA 136 -17.00 50.56 -79.03
C ASP YA 136 -15.49 50.43 -79.23
N GLY YA 137 -15.02 49.20 -79.38
CA GLY YA 137 -13.64 48.94 -79.70
C GLY YA 137 -12.65 49.11 -78.58
N ARG YA 138 -13.09 49.49 -77.38
CA ARG YA 138 -12.21 49.70 -76.25
C ARG YA 138 -12.64 48.84 -75.08
N GLU YA 139 -11.69 48.54 -74.21
CA GLU YA 139 -11.86 47.53 -73.18
C GLU YA 139 -12.74 48.02 -72.05
N VAL YA 140 -13.68 47.18 -71.62
CA VAL YA 140 -14.50 47.43 -70.44
C VAL YA 140 -14.11 46.52 -69.30
N TYR YA 141 -14.12 45.21 -69.53
CA TYR YA 141 -13.88 44.20 -68.52
C TYR YA 141 -12.75 43.29 -68.99
N GLU YA 142 -12.07 42.68 -68.01
CA GLU YA 142 -11.15 41.58 -68.29
C GLU YA 142 -11.13 40.71 -67.05
N ILE YA 143 -11.77 39.56 -67.11
CA ILE YA 143 -11.96 38.69 -65.96
C ILE YA 143 -11.21 37.41 -66.22
N ASP YA 144 -10.12 37.20 -65.47
CA ASP YA 144 -9.44 35.90 -65.45
C ASP YA 144 -9.05 35.66 -64.00
N PRO YA 145 -9.66 34.69 -63.32
CA PRO YA 145 -9.24 34.40 -61.95
C PRO YA 145 -7.88 33.75 -61.87
N VAL YA 146 -7.49 32.96 -62.87
CA VAL YA 146 -6.11 32.51 -62.96
C VAL YA 146 -5.23 33.73 -63.22
N ASN YA 147 -4.32 34.00 -62.28
CA ASN YA 147 -3.46 35.15 -62.04
C ASN YA 147 -4.22 36.34 -61.47
N GLY YA 148 -5.56 36.30 -61.39
CA GLY YA 148 -6.35 37.32 -60.72
C GLY YA 148 -6.26 38.71 -61.31
N VAL YA 149 -6.79 38.91 -62.51
CA VAL YA 149 -6.52 40.12 -63.26
C VAL YA 149 -7.84 40.83 -63.58
N ARG YA 150 -8.78 40.79 -62.62
CA ARG YA 150 -10.06 41.50 -62.75
C ARG YA 150 -9.86 42.99 -62.97
N ALA YA 151 -10.15 43.45 -64.18
CA ALA YA 151 -9.79 44.79 -64.62
C ALA YA 151 -11.04 45.49 -65.12
N ILE YA 152 -11.26 46.71 -64.63
CA ILE YA 152 -12.37 47.54 -65.05
C ILE YA 152 -11.79 48.74 -65.75
N ASN YA 153 -12.30 49.02 -66.97
CA ASN YA 153 -11.90 50.02 -67.97
C ASN YA 153 -10.40 50.31 -68.04
N GLY YA 154 -9.58 49.26 -68.03
CA GLY YA 154 -8.15 49.44 -68.16
C GLY YA 154 -7.36 49.25 -66.88
N VAL YA 155 -7.85 49.78 -65.77
CA VAL YA 155 -7.11 49.65 -64.51
C VAL YA 155 -7.49 48.34 -63.84
N ASP YA 156 -6.52 47.76 -63.12
CA ASP YA 156 -6.65 46.43 -62.54
C ASP YA 156 -7.05 46.59 -61.08
N GLN YA 157 -8.19 46.02 -60.72
CA GLN YA 157 -8.74 46.24 -59.38
C GLN YA 157 -8.12 45.30 -58.37
N LEU YA 158 -7.50 44.21 -58.84
CA LEU YA 158 -6.89 43.26 -57.90
C LEU YA 158 -5.39 43.50 -57.78
N ALA YA 159 -4.93 44.69 -58.16
CA ALA YA 159 -3.50 45.01 -58.06
C ALA YA 159 -3.09 45.18 -56.61
N GLY YA 160 -4.04 45.52 -55.75
CA GLY YA 160 -3.74 45.66 -54.33
C GLY YA 160 -3.51 44.32 -53.66
N MET YA 161 -4.37 43.33 -53.94
CA MET YA 161 -4.28 42.06 -53.24
C MET YA 161 -3.11 41.21 -53.74
N ARG YA 162 -2.70 41.40 -55.00
CA ARG YA 162 -1.59 40.60 -55.51
C ARG YA 162 -0.26 41.02 -54.88
N ASN YA 163 -0.16 42.28 -54.45
CA ASN YA 163 0.99 42.68 -53.65
C ASN YA 163 0.85 42.17 -52.22
N ASP YA 164 -0.39 41.92 -51.78
CA ASP YA 164 -0.61 41.44 -50.43
C ASP YA 164 -0.40 39.94 -50.34
N LEU YA 165 -0.74 39.22 -51.41
CA LEU YA 165 -0.64 37.77 -51.36
C LEU YA 165 0.69 37.28 -51.95
N GLY YA 166 1.58 38.21 -52.30
CA GLY YA 166 2.85 37.87 -52.87
C GLY YA 166 2.80 37.34 -54.29
N LEU YA 167 1.68 37.50 -54.99
CA LEU YA 167 1.55 37.02 -56.35
C LEU YA 167 2.31 37.91 -57.33
N ILE ZA 2 -76.09 7.91 -65.98
CA ILE ZA 2 -76.67 9.21 -66.25
C ILE ZA 2 -75.69 10.31 -65.84
N PRO ZA 3 -75.41 11.23 -66.77
CA PRO ZA 3 -74.52 12.36 -66.44
C PRO ZA 3 -75.13 13.26 -65.38
N GLN ZA 4 -74.31 13.60 -64.38
CA GLN ZA 4 -74.77 14.29 -63.19
C GLN ZA 4 -73.72 15.32 -62.79
N THR ZA 5 -74.16 16.54 -62.50
CA THR ZA 5 -73.27 17.66 -62.26
C THR ZA 5 -73.92 18.56 -61.22
N LEU ZA 6 -73.09 19.28 -60.45
CA LEU ZA 6 -73.58 20.26 -59.49
C LEU ZA 6 -74.30 21.40 -60.20
N THR ZA 7 -75.39 21.87 -59.59
CA THR ZA 7 -76.11 23.05 -60.05
C THR ZA 7 -76.08 24.17 -59.02
N ASN ZA 8 -76.52 23.92 -57.80
CA ASN ZA 8 -76.61 24.95 -56.77
C ASN ZA 8 -75.96 24.46 -55.49
N THR ZA 9 -75.48 25.41 -54.70
CA THR ZA 9 -74.91 25.15 -53.38
C THR ZA 9 -75.65 26.01 -52.36
N ASN ZA 10 -75.43 25.70 -51.09
CA ASN ZA 10 -76.00 26.49 -50.00
C ASN ZA 10 -75.12 26.29 -48.78
N LEU ZA 11 -75.35 27.11 -47.75
CA LEU ZA 11 -74.60 27.01 -46.51
C LEU ZA 11 -75.46 27.47 -45.34
N PHE ZA 12 -75.65 26.59 -44.37
CA PHE ZA 12 -76.32 26.91 -43.12
C PHE ZA 12 -75.30 26.85 -41.99
N ILE ZA 13 -75.49 27.69 -40.98
CA ILE ZA 13 -74.64 27.54 -39.80
C ILE ZA 13 -75.52 27.13 -38.62
N ASP ZA 14 -76.38 28.02 -38.18
CA ASP ZA 14 -77.26 27.80 -37.04
C ASP ZA 14 -78.70 27.79 -37.49
N GLY ZA 15 -78.94 27.32 -38.71
CA GLY ZA 15 -80.15 27.65 -39.41
C GLY ZA 15 -80.12 29.01 -40.08
N VAL ZA 16 -79.08 29.80 -39.86
CA VAL ZA 16 -78.90 31.09 -40.49
C VAL ZA 16 -78.51 30.79 -41.94
N SER ZA 17 -79.43 31.04 -42.86
CA SER ZA 17 -79.20 30.72 -44.25
C SER ZA 17 -78.25 31.71 -44.90
N PHE ZA 18 -77.47 31.21 -45.84
CA PHE ZA 18 -76.72 32.04 -46.78
C PHE ZA 18 -77.23 31.72 -48.18
N ALA ZA 19 -78.34 32.37 -48.55
CA ALA ZA 19 -79.00 32.02 -49.80
C ALA ZA 19 -78.25 32.60 -51.00
N GLY ZA 20 -78.08 33.91 -51.02
CA GLY ZA 20 -77.28 34.58 -52.03
C GLY ZA 20 -76.00 35.19 -51.52
N ASP ZA 21 -75.28 34.51 -50.63
CA ASP ZA 21 -74.14 35.11 -49.94
C ASP ZA 21 -72.83 34.38 -50.17
N VAL ZA 22 -72.86 33.07 -50.39
CA VAL ZA 22 -71.65 32.25 -50.47
C VAL ZA 22 -71.37 31.87 -51.92
N PRO ZA 23 -70.32 32.41 -52.55
CA PRO ZA 23 -70.03 32.01 -53.93
C PRO ZA 23 -69.36 30.64 -54.02
N SER ZA 24 -68.47 30.31 -53.10
CA SER ZA 24 -67.68 29.09 -53.18
C SER ZA 24 -67.58 28.44 -51.80
N LEU ZA 25 -67.59 27.11 -51.79
CA LEU ZA 25 -67.40 26.35 -50.57
C LEU ZA 25 -66.71 25.04 -50.92
N THR ZA 26 -65.98 24.48 -49.95
CA THR ZA 26 -65.13 23.33 -50.20
C THR ZA 26 -65.30 22.32 -49.07
N LEU ZA 27 -65.70 21.10 -49.43
CA LEU ZA 27 -65.72 20.00 -48.49
C LEU ZA 27 -64.28 19.60 -48.13
N PRO ZA 28 -64.07 18.96 -46.98
CA PRO ZA 28 -62.71 18.57 -46.60
C PRO ZA 28 -62.18 17.42 -47.45
N LYS ZA 29 -60.92 17.54 -47.85
CA LYS ZA 29 -60.25 16.47 -48.56
C LYS ZA 29 -60.01 15.33 -47.59
N LEU ZA 30 -60.85 14.31 -47.65
CA LEU ZA 30 -60.66 13.11 -46.85
C LEU ZA 30 -59.53 12.30 -47.48
N ALA ZA 31 -58.37 12.30 -46.85
CA ALA ZA 31 -57.23 11.55 -47.32
C ALA ZA 31 -56.81 10.58 -46.22
N VAL ZA 32 -56.63 9.33 -46.58
CA VAL ZA 32 -56.14 8.37 -45.61
C VAL ZA 32 -54.63 8.50 -45.54
N LYS ZA 33 -54.04 8.21 -44.38
CA LYS ZA 33 -52.62 8.47 -44.18
C LYS ZA 33 -51.85 7.24 -44.65
N THR ZA 34 -51.40 7.28 -45.89
CA THR ZA 34 -50.63 6.18 -46.42
C THR ZA 34 -49.14 6.37 -46.15
N GLU ZA 35 -48.47 5.26 -45.84
CA GLU ZA 35 -47.03 5.24 -45.71
C GLU ZA 35 -46.52 4.09 -46.57
N GLN ZA 36 -45.59 4.39 -47.48
CA GLN ZA 36 -45.14 3.41 -48.46
C GLN ZA 36 -44.32 2.34 -47.77
N TYR ZA 37 -44.92 1.16 -47.60
CA TYR ZA 37 -44.33 0.06 -46.85
C TYR ZA 37 -43.72 -0.92 -47.85
N ARG ZA 38 -42.40 -1.01 -47.87
CA ARG ZA 38 -41.69 -2.04 -48.61
C ARG ZA 38 -40.75 -2.77 -47.66
N ALA ZA 39 -41.14 -3.97 -47.27
CA ALA ZA 39 -40.33 -4.84 -46.45
C ALA ZA 39 -39.58 -5.82 -47.35
N GLY ZA 40 -38.96 -6.82 -46.74
CA GLY ZA 40 -38.24 -7.81 -47.51
C GLY ZA 40 -39.19 -8.77 -48.22
N GLY ZA 41 -38.80 -9.16 -49.42
CA GLY ZA 41 -39.61 -10.08 -50.20
C GLY ZA 41 -40.63 -9.42 -51.10
N MET ZA 42 -40.44 -8.16 -51.47
CA MET ZA 42 -41.35 -7.46 -52.35
C MET ZA 42 -40.59 -6.35 -53.07
N ASP ZA 43 -40.96 -6.11 -54.32
CA ASP ZA 43 -40.29 -5.08 -55.11
C ASP ZA 43 -40.99 -3.73 -55.03
N ALA ZA 44 -42.29 -3.71 -54.85
CA ALA ZA 44 -42.97 -2.44 -54.82
C ALA ZA 44 -43.50 -2.14 -53.42
N PRO ZA 45 -43.63 -0.86 -53.05
CA PRO ZA 45 -44.23 -0.54 -51.77
C PRO ZA 45 -45.74 -0.74 -51.80
N VAL ZA 46 -46.28 -1.16 -50.66
CA VAL ZA 46 -47.71 -1.26 -50.45
C VAL ZA 46 -48.11 -0.20 -49.45
N SER ZA 47 -49.09 0.62 -49.82
CA SER ZA 47 -49.56 1.65 -48.91
C SER ZA 47 -50.48 1.06 -47.86
N ILE ZA 48 -50.48 1.66 -46.67
CA ILE ZA 48 -51.14 1.13 -45.49
C ILE ZA 48 -51.86 2.25 -44.76
N ASP ZA 49 -52.99 1.90 -44.13
CA ASP ZA 49 -53.77 2.86 -43.36
C ASP ZA 49 -53.02 3.27 -42.10
N MET ZA 50 -53.05 4.57 -41.81
CA MET ZA 50 -52.58 5.15 -40.56
C MET ZA 50 -53.61 6.13 -40.03
N GLY ZA 51 -54.89 5.82 -40.19
CA GLY ZA 51 -55.92 6.79 -39.90
C GLY ZA 51 -56.03 7.81 -41.02
N LEU ZA 52 -56.83 8.84 -40.77
CA LEU ZA 52 -57.06 9.88 -41.75
C LEU ZA 52 -56.13 11.06 -41.52
N GLU ZA 53 -56.16 11.99 -42.47
CA GLU ZA 53 -55.41 13.23 -42.36
C GLU ZA 53 -56.24 14.26 -41.60
N ALA ZA 54 -55.73 15.48 -41.50
CA ALA ZA 54 -56.47 16.57 -40.88
C ALA ZA 54 -57.46 17.14 -41.87
N MET ZA 55 -58.75 17.07 -41.53
CA MET ZA 55 -59.79 17.59 -42.40
C MET ZA 55 -59.79 19.11 -42.40
N GLU ZA 56 -60.11 19.70 -43.54
CA GLU ZA 56 -59.93 21.14 -43.72
C GLU ZA 56 -60.98 21.65 -44.70
N ALA ZA 57 -61.82 22.57 -44.26
CA ALA ZA 57 -62.98 23.01 -45.03
C ALA ZA 57 -62.89 24.51 -45.31
N LYS ZA 58 -62.69 24.86 -46.57
CA LYS ZA 58 -62.77 26.24 -46.98
C LYS ZA 58 -64.21 26.59 -47.35
N PHE ZA 59 -64.60 27.83 -47.04
CA PHE ZA 59 -65.74 28.45 -47.68
C PHE ZA 59 -65.47 29.94 -47.78
N SER ZA 60 -66.30 30.63 -48.55
CA SER ZA 60 -66.01 32.01 -48.90
C SER ZA 60 -67.29 32.84 -48.89
N THR ZA 61 -67.15 34.12 -48.59
CA THR ZA 61 -68.26 35.04 -48.62
C THR ZA 61 -67.75 36.37 -49.13
N ASN ZA 62 -68.48 36.99 -50.05
CA ASN ZA 62 -68.08 38.26 -50.64
C ASN ZA 62 -68.69 39.46 -49.93
N GLY ZA 63 -69.14 39.27 -48.68
CA GLY ZA 63 -69.65 40.37 -47.88
C GLY ZA 63 -69.48 40.09 -46.41
N ALA ZA 64 -69.42 41.16 -45.63
CA ALA ZA 64 -69.33 41.06 -44.17
C ALA ZA 64 -70.71 40.70 -43.64
N ARG ZA 65 -70.84 39.50 -43.10
CA ARG ZA 65 -72.15 39.02 -42.71
C ARG ZA 65 -72.40 39.05 -41.21
N ARG ZA 66 -71.32 38.93 -40.41
CA ARG ZA 66 -71.27 38.91 -38.94
C ARG ZA 66 -71.81 37.59 -38.38
N GLU ZA 67 -72.43 36.75 -39.20
CA GLU ZA 67 -72.77 35.41 -38.74
C GLU ZA 67 -71.66 34.40 -39.00
N ALA ZA 68 -70.80 34.67 -39.97
CA ALA ZA 68 -69.63 33.85 -40.20
C ALA ZA 68 -68.39 34.40 -39.51
N LEU ZA 69 -68.40 35.68 -39.12
CA LEU ZA 69 -67.25 36.30 -38.49
C LEU ZA 69 -67.22 36.06 -36.99
N ASN ZA 70 -68.38 35.89 -36.34
CA ASN ZA 70 -68.43 35.78 -34.89
C ASN ZA 70 -68.09 34.40 -34.38
N PHE ZA 71 -67.66 33.48 -35.23
CA PHE ZA 71 -67.29 32.14 -34.81
C PHE ZA 71 -65.81 31.89 -34.93
N PHE ZA 72 -65.03 32.94 -35.14
CA PHE ZA 72 -63.59 32.82 -35.30
C PHE ZA 72 -62.91 32.84 -33.94
N GLY ZA 73 -62.07 31.83 -33.69
CA GLY ZA 73 -61.09 31.89 -32.62
C GLY ZA 73 -61.64 31.91 -31.22
N LEU ZA 74 -62.92 31.61 -31.04
CA LEU ZA 74 -63.48 31.59 -29.70
C LEU ZA 74 -63.06 30.32 -28.98
N ALA ZA 75 -63.11 30.37 -27.64
CA ALA ZA 75 -62.47 29.37 -26.81
C ALA ZA 75 -63.12 27.99 -26.91
N ASP ZA 76 -64.39 27.94 -27.26
CA ASP ZA 76 -65.07 26.66 -27.45
C ASP ZA 76 -64.69 26.15 -28.84
N GLN ZA 77 -63.74 25.22 -28.89
CA GLN ZA 77 -63.49 24.54 -30.15
C GLN ZA 77 -64.66 23.62 -30.48
N SER ZA 78 -64.85 23.40 -31.79
CA SER ZA 78 -66.01 22.71 -32.36
C SER ZA 78 -67.32 23.36 -31.91
N ALA ZA 79 -67.37 24.68 -32.02
CA ALA ZA 79 -68.61 25.43 -31.83
C ALA ZA 79 -69.24 25.86 -33.14
N PHE ZA 80 -68.45 26.04 -34.19
CA PHE ZA 80 -68.96 26.23 -35.53
C PHE ZA 80 -69.61 24.93 -36.00
N ASN ZA 81 -70.95 24.89 -35.99
CA ASN ZA 81 -71.63 23.64 -36.31
C ASN ZA 81 -71.69 23.40 -37.82
N GLY ZA 82 -72.36 24.27 -38.58
CA GLY ZA 82 -72.24 24.29 -40.02
C GLY ZA 82 -72.92 23.18 -40.82
N VAL ZA 83 -73.46 23.51 -41.99
CA VAL ZA 83 -74.04 22.54 -42.92
C VAL ZA 83 -73.65 22.96 -44.33
N PHE ZA 84 -72.93 22.10 -45.05
CA PHE ZA 84 -72.67 22.30 -46.48
C PHE ZA 84 -73.72 21.52 -47.27
N ARG ZA 85 -74.44 22.21 -48.14
CA ARG ZA 85 -75.44 21.58 -48.98
C ARG ZA 85 -75.10 21.77 -50.45
N GLY ZA 86 -75.50 20.79 -51.26
CA GLY ZA 86 -75.29 20.84 -52.68
C GLY ZA 86 -76.26 19.96 -53.42
N SER ZA 87 -76.93 20.49 -54.42
CA SER ZA 87 -77.93 19.76 -55.19
C SER ZA 87 -77.32 19.34 -56.52
N PHE ZA 88 -77.21 18.04 -56.74
CA PHE ZA 88 -76.65 17.50 -57.97
C PHE ZA 88 -77.82 17.12 -58.88
N LYS ZA 89 -77.94 17.79 -60.02
CA LYS ZA 89 -79.16 17.72 -60.79
C LYS ZA 89 -79.26 16.43 -61.60
N GLY ZA 90 -78.35 16.23 -62.54
CA GLY ZA 90 -78.45 15.11 -63.45
C GLY ZA 90 -79.23 15.46 -64.70
N GLN ZA 91 -79.15 14.57 -65.68
CA GLN ZA 91 -79.73 14.85 -66.99
C GLN ZA 91 -81.24 14.66 -67.00
N LYS ZA 92 -81.74 13.66 -66.28
CA LYS ZA 92 -83.13 13.22 -66.42
C LYS ZA 92 -84.06 13.85 -65.40
N GLY ZA 93 -83.85 15.10 -65.03
CA GLY ZA 93 -84.79 15.77 -64.17
C GLY ZA 93 -84.40 15.85 -62.70
N ALA ZA 94 -84.92 14.91 -61.91
CA ALA ZA 94 -84.87 14.99 -60.45
C ALA ZA 94 -83.44 14.95 -59.93
N SER ZA 95 -83.21 15.71 -58.86
CA SER ZA 95 -81.88 15.95 -58.33
C SER ZA 95 -81.56 15.02 -57.17
N VAL ZA 96 -80.30 15.04 -56.75
CA VAL ZA 96 -79.80 14.26 -55.63
C VAL ZA 96 -79.15 15.21 -54.63
N PRO ZA 97 -79.70 15.35 -53.43
CA PRO ZA 97 -79.10 16.27 -52.45
C PRO ZA 97 -77.88 15.67 -51.79
N VAL ZA 98 -76.86 16.50 -51.61
CA VAL ZA 98 -75.62 16.12 -50.94
C VAL ZA 98 -75.47 17.05 -49.74
N VAL ZA 99 -75.69 16.51 -48.54
CA VAL ZA 99 -75.69 17.29 -47.31
C VAL ZA 99 -74.53 16.82 -46.45
N ALA ZA 100 -73.70 17.77 -46.02
CA ALA ZA 100 -72.59 17.50 -45.12
C ALA ZA 100 -72.63 18.48 -43.96
N THR ZA 101 -72.55 17.95 -42.74
CA THR ZA 101 -72.45 18.77 -41.54
C THR ZA 101 -71.03 18.67 -40.98
N LEU ZA 102 -70.48 19.81 -40.56
CA LEU ZA 102 -69.04 19.92 -40.35
C LEU ZA 102 -68.75 20.69 -39.07
N ARG ZA 103 -68.68 20.00 -37.95
CA ARG ZA 103 -68.55 20.62 -36.63
C ARG ZA 103 -67.08 20.72 -36.28
N GLY ZA 104 -66.50 21.92 -36.43
CA GLY ZA 104 -65.12 22.16 -36.11
C GLY ZA 104 -64.90 23.58 -35.65
N LEU ZA 105 -63.63 23.96 -35.52
CA LEU ZA 105 -63.31 25.35 -35.21
C LEU ZA 105 -63.08 26.12 -36.50
N LEU ZA 106 -63.32 27.43 -36.44
CA LEU ZA 106 -63.07 28.31 -37.59
C LEU ZA 106 -61.61 28.71 -37.55
N LYS ZA 107 -60.83 28.21 -38.51
CA LYS ZA 107 -59.38 28.34 -38.44
C LYS ZA 107 -58.91 29.73 -38.81
N GLU ZA 108 -59.28 30.23 -39.99
CA GLU ZA 108 -58.78 31.53 -40.38
C GLU ZA 108 -59.87 32.30 -41.10
N VAL ZA 109 -59.73 33.62 -41.06
CA VAL ZA 109 -60.54 34.54 -41.85
C VAL ZA 109 -59.57 35.39 -42.66
N ASP ZA 110 -59.61 35.25 -43.99
CA ASP ZA 110 -58.68 35.95 -44.88
C ASP ZA 110 -59.45 36.87 -45.82
N PRO ZA 111 -59.71 38.11 -45.42
CA PRO ZA 111 -60.16 39.11 -46.39
C PRO ZA 111 -59.03 39.48 -47.32
N GLY ZA 112 -59.27 39.37 -48.62
CA GLY ZA 112 -58.25 39.59 -49.61
C GLY ZA 112 -57.95 41.05 -49.85
N ASP ZA 113 -57.47 41.35 -51.05
CA ASP ZA 113 -57.18 42.73 -51.41
C ASP ZA 113 -58.48 43.48 -51.68
N TRP ZA 114 -58.66 44.60 -51.00
CA TRP ZA 114 -59.80 45.48 -51.23
C TRP ZA 114 -59.36 46.52 -52.25
N LYS ZA 115 -59.73 46.30 -53.52
CA LYS ZA 115 -59.18 47.10 -54.61
C LYS ZA 115 -60.19 48.07 -55.20
N ALA ZA 116 -61.28 48.36 -54.48
CA ALA ZA 116 -62.21 49.46 -54.77
C ALA ZA 116 -62.85 49.35 -56.14
N GLY ZA 117 -63.65 48.29 -56.31
CA GLY ZA 117 -64.32 48.06 -57.56
C GLY ZA 117 -64.35 46.59 -57.94
N GLU ZA 118 -63.87 45.75 -57.05
CA GLU ZA 118 -63.89 44.31 -57.21
C GLU ZA 118 -64.64 43.67 -56.05
N LYS ZA 119 -64.66 42.34 -56.04
CA LYS ZA 119 -65.39 41.63 -55.00
C LYS ZA 119 -64.56 41.50 -53.73
N ALA ZA 120 -65.25 41.38 -52.60
CA ALA ZA 120 -64.58 41.37 -51.30
C ALA ZA 120 -63.86 40.06 -51.06
N GLU ZA 121 -64.60 38.95 -51.14
CA GLU ZA 121 -64.07 37.57 -51.11
C GLU ZA 121 -63.35 37.28 -49.79
N PHE ZA 122 -64.14 37.22 -48.72
CA PHE ZA 122 -63.62 36.84 -47.41
C PHE ZA 122 -63.40 35.33 -47.40
N LYS ZA 123 -62.14 34.91 -47.44
CA LYS ZA 123 -61.83 33.49 -47.30
C LYS ZA 123 -62.06 33.04 -45.86
N TYR ZA 124 -62.63 31.85 -45.70
CA TYR ZA 124 -62.75 31.22 -44.40
C TYR ZA 124 -62.14 29.82 -44.48
N ALA ZA 125 -61.83 29.27 -43.32
CA ALA ZA 125 -61.30 27.92 -43.25
C ALA ZA 125 -61.73 27.29 -41.93
N VAL ZA 126 -62.21 26.06 -42.00
CA VAL ZA 126 -62.76 25.36 -40.84
C VAL ZA 126 -61.89 24.13 -40.58
N ALA ZA 127 -61.42 23.99 -39.35
CA ALA ZA 127 -60.65 22.82 -38.94
C ALA ZA 127 -61.65 21.79 -38.43
N VAL ZA 128 -62.03 20.87 -39.30
CA VAL ZA 128 -63.18 19.99 -39.07
C VAL ZA 128 -62.86 18.94 -38.02
N SER ZA 129 -63.66 18.90 -36.97
CA SER ZA 129 -63.59 17.80 -36.01
C SER ZA 129 -64.59 16.70 -36.37
N TYR ZA 130 -65.87 17.04 -36.43
CA TYR ZA 130 -66.92 16.10 -36.82
C TYR ZA 130 -67.32 16.35 -38.26
N TYR ZA 131 -67.44 15.27 -39.03
CA TYR ZA 131 -67.81 15.35 -40.44
C TYR ZA 131 -68.74 14.20 -40.78
N LYS ZA 132 -69.82 14.50 -41.51
CA LYS ZA 132 -70.82 13.49 -41.84
C LYS ZA 132 -71.39 13.81 -43.21
N LEU ZA 133 -70.99 13.06 -44.23
CA LEU ZA 133 -71.43 13.27 -45.59
C LEU ZA 133 -72.63 12.39 -45.90
N GLU ZA 134 -73.69 12.99 -46.43
CA GLU ZA 134 -74.89 12.28 -46.85
C GLU ZA 134 -75.14 12.52 -48.32
N VAL ZA 135 -75.46 11.46 -49.05
CA VAL ZA 135 -75.82 11.54 -50.46
C VAL ZA 135 -77.18 10.88 -50.63
N ASP ZA 136 -78.13 11.63 -51.22
CA ASP ZA 136 -79.50 11.19 -51.48
C ASP ZA 136 -80.21 10.80 -50.18
N GLY ZA 137 -80.01 11.62 -49.14
CA GLY ZA 137 -80.70 11.45 -47.89
C GLY ZA 137 -80.22 10.32 -47.01
N ARG ZA 138 -79.21 9.57 -47.43
CA ARG ZA 138 -78.69 8.46 -46.64
C ARG ZA 138 -77.20 8.65 -46.40
N GLU ZA 139 -76.72 8.03 -45.33
CA GLU ZA 139 -75.39 8.30 -44.80
C GLU ZA 139 -74.31 7.65 -45.66
N VAL ZA 140 -73.26 8.42 -45.93
CA VAL ZA 140 -72.07 7.92 -46.60
C VAL ZA 140 -70.90 7.84 -45.63
N TYR ZA 141 -70.57 8.95 -44.99
CA TYR ZA 141 -69.42 9.07 -44.12
C TYR ZA 141 -69.86 9.56 -42.75
N GLU ZA 142 -69.08 9.22 -41.74
CA GLU ZA 142 -69.23 9.83 -40.42
C GLU ZA 142 -67.85 9.80 -39.77
N ILE ZA 143 -67.20 10.96 -39.71
CA ILE ZA 143 -65.82 11.05 -39.25
C ILE ZA 143 -65.81 11.85 -37.97
N ASP ZA 144 -65.52 11.19 -36.86
CA ASP ZA 144 -65.24 11.86 -35.59
C ASP ZA 144 -64.10 11.12 -34.94
N PRO ZA 145 -62.90 11.73 -34.86
CA PRO ZA 145 -61.80 11.04 -34.17
C PRO ZA 145 -62.00 10.94 -32.68
N VAL ZA 146 -62.66 11.92 -32.07
CA VAL ZA 146 -63.10 11.77 -30.68
C VAL ZA 146 -64.13 10.65 -30.63
N ASN ZA 147 -63.80 9.59 -29.88
CA ASN ZA 147 -64.39 8.27 -29.74
C ASN ZA 147 -64.09 7.36 -30.95
N GLY ZA 148 -63.51 7.87 -32.02
CA GLY ZA 148 -63.05 7.07 -33.14
C GLY ZA 148 -64.13 6.31 -33.88
N VAL ZA 149 -65.01 7.02 -34.58
CA VAL ZA 149 -66.22 6.40 -35.11
C VAL ZA 149 -66.27 6.56 -36.63
N ARG ZA 150 -65.09 6.45 -37.27
CA ARG ZA 150 -64.99 6.48 -38.73
C ARG ZA 150 -65.84 5.41 -39.38
N ALA ZA 151 -66.93 5.84 -40.03
CA ALA ZA 151 -67.96 4.93 -40.50
C ALA ZA 151 -68.19 5.15 -41.98
N ILE ZA 152 -68.17 4.07 -42.75
CA ILE ZA 152 -68.42 4.10 -44.18
C ILE ZA 152 -69.73 3.37 -44.42
N ASN ZA 153 -70.65 4.01 -45.15
CA ASN ZA 153 -72.04 3.64 -45.48
C ASN ZA 153 -72.79 2.88 -44.40
N GLY ZA 154 -72.67 3.33 -43.15
CA GLY ZA 154 -73.40 2.72 -42.07
C GLY ZA 154 -72.57 1.86 -41.14
N VAL ZA 155 -71.66 1.06 -41.68
CA VAL ZA 155 -70.84 0.20 -40.83
C VAL ZA 155 -69.61 0.96 -40.36
N ASP ZA 156 -69.16 0.63 -39.15
CA ASP ZA 156 -68.09 1.35 -38.48
C ASP ZA 156 -66.79 0.61 -38.69
N GLN ZA 157 -65.82 1.29 -39.31
CA GLN ZA 157 -64.59 0.61 -39.71
C GLN ZA 157 -63.60 0.54 -38.55
N LEU ZA 158 -63.79 1.35 -37.52
CA LEU ZA 158 -62.88 1.31 -36.39
C LEU ZA 158 -63.44 0.49 -35.25
N ALA ZA 159 -64.41 -0.39 -35.53
CA ALA ZA 159 -65.00 -1.23 -34.51
C ALA ZA 159 -64.02 -2.29 -34.05
N GLY ZA 160 -63.08 -2.65 -34.92
CA GLY ZA 160 -62.07 -3.62 -34.56
C GLY ZA 160 -61.06 -3.07 -33.57
N MET ZA 161 -60.57 -1.85 -33.80
CA MET ZA 161 -59.52 -1.31 -32.96
C MET ZA 161 -60.04 -0.86 -31.60
N ARG ZA 162 -61.32 -0.50 -31.50
CA ARG ZA 162 -61.85 -0.05 -30.23
C ARG ZA 162 -62.00 -1.22 -29.26
N ASN ZA 163 -62.18 -2.43 -29.78
CA ASN ZA 163 -62.12 -3.60 -28.93
C ASN ZA 163 -60.67 -3.94 -28.59
N ASP ZA 164 -59.74 -3.51 -29.43
CA ASP ZA 164 -58.33 -3.79 -29.19
C ASP ZA 164 -57.74 -2.80 -28.21
N LEU ZA 165 -58.20 -1.56 -28.24
CA LEU ZA 165 -57.63 -0.54 -27.38
C LEU ZA 165 -58.43 -0.39 -26.09
N GLY ZA 166 -59.44 -1.23 -25.89
CA GLY ZA 166 -60.26 -1.16 -24.71
C GLY ZA 166 -61.22 0.01 -24.66
N LEU ZA 167 -61.43 0.71 -25.78
CA LEU ZA 167 -62.32 1.85 -25.81
C LEU ZA 167 -63.78 1.42 -25.78
N ILE AB 2 -79.46 38.59 -48.83
CA ILE AB 2 -79.27 39.68 -49.78
C ILE AB 2 -77.82 39.71 -50.24
N PRO AB 3 -77.60 39.71 -51.56
CA PRO AB 3 -76.23 39.79 -52.08
C PRO AB 3 -75.57 41.11 -51.75
N GLN AB 4 -74.33 41.04 -51.26
CA GLN AB 4 -73.64 42.18 -50.70
C GLN AB 4 -72.18 42.11 -51.12
N THR AB 5 -71.64 43.24 -51.60
CA THR AB 5 -70.32 43.27 -52.20
C THR AB 5 -69.70 44.63 -51.88
N LEU AB 6 -68.37 44.68 -51.79
CA LEU AB 6 -67.66 45.93 -51.60
C LEU AB 6 -67.86 46.88 -52.77
N THR AB 7 -68.00 48.16 -52.47
CA THR AB 7 -68.05 49.20 -53.48
C THR AB 7 -66.88 50.18 -53.38
N ASN AB 8 -66.67 50.78 -52.21
CA ASN AB 8 -65.63 51.78 -52.03
C ASN AB 8 -64.81 51.47 -50.79
N THR AB 9 -63.56 51.91 -50.81
CA THR AB 9 -62.65 51.79 -49.68
C THR AB 9 -62.13 53.18 -49.33
N ASN AB 10 -61.48 53.27 -48.17
CA ASN AB 10 -60.87 54.52 -47.74
C ASN AB 10 -59.77 54.16 -46.75
N LEU AB 11 -58.92 55.15 -46.44
CA LEU AB 11 -57.85 54.96 -45.48
C LEU AB 11 -57.54 56.27 -44.76
N PHE AB 12 -57.64 56.25 -43.44
CA PHE AB 12 -57.26 57.35 -42.58
C PHE AB 12 -56.04 56.95 -41.78
N ILE AB 13 -55.18 57.91 -41.47
CA ILE AB 13 -54.09 57.59 -40.54
C ILE AB 13 -54.28 58.41 -39.27
N ASP AB 14 -54.12 59.72 -39.38
CA ASP AB 14 -54.22 60.65 -38.26
C ASP AB 14 -55.40 61.57 -38.46
N GLY AB 15 -56.45 61.07 -39.11
CA GLY AB 15 -57.42 61.92 -39.73
C GLY AB 15 -57.01 62.43 -41.09
N VAL AB 16 -55.77 62.18 -41.50
CA VAL AB 16 -55.28 62.55 -42.83
C VAL AB 16 -55.94 61.60 -43.80
N SER AB 17 -56.88 62.11 -44.59
CA SER AB 17 -57.63 61.29 -45.50
C SER AB 17 -56.80 60.91 -46.72
N PHE AB 18 -57.06 59.72 -47.23
CA PHE AB 18 -56.60 59.31 -48.54
C PHE AB 18 -57.83 59.03 -49.39
N ALA AB 19 -58.40 60.09 -49.96
CA ALA AB 19 -59.67 59.97 -50.66
C ALA AB 19 -59.49 59.33 -52.03
N GLY AB 20 -58.66 59.94 -52.88
CA GLY AB 20 -58.30 59.36 -54.16
C GLY AB 20 -56.86 58.92 -54.27
N ASP AB 21 -56.29 58.30 -53.23
CA ASP AB 21 -54.87 58.02 -53.18
C ASP AB 21 -54.53 56.55 -53.05
N VAL AB 22 -55.38 55.75 -52.42
CA VAL AB 22 -55.09 54.35 -52.10
C VAL AB 22 -55.87 53.43 -53.04
N PRO AB 23 -55.22 52.74 -53.97
CA PRO AB 23 -55.96 51.81 -54.82
C PRO AB 23 -56.32 50.51 -54.14
N SER AB 24 -55.45 49.97 -53.30
CA SER AB 24 -55.65 48.67 -52.70
C SER AB 24 -55.23 48.70 -51.24
N LEU AB 25 -55.95 47.95 -50.41
CA LEU AB 25 -55.62 47.79 -49.00
C LEU AB 25 -56.07 46.41 -48.54
N THR AB 26 -55.40 45.89 -47.52
CA THR AB 26 -55.60 44.51 -47.10
C THR AB 26 -55.69 44.46 -45.58
N LEU AB 27 -56.81 43.94 -45.07
CA LEU AB 27 -56.94 43.65 -43.65
C LEU AB 27 -56.04 42.47 -43.28
N PRO AB 28 -55.65 42.36 -42.01
CA PRO AB 28 -54.78 41.24 -41.62
C PRO AB 28 -55.51 39.90 -41.63
N LYS AB 29 -54.83 38.88 -42.15
CA LYS AB 29 -55.35 37.52 -42.13
C LYS AB 29 -55.31 37.03 -40.69
N LEU AB 30 -56.46 37.07 -40.02
CA LEU AB 30 -56.59 36.52 -38.68
C LEU AB 30 -56.62 35.01 -38.80
N ALA AB 31 -55.52 34.36 -38.43
CA ALA AB 31 -55.44 32.90 -38.45
C ALA AB 31 -55.13 32.42 -37.04
N VAL AB 32 -55.89 31.46 -36.58
CA VAL AB 32 -55.59 30.89 -35.27
C VAL AB 32 -54.50 29.85 -35.47
N LYS AB 33 -53.68 29.64 -34.44
CA LYS AB 33 -52.50 28.79 -34.60
C LYS AB 33 -52.92 27.36 -34.29
N THR AB 34 -53.24 26.61 -35.33
CA THR AB 34 -53.63 25.23 -35.14
C THR AB 34 -52.42 24.32 -35.22
N GLU AB 35 -52.41 23.30 -34.36
CA GLU AB 35 -51.43 22.24 -34.39
C GLU AB 35 -52.18 20.92 -34.42
N GLN AB 36 -51.88 20.08 -35.41
CA GLN AB 36 -52.63 18.85 -35.62
C GLN AB 36 -52.32 17.86 -34.51
N TYR AB 37 -53.27 17.71 -33.60
CA TYR AB 37 -53.11 16.90 -32.40
C TYR AB 37 -53.77 15.54 -32.63
N ARG AB 38 -52.96 14.49 -32.73
CA ARG AB 38 -53.46 13.12 -32.77
C ARG AB 38 -52.76 12.34 -31.66
N ALA AB 39 -53.47 12.08 -30.58
CA ALA AB 39 -52.98 11.25 -29.50
C ALA AB 39 -53.51 9.84 -29.67
N GLY AB 40 -53.33 9.01 -28.65
CA GLY AB 40 -53.82 7.65 -28.72
C GLY AB 40 -55.33 7.57 -28.58
N GLY AB 41 -55.92 6.64 -29.33
CA GLY AB 41 -57.36 6.47 -29.29
C GLY AB 41 -58.13 7.30 -30.29
N MET AB 42 -57.50 7.74 -31.37
CA MET AB 42 -58.16 8.52 -32.40
C MET AB 42 -57.43 8.34 -33.71
N ASP AB 43 -58.19 8.31 -34.81
CA ASP AB 43 -57.59 8.13 -36.12
C ASP AB 43 -57.26 9.44 -36.82
N ALA AB 44 -58.01 10.49 -36.54
CA ALA AB 44 -57.74 11.73 -37.23
C ALA AB 44 -57.18 12.77 -36.28
N PRO AB 45 -56.38 13.71 -36.75
CA PRO AB 45 -55.94 14.80 -35.89
C PRO AB 45 -57.05 15.80 -35.63
N VAL AB 46 -57.03 16.36 -34.42
CA VAL AB 46 -57.92 17.45 -34.03
C VAL AB 46 -57.08 18.70 -33.87
N SER AB 47 -57.45 19.77 -34.56
CA SER AB 47 -56.72 21.02 -34.43
C SER AB 47 -57.10 21.73 -33.14
N ILE AB 48 -56.15 22.47 -32.59
CA ILE AB 48 -56.25 23.07 -31.27
C ILE AB 48 -55.73 24.50 -31.31
N ASP AB 49 -56.33 25.36 -30.49
CA ASP AB 49 -55.91 26.75 -30.39
C ASP AB 49 -54.54 26.87 -29.73
N MET AB 50 -53.70 27.72 -30.29
CA MET AB 50 -52.43 28.12 -29.72
C MET AB 50 -52.28 29.63 -29.81
N GLY AB 51 -53.36 30.36 -29.60
CA GLY AB 51 -53.35 31.77 -29.87
C GLY AB 51 -53.45 32.06 -31.35
N LEU AB 52 -53.27 33.32 -31.71
CA LEU AB 52 -53.36 33.75 -33.09
C LEU AB 52 -51.98 33.79 -33.73
N GLU AB 53 -51.99 34.02 -35.05
CA GLU AB 53 -50.75 34.19 -35.80
C GLU AB 53 -50.34 35.66 -35.74
N ALA AB 54 -49.28 36.00 -36.47
CA ALA AB 54 -48.83 37.38 -36.56
C ALA AB 54 -49.68 38.11 -37.60
N MET AB 55 -50.38 39.15 -37.15
CA MET AB 55 -51.23 39.92 -38.04
C MET AB 55 -50.39 40.79 -38.97
N GLU AB 56 -50.87 40.98 -40.19
CA GLU AB 56 -50.06 41.59 -41.24
C GLU AB 56 -50.96 42.33 -42.21
N ALA AB 57 -50.77 43.64 -42.33
CA ALA AB 57 -51.69 44.49 -43.09
C ALA AB 57 -50.95 45.18 -44.24
N LYS AB 58 -51.28 44.78 -45.46
CA LYS AB 58 -50.80 45.49 -46.63
C LYS AB 58 -51.73 46.64 -46.98
N PHE AB 59 -51.13 47.74 -47.44
CA PHE AB 59 -51.88 48.73 -48.21
C PHE AB 59 -50.93 49.33 -49.23
N SER AB 60 -51.49 50.08 -50.17
CA SER AB 60 -50.73 50.53 -51.32
C SER AB 60 -51.11 51.95 -51.68
N THR AB 61 -50.14 52.68 -52.25
CA THR AB 61 -50.38 54.03 -52.72
C THR AB 61 -49.58 54.21 -54.00
N ASN AB 62 -50.19 54.80 -55.02
CA ASN AB 62 -49.54 55.01 -56.29
C ASN AB 62 -48.91 56.40 -56.41
N GLY AB 63 -48.65 57.06 -55.27
CA GLY AB 63 -47.96 58.33 -55.28
C GLY AB 63 -47.25 58.55 -53.96
N ALA AB 64 -46.21 59.38 -54.02
CA ALA AB 64 -45.45 59.76 -52.82
C ALA AB 64 -46.27 60.77 -52.05
N ARG AB 65 -46.75 60.38 -50.87
CA ARG AB 65 -47.66 61.22 -50.13
C ARG AB 65 -47.02 61.94 -48.95
N ARG AB 66 -45.97 61.33 -48.36
CA ARG AB 66 -45.18 61.78 -47.22
C ARG AB 66 -45.97 61.64 -45.90
N GLU AB 67 -47.27 61.34 -45.96
CA GLU AB 67 -47.98 61.00 -44.74
C GLU AB 67 -47.95 59.52 -44.44
N ALA AB 68 -47.75 58.68 -45.46
CA ALA AB 68 -47.55 57.26 -45.26
C ALA AB 68 -46.08 56.88 -45.20
N LEU AB 69 -45.18 57.75 -45.67
CA LEU AB 69 -43.77 57.45 -45.68
C LEU AB 69 -43.09 57.81 -44.36
N ASN AB 70 -43.61 58.80 -43.64
CA ASN AB 70 -42.95 59.28 -42.42
C ASN AB 70 -43.21 58.41 -41.20
N PHE AB 71 -43.88 57.28 -41.35
CA PHE AB 71 -44.16 56.39 -40.23
C PHE AB 71 -43.40 55.09 -40.33
N PHE AB 72 -42.41 55.04 -41.23
CA PHE AB 72 -41.63 53.83 -41.43
C PHE AB 72 -40.46 53.80 -40.46
N GLY AB 73 -40.34 52.69 -39.72
CA GLY AB 73 -39.12 52.35 -39.02
C GLY AB 73 -38.73 53.25 -37.88
N LEU AB 74 -39.63 54.10 -37.42
CA LEU AB 74 -39.33 54.97 -36.31
C LEU AB 74 -39.37 54.17 -35.00
N ALA AB 75 -38.69 54.71 -33.99
CA ALA AB 75 -38.38 53.94 -32.78
C ALA AB 75 -39.62 53.63 -31.95
N ASP AB 76 -40.67 54.42 -32.06
CA ASP AB 76 -41.92 54.14 -31.35
C ASP AB 76 -42.66 53.10 -32.16
N GLN AB 77 -42.59 51.84 -31.73
CA GLN AB 77 -43.44 50.83 -32.32
C GLN AB 77 -44.89 51.08 -31.91
N SER AB 78 -45.81 50.65 -32.77
CA SER AB 78 -47.25 50.93 -32.68
C SER AB 78 -47.52 52.44 -32.58
N ALA AB 79 -46.88 53.19 -33.47
CA ALA AB 79 -47.18 54.60 -33.66
C ALA AB 79 -48.03 54.87 -34.88
N PHE AB 80 -47.95 54.02 -35.89
CA PHE AB 80 -48.89 54.05 -37.01
C PHE AB 80 -50.26 53.65 -36.50
N ASN AB 81 -51.15 54.62 -36.32
CA ASN AB 81 -52.45 54.32 -35.74
C ASN AB 81 -53.42 53.71 -36.77
N GLY AB 82 -53.76 54.45 -37.83
CA GLY AB 82 -54.43 53.87 -38.98
C GLY AB 82 -55.89 53.48 -38.85
N VAL AB 83 -56.68 53.69 -39.91
CA VAL AB 83 -58.08 53.24 -39.98
C VAL AB 83 -58.33 52.71 -41.38
N PHE AB 84 -58.70 51.43 -41.50
CA PHE AB 84 -59.17 50.86 -42.76
C PHE AB 84 -60.69 50.94 -42.79
N ARG AB 85 -61.23 51.57 -43.82
CA ARG AB 85 -62.67 51.68 -44.00
C ARG AB 85 -63.11 51.02 -45.30
N GLY AB 86 -64.33 50.49 -45.28
CA GLY AB 86 -64.90 49.87 -46.46
C GLY AB 86 -66.41 49.85 -46.38
N SER AB 87 -67.07 50.32 -47.43
CA SER AB 87 -68.52 50.38 -47.47
C SER AB 87 -69.06 49.24 -48.32
N PHE AB 88 -69.81 48.34 -47.70
CA PHE AB 88 -70.38 47.20 -48.39
C PHE AB 88 -71.82 47.55 -48.75
N LYS AB 89 -72.12 47.62 -50.03
CA LYS AB 89 -73.38 48.24 -50.46
C LYS AB 89 -74.56 47.30 -50.30
N GLY AB 90 -74.56 46.18 -51.01
CA GLY AB 90 -75.72 45.32 -51.02
C GLY AB 90 -76.69 45.67 -52.13
N GLN AB 91 -77.65 44.77 -52.35
CA GLN AB 91 -78.54 44.92 -53.50
C GLN AB 91 -79.65 45.94 -53.22
N LYS AB 92 -80.14 45.99 -51.99
CA LYS AB 92 -81.36 46.74 -51.70
C LYS AB 92 -81.10 48.14 -51.18
N GLY AB 93 -80.06 48.81 -51.69
CA GLY AB 93 -79.87 50.20 -51.31
C GLY AB 93 -78.81 50.45 -50.27
N ALA AB 94 -79.25 50.59 -49.01
CA ALA AB 94 -78.41 51.09 -47.92
C ALA AB 94 -77.23 50.18 -47.64
N SER AB 95 -76.11 50.79 -47.29
CA SER AB 95 -74.83 50.11 -47.17
C SER AB 95 -74.53 49.75 -45.72
N VAL AB 96 -73.48 48.96 -45.55
CA VAL AB 96 -73.00 48.52 -44.23
C VAL AB 96 -71.54 48.92 -44.10
N PRO AB 97 -71.20 49.83 -43.20
CA PRO AB 97 -69.79 50.23 -43.06
C PRO AB 97 -68.98 49.20 -42.30
N VAL AB 98 -67.76 48.97 -42.78
CA VAL AB 98 -66.82 48.05 -42.15
C VAL AB 98 -65.58 48.87 -41.80
N VAL AB 99 -65.40 49.14 -40.51
CA VAL AB 99 -64.34 50.01 -40.02
C VAL AB 99 -63.38 49.17 -39.19
N ALA AB 100 -62.09 49.23 -39.51
CA ALA AB 100 -61.06 48.55 -38.77
C ALA AB 100 -59.93 49.53 -38.45
N THR AB 101 -59.54 49.59 -37.19
CA THR AB 101 -58.39 50.39 -36.75
C THR AB 101 -57.23 49.46 -36.41
N LEU AB 102 -56.03 49.83 -36.83
CA LEU AB 102 -54.92 48.90 -36.88
C LEU AB 102 -53.63 49.54 -36.40
N ARG AB 103 -53.40 49.49 -35.10
CA ARG AB 103 -52.28 50.20 -34.47
C ARG AB 103 -51.08 49.26 -34.40
N GLY AB 104 -50.12 49.46 -35.32
CA GLY AB 104 -48.92 48.66 -35.36
C GLY AB 104 -47.76 49.46 -35.90
N LEU AB 105 -46.66 48.77 -36.16
CA LEU AB 105 -45.52 49.43 -36.81
C LEU AB 105 -45.61 49.25 -38.32
N LEU AB 106 -45.01 50.19 -39.05
CA LEU AB 106 -44.96 50.10 -40.51
C LEU AB 106 -43.76 49.24 -40.87
N LYS AB 107 -44.04 48.04 -41.41
CA LYS AB 107 -42.98 47.06 -41.58
C LYS AB 107 -42.10 47.36 -42.78
N GLU AB 108 -42.69 47.53 -43.96
CA GLU AB 108 -41.84 47.74 -45.12
C GLU AB 108 -42.50 48.76 -46.04
N VAL AB 109 -41.67 49.41 -46.84
CA VAL AB 109 -42.10 50.27 -47.94
C VAL AB 109 -41.42 49.75 -49.19
N ASP AB 110 -42.20 49.25 -50.14
CA ASP AB 110 -41.68 48.64 -51.36
C ASP AB 110 -42.16 49.40 -52.58
N PRO AB 111 -41.44 50.44 -53.00
CA PRO AB 111 -41.69 51.02 -54.33
C PRO AB 111 -41.23 50.06 -55.41
N GLY AB 112 -42.13 49.73 -56.33
CA GLY AB 112 -41.85 48.74 -57.36
C GLY AB 112 -40.97 49.27 -58.46
N ASP AB 113 -41.13 48.67 -59.63
CA ASP AB 113 -40.36 49.11 -60.79
C ASP AB 113 -40.94 50.41 -61.33
N TRP AB 114 -40.09 51.41 -61.46
CA TRP AB 114 -40.47 52.69 -62.07
C TRP AB 114 -40.13 52.60 -63.55
N LYS AB 115 -41.14 52.32 -64.36
CA LYS AB 115 -40.92 51.98 -65.77
C LYS AB 115 -41.36 53.08 -66.73
N ALA AB 116 -41.53 54.31 -66.22
CA ALA AB 116 -41.68 55.54 -67.02
C ALA AB 116 -42.89 55.48 -67.97
N GLY AB 117 -44.06 55.42 -67.36
CA GLY AB 117 -45.29 55.37 -68.12
C GLY AB 117 -46.31 54.44 -67.52
N GLU AB 118 -46.00 53.90 -66.34
CA GLU AB 118 -46.89 53.04 -65.58
C GLU AB 118 -47.13 53.65 -64.22
N LYS AB 119 -47.87 52.92 -63.38
CA LYS AB 119 -48.20 53.41 -62.06
C LYS AB 119 -47.07 53.15 -61.07
N ALA AB 120 -46.99 53.99 -60.04
CA ALA AB 120 -45.88 53.93 -59.10
C ALA AB 120 -46.01 52.72 -58.17
N GLU AB 121 -47.15 52.62 -57.47
CA GLU AB 121 -47.55 51.45 -56.67
C GLU AB 121 -46.55 51.20 -55.53
N PHE AB 122 -46.55 52.14 -54.57
CA PHE AB 122 -45.74 51.97 -53.37
C PHE AB 122 -46.41 50.96 -52.46
N LYS AB 123 -45.84 49.76 -52.36
CA LYS AB 123 -46.36 48.79 -51.41
C LYS AB 123 -46.00 49.20 -49.99
N TYR AB 124 -46.95 49.00 -49.08
CA TYR AB 124 -46.71 49.18 -47.65
C TYR AB 124 -47.11 47.91 -46.92
N ALA AB 125 -46.60 47.75 -45.71
CA ALA AB 125 -46.97 46.62 -44.88
C ALA AB 125 -46.91 47.04 -43.42
N VAL AB 126 -47.94 46.67 -42.66
CA VAL AB 126 -48.08 47.08 -41.27
C VAL AB 126 -48.06 45.84 -40.41
N ALA AB 127 -47.18 45.82 -39.42
CA ALA AB 127 -47.11 44.74 -38.45
C ALA AB 127 -48.06 45.07 -37.31
N VAL AB 128 -49.27 44.52 -37.38
CA VAL AB 128 -50.38 44.97 -36.56
C VAL AB 128 -50.21 44.49 -35.12
N SER AB 129 -50.21 45.43 -34.18
CA SER AB 129 -50.27 45.09 -32.77
C SER AB 129 -51.71 45.09 -32.26
N TYR AB 130 -52.39 46.23 -32.39
CA TYR AB 130 -53.79 46.35 -32.01
C TYR AB 130 -54.68 46.30 -33.25
N TYR AB 131 -55.75 45.52 -33.17
CA TYR AB 131 -56.68 45.35 -34.29
C TYR AB 131 -58.10 45.29 -33.75
N LYS AB 132 -59.01 46.01 -34.38
CA LYS AB 132 -60.40 46.08 -33.92
C LYS AB 132 -61.30 46.22 -35.14
N LEU AB 133 -61.99 45.14 -35.51
CA LEU AB 133 -62.86 45.13 -36.67
C LEU AB 133 -64.30 45.42 -36.23
N GLU AB 134 -64.92 46.37 -36.91
CA GLU AB 134 -66.32 46.73 -36.67
C GLU AB 134 -67.11 46.55 -37.95
N VAL AB 135 -68.30 45.95 -37.82
CA VAL AB 135 -69.22 45.77 -38.94
C VAL AB 135 -70.56 46.37 -38.52
N ASP AB 136 -71.07 47.29 -39.35
CA ASP AB 136 -72.35 47.99 -39.13
C ASP AB 136 -72.34 48.74 -37.80
N GLY AB 137 -71.23 49.41 -37.53
CA GLY AB 137 -71.12 50.27 -36.36
C GLY AB 137 -70.97 49.56 -35.03
N ARG AB 138 -70.93 48.24 -35.00
CA ARG AB 138 -70.80 47.49 -33.76
C ARG AB 138 -69.61 46.57 -33.85
N GLU AB 139 -69.08 46.22 -32.68
CA GLU AB 139 -67.79 45.57 -32.58
C GLU AB 139 -67.87 44.08 -32.96
N VAL AB 140 -66.92 43.64 -33.76
CA VAL AB 140 -66.76 42.23 -34.10
C VAL AB 140 -65.54 41.64 -33.41
N TYR AB 141 -64.38 42.25 -33.62
CA TYR AB 141 -63.10 41.74 -33.14
C TYR AB 141 -62.41 42.82 -32.32
N GLU AB 142 -61.56 42.40 -31.40
CA GLU AB 142 -60.63 43.30 -30.73
C GLU AB 142 -59.42 42.47 -30.36
N ILE AB 143 -58.32 42.66 -31.08
CA ILE AB 143 -57.13 41.83 -30.92
C ILE AB 143 -56.01 42.72 -30.42
N ASP AB 144 -55.60 42.50 -29.17
CA ASP AB 144 -54.40 43.11 -28.63
C ASP AB 144 -53.72 42.06 -27.78
N PRO AB 145 -52.57 41.54 -28.21
CA PRO AB 145 -51.87 40.55 -27.37
C PRO AB 145 -51.28 41.15 -26.11
N VAL AB 146 -50.86 42.42 -26.17
CA VAL AB 146 -50.50 43.14 -24.95
C VAL AB 146 -51.77 43.30 -24.11
N ASN AB 147 -51.74 42.71 -22.91
CA ASN AB 147 -52.79 42.45 -21.92
C ASN AB 147 -53.73 41.30 -22.35
N GLY AB 148 -53.62 40.78 -23.57
CA GLY AB 148 -54.35 39.60 -24.00
C GLY AB 148 -55.86 39.73 -23.99
N VAL AB 149 -56.40 40.54 -24.88
CA VAL AB 149 -57.80 40.93 -24.79
C VAL AB 149 -58.53 40.53 -26.08
N ARG AB 150 -58.16 39.37 -26.63
CA ARG AB 150 -58.83 38.80 -27.80
C ARG AB 150 -60.32 38.61 -27.57
N ALA AB 151 -61.13 39.45 -28.21
CA ALA AB 151 -62.55 39.55 -27.92
C ALA AB 151 -63.34 39.35 -29.20
N ILE AB 152 -64.33 38.45 -29.13
CA ILE AB 152 -65.22 38.17 -30.25
C ILE AB 152 -66.61 38.65 -29.84
N ASN AB 153 -67.23 39.45 -30.72
CA ASN AB 153 -68.51 40.17 -30.60
C ASN AB 153 -68.86 40.67 -29.20
N GLY AB 154 -67.88 41.28 -28.52
CA GLY AB 154 -68.13 41.84 -27.21
C GLY AB 154 -67.58 41.05 -26.05
N VAL AB 155 -67.71 39.72 -26.07
CA VAL AB 155 -67.21 38.93 -24.97
C VAL AB 155 -65.74 38.60 -25.20
N ASP AB 156 -65.00 38.47 -24.10
CA ASP AB 156 -63.55 38.32 -24.13
C ASP AB 156 -63.23 36.84 -23.98
N GLN AB 157 -62.54 36.29 -24.98
CA GLN AB 157 -62.32 34.86 -25.01
C GLN AB 157 -61.12 34.46 -24.16
N LEU AB 158 -60.25 35.43 -23.84
CA LEU AB 158 -59.08 35.10 -23.02
C LEU AB 158 -59.32 35.45 -21.56
N ALA AB 159 -60.57 35.58 -21.15
CA ALA AB 159 -60.89 35.90 -19.77
C ALA AB 159 -60.60 34.71 -18.86
N GLY AB 160 -60.64 33.52 -19.43
CA GLY AB 160 -60.32 32.33 -18.64
C GLY AB 160 -58.85 32.22 -18.32
N MET AB 161 -57.98 32.47 -19.30
CA MET AB 161 -56.54 32.27 -19.09
C MET AB 161 -55.93 33.39 -18.24
N ARG AB 162 -56.53 34.59 -18.26
CA ARG AB 162 -55.96 35.67 -17.46
C ARG AB 162 -56.20 35.46 -15.97
N ASN AB 163 -57.26 34.73 -15.63
CA ASN AB 163 -57.41 34.30 -14.24
C ASN AB 163 -56.49 33.15 -13.92
N ASP AB 164 -56.07 32.40 -14.95
CA ASP AB 164 -55.19 31.27 -14.74
C ASP AB 164 -53.74 31.72 -14.64
N LEU AB 165 -53.37 32.76 -15.38
CA LEU AB 165 -51.99 33.21 -15.38
C LEU AB 165 -51.76 34.33 -14.39
N GLY AB 166 -52.78 34.67 -13.61
CA GLY AB 166 -52.67 35.74 -12.63
C GLY AB 166 -52.62 37.14 -13.22
N LEU AB 167 -52.95 37.31 -14.50
CA LEU AB 167 -52.92 38.62 -15.14
C LEU AB 167 -54.10 39.47 -14.69
N ILE BB 2 -25.69 28.79 -93.34
CA ILE BB 2 -26.99 28.41 -93.88
C ILE BB 2 -27.94 28.06 -92.74
N PRO BB 3 -29.13 28.67 -92.73
CA PRO BB 3 -30.12 28.35 -91.70
C PRO BB 3 -30.61 26.91 -91.82
N GLN BB 4 -30.65 26.22 -90.69
CA GLN BB 4 -30.90 24.79 -90.65
C GLN BB 4 -31.79 24.48 -89.45
N THR BB 5 -32.83 23.68 -89.67
CA THR BB 5 -33.86 23.44 -88.67
C THR BB 5 -34.35 22.02 -88.85
N LEU BB 6 -34.81 21.41 -87.75
CA LEU BB 6 -35.41 20.08 -87.80
C LEU BB 6 -36.69 20.09 -88.63
N THR BB 7 -36.89 19.01 -89.40
CA THR BB 7 -38.12 18.80 -90.14
C THR BB 7 -38.86 17.55 -89.68
N ASN BB 8 -38.21 16.40 -89.68
CA ASN BB 8 -38.84 15.14 -89.32
C ASN BB 8 -38.00 14.38 -88.31
N THR BB 9 -38.68 13.56 -87.51
CA THR BB 9 -38.03 12.69 -86.55
C THR BB 9 -38.48 11.25 -86.82
N ASN BB 10 -37.79 10.31 -86.19
CA ASN BB 10 -38.16 8.91 -86.29
C ASN BB 10 -37.62 8.20 -85.05
N LEU BB 11 -38.07 6.96 -84.84
CA LEU BB 11 -37.60 6.16 -83.71
C LEU BB 11 -37.63 4.69 -84.08
N PHE BB 12 -36.47 4.04 -83.98
CA PHE BB 12 -36.35 2.60 -84.14
C PHE BB 12 -35.98 1.98 -82.80
N ILE BB 13 -36.43 0.76 -82.57
CA ILE BB 13 -35.95 0.07 -81.38
C ILE BB 13 -35.14 -1.15 -81.81
N ASP BB 14 -35.80 -2.12 -82.40
CA ASP BB 14 -35.19 -3.37 -82.83
C ASP BB 14 -35.27 -3.49 -84.34
N GLY BB 15 -35.21 -2.34 -85.03
CA GLY BB 15 -35.70 -2.25 -86.39
C GLY BB 15 -37.19 -2.08 -86.49
N VAL BB 16 -37.91 -2.17 -85.37
CA VAL BB 16 -39.34 -1.93 -85.33
C VAL BB 16 -39.54 -0.44 -85.49
N SER BB 17 -40.04 -0.03 -86.65
CA SER BB 17 -40.18 1.38 -86.95
C SER BB 17 -41.38 1.98 -86.21
N PHE BB 18 -41.23 3.24 -85.84
CA PHE BB 18 -42.35 4.07 -85.41
C PHE BB 18 -42.47 5.22 -86.40
N ALA BB 19 -43.16 4.96 -87.51
CA ALA BB 19 -43.21 5.93 -88.59
C ALA BB 19 -44.17 7.06 -88.26
N GLY BB 20 -45.43 6.73 -88.02
CA GLY BB 20 -46.41 7.70 -87.57
C GLY BB 20 -46.89 7.50 -86.15
N ASP BB 21 -45.99 7.19 -85.22
CA ASP BB 21 -46.39 6.80 -83.87
C ASP BB 21 -45.82 7.69 -82.78
N VAL BB 22 -44.66 8.30 -82.98
CA VAL BB 22 -43.96 9.05 -81.94
C VAL BB 22 -44.07 10.54 -82.22
N PRO BB 23 -44.83 11.29 -81.42
CA PRO BB 23 -44.90 12.74 -81.66
C PRO BB 23 -43.67 13.48 -81.16
N SER BB 24 -43.10 13.09 -80.03
CA SER BB 24 -42.00 13.83 -79.42
C SER BB 24 -40.96 12.86 -78.90
N LEU BB 25 -39.69 13.26 -78.99
CA LEU BB 25 -38.58 12.50 -78.45
C LEU BB 25 -37.48 13.46 -78.03
N THR BB 26 -36.68 13.04 -77.06
CA THR BB 26 -35.70 13.92 -76.43
C THR BB 26 -34.39 13.18 -76.28
N LEU BB 27 -33.32 13.74 -76.87
CA LEU BB 27 -31.97 13.25 -76.64
C LEU BB 27 -31.54 13.57 -75.20
N PRO BB 28 -30.58 12.82 -74.64
CA PRO BB 28 -30.16 13.10 -73.27
C PRO BB 28 -29.36 14.39 -73.17
N LYS BB 29 -29.65 15.16 -72.12
CA LYS BB 29 -28.89 16.36 -71.82
C LYS BB 29 -27.51 15.95 -71.34
N LEU BB 30 -26.54 16.02 -72.23
CA LEU BB 30 -25.15 15.77 -71.86
C LEU BB 30 -24.64 16.97 -71.10
N ALA BB 31 -24.49 16.83 -69.79
CA ALA BB 31 -23.97 17.88 -68.94
C ALA BB 31 -22.73 17.37 -68.24
N VAL BB 32 -21.67 18.14 -68.29
CA VAL BB 32 -20.46 17.76 -67.57
C VAL BB 32 -20.64 18.20 -66.12
N LYS BB 33 -20.01 17.47 -65.20
CA LYS BB 33 -20.25 17.71 -63.78
C LYS BB 33 -19.28 18.78 -63.31
N THR BB 34 -19.73 20.03 -63.32
CA THR BB 34 -18.89 21.12 -62.87
C THR BB 34 -19.05 21.35 -61.37
N GLU BB 35 -17.93 21.65 -60.72
CA GLU BB 35 -17.92 22.07 -59.33
C GLU BB 35 -17.13 23.36 -59.25
N GLN BB 36 -17.75 24.39 -58.67
CA GLN BB 36 -17.16 25.73 -58.65
C GLN BB 36 -15.95 25.75 -57.73
N TYR BB 37 -14.76 25.75 -58.32
CA TYR BB 37 -13.51 25.65 -57.60
C TYR BB 37 -12.92 27.05 -57.45
N ARG BB 38 -12.90 27.56 -56.23
CA ARG BB 38 -12.20 28.79 -55.90
C ARG BB 38 -11.24 28.52 -54.75
N ALA BB 39 -9.96 28.41 -55.07
CA ALA BB 39 -8.91 28.25 -54.08
C ALA BB 39 -8.30 29.62 -53.77
N GLY BB 40 -7.19 29.61 -53.05
CA GLY BB 40 -6.53 30.85 -52.74
C GLY BB 40 -5.81 31.45 -53.94
N GLY BB 41 -5.84 32.77 -54.02
CA GLY BB 41 -5.19 33.46 -55.12
C GLY BB 41 -6.04 33.68 -56.34
N MET BB 42 -7.38 33.67 -56.18
CA MET BB 42 -8.28 33.91 -57.29
C MET BB 42 -9.59 34.46 -56.74
N ASP BB 43 -10.21 35.37 -57.51
CA ASP BB 43 -11.46 35.97 -57.08
C ASP BB 43 -12.68 35.23 -57.61
N ALA BB 44 -12.58 34.60 -58.76
CA ALA BB 44 -13.75 33.93 -59.29
C ALA BB 44 -13.57 32.42 -59.26
N PRO BB 45 -14.65 31.65 -59.17
CA PRO BB 45 -14.52 30.20 -59.26
C PRO BB 45 -14.28 29.77 -60.70
N VAL BB 46 -13.50 28.70 -60.83
CA VAL BB 46 -13.25 28.04 -62.11
C VAL BB 46 -13.93 26.67 -62.06
N SER BB 47 -14.78 26.40 -63.03
CA SER BB 47 -15.45 25.11 -63.08
C SER BB 47 -14.50 24.05 -63.62
N ILE BB 48 -14.70 22.81 -63.15
CA ILE BB 48 -13.79 21.70 -63.40
C ILE BB 48 -14.58 20.45 -63.73
N ASP BB 49 -14.01 19.61 -64.60
CA ASP BB 49 -14.63 18.35 -64.98
C ASP BB 49 -14.65 17.38 -63.82
N MET BB 50 -15.78 16.70 -63.65
CA MET BB 50 -15.95 15.58 -62.73
C MET BB 50 -16.67 14.45 -63.43
N GLY BB 51 -16.37 14.23 -64.70
CA GLY BB 51 -17.14 13.31 -65.50
C GLY BB 51 -18.47 13.94 -65.91
N LEU BB 52 -19.33 13.11 -66.49
CA LEU BB 52 -20.62 13.57 -66.97
C LEU BB 52 -21.71 13.32 -65.93
N GLU BB 53 -22.89 13.85 -66.22
CA GLU BB 53 -24.05 13.63 -65.38
C GLU BB 53 -24.75 12.34 -65.83
N ALA BB 54 -25.90 12.05 -65.22
CA ALA BB 54 -26.69 10.89 -65.61
C ALA BB 54 -27.51 11.24 -66.84
N MET BB 55 -27.28 10.51 -67.92
CA MET BB 55 -28.01 10.74 -69.16
C MET BB 55 -29.45 10.26 -69.04
N GLU BB 56 -30.35 10.97 -69.70
CA GLU BB 56 -31.78 10.74 -69.48
C GLU BB 56 -32.53 11.07 -70.77
N ALA BB 57 -33.23 10.09 -71.33
CA ALA BB 57 -33.85 10.22 -72.65
C ALA BB 57 -35.35 10.03 -72.55
N LYS BB 58 -36.09 11.11 -72.76
CA LYS BB 58 -37.53 11.01 -72.89
C LYS BB 58 -37.93 10.72 -74.33
N PHE BB 59 -38.97 9.91 -74.49
CA PHE BB 59 -39.72 9.88 -75.75
C PHE BB 59 -41.17 9.59 -75.41
N SER BB 60 -42.04 9.75 -76.39
CA SER BB 60 -43.47 9.73 -76.14
C SER BB 60 -44.19 9.01 -77.28
N THR BB 61 -45.32 8.39 -76.94
CA THR BB 61 -46.14 7.74 -77.93
C THR BB 61 -47.60 7.95 -77.52
N ASN BB 62 -48.44 8.31 -78.48
CA ASN BB 62 -49.84 8.57 -78.21
C ASN BB 62 -50.73 7.34 -78.45
N GLY BB 63 -50.13 6.15 -78.44
CA GLY BB 63 -50.90 4.92 -78.55
C GLY BB 63 -50.16 3.78 -77.91
N ALA BB 64 -50.93 2.77 -77.50
CA ALA BB 64 -50.37 1.55 -76.92
C ALA BB 64 -49.80 0.71 -78.04
N ARG BB 65 -48.49 0.56 -78.07
CA ARG BB 65 -47.85 -0.09 -79.20
C ARG BB 65 -47.39 -1.52 -78.90
N ARG BB 66 -47.06 -1.80 -77.63
CA ARG BB 66 -46.58 -3.07 -77.06
C ARG BB 66 -45.13 -3.34 -77.48
N GLU BB 67 -44.56 -2.56 -78.40
CA GLU BB 67 -43.14 -2.68 -78.67
C GLU BB 67 -42.31 -1.75 -77.80
N ALA BB 68 -42.91 -0.66 -77.32
CA ALA BB 68 -42.27 0.22 -76.35
C ALA BB 68 -42.62 -0.12 -74.92
N LEU BB 69 -43.70 -0.87 -74.70
CA LEU BB 69 -44.14 -1.22 -73.35
C LEU BB 69 -43.43 -2.46 -72.82
N ASN BB 70 -43.02 -3.38 -73.70
CA ASN BB 70 -42.44 -4.64 -73.24
C ASN BB 70 -40.98 -4.55 -72.85
N PHE BB 71 -40.41 -3.35 -72.82
CA PHE BB 71 -39.02 -3.18 -72.42
C PHE BB 71 -38.88 -2.46 -71.10
N PHE BB 72 -39.98 -2.34 -70.36
CA PHE BB 72 -39.98 -1.65 -69.08
C PHE BB 72 -39.59 -2.60 -67.97
N GLY BB 73 -38.59 -2.21 -67.18
CA GLY BB 73 -38.34 -2.83 -65.88
C GLY BB 73 -37.89 -4.26 -65.90
N LEU BB 74 -37.49 -4.77 -67.06
CA LEU BB 74 -37.02 -6.14 -67.13
C LEU BB 74 -35.60 -6.24 -66.57
N ALA BB 75 -35.23 -7.44 -66.15
CA ALA BB 75 -34.03 -7.65 -65.34
C ALA BB 75 -32.75 -7.36 -66.08
N ASP BB 76 -32.74 -7.47 -67.41
CA ASP BB 76 -31.56 -7.14 -68.20
C ASP BB 76 -31.54 -5.63 -68.37
N GLN BB 77 -30.72 -4.95 -67.57
CA GLN BB 77 -30.50 -3.54 -67.82
C GLN BB 77 -29.69 -3.37 -69.10
N SER BB 78 -29.89 -2.22 -69.75
CA SER BB 78 -29.37 -1.91 -71.09
C SER BB 78 -29.77 -2.97 -72.10
N ALA BB 79 -31.07 -3.31 -72.10
CA ALA BB 79 -31.66 -4.15 -73.13
C ALA BB 79 -32.46 -3.35 -74.14
N PHE BB 80 -33.00 -2.21 -73.74
CA PHE BB 80 -33.59 -1.26 -74.67
C PHE BB 80 -32.48 -0.69 -75.54
N ASN BB 81 -32.38 -1.14 -76.79
CA ASN BB 81 -31.27 -0.71 -77.64
C ASN BB 81 -31.53 0.67 -78.24
N GLY BB 82 -32.57 0.82 -79.06
CA GLY BB 82 -33.04 2.14 -79.46
C GLY BB 82 -32.22 2.95 -80.45
N VAL BB 83 -32.90 3.68 -81.35
CA VAL BB 83 -32.25 4.61 -82.27
C VAL BB 83 -33.10 5.85 -82.38
N PHE BB 84 -32.56 7.01 -82.01
CA PHE BB 84 -33.21 8.29 -82.25
C PHE BB 84 -32.69 8.86 -83.57
N ARG BB 85 -33.59 9.17 -84.49
CA ARG BB 85 -33.22 9.75 -85.78
C ARG BB 85 -33.88 11.11 -85.96
N GLY BB 86 -33.20 11.98 -86.68
CA GLY BB 86 -33.72 13.30 -86.98
C GLY BB 86 -33.06 13.88 -88.21
N SER BB 87 -33.87 14.36 -89.14
CA SER BB 87 -33.38 14.91 -90.40
C SER BB 87 -33.44 16.42 -90.34
N PHE BB 88 -32.28 17.07 -90.38
CA PHE BB 88 -32.19 18.51 -90.35
C PHE BB 88 -32.07 19.02 -91.78
N LYS BB 89 -33.06 19.77 -92.24
CA LYS BB 89 -33.18 20.05 -93.67
C LYS BB 89 -32.22 21.13 -94.13
N GLY BB 90 -32.38 22.34 -93.62
CA GLY BB 90 -31.60 23.46 -94.11
C GLY BB 90 -32.30 24.17 -95.26
N GLN BB 91 -31.76 25.35 -95.60
CA GLN BB 91 -32.44 26.20 -96.57
C GLN BB 91 -32.19 25.74 -98.00
N LYS BB 92 -30.99 25.24 -98.29
CA LYS BB 92 -30.56 25.02 -99.67
C LYS BB 92 -30.79 23.59 -100.13
N GLY BB 93 -31.87 22.94 -99.71
CA GLY BB 93 -32.18 21.63 -100.24
C GLY BB 93 -31.80 20.46 -99.36
N ALA BB 94 -30.64 19.87 -99.64
CA ALA BB 94 -30.25 18.58 -99.08
C ALA BB 94 -30.11 18.64 -97.56
N SER BB 95 -30.50 17.55 -96.91
CA SER BB 95 -30.61 17.47 -95.47
C SER BB 95 -29.37 16.85 -94.83
N VAL BB 96 -29.32 16.93 -93.52
CA VAL BB 96 -28.23 16.36 -92.71
C VAL BB 96 -28.84 15.41 -91.69
N PRO BB 97 -28.56 14.11 -91.77
CA PRO BB 97 -29.15 13.17 -90.81
C PRO BB 97 -28.42 13.21 -89.47
N VAL BB 98 -29.19 13.16 -88.39
CA VAL BB 98 -28.67 13.12 -87.03
C VAL BB 98 -29.17 11.83 -86.42
N VAL BB 99 -28.26 10.87 -86.23
CA VAL BB 99 -28.60 9.54 -85.75
C VAL BB 99 -27.95 9.33 -84.40
N ALA BB 100 -28.73 8.95 -83.40
CA ALA BB 100 -28.24 8.65 -82.08
C ALA BB 100 -28.79 7.30 -81.62
N THR BB 101 -27.92 6.41 -81.17
CA THR BB 101 -28.30 5.13 -80.59
C THR BB 101 -28.09 5.18 -79.08
N LEU BB 102 -29.05 4.64 -78.34
CA LEU BB 102 -29.15 4.92 -76.92
C LEU BB 102 -29.50 3.67 -76.13
N ARG BB 103 -28.47 2.91 -75.74
CA ARG BB 103 -28.65 1.61 -75.12
C ARG BB 103 -28.70 1.79 -73.59
N GLY BB 104 -29.90 1.74 -73.03
CA GLY BB 104 -30.07 1.88 -71.60
C GLY BB 104 -31.30 1.11 -71.13
N LEU BB 105 -31.67 1.32 -69.87
CA LEU BB 105 -32.89 0.73 -69.36
C LEU BB 105 -34.05 1.70 -69.53
N LEU BB 106 -35.26 1.16 -69.64
CA LEU BB 106 -36.46 1.98 -69.74
C LEU BB 106 -36.89 2.33 -68.32
N LYS BB 107 -36.77 3.62 -67.97
CA LYS BB 107 -36.91 4.03 -66.58
C LYS BB 107 -38.38 4.08 -66.17
N GLU BB 108 -39.21 4.82 -66.90
CA GLU BB 108 -40.59 4.95 -66.46
C GLU BB 108 -41.51 4.94 -67.67
N VAL BB 109 -42.75 4.55 -67.43
CA VAL BB 109 -43.83 4.67 -68.38
C VAL BB 109 -44.94 5.45 -67.70
N ASP BB 110 -45.24 6.65 -68.21
CA ASP BB 110 -46.22 7.54 -67.60
C ASP BB 110 -47.36 7.82 -68.57
N PRO BB 111 -48.40 6.98 -68.58
CA PRO BB 111 -49.63 7.35 -69.28
C PRO BB 111 -50.33 8.46 -68.50
N GLY BB 112 -50.63 9.56 -69.20
CA GLY BB 112 -51.20 10.74 -68.57
C GLY BB 112 -52.67 10.58 -68.27
N ASP BB 113 -53.36 11.72 -68.21
CA ASP BB 113 -54.79 11.70 -67.96
C ASP BB 113 -55.53 11.25 -69.21
N TRP BB 114 -56.36 10.23 -69.06
CA TRP BB 114 -57.23 9.75 -70.14
C TRP BB 114 -58.55 10.48 -70.00
N LYS BB 115 -58.74 11.52 -70.80
CA LYS BB 115 -59.86 12.44 -70.61
C LYS BB 115 -60.93 12.30 -71.68
N ALA BB 116 -60.93 11.19 -72.43
CA ALA BB 116 -62.02 10.76 -73.31
C ALA BB 116 -62.33 11.79 -74.41
N GLY BB 117 -61.35 11.98 -75.29
CA GLY BB 117 -61.50 12.91 -76.38
C GLY BB 117 -60.24 13.70 -76.65
N GLU BB 118 -59.17 13.35 -75.94
CA GLU BB 118 -57.85 13.95 -76.13
C GLU BB 118 -56.85 12.85 -76.48
N LYS BB 119 -55.59 13.25 -76.59
CA LYS BB 119 -54.55 12.30 -76.97
C LYS BB 119 -54.05 11.52 -75.76
N ALA BB 120 -53.55 10.32 -76.02
CA ALA BB 120 -53.16 9.41 -74.94
C ALA BB 120 -51.86 9.87 -74.29
N GLU BB 121 -50.81 10.04 -75.08
CA GLU BB 121 -49.52 10.62 -74.68
C GLU BB 121 -48.85 9.80 -73.57
N PHE BB 122 -48.42 8.60 -73.95
CA PHE BB 122 -47.66 7.76 -73.03
C PHE BB 122 -46.24 8.30 -72.92
N LYS BB 123 -45.90 8.90 -71.79
CA LYS BB 123 -44.53 9.34 -71.58
C LYS BB 123 -43.63 8.13 -71.32
N TYR BB 124 -42.44 8.16 -71.88
CA TYR BB 124 -41.42 7.18 -71.60
C TYR BB 124 -40.15 7.90 -71.16
N ALA BB 125 -39.26 7.16 -70.50
CA ALA BB 125 -37.98 7.71 -70.09
C ALA BB 125 -36.95 6.59 -70.07
N VAL BB 126 -35.79 6.87 -70.64
CA VAL BB 126 -34.72 5.87 -70.80
C VAL BB 126 -33.51 6.34 -70.00
N ALA BB 127 -33.02 5.47 -69.13
CA ALA BB 127 -31.81 5.74 -68.37
C ALA BB 127 -30.63 5.26 -69.20
N VAL BB 128 -30.01 6.19 -69.92
CA VAL BB 128 -29.07 5.85 -70.99
C VAL BB 128 -27.75 5.39 -70.40
N SER BB 129 -27.33 4.17 -70.78
CA SER BB 129 -25.98 3.71 -70.47
C SER BB 129 -25.02 4.00 -71.61
N TYR BB 130 -25.31 3.50 -72.80
CA TYR BB 130 -24.50 3.77 -73.98
C TYR BB 130 -25.18 4.82 -74.85
N TYR BB 131 -24.40 5.80 -75.31
CA TYR BB 131 -24.92 6.88 -76.14
C TYR BB 131 -23.90 7.21 -77.22
N LYS BB 132 -24.37 7.37 -78.45
CA LYS BB 132 -23.47 7.64 -79.58
C LYS BB 132 -24.20 8.54 -80.56
N LEU BB 133 -23.82 9.82 -80.60
CA LEU BB 133 -24.44 10.80 -81.47
C LEU BB 133 -23.66 10.91 -82.77
N GLU BB 134 -24.35 10.82 -83.90
CA GLU BB 134 -23.76 10.98 -85.21
C GLU BB 134 -24.45 12.12 -85.95
N VAL BB 135 -23.66 12.98 -86.58
CA VAL BB 135 -24.17 14.07 -87.41
C VAL BB 135 -23.54 13.94 -88.78
N ASP BB 136 -24.39 13.90 -89.82
CA ASP BB 136 -24.01 13.77 -91.23
C ASP BB 136 -23.20 12.50 -91.46
N GLY BB 137 -23.65 11.40 -90.86
CA GLY BB 137 -23.05 10.10 -91.08
C GLY BB 137 -21.73 9.85 -90.40
N ARG BB 138 -21.20 10.83 -89.66
CA ARG BB 138 -19.91 10.66 -88.99
C ARG BB 138 -20.08 10.92 -87.50
N GLU BB 139 -19.16 10.34 -86.72
CA GLU BB 139 -19.31 10.26 -85.28
C GLU BB 139 -19.03 11.60 -84.62
N VAL BB 140 -19.89 11.97 -83.67
CA VAL BB 140 -19.68 13.14 -82.84
C VAL BB 140 -19.33 12.73 -81.41
N TYR BB 141 -20.19 11.92 -80.80
CA TYR BB 141 -20.07 11.52 -79.39
C TYR BB 141 -20.08 10.01 -79.30
N GLU BB 142 -19.46 9.50 -78.24
CA GLU BB 142 -19.62 8.09 -77.87
C GLU BB 142 -19.45 8.03 -76.36
N ILE BB 143 -20.54 7.83 -75.65
CA ILE BB 143 -20.54 7.89 -74.19
C ILE BB 143 -20.90 6.51 -73.67
N ASP BB 144 -19.92 5.84 -73.06
CA ASP BB 144 -20.18 4.61 -72.32
C ASP BB 144 -19.30 4.68 -71.06
N PRO BB 145 -19.90 4.84 -69.88
CA PRO BB 145 -19.08 4.85 -68.66
C PRO BB 145 -18.50 3.48 -68.34
N VAL BB 146 -19.20 2.41 -68.67
CA VAL BB 146 -18.60 1.08 -68.61
C VAL BB 146 -17.48 1.01 -69.64
N ASN BB 147 -16.25 0.80 -69.15
CA ASN BB 147 -14.92 0.90 -69.76
C ASN BB 147 -14.47 2.34 -69.97
N GLY BB 148 -15.32 3.34 -69.76
CA GLY BB 148 -14.94 4.74 -69.78
C GLY BB 148 -14.41 5.26 -71.10
N VAL BB 149 -15.26 5.34 -72.12
CA VAL BB 149 -14.80 5.56 -73.47
C VAL BB 149 -15.44 6.84 -74.03
N ARG BB 150 -15.60 7.85 -73.17
CA ARG BB 150 -16.09 9.17 -73.58
C ARG BB 150 -15.25 9.78 -74.68
N ALA BB 151 -15.81 9.82 -75.89
CA ALA BB 151 -15.06 10.16 -77.09
C ALA BB 151 -15.74 11.31 -77.80
N ILE BB 152 -14.96 12.33 -78.14
CA ILE BB 152 -15.44 13.49 -78.87
C ILE BB 152 -14.77 13.47 -80.23
N ASN BB 153 -15.57 13.60 -81.29
CA ASN BB 153 -15.27 13.51 -82.73
C ASN BB 153 -14.17 12.52 -83.11
N GLY BB 154 -14.20 11.33 -82.54
CA GLY BB 154 -13.24 10.31 -82.88
C GLY BB 154 -12.17 10.06 -81.85
N VAL BB 155 -11.61 11.11 -81.24
CA VAL BB 155 -10.56 10.91 -80.25
C VAL BB 155 -11.19 10.69 -78.88
N ASP BB 156 -10.51 9.90 -78.07
CA ASP BB 156 -11.03 9.45 -76.78
C ASP BB 156 -10.45 10.34 -75.69
N GLN BB 157 -11.33 11.01 -74.95
CA GLN BB 157 -10.88 12.01 -73.99
C GLN BB 157 -10.47 11.37 -72.67
N LEU BB 158 -10.90 10.13 -72.43
CA LEU BB 158 -10.54 9.47 -71.18
C LEU BB 158 -9.38 8.52 -71.37
N ALA BB 159 -8.60 8.72 -72.44
CA ALA BB 159 -7.45 7.86 -72.70
C ALA BB 159 -6.33 8.14 -71.70
N GLY BB 160 -6.32 9.36 -71.15
CA GLY BB 160 -5.33 9.70 -70.15
C GLY BB 160 -5.57 9.00 -68.82
N MET BB 161 -6.82 9.01 -68.37
CA MET BB 161 -7.11 8.46 -67.04
C MET BB 161 -7.08 6.94 -67.02
N ARG BB 162 -7.34 6.29 -68.16
CA ARG BB 162 -7.32 4.83 -68.17
C ARG BB 162 -5.90 4.29 -68.07
N ASN BB 163 -4.91 5.07 -68.52
CA ASN BB 163 -3.52 4.72 -68.24
C ASN BB 163 -3.16 5.03 -66.80
N ASP BB 164 -3.89 5.97 -66.19
CA ASP BB 164 -3.61 6.35 -64.81
C ASP BB 164 -4.25 5.38 -63.84
N LEU BB 165 -5.42 4.85 -64.19
CA LEU BB 165 -6.13 3.97 -63.28
C LEU BB 165 -5.83 2.50 -63.57
N GLY BB 166 -4.92 2.24 -64.49
CA GLY BB 166 -4.57 0.88 -64.86
C GLY BB 166 -5.63 0.13 -65.64
N LEU BB 167 -6.64 0.82 -66.17
CA LEU BB 167 -7.69 0.18 -66.94
C LEU BB 167 -7.20 -0.23 -68.32
N ILE CB 2 -49.27 2.97 -88.12
CA ILE CB 2 -50.60 3.54 -88.18
C ILE CB 2 -50.82 4.45 -86.99
N PRO CB 3 -51.26 5.69 -87.24
CA PRO CB 3 -51.55 6.61 -86.13
C PRO CB 3 -52.71 6.13 -85.30
N GLN CB 4 -52.54 6.16 -83.98
CA GLN CB 4 -53.47 5.57 -83.04
C GLN CB 4 -53.59 6.48 -81.83
N THR CB 5 -54.84 6.74 -81.40
CA THR CB 5 -55.11 7.73 -80.37
C THR CB 5 -56.32 7.23 -79.58
N LEU CB 6 -56.39 7.62 -78.30
CA LEU CB 6 -57.54 7.31 -77.46
C LEU CB 6 -58.80 7.99 -77.99
N THR CB 7 -59.92 7.27 -77.90
CA THR CB 7 -61.23 7.82 -78.23
C THR CB 7 -62.15 7.83 -77.02
N ASN CB 8 -62.37 6.69 -76.38
CA ASN CB 8 -63.30 6.59 -75.26
C ASN CB 8 -62.63 5.88 -74.09
N THR CB 9 -63.11 6.21 -72.89
CA THR CB 9 -62.68 5.57 -71.66
C THR CB 9 -63.89 5.01 -70.94
N ASN CB 10 -63.64 4.19 -69.93
CA ASN CB 10 -64.71 3.64 -69.10
C ASN CB 10 -64.11 3.26 -67.76
N LEU CB 11 -64.97 2.97 -66.79
CA LEU CB 11 -64.52 2.58 -65.46
C LEU CB 11 -65.55 1.65 -64.84
N PHE CB 12 -65.10 0.45 -64.47
CA PHE CB 12 -65.89 -0.52 -63.73
C PHE CB 12 -65.30 -0.67 -62.34
N ILE CB 13 -66.14 -0.93 -61.34
CA ILE CB 13 -65.59 -1.27 -60.04
C ILE CB 13 -65.95 -2.71 -59.71
N ASP CB 14 -67.24 -2.96 -59.50
CA ASP CB 14 -67.75 -4.27 -59.13
C ASP CB 14 -68.65 -4.81 -60.23
N GLY CB 15 -68.34 -4.45 -61.48
CA GLY CB 15 -69.31 -4.51 -62.53
C GLY CB 15 -70.24 -3.33 -62.58
N VAL CB 16 -70.17 -2.44 -61.58
CA VAL CB 16 -70.97 -1.22 -61.56
C VAL CB 16 -70.35 -0.28 -62.58
N SER CB 17 -71.05 -0.08 -63.69
CA SER CB 17 -70.53 0.70 -64.78
C SER CB 17 -70.59 2.20 -64.45
N PHE CB 18 -69.62 2.92 -64.96
CA PHE CB 18 -69.66 4.38 -65.03
C PHE CB 18 -69.62 4.77 -66.50
N ALA CB 19 -70.79 4.75 -67.13
CA ALA CB 19 -70.84 4.96 -68.58
C ALA CB 19 -70.68 6.43 -68.92
N GLY CB 20 -71.55 7.28 -68.40
CA GLY CB 20 -71.43 8.71 -68.55
C GLY CB 20 -71.11 9.45 -67.28
N ASP CB 21 -70.21 8.93 -66.44
CA ASP CB 21 -69.99 9.47 -65.11
C ASP CB 21 -68.56 9.93 -64.87
N VAL CB 22 -67.57 9.33 -65.51
CA VAL CB 22 -66.16 9.58 -65.24
C VAL CB 22 -65.55 10.41 -66.36
N PRO CB 23 -65.21 11.68 -66.13
CA PRO CB 23 -64.59 12.46 -67.19
C PRO CB 23 -63.11 12.14 -67.40
N SER CB 24 -62.37 11.88 -66.33
CA SER CB 24 -60.93 11.67 -66.41
C SER CB 24 -60.51 10.53 -65.51
N LEU CB 25 -59.51 9.77 -65.96
CA LEU CB 25 -58.93 8.69 -65.17
C LEU CB 25 -57.47 8.55 -65.55
N THR CB 26 -56.67 8.06 -64.60
CA THR CB 26 -55.22 8.04 -64.75
C THR CB 26 -54.69 6.68 -64.31
N LEU CB 27 -53.99 6.00 -65.22
CA LEU CB 27 -53.26 4.79 -64.88
C LEU CB 27 -52.06 5.14 -64.00
N PRO CB 28 -51.56 4.19 -63.20
CA PRO CB 28 -50.41 4.51 -62.34
C PRO CB 28 -49.13 4.67 -63.13
N LYS CB 29 -48.34 5.68 -62.75
CA LYS CB 29 -47.04 5.90 -63.34
C LYS CB 29 -46.11 4.80 -62.84
N LEU CB 30 -45.90 3.79 -63.69
CA LEU CB 30 -44.94 2.74 -63.37
C LEU CB 30 -43.54 3.30 -63.58
N ALA CB 31 -42.85 3.56 -62.47
CA ALA CB 31 -41.49 4.06 -62.51
C ALA CB 31 -40.60 3.08 -61.77
N VAL CB 32 -39.50 2.69 -62.39
CA VAL CB 32 -38.56 1.82 -61.72
C VAL CB 32 -37.67 2.71 -60.85
N LYS CB 33 -37.19 2.16 -59.74
CA LYS CB 33 -36.47 2.96 -58.76
C LYS CB 33 -35.00 3.00 -59.15
N THR CB 34 -34.62 4.03 -59.88
CA THR CB 34 -33.23 4.16 -60.28
C THR CB 34 -32.43 4.93 -59.25
N GLU CB 35 -31.19 4.48 -59.03
CA GLU CB 35 -30.24 5.20 -58.20
C GLU CB 35 -28.97 5.37 -59.02
N GLN CB 36 -28.51 6.61 -59.14
CA GLN CB 36 -27.37 6.91 -60.01
C GLN CB 36 -26.09 6.35 -59.42
N TYR CB 37 -25.62 5.25 -60.00
CA TYR CB 37 -24.48 4.50 -59.50
C TYR CB 37 -23.26 4.89 -60.30
N ARG CB 38 -22.32 5.60 -59.66
CA ARG CB 38 -21.01 5.88 -60.24
C ARG CB 38 -19.95 5.40 -59.27
N ALA CB 39 -19.33 4.27 -59.59
CA ALA CB 39 -18.22 3.73 -58.82
C ALA CB 39 -16.92 4.15 -59.48
N GLY CB 40 -15.81 3.56 -59.03
CA GLY CB 40 -14.53 3.86 -59.62
C GLY CB 40 -14.36 3.24 -60.98
N GLY CB 41 -13.69 3.97 -61.87
CA GLY CB 41 -13.46 3.49 -63.22
C GLY CB 41 -14.53 3.84 -64.21
N MET CB 42 -15.32 4.89 -63.96
CA MET CB 42 -16.35 5.31 -64.88
C MET CB 42 -16.63 6.79 -64.66
N ASP CB 43 -16.92 7.50 -65.76
CA ASP CB 43 -17.19 8.92 -65.67
C ASP CB 43 -18.67 9.25 -65.50
N ALA CB 44 -19.55 8.42 -66.02
CA ALA CB 44 -20.96 8.74 -65.91
C ALA CB 44 -21.65 7.76 -64.97
N PRO CB 45 -22.73 8.18 -64.32
CA PRO CB 45 -23.50 7.23 -63.51
C PRO CB 45 -24.33 6.31 -64.38
N VAL CB 46 -24.48 5.07 -63.90
CA VAL CB 46 -25.34 4.08 -64.52
C VAL CB 46 -26.52 3.84 -63.57
N SER CB 47 -27.72 3.98 -64.08
CA SER CB 47 -28.90 3.75 -63.25
C SER CB 47 -29.15 2.26 -63.11
N ILE CB 48 -29.71 1.88 -61.97
CA ILE CB 48 -29.86 0.47 -61.57
C ILE CB 48 -31.25 0.26 -60.97
N ASP CB 49 -31.78 -0.94 -61.18
CA ASP CB 49 -33.08 -1.33 -60.64
C ASP CB 49 -33.02 -1.45 -59.14
N MET CB 50 -34.05 -0.91 -58.47
CA MET CB 50 -34.30 -1.10 -57.05
C MET CB 50 -35.76 -1.43 -56.82
N GLY CB 51 -36.34 -2.22 -57.71
CA GLY CB 51 -37.77 -2.43 -57.69
C GLY CB 51 -38.50 -1.24 -58.26
N LEU CB 52 -39.82 -1.25 -58.12
CA LEU CB 52 -40.65 -0.20 -58.65
C LEU CB 52 -40.96 0.84 -57.58
N GLU CB 53 -41.59 1.93 -58.01
CA GLU CB 53 -42.04 2.97 -57.11
C GLU CB 53 -43.43 2.62 -56.59
N ALA CB 54 -44.02 3.53 -55.82
CA ALA CB 54 -45.38 3.34 -55.33
C ALA CB 54 -46.37 3.72 -56.43
N MET CB 55 -47.20 2.76 -56.84
CA MET CB 55 -48.17 3.01 -57.88
C MET CB 55 -49.32 3.86 -57.35
N GLU CB 56 -49.87 4.71 -58.22
CA GLU CB 56 -50.80 5.72 -57.77
C GLU CB 56 -51.78 6.03 -58.89
N ALA CB 57 -53.06 5.81 -58.66
CA ALA CB 57 -54.09 5.89 -59.70
C ALA CB 57 -55.11 6.94 -59.36
N LYS CB 58 -55.12 8.03 -60.13
CA LYS CB 58 -56.18 9.02 -60.02
C LYS CB 58 -57.35 8.64 -60.92
N PHE CB 59 -58.56 8.92 -60.44
CA PHE CB 59 -59.71 9.02 -61.33
C PHE CB 59 -60.64 10.07 -60.74
N SER CB 60 -61.63 10.47 -61.54
CA SER CB 60 -62.45 11.62 -61.18
C SER CB 60 -63.90 11.37 -61.55
N THR CB 61 -64.80 11.98 -60.79
CA THR CB 61 -66.22 11.89 -61.07
C THR CB 61 -66.84 13.24 -60.75
N ASN CB 62 -67.69 13.74 -61.63
CA ASN CB 62 -68.33 15.04 -61.44
C ASN CB 62 -69.71 14.93 -60.79
N GLY CB 63 -69.97 13.82 -60.11
CA GLY CB 63 -71.21 13.67 -59.36
C GLY CB 63 -71.02 12.69 -58.21
N ALA CB 64 -71.87 12.86 -57.19
CA ALA CB 64 -71.87 11.95 -56.05
C ALA CB 64 -72.55 10.67 -56.46
N ARG CB 65 -71.78 9.58 -56.53
CA ARG CB 65 -72.32 8.34 -57.06
C ARG CB 65 -72.64 7.30 -56.00
N ARG CB 66 -71.93 7.33 -54.86
CA ARG CB 66 -72.02 6.46 -53.69
C ARG CB 66 -71.44 5.07 -53.98
N GLU CB 67 -71.12 4.76 -55.25
CA GLU CB 67 -70.40 3.53 -55.52
C GLU CB 67 -68.89 3.74 -55.50
N ALA CB 68 -68.43 4.97 -55.73
CA ALA CB 68 -67.03 5.31 -55.58
C ALA CB 68 -66.70 5.89 -54.22
N LEU CB 69 -67.70 6.36 -53.48
CA LEU CB 69 -67.48 6.95 -52.17
C LEU CB 69 -67.42 5.92 -51.06
N ASN CB 70 -68.12 4.79 -51.22
CA ASN CB 70 -68.20 3.81 -50.14
C ASN CB 70 -67.00 2.90 -50.04
N PHE CB 71 -65.94 3.14 -50.80
CA PHE CB 71 -64.74 2.33 -50.74
C PHE CB 71 -63.56 3.10 -50.17
N PHE CB 72 -63.83 4.25 -49.56
CA PHE CB 72 -62.78 5.07 -48.99
C PHE CB 72 -62.48 4.64 -47.57
N GLY CB 73 -61.20 4.38 -47.29
CA GLY CB 73 -60.71 4.31 -45.93
C GLY CB 73 -61.22 3.16 -45.10
N LEU CB 74 -61.84 2.16 -45.72
CA LEU CB 74 -62.32 1.02 -44.98
C LEU CB 74 -61.15 0.10 -44.63
N ALA CB 75 -61.36 -0.71 -43.59
CA ALA CB 75 -60.27 -1.44 -42.95
C ALA CB 75 -59.65 -2.51 -43.85
N ASP CB 76 -60.41 -3.04 -44.80
CA ASP CB 76 -59.86 -4.01 -45.74
C ASP CB 76 -59.10 -3.24 -46.81
N GLN CB 77 -57.78 -3.20 -46.69
CA GLN CB 77 -56.97 -2.66 -47.77
C GLN CB 77 -57.03 -3.62 -48.96
N SER CB 78 -56.86 -3.05 -50.15
CA SER CB 78 -57.05 -3.73 -51.45
C SER CB 78 -58.43 -4.38 -51.54
N ALA CB 79 -59.45 -3.60 -51.19
CA ALA CB 79 -60.84 -3.98 -51.42
C ALA CB 79 -61.45 -3.29 -52.63
N PHE CB 80 -60.96 -2.11 -52.97
CA PHE CB 80 -61.31 -1.45 -54.23
C PHE CB 80 -60.71 -2.27 -55.37
N ASN CB 81 -61.55 -3.04 -56.07
CA ASN CB 81 -61.03 -3.92 -57.11
C ASN CB 81 -60.75 -3.16 -58.40
N GLY CB 82 -61.77 -2.59 -59.04
CA GLY CB 82 -61.56 -1.62 -60.11
C GLY CB 82 -61.09 -2.12 -61.47
N VAL CB 83 -61.59 -1.53 -62.54
CA VAL CB 83 -61.13 -1.82 -63.91
C VAL CB 83 -61.07 -0.51 -64.69
N PHE CB 84 -59.88 -0.14 -65.16
CA PHE CB 84 -59.72 0.98 -66.08
C PHE CB 84 -59.75 0.45 -67.51
N ARG CB 85 -60.65 0.97 -68.33
CA ARG CB 85 -60.76 0.58 -69.72
C ARG CB 85 -60.53 1.77 -70.63
N GLY CB 86 -59.97 1.50 -71.81
CA GLY CB 86 -59.74 2.52 -72.80
C GLY CB 86 -59.64 1.93 -74.18
N SER CB 87 -60.39 2.47 -75.14
CA SER CB 87 -60.42 1.97 -76.50
C SER CB 87 -59.58 2.89 -77.38
N PHE CB 88 -58.49 2.36 -77.94
CA PHE CB 88 -57.61 3.12 -78.81
C PHE CB 88 -58.00 2.82 -80.24
N LYS CB 89 -58.48 3.83 -80.97
CA LYS CB 89 -59.15 3.57 -82.24
C LYS CB 89 -58.16 3.30 -83.36
N GLY CB 90 -57.33 4.27 -83.70
CA GLY CB 90 -56.47 4.14 -84.85
C GLY CB 90 -57.11 4.67 -86.12
N GLN CB 91 -56.30 4.81 -87.16
CA GLN CB 91 -56.77 5.45 -88.38
C GLN CB 91 -57.61 4.50 -89.23
N LYS CB 92 -57.25 3.22 -89.27
CA LYS CB 92 -57.81 2.30 -90.25
C LYS CB 92 -58.99 1.51 -89.71
N GLY CB 93 -59.83 2.11 -88.87
CA GLY CB 93 -61.03 1.42 -88.45
C GLY CB 93 -60.97 0.79 -87.08
N ALA CB 94 -60.69 -0.52 -87.05
CA ALA CB 94 -60.85 -1.33 -85.85
C ALA CB 94 -59.94 -0.88 -84.71
N SER CB 95 -60.46 -0.98 -83.49
CA SER CB 95 -59.82 -0.43 -82.31
C SER CB 95 -59.03 -1.49 -81.56
N VAL CB 96 -58.27 -1.03 -80.58
CA VAL CB 96 -57.46 -1.88 -79.71
C VAL CB 96 -57.84 -1.60 -78.27
N PRO CB 97 -58.42 -2.57 -77.55
CA PRO CB 97 -58.82 -2.31 -76.17
C PRO CB 97 -57.63 -2.37 -75.21
N VAL CB 98 -57.62 -1.45 -74.27
CA VAL CB 98 -56.58 -1.39 -73.24
C VAL CB 98 -57.29 -1.53 -71.90
N VAL CB 99 -57.14 -2.67 -71.26
CA VAL CB 99 -57.84 -3.00 -70.03
C VAL CB 99 -56.83 -3.14 -68.92
N ALA CB 100 -57.03 -2.42 -67.82
CA ALA CB 100 -56.20 -2.49 -66.64
C ALA CB 100 -57.07 -2.68 -65.41
N THR CB 101 -56.74 -3.68 -64.60
CA THR CB 101 -57.40 -3.90 -63.32
C THR CB 101 -56.46 -3.51 -62.19
N LEU CB 102 -56.99 -2.83 -61.17
CA LEU CB 102 -56.16 -2.09 -60.23
C LEU CB 102 -56.67 -2.27 -58.80
N ARG CB 103 -56.21 -3.32 -58.14
CA ARG CB 103 -56.73 -3.70 -56.83
C ARG CB 103 -55.87 -3.05 -55.75
N GLY CB 104 -56.39 -1.97 -55.16
CA GLY CB 104 -55.68 -1.26 -54.11
C GLY CB 104 -56.66 -0.61 -53.14
N LEU CB 105 -56.13 0.22 -52.26
CA LEU CB 105 -56.99 0.99 -51.38
C LEU CB 105 -57.30 2.34 -51.99
N LEU CB 106 -58.45 2.91 -51.62
CA LEU CB 106 -58.83 4.24 -52.09
C LEU CB 106 -58.18 5.26 -51.16
N LYS CB 107 -57.20 6.00 -51.69
CA LYS CB 107 -56.36 6.83 -50.84
C LYS CB 107 -57.07 8.11 -50.41
N GLU CB 108 -57.57 8.89 -51.36
CA GLU CB 108 -58.18 10.15 -50.95
C GLU CB 108 -59.40 10.41 -51.81
N VAL CB 109 -60.32 11.22 -51.25
CA VAL CB 109 -61.46 11.76 -51.97
C VAL CB 109 -61.39 13.27 -51.81
N ASP CB 110 -61.18 13.98 -52.92
CA ASP CB 110 -61.02 15.43 -52.90
C ASP CB 110 -62.12 16.11 -53.71
N PRO CB 111 -63.26 16.41 -53.09
CA PRO CB 111 -64.22 17.32 -53.74
C PRO CB 111 -63.67 18.73 -53.76
N GLY CB 112 -63.61 19.32 -54.95
CA GLY CB 112 -63.00 20.63 -55.12
C GLY CB 112 -63.90 21.76 -54.64
N ASP CB 113 -63.69 22.93 -55.24
CA ASP CB 113 -64.50 24.08 -54.89
C ASP CB 113 -65.89 23.95 -55.52
N TRP CB 114 -66.91 24.06 -54.68
CA TRP CB 114 -68.30 24.06 -55.14
C TRP CB 114 -68.69 25.52 -55.36
N LYS CB 115 -68.65 25.96 -56.61
CA LYS CB 115 -68.78 27.38 -56.91
C LYS CB 115 -70.11 27.74 -57.56
N ALA CB 116 -71.11 26.85 -57.45
CA ALA CB 116 -72.52 27.12 -57.77
C ALA CB 116 -72.72 27.55 -59.23
N GLY CB 117 -72.43 26.61 -60.13
CA GLY CB 117 -72.58 26.88 -61.55
C GLY CB 117 -71.47 26.26 -62.36
N GLU CB 118 -70.60 25.51 -61.71
CA GLU CB 118 -69.50 24.79 -62.34
C GLU CB 118 -69.64 23.30 -62.04
N LYS CB 119 -68.65 22.53 -62.50
CA LYS CB 119 -68.69 21.10 -62.32
C LYS CB 119 -68.16 20.71 -60.94
N ALA CB 120 -68.65 19.57 -60.44
CA ALA CB 120 -68.33 19.14 -59.09
C ALA CB 120 -66.89 18.66 -58.98
N GLU CB 121 -66.52 17.67 -59.81
CA GLU CB 121 -65.16 17.17 -59.99
C GLU CB 121 -64.59 16.59 -58.69
N PHE CB 122 -65.17 15.47 -58.28
CA PHE CB 122 -64.66 14.75 -57.12
C PHE CB 122 -63.38 14.02 -57.51
N LYS CB 123 -62.24 14.50 -57.04
CA LYS CB 123 -60.99 13.78 -57.26
C LYS CB 123 -60.94 12.54 -56.42
N TYR CB 124 -60.43 11.45 -56.98
CA TYR CB 124 -60.16 10.23 -56.26
C TYR CB 124 -58.71 9.83 -56.49
N ALA CB 125 -58.19 8.98 -55.60
CA ALA CB 125 -56.84 8.47 -55.74
C ALA CB 125 -56.78 7.08 -55.15
N VAL CB 126 -56.15 6.16 -55.88
CA VAL CB 126 -56.10 4.76 -55.49
C VAL CB 126 -54.64 4.39 -55.28
N ALA CB 127 -54.34 3.82 -54.11
CA ALA CB 127 -53.01 3.34 -53.80
C ALA CB 127 -52.93 1.90 -54.27
N VAL CB 128 -52.38 1.70 -55.47
CA VAL CB 128 -52.51 0.43 -56.18
C VAL CB 128 -51.60 -0.62 -55.57
N SER CB 129 -52.20 -1.75 -55.17
CA SER CB 129 -51.41 -2.92 -54.76
C SER CB 129 -51.21 -3.87 -55.93
N TYR CB 130 -52.30 -4.35 -56.52
CA TYR CB 130 -52.24 -5.21 -57.69
C TYR CB 130 -52.55 -4.41 -58.95
N TYR CB 131 -51.74 -4.62 -59.99
CA TYR CB 131 -51.91 -3.91 -61.25
C TYR CB 131 -51.62 -4.86 -62.40
N LYS CB 132 -52.48 -4.86 -63.42
CA LYS CB 132 -52.35 -5.77 -64.55
C LYS CB 132 -52.82 -5.06 -65.80
N LEU CB 133 -51.89 -4.65 -66.66
CA LEU CB 133 -52.21 -3.93 -67.88
C LEU CB 133 -52.31 -4.91 -69.04
N GLU CB 134 -53.40 -4.83 -69.79
CA GLU CB 134 -53.61 -5.65 -70.98
C GLU CB 134 -53.81 -4.74 -72.19
N VAL CB 135 -53.16 -5.08 -73.29
CA VAL CB 135 -53.32 -4.37 -74.56
C VAL CB 135 -53.69 -5.39 -75.62
N ASP CB 136 -54.81 -5.13 -76.31
CA ASP CB 136 -55.35 -5.99 -77.37
C ASP CB 136 -55.65 -7.39 -76.84
N GLY CB 137 -56.23 -7.45 -75.65
CA GLY CB 137 -56.68 -8.71 -75.08
C GLY CB 137 -55.60 -9.61 -74.53
N ARG CB 138 -54.33 -9.20 -74.60
CA ARG CB 138 -53.23 -10.03 -74.10
C ARG CB 138 -52.43 -9.24 -73.09
N GLU CB 139 -51.75 -9.98 -72.21
CA GLU CB 139 -51.14 -9.41 -71.02
C GLU CB 139 -49.87 -8.64 -71.36
N VAL CB 140 -49.73 -7.46 -70.77
CA VAL CB 140 -48.52 -6.67 -70.85
C VAL CB 140 -47.78 -6.66 -69.52
N TYR CB 141 -48.46 -6.25 -68.46
CA TYR CB 141 -47.89 -6.08 -67.14
C TYR CB 141 -48.67 -6.89 -66.13
N GLU CB 142 -48.00 -7.27 -65.05
CA GLU CB 142 -48.68 -7.81 -63.87
C GLU CB 142 -47.83 -7.45 -62.67
N ILE CB 143 -48.28 -6.50 -61.88
CA ILE CB 143 -47.49 -5.95 -60.79
C ILE CB 143 -48.21 -6.29 -59.49
N ASP CB 144 -47.63 -7.17 -58.70
CA ASP CB 144 -48.08 -7.42 -57.34
C ASP CB 144 -46.83 -7.59 -56.49
N PRO CB 145 -46.52 -6.65 -55.61
CA PRO CB 145 -45.35 -6.84 -54.74
C PRO CB 145 -45.55 -7.92 -53.70
N VAL CB 146 -46.77 -8.11 -53.22
CA VAL CB 146 -47.09 -9.29 -52.42
C VAL CB 146 -46.92 -10.52 -53.29
N ASN CB 147 -45.98 -11.39 -52.90
CA ASN CB 147 -45.37 -12.55 -53.56
C ASN CB 147 -44.40 -12.15 -54.67
N GLY CB 148 -44.30 -10.87 -55.03
CA GLY CB 148 -43.28 -10.38 -55.95
C GLY CB 148 -43.33 -10.96 -57.35
N VAL CB 149 -44.38 -10.62 -58.11
CA VAL CB 149 -44.66 -11.33 -59.36
C VAL CB 149 -44.66 -10.32 -60.51
N ARG CB 150 -43.75 -9.34 -60.46
CA ARG CB 150 -43.57 -8.36 -61.54
C ARG CB 150 -43.25 -9.04 -62.86
N ALA CB 151 -44.22 -9.01 -63.78
CA ALA CB 151 -44.18 -9.81 -64.99
C ALA CB 151 -44.35 -8.90 -66.19
N ILE CB 152 -43.45 -9.03 -67.16
CA ILE CB 152 -43.50 -8.27 -68.40
C ILE CB 152 -43.77 -9.26 -69.52
N ASN CB 153 -44.78 -8.96 -70.35
CA ASN CB 153 -45.38 -9.74 -71.45
C ASN CB 153 -45.40 -11.25 -71.24
N GLY CB 154 -45.80 -11.70 -70.05
CA GLY CB 154 -45.90 -13.12 -69.79
C GLY CB 154 -44.80 -13.70 -68.93
N VAL CB 155 -43.55 -13.31 -69.16
CA VAL CB 155 -42.46 -13.87 -68.37
C VAL CB 155 -42.28 -13.05 -67.10
N ASP CB 156 -41.85 -13.71 -66.05
CA ASP CB 156 -41.76 -13.13 -64.72
C ASP CB 156 -40.33 -12.68 -64.47
N GLN CB 157 -40.15 -11.39 -64.22
CA GLN CB 157 -38.80 -10.83 -64.13
C GLN CB 157 -38.20 -11.03 -62.75
N LEU CB 158 -39.04 -11.32 -61.75
CA LEU CB 158 -38.53 -11.52 -60.40
C LEU CB 158 -38.40 -13.01 -60.09
N ALA CB 159 -38.33 -13.85 -61.11
CA ALA CB 159 -38.19 -15.29 -60.90
C ALA CB 159 -36.79 -15.62 -60.41
N GLY CB 160 -35.82 -14.76 -60.73
CA GLY CB 160 -34.47 -14.97 -60.26
C GLY CB 160 -34.31 -14.70 -58.77
N MET CB 161 -34.89 -13.61 -58.29
CA MET CB 161 -34.69 -13.23 -56.89
C MET CB 161 -35.50 -14.11 -55.94
N ARG CB 162 -36.62 -14.67 -56.41
CA ARG CB 162 -37.42 -15.51 -55.52
C ARG CB 162 -36.74 -16.84 -55.24
N ASN CB 163 -35.90 -17.30 -56.16
CA ASN CB 163 -35.05 -18.44 -55.87
C ASN CB 163 -33.88 -18.03 -54.98
N ASP CB 164 -33.52 -16.75 -55.00
CA ASP CB 164 -32.41 -16.27 -54.18
C ASP CB 164 -32.86 -15.99 -52.77
N LEU CB 165 -34.10 -15.54 -52.60
CA LEU CB 165 -34.58 -15.18 -51.28
C LEU CB 165 -35.34 -16.32 -50.63
N GLY CB 166 -35.38 -17.48 -51.28
CA GLY CB 166 -36.08 -18.63 -50.76
C GLY CB 166 -37.60 -18.52 -50.80
N LEU CB 167 -38.14 -17.57 -51.54
CA LEU CB 167 -39.59 -17.41 -51.64
C LEU CB 167 -40.21 -18.48 -52.51
N MET DB 1 83.89 -8.79 3.79
CA MET DB 1 83.11 -8.66 5.01
C MET DB 1 82.63 -7.22 5.21
N ILE DB 2 81.56 -6.86 4.51
CA ILE DB 2 80.95 -5.55 4.64
C ILE DB 2 79.51 -5.72 5.09
N ILE DB 3 78.98 -4.68 5.74
CA ILE DB 3 77.62 -4.70 6.26
C ILE DB 3 76.69 -4.04 5.25
N ASP DB 4 75.49 -4.59 5.10
CA ASP DB 4 74.52 -4.01 4.18
C ASP DB 4 73.96 -2.71 4.72
N LEU DB 5 73.57 -1.82 3.80
CA LEU DB 5 73.05 -0.51 4.16
C LEU DB 5 71.57 -0.55 4.54
N SER DB 6 70.87 -1.65 4.24
CA SER DB 6 69.45 -1.77 4.51
C SER DB 6 69.15 -2.17 5.95
N GLN DB 7 70.16 -2.43 6.76
CA GLN DB 7 69.97 -2.76 8.16
C GLN DB 7 70.45 -1.64 9.09
N LEU DB 8 70.82 -0.50 8.54
CA LEU DB 8 71.25 0.63 9.35
C LEU DB 8 70.04 1.30 10.00
N PRO DB 9 70.21 1.85 11.20
CA PRO DB 9 69.15 2.66 11.80
C PRO DB 9 69.03 4.00 11.09
N GLU DB 10 67.86 4.61 11.23
CA GLU DB 10 67.62 5.90 10.60
C GLU DB 10 68.35 7.00 11.35
N PRO DB 11 68.91 7.98 10.66
CA PRO DB 11 69.72 9.01 11.34
C PRO DB 11 68.90 10.07 12.04
N GLU DB 12 69.59 11.07 12.59
CA GLU DB 12 68.97 12.12 13.40
C GLU DB 12 68.49 13.30 12.56
N VAL DB 13 69.28 13.70 11.56
CA VAL DB 13 69.00 14.96 10.86
C VAL DB 13 67.87 14.85 9.84
N ILE DB 14 67.59 13.65 9.32
CA ILE DB 14 66.50 13.49 8.38
C ILE DB 14 65.18 13.51 9.13
N GLU DB 15 64.29 14.42 8.72
CA GLU DB 15 62.99 14.59 9.34
C GLU DB 15 61.87 14.42 8.33
N ASN DB 16 60.81 13.72 8.73
CA ASN DB 16 59.54 13.87 8.05
C ASN DB 16 59.02 15.29 8.27
N LEU DB 17 58.46 15.87 7.22
CA LEU DB 17 57.93 17.22 7.28
C LEU DB 17 56.41 17.18 7.26
N ASP DB 18 55.82 18.30 7.64
CA ASP DB 18 54.38 18.53 7.51
C ASP DB 18 54.20 20.00 7.18
N PHE DB 19 53.31 20.28 6.23
CA PHE DB 19 52.97 21.68 6.00
C PHE DB 19 52.14 22.22 7.16
N GLU DB 20 51.31 21.39 7.78
CA GLU DB 20 50.43 21.87 8.83
C GLU DB 20 51.20 22.18 10.11
N THR DB 21 52.11 21.30 10.51
CA THR DB 21 52.86 21.53 11.74
C THR DB 21 53.92 22.62 11.61
N ILE DB 22 54.12 23.17 10.42
CA ILE DB 22 54.83 24.43 10.27
C ILE DB 22 53.86 25.59 10.25
N TYR DB 23 52.73 25.42 9.56
CA TYR DB 23 51.76 26.50 9.40
C TYR DB 23 50.92 26.71 10.65
N GLN DB 24 50.58 25.64 11.38
CA GLN DB 24 49.87 25.83 12.64
C GLN DB 24 50.77 26.39 13.72
N GLU DB 25 52.09 26.22 13.59
CA GLU DB 25 52.99 26.95 14.48
C GLU DB 25 53.02 28.43 14.12
N LEU DB 26 53.03 28.75 12.82
CA LEU DB 26 53.04 30.15 12.41
C LEU DB 26 51.72 30.85 12.74
N LEU DB 27 50.62 30.11 12.80
CA LEU DB 27 49.41 30.67 13.39
C LEU DB 27 49.58 30.85 14.89
N GLY DB 28 50.10 29.83 15.57
CA GLY DB 28 50.35 29.85 16.99
C GLY DB 28 51.57 30.62 17.44
N ASP DB 29 52.26 31.28 16.51
CA ASP DB 29 53.28 32.27 16.86
C ASP DB 29 52.85 33.69 16.53
N PHE DB 30 51.90 33.87 15.63
CA PHE DB 30 51.44 35.18 15.21
C PHE DB 30 50.18 35.64 15.92
N ARG DB 31 49.29 34.70 16.28
CA ARG DB 31 48.04 35.07 16.94
C ARG DB 31 48.28 35.58 18.35
N GLU DB 32 49.23 34.95 19.06
CA GLU DB 32 49.62 35.44 20.37
C GLU DB 32 50.47 36.70 20.27
N ALA DB 33 51.15 36.92 19.15
CA ALA DB 33 51.97 38.10 18.98
C ALA DB 33 51.14 39.34 18.65
N MET DB 34 49.91 39.17 18.20
CA MET DB 34 49.04 40.31 17.92
C MET DB 34 48.26 40.77 19.14
N ALA DB 35 48.17 39.93 20.17
CA ALA DB 35 47.46 40.21 21.43
C ALA DB 35 45.99 40.54 21.18
N GLY DB 36 45.36 39.81 20.26
CA GLY DB 36 43.97 40.00 19.96
C GLY DB 36 43.64 41.14 19.03
N GLU DB 37 44.64 41.82 18.49
CA GLU DB 37 44.38 42.92 17.56
C GLU DB 37 44.05 42.41 16.17
N TRP DB 38 44.58 41.24 15.79
CA TRP DB 38 44.24 40.54 14.56
C TRP DB 38 43.47 39.29 14.93
N THR DB 39 42.25 39.14 14.41
CA THR DB 39 41.45 37.96 14.75
C THR DB 39 40.67 37.40 13.56
N ALA DB 40 41.07 37.70 12.34
CA ALA DB 40 40.38 37.22 11.14
C ALA DB 40 41.20 36.08 10.54
N GLU DB 41 40.93 34.85 10.98
CA GLU DB 41 41.61 33.67 10.45
C GLU DB 41 40.98 33.15 9.17
N VAL DB 42 40.13 33.94 8.50
CA VAL DB 42 39.65 33.60 7.17
C VAL DB 42 40.81 33.67 6.20
N GLU DB 43 40.84 32.75 5.23
CA GLU DB 43 41.96 32.62 4.29
C GLU DB 43 42.12 33.85 3.41
N SER DB 44 41.04 34.60 3.17
CA SER DB 44 41.08 35.80 2.35
C SER DB 44 41.86 36.95 3.00
N ASP DB 45 42.18 36.86 4.28
CA ASP DB 45 43.03 37.84 4.94
C ASP DB 45 44.44 37.73 4.38
N PRO DB 46 45.05 38.83 3.91
CA PRO DB 46 46.36 38.75 3.26
C PRO DB 46 47.54 38.44 4.16
N VAL DB 47 47.35 38.16 5.45
CA VAL DB 47 48.41 37.50 6.21
C VAL DB 47 48.44 36.01 5.93
N LEU DB 48 47.29 35.40 5.63
CA LEU DB 48 47.29 33.98 5.34
C LEU DB 48 47.70 33.66 3.92
N LYS DB 49 47.81 34.68 3.05
CA LYS DB 49 48.60 34.50 1.84
C LYS DB 49 50.07 34.32 2.17
N LEU DB 50 50.55 35.09 3.15
CA LEU DB 50 51.96 35.18 3.47
C LEU DB 50 52.41 34.12 4.47
N LEU DB 51 51.55 33.74 5.41
CA LEU DB 51 51.88 32.64 6.30
C LEU DB 51 51.83 31.29 5.60
N GLN DB 52 51.17 31.20 4.45
CA GLN DB 52 51.27 30.05 3.59
C GLN DB 52 52.43 30.17 2.59
N LEU DB 53 53.19 31.26 2.65
CA LEU DB 53 54.49 31.31 2.00
C LEU DB 53 55.61 31.02 2.99
N ALA DB 54 55.53 31.59 4.19
CA ALA DB 54 56.52 31.34 5.22
C ALA DB 54 56.45 29.94 5.79
N ALA DB 55 55.39 29.19 5.52
CA ALA DB 55 55.33 27.77 5.84
C ALA DB 55 55.59 26.89 4.65
N TYR DB 56 55.54 27.44 3.43
CA TYR DB 56 55.85 26.69 2.22
C TYR DB 56 57.30 26.86 1.80
N ARG DB 57 57.81 28.10 1.86
CA ARG DB 57 59.22 28.31 1.55
C ARG DB 57 60.13 27.82 2.67
N GLU DB 58 59.64 27.76 3.90
CA GLU DB 58 60.43 27.14 4.97
C GLU DB 58 60.49 25.63 4.78
N LEU DB 59 59.38 25.03 4.36
CA LEU DB 59 59.35 23.60 4.07
C LEU DB 59 60.25 23.22 2.91
N LEU DB 60 60.48 24.16 1.99
CA LEU DB 60 61.51 23.93 0.99
C LEU DB 60 62.90 24.02 1.58
N LEU DB 61 63.15 24.97 2.49
CA LEU DB 61 64.45 25.03 3.14
C LEU DB 61 64.65 23.92 4.16
N ARG DB 62 63.57 23.42 4.76
CA ARG DB 62 63.70 22.23 5.60
C ARG DB 62 63.99 20.99 4.76
N ALA DB 63 63.54 20.98 3.51
CA ALA DB 63 63.79 19.84 2.63
C ALA DB 63 65.16 19.91 1.98
N ARG DB 64 65.68 21.12 1.75
CA ARG DB 64 67.04 21.25 1.20
C ARG DB 64 68.08 20.76 2.19
N ILE DB 65 67.83 20.97 3.48
CA ILE DB 65 68.73 20.46 4.51
C ILE DB 65 68.63 18.94 4.58
N ASN DB 66 67.43 18.39 4.41
CA ASN DB 66 67.30 16.94 4.31
C ASN DB 66 67.86 16.40 3.00
N ASP DB 67 67.81 17.20 1.93
CA ASP DB 67 68.44 16.78 0.68
C ASP DB 67 69.95 16.83 0.78
N ALA DB 68 70.50 17.80 1.51
CA ALA DB 68 71.95 17.88 1.65
C ALA DB 68 72.48 16.90 2.68
N ALA DB 69 71.66 16.52 3.67
CA ALA DB 69 72.09 15.53 4.65
C ALA DB 69 72.10 14.13 4.07
N ARG DB 70 71.24 13.84 3.09
CA ARG DB 70 71.32 12.56 2.42
C ARG DB 70 72.50 12.50 1.47
N ALA DB 71 72.91 13.65 0.94
CA ALA DB 71 73.99 13.71 -0.05
C ALA DB 71 75.36 13.51 0.57
N VAL DB 72 75.48 13.59 1.90
CA VAL DB 72 76.74 13.36 2.59
C VAL DB 72 76.74 12.05 3.37
N MET DB 73 75.72 11.22 3.18
CA MET DB 73 75.66 9.90 3.77
C MET DB 73 75.70 8.85 2.67
N LEU DB 74 76.45 7.78 2.92
CA LEU DB 74 76.67 6.78 1.89
C LEU DB 74 75.42 5.94 1.65
N ALA DB 75 74.59 5.76 2.66
CA ALA DB 75 73.39 4.94 2.53
C ALA DB 75 72.22 5.68 1.89
N TYR DB 76 72.38 6.96 1.55
CA TYR DB 76 71.28 7.70 0.96
C TYR DB 76 71.64 8.58 -0.22
N ALA DB 77 72.92 8.82 -0.51
CA ALA DB 77 73.29 9.71 -1.60
C ALA DB 77 73.13 9.02 -2.94
N SER DB 78 72.84 9.82 -3.97
CA SER DB 78 72.67 9.32 -5.31
C SER DB 78 72.97 10.42 -6.30
N GLY DB 79 73.07 10.05 -7.58
CA GLY DB 79 73.31 11.03 -8.61
C GLY DB 79 74.76 11.46 -8.63
N ALA DB 80 74.99 12.77 -8.70
CA ALA DB 80 76.32 13.33 -8.65
C ALA DB 80 76.82 13.55 -7.22
N ASP DB 81 76.11 13.01 -6.23
CA ASP DB 81 76.51 13.13 -4.84
C ASP DB 81 77.32 11.95 -4.35
N LEU DB 82 77.16 10.77 -4.98
CA LEU DB 82 78.12 9.69 -4.79
C LEU DB 82 79.40 9.91 -5.57
N ASP DB 83 79.41 10.85 -6.51
CA ASP DB 83 80.65 11.23 -7.17
C ASP DB 83 81.58 11.93 -6.20
N GLN DB 84 81.03 12.71 -5.26
CA GLN DB 84 81.86 13.37 -4.27
C GLN DB 84 82.34 12.40 -3.20
N ILE DB 85 81.56 11.37 -2.89
CA ILE DB 85 82.05 10.30 -2.05
C ILE DB 85 83.04 9.43 -2.84
N GLY DB 86 82.80 9.29 -4.15
CA GLY DB 86 83.69 8.48 -4.96
C GLY DB 86 85.03 9.14 -5.22
N ALA DB 87 85.04 10.46 -5.36
CA ALA DB 87 86.28 11.17 -5.62
C ALA DB 87 87.19 11.20 -4.39
N GLY DB 88 86.62 11.06 -3.19
CA GLY DB 88 87.45 11.03 -2.00
C GLY DB 88 88.10 9.69 -1.75
N PHE DB 89 87.51 8.61 -2.26
CA PHE DB 89 88.01 7.27 -2.02
C PHE DB 89 88.65 6.66 -3.27
N ASN DB 90 88.94 7.50 -4.28
CA ASN DB 90 89.62 7.12 -5.52
C ASN DB 90 88.85 6.02 -6.26
N VAL DB 91 87.53 6.18 -6.30
CA VAL DB 91 86.63 5.26 -7.00
C VAL DB 91 85.88 6.04 -8.05
N GLN DB 92 85.93 5.56 -9.30
CA GLN DB 92 85.25 6.21 -10.40
C GLN DB 92 84.12 5.32 -10.91
N ARG DB 93 83.12 5.96 -11.50
CA ARG DB 93 81.96 5.24 -12.02
C ARG DB 93 82.32 4.60 -13.36
N LEU DB 94 81.86 3.37 -13.56
CA LEU DB 94 82.33 2.55 -14.67
C LEU DB 94 81.76 3.03 -16.01
N LEU DB 95 82.23 2.40 -17.08
CA LEU DB 95 81.75 2.61 -18.43
C LEU DB 95 81.50 1.24 -19.05
N ILE DB 96 80.24 0.83 -19.13
CA ILE DB 96 79.90 -0.46 -19.73
C ILE DB 96 80.09 -0.41 -21.24
N ARG DB 97 79.41 0.50 -21.88
CA ARG DB 97 79.60 0.82 -23.28
C ARG DB 97 80.25 2.20 -23.42
N PRO DB 98 81.14 2.40 -24.41
CA PRO DB 98 81.90 3.66 -24.47
C PRO DB 98 81.05 4.88 -24.82
N ALA DB 99 81.68 6.06 -24.76
CA ALA DB 99 80.95 7.31 -24.84
C ALA DB 99 80.69 7.75 -26.27
N GLN DB 100 81.67 7.58 -27.16
CA GLN DB 100 81.56 8.23 -28.46
C GLN DB 100 80.85 7.33 -29.45
N PRO DB 101 79.81 7.82 -30.13
CA PRO DB 101 79.18 7.05 -31.21
C PRO DB 101 79.83 7.34 -32.56
N GLU DB 102 79.65 6.40 -33.48
CA GLU DB 102 80.07 6.58 -34.86
C GLU DB 102 78.90 6.90 -35.79
N ALA DB 103 77.67 6.75 -35.32
CA ALA DB 103 76.48 6.97 -36.14
C ALA DB 103 75.84 8.31 -35.81
N VAL DB 104 74.74 8.59 -36.50
CA VAL DB 104 74.03 9.86 -36.36
C VAL DB 104 73.24 9.94 -35.05
N PRO DB 105 72.50 8.91 -34.58
CA PRO DB 105 71.97 8.99 -33.20
C PRO DB 105 73.09 8.88 -32.18
N PRO DB 106 73.17 9.82 -31.23
CA PRO DB 106 74.25 9.80 -30.23
C PRO DB 106 74.04 8.68 -29.22
N VAL DB 107 74.98 7.73 -29.19
CA VAL DB 107 74.96 6.68 -28.18
C VAL DB 107 75.31 7.28 -26.83
N GLU DB 108 74.42 7.07 -25.85
CA GLU DB 108 74.65 7.60 -24.52
C GLU DB 108 75.80 6.88 -23.83
N ALA DB 109 76.62 7.64 -23.11
CA ALA DB 109 77.75 7.10 -22.38
C ALA DB 109 77.22 6.30 -21.20
N GLN DB 110 77.14 4.98 -21.35
CA GLN DB 110 76.49 4.15 -20.35
C GLN DB 110 77.35 4.02 -19.10
N TYR DB 111 76.87 4.61 -18.02
CA TYR DB 111 77.50 4.50 -16.71
C TYR DB 111 76.76 3.44 -15.91
N GLU DB 112 77.43 2.89 -14.91
CA GLU DB 112 76.76 1.97 -14.00
C GLU DB 112 75.84 2.74 -13.07
N SER DB 113 74.83 2.05 -12.55
CA SER DB 113 73.84 2.68 -11.69
C SER DB 113 74.43 2.99 -10.32
N ASP DB 114 73.77 3.89 -9.59
CA ASP DB 114 74.26 4.29 -8.27
C ASP DB 114 74.07 3.21 -7.21
N LYS DB 115 73.28 2.17 -7.49
CA LYS DB 115 73.20 1.03 -6.61
C LYS DB 115 74.44 0.14 -6.68
N SER DB 116 75.26 0.31 -7.71
CA SER DB 116 76.53 -0.41 -7.82
C SER DB 116 77.72 0.43 -7.38
N LEU DB 117 77.57 1.75 -7.26
CA LEU DB 117 78.60 2.54 -6.60
C LEU DB 117 78.67 2.19 -5.11
N ARG DB 118 77.51 2.05 -4.47
CA ARG DB 118 77.45 1.65 -3.06
C ARG DB 118 78.07 0.27 -2.84
N ASN DB 119 78.08 -0.58 -3.86
CA ASN DB 119 78.91 -1.77 -3.84
C ASN DB 119 80.39 -1.39 -3.86
N ARG DB 120 80.78 -0.44 -4.72
CA ARG DB 120 82.19 -0.21 -4.98
C ARG DB 120 82.83 0.75 -3.97
N ILE DB 121 82.06 1.71 -3.44
CA ILE DB 121 82.61 2.57 -2.39
C ILE DB 121 82.85 1.76 -1.13
N GLN DB 122 81.97 0.78 -0.86
CA GLN DB 122 82.08 -0.01 0.36
C GLN DB 122 83.13 -1.11 0.23
N LEU DB 123 83.43 -1.55 -0.98
CA LEU DB 123 84.53 -2.48 -1.22
C LEU DB 123 85.84 -1.79 -1.52
N ALA DB 124 85.94 -0.48 -1.26
CA ALA DB 124 87.19 0.24 -1.46
C ALA DB 124 88.15 0.08 -0.29
N PHE DB 125 87.76 -0.65 0.74
CA PHE DB 125 88.62 -0.91 1.90
C PHE DB 125 89.23 -2.30 1.82
N GLU DB 126 88.39 -3.33 1.75
CA GLU DB 126 88.85 -4.70 1.57
C GLU DB 126 89.28 -4.85 0.12
N GLN DB 127 90.53 -4.47 -0.16
CA GLN DB 127 91.03 -4.33 -1.51
C GLN DB 127 92.53 -4.59 -1.47
N LEU DB 128 93.08 -5.10 -2.58
CA LEU DB 128 94.51 -5.34 -2.65
C LEU DB 128 95.26 -4.01 -2.69
N SER DB 129 95.99 -3.74 -1.61
CA SER DB 129 96.72 -2.50 -1.44
C SER DB 129 98.23 -2.71 -1.42
N VAL DB 130 98.71 -3.64 -0.60
CA VAL DB 130 100.14 -3.86 -0.40
C VAL DB 130 100.30 -5.29 0.09
N ALA DB 131 101.40 -5.94 -0.31
CA ALA DB 131 101.63 -7.34 0.04
C ALA DB 131 102.38 -7.44 1.37
N GLY DB 132 101.62 -7.21 2.45
CA GLY DB 132 102.15 -7.37 3.78
C GLY DB 132 102.24 -8.82 4.24
N PRO DB 133 101.11 -9.47 4.49
CA PRO DB 133 101.15 -10.84 5.02
C PRO DB 133 101.19 -11.91 3.95
N ARG DB 134 101.14 -13.18 4.39
CA ARG DB 134 101.22 -14.31 3.47
C ARG DB 134 100.02 -14.40 2.55
N ASN DB 135 98.88 -13.85 2.96
CA ASN DB 135 97.68 -13.87 2.14
C ASN DB 135 97.66 -12.75 1.11
N ALA DB 136 98.63 -11.84 1.15
CA ALA DB 136 98.70 -10.72 0.24
C ALA DB 136 99.88 -10.76 -0.71
N TYR DB 137 100.93 -11.54 -0.40
CA TYR DB 137 101.97 -11.76 -1.41
C TYR DB 137 101.46 -12.58 -2.58
N ILE DB 138 100.51 -13.48 -2.34
CA ILE DB 138 100.03 -14.36 -3.38
C ILE DB 138 98.95 -13.68 -4.22
N ALA DB 139 98.08 -12.90 -3.58
CA ALA DB 139 97.04 -12.20 -4.32
C ALA DB 139 97.61 -11.04 -5.13
N HIS DB 140 98.72 -10.46 -4.70
CA HIS DB 140 99.48 -9.53 -5.55
C HIS DB 140 100.37 -10.25 -6.55
N ALA DB 141 100.46 -11.58 -6.48
CA ALA DB 141 101.17 -12.38 -7.47
C ALA DB 141 100.22 -13.03 -8.46
N LEU DB 142 99.17 -12.32 -8.86
CA LEU DB 142 98.23 -12.79 -9.87
C LEU DB 142 98.31 -11.91 -11.12
N GLY DB 143 99.53 -11.56 -11.52
CA GLY DB 143 99.78 -10.85 -12.76
C GLY DB 143 99.83 -11.77 -13.95
N ALA DB 144 100.39 -12.96 -13.77
CA ALA DB 144 100.43 -13.96 -14.83
C ALA DB 144 99.10 -14.69 -14.92
N ASP DB 145 98.99 -15.63 -15.86
CA ASP DB 145 97.73 -16.31 -16.07
C ASP DB 145 97.83 -17.84 -16.03
N GLY DB 146 98.90 -18.41 -16.59
CA GLY DB 146 99.02 -19.86 -16.64
C GLY DB 146 99.61 -20.46 -15.38
N ARG DB 147 98.82 -20.49 -14.30
CA ARG DB 147 99.36 -20.73 -12.98
C ARG DB 147 98.24 -21.06 -12.01
N VAL DB 148 98.53 -21.92 -11.04
CA VAL DB 148 97.60 -22.29 -9.98
C VAL DB 148 98.16 -21.69 -8.69
N ALA DB 149 97.46 -21.87 -7.56
CA ALA DB 149 97.68 -21.12 -6.32
C ALA DB 149 99.08 -21.34 -5.73
N ASP DB 150 99.40 -20.51 -4.75
CA ASP DB 150 100.76 -20.32 -4.30
C ASP DB 150 100.74 -19.93 -2.82
N ALA DB 151 101.91 -20.05 -2.17
CA ALA DB 151 102.10 -19.69 -0.77
C ALA DB 151 103.46 -19.04 -0.61
N SER DB 152 103.67 -18.38 0.53
CA SER DB 152 104.88 -17.61 0.76
C SER DB 152 105.57 -18.06 2.05
N ALA DB 153 106.87 -17.73 2.14
CA ALA DB 153 107.68 -18.04 3.30
C ALA DB 153 108.71 -16.94 3.49
N THR DB 154 109.41 -17.01 4.62
CA THR DB 154 110.53 -16.11 4.91
C THR DB 154 111.51 -16.83 5.83
N SER DB 155 112.69 -17.13 5.31
CA SER DB 155 113.63 -17.90 6.13
C SER DB 155 114.36 -17.01 7.15
N PRO DB 156 114.83 -15.77 6.81
CA PRO DB 156 115.21 -14.86 7.91
C PRO DB 156 114.08 -13.91 8.27
N ALA DB 157 114.16 -13.33 9.47
CA ALA DB 157 113.23 -12.24 9.82
C ALA DB 157 113.53 -10.94 9.08
N PRO DB 158 114.72 -10.31 9.18
CA PRO DB 158 114.79 -8.87 8.84
C PRO DB 158 114.73 -8.54 7.35
N CYS DB 159 115.20 -9.41 6.46
CA CYS DB 159 115.38 -8.98 5.08
C CYS DB 159 114.51 -9.72 4.07
N GLU DB 160 114.60 -11.04 4.02
CA GLU DB 160 114.20 -11.80 2.84
C GLU DB 160 112.81 -12.41 3.00
N VAL DB 161 112.05 -12.40 1.91
CA VAL DB 161 110.76 -13.09 1.80
C VAL DB 161 110.81 -14.00 0.58
N LEU DB 162 110.24 -15.19 0.71
CA LEU DB 162 110.34 -16.22 -0.32
C LEU DB 162 108.96 -16.52 -0.87
N ILE DB 163 108.84 -16.51 -2.20
CA ILE DB 163 107.62 -16.88 -2.91
C ILE DB 163 107.98 -17.94 -3.94
N SER DB 164 107.39 -19.12 -3.81
CA SER DB 164 107.73 -20.28 -4.64
C SER DB 164 106.63 -20.47 -5.68
N VAL DB 165 106.80 -19.81 -6.82
CA VAL DB 165 105.80 -19.80 -7.88
C VAL DB 165 105.85 -21.11 -8.66
N LEU DB 166 104.72 -21.81 -8.74
CA LEU DB 166 104.58 -22.95 -9.64
C LEU DB 166 103.38 -22.71 -10.55
N GLY DB 167 103.58 -22.93 -11.85
CA GLY DB 167 102.53 -22.71 -12.82
C GLY DB 167 102.23 -23.93 -13.65
N VAL DB 168 100.96 -24.29 -13.77
CA VAL DB 168 100.55 -25.53 -14.42
C VAL DB 168 100.37 -25.22 -15.91
N GLU DB 169 101.44 -25.45 -16.67
CA GLU DB 169 101.40 -25.45 -18.13
C GLU DB 169 101.71 -26.83 -18.68
N GLY DB 170 102.86 -27.37 -18.31
CA GLY DB 170 103.21 -28.74 -18.63
C GLY DB 170 103.28 -29.60 -17.38
N ASN DB 171 104.50 -29.84 -16.90
CA ASN DB 171 104.74 -30.61 -15.68
C ASN DB 171 104.57 -29.77 -14.41
N GLY DB 172 104.31 -28.48 -14.52
CA GLY DB 172 104.15 -27.63 -13.36
C GLY DB 172 105.37 -26.82 -12.99
N GLN DB 173 106.42 -26.84 -13.80
CA GLN DB 173 107.57 -25.98 -13.57
C GLN DB 173 107.23 -24.53 -13.88
N ALA DB 174 107.97 -23.62 -13.27
CA ALA DB 174 107.83 -22.21 -13.57
C ALA DB 174 108.77 -21.83 -14.71
N PRO DB 175 108.26 -21.33 -15.82
CA PRO DB 175 109.14 -20.85 -16.89
C PRO DB 175 109.85 -19.56 -16.48
N GLU DB 176 110.95 -19.28 -17.18
CA GLU DB 176 111.70 -18.05 -16.94
C GLU DB 176 111.01 -16.82 -17.51
N ALA DB 177 110.03 -17.00 -18.39
CA ALA DB 177 109.28 -15.87 -18.92
C ALA DB 177 108.36 -15.28 -17.87
N VAL DB 178 107.79 -16.11 -17.01
CA VAL DB 178 106.92 -15.62 -15.94
C VAL DB 178 107.66 -15.38 -14.64
N LEU DB 179 108.97 -15.61 -14.61
CA LEU DB 179 109.76 -15.18 -13.45
C LEU DB 179 109.87 -13.68 -13.39
N GLN DB 180 110.09 -13.04 -14.53
CA GLN DB 180 110.11 -11.59 -14.57
C GLN DB 180 108.72 -10.98 -14.53
N ALA DB 181 107.70 -11.74 -14.96
CA ALA DB 181 106.33 -11.23 -14.93
C ALA DB 181 105.80 -11.11 -13.51
N VAL DB 182 106.34 -11.90 -12.58
CA VAL DB 182 106.03 -11.70 -11.16
C VAL DB 182 106.81 -10.50 -10.62
N ARG DB 183 108.08 -10.38 -10.99
CA ARG DB 183 108.94 -9.35 -10.41
C ARG DB 183 108.63 -7.95 -10.94
N LEU DB 184 107.84 -7.84 -12.03
CA LEU DB 184 107.42 -6.52 -12.49
C LEU DB 184 106.35 -5.93 -11.56
N ALA DB 185 105.62 -6.78 -10.84
CA ALA DB 185 104.53 -6.29 -10.02
C ALA DB 185 104.97 -6.05 -8.58
N LEU DB 186 105.98 -6.78 -8.11
CA LEU DB 186 106.31 -6.75 -6.70
C LEU DB 186 107.26 -5.61 -6.34
N ASN DB 187 107.72 -4.85 -7.34
CA ASN DB 187 108.66 -3.77 -7.05
C ASN DB 187 107.98 -2.57 -6.42
N ALA DB 188 106.73 -2.30 -6.78
CA ALA DB 188 106.01 -1.15 -6.25
C ALA DB 188 104.79 -1.53 -5.43
N GLU DB 189 104.48 -2.82 -5.30
CA GLU DB 189 103.32 -3.27 -4.54
C GLU DB 189 103.70 -4.01 -3.26
N ASP DB 190 104.98 -4.03 -2.91
CA ASP DB 190 105.44 -4.60 -1.66
C ASP DB 190 105.81 -3.48 -0.70
N VAL DB 191 106.28 -3.89 0.48
CA VAL DB 191 107.09 -3.00 1.30
C VAL DB 191 108.38 -2.76 0.53
N ARG DB 192 108.92 -1.54 0.63
CA ARG DB 192 110.05 -1.17 -0.22
C ARG DB 192 111.35 -1.95 0.04
N PRO DB 193 111.85 -2.18 1.32
CA PRO DB 193 113.09 -2.95 1.49
C PRO DB 193 112.87 -4.46 1.64
N VAL DB 194 112.19 -5.05 0.67
CA VAL DB 194 112.06 -6.50 0.67
C VAL DB 194 113.14 -7.10 -0.22
N ALA DB 195 113.72 -8.21 0.26
CA ALA DB 195 114.60 -9.04 -0.54
C ALA DB 195 113.73 -10.16 -1.11
N ASP DB 196 112.86 -9.78 -2.06
CA ASP DB 196 111.90 -10.70 -2.65
C ASP DB 196 112.63 -11.65 -3.60
N ARG DB 197 113.16 -12.72 -3.01
CA ARG DB 197 113.86 -13.74 -3.79
C ARG DB 197 112.83 -14.55 -4.56
N VAL DB 198 112.42 -14.04 -5.72
CA VAL DB 198 111.44 -14.71 -6.56
C VAL DB 198 112.24 -15.58 -7.52
N THR DB 199 112.57 -16.78 -7.07
CA THR DB 199 113.14 -17.81 -7.92
C THR DB 199 111.99 -18.58 -8.57
N VAL DB 200 112.32 -19.70 -9.22
CA VAL DB 200 111.29 -20.63 -9.66
C VAL DB 200 110.63 -21.24 -8.42
N ARG DB 201 111.39 -21.99 -7.64
CA ARG DB 201 110.97 -22.79 -6.49
C ARG DB 201 112.24 -23.44 -5.96
N SER DB 202 112.12 -24.04 -4.77
CA SER DB 202 113.25 -24.83 -4.26
C SER DB 202 113.32 -26.20 -4.93
N ALA DB 203 112.17 -26.86 -5.09
CA ALA DB 203 112.09 -28.13 -5.79
C ALA DB 203 110.70 -28.25 -6.38
N GLY DB 204 110.62 -28.47 -7.69
CA GLY DB 204 109.36 -28.46 -8.38
C GLY DB 204 108.83 -29.85 -8.64
N ILE DB 205 109.05 -30.37 -9.84
CA ILE DB 205 108.60 -31.71 -10.19
C ILE DB 205 109.44 -32.73 -9.41
N VAL DB 206 108.84 -33.29 -8.36
CA VAL DB 206 109.40 -34.41 -7.64
C VAL DB 206 108.45 -35.56 -7.94
N PRO DB 207 108.76 -36.38 -8.96
CA PRO DB 207 107.74 -37.25 -9.58
C PRO DB 207 107.25 -38.35 -8.64
N TYR DB 208 105.97 -38.28 -8.30
CA TYR DB 208 105.34 -39.19 -7.36
C TYR DB 208 104.41 -40.11 -8.16
N GLN DB 209 104.96 -41.23 -8.60
CA GLN DB 209 104.13 -42.26 -9.22
C GLN DB 209 103.27 -42.93 -8.16
N VAL DB 210 102.17 -43.53 -8.61
CA VAL DB 210 101.35 -44.38 -7.78
C VAL DB 210 101.04 -45.66 -8.56
N LYS DB 211 100.99 -46.78 -7.86
CA LYS DB 211 100.45 -48.02 -8.39
C LYS DB 211 99.61 -48.67 -7.30
N ALA DB 212 98.50 -49.28 -7.71
CA ALA DB 212 97.59 -49.89 -6.75
C ALA DB 212 97.13 -51.23 -7.30
N GLN DB 213 97.47 -52.30 -6.60
CA GLN DB 213 97.01 -53.65 -6.95
C GLN DB 213 95.66 -53.84 -6.25
N LEU DB 214 94.60 -53.49 -6.96
CA LEU DB 214 93.26 -53.55 -6.40
C LEU DB 214 92.76 -54.98 -6.36
N TYR DB 215 92.19 -55.37 -5.23
CA TYR DB 215 91.58 -56.68 -5.03
C TYR DB 215 90.08 -56.48 -4.80
N LEU DB 216 89.27 -57.00 -5.71
CA LEU DB 216 87.84 -56.79 -5.69
C LEU DB 216 87.11 -58.12 -5.71
N PHE DB 217 85.82 -58.08 -5.35
CA PHE DB 217 85.05 -59.26 -5.69
C PHE DB 217 84.68 -59.21 -7.16
N PRO DB 218 84.77 -60.33 -7.90
CA PRO DB 218 84.59 -60.28 -9.35
C PRO DB 218 83.15 -60.16 -9.84
N GLY DB 219 82.22 -59.75 -8.97
CA GLY DB 219 80.83 -59.65 -9.32
C GLY DB 219 80.47 -58.49 -10.23
N PRO DB 220 79.21 -58.05 -10.17
CA PRO DB 220 78.71 -57.11 -11.19
C PRO DB 220 79.21 -55.69 -10.99
N GLU DB 221 79.41 -55.29 -9.74
CA GLU DB 221 79.83 -53.94 -9.39
C GLU DB 221 81.33 -53.72 -9.54
N ALA DB 222 82.07 -54.73 -9.99
CA ALA DB 222 83.53 -54.64 -10.06
C ALA DB 222 83.99 -53.67 -11.13
N GLU DB 223 83.15 -53.34 -12.11
CA GLU DB 223 83.49 -52.27 -13.05
C GLU DB 223 83.14 -50.90 -12.48
N LEU DB 224 82.08 -50.82 -11.67
CA LEU DB 224 81.60 -49.54 -11.19
C LEU DB 224 82.42 -49.01 -10.01
N ILE DB 225 82.79 -49.89 -9.07
CA ILE DB 225 83.56 -49.44 -7.92
C ILE DB 225 85.04 -49.31 -8.23
N ARG DB 226 85.51 -49.93 -9.32
CA ARG DB 226 86.89 -49.72 -9.75
C ARG DB 226 87.08 -48.32 -10.33
N ALA DB 227 86.13 -47.86 -11.13
CA ALA DB 227 86.18 -46.50 -11.64
C ALA DB 227 85.77 -45.47 -10.60
N ALA DB 228 85.01 -45.87 -9.59
CA ALA DB 228 84.64 -44.93 -8.53
C ALA DB 228 85.82 -44.62 -7.63
N ALA DB 229 86.64 -45.63 -7.31
CA ALA DB 229 87.87 -45.38 -6.57
C ALA DB 229 88.91 -44.69 -7.44
N GLU DB 230 88.85 -44.91 -8.76
CA GLU DB 230 89.74 -44.21 -9.66
C GLU DB 230 89.32 -42.75 -9.83
N ALA DB 231 88.01 -42.47 -9.77
CA ALA DB 231 87.55 -41.09 -9.83
C ALA DB 231 87.87 -40.33 -8.55
N SER DB 232 87.89 -41.04 -7.41
CA SER DB 232 88.32 -40.41 -6.17
C SER DB 232 89.83 -40.15 -6.16
N LEU DB 233 90.59 -40.86 -7.00
CA LEU DB 233 92.02 -40.60 -7.12
C LEU DB 233 92.29 -39.39 -8.01
N ARG DB 234 91.41 -39.12 -8.97
CA ARG DB 234 91.61 -38.02 -9.89
C ARG DB 234 91.45 -36.68 -9.19
N ASP DB 235 90.33 -36.46 -8.51
CA ASP DB 235 90.10 -35.19 -7.85
C ASP DB 235 90.93 -35.02 -6.57
N TYR DB 236 91.51 -36.10 -6.05
CA TYR DB 236 92.43 -35.97 -4.93
C TYR DB 236 93.76 -35.37 -5.40
N ILE DB 237 94.36 -35.96 -6.43
CA ILE DB 237 95.65 -35.49 -6.95
C ILE DB 237 95.50 -34.11 -7.58
N SER DB 238 94.35 -33.84 -8.21
CA SER DB 238 94.07 -32.51 -8.73
C SER DB 238 93.89 -31.49 -7.61
N ALA DB 239 93.55 -31.92 -6.40
CA ALA DB 239 93.57 -31.06 -5.24
C ALA DB 239 94.94 -31.01 -4.57
N GLN DB 240 95.84 -31.92 -4.93
CA GLN DB 240 97.20 -31.91 -4.40
C GLN DB 240 98.15 -31.06 -5.22
N ARG DB 241 97.65 -30.41 -6.27
CA ARG DB 241 98.42 -29.39 -6.99
C ARG DB 241 98.44 -28.15 -6.11
N ARG DB 242 99.35 -28.15 -5.15
CA ARG DB 242 99.28 -27.28 -3.99
C ARG DB 242 100.66 -27.24 -3.37
N LEU DB 243 100.88 -26.29 -2.46
CA LEU DB 243 102.06 -26.31 -1.63
C LEU DB 243 101.80 -26.95 -0.26
N GLY DB 244 100.53 -27.21 0.08
CA GLY DB 244 100.26 -28.11 1.19
C GLY DB 244 100.65 -29.53 0.86
N ARG DB 245 100.37 -29.97 -0.37
CA ARG DB 245 100.95 -31.08 -1.14
C ARG DB 245 101.27 -32.36 -0.37
N ASP DB 246 100.44 -32.71 0.59
CA ASP DB 246 100.73 -33.84 1.48
C ASP DB 246 100.47 -35.15 0.75
N ILE DB 247 101.36 -35.46 -0.19
CA ILE DB 247 101.33 -36.74 -0.89
C ILE DB 247 101.78 -37.83 0.07
N ARG DB 248 100.96 -38.86 0.22
CA ARG DB 248 101.22 -39.85 1.26
C ARG DB 248 101.02 -41.28 0.81
N ARG DB 249 100.99 -42.19 1.78
CA ARG DB 249 100.64 -43.59 1.57
C ARG DB 249 99.31 -43.93 2.20
N SER DB 250 99.08 -43.53 3.45
CA SER DB 250 97.84 -43.89 4.12
C SER DB 250 96.71 -42.90 3.85
N ALA DB 251 97.01 -41.67 3.41
CA ALA DB 251 95.95 -40.78 2.97
C ALA DB 251 95.39 -41.21 1.62
N LEU DB 252 96.14 -41.99 0.86
CA LEU DB 252 95.65 -42.61 -0.36
C LEU DB 252 95.00 -43.95 -0.10
N PHE DB 253 95.07 -44.47 1.12
CA PHE DB 253 94.26 -45.64 1.48
C PHE DB 253 92.78 -45.29 1.49
N ALA DB 254 92.40 -44.21 2.16
CA ALA DB 254 91.00 -43.82 2.24
C ALA DB 254 90.46 -43.34 0.90
N THR DB 255 91.35 -42.95 -0.01
CA THR DB 255 90.95 -42.64 -1.37
C THR DB 255 90.52 -43.89 -2.11
N LEU DB 256 91.18 -45.02 -1.86
CA LEU DB 256 90.98 -46.20 -2.69
C LEU DB 256 90.17 -47.27 -1.97
N HIS DB 257 89.94 -47.11 -0.66
CA HIS DB 257 89.20 -48.13 0.09
C HIS DB 257 87.70 -47.86 0.13
N VAL DB 258 87.14 -47.28 -0.95
CA VAL DB 258 85.94 -46.42 -0.92
C VAL DB 258 84.74 -46.98 -0.14
N GLU DB 259 84.14 -48.10 -0.57
CA GLU DB 259 83.17 -48.79 0.26
C GLU DB 259 83.30 -50.31 0.26
N GLY DB 260 83.79 -50.92 -0.81
CA GLY DB 260 83.65 -52.35 -0.95
C GLY DB 260 84.83 -53.08 -1.53
N VAL DB 261 86.02 -52.47 -1.46
CA VAL DB 261 87.22 -53.15 -1.93
C VAL DB 261 87.65 -54.15 -0.86
N GLN DB 262 88.46 -55.13 -1.26
CA GLN DB 262 88.99 -56.07 -0.28
C GLN DB 262 90.24 -55.51 0.38
N ARG DB 263 91.25 -55.17 -0.40
CA ARG DB 263 92.46 -54.52 0.09
C ARG DB 263 93.10 -53.79 -1.08
N VAL DB 264 94.17 -53.04 -0.78
CA VAL DB 264 94.93 -52.32 -1.80
C VAL DB 264 96.41 -52.51 -1.48
N GLU DB 265 97.25 -52.35 -2.49
CA GLU DB 265 98.71 -52.43 -2.34
C GLU DB 265 99.33 -51.24 -3.07
N LEU DB 266 99.82 -50.25 -2.31
CA LEU DB 266 100.48 -49.09 -2.89
C LEU DB 266 101.99 -49.33 -2.93
N GLN DB 267 102.54 -49.35 -4.14
CA GLN DB 267 103.95 -49.71 -4.32
C GLN DB 267 104.87 -48.49 -4.29
N GLU DB 268 104.61 -47.49 -5.14
CA GLU DB 268 105.50 -46.35 -5.21
C GLU DB 268 105.37 -45.41 -4.00
N PRO DB 269 104.14 -45.13 -3.46
CA PRO DB 269 104.13 -44.57 -2.10
C PRO DB 269 104.36 -45.65 -1.05
N ALA DB 270 105.57 -45.68 -0.50
CA ALA DB 270 105.90 -46.60 0.58
C ALA DB 270 106.13 -45.89 1.90
N ALA DB 271 106.53 -44.62 1.86
CA ALA DB 271 106.66 -43.79 3.05
C ALA DB 271 106.01 -42.45 2.77
N ASP DB 272 105.72 -41.72 3.85
CA ASP DB 272 105.13 -40.40 3.71
C ASP DB 272 106.16 -39.39 3.23
N VAL DB 273 105.72 -38.47 2.40
CA VAL DB 273 106.59 -37.41 1.90
C VAL DB 273 106.80 -36.38 3.00
N VAL DB 274 108.08 -36.07 3.28
CA VAL DB 274 108.41 -35.01 4.23
C VAL DB 274 107.98 -33.67 3.65
N LEU DB 275 107.43 -32.81 4.51
CA LEU DB 275 106.70 -31.63 4.06
C LEU DB 275 107.37 -30.35 4.50
N ASP DB 276 107.69 -29.50 3.53
CA ASP DB 276 107.98 -28.09 3.74
C ASP DB 276 107.18 -27.27 2.74
N GLU DB 277 107.17 -25.95 2.95
CA GLU DB 277 106.44 -25.08 2.04
C GLU DB 277 107.18 -24.92 0.71
N THR DB 278 108.51 -25.05 0.72
CA THR DB 278 109.31 -24.61 -0.41
C THR DB 278 109.21 -25.57 -1.59
N GLN DB 279 109.16 -26.88 -1.33
CA GLN DB 279 109.17 -27.85 -2.41
C GLN DB 279 107.78 -27.97 -3.05
N ALA DB 280 107.74 -28.70 -4.17
CA ALA DB 280 106.47 -28.97 -4.85
C ALA DB 280 106.32 -30.46 -5.13
N ALA DB 281 105.25 -30.85 -5.83
CA ALA DB 281 104.97 -32.26 -6.10
C ALA DB 281 104.33 -32.40 -7.48
N TYR DB 282 104.36 -33.63 -7.98
CA TYR DB 282 103.79 -33.95 -9.30
C TYR DB 282 103.54 -35.45 -9.36
N CYS DB 283 102.48 -35.83 -10.10
CA CYS DB 283 102.14 -37.22 -10.35
C CYS DB 283 102.20 -37.47 -11.85
N THR DB 284 103.07 -38.39 -12.25
CA THR DB 284 103.28 -38.63 -13.68
C THR DB 284 102.24 -39.57 -14.27
N GLY DB 285 101.67 -40.46 -13.46
CA GLY DB 285 100.69 -41.39 -13.96
C GLY DB 285 100.60 -42.60 -13.06
N TYR DB 286 99.87 -43.60 -13.55
CA TYR DB 286 99.66 -44.83 -12.79
C TYR DB 286 99.38 -45.98 -13.75
N ALA DB 287 99.38 -47.19 -13.19
CA ALA DB 287 99.01 -48.42 -13.90
C ALA DB 287 98.07 -49.19 -12.98
N ILE DB 288 96.78 -48.89 -13.07
CA ILE DB 288 95.80 -49.52 -12.20
C ILE DB 288 95.49 -50.91 -12.73
N THR DB 289 95.19 -51.84 -11.83
CA THR DB 289 95.02 -53.23 -12.21
C THR DB 289 94.13 -53.95 -11.19
N LEU DB 290 93.63 -55.11 -11.61
CA LEU DB 290 92.79 -55.97 -10.78
C LEU DB 290 93.62 -57.12 -10.23
N GLY DB 291 93.31 -57.55 -9.01
CA GLY DB 291 94.01 -58.68 -8.43
C GLY DB 291 93.65 -60.00 -9.09
N GLY DB 292 92.35 -60.24 -9.27
CA GLY DB 292 91.88 -61.47 -9.88
C GLY DB 292 91.27 -62.45 -8.89
N MET EB 1 -25.43 -28.59 75.27
CA MET EB 1 -24.17 -29.04 74.71
C MET EB 1 -24.38 -30.03 73.58
N ILE EB 2 -24.70 -29.50 72.40
CA ILE EB 2 -24.88 -30.30 71.19
C ILE EB 2 -23.88 -29.85 70.15
N ILE EB 3 -23.55 -30.76 69.24
CA ILE EB 3 -22.59 -30.49 68.17
C ILE EB 3 -23.34 -30.08 66.91
N ASP EB 4 -22.78 -29.12 66.18
CA ASP EB 4 -23.41 -28.68 64.94
C ASP EB 4 -23.26 -29.72 63.85
N LEU EB 5 -24.23 -29.74 62.93
CA LEU EB 5 -24.24 -30.70 61.84
C LEU EB 5 -23.35 -30.28 60.68
N SER EB 6 -22.89 -29.04 60.65
CA SER EB 6 -22.07 -28.53 59.55
C SER EB 6 -20.60 -28.88 59.69
N GLN EB 7 -20.20 -29.51 60.79
CA GLN EB 7 -18.83 -29.95 60.99
C GLN EB 7 -18.69 -31.46 60.92
N LEU EB 8 -19.75 -32.17 60.54
CA LEU EB 8 -19.68 -33.62 60.40
C LEU EB 8 -18.94 -33.99 59.12
N PRO EB 9 -18.21 -35.11 59.13
CA PRO EB 9 -17.63 -35.61 57.88
C PRO EB 9 -18.71 -36.20 56.97
N GLU EB 10 -18.38 -36.26 55.69
CA GLU EB 10 -19.32 -36.78 54.72
C GLU EB 10 -19.41 -38.30 54.85
N PRO EB 11 -20.59 -38.89 54.69
CA PRO EB 11 -20.74 -40.33 54.91
C PRO EB 11 -20.26 -41.17 53.74
N GLU EB 12 -20.46 -42.49 53.86
CA GLU EB 12 -19.97 -43.46 52.89
C GLU EB 12 -20.94 -43.70 51.75
N VAL EB 13 -22.24 -43.79 52.05
CA VAL EB 13 -23.20 -44.24 51.06
C VAL EB 13 -23.59 -43.16 50.05
N ILE EB 14 -23.45 -41.89 50.39
CA ILE EB 14 -23.76 -40.82 49.45
C ILE EB 14 -22.63 -40.73 48.42
N GLU EB 15 -22.98 -40.83 47.14
CA GLU EB 15 -22.03 -40.78 46.05
C GLU EB 15 -22.38 -39.67 45.06
N ASN EB 16 -21.37 -38.95 44.62
CA ASN EB 16 -21.50 -38.19 43.38
C ASN EB 16 -21.68 -39.16 42.22
N LEU EB 17 -22.58 -38.81 41.30
CA LEU EB 17 -22.86 -39.64 40.15
C LEU EB 17 -22.28 -39.00 38.89
N ASP EB 18 -22.17 -39.80 37.85
CA ASP EB 18 -21.82 -39.34 36.52
C ASP EB 18 -22.61 -40.19 35.53
N PHE EB 19 -23.17 -39.54 34.51
CA PHE EB 19 -23.78 -40.33 33.45
C PHE EB 19 -22.72 -41.02 32.62
N GLU EB 20 -21.55 -40.41 32.46
CA GLU EB 20 -20.53 -40.99 31.60
C GLU EB 20 -19.86 -42.20 32.24
N THR EB 21 -19.54 -42.12 33.53
CA THR EB 21 -18.89 -43.25 34.19
C THR EB 21 -19.83 -44.41 34.47
N ILE EB 22 -21.13 -44.26 34.19
CA ILE EB 22 -22.02 -45.40 34.10
C ILE EB 22 -22.13 -45.88 32.65
N TYR EB 23 -22.20 -44.93 31.72
CA TYR EB 23 -22.39 -45.28 30.31
C TYR EB 23 -21.11 -45.76 29.65
N GLN EB 24 -19.95 -45.22 30.03
CA GLN EB 24 -18.70 -45.76 29.51
C GLN EB 24 -18.36 -47.11 30.11
N GLU EB 25 -18.90 -47.44 31.27
CA GLU EB 25 -18.81 -48.81 31.76
C GLU EB 25 -19.70 -49.73 30.94
N LEU EB 26 -20.92 -49.29 30.61
CA LEU EB 26 -21.82 -50.11 29.81
C LEU EB 26 -21.31 -50.30 28.39
N LEU EB 27 -20.54 -49.33 27.86
CA LEU EB 27 -19.80 -49.59 26.64
C LEU EB 27 -18.68 -50.60 26.88
N GLY EB 28 -17.92 -50.41 27.94
CA GLY EB 28 -16.83 -51.28 28.32
C GLY EB 28 -17.23 -52.58 28.99
N ASP EB 29 -18.54 -52.85 29.09
CA ASP EB 29 -19.02 -54.16 29.46
C ASP EB 29 -19.69 -54.88 28.31
N PHE EB 30 -20.16 -54.16 27.29
CA PHE EB 30 -20.85 -54.73 26.15
C PHE EB 30 -19.95 -54.96 24.95
N ARG EB 31 -18.95 -54.11 24.75
CA ARG EB 31 -18.07 -54.24 23.59
C ARG EB 31 -17.18 -55.47 23.72
N GLU EB 32 -16.69 -55.75 24.93
CA GLU EB 32 -15.95 -56.98 25.17
C GLU EB 32 -16.85 -58.20 25.20
N ALA EB 33 -18.13 -58.02 25.50
CA ALA EB 33 -19.07 -59.14 25.53
C ALA EB 33 -19.51 -59.57 24.14
N MET EB 34 -19.34 -58.70 23.13
CA MET EB 34 -19.70 -59.07 21.76
C MET EB 34 -18.56 -59.76 21.02
N ALA EB 35 -17.33 -59.66 21.54
CA ALA EB 35 -16.13 -60.24 20.96
C ALA EB 35 -15.90 -59.79 19.52
N GLY EB 36 -16.14 -58.50 19.27
CA GLY EB 36 -15.92 -57.93 17.96
C GLY EB 36 -17.02 -58.15 16.95
N GLU EB 37 -18.14 -58.76 17.35
CA GLU EB 37 -19.24 -58.98 16.43
C GLU EB 37 -20.08 -57.73 16.25
N TRP EB 38 -20.13 -56.87 17.26
CA TRP EB 38 -20.75 -55.55 17.20
C TRP EB 38 -19.64 -54.51 17.27
N THR EB 39 -19.56 -53.64 16.27
CA THR EB 39 -18.51 -52.63 16.27
C THR EB 39 -18.97 -51.26 15.76
N ALA EB 40 -20.27 -50.99 15.77
CA ALA EB 40 -20.81 -49.72 15.30
C ALA EB 40 -21.18 -48.86 16.52
N GLU EB 41 -20.22 -48.08 17.00
CA GLU EB 41 -20.45 -47.18 18.13
C GLU EB 41 -21.08 -45.85 17.72
N VAL EB 42 -21.62 -45.75 16.51
CA VAL EB 42 -22.41 -44.60 16.10
C VAL EB 42 -23.70 -44.60 16.91
N GLU EB 43 -24.16 -43.40 17.31
CA GLU EB 43 -25.31 -43.25 18.18
C GLU EB 43 -26.61 -43.75 17.54
N SER EB 44 -26.68 -43.75 16.22
CA SER EB 44 -27.86 -44.23 15.50
C SER EB 44 -28.07 -45.74 15.62
N ASP EB 45 -27.08 -46.49 16.10
CA ASP EB 45 -27.25 -47.91 16.37
C ASP EB 45 -28.22 -48.08 17.54
N PRO EB 46 -29.27 -48.90 17.40
CA PRO EB 46 -30.29 -49.01 18.45
C PRO EB 46 -29.86 -49.73 19.72
N VAL EB 47 -28.61 -50.13 19.88
CA VAL EB 47 -28.11 -50.46 21.21
C VAL EB 47 -27.77 -49.20 22.00
N LEU EB 48 -27.35 -48.14 21.32
CA LEU EB 48 -27.01 -46.92 22.05
C LEU EB 48 -28.24 -46.09 22.37
N LYS EB 49 -29.40 -46.42 21.81
CA LYS EB 49 -30.65 -45.95 22.41
C LYS EB 49 -30.86 -46.58 23.77
N LEU EB 50 -30.53 -47.87 23.89
CA LEU EB 50 -30.85 -48.65 25.07
C LEU EB 50 -29.77 -48.59 26.14
N LEU EB 51 -28.50 -48.46 25.74
CA LEU EB 51 -27.45 -48.24 26.73
C LEU EB 51 -27.48 -46.85 27.31
N GLN EB 52 -28.15 -45.91 26.65
CA GLN EB 52 -28.46 -44.62 27.25
C GLN EB 52 -29.78 -44.63 28.01
N LEU EB 53 -30.46 -45.77 28.08
CA LEU EB 53 -31.52 -45.98 29.06
C LEU EB 53 -31.01 -46.73 30.27
N ALA EB 54 -30.19 -47.77 30.05
CA ALA EB 54 -29.62 -48.53 31.15
C ALA EB 54 -28.57 -47.76 31.92
N ALA EB 55 -28.08 -46.64 31.39
CA ALA EB 55 -27.23 -45.73 32.15
C ALA EB 55 -27.99 -44.52 32.68
N TYR EB 56 -29.19 -44.28 32.18
CA TYR EB 56 -30.02 -43.19 32.68
C TYR EB 56 -30.99 -43.67 33.74
N ARG EB 57 -31.64 -44.82 33.53
CA ARG EB 57 -32.51 -45.38 34.55
C ARG EB 57 -31.73 -45.95 35.71
N GLU EB 58 -30.50 -46.39 35.50
CA GLU EB 58 -29.67 -46.80 36.62
C GLU EB 58 -29.25 -45.60 37.46
N LEU EB 59 -28.94 -44.48 36.80
CA LEU EB 59 -28.59 -43.24 37.51
C LEU EB 59 -29.77 -42.71 38.31
N LEU EB 60 -31.00 -43.00 37.88
CA LEU EB 60 -32.14 -42.70 38.73
C LEU EB 60 -32.21 -43.64 39.93
N LEU EB 61 -31.91 -44.93 39.73
CA LEU EB 61 -31.89 -45.84 40.88
C LEU EB 61 -30.69 -45.62 41.76
N ARG EB 62 -29.57 -45.15 41.21
CA ARG EB 62 -28.45 -44.76 42.06
C ARG EB 62 -28.77 -43.50 42.86
N ALA EB 63 -29.64 -42.64 42.32
CA ALA EB 63 -30.02 -41.42 43.03
C ALA EB 63 -31.12 -41.67 44.05
N ARG EB 64 -31.99 -42.65 43.81
CA ARG EB 64 -33.02 -43.00 44.80
C ARG EB 64 -32.39 -43.57 46.06
N ILE EB 65 -31.30 -44.32 45.91
CA ILE EB 65 -30.59 -44.84 47.06
C ILE EB 65 -29.89 -43.71 47.80
N ASN EB 66 -29.36 -42.73 47.07
CA ASN EB 66 -28.81 -41.54 47.73
C ASN EB 66 -29.91 -40.66 48.31
N ASP EB 67 -31.10 -40.66 47.70
CA ASP EB 67 -32.22 -39.93 48.29
C ASP EB 67 -32.73 -40.61 49.56
N ALA EB 68 -32.72 -41.94 49.58
CA ALA EB 68 -33.18 -42.66 50.76
C ALA EB 68 -32.14 -42.68 51.86
N ALA EB 69 -30.85 -42.60 51.51
CA ALA EB 69 -29.82 -42.57 52.53
C ALA EB 69 -29.74 -41.22 53.22
N ARG EB 70 -30.11 -40.14 52.53
CA ARG EB 70 -30.20 -38.84 53.18
C ARG EB 70 -31.42 -38.76 54.07
N ALA EB 71 -32.48 -39.49 53.73
CA ALA EB 71 -33.74 -39.44 54.47
C ALA EB 71 -33.67 -40.16 55.81
N VAL EB 72 -32.64 -40.97 56.04
CA VAL EB 72 -32.45 -41.68 57.30
C VAL EB 72 -31.29 -41.11 58.10
N MET EB 73 -30.73 -39.98 57.68
CA MET EB 73 -29.68 -39.29 58.40
C MET EB 73 -30.20 -37.94 58.86
N LEU EB 74 -29.85 -37.57 60.08
CA LEU EB 74 -30.40 -36.35 60.68
C LEU EB 74 -29.80 -35.11 60.05
N ALA EB 75 -28.56 -35.19 59.58
CA ALA EB 75 -27.89 -34.03 59.00
C ALA EB 75 -28.26 -33.78 57.55
N TYR EB 76 -29.12 -34.60 56.95
CA TYR EB 76 -29.48 -34.42 55.55
C TYR EB 76 -30.96 -34.58 55.24
N ALA EB 77 -31.78 -35.12 56.14
CA ALA EB 77 -33.18 -35.35 55.83
C ALA EB 77 -33.97 -34.05 55.89
N SER EB 78 -35.03 -33.98 55.08
CA SER EB 78 -35.89 -32.81 55.03
C SER EB 78 -37.27 -33.23 54.57
N GLY EB 79 -38.22 -32.31 54.68
CA GLY EB 79 -39.57 -32.59 54.22
C GLY EB 79 -40.30 -33.47 55.21
N ALA EB 80 -40.96 -34.50 54.69
CA ALA EB 80 -41.67 -35.47 55.51
C ALA EB 80 -40.75 -36.59 55.99
N ASP EB 81 -39.44 -36.45 55.82
CA ASP EB 81 -38.47 -37.43 56.26
C ASP EB 81 -37.91 -37.13 57.64
N LEU EB 82 -37.91 -35.86 58.05
CA LEU EB 82 -37.69 -35.53 59.46
C LEU EB 82 -38.92 -35.77 60.31
N ASP EB 83 -40.09 -35.98 59.69
CA ASP EB 83 -41.26 -36.40 60.44
C ASP EB 83 -41.08 -37.81 60.97
N GLN EB 84 -40.40 -38.67 60.21
CA GLN EB 84 -40.15 -40.03 60.68
C GLN EB 84 -39.06 -40.07 61.74
N ILE EB 85 -38.09 -39.15 61.67
CA ILE EB 85 -37.15 -39.00 62.78
C ILE EB 85 -37.85 -38.33 63.95
N GLY EB 86 -38.78 -37.43 63.67
CA GLY EB 86 -39.49 -36.73 64.74
C GLY EB 86 -40.49 -37.61 65.47
N ALA EB 87 -41.13 -38.53 64.75
CA ALA EB 87 -42.10 -39.41 65.38
C ALA EB 87 -41.44 -40.45 66.28
N GLY EB 88 -40.16 -40.77 66.03
CA GLY EB 88 -39.46 -41.71 66.88
C GLY EB 88 -38.98 -41.10 68.18
N PHE EB 89 -38.76 -39.79 68.20
CA PHE EB 89 -38.22 -39.11 69.37
C PHE EB 89 -39.26 -38.24 70.06
N ASN EB 90 -40.54 -38.44 69.73
CA ASN EB 90 -41.68 -37.76 70.34
C ASN EB 90 -41.58 -36.23 70.18
N VAL EB 91 -41.17 -35.81 68.99
CA VAL EB 91 -41.04 -34.40 68.65
C VAL EB 91 -41.94 -34.12 67.46
N GLN EB 92 -42.81 -33.11 67.60
CA GLN EB 92 -43.74 -32.73 66.54
C GLN EB 92 -43.37 -31.36 66.00
N ARG EB 93 -43.73 -31.12 64.75
CA ARG EB 93 -43.44 -29.85 64.09
C ARG EB 93 -44.43 -28.80 64.57
N LEU EB 94 -43.94 -27.59 64.82
CA LEU EB 94 -44.74 -26.57 65.50
C LEU EB 94 -45.82 -25.99 64.59
N LEU EB 95 -46.64 -25.13 65.19
CA LEU EB 95 -47.67 -24.37 64.49
C LEU EB 95 -47.55 -22.92 64.94
N ILE EB 96 -46.97 -22.07 64.09
CA ILE EB 96 -46.83 -20.66 64.43
C ILE EB 96 -48.18 -19.97 64.36
N ARG EB 97 -48.82 -20.03 63.22
CA ARG EB 97 -50.19 -19.59 63.04
C ARG EB 97 -51.09 -20.81 62.82
N PRO EB 98 -52.35 -20.77 63.32
CA PRO EB 98 -53.18 -21.98 63.27
C PRO EB 98 -53.64 -22.38 61.88
N ALA EB 99 -54.30 -23.53 61.78
CA ALA EB 99 -54.56 -24.14 60.48
C ALA EB 99 -55.84 -23.60 59.84
N GLN EB 100 -56.88 -23.38 60.64
CA GLN EB 100 -58.19 -23.13 60.02
C GLN EB 100 -58.39 -21.63 59.78
N PRO EB 101 -58.74 -21.23 58.57
CA PRO EB 101 -59.11 -19.84 58.32
C PRO EB 101 -60.59 -19.59 58.53
N GLU EB 102 -60.92 -18.32 58.76
CA GLU EB 102 -62.31 -17.88 58.82
C GLU EB 102 -62.76 -17.17 57.57
N ALA EB 103 -61.84 -16.81 56.67
CA ALA EB 103 -62.15 -16.07 55.47
C ALA EB 103 -62.17 -17.00 54.26
N VAL EB 104 -62.43 -16.41 53.09
CA VAL EB 104 -62.54 -17.15 51.84
C VAL EB 104 -61.17 -17.60 51.31
N PRO EB 105 -60.09 -16.79 51.30
CA PRO EB 105 -58.77 -17.38 51.00
C PRO EB 105 -58.31 -18.28 52.12
N PRO EB 106 -57.91 -19.52 51.81
CA PRO EB 106 -57.49 -20.46 52.86
C PRO EB 106 -56.12 -20.08 53.41
N VAL EB 107 -56.08 -19.77 54.70
CA VAL EB 107 -54.82 -19.51 55.38
C VAL EB 107 -54.05 -20.83 55.52
N GLU EB 108 -52.81 -20.84 55.04
CA GLU EB 108 -51.99 -22.04 55.10
C GLU EB 108 -51.59 -22.32 56.54
N ALA EB 109 -51.59 -23.60 56.91
CA ALA EB 109 -51.21 -24.03 58.25
C ALA EB 109 -49.70 -23.86 58.38
N GLN EB 110 -49.28 -22.76 59.00
CA GLN EB 110 -47.87 -22.42 59.03
C GLN EB 110 -47.11 -23.32 59.98
N TYR EB 111 -46.24 -24.16 59.41
CA TYR EB 111 -45.36 -25.02 60.16
C TYR EB 111 -43.99 -24.37 60.21
N GLU EB 112 -43.19 -24.77 61.20
CA GLU EB 112 -41.81 -24.30 61.25
C GLU EB 112 -40.98 -25.00 60.19
N SER EB 113 -39.89 -24.37 59.79
CA SER EB 113 -39.04 -24.90 58.74
C SER EB 113 -38.25 -26.11 59.23
N ASP EB 114 -37.73 -26.92 58.31
CA ASP EB 114 -36.98 -28.11 58.67
C ASP EB 114 -35.60 -27.79 59.21
N LYS EB 115 -35.13 -26.55 59.08
CA LYS EB 115 -33.89 -26.14 59.75
C LYS EB 115 -34.09 -25.93 61.24
N SER EB 116 -35.32 -25.83 61.71
CA SER EB 116 -35.62 -25.74 63.13
C SER EB 116 -36.04 -27.07 63.74
N LEU EB 117 -36.40 -28.06 62.92
CA LEU EB 117 -36.56 -29.40 63.45
C LEU EB 117 -35.21 -29.98 63.88
N ARG EB 118 -34.17 -29.76 63.07
CA ARG EB 118 -32.82 -30.18 63.43
C ARG EB 118 -32.32 -29.52 64.70
N ASN EB 119 -32.84 -28.34 65.04
CA ASN EB 119 -32.67 -27.80 66.37
C ASN EB 119 -33.40 -28.65 67.41
N ARG EB 120 -34.65 -29.04 67.11
CA ARG EB 120 -35.49 -29.64 68.12
C ARG EB 120 -35.28 -31.14 68.27
N ILE EB 121 -34.92 -31.84 67.19
CA ILE EB 121 -34.59 -33.26 67.33
C ILE EB 121 -33.30 -33.42 68.12
N GLN EB 122 -32.37 -32.50 67.95
CA GLN EB 122 -31.08 -32.61 68.62
C GLN EB 122 -31.15 -32.13 70.07
N LEU EB 123 -32.11 -31.27 70.40
CA LEU EB 123 -32.35 -30.87 71.78
C LEU EB 123 -33.38 -31.76 72.47
N ALA EB 124 -33.72 -32.90 71.89
CA ALA EB 124 -34.66 -33.83 72.51
C ALA EB 124 -33.99 -34.72 73.55
N PHE EB 125 -32.68 -34.57 73.76
CA PHE EB 125 -31.95 -35.33 74.76
C PHE EB 125 -31.68 -34.50 76.01
N GLU EB 126 -31.02 -33.36 75.85
CA GLU EB 126 -30.81 -32.42 76.95
C GLU EB 126 -32.13 -31.70 77.20
N GLN EB 127 -32.98 -32.33 77.99
CA GLN EB 127 -34.36 -31.90 78.16
C GLN EB 127 -34.80 -32.33 79.56
N LEU EB 128 -35.72 -31.57 80.14
CA LEU EB 128 -36.25 -31.92 81.46
C LEU EB 128 -37.09 -33.19 81.37
N SER EB 129 -36.58 -34.25 81.97
CA SER EB 129 -37.20 -35.57 81.94
C SER EB 129 -37.68 -36.01 83.31
N VAL EB 130 -36.82 -35.95 84.32
CA VAL EB 130 -37.11 -36.45 85.66
C VAL EB 130 -36.20 -35.70 86.63
N ALA EB 131 -36.69 -35.44 87.84
CA ALA EB 131 -35.94 -34.68 88.82
C ALA EB 131 -35.07 -35.61 89.67
N GLY EB 132 -33.98 -36.07 89.06
CA GLY EB 132 -33.00 -36.86 89.76
C GLY EB 132 -32.08 -36.06 90.67
N PRO EB 133 -31.18 -35.25 90.11
CA PRO EB 133 -30.21 -34.54 90.95
C PRO EB 133 -30.70 -33.17 91.41
N ARG EB 134 -29.81 -32.45 92.10
CA ARG EB 134 -30.17 -31.14 92.66
C ARG EB 134 -30.43 -30.10 91.57
N ASN EB 135 -29.87 -30.28 90.38
CA ASN EB 135 -30.09 -29.36 89.29
C ASN EB 135 -31.39 -29.64 88.54
N ALA EB 136 -32.07 -30.73 88.87
CA ALA EB 136 -33.31 -31.09 88.21
C ALA EB 136 -34.55 -31.03 89.10
N TYR EB 137 -34.38 -31.03 90.43
CA TYR EB 137 -35.53 -30.73 91.28
C TYR EB 137 -35.98 -29.29 91.14
N ILE EB 138 -35.06 -28.37 90.85
CA ILE EB 138 -35.41 -26.96 90.79
C ILE EB 138 -35.96 -26.60 89.42
N ALA EB 139 -35.40 -27.18 88.36
CA ALA EB 139 -35.90 -26.90 87.02
C ALA EB 139 -37.25 -27.55 86.77
N HIS EB 140 -37.55 -28.66 87.44
CA HIS EB 140 -38.91 -29.19 87.47
C HIS EB 140 -39.80 -28.48 88.47
N ALA EB 141 -39.25 -27.56 89.27
CA ALA EB 141 -40.04 -26.71 90.16
C ALA EB 141 -40.25 -25.32 89.57
N LEU EB 142 -40.46 -25.23 88.27
CA LEU EB 142 -40.76 -23.96 87.61
C LEU EB 142 -42.17 -23.98 87.04
N GLY EB 143 -43.11 -24.50 87.83
CA GLY EB 143 -44.52 -24.48 87.48
C GLY EB 143 -45.18 -23.17 87.88
N ALA EB 144 -44.76 -22.59 88.99
CA ALA EB 144 -45.27 -21.30 89.42
C ALA EB 144 -44.55 -20.17 88.69
N ASP EB 145 -44.92 -18.93 88.98
CA ASP EB 145 -44.34 -17.81 88.26
C ASP EB 145 -43.75 -16.73 89.17
N GLY EB 146 -44.39 -16.43 90.29
CA GLY EB 146 -43.91 -15.36 91.16
C GLY EB 146 -42.85 -15.82 92.14
N ARG EB 147 -41.64 -16.06 91.64
CA ARG EB 147 -40.64 -16.81 92.40
C ARG EB 147 -39.27 -16.64 91.75
N VAL EB 148 -38.23 -16.63 92.59
CA VAL EB 148 -36.85 -16.56 92.13
C VAL EB 148 -36.22 -17.92 92.46
N ALA EB 149 -34.94 -18.11 92.12
CA ALA EB 149 -34.29 -19.42 92.06
C ALA EB 149 -34.25 -20.12 93.42
N ASP EB 150 -33.87 -21.40 93.38
CA ASP EB 150 -34.09 -22.32 94.47
C ASP EB 150 -33.01 -23.39 94.44
N ALA EB 151 -32.86 -24.11 95.55
CA ALA EB 151 -31.91 -25.20 95.70
C ALA EB 151 -32.56 -26.31 96.52
N SER EB 152 -31.95 -27.49 96.49
CA SER EB 152 -32.51 -28.67 97.13
C SER EB 152 -31.54 -29.29 98.11
N ALA EB 153 -32.08 -30.10 99.02
CA ALA EB 153 -31.30 -30.81 100.01
C ALA EB 153 -31.98 -32.15 100.32
N THR EB 154 -31.27 -32.97 101.08
CA THR EB 154 -31.82 -34.24 101.58
C THR EB 154 -31.13 -34.58 102.89
N SER EB 155 -31.91 -34.56 103.98
CA SER EB 155 -31.28 -34.78 105.28
C SER EB 155 -31.06 -36.28 105.54
N PRO EB 156 -32.01 -37.22 105.24
CA PRO EB 156 -31.60 -38.62 105.20
C PRO EB 156 -31.25 -39.09 103.80
N ALA EB 157 -30.51 -40.19 103.72
CA ALA EB 157 -30.29 -40.83 102.41
C ALA EB 157 -31.53 -41.52 101.86
N PRO EB 158 -32.14 -42.51 102.54
CA PRO EB 158 -33.02 -43.43 101.77
C PRO EB 158 -34.38 -42.86 101.35
N CYS EB 159 -34.97 -41.93 102.10
CA CYS EB 159 -36.36 -41.57 101.84
C CYS EB 159 -36.57 -40.14 101.37
N GLU EB 160 -36.13 -39.15 102.15
CA GLU EB 160 -36.66 -37.80 102.07
C GLU EB 160 -35.75 -36.89 101.25
N VAL EB 161 -36.37 -36.00 100.47
CA VAL EB 161 -35.69 -34.94 99.75
C VAL EB 161 -36.37 -33.61 100.12
N LEU EB 162 -35.58 -32.57 100.31
CA LEU EB 162 -36.06 -31.28 100.79
C LEU EB 162 -35.88 -30.22 99.73
N ILE EB 163 -36.95 -29.47 99.46
CA ILE EB 163 -36.93 -28.33 98.54
C ILE EB 163 -37.50 -27.13 99.27
N SER EB 164 -36.70 -26.09 99.44
CA SER EB 164 -37.06 -24.91 100.22
C SER EB 164 -37.44 -23.78 99.28
N VAL EB 165 -38.71 -23.73 98.91
CA VAL EB 165 -39.22 -22.77 97.93
C VAL EB 165 -39.37 -21.40 98.57
N LEU EB 166 -38.73 -20.39 97.99
CA LEU EB 166 -38.97 -19.00 98.36
C LEU EB 166 -39.37 -18.22 97.12
N GLY EB 167 -40.45 -17.44 97.24
CA GLY EB 167 -40.93 -16.67 96.11
C GLY EB 167 -41.04 -15.19 96.41
N VAL EB 168 -40.50 -14.36 95.52
CA VAL EB 168 -40.40 -12.92 95.76
C VAL EB 168 -41.69 -12.29 95.26
N GLU EB 169 -42.65 -12.13 96.17
CA GLU EB 169 -43.86 -11.34 95.94
C GLU EB 169 -43.89 -10.14 96.87
N GLY EB 170 -43.80 -10.37 98.18
CA GLY EB 170 -43.66 -9.32 99.15
C GLY EB 170 -42.31 -9.38 99.83
N ASN EB 171 -42.28 -9.93 101.04
CA ASN EB 171 -41.05 -10.11 101.80
C ASN EB 171 -40.25 -11.34 101.39
N GLY EB 172 -40.77 -12.15 100.47
CA GLY EB 172 -40.07 -13.34 100.04
C GLY EB 172 -40.55 -14.63 100.66
N GLN EB 173 -41.62 -14.60 101.44
CA GLN EB 173 -42.20 -15.81 101.98
C GLN EB 173 -42.90 -16.60 100.88
N ALA EB 174 -43.04 -17.89 101.09
CA ALA EB 174 -43.80 -18.73 100.17
C ALA EB 174 -45.25 -18.78 100.61
N PRO EB 175 -46.20 -18.35 99.77
CA PRO EB 175 -47.61 -18.49 100.12
C PRO EB 175 -48.05 -19.95 100.06
N GLU EB 176 -49.17 -20.22 100.74
CA GLU EB 176 -49.73 -21.56 100.74
C GLU EB 176 -50.44 -21.90 99.44
N ALA EB 177 -50.72 -20.90 98.61
CA ALA EB 177 -51.33 -21.17 97.31
C ALA EB 177 -50.33 -21.82 96.35
N VAL EB 178 -49.05 -21.43 96.43
CA VAL EB 178 -48.03 -22.02 95.58
C VAL EB 178 -47.32 -23.19 96.25
N LEU EB 179 -47.71 -23.56 97.46
CA LEU EB 179 -47.20 -24.81 98.04
C LEU EB 179 -47.80 -26.01 97.34
N GLN EB 180 -49.09 -25.96 97.03
CA GLN EB 180 -49.71 -27.03 96.27
C GLN EB 180 -49.38 -26.95 94.79
N ALA EB 181 -49.04 -25.76 94.28
CA ALA EB 181 -48.70 -25.61 92.87
C ALA EB 181 -47.36 -26.26 92.55
N VAL EB 182 -46.48 -26.37 93.55
CA VAL EB 182 -45.26 -27.17 93.36
C VAL EB 182 -45.57 -28.65 93.45
N ARG EB 183 -46.41 -29.04 94.40
CA ARG EB 183 -46.67 -30.46 94.64
C ARG EB 183 -47.55 -31.10 93.56
N LEU EB 184 -48.19 -30.30 92.71
CA LEU EB 184 -48.94 -30.87 91.59
C LEU EB 184 -48.00 -31.38 90.49
N ALA EB 185 -46.78 -30.84 90.44
CA ALA EB 185 -45.86 -31.22 89.37
C ALA EB 185 -44.92 -32.34 89.80
N LEU EB 186 -44.64 -32.45 91.10
CA LEU EB 186 -43.59 -33.36 91.54
C LEU EB 186 -44.11 -34.78 91.77
N ASN EB 187 -45.41 -34.99 91.61
CA ASN EB 187 -45.97 -36.32 91.87
C ASN EB 187 -45.65 -37.30 90.73
N ALA EB 188 -45.58 -36.80 89.49
CA ALA EB 188 -45.31 -37.65 88.35
C ALA EB 188 -44.00 -37.33 87.64
N GLU EB 189 -43.27 -36.31 88.08
CA GLU EB 189 -42.01 -35.92 87.46
C GLU EB 189 -40.81 -36.22 88.34
N ASP EB 190 -41.00 -36.90 89.47
CA ASP EB 190 -39.90 -37.32 90.32
C ASP EB 190 -39.68 -38.81 90.16
N VAL EB 191 -38.71 -39.32 90.92
CA VAL EB 191 -38.69 -40.75 91.22
C VAL EB 191 -39.93 -41.03 92.07
N ARG EB 192 -40.54 -42.20 91.88
CA ARG EB 192 -41.83 -42.47 92.53
C ARG EB 192 -41.79 -42.53 94.05
N PRO EB 193 -40.83 -43.25 94.76
CA PRO EB 193 -40.86 -43.25 96.23
C PRO EB 193 -40.05 -42.12 96.87
N VAL EB 194 -40.37 -40.90 96.50
CA VAL EB 194 -39.75 -39.76 97.17
C VAL EB 194 -40.66 -39.26 98.28
N ALA EB 195 -40.04 -38.91 99.40
CA ALA EB 195 -40.73 -38.20 100.48
C ALA EB 195 -40.43 -36.72 100.28
N ASP EB 196 -41.03 -36.16 99.23
CA ASP EB 196 -40.79 -34.78 98.84
C ASP EB 196 -41.49 -33.85 99.84
N ARG EB 197 -40.77 -33.56 100.93
CA ARG EB 197 -41.30 -32.67 101.96
C ARG EB 197 -41.22 -31.25 101.43
N VAL EB 198 -42.23 -30.84 100.67
CA VAL EB 198 -42.30 -29.51 100.10
C VAL EB 198 -43.06 -28.66 101.10
N THR EB 199 -42.33 -28.14 102.08
CA THR EB 199 -42.86 -27.13 102.99
C THR EB 199 -42.65 -25.75 102.36
N VAL EB 200 -42.88 -24.70 103.15
CA VAL EB 200 -42.47 -23.37 102.73
C VAL EB 200 -40.95 -23.31 102.66
N ARG EB 201 -40.30 -23.48 103.81
CA ARG EB 201 -38.87 -23.33 104.03
C ARG EB 201 -38.64 -23.63 105.51
N SER EB 202 -37.37 -23.77 105.89
CA SER EB 202 -37.07 -23.89 107.31
C SER EB 202 -37.11 -22.54 108.02
N ALA EB 203 -36.54 -21.51 107.39
CA ALA EB 203 -36.59 -20.16 107.91
C ALA EB 203 -36.50 -19.20 106.74
N GLY EB 204 -37.48 -18.31 106.62
CA GLY EB 204 -37.58 -17.44 105.47
C GLY EB 204 -37.04 -16.05 105.74
N ILE EB 205 -37.92 -15.11 106.04
CA ILE EB 205 -37.50 -13.75 106.35
C ILE EB 205 -36.78 -13.73 107.68
N VAL EB 206 -35.46 -13.64 107.61
CA VAL EB 206 -34.62 -13.42 108.79
C VAL EB 206 -34.06 -12.02 108.57
N PRO EB 207 -34.69 -10.98 109.13
CA PRO EB 207 -34.48 -9.60 108.67
C PRO EB 207 -33.08 -9.09 108.96
N TYR EB 208 -32.33 -8.82 107.90
CA TYR EB 208 -30.94 -8.39 107.98
C TYR EB 208 -30.89 -6.91 107.59
N GLN EB 209 -31.03 -6.05 108.59
CA GLN EB 209 -30.82 -4.62 108.37
C GLN EB 209 -29.34 -4.35 108.15
N VAL EB 210 -29.06 -3.22 107.50
CA VAL EB 210 -27.70 -2.70 107.37
C VAL EB 210 -27.73 -1.22 107.69
N LYS EB 211 -26.69 -0.74 108.35
CA LYS EB 211 -26.43 0.69 108.49
C LYS EB 211 -24.95 0.92 108.28
N ALA EB 212 -24.62 2.02 107.62
CA ALA EB 212 -23.24 2.35 107.31
C ALA EB 212 -22.99 3.81 107.57
N GLN EB 213 -22.10 4.11 108.53
CA GLN EB 213 -21.69 5.48 108.81
C GLN EB 213 -20.52 5.78 107.88
N LEU EB 214 -20.84 6.32 106.71
CA LEU EB 214 -19.83 6.59 105.69
C LEU EB 214 -19.04 7.84 106.06
N TYR EB 215 -17.72 7.74 105.94
CA TYR EB 215 -16.80 8.86 106.15
C TYR EB 215 -16.13 9.17 104.82
N LEU EB 216 -16.36 10.37 104.30
CA LEU EB 216 -15.88 10.77 102.99
C LEU EB 216 -15.08 12.06 103.10
N PHE EB 217 -14.31 12.34 102.05
CA PHE EB 217 -13.83 13.71 101.99
C PHE EB 217 -14.95 14.61 101.46
N PRO EB 218 -15.14 15.80 102.05
CA PRO EB 218 -16.31 16.63 101.68
C PRO EB 218 -16.21 17.35 100.34
N GLY EB 219 -15.29 16.95 99.46
CA GLY EB 219 -15.08 17.61 98.20
C GLY EB 219 -16.17 17.38 97.16
N PRO EB 220 -15.81 17.52 95.88
CA PRO EB 220 -16.84 17.55 94.82
C PRO EB 220 -17.44 16.20 94.51
N GLU EB 221 -16.62 15.15 94.62
CA GLU EB 221 -17.03 13.78 94.30
C GLU EB 221 -17.81 13.11 95.42
N ALA EB 222 -18.06 13.80 96.52
CA ALA EB 222 -18.72 13.20 97.67
C ALA EB 222 -20.19 12.86 97.41
N GLU EB 223 -20.80 13.47 96.40
CA GLU EB 223 -22.14 13.04 95.99
C GLU EB 223 -22.08 11.86 95.04
N LEU EB 224 -21.02 11.79 94.22
CA LEU EB 224 -20.95 10.75 93.19
C LEU EB 224 -20.48 9.41 93.75
N ILE EB 225 -19.50 9.41 94.65
CA ILE EB 225 -19.00 8.16 95.20
C ILE EB 225 -19.89 7.65 96.34
N ARG EB 226 -20.73 8.51 96.92
CA ARG EB 226 -21.71 8.05 97.89
C ARG EB 226 -22.81 7.23 97.23
N ALA EB 227 -23.29 7.69 96.08
CA ALA EB 227 -24.29 6.93 95.33
C ALA EB 227 -23.67 5.76 94.58
N ALA EB 228 -22.36 5.81 94.29
CA ALA EB 228 -21.71 4.70 93.61
C ALA EB 228 -21.53 3.51 94.56
N ALA EB 229 -21.19 3.78 95.81
CA ALA EB 229 -21.14 2.71 96.80
C ALA EB 229 -22.54 2.25 97.19
N GLU EB 230 -23.52 3.15 97.09
CA GLU EB 230 -24.90 2.75 97.34
C GLU EB 230 -25.44 1.91 96.18
N ALA EB 231 -25.02 2.19 94.95
CA ALA EB 231 -25.44 1.37 93.82
C ALA EB 231 -24.78 0.00 93.85
N SER EB 232 -23.57 -0.09 94.40
CA SER EB 232 -22.94 -1.39 94.58
C SER EB 232 -23.62 -2.19 95.69
N LEU EB 233 -24.32 -1.52 96.61
CA LEU EB 233 -25.07 -2.21 97.65
C LEU EB 233 -26.40 -2.74 97.12
N ARG EB 234 -26.97 -2.08 96.11
CA ARG EB 234 -28.26 -2.49 95.56
C ARG EB 234 -28.15 -3.81 94.80
N ASP EB 235 -27.23 -3.88 93.84
CA ASP EB 235 -27.09 -5.10 93.06
C ASP EB 235 -26.41 -6.23 93.82
N TYR EB 236 -25.77 -5.93 94.95
CA TYR EB 236 -25.24 -7.01 95.80
C TYR EB 236 -26.37 -7.73 96.52
N ILE EB 237 -27.23 -6.97 97.21
CA ILE EB 237 -28.34 -7.55 97.97
C ILE EB 237 -29.36 -8.18 97.02
N SER EB 238 -29.55 -7.59 95.84
CA SER EB 238 -30.40 -8.19 94.82
C SER EB 238 -29.82 -9.49 94.27
N ALA EB 239 -28.50 -9.67 94.37
CA ALA EB 239 -27.87 -10.95 94.08
C ALA EB 239 -27.86 -11.88 95.28
N GLN EB 240 -28.15 -11.38 96.48
CA GLN EB 240 -28.22 -12.19 97.68
C GLN EB 240 -29.62 -12.77 97.91
N ARG EB 241 -30.56 -12.49 97.01
CA ARG EB 241 -31.86 -13.18 97.01
C ARG EB 241 -31.62 -14.59 96.47
N ARG EB 242 -31.17 -15.45 97.37
CA ARG EB 242 -30.51 -16.69 96.99
C ARG EB 242 -30.55 -17.60 98.21
N LEU EB 243 -30.24 -18.88 98.00
CA LEU EB 243 -29.99 -19.79 99.10
C LEU EB 243 -28.50 -19.93 99.41
N GLY EB 244 -27.64 -19.42 98.53
CA GLY EB 244 -26.24 -19.24 98.92
C GLY EB 244 -26.10 -18.15 99.97
N ARG EB 245 -26.85 -17.06 99.81
CA ARG EB 245 -27.29 -16.05 100.79
C ARG EB 245 -26.26 -15.63 101.84
N ASP EB 246 -24.98 -15.55 101.46
CA ASP EB 246 -23.91 -15.30 102.42
C ASP EB 246 -23.90 -13.82 102.81
N ILE EB 247 -24.91 -13.44 103.61
CA ILE EB 247 -24.97 -12.10 104.17
C ILE EB 247 -23.91 -11.97 105.25
N ARG EB 248 -23.06 -10.95 105.13
CA ARG EB 248 -21.90 -10.89 106.01
C ARG EB 248 -21.64 -9.49 106.55
N ARG EB 249 -20.46 -9.32 107.15
CA ARG EB 249 -19.95 -8.03 107.57
C ARG EB 249 -18.77 -7.58 106.72
N SER EB 250 -17.80 -8.45 106.48
CA SER EB 250 -16.63 -8.07 105.72
C SER EB 250 -16.81 -8.21 104.22
N ALA EB 251 -17.78 -9.01 103.77
CA ALA EB 251 -18.09 -9.02 102.34
C ALA EB 251 -18.83 -7.76 101.93
N LEU EB 252 -19.45 -7.07 102.88
CA LEU EB 252 -20.04 -5.76 102.63
C LEU EB 252 -19.04 -4.63 102.84
N PHE EB 253 -17.84 -4.94 103.33
CA PHE EB 253 -16.77 -3.93 103.34
C PHE EB 253 -16.33 -3.61 101.91
N ALA EB 254 -16.05 -4.63 101.10
CA ALA EB 254 -15.60 -4.41 99.73
C ALA EB 254 -16.71 -3.83 98.85
N THR EB 255 -17.96 -3.99 99.28
CA THR EB 255 -19.07 -3.34 98.59
C THR EB 255 -19.01 -1.84 98.80
N LEU EB 256 -18.62 -1.39 100.00
CA LEU EB 256 -18.77 0.02 100.35
C LEU EB 256 -17.42 0.75 100.34
N HIS EB 257 -16.31 0.02 100.23
CA HIS EB 257 -15.00 0.67 100.25
C HIS EB 257 -14.51 1.04 98.86
N VAL EB 258 -15.42 1.41 97.94
CA VAL EB 258 -15.28 1.24 96.49
C VAL EB 258 -13.95 1.69 95.89
N GLU EB 259 -13.62 2.99 95.93
CA GLU EB 259 -12.28 3.46 95.61
C GLU EB 259 -11.73 4.54 96.52
N GLY EB 260 -12.57 5.37 97.11
CA GLY EB 260 -12.07 6.57 97.74
C GLY EB 260 -12.73 6.96 99.05
N VAL EB 261 -13.36 6.00 99.72
CA VAL EB 261 -13.94 6.28 101.02
C VAL EB 261 -12.83 6.28 102.05
N GLN EB 262 -13.07 6.91 103.20
CA GLN EB 262 -12.10 6.88 104.27
C GLN EB 262 -12.23 5.62 105.11
N ARG EB 263 -13.42 5.39 105.67
CA ARG EB 263 -13.72 4.16 106.40
C ARG EB 263 -15.24 3.98 106.39
N VAL EB 264 -15.70 2.84 106.92
CA VAL EB 264 -17.12 2.55 107.03
C VAL EB 264 -17.34 1.94 108.41
N GLU EB 265 -18.58 2.02 108.90
CA GLU EB 265 -18.98 1.43 110.18
C GLU EB 265 -20.29 0.68 109.97
N LEU EB 266 -20.23 -0.65 109.95
CA LEU EB 266 -21.43 -1.47 109.80
C LEU EB 266 -21.95 -1.87 111.17
N GLN EB 267 -23.16 -1.42 111.50
CA GLN EB 267 -23.71 -1.61 112.84
C GLN EB 267 -24.52 -2.91 112.96
N GLU EB 268 -25.52 -3.09 112.10
CA GLU EB 268 -26.39 -4.26 112.23
C GLU EB 268 -25.69 -5.55 111.76
N PRO EB 269 -24.88 -5.57 110.67
CA PRO EB 269 -23.96 -6.71 110.53
C PRO EB 269 -22.75 -6.56 111.44
N ALA EB 270 -22.74 -7.31 112.54
CA ALA EB 270 -21.60 -7.33 113.46
C ALA EB 270 -20.86 -8.65 113.43
N ALA EB 271 -21.56 -9.74 113.08
CA ALA EB 271 -20.95 -11.04 112.90
C ALA EB 271 -21.46 -11.64 111.61
N ASP EB 272 -20.73 -12.65 111.11
CA ASP EB 272 -21.14 -13.33 109.89
C ASP EB 272 -22.33 -14.24 110.16
N VAL EB 273 -23.23 -14.30 109.18
CA VAL EB 273 -24.40 -15.17 109.28
C VAL EB 273 -23.96 -16.61 109.05
N VAL EB 274 -24.34 -17.49 109.98
CA VAL EB 274 -24.09 -18.92 109.82
C VAL EB 274 -24.95 -19.45 108.67
N LEU EB 275 -24.36 -20.33 107.86
CA LEU EB 275 -24.92 -20.67 106.56
C LEU EB 275 -25.32 -22.14 106.50
N ASP EB 276 -26.58 -22.39 106.19
CA ASP EB 276 -27.07 -23.67 105.70
C ASP EB 276 -27.93 -23.42 104.47
N GLU EB 277 -28.27 -24.51 103.78
CA GLU EB 277 -29.10 -24.39 102.59
C GLU EB 277 -30.55 -24.10 102.94
N THR EB 278 -31.00 -24.52 104.12
CA THR EB 278 -32.43 -24.56 104.41
C THR EB 278 -33.00 -23.18 104.69
N GLN EB 279 -32.24 -22.31 105.38
CA GLN EB 279 -32.77 -21.02 105.77
C GLN EB 279 -32.71 -20.04 104.59
N ALA EB 280 -33.34 -18.87 104.78
CA ALA EB 280 -33.32 -17.81 103.79
C ALA EB 280 -32.90 -16.49 104.43
N ALA EB 281 -32.93 -15.40 103.64
CA ALA EB 281 -32.49 -14.09 104.13
C ALA EB 281 -33.34 -13.00 103.50
N TYR EB 282 -33.29 -11.82 104.12
CA TYR EB 282 -34.03 -10.65 103.63
C TYR EB 282 -33.41 -9.40 104.22
N CYS EB 283 -33.46 -8.31 103.44
CA CYS EB 283 -32.99 -7.00 103.86
C CYS EB 283 -34.17 -6.04 103.87
N THR EB 284 -34.48 -5.47 105.03
CA THR EB 284 -35.65 -4.61 105.15
C THR EB 284 -35.37 -3.18 104.71
N GLY EB 285 -34.13 -2.73 104.81
CA GLY EB 285 -33.80 -1.38 104.41
C GLY EB 285 -32.53 -0.92 105.10
N TYR EB 286 -32.26 0.38 104.97
CA TYR EB 286 -31.07 0.97 105.55
C TYR EB 286 -31.31 2.45 105.81
N ALA EB 287 -30.36 3.06 106.52
CA ALA EB 287 -30.32 4.50 106.78
C ALA EB 287 -28.90 4.95 106.52
N ILE EB 288 -28.60 5.29 105.28
CA ILE EB 288 -27.25 5.69 104.91
C ILE EB 288 -27.01 7.13 105.33
N THR EB 289 -25.78 7.46 105.69
CA THR EB 289 -25.48 8.78 106.23
C THR EB 289 -24.01 9.11 106.02
N LEU EB 290 -23.70 10.40 106.17
CA LEU EB 290 -22.35 10.92 106.03
C LEU EB 290 -21.76 11.16 107.41
N GLY EB 291 -20.44 10.96 107.53
CA GLY EB 291 -19.79 11.22 108.80
C GLY EB 291 -19.67 12.69 109.13
N GLY EB 292 -19.23 13.48 108.15
CA GLY EB 292 -19.07 14.91 108.33
C GLY EB 292 -17.63 15.35 108.47
N MET FB 1 6.46 29.13 78.98
CA MET FB 1 6.75 27.74 78.68
C MET FB 1 5.47 26.95 78.43
N ILE FB 2 4.95 27.07 77.21
CA ILE FB 2 3.78 26.34 76.79
C ILE FB 2 4.13 25.47 75.59
N ILE FB 3 3.37 24.40 75.40
CA ILE FB 3 3.60 23.46 74.31
C ILE FB 3 2.69 23.83 73.14
N ASP FB 4 3.21 23.69 71.93
CA ASP FB 4 2.40 23.99 70.75
C ASP FB 4 1.36 22.90 70.52
N LEU FB 5 0.24 23.30 69.91
CA LEU FB 5 -0.86 22.39 69.65
C LEU FB 5 -0.65 21.56 68.39
N SER FB 6 0.32 21.91 67.55
CA SER FB 6 0.56 21.19 66.30
C SER FB 6 1.41 19.95 66.48
N GLN FB 7 1.89 19.67 67.70
CA GLN FB 7 2.65 18.47 67.98
C GLN FB 7 1.87 17.47 68.83
N LEU FB 8 0.60 17.75 69.09
CA LEU FB 8 -0.23 16.83 69.86
C LEU FB 8 -0.61 15.61 69.01
N PRO FB 9 -0.75 14.45 69.63
CA PRO FB 9 -1.30 13.30 68.91
C PRO FB 9 -2.78 13.46 68.67
N GLU FB 10 -3.27 12.73 67.66
CA GLU FB 10 -4.69 12.80 67.32
C GLU FB 10 -5.52 12.06 68.36
N PRO FB 11 -6.70 12.56 68.72
CA PRO FB 11 -7.46 11.92 69.80
C PRO FB 11 -8.22 10.68 69.35
N GLU FB 12 -9.02 10.14 70.27
CA GLU FB 12 -9.74 8.88 70.06
C GLU FB 12 -11.09 9.08 69.42
N VAL FB 13 -11.84 10.11 69.83
CA VAL FB 13 -13.23 10.24 69.43
C VAL FB 13 -13.40 10.78 68.02
N ILE FB 14 -12.43 11.51 67.48
CA ILE FB 14 -12.55 12.02 66.12
C ILE FB 14 -12.28 10.87 65.16
N GLU FB 15 -13.23 10.63 64.25
CA GLU FB 15 -13.15 9.57 63.26
C GLU FB 15 -13.27 10.11 61.86
N ASN FB 16 -12.44 9.61 60.95
CA ASN FB 16 -12.75 9.70 59.54
C ASN FB 16 -14.01 8.89 59.24
N LEU FB 17 -14.87 9.44 58.40
CA LEU FB 17 -16.10 8.78 58.04
C LEU FB 17 -16.02 8.27 56.60
N ASP FB 18 -16.95 7.37 56.27
CA ASP FB 18 -17.15 6.91 54.90
C ASP FB 18 -18.64 6.68 54.73
N PHE FB 19 -19.17 7.12 53.60
CA PHE FB 19 -20.56 6.76 53.31
C PHE FB 19 -20.68 5.28 52.98
N GLU FB 20 -19.66 4.69 52.36
CA GLU FB 20 -19.75 3.30 51.93
C GLU FB 20 -19.65 2.35 53.12
N THR FB 21 -18.73 2.60 54.05
CA THR FB 21 -18.58 1.70 55.19
C THR FB 21 -19.70 1.85 56.22
N ILE FB 22 -20.60 2.81 56.04
CA ILE FB 22 -21.87 2.80 56.76
C ILE FB 22 -22.95 2.12 55.93
N TYR FB 23 -22.97 2.38 54.63
CA TYR FB 23 -24.00 1.84 53.75
C TYR FB 23 -23.77 0.37 53.41
N GLN FB 24 -22.51 -0.06 53.26
CA GLN FB 24 -22.27 -1.48 53.04
C GLN FB 24 -22.48 -2.30 54.32
N GLU FB 25 -22.41 -1.66 55.49
CA GLU FB 25 -22.86 -2.34 56.70
C GLU FB 25 -24.37 -2.48 56.72
N LEU FB 26 -25.09 -1.43 56.30
CA LEU FB 26 -26.54 -1.50 56.28
C LEU FB 26 -27.05 -2.47 55.23
N LEU FB 27 -26.28 -2.70 54.15
CA LEU FB 27 -26.59 -3.81 53.27
C LEU FB 27 -26.29 -5.13 53.97
N GLY FB 28 -25.13 -5.23 54.61
CA GLY FB 28 -24.70 -6.40 55.34
C GLY FB 28 -25.33 -6.60 56.70
N ASP FB 29 -26.28 -5.74 57.07
CA ASP FB 29 -27.13 -5.99 58.22
C ASP FB 29 -28.57 -6.30 57.83
N PHE FB 30 -28.99 -5.90 56.64
CA PHE FB 30 -30.36 -6.09 56.17
C PHE FB 30 -30.51 -7.32 55.28
N ARG FB 31 -29.49 -7.65 54.50
CA ARG FB 31 -29.58 -8.79 53.58
C ARG FB 31 -29.62 -10.11 54.35
N GLU FB 32 -28.83 -10.21 55.42
CA GLU FB 32 -28.89 -11.37 56.29
C GLU FB 32 -30.14 -11.38 57.14
N ALA FB 33 -30.73 -10.21 57.41
CA ALA FB 33 -31.95 -10.13 58.20
C ALA FB 33 -33.19 -10.53 57.41
N MET FB 34 -33.13 -10.51 56.09
CA MET FB 34 -34.27 -10.93 55.28
C MET FB 34 -34.29 -12.42 55.01
N ALA FB 35 -33.15 -13.11 55.23
CA ALA FB 35 -32.98 -14.55 55.02
C ALA FB 35 -33.33 -14.95 53.58
N GLY FB 36 -32.91 -14.14 52.63
CA GLY FB 36 -33.13 -14.44 51.23
C GLY FB 36 -34.50 -14.09 50.69
N GLU FB 37 -35.35 -13.45 51.49
CA GLU FB 37 -36.67 -13.07 51.01
C GLU FB 37 -36.62 -11.80 50.19
N TRP FB 38 -35.66 -10.93 50.46
CA TRP FB 38 -35.37 -9.75 49.65
C TRP FB 38 -34.03 -9.96 48.96
N THR FB 39 -34.02 -9.88 47.63
CA THR FB 39 -32.77 -10.09 46.91
C THR FB 39 -32.59 -9.15 45.71
N ALA FB 40 -33.28 -8.02 45.69
CA ALA FB 40 -33.18 -7.06 44.58
C ALA FB 40 -32.32 -5.89 45.05
N GLU FB 41 -31.01 -5.99 44.85
CA GLU FB 41 -30.09 -4.91 45.21
C GLU FB 41 -29.98 -3.83 44.13
N VAL FB 42 -30.90 -3.80 43.18
CA VAL FB 42 -30.99 -2.70 42.24
C VAL FB 42 -31.41 -1.45 43.00
N GLU FB 43 -30.84 -0.30 42.61
CA GLU FB 43 -31.06 0.96 43.32
C GLU FB 43 -32.52 1.42 43.25
N SER FB 44 -33.26 1.02 42.22
CA SER FB 44 -34.66 1.38 42.08
C SER FB 44 -35.57 0.74 43.12
N ASP FB 45 -35.09 -0.26 43.85
CA ASP FB 45 -35.83 -0.84 44.97
C ASP FB 45 -35.97 0.19 46.08
N PRO FB 46 -37.18 0.47 46.57
CA PRO FB 46 -37.37 1.53 47.57
C PRO FB 46 -36.82 1.25 48.96
N VAL FB 47 -36.14 0.14 49.21
CA VAL FB 47 -35.32 0.04 50.40
C VAL FB 47 -33.98 0.76 50.21
N LEU FB 48 -33.47 0.82 48.98
CA LEU FB 48 -32.21 1.51 48.77
C LEU FB 48 -32.38 3.01 48.64
N LYS FB 49 -33.62 3.50 48.52
CA LYS FB 49 -33.87 4.90 48.82
C LYS FB 49 -33.65 5.17 50.29
N LEU FB 50 -34.08 4.24 51.14
CA LEU FB 50 -34.11 4.45 52.58
C LEU FB 50 -32.81 4.05 53.27
N LEU FB 51 -32.12 3.03 52.75
CA LEU FB 51 -30.81 2.71 53.29
C LEU FB 51 -29.75 3.73 52.89
N GLN FB 52 -30.01 4.53 51.86
CA GLN FB 52 -29.19 5.69 51.56
C GLN FB 52 -29.67 6.93 52.31
N LEU FB 53 -30.71 6.83 53.12
CA LEU FB 53 -31.01 7.84 54.13
C LEU FB 53 -30.47 7.45 55.49
N ALA FB 54 -30.61 6.19 55.87
CA ALA FB 54 -30.10 5.71 57.14
C ALA FB 54 -28.58 5.62 57.16
N ALA FB 55 -27.91 5.71 56.02
CA ALA FB 55 -26.48 5.84 55.96
C ALA FB 55 -26.02 7.27 55.71
N TYR FB 56 -26.93 8.14 55.28
CA TYR FB 56 -26.61 9.56 55.09
C TYR FB 56 -26.97 10.38 56.32
N ARG FB 57 -28.14 10.14 56.92
CA ARG FB 57 -28.48 10.84 58.15
C ARG FB 57 -27.69 10.33 59.34
N GLU FB 58 -27.23 9.09 59.30
CA GLU FB 58 -26.34 8.62 60.37
C GLU FB 58 -24.97 9.28 60.24
N LEU FB 59 -24.49 9.45 58.99
CA LEU FB 59 -23.22 10.13 58.76
C LEU FB 59 -23.28 11.58 59.18
N LEU FB 60 -24.46 12.19 59.14
CA LEU FB 60 -24.61 13.52 59.73
C LEU FB 60 -24.54 13.45 61.25
N LEU FB 61 -25.16 12.44 61.87
CA LEU FB 61 -25.07 12.31 63.32
C LEU FB 61 -23.69 11.83 63.76
N ARG FB 62 -22.99 11.07 62.92
CA ARG FB 62 -21.60 10.74 63.24
C ARG FB 62 -20.71 11.97 63.13
N ALA FB 63 -21.08 12.93 62.27
CA ALA FB 63 -20.29 14.13 62.11
C ALA FB 63 -20.62 15.19 63.17
N ARG FB 64 -21.85 15.20 63.68
CA ARG FB 64 -22.21 16.11 64.75
C ARG FB 64 -21.46 15.76 66.03
N ILE FB 65 -21.24 14.47 66.27
CA ILE FB 65 -20.46 14.03 67.42
C ILE FB 65 -18.99 14.42 67.23
N ASN FB 66 -18.48 14.31 66.00
CA ASN FB 66 -17.14 14.81 65.74
C ASN FB 66 -17.06 16.32 65.76
N ASP FB 67 -18.16 17.00 65.40
CA ASP FB 67 -18.18 18.46 65.52
C ASP FB 67 -18.25 18.90 66.98
N ALA FB 68 -18.96 18.14 67.82
CA ALA FB 68 -19.05 18.49 69.23
C ALA FB 68 -17.80 18.09 70.01
N ALA FB 69 -17.10 17.04 69.55
CA ALA FB 69 -15.87 16.64 70.22
C ALA FB 69 -14.73 17.59 69.92
N ARG FB 70 -14.73 18.23 68.75
CA ARG FB 70 -13.73 19.26 68.48
C ARG FB 70 -14.03 20.53 69.25
N ALA FB 71 -15.30 20.79 69.54
CA ALA FB 71 -15.71 22.02 70.21
C ALA FB 71 -15.38 22.02 71.69
N VAL FB 72 -15.02 20.87 72.27
CA VAL FB 72 -14.64 20.77 73.67
C VAL FB 72 -13.16 20.51 73.83
N MET FB 73 -12.40 20.57 72.74
CA MET FB 73 -10.95 20.42 72.78
C MET FB 73 -10.31 21.74 72.36
N LEU FB 74 -9.23 22.11 73.06
CA LEU FB 74 -8.62 23.42 72.82
C LEU FB 74 -7.86 23.45 71.51
N ALA FB 75 -7.34 22.31 71.07
CA ALA FB 75 -6.56 22.26 69.84
C ALA FB 75 -7.42 22.18 68.58
N TYR FB 76 -8.75 22.14 68.71
CA TYR FB 76 -9.60 22.03 67.55
C TYR FB 76 -10.82 22.94 67.55
N ALA FB 77 -11.19 23.57 68.66
CA ALA FB 77 -12.39 24.38 68.70
C ALA FB 77 -12.16 25.73 68.02
N SER FB 78 -13.23 26.28 67.46
CA SER FB 78 -13.18 27.56 66.79
C SER FB 78 -14.55 28.20 66.82
N GLY FB 79 -14.61 29.47 66.44
CA GLY FB 79 -15.88 30.17 66.39
C GLY FB 79 -16.34 30.56 67.77
N ALA FB 80 -17.61 30.30 68.06
CA ALA FB 80 -18.18 30.55 69.38
C ALA FB 80 -17.95 29.40 70.35
N ASP FB 81 -17.09 28.45 69.99
CA ASP FB 81 -16.78 27.31 70.86
C ASP FB 81 -15.53 27.54 71.69
N LEU FB 82 -14.62 28.41 71.23
CA LEU FB 82 -13.57 28.91 72.10
C LEU FB 82 -14.07 30.00 73.05
N ASP FB 83 -15.26 30.54 72.80
CA ASP FB 83 -15.88 31.43 73.76
C ASP FB 83 -16.27 30.69 75.03
N GLN FB 84 -16.68 29.43 74.90
CA GLN FB 84 -17.03 28.64 76.07
C GLN FB 84 -15.78 28.18 76.82
N ILE FB 85 -14.68 27.95 76.11
CA ILE FB 85 -13.41 27.71 76.77
C ILE FB 85 -12.88 29.02 77.35
N GLY FB 86 -13.15 30.13 76.67
CA GLY FB 86 -12.68 31.41 77.15
C GLY FB 86 -13.43 31.93 78.36
N ALA FB 87 -14.74 31.64 78.43
CA ALA FB 87 -15.53 32.09 79.57
C ALA FB 87 -15.21 31.31 80.84
N GLY FB 88 -14.67 30.10 80.71
CA GLY FB 88 -14.29 29.34 81.89
C GLY FB 88 -12.97 29.77 82.48
N PHE FB 89 -12.09 30.35 81.66
CA PHE FB 89 -10.76 30.74 82.11
C PHE FB 89 -10.60 32.24 82.22
N ASN FB 90 -11.72 32.98 82.22
CA ASN FB 90 -11.79 34.43 82.39
C ASN FB 90 -10.95 35.16 81.31
N VAL FB 91 -11.07 34.67 80.08
CA VAL FB 91 -10.39 35.25 78.93
C VAL FB 91 -11.44 35.67 77.92
N GLN FB 92 -11.38 36.93 77.50
CA GLN FB 92 -12.32 37.48 76.53
C GLN FB 92 -11.60 37.79 75.23
N ARG FB 93 -12.35 37.76 74.13
CA ARG FB 93 -11.80 38.03 72.82
C ARG FB 93 -11.64 39.54 72.64
N LEU FB 94 -10.51 39.94 72.05
CA LEU FB 94 -10.11 41.35 72.03
C LEU FB 94 -10.98 42.17 71.08
N LEU FB 95 -10.73 43.47 71.10
CA LEU FB 95 -11.34 44.43 70.18
C LEU FB 95 -10.23 45.31 69.63
N ILE FB 96 -9.83 45.07 68.39
CA ILE FB 96 -8.78 45.88 67.76
C ILE FB 96 -9.32 47.26 67.41
N ARG FB 97 -10.36 47.31 66.64
CA ARG FB 97 -11.12 48.51 66.35
C ARG FB 97 -12.48 48.42 67.03
N PRO FB 98 -13.03 49.56 67.52
CA PRO FB 98 -14.26 49.49 68.31
C PRO FB 98 -15.51 49.11 67.50
N ALA FB 99 -16.62 48.93 68.21
CA ALA FB 99 -17.81 48.34 67.59
C ALA FB 99 -18.68 49.38 66.89
N GLN FB 100 -18.83 50.56 67.48
CA GLN FB 100 -19.85 51.47 66.97
C GLN FB 100 -19.29 52.37 65.89
N PRO FB 101 -19.93 52.45 64.73
CA PRO FB 101 -19.53 53.42 63.71
C PRO FB 101 -20.25 54.74 63.87
N GLU FB 102 -19.65 55.79 63.30
CA GLU FB 102 -20.28 57.09 63.23
C GLU FB 102 -20.83 57.41 61.85
N ALA FB 103 -20.49 56.60 60.84
CA ALA FB 103 -20.92 56.84 59.47
C ALA FB 103 -22.06 55.90 59.09
N VAL FB 104 -22.51 56.02 57.84
CA VAL FB 104 -23.65 55.25 57.33
C VAL FB 104 -23.27 53.79 57.05
N PRO FB 105 -22.12 53.44 56.45
CA PRO FB 105 -21.74 52.02 56.44
C PRO FB 105 -21.35 51.55 57.83
N PRO FB 106 -21.94 50.44 58.31
CA PRO FB 106 -21.63 49.95 59.66
C PRO FB 106 -20.25 49.33 59.72
N VAL FB 107 -19.38 49.94 60.54
CA VAL FB 107 -18.06 49.37 60.79
C VAL FB 107 -18.21 48.11 61.63
N GLU FB 108 -17.66 47.01 61.13
CA GLU FB 108 -17.75 45.73 61.84
C GLU FB 108 -16.89 45.77 63.10
N ALA FB 109 -17.41 45.18 64.18
CA ALA FB 109 -16.71 45.11 65.45
C ALA FB 109 -15.56 44.12 65.29
N GLN FB 110 -14.35 44.65 65.06
CA GLN FB 110 -13.22 43.78 64.73
C GLN FB 110 -12.73 43.03 65.96
N TYR FB 111 -12.93 41.72 65.94
CA TYR FB 111 -12.43 40.83 66.97
C TYR FB 111 -11.14 40.18 66.47
N GLU FB 112 -10.33 39.71 67.40
CA GLU FB 112 -9.14 38.96 67.02
C GLU FB 112 -9.54 37.57 66.54
N SER FB 113 -8.68 36.97 65.72
CA SER FB 113 -8.96 35.66 65.14
C SER FB 113 -8.85 34.57 66.19
N ASP FB 114 -9.44 33.41 65.90
CA ASP FB 114 -9.42 32.30 66.85
C ASP FB 114 -8.05 31.63 66.95
N LYS FB 115 -7.13 31.93 66.04
CA LYS FB 115 -5.76 31.46 66.17
C LYS FB 115 -4.99 32.24 67.24
N SER FB 116 -5.50 33.40 67.66
CA SER FB 116 -4.91 34.16 68.75
C SER FB 116 -5.60 33.94 70.08
N LEU FB 117 -6.81 33.37 70.09
CA LEU FB 117 -7.38 32.90 71.34
C LEU FB 117 -6.60 31.74 71.90
N ARG FB 118 -6.21 30.79 71.03
CA ARG FB 118 -5.38 29.66 71.44
C ARG FB 118 -4.02 30.10 71.98
N ASN FB 119 -3.54 31.28 71.56
CA ASN FB 119 -2.45 31.91 72.25
C ASN FB 119 -2.86 32.35 73.66
N ARG FB 120 -4.04 32.95 73.79
CA ARG FB 120 -4.40 33.60 75.04
C ARG FB 120 -5.01 32.64 76.06
N ILE FB 121 -5.72 31.61 75.61
CA ILE FB 121 -6.22 30.61 76.56
C ILE FB 121 -5.05 29.82 77.14
N GLN FB 122 -4.02 29.58 76.34
CA GLN FB 122 -2.89 28.79 76.81
C GLN FB 122 -1.93 29.61 77.66
N LEU FB 123 -1.90 30.93 77.48
CA LEU FB 123 -1.13 31.82 78.35
C LEU FB 123 -1.94 32.34 79.53
N ALA FB 124 -3.10 31.74 79.81
CA ALA FB 124 -3.89 32.13 80.97
C ALA FB 124 -3.40 31.49 82.26
N PHE FB 125 -2.37 30.66 82.20
CA PHE FB 125 -1.78 30.04 83.38
C PHE FB 125 -0.50 30.74 83.81
N GLU FB 126 0.47 30.84 82.92
CA GLU FB 126 1.70 31.58 83.18
C GLU FB 126 1.36 33.06 83.06
N GLN FB 127 0.87 33.63 84.16
CA GLN FB 127 0.28 34.96 84.17
C GLN FB 127 0.49 35.53 85.57
N LEU FB 128 0.59 36.85 85.65
CA LEU FB 128 0.75 37.51 86.95
C LEU FB 128 -0.55 37.39 87.74
N SER FB 129 -0.50 36.61 88.81
CA SER FB 129 -1.63 36.34 89.67
C SER FB 129 -1.49 36.92 91.06
N VAL FB 130 -0.37 36.66 91.72
CA VAL FB 130 -0.14 37.06 93.10
C VAL FB 130 1.36 37.13 93.32
N ALA FB 131 1.81 38.07 94.15
CA ALA FB 131 3.24 38.28 94.37
C ALA FB 131 3.73 37.40 95.52
N GLY FB 132 3.88 36.11 95.22
CA GLY FB 132 4.45 35.17 96.16
C GLY FB 132 5.96 35.25 96.28
N PRO FB 133 6.70 34.83 95.25
CA PRO FB 133 8.16 34.80 95.38
C PRO FB 133 8.83 36.10 94.95
N ARG FB 134 10.18 36.09 94.95
CA ARG FB 134 10.95 37.28 94.62
C ARG FB 134 10.79 37.69 93.17
N ASN FB 135 10.44 36.75 92.29
CA ASN FB 135 10.24 37.06 90.88
C ASN FB 135 8.85 37.61 90.59
N ALA FB 136 7.97 37.63 91.59
CA ALA FB 136 6.62 38.12 91.42
C ALA FB 136 6.31 39.39 92.20
N TYR FB 137 7.10 39.73 93.23
CA TYR FB 137 6.95 41.05 93.83
C TYR FB 137 7.37 42.15 92.88
N ILE FB 138 8.34 41.88 92.00
CA ILE FB 138 8.86 42.92 91.12
C ILE FB 138 7.98 43.06 89.87
N ALA FB 139 7.48 41.95 89.35
CA ALA FB 139 6.62 42.01 88.18
C ALA FB 139 5.25 42.57 88.51
N HIS FB 140 4.79 42.40 89.76
CA HIS FB 140 3.62 43.12 90.24
C HIS FB 140 3.94 44.55 90.67
N ALA FB 141 5.22 44.94 90.68
CA ALA FB 141 5.63 46.31 90.93
C ALA FB 141 5.97 47.04 89.65
N LEU FB 142 5.20 46.80 88.58
CA LEU FB 142 5.36 47.51 87.32
C LEU FB 142 4.14 48.36 87.03
N GLY FB 143 3.63 49.04 88.06
CA GLY FB 143 2.56 50.00 87.91
C GLY FB 143 3.04 51.36 87.48
N ALA FB 144 4.21 51.76 87.96
CA ALA FB 144 4.82 53.03 87.55
C ALA FB 144 5.53 52.86 86.21
N ASP FB 145 6.12 53.95 85.72
CA ASP FB 145 6.75 53.90 84.41
C ASP FB 145 8.20 54.37 84.40
N GLY FB 146 8.53 55.41 85.16
CA GLY FB 146 9.88 55.95 85.13
C GLY FB 146 10.82 55.24 86.07
N ARG FB 147 11.23 54.03 85.71
CA ARG FB 147 11.86 53.12 86.65
C ARG FB 147 12.51 51.97 85.91
N VAL FB 148 13.63 51.48 86.45
CA VAL FB 148 14.35 50.33 85.92
C VAL FB 148 14.17 49.21 86.94
N ALA FB 149 14.73 48.02 86.66
CA ALA FB 149 14.41 46.77 87.36
C ALA FB 149 14.75 46.82 88.86
N ASP FB 150 14.27 45.80 89.56
CA ASP FB 150 14.18 45.83 91.01
C ASP FB 150 14.28 44.40 91.53
N ALA FB 151 14.56 44.27 92.83
CA ALA FB 151 14.66 42.99 93.53
C ALA FB 151 14.05 43.13 94.91
N SER FB 152 13.78 42.00 95.55
CA SER FB 152 13.09 41.98 96.84
C SER FB 152 13.89 41.24 97.88
N ALA FB 153 13.56 41.52 99.15
CA ALA FB 153 14.19 40.87 100.29
C ALA FB 153 13.18 40.73 101.41
N THR FB 154 13.58 40.00 102.45
CA THR FB 154 12.77 39.87 103.66
C THR FB 154 13.72 39.62 104.84
N SER FB 155 13.80 40.59 105.75
CA SER FB 155 14.74 40.44 106.85
C SER FB 155 14.20 39.52 107.94
N PRO FB 156 12.90 39.60 108.39
CA PRO FB 156 12.37 38.49 109.18
C PRO FB 156 11.63 37.47 108.33
N ALA FB 157 11.46 36.26 108.87
CA ALA FB 157 10.58 35.29 108.22
C ALA FB 157 9.10 35.64 108.34
N PRO FB 158 8.49 35.78 109.54
CA PRO FB 158 7.02 35.65 109.59
C PRO FB 158 6.23 36.84 109.06
N CYS FB 159 6.74 38.07 109.11
CA CYS FB 159 5.90 39.23 108.83
C CYS FB 159 6.30 40.03 107.61
N GLU FB 160 7.54 40.52 107.57
CA GLU FB 160 7.90 41.66 106.72
C GLU FB 160 8.57 41.20 105.44
N VAL FB 161 8.25 41.90 104.34
CA VAL FB 161 8.90 41.75 103.05
C VAL FB 161 9.37 43.13 102.60
N LEU FB 162 10.58 43.18 102.03
CA LEU FB 162 11.22 44.44 101.67
C LEU FB 162 11.38 44.54 100.16
N ILE FB 163 10.94 45.66 99.59
CA ILE FB 163 11.11 45.97 98.17
C ILE FB 163 11.77 47.33 98.07
N SER FB 164 12.96 47.38 97.47
CA SER FB 164 13.78 48.59 97.41
C SER FB 164 13.67 49.18 96.00
N VAL FB 165 12.68 50.04 95.81
CA VAL FB 165 12.36 50.61 94.51
C VAL FB 165 13.36 51.73 94.18
N LEU FB 166 14.03 51.61 93.04
CA LEU FB 166 14.83 52.71 92.51
C LEU FB 166 14.36 53.02 91.09
N GLY FB 167 14.15 54.30 90.81
CA GLY FB 167 13.67 54.71 89.51
C GLY FB 167 14.57 55.72 88.84
N VAL FB 168 14.92 55.48 87.58
CA VAL FB 168 15.90 56.30 86.88
C VAL FB 168 15.13 57.45 86.22
N GLU FB 169 15.07 58.58 86.93
CA GLU FB 169 14.61 59.84 86.38
C GLU FB 169 15.72 60.87 86.38
N GLY FB 170 16.32 61.13 87.53
CA GLY FB 170 17.51 61.95 87.63
C GLY FB 170 18.71 61.14 88.07
N ASN FB 171 19.04 61.23 89.36
CA ASN FB 171 20.15 60.47 89.94
C ASN FB 171 19.78 59.03 90.29
N GLY FB 172 18.52 58.64 90.12
CA GLY FB 172 18.10 57.30 90.44
C GLY FB 172 17.40 57.14 91.77
N GLN FB 173 17.12 58.24 92.47
CA GLN FB 173 16.34 58.18 93.70
C GLN FB 173 14.88 57.89 93.39
N ALA FB 174 14.19 57.33 94.37
CA ALA FB 174 12.75 57.10 94.24
C ALA FB 174 12.00 58.32 94.76
N PRO FB 175 11.18 58.97 93.93
CA PRO FB 175 10.36 60.07 94.43
C PRO FB 175 9.24 59.56 95.33
N GLU FB 176 8.72 60.49 96.14
CA GLU FB 176 7.61 60.14 97.02
C GLU FB 176 6.29 60.03 96.28
N ALA FB 177 6.21 60.52 95.04
CA ALA FB 177 5.00 60.37 94.26
C ALA FB 177 4.81 58.92 93.81
N VAL FB 178 5.89 58.22 93.50
CA VAL FB 178 5.79 56.82 93.10
C VAL FB 178 5.95 55.87 94.27
N LEU FB 179 6.14 56.37 95.49
CA LEU FB 179 6.08 55.49 96.65
C LEU FB 179 4.66 55.02 96.90
N GLN FB 180 3.68 55.90 96.75
CA GLN FB 180 2.29 55.50 96.88
C GLN FB 180 1.78 54.78 95.64
N ALA FB 181 2.40 55.03 94.48
CA ALA FB 181 1.98 54.36 93.25
C ALA FB 181 2.34 52.88 93.26
N VAL FB 182 3.36 52.49 94.03
CA VAL FB 182 3.62 51.07 94.24
C VAL FB 182 2.65 50.50 95.25
N ARG FB 183 2.37 51.24 96.33
CA ARG FB 183 1.54 50.72 97.41
C ARG FB 183 0.07 50.64 97.04
N LEU FB 184 -0.36 51.27 95.95
CA LEU FB 184 -1.74 51.12 95.50
C LEU FB 184 -1.96 49.76 94.87
N ALA FB 185 -0.90 49.12 94.37
CA ALA FB 185 -1.06 47.85 93.67
C ALA FB 185 -0.85 46.67 94.60
N LEU FB 186 -0.05 46.85 95.65
CA LEU FB 186 0.36 45.70 96.46
C LEU FB 186 -0.64 45.38 97.56
N ASN FB 187 -1.70 46.17 97.70
CA ASN FB 187 -2.66 45.92 98.77
C ASN FB 187 -3.57 44.74 98.46
N ALA FB 188 -3.90 44.53 97.18
CA ALA FB 188 -4.79 43.46 96.78
C ALA FB 188 -4.12 42.41 95.89
N GLU FB 189 -2.84 42.60 95.53
CA GLU FB 189 -2.13 41.66 94.68
C GLU FB 189 -1.05 40.89 95.43
N ASP FB 190 -0.96 41.05 96.75
CA ASP FB 190 -0.03 40.28 97.56
C ASP FB 190 -0.80 39.21 98.33
N VAL FB 191 -0.05 38.47 99.14
CA VAL FB 191 -0.67 37.76 100.26
C VAL FB 191 -1.19 38.81 101.22
N ARG FB 192 -2.34 38.55 101.85
CA ARG FB 192 -2.99 39.57 102.65
C ARG FB 192 -2.21 40.05 103.89
N PRO FB 193 -1.61 39.17 104.78
CA PRO FB 193 -0.88 39.69 105.93
C PRO FB 193 0.60 39.95 105.66
N VAL FB 194 0.89 40.75 104.64
CA VAL FB 194 2.26 41.16 104.41
C VAL FB 194 2.51 42.51 105.07
N ALA FB 195 3.69 42.64 105.66
CA ALA FB 195 4.19 43.93 106.14
C ALA FB 195 5.10 44.47 105.05
N ASP FB 196 4.47 44.86 103.95
CA ASP FB 196 5.19 45.33 102.76
C ASP FB 196 5.77 46.72 103.04
N ARG FB 197 6.95 46.72 103.65
CA ARG FB 197 7.63 47.98 103.95
C ARG FB 197 8.19 48.55 102.66
N VAL FB 198 7.36 49.26 101.91
CA VAL FB 198 7.76 49.87 100.65
C VAL FB 198 8.25 51.27 101.00
N THR FB 199 9.52 51.36 101.37
CA THR FB 199 10.20 52.64 101.51
C THR FB 199 10.76 53.04 100.15
N VAL FB 200 11.60 54.07 100.14
CA VAL FB 200 12.38 54.38 98.95
C VAL FB 200 13.38 53.26 98.72
N ARG FB 201 14.31 53.07 99.65
CA ARG FB 201 15.44 52.15 99.58
C ARG FB 201 16.18 52.32 100.90
N SER FB 202 17.14 51.43 101.16
CA SER FB 202 18.00 51.62 102.32
C SER FB 202 19.09 52.66 102.04
N ALA FB 203 19.71 52.60 100.87
CA ALA FB 203 20.70 53.58 100.45
C ALA FB 203 20.68 53.66 98.93
N GLY FB 204 20.45 54.85 98.39
CA GLY FB 204 20.28 55.02 96.96
C GLY FB 204 21.53 55.48 96.27
N ILE FB 205 21.63 56.78 96.01
CA ILE FB 205 22.80 57.34 95.37
C ILE FB 205 24.00 57.27 96.33
N VAL FB 206 24.87 56.30 96.09
CA VAL FB 206 26.15 56.21 96.78
C VAL FB 206 27.17 56.50 95.70
N PRO FB 207 27.62 57.76 95.57
CA PRO FB 207 28.28 58.22 94.33
C PRO FB 207 29.63 57.55 94.11
N TYR FB 208 29.72 56.78 93.04
CA TYR FB 208 30.92 56.01 92.70
C TYR FB 208 31.56 56.68 91.48
N GLN FB 209 32.47 57.60 91.74
CA GLN FB 209 33.27 58.17 90.67
C GLN FB 209 34.28 57.14 90.19
N VAL FB 210 34.74 57.34 88.96
CA VAL FB 210 35.85 56.59 88.39
C VAL FB 210 36.81 57.56 87.74
N LYS FB 211 38.11 57.27 87.85
CA LYS FB 211 39.13 57.93 87.07
C LYS FB 211 40.12 56.88 86.60
N ALA FB 212 40.60 57.02 85.38
CA ALA FB 212 41.53 56.06 84.79
C ALA FB 212 42.63 56.80 84.08
N GLN FB 213 43.86 56.63 84.55
CA GLN FB 213 45.04 57.19 83.90
C GLN FB 213 45.50 56.16 82.86
N LEU FB 214 44.97 56.30 81.64
CA LEU FB 214 45.26 55.35 80.58
C LEU FB 214 46.66 55.57 80.01
N TYR FB 215 47.40 54.50 79.86
CA TYR FB 215 48.73 54.52 79.24
C TYR FB 215 48.66 53.72 77.95
N LEU FB 216 48.90 54.39 76.82
CA LEU FB 216 48.75 53.81 75.50
C LEU FB 216 50.04 53.97 74.71
N PHE FB 217 50.16 53.19 73.64
CA PHE FB 217 51.19 53.58 72.71
C PHE FB 217 50.69 54.75 71.85
N PRO FB 218 51.52 55.76 71.60
CA PRO FB 218 51.01 56.97 70.92
C PRO FB 218 50.79 56.84 69.41
N GLY FB 219 50.72 55.63 68.89
CA GLY FB 219 50.56 55.40 67.46
C GLY FB 219 49.19 55.72 66.91
N PRO FB 220 48.84 55.09 65.78
CA PRO FB 220 47.65 55.52 65.04
C PRO FB 220 46.33 55.08 65.69
N GLU FB 221 46.35 53.92 66.34
CA GLU FB 221 45.17 53.35 66.97
C GLU FB 221 44.86 53.93 68.34
N ALA FB 222 45.65 54.91 68.80
CA ALA FB 222 45.48 55.46 70.13
C ALA FB 222 44.19 56.27 70.28
N GLU FB 223 43.60 56.73 69.18
CA GLU FB 223 42.29 57.35 69.26
C GLU FB 223 41.18 56.30 69.23
N LEU FB 224 41.41 55.18 68.54
CA LEU FB 224 40.36 54.18 68.36
C LEU FB 224 40.21 53.27 69.57
N ILE FB 225 41.32 52.86 70.18
CA ILE FB 225 41.25 51.97 71.33
C ILE FB 225 40.96 52.74 72.61
N ARG FB 226 41.18 54.05 72.63
CA ARG FB 226 40.80 54.87 73.78
C ARG FB 226 39.29 54.99 73.87
N ALA FB 227 38.63 55.21 72.74
CA ALA FB 227 37.17 55.27 72.72
C ALA FB 227 36.54 53.89 72.78
N ALA FB 228 37.27 52.85 72.40
CA ALA FB 228 36.73 51.49 72.48
C ALA FB 228 36.69 51.02 73.93
N ALA FB 229 37.71 51.34 74.72
CA ALA FB 229 37.67 51.05 76.15
C ALA FB 229 36.70 51.97 76.87
N GLU FB 230 36.50 53.18 76.35
CA GLU FB 230 35.49 54.07 76.91
C GLU FB 230 34.08 53.61 76.59
N ALA FB 231 33.89 53.02 75.41
CA ALA FB 231 32.57 52.47 75.07
C ALA FB 231 32.26 51.22 75.87
N SER FB 232 33.28 50.45 76.22
CA SER FB 232 33.07 49.32 77.12
C SER FB 232 32.76 49.76 78.54
N LEU FB 233 33.15 50.98 78.91
CA LEU FB 233 32.82 51.51 80.22
C LEU FB 233 31.38 52.02 80.26
N ARG FB 234 30.85 52.48 79.13
CA ARG FB 234 29.49 53.02 79.09
C ARG FB 234 28.45 51.93 79.30
N ASP FB 235 28.51 50.86 78.49
CA ASP FB 235 27.52 49.80 78.62
C ASP FB 235 27.75 48.92 79.85
N TYR FB 236 28.91 49.00 80.48
CA TYR FB 236 29.11 48.30 81.74
C TYR FB 236 28.34 48.99 82.86
N ILE FB 237 28.55 50.29 83.02
CA ILE FB 237 27.90 51.06 84.09
C ILE FB 237 26.39 51.14 83.84
N SER FB 238 25.98 51.21 82.57
CA SER FB 238 24.56 51.15 82.23
C SER FB 238 23.95 49.79 82.54
N ALA FB 239 24.76 48.74 82.59
CA ALA FB 239 24.31 47.44 83.10
C ALA FB 239 24.44 47.33 84.61
N GLN FB 240 25.14 48.24 85.26
CA GLN FB 240 25.26 48.26 86.70
C GLN FB 240 24.15 49.06 87.37
N ARG FB 241 23.22 49.60 86.60
CA ARG FB 241 22.00 50.19 87.15
C ARG FB 241 21.11 49.04 87.58
N ARG FB 242 21.38 48.51 88.76
CA ARG FB 242 20.93 47.19 89.16
C ARG FB 242 21.04 47.13 90.68
N LEU FB 243 20.43 46.11 91.27
CA LEU FB 243 20.66 45.78 92.67
C LEU FB 243 21.71 44.70 92.85
N GLY FB 244 22.11 44.03 91.76
CA GLY FB 244 23.32 43.23 91.81
C GLY FB 244 24.56 44.10 91.95
N ARG FB 245 24.58 45.23 91.23
CA ARG FB 245 25.37 46.46 91.41
C ARG FB 245 26.82 46.29 91.87
N ASP FB 246 27.49 45.24 91.40
CA ASP FB 246 28.82 44.91 91.89
C ASP FB 246 29.86 45.88 91.28
N ILE FB 247 29.81 47.13 91.77
CA ILE FB 247 30.80 48.12 91.40
C ILE FB 247 32.12 47.78 92.06
N ARG FB 248 33.18 47.67 91.25
CA ARG FB 248 34.43 47.14 91.78
C ARG FB 248 35.65 47.93 91.33
N ARG FB 249 36.83 47.34 91.57
CA ARG FB 249 38.09 47.83 91.05
C ARG FB 249 38.68 46.91 90.00
N SER FB 250 38.70 45.61 90.25
CA SER FB 250 39.30 44.69 89.29
C SER FB 250 38.31 44.22 88.23
N ALA FB 251 37.00 44.34 88.46
CA ALA FB 251 36.05 44.07 87.39
C ALA FB 251 36.06 45.19 86.36
N LEU FB 252 36.52 46.38 86.74
CA LEU FB 252 36.73 47.47 85.79
C LEU FB 252 38.11 47.43 85.17
N PHE FB 253 38.99 46.53 85.62
CA PHE FB 253 40.23 46.30 84.90
C PHE FB 253 39.97 45.65 83.55
N ALA FB 254 39.17 44.58 83.51
CA ALA FB 254 38.89 43.90 82.26
C ALA FB 254 38.02 44.75 81.33
N THR FB 255 37.33 45.74 81.88
CA THR FB 255 36.61 46.70 81.06
C THR FB 255 37.58 47.59 80.29
N LEU FB 256 38.70 47.95 80.92
CA LEU FB 256 39.57 48.98 80.34
C LEU FB 256 40.84 48.39 79.75
N HIS FB 257 41.12 47.11 80.00
CA HIS FB 257 42.35 46.49 79.49
C HIS FB 257 42.15 45.85 78.12
N VAL FB 258 41.29 46.43 77.26
CA VAL FB 258 40.53 45.71 76.22
C VAL FB 258 41.34 44.76 75.33
N GLU FB 259 42.29 45.27 74.54
CA GLU FB 259 43.25 44.41 73.86
C GLU FB 259 44.68 44.93 73.86
N GLY FB 260 44.89 46.24 73.89
CA GLY FB 260 46.21 46.76 73.60
C GLY FB 260 46.67 47.92 74.44
N VAL FB 261 46.08 48.09 75.62
CA VAL FB 261 46.52 49.13 76.52
C VAL FB 261 47.79 48.65 77.23
N GLN FB 262 48.57 49.60 77.76
CA GLN FB 262 49.76 49.21 78.52
C GLN FB 262 49.40 48.90 79.97
N ARG FB 263 48.78 49.85 80.66
CA ARG FB 263 48.28 49.64 82.02
C ARG FB 263 47.18 50.67 82.27
N VAL FB 264 46.54 50.55 83.44
CA VAL FB 264 45.51 51.50 83.84
C VAL FB 264 45.73 51.80 85.32
N GLU FB 265 45.22 52.95 85.78
CA GLU FB 265 45.29 53.35 87.18
C GLU FB 265 43.91 53.84 87.61
N LEU FB 266 43.21 53.03 88.40
CA LEU FB 266 41.89 53.42 88.92
C LEU FB 266 42.05 54.06 90.29
N GLN FB 267 41.66 55.34 90.39
CA GLN FB 267 41.89 56.11 91.60
C GLN FB 267 40.72 56.03 92.57
N GLU FB 268 39.51 56.36 92.11
CA GLU FB 268 38.37 56.40 93.03
C GLU FB 268 37.87 54.99 93.38
N PRO FB 269 37.82 53.99 92.46
CA PRO FB 269 37.72 52.61 92.96
C PRO FB 269 39.07 52.11 93.46
N ALA FB 270 39.24 52.05 94.77
CA ALA FB 270 40.44 51.51 95.38
C ALA FB 270 40.18 50.20 96.11
N ALA FB 271 38.95 49.99 96.58
CA ALA FB 271 38.54 48.73 97.18
C ALA FB 271 37.20 48.33 96.58
N ASP FB 272 36.86 47.05 96.74
CA ASP FB 272 35.59 46.55 96.25
C ASP FB 272 34.45 47.03 97.13
N VAL FB 273 33.33 47.32 96.50
CA VAL FB 273 32.13 47.74 97.23
C VAL FB 273 31.50 46.52 97.89
N VAL FB 274 31.25 46.62 99.20
CA VAL FB 274 30.54 45.58 99.92
C VAL FB 274 29.09 45.52 99.44
N LEU FB 275 28.57 44.30 99.28
CA LEU FB 275 27.35 44.08 98.54
C LEU FB 275 26.25 43.53 99.43
N ASP FB 276 25.12 44.23 99.46
CA ASP FB 276 23.85 43.71 99.92
C ASP FB 276 22.77 44.06 98.89
N GLU FB 277 21.60 43.46 99.05
CA GLU FB 277 20.51 43.74 98.13
C GLU FB 277 19.90 45.11 98.37
N THR FB 278 19.98 45.61 99.60
CA THR FB 278 19.18 46.76 100.00
C THR FB 278 19.71 48.07 99.42
N GLN FB 279 21.03 48.22 99.35
CA GLN FB 279 21.61 49.48 98.91
C GLN FB 279 21.57 49.60 97.39
N ALA FB 280 21.90 50.79 96.89
CA ALA FB 280 21.99 51.03 95.45
C ALA FB 280 23.33 51.68 95.09
N ALA FB 281 23.51 52.04 93.82
CA ALA FB 281 24.76 52.61 93.35
C ALA FB 281 24.48 53.65 92.27
N TYR FB 282 25.48 54.50 92.02
CA TYR FB 282 25.38 55.54 91.00
C TYR FB 282 26.80 55.98 90.62
N CYS FB 283 26.96 56.37 89.35
CA CYS FB 283 28.21 56.90 88.82
C CYS FB 283 27.97 58.33 88.35
N THR FB 284 28.67 59.28 88.96
CA THR FB 284 28.44 60.69 88.63
C THR FB 284 29.18 61.13 87.38
N GLY FB 285 30.30 60.49 87.06
CA GLY FB 285 31.07 60.87 85.89
C GLY FB 285 32.51 60.42 86.02
N TYR FB 286 33.33 60.90 85.08
CA TYR FB 286 34.73 60.54 85.05
C TYR FB 286 35.53 61.64 84.37
N ALA FB 287 36.85 61.53 84.46
CA ALA FB 287 37.79 62.41 83.77
C ALA FB 287 38.86 61.49 83.15
N ILE FB 288 38.59 61.03 81.94
CA ILE FB 288 39.50 60.11 81.27
C ILE FB 288 40.66 60.90 80.68
N THR FB 289 41.85 60.28 80.65
CA THR FB 289 43.05 60.99 80.23
C THR FB 289 44.08 60.01 79.70
N LEU FB 290 45.06 60.55 79.00
CA LEU FB 290 46.17 59.79 78.44
C LEU FB 290 47.41 59.97 79.31
N GLY FB 291 48.22 58.91 79.41
CA GLY FB 291 49.45 58.99 80.18
C GLY FB 291 50.50 59.85 79.50
N GLY FB 292 50.72 59.63 78.21
CA GLY FB 292 51.71 60.39 77.45
C GLY FB 292 52.96 59.61 77.15
N MET GB 1 52.01 -66.52 0.07
CA MET GB 1 52.20 -65.44 1.02
C MET GB 1 52.79 -64.21 0.34
N ILE GB 2 51.93 -63.44 -0.32
CA ILE GB 2 52.32 -62.19 -0.97
C ILE GB 2 51.52 -61.06 -0.36
N ILE GB 3 52.07 -59.85 -0.44
CA ILE GB 3 51.45 -58.66 0.11
C ILE GB 3 50.67 -57.95 -1.00
N ASP GB 4 49.52 -57.40 -0.65
CA ASP GB 4 48.72 -56.67 -1.64
C ASP GB 4 49.35 -55.33 -1.96
N LEU GB 5 49.11 -54.85 -3.18
CA LEU GB 5 49.68 -53.60 -3.64
C LEU GB 5 48.88 -52.39 -3.19
N SER GB 6 47.68 -52.59 -2.67
CA SER GB 6 46.81 -51.49 -2.25
C SER GB 6 47.14 -50.98 -0.85
N GLN GB 7 48.08 -51.61 -0.15
CA GLN GB 7 48.50 -51.17 1.17
C GLN GB 7 49.91 -50.58 1.15
N LEU GB 8 50.49 -50.40 -0.02
CA LEU GB 8 51.82 -49.81 -0.12
C LEU GB 8 51.74 -48.30 0.09
N PRO GB 9 52.78 -47.71 0.68
CA PRO GB 9 52.82 -46.25 0.75
C PRO GB 9 53.14 -45.64 -0.61
N GLU GB 10 52.77 -44.38 -0.76
CA GLU GB 10 52.99 -43.69 -2.02
C GLU GB 10 54.48 -43.35 -2.17
N PRO GB 11 55.03 -43.46 -3.39
CA PRO GB 11 56.47 -43.25 -3.56
C PRO GB 11 56.88 -41.79 -3.59
N GLU GB 12 58.16 -41.56 -3.84
CA GLU GB 12 58.76 -40.23 -3.79
C GLU GB 12 58.67 -39.50 -5.12
N VAL GB 13 58.88 -40.19 -6.24
CA VAL GB 13 59.03 -39.52 -7.52
C VAL GB 13 57.70 -39.10 -8.14
N ILE GB 14 56.59 -39.75 -7.78
CA ILE GB 14 55.31 -39.35 -8.32
C ILE GB 14 54.84 -38.08 -7.61
N GLU GB 15 54.55 -37.05 -8.40
CA GLU GB 15 54.11 -35.75 -7.87
C GLU GB 15 52.76 -35.36 -8.46
N ASN GB 16 51.89 -34.83 -7.61
CA ASN GB 16 50.80 -34.02 -8.11
C ASN GB 16 51.35 -32.76 -8.76
N LEU GB 17 50.75 -32.37 -9.88
CA LEU GB 17 51.18 -31.20 -10.61
C LEU GB 17 50.16 -30.09 -10.45
N ASP GB 18 50.58 -28.87 -10.78
CA ASP GB 18 49.71 -27.72 -10.89
C ASP GB 18 50.22 -26.87 -12.03
N PHE GB 19 49.30 -26.37 -12.86
CA PHE GB 19 49.74 -25.40 -13.85
C PHE GB 19 50.10 -24.08 -13.21
N GLU GB 20 49.41 -23.71 -12.12
CA GLU GB 20 49.65 -22.41 -11.51
C GLU GB 20 50.98 -22.38 -10.77
N THR GB 21 51.31 -23.42 -10.02
CA THR GB 21 52.56 -23.42 -9.26
C THR GB 21 53.78 -23.64 -10.14
N ILE GB 22 53.60 -23.90 -11.43
CA ILE GB 22 54.69 -23.78 -12.39
C ILE GB 22 54.68 -22.40 -13.04
N TYR GB 23 53.49 -21.89 -13.36
CA TYR GB 23 53.37 -20.61 -14.04
C TYR GB 23 53.57 -19.42 -13.11
N GLN GB 24 53.14 -19.51 -11.85
CA GLN GB 24 53.44 -18.43 -10.91
C GLN GB 24 54.90 -18.42 -10.49
N GLU GB 25 55.60 -19.55 -10.63
CA GLU GB 25 57.04 -19.51 -10.48
C GLU GB 25 57.70 -18.82 -11.68
N LEU GB 26 57.21 -19.10 -12.89
CA LEU GB 26 57.77 -18.46 -14.07
C LEU GB 26 57.47 -16.97 -14.10
N LEU GB 27 56.37 -16.54 -13.50
CA LEU GB 27 56.19 -15.11 -13.25
C LEU GB 27 57.18 -14.61 -12.20
N GLY GB 28 57.32 -15.34 -11.11
CA GLY GB 28 58.22 -15.02 -10.02
C GLY GB 28 59.68 -15.35 -10.28
N ASP GB 29 60.01 -15.82 -11.48
CA ASP GB 29 61.39 -15.90 -11.91
C ASP GB 29 61.74 -14.91 -13.00
N PHE GB 30 60.74 -14.40 -13.73
CA PHE GB 30 60.95 -13.46 -14.81
C PHE GB 30 60.74 -12.01 -14.41
N ARG GB 31 59.84 -11.74 -13.48
CA ARG GB 31 59.56 -10.37 -13.06
C ARG GB 31 60.74 -9.78 -12.28
N GLU GB 32 61.36 -10.59 -11.44
CA GLU GB 32 62.58 -10.16 -10.75
C GLU GB 32 63.78 -10.12 -11.69
N ALA GB 33 63.76 -10.90 -12.77
CA ALA GB 33 64.86 -10.91 -13.72
C ALA GB 33 64.84 -9.70 -14.65
N MET GB 34 63.69 -9.03 -14.78
CA MET GB 34 63.61 -7.83 -15.61
C MET GB 34 63.99 -6.56 -14.87
N ALA GB 35 64.01 -6.62 -13.52
CA ALA GB 35 64.34 -5.48 -12.65
C ALA GB 35 63.44 -4.28 -12.90
N GLY GB 36 62.15 -4.55 -13.10
CA GLY GB 36 61.18 -3.49 -13.31
C GLY GB 36 61.12 -2.93 -14.71
N GLU GB 37 61.86 -3.48 -15.66
CA GLU GB 37 61.82 -2.99 -17.03
C GLU GB 37 60.60 -3.52 -17.77
N TRP GB 38 60.11 -4.70 -17.40
CA TRP GB 38 58.87 -5.26 -17.89
C TRP GB 38 57.87 -5.27 -16.75
N THR GB 39 56.71 -4.62 -16.95
CA THR GB 39 55.72 -4.57 -15.89
C THR GB 39 54.28 -4.70 -16.39
N ALA GB 40 54.07 -5.26 -17.58
CA ALA GB 40 52.74 -5.44 -18.14
C ALA GB 40 52.33 -6.90 -18.00
N GLU GB 41 51.71 -7.24 -16.87
CA GLU GB 41 51.22 -8.59 -16.62
C GLU GB 41 49.85 -8.86 -17.24
N VAL GB 42 49.40 -8.01 -18.16
CA VAL GB 42 48.20 -8.30 -18.94
C VAL GB 42 48.51 -9.47 -19.87
N GLU GB 43 47.51 -10.35 -20.06
CA GLU GB 43 47.69 -11.58 -20.82
C GLU GB 43 48.01 -11.31 -22.29
N SER GB 44 47.59 -10.18 -22.83
CA SER GB 44 47.86 -9.81 -24.21
C SER GB 44 49.34 -9.53 -24.49
N ASP GB 45 50.16 -9.37 -23.46
CA ASP GB 45 51.60 -9.22 -23.64
C ASP GB 45 52.18 -10.54 -24.15
N PRO GB 46 52.94 -10.54 -25.25
CA PRO GB 46 53.42 -11.79 -25.85
C PRO GB 46 54.49 -12.54 -25.06
N VAL GB 47 54.87 -12.10 -23.87
CA VAL GB 47 55.59 -13.01 -22.98
C VAL GB 47 54.64 -13.96 -22.28
N LEU GB 48 53.40 -13.55 -22.03
CA LEU GB 48 52.47 -14.45 -21.36
C LEU GB 48 51.82 -15.43 -22.33
N LYS GB 49 52.00 -15.25 -23.65
CA LYS GB 49 51.80 -16.36 -24.56
C LYS GB 49 52.83 -17.44 -24.33
N LEU GB 50 54.07 -17.03 -24.09
CA LEU GB 50 55.21 -17.93 -24.04
C LEU GB 50 55.45 -18.51 -22.65
N LEU GB 51 55.16 -17.75 -21.60
CA LEU GB 51 55.23 -18.32 -20.26
C LEU GB 51 54.08 -19.28 -19.97
N GLN GB 52 53.01 -19.23 -20.75
CA GLN GB 52 52.00 -20.27 -20.73
C GLN GB 52 52.30 -21.40 -21.69
N LEU GB 53 53.42 -21.34 -22.40
CA LEU GB 53 53.97 -22.53 -23.06
C LEU GB 53 55.06 -23.17 -22.22
N ALA GB 54 55.94 -22.37 -21.63
CA ALA GB 54 56.99 -22.91 -20.77
C ALA GB 54 56.46 -23.45 -19.46
N ALA GB 55 55.22 -23.16 -19.10
CA ALA GB 55 54.56 -23.80 -17.97
C ALA GB 55 53.62 -24.91 -18.39
N TYR GB 56 53.27 -24.98 -19.67
CA TYR GB 56 52.42 -26.06 -20.18
C TYR GB 56 53.26 -27.19 -20.76
N ARG GB 57 54.31 -26.87 -21.53
CA ARG GB 57 55.19 -27.91 -22.04
C ARG GB 57 56.08 -28.48 -20.96
N GLU GB 58 56.37 -27.71 -19.90
CA GLU GB 58 57.09 -28.28 -18.78
C GLU GB 58 56.20 -29.24 -18.00
N LEU GB 59 54.92 -28.90 -17.85
CA LEU GB 59 53.97 -29.78 -17.18
C LEU GB 59 53.77 -31.07 -17.96
N LEU GB 60 53.95 -31.04 -19.27
CA LEU GB 60 53.97 -32.29 -20.02
C LEU GB 60 55.24 -33.08 -19.74
N LEU GB 61 56.39 -32.41 -19.64
CA LEU GB 61 57.62 -33.12 -19.30
C LEU GB 61 57.65 -33.55 -17.85
N ARG GB 62 56.99 -32.80 -16.95
CA ARG GB 62 56.85 -33.28 -15.59
C ARG GB 62 55.93 -34.49 -15.52
N ALA GB 63 54.97 -34.59 -16.44
CA ALA GB 63 54.05 -35.73 -16.45
C ALA GB 63 54.65 -36.94 -17.14
N ARG GB 64 55.55 -36.74 -18.12
CA ARG GB 64 56.21 -37.86 -18.76
C ARG GB 64 57.14 -38.58 -17.79
N ILE GB 65 57.77 -37.83 -16.88
CA ILE GB 65 58.60 -38.42 -15.85
C ILE GB 65 57.73 -39.19 -14.85
N ASN GB 66 56.56 -38.66 -14.53
CA ASN GB 66 55.63 -39.41 -13.69
C ASN GB 66 55.01 -40.58 -14.45
N ASP GB 67 54.87 -40.47 -15.77
CA ASP GB 67 54.40 -41.62 -16.56
C ASP GB 67 55.47 -42.69 -16.65
N ALA GB 68 56.74 -42.29 -16.73
CA ALA GB 68 57.81 -43.28 -16.82
C ALA GB 68 58.14 -43.88 -15.46
N ALA GB 69 57.91 -43.14 -14.37
CA ALA GB 69 58.16 -43.68 -13.05
C ALA GB 69 57.09 -44.69 -12.63
N ARG GB 70 55.87 -44.54 -13.13
CA ARG GB 70 54.86 -45.55 -12.89
C ARG GB 70 55.10 -46.80 -13.71
N ALA GB 71 55.72 -46.65 -14.87
CA ALA GB 71 55.96 -47.76 -15.78
C ALA GB 71 57.07 -48.69 -15.32
N VAL GB 72 57.87 -48.27 -14.34
CA VAL GB 72 58.94 -49.09 -13.79
C VAL GB 72 58.61 -49.57 -12.38
N MET GB 73 57.38 -49.34 -11.91
CA MET GB 73 56.92 -49.82 -10.62
C MET GB 73 55.81 -50.84 -10.84
N LEU GB 74 55.83 -51.91 -10.06
CA LEU GB 74 54.89 -53.01 -10.27
C LEU GB 74 53.48 -52.62 -9.82
N ALA GB 75 53.37 -51.75 -8.84
CA ALA GB 75 52.07 -51.36 -8.32
C ALA GB 75 51.37 -50.29 -9.15
N TYR GB 76 52.01 -49.80 -10.22
CA TYR GB 76 51.39 -48.75 -11.03
C TYR GB 76 51.50 -48.96 -12.54
N ALA GB 77 52.33 -49.87 -13.03
CA ALA GB 77 52.49 -50.03 -14.47
C ALA GB 77 51.32 -50.76 -15.08
N SER GB 78 51.04 -50.44 -16.34
CA SER GB 78 49.94 -51.07 -17.07
C SER GB 78 50.25 -51.02 -18.56
N GLY GB 79 49.44 -51.74 -19.33
CA GLY GB 79 49.60 -51.74 -20.78
C GLY GB 79 50.78 -52.59 -21.18
N ALA GB 80 51.62 -52.04 -22.06
CA ALA GB 80 52.83 -52.70 -22.51
C ALA GB 80 54.01 -52.47 -21.58
N ASP GB 81 53.77 -51.89 -20.40
CA ASP GB 81 54.81 -51.64 -19.43
C ASP GB 81 54.93 -52.75 -18.40
N LEU GB 82 53.86 -53.50 -18.15
CA LEU GB 82 53.99 -54.77 -17.43
C LEU GB 82 54.54 -55.88 -18.31
N ASP GB 83 54.57 -55.68 -19.62
CA ASP GB 83 55.26 -56.62 -20.50
C ASP GB 83 56.76 -56.59 -20.26
N GLN GB 84 57.31 -55.41 -19.95
CA GLN GB 84 58.74 -55.31 -19.67
C GLN GB 84 59.07 -55.86 -18.29
N ILE GB 85 58.14 -55.74 -17.33
CA ILE GB 85 58.32 -56.43 -16.05
C ILE GB 85 58.07 -57.92 -16.25
N GLY GB 86 57.17 -58.28 -17.15
CA GLY GB 86 56.88 -59.69 -17.37
C GLY GB 86 57.98 -60.42 -18.13
N ALA GB 87 58.65 -59.72 -19.05
CA ALA GB 87 59.72 -60.35 -19.81
C ALA GB 87 60.96 -60.58 -18.96
N GLY GB 88 61.13 -59.81 -17.88
CA GLY GB 88 62.27 -60.03 -17.01
C GLY GB 88 62.09 -61.19 -16.05
N PHE GB 89 60.85 -61.53 -15.73
CA PHE GB 89 60.56 -62.59 -14.77
C PHE GB 89 59.99 -63.84 -15.43
N ASN GB 90 60.13 -63.94 -16.77
CA ASN GB 90 59.72 -65.09 -17.57
C ASN GB 90 58.22 -65.39 -17.40
N VAL GB 91 57.42 -64.32 -17.40
CA VAL GB 91 55.97 -64.41 -17.28
C VAL GB 91 55.36 -63.77 -18.51
N GLN GB 92 54.49 -64.51 -19.20
CA GLN GB 92 53.83 -64.03 -20.40
C GLN GB 92 52.33 -63.84 -20.13
N ARG GB 93 51.72 -62.94 -20.88
CA ARG GB 93 50.30 -62.66 -20.74
C ARG GB 93 49.49 -63.76 -21.42
N LEU GB 94 48.41 -64.18 -20.77
CA LEU GB 94 47.69 -65.38 -21.20
C LEU GB 94 46.89 -65.14 -22.48
N LEU GB 95 46.30 -66.23 -22.96
CA LEU GB 95 45.39 -66.21 -24.11
C LEU GB 95 44.15 -67.01 -23.72
N ILE GB 96 43.07 -66.33 -23.42
CA ILE GB 96 41.83 -67.01 -23.05
C ILE GB 96 41.20 -67.64 -24.28
N ARG GB 97 40.92 -66.84 -25.28
CA ARG GB 97 40.49 -67.31 -26.58
C ARG GB 97 41.61 -67.06 -27.59
N PRO GB 98 41.79 -67.94 -28.60
CA PRO GB 98 42.95 -67.84 -29.50
C PRO GB 98 42.89 -66.63 -30.43
N ALA GB 99 43.98 -66.42 -31.17
CA ALA GB 99 44.15 -65.19 -31.93
C ALA GB 99 43.48 -65.25 -33.30
N GLN GB 100 43.57 -66.38 -33.98
CA GLN GB 100 43.17 -66.39 -35.39
C GLN GB 100 41.70 -66.71 -35.54
N PRO GB 101 40.94 -65.89 -36.26
CA PRO GB 101 39.55 -66.23 -36.58
C PRO GB 101 39.44 -67.02 -37.87
N GLU GB 102 38.32 -67.73 -37.99
CA GLU GB 102 37.98 -68.41 -39.23
C GLU GB 102 36.92 -67.70 -40.03
N ALA GB 103 36.26 -66.69 -39.46
CA ALA GB 103 35.18 -65.97 -40.10
C ALA GB 103 35.68 -64.61 -40.62
N VAL GB 104 34.76 -63.86 -41.22
CA VAL GB 104 35.07 -62.56 -41.82
C VAL GB 104 35.27 -61.47 -40.76
N PRO GB 105 34.46 -61.34 -39.69
CA PRO GB 105 34.88 -60.42 -38.60
C PRO GB 105 36.08 -60.96 -37.85
N PRO GB 106 37.14 -60.16 -37.70
CA PRO GB 106 38.35 -60.64 -37.01
C PRO GB 106 38.12 -60.76 -35.51
N VAL GB 107 38.22 -61.99 -35.00
CA VAL GB 107 38.15 -62.22 -33.57
C VAL GB 107 39.41 -61.67 -32.91
N GLU GB 108 39.23 -60.79 -31.92
CA GLU GB 108 40.35 -60.18 -31.23
C GLU GB 108 41.07 -61.22 -30.37
N ALA GB 109 42.39 -61.15 -30.34
CA ALA GB 109 43.21 -62.07 -29.56
C ALA GB 109 43.03 -61.70 -28.09
N GLN GB 110 42.17 -62.43 -27.39
CA GLN GB 110 41.81 -62.07 -26.03
C GLN GB 110 42.95 -62.35 -25.07
N TYR GB 111 43.53 -61.29 -24.53
CA TYR GB 111 44.55 -61.36 -23.51
C TYR GB 111 43.90 -61.13 -22.16
N GLU GB 112 44.56 -61.59 -21.09
CA GLU GB 112 44.08 -61.29 -19.75
C GLU GB 112 44.37 -59.84 -19.40
N SER GB 113 43.61 -59.30 -18.47
CA SER GB 113 43.75 -57.90 -18.09
C SER GB 113 45.01 -57.69 -17.27
N ASP GB 114 45.47 -56.44 -17.18
CA ASP GB 114 46.68 -56.13 -16.45
C ASP GB 114 46.51 -56.22 -14.94
N LYS GB 115 45.27 -56.31 -14.44
CA LYS GB 115 45.05 -56.59 -13.03
C LYS GB 115 45.34 -58.04 -12.67
N SER GB 116 45.43 -58.93 -13.66
CA SER GB 116 45.81 -60.32 -13.43
C SER GB 116 47.28 -60.59 -13.71
N LEU GB 117 47.97 -59.68 -14.42
CA LEU GB 117 49.42 -59.79 -14.50
C LEU GB 117 50.05 -59.52 -13.13
N ARG GB 118 49.55 -58.50 -12.42
CA ARG GB 118 50.01 -58.20 -11.07
C ARG GB 118 49.77 -59.35 -10.11
N ASN GB 119 48.78 -60.20 -10.39
CA ASN GB 119 48.68 -61.49 -9.71
C ASN GB 119 49.85 -62.39 -10.11
N ARG GB 120 50.17 -62.45 -11.41
CA ARG GB 120 51.10 -63.46 -11.90
C ARG GB 120 52.55 -63.04 -11.77
N ILE GB 121 52.86 -61.75 -11.86
CA ILE GB 121 54.24 -61.32 -11.63
C ILE GB 121 54.60 -61.51 -10.16
N GLN GB 122 53.64 -61.30 -9.27
CA GLN GB 122 53.89 -61.41 -7.84
C GLN GB 122 53.91 -62.86 -7.36
N LEU GB 123 53.23 -63.76 -8.07
CA LEU GB 123 53.31 -65.19 -7.79
C LEU GB 123 54.41 -65.89 -8.59
N ALA GB 124 55.32 -65.14 -9.20
CA ALA GB 124 56.43 -65.73 -9.93
C ALA GB 124 57.57 -66.14 -9.01
N PHE GB 125 57.46 -65.89 -7.71
CA PHE GB 125 58.47 -66.29 -6.74
C PHE GB 125 58.07 -67.55 -5.99
N GLU GB 126 56.91 -67.54 -5.34
CA GLU GB 126 56.36 -68.72 -4.68
C GLU GB 126 55.81 -69.63 -5.77
N GLN GB 127 56.69 -70.44 -6.34
CA GLN GB 127 56.39 -71.21 -7.53
C GLN GB 127 57.26 -72.46 -7.50
N LEU GB 128 56.76 -73.54 -8.09
CA LEU GB 128 57.53 -74.77 -8.16
C LEU GB 128 58.74 -74.60 -9.07
N SER GB 129 59.92 -74.62 -8.48
CA SER GB 129 61.17 -74.41 -9.17
C SER GB 129 62.05 -75.66 -9.18
N VAL GB 130 62.28 -76.26 -8.02
CA VAL GB 130 63.19 -77.39 -7.87
C VAL GB 130 62.76 -78.15 -6.62
N ALA GB 131 62.92 -79.47 -6.64
CA ALA GB 131 62.48 -80.31 -5.53
C ALA GB 131 63.60 -80.46 -4.50
N GLY GB 132 63.80 -79.39 -3.73
CA GLY GB 132 64.73 -79.41 -2.64
C GLY GB 132 64.23 -80.15 -1.40
N PRO GB 133 63.26 -79.57 -0.69
CA PRO GB 133 62.81 -80.20 0.57
C PRO GB 133 61.69 -81.20 0.38
N ARG GB 134 61.18 -81.72 1.51
CA ARG GB 134 60.14 -82.74 1.48
C ARG GB 134 58.82 -82.21 0.94
N ASN GB 135 58.60 -80.89 1.03
CA ASN GB 135 57.38 -80.29 0.52
C ASN GB 135 57.44 -80.01 -0.97
N ALA GB 136 58.61 -80.21 -1.58
CA ALA GB 136 58.79 -79.95 -3.01
C ALA GB 136 59.05 -81.19 -3.84
N TYR GB 137 59.47 -82.30 -3.23
CA TYR GB 137 59.51 -83.55 -3.98
C TYR GB 137 58.12 -84.04 -4.34
N ILE GB 138 57.12 -83.74 -3.50
CA ILE GB 138 55.78 -84.25 -3.73
C ILE GB 138 55.01 -83.35 -4.69
N ALA GB 139 55.22 -82.04 -4.59
CA ALA GB 139 54.54 -81.11 -5.50
C ALA GB 139 55.12 -81.18 -6.90
N HIS GB 140 56.40 -81.53 -7.03
CA HIS GB 140 56.96 -81.87 -8.33
C HIS GB 140 56.63 -83.29 -8.76
N ALA GB 141 56.00 -84.09 -7.90
CA ALA GB 141 55.51 -85.41 -8.25
C ALA GB 141 54.01 -85.41 -8.55
N LEU GB 142 53.51 -84.36 -9.19
CA LEU GB 142 52.12 -84.27 -9.59
C LEU GB 142 52.01 -84.27 -11.11
N GLY GB 143 52.79 -85.13 -11.76
CA GLY GB 143 52.70 -85.34 -13.19
C GLY GB 143 51.61 -86.32 -13.56
N ALA GB 144 51.41 -87.34 -12.74
CA ALA GB 144 50.34 -88.31 -12.97
C ALA GB 144 49.02 -87.74 -12.45
N ASP GB 145 47.95 -88.52 -12.60
CA ASP GB 145 46.63 -88.04 -12.22
C ASP GB 145 45.88 -88.96 -11.26
N GLY GB 146 45.97 -90.27 -11.44
CA GLY GB 146 45.22 -91.20 -10.61
C GLY GB 146 45.93 -91.54 -9.32
N ARG GB 147 45.95 -90.59 -8.38
CA ARG GB 147 46.87 -90.68 -7.24
C ARG GB 147 46.46 -89.68 -6.18
N VAL GB 148 46.67 -90.05 -4.91
CA VAL GB 148 46.40 -89.18 -3.77
C VAL GB 148 47.78 -88.82 -3.18
N ALA GB 149 47.80 -88.01 -2.12
CA ALA GB 149 49.00 -87.32 -1.64
C ALA GB 149 50.09 -88.28 -1.18
N ASP GB 150 51.28 -87.71 -0.95
CA ASP GB 150 52.51 -88.48 -0.85
C ASP GB 150 53.47 -87.72 0.07
N ALA GB 151 54.50 -88.44 0.53
CA ALA GB 151 55.54 -87.90 1.38
C ALA GB 151 56.88 -88.50 0.97
N SER GB 152 57.97 -87.88 1.43
CA SER GB 152 59.31 -88.29 1.04
C SER GB 152 60.18 -88.61 2.24
N ALA GB 153 61.25 -89.36 1.98
CA ALA GB 153 62.21 -89.74 2.99
C ALA GB 153 63.59 -89.82 2.37
N THR GB 154 64.60 -89.99 3.22
CA THR GB 154 65.97 -90.24 2.79
C THR GB 154 66.69 -91.05 3.85
N SER GB 155 67.04 -92.29 3.51
CA SER GB 155 67.65 -93.14 4.53
C SER GB 155 69.14 -92.82 4.70
N PRO GB 156 69.97 -92.61 3.63
CA PRO GB 156 71.28 -91.99 3.89
C PRO GB 156 71.25 -90.49 3.70
N ALA GB 157 72.25 -89.80 4.27
CA ALA GB 157 72.42 -88.39 3.97
C ALA GB 157 72.96 -88.12 2.56
N PRO GB 158 74.14 -88.63 2.14
CA PRO GB 158 74.79 -87.98 0.98
C PRO GB 158 74.16 -88.27 -0.38
N CYS GB 159 73.54 -89.42 -0.60
CA CYS GB 159 73.17 -89.80 -1.96
C CYS GB 159 71.67 -89.91 -2.21
N GLU GB 160 70.97 -90.74 -1.44
CA GLU GB 160 69.67 -91.28 -1.85
C GLU GB 160 68.53 -90.52 -1.22
N VAL GB 161 67.46 -90.32 -2.00
CA VAL GB 161 66.20 -89.79 -1.53
C VAL GB 161 65.09 -90.75 -1.93
N LEU GB 162 64.13 -90.96 -1.04
CA LEU GB 162 63.09 -91.96 -1.22
C LEU GB 162 61.72 -91.30 -1.33
N ILE GB 163 60.97 -91.66 -2.36
CA ILE GB 163 59.60 -91.20 -2.57
C ILE GB 163 58.72 -92.42 -2.76
N SER GB 164 57.75 -92.61 -1.86
CA SER GB 164 56.91 -93.80 -1.84
C SER GB 164 55.54 -93.45 -2.42
N VAL GB 165 55.43 -93.60 -3.74
CA VAL GB 165 54.22 -93.21 -4.47
C VAL GB 165 53.13 -94.25 -4.28
N LEU GB 166 51.97 -93.83 -3.80
CA LEU GB 166 50.78 -94.67 -3.80
C LEU GB 166 49.66 -93.96 -4.53
N GLY GB 167 48.99 -94.68 -5.43
CA GLY GB 167 47.93 -94.11 -6.22
C GLY GB 167 46.63 -94.86 -6.09
N VAL GB 168 45.54 -94.14 -5.83
CA VAL GB 168 44.24 -94.77 -5.54
C VAL GB 168 43.54 -94.98 -6.88
N GLU GB 169 43.71 -96.18 -7.43
CA GLU GB 169 42.93 -96.63 -8.58
C GLU GB 169 42.09 -97.85 -8.19
N GLY GB 170 42.73 -98.89 -7.67
CA GLY GB 170 42.04 -100.03 -7.11
C GLY GB 170 42.26 -100.13 -5.62
N ASN GB 171 43.16 -101.02 -5.22
CA ASN GB 171 43.54 -101.19 -3.82
C ASN GB 171 44.54 -100.16 -3.32
N GLY GB 172 45.03 -99.29 -4.18
CA GLY GB 172 45.99 -98.29 -3.78
C GLY GB 172 47.43 -98.61 -4.11
N GLN GB 173 47.69 -99.69 -4.84
CA GLN GB 173 49.04 -99.99 -5.30
C GLN GB 173 49.45 -99.03 -6.40
N ALA GB 174 50.75 -98.86 -6.55
CA ALA GB 174 51.28 -98.06 -7.65
C ALA GB 174 51.52 -98.95 -8.86
N PRO GB 175 50.88 -98.66 -10.00
CA PRO GB 175 51.18 -99.43 -11.21
C PRO GB 175 52.55 -99.10 -11.76
N GLU GB 176 53.07 -100.00 -12.59
CA GLU GB 176 54.36 -99.79 -13.23
C GLU GB 176 54.30 -98.78 -14.36
N ALA GB 177 53.09 -98.45 -14.84
CA ALA GB 177 52.95 -97.44 -15.88
C ALA GB 177 53.23 -96.05 -15.33
N VAL GB 178 52.83 -95.79 -14.07
CA VAL GB 178 53.09 -94.49 -13.46
C VAL GB 178 54.38 -94.46 -12.66
N LEU GB 179 55.14 -95.56 -12.64
CA LEU GB 179 56.48 -95.51 -12.06
C LEU GB 179 57.42 -94.72 -12.95
N GLN GB 180 57.32 -94.93 -14.27
CA GLN GB 180 58.12 -94.13 -15.19
C GLN GB 180 57.56 -92.74 -15.40
N ALA GB 181 56.25 -92.54 -15.16
CA ALA GB 181 55.65 -91.22 -15.31
C ALA GB 181 56.11 -90.26 -14.23
N VAL GB 182 56.50 -90.78 -13.06
CA VAL GB 182 57.15 -89.95 -12.06
C VAL GB 182 58.60 -89.67 -12.44
N ARG GB 183 59.31 -90.70 -12.93
CA ARG GB 183 60.73 -90.56 -13.20
C ARG GB 183 61.02 -89.71 -14.44
N LEU GB 184 60.02 -89.44 -15.28
CA LEU GB 184 60.23 -88.54 -16.40
C LEU GB 184 60.32 -87.08 -15.95
N ALA GB 185 59.76 -86.77 -14.78
CA ALA GB 185 59.74 -85.38 -14.33
C ALA GB 185 60.91 -85.08 -13.40
N LEU GB 186 61.41 -86.09 -12.69
CA LEU GB 186 62.37 -85.83 -11.63
C LEU GB 186 63.81 -85.78 -12.15
N ASN GB 187 64.01 -86.03 -13.44
CA ASN GB 187 65.37 -86.04 -13.97
C ASN GB 187 65.92 -84.63 -14.15
N ALA GB 188 65.06 -83.66 -14.48
CA ALA GB 188 65.49 -82.29 -14.70
C ALA GB 188 64.91 -81.30 -13.69
N GLU GB 189 64.06 -81.75 -12.77
CA GLU GB 189 63.45 -80.87 -11.78
C GLU GB 189 63.96 -81.13 -10.37
N ASP GB 190 64.97 -81.99 -10.21
CA ASP GB 190 65.60 -82.22 -8.93
C ASP GB 190 66.95 -81.53 -8.90
N VAL GB 191 67.65 -81.69 -7.77
CA VAL GB 191 69.09 -81.52 -7.76
C VAL GB 191 69.67 -82.62 -8.64
N ARG GB 192 70.74 -82.30 -9.37
CA ARG GB 192 71.26 -83.24 -10.38
C ARG GB 192 71.80 -84.56 -9.81
N PRO GB 193 72.66 -84.62 -8.73
CA PRO GB 193 73.14 -85.92 -8.24
C PRO GB 193 72.24 -86.55 -7.18
N VAL GB 194 70.97 -86.72 -7.50
CA VAL GB 194 70.08 -87.45 -6.60
C VAL GB 194 70.00 -88.90 -7.03
N ALA GB 195 70.01 -89.79 -6.04
CA ALA GB 195 69.71 -91.19 -6.24
C ALA GB 195 68.23 -91.37 -5.91
N ASP GB 196 67.39 -90.84 -6.80
CA ASP GB 196 65.94 -90.84 -6.59
C ASP GB 196 65.40 -92.25 -6.82
N ARG GB 197 65.46 -93.05 -5.75
CA ARG GB 197 64.97 -94.41 -5.82
C ARG GB 197 63.44 -94.36 -5.81
N VAL GB 198 62.85 -94.18 -6.99
CA VAL GB 198 61.41 -94.11 -7.14
C VAL GB 198 60.95 -95.54 -7.44
N THR GB 199 60.74 -96.31 -6.37
CA THR GB 199 60.10 -97.61 -6.47
C THR GB 199 58.59 -97.40 -6.38
N VAL GB 200 57.85 -98.50 -6.24
CA VAL GB 200 56.44 -98.41 -5.90
C VAL GB 200 56.31 -97.82 -4.50
N ARG GB 201 56.81 -98.56 -3.50
CA ARG GB 201 56.68 -98.28 -2.07
C ARG GB 201 57.44 -99.41 -1.37
N SER GB 202 57.63 -99.26 -0.06
CA SER GB 202 58.20 -100.36 0.70
C SER GB 202 57.15 -101.42 1.01
N ALA GB 203 55.95 -100.99 1.42
CA ALA GB 203 54.83 -101.88 1.66
C ALA GB 203 53.54 -101.12 1.42
N GLY GB 204 52.70 -101.64 0.53
CA GLY GB 204 51.52 -100.93 0.10
C GLY GB 204 50.27 -101.40 0.81
N ILE GB 205 49.51 -102.28 0.16
CA ILE GB 205 48.30 -102.82 0.77
C ILE GB 205 48.68 -103.74 1.92
N VAL GB 206 48.53 -103.24 3.14
CA VAL GB 206 48.65 -104.05 4.35
C VAL GB 206 47.24 -104.09 4.91
N PRO GB 207 46.46 -105.13 4.59
CA PRO GB 207 44.99 -105.08 4.75
C PRO GB 207 44.55 -105.00 6.20
N TYR GB 208 43.93 -103.88 6.55
CA TYR GB 208 43.50 -103.60 7.91
C TYR GB 208 41.98 -103.69 7.94
N GLN GB 209 41.48 -104.89 8.23
CA GLN GB 209 40.05 -105.06 8.46
C GLN GB 209 39.67 -104.43 9.79
N VAL GB 210 38.39 -104.11 9.91
CA VAL GB 210 37.80 -103.68 11.18
C VAL GB 210 36.50 -104.44 11.38
N LYS GB 211 36.21 -104.79 12.63
CA LYS GB 211 34.90 -105.26 13.03
C LYS GB 211 34.55 -104.63 14.36
N ALA GB 212 33.29 -104.27 14.53
CA ALA GB 212 32.83 -103.60 15.74
C ALA GB 212 31.52 -104.20 16.17
N GLN GB 213 31.51 -104.82 17.36
CA GLN GB 213 30.30 -105.35 17.96
C GLN GB 213 29.67 -104.21 18.75
N LEU GB 214 28.79 -103.46 18.09
CA LEU GB 214 28.18 -102.29 18.70
C LEU GB 214 27.08 -102.71 19.67
N TYR GB 215 27.09 -102.12 20.85
CA TYR GB 215 26.07 -102.32 21.87
C TYR GB 215 25.32 -101.01 22.07
N LEU GB 216 24.02 -101.01 21.77
CA LEU GB 216 23.21 -99.81 21.79
C LEU GB 216 21.99 -100.02 22.68
N PHE GB 217 21.37 -98.91 23.06
CA PHE GB 217 20.03 -99.11 23.59
C PHE GB 217 19.05 -99.32 22.44
N PRO GB 218 18.11 -100.27 22.56
CA PRO GB 218 17.26 -100.61 21.41
C PRO GB 218 16.14 -99.63 21.09
N GLY GB 219 16.21 -98.41 21.61
CA GLY GB 219 15.17 -97.42 21.43
C GLY GB 219 15.10 -96.82 20.03
N PRO GB 220 14.56 -95.61 19.93
CA PRO GB 220 14.22 -95.05 18.61
C PRO GB 220 15.43 -94.56 17.82
N GLU GB 221 16.42 -94.05 18.54
CA GLU GB 221 17.63 -93.49 17.94
C GLU GB 221 18.66 -94.53 17.55
N ALA GB 222 18.36 -95.82 17.75
CA ALA GB 222 19.32 -96.88 17.48
C ALA GB 222 19.61 -97.06 16.00
N GLU GB 223 18.73 -96.57 15.12
CA GLU GB 223 19.05 -96.56 13.69
C GLU GB 223 19.87 -95.32 13.33
N LEU GB 224 19.64 -94.21 14.02
CA LEU GB 224 20.29 -92.95 13.66
C LEU GB 224 21.72 -92.86 14.18
N ILE GB 225 21.96 -93.31 15.41
CA ILE GB 225 23.32 -93.23 15.96
C ILE GB 225 24.20 -94.38 15.48
N ARG GB 226 23.59 -95.47 14.96
CA ARG GB 226 24.38 -96.53 14.36
C ARG GB 226 24.98 -96.09 13.03
N ALA GB 227 24.20 -95.38 12.21
CA ALA GB 227 24.72 -94.83 10.97
C ALA GB 227 25.56 -93.59 11.19
N ALA GB 228 25.37 -92.89 12.31
CA ALA GB 228 26.19 -91.71 12.60
C ALA GB 228 27.60 -92.11 13.00
N ALA GB 229 27.74 -93.19 13.77
CA ALA GB 229 29.07 -93.71 14.08
C ALA GB 229 29.68 -94.41 12.87
N GLU GB 230 28.84 -94.95 11.98
CA GLU GB 230 29.34 -95.53 10.76
C GLU GB 230 29.79 -94.45 9.78
N ALA GB 231 29.11 -93.29 9.77
CA ALA GB 231 29.54 -92.19 8.92
C ALA GB 231 30.83 -91.56 9.43
N SER GB 232 31.04 -91.57 10.75
CA SER GB 232 32.32 -91.12 11.29
C SER GB 232 33.45 -92.09 10.98
N LEU GB 233 33.12 -93.35 10.70
CA LEU GB 233 34.14 -94.32 10.30
C LEU GB 233 34.52 -94.15 8.83
N ARG GB 234 33.59 -93.68 8.00
CA ARG GB 234 33.86 -93.53 6.57
C ARG GB 234 34.86 -92.40 6.31
N ASP GB 235 34.59 -91.21 6.83
CA ASP GB 235 35.50 -90.09 6.59
C ASP GB 235 36.78 -90.18 7.40
N TYR GB 236 36.83 -91.03 8.42
CA TYR GB 236 38.09 -91.26 9.12
C TYR GB 236 39.05 -92.07 8.25
N ILE GB 237 38.58 -93.23 7.75
CA ILE GB 237 39.42 -94.10 6.93
C ILE GB 237 39.75 -93.43 5.60
N SER GB 238 38.82 -92.64 5.05
CA SER GB 238 39.10 -91.86 3.86
C SER GB 238 40.13 -90.76 4.11
N ALA GB 239 40.29 -90.32 5.36
CA ALA GB 239 41.39 -89.46 5.74
C ALA GB 239 42.65 -90.22 6.10
N GLN GB 240 42.56 -91.54 6.28
CA GLN GB 240 43.72 -92.37 6.56
C GLN GB 240 44.38 -92.89 5.30
N ARG GB 241 43.88 -92.51 4.11
CA ARG GB 241 44.57 -92.76 2.86
C ARG GB 241 45.73 -91.77 2.78
N ARG GB 242 46.82 -92.12 3.44
CA ARG GB 242 47.85 -91.17 3.83
C ARG GB 242 49.10 -91.98 4.14
N LEU GB 243 50.24 -91.29 4.25
CA LEU GB 243 51.43 -91.89 4.80
C LEU GB 243 51.61 -91.59 6.28
N GLY GB 244 50.82 -90.66 6.83
CA GLY GB 244 50.71 -90.57 8.28
C GLY GB 244 50.02 -91.78 8.86
N ARG GB 245 48.95 -92.25 8.19
CA ARG GB 245 48.33 -93.58 8.21
C ARG GB 245 48.23 -94.27 9.57
N ASP GB 246 47.99 -93.51 10.64
CA ASP GB 246 48.02 -94.06 11.99
C ASP GB 246 46.74 -94.86 12.25
N ILE GB 247 46.67 -96.03 11.62
CA ILE GB 247 45.58 -96.97 11.86
C ILE GB 247 45.76 -97.59 13.24
N ARG GB 248 44.73 -97.49 14.08
CA ARG GB 248 44.91 -97.87 15.47
C ARG GB 248 43.75 -98.70 16.01
N ARG GB 249 43.73 -98.85 17.34
CA ARG GB 249 42.62 -99.44 18.07
C ARG GB 249 41.89 -98.42 18.91
N SER GB 250 42.60 -97.60 19.66
CA SER GB 250 41.95 -96.63 20.52
C SER GB 250 41.61 -95.33 19.82
N ALA GB 251 42.27 -95.02 18.69
CA ALA GB 251 41.84 -93.87 17.90
C ALA GB 251 40.53 -94.16 17.18
N LEU GB 252 40.20 -95.43 16.98
CA LEU GB 252 38.90 -95.83 16.45
C LEU GB 252 37.86 -96.01 17.54
N PHE GB 253 38.27 -95.92 18.82
CA PHE GB 253 37.28 -95.86 19.89
C PHE GB 253 36.50 -94.55 19.84
N ALA GB 254 37.20 -93.42 19.73
CA ALA GB 254 36.54 -92.11 19.70
C ALA GB 254 35.75 -91.91 18.40
N THR GB 255 36.09 -92.68 17.37
CA THR GB 255 35.29 -92.68 16.15
C THR GB 255 33.93 -93.31 16.39
N LEU GB 256 33.88 -94.36 17.21
CA LEU GB 256 32.66 -95.15 17.31
C LEU GB 256 31.91 -94.90 18.62
N HIS GB 257 32.53 -94.19 19.57
CA HIS GB 257 31.87 -93.94 20.85
C HIS GB 257 31.06 -92.65 20.86
N VAL GB 258 30.45 -92.28 19.72
CA VAL GB 258 30.15 -90.90 19.33
C VAL GB 258 29.48 -90.03 20.40
N GLU GB 259 28.24 -90.36 20.82
CA GLU GB 259 27.66 -89.74 22.00
C GLU GB 259 26.90 -90.69 22.92
N GLY GB 260 26.34 -91.77 22.40
CA GLY GB 260 25.37 -92.52 23.19
C GLY GB 260 25.44 -94.02 23.06
N VAL GB 261 26.60 -94.55 22.62
CA VAL GB 261 26.77 -95.98 22.55
C VAL GB 261 27.05 -96.50 23.96
N GLN GB 262 26.83 -97.80 24.17
CA GLN GB 262 27.16 -98.38 25.46
C GLN GB 262 28.63 -98.79 25.52
N ARG GB 263 29.07 -99.62 24.58
CA ARG GB 263 30.48 -99.99 24.46
C ARG GB 263 30.70 -100.46 23.02
N VAL GB 264 31.96 -100.74 22.69
CA VAL GB 264 32.33 -101.26 21.37
C VAL GB 264 33.36 -102.36 21.59
N GLU GB 265 33.48 -103.26 20.62
CA GLU GB 265 34.46 -104.34 20.64
C GLU GB 265 35.15 -104.39 19.28
N LEU GB 266 36.40 -103.94 19.22
CA LEU GB 266 37.17 -103.98 17.98
C LEU GB 266 38.00 -105.25 17.95
N GLN GB 267 37.73 -106.11 16.96
CA GLN GB 267 38.37 -107.43 16.89
C GLN GB 267 39.66 -107.42 16.08
N GLU GB 268 39.59 -106.95 14.83
CA GLU GB 268 40.77 -107.01 13.98
C GLU GB 268 41.82 -105.96 14.35
N PRO GB 269 41.47 -104.69 14.73
CA PRO GB 269 42.47 -103.90 15.45
C PRO GB 269 42.56 -104.31 16.91
N ALA GB 270 43.62 -105.04 17.25
CA ALA GB 270 43.90 -105.43 18.63
C ALA GB 270 45.12 -104.74 19.20
N ALA GB 271 46.06 -104.35 18.34
CA ALA GB 271 47.21 -103.57 18.74
C ALA GB 271 47.39 -102.42 17.76
N ASP GB 272 48.15 -101.42 18.19
CA ASP GB 272 48.42 -100.27 17.34
C ASP GB 272 49.42 -100.65 16.24
N VAL GB 273 49.20 -100.09 15.05
CA VAL GB 273 50.09 -100.31 13.93
C VAL GB 273 51.37 -99.52 14.14
N VAL GB 274 52.52 -100.19 14.04
CA VAL GB 274 53.81 -99.52 14.10
C VAL GB 274 53.97 -98.64 12.86
N LEU GB 275 54.54 -97.45 13.05
CA LEU GB 275 54.46 -96.40 12.05
C LEU GB 275 55.84 -96.03 11.54
N ASP GB 276 56.03 -96.13 10.23
CA ASP GB 276 57.11 -95.48 9.50
C ASP GB 276 56.51 -94.77 8.29
N GLU GB 277 57.34 -93.94 7.64
CA GLU GB 277 56.87 -93.22 6.47
C GLU GB 277 56.76 -94.14 5.25
N THR GB 278 57.55 -95.20 5.21
CA THR GB 278 57.74 -95.95 3.98
C THR GB 278 56.53 -96.83 3.65
N GLN GB 279 55.91 -97.43 4.67
CA GLN GB 279 54.82 -98.37 4.42
C GLN GB 279 53.52 -97.62 4.14
N ALA GB 280 52.50 -98.37 3.71
CA ALA GB 280 51.18 -97.82 3.47
C ALA GB 280 50.11 -98.64 4.20
N ALA GB 281 48.83 -98.30 3.98
CA ALA GB 281 47.73 -98.97 4.66
C ALA GB 281 46.53 -99.06 3.74
N TYR GB 282 45.61 -99.96 4.09
CA TYR GB 282 44.37 -100.15 3.33
C TYR GB 282 43.35 -100.83 4.22
N CYS GB 283 42.08 -100.51 3.98
CA CYS GB 283 40.95 -101.12 4.67
C CYS GB 283 40.08 -101.84 3.66
N THR GB 284 39.93 -103.16 3.81
CA THR GB 284 39.19 -103.94 2.83
C THR GB 284 37.69 -103.90 3.05
N GLY GB 285 37.24 -103.68 4.28
CA GLY GB 285 35.83 -103.65 4.57
C GLY GB 285 35.56 -103.95 6.03
N TYR GB 286 34.28 -104.14 6.34
CA TYR GB 286 33.86 -104.41 7.70
C TYR GB 286 32.55 -105.17 7.69
N ALA GB 287 32.17 -105.66 8.87
CA ALA GB 287 30.89 -106.32 9.11
C ALA GB 287 30.33 -105.72 10.39
N ILE GB 288 29.60 -104.62 10.27
CA ILE GB 288 29.05 -103.94 11.43
C ILE GB 288 27.81 -104.68 11.91
N THR GB 289 27.58 -104.67 13.22
CA THR GB 289 26.49 -105.45 13.79
C THR GB 289 26.04 -104.84 15.12
N LEU GB 290 24.86 -105.26 15.55
CA LEU GB 290 24.27 -104.83 16.81
C LEU GB 290 24.47 -105.91 17.87
N GLY GB 291 24.65 -105.48 19.12
CA GLY GB 291 24.79 -106.45 20.19
C GLY GB 291 23.48 -107.15 20.54
N GLY GB 292 22.41 -106.38 20.67
CA GLY GB 292 21.11 -106.94 21.00
C GLY GB 292 20.68 -106.68 22.43
N MET HB 1 -2.65 -76.42 35.81
CA MET HB 1 -1.44 -75.61 35.87
C MET HB 1 -0.72 -75.60 34.52
N ILE HB 2 -1.21 -74.75 33.62
CA ILE HB 2 -0.60 -74.57 32.31
C ILE HB 2 -0.19 -73.11 32.16
N ILE HB 3 0.80 -72.88 31.30
CA ILE HB 3 1.33 -71.54 31.06
C ILE HB 3 0.65 -70.95 29.83
N ASP HB 4 0.37 -69.66 29.88
CA ASP HB 4 -0.26 -68.99 28.74
C ASP HB 4 0.74 -68.83 27.59
N LEU HB 5 0.21 -68.80 26.37
CA LEU HB 5 1.03 -68.69 25.18
C LEU HB 5 1.41 -67.25 24.87
N SER HB 6 0.78 -66.27 25.51
CA SER HB 6 1.04 -64.86 25.26
C SER HB 6 2.25 -64.33 26.02
N GLN HB 7 2.88 -65.15 26.86
CA GLN HB 7 4.09 -64.75 27.56
C GLN HB 7 5.33 -65.47 27.06
N LEU HB 8 5.20 -66.23 25.97
CA LEU HB 8 6.34 -66.92 25.40
C LEU HB 8 7.24 -65.93 24.65
N PRO HB 9 8.54 -66.17 24.63
CA PRO HB 9 9.42 -65.36 23.79
C PRO HB 9 9.25 -65.73 22.33
N GLU HB 10 9.63 -64.79 21.46
CA GLU HB 10 9.51 -65.02 20.04
C GLU HB 10 10.58 -65.99 19.55
N PRO HB 11 10.26 -66.89 18.62
CA PRO HB 11 11.23 -67.91 18.22
C PRO HB 11 12.29 -67.40 17.26
N GLU HB 12 13.13 -68.32 16.79
CA GLU HB 12 14.28 -68.00 15.95
C GLU HB 12 13.94 -67.98 14.47
N VAL HB 13 13.13 -68.93 14.01
CA VAL HB 13 12.92 -69.11 12.57
C VAL HB 13 11.97 -68.09 11.96
N ILE HB 14 11.07 -67.50 12.74
CA ILE HB 14 10.16 -66.49 12.21
C ILE HB 14 10.93 -65.19 12.02
N GLU HB 15 10.90 -64.66 10.80
CA GLU HB 15 11.59 -63.43 10.45
C GLU HB 15 10.63 -62.39 9.89
N ASN HB 16 10.79 -61.15 10.31
CA ASN HB 16 10.26 -60.05 9.53
C ASN HB 16 10.98 -59.98 8.20
N LEU HB 17 10.22 -59.71 7.14
CA LEU HB 17 10.78 -59.62 5.81
C LEU HB 17 10.80 -58.17 5.35
N ASP HB 18 11.58 -57.92 4.31
CA ASP HB 18 11.59 -56.65 3.60
C ASP HB 18 11.81 -56.96 2.13
N PHE HB 19 11.06 -56.28 1.27
CA PHE HB 19 11.35 -56.40 -0.16
C PHE HB 19 12.66 -55.70 -0.50
N GLU HB 20 12.97 -54.60 0.19
CA GLU HB 20 14.15 -53.83 -0.15
C GLU HB 20 15.43 -54.55 0.27
N THR HB 21 15.45 -55.12 1.48
CA THR HB 21 16.67 -55.79 1.94
C THR HB 21 16.89 -57.14 1.27
N ILE HB 22 15.96 -57.60 0.44
CA ILE HB 22 16.25 -58.68 -0.50
C ILE HB 22 16.67 -58.13 -1.85
N TYR HB 23 16.01 -57.06 -2.30
CA TYR HB 23 16.28 -56.48 -3.61
C TYR HB 23 17.55 -55.66 -3.63
N GLN HB 24 17.87 -54.94 -2.54
CA GLN HB 24 19.14 -54.22 -2.50
C GLN HB 24 20.32 -55.17 -2.33
N GLU HB 25 20.09 -56.36 -1.81
CA GLU HB 25 21.14 -57.39 -1.85
C GLU HB 25 21.32 -57.90 -3.27
N LEU HB 26 20.23 -58.12 -4.00
CA LEU HB 26 20.34 -58.59 -5.38
C LEU HB 26 20.94 -57.53 -6.30
N LEU HB 27 20.78 -56.25 -5.98
CA LEU HB 27 21.58 -55.23 -6.65
C LEU HB 27 23.03 -55.33 -6.24
N GLY HB 28 23.29 -55.45 -4.94
CA GLY HB 28 24.61 -55.58 -4.38
C GLY HB 28 25.26 -56.94 -4.52
N ASP HB 29 24.60 -57.87 -5.20
CA ASP HB 29 25.24 -59.11 -5.62
C ASP HB 29 25.45 -59.19 -7.12
N PHE HB 30 24.70 -58.40 -7.90
CA PHE HB 30 24.79 -58.41 -9.35
C PHE HB 30 25.67 -57.30 -9.90
N ARG HB 31 25.70 -56.14 -9.25
CA ARG HB 31 26.50 -55.02 -9.74
C ARG HB 31 27.99 -55.29 -9.61
N GLU HB 32 28.40 -55.93 -8.52
CA GLU HB 32 29.78 -56.35 -8.37
C GLU HB 32 30.11 -57.55 -9.24
N ALA HB 33 29.10 -58.36 -9.60
CA ALA HB 33 29.33 -59.51 -10.45
C ALA HB 33 29.50 -59.14 -11.91
N MET HB 34 29.06 -57.95 -12.31
CA MET HB 34 29.23 -57.51 -13.70
C MET HB 34 30.57 -56.82 -13.94
N ALA HB 35 31.23 -56.40 -12.86
CA ALA HB 35 32.53 -55.70 -12.89
C ALA HB 35 32.48 -54.43 -13.74
N GLY HB 36 31.38 -53.69 -13.62
CA GLY HB 36 31.22 -52.44 -14.33
C GLY HB 36 30.77 -52.56 -15.77
N GLU HB 37 30.46 -53.77 -16.23
CA GLU HB 37 30.00 -53.94 -17.61
C GLU HB 37 28.52 -53.58 -17.74
N TRP HB 38 27.75 -53.75 -16.68
CA TRP HB 38 26.36 -53.30 -16.60
C TRP HB 38 26.29 -52.16 -15.60
N THR HB 39 25.79 -51.00 -16.05
CA THR HB 39 25.72 -49.85 -15.15
C THR HB 39 24.44 -49.03 -15.32
N ALA HB 40 23.39 -49.60 -15.87
CA ALA HB 40 22.12 -48.90 -16.08
C ALA HB 40 21.13 -49.36 -15.03
N GLU HB 41 21.11 -48.69 -13.88
CA GLU HB 41 20.18 -49.01 -12.81
C GLU HB 41 18.81 -48.36 -12.99
N VAL HB 42 18.51 -47.85 -14.19
CA VAL HB 42 17.16 -47.39 -14.50
C VAL HB 42 16.24 -48.60 -14.54
N GLU HB 43 15.00 -48.42 -14.05
CA GLU HB 43 14.04 -49.51 -13.91
C GLU HB 43 13.64 -50.13 -15.25
N SER HB 44 13.72 -49.34 -16.33
CA SER HB 44 13.38 -49.83 -17.66
C SER HB 44 14.36 -50.87 -18.21
N ASP HB 45 15.52 -51.04 -17.58
CA ASP HB 45 16.45 -52.10 -17.94
C ASP HB 45 15.84 -53.46 -17.59
N PRO HB 46 15.77 -54.40 -18.53
CA PRO HB 46 15.09 -55.68 -18.27
C PRO HB 46 15.78 -56.62 -17.30
N VAL HB 47 16.89 -56.26 -16.67
CA VAL HB 47 17.32 -56.99 -15.49
C VAL HB 47 16.54 -56.57 -14.26
N LEU HB 48 16.08 -55.32 -14.20
CA LEU HB 48 15.30 -54.90 -13.04
C LEU HB 48 13.84 -55.31 -13.12
N LYS HB 49 13.39 -55.80 -14.28
CA LYS HB 49 12.17 -56.58 -14.30
C LYS HB 49 12.37 -57.89 -13.56
N LEU HB 50 13.54 -58.51 -13.74
CA LEU HB 50 13.80 -59.85 -13.25
C LEU HB 50 14.35 -59.87 -11.84
N LEU HB 51 15.12 -58.85 -11.45
CA LEU HB 51 15.55 -58.77 -10.06
C LEU HB 51 14.43 -58.35 -9.14
N GLN HB 52 13.35 -57.79 -9.67
CA GLN HB 52 12.12 -57.60 -8.91
C GLN HB 52 11.20 -58.80 -9.00
N LEU HB 53 11.60 -59.87 -9.70
CA LEU HB 53 10.97 -61.17 -9.55
C LEU HB 53 11.75 -62.06 -8.60
N ALA HB 54 13.08 -62.05 -8.71
CA ALA HB 54 13.92 -62.84 -7.82
C ALA HB 54 13.95 -62.29 -6.41
N ALA HB 55 13.48 -61.07 -6.17
CA ALA HB 55 13.28 -60.56 -4.84
C ALA HB 55 11.83 -60.62 -4.38
N TYR HB 56 10.90 -60.84 -5.31
CA TYR HB 56 9.50 -60.99 -4.97
C TYR HB 56 9.11 -62.46 -4.81
N ARG HB 57 9.58 -63.32 -5.71
CA ARG HB 57 9.32 -64.75 -5.55
C ARG HB 57 10.15 -65.37 -4.44
N GLU HB 58 11.30 -64.78 -4.12
CA GLU HB 58 12.05 -65.25 -2.95
C GLU HB 58 11.34 -64.86 -1.67
N LEU HB 59 10.77 -63.65 -1.63
CA LEU HB 59 10.00 -63.20 -0.48
C LEU HB 59 8.75 -64.04 -0.27
N LEU HB 60 8.20 -64.63 -1.34
CA LEU HB 60 7.15 -65.61 -1.16
C LEU HB 60 7.69 -66.90 -0.59
N LEU HB 61 8.86 -67.35 -1.03
CA LEU HB 61 9.45 -68.55 -0.45
C LEU HB 61 9.99 -68.31 0.95
N ARG HB 62 10.42 -67.08 1.26
CA ARG HB 62 10.78 -66.78 2.64
C ARG HB 62 9.55 -66.74 3.53
N ALA HB 63 8.38 -66.40 2.97
CA ALA HB 63 7.16 -66.36 3.75
C ALA HB 63 6.51 -67.73 3.89
N ARG HB 64 6.71 -68.62 2.92
CA ARG HB 64 6.19 -69.99 3.04
C ARG HB 64 6.91 -70.74 4.15
N ILE HB 65 8.20 -70.48 4.33
CA ILE HB 65 8.94 -71.07 5.43
C ILE HB 65 8.47 -70.51 6.76
N ASN HB 66 8.16 -69.22 6.80
CA ASN HB 66 7.56 -68.65 8.01
C ASN HB 66 6.13 -69.12 8.20
N ASP HB 67 5.41 -69.40 7.12
CA ASP HB 67 4.07 -69.97 7.25
C ASP HB 67 4.13 -71.41 7.72
N ALA HB 68 5.14 -72.17 7.30
CA ALA HB 68 5.25 -73.56 7.73
C ALA HB 68 5.84 -73.67 9.13
N ALA HB 69 6.65 -72.70 9.55
CA ALA HB 69 7.21 -72.73 10.89
C ALA HB 69 6.17 -72.35 11.93
N ARG HB 70 5.19 -71.52 11.57
CA ARG HB 70 4.09 -71.25 12.49
C ARG HB 70 3.14 -72.43 12.59
N ALA HB 71 3.03 -73.21 11.53
CA ALA HB 71 2.10 -74.33 11.47
C ALA HB 71 2.56 -75.52 12.30
N VAL HB 72 3.82 -75.55 12.74
CA VAL HB 72 4.35 -76.62 13.57
C VAL HB 72 4.60 -76.15 14.99
N MET HB 73 4.16 -74.94 15.34
CA MET HB 73 4.25 -74.42 16.69
C MET HB 73 2.86 -74.23 17.26
N LEU HB 74 2.68 -74.58 18.53
CA LEU HB 74 1.35 -74.56 19.12
C LEU HB 74 0.87 -73.14 19.37
N ALA HB 75 1.79 -72.20 19.62
CA ALA HB 75 1.42 -70.84 19.91
C ALA HB 75 1.12 -70.00 18.67
N TYR HB 76 1.26 -70.58 17.48
CA TYR HB 76 1.02 -69.81 16.26
C TYR HB 76 0.20 -70.53 15.19
N ALA HB 77 -0.03 -71.84 15.29
CA ALA HB 77 -0.74 -72.55 14.24
C ALA HB 77 -2.23 -72.30 14.33
N SER HB 78 -2.89 -72.35 13.17
CA SER HB 78 -4.33 -72.14 13.10
C SER HB 78 -4.87 -72.85 11.87
N GLY HB 79 -6.20 -72.93 11.79
CA GLY HB 79 -6.83 -73.55 10.65
C GLY HB 79 -6.75 -75.05 10.73
N ALA HB 80 -6.35 -75.68 9.62
CA ALA HB 80 -6.15 -77.11 9.57
C ALA HB 80 -4.77 -77.54 10.03
N ASP HB 81 -4.01 -76.63 10.62
CA ASP HB 81 -2.67 -76.93 11.13
C ASP HB 81 -2.67 -77.29 12.60
N LEU HB 82 -3.66 -76.82 13.36
CA LEU HB 82 -3.91 -77.38 14.69
C LEU HB 82 -4.61 -78.72 14.64
N ASP HB 83 -5.16 -79.10 13.48
CA ASP HB 83 -5.68 -80.45 13.31
C ASP HB 83 -4.56 -81.47 13.32
N GLN HB 84 -3.39 -81.11 12.79
CA GLN HB 84 -2.26 -82.02 12.81
C GLN HB 84 -1.62 -82.09 14.20
N ILE HB 85 -1.67 -81.01 14.96
CA ILE HB 85 -1.28 -81.07 16.36
C ILE HB 85 -2.36 -81.80 17.16
N GLY HB 86 -3.62 -81.63 16.76
CA GLY HB 86 -4.70 -82.30 17.47
C GLY HB 86 -4.76 -83.79 17.23
N ALA HB 87 -4.42 -84.22 16.01
CA ALA HB 87 -4.46 -85.64 15.70
C ALA HB 87 -3.33 -86.40 16.38
N GLY HB 88 -2.24 -85.73 16.74
CA GLY HB 88 -1.17 -86.40 17.44
C GLY HB 88 -1.43 -86.58 18.92
N PHE HB 89 -2.27 -85.73 19.51
CA PHE HB 89 -2.54 -85.77 20.94
C PHE HB 89 -3.94 -86.28 21.24
N ASN HB 90 -4.61 -86.91 20.25
CA ASN HB 90 -5.92 -87.53 20.37
C ASN HB 90 -6.97 -86.51 20.83
N VAL HB 91 -6.91 -85.32 20.26
CA VAL HB 91 -7.85 -84.24 20.55
C VAL HB 91 -8.53 -83.85 19.25
N GLN HB 92 -9.87 -83.85 19.25
CA GLN HB 92 -10.65 -83.51 18.08
C GLN HB 92 -11.38 -82.19 18.32
N ARG HB 93 -11.68 -81.49 17.24
CA ARG HB 93 -12.38 -80.22 17.32
C ARG HB 93 -13.87 -80.46 17.54
N LEU HB 94 -14.48 -79.67 18.41
CA LEU HB 94 -15.83 -79.95 18.89
C LEU HB 94 -16.88 -79.67 17.82
N LEU HB 95 -18.12 -80.00 18.16
CA LEU HB 95 -19.30 -79.71 17.35
C LEU HB 95 -20.35 -79.11 18.27
N ILE HB 96 -20.53 -77.79 18.20
CA ILE HB 96 -21.53 -77.12 19.02
C ILE HB 96 -22.93 -77.43 18.51
N ARG HB 97 -23.18 -77.13 17.27
CA ARG HB 97 -24.38 -77.52 16.56
C ARG HB 97 -24.04 -78.57 15.51
N PRO HB 98 -24.93 -79.56 15.26
CA PRO HB 98 -24.57 -80.67 14.37
C PRO HB 98 -24.44 -80.29 12.91
N ALA HB 99 -24.00 -81.24 12.10
CA ALA HB 99 -23.58 -80.93 10.72
C ALA HB 99 -24.76 -80.94 9.75
N GLN HB 100 -25.69 -81.88 9.91
CA GLN HB 100 -26.67 -82.09 8.85
C GLN HB 100 -27.89 -81.21 9.08
N PRO HB 101 -28.31 -80.44 8.08
CA PRO HB 101 -29.57 -79.69 8.18
C PRO HB 101 -30.75 -80.51 7.67
N GLU HB 102 -31.94 -80.12 8.12
CA GLU HB 102 -33.17 -80.68 7.61
C GLU HB 102 -33.89 -79.75 6.64
N ALA HB 103 -33.46 -78.50 6.54
CA ALA HB 103 -34.11 -77.50 5.69
C ALA HB 103 -33.30 -77.29 4.41
N VAL HB 104 -33.80 -76.40 3.57
CA VAL HB 104 -33.19 -76.11 2.27
C VAL HB 104 -31.91 -75.27 2.41
N PRO HB 105 -31.81 -74.22 3.24
CA PRO HB 105 -30.47 -73.63 3.48
C PRO HB 105 -29.60 -74.57 4.29
N PRO HB 106 -28.38 -74.86 3.82
CA PRO HB 106 -27.50 -75.80 4.53
C PRO HB 106 -26.94 -75.17 5.80
N VAL HB 107 -27.28 -75.76 6.94
CA VAL HB 107 -26.72 -75.33 8.21
C VAL HB 107 -25.25 -75.75 8.26
N GLU HB 108 -24.38 -74.76 8.51
CA GLU HB 108 -22.95 -75.03 8.58
C GLU HB 108 -22.62 -75.85 9.82
N ALA HB 109 -21.69 -76.80 9.66
CA ALA HB 109 -21.25 -77.65 10.75
C ALA HB 109 -20.41 -76.79 11.69
N GLN HB 110 -21.02 -76.32 12.78
CA GLN HB 110 -20.35 -75.37 13.65
C GLN HB 110 -19.26 -76.04 14.47
N TYR HB 111 -18.03 -75.69 14.18
CA TYR HB 111 -16.87 -76.14 14.93
C TYR HB 111 -16.47 -75.05 15.90
N GLU HB 112 -15.74 -75.43 16.95
CA GLU HB 112 -15.20 -74.44 17.87
C GLU HB 112 -14.03 -73.73 17.22
N SER HB 113 -13.75 -72.51 17.69
CA SER HB 113 -12.69 -71.70 17.12
C SER HB 113 -11.32 -72.25 17.50
N ASP HB 114 -10.29 -71.85 16.75
CA ASP HB 114 -8.93 -72.32 17.02
C ASP HB 114 -8.31 -71.73 18.26
N LYS HB 115 -8.92 -70.68 18.84
CA LYS HB 115 -8.50 -70.17 20.14
C LYS HB 115 -8.92 -71.08 21.28
N SER HB 116 -9.87 -71.99 21.04
CA SER HB 116 -10.26 -72.98 22.04
C SER HB 116 -9.60 -74.33 21.83
N LEU HB 117 -9.01 -74.59 20.66
CA LEU HB 117 -8.15 -75.76 20.53
C LEU HB 117 -6.89 -75.61 21.37
N ARG HB 118 -6.29 -74.41 21.34
CA ARG HB 118 -5.12 -74.11 22.17
C ARG HB 118 -5.42 -74.25 23.66
N ASN HB 119 -6.68 -74.09 24.06
CA ASN HB 119 -7.11 -74.50 25.38
C ASN HB 119 -7.06 -76.01 25.51
N ARG HB 120 -7.54 -76.74 24.50
CA ARG HB 120 -7.74 -78.18 24.65
C ARG HB 120 -6.48 -78.99 24.36
N ILE HB 121 -5.62 -78.53 23.45
CA ILE HB 121 -4.36 -79.23 23.23
C ILE HB 121 -3.47 -79.09 24.47
N GLN HB 122 -3.54 -77.95 25.14
CA GLN HB 122 -2.68 -77.71 26.29
C GLN HB 122 -3.22 -78.37 27.55
N LEU HB 123 -4.53 -78.62 27.62
CA LEU HB 123 -5.13 -79.38 28.71
C LEU HB 123 -5.21 -80.87 28.40
N ALA HB 124 -4.51 -81.35 27.37
CA ALA HB 124 -4.48 -82.76 27.07
C ALA HB 124 -3.48 -83.54 27.92
N PHE HB 125 -2.76 -82.86 28.80
CA PHE HB 125 -1.81 -83.50 29.71
C PHE HB 125 -2.39 -83.65 31.10
N GLU HB 126 -2.80 -82.54 31.72
CA GLU HB 126 -3.47 -82.56 33.01
C GLU HB 126 -4.89 -83.05 32.77
N GLN HB 127 -5.06 -84.36 32.74
CA GLN HB 127 -6.29 -84.99 32.31
C GLN HB 127 -6.39 -86.32 33.03
N LEU HB 128 -7.63 -86.77 33.26
CA LEU HB 128 -7.83 -88.07 33.91
C LEU HB 128 -7.42 -89.19 32.97
N SER HB 129 -6.35 -89.88 33.32
CA SER HB 129 -5.77 -90.94 32.52
C SER HB 129 -5.89 -92.31 33.20
N VAL HB 130 -5.47 -92.40 34.46
CA VAL HB 130 -5.42 -93.67 35.18
C VAL HB 130 -5.47 -93.34 36.66
N ALA HB 131 -6.12 -94.21 37.45
CA ALA HB 131 -6.30 -93.97 38.88
C ALA HB 131 -5.11 -94.53 39.66
N GLY HB 132 -4.00 -93.82 39.59
CA GLY HB 132 -2.83 -94.14 40.37
C GLY HB 132 -2.93 -93.76 41.84
N PRO HB 133 -2.88 -92.46 42.14
CA PRO HB 133 -2.87 -92.03 43.54
C PRO HB 133 -4.25 -91.82 44.13
N ARG HB 134 -4.29 -91.34 45.38
CA ARG HB 134 -5.55 -91.14 46.09
C ARG HB 134 -6.39 -90.04 45.46
N ASN HB 135 -5.78 -89.10 44.76
CA ASN HB 135 -6.51 -88.03 44.11
C ASN HB 135 -7.07 -88.44 42.76
N ALA HB 136 -6.74 -89.65 42.28
CA ALA HB 136 -7.20 -90.12 40.99
C ALA HB 136 -8.16 -91.31 41.08
N TYR HB 137 -8.17 -92.04 42.20
CA TYR HB 137 -9.22 -93.03 42.38
C TYR HB 137 -10.59 -92.39 42.54
N ILE HB 138 -10.65 -91.19 43.10
CA ILE HB 138 -11.93 -90.55 43.37
C ILE HB 138 -12.43 -89.80 42.14
N ALA HB 139 -11.52 -89.17 41.39
CA ALA HB 139 -11.93 -88.46 40.19
C ALA HB 139 -12.30 -89.43 39.07
N HIS HB 140 -11.73 -90.63 39.06
CA HIS HB 140 -12.22 -91.69 38.19
C HIS HB 140 -13.44 -92.40 38.76
N ALA HB 141 -13.85 -92.07 39.98
CA ALA HB 141 -15.09 -92.58 40.57
C ALA HB 141 -16.20 -91.56 40.49
N LEU HB 142 -16.29 -90.81 39.39
CA LEU HB 142 -17.36 -89.86 39.16
C LEU HB 142 -18.22 -90.30 37.98
N GLY HB 143 -18.52 -91.60 37.92
CA GLY HB 143 -19.42 -92.15 36.94
C GLY HB 143 -20.87 -92.02 37.35
N ALA HB 144 -21.15 -92.15 38.65
CA ALA HB 144 -22.50 -91.98 39.17
C ALA HB 144 -22.78 -90.48 39.36
N ASP HB 145 -23.99 -90.18 39.82
CA ASP HB 145 -24.39 -88.78 39.96
C ASP HB 145 -24.90 -88.40 41.35
N GLY HB 146 -25.65 -89.28 42.00
CA GLY HB 146 -26.23 -88.95 43.30
C GLY HB 146 -25.28 -89.23 44.45
N ARG HB 147 -24.27 -88.38 44.60
CA ARG HB 147 -23.13 -88.71 45.44
C ARG HB 147 -22.30 -87.47 45.71
N VAL HB 148 -21.70 -87.40 46.90
CA VAL HB 148 -20.81 -86.32 47.30
C VAL HB 148 -19.41 -86.94 47.39
N ALA HB 149 -18.40 -86.12 47.72
CA ALA HB 149 -16.99 -86.46 47.56
C ALA HB 149 -16.56 -87.67 48.41
N ASP HB 150 -15.36 -88.15 48.12
CA ASP HB 150 -14.92 -89.47 48.54
C ASP HB 150 -13.40 -89.45 48.70
N ALA HB 151 -12.88 -90.46 49.41
CA ALA HB 151 -11.45 -90.64 49.64
C ALA HB 151 -11.12 -92.12 49.56
N SER HB 152 -9.83 -92.43 49.43
CA SER HB 152 -9.38 -93.80 49.23
C SER HB 152 -8.37 -94.22 50.29
N ALA HB 153 -8.21 -95.53 50.44
CA ALA HB 153 -7.27 -96.11 51.37
C ALA HB 153 -6.74 -97.42 50.80
N THR HB 154 -5.73 -97.96 51.47
CA THR HB 154 -5.19 -99.28 51.14
C THR HB 154 -4.62 -99.91 52.41
N SER HB 155 -5.25 -100.98 52.87
CA SER HB 155 -4.79 -101.57 54.13
C SER HB 155 -3.55 -102.44 53.93
N PRO HB 156 -3.44 -103.31 52.87
CA PRO HB 156 -2.11 -103.86 52.57
C PRO HB 156 -1.39 -103.06 51.50
N ALA HB 157 -0.07 -103.22 51.43
CA ALA HB 157 0.67 -102.65 50.30
C ALA HB 157 0.44 -103.40 48.98
N PRO HB 158 0.71 -104.71 48.85
CA PRO HB 158 0.90 -105.24 47.48
C PRO HB 158 -0.37 -105.42 46.64
N CYS HB 159 -1.53 -105.67 47.25
CA CYS HB 159 -2.68 -106.08 46.45
C CYS HB 159 -3.85 -105.10 46.48
N GLU HB 160 -4.38 -104.78 47.66
CA GLU HB 160 -5.73 -104.26 47.79
C GLU HB 160 -5.74 -102.74 47.94
N VAL HB 161 -6.73 -102.11 47.31
CA VAL HB 161 -7.03 -100.69 47.47
C VAL HB 161 -8.49 -100.56 47.86
N LEU HB 162 -8.77 -99.64 48.78
CA LEU HB 162 -10.10 -99.49 49.35
C LEU HB 162 -10.68 -98.13 49.00
N ILE HB 163 -11.91 -98.13 48.49
CA ILE HB 163 -12.66 -96.92 48.18
C ILE HB 163 -14.01 -97.02 48.87
N SER HB 164 -14.28 -96.08 49.77
CA SER HB 164 -15.48 -96.10 50.61
C SER HB 164 -16.48 -95.09 50.07
N VAL HB 165 -17.32 -95.54 49.15
CA VAL HB 165 -18.27 -94.68 48.45
C VAL HB 165 -19.47 -94.39 49.35
N LEU HB 166 -19.74 -93.11 49.58
CA LEU HB 166 -20.98 -92.69 50.22
C LEU HB 166 -21.71 -91.71 49.32
N GLY HB 167 -23.01 -91.94 49.12
CA GLY HB 167 -23.79 -91.09 48.25
C GLY HB 167 -24.99 -90.49 48.95
N VAL HB 168 -25.19 -89.18 48.82
CA VAL HB 168 -26.22 -88.46 49.56
C VAL HB 168 -27.49 -88.52 48.70
N GLU HB 169 -28.33 -89.52 48.99
CA GLU HB 169 -29.68 -89.58 48.46
C GLU HB 169 -30.71 -89.50 49.59
N GLY HB 170 -30.59 -90.39 50.57
CA GLY HB 170 -31.39 -90.32 51.77
C GLY HB 170 -30.52 -90.03 52.99
N ASN HB 171 -30.21 -91.06 53.76
CA ASN HB 171 -29.35 -90.95 54.93
C ASN HB 171 -27.86 -90.94 54.59
N GLY HB 172 -27.50 -91.12 53.32
CA GLY HB 172 -26.11 -91.14 52.93
C GLY HB 172 -25.52 -92.52 52.73
N GLN HB 173 -26.32 -93.57 52.79
CA GLN HB 173 -25.84 -94.90 52.49
C GLN HB 173 -25.60 -95.05 50.99
N ALA HB 174 -24.74 -95.99 50.64
CA ALA HB 174 -24.51 -96.32 49.24
C ALA HB 174 -25.48 -97.42 48.81
N PRO HB 175 -26.32 -97.18 47.82
CA PRO HB 175 -27.18 -98.26 47.30
C PRO HB 175 -26.37 -99.29 46.54
N GLU HB 176 -26.96 -100.48 46.40
CA GLU HB 176 -26.32 -101.55 45.63
C GLU HB 176 -26.41 -101.33 44.14
N ALA HB 177 -27.25 -100.41 43.68
CA ALA HB 177 -27.32 -100.09 42.26
C ALA HB 177 -26.09 -99.33 41.80
N VAL HB 178 -25.56 -98.44 42.67
CA VAL HB 178 -24.36 -97.69 42.32
C VAL HB 178 -23.09 -98.37 42.80
N LEU HB 179 -23.18 -99.54 43.42
CA LEU HB 179 -21.97 -100.32 43.70
C LEU HB 179 -21.39 -100.89 42.43
N GLN HB 180 -22.25 -101.39 41.53
CA GLN HB 180 -21.77 -101.86 40.25
C GLN HB 180 -21.46 -100.72 39.29
N ALA HB 181 -22.09 -99.56 39.48
CA ALA HB 181 -21.84 -98.41 38.61
C ALA HB 181 -20.45 -97.84 38.82
N VAL HB 182 -19.87 -98.02 40.02
CA VAL HB 182 -18.47 -97.69 40.23
C VAL HB 182 -17.57 -98.75 39.61
N ARG HB 183 -17.92 -100.02 39.79
CA ARG HB 183 -17.04 -101.11 39.35
C ARG HB 183 -17.03 -101.29 37.84
N LEU HB 184 -17.98 -100.67 37.11
CA LEU HB 184 -17.92 -100.72 35.65
C LEU HB 184 -16.82 -99.82 35.11
N ALA HB 185 -16.41 -98.80 35.88
CA ALA HB 185 -15.43 -97.85 35.38
C ALA HB 185 -14.01 -98.23 35.81
N LEU HB 186 -13.87 -98.92 36.94
CA LEU HB 186 -12.55 -99.13 37.51
C LEU HB 186 -11.85 -100.36 36.93
N ASN HB 187 -12.53 -101.10 36.06
CA ASN HB 187 -11.92 -102.31 35.51
C ASN HB 187 -10.87 -101.99 34.45
N ALA HB 188 -11.07 -100.92 33.69
CA ALA HB 188 -10.14 -100.55 32.64
C ALA HB 188 -9.46 -99.19 32.86
N GLU HB 189 -9.79 -98.49 33.95
CA GLU HB 189 -9.19 -97.20 34.24
C GLU HB 189 -8.28 -97.23 35.45
N ASP HB 190 -8.00 -98.41 36.00
CA ASP HB 190 -7.05 -98.57 37.09
C ASP HB 190 -5.77 -99.19 36.56
N VAL HB 191 -4.83 -99.41 37.47
CA VAL HB 191 -3.78 -100.38 37.23
C VAL HB 191 -4.46 -101.75 37.16
N ARG HB 192 -3.96 -102.63 36.29
CA ARG HB 192 -4.66 -103.89 36.03
C ARG HB 192 -4.74 -104.85 37.23
N PRO HB 193 -3.64 -105.15 38.03
CA PRO HB 193 -3.80 -106.06 39.16
C PRO HB 193 -4.19 -105.38 40.47
N VAL HB 194 -5.28 -104.64 40.44
CA VAL HB 194 -5.80 -104.06 41.68
C VAL HB 194 -6.88 -104.97 42.25
N ALA HB 195 -6.84 -105.12 43.58
CA ALA HB 195 -7.93 -105.77 44.31
C ALA HB 195 -8.82 -104.64 44.83
N ASP HB 196 -9.54 -104.02 43.88
CA ASP HB 196 -10.38 -102.87 44.18
C ASP HB 196 -11.63 -103.34 44.92
N ARG HB 197 -11.48 -103.46 46.25
CA ARG HB 197 -12.59 -103.88 47.08
C ARG HB 197 -13.56 -102.70 47.21
N VAL HB 198 -14.45 -102.57 46.23
CA VAL HB 198 -15.44 -101.50 46.22
C VAL HB 198 -16.68 -102.07 46.90
N THR HB 199 -16.69 -101.97 48.22
CA THR HB 199 -17.87 -102.25 49.02
C THR HB 199 -18.72 -100.99 49.11
N VAL HB 200 -19.73 -101.00 49.97
CA VAL HB 200 -20.43 -99.77 50.31
C VAL HB 200 -19.46 -98.86 51.07
N ARG HB 201 -19.03 -99.29 52.24
CA ARG HB 201 -18.22 -98.55 53.20
C ARG HB 201 -18.00 -99.50 54.38
N SER HB 202 -17.11 -99.10 55.29
CA SER HB 202 -16.94 -99.89 56.51
C SER HB 202 -18.05 -99.58 57.51
N ALA HB 203 -18.40 -98.31 57.67
CA ALA HB 203 -19.50 -97.89 58.52
C ALA HB 203 -20.04 -96.58 57.99
N GLY HB 204 -21.34 -96.55 57.70
CA GLY HB 204 -21.95 -95.41 57.05
C GLY HB 204 -22.66 -94.49 58.02
N ILE HB 205 -23.97 -94.64 58.12
CA ILE HB 205 -24.75 -93.83 59.04
C ILE HB 205 -24.42 -94.24 60.48
N VAL HB 206 -23.61 -93.41 61.14
CA VAL HB 206 -23.35 -93.54 62.56
C VAL HB 206 -24.02 -92.32 63.17
N PRO HB 207 -25.26 -92.43 63.64
CA PRO HB 207 -26.11 -91.24 63.87
C PRO HB 207 -25.61 -90.36 65.00
N TYR HB 208 -25.22 -89.15 64.65
CA TYR HB 208 -24.64 -88.19 65.59
C TYR HB 208 -25.68 -87.09 65.82
N GLN HB 209 -26.52 -87.29 66.83
CA GLN HB 209 -27.42 -86.24 67.25
C GLN HB 209 -26.64 -85.13 67.95
N VAL HB 210 -27.24 -83.95 67.96
CA VAL HB 210 -26.73 -82.83 68.75
C VAL HB 210 -27.89 -82.20 69.50
N LYS HB 211 -27.64 -81.76 70.72
CA LYS HB 211 -28.56 -80.90 71.46
C LYS HB 211 -27.74 -79.82 72.14
N ALA HB 212 -28.29 -78.61 72.17
CA ALA HB 212 -27.58 -77.47 72.76
C ALA HB 212 -28.56 -76.67 73.61
N GLN HB 213 -28.29 -76.60 74.91
CA GLN HB 213 -29.07 -75.78 75.82
C GLN HB 213 -28.45 -74.39 75.80
N LEU HB 214 -28.95 -73.55 74.91
CA LEU HB 214 -28.40 -72.21 74.73
C LEU HB 214 -28.85 -71.28 75.85
N TYR HB 215 -27.90 -70.54 76.41
CA TYR HB 215 -28.16 -69.54 77.43
C TYR HB 215 -27.82 -68.17 76.85
N LEU HB 216 -28.82 -67.30 76.74
CA LEU HB 216 -28.68 -66.01 76.11
C LEU HB 216 -29.14 -64.91 77.04
N PHE HB 217 -28.74 -63.69 76.72
CA PHE HB 217 -29.45 -62.60 77.40
C PHE HB 217 -30.80 -62.39 76.72
N PRO HB 218 -31.88 -62.19 77.48
CA PRO HB 218 -33.22 -62.15 76.89
C PRO HB 218 -33.57 -60.86 76.14
N GLY HB 219 -32.59 -60.03 75.79
CA GLY HB 219 -32.83 -58.77 75.14
C GLY HB 219 -33.25 -58.87 73.68
N PRO HB 220 -33.00 -57.81 72.91
CA PRO HB 220 -33.59 -57.71 71.56
C PRO HB 220 -32.93 -58.61 70.54
N GLU HB 221 -31.62 -58.82 70.69
CA GLU HB 221 -30.83 -59.61 69.76
C GLU HB 221 -30.95 -61.11 69.99
N ALA HB 222 -31.75 -61.54 70.96
CA ALA HB 222 -31.84 -62.95 71.32
C ALA HB 222 -32.51 -63.78 70.24
N GLU HB 223 -33.27 -63.17 69.33
CA GLU HB 223 -33.79 -63.89 68.18
C GLU HB 223 -32.77 -63.94 67.05
N LEU HB 224 -31.94 -62.90 66.93
CA LEU HB 224 -31.01 -62.80 65.82
C LEU HB 224 -29.76 -63.63 66.02
N ILE HB 225 -29.20 -63.65 67.23
CA ILE HB 225 -28.00 -64.42 67.49
C ILE HB 225 -28.30 -65.90 67.73
N ARG HB 226 -29.56 -66.23 68.05
CA ARG HB 226 -29.94 -67.64 68.16
C ARG HB 226 -29.98 -68.30 66.79
N ALA HB 227 -30.53 -67.60 65.79
CA ALA HB 227 -30.53 -68.12 64.43
C ALA HB 227 -29.18 -67.97 63.76
N ALA HB 228 -28.34 -67.04 64.22
CA ALA HB 228 -27.01 -66.89 63.65
C ALA HB 228 -26.10 -68.04 64.05
N ALA HB 229 -26.19 -68.47 65.32
CA ALA HB 229 -25.46 -69.65 65.75
C ALA HB 229 -26.07 -70.93 65.17
N GLU HB 230 -27.37 -70.91 64.89
CA GLU HB 230 -28.01 -72.04 64.24
C GLU HB 230 -27.62 -72.11 62.76
N ALA HB 231 -27.43 -70.96 62.11
CA ALA HB 231 -26.97 -70.95 60.73
C ALA HB 231 -25.52 -71.38 60.61
N SER HB 232 -24.70 -71.09 61.63
CA SER HB 232 -23.34 -71.60 61.65
C SER HB 232 -23.29 -73.10 61.90
N LEU HB 233 -24.35 -73.67 62.48
CA LEU HB 233 -24.42 -75.11 62.66
C LEU HB 233 -24.84 -75.82 61.37
N ARG HB 234 -25.62 -75.14 60.53
CA ARG HB 234 -26.09 -75.76 59.29
C ARG HB 234 -24.95 -75.97 58.30
N ASP HB 235 -24.20 -74.91 57.99
CA ASP HB 235 -23.11 -75.04 57.02
C ASP HB 235 -21.90 -75.77 57.59
N TYR HB 236 -21.82 -75.94 58.91
CA TYR HB 236 -20.76 -76.77 59.47
C TYR HB 236 -21.02 -78.24 59.20
N ILE HB 237 -22.22 -78.72 59.56
CA ILE HB 237 -22.59 -80.12 59.38
C ILE HB 237 -22.68 -80.46 57.89
N SER HB 238 -23.14 -79.51 57.07
CA SER HB 238 -23.13 -79.69 55.62
C SER HB 238 -21.73 -79.76 55.05
N ALA HB 239 -20.74 -79.20 55.75
CA ALA HB 239 -19.34 -79.40 55.39
C ALA HB 239 -18.75 -80.65 56.02
N GLN HB 240 -19.45 -81.26 56.98
CA GLN HB 240 -19.00 -82.50 57.59
C GLN HB 240 -19.50 -83.73 56.86
N ARG HB 241 -20.23 -83.54 55.76
CA ARG HB 241 -20.57 -84.65 54.86
C ARG HB 241 -19.30 -84.98 54.08
N ARG HB 242 -18.44 -85.76 54.71
CA ARG HB 242 -17.04 -85.87 54.32
C ARG HB 242 -16.51 -87.15 54.94
N LEU HB 243 -15.33 -87.57 54.49
CA LEU HB 243 -14.59 -88.62 55.17
C LEU HB 243 -13.54 -88.07 56.12
N GLY HB 244 -13.27 -86.76 56.07
CA GLY HB 244 -12.54 -86.12 57.16
C GLY HB 244 -13.36 -86.08 58.42
N ARG HB 245 -14.66 -85.78 58.29
CA ARG HB 245 -15.79 -86.05 59.18
C ARG HB 245 -15.54 -85.89 60.69
N ASP HB 246 -14.73 -84.92 61.07
CA ASP HB 246 -14.31 -84.77 62.46
C ASP HB 246 -15.45 -84.17 63.29
N ILE HB 247 -16.48 -85.00 63.52
CA ILE HB 247 -17.59 -84.63 64.39
C ILE HB 247 -17.09 -84.64 65.83
N ARG HB 248 -17.29 -83.53 66.53
CA ARG HB 248 -16.66 -83.38 67.84
C ARG HB 248 -17.59 -82.79 68.89
N ARG HB 249 -17.01 -82.40 70.02
CA ARG HB 249 -17.68 -81.66 71.06
C ARG HB 249 -17.17 -80.23 71.17
N SER HB 250 -15.85 -80.04 71.17
CA SER HB 250 -15.30 -78.70 71.32
C SER HB 250 -15.17 -77.96 70.00
N ALA HB 251 -15.15 -78.67 68.86
CA ALA HB 251 -15.22 -77.97 67.58
C ALA HB 251 -16.60 -77.42 67.31
N LEU HB 252 -17.62 -77.95 67.97
CA LEU HB 252 -18.96 -77.38 67.94
C LEU HB 252 -19.17 -76.33 69.01
N PHE HB 253 -18.21 -76.13 69.91
CA PHE HB 253 -18.26 -74.99 70.80
C PHE HB 253 -18.08 -73.69 70.04
N ALA HB 254 -17.05 -73.60 69.19
CA ALA HB 254 -16.78 -72.39 68.43
C ALA HB 254 -17.86 -72.15 67.37
N THR HB 255 -18.60 -73.19 67.00
CA THR HB 255 -19.74 -73.01 66.11
C THR HB 255 -20.86 -72.26 66.83
N LEU HB 256 -21.04 -72.53 68.12
CA LEU HB 256 -22.24 -72.04 68.81
C LEU HB 256 -21.91 -70.87 69.75
N HIS HB 257 -20.63 -70.60 69.99
CA HIS HB 257 -20.25 -69.53 70.91
C HIS HB 257 -20.07 -68.20 70.20
N VAL HB 258 -20.85 -67.92 69.15
CA VAL HB 258 -20.49 -67.05 68.02
C VAL HB 258 -19.90 -65.69 68.39
N GLU HB 259 -20.67 -64.81 69.04
CA GLU HB 259 -20.11 -63.59 69.63
C GLU HB 259 -20.65 -63.24 71.01
N GLY HB 260 -21.89 -63.61 71.33
CA GLY HB 260 -22.52 -63.04 72.50
C GLY HB 260 -23.37 -63.99 73.32
N VAL HB 261 -23.12 -65.29 73.19
CA VAL HB 261 -23.84 -66.25 74.00
C VAL HB 261 -23.22 -66.27 75.39
N GLN HB 262 -23.98 -66.77 76.38
CA GLN HB 262 -23.42 -66.89 77.72
C GLN HB 262 -22.64 -68.20 77.85
N ARG HB 263 -23.29 -69.33 77.60
CA ARG HB 263 -22.65 -70.63 77.59
C ARG HB 263 -23.50 -71.56 76.74
N VAL HB 264 -23.00 -72.78 76.53
CA VAL HB 264 -23.72 -73.80 75.78
C VAL HB 264 -23.55 -75.12 76.53
N GLU HB 265 -24.47 -76.06 76.30
CA GLU HB 265 -24.40 -77.40 76.88
C GLU HB 265 -24.68 -78.42 75.78
N LEU HB 266 -23.64 -79.11 75.34
CA LEU HB 266 -23.79 -80.15 74.32
C LEU HB 266 -23.97 -81.50 75.00
N GLN HB 267 -25.13 -82.13 74.77
CA GLN HB 267 -25.48 -83.36 75.47
C GLN HB 267 -25.05 -84.61 74.70
N GLU HB 268 -25.48 -84.73 73.44
CA GLU HB 268 -25.18 -85.95 72.69
C GLU HB 268 -23.71 -86.01 72.25
N PRO HB 269 -23.06 -84.90 71.80
CA PRO HB 269 -21.59 -84.95 71.76
C PRO HB 269 -21.00 -84.75 73.15
N ALA HB 270 -20.54 -85.84 73.76
CA ALA HB 270 -19.87 -85.78 75.04
C ALA HB 270 -18.38 -86.10 74.95
N ALA HB 271 -18.00 -86.89 73.95
CA ALA HB 271 -16.60 -87.17 73.68
C ALA HB 271 -16.36 -87.00 72.18
N ASP HB 272 -15.08 -86.86 71.82
CA ASP HB 272 -14.71 -86.72 70.42
C ASP HB 272 -14.84 -88.05 69.70
N VAL HB 273 -15.28 -87.98 68.46
CA VAL HB 273 -15.40 -89.18 67.62
C VAL HB 273 -14.02 -89.61 67.17
N VAL HB 274 -13.69 -90.89 67.39
CA VAL HB 274 -12.45 -91.45 66.90
C VAL HB 274 -12.49 -91.51 65.37
N LEU HB 275 -11.36 -91.19 64.73
CA LEU HB 275 -11.34 -90.90 63.31
C LEU HB 275 -10.50 -91.90 62.55
N ASP HB 276 -11.11 -92.55 61.57
CA ASP HB 276 -10.43 -93.24 60.49
C ASP HB 276 -11.04 -92.82 59.17
N GLU HB 277 -10.38 -93.20 58.07
CA GLU HB 277 -10.90 -92.86 56.75
C GLU HB 277 -12.10 -93.72 56.38
N THR HB 278 -12.19 -94.92 56.93
CA THR HB 278 -13.12 -95.91 56.41
C THR HB 278 -14.57 -95.62 56.81
N GLN HB 279 -14.78 -95.14 58.04
CA GLN HB 279 -16.14 -94.94 58.52
C GLN HB 279 -16.73 -93.64 57.96
N ALA HB 280 -18.03 -93.46 58.20
CA ALA HB 280 -18.71 -92.23 57.80
C ALA HB 280 -19.50 -91.64 58.97
N ALA HB 281 -20.25 -90.57 58.73
CA ALA HB 281 -20.98 -89.89 59.79
C ALA HB 281 -22.31 -89.36 59.23
N TYR HB 282 -23.22 -89.05 60.15
CA TYR HB 282 -24.53 -88.50 59.79
C TYR HB 282 -25.13 -87.80 61.01
N CYS HB 283 -25.90 -86.75 60.75
CA CYS HB 283 -26.62 -86.01 61.78
C CYS HB 283 -28.11 -86.11 61.51
N THR HB 284 -28.85 -86.69 62.46
CA THR HB 284 -30.27 -86.93 62.24
C THR HB 284 -31.12 -85.70 62.53
N GLY HB 285 -30.65 -84.82 63.41
CA GLY HB 285 -31.42 -83.63 63.75
C GLY HB 285 -31.00 -83.10 65.11
N TYR HB 286 -31.78 -82.13 65.58
CA TYR HB 286 -31.51 -81.50 66.87
C TYR HB 286 -32.79 -80.95 67.45
N ALA HB 287 -32.70 -80.53 68.72
CA ALA HB 287 -33.79 -79.86 69.43
C ALA HB 287 -33.17 -78.65 70.13
N ILE HB 288 -33.10 -77.53 69.43
CA ILE HB 288 -32.48 -76.33 69.97
C ILE HB 288 -33.46 -75.64 70.92
N THR HB 289 -32.92 -75.01 71.95
CA THR HB 289 -33.77 -74.44 73.00
C THR HB 289 -33.04 -73.30 73.70
N LEU HB 290 -33.82 -72.49 74.42
CA LEU HB 290 -33.32 -71.37 75.19
C LEU HB 290 -33.26 -71.76 76.66
N GLY HB 291 -32.25 -71.22 77.37
CA GLY HB 291 -32.14 -71.49 78.79
C GLY HB 291 -33.20 -70.79 79.61
N GLY HB 292 -33.41 -69.50 79.35
CA GLY HB 292 -34.40 -68.73 80.08
C GLY HB 292 -33.80 -67.76 81.08
#